data_8XJV
#
_entry.id   8XJV
#
_cell.length_a   1.00
_cell.length_b   1.00
_cell.length_c   1.00
_cell.angle_alpha   90.00
_cell.angle_beta   90.00
_cell.angle_gamma   90.00
#
_symmetry.space_group_name_H-M   'P 1'
#
loop_
_entity.id
_entity.type
_entity.pdbx_description
1 polymer DNA
2 polymer DNA
3 polymer 'Histone H2A'
4 polymer 'Histone H2B 1.1'
5 polymer 'Histone H3'
6 polymer 'Histone H4'
7 polymer 'Histone H5'
#
loop_
_entity_poly.entity_id
_entity_poly.type
_entity_poly.pdbx_seq_one_letter_code
_entity_poly.pdbx_strand_id
1 'polydeoxyribonucleotide'
;(DG)(DA)(DG)(DC)(DA)(DT)(DC)(DC)(DG)(DG)(DA)(DT)(DC)(DC)(DC)(DC)(DT)(DG)(DG)(DA)
(DG)(DA)(DA)(DT)(DC)(DC)(DC)(DG)(DG)(DT)(DG)(DC)(DC)(DG)(DA)(DG)(DG)(DC)(DC)(DG)
(DC)(DT)(DC)(DA)(DA)(DT)(DT)(DG)(DG)(DT)(DC)(DG)(DT)(DA)(DG)(DA)(DC)(DA)(DG)(DC)
(DT)(DC)(DT)(DA)(DG)(DC)(DA)(DC)(DC)(DG)(DC)(DT)(DT)(DA)(DA)(DA)(DC)(DG)(DC)(DA)
(DC)(DG)(DT)(DA)(DC)(DG)(DC)(DG)(DC)(DT)(DG)(DT)(DC)(DC)(DC)(DC)(DC)(DG)(DC)(DG)
(DT)(DT)(DT)(DT)(DA)(DA)(DC)(DC)(DG)(DC)(DC)(DA)(DA)(DG)(DG)(DG)(DG)(DA)(DT)(DT)
(DA)(DC)(DT)(DC)(DC)(DC)(DT)(DA)(DG)(DT)(DC)(DT)(DC)(DC)(DA)(DG)(DG)(DC)(DA)(DC)
(DG)(DT)(DG)(DT)(DC)(DA)(DC)(DA)(DT)(DA)(DT)(DA)(DT)(DA)(DC)(DA)(DT)(DC)(DC)(DT)
(DG)(DT)(DT)(DC)(DC)(DA)(DG)(DT)(DG)(DC)(DC)(DG)(DG)(DA)(DC)(DC)(DC)(DG)(DA)(DG)
(DC)(DA)(DT)(DC)(DC)(DG)(DG)(DA)(DT)(DC)(DC)(DC)(DC)(DT)(DG)(DG)(DA)(DG)(DA)(DA)
(DT)(DC)(DC)(DC)(DG)(DG)(DT)(DG)(DC)(DC)(DG)(DA)(DG)(DG)(DC)(DC)(DG)(DC)(DT)(DC)
(DA)(DA)(DT)(DT)(DG)(DG)(DT)(DC)(DG)(DT)(DA)(DG)(DA)(DC)(DA)(DG)(DC)(DT)(DC)(DT)
(DA)(DG)(DC)(DA)(DC)(DC)(DG)(DC)(DT)(DT)(DA)(DA)(DA)(DC)(DG)(DC)(DA)(DC)(DG)(DT)
(DA)(DC)(DG)(DC)(DG)(DC)(DT)(DG)(DT)(DC)(DC)(DC)(DC)(DC)(DG)(DC)(DG)(DT)(DT)(DT)
(DT)(DA)(DA)(DC)(DC)(DG)(DC)(DC)(DA)(DA)(DG)(DG)(DG)(DG)(DA)(DT)(DT)(DA)(DC)(DT)
(DC)(DC)(DC)(DT)(DA)(DG)(DT)(DC)(DT)(DC)(DC)(DA)(DG)(DG)(DC)(DA)(DC)(DG)(DT)(DG)
(DT)(DC)(DA)(DC)(DA)(DT)(DA)(DT)(DA)(DT)(DA)(DC)(DA)(DT)(DC)(DC)(DT)(DG)(DT)(DT)
(DC)(DC)(DA)(DG)(DT)(DG)(DC)(DC)(DG)(DG)(DA)(DC)(DC)(DC)(DG)(DA)(DG)(DC)(DA)(DT)
(DC)(DC)(DG)(DG)(DA)(DT)(DC)(DC)(DC)(DC)(DT)(DG)(DG)(DA)(DG)(DA)(DA)(DT)(DC)(DC)
(DC)(DG)(DG)(DT)(DG)(DC)(DC)(DG)(DA)(DG)(DG)(DC)(DC)(DG)(DC)(DT)(DC)(DA)(DA)(DT)
(DT)(DG)(DG)(DT)(DC)(DG)(DT)(DA)(DG)(DA)(DC)(DA)(DG)(DC)(DT)(DC)(DT)(DA)(DG)(DC)
(DA)(DC)(DC)(DG)(DC)(DT)(DT)(DA)(DA)(DA)(DC)(DG)(DC)(DA)(DC)(DG)(DT)(DA)(DC)(DG)
(DC)(DG)(DC)(DT)(DG)(DT)(DC)(DC)(DC)(DC)(DC)(DG)(DC)(DG)(DT)(DT)(DT)(DT)(DA)(DA)
(DC)(DC)(DG)(DC)(DC)(DA)(DA)(DG)(DG)(DG)(DG)(DA)(DT)(DT)(DA)(DC)(DT)(DC)(DC)(DC)
(DT)(DA)(DG)(DT)(DC)(DT)(DC)(DC)(DA)(DG)(DG)(DC)(DA)(DC)(DG)(DT)(DG)(DT)(DC)(DA)
(DC)(DA)(DT)(DA)(DT)(DA)(DT)(DA)(DC)(DA)(DT)(DC)(DC)(DT)(DG)(DT)(DT)(DC)(DC)(DA)
(DG)(DT)(DG)(DC)(DC)(DG)(DG)(DA)(DC)(DC)(DC)(DG)(DA)(DG)(DC)(DA)(DT)(DC)(DC)(DG)
(DG)(DA)(DT)(DC)(DC)(DC)(DC)(DT)(DG)(DG)(DA)(DG)(DA)(DA)(DT)(DC)(DC)(DC)(DG)(DG)
(DT)(DG)(DC)(DC)(DG)(DA)(DG)(DG)(DC)(DC)(DG)(DC)(DT)(DC)(DA)(DA)(DT)(DT)(DG)(DG)
(DT)(DC)(DG)(DT)(DA)(DG)(DA)(DC)(DA)(DG)(DC)(DT)(DC)(DT)(DA)(DG)(DC)(DA)(DC)(DC)
(DG)(DC)(DT)(DT)(DA)(DA)(DA)(DC)(DG)(DC)(DA)(DC)(DG)(DT)(DA)(DC)(DG)(DC)(DG)(DC)
(DT)(DG)(DT)(DC)(DC)(DC)(DC)(DC)(DG)(DC)(DG)(DT)(DT)(DT)(DT)(DA)(DA)(DC)(DC)(DG)
(DC)(DC)(DA)(DA)(DG)(DG)(DG)(DG)(DA)(DT)(DT)(DA)(DC)(DT)(DC)(DC)(DC)(DT)(DA)(DG)
(DT)(DC)(DT)(DC)(DC)(DA)(DG)(DG)(DC)(DA)(DC)(DG)(DT)(DG)(DT)(DC)(DA)(DC)(DA)(DT)
(DA)(DT)(DA)(DT)(DA)(DC)(DA)(DT)(DC)(DC)(DT)(DG)(DT)(DT)(DC)(DC)(DA)(DG)(DT)(DG)
(DC)(DC)(DG)(DG)(DA)(DC)(DC)(DC)(DG)(DA)(DG)(DC)(DA)(DT)(DC)(DC)(DG)(DG)(DA)(DT)
(DC)(DC)(DC)(DC)(DT)(DG)(DG)(DA)(DG)(DA)(DA)(DT)(DC)(DC)(DC)(DG)(DG)(DT)(DG)(DC)
(DC)(DG)(DA)(DG)(DG)(DC)(DC)(DG)(DC)(DT)(DC)(DA)(DA)(DT)(DT)(DG)(DG)(DT)(DC)(DG)
(DT)(DA)(DG)(DA)(DC)(DA)(DG)(DC)(DT)(DC)(DT)(DA)(DG)(DC)(DA)(DC)(DC)(DG)(DC)(DT)
(DT)(DA)(DA)(DA)(DC)(DG)(DC)(DA)(DC)(DG)(DT)(DA)(DC)(DG)(DC)(DG)(DC)(DT)(DG)(DT)
(DC)(DC)(DC)(DC)(DC)(DG)(DC)(DG)(DT)(DT)(DT)(DT)(DA)(DA)(DC)(DC)(DG)(DC)(DC)(DA)
(DA)(DG)(DG)(DG)(DG)(DA)(DT)(DT)(DA)(DC)(DT)(DC)(DC)(DC)(DT)(DA)(DG)(DT)(DC)(DT)
(DC)(DC)(DA)(DG)(DG)(DC)(DA)(DC)(DG)(DT)(DG)(DT)(DC)(DA)(DC)(DA)(DT)(DA)(DT)(DA)
(DT)(DA)(DC)(DA)(DT)(DC)(DC)(DT)(DG)(DT)(DT)(DC)(DC)(DA)(DG)(DT)(DG)(DC)(DC)(DG)
(DG)(DA)(DC)(DC)(DC)(DG)(DA)(DG)(DC)(DA)(DT)(DC)(DC)(DG)(DG)(DA)(DT)(DC)(DC)(DC)
(DC)(DT)(DG)(DG)(DA)(DG)(DA)(DA)(DT)(DC)(DC)(DC)(DG)(DG)(DT)(DG)(DC)(DC)(DG)(DA)
(DG)(DG)(DC)(DC)(DG)(DC)(DT)(DC)(DA)(DA)(DT)(DT)(DG)(DG)(DT)(DC)(DG)(DT)(DA)(DG)
(DA)(DC)(DA)(DG)(DC)(DT)(DC)(DT)(DA)(DG)(DC)(DA)(DC)(DC)(DG)(DC)(DT)(DT)(DA)(DA)
(DA)(DC)(DG)(DC)(DA)(DC)(DG)(DT)(DA)(DC)(DG)(DC)(DG)(DC)(DT)(DG)(DT)(DC)(DC)(DC)
(DC)(DC)(DG)(DC)(DG)(DT)(DT)(DT)(DT)(DA)(DA)(DC)(DC)(DG)(DC)(DC)(DA)(DA)(DG)(DG)
(DG)(DG)(DA)(DT)(DT)(DA)(DC)(DT)(DC)(DC)(DC)(DT)(DA)(DG)(DT)(DC)(DT)(DC)(DC)(DA)
(DG)(DG)(DC)(DA)(DC)(DG)(DT)(DG)(DT)(DC)(DA)(DC)(DA)(DT)(DA)(DT)(DA)(DT)(DA)(DC)
(DA)(DT)(DC)(DC)(DT)(DG)(DT)(DT)(DC)(DC)(DA)(DG)(DT)(DG)(DC)(DC)(DG)(DG)(DA)(DC)
(DC)(DC)(DG)(DA)(DG)(DC)(DA)(DT)(DC)(DC)(DG)(DG)(DA)(DT)(DC)(DC)(DC)(DC)(DT)(DG)
(DG)(DA)(DG)(DA)(DA)(DT)(DC)(DC)(DC)(DG)(DG)(DT)(DG)(DC)(DC)(DG)(DA)(DG)(DG)(DC)
(DC)(DG)(DC)(DT)(DC)(DA)(DA)(DT)(DT)(DG)(DG)(DT)(DC)(DG)(DT)(DA)(DG)(DA)(DC)(DA)
(DG)(DC)(DT)(DC)(DT)(DA)(DG)(DC)(DA)(DC)(DC)(DG)(DC)(DT)(DT)(DA)(DA)(DA)(DC)(DG)
(DC)(DA)(DC)(DG)(DT)(DA)(DC)(DG)(DC)(DG)(DC)(DT)(DG)(DT)(DC)(DC)(DC)(DC)(DC)(DG)
(DC)(DG)(DT)(DT)(DT)(DT)(DA)(DA)(DC)(DC)(DG)(DC)(DC)(DA)(DA)(DG)(DG)(DG)(DG)(DA)
(DT)(DT)(DA)(DC)(DT)(DC)(DC)(DC)(DT)(DA)(DG)(DT)(DC)(DT)(DC)(DC)(DA)(DG)(DG)(DC)
(DA)(DC)(DG)(DT)(DG)(DT)(DC)(DA)(DC)(DA)(DT)(DA)(DT)(DA)(DT)(DA)(DC)(DA)(DT)(DC)
(DC)(DT)(DG)(DT)(DT)(DC)(DC)(DA)(DG)(DT)(DG)(DC)(DC)(DG)(DG)(DA)(DC)(DC)(DC)(DG)
(DA)(DG)(DC)(DA)(DT)(DC)(DC)(DG)(DG)(DA)(DT)(DC)(DC)(DC)(DC)(DT)(DG)(DG)(DA)(DG)
(DA)(DA)(DT)(DC)(DC)(DC)(DG)(DG)(DT)(DG)(DC)(DC)(DG)(DA)(DG)(DG)(DC)(DC)(DG)(DC)
(DT)(DC)(DA)(DA)(DT)(DT)(DG)(DG)(DT)(DC)(DG)(DT)(DA)(DG)(DA)(DC)(DA)(DG)(DC)(DT)
(DC)(DT)(DA)(DG)(DC)(DA)(DC)(DC)(DG)(DC)(DT)(DT)(DA)(DA)(DA)(DC)(DG)(DC)(DA)(DC)
(DG)(DT)(DA)(DC)(DG)(DC)(DG)(DC)(DT)(DG)(DT)(DC)(DC)(DC)(DC)(DC)(DG)(DC)(DG)(DT)
(DT)(DT)(DT)(DA)(DA)(DC)(DC)(DG)(DC)(DC)(DA)(DA)(DG)(DG)(DG)(DG)(DA)(DT)(DT)(DA)
(DC)(DT)(DC)(DC)(DC)(DT)(DA)(DG)(DT)(DC)(DT)(DC)(DC)(DA)(DG)(DG)(DC)(DA)(DC)(DG)
(DT)(DG)(DT)(DC)(DA)(DC)(DA)(DT)(DA)(DT)(DA)(DT)(DA)(DC)(DA)(DT)(DC)(DC)(DT)(DG)
(DT)(DT)(DC)(DC)(DA)(DG)(DT)(DG)(DC)(DC)(DG)(DG)(DA)(DC)(DC)(DC)(DG)(DA)(DG)(DC)
(DA)(DT)(DC)(DC)(DG)(DG)(DA)(DT)(DC)(DC)(DC)(DC)(DT)(DG)(DG)(DA)(DG)(DA)(DA)(DT)
(DC)(DC)(DC)(DG)(DG)(DT)(DG)(DC)(DC)(DG)(DA)(DG)(DG)(DC)(DC)(DG)(DC)(DT)(DC)(DA)
(DA)(DT)(DT)(DG)(DG)(DT)(DC)(DG)(DT)(DA)(DG)(DA)(DC)(DA)(DG)(DC)(DT)(DC)(DT)(DA)
(DG)(DC)(DA)(DC)(DC)(DG)(DC)(DT)(DT)(DA)(DA)(DA)(DC)(DG)(DC)(DA)(DC)(DG)(DT)(DA)
(DC)(DG)(DC)(DG)(DC)(DT)(DG)(DT)(DC)(DC)(DC)(DC)(DC)(DG)(DC)(DG)(DT)(DT)(DT)(DT)
(DA)(DA)(DC)(DC)(DG)(DC)(DC)(DA)(DA)(DG)(DG)(DG)(DG)(DA)(DT)(DT)(DA)(DC)(DT)(DC)
(DC)(DC)(DT)(DA)(DG)(DT)(DC)(DT)(DC)(DC)(DA)(DG)(DG)(DC)(DA)(DC)(DG)(DT)(DG)(DT)
(DC)(DA)(DC)(DA)(DT)(DA)(DT)(DA)(DT)(DA)(DC)(DA)(DT)(DC)(DC)(DT)(DG)(DT)(DT)(DC)
(DC)(DA)(DG)(DT)(DG)(DC)(DC)(DG)(DG)(DA)(DC)(DC)(DC)(DG)(DA)(DG)(DC)(DA)(DT)(DC)
(DC)(DG)(DG)(DA)(DT)(DC)(DC)(DC)(DC)(DT)(DG)(DG)(DA)(DG)(DA)(DA)(DT)(DC)(DC)(DC)
(DG)(DG)(DT)(DG)(DC)(DC)(DG)(DA)(DG)(DG)(DC)(DC)(DG)(DC)(DT)(DC)(DA)(DA)(DT)(DT)
(DG)(DG)(DT)(DC)(DG)(DT)(DA)(DG)(DA)(DC)(DA)(DG)(DC)(DT)(DC)(DT)(DA)(DG)(DC)(DA)
(DC)(DC)(DG)(DC)(DT)(DT)(DA)(DA)(DA)(DC)(DG)(DC)(DA)(DC)(DG)(DT)(DA)(DC)(DG)(DC)
(DG)(DC)(DT)(DG)(DT)(DC)(DC)(DC)(DC)(DC)(DG)(DC)(DG)(DT)(DT)(DT)(DT)(DA)(DA)(DC)
(DC)(DG)(DC)(DC)(DA)(DA)(DG)(DG)(DG)(DG)(DA)(DT)(DT)(DA)(DC)(DT)(DC)(DC)(DC)(DT)
(DA)(DG)(DT)(DC)(DT)(DC)(DC)(DA)(DG)(DG)(DC)(DA)(DC)(DG)(DT)(DG)(DT)(DC)(DA)(DC)
(DA)(DT)(DA)(DT)(DA)(DT)(DA)(DC)(DA)(DT)(DC)(DC)(DT)(DG)(DT)(DT)(DC)(DC)(DA)(DG)
(DT)(DG)(DC)(DC)(DG)(DG)(DA)(DC)(DC)(DC)(DG)(DA)(DG)(DC)(DA)(DT)(DC)(DC)(DG)(DG)
(DA)(DT)(DC)(DC)(DC)(DC)(DT)(DG)(DG)(DA)(DG)(DA)(DA)(DT)(DC)(DC)(DC)(DG)(DG)(DT)
(DG)(DC)(DC)(DG)(DA)(DG)(DG)(DC)(DC)(DG)(DC)(DT)(DC)(DA)(DA)(DT)(DT)(DG)(DG)(DT)
(DC)(DG)(DT)(DA)(DG)(DA)(DC)(DA)(DG)(DC)(DT)(DC)(DT)(DA)(DG)(DC)(DA)(DC)(DC)(DG)
(DC)(DT)(DT)(DA)(DA)(DA)(DC)(DG)(DC)(DA)(DC)(DG)(DT)(DA)(DC)(DG)(DC)(DG)(DC)(DT)
(DG)(DT)(DC)(DC)(DC)(DC)(DC)(DG)(DC)(DG)(DT)(DT)(DT)(DT)(DA)(DA)(DC)(DC)(DG)(DC)
(DC)(DA)(DA)(DG)(DG)(DG)(DG)(DA)(DT)(DT)(DA)(DC)(DT)(DC)(DC)(DC)(DT)(DA)(DG)(DT)
(DC)(DT)(DC)(DC)(DA)(DG)(DG)(DC)(DA)(DC)(DG)(DT)(DG)(DT)(DC)(DA)(DC)(DA)(DT)(DA)
(DT)(DA)(DT)(DA)(DC)(DA)(DT)(DC)(DC)(DT)(DG)(DT)(DT)(DC)(DC)(DA)(DG)(DT)(DG)(DC)
(DC)(DG)(DG)(DA)(DC)(DC)(DC)(DG)(DA)(DG)(DC)(DA)(DT)(DC)(DC)(DG)(DG)(DA)(DT)(DC)
(DC)(DC)(DC)(DT)(DG)(DG)(DA)(DG)(DA)(DA)(DT)(DC)(DC)(DC)(DG)(DG)(DT)(DG)(DC)(DC)
(DG)(DA)(DG)(DG)(DC)(DC)(DG)(DC)(DT)(DC)(DA)(DA)(DT)(DT)(DG)(DG)(DT)(DC)(DG)(DT)
(DA)(DG)(DA)(DC)(DA)(DG)(DC)(DT)(DC)(DT)(DA)(DG)(DC)(DA)(DC)(DC)(DG)(DC)(DT)(DT)
(DA)(DA)(DA)(DC)(DG)(DC)(DA)(DC)(DG)(DT)(DA)(DC)(DG)(DC)(DG)(DC)(DT)(DG)(DT)(DC)
(DC)(DC)(DC)(DC)(DG)(DC)(DG)(DT)(DT)(DT)(DT)(DA)(DA)(DC)(DC)(DG)(DC)(DC)(DA)(DA)
(DG)(DG)(DG)(DG)(DA)(DT)(DT)(DA)(DC)(DT)(DC)(DC)(DC)(DT)(DA)(DG)(DT)(DC)(DT)(DC)
(DC)(DA)(DG)(DG)(DC)(DA)(DC)(DG)(DT)(DG)(DT)(DC)(DA)(DC)(DA)(DT)(DA)(DT)(DA)(DT)
(DA)(DC)(DA)(DT)(DC)(DC)(DT)(DG)(DT)(DT)(DC)(DC)(DA)(DG)(DT)(DG)(DC)(DC)(DG)(DG)
(DA)(DC)(DC)(DC)
;
Au
2 'polydeoxyribonucleotide'
;(DG)(DG)(DG)(DT)(DC)(DC)(DG)(DG)(DC)(DA)(DC)(DT)(DG)(DG)(DA)(DA)(DC)(DA)(DG)(DG)
(DA)(DT)(DG)(DT)(DA)(DT)(DA)(DT)(DA)(DT)(DG)(DT)(DG)(DA)(DC)(DA)(DC)(DG)(DT)(DG)
(DC)(DC)(DT)(DG)(DG)(DA)(DG)(DA)(DC)(DT)(DA)(DG)(DG)(DG)(DA)(DG)(DT)(DA)(DA)(DT)
(DC)(DC)(DC)(DC)(DT)(DT)(DG)(DG)(DC)(DG)(DG)(DT)(DT)(DA)(DA)(DA)(DA)(DC)(DG)(DC)
(DG)(DG)(DG)(DG)(DG)(DA)(DC)(DA)(DG)(DC)(DG)(DC)(DG)(DT)(DA)(DC)(DG)(DT)(DG)(DC)
(DG)(DT)(DT)(DT)(DA)(DA)(DG)(DC)(DG)(DG)(DT)(DG)(DC)(DT)(DA)(DG)(DA)(DG)(DC)(DT)
(DG)(DT)(DC)(DT)(DA)(DC)(DG)(DA)(DC)(DC)(DA)(DA)(DT)(DT)(DG)(DA)(DG)(DC)(DG)(DG)
(DC)(DC)(DT)(DC)(DG)(DG)(DC)(DA)(DC)(DC)(DG)(DG)(DG)(DA)(DT)(DT)(DC)(DT)(DC)(DC)
(DA)(DG)(DG)(DG)(DG)(DA)(DT)(DC)(DC)(DG)(DG)(DA)(DT)(DG)(DC)(DT)(DC)(DG)(DG)(DG)
(DT)(DC)(DC)(DG)(DG)(DC)(DA)(DC)(DT)(DG)(DG)(DA)(DA)(DC)(DA)(DG)(DG)(DA)(DT)(DG)
(DT)(DA)(DT)(DA)(DT)(DA)(DT)(DG)(DT)(DG)(DA)(DC)(DA)(DC)(DG)(DT)(DG)(DC)(DC)(DT)
(DG)(DG)(DA)(DG)(DA)(DC)(DT)(DA)(DG)(DG)(DG)(DA)(DG)(DT)(DA)(DA)(DT)(DC)(DC)(DC)
(DC)(DT)(DT)(DG)(DG)(DC)(DG)(DG)(DT)(DT)(DA)(DA)(DA)(DA)(DC)(DG)(DC)(DG)(DG)(DG)
(DG)(DG)(DA)(DC)(DA)(DG)(DC)(DG)(DC)(DG)(DT)(DA)(DC)(DG)(DT)(DG)(DC)(DG)(DT)(DT)
(DT)(DA)(DA)(DG)(DC)(DG)(DG)(DT)(DG)(DC)(DT)(DA)(DG)(DA)(DG)(DC)(DT)(DG)(DT)(DC)
(DT)(DA)(DC)(DG)(DA)(DC)(DC)(DA)(DA)(DT)(DT)(DG)(DA)(DG)(DC)(DG)(DG)(DC)(DC)(DT)
(DC)(DG)(DG)(DC)(DA)(DC)(DC)(DG)(DG)(DG)(DA)(DT)(DT)(DC)(DT)(DC)(DC)(DA)(DG)(DG)
(DG)(DG)(DA)(DT)(DC)(DC)(DG)(DG)(DA)(DT)(DG)(DC)(DT)(DC)(DG)(DG)(DG)(DT)(DC)(DC)
(DG)(DG)(DC)(DA)(DC)(DT)(DG)(DG)(DA)(DA)(DC)(DA)(DG)(DG)(DA)(DT)(DG)(DT)(DA)(DT)
(DA)(DT)(DA)(DT)(DG)(DT)(DG)(DA)(DC)(DA)(DC)(DG)(DT)(DG)(DC)(DC)(DT)(DG)(DG)(DA)
(DG)(DA)(DC)(DT)(DA)(DG)(DG)(DG)(DA)(DG)(DT)(DA)(DA)(DT)(DC)(DC)(DC)(DC)(DT)(DT)
(DG)(DG)(DC)(DG)(DG)(DT)(DT)(DA)(DA)(DA)(DA)(DC)(DG)(DC)(DG)(DG)(DG)(DG)(DG)(DA)
(DC)(DA)(DG)(DC)(DG)(DC)(DG)(DT)(DA)(DC)(DG)(DT)(DG)(DC)(DG)(DT)(DT)(DT)(DA)(DA)
(DG)(DC)(DG)(DG)(DT)(DG)(DC)(DT)(DA)(DG)(DA)(DG)(DC)(DT)(DG)(DT)(DC)(DT)(DA)(DC)
(DG)(DA)(DC)(DC)(DA)(DA)(DT)(DT)(DG)(DA)(DG)(DC)(DG)(DG)(DC)(DC)(DT)(DC)(DG)(DG)
(DC)(DA)(DC)(DC)(DG)(DG)(DG)(DA)(DT)(DT)(DC)(DT)(DC)(DC)(DA)(DG)(DG)(DG)(DG)(DA)
(DT)(DC)(DC)(DG)(DG)(DA)(DT)(DG)(DC)(DT)(DC)(DG)(DG)(DG)(DT)(DC)(DC)(DG)(DG)(DC)
(DA)(DC)(DT)(DG)(DG)(DA)(DA)(DC)(DA)(DG)(DG)(DA)(DT)(DG)(DT)(DA)(DT)(DA)(DT)(DA)
(DT)(DG)(DT)(DG)(DA)(DC)(DA)(DC)(DG)(DT)(DG)(DC)(DC)(DT)(DG)(DG)(DA)(DG)(DA)(DC)
(DT)(DA)(DG)(DG)(DG)(DA)(DG)(DT)(DA)(DA)(DT)(DC)(DC)(DC)(DC)(DT)(DT)(DG)(DG)(DC)
(DG)(DG)(DT)(DT)(DA)(DA)(DA)(DA)(DC)(DG)(DC)(DG)(DG)(DG)(DG)(DG)(DA)(DC)(DA)(DG)
(DC)(DG)(DC)(DG)(DT)(DA)(DC)(DG)(DT)(DG)(DC)(DG)(DT)(DT)(DT)(DA)(DA)(DG)(DC)(DG)
(DG)(DT)(DG)(DC)(DT)(DA)(DG)(DA)(DG)(DC)(DT)(DG)(DT)(DC)(DT)(DA)(DC)(DG)(DA)(DC)
(DC)(DA)(DA)(DT)(DT)(DG)(DA)(DG)(DC)(DG)(DG)(DC)(DC)(DT)(DC)(DG)(DG)(DC)(DA)(DC)
(DC)(DG)(DG)(DG)(DA)(DT)(DT)(DC)(DT)(DC)(DC)(DA)(DG)(DG)(DG)(DG)(DA)(DT)(DC)(DC)
(DG)(DG)(DA)(DT)(DG)(DC)(DT)(DC)(DG)(DG)(DG)(DT)(DC)(DC)(DG)(DG)(DC)(DA)(DC)(DT)
(DG)(DG)(DA)(DA)(DC)(DA)(DG)(DG)(DA)(DT)(DG)(DT)(DA)(DT)(DA)(DT)(DA)(DT)(DG)(DT)
(DG)(DA)(DC)(DA)(DC)(DG)(DT)(DG)(DC)(DC)(DT)(DG)(DG)(DA)(DG)(DA)(DC)(DT)(DA)(DG)
(DG)(DG)(DA)(DG)(DT)(DA)(DA)(DT)(DC)(DC)(DC)(DC)(DT)(DT)(DG)(DG)(DC)(DG)(DG)(DT)
(DT)(DA)(DA)(DA)(DA)(DC)(DG)(DC)(DG)(DG)(DG)(DG)(DG)(DA)(DC)(DA)(DG)(DC)(DG)(DC)
(DG)(DT)(DA)(DC)(DG)(DT)(DG)(DC)(DG)(DT)(DT)(DT)(DA)(DA)(DG)(DC)(DG)(DG)(DT)(DG)
(DC)(DT)(DA)(DG)(DA)(DG)(DC)(DT)(DG)(DT)(DC)(DT)(DA)(DC)(DG)(DA)(DC)(DC)(DA)(DA)
(DT)(DT)(DG)(DA)(DG)(DC)(DG)(DG)(DC)(DC)(DT)(DC)(DG)(DG)(DC)(DA)(DC)(DC)(DG)(DG)
(DG)(DA)(DT)(DT)(DC)(DT)(DC)(DC)(DA)(DG)(DG)(DG)(DG)(DA)(DT)(DC)(DC)(DG)(DG)(DA)
(DT)(DG)(DC)(DT)(DC)(DG)(DG)(DG)(DT)(DC)(DC)(DG)(DG)(DC)(DA)(DC)(DT)(DG)(DG)(DA)
(DA)(DC)(DA)(DG)(DG)(DA)(DT)(DG)(DT)(DA)(DT)(DA)(DT)(DA)(DT)(DG)(DT)(DG)(DA)(DC)
(DA)(DC)(DG)(DT)(DG)(DC)(DC)(DT)(DG)(DG)(DA)(DG)(DA)(DC)(DT)(DA)(DG)(DG)(DG)(DA)
(DG)(DT)(DA)(DA)(DT)(DC)(DC)(DC)(DC)(DT)(DT)(DG)(DG)(DC)(DG)(DG)(DT)(DT)(DA)(DA)
(DA)(DA)(DC)(DG)(DC)(DG)(DG)(DG)(DG)(DG)(DA)(DC)(DA)(DG)(DC)(DG)(DC)(DG)(DT)(DA)
(DC)(DG)(DT)(DG)(DC)(DG)(DT)(DT)(DT)(DA)(DA)(DG)(DC)(DG)(DG)(DT)(DG)(DC)(DT)(DA)
(DG)(DA)(DG)(DC)(DT)(DG)(DT)(DC)(DT)(DA)(DC)(DG)(DA)(DC)(DC)(DA)(DA)(DT)(DT)(DG)
(DA)(DG)(DC)(DG)(DG)(DC)(DC)(DT)(DC)(DG)(DG)(DC)(DA)(DC)(DC)(DG)(DG)(DG)(DA)(DT)
(DT)(DC)(DT)(DC)(DC)(DA)(DG)(DG)(DG)(DG)(DA)(DT)(DC)(DC)(DG)(DG)(DA)(DT)(DG)(DC)
(DT)(DC)(DG)(DG)(DG)(DT)(DC)(DC)(DG)(DG)(DC)(DA)(DC)(DT)(DG)(DG)(DA)(DA)(DC)(DA)
(DG)(DG)(DA)(DT)(DG)(DT)(DA)(DT)(DA)(DT)(DA)(DT)(DG)(DT)(DG)(DA)(DC)(DA)(DC)(DG)
(DT)(DG)(DC)(DC)(DT)(DG)(DG)(DA)(DG)(DA)(DC)(DT)(DA)(DG)(DG)(DG)(DA)(DG)(DT)(DA)
(DA)(DT)(DC)(DC)(DC)(DC)(DT)(DT)(DG)(DG)(DC)(DG)(DG)(DT)(DT)(DA)(DA)(DA)(DA)(DC)
(DG)(DC)(DG)(DG)(DG)(DG)(DG)(DA)(DC)(DA)(DG)(DC)(DG)(DC)(DG)(DT)(DA)(DC)(DG)(DT)
(DG)(DC)(DG)(DT)(DT)(DT)(DA)(DA)(DG)(DC)(DG)(DG)(DT)(DG)(DC)(DT)(DA)(DG)(DA)(DG)
(DC)(DT)(DG)(DT)(DC)(DT)(DA)(DC)(DG)(DA)(DC)(DC)(DA)(DA)(DT)(DT)(DG)(DA)(DG)(DC)
(DG)(DG)(DC)(DC)(DT)(DC)(DG)(DG)(DC)(DA)(DC)(DC)(DG)(DG)(DG)(DA)(DT)(DT)(DC)(DT)
(DC)(DC)(DA)(DG)(DG)(DG)(DG)(DA)(DT)(DC)(DC)(DG)(DG)(DA)(DT)(DG)(DC)(DT)(DC)(DG)
(DG)(DG)(DT)(DC)(DC)(DG)(DG)(DC)(DA)(DC)(DT)(DG)(DG)(DA)(DA)(DC)(DA)(DG)(DG)(DA)
(DT)(DG)(DT)(DA)(DT)(DA)(DT)(DA)(DT)(DG)(DT)(DG)(DA)(DC)(DA)(DC)(DG)(DT)(DG)(DC)
(DC)(DT)(DG)(DG)(DA)(DG)(DA)(DC)(DT)(DA)(DG)(DG)(DG)(DA)(DG)(DT)(DA)(DA)(DT)(DC)
(DC)(DC)(DC)(DT)(DT)(DG)(DG)(DC)(DG)(DG)(DT)(DT)(DA)(DA)(DA)(DA)(DC)(DG)(DC)(DG)
(DG)(DG)(DG)(DG)(DA)(DC)(DA)(DG)(DC)(DG)(DC)(DG)(DT)(DA)(DC)(DG)(DT)(DG)(DC)(DG)
(DT)(DT)(DT)(DA)(DA)(DG)(DC)(DG)(DG)(DT)(DG)(DC)(DT)(DA)(DG)(DA)(DG)(DC)(DT)(DG)
(DT)(DC)(DT)(DA)(DC)(DG)(DA)(DC)(DC)(DA)(DA)(DT)(DT)(DG)(DA)(DG)(DC)(DG)(DG)(DC)
(DC)(DT)(DC)(DG)(DG)(DC)(DA)(DC)(DC)(DG)(DG)(DG)(DA)(DT)(DT)(DC)(DT)(DC)(DC)(DA)
(DG)(DG)(DG)(DG)(DA)(DT)(DC)(DC)(DG)(DG)(DA)(DT)(DG)(DC)(DT)(DC)(DG)(DG)(DG)(DT)
(DC)(DC)(DG)(DG)(DC)(DA)(DC)(DT)(DG)(DG)(DA)(DA)(DC)(DA)(DG)(DG)(DA)(DT)(DG)(DT)
(DA)(DT)(DA)(DT)(DA)(DT)(DG)(DT)(DG)(DA)(DC)(DA)(DC)(DG)(DT)(DG)(DC)(DC)(DT)(DG)
(DG)(DA)(DG)(DA)(DC)(DT)(DA)(DG)(DG)(DG)(DA)(DG)(DT)(DA)(DA)(DT)(DC)(DC)(DC)(DC)
(DT)(DT)(DG)(DG)(DC)(DG)(DG)(DT)(DT)(DA)(DA)(DA)(DA)(DC)(DG)(DC)(DG)(DG)(DG)(DG)
(DG)(DA)(DC)(DA)(DG)(DC)(DG)(DC)(DG)(DT)(DA)(DC)(DG)(DT)(DG)(DC)(DG)(DT)(DT)(DT)
(DA)(DA)(DG)(DC)(DG)(DG)(DT)(DG)(DC)(DT)(DA)(DG)(DA)(DG)(DC)(DT)(DG)(DT)(DC)(DT)
(DA)(DC)(DG)(DA)(DC)(DC)(DA)(DA)(DT)(DT)(DG)(DA)(DG)(DC)(DG)(DG)(DC)(DC)(DT)(DC)
(DG)(DG)(DC)(DA)(DC)(DC)(DG)(DG)(DG)(DA)(DT)(DT)(DC)(DT)(DC)(DC)(DA)(DG)(DG)(DG)
(DG)(DA)(DT)(DC)(DC)(DG)(DG)(DA)(DT)(DG)(DC)(DT)(DC)(DG)(DG)(DG)(DT)(DC)(DC)(DG)
(DG)(DC)(DA)(DC)(DT)(DG)(DG)(DA)(DA)(DC)(DA)(DG)(DG)(DA)(DT)(DG)(DT)(DA)(DT)(DA)
(DT)(DA)(DT)(DG)(DT)(DG)(DA)(DC)(DA)(DC)(DG)(DT)(DG)(DC)(DC)(DT)(DG)(DG)(DA)(DG)
(DA)(DC)(DT)(DA)(DG)(DG)(DG)(DA)(DG)(DT)(DA)(DA)(DT)(DC)(DC)(DC)(DC)(DT)(DT)(DG)
(DG)(DC)(DG)(DG)(DT)(DT)(DA)(DA)(DA)(DA)(DC)(DG)(DC)(DG)(DG)(DG)(DG)(DG)(DA)(DC)
(DA)(DG)(DC)(DG)(DC)(DG)(DT)(DA)(DC)(DG)(DT)(DG)(DC)(DG)(DT)(DT)(DT)(DA)(DA)(DG)
(DC)(DG)(DG)(DT)(DG)(DC)(DT)(DA)(DG)(DA)(DG)(DC)(DT)(DG)(DT)(DC)(DT)(DA)(DC)(DG)
(DA)(DC)(DC)(DA)(DA)(DT)(DT)(DG)(DA)(DG)(DC)(DG)(DG)(DC)(DC)(DT)(DC)(DG)(DG)(DC)
(DA)(DC)(DC)(DG)(DG)(DG)(DA)(DT)(DT)(DC)(DT)(DC)(DC)(DA)(DG)(DG)(DG)(DG)(DA)(DT)
(DC)(DC)(DG)(DG)(DA)(DT)(DG)(DC)(DT)(DC)(DG)(DG)(DG)(DT)(DC)(DC)(DG)(DG)(DC)(DA)
(DC)(DT)(DG)(DG)(DA)(DA)(DC)(DA)(DG)(DG)(DA)(DT)(DG)(DT)(DA)(DT)(DA)(DT)(DA)(DT)
(DG)(DT)(DG)(DA)(DC)(DA)(DC)(DG)(DT)(DG)(DC)(DC)(DT)(DG)(DG)(DA)(DG)(DA)(DC)(DT)
(DA)(DG)(DG)(DG)(DA)(DG)(DT)(DA)(DA)(DT)(DC)(DC)(DC)(DC)(DT)(DT)(DG)(DG)(DC)(DG)
(DG)(DT)(DT)(DA)(DA)(DA)(DA)(DC)(DG)(DC)(DG)(DG)(DG)(DG)(DG)(DA)(DC)(DA)(DG)(DC)
(DG)(DC)(DG)(DT)(DA)(DC)(DG)(DT)(DG)(DC)(DG)(DT)(DT)(DT)(DA)(DA)(DG)(DC)(DG)(DG)
(DT)(DG)(DC)(DT)(DA)(DG)(DA)(DG)(DC)(DT)(DG)(DT)(DC)(DT)(DA)(DC)(DG)(DA)(DC)(DC)
(DA)(DA)(DT)(DT)(DG)(DA)(DG)(DC)(DG)(DG)(DC)(DC)(DT)(DC)(DG)(DG)(DC)(DA)(DC)(DC)
(DG)(DG)(DG)(DA)(DT)(DT)(DC)(DT)(DC)(DC)(DA)(DG)(DG)(DG)(DG)(DA)(DT)(DC)(DC)(DG)
(DG)(DA)(DT)(DG)(DC)(DT)(DC)(DG)(DG)(DG)(DT)(DC)(DC)(DG)(DG)(DC)(DA)(DC)(DT)(DG)
(DG)(DA)(DA)(DC)(DA)(DG)(DG)(DA)(DT)(DG)(DT)(DA)(DT)(DA)(DT)(DA)(DT)(DG)(DT)(DG)
(DA)(DC)(DA)(DC)(DG)(DT)(DG)(DC)(DC)(DT)(DG)(DG)(DA)(DG)(DA)(DC)(DT)(DA)(DG)(DG)
(DG)(DA)(DG)(DT)(DA)(DA)(DT)(DC)(DC)(DC)(DC)(DT)(DT)(DG)(DG)(DC)(DG)(DG)(DT)(DT)
(DA)(DA)(DA)(DA)(DC)(DG)(DC)(DG)(DG)(DG)(DG)(DG)(DA)(DC)(DA)(DG)(DC)(DG)(DC)(DG)
(DT)(DA)(DC)(DG)(DT)(DG)(DC)(DG)(DT)(DT)(DT)(DA)(DA)(DG)(DC)(DG)(DG)(DT)(DG)(DC)
(DT)(DA)(DG)(DA)(DG)(DC)(DT)(DG)(DT)(DC)(DT)(DA)(DC)(DG)(DA)(DC)(DC)(DA)(DA)(DT)
(DT)(DG)(DA)(DG)(DC)(DG)(DG)(DC)(DC)(DT)(DC)(DG)(DG)(DC)(DA)(DC)(DC)(DG)(DG)(DG)
(DA)(DT)(DT)(DC)(DT)(DC)(DC)(DA)(DG)(DG)(DG)(DG)(DA)(DT)(DC)(DC)(DG)(DG)(DA)(DT)
(DG)(DC)(DT)(DC)
;
Av
3 'polypeptide(L)'
;MSGRGKQGGKTRAKAKTRSSRAGLQFPVGRVHRLLRKGNYAERVGAGAPVYLAAVLEYLTAEILELAGNAARDNKKTRII
PRHLQLAVRNDEELNKLLGRVTIAQGGVLPNIQSVLLPKKTESSKSAKSK
;
A,B,C,D,E,F,G,H,I,K,L,aj,ak,al,am,an,ao,ap,aq,ar,as,at,au,Ae
4 'polypeptide(L)'
;MAKSAPAPKKGSKKAVTKTQKKDGKKRRKSRKESYAIYVYKVLKQVHPDTGISSKAMSIMNSFVNDVFERIAGEASRLAH
YNKRSTITSREIQTAVRLLLPGELAKHAVSEGTKAVTKYTSAK
;
J,M,N,O,P,Q,R,S,T,U,V,W,av,aw,ax,ay,az,Aa,Ab,Ac,Ad,Af,Ag,At
5 'polypeptide(L)'
;MARTKQTARKSTGGKAPRKQLATKAARKSAPATGGVKKPHRYRPGTVALREIRRYQKSTELLIRKLPFQRLVREIAQDFK
TDLRFQSSAVMALQEASEAYLVALFEDTNLCAIHAKRVTIMPKDIQLARRIRGERA
;
X,Y,Z,a,b,c,d,e,f,g,h,i,j,k,l,m,n,o,p,q,r,s,t,u
6 'polypeptide(L)'
;MSGRGKGGKGLGKGGAKRHRKVLRDNIQGITKPAIRRLARRGGVKRISGLIYEETRGVLKVFLENVIRDAVTYTEHAKRK
TVTAMDVVYALKRQGRTLYGFGG
;
v,w,x,y,z,0,1,2,3,4,5,6,7,8,9,CD,a2,a3,a4,a5,a6,a7,a8,a9
7 'polypeptide(L)'
;MTESLVLSPAPAKPKRVKASRRSASHPTYSEMIAAAIRAEKSRGGSSRQSIQKYIKSHYKVGHNADLQIKLSIRRLLAAG
VLKQTKGVGASGSFRLAKSDKAKRSPGKKKKAVRRSTSPKKAARPRKARSPAKKPKATARKARKKSRASPKKAKKPKTVK
AKSRKASKAKKVKRSKPRAKSGARKSPKKKHHHHHH
;
Ah,Ai,Aj,Ak,Al,Am,An,Ao,Ap,Aq,Ar,As
#
# COMPACT_ATOMS: atom_id res chain seq x y z
N GLY C 9 150.70 43.35 -87.59
CA GLY C 9 149.93 43.55 -86.38
C GLY C 9 148.44 43.78 -86.64
N LYS C 10 147.79 44.49 -85.73
CA LYS C 10 146.37 44.80 -85.84
C LYS C 10 146.20 46.25 -86.25
N THR C 11 145.40 46.48 -87.30
CA THR C 11 145.17 47.82 -87.82
C THR C 11 143.71 48.16 -87.98
N ARG C 12 142.81 47.18 -88.10
CA ARG C 12 141.39 47.45 -88.26
C ARG C 12 140.80 47.90 -86.92
N ALA C 13 139.49 48.15 -86.92
CA ALA C 13 138.80 48.67 -85.74
C ALA C 13 138.62 47.54 -84.72
N LYS C 14 139.71 47.22 -84.04
CA LYS C 14 139.70 46.20 -83.00
C LYS C 14 139.15 46.80 -81.70
N ALA C 15 138.72 45.92 -80.80
CA ALA C 15 138.10 46.25 -79.51
C ALA C 15 136.78 46.99 -79.69
N LYS C 16 136.23 47.00 -80.89
CA LYS C 16 134.93 47.61 -81.16
C LYS C 16 134.09 46.63 -81.97
N THR C 17 132.84 46.43 -81.55
CA THR C 17 131.96 45.52 -82.27
C THR C 17 131.58 46.11 -83.62
N ARG C 18 130.96 45.26 -84.46
CA ARG C 18 130.49 45.72 -85.75
C ARG C 18 129.41 46.79 -85.61
N SER C 19 128.59 46.69 -84.56
CA SER C 19 127.61 47.73 -84.28
C SER C 19 128.29 49.06 -83.98
N SER C 20 129.36 49.03 -83.18
CA SER C 20 130.11 50.25 -82.91
C SER C 20 130.78 50.78 -84.17
N ARG C 21 131.28 49.88 -85.03
CA ARG C 21 131.88 50.30 -86.29
C ARG C 21 130.87 51.03 -87.16
N ALA C 22 129.65 50.49 -87.23
CA ALA C 22 128.60 51.12 -88.02
C ALA C 22 127.91 52.28 -87.28
N GLY C 23 128.27 52.51 -86.02
CA GLY C 23 127.60 53.53 -85.22
C GLY C 23 126.35 53.06 -84.51
N LEU C 24 126.10 51.76 -84.48
CA LEU C 24 124.89 51.21 -83.89
C LEU C 24 125.20 50.57 -82.54
N GLN C 25 124.18 49.98 -81.90
CA GLN C 25 124.34 49.29 -80.63
C GLN C 25 123.83 47.86 -80.63
N PHE C 26 122.84 47.52 -81.45
CA PHE C 26 122.27 46.19 -81.44
C PHE C 26 123.25 45.18 -82.03
N PRO C 27 123.18 43.91 -81.60
CA PRO C 27 124.22 42.95 -81.99
C PRO C 27 124.14 42.50 -83.45
N VAL C 28 125.04 43.05 -84.27
CA VAL C 28 125.11 42.68 -85.67
C VAL C 28 125.51 41.22 -85.81
N GLY C 29 126.47 40.77 -85.01
CA GLY C 29 126.88 39.37 -85.07
C GLY C 29 125.78 38.42 -84.67
N ARG C 30 125.01 38.78 -83.62
CA ARG C 30 123.89 37.93 -83.22
C ARG C 30 122.82 37.89 -84.30
N VAL C 31 122.56 39.03 -84.94
CA VAL C 31 121.59 39.05 -86.04
C VAL C 31 122.07 38.16 -87.18
N HIS C 32 123.37 38.22 -87.50
CA HIS C 32 123.93 37.36 -88.54
C HIS C 32 123.80 35.89 -88.19
N ARG C 33 124.08 35.55 -86.93
CA ARG C 33 123.94 34.16 -86.50
C ARG C 33 122.50 33.69 -86.60
N LEU C 34 121.55 34.54 -86.20
CA LEU C 34 120.14 34.18 -86.32
C LEU C 34 119.75 33.97 -87.78
N LEU C 35 120.23 34.84 -88.67
CA LEU C 35 119.93 34.69 -90.08
C LEU C 35 120.50 33.38 -90.62
N ARG C 36 121.73 33.06 -90.25
CA ARG C 36 122.34 31.80 -90.70
C ARG C 36 121.58 30.60 -90.17
N LYS C 37 121.17 30.64 -88.90
CA LYS C 37 120.42 29.54 -88.32
C LYS C 37 119.06 29.37 -89.00
N GLY C 38 118.38 30.48 -89.28
CA GLY C 38 117.10 30.42 -89.96
C GLY C 38 117.17 30.17 -91.44
N ASN C 39 118.37 30.21 -92.03
CA ASN C 39 118.57 29.94 -93.44
C ASN C 39 117.75 30.88 -94.33
N TYR C 40 117.69 32.15 -93.95
CA TYR C 40 116.92 33.12 -94.71
C TYR C 40 117.49 33.34 -96.10
N ALA C 41 118.76 33.02 -96.32
CA ALA C 41 119.38 33.14 -97.64
C ALA C 41 120.57 32.20 -97.71
N GLU C 42 120.95 31.85 -98.94
CA GLU C 42 122.13 31.03 -99.14
C GLU C 42 123.39 31.76 -98.69
N ARG C 43 123.48 33.06 -98.99
CA ARG C 43 124.58 33.89 -98.55
C ARG C 43 124.03 35.15 -97.90
N VAL C 44 124.77 35.67 -96.93
CA VAL C 44 124.36 36.84 -96.15
C VAL C 44 125.32 37.98 -96.45
N GLY C 45 124.77 39.13 -96.83
CA GLY C 45 125.58 40.30 -97.08
C GLY C 45 126.07 40.96 -95.80
N ALA C 46 127.16 41.71 -95.94
CA ALA C 46 127.72 42.40 -94.78
C ALA C 46 126.78 43.48 -94.25
N GLY C 47 126.14 44.22 -95.15
CA GLY C 47 125.27 45.31 -94.76
C GLY C 47 123.86 44.94 -94.37
N ALA C 48 123.49 43.65 -94.50
CA ALA C 48 122.12 43.27 -94.15
C ALA C 48 121.90 43.26 -92.64
N PRO C 49 122.69 42.54 -91.83
CA PRO C 49 122.49 42.63 -90.38
C PRO C 49 122.71 44.03 -89.84
N VAL C 50 123.61 44.80 -90.44
CA VAL C 50 123.80 46.19 -90.02
C VAL C 50 122.54 47.00 -90.27
N TYR C 51 121.93 46.83 -91.44
CA TYR C 51 120.69 47.54 -91.74
C TYR C 51 119.57 47.14 -90.79
N LEU C 52 119.45 45.84 -90.51
CA LEU C 52 118.43 45.38 -89.57
C LEU C 52 118.65 45.96 -88.18
N ALA C 53 119.90 45.96 -87.72
CA ALA C 53 120.21 46.50 -86.41
C ALA C 53 119.92 48.00 -86.35
N ALA C 54 120.24 48.73 -87.42
CA ALA C 54 119.96 50.17 -87.44
C ALA C 54 118.46 50.44 -87.38
N VAL C 55 117.69 49.71 -88.18
CA VAL C 55 116.23 49.91 -88.18
C VAL C 55 115.66 49.60 -86.81
N LEU C 56 116.07 48.47 -86.22
CA LEU C 56 115.56 48.08 -84.91
C LEU C 56 115.96 49.09 -83.85
N GLU C 57 117.21 49.58 -83.90
CA GLU C 57 117.68 50.54 -82.91
C GLU C 57 116.91 51.85 -82.99
N TYR C 58 116.70 52.36 -84.21
CA TYR C 58 115.94 53.61 -84.34
C TYR C 58 114.50 53.43 -83.89
N LEU C 59 113.87 52.33 -84.28
CA LEU C 59 112.49 52.08 -83.86
C LEU C 59 112.39 51.98 -82.34
N THR C 60 113.31 51.24 -81.72
CA THR C 60 113.29 51.10 -80.27
C THR C 60 113.53 52.44 -79.58
N ALA C 61 114.45 53.25 -80.11
CA ALA C 61 114.72 54.55 -79.50
C ALA C 61 113.49 55.44 -79.55
N GLU C 62 112.84 55.52 -80.72
CA GLU C 62 111.64 56.35 -80.83
C GLU C 62 110.52 55.83 -79.94
N ILE C 63 110.31 54.51 -79.93
CA ILE C 63 109.24 53.92 -79.13
C ILE C 63 109.50 54.18 -77.64
N LEU C 64 110.75 54.04 -77.20
CA LEU C 64 111.06 54.25 -75.79
C LEU C 64 110.95 55.73 -75.42
N GLU C 65 111.30 56.64 -76.33
CA GLU C 65 111.09 58.06 -76.04
C GLU C 65 109.61 58.37 -75.87
N LEU C 66 108.78 57.84 -76.77
CA LEU C 66 107.34 58.05 -76.63
C LEU C 66 106.79 57.41 -75.36
N ALA C 67 107.29 56.23 -75.01
CA ALA C 67 106.84 55.56 -73.79
C ALA C 67 107.26 56.33 -72.56
N GLY C 68 108.46 56.92 -72.56
CA GLY C 68 108.88 57.75 -71.45
C GLY C 68 108.02 58.99 -71.31
N ASN C 69 107.67 59.62 -72.44
CA ASN C 69 106.76 60.75 -72.39
C ASN C 69 105.40 60.35 -71.83
N ALA C 70 104.88 59.21 -72.27
CA ALA C 70 103.60 58.73 -71.77
C ALA C 70 103.66 58.43 -70.28
N ALA C 71 104.75 57.83 -69.82
CA ALA C 71 104.91 57.54 -68.40
C ALA C 71 105.00 58.82 -67.58
N ARG C 72 105.72 59.82 -68.10
CA ARG C 72 105.79 61.11 -67.41
C ARG C 72 104.40 61.74 -67.31
N ASP C 73 103.60 61.63 -68.37
CA ASP C 73 102.23 62.10 -68.30
C ASP C 73 101.41 61.30 -67.31
N ASN C 74 101.72 60.01 -67.16
CA ASN C 74 101.00 59.11 -66.26
C ASN C 74 101.60 59.09 -64.85
N LYS C 75 102.55 59.98 -64.56
CA LYS C 75 103.14 60.23 -63.24
C LYS C 75 104.15 59.18 -62.82
N LYS C 76 104.71 58.41 -63.75
CA LYS C 76 105.68 57.38 -63.41
C LYS C 76 106.96 57.59 -64.21
N THR C 77 108.09 57.29 -63.57
CA THR C 77 109.39 57.30 -64.24
C THR C 77 109.87 55.89 -64.56
N ARG C 78 109.00 54.89 -64.46
CA ARG C 78 109.34 53.51 -64.76
C ARG C 78 108.43 53.01 -65.88
N ILE C 79 109.04 52.46 -66.93
CA ILE C 79 108.28 51.99 -68.08
C ILE C 79 107.65 50.64 -67.75
N ILE C 80 106.34 50.54 -67.98
CA ILE C 80 105.59 49.32 -67.67
C ILE C 80 104.82 48.89 -68.92
N PRO C 81 104.37 47.63 -69.00
CA PRO C 81 103.64 47.19 -70.19
C PRO C 81 102.42 48.02 -70.51
N ARG C 82 101.71 48.52 -69.49
CA ARG C 82 100.58 49.41 -69.76
C ARG C 82 101.05 50.70 -70.43
N HIS C 83 102.17 51.26 -69.98
CA HIS C 83 102.73 52.44 -70.62
C HIS C 83 103.09 52.15 -72.07
N LEU C 84 103.70 50.99 -72.32
CA LEU C 84 104.06 50.62 -73.68
C LEU C 84 102.82 50.50 -74.57
N GLN C 85 101.76 49.87 -74.04
CA GLN C 85 100.53 49.73 -74.81
C GLN C 85 99.90 51.10 -75.10
N LEU C 86 99.90 51.99 -74.11
CA LEU C 86 99.35 53.33 -74.31
C LEU C 86 100.14 54.08 -75.38
N ALA C 87 101.48 53.96 -75.35
CA ALA C 87 102.29 54.62 -76.37
C ALA C 87 102.04 54.03 -77.74
N VAL C 88 101.88 52.71 -77.83
CA VAL C 88 101.72 52.05 -79.12
C VAL C 88 100.37 52.38 -79.75
N ARG C 89 99.30 52.34 -78.95
CA ARG C 89 97.95 52.47 -79.47
C ARG C 89 97.50 53.92 -79.64
N ASN C 90 98.42 54.87 -79.73
CA ASN C 90 98.07 56.29 -79.86
C ASN C 90 98.14 56.77 -81.31
N ASP C 91 99.30 56.62 -81.96
CA ASP C 91 99.49 57.13 -83.31
C ASP C 91 99.04 56.11 -84.35
N GLU C 92 98.56 56.63 -85.48
CA GLU C 92 98.02 55.77 -86.52
C GLU C 92 99.10 54.89 -87.15
N GLU C 93 100.32 55.43 -87.30
CA GLU C 93 101.40 54.64 -87.87
C GLU C 93 101.73 53.45 -86.99
N LEU C 94 101.87 53.67 -85.68
CA LEU C 94 102.14 52.56 -84.77
C LEU C 94 100.95 51.61 -84.68
N ASN C 95 99.72 52.13 -84.76
CA ASN C 95 98.55 51.26 -84.76
C ASN C 95 98.54 50.34 -85.98
N LYS C 96 98.87 50.88 -87.15
CA LYS C 96 98.94 50.04 -88.35
C LYS C 96 100.11 49.06 -88.28
N LEU C 97 101.21 49.46 -87.63
CA LEU C 97 102.35 48.56 -87.52
C LEU C 97 102.09 47.39 -86.57
N LEU C 98 101.38 47.65 -85.47
CA LEU C 98 101.11 46.63 -84.46
C LEU C 98 99.61 46.46 -84.22
N GLY C 99 98.84 46.39 -85.31
CA GLY C 99 97.39 46.29 -85.17
C GLY C 99 96.94 45.01 -84.49
N ARG C 100 97.48 43.88 -84.93
CA ARG C 100 97.03 42.57 -84.48
C ARG C 100 98.06 41.87 -83.59
N VAL C 101 98.70 42.64 -82.71
CA VAL C 101 99.70 42.13 -81.78
C VAL C 101 99.19 42.33 -80.36
N THR C 102 99.23 41.28 -79.56
CA THR C 102 98.78 41.31 -78.18
C THR C 102 99.95 41.53 -77.24
N ILE C 103 99.76 42.43 -76.27
CA ILE C 103 100.79 42.76 -75.28
C ILE C 103 100.27 42.32 -73.92
N ALA C 104 101.07 41.51 -73.21
CA ALA C 104 100.69 41.06 -71.89
C ALA C 104 100.67 42.22 -70.90
N GLN C 105 99.62 42.28 -70.09
CA GLN C 105 99.40 43.33 -69.10
C GLN C 105 99.34 44.71 -69.74
N GLY C 106 99.11 44.77 -71.06
CA GLY C 106 99.05 46.06 -71.74
C GLY C 106 97.84 46.88 -71.35
N GLY C 107 96.71 46.23 -71.09
CA GLY C 107 95.49 46.94 -70.74
C GLY C 107 94.72 47.37 -71.98
N VAL C 108 93.67 48.16 -71.72
CA VAL C 108 92.78 48.64 -72.76
C VAL C 108 92.65 50.15 -72.64
N LEU C 109 92.66 50.84 -73.77
CA LEU C 109 92.51 52.29 -73.79
C LEU C 109 91.15 52.69 -73.22
N PRO C 110 91.08 53.81 -72.51
CA PRO C 110 89.79 54.27 -71.95
C PRO C 110 88.86 54.83 -73.02
N ASN C 111 88.23 53.93 -73.75
CA ASN C 111 87.30 54.30 -74.82
C ASN C 111 85.90 54.45 -74.27
N ILE C 112 85.25 55.55 -74.64
CA ILE C 112 83.89 55.87 -74.19
C ILE C 112 83.04 56.14 -75.43
N GLN C 113 81.88 55.49 -75.50
CA GLN C 113 80.98 55.67 -76.61
C GLN C 113 80.13 56.92 -76.42
N SER C 114 79.62 57.45 -77.53
CA SER C 114 78.83 58.67 -77.48
C SER C 114 77.50 58.45 -76.76
N VAL C 115 76.94 57.25 -76.85
CA VAL C 115 75.66 56.96 -76.20
C VAL C 115 75.78 57.03 -74.69
N LEU C 116 76.95 56.72 -74.13
CA LEU C 116 77.14 56.69 -72.68
C LEU C 116 77.14 58.07 -72.06
N LEU C 117 77.14 59.14 -72.85
CA LEU C 117 77.14 60.51 -72.34
C LEU C 117 75.98 61.28 -72.97
N PRO C 118 74.75 60.99 -72.53
CA PRO C 118 73.60 61.73 -73.10
C PRO C 118 73.47 63.14 -72.55
N LYS C 119 73.89 63.37 -71.31
CA LYS C 119 73.78 64.66 -70.62
C LYS C 119 72.30 65.02 -70.57
N LYS C 120 71.88 66.20 -71.03
CA LYS C 120 70.49 66.64 -71.01
C LYS C 120 70.01 66.76 -69.56
N THR C 121 68.76 67.22 -69.36
CA THR C 121 68.21 67.30 -68.01
C THR C 121 67.99 65.92 -67.40
N GLU C 122 67.94 64.86 -68.22
CA GLU C 122 67.76 63.47 -67.83
C GLU C 122 66.39 63.19 -67.22
N SER C 123 65.51 64.19 -67.15
CA SER C 123 64.18 64.00 -66.56
C SER C 123 63.14 63.66 -67.62
N SER C 124 63.44 62.63 -68.42
CA SER C 124 62.52 62.10 -69.43
C SER C 124 62.12 63.17 -70.44
N LYS C 125 61.01 62.93 -71.15
CA LYS C 125 60.56 63.87 -72.16
C LYS C 125 60.17 65.21 -71.55
N SER C 126 59.43 65.18 -70.44
CA SER C 126 59.00 66.39 -69.76
C SER C 126 58.74 66.07 -68.30
N ALA C 127 58.73 67.10 -67.47
CA ALA C 127 58.56 66.97 -66.03
C ALA C 127 59.56 65.97 -65.46
N LYS C 128 59.10 65.10 -64.56
CA LYS C 128 59.94 64.01 -64.04
C LYS C 128 59.03 62.79 -63.85
N SER C 129 58.95 61.96 -64.89
CA SER C 129 58.12 60.76 -64.88
C SER C 129 58.37 59.93 -66.13
N LYS C 130 58.07 58.64 -66.07
CA LYS C 130 58.27 57.76 -67.22
C LYS C 130 57.37 58.15 -68.39
N GLY D 5 -98.28 129.33 -23.71
CA GLY D 5 -97.04 129.27 -22.94
C GLY D 5 -96.20 128.06 -23.26
N LYS D 6 -95.54 127.52 -22.24
CA LYS D 6 -94.69 126.34 -22.39
C LYS D 6 -95.58 125.10 -22.37
N GLN D 7 -95.81 124.53 -23.56
CA GLN D 7 -96.68 123.38 -23.73
C GLN D 7 -98.06 123.63 -23.15
N GLY D 8 -98.43 122.89 -22.12
CA GLY D 8 -99.72 123.09 -21.47
C GLY D 8 -100.90 122.50 -22.20
N GLY D 9 -100.70 121.44 -22.98
CA GLY D 9 -101.79 120.85 -23.72
C GLY D 9 -101.91 119.34 -23.56
N LYS D 10 -103.04 118.90 -23.01
CA LYS D 10 -103.44 117.48 -22.97
C LYS D 10 -102.62 116.68 -21.97
N THR D 11 -101.56 117.28 -21.42
CA THR D 11 -100.70 116.60 -20.47
C THR D 11 -100.48 117.49 -19.25
N ARG D 12 -100.60 116.90 -18.05
CA ARG D 12 -100.33 117.62 -16.82
C ARG D 12 -99.57 116.76 -15.81
N ALA D 13 -98.90 115.70 -16.25
CA ALA D 13 -98.17 114.81 -15.36
C ALA D 13 -96.98 114.23 -16.13
N LYS D 14 -96.42 113.16 -15.59
CA LYS D 14 -95.26 112.51 -16.22
C LYS D 14 -95.69 111.90 -17.54
N ALA D 15 -95.30 112.54 -18.64
CA ALA D 15 -95.63 112.00 -19.96
C ALA D 15 -94.90 110.69 -20.21
N LYS D 16 -93.59 110.67 -19.98
CA LYS D 16 -92.79 109.46 -20.13
C LYS D 16 -91.55 109.60 -19.27
N THR D 17 -90.95 108.46 -18.94
CA THR D 17 -89.73 108.45 -18.17
C THR D 17 -88.57 108.95 -19.02
N ARG D 18 -87.55 109.50 -18.35
CA ARG D 18 -86.37 109.99 -19.07
C ARG D 18 -85.64 108.86 -19.77
N SER D 19 -85.79 107.63 -19.27
CA SER D 19 -85.19 106.47 -19.95
C SER D 19 -85.84 106.26 -21.31
N SER D 20 -87.16 106.41 -21.40
CA SER D 20 -87.85 106.19 -22.67
C SER D 20 -87.42 107.22 -23.71
N ARG D 21 -87.29 108.49 -23.31
CA ARG D 21 -86.84 109.51 -24.25
C ARG D 21 -85.41 109.25 -24.73
N ALA D 22 -84.53 108.85 -23.81
CA ALA D 22 -83.14 108.59 -24.18
C ALA D 22 -83.02 107.34 -25.05
N GLY D 23 -83.96 106.40 -24.92
CA GLY D 23 -83.90 105.15 -25.65
C GLY D 23 -83.45 103.95 -24.86
N LEU D 24 -83.30 104.07 -23.55
CA LEU D 24 -82.86 102.98 -22.69
C LEU D 24 -84.02 102.50 -21.83
N GLN D 25 -83.77 101.40 -21.11
CA GLN D 25 -84.77 100.82 -20.22
C GLN D 25 -84.40 100.92 -18.75
N PHE D 26 -83.13 101.14 -18.43
CA PHE D 26 -82.69 101.19 -17.03
C PHE D 26 -83.23 102.44 -16.35
N PRO D 27 -83.36 102.41 -15.02
CA PRO D 27 -83.95 103.55 -14.28
C PRO D 27 -83.00 104.74 -14.16
N VAL D 28 -83.00 105.57 -15.21
CA VAL D 28 -82.17 106.78 -15.20
C VAL D 28 -82.59 107.72 -14.08
N GLY D 29 -83.90 107.79 -13.81
CA GLY D 29 -84.38 108.66 -12.75
C GLY D 29 -83.82 108.28 -11.39
N ARG D 30 -83.79 106.98 -11.09
CA ARG D 30 -83.19 106.52 -9.84
C ARG D 30 -81.69 106.79 -9.82
N VAL D 31 -81.02 106.59 -10.95
CA VAL D 31 -79.59 106.89 -11.03
C VAL D 31 -79.35 108.37 -10.82
N HIS D 32 -80.26 109.21 -11.31
CA HIS D 32 -80.12 110.66 -11.13
C HIS D 32 -80.14 111.03 -9.66
N ARG D 33 -81.03 110.42 -8.88
CA ARG D 33 -81.05 110.68 -7.44
C ARG D 33 -79.88 110.00 -6.75
N LEU D 34 -79.43 108.86 -7.27
CA LEU D 34 -78.30 108.16 -6.66
C LEU D 34 -77.03 109.00 -6.72
N LEU D 35 -76.84 109.75 -7.81
CA LEU D 35 -75.71 110.66 -7.90
C LEU D 35 -75.79 111.73 -6.82
N ARG D 36 -76.99 112.25 -6.56
CA ARG D 36 -77.16 113.21 -5.47
C ARG D 36 -76.96 112.56 -4.10
N LYS D 37 -77.35 111.29 -3.96
CA LYS D 37 -77.23 110.62 -2.67
C LYS D 37 -75.77 110.51 -2.24
N GLY D 38 -74.88 110.17 -3.16
CA GLY D 38 -73.48 110.00 -2.84
C GLY D 38 -72.69 111.28 -2.68
N ASN D 39 -73.31 112.43 -2.95
CA ASN D 39 -72.65 113.73 -2.84
C ASN D 39 -71.40 113.81 -3.70
N TYR D 40 -71.45 113.18 -4.89
CA TYR D 40 -70.30 113.20 -5.79
C TYR D 40 -70.01 114.61 -6.29
N ALA D 41 -71.06 115.38 -6.61
CA ALA D 41 -70.89 116.74 -7.09
C ALA D 41 -72.10 117.56 -6.68
N GLU D 42 -71.86 118.85 -6.41
CA GLU D 42 -72.95 119.75 -6.07
C GLU D 42 -73.91 119.95 -7.24
N ARG D 43 -73.38 120.00 -8.46
CA ARG D 43 -74.17 120.18 -9.66
C ARG D 43 -73.99 118.97 -10.58
N VAL D 44 -75.06 118.61 -11.28
CA VAL D 44 -75.06 117.50 -12.21
C VAL D 44 -75.70 117.95 -13.52
N GLY D 45 -75.05 117.60 -14.64
CA GLY D 45 -75.59 117.91 -15.95
C GLY D 45 -76.51 116.82 -16.47
N ALA D 46 -77.02 117.05 -17.67
CA ALA D 46 -77.93 116.08 -18.29
C ALA D 46 -77.18 114.87 -18.85
N GLY D 47 -75.92 115.05 -19.24
CA GLY D 47 -75.17 113.95 -19.83
C GLY D 47 -74.87 112.83 -18.85
N ALA D 48 -74.58 113.19 -17.60
CA ALA D 48 -74.11 112.20 -16.62
C ALA D 48 -75.13 111.07 -16.37
N PRO D 49 -76.41 111.34 -16.08
CA PRO D 49 -77.32 110.21 -15.85
C PRO D 49 -77.58 109.36 -17.07
N VAL D 50 -77.67 109.98 -18.26
CA VAL D 50 -77.95 109.22 -19.47
C VAL D 50 -76.76 108.36 -19.86
N TYR D 51 -75.55 108.94 -19.81
CA TYR D 51 -74.36 108.20 -20.21
C TYR D 51 -74.08 107.05 -19.25
N LEU D 52 -74.21 107.28 -17.94
CA LEU D 52 -73.94 106.23 -16.97
C LEU D 52 -74.92 105.07 -17.12
N ALA D 53 -76.19 105.37 -17.34
CA ALA D 53 -77.19 104.32 -17.53
C ALA D 53 -76.91 103.51 -18.79
N ALA D 54 -76.52 104.20 -19.88
CA ALA D 54 -76.26 103.51 -21.13
C ALA D 54 -75.08 102.55 -20.99
N VAL D 55 -74.02 102.99 -20.32
CA VAL D 55 -72.87 102.12 -20.09
C VAL D 55 -73.26 100.94 -19.21
N LEU D 56 -74.01 101.21 -18.14
CA LEU D 56 -74.46 100.14 -17.26
C LEU D 56 -75.41 99.19 -17.99
N GLU D 57 -76.32 99.73 -18.81
CA GLU D 57 -77.21 98.88 -19.57
C GLU D 57 -76.45 98.07 -20.62
N TYR D 58 -75.45 98.68 -21.25
CA TYR D 58 -74.62 97.95 -22.21
C TYR D 58 -73.90 96.79 -21.54
N LEU D 59 -73.33 97.03 -20.36
CA LEU D 59 -72.69 95.94 -19.62
C LEU D 59 -73.70 94.88 -19.23
N THR D 60 -74.88 95.29 -18.76
CA THR D 60 -75.88 94.32 -18.33
C THR D 60 -76.38 93.47 -19.48
N ALA D 61 -76.60 94.08 -20.65
CA ALA D 61 -77.21 93.36 -21.76
C ALA D 61 -76.28 92.31 -22.33
N GLU D 62 -75.00 92.64 -22.53
CA GLU D 62 -74.10 91.74 -23.22
C GLU D 62 -73.68 90.56 -22.35
N ILE D 63 -73.50 90.78 -21.04
CA ILE D 63 -73.08 89.69 -20.17
C ILE D 63 -74.18 88.63 -20.07
N LEU D 64 -75.44 89.05 -20.16
CA LEU D 64 -76.55 88.10 -20.15
C LEU D 64 -76.49 87.20 -21.38
N GLU D 65 -76.12 87.76 -22.54
CA GLU D 65 -75.92 86.94 -23.72
C GLU D 65 -74.79 85.94 -23.51
N LEU D 66 -73.68 86.39 -22.92
CA LEU D 66 -72.60 85.48 -22.59
C LEU D 66 -73.05 84.45 -21.55
N ALA D 67 -73.82 84.90 -20.56
CA ALA D 67 -74.35 83.97 -19.57
C ALA D 67 -75.32 82.99 -20.21
N GLY D 68 -76.16 83.47 -21.13
CA GLY D 68 -77.10 82.58 -21.81
C GLY D 68 -76.40 81.54 -22.66
N ASN D 69 -75.38 81.97 -23.41
CA ASN D 69 -74.62 81.03 -24.23
C ASN D 69 -73.89 80.01 -23.37
N ALA D 70 -73.29 80.46 -22.26
CA ALA D 70 -72.64 79.54 -21.34
C ALA D 70 -73.66 78.63 -20.65
N ALA D 71 -74.88 79.12 -20.48
CA ALA D 71 -75.92 78.30 -19.85
C ALA D 71 -76.27 77.11 -20.73
N ARG D 72 -76.31 77.30 -22.05
CA ARG D 72 -76.65 76.21 -22.96
C ARG D 72 -75.63 75.09 -22.90
N ASP D 73 -74.36 75.43 -22.73
CA ASP D 73 -73.31 74.41 -22.67
C ASP D 73 -73.48 73.50 -21.45
N ASN D 74 -74.14 74.00 -20.40
CA ASN D 74 -74.43 73.20 -19.22
C ASN D 74 -75.82 72.57 -19.26
N LYS D 75 -76.53 72.70 -20.39
CA LYS D 75 -77.84 72.11 -20.62
C LYS D 75 -78.91 72.67 -19.69
N LYS D 76 -78.66 73.80 -19.06
CA LYS D 76 -79.62 74.47 -18.20
C LYS D 76 -79.88 75.87 -18.72
N THR D 77 -81.15 76.20 -18.97
CA THR D 77 -81.49 77.52 -19.47
C THR D 77 -81.37 78.57 -18.38
N ARG D 78 -81.56 78.17 -17.12
CA ARG D 78 -81.45 79.10 -16.00
C ARG D 78 -80.00 79.53 -15.82
N ILE D 79 -79.78 80.84 -15.70
CA ILE D 79 -78.45 81.38 -15.44
C ILE D 79 -78.20 81.32 -13.94
N ILE D 80 -77.28 80.42 -13.54
CA ILE D 80 -76.84 80.32 -12.16
C ILE D 80 -75.47 80.98 -12.08
N PRO D 81 -74.96 81.32 -10.88
CA PRO D 81 -73.71 82.09 -10.82
C PRO D 81 -72.52 81.40 -11.46
N ARG D 82 -72.57 80.09 -11.66
CA ARG D 82 -71.45 79.40 -12.28
C ARG D 82 -71.24 79.85 -13.71
N HIS D 83 -72.32 80.13 -14.43
CA HIS D 83 -72.20 80.62 -15.81
C HIS D 83 -71.49 81.96 -15.85
N LEU D 84 -71.73 82.81 -14.85
CA LEU D 84 -71.04 84.10 -14.80
C LEU D 84 -69.54 83.92 -14.64
N GLN D 85 -69.12 82.98 -13.79
CA GLN D 85 -67.69 82.75 -13.58
C GLN D 85 -67.02 82.23 -14.85
N LEU D 86 -67.71 81.38 -15.61
CA LEU D 86 -67.13 80.84 -16.83
C LEU D 86 -66.85 81.95 -17.85
N ALA D 87 -67.78 82.89 -18.00
CA ALA D 87 -67.58 83.98 -18.95
C ALA D 87 -66.44 84.89 -18.53
N VAL D 88 -66.30 85.14 -17.21
CA VAL D 88 -65.28 86.05 -16.72
C VAL D 88 -63.89 85.49 -17.03
N ARG D 89 -63.67 84.21 -16.77
CA ARG D 89 -62.37 83.62 -17.00
C ARG D 89 -62.08 83.38 -18.48
N ASN D 90 -63.12 83.38 -19.32
CA ASN D 90 -62.91 83.11 -20.74
C ASN D 90 -62.12 84.24 -21.41
N ASP D 91 -62.43 85.49 -21.07
CA ASP D 91 -61.83 86.65 -21.72
C ASP D 91 -61.04 87.45 -20.69
N GLU D 92 -59.85 87.90 -21.10
CA GLU D 92 -59.01 88.69 -20.20
C GLU D 92 -59.63 90.06 -19.91
N GLU D 93 -60.35 90.63 -20.87
CA GLU D 93 -60.97 91.93 -20.67
C GLU D 93 -61.97 91.90 -19.52
N LEU D 94 -62.80 90.85 -19.45
CA LEU D 94 -63.72 90.71 -18.33
C LEU D 94 -62.99 90.20 -17.09
N ASN D 95 -61.95 89.38 -17.26
CA ASN D 95 -61.21 88.86 -16.12
C ASN D 95 -60.48 89.97 -15.38
N LYS D 96 -59.88 90.91 -16.11
CA LYS D 96 -59.13 91.99 -15.46
C LYS D 96 -60.05 92.86 -14.63
N LEU D 97 -61.24 93.18 -15.14
CA LEU D 97 -62.17 94.02 -14.40
C LEU D 97 -62.62 93.35 -13.10
N LEU D 98 -62.85 92.04 -13.14
CA LEU D 98 -63.34 91.30 -11.99
C LEU D 98 -62.27 90.38 -11.41
N GLY D 99 -61.00 90.78 -11.50
CA GLY D 99 -59.93 89.94 -10.99
C GLY D 99 -59.97 89.78 -9.48
N ARG D 100 -60.17 90.89 -8.77
CA ARG D 100 -60.20 90.87 -7.32
C ARG D 100 -61.58 90.61 -6.74
N VAL D 101 -62.57 90.37 -7.59
CA VAL D 101 -63.94 90.17 -7.16
C VAL D 101 -64.23 88.67 -7.08
N THR D 102 -65.04 88.28 -6.10
CA THR D 102 -65.44 86.90 -5.90
C THR D 102 -66.95 86.78 -5.98
N ILE D 103 -67.41 85.64 -6.48
CA ILE D 103 -68.82 85.40 -6.76
C ILE D 103 -69.31 84.29 -5.85
N ALA D 104 -70.37 84.56 -5.10
CA ALA D 104 -71.00 83.51 -4.30
C ALA D 104 -71.57 82.44 -5.22
N GLN D 105 -71.30 81.18 -4.88
CA GLN D 105 -71.64 80.03 -5.72
C GLN D 105 -71.00 80.11 -7.10
N GLY D 106 -69.89 80.84 -7.22
CA GLY D 106 -69.27 81.03 -8.51
C GLY D 106 -68.66 79.76 -9.09
N GLY D 107 -67.96 78.99 -8.26
CA GLY D 107 -67.26 77.82 -8.73
C GLY D 107 -65.88 78.16 -9.27
N VAL D 108 -65.18 77.11 -9.71
CA VAL D 108 -63.81 77.24 -10.21
C VAL D 108 -63.67 76.37 -11.46
N LEU D 109 -63.02 76.96 -12.48
CA LEU D 109 -62.79 76.33 -13.77
C LEU D 109 -61.58 75.39 -13.71
N PRO D 110 -61.57 74.36 -14.55
CA PRO D 110 -60.41 73.44 -14.59
C PRO D 110 -59.19 74.13 -15.18
N ASN D 111 -58.08 74.09 -14.45
CA ASN D 111 -56.84 74.76 -14.81
C ASN D 111 -55.64 73.84 -14.61
N ILE D 112 -55.74 72.61 -15.15
CA ILE D 112 -54.65 71.65 -15.01
C ILE D 112 -53.38 72.20 -15.65
N GLN D 113 -52.27 72.09 -14.94
CA GLN D 113 -50.98 72.63 -15.36
C GLN D 113 -49.94 71.55 -15.60
N SER D 114 -50.33 70.45 -16.24
CA SER D 114 -49.44 69.34 -16.56
C SER D 114 -48.82 68.74 -15.31
N VAL D 115 -47.83 67.87 -15.48
CA VAL D 115 -47.16 67.15 -14.40
C VAL D 115 -48.17 66.24 -13.69
N LEU D 116 -49.28 66.82 -13.22
CA LEU D 116 -50.36 66.05 -12.63
C LEU D 116 -50.96 65.06 -13.61
N LEU D 117 -50.77 65.30 -14.91
CA LEU D 117 -51.24 64.37 -15.93
C LEU D 117 -50.41 63.09 -15.88
N PRO D 118 -50.98 61.96 -16.34
CA PRO D 118 -50.29 60.67 -16.22
C PRO D 118 -48.92 60.62 -16.89
N LYS D 119 -48.83 61.02 -18.16
CA LYS D 119 -47.60 60.86 -18.93
C LYS D 119 -46.64 62.01 -18.64
N LYS D 120 -46.19 62.06 -17.38
CA LYS D 120 -45.22 63.04 -16.91
C LYS D 120 -45.62 64.46 -17.28
N THR D 121 -44.69 65.23 -17.85
CA THR D 121 -44.95 66.60 -18.28
C THR D 121 -45.27 66.56 -19.78
N GLU D 122 -46.56 66.44 -20.08
CA GLU D 122 -47.03 66.42 -21.46
C GLU D 122 -48.52 66.73 -21.48
N SER D 123 -48.92 67.56 -22.43
CA SER D 123 -50.30 68.01 -22.56
C SER D 123 -51.03 67.35 -23.72
N SER D 124 -50.53 66.23 -24.23
CA SER D 124 -51.16 65.55 -25.35
C SER D 124 -52.32 64.70 -24.87
N LYS D 125 -53.54 65.05 -25.29
CA LYS D 125 -54.72 64.29 -24.91
C LYS D 125 -55.59 64.12 -26.16
N SER D 126 -56.79 63.55 -25.96
CA SER D 126 -57.64 63.16 -27.08
C SER D 126 -58.63 64.28 -27.45
N ALA D 127 -58.07 65.47 -27.59
CA ALA D 127 -58.76 66.63 -28.17
C ALA D 127 -60.16 66.82 -27.58
N LYS D 128 -60.19 67.10 -26.27
CA LYS D 128 -61.47 67.35 -25.60
C LYS D 128 -61.45 68.72 -24.91
N SER D 129 -60.27 69.20 -24.57
CA SER D 129 -60.09 70.46 -23.86
C SER D 129 -59.27 71.42 -24.72
N LYS D 130 -58.89 72.54 -24.11
CA LYS D 130 -58.13 73.61 -24.78
C LYS D 130 -58.78 74.05 -26.09
N SER E 2 -105.39 -122.63 -10.49
CA SER E 2 -104.77 -121.35 -10.17
C SER E 2 -105.73 -120.45 -9.40
N GLY E 3 -107.02 -120.79 -9.46
CA GLY E 3 -108.02 -120.03 -8.75
C GLY E 3 -107.98 -120.27 -7.25
N ARG E 4 -107.66 -119.23 -6.48
CA ARG E 4 -107.52 -119.36 -5.03
C ARG E 4 -108.36 -118.34 -4.28
N GLY E 5 -109.37 -117.74 -4.94
CA GLY E 5 -110.16 -116.73 -4.29
C GLY E 5 -109.35 -115.48 -4.00
N LYS E 6 -109.68 -114.82 -2.89
CA LYS E 6 -108.95 -113.62 -2.51
C LYS E 6 -107.51 -113.95 -2.13
N GLN E 7 -107.30 -114.96 -1.30
CA GLN E 7 -105.97 -115.38 -0.90
C GLN E 7 -105.91 -116.90 -0.87
N GLY E 8 -104.73 -117.44 -1.20
CA GLY E 8 -104.55 -118.88 -1.27
C GLY E 8 -104.40 -119.53 0.08
N GLY E 9 -104.51 -120.85 0.08
CA GLY E 9 -104.39 -121.64 1.29
C GLY E 9 -103.06 -122.34 1.42
N LYS E 10 -102.05 -121.85 0.69
CA LYS E 10 -100.73 -122.48 0.74
C LYS E 10 -100.14 -122.43 2.14
N THR E 11 -100.24 -121.28 2.80
CA THR E 11 -99.75 -121.13 4.16
C THR E 11 -100.64 -120.14 4.90
N ARG E 12 -101.06 -120.51 6.11
CA ARG E 12 -101.97 -119.68 6.89
C ARG E 12 -101.43 -119.39 8.29
N ALA E 13 -100.14 -119.63 8.53
CA ALA E 13 -99.57 -119.46 9.87
C ALA E 13 -98.15 -118.90 9.74
N LYS E 14 -98.05 -117.58 9.80
CA LYS E 14 -96.77 -116.87 9.94
C LYS E 14 -95.79 -117.25 8.84
N ALA E 15 -96.22 -117.06 7.60
CA ALA E 15 -95.30 -117.17 6.47
C ALA E 15 -94.40 -115.96 6.46
N LYS E 16 -93.24 -116.08 7.10
CA LYS E 16 -92.30 -114.98 7.35
C LYS E 16 -92.90 -113.97 8.33
N THR E 17 -92.04 -113.33 9.11
CA THR E 17 -92.44 -112.38 10.13
C THR E 17 -92.09 -110.97 9.66
N ARG E 18 -92.88 -109.99 10.08
CA ARG E 18 -92.59 -108.59 9.78
C ARG E 18 -91.16 -108.24 10.17
N SER E 19 -90.72 -108.75 11.33
CA SER E 19 -89.30 -108.74 11.64
C SER E 19 -88.62 -109.83 10.81
N SER E 20 -87.53 -109.46 10.14
CA SER E 20 -86.79 -110.23 9.14
C SER E 20 -87.51 -110.24 7.80
N ARG E 21 -88.69 -109.64 7.69
CA ARG E 21 -89.28 -109.40 6.37
C ARG E 21 -88.45 -108.40 5.57
N ALA E 22 -87.94 -107.37 6.24
CA ALA E 22 -87.02 -106.41 5.66
C ALA E 22 -85.58 -106.62 6.13
N GLY E 23 -85.25 -107.83 6.57
CA GLY E 23 -83.94 -108.09 7.13
C GLY E 23 -83.70 -107.40 8.46
N LEU E 24 -84.71 -107.37 9.33
CA LEU E 24 -84.63 -106.73 10.63
C LEU E 24 -84.70 -107.79 11.71
N GLN E 25 -83.63 -107.67 12.45
CA GLN E 25 -83.56 -108.59 13.60
C GLN E 25 -84.45 -108.18 14.79
N PHE E 26 -84.48 -107.04 15.25
CA PHE E 26 -85.21 -106.58 16.42
C PHE E 26 -86.71 -106.81 16.23
N PRO E 27 -87.42 -107.14 17.30
CA PRO E 27 -88.87 -107.38 17.17
C PRO E 27 -89.62 -106.12 16.77
N VAL E 28 -90.66 -106.31 15.97
CA VAL E 28 -91.52 -105.22 15.58
C VAL E 28 -92.92 -105.34 16.19
N GLY E 29 -93.39 -106.56 16.47
CA GLY E 29 -94.67 -106.71 17.14
C GLY E 29 -94.65 -106.16 18.56
N ARG E 30 -93.57 -106.44 19.29
CA ARG E 30 -93.43 -105.89 20.64
C ARG E 30 -93.38 -104.37 20.60
N VAL E 31 -92.62 -103.80 19.67
CA VAL E 31 -92.56 -102.35 19.52
C VAL E 31 -93.93 -101.81 19.11
N HIS E 32 -94.59 -102.48 18.16
CA HIS E 32 -95.94 -102.08 17.78
C HIS E 32 -96.90 -102.17 18.96
N ARG E 33 -96.81 -103.26 19.73
CA ARG E 33 -97.66 -103.41 20.90
C ARG E 33 -97.33 -102.34 21.95
N LEU E 34 -96.04 -102.10 22.19
CA LEU E 34 -95.65 -101.11 23.19
C LEU E 34 -96.03 -99.70 22.76
N LEU E 35 -96.06 -99.45 21.44
CA LEU E 35 -96.43 -98.12 20.97
C LEU E 35 -97.91 -97.83 21.20
N ARG E 36 -98.74 -98.88 21.22
CA ARG E 36 -100.16 -98.69 21.46
C ARG E 36 -100.56 -99.00 22.90
N LYS E 37 -99.90 -99.98 23.54
CA LYS E 37 -100.15 -100.21 24.96
C LYS E 37 -99.73 -99.01 25.78
N GLY E 38 -98.59 -98.42 25.46
CA GLY E 38 -98.21 -97.15 26.06
C GLY E 38 -98.93 -96.03 25.35
N ASN E 39 -99.61 -95.18 26.12
CA ASN E 39 -100.50 -94.17 25.54
C ASN E 39 -99.70 -93.00 24.97
N TYR E 40 -98.86 -93.31 23.99
CA TYR E 40 -98.14 -92.28 23.27
C TYR E 40 -99.07 -91.52 22.32
N ALA E 41 -99.99 -92.24 21.67
CA ALA E 41 -100.98 -91.63 20.80
C ALA E 41 -102.18 -92.57 20.72
N GLU E 42 -103.31 -92.00 20.28
CA GLU E 42 -104.54 -92.79 20.19
C GLU E 42 -104.54 -93.73 18.99
N ARG E 43 -103.65 -93.50 18.01
CA ARG E 43 -103.53 -94.38 16.86
C ARG E 43 -102.06 -94.54 16.50
N VAL E 44 -101.75 -95.66 15.86
CA VAL E 44 -100.39 -95.99 15.45
C VAL E 44 -100.41 -96.47 14.00
N GLY E 45 -99.38 -96.09 13.25
CA GLY E 45 -99.23 -96.51 11.87
C GLY E 45 -98.19 -97.62 11.74
N ALA E 46 -98.38 -98.45 10.71
CA ALA E 46 -97.49 -99.60 10.51
C ALA E 46 -96.08 -99.18 10.14
N GLY E 47 -95.88 -97.96 9.62
CA GLY E 47 -94.54 -97.50 9.30
C GLY E 47 -93.73 -97.09 10.51
N ALA E 48 -94.38 -96.83 11.63
CA ALA E 48 -93.66 -96.43 12.84
C ALA E 48 -92.77 -97.54 13.39
N PRO E 49 -93.26 -98.77 13.64
CA PRO E 49 -92.38 -99.76 14.27
C PRO E 49 -91.19 -100.17 13.43
N VAL E 50 -91.35 -100.27 12.11
CA VAL E 50 -90.26 -100.72 11.26
C VAL E 50 -89.11 -99.73 11.28
N TYR E 51 -89.43 -98.43 11.22
CA TYR E 51 -88.39 -97.42 11.31
C TYR E 51 -87.75 -97.41 12.69
N LEU E 52 -88.56 -97.56 13.75
CA LEU E 52 -88.03 -97.54 15.10
C LEU E 52 -87.14 -98.75 15.37
N ALA E 53 -87.50 -99.90 14.82
CA ALA E 53 -86.70 -101.11 15.03
C ALA E 53 -85.31 -100.96 14.44
N ALA E 54 -85.21 -100.37 13.25
CA ALA E 54 -83.90 -100.14 12.64
C ALA E 54 -83.07 -99.16 13.45
N VAL E 55 -83.70 -98.12 13.99
CA VAL E 55 -82.98 -97.13 14.80
C VAL E 55 -82.41 -97.78 16.05
N LEU E 56 -83.20 -98.62 16.71
CA LEU E 56 -82.70 -99.31 17.91
C LEU E 56 -81.56 -100.25 17.58
N GLU E 57 -81.64 -100.94 16.44
CA GLU E 57 -80.59 -101.87 16.06
C GLU E 57 -79.26 -101.15 15.83
N TYR E 58 -79.30 -100.00 15.15
CA TYR E 58 -78.07 -99.27 14.86
C TYR E 58 -77.38 -98.81 16.13
N LEU E 59 -78.15 -98.26 17.07
CA LEU E 59 -77.57 -97.80 18.33
C LEU E 59 -76.98 -98.96 19.11
N THR E 60 -77.68 -100.10 19.15
CA THR E 60 -77.17 -101.28 19.84
C THR E 60 -75.89 -101.80 19.18
N ALA E 61 -75.86 -101.83 17.84
CA ALA E 61 -74.75 -102.43 17.13
C ALA E 61 -73.45 -101.64 17.35
N GLU E 62 -73.52 -100.31 17.30
CA GLU E 62 -72.31 -99.51 17.34
C GLU E 62 -71.62 -99.59 18.70
N ILE E 63 -72.39 -99.49 19.78
CA ILE E 63 -71.79 -99.54 21.12
C ILE E 63 -71.22 -100.91 21.40
N LEU E 64 -71.87 -101.97 20.90
CA LEU E 64 -71.32 -103.31 21.04
C LEU E 64 -70.02 -103.45 20.28
N GLU E 65 -69.95 -102.88 19.07
CA GLU E 65 -68.71 -102.91 18.30
C GLU E 65 -67.61 -102.14 19.03
N LEU E 66 -67.94 -100.96 19.55
CA LEU E 66 -66.95 -100.18 20.30
C LEU E 66 -66.53 -100.89 21.58
N ALA E 67 -67.50 -101.47 22.29
CA ALA E 67 -67.16 -102.23 23.49
C ALA E 67 -66.36 -103.48 23.16
N GLY E 68 -66.71 -104.15 22.06
CA GLY E 68 -65.96 -105.33 21.65
C GLY E 68 -64.51 -105.01 21.33
N ASN E 69 -64.27 -103.91 20.62
CA ASN E 69 -62.90 -103.48 20.37
C ASN E 69 -62.20 -103.09 21.67
N ALA E 70 -62.92 -102.41 22.57
CA ALA E 70 -62.34 -102.07 23.86
C ALA E 70 -62.02 -103.32 24.67
N ALA E 71 -62.89 -104.33 24.60
CA ALA E 71 -62.63 -105.60 25.27
C ALA E 71 -61.40 -106.28 24.69
N ARG E 72 -61.20 -106.17 23.37
CA ARG E 72 -60.01 -106.73 22.76
C ARG E 72 -58.75 -106.05 23.27
N ASP E 73 -58.79 -104.73 23.46
CA ASP E 73 -57.64 -104.03 24.01
C ASP E 73 -57.38 -104.43 25.45
N ASN E 74 -58.40 -104.94 26.15
CA ASN E 74 -58.27 -105.41 27.53
C ASN E 74 -57.89 -106.88 27.61
N LYS E 75 -57.64 -107.53 26.46
CA LYS E 75 -57.27 -108.94 26.38
C LYS E 75 -58.34 -109.86 26.92
N LYS E 76 -59.60 -109.42 26.90
CA LYS E 76 -60.73 -110.23 27.37
C LYS E 76 -61.78 -110.30 26.27
N THR E 77 -62.23 -111.52 25.96
CA THR E 77 -63.24 -111.68 24.92
C THR E 77 -64.63 -111.28 25.40
N ARG E 78 -64.93 -111.52 26.67
CA ARG E 78 -66.23 -111.16 27.22
C ARG E 78 -66.34 -109.65 27.38
N ILE E 79 -67.54 -109.14 27.11
CA ILE E 79 -67.83 -107.72 27.25
C ILE E 79 -68.20 -107.43 28.69
N ILE E 80 -67.48 -106.51 29.31
CA ILE E 80 -67.68 -106.13 30.71
C ILE E 80 -68.17 -104.69 30.71
N PRO E 81 -69.06 -104.29 31.64
CA PRO E 81 -69.52 -102.89 31.68
C PRO E 81 -68.40 -101.86 31.76
N ARG E 82 -67.19 -102.31 32.10
CA ARG E 82 -66.03 -101.43 32.01
C ARG E 82 -65.80 -100.95 30.59
N HIS E 83 -65.89 -101.86 29.63
CA HIS E 83 -65.71 -101.48 28.22
C HIS E 83 -66.86 -100.61 27.74
N LEU E 84 -68.09 -100.89 28.19
CA LEU E 84 -69.24 -100.09 27.80
C LEU E 84 -69.09 -98.66 28.27
N GLN E 85 -68.61 -98.47 29.51
CA GLN E 85 -68.36 -97.12 30.01
C GLN E 85 -67.24 -96.44 29.22
N LEU E 86 -66.20 -97.20 28.86
CA LEU E 86 -65.09 -96.62 28.10
C LEU E 86 -65.56 -96.14 26.74
N ALA E 87 -66.40 -96.93 26.05
CA ALA E 87 -66.85 -96.55 24.72
C ALA E 87 -67.70 -95.29 24.75
N VAL E 88 -68.59 -95.17 25.75
CA VAL E 88 -69.49 -94.03 25.81
C VAL E 88 -68.71 -92.76 26.10
N ARG E 89 -67.78 -92.81 27.05
CA ARG E 89 -67.04 -91.62 27.45
C ARG E 89 -65.99 -91.21 26.42
N ASN E 90 -65.51 -92.17 25.61
CA ASN E 90 -64.44 -91.86 24.66
C ASN E 90 -64.90 -90.86 23.61
N ASP E 91 -66.11 -91.03 23.08
CA ASP E 91 -66.62 -90.19 22.00
C ASP E 91 -67.54 -89.12 22.57
N GLU E 92 -67.35 -87.88 22.13
CA GLU E 92 -68.21 -86.78 22.57
C GLU E 92 -69.64 -86.96 22.09
N GLU E 93 -69.83 -87.64 20.96
CA GLU E 93 -71.18 -87.89 20.47
C GLU E 93 -71.98 -88.76 21.43
N LEU E 94 -71.34 -89.80 21.97
CA LEU E 94 -72.01 -90.64 22.96
C LEU E 94 -72.12 -89.95 24.31
N ASN E 95 -71.20 -89.03 24.61
CA ASN E 95 -71.27 -88.30 25.87
C ASN E 95 -72.51 -87.41 25.94
N LYS E 96 -72.86 -86.79 24.81
CA LYS E 96 -74.03 -85.89 24.79
C LYS E 96 -75.31 -86.66 25.09
N LEU E 97 -75.49 -87.82 24.49
CA LEU E 97 -76.69 -88.62 24.74
C LEU E 97 -76.71 -89.15 26.16
N LEU E 98 -75.61 -89.78 26.58
CA LEU E 98 -75.50 -90.31 27.94
C LEU E 98 -74.72 -89.34 28.81
N GLY E 99 -75.38 -88.22 29.12
CA GLY E 99 -74.75 -87.18 29.91
C GLY E 99 -74.93 -87.37 31.40
N ARG E 100 -76.16 -87.57 31.84
CA ARG E 100 -76.47 -87.76 33.26
C ARG E 100 -76.65 -89.23 33.62
N VAL E 101 -76.21 -90.15 32.76
CA VAL E 101 -76.46 -91.56 32.96
C VAL E 101 -75.27 -92.21 33.65
N THR E 102 -75.56 -93.04 34.65
CA THR E 102 -74.55 -93.80 35.37
C THR E 102 -74.68 -95.27 34.99
N ILE E 103 -73.54 -95.88 34.65
CA ILE E 103 -73.48 -97.28 34.23
C ILE E 103 -72.96 -98.11 35.40
N ALA E 104 -73.69 -99.17 35.75
CA ALA E 104 -73.29 -100.03 36.85
C ALA E 104 -72.02 -100.79 36.51
N GLN E 105 -71.14 -100.94 37.50
CA GLN E 105 -69.87 -101.65 37.35
C GLN E 105 -69.04 -101.09 36.19
N GLY E 106 -69.10 -99.78 35.99
CA GLY E 106 -68.38 -99.14 34.90
C GLY E 106 -67.02 -98.65 35.33
N GLY E 107 -66.80 -97.34 35.21
CA GLY E 107 -65.52 -96.77 35.56
C GLY E 107 -65.44 -95.31 35.15
N VAL E 108 -64.22 -94.78 35.24
CA VAL E 108 -63.95 -93.38 34.89
C VAL E 108 -62.66 -93.32 34.10
N LEU E 109 -62.65 -92.44 33.08
CA LEU E 109 -61.50 -92.28 32.21
C LEU E 109 -60.30 -91.75 33.00
N PRO E 110 -59.11 -92.28 32.76
CA PRO E 110 -57.92 -91.82 33.50
C PRO E 110 -57.48 -90.42 33.09
N ASN E 111 -58.18 -89.40 33.59
CA ASN E 111 -57.88 -88.01 33.28
C ASN E 111 -57.17 -87.37 34.46
N ILE E 112 -56.04 -86.72 34.18
CA ILE E 112 -55.27 -86.02 35.21
C ILE E 112 -54.83 -84.68 34.63
N GLN E 113 -54.91 -83.64 35.46
CA GLN E 113 -54.53 -82.29 35.04
C GLN E 113 -53.02 -82.10 35.15
N SER E 114 -52.55 -80.98 34.59
CA SER E 114 -51.12 -80.70 34.57
C SER E 114 -50.59 -80.30 35.94
N VAL E 115 -51.45 -79.87 36.86
CA VAL E 115 -51.01 -79.43 38.18
C VAL E 115 -51.08 -80.55 39.22
N LEU E 116 -51.49 -81.75 38.81
CA LEU E 116 -51.60 -82.88 39.72
C LEU E 116 -50.51 -83.91 39.51
N LEU E 117 -49.37 -83.49 38.98
CA LEU E 117 -48.25 -84.39 38.69
C LEU E 117 -46.97 -83.61 38.90
N PRO E 118 -45.80 -84.30 38.89
CA PRO E 118 -44.51 -83.60 39.08
C PRO E 118 -44.34 -82.37 38.21
N LYS E 119 -43.42 -81.49 38.62
CA LYS E 119 -43.23 -80.15 38.05
C LYS E 119 -44.41 -79.26 38.43
N LYS E 120 -44.19 -77.94 38.41
CA LYS E 120 -45.23 -77.01 38.85
C LYS E 120 -46.49 -77.13 38.01
N THR E 121 -46.38 -76.83 36.71
CA THR E 121 -47.51 -76.96 35.79
C THR E 121 -46.92 -77.33 34.43
N GLU E 122 -46.90 -78.63 34.13
CA GLU E 122 -46.28 -79.12 32.91
C GLU E 122 -46.99 -80.40 32.49
N SER E 123 -47.04 -80.63 31.17
CA SER E 123 -47.76 -81.79 30.63
C SER E 123 -47.01 -82.43 29.47
N SER E 124 -45.68 -82.37 29.47
CA SER E 124 -44.92 -82.95 28.37
C SER E 124 -45.12 -84.46 28.31
N LYS E 125 -44.70 -85.17 29.35
CA LYS E 125 -44.80 -86.62 29.43
C LYS E 125 -44.18 -87.29 28.20
N SER E 126 -44.84 -88.31 27.68
CA SER E 126 -44.37 -89.04 26.52
C SER E 126 -45.57 -89.73 25.87
N ALA E 127 -45.31 -90.70 24.99
CA ALA E 127 -46.36 -91.47 24.35
C ALA E 127 -47.19 -92.23 25.38
N LYS E 128 -48.33 -92.77 24.95
CA LYS E 128 -49.28 -93.47 25.80
C LYS E 128 -49.84 -92.59 26.91
N SER E 129 -49.91 -91.28 26.68
CA SER E 129 -50.42 -90.35 27.67
C SER E 129 -51.03 -89.15 26.94
N LYS E 130 -51.34 -88.11 27.71
CA LYS E 130 -51.93 -86.87 27.19
C LYS E 130 -53.23 -87.13 26.44
N GLY F 8 -121.71 87.87 -79.79
CA GLY F 8 -122.59 86.80 -80.23
C GLY F 8 -121.85 85.61 -80.81
N GLY F 9 -120.84 85.13 -80.07
CA GLY F 9 -120.05 84.01 -80.53
C GLY F 9 -120.75 82.68 -80.35
N LYS F 10 -120.18 81.64 -80.98
CA LYS F 10 -120.75 80.30 -80.87
C LYS F 10 -120.66 79.78 -79.44
N THR F 11 -119.52 79.98 -78.79
CA THR F 11 -119.31 79.55 -77.40
C THR F 11 -119.10 80.77 -76.53
N ARG F 12 -119.84 80.83 -75.43
CA ARG F 12 -119.79 81.96 -74.51
C ARG F 12 -118.65 81.86 -73.50
N ALA F 13 -117.98 80.72 -73.40
CA ALA F 13 -116.92 80.56 -72.41
C ALA F 13 -116.05 79.37 -72.78
N LYS F 14 -114.73 79.59 -72.76
CA LYS F 14 -113.73 78.53 -72.90
C LYS F 14 -113.91 77.76 -74.21
N ALA F 15 -113.72 78.48 -75.32
CA ALA F 15 -113.74 77.81 -76.63
C ALA F 15 -112.59 76.80 -76.73
N LYS F 16 -111.39 77.19 -76.33
CA LYS F 16 -110.23 76.32 -76.30
C LYS F 16 -109.13 77.02 -75.52
N THR F 17 -108.12 76.25 -75.13
CA THR F 17 -107.00 76.80 -74.38
C THR F 17 -106.11 77.65 -75.29
N ARG F 18 -105.37 78.57 -74.66
CA ARG F 18 -104.46 79.42 -75.40
C ARG F 18 -103.32 78.62 -76.03
N SER F 19 -102.95 77.51 -75.40
CA SER F 19 -101.89 76.66 -75.95
C SER F 19 -102.30 76.09 -77.30
N SER F 20 -103.56 75.69 -77.44
CA SER F 20 -104.03 75.14 -78.72
C SER F 20 -104.02 76.19 -79.82
N ARG F 21 -104.23 77.46 -79.47
CA ARG F 21 -104.20 78.52 -80.49
C ARG F 21 -102.83 78.62 -81.14
N ALA F 22 -101.77 78.55 -80.33
CA ALA F 22 -100.41 78.61 -80.84
C ALA F 22 -99.80 77.23 -81.05
N GLY F 23 -100.56 76.16 -80.82
CA GLY F 23 -100.04 74.82 -80.98
C GLY F 23 -99.20 74.33 -79.82
N LEU F 24 -99.11 75.08 -78.73
CA LEU F 24 -98.29 74.68 -77.59
C LEU F 24 -99.00 73.60 -76.79
N GLN F 25 -98.25 72.96 -75.90
CA GLN F 25 -98.78 71.91 -75.04
C GLN F 25 -98.85 72.30 -73.57
N PHE F 26 -97.95 73.16 -73.10
CA PHE F 26 -97.91 73.53 -71.71
C PHE F 26 -99.04 74.51 -71.35
N PRO F 27 -99.49 74.48 -70.10
CA PRO F 27 -100.58 75.39 -69.69
C PRO F 27 -100.11 76.82 -69.49
N VAL F 28 -100.10 77.61 -70.57
CA VAL F 28 -99.64 79.00 -70.49
C VAL F 28 -100.47 79.79 -69.48
N GLY F 29 -101.71 79.37 -69.23
CA GLY F 29 -102.51 80.02 -68.20
C GLY F 29 -101.92 79.84 -66.81
N ARG F 30 -101.44 78.63 -66.51
CA ARG F 30 -100.78 78.39 -65.23
C ARG F 30 -99.46 79.14 -65.14
N VAL F 31 -98.83 79.41 -66.28
CA VAL F 31 -97.60 80.20 -66.28
C VAL F 31 -97.91 81.62 -65.81
N HIS F 32 -99.09 82.14 -66.17
CA HIS F 32 -99.49 83.46 -65.71
C HIS F 32 -99.57 83.51 -64.18
N ARG F 33 -100.18 82.49 -63.58
CA ARG F 33 -100.31 82.46 -62.13
C ARG F 33 -98.95 82.36 -61.45
N LEU F 34 -98.07 81.50 -61.97
CA LEU F 34 -96.75 81.34 -61.36
C LEU F 34 -95.92 82.61 -61.48
N LEU F 35 -96.03 83.31 -62.62
CA LEU F 35 -95.32 84.57 -62.77
C LEU F 35 -95.83 85.62 -61.77
N ARG F 36 -97.15 85.66 -61.55
CA ARG F 36 -97.70 86.59 -60.57
C ARG F 36 -97.47 86.12 -59.14
N LYS F 37 -97.43 84.81 -58.91
CA LYS F 37 -97.22 84.30 -57.55
C LYS F 37 -95.85 84.71 -57.01
N GLY F 38 -94.82 84.63 -57.84
CA GLY F 38 -93.47 84.94 -57.44
C GLY F 38 -93.12 86.41 -57.42
N ASN F 39 -94.09 87.28 -57.72
CA ASN F 39 -93.88 88.73 -57.74
C ASN F 39 -92.76 89.10 -58.71
N TYR F 40 -92.70 88.42 -59.85
CA TYR F 40 -91.67 88.72 -60.84
C TYR F 40 -91.91 90.05 -61.53
N ALA F 41 -93.14 90.55 -61.54
CA ALA F 41 -93.43 91.81 -62.19
C ALA F 41 -94.72 92.39 -61.63
N GLU F 42 -94.88 93.70 -61.80
CA GLU F 42 -96.16 94.35 -61.48
C GLU F 42 -97.22 94.02 -62.52
N ARG F 43 -96.83 94.03 -63.79
CA ARG F 43 -97.71 93.68 -64.89
C ARG F 43 -97.02 92.67 -65.79
N VAL F 44 -97.79 91.74 -66.34
CA VAL F 44 -97.29 90.70 -67.22
C VAL F 44 -97.98 90.81 -68.57
N GLY F 45 -97.19 90.94 -69.63
CA GLY F 45 -97.75 90.96 -70.97
C GLY F 45 -97.95 89.57 -71.52
N ALA F 46 -98.71 89.48 -72.61
CA ALA F 46 -98.98 88.20 -73.25
C ALA F 46 -97.73 87.61 -73.91
N GLY F 47 -96.73 88.44 -74.21
CA GLY F 47 -95.55 87.94 -74.87
C GLY F 47 -94.72 87.00 -73.99
N ALA F 48 -94.68 87.28 -72.69
CA ALA F 48 -93.83 86.49 -71.80
C ALA F 48 -94.28 85.03 -71.69
N PRO F 49 -95.48 84.70 -71.21
CA PRO F 49 -95.82 83.29 -71.03
C PRO F 49 -95.84 82.49 -72.32
N VAL F 50 -96.23 83.12 -73.44
CA VAL F 50 -96.24 82.42 -74.72
C VAL F 50 -94.83 82.08 -75.15
N TYR F 51 -93.91 83.05 -75.06
CA TYR F 51 -92.52 82.78 -75.40
C TYR F 51 -91.86 81.87 -74.37
N LEU F 52 -92.21 82.04 -73.09
CA LEU F 52 -91.65 81.20 -72.04
C LEU F 52 -92.07 79.75 -72.22
N ALA F 53 -93.34 79.51 -72.53
CA ALA F 53 -93.80 78.15 -72.75
C ALA F 53 -93.14 77.53 -73.98
N ALA F 54 -92.92 78.34 -75.03
CA ALA F 54 -92.31 77.82 -76.24
C ALA F 54 -90.88 77.36 -75.99
N VAL F 55 -90.09 78.18 -75.31
CA VAL F 55 -88.71 77.81 -75.04
C VAL F 55 -88.64 76.65 -74.04
N LEU F 56 -89.57 76.62 -73.08
CA LEU F 56 -89.64 75.48 -72.16
C LEU F 56 -90.02 74.21 -72.88
N GLU F 57 -90.99 74.30 -73.81
CA GLU F 57 -91.39 73.12 -74.57
C GLU F 57 -90.27 72.63 -75.47
N TYR F 58 -89.51 73.54 -76.06
CA TYR F 58 -88.40 73.14 -76.93
C TYR F 58 -87.35 72.35 -76.15
N LEU F 59 -87.01 72.81 -74.94
CA LEU F 59 -86.02 72.10 -74.13
C LEU F 59 -86.53 70.71 -73.75
N THR F 60 -87.81 70.61 -73.38
CA THR F 60 -88.38 69.32 -73.03
C THR F 60 -88.39 68.38 -74.24
N ALA F 61 -88.72 68.90 -75.41
CA ALA F 61 -88.83 68.05 -76.60
C ALA F 61 -87.48 67.45 -76.98
N GLU F 62 -86.41 68.25 -76.91
CA GLU F 62 -85.09 67.76 -77.33
C GLU F 62 -84.56 66.69 -76.39
N ILE F 63 -84.64 66.94 -75.08
CA ILE F 63 -84.09 65.99 -74.12
C ILE F 63 -84.88 64.68 -74.13
N LEU F 64 -86.19 64.77 -74.34
CA LEU F 64 -87.03 63.57 -74.36
C LEU F 64 -86.65 62.66 -75.51
N GLU F 65 -86.38 63.23 -76.69
CA GLU F 65 -85.94 62.43 -77.82
C GLU F 65 -84.59 61.77 -77.54
N LEU F 66 -83.68 62.52 -76.91
CA LEU F 66 -82.41 61.93 -76.51
C LEU F 66 -82.61 60.87 -75.43
N ALA F 67 -83.49 61.13 -74.47
CA ALA F 67 -83.74 60.16 -73.41
C ALA F 67 -84.37 58.89 -73.97
N GLY F 68 -85.33 59.02 -74.88
CA GLY F 68 -85.91 57.85 -75.50
C GLY F 68 -84.90 57.05 -76.32
N ASN F 69 -84.04 57.74 -77.06
CA ASN F 69 -82.99 57.06 -77.81
C ASN F 69 -81.99 56.41 -76.87
N ALA F 70 -81.66 57.07 -75.77
CA ALA F 70 -80.76 56.47 -74.78
C ALA F 70 -81.36 55.22 -74.18
N ALA F 71 -82.66 55.25 -73.86
CA ALA F 71 -83.32 54.06 -73.37
C ALA F 71 -83.35 52.95 -74.41
N ARG F 72 -83.62 53.31 -75.68
CA ARG F 72 -83.71 52.32 -76.73
C ARG F 72 -82.39 51.58 -76.92
N ASP F 73 -81.28 52.32 -76.91
CA ASP F 73 -79.97 51.68 -76.99
C ASP F 73 -79.62 50.93 -75.71
N ASN F 74 -80.28 51.25 -74.59
CA ASN F 74 -80.07 50.55 -73.33
C ASN F 74 -81.07 49.40 -73.15
N LYS F 75 -81.56 48.84 -74.24
CA LYS F 75 -82.45 47.67 -74.26
C LYS F 75 -83.74 47.91 -73.49
N LYS F 76 -84.36 49.08 -73.60
CA LYS F 76 -85.58 49.37 -72.84
C LYS F 76 -86.40 50.42 -73.58
N THR F 77 -87.72 50.32 -73.43
CA THR F 77 -88.65 51.28 -74.01
C THR F 77 -88.99 52.43 -73.07
N ARG F 78 -89.29 52.13 -71.81
CA ARG F 78 -89.61 53.18 -70.85
C ARG F 78 -88.35 53.97 -70.48
N ILE F 79 -88.57 55.16 -69.94
CA ILE F 79 -87.47 56.04 -69.55
C ILE F 79 -87.16 55.80 -68.07
N ILE F 80 -85.92 55.39 -67.80
CA ILE F 80 -85.43 55.19 -66.45
C ILE F 80 -84.62 56.42 -66.06
N PRO F 81 -84.63 56.84 -64.80
CA PRO F 81 -83.83 58.02 -64.41
C PRO F 81 -82.35 57.90 -64.77
N ARG F 82 -81.82 56.68 -64.86
CA ARG F 82 -80.44 56.52 -65.34
C ARG F 82 -80.32 56.99 -66.79
N HIS F 83 -81.33 56.70 -67.61
CA HIS F 83 -81.29 57.13 -69.01
C HIS F 83 -81.31 58.66 -69.11
N LEU F 84 -82.04 59.32 -68.21
CA LEU F 84 -82.05 60.78 -68.21
C LEU F 84 -80.67 61.35 -67.92
N GLN F 85 -79.94 60.72 -67.00
CA GLN F 85 -78.59 61.18 -66.68
C GLN F 85 -77.66 61.03 -67.88
N LEU F 86 -77.81 59.95 -68.64
CA LEU F 86 -76.96 59.73 -69.81
C LEU F 86 -77.20 60.79 -70.88
N ALA F 87 -78.46 61.13 -71.13
CA ALA F 87 -78.79 62.05 -72.23
C ALA F 87 -78.31 63.46 -71.94
N VAL F 88 -78.46 63.94 -70.71
CA VAL F 88 -78.14 65.32 -70.38
C VAL F 88 -76.65 65.59 -70.35
N ARG F 89 -75.81 64.56 -70.39
CA ARG F 89 -74.36 64.71 -70.37
C ARG F 89 -73.72 64.14 -71.63
N ASN F 90 -74.40 64.30 -72.78
CA ASN F 90 -73.92 63.75 -74.05
C ASN F 90 -73.45 64.83 -75.02
N ASP F 91 -73.38 66.09 -74.58
CA ASP F 91 -72.97 67.16 -75.48
C ASP F 91 -72.39 68.30 -74.65
N GLU F 92 -71.63 69.17 -75.32
CA GLU F 92 -71.06 70.33 -74.66
C GLU F 92 -72.13 71.33 -74.24
N GLU F 93 -73.21 71.44 -75.01
CA GLU F 93 -74.24 72.43 -74.75
C GLU F 93 -75.26 71.97 -73.72
N LEU F 94 -75.15 70.74 -73.22
CA LEU F 94 -76.13 70.17 -72.29
C LEU F 94 -75.58 69.92 -70.90
N ASN F 95 -74.30 69.50 -70.79
CA ASN F 95 -73.77 69.13 -69.50
C ASN F 95 -73.55 70.33 -68.59
N LYS F 96 -73.32 71.51 -69.17
CA LYS F 96 -73.04 72.70 -68.36
C LYS F 96 -74.29 73.16 -67.62
N LEU F 97 -75.48 72.90 -68.16
CA LEU F 97 -76.70 73.29 -67.47
C LEU F 97 -76.85 72.56 -66.14
N LEU F 98 -76.48 71.28 -66.10
CA LEU F 98 -76.60 70.44 -64.91
C LEU F 98 -75.25 70.09 -64.31
N GLY F 99 -74.31 71.04 -64.29
CA GLY F 99 -72.98 70.80 -63.78
C GLY F 99 -72.92 70.34 -62.34
N ARG F 100 -73.62 71.06 -61.45
CA ARG F 100 -73.74 70.69 -60.05
C ARG F 100 -75.12 70.16 -59.70
N VAL F 101 -75.86 69.71 -60.71
CA VAL F 101 -77.22 69.20 -60.52
C VAL F 101 -77.18 67.68 -60.56
N THR F 102 -77.85 67.05 -59.60
CA THR F 102 -77.85 65.60 -59.46
C THR F 102 -79.24 65.03 -59.73
N ILE F 103 -79.28 63.81 -60.23
CA ILE F 103 -80.52 63.14 -60.63
C ILE F 103 -80.72 61.94 -59.71
N ALA F 104 -81.92 61.83 -59.14
CA ALA F 104 -82.25 60.68 -58.30
C ALA F 104 -82.23 59.40 -59.14
N GLN F 105 -81.58 58.37 -58.60
CA GLN F 105 -81.44 57.07 -59.26
C GLN F 105 -80.74 57.18 -60.61
N GLY F 106 -80.00 58.27 -60.84
CA GLY F 106 -79.32 58.44 -62.11
C GLY F 106 -78.03 57.67 -62.25
N GLY F 107 -77.49 57.17 -61.15
CA GLY F 107 -76.25 56.43 -61.22
C GLY F 107 -75.07 57.34 -61.52
N VAL F 108 -73.98 56.71 -61.96
CA VAL F 108 -72.75 57.41 -62.31
C VAL F 108 -72.38 57.04 -63.74
N LEU F 109 -71.85 58.01 -64.48
CA LEU F 109 -71.50 57.79 -65.88
C LEU F 109 -70.33 56.81 -65.97
N PRO F 110 -70.29 55.99 -67.03
CA PRO F 110 -69.17 55.04 -67.20
C PRO F 110 -67.91 55.74 -67.70
N ASN F 111 -67.30 56.53 -66.81
CA ASN F 111 -66.08 57.27 -67.13
C ASN F 111 -64.89 56.60 -66.44
N ILE F 112 -63.85 56.32 -67.21
CA ILE F 112 -62.62 55.73 -66.69
C ILE F 112 -61.44 56.54 -67.20
N GLN F 113 -60.59 56.99 -66.28
CA GLN F 113 -59.37 57.69 -66.67
C GLN F 113 -58.39 56.69 -67.27
N SER F 114 -57.56 57.16 -68.21
CA SER F 114 -56.65 56.27 -68.90
C SER F 114 -55.38 56.03 -68.09
N VAL F 115 -55.54 55.68 -66.81
CA VAL F 115 -54.42 55.29 -65.97
C VAL F 115 -54.78 54.02 -65.21
N LEU F 116 -56.08 53.74 -65.11
CA LEU F 116 -56.57 52.64 -64.29
C LEU F 116 -56.81 51.38 -65.13
N LEU F 117 -55.71 50.85 -65.65
CA LEU F 117 -55.71 49.64 -66.44
C LEU F 117 -54.48 48.81 -66.10
N PRO F 118 -54.50 47.52 -66.39
CA PRO F 118 -53.28 46.72 -66.35
C PRO F 118 -52.10 47.47 -66.97
N LYS F 119 -50.90 47.19 -66.43
CA LYS F 119 -49.67 47.91 -66.77
C LYS F 119 -49.75 49.35 -66.27
N LYS F 120 -48.62 50.06 -66.33
CA LYS F 120 -48.54 51.37 -65.71
C LYS F 120 -49.45 52.39 -66.40
N THR F 121 -49.47 52.39 -67.73
CA THR F 121 -50.29 53.32 -68.48
C THR F 121 -50.68 52.71 -69.82
N GLU F 122 -51.98 52.68 -70.10
CA GLU F 122 -52.49 52.12 -71.34
C GLU F 122 -53.84 52.73 -71.65
N SER F 123 -54.05 53.11 -72.91
CA SER F 123 -55.32 53.69 -73.33
C SER F 123 -55.77 53.20 -74.71
N SER F 124 -55.14 52.16 -75.26
CA SER F 124 -55.45 51.69 -76.61
C SER F 124 -56.48 50.57 -76.52
N LYS F 125 -57.73 50.97 -76.32
CA LYS F 125 -58.86 50.03 -76.31
C LYS F 125 -59.97 50.59 -77.17
N SER F 126 -60.80 49.70 -77.69
CA SER F 126 -61.86 50.04 -78.62
C SER F 126 -63.23 49.74 -78.03
N ALA F 127 -64.26 50.25 -78.72
CA ALA F 127 -65.67 50.00 -78.40
C ALA F 127 -66.08 50.55 -77.03
N LYS F 128 -65.30 51.47 -76.45
CA LYS F 128 -65.65 52.10 -75.18
C LYS F 128 -65.57 53.62 -75.38
N SER F 129 -66.64 54.20 -75.90
CA SER F 129 -66.77 55.65 -76.08
C SER F 129 -65.65 56.23 -76.96
N LYS F 130 -65.09 55.39 -77.81
CA LYS F 130 -64.10 55.84 -78.80
C LYS F 130 -64.43 55.31 -80.18
N SER G 2 123.93 -26.90 130.75
CA SER G 2 125.31 -27.31 130.99
C SER G 2 126.20 -26.10 131.23
N GLY G 3 126.64 -25.46 130.16
CA GLY G 3 127.50 -24.30 130.27
C GLY G 3 127.51 -23.51 128.98
N ARG G 4 127.94 -22.25 129.08
CA ARG G 4 127.96 -21.34 127.95
C ARG G 4 129.14 -21.68 127.04
N GLY G 5 128.99 -22.81 126.35
CA GLY G 5 130.01 -23.25 125.42
C GLY G 5 129.36 -23.95 124.24
N LYS G 6 130.01 -23.82 123.08
CA LYS G 6 129.49 -24.45 121.87
C LYS G 6 129.64 -25.96 121.90
N GLN G 7 130.62 -26.46 122.63
CA GLN G 7 130.93 -27.90 122.72
C GLN G 7 131.18 -28.41 121.30
N GLY G 8 130.66 -29.58 120.94
CA GLY G 8 130.86 -30.10 119.60
C GLY G 8 130.05 -31.36 119.38
N GLY G 9 129.84 -31.67 118.10
CA GLY G 9 129.11 -32.86 117.72
C GLY G 9 127.61 -32.65 117.75
N LYS G 10 126.90 -33.54 117.05
CA LYS G 10 125.45 -33.53 116.97
C LYS G 10 124.97 -34.98 117.00
N THR G 11 124.69 -35.48 118.21
CA THR G 11 124.27 -36.86 118.39
C THR G 11 122.81 -37.10 118.03
N ARG G 12 121.98 -36.05 118.05
CA ARG G 12 120.54 -36.22 117.79
C ARG G 12 120.00 -35.18 116.82
N ALA G 13 120.81 -34.71 115.88
CA ALA G 13 120.40 -33.65 114.96
C ALA G 13 120.33 -34.11 113.51
N LYS G 14 121.42 -34.65 112.98
CA LYS G 14 121.51 -34.95 111.56
C LYS G 14 120.87 -36.29 111.24
N ALA G 15 120.25 -36.37 110.05
CA ALA G 15 119.65 -37.57 109.47
C ALA G 15 118.49 -38.11 110.29
N LYS G 16 117.83 -37.27 111.08
CA LYS G 16 116.66 -37.70 111.83
C LYS G 16 115.78 -36.49 112.12
N THR G 17 114.48 -36.73 112.26
CA THR G 17 113.50 -35.69 112.54
C THR G 17 112.57 -36.20 113.64
N ARG G 18 111.62 -35.34 114.03
CA ARG G 18 110.65 -35.73 115.04
C ARG G 18 109.79 -36.88 114.55
N SER G 19 109.37 -36.84 113.28
CA SER G 19 108.57 -37.92 112.73
C SER G 19 109.34 -39.23 112.69
N SER G 20 110.62 -39.18 112.30
CA SER G 20 111.43 -40.39 112.25
C SER G 20 111.79 -40.90 113.63
N ARG G 21 111.85 -40.00 114.63
CA ARG G 21 112.14 -40.43 115.99
C ARG G 21 111.04 -41.35 116.52
N ALA G 22 109.78 -41.01 116.25
CA ALA G 22 108.66 -41.84 116.65
C ALA G 22 108.32 -42.93 115.63
N GLY G 23 109.02 -42.97 114.50
CA GLY G 23 108.74 -43.96 113.49
C GLY G 23 107.51 -43.68 112.65
N LEU G 24 106.98 -42.47 112.70
CA LEU G 24 105.77 -42.11 111.98
C LEU G 24 106.11 -41.32 110.73
N GLN G 25 105.37 -41.58 109.65
CA GLN G 25 105.55 -40.85 108.40
C GLN G 25 104.95 -39.46 108.46
N PHE G 26 103.85 -39.27 109.19
CA PHE G 26 103.15 -38.00 109.22
C PHE G 26 104.02 -36.94 109.90
N PRO G 27 103.88 -35.67 109.49
CA PRO G 27 104.70 -34.59 110.06
C PRO G 27 104.25 -34.24 111.48
N VAL G 28 105.13 -34.52 112.44
CA VAL G 28 104.82 -34.18 113.83
C VAL G 28 104.83 -32.68 114.05
N GLY G 29 105.83 -31.99 113.49
CA GLY G 29 105.95 -30.56 113.72
C GLY G 29 104.82 -29.75 113.14
N ARG G 30 104.38 -30.10 111.93
CA ARG G 30 103.29 -29.36 111.29
C ARG G 30 101.99 -29.51 112.07
N VAL G 31 101.74 -30.70 112.63
CA VAL G 31 100.58 -30.89 113.48
C VAL G 31 100.68 -30.02 114.73
N HIS G 32 101.89 -29.92 115.29
CA HIS G 32 102.10 -29.06 116.45
C HIS G 32 101.83 -27.60 116.11
N ARG G 33 102.27 -27.15 114.93
CA ARG G 33 101.98 -25.79 114.49
C ARG G 33 100.48 -25.59 114.30
N LEU G 34 99.80 -26.57 113.72
CA LEU G 34 98.36 -26.46 113.50
C LEU G 34 97.61 -26.40 114.81
N LEU G 35 98.07 -27.14 115.83
CA LEU G 35 97.43 -27.08 117.14
C LEU G 35 97.55 -25.68 117.74
N ARG G 36 98.72 -25.06 117.63
CA ARG G 36 98.88 -23.68 118.10
C ARG G 36 98.10 -22.70 117.23
N LYS G 37 98.09 -22.93 115.92
CA LYS G 37 97.35 -22.05 115.01
C LYS G 37 95.86 -22.11 115.29
N GLY G 38 95.32 -23.30 115.56
CA GLY G 38 93.91 -23.44 115.87
C GLY G 38 93.52 -22.99 117.26
N ASN G 39 94.50 -22.65 118.11
CA ASN G 39 94.24 -22.18 119.47
C ASN G 39 93.43 -23.21 120.26
N TYR G 40 93.89 -24.47 120.22
CA TYR G 40 93.21 -25.56 120.90
C TYR G 40 93.59 -25.70 122.37
N ALA G 41 94.56 -24.93 122.84
CA ALA G 41 94.98 -24.98 124.24
C ALA G 41 95.83 -23.75 124.52
N GLU G 42 96.01 -23.47 125.82
CA GLU G 42 96.94 -22.43 126.22
C GLU G 42 98.36 -22.78 125.81
N ARG G 43 98.75 -24.05 126.00
CA ARG G 43 100.04 -24.56 125.55
C ARG G 43 99.87 -26.03 125.19
N VAL G 44 100.55 -26.45 124.13
CA VAL G 44 100.45 -27.81 123.61
C VAL G 44 101.77 -28.52 123.84
N GLY G 45 101.75 -29.60 124.62
CA GLY G 45 102.95 -30.36 124.87
C GLY G 45 103.38 -31.19 123.69
N ALA G 46 104.58 -31.76 123.80
CA ALA G 46 105.13 -32.56 122.71
C ALA G 46 104.45 -33.92 122.57
N GLY G 47 103.76 -34.38 123.61
CA GLY G 47 103.12 -35.68 123.53
C GLY G 47 101.96 -35.72 122.55
N ALA G 48 101.17 -34.64 122.49
CA ALA G 48 99.97 -34.64 121.64
C ALA G 48 100.28 -34.79 120.16
N PRO G 49 101.21 -34.02 119.55
CA PRO G 49 101.45 -34.21 118.11
C PRO G 49 101.91 -35.61 117.75
N VAL G 50 102.73 -36.24 118.60
CA VAL G 50 103.17 -37.61 118.33
C VAL G 50 101.98 -38.56 118.38
N TYR G 51 101.12 -38.41 119.39
CA TYR G 51 99.94 -39.25 119.50
C TYR G 51 98.96 -38.98 118.35
N LEU G 52 98.76 -37.71 118.00
CA LEU G 52 97.83 -37.37 116.94
C LEU G 52 98.29 -37.91 115.59
N ALA G 53 99.59 -37.82 115.31
CA ALA G 53 100.10 -38.32 114.04
C ALA G 53 99.89 -39.82 113.90
N ALA G 54 100.14 -40.58 114.97
CA ALA G 54 99.93 -42.02 114.92
C ALA G 54 98.47 -42.37 114.70
N VAL G 55 97.56 -41.67 115.38
CA VAL G 55 96.13 -41.94 115.23
C VAL G 55 95.70 -41.62 113.80
N LEU G 56 96.15 -40.47 113.28
CA LEU G 56 95.79 -40.11 111.90
C LEU G 56 96.37 -41.09 110.90
N GLU G 57 97.59 -41.58 111.16
CA GLU G 57 98.21 -42.54 110.24
C GLU G 57 97.41 -43.83 110.17
N TYR G 58 96.98 -44.36 111.32
CA TYR G 58 96.20 -45.59 111.33
C TYR G 58 94.86 -45.40 110.64
N LEU G 59 94.19 -44.27 110.90
CA LEU G 59 92.94 -43.98 110.22
C LEU G 59 93.15 -43.84 108.72
N THR G 60 94.22 -43.14 108.32
CA THR G 60 94.51 -42.99 106.91
C THR G 60 94.82 -44.34 106.26
N ALA G 61 95.60 -45.18 106.94
CA ALA G 61 95.97 -46.48 106.37
C ALA G 61 94.78 -47.43 106.34
N GLU G 62 93.93 -47.41 107.36
CA GLU G 62 92.82 -48.35 107.43
C GLU G 62 91.83 -48.13 106.30
N ILE G 63 91.46 -46.88 106.03
CA ILE G 63 90.55 -46.59 104.93
C ILE G 63 91.21 -46.93 103.59
N LEU G 64 92.48 -46.57 103.42
CA LEU G 64 93.17 -46.88 102.18
C LEU G 64 93.30 -48.38 101.97
N GLU G 65 93.53 -49.13 103.05
CA GLU G 65 93.60 -50.59 102.93
C GLU G 65 92.26 -51.16 102.47
N LEU G 66 91.16 -50.67 103.04
CA LEU G 66 89.84 -51.14 102.63
C LEU G 66 89.46 -50.60 101.25
N ALA G 67 89.83 -49.35 100.97
CA ALA G 67 89.55 -48.78 99.65
C ALA G 67 90.30 -49.52 98.56
N GLY G 68 91.55 -49.91 98.83
CA GLY G 68 92.30 -50.70 97.87
C GLY G 68 91.65 -52.05 97.61
N ASN G 69 91.15 -52.69 98.67
CA ASN G 69 90.38 -53.92 98.50
C ASN G 69 89.08 -53.66 97.75
N ALA G 70 88.41 -52.55 98.05
CA ALA G 70 87.20 -52.19 97.33
C ALA G 70 87.50 -51.88 95.86
N ALA G 71 88.70 -51.36 95.58
CA ALA G 71 89.11 -51.13 94.20
C ALA G 71 89.20 -52.43 93.42
N ARG G 72 89.77 -53.47 94.03
CA ARG G 72 89.88 -54.76 93.37
C ARG G 72 88.51 -55.40 93.15
N ASP G 73 87.54 -55.07 94.00
CA ASP G 73 86.19 -55.60 93.82
C ASP G 73 85.56 -55.08 92.55
N ASN G 74 86.01 -53.93 92.06
CA ASN G 74 85.51 -53.35 90.82
C ASN G 74 86.46 -53.59 89.65
N LYS G 75 87.39 -54.54 89.80
CA LYS G 75 88.39 -54.85 88.77
C LYS G 75 89.22 -53.62 88.42
N LYS G 76 89.52 -52.82 89.43
CA LYS G 76 90.34 -51.62 89.27
C LYS G 76 91.51 -51.68 90.25
N THR G 77 92.63 -51.07 89.85
CA THR G 77 93.85 -51.07 90.65
C THR G 77 94.12 -49.71 91.30
N ARG G 78 93.10 -48.86 91.39
CA ARG G 78 93.27 -47.53 91.97
C ARG G 78 92.12 -47.20 92.88
N ILE G 79 92.38 -46.38 93.88
CA ILE G 79 91.37 -45.88 94.81
C ILE G 79 90.83 -44.58 94.23
N ILE G 80 89.53 -44.57 93.91
CA ILE G 80 88.85 -43.38 93.41
C ILE G 80 87.93 -42.89 94.53
N PRO G 81 87.30 -41.71 94.39
CA PRO G 81 86.37 -41.29 95.44
C PRO G 81 85.25 -42.29 95.73
N ARG G 82 84.79 -43.01 94.71
CA ARG G 82 83.79 -44.04 94.94
C ARG G 82 84.32 -45.16 95.82
N HIS G 83 85.57 -45.59 95.57
CA HIS G 83 86.14 -46.69 96.35
C HIS G 83 86.32 -46.28 97.81
N LEU G 84 86.60 -44.99 98.06
CA LEU G 84 86.62 -44.50 99.43
C LEU G 84 85.24 -44.62 100.07
N GLN G 85 84.18 -44.29 99.32
CA GLN G 85 82.83 -44.41 99.84
C GLN G 85 82.49 -45.87 100.11
N LEU G 86 82.90 -46.77 99.22
CA LEU G 86 82.63 -48.19 99.43
C LEU G 86 83.34 -48.71 100.68
N ALA G 87 84.58 -48.27 100.90
CA ALA G 87 85.31 -48.67 102.10
C ALA G 87 84.62 -48.17 103.35
N VAL G 88 84.16 -46.92 103.35
CA VAL G 88 83.49 -46.36 104.52
C VAL G 88 82.19 -47.10 104.80
N ARG G 89 81.39 -47.36 103.76
CA ARG G 89 80.11 -48.04 103.93
C ARG G 89 80.27 -49.55 103.82
N ASN G 90 81.22 -50.08 104.60
CA ASN G 90 81.43 -51.53 104.69
C ASN G 90 81.66 -52.02 106.11
N ASP G 91 81.96 -51.14 107.07
CA ASP G 91 82.16 -51.52 108.46
C ASP G 91 81.28 -50.64 109.33
N GLU G 92 80.74 -51.23 110.40
CA GLU G 92 79.85 -50.47 111.28
C GLU G 92 80.58 -49.34 111.99
N GLU G 93 81.82 -49.59 112.44
CA GLU G 93 82.57 -48.56 113.14
C GLU G 93 82.85 -47.37 112.24
N LEU G 94 83.21 -47.61 110.98
CA LEU G 94 83.47 -46.52 110.05
C LEU G 94 82.19 -45.74 109.77
N ASN G 95 81.05 -46.43 109.71
CA ASN G 95 79.79 -45.75 109.47
C ASN G 95 79.44 -44.78 110.59
N LYS G 96 79.67 -45.19 111.84
CA LYS G 96 79.33 -44.33 112.97
C LYS G 96 80.21 -43.08 113.01
N LEU G 97 81.52 -43.25 112.83
CA LEU G 97 82.41 -42.10 112.80
C LEU G 97 82.11 -41.18 111.62
N LEU G 98 82.04 -41.77 110.42
CA LEU G 98 81.74 -41.01 109.21
C LEU G 98 80.25 -41.11 108.85
N GLY G 99 79.41 -40.63 109.77
CA GLY G 99 77.98 -40.71 109.59
C GLY G 99 77.32 -39.55 108.88
N ARG G 100 78.00 -38.40 108.79
CA ARG G 100 77.46 -37.20 108.16
C ARG G 100 78.42 -36.70 107.09
N VAL G 101 78.88 -37.62 106.26
CA VAL G 101 79.90 -37.33 105.24
C VAL G 101 79.29 -37.51 103.85
N THR G 102 79.52 -36.50 103.01
CA THR G 102 79.17 -36.55 101.59
C THR G 102 80.47 -36.61 100.80
N ILE G 103 80.76 -37.76 100.21
CA ILE G 103 81.97 -37.93 99.42
C ILE G 103 81.67 -37.48 97.98
N ALA G 104 82.42 -36.50 97.50
CA ALA G 104 82.20 -35.99 96.16
C ALA G 104 82.52 -37.06 95.12
N GLN G 105 81.59 -37.29 94.20
CA GLN G 105 81.72 -38.34 93.19
C GLN G 105 81.99 -39.69 93.82
N GLY G 106 81.30 -39.96 94.94
CA GLY G 106 81.49 -41.20 95.66
C GLY G 106 80.39 -42.21 95.41
N GLY G 107 79.23 -41.74 94.98
CA GLY G 107 78.13 -42.64 94.71
C GLY G 107 77.50 -43.19 95.99
N VAL G 108 76.72 -44.25 95.81
CA VAL G 108 76.00 -44.90 96.90
C VAL G 108 76.20 -46.40 96.80
N LEU G 109 76.41 -47.04 97.95
CA LEU G 109 76.52 -48.49 97.97
C LEU G 109 75.18 -49.10 97.57
N PRO G 110 75.18 -50.15 96.73
CA PRO G 110 73.92 -50.76 96.30
C PRO G 110 73.12 -51.30 97.46
N ASN G 111 71.91 -50.77 97.63
CA ASN G 111 71.00 -51.19 98.70
C ASN G 111 69.58 -51.08 98.17
N ILE G 112 68.87 -52.21 98.10
CA ILE G 112 67.55 -52.28 97.51
C ILE G 112 66.58 -52.87 98.53
N GLN G 113 65.39 -52.29 98.63
CA GLN G 113 64.38 -52.82 99.52
C GLN G 113 63.82 -54.14 98.98
N SER G 114 63.33 -54.98 99.90
CA SER G 114 62.83 -56.29 99.51
C SER G 114 61.48 -56.19 98.81
N VAL G 115 60.66 -55.20 99.20
CA VAL G 115 59.32 -55.06 98.64
C VAL G 115 59.36 -54.74 97.15
N LEU G 116 60.35 -53.96 96.71
CA LEU G 116 60.43 -53.57 95.31
C LEU G 116 60.71 -54.74 94.37
N LEU G 117 61.10 -55.90 94.90
CA LEU G 117 61.41 -57.08 94.09
C LEU G 117 60.46 -58.20 94.48
N PRO G 118 59.34 -58.35 93.78
CA PRO G 118 58.46 -59.50 94.04
C PRO G 118 58.86 -60.70 93.20
N LYS G 119 59.15 -61.83 93.85
CA LYS G 119 59.59 -63.03 93.14
C LYS G 119 58.47 -64.04 92.92
N LYS G 120 57.30 -63.84 93.54
CA LYS G 120 56.15 -64.65 93.21
C LYS G 120 55.71 -64.36 91.78
N THR G 121 55.03 -65.34 91.17
CA THR G 121 54.57 -65.16 89.79
C THR G 121 53.70 -63.92 89.69
N GLU G 122 53.98 -63.07 88.71
CA GLU G 122 53.31 -61.78 88.58
C GLU G 122 52.20 -61.78 87.53
N SER G 123 51.93 -62.93 86.91
CA SER G 123 50.82 -63.00 85.96
C SER G 123 49.48 -62.90 86.65
N SER G 124 49.45 -63.07 87.97
CA SER G 124 48.21 -63.04 88.75
C SER G 124 47.58 -61.66 88.84
N LYS G 125 48.13 -60.65 88.15
CA LYS G 125 47.55 -59.32 88.18
C LYS G 125 46.14 -59.32 87.60
N SER G 126 45.95 -59.96 86.45
CA SER G 126 44.63 -60.01 85.82
C SER G 126 44.33 -61.36 85.19
N ALA G 127 45.16 -62.37 85.39
CA ALA G 127 44.95 -63.67 84.75
C ALA G 127 45.66 -64.75 85.54
N LYS G 128 45.36 -66.00 85.19
CA LYS G 128 45.99 -67.17 85.80
C LYS G 128 45.87 -67.15 87.32
N SER G 129 44.65 -66.91 87.79
CA SER G 129 44.34 -66.86 89.22
C SER G 129 45.21 -65.86 89.96
N ARG H 12 111.92 -13.21 -113.06
CA ARG H 12 111.55 -11.84 -113.41
C ARG H 12 111.48 -10.98 -112.16
N ALA H 13 110.60 -11.34 -111.23
CA ALA H 13 110.40 -10.61 -109.97
C ALA H 13 110.46 -11.62 -108.83
N LYS H 14 111.66 -11.87 -108.32
CA LYS H 14 111.84 -12.78 -107.20
C LYS H 14 111.74 -12.01 -105.88
N ALA H 15 111.38 -12.73 -104.82
CA ALA H 15 111.15 -12.24 -103.46
C ALA H 15 109.93 -11.33 -103.39
N LYS H 16 109.18 -11.19 -104.47
CA LYS H 16 107.95 -10.39 -104.50
C LYS H 16 106.82 -11.31 -104.92
N THR H 17 105.88 -11.55 -104.00
CA THR H 17 104.72 -12.37 -104.32
C THR H 17 103.78 -11.63 -105.26
N ARG H 18 102.76 -12.33 -105.74
CA ARG H 18 101.82 -11.74 -106.68
C ARG H 18 101.13 -10.52 -106.09
N SER H 19 100.77 -10.59 -104.80
CA SER H 19 100.20 -9.43 -104.13
C SER H 19 101.23 -8.32 -103.99
N SER H 20 102.49 -8.66 -103.71
CA SER H 20 103.51 -7.65 -103.48
C SER H 20 103.91 -6.94 -104.76
N ARG H 21 103.72 -7.59 -105.92
CA ARG H 21 104.05 -6.94 -107.19
C ARG H 21 103.17 -5.71 -107.41
N ALA H 22 101.87 -5.82 -107.11
CA ALA H 22 100.99 -4.67 -107.18
C ALA H 22 100.95 -3.87 -105.89
N GLY H 23 101.65 -4.31 -104.85
CA GLY H 23 101.67 -3.63 -103.58
C GLY H 23 100.55 -4.01 -102.63
N LEU H 24 99.62 -4.86 -103.05
CA LEU H 24 98.52 -5.26 -102.19
C LEU H 24 99.03 -6.16 -101.06
N GLN H 25 98.47 -5.97 -99.87
CA GLN H 25 98.83 -6.83 -98.74
C GLN H 25 97.97 -8.09 -98.68
N PHE H 26 96.76 -8.03 -99.21
CA PHE H 26 95.87 -9.19 -99.18
C PHE H 26 96.42 -10.31 -100.08
N PRO H 27 96.24 -11.57 -99.68
CA PRO H 27 96.82 -12.68 -100.44
C PRO H 27 96.07 -12.93 -101.74
N VAL H 28 96.73 -12.61 -102.86
CA VAL H 28 96.12 -12.85 -104.16
C VAL H 28 96.07 -14.35 -104.47
N GLY H 29 97.12 -15.07 -104.10
CA GLY H 29 97.21 -16.48 -104.49
C GLY H 29 96.11 -17.34 -103.92
N ARG H 30 95.75 -17.12 -102.66
CA ARG H 30 94.68 -17.90 -102.04
C ARG H 30 93.35 -17.68 -102.74
N VAL H 31 93.06 -16.43 -103.11
CA VAL H 31 91.83 -16.14 -103.85
C VAL H 31 91.86 -16.83 -105.21
N HIS H 32 93.03 -16.84 -105.86
CA HIS H 32 93.15 -17.51 -107.15
C HIS H 32 92.84 -18.99 -107.04
N ARG H 33 93.33 -19.65 -105.99
CA ARG H 33 93.03 -21.06 -105.79
C ARG H 33 91.58 -21.28 -105.39
N LEU H 34 91.00 -20.32 -104.65
CA LEU H 34 89.61 -20.47 -104.20
C LEU H 34 88.64 -20.46 -105.39
N LEU H 35 88.93 -19.66 -106.41
CA LEU H 35 88.04 -19.59 -107.57
C LEU H 35 87.95 -20.92 -108.28
N ARG H 36 89.08 -21.60 -108.47
CA ARG H 36 89.06 -22.91 -109.10
C ARG H 36 88.34 -23.94 -108.24
N LYS H 37 88.54 -23.87 -106.92
CA LYS H 37 87.85 -24.80 -106.02
C LYS H 37 86.34 -24.60 -106.10
N GLY H 38 85.89 -23.35 -106.12
CA GLY H 38 84.48 -23.05 -106.28
C GLY H 38 83.96 -23.11 -107.69
N ASN H 39 84.85 -23.36 -108.67
CA ASN H 39 84.48 -23.49 -110.08
C ASN H 39 83.76 -22.23 -110.57
N TYR H 40 84.28 -21.07 -110.19
CA TYR H 40 83.67 -19.80 -110.56
C TYR H 40 84.09 -19.31 -111.94
N ALA H 41 85.06 -19.94 -112.58
CA ALA H 41 85.53 -19.50 -113.89
C ALA H 41 86.05 -20.67 -114.69
N GLU H 42 85.67 -20.72 -115.98
CA GLU H 42 86.21 -21.72 -116.87
C GLU H 42 87.70 -21.50 -117.11
N ARG H 43 88.09 -20.26 -117.40
CA ARG H 43 89.49 -19.86 -117.51
C ARG H 43 89.71 -18.62 -116.68
N VAL H 44 90.75 -18.64 -115.85
CA VAL H 44 91.04 -17.55 -114.92
C VAL H 44 92.14 -16.68 -115.50
N GLY H 45 91.88 -15.37 -115.58
CA GLY H 45 92.90 -14.44 -116.03
C GLY H 45 93.90 -14.11 -114.94
N ALA H 46 95.07 -13.64 -115.37
CA ALA H 46 96.12 -13.27 -114.41
C ALA H 46 95.71 -12.07 -113.57
N GLY H 47 95.07 -11.07 -114.18
CA GLY H 47 94.71 -9.86 -113.46
C GLY H 47 93.43 -9.95 -112.66
N ALA H 48 92.65 -11.02 -112.85
CA ALA H 48 91.39 -11.15 -112.12
C ALA H 48 91.58 -11.25 -110.61
N PRO H 49 92.43 -12.14 -110.08
CA PRO H 49 92.59 -12.18 -108.62
C PRO H 49 93.19 -10.91 -108.03
N VAL H 50 94.01 -10.20 -108.79
CA VAL H 50 94.61 -8.95 -108.30
C VAL H 50 93.53 -7.92 -108.04
N TYR H 51 92.56 -7.80 -108.96
CA TYR H 51 91.47 -6.86 -108.75
C TYR H 51 90.63 -7.24 -107.53
N LEU H 52 90.42 -8.54 -107.33
CA LEU H 52 89.61 -8.99 -106.20
C LEU H 52 90.24 -8.60 -104.87
N ALA H 53 91.57 -8.76 -104.77
CA ALA H 53 92.26 -8.42 -103.53
C ALA H 53 92.18 -6.92 -103.25
N ALA H 54 92.32 -6.10 -104.29
CA ALA H 54 92.30 -4.65 -104.11
C ALA H 54 90.95 -4.19 -103.58
N VAL H 55 89.86 -4.73 -104.12
CA VAL H 55 88.53 -4.39 -103.61
C VAL H 55 88.37 -4.87 -102.18
N LEU H 56 88.83 -6.09 -101.89
CA LEU H 56 88.79 -6.60 -100.53
C LEU H 56 89.66 -5.78 -99.59
N GLU H 57 90.85 -5.38 -100.07
CA GLU H 57 91.76 -4.59 -99.23
C GLU H 57 91.14 -3.24 -98.87
N TYR H 58 90.51 -2.58 -99.84
CA TYR H 58 89.85 -1.31 -99.55
C TYR H 58 88.64 -1.50 -98.67
N LEU H 59 87.84 -2.54 -98.92
CA LEU H 59 86.67 -2.80 -98.10
C LEU H 59 87.07 -3.11 -96.66
N THR H 60 88.13 -3.89 -96.48
CA THR H 60 88.65 -4.14 -95.15
C THR H 60 89.20 -2.85 -94.52
N ALA H 61 89.90 -2.04 -95.31
CA ALA H 61 90.45 -0.79 -94.80
C ALA H 61 89.34 0.16 -94.37
N GLU H 62 88.31 0.32 -95.21
CA GLU H 62 87.22 1.23 -94.87
C GLU H 62 86.46 0.73 -93.65
N ILE H 63 86.20 -0.57 -93.56
CA ILE H 63 85.49 -1.12 -92.42
C ILE H 63 86.30 -0.95 -91.14
N LEU H 64 87.59 -1.25 -91.20
CA LEU H 64 88.45 -1.11 -90.03
C LEU H 64 88.59 0.36 -89.62
N GLU H 65 88.70 1.26 -90.59
CA GLU H 65 88.80 2.68 -90.27
C GLU H 65 87.54 3.18 -89.58
N LEU H 66 86.37 2.79 -90.09
CA LEU H 66 85.11 3.17 -89.44
C LEU H 66 84.99 2.50 -88.07
N ALA H 67 85.37 1.23 -87.97
CA ALA H 67 85.35 0.56 -86.68
C ALA H 67 86.35 1.18 -85.71
N GLY H 68 87.52 1.54 -86.21
CA GLY H 68 88.50 2.20 -85.35
C GLY H 68 88.03 3.55 -84.85
N ASN H 69 87.38 4.32 -85.72
CA ASN H 69 86.82 5.60 -85.29
C ASN H 69 85.72 5.41 -84.26
N ALA H 70 84.87 4.41 -84.46
CA ALA H 70 83.80 4.13 -83.49
C ALA H 70 84.37 3.64 -82.16
N ALA H 71 85.58 3.09 -82.18
CA ALA H 71 86.20 2.62 -80.94
C ALA H 71 86.48 3.78 -79.98
N ARG H 72 86.90 4.93 -80.53
CA ARG H 72 87.15 6.10 -79.68
C ARG H 72 85.88 6.56 -78.99
N ASP H 73 84.75 6.55 -79.71
CA ASP H 73 83.48 6.90 -79.10
C ASP H 73 83.06 5.89 -78.03
N ASN H 74 83.60 4.68 -78.07
CA ASN H 74 83.31 3.66 -77.07
C ASN H 74 84.39 3.59 -75.99
N LYS H 75 85.33 4.54 -75.99
CA LYS H 75 86.36 4.67 -74.94
C LYS H 75 87.29 3.46 -74.91
N LYS H 76 87.46 2.78 -76.05
CA LYS H 76 88.34 1.62 -76.12
C LYS H 76 89.20 1.72 -77.38
N THR H 77 90.36 1.07 -77.34
CA THR H 77 91.27 1.03 -78.47
C THR H 77 91.28 -0.32 -79.17
N ARG H 78 90.43 -1.25 -78.75
CA ARG H 78 90.32 -2.55 -79.38
C ARG H 78 89.01 -2.62 -80.16
N ILE H 79 89.10 -3.05 -81.42
CA ILE H 79 87.91 -3.17 -82.27
C ILE H 79 87.16 -4.41 -81.84
N ILE H 80 86.11 -4.22 -81.04
CA ILE H 80 85.24 -5.31 -80.61
C ILE H 80 84.16 -5.49 -81.68
N PRO H 81 83.45 -6.62 -81.71
CA PRO H 81 82.41 -6.80 -82.74
C PRO H 81 81.32 -5.74 -82.70
N ARG H 82 81.08 -5.11 -81.55
CA ARG H 82 80.07 -4.06 -81.49
C ARG H 82 80.45 -2.88 -82.39
N HIS H 83 81.73 -2.49 -82.38
CA HIS H 83 82.16 -1.36 -83.20
C HIS H 83 81.91 -1.61 -84.67
N LEU H 84 82.00 -2.87 -85.12
CA LEU H 84 81.64 -3.19 -86.49
C LEU H 84 80.15 -2.97 -86.74
N GLN H 85 79.30 -3.36 -85.77
CA GLN H 85 77.87 -3.14 -85.93
C GLN H 85 77.53 -1.66 -86.00
N LEU H 86 78.18 -0.85 -85.16
CA LEU H 86 78.02 0.60 -85.27
C LEU H 86 78.61 1.12 -86.58
N ALA H 87 79.71 0.50 -87.05
CA ALA H 87 80.35 0.97 -88.26
C ALA H 87 79.45 0.77 -89.48
N VAL H 88 78.81 -0.39 -89.58
CA VAL H 88 78.02 -0.69 -90.78
C VAL H 88 76.72 0.11 -90.81
N ARG H 89 76.22 0.53 -89.64
CA ARG H 89 74.93 1.20 -89.57
C ARG H 89 75.01 2.73 -89.50
N ASN H 90 76.21 3.31 -89.56
CA ASN H 90 76.29 4.77 -89.60
C ASN H 90 76.13 5.33 -91.01
N ASP H 91 76.26 4.49 -92.03
CA ASP H 91 76.24 4.93 -93.42
C ASP H 91 75.12 4.22 -94.17
N GLU H 92 74.50 4.95 -95.10
CA GLU H 92 73.40 4.39 -95.87
C GLU H 92 73.90 3.33 -96.85
N GLU H 93 75.05 3.57 -97.48
CA GLU H 93 75.58 2.61 -98.46
C GLU H 93 75.90 1.27 -97.80
N LEU H 94 76.51 1.31 -96.62
CA LEU H 94 76.79 0.06 -95.90
C LEU H 94 75.50 -0.62 -95.46
N ASN H 95 74.46 0.16 -95.14
CA ASN H 95 73.17 -0.43 -94.84
C ASN H 95 72.60 -1.15 -96.06
N LYS H 96 72.76 -0.56 -97.24
CA LYS H 96 72.30 -1.21 -98.46
C LYS H 96 73.06 -2.50 -98.73
N LEU H 97 74.37 -2.51 -98.47
CA LEU H 97 75.18 -3.69 -98.72
C LEU H 97 75.03 -4.72 -97.61
N LEU H 98 75.40 -4.35 -96.38
CA LEU H 98 75.29 -5.24 -95.23
C LEU H 98 74.03 -4.91 -94.43
N GLY H 99 72.89 -5.37 -94.96
CA GLY H 99 71.61 -5.05 -94.36
C GLY H 99 70.96 -6.21 -93.62
N ARG H 100 71.12 -7.43 -94.14
CA ARG H 100 70.46 -8.61 -93.58
C ARG H 100 71.48 -9.64 -93.13
N VAL H 101 72.62 -9.18 -92.64
CA VAL H 101 73.68 -10.06 -92.14
C VAL H 101 73.92 -9.72 -90.68
N THR H 102 73.85 -10.74 -89.82
CA THR H 102 74.03 -10.55 -88.39
C THR H 102 75.49 -10.68 -88.01
N ILE H 103 75.96 -9.79 -87.14
CA ILE H 103 77.33 -9.80 -86.64
C ILE H 103 77.31 -10.44 -85.26
N ALA H 104 78.19 -11.43 -85.06
CA ALA H 104 78.23 -12.14 -83.78
C ALA H 104 78.62 -11.19 -82.65
N GLN H 105 77.75 -11.12 -81.63
CA GLN H 105 77.93 -10.25 -80.48
C GLN H 105 78.15 -8.80 -80.92
N GLY H 106 77.32 -8.36 -81.86
CA GLY H 106 77.40 -6.99 -82.36
C GLY H 106 76.52 -6.02 -81.60
N GLY H 107 75.32 -6.45 -81.25
CA GLY H 107 74.39 -5.59 -80.54
C GLY H 107 73.39 -4.93 -81.46
N VAL H 108 72.73 -3.90 -80.93
CA VAL H 108 71.72 -3.15 -81.65
C VAL H 108 72.07 -1.66 -81.58
N LEU H 109 71.72 -0.93 -82.63
CA LEU H 109 71.93 0.50 -82.64
C LEU H 109 70.95 1.19 -81.69
N PRO H 110 71.37 2.24 -80.99
CA PRO H 110 70.41 2.96 -80.13
C PRO H 110 69.39 3.74 -80.94
N ASN H 111 68.17 3.24 -80.99
CA ASN H 111 67.09 3.86 -81.73
C ASN H 111 65.89 4.02 -80.81
N ILE H 112 65.29 5.21 -80.81
CA ILE H 112 64.21 5.55 -79.90
C ILE H 112 63.11 6.27 -80.67
N GLN H 113 61.86 5.92 -80.39
CA GLN H 113 60.73 6.56 -81.04
C GLN H 113 60.28 7.77 -80.22
N SER H 114 59.91 8.84 -80.93
CA SER H 114 59.55 10.09 -80.27
C SER H 114 58.26 9.95 -79.47
N VAL H 115 57.30 9.19 -79.99
CA VAL H 115 56.00 9.07 -79.33
C VAL H 115 56.13 8.42 -77.96
N LEU H 116 57.11 7.52 -77.80
CA LEU H 116 57.28 6.83 -76.53
C LEU H 116 57.71 7.76 -75.41
N LEU H 117 58.14 8.98 -75.73
CA LEU H 117 58.59 9.92 -74.71
C LEU H 117 57.81 11.22 -74.78
N PRO H 118 56.67 11.31 -74.10
CA PRO H 118 55.92 12.59 -74.05
C PRO H 118 56.65 13.58 -73.16
N LYS H 119 57.26 14.59 -73.78
CA LYS H 119 58.05 15.57 -73.05
C LYS H 119 57.19 16.57 -72.28
N LYS H 120 55.87 16.56 -72.48
CA LYS H 120 54.99 17.34 -71.64
C LYS H 120 55.11 16.88 -70.19
N THR H 121 55.07 17.84 -69.26
CA THR H 121 55.01 17.50 -67.84
C THR H 121 53.85 16.54 -67.62
N GLU H 122 54.13 15.39 -67.02
CA GLU H 122 53.19 14.27 -67.10
C GLU H 122 51.90 14.54 -66.32
N SER H 123 51.79 15.72 -65.70
CA SER H 123 50.48 16.20 -65.31
C SER H 123 49.66 16.37 -66.58
N SER H 124 48.65 15.53 -66.75
CA SER H 124 47.98 15.39 -68.05
C SER H 124 47.02 16.56 -68.27
N LYS H 125 46.13 16.40 -69.25
CA LYS H 125 45.20 17.46 -69.66
C LYS H 125 44.41 18.02 -68.49
N SER H 126 43.81 19.20 -68.71
CA SER H 126 43.18 20.01 -67.67
C SER H 126 44.27 20.59 -66.76
N ALA H 127 44.27 20.21 -65.48
CA ALA H 127 45.23 20.78 -64.53
C ALA H 127 45.63 19.71 -63.52
N LYS H 128 46.86 19.20 -63.65
CA LYS H 128 47.45 18.29 -62.67
C LYS H 128 46.56 17.08 -62.40
N SER H 129 45.96 16.55 -63.46
CA SER H 129 45.04 15.42 -63.35
C SER H 129 45.30 14.48 -64.51
N LYS H 130 44.39 13.54 -64.72
CA LYS H 130 44.52 12.57 -65.81
C LYS H 130 43.87 13.08 -67.08
N SER I 2 33.86 61.55 146.96
CA SER I 2 35.04 60.71 147.09
C SER I 2 36.16 61.45 147.81
N GLY I 3 37.20 60.73 148.19
CA GLY I 3 38.35 61.30 148.86
C GLY I 3 39.45 61.63 147.86
N ARG I 4 40.29 62.60 148.23
CA ARG I 4 41.37 63.03 147.36
C ARG I 4 42.46 61.98 147.31
N GLY I 5 42.91 61.66 146.09
CA GLY I 5 44.00 60.72 145.91
C GLY I 5 43.55 59.34 145.46
N LYS I 6 43.68 59.07 144.16
CA LYS I 6 43.40 57.76 143.57
C LYS I 6 41.99 57.28 143.93
N GLN I 7 41.04 58.22 143.90
CA GLN I 7 39.62 57.92 144.09
C GLN I 7 39.40 57.18 145.41
N GLY I 8 40.05 57.65 146.46
CA GLY I 8 39.94 57.00 147.76
C GLY I 8 38.68 57.37 148.49
N GLY I 9 38.49 56.71 149.64
CA GLY I 9 37.37 57.00 150.50
C GLY I 9 36.07 56.36 150.06
N LYS I 10 35.00 56.76 150.76
CA LYS I 10 33.64 56.30 150.51
C LYS I 10 33.52 54.80 150.77
N THR I 11 32.50 54.16 150.19
CA THR I 11 32.19 52.78 150.50
C THR I 11 33.34 51.84 150.17
N ARG I 12 33.54 50.85 151.03
CA ARG I 12 34.61 49.88 150.85
C ARG I 12 34.04 48.53 150.38
N ALA I 13 34.94 47.70 149.85
CA ALA I 13 34.63 46.35 149.42
C ALA I 13 33.57 46.31 148.31
N LYS I 14 32.85 45.20 148.23
CA LYS I 14 31.96 44.97 147.09
C LYS I 14 30.82 45.98 147.07
N ALA I 15 30.68 46.67 145.94
CA ALA I 15 29.54 47.52 145.65
C ALA I 15 28.75 47.02 144.46
N LYS I 16 29.42 46.75 143.34
CA LYS I 16 28.80 46.14 142.18
C LYS I 16 29.81 45.21 141.53
N THR I 17 29.38 43.99 141.25
CA THR I 17 30.29 42.99 140.68
C THR I 17 30.59 43.30 139.22
N ARG I 18 31.63 42.64 138.71
CA ARG I 18 31.99 42.81 137.30
C ARG I 18 30.88 42.34 136.38
N SER I 19 30.25 41.21 136.73
CA SER I 19 29.11 40.74 135.95
C SER I 19 27.94 41.73 136.05
N SER I 20 27.72 42.31 137.22
CA SER I 20 26.65 43.28 137.39
C SER I 20 26.87 44.52 136.53
N ARG I 21 28.14 44.97 136.42
CA ARG I 21 28.43 46.13 135.60
C ARG I 21 28.16 45.86 134.13
N ALA I 22 28.28 44.61 133.70
CA ALA I 22 27.99 44.24 132.32
C ALA I 22 26.56 43.73 132.12
N GLY I 23 25.74 43.78 133.16
CA GLY I 23 24.36 43.32 133.06
C GLY I 23 24.21 41.83 132.84
N LEU I 24 25.01 41.02 133.53
CA LEU I 24 24.96 39.57 133.40
C LEU I 24 24.64 38.93 134.75
N GLN I 25 24.32 37.65 134.70
CA GLN I 25 24.05 36.86 135.90
C GLN I 25 25.07 35.76 136.15
N PHE I 26 25.73 35.27 135.11
CA PHE I 26 26.75 34.24 135.28
C PHE I 26 27.99 34.82 135.96
N PRO I 27 28.73 34.00 136.71
CA PRO I 27 29.89 34.50 137.45
C PRO I 27 31.06 34.78 136.52
N VAL I 28 31.34 36.06 136.30
CA VAL I 28 32.51 36.43 135.50
C VAL I 28 33.80 36.09 136.23
N GLY I 29 33.82 36.30 137.56
CA GLY I 29 35.02 35.99 138.32
C GLY I 29 35.37 34.51 138.31
N ARG I 30 34.35 33.66 138.44
CA ARG I 30 34.60 32.22 138.38
C ARG I 30 35.11 31.79 137.01
N VAL I 31 34.55 32.37 135.95
CA VAL I 31 35.03 32.07 134.60
C VAL I 31 36.46 32.57 134.44
N HIS I 32 36.75 33.76 134.96
CA HIS I 32 38.12 34.29 134.89
C HIS I 32 39.09 33.40 135.65
N ARG I 33 38.70 32.93 136.83
CA ARG I 33 39.57 32.03 137.59
C ARG I 33 39.71 30.69 136.90
N LEU I 34 38.63 30.18 136.31
CA LEU I 34 38.67 28.87 135.67
C LEU I 34 39.59 28.88 134.45
N LEU I 35 39.69 30.01 133.76
CA LEU I 35 40.61 30.11 132.63
C LEU I 35 42.06 29.94 133.07
N ARG I 36 42.42 30.53 134.21
CA ARG I 36 43.76 30.35 134.74
C ARG I 36 43.93 28.97 135.37
N LYS I 37 42.84 28.38 135.85
CA LYS I 37 42.91 27.04 136.43
C LYS I 37 43.29 26.01 135.38
N GLY I 38 42.77 26.15 134.16
CA GLY I 38 43.04 25.22 133.09
C GLY I 38 44.36 25.42 132.37
N ASN I 39 45.16 26.41 132.79
CA ASN I 39 46.47 26.66 132.19
C ASN I 39 46.36 26.92 130.69
N TYR I 40 45.34 27.68 130.30
CA TYR I 40 45.17 28.01 128.88
C TYR I 40 46.20 29.02 128.39
N ALA I 41 46.67 29.92 129.26
CA ALA I 41 47.73 30.86 128.91
C ALA I 41 48.31 31.44 130.20
N GLU I 42 49.41 32.18 130.03
CA GLU I 42 50.01 32.86 131.17
C GLU I 42 49.10 33.96 131.71
N ARG I 43 48.43 34.69 130.82
CA ARG I 43 47.58 35.81 131.20
C ARG I 43 46.20 35.64 130.61
N VAL I 44 45.22 36.26 131.26
CA VAL I 44 43.83 36.25 130.81
C VAL I 44 43.37 37.70 130.73
N GLY I 45 42.90 38.11 129.56
CA GLY I 45 42.44 39.47 129.39
C GLY I 45 41.15 39.72 130.16
N ALA I 46 40.92 41.00 130.49
CA ALA I 46 39.72 41.37 131.23
C ALA I 46 38.46 41.09 130.43
N GLY I 47 38.50 41.32 129.13
CA GLY I 47 37.34 41.06 128.29
C GLY I 47 37.10 39.62 127.92
N ALA I 48 38.01 38.71 128.34
CA ALA I 48 37.83 37.29 128.01
C ALA I 48 36.69 36.67 128.82
N PRO I 49 36.68 36.73 130.15
CA PRO I 49 35.52 36.17 130.88
C PRO I 49 34.22 36.87 130.58
N VAL I 50 34.27 38.18 130.28
CA VAL I 50 33.04 38.92 129.97
C VAL I 50 32.40 38.39 128.71
N TYR I 51 33.21 38.16 127.67
CA TYR I 51 32.68 37.57 126.44
C TYR I 51 32.21 36.14 126.67
N LEU I 52 32.97 35.37 127.46
CA LEU I 52 32.58 33.99 127.73
C LEU I 52 31.26 33.92 128.49
N ALA I 53 31.07 34.81 129.47
CA ALA I 53 29.84 34.79 130.26
C ALA I 53 28.63 35.08 129.39
N ALA I 54 28.74 36.07 128.49
CA ALA I 54 27.62 36.40 127.61
C ALA I 54 27.31 35.26 126.64
N VAL I 55 28.36 34.65 126.07
CA VAL I 55 28.15 33.54 125.15
C VAL I 55 27.51 32.36 125.87
N LEU I 56 27.99 32.04 127.07
CA LEU I 56 27.39 30.95 127.84
C LEU I 56 25.96 31.28 128.23
N GLU I 57 25.71 32.53 128.64
CA GLU I 57 24.36 32.90 129.09
C GLU I 57 23.34 32.73 127.97
N TYR I 58 23.69 33.14 126.75
CA TYR I 58 22.77 33.01 125.63
C TYR I 58 22.47 31.55 125.32
N LEU I 59 23.50 30.70 125.37
CA LEU I 59 23.33 29.31 124.96
C LEU I 59 22.39 28.57 125.89
N THR I 60 22.61 28.68 127.20
CA THR I 60 21.76 27.98 128.15
C THR I 60 20.35 28.57 128.21
N ALA I 61 20.24 29.88 127.98
CA ALA I 61 18.92 30.52 128.02
C ALA I 61 18.02 30.01 126.90
N GLU I 62 18.60 29.77 125.72
CA GLU I 62 17.78 29.35 124.58
C GLU I 62 17.22 27.95 124.78
N ILE I 63 18.05 27.00 125.19
CA ILE I 63 17.59 25.63 125.39
C ILE I 63 16.57 25.57 126.51
N LEU I 64 16.80 26.35 127.58
CA LEU I 64 15.82 26.42 128.66
C LEU I 64 14.50 27.01 128.16
N GLU I 65 14.59 28.05 127.31
CA GLU I 65 13.38 28.59 126.69
C GLU I 65 12.72 27.56 125.79
N LEU I 66 13.52 26.85 124.98
CA LEU I 66 12.97 25.82 124.11
C LEU I 66 12.42 24.65 124.91
N ALA I 67 13.14 24.24 125.97
CA ALA I 67 12.64 23.15 126.81
C ALA I 67 11.37 23.56 127.53
N GLY I 68 11.30 24.82 127.99
CA GLY I 68 10.08 25.30 128.60
C GLY I 68 8.90 25.27 127.66
N ASN I 69 9.14 25.61 126.39
CA ASN I 69 8.10 25.46 125.37
C ASN I 69 7.73 24.00 125.17
N ALA I 70 8.73 23.11 125.19
CA ALA I 70 8.45 21.69 125.11
C ALA I 70 7.67 21.20 126.32
N ALA I 71 7.97 21.75 127.50
CA ALA I 71 7.21 21.41 128.70
C ALA I 71 5.76 21.86 128.56
N ARG I 72 5.53 23.03 127.96
CA ARG I 72 4.16 23.50 127.74
C ARG I 72 3.40 22.57 126.80
N ASP I 73 4.09 22.05 125.77
CA ASP I 73 3.44 21.13 124.85
C ASP I 73 3.00 19.85 125.54
N ASN I 74 3.66 19.48 126.64
CA ASN I 74 3.34 18.28 127.39
C ASN I 74 2.51 18.58 128.64
N LYS I 75 1.96 19.78 128.75
CA LYS I 75 1.14 20.22 129.89
C LYS I 75 1.89 20.19 131.20
N LYS I 76 3.22 20.34 131.17
CA LYS I 76 4.05 20.30 132.37
C LYS I 76 4.69 21.66 132.60
N THR I 77 4.78 22.05 133.86
CA THR I 77 5.44 23.30 134.24
C THR I 77 6.85 23.08 134.78
N ARG I 78 7.35 21.85 134.73
CA ARG I 78 8.68 21.51 135.25
C ARG I 78 9.53 20.94 134.13
N ILE I 79 10.79 21.36 134.07
CA ILE I 79 11.70 20.91 133.02
C ILE I 79 12.28 19.56 133.41
N ILE I 80 12.23 18.61 132.49
CA ILE I 80 12.79 17.27 132.72
C ILE I 80 13.76 16.97 131.58
N PRO I 81 14.67 16.02 131.78
CA PRO I 81 15.64 15.71 130.71
C PRO I 81 15.01 15.32 129.38
N ARG I 82 13.82 14.72 129.41
CA ARG I 82 13.13 14.40 128.16
C ARG I 82 12.79 15.67 127.38
N HIS I 83 12.35 16.72 128.08
CA HIS I 83 12.00 17.96 127.41
C HIS I 83 13.22 18.59 126.73
N LEU I 84 14.38 18.51 127.37
CA LEU I 84 15.59 19.08 126.79
C LEU I 84 15.98 18.37 125.50
N GLN I 85 15.82 17.05 125.47
CA GLN I 85 16.19 16.28 124.28
C GLN I 85 15.35 16.67 123.08
N LEU I 86 14.05 16.93 123.30
CA LEU I 86 13.18 17.33 122.20
C LEU I 86 13.65 18.62 121.55
N ALA I 87 14.11 19.57 122.37
CA ALA I 87 14.54 20.86 121.83
C ALA I 87 15.86 20.74 121.08
N VAL I 88 16.80 19.97 121.62
CA VAL I 88 18.14 19.90 121.02
C VAL I 88 18.10 19.19 119.69
N ARG I 89 17.41 18.04 119.62
CA ARG I 89 17.42 17.23 118.41
C ARG I 89 16.56 17.81 117.30
N ASN I 90 15.51 18.56 117.64
CA ASN I 90 14.61 19.07 116.62
C ASN I 90 15.25 20.19 115.80
N ASP I 91 15.91 21.13 116.46
CA ASP I 91 16.51 22.27 115.77
C ASP I 91 17.83 21.86 115.11
N GLU I 92 18.00 22.25 113.85
CA GLU I 92 19.22 21.88 113.12
C GLU I 92 20.46 22.52 113.74
N GLU I 93 20.33 23.75 114.23
CA GLU I 93 21.48 24.45 114.79
C GLU I 93 22.03 23.73 116.01
N LEU I 94 21.15 23.24 116.87
CA LEU I 94 21.58 22.52 118.07
C LEU I 94 21.72 21.02 117.85
N ASN I 95 21.14 20.48 116.77
CA ASN I 95 21.38 19.08 116.43
C ASN I 95 22.80 18.89 115.92
N LYS I 96 23.25 19.75 115.01
CA LYS I 96 24.64 19.72 114.58
C LYS I 96 25.58 20.06 115.73
N LEU I 97 25.21 21.05 116.54
CA LEU I 97 25.99 21.37 117.72
C LEU I 97 25.96 20.23 118.71
N LEU I 98 27.01 20.15 119.53
CA LEU I 98 27.17 19.14 120.58
C LEU I 98 27.45 17.76 120.00
N GLY I 99 27.43 17.65 118.67
CA GLY I 99 27.82 16.43 117.98
C GLY I 99 27.13 15.16 118.43
N ARG I 100 27.90 14.24 119.01
CA ARG I 100 27.41 12.91 119.39
C ARG I 100 27.25 12.74 120.89
N VAL I 101 26.84 13.79 121.60
CA VAL I 101 26.66 13.67 123.04
C VAL I 101 25.40 12.88 123.36
N THR I 102 25.32 12.42 124.61
CA THR I 102 24.16 11.72 125.13
C THR I 102 23.65 12.43 126.37
N ILE I 103 22.33 12.58 126.46
CA ILE I 103 21.68 13.23 127.59
C ILE I 103 21.11 12.14 128.49
N ALA I 104 21.46 12.18 129.78
CA ALA I 104 20.96 11.20 130.72
C ALA I 104 19.45 11.34 130.89
N GLN I 105 18.78 10.21 131.06
CA GLN I 105 17.32 10.15 131.23
C GLN I 105 16.59 10.73 130.02
N GLY I 106 17.23 10.75 128.86
CA GLY I 106 16.64 11.28 127.65
C GLY I 106 15.95 10.23 126.83
N GLY I 107 15.73 10.55 125.56
CA GLY I 107 15.08 9.64 124.64
C GLY I 107 15.35 10.06 123.21
N VAL I 108 14.45 9.68 122.32
CA VAL I 108 14.54 10.02 120.91
C VAL I 108 13.18 10.48 120.42
N LEU I 109 13.19 11.32 119.38
CA LEU I 109 11.97 11.80 118.77
C LEU I 109 11.36 10.71 117.89
N PRO I 110 10.04 10.75 117.68
CA PRO I 110 9.41 9.76 116.80
C PRO I 110 10.00 9.83 115.40
N ASN I 111 10.16 8.65 114.78
CA ASN I 111 10.82 8.56 113.49
C ASN I 111 10.32 7.31 112.78
N ILE I 112 9.67 7.48 111.64
CA ILE I 112 9.22 6.38 110.79
C ILE I 112 9.73 6.61 109.38
N GLN I 113 10.30 5.57 108.78
CA GLN I 113 10.93 5.66 107.47
C GLN I 113 10.02 5.23 106.34
N SER I 114 8.71 5.28 106.55
CA SER I 114 7.63 5.09 105.57
C SER I 114 7.43 3.63 105.18
N VAL I 115 8.26 2.69 105.63
CA VAL I 115 8.07 1.29 105.32
C VAL I 115 7.58 0.48 106.52
N LEU I 116 8.04 0.80 107.73
CA LEU I 116 7.48 0.17 108.93
C LEU I 116 5.98 0.40 109.04
N LEU I 117 5.47 1.45 108.40
CA LEU I 117 4.05 1.70 108.33
C LEU I 117 3.37 0.63 107.48
N PRO I 118 2.08 0.38 107.72
CA PRO I 118 1.36 -0.61 106.90
C PRO I 118 1.07 -0.11 105.49
N LYS I 119 0.33 -0.90 104.72
CA LYS I 119 0.03 -0.62 103.32
C LYS I 119 1.32 -0.50 102.51
N LYS I 120 2.15 -1.54 102.63
CA LYS I 120 3.43 -1.62 101.94
C LYS I 120 4.32 -0.44 102.32
N THR I 121 4.42 0.54 101.42
CA THR I 121 5.23 1.74 101.63
C THR I 121 4.35 2.96 101.38
N GLU I 122 3.85 3.55 102.46
CA GLU I 122 3.03 4.76 102.39
C GLU I 122 3.48 5.73 103.46
N SER I 123 3.61 7.01 103.08
CA SER I 123 4.06 8.06 103.98
C SER I 123 3.07 9.22 104.01
N SER I 124 1.78 8.89 103.97
CA SER I 124 0.71 9.88 104.04
C SER I 124 -0.10 9.65 105.31
N LYS I 125 -0.28 10.71 106.09
CA LYS I 125 -0.98 10.62 107.37
C LYS I 125 -1.88 11.84 107.51
N SER I 126 -2.39 12.05 108.73
CA SER I 126 -3.32 13.14 109.02
C SER I 126 -2.62 14.47 109.24
N ALA I 127 -1.33 14.59 108.90
CA ALA I 127 -0.52 15.80 108.96
C ALA I 127 -0.29 16.28 110.40
N LYS I 128 -0.75 15.55 111.42
CA LYS I 128 -0.49 15.96 112.79
C LYS I 128 0.96 15.70 113.17
N SER I 129 1.58 14.70 112.56
CA SER I 129 2.97 14.35 112.83
C SER I 129 3.58 13.77 111.57
N LYS I 130 4.53 14.50 110.98
CA LYS I 130 5.18 14.04 109.75
C LYS I 130 6.56 14.68 109.61
N LYS J 6 38.24 -111.95 -93.25
CA LYS J 6 36.90 -112.51 -93.40
C LYS J 6 36.24 -111.97 -94.67
N GLN J 7 36.00 -110.66 -94.70
CA GLN J 7 35.40 -109.99 -95.85
C GLN J 7 34.07 -110.62 -96.24
N GLY J 8 33.25 -110.93 -95.24
CA GLY J 8 31.95 -111.52 -95.48
C GLY J 8 30.86 -110.48 -95.59
N GLY J 9 30.08 -110.52 -96.66
CA GLY J 9 28.99 -109.58 -96.82
C GLY J 9 27.92 -109.78 -95.78
N LYS J 10 27.38 -108.66 -95.28
CA LYS J 10 26.37 -108.68 -94.24
C LYS J 10 25.38 -107.55 -94.48
N THR J 11 24.21 -107.67 -93.85
CA THR J 11 23.25 -106.59 -93.85
C THR J 11 23.62 -105.57 -92.79
N ARG J 12 22.84 -104.49 -92.73
CA ARG J 12 23.11 -103.40 -91.79
C ARG J 12 22.76 -103.85 -90.37
N ALA J 13 23.74 -104.37 -89.65
CA ALA J 13 23.54 -104.80 -88.27
C ALA J 13 23.64 -103.62 -87.31
N LYS J 14 24.72 -102.86 -87.39
CA LYS J 14 24.86 -101.67 -86.57
C LYS J 14 23.94 -100.56 -87.08
N ALA J 15 23.75 -99.54 -86.26
CA ALA J 15 22.84 -98.45 -86.59
C ALA J 15 23.41 -97.64 -87.75
N LYS J 16 22.77 -97.76 -88.91
CA LYS J 16 23.14 -96.97 -90.09
C LYS J 16 22.38 -95.65 -90.12
N THR J 17 22.49 -94.89 -89.03
CA THR J 17 21.85 -93.59 -88.90
C THR J 17 22.92 -92.52 -88.74
N ARG J 18 22.45 -91.28 -88.54
CA ARG J 18 23.37 -90.18 -88.29
C ARG J 18 24.09 -90.39 -86.96
N SER J 19 25.29 -89.82 -86.86
CA SER J 19 26.13 -90.04 -85.67
C SER J 19 25.50 -89.50 -84.41
N SER J 20 24.51 -88.61 -84.53
CA SER J 20 23.78 -88.10 -83.36
C SER J 20 22.65 -89.07 -83.00
N ARG J 21 23.04 -90.27 -82.60
CA ARG J 21 22.09 -91.33 -82.27
C ARG J 21 21.35 -91.08 -80.97
N ALA J 22 21.78 -90.12 -80.16
CA ALA J 22 21.15 -89.81 -78.89
C ALA J 22 19.95 -88.88 -79.04
N GLY J 23 19.39 -88.75 -80.24
CA GLY J 23 18.30 -87.83 -80.48
C GLY J 23 18.72 -86.41 -80.72
N LEU J 24 20.01 -86.10 -80.72
CA LEU J 24 20.46 -84.75 -80.95
C LEU J 24 20.25 -84.35 -82.40
N GLN J 25 19.91 -83.08 -82.62
CA GLN J 25 19.68 -82.56 -83.96
C GLN J 25 20.94 -82.00 -84.59
N PHE J 26 21.83 -81.41 -83.79
CA PHE J 26 23.08 -80.90 -84.31
C PHE J 26 24.00 -82.05 -84.71
N PRO J 27 24.77 -81.89 -85.79
CA PRO J 27 25.63 -82.97 -86.27
C PRO J 27 26.90 -83.07 -85.44
N VAL J 28 27.05 -84.20 -84.74
CA VAL J 28 28.27 -84.40 -83.95
C VAL J 28 29.44 -84.74 -84.86
N GLY J 29 29.15 -85.24 -86.07
CA GLY J 29 30.22 -85.56 -86.99
C GLY J 29 31.00 -84.34 -87.44
N ARG J 30 30.29 -83.25 -87.73
CA ARG J 30 30.97 -82.01 -88.12
C ARG J 30 31.77 -81.45 -86.95
N VAL J 31 31.29 -81.63 -85.73
CA VAL J 31 32.06 -81.23 -84.55
C VAL J 31 33.31 -82.08 -84.44
N HIS J 32 33.22 -83.37 -84.79
CA HIS J 32 34.36 -84.26 -84.68
C HIS J 32 35.50 -83.84 -85.60
N ARG J 33 35.18 -83.54 -86.86
CA ARG J 33 36.22 -83.14 -87.80
C ARG J 33 36.76 -81.75 -87.47
N LEU J 34 35.90 -80.87 -86.96
CA LEU J 34 36.36 -79.56 -86.52
C LEU J 34 37.33 -79.69 -85.35
N LEU J 35 37.08 -80.67 -84.47
CA LEU J 35 38.04 -80.95 -83.41
C LEU J 35 39.38 -81.40 -83.98
N ARG J 36 39.34 -82.26 -85.00
CA ARG J 36 40.57 -82.65 -85.68
C ARG J 36 41.19 -81.48 -86.44
N LYS J 37 40.35 -80.61 -87.00
CA LYS J 37 40.86 -79.45 -87.71
C LYS J 37 41.61 -78.51 -86.77
N GLY J 38 41.08 -78.30 -85.57
CA GLY J 38 41.73 -77.44 -84.60
C GLY J 38 42.94 -78.04 -83.92
N ASN J 39 43.20 -79.33 -84.11
CA ASN J 39 44.34 -80.02 -83.52
C ASN J 39 44.34 -79.87 -82.00
N TYR J 40 43.16 -79.96 -81.40
CA TYR J 40 43.03 -79.78 -79.95
C TYR J 40 43.72 -80.91 -79.20
N ALA J 41 43.55 -82.15 -79.67
CA ALA J 41 44.11 -83.32 -78.99
C ALA J 41 44.70 -84.27 -80.00
N GLU J 42 45.71 -85.03 -79.56
CA GLU J 42 46.31 -86.04 -80.42
C GLU J 42 45.31 -87.14 -80.76
N ARG J 43 44.50 -87.56 -79.79
CA ARG J 43 43.46 -88.56 -80.00
C ARG J 43 42.13 -87.99 -79.56
N VAL J 44 41.12 -88.13 -80.41
CA VAL J 44 39.79 -87.59 -80.15
C VAL J 44 38.81 -88.77 -80.10
N GLY J 45 38.17 -88.96 -78.95
CA GLY J 45 37.18 -89.99 -78.81
C GLY J 45 35.83 -89.58 -79.40
N ALA J 46 34.96 -90.58 -79.57
CA ALA J 46 33.64 -90.30 -80.12
C ALA J 46 32.72 -89.63 -79.10
N GLY J 47 33.07 -89.71 -77.81
CA GLY J 47 32.25 -89.07 -76.80
C GLY J 47 32.27 -87.56 -76.86
N ALA J 48 33.41 -86.97 -77.19
CA ALA J 48 33.54 -85.51 -77.20
C ALA J 48 32.61 -84.83 -78.19
N PRO J 49 32.54 -85.23 -79.47
CA PRO J 49 31.60 -84.55 -80.38
C PRO J 49 30.14 -84.68 -79.96
N VAL J 50 29.76 -85.82 -79.38
CA VAL J 50 28.39 -86.00 -78.93
C VAL J 50 28.11 -85.11 -77.72
N TYR J 51 29.05 -85.07 -76.77
CA TYR J 51 28.88 -84.21 -75.60
C TYR J 51 28.85 -82.74 -75.99
N LEU J 52 29.74 -82.33 -76.90
CA LEU J 52 29.78 -80.93 -77.31
C LEU J 52 28.49 -80.52 -78.01
N ALA J 53 27.95 -81.37 -78.87
CA ALA J 53 26.71 -81.04 -79.57
C ALA J 53 25.54 -80.92 -78.60
N ALA J 54 25.49 -81.79 -77.59
CA ALA J 54 24.40 -81.73 -76.61
C ALA J 54 24.42 -80.42 -75.85
N VAL J 55 25.61 -79.95 -75.46
CA VAL J 55 25.72 -78.64 -74.81
C VAL J 55 25.33 -77.54 -75.78
N LEU J 56 25.81 -77.63 -77.03
CA LEU J 56 25.49 -76.62 -78.02
C LEU J 56 24.01 -76.63 -78.36
N GLU J 57 23.41 -77.81 -78.49
CA GLU J 57 21.99 -77.90 -78.82
C GLU J 57 21.13 -77.28 -77.72
N TYR J 58 21.46 -77.55 -76.46
CA TYR J 58 20.74 -76.94 -75.35
C TYR J 58 20.93 -75.43 -75.34
N LEU J 59 22.17 -74.98 -75.56
CA LEU J 59 22.44 -73.54 -75.57
C LEU J 59 21.71 -72.86 -76.71
N THR J 60 21.69 -73.48 -77.89
CA THR J 60 20.97 -72.91 -79.03
C THR J 60 19.47 -72.83 -78.74
N ALA J 61 18.91 -73.89 -78.16
CA ALA J 61 17.48 -73.91 -77.87
C ALA J 61 17.12 -72.92 -76.77
N GLU J 62 17.96 -72.83 -75.73
CA GLU J 62 17.65 -71.98 -74.59
C GLU J 62 17.60 -70.51 -74.99
N ILE J 63 18.58 -70.06 -75.78
CA ILE J 63 18.62 -68.65 -76.18
C ILE J 63 17.43 -68.32 -77.06
N LEU J 64 17.11 -69.20 -78.01
CA LEU J 64 15.97 -68.95 -78.90
C LEU J 64 14.66 -68.94 -78.13
N GLU J 65 14.54 -69.77 -77.09
CA GLU J 65 13.34 -69.77 -76.28
C GLU J 65 13.13 -68.43 -75.60
N LEU J 66 14.21 -67.88 -75.03
CA LEU J 66 14.11 -66.57 -74.37
C LEU J 66 14.00 -65.45 -75.42
N ALA J 67 14.66 -65.61 -76.56
CA ALA J 67 14.55 -64.62 -77.62
C ALA J 67 13.12 -64.54 -78.15
N GLY J 68 12.46 -65.70 -78.31
CA GLY J 68 11.07 -65.69 -78.73
C GLY J 68 10.17 -65.03 -77.71
N ASN J 69 10.44 -65.24 -76.42
CA ASN J 69 9.68 -64.56 -75.37
C ASN J 69 9.90 -63.05 -75.44
N ALA J 70 11.14 -62.61 -75.68
CA ALA J 70 11.39 -61.19 -75.87
C ALA J 70 10.71 -60.66 -77.12
N ALA J 71 10.64 -61.50 -78.16
CA ALA J 71 9.92 -61.10 -79.38
C ALA J 71 8.44 -60.88 -79.10
N ARG J 72 7.84 -61.71 -78.24
CA ARG J 72 6.45 -61.52 -77.87
C ARG J 72 6.24 -60.20 -77.15
N ASP J 73 7.19 -59.80 -76.31
CA ASP J 73 7.10 -58.51 -75.64
C ASP J 73 7.12 -57.37 -76.65
N ASN J 74 7.97 -57.49 -77.68
CA ASN J 74 8.01 -56.50 -78.75
C ASN J 74 6.97 -56.75 -79.82
N LYS J 75 6.17 -57.82 -79.69
CA LYS J 75 5.10 -58.16 -80.63
C LYS J 75 5.65 -58.37 -82.04
N LYS J 76 6.63 -59.28 -82.13
CA LYS J 76 7.25 -59.64 -83.39
C LYS J 76 7.33 -61.16 -83.50
N THR J 77 7.16 -61.66 -84.71
CA THR J 77 7.26 -63.09 -84.97
C THR J 77 8.70 -63.51 -85.27
N ARG J 78 9.39 -62.77 -86.14
CA ARG J 78 10.77 -63.08 -86.48
C ARG J 78 11.69 -62.61 -85.36
N ILE J 79 12.61 -63.48 -84.95
CA ILE J 79 13.57 -63.12 -83.92
C ILE J 79 14.63 -62.21 -84.50
N ILE J 80 14.80 -61.04 -83.89
CA ILE J 80 15.77 -60.04 -84.36
C ILE J 80 16.91 -59.99 -83.37
N PRO J 81 18.06 -59.39 -83.71
CA PRO J 81 19.17 -59.34 -82.76
C PRO J 81 18.83 -58.65 -81.44
N ARG J 82 17.87 -57.73 -81.44
CA ARG J 82 17.47 -57.09 -80.19
C ARG J 82 16.89 -58.11 -79.22
N HIS J 83 16.06 -59.03 -79.72
CA HIS J 83 15.49 -60.07 -78.87
C HIS J 83 16.59 -60.97 -78.30
N LEU J 84 17.57 -61.33 -79.13
CA LEU J 84 18.68 -62.14 -78.65
C LEU J 84 19.49 -61.40 -77.60
N GLN J 85 19.73 -60.10 -77.81
CA GLN J 85 20.51 -59.33 -76.84
C GLN J 85 19.74 -59.17 -75.53
N LEU J 86 18.42 -59.03 -75.60
CA LEU J 86 17.62 -58.92 -74.38
C LEU J 86 17.74 -60.19 -73.54
N ALA J 87 17.71 -61.35 -74.19
CA ALA J 87 17.84 -62.61 -73.46
C ALA J 87 19.21 -62.72 -72.78
N VAL J 88 20.27 -62.31 -73.48
CA VAL J 88 21.61 -62.41 -72.94
C VAL J 88 21.77 -61.50 -71.72
N ARG J 89 21.26 -60.27 -71.81
CA ARG J 89 21.43 -59.29 -70.74
C ARG J 89 20.35 -59.39 -69.67
N ASN J 90 19.42 -60.34 -69.78
CA ASN J 90 18.37 -60.47 -68.79
C ASN J 90 18.88 -61.21 -67.54
N ASP J 91 19.39 -62.42 -67.73
CA ASP J 91 19.87 -63.23 -66.61
C ASP J 91 21.35 -62.98 -66.37
N GLU J 92 21.76 -63.11 -65.10
CA GLU J 92 23.15 -62.88 -64.74
C GLU J 92 24.06 -63.97 -65.32
N GLU J 93 23.57 -65.20 -65.36
CA GLU J 93 24.40 -66.30 -65.88
C GLU J 93 24.74 -66.08 -67.35
N LEU J 94 23.75 -65.65 -68.15
CA LEU J 94 24.01 -65.36 -69.55
C LEU J 94 24.83 -64.09 -69.71
N ASN J 95 24.59 -63.08 -68.86
CA ASN J 95 25.34 -61.84 -68.94
C ASN J 95 26.81 -62.06 -68.60
N LYS J 96 27.08 -62.88 -67.58
CA LYS J 96 28.47 -63.13 -67.19
C LYS J 96 29.24 -63.86 -68.29
N LEU J 97 28.61 -64.86 -68.91
CA LEU J 97 29.28 -65.62 -69.96
C LEU J 97 29.54 -64.74 -71.18
N LEU J 98 28.52 -64.03 -71.65
CA LEU J 98 28.67 -63.11 -72.77
C LEU J 98 28.86 -61.68 -72.24
N GLY J 99 29.98 -61.48 -71.54
CA GLY J 99 30.25 -60.22 -70.88
C GLY J 99 30.66 -59.10 -71.81
N ARG J 100 31.81 -59.24 -72.45
CA ARG J 100 32.38 -58.18 -73.27
C ARG J 100 32.10 -58.36 -74.76
N VAL J 101 31.25 -59.32 -75.13
CA VAL J 101 30.94 -59.57 -76.53
C VAL J 101 30.07 -58.43 -77.05
N THR J 102 30.19 -58.14 -78.34
CA THR J 102 29.38 -57.12 -79.00
C THR J 102 28.51 -57.78 -80.06
N ILE J 103 27.21 -57.53 -80.00
CA ILE J 103 26.25 -58.14 -80.90
C ILE J 103 25.97 -57.16 -82.04
N ALA J 104 25.69 -57.69 -83.23
CA ALA J 104 25.41 -56.84 -84.37
C ALA J 104 23.94 -56.47 -84.41
N GLN J 105 23.66 -55.21 -84.76
CA GLN J 105 22.30 -54.68 -84.84
C GLN J 105 21.54 -54.86 -83.53
N GLY J 106 22.23 -54.69 -82.41
CA GLY J 106 21.60 -54.79 -81.11
C GLY J 106 21.19 -53.43 -80.58
N GLY J 107 20.57 -53.47 -79.39
CA GLY J 107 20.11 -52.25 -78.75
C GLY J 107 20.68 -52.06 -77.36
N VAL J 108 19.98 -51.26 -76.54
CA VAL J 108 20.38 -51.00 -75.16
C VAL J 108 19.17 -51.22 -74.27
N LEU J 109 19.36 -51.96 -73.18
CA LEU J 109 18.27 -52.21 -72.24
C LEU J 109 17.84 -50.90 -71.58
N PRO J 110 16.56 -50.75 -71.28
CA PRO J 110 16.08 -49.50 -70.67
C PRO J 110 16.51 -49.36 -69.22
N ASN J 111 17.79 -49.06 -68.99
CA ASN J 111 18.32 -48.80 -67.67
C ASN J 111 18.56 -47.31 -67.49
N ILE J 112 18.04 -46.76 -66.40
CA ILE J 112 18.07 -45.31 -66.17
C ILE J 112 18.40 -45.07 -64.71
N GLN J 113 19.33 -44.15 -64.46
CA GLN J 113 19.68 -43.74 -63.11
C GLN J 113 18.61 -42.84 -62.52
N SER J 114 18.46 -42.90 -61.20
CA SER J 114 17.39 -42.14 -60.54
C SER J 114 17.70 -40.66 -60.46
N VAL J 115 18.98 -40.29 -60.43
CA VAL J 115 19.36 -38.89 -60.26
C VAL J 115 19.00 -38.04 -61.46
N LEU J 116 18.71 -38.67 -62.60
CA LEU J 116 18.42 -37.96 -63.84
C LEU J 116 16.93 -37.68 -64.04
N LEU J 117 16.09 -38.00 -63.06
CA LEU J 117 14.66 -37.74 -63.15
C LEU J 117 14.27 -36.71 -62.09
N PRO J 118 14.14 -35.44 -62.44
CA PRO J 118 13.69 -34.43 -61.48
C PRO J 118 12.17 -34.45 -61.35
N LYS J 119 11.68 -34.93 -60.21
CA LYS J 119 10.25 -35.06 -59.98
C LYS J 119 9.76 -34.42 -58.69
N LYS J 120 10.61 -34.23 -57.68
CA LYS J 120 10.21 -33.67 -56.40
C LYS J 120 10.27 -32.15 -56.50
N THR J 121 9.10 -31.52 -56.56
CA THR J 121 8.92 -30.06 -56.55
C THR J 121 10.01 -29.35 -57.37
N GLU J 122 10.04 -29.68 -58.67
CA GLU J 122 10.97 -29.06 -59.60
C GLU J 122 10.90 -27.53 -59.56
N SER J 123 9.79 -26.97 -59.09
CA SER J 123 9.67 -25.53 -58.92
C SER J 123 10.88 -24.95 -58.21
N SER J 124 11.14 -25.41 -56.99
CA SER J 124 12.35 -25.04 -56.24
C SER J 124 12.39 -25.87 -54.97
N LYS J 125 13.46 -25.67 -54.19
CA LYS J 125 13.65 -26.38 -52.93
C LYS J 125 13.13 -25.61 -51.73
N SER J 126 12.95 -24.29 -51.85
CA SER J 126 12.40 -23.48 -50.79
C SER J 126 10.91 -23.18 -50.95
N ALA J 127 10.48 -22.82 -52.16
CA ALA J 127 9.08 -22.56 -52.44
C ALA J 127 8.83 -22.88 -53.91
N LYS J 128 7.74 -22.36 -54.46
CA LYS J 128 7.20 -22.83 -55.74
C LYS J 128 7.82 -22.15 -56.96
N SER J 129 9.05 -21.64 -56.86
CA SER J 129 9.74 -21.03 -57.99
C SER J 129 11.17 -20.71 -57.55
N LYS J 130 12.02 -20.44 -58.55
CA LYS J 130 13.43 -20.13 -58.32
C LYS J 130 13.64 -19.02 -57.30
N SER K 2 24.75 91.41 123.73
CA SER K 2 23.83 92.08 122.82
C SER K 2 24.17 93.55 122.68
N GLY K 3 23.27 94.32 122.08
CA GLY K 3 23.49 95.75 121.88
C GLY K 3 23.90 96.10 120.46
N ARG K 4 23.42 97.24 119.97
CA ARG K 4 23.74 97.65 118.61
C ARG K 4 25.23 97.93 118.45
N GLY K 5 25.77 97.54 117.32
CA GLY K 5 27.18 97.68 117.02
C GLY K 5 27.70 96.43 116.38
N LYS K 6 29.03 96.27 116.38
CA LYS K 6 29.67 95.08 115.85
C LYS K 6 30.58 94.49 116.93
N GLN K 7 30.53 93.17 117.05
CA GLN K 7 31.39 92.49 118.01
C GLN K 7 32.83 92.37 117.51
N GLY K 8 33.01 92.24 116.20
CA GLY K 8 34.32 92.11 115.62
C GLY K 8 34.93 90.72 115.67
N GLY K 9 34.21 89.75 116.21
CA GLY K 9 34.72 88.39 116.28
C GLY K 9 34.37 87.56 115.07
N LYS K 10 35.37 87.21 114.26
CA LYS K 10 35.17 86.41 113.06
C LYS K 10 35.21 84.92 113.35
N THR K 11 35.01 84.52 114.60
CA THR K 11 35.00 83.10 114.94
C THR K 11 33.71 82.42 114.52
N ARG K 12 32.67 83.18 114.20
CA ARG K 12 31.41 82.60 113.74
C ARG K 12 31.62 81.86 112.43
N ALA K 13 31.95 82.59 111.37
CA ALA K 13 32.29 82.00 110.08
C ALA K 13 32.89 83.05 109.14
N LYS K 14 34.04 82.75 108.55
CA LYS K 14 34.65 83.63 107.58
C LYS K 14 34.95 82.98 106.24
N ALA K 15 35.42 81.73 106.23
CA ALA K 15 35.65 81.01 104.98
C ALA K 15 34.99 79.64 104.97
N LYS K 16 34.09 79.35 105.90
CA LYS K 16 33.40 78.07 105.98
C LYS K 16 31.95 78.27 105.53
N THR K 17 31.55 77.54 104.49
CA THR K 17 30.19 77.59 104.00
C THR K 17 29.31 76.63 104.80
N ARG K 18 28.00 76.71 104.57
CA ARG K 18 27.07 75.82 105.25
C ARG K 18 27.35 74.36 104.90
N SER K 19 27.80 74.12 103.67
CA SER K 19 28.19 72.76 103.27
C SER K 19 29.41 72.29 104.07
N SER K 20 30.39 73.18 104.26
CA SER K 20 31.60 72.80 104.97
C SER K 20 31.30 72.46 106.44
N ARG K 21 30.29 73.11 107.02
CA ARG K 21 29.87 72.76 108.37
C ARG K 21 29.36 71.33 108.43
N ALA K 22 28.58 70.91 107.43
CA ALA K 22 28.12 69.53 107.36
C ALA K 22 29.03 68.63 106.54
N GLY K 23 30.05 69.19 105.89
CA GLY K 23 31.00 68.40 105.13
C GLY K 23 30.38 67.67 103.95
N LEU K 24 29.57 68.38 103.16
CA LEU K 24 28.85 67.77 102.05
C LEU K 24 29.39 68.15 100.68
N GLN K 25 30.36 69.06 100.62
CA GLN K 25 31.02 69.53 99.39
C GLN K 25 30.03 69.79 98.25
N PHE K 26 28.82 70.18 98.59
CA PHE K 26 27.76 70.47 97.64
C PHE K 26 27.18 71.86 97.88
N PRO K 27 26.62 72.49 96.85
CA PRO K 27 26.14 73.87 97.02
C PRO K 27 24.86 73.95 97.85
N VAL K 28 25.01 73.95 99.17
CA VAL K 28 23.86 73.99 100.06
C VAL K 28 23.07 75.28 99.85
N GLY K 29 23.76 76.42 99.74
CA GLY K 29 23.07 77.68 99.57
C GLY K 29 22.28 77.73 98.26
N ARG K 30 22.83 77.14 97.20
CA ARG K 30 22.13 77.11 95.93
C ARG K 30 20.85 76.28 96.03
N VAL K 31 20.89 75.15 96.74
CA VAL K 31 19.70 74.34 96.94
C VAL K 31 18.63 75.14 97.68
N HIS K 32 19.05 75.95 98.65
CA HIS K 32 18.10 76.85 99.32
C HIS K 32 17.49 77.83 98.34
N ARG K 33 18.31 78.38 97.43
CA ARG K 33 17.79 79.26 96.39
C ARG K 33 16.83 78.53 95.46
N LEU K 34 17.18 77.30 95.07
CA LEU K 34 16.31 76.54 94.18
C LEU K 34 14.98 76.22 94.84
N LEU K 35 15.00 75.90 96.14
CA LEU K 35 13.75 75.63 96.85
C LEU K 35 12.87 76.87 96.93
N ARG K 36 13.47 78.06 96.91
CA ARG K 36 12.70 79.30 97.00
C ARG K 36 12.29 79.82 95.64
N LYS K 37 13.16 79.70 94.62
CA LYS K 37 12.80 80.17 93.29
C LYS K 37 11.73 79.31 92.66
N GLY K 38 11.63 78.04 93.06
CA GLY K 38 10.61 77.15 92.54
C GLY K 38 9.27 77.26 93.23
N ASN K 39 9.16 78.11 94.25
CA ASN K 39 7.91 78.28 95.00
C ASN K 39 7.40 76.95 95.54
N TYR K 40 8.32 76.12 96.02
CA TYR K 40 7.95 74.79 96.51
C TYR K 40 7.15 74.87 97.81
N ALA K 41 7.36 75.92 98.60
CA ALA K 41 6.64 76.09 99.86
C ALA K 41 6.69 77.56 100.26
N GLU K 42 5.86 77.91 101.24
CA GLU K 42 5.86 79.27 101.75
C GLU K 42 7.20 79.64 102.37
N ARG K 43 7.78 78.72 103.15
CA ARG K 43 9.09 78.94 103.75
C ARG K 43 9.72 77.59 104.04
N VAL K 44 11.05 77.54 103.94
CA VAL K 44 11.81 76.34 104.22
C VAL K 44 12.87 76.66 105.27
N GLY K 45 13.31 75.63 105.98
CA GLY K 45 14.30 75.78 107.03
C GLY K 45 15.71 75.50 106.54
N ALA K 46 16.67 75.70 107.46
CA ALA K 46 18.06 75.46 107.13
C ALA K 46 18.37 73.97 106.99
N GLY K 47 17.51 73.12 107.56
CA GLY K 47 17.73 71.69 107.43
C GLY K 47 17.36 71.14 106.07
N ALA K 48 16.51 71.85 105.33
CA ALA K 48 16.09 71.38 104.01
C ALA K 48 17.24 71.31 103.02
N PRO K 49 18.08 72.35 102.83
CA PRO K 49 19.14 72.21 101.82
C PRO K 49 20.27 71.29 102.24
N VAL K 50 20.62 71.28 103.53
CA VAL K 50 21.70 70.41 103.99
C VAL K 50 21.31 68.94 103.85
N TYR K 51 20.03 68.63 104.06
CA TYR K 51 19.59 67.25 103.86
C TYR K 51 19.59 66.89 102.39
N LEU K 52 19.12 67.80 101.53
CA LEU K 52 19.09 67.53 100.09
C LEU K 52 20.49 67.40 99.52
N ALA K 53 21.42 68.24 99.99
CA ALA K 53 22.79 68.16 99.51
C ALA K 53 23.44 66.83 99.85
N ALA K 54 23.20 66.34 101.08
CA ALA K 54 23.72 65.03 101.47
C ALA K 54 23.13 63.92 100.62
N VAL K 55 21.82 63.99 100.36
CA VAL K 55 21.17 62.99 99.52
C VAL K 55 21.69 63.08 98.09
N LEU K 56 21.82 64.31 97.57
CA LEU K 56 22.32 64.48 96.21
C LEU K 56 23.77 64.01 96.10
N GLU K 57 24.57 64.25 97.14
CA GLU K 57 25.97 63.81 97.10
C GLU K 57 26.08 62.30 97.00
N TYR K 58 25.29 61.56 97.79
CA TYR K 58 25.36 60.10 97.74
C TYR K 58 24.86 59.58 96.40
N LEU K 59 23.76 60.14 95.89
CA LEU K 59 23.24 59.71 94.60
C LEU K 59 24.23 60.00 93.49
N THR K 60 24.90 61.15 93.56
CA THR K 60 25.97 61.44 92.60
C THR K 60 27.14 60.48 92.77
N ALA K 61 27.52 60.18 94.02
CA ALA K 61 28.67 59.32 94.25
C ALA K 61 28.38 57.87 93.92
N GLU K 62 27.19 57.38 94.30
CA GLU K 62 26.86 55.97 94.06
C GLU K 62 26.81 55.65 92.58
N ILE K 63 26.18 56.54 91.79
CA ILE K 63 26.07 56.30 90.36
C ILE K 63 27.44 56.34 89.69
N LEU K 64 28.26 57.33 90.05
CA LEU K 64 29.53 57.51 89.36
C LEU K 64 30.56 56.46 89.79
N GLU K 65 30.47 55.97 91.02
CA GLU K 65 31.36 54.89 91.43
C GLU K 65 31.09 53.62 90.62
N LEU K 66 29.82 53.28 90.42
CA LEU K 66 29.48 52.15 89.56
C LEU K 66 29.84 52.45 88.11
N ALA K 67 29.63 53.70 87.67
CA ALA K 67 30.03 54.09 86.33
C ALA K 67 31.54 54.03 86.16
N GLY K 68 32.28 54.37 87.21
CA GLY K 68 33.73 54.27 87.15
C GLY K 68 34.20 52.84 86.99
N ASN K 69 33.55 51.90 87.67
CA ASN K 69 33.88 50.49 87.50
C ASN K 69 33.56 50.02 86.09
N ALA K 70 32.44 50.48 85.54
CA ALA K 70 32.07 50.10 84.17
C ALA K 70 33.05 50.69 83.17
N ALA K 71 33.58 51.88 83.45
CA ALA K 71 34.57 52.48 82.55
C ALA K 71 35.82 51.63 82.46
N ARG K 72 36.29 51.11 83.59
CA ARG K 72 37.47 50.23 83.58
C ARG K 72 37.18 48.95 82.80
N ASP K 73 35.97 48.40 82.94
CA ASP K 73 35.59 47.22 82.19
C ASP K 73 35.59 47.48 80.69
N ASN K 74 35.40 48.74 80.29
CA ASN K 74 35.42 49.13 78.89
C ASN K 74 36.79 49.62 78.45
N LYS K 75 37.83 49.40 79.26
CA LYS K 75 39.20 49.82 78.95
C LYS K 75 39.27 51.33 78.69
N LYS K 76 38.53 52.11 79.48
CA LYS K 76 38.53 53.55 79.35
C LYS K 76 38.64 54.18 80.73
N THR K 77 39.30 55.34 80.79
CA THR K 77 39.48 56.07 82.04
C THR K 77 38.58 57.29 82.13
N ARG K 78 37.52 57.34 81.33
CA ARG K 78 36.57 58.45 81.35
C ARG K 78 35.15 57.91 81.35
N ILE K 79 34.24 58.68 81.93
CA ILE K 79 32.84 58.28 82.00
C ILE K 79 32.10 58.85 80.79
N ILE K 80 31.65 57.96 79.90
CA ILE K 80 30.82 58.34 78.77
C ILE K 80 29.38 57.98 79.11
N PRO K 81 28.38 58.46 78.37
CA PRO K 81 26.99 58.08 78.68
C PRO K 81 26.75 56.59 78.63
N ARG K 82 27.51 55.84 77.83
CA ARG K 82 27.32 54.39 77.78
C ARG K 82 27.63 53.74 79.12
N HIS K 83 28.70 54.19 79.79
CA HIS K 83 29.02 53.63 81.10
C HIS K 83 27.94 53.95 82.12
N LEU K 84 27.32 55.13 82.01
CA LEU K 84 26.22 55.47 82.91
C LEU K 84 25.05 54.53 82.72
N GLN K 85 24.72 54.20 81.47
CA GLN K 85 23.62 53.26 81.21
C GLN K 85 23.94 51.88 81.76
N LEU K 86 25.20 51.45 81.64
CA LEU K 86 25.59 50.16 82.18
C LEU K 86 25.40 50.10 83.70
N ALA K 87 25.79 51.18 84.39
CA ALA K 87 25.64 51.21 85.85
C ALA K 87 24.18 51.17 86.26
N VAL K 88 23.32 51.89 85.55
CA VAL K 88 21.90 51.94 85.90
C VAL K 88 21.26 50.56 85.74
N ARG K 89 21.55 49.88 84.63
CA ARG K 89 20.91 48.60 84.37
C ARG K 89 21.48 47.49 85.25
N ASN K 90 22.77 47.58 85.60
CA ASN K 90 23.39 46.53 86.41
C ASN K 90 22.75 46.42 87.79
N ASP K 91 22.46 47.56 88.42
CA ASP K 91 21.93 47.60 89.76
C ASP K 91 20.45 47.94 89.72
N GLU K 92 19.63 47.09 90.36
CA GLU K 92 18.17 47.28 90.30
C GLU K 92 17.73 48.50 91.09
N GLU K 93 18.44 48.84 92.18
CA GLU K 93 18.08 50.02 92.96
C GLU K 93 18.21 51.29 92.12
N LEU K 94 19.26 51.38 91.31
CA LEU K 94 19.40 52.51 90.39
C LEU K 94 18.33 52.46 89.31
N ASN K 95 17.99 51.25 88.85
CA ASN K 95 16.97 51.12 87.81
C ASN K 95 15.62 51.63 88.29
N LYS K 96 15.24 51.31 89.52
CA LYS K 96 14.00 51.84 90.07
C LYS K 96 14.08 53.34 90.33
N LEU K 97 15.29 53.84 90.65
CA LEU K 97 15.46 55.28 90.85
C LEU K 97 15.18 56.05 89.56
N LEU K 98 15.83 55.64 88.47
CA LEU K 98 15.62 56.31 87.19
C LEU K 98 14.24 56.01 86.62
N GLY K 99 13.78 54.77 86.76
CA GLY K 99 12.47 54.41 86.25
C GLY K 99 12.40 54.54 84.74
N ARG K 100 11.37 55.24 84.27
CA ARG K 100 11.17 55.45 82.84
C ARG K 100 11.90 56.73 82.42
N VAL K 101 13.07 56.56 81.80
CA VAL K 101 13.87 57.69 81.36
C VAL K 101 14.85 57.22 80.31
N THR K 102 15.35 58.15 79.49
CA THR K 102 16.29 57.85 78.42
C THR K 102 17.61 58.58 78.67
N ILE K 103 18.71 57.84 78.54
CA ILE K 103 20.05 58.41 78.66
C ILE K 103 20.54 58.78 77.27
N ALA K 104 20.81 60.05 77.05
CA ALA K 104 21.28 60.51 75.75
C ALA K 104 22.64 59.92 75.44
N GLN K 105 22.82 59.48 74.19
CA GLN K 105 24.05 58.87 73.68
C GLN K 105 24.41 57.58 74.39
N GLY K 106 23.53 57.03 75.23
CA GLY K 106 23.83 55.80 75.91
C GLY K 106 23.48 54.58 75.09
N GLY K 107 24.16 53.47 75.39
CA GLY K 107 23.93 52.22 74.72
C GLY K 107 22.87 51.38 75.41
N VAL K 108 22.85 50.09 75.07
CA VAL K 108 21.94 49.14 75.69
C VAL K 108 22.72 47.90 76.08
N LEU K 109 22.21 47.18 77.07
CA LEU K 109 22.82 45.93 77.47
C LEU K 109 22.47 44.82 76.48
N PRO K 110 23.33 43.80 76.35
CA PRO K 110 23.04 42.71 75.41
C PRO K 110 21.86 41.86 75.84
N ASN K 111 20.66 42.43 75.79
CA ASN K 111 19.43 41.70 76.14
C ASN K 111 19.06 40.79 74.97
N ILE K 112 19.11 39.48 75.21
CA ILE K 112 18.87 38.48 74.17
C ILE K 112 17.90 37.43 74.71
N GLN K 113 17.39 36.62 73.80
CA GLN K 113 16.47 35.54 74.12
C GLN K 113 17.08 34.22 73.67
N SER K 114 16.82 33.15 74.45
CA SER K 114 17.39 31.84 74.13
C SER K 114 16.81 31.27 72.85
N VAL K 115 15.63 31.75 72.43
CA VAL K 115 15.02 31.25 71.20
C VAL K 115 15.87 31.58 69.99
N LEU K 116 16.39 32.81 69.94
CA LEU K 116 17.19 33.23 68.78
C LEU K 116 18.45 32.40 68.64
N LEU K 117 19.14 32.15 69.75
CA LEU K 117 20.37 31.36 69.70
C LEU K 117 20.04 29.89 69.49
N PRO K 118 20.52 29.27 68.42
CA PRO K 118 20.25 27.83 68.22
C PRO K 118 20.91 26.96 69.26
N LYS K 119 22.24 27.11 69.40
CA LYS K 119 23.04 26.31 70.34
C LYS K 119 22.78 24.83 70.17
N LYS K 120 22.66 24.38 68.93
CA LYS K 120 22.40 22.97 68.62
C LYS K 120 22.94 22.68 67.24
N THR K 121 23.30 21.42 67.01
CA THR K 121 23.73 20.99 65.69
C THR K 121 22.61 21.24 64.69
N GLU K 122 22.95 21.86 63.56
CA GLU K 122 21.93 22.27 62.60
C GLU K 122 21.48 21.10 61.75
N SER K 123 22.08 19.93 61.96
CA SER K 123 21.55 18.70 61.39
C SER K 123 20.12 18.49 61.87
N SER K 124 19.25 18.04 60.98
CA SER K 124 17.83 17.96 61.28
C SER K 124 17.53 17.00 62.42
N LYS K 125 16.34 17.14 63.01
CA LYS K 125 15.91 16.28 64.09
C LYS K 125 15.60 14.86 63.64
N SER K 126 15.58 14.61 62.33
CA SER K 126 15.24 13.30 61.79
C SER K 126 16.41 12.62 61.10
N ALA K 127 17.05 13.26 60.13
CA ALA K 127 18.08 12.64 59.33
C ALA K 127 19.16 13.65 59.00
N LYS K 128 20.10 13.24 58.13
CA LYS K 128 21.23 14.11 57.78
C LYS K 128 20.78 15.27 56.90
N SER K 129 19.71 15.09 56.13
CA SER K 129 19.19 16.17 55.30
C SER K 129 18.77 17.33 56.19
N LYS K 130 18.80 18.53 55.62
CA LYS K 130 18.54 19.77 56.37
C LYS K 130 17.31 19.71 57.26
N LYS L 21 8.45 -127.59 -64.29
CA LYS L 21 8.46 -126.67 -65.42
C LYS L 21 7.16 -125.88 -65.49
N LYS L 22 6.21 -126.23 -64.61
CA LYS L 22 4.94 -125.53 -64.53
C LYS L 22 5.03 -124.42 -63.50
N ASP L 23 3.88 -123.87 -63.09
CA ASP L 23 3.87 -122.71 -62.20
C ASP L 23 4.61 -122.99 -60.90
N GLY L 24 4.29 -124.11 -60.25
CA GLY L 24 4.92 -124.43 -58.97
C GLY L 24 4.58 -123.37 -57.95
N LYS L 25 5.61 -122.63 -57.51
CA LYS L 25 5.38 -121.51 -56.60
C LYS L 25 4.63 -120.40 -57.34
N LYS L 26 3.60 -119.88 -56.69
CA LYS L 26 2.70 -118.92 -57.31
C LYS L 26 1.95 -118.19 -56.19
N ARG L 27 0.88 -117.48 -56.56
CA ARG L 27 -0.08 -116.81 -55.68
C ARG L 27 0.43 -115.51 -55.09
N ARG L 28 1.62 -115.04 -55.51
CA ARG L 28 2.12 -113.75 -55.03
C ARG L 28 2.80 -112.96 -56.15
N LYS L 29 2.37 -113.16 -57.39
CA LYS L 29 2.94 -112.48 -58.55
C LYS L 29 1.86 -111.60 -59.18
N SER L 30 1.77 -110.36 -58.72
CA SER L 30 0.79 -109.39 -59.25
C SER L 30 1.26 -107.98 -58.95
N ARG L 31 0.50 -106.98 -59.37
CA ARG L 31 0.74 -105.56 -59.06
C ARG L 31 2.09 -105.10 -59.62
N LYS L 32 2.19 -105.17 -60.95
CA LYS L 32 3.31 -104.59 -61.68
C LYS L 32 3.10 -103.11 -61.96
N GLU L 33 1.88 -102.59 -61.81
CA GLU L 33 1.57 -101.23 -62.20
C GLU L 33 2.17 -100.22 -61.22
N SER L 34 3.50 -100.10 -61.24
CA SER L 34 4.21 -99.13 -60.43
C SER L 34 5.36 -98.56 -61.23
N TYR L 35 5.53 -97.24 -61.15
CA TYR L 35 6.57 -96.53 -61.88
C TYR L 35 7.81 -96.28 -61.03
N ALA L 36 8.10 -97.19 -60.09
CA ALA L 36 9.19 -96.98 -59.14
C ALA L 36 10.54 -97.01 -59.85
N ILE L 37 10.76 -98.02 -60.70
CA ILE L 37 12.06 -98.17 -61.35
C ILE L 37 12.30 -97.05 -62.35
N TYR L 38 11.26 -96.63 -63.06
CA TYR L 38 11.41 -95.58 -64.06
C TYR L 38 11.71 -94.23 -63.41
N VAL L 39 11.09 -93.95 -62.27
CA VAL L 39 11.42 -92.75 -61.52
C VAL L 39 12.86 -92.82 -61.03
N TYR L 40 13.29 -94.01 -60.58
CA TYR L 40 14.68 -94.18 -60.18
C TYR L 40 15.63 -93.99 -61.36
N LYS L 41 15.26 -94.50 -62.53
CA LYS L 41 16.14 -94.42 -63.69
C LYS L 41 16.34 -92.98 -64.15
N VAL L 42 15.26 -92.21 -64.23
CA VAL L 42 15.38 -90.82 -64.68
C VAL L 42 16.15 -89.99 -63.66
N LEU L 43 16.11 -90.39 -62.39
CA LEU L 43 16.86 -89.67 -61.36
C LEU L 43 18.36 -89.79 -61.60
N LYS L 44 18.83 -90.99 -61.96
CA LYS L 44 20.26 -91.18 -62.18
C LYS L 44 20.73 -90.49 -63.46
N GLN L 45 19.84 -90.33 -64.44
CA GLN L 45 20.22 -89.68 -65.68
C GLN L 45 20.56 -88.21 -65.46
N VAL L 46 19.80 -87.53 -64.61
CA VAL L 46 20.04 -86.11 -64.34
C VAL L 46 20.95 -85.93 -63.13
N HIS L 47 20.79 -86.75 -62.10
CA HIS L 47 21.62 -86.69 -60.89
C HIS L 47 22.21 -88.07 -60.62
N PRO L 48 23.42 -88.35 -61.09
CA PRO L 48 23.94 -89.73 -60.95
C PRO L 48 24.32 -90.09 -59.52
N ASP L 49 24.75 -89.13 -58.72
CA ASP L 49 25.33 -89.41 -57.41
C ASP L 49 24.36 -89.19 -56.25
N THR L 50 23.07 -89.00 -56.53
CA THR L 50 22.08 -88.82 -55.48
C THR L 50 21.24 -90.08 -55.32
N GLY L 51 20.59 -90.17 -54.16
CA GLY L 51 19.79 -91.32 -53.81
C GLY L 51 18.32 -90.98 -53.64
N ILE L 52 17.54 -92.00 -53.29
CA ILE L 52 16.11 -91.86 -53.08
C ILE L 52 15.67 -92.89 -52.06
N SER L 53 14.45 -92.70 -51.52
CA SER L 53 13.87 -93.60 -50.55
C SER L 53 12.50 -94.05 -51.03
N SER L 54 12.03 -95.18 -50.48
CA SER L 54 10.74 -95.71 -50.89
C SER L 54 9.61 -94.75 -50.53
N LYS L 55 9.73 -94.03 -49.43
CA LYS L 55 8.71 -93.04 -49.06
C LYS L 55 8.61 -91.95 -50.12
N ALA L 56 9.76 -91.45 -50.59
CA ALA L 56 9.75 -90.49 -51.69
C ALA L 56 9.30 -91.15 -53.00
N MET L 57 9.68 -92.41 -53.19
CA MET L 57 9.31 -93.12 -54.41
C MET L 57 7.80 -93.35 -54.49
N SER L 58 7.16 -93.57 -53.34
CA SER L 58 5.71 -93.75 -53.32
C SER L 58 4.98 -92.50 -53.79
N ILE L 59 5.46 -91.32 -53.37
CA ILE L 59 4.85 -90.07 -53.81
C ILE L 59 5.03 -89.90 -55.31
N MET L 60 6.23 -90.18 -55.82
CA MET L 60 6.46 -90.13 -57.25
C MET L 60 5.56 -91.13 -57.99
N ASN L 61 5.39 -92.33 -57.43
CA ASN L 61 4.48 -93.29 -58.02
C ASN L 61 3.05 -92.76 -58.02
N SER L 62 2.63 -92.14 -56.91
CA SER L 62 1.31 -91.53 -56.87
C SER L 62 1.23 -90.33 -57.79
N PHE L 63 2.32 -89.56 -57.91
CA PHE L 63 2.32 -88.37 -58.75
C PHE L 63 2.11 -88.74 -60.21
N VAL L 64 2.78 -89.79 -60.68
CA VAL L 64 2.64 -90.21 -62.07
C VAL L 64 1.23 -90.69 -62.35
N ASN L 65 0.67 -91.49 -61.43
CA ASN L 65 -0.69 -91.99 -61.61
C ASN L 65 -1.70 -90.86 -61.59
N ASP L 66 -1.55 -89.92 -60.67
CA ASP L 66 -2.48 -88.79 -60.59
C ASP L 66 -2.37 -87.90 -61.83
N VAL L 67 -1.14 -87.62 -62.27
CA VAL L 67 -0.95 -86.77 -63.45
C VAL L 67 -1.49 -87.46 -64.70
N PHE L 68 -1.20 -88.75 -64.86
CA PHE L 68 -1.68 -89.47 -66.03
C PHE L 68 -3.20 -89.51 -66.09
N GLU L 69 -3.85 -89.73 -64.94
CA GLU L 69 -5.31 -89.76 -64.90
C GLU L 69 -5.90 -88.41 -65.30
N ARG L 70 -5.29 -87.32 -64.82
CA ARG L 70 -5.75 -85.99 -65.20
C ARG L 70 -5.53 -85.74 -66.69
N ILE L 71 -4.37 -86.12 -67.21
CA ILE L 71 -4.08 -85.90 -68.62
C ILE L 71 -4.98 -86.76 -69.50
N ALA L 72 -5.09 -88.06 -69.16
CA ALA L 72 -5.92 -88.95 -69.97
C ALA L 72 -7.39 -88.58 -69.85
N GLY L 73 -7.82 -88.13 -68.67
CA GLY L 73 -9.19 -87.66 -68.52
C GLY L 73 -9.50 -86.47 -69.39
N GLU L 74 -8.56 -85.51 -69.47
CA GLU L 74 -8.75 -84.36 -70.34
C GLU L 74 -8.82 -84.78 -71.80
N ALA L 75 -7.96 -85.72 -72.20
CA ALA L 75 -8.00 -86.21 -73.58
C ALA L 75 -9.31 -86.93 -73.88
N SER L 76 -9.81 -87.69 -72.91
CA SER L 76 -11.08 -88.39 -73.10
C SER L 76 -12.23 -87.41 -73.31
N ARG L 77 -12.25 -86.33 -72.52
CA ARG L 77 -13.31 -85.34 -72.66
C ARG L 77 -13.27 -84.67 -74.02
N LEU L 78 -12.06 -84.36 -74.52
CA LEU L 78 -11.93 -83.70 -75.81
C LEU L 78 -12.46 -84.58 -76.93
N ALA L 79 -12.18 -85.89 -76.86
CA ALA L 79 -12.67 -86.81 -77.89
C ALA L 79 -14.20 -86.86 -77.89
N HIS L 80 -14.82 -86.89 -76.70
CA HIS L 80 -16.27 -86.90 -76.62
C HIS L 80 -16.86 -85.60 -77.17
N TYR L 81 -16.23 -84.47 -76.85
CA TYR L 81 -16.78 -83.17 -77.27
C TYR L 81 -16.77 -83.03 -78.79
N ASN L 82 -15.67 -83.42 -79.43
CA ASN L 82 -15.51 -83.25 -80.87
C ASN L 82 -15.90 -84.48 -81.67
N LYS L 83 -16.36 -85.55 -81.01
CA LYS L 83 -16.80 -86.77 -81.69
C LYS L 83 -15.71 -87.37 -82.56
N ARG L 84 -14.44 -87.24 -82.14
CA ARG L 84 -13.34 -87.79 -82.92
C ARG L 84 -13.23 -89.30 -82.76
N SER L 85 -13.66 -89.84 -81.62
CA SER L 85 -13.65 -91.28 -81.36
C SER L 85 -12.26 -91.87 -81.45
N THR L 86 -11.24 -91.08 -81.15
CA THR L 86 -9.86 -91.55 -81.14
C THR L 86 -9.01 -90.60 -80.31
N ILE L 87 -7.84 -91.07 -79.91
CA ILE L 87 -6.88 -90.28 -79.15
C ILE L 87 -5.54 -90.31 -79.88
N THR L 88 -5.00 -89.13 -80.16
CA THR L 88 -3.71 -89.00 -80.84
C THR L 88 -2.89 -87.94 -80.12
N SER L 89 -1.79 -87.53 -80.75
CA SER L 89 -0.93 -86.51 -80.15
C SER L 89 -1.64 -85.16 -80.09
N ARG L 90 -2.55 -84.91 -81.03
CA ARG L 90 -3.27 -83.64 -81.04
C ARG L 90 -4.12 -83.47 -79.79
N GLU L 91 -4.81 -84.55 -79.37
CA GLU L 91 -5.64 -84.47 -78.18
C GLU L 91 -4.82 -84.19 -76.94
N ILE L 92 -3.67 -84.85 -76.80
CA ILE L 92 -2.82 -84.63 -75.64
C ILE L 92 -2.20 -83.24 -75.68
N GLN L 93 -1.82 -82.78 -76.87
CA GLN L 93 -1.24 -81.44 -77.00
C GLN L 93 -2.19 -80.38 -76.50
N THR L 94 -3.48 -80.49 -76.86
CA THR L 94 -4.48 -79.59 -76.29
C THR L 94 -4.58 -79.76 -74.78
N ALA L 95 -4.58 -81.01 -74.31
CA ALA L 95 -4.68 -81.27 -72.87
C ALA L 95 -3.47 -80.74 -72.12
N VAL L 96 -2.28 -80.87 -72.71
CA VAL L 96 -1.06 -80.38 -72.05
C VAL L 96 -1.14 -78.87 -71.85
N ARG L 97 -1.63 -78.14 -72.85
CA ARG L 97 -1.77 -76.69 -72.73
C ARG L 97 -2.76 -76.33 -71.64
N LEU L 98 -3.87 -77.08 -71.53
CA LEU L 98 -4.88 -76.77 -70.53
C LEU L 98 -4.36 -76.98 -69.12
N LEU L 99 -3.76 -78.15 -68.86
CA LEU L 99 -3.39 -78.50 -67.49
C LEU L 99 -2.16 -77.72 -67.03
N LEU L 100 -1.12 -77.66 -67.86
CA LEU L 100 0.15 -77.11 -67.41
C LEU L 100 0.21 -75.60 -67.60
N PRO L 101 0.72 -74.88 -66.60
CA PRO L 101 1.02 -73.45 -66.78
C PRO L 101 1.95 -73.20 -67.98
N GLY L 102 2.10 -71.94 -68.36
CA GLY L 102 2.80 -71.58 -69.58
C GLY L 102 4.22 -72.09 -69.71
N GLU L 103 5.02 -71.94 -68.65
CA GLU L 103 6.40 -72.41 -68.71
C GLU L 103 6.46 -73.93 -68.84
N LEU L 104 5.62 -74.64 -68.10
CA LEU L 104 5.64 -76.10 -68.16
C LEU L 104 4.98 -76.60 -69.44
N ALA L 105 3.95 -75.90 -69.92
CA ALA L 105 3.30 -76.30 -71.16
C ALA L 105 4.24 -76.19 -72.35
N LYS L 106 5.05 -75.14 -72.40
CA LYS L 106 5.97 -74.96 -73.51
C LYS L 106 7.00 -76.09 -73.58
N HIS L 107 7.56 -76.45 -72.43
CA HIS L 107 8.56 -77.52 -72.41
C HIS L 107 7.93 -78.88 -72.72
N ALA L 108 6.74 -79.14 -72.19
CA ALA L 108 6.10 -80.43 -72.43
C ALA L 108 5.75 -80.61 -73.89
N VAL L 109 5.26 -79.55 -74.54
CA VAL L 109 4.95 -79.63 -75.97
C VAL L 109 6.22 -79.85 -76.77
N SER L 110 7.30 -79.16 -76.39
CA SER L 110 8.57 -79.33 -77.09
C SER L 110 9.08 -80.77 -76.96
N GLU L 111 8.97 -81.35 -75.76
CA GLU L 111 9.40 -82.73 -75.56
C GLU L 111 8.53 -83.69 -76.37
N GLY L 112 7.22 -83.44 -76.41
CA GLY L 112 6.34 -84.29 -77.19
C GLY L 112 6.65 -84.25 -78.68
N THR L 113 6.88 -83.04 -79.20
CA THR L 113 7.26 -82.91 -80.60
C THR L 113 8.63 -83.54 -80.86
N LYS L 114 9.56 -83.37 -79.92
CA LYS L 114 10.89 -83.95 -80.08
C LYS L 114 10.84 -85.47 -80.09
N ALA L 115 10.02 -86.06 -79.21
CA ALA L 115 9.95 -87.52 -79.12
C ALA L 115 9.16 -88.13 -80.27
N VAL L 116 8.15 -87.42 -80.76
CA VAL L 116 7.32 -87.96 -81.84
C VAL L 116 8.14 -88.16 -83.11
N THR L 117 9.02 -87.19 -83.43
CA THR L 117 9.80 -87.29 -84.65
C THR L 117 10.74 -88.50 -84.61
N LYS L 118 11.36 -88.76 -83.46
CA LYS L 118 12.32 -89.86 -83.37
C LYS L 118 11.64 -91.20 -83.60
N TYR L 119 10.45 -91.40 -83.02
CA TYR L 119 9.74 -92.67 -83.21
C TYR L 119 9.35 -92.88 -84.66
N THR L 120 8.87 -91.84 -85.33
CA THR L 120 8.48 -91.94 -86.73
C THR L 120 9.67 -91.98 -87.67
N SER L 121 10.84 -91.51 -87.23
CA SER L 121 12.00 -91.42 -88.10
C SER L 121 12.47 -92.80 -88.56
N ALA L 122 12.47 -93.78 -87.66
CA ALA L 122 12.99 -95.10 -87.98
C ALA L 122 12.34 -96.13 -87.07
N LYS L 123 12.59 -97.41 -87.38
CA LYS L 123 12.07 -98.52 -86.61
C LYS L 123 12.81 -98.67 -85.28
N GLY M 3 -43.93 104.94 93.74
CA GLY M 3 -43.65 106.35 93.83
C GLY M 3 -43.04 106.93 92.57
N ARG M 4 -43.74 107.90 91.98
CA ARG M 4 -43.29 108.55 90.76
C ARG M 4 -42.30 109.65 91.11
N GLY M 5 -41.06 109.49 90.63
CA GLY M 5 -40.03 110.48 90.88
C GLY M 5 -38.80 110.18 90.06
N LYS M 6 -37.94 111.19 89.96
CA LYS M 6 -36.70 111.04 89.20
C LYS M 6 -35.73 110.14 89.97
N GLN M 7 -35.14 109.19 89.26
CA GLN M 7 -34.16 108.27 89.83
C GLN M 7 -32.78 108.62 89.28
N GLY M 8 -31.80 108.73 90.18
CA GLY M 8 -30.47 109.15 89.79
C GLY M 8 -29.66 108.09 89.06
N GLY M 9 -29.33 107.00 89.73
CA GLY M 9 -28.48 105.97 89.17
C GLY M 9 -29.26 104.74 88.72
N LYS M 10 -28.75 104.10 87.68
CA LYS M 10 -29.36 102.88 87.18
C LYS M 10 -29.09 101.72 88.12
N THR M 11 -30.04 100.78 88.17
CA THR M 11 -29.92 99.60 89.01
C THR M 11 -30.04 98.29 88.26
N ARG M 12 -30.82 98.26 87.17
CA ARG M 12 -30.98 97.03 86.40
C ARG M 12 -29.81 96.84 85.43
N ALA M 13 -29.64 97.76 84.49
CA ALA M 13 -28.57 97.70 83.50
C ALA M 13 -28.56 99.03 82.75
N LYS M 14 -27.37 99.39 82.25
CA LYS M 14 -27.22 100.58 81.43
C LYS M 14 -26.45 100.35 80.14
N ALA M 15 -25.55 99.37 80.08
CA ALA M 15 -24.79 99.11 78.87
C ALA M 15 -24.72 97.64 78.50
N LYS M 16 -25.39 96.75 79.23
CA LYS M 16 -25.40 95.33 78.92
C LYS M 16 -26.56 95.03 77.99
N THR M 17 -26.25 94.61 76.77
CA THR M 17 -27.29 94.28 75.80
C THR M 17 -28.07 93.05 76.27
N ARG M 18 -29.34 92.98 75.86
CA ARG M 18 -30.15 91.81 76.21
C ARG M 18 -29.54 90.53 75.69
N SER M 19 -28.80 90.60 74.57
CA SER M 19 -28.06 89.43 74.10
C SER M 19 -26.96 89.06 75.09
N SER M 20 -26.22 90.05 75.59
CA SER M 20 -25.11 89.78 76.49
C SER M 20 -25.55 89.41 77.89
N ARG M 21 -26.81 89.65 78.25
CA ARG M 21 -27.29 89.27 79.58
C ARG M 21 -27.24 87.76 79.76
N ALA M 22 -27.64 87.02 78.74
CA ALA M 22 -27.55 85.56 78.76
C ALA M 22 -26.25 85.05 78.15
N GLY M 23 -25.43 86.33 77.87
CA GLY M 23 -24.12 85.99 77.32
C GLY M 23 -24.17 85.70 75.84
N LEU M 24 -25.39 85.34 75.02
CA LEU M 24 -25.53 85.05 73.59
C LEU M 24 -25.04 86.20 72.75
N GLN M 25 -24.33 85.89 71.67
CA GLN M 25 -23.88 86.92 70.75
C GLN M 25 -24.99 87.42 69.84
N PHE M 26 -25.91 86.54 69.44
CA PHE M 26 -26.96 86.92 68.52
C PHE M 26 -27.90 87.94 69.15
N PRO M 27 -28.33 88.94 68.39
CA PRO M 27 -29.10 90.06 68.98
C PRO M 27 -30.53 89.64 69.29
N VAL M 28 -30.93 89.79 70.56
CA VAL M 28 -32.29 89.53 70.96
C VAL M 28 -33.23 90.60 70.42
N GLY M 29 -32.78 91.86 70.42
CA GLY M 29 -33.65 92.96 70.03
C GLY M 29 -34.12 92.87 68.59
N ARG M 30 -33.21 92.47 67.69
CA ARG M 30 -33.59 92.34 66.28
C ARG M 30 -34.62 91.25 66.09
N VAL M 31 -34.49 90.14 66.83
CA VAL M 31 -35.43 89.03 66.69
C VAL M 31 -36.82 89.45 67.13
N HIS M 32 -36.92 90.31 68.16
CA HIS M 32 -38.23 90.73 68.65
C HIS M 32 -39.02 91.47 67.57
N ARG M 33 -38.35 92.37 66.82
CA ARG M 33 -39.03 93.08 65.75
C ARG M 33 -39.39 92.13 64.60
N LEU M 34 -38.51 91.16 64.33
CA LEU M 34 -38.80 90.20 63.26
C LEU M 34 -40.07 89.40 63.57
N LEU M 35 -40.26 89.03 64.83
CA LEU M 35 -41.50 88.36 65.22
C LEU M 35 -42.70 89.27 65.01
N ARG M 36 -42.57 90.55 65.37
CA ARG M 36 -43.66 91.49 65.17
C ARG M 36 -43.83 91.86 63.70
N LYS M 37 -42.71 92.08 62.99
CA LYS M 37 -42.80 92.33 61.55
C LYS M 37 -43.37 91.12 60.81
N GLY M 38 -42.92 89.93 61.18
CA GLY M 38 -43.45 88.71 60.59
C GLY M 38 -44.83 88.32 61.09
N ASN M 39 -45.29 88.94 62.17
CA ASN M 39 -46.62 88.69 62.74
C ASN M 39 -46.82 87.20 63.03
N TYR M 40 -46.03 86.73 63.99
CA TYR M 40 -46.07 85.32 64.36
C TYR M 40 -47.06 85.02 65.50
N ALA M 41 -47.39 86.02 66.32
CA ALA M 41 -48.32 85.81 67.42
C ALA M 41 -49.02 87.11 67.76
N GLU M 42 -50.19 86.97 68.40
CA GLU M 42 -50.89 88.15 68.91
C GLU M 42 -50.08 88.82 70.02
N ARG M 43 -49.49 88.03 70.90
CA ARG M 43 -48.61 88.53 71.96
C ARG M 43 -47.27 87.83 71.84
N VAL M 44 -46.20 88.61 71.91
CA VAL M 44 -44.84 88.10 71.80
C VAL M 44 -44.22 88.13 73.20
N GLY M 45 -43.95 86.94 73.75
CA GLY M 45 -43.36 86.87 75.06
C GLY M 45 -41.91 87.32 75.06
N ALA M 46 -41.44 87.77 76.24
CA ALA M 46 -40.07 88.24 76.35
C ALA M 46 -39.07 87.10 76.18
N GLY M 47 -39.45 85.87 76.56
CA GLY M 47 -38.54 84.75 76.43
C GLY M 47 -38.43 84.17 75.04
N ALA M 48 -39.38 84.50 74.15
CA ALA M 48 -39.32 83.96 72.80
C ALA M 48 -38.10 84.40 72.01
N PRO M 49 -37.74 85.69 71.95
CA PRO M 49 -36.56 86.05 71.14
C PRO M 49 -35.25 85.57 71.72
N VAL M 50 -35.09 85.63 73.05
CA VAL M 50 -33.83 85.20 73.65
C VAL M 50 -33.64 83.69 73.48
N TYR M 51 -34.74 82.93 73.53
CA TYR M 51 -34.66 81.51 73.24
C TYR M 51 -34.25 81.26 71.79
N LEU M 52 -34.82 82.04 70.87
CA LEU M 52 -34.52 81.85 69.45
C LEU M 52 -33.05 82.14 69.16
N ALA M 53 -32.49 83.17 69.80
CA ALA M 53 -31.10 83.52 69.56
C ALA M 53 -30.16 82.39 69.97
N ALA M 54 -30.47 81.70 71.06
CA ALA M 54 -29.63 80.59 71.51
C ALA M 54 -29.61 79.47 70.47
N VAL M 55 -30.78 79.15 69.90
CA VAL M 55 -30.84 78.10 68.88
C VAL M 55 -30.06 78.53 67.64
N LEU M 56 -30.24 79.79 67.22
CA LEU M 56 -29.52 80.29 66.05
C LEU M 56 -28.02 80.32 66.28
N GLU M 57 -27.61 80.71 67.49
CA GLU M 57 -26.17 80.74 67.81
C GLU M 57 -25.57 79.34 67.75
N TYR M 58 -26.28 78.34 68.28
CA TYR M 58 -25.77 76.98 68.24
C TYR M 58 -25.72 76.47 66.80
N LEU M 59 -26.74 76.78 66.01
CA LEU M 59 -26.73 76.36 64.60
C LEU M 59 -25.58 77.01 63.85
N THR M 60 -25.34 78.30 64.09
CA THR M 60 -24.22 78.97 63.44
C THR M 60 -22.88 78.36 63.88
N ALA M 61 -22.74 78.08 65.18
CA ALA M 61 -21.50 77.49 65.67
C ALA M 61 -21.30 76.08 65.16
N GLU M 62 -22.35 75.27 65.19
CA GLU M 62 -22.23 73.86 64.77
C GLU M 62 -21.89 73.76 63.29
N ILE M 63 -22.54 74.57 62.45
CA ILE M 63 -22.29 74.50 61.02
C ILE M 63 -20.89 75.02 60.70
N LEU M 64 -20.52 76.16 61.28
CA LEU M 64 -19.22 76.76 60.97
C LEU M 64 -18.07 75.88 61.47
N GLU M 65 -18.34 75.21 62.58
CA GLU M 65 -17.22 74.37 63.06
C GLU M 65 -17.01 73.25 62.04
N LEU M 66 -18.04 72.60 61.73
CA LEU M 66 -17.90 71.50 60.76
C LEU M 66 -17.43 72.03 59.41
N ALA M 67 -17.88 73.22 59.03
CA ALA M 67 -17.42 73.81 57.77
C ALA M 67 -15.94 74.15 57.84
N GLY M 68 -15.47 74.63 58.99
CA GLY M 68 -14.05 74.94 59.14
C GLY M 68 -13.17 73.70 59.01
N ASN M 69 -13.67 72.55 59.48
CA ASN M 69 -12.92 71.31 59.33
C ASN M 69 -12.77 70.94 57.86
N ALA M 70 -13.82 71.14 57.06
CA ALA M 70 -13.74 70.85 55.64
C ALA M 70 -12.74 71.76 54.94
N ALA M 71 -12.66 73.02 55.39
CA ALA M 71 -11.70 73.95 54.82
C ALA M 71 -10.26 73.48 55.06
N ARG M 72 -9.99 72.93 56.24
CA ARG M 72 -8.65 72.43 56.54
C ARG M 72 -8.28 71.29 55.60
N ASP M 73 -9.22 70.37 55.35
CA ASP M 73 -8.96 69.28 54.41
C ASP M 73 -8.74 69.82 53.00
N ASN M 74 -9.50 70.84 52.61
CA ASN M 74 -9.33 71.48 51.31
C ASN M 74 -8.06 72.33 51.24
N LYS M 75 -7.38 72.55 52.36
CA LYS M 75 -6.14 73.30 52.50
C LYS M 75 -6.32 74.79 52.27
N LYS M 76 -7.55 75.28 52.12
CA LYS M 76 -7.82 76.70 51.97
C LYS M 76 -8.49 77.23 53.23
N THR M 77 -7.97 78.33 53.76
CA THR M 77 -8.47 78.87 55.02
C THR M 77 -9.92 79.35 54.89
N ARG M 78 -10.20 80.14 53.86
CA ARG M 78 -11.53 80.71 53.69
C ARG M 78 -12.55 79.62 53.37
N ILE M 79 -13.73 79.75 53.96
CA ILE M 79 -14.84 78.83 53.69
C ILE M 79 -15.42 79.25 52.35
N ILE M 80 -14.98 78.57 51.29
CA ILE M 80 -15.56 78.69 49.97
C ILE M 80 -16.96 78.07 50.05
N PRO M 81 -17.95 78.59 49.31
CA PRO M 81 -19.27 77.94 49.32
C PRO M 81 -19.24 76.43 49.10
N ARG M 82 -18.20 75.92 48.45
CA ARG M 82 -18.00 74.46 48.40
C ARG M 82 -17.78 73.90 49.80
N HIS M 83 -16.95 74.56 50.59
CA HIS M 83 -16.68 74.11 51.95
C HIS M 83 -17.94 74.13 52.81
N LEU M 84 -18.87 75.04 52.53
CA LEU M 84 -20.15 75.02 53.23
C LEU M 84 -21.05 73.90 52.72
N GLN M 85 -20.95 73.57 51.42
CA GLN M 85 -21.67 72.42 50.90
C GLN M 85 -21.18 71.13 51.58
N LEU M 86 -19.87 71.01 51.75
CA LEU M 86 -19.34 69.97 52.62
C LEU M 86 -19.72 70.27 54.06
N ALA M 87 -19.76 69.22 54.88
CA ALA M 87 -20.21 69.21 56.27
C ALA M 87 -21.73 69.34 56.36
N VAL M 88 -22.43 69.55 55.25
CA VAL M 88 -23.89 69.53 55.25
C VAL M 88 -24.44 68.19 54.76
N ARG M 89 -23.87 67.62 53.70
CA ARG M 89 -24.31 66.33 53.17
C ARG M 89 -23.60 65.14 53.81
N ASN M 90 -22.45 65.35 54.46
CA ASN M 90 -21.73 64.24 55.07
C ASN M 90 -22.38 63.73 56.35
N ASP M 91 -23.13 64.57 57.05
CA ASP M 91 -23.80 64.21 58.28
C ASP M 91 -25.31 64.17 58.04
N GLU M 92 -25.94 63.04 58.33
CA GLU M 92 -27.37 62.90 58.11
C GLU M 92 -28.16 63.85 59.00
N GLU M 93 -27.72 64.02 60.26
CA GLU M 93 -28.42 64.90 61.18
C GLU M 93 -28.42 66.34 60.67
N LEU M 94 -27.29 66.79 60.12
CA LEU M 94 -27.24 68.10 59.48
C LEU M 94 -27.83 68.07 58.08
N ASN M 95 -28.18 66.90 57.56
CA ASN M 95 -28.85 66.80 56.27
C ASN M 95 -30.37 66.69 56.42
N LYS M 96 -30.85 66.11 57.53
CA LYS M 96 -32.28 66.12 57.81
C LYS M 96 -32.78 67.55 57.94
N LEU M 97 -32.02 68.39 58.64
CA LEU M 97 -32.19 69.83 58.57
C LEU M 97 -31.56 70.35 57.28
N LEU M 98 -32.14 71.40 56.73
CA LEU M 98 -31.55 72.14 55.62
C LEU M 98 -31.30 71.20 54.43
N GLY M 99 -32.26 70.30 54.20
CA GLY M 99 -32.11 69.26 53.18
C GLY M 99 -32.62 69.66 51.81
N ARG M 100 -33.87 70.10 51.74
CA ARG M 100 -34.47 70.53 50.47
C ARG M 100 -34.06 71.97 50.16
N VAL M 101 -32.77 72.12 49.89
CA VAL M 101 -32.16 73.43 49.68
C VAL M 101 -31.17 73.32 48.53
N THR M 102 -30.86 74.47 47.92
CA THR M 102 -29.81 74.59 46.93
C THR M 102 -28.74 75.51 47.50
N ILE M 103 -27.53 74.99 47.69
CA ILE M 103 -26.43 75.81 48.17
C ILE M 103 -25.79 76.52 46.98
N ALA M 104 -25.70 77.85 47.06
CA ALA M 104 -25.14 78.61 45.96
C ALA M 104 -23.66 78.28 45.79
N GLN M 105 -23.28 77.94 44.55
CA GLN M 105 -21.91 77.56 44.23
C GLN M 105 -21.42 76.43 45.13
N GLY M 106 -22.23 75.39 45.25
CA GLY M 106 -21.89 74.24 46.05
C GLY M 106 -21.68 72.98 45.24
N GLY M 107 -20.46 72.45 45.27
CA GLY M 107 -20.15 71.26 44.49
C GLY M 107 -20.74 70.00 45.11
N VAL M 108 -21.10 69.06 44.24
CA VAL M 108 -21.71 67.81 44.69
C VAL M 108 -20.64 66.92 45.32
N LEU M 109 -21.06 66.10 46.29
CA LEU M 109 -20.17 65.15 46.91
C LEU M 109 -19.75 64.08 45.90
N PRO M 110 -18.55 63.53 46.05
CA PRO M 110 -18.10 62.47 45.13
C PRO M 110 -18.84 61.15 45.35
N ASN M 111 -20.11 61.14 44.98
CA ASN M 111 -20.95 59.95 45.08
C ASN M 111 -20.86 59.19 43.76
N ILE M 112 -20.21 58.04 43.78
CA ILE M 112 -20.00 57.21 42.59
C ILE M 112 -20.49 55.80 42.89
N GLN M 113 -21.18 55.20 41.92
CA GLN M 113 -21.61 53.82 42.06
C GLN M 113 -20.47 52.86 41.74
N SER M 114 -20.54 51.67 42.35
CA SER M 114 -19.48 50.69 42.14
C SER M 114 -19.49 50.11 40.73
N VAL M 115 -20.65 50.13 40.07
CA VAL M 115 -20.75 49.59 38.71
C VAL M 115 -19.93 50.38 37.70
N LEU M 116 -19.64 51.65 37.98
CA LEU M 116 -18.88 52.49 37.07
C LEU M 116 -17.41 52.12 36.98
N LEU M 117 -16.92 51.25 37.88
CA LEU M 117 -15.53 50.81 37.88
C LEU M 117 -15.50 49.32 37.59
N PRO M 118 -15.23 48.91 36.35
CA PRO M 118 -15.31 47.49 36.00
C PRO M 118 -14.18 46.66 36.57
N LYS M 119 -12.95 47.16 36.47
CA LYS M 119 -11.73 46.42 36.86
C LYS M 119 -11.73 45.13 36.05
N LYS M 120 -11.58 43.95 36.68
CA LYS M 120 -11.62 42.66 35.99
C LYS M 120 -10.57 42.62 34.87
N THR M 121 -9.34 42.98 35.23
CA THR M 121 -8.17 43.03 34.34
C THR M 121 -8.40 43.89 33.11
N GLU M 122 -9.44 44.73 33.08
CA GLU M 122 -9.76 45.57 31.92
C GLU M 122 -9.89 44.73 30.65
N SER M 123 -10.54 43.57 30.77
CA SER M 123 -10.71 42.66 29.66
C SER M 123 -12.12 42.09 29.72
N SER M 124 -12.39 41.08 28.88
CA SER M 124 -13.70 40.48 28.83
C SER M 124 -13.94 39.58 30.03
N LYS M 125 -15.22 39.35 30.35
CA LYS M 125 -15.56 38.44 31.44
C LYS M 125 -15.15 37.00 31.12
N SER M 126 -15.03 36.67 29.85
CA SER M 126 -14.62 35.33 29.45
C SER M 126 -13.11 35.17 29.62
N ALA M 127 -12.60 34.01 29.23
CA ALA M 127 -11.18 33.72 29.36
C ALA M 127 -10.37 34.62 28.42
N LYS M 128 -9.11 34.86 28.82
CA LYS M 128 -8.15 35.63 28.04
C LYS M 128 -8.58 37.08 27.86
N SER M 129 -7.73 37.89 27.23
CA SER M 129 -8.00 39.30 27.03
C SER M 129 -8.80 39.49 25.74
N LYS M 130 -10.09 39.76 25.87
CA LYS M 130 -10.94 39.99 24.71
C LYS M 130 -11.77 41.26 24.88
N MET N 1 -89.31 -133.33 -5.30
CA MET N 1 -90.02 -132.83 -6.48
C MET N 1 -89.69 -133.68 -7.71
N SER N 2 -90.73 -134.09 -8.42
CA SER N 2 -90.56 -134.94 -9.60
C SER N 2 -91.82 -134.85 -10.45
N GLY N 3 -91.75 -135.47 -11.64
CA GLY N 3 -92.87 -135.53 -12.55
C GLY N 3 -92.96 -134.39 -13.54
N ARG N 4 -92.08 -133.39 -13.44
CA ARG N 4 -92.04 -132.26 -14.36
C ARG N 4 -93.36 -131.48 -14.37
N GLY N 5 -94.20 -131.70 -13.37
CA GLY N 5 -95.43 -130.94 -13.28
C GLY N 5 -95.19 -129.54 -12.74
N LYS N 6 -96.20 -128.69 -12.86
CA LYS N 6 -96.11 -127.34 -12.32
C LYS N 6 -96.07 -127.40 -10.80
N GLN N 7 -95.06 -126.75 -10.21
CA GLN N 7 -94.90 -126.81 -8.76
C GLN N 7 -95.99 -126.04 -8.04
N GLY N 8 -96.56 -125.02 -8.69
CA GLY N 8 -97.64 -124.25 -8.12
C GLY N 8 -97.24 -122.81 -7.88
N GLY N 9 -97.78 -122.23 -6.81
CA GLY N 9 -97.44 -120.85 -6.48
C GLY N 9 -95.97 -120.72 -6.12
N LYS N 10 -95.40 -119.55 -6.45
CA LYS N 10 -93.98 -119.30 -6.24
C LYS N 10 -93.81 -118.72 -4.84
N THR N 11 -93.57 -119.60 -3.87
CA THR N 11 -93.27 -119.15 -2.51
C THR N 11 -91.96 -118.38 -2.48
N ARG N 12 -90.96 -118.83 -3.23
CA ARG N 12 -89.71 -118.09 -3.35
C ARG N 12 -89.96 -116.75 -4.05
N ALA N 13 -89.13 -115.77 -3.73
CA ALA N 13 -89.33 -114.42 -4.24
C ALA N 13 -89.25 -114.39 -5.76
N LYS N 14 -90.22 -113.72 -6.37
CA LYS N 14 -90.27 -113.53 -7.82
C LYS N 14 -89.95 -112.09 -8.21
N ALA N 15 -90.64 -111.11 -7.63
CA ALA N 15 -90.32 -109.71 -7.90
C ALA N 15 -88.98 -109.32 -7.28
N LYS N 16 -88.72 -109.78 -6.05
CA LYS N 16 -87.46 -109.46 -5.39
C LYS N 16 -86.30 -110.16 -6.07
N THR N 17 -85.19 -109.45 -6.21
CA THR N 17 -83.97 -110.02 -6.77
C THR N 17 -83.15 -110.69 -5.68
N ARG N 18 -82.02 -111.27 -6.07
CA ARG N 18 -81.13 -111.88 -5.09
C ARG N 18 -80.56 -110.84 -4.13
N SER N 19 -80.29 -109.64 -4.65
CA SER N 19 -79.80 -108.56 -3.79
C SER N 19 -80.86 -108.16 -2.77
N SER N 20 -82.14 -108.13 -3.19
CA SER N 20 -83.22 -107.80 -2.26
C SER N 20 -83.36 -108.87 -1.17
N ARG N 21 -82.95 -110.11 -1.46
CA ARG N 21 -82.97 -111.14 -0.44
C ARG N 21 -82.05 -110.80 0.72
N ALA N 22 -80.86 -110.31 0.41
CA ALA N 22 -79.89 -109.90 1.42
C ALA N 22 -80.05 -108.43 1.83
N GLY N 23 -80.96 -107.70 1.20
CA GLY N 23 -81.17 -106.30 1.51
C GLY N 23 -80.20 -105.34 0.85
N LEU N 24 -79.30 -105.84 0.01
CA LEU N 24 -78.32 -104.99 -0.66
C LEU N 24 -78.97 -104.28 -1.84
N GLN N 25 -78.25 -103.27 -2.36
CA GLN N 25 -78.71 -102.49 -3.49
C GLN N 25 -77.96 -102.78 -4.78
N PHE N 26 -76.67 -103.10 -4.70
CA PHE N 26 -75.88 -103.40 -5.88
C PHE N 26 -76.30 -104.76 -6.45
N PRO N 27 -76.21 -104.93 -7.76
CA PRO N 27 -76.67 -106.19 -8.39
C PRO N 27 -75.68 -107.32 -8.13
N VAL N 28 -76.08 -108.27 -7.30
CA VAL N 28 -75.26 -109.45 -7.04
C VAL N 28 -75.17 -110.31 -8.30
N GLY N 29 -76.26 -110.36 -9.08
CA GLY N 29 -76.23 -111.17 -10.30
C GLY N 29 -75.18 -110.72 -11.30
N ARG N 30 -75.01 -109.40 -11.45
CA ARG N 30 -73.96 -108.89 -12.32
C ARG N 30 -72.59 -109.29 -11.79
N VAL N 31 -72.38 -109.17 -10.47
CA VAL N 31 -71.11 -109.58 -9.87
C VAL N 31 -70.91 -111.08 -10.05
N HIS N 32 -71.99 -111.86 -9.89
CA HIS N 32 -71.91 -113.30 -10.11
C HIS N 32 -71.52 -113.60 -11.56
N ARG N 33 -72.10 -112.88 -12.52
CA ARG N 33 -71.73 -113.07 -13.91
C ARG N 33 -70.32 -112.55 -14.20
N LEU N 34 -69.93 -111.44 -13.56
CA LEU N 34 -68.61 -110.87 -13.81
C LEU N 34 -67.50 -111.81 -13.37
N LEU N 35 -67.69 -112.51 -12.25
CA LEU N 35 -66.68 -113.45 -11.79
C LEU N 35 -66.45 -114.56 -12.80
N ARG N 36 -67.53 -115.10 -13.37
CA ARG N 36 -67.40 -116.12 -14.40
C ARG N 36 -66.87 -115.51 -15.69
N LYS N 37 -67.31 -114.31 -16.04
CA LYS N 37 -66.83 -113.64 -17.24
C LYS N 37 -65.35 -113.32 -17.13
N GLY N 38 -64.91 -112.89 -15.95
CA GLY N 38 -63.52 -112.54 -15.73
C GLY N 38 -62.58 -113.72 -15.56
N ASN N 39 -63.11 -114.94 -15.52
CA ASN N 39 -62.31 -116.16 -15.42
C ASN N 39 -61.42 -116.14 -14.17
N TYR N 40 -62.01 -115.80 -13.04
CA TYR N 40 -61.28 -115.80 -11.78
C TYR N 40 -61.22 -117.17 -11.13
N ALA N 41 -62.06 -118.11 -11.55
CA ALA N 41 -62.06 -119.46 -11.01
C ALA N 41 -62.85 -120.36 -11.94
N GLU N 42 -62.64 -121.67 -11.80
CA GLU N 42 -63.42 -122.63 -12.59
C GLU N 42 -64.89 -122.57 -12.20
N ARG N 43 -65.19 -122.49 -10.90
CA ARG N 43 -66.55 -122.38 -10.40
C ARG N 43 -66.59 -121.28 -9.35
N VAL N 44 -67.78 -120.71 -9.17
CA VAL N 44 -67.99 -119.61 -8.23
C VAL N 44 -69.07 -120.02 -7.24
N GLY N 45 -68.85 -119.69 -5.97
CA GLY N 45 -69.82 -120.00 -4.94
C GLY N 45 -70.99 -119.03 -4.92
N ALA N 46 -72.06 -119.45 -4.24
CA ALA N 46 -73.24 -118.60 -4.15
C ALA N 46 -72.99 -117.38 -3.28
N GLY N 47 -72.23 -117.53 -2.20
CA GLY N 47 -71.95 -116.40 -1.32
C GLY N 47 -70.85 -115.49 -1.80
N ALA N 48 -70.13 -115.87 -2.87
CA ALA N 48 -69.06 -115.02 -3.37
C ALA N 48 -69.57 -113.68 -3.88
N PRO N 49 -70.59 -113.61 -4.75
CA PRO N 49 -71.06 -112.29 -5.20
C PRO N 49 -71.82 -111.53 -4.14
N VAL N 50 -72.49 -112.23 -3.22
CA VAL N 50 -73.25 -111.54 -2.18
C VAL N 50 -72.33 -110.75 -1.27
N TYR N 51 -71.22 -111.36 -0.85
CA TYR N 51 -70.26 -110.65 -0.02
C TYR N 51 -69.57 -109.54 -0.80
N LEU N 52 -69.27 -109.77 -2.08
CA LEU N 52 -68.60 -108.76 -2.89
C LEU N 52 -69.46 -107.51 -3.03
N ALA N 53 -70.76 -107.68 -3.28
CA ALA N 53 -71.65 -106.53 -3.43
C ALA N 53 -71.75 -105.74 -2.13
N ALA N 54 -71.84 -106.44 -0.98
CA ALA N 54 -71.92 -105.75 0.30
C ALA N 54 -70.67 -104.93 0.56
N VAL N 55 -69.50 -105.48 0.25
CA VAL N 55 -68.26 -104.73 0.41
C VAL N 55 -68.24 -103.53 -0.52
N LEU N 56 -68.63 -103.74 -1.78
CA LEU N 56 -68.68 -102.63 -2.73
C LEU N 56 -69.73 -101.60 -2.33
N GLU N 57 -70.88 -102.06 -1.84
CA GLU N 57 -71.92 -101.13 -1.39
C GLU N 57 -71.45 -100.30 -0.21
N TYR N 58 -70.76 -100.93 0.75
CA TYR N 58 -70.24 -100.19 1.89
C TYR N 58 -69.15 -99.21 1.46
N LEU N 59 -68.27 -99.64 0.56
CA LEU N 59 -67.23 -98.74 0.06
C LEU N 59 -67.85 -97.57 -0.69
N THR N 60 -68.91 -97.83 -1.47
CA THR N 60 -69.61 -96.76 -2.16
C THR N 60 -70.26 -95.81 -1.15
N ALA N 61 -70.84 -96.35 -0.09
CA ALA N 61 -71.53 -95.52 0.91
C ALA N 61 -70.54 -94.60 1.62
N GLU N 62 -69.40 -95.15 2.06
CA GLU N 62 -68.42 -94.34 2.79
C GLU N 62 -67.84 -93.24 1.91
N ILE N 63 -67.52 -93.57 0.66
CA ILE N 63 -66.91 -92.59 -0.23
C ILE N 63 -67.88 -91.45 -0.55
N LEU N 64 -69.13 -91.80 -0.87
CA LEU N 64 -70.12 -90.77 -1.17
C LEU N 64 -70.40 -89.91 0.06
N GLU N 65 -70.46 -90.62 1.07
CA GLU N 65 -70.75 -89.85 2.24
C GLU N 65 -69.72 -88.75 2.39
N LEU N 66 -68.36 -89.21 2.59
CA LEU N 66 -67.24 -88.29 2.78
C LEU N 66 -67.21 -87.23 1.69
N ALA N 67 -67.49 -87.62 0.44
CA ALA N 67 -67.54 -86.65 -0.64
C ALA N 67 -68.68 -85.65 -0.45
N GLY N 68 -69.84 -86.14 0.01
CA GLY N 68 -70.95 -85.24 0.27
C GLY N 68 -70.64 -84.24 1.37
N ASN N 69 -69.93 -84.69 2.41
CA ASN N 69 -69.54 -83.78 3.49
C ASN N 69 -68.62 -82.68 2.98
N ALA N 70 -67.66 -83.04 2.11
CA ALA N 70 -66.78 -82.04 1.53
C ALA N 70 -67.54 -81.10 0.59
N ALA N 71 -68.56 -81.62 -0.07
CA ALA N 71 -69.37 -80.78 -0.97
C ALA N 71 -70.08 -79.69 -0.20
N ARG N 72 -70.61 -80.01 0.98
CA ARG N 72 -71.28 -79.00 1.79
C ARG N 72 -70.32 -77.89 2.21
N ASP N 73 -69.09 -78.26 2.55
CA ASP N 73 -68.09 -77.25 2.92
C ASP N 73 -67.72 -76.34 1.75
N ASN N 74 -67.97 -76.78 0.51
CA ASN N 74 -67.69 -75.99 -0.67
C ASN N 74 -68.93 -75.32 -1.25
N LYS N 75 -70.05 -75.37 -0.53
CA LYS N 75 -71.32 -74.72 -0.88
C LYS N 75 -71.90 -75.22 -2.19
N LYS N 76 -71.53 -76.41 -2.64
CA LYS N 76 -72.03 -76.98 -3.89
C LYS N 76 -72.81 -78.25 -3.59
N THR N 77 -74.02 -78.34 -4.15
CA THR N 77 -74.87 -79.50 -3.94
C THR N 77 -74.59 -80.64 -4.91
N ARG N 78 -73.77 -80.41 -5.93
CA ARG N 78 -73.37 -81.45 -6.87
C ARG N 78 -71.94 -81.89 -6.54
N ILE N 79 -71.75 -83.18 -6.37
CA ILE N 79 -70.44 -83.71 -5.99
C ILE N 79 -69.54 -83.67 -7.23
N ILE N 80 -68.52 -82.80 -7.19
CA ILE N 80 -67.59 -82.64 -8.29
C ILE N 80 -66.37 -83.53 -8.03
N PRO N 81 -65.54 -83.82 -9.03
CA PRO N 81 -64.36 -84.66 -8.78
C PRO N 81 -63.42 -84.10 -7.72
N ARG N 82 -63.38 -82.77 -7.54
CA ARG N 82 -62.50 -82.20 -6.53
C ARG N 82 -62.94 -82.61 -5.12
N HIS N 83 -64.25 -82.77 -4.91
CA HIS N 83 -64.74 -83.17 -3.59
C HIS N 83 -64.23 -84.55 -3.20
N LEU N 84 -64.15 -85.48 -4.15
CA LEU N 84 -63.66 -86.82 -3.85
C LEU N 84 -62.19 -86.78 -3.42
N GLN N 85 -61.37 -85.98 -4.09
CA GLN N 85 -59.95 -85.94 -3.77
C GLN N 85 -59.71 -85.39 -2.37
N LEU N 86 -60.48 -84.40 -1.95
CA LEU N 86 -60.33 -83.85 -0.61
C LEU N 86 -60.59 -84.91 0.46
N ALA N 87 -61.63 -85.72 0.26
CA ALA N 87 -61.93 -86.79 1.20
C ALA N 87 -60.87 -87.88 1.16
N VAL N 88 -60.35 -88.18 -0.03
CA VAL N 88 -59.35 -89.23 -0.17
C VAL N 88 -58.08 -88.87 0.60
N ARG N 89 -57.62 -87.63 0.46
CA ARG N 89 -56.41 -87.20 1.15
C ARG N 89 -56.64 -86.95 2.64
N ASN N 90 -57.87 -86.62 3.05
CA ASN N 90 -58.12 -86.34 4.45
C ASN N 90 -58.14 -87.62 5.29
N ASP N 91 -58.74 -88.68 4.77
CA ASP N 91 -58.87 -89.94 5.50
C ASP N 91 -57.63 -90.79 5.26
N GLU N 92 -56.97 -91.20 6.35
CA GLU N 92 -55.76 -92.01 6.22
C GLU N 92 -56.05 -93.37 5.61
N GLU N 93 -57.14 -94.00 6.03
CA GLU N 93 -57.47 -95.33 5.50
C GLU N 93 -57.79 -95.25 4.01
N LEU N 94 -58.54 -94.24 3.59
CA LEU N 94 -58.78 -94.05 2.15
C LEU N 94 -57.51 -93.67 1.42
N ASN N 95 -56.63 -92.90 2.07
CA ASN N 95 -55.37 -92.51 1.45
C ASN N 95 -54.50 -93.74 1.20
N LYS N 96 -54.45 -94.67 2.16
CA LYS N 96 -53.64 -95.87 1.99
C LYS N 96 -54.16 -96.73 0.84
N LEU N 97 -55.49 -96.85 0.73
CA LEU N 97 -56.05 -97.69 -0.33
C LEU N 97 -55.96 -97.03 -1.70
N LEU N 98 -56.06 -95.71 -1.76
CA LEU N 98 -56.06 -94.96 -3.01
C LEU N 98 -54.86 -94.03 -3.10
N GLY N 99 -53.69 -94.52 -2.69
CA GLY N 99 -52.50 -93.69 -2.74
C GLY N 99 -52.05 -93.34 -4.15
N ARG N 100 -52.09 -94.32 -5.05
CA ARG N 100 -51.61 -94.15 -6.41
C ARG N 100 -52.73 -93.87 -7.40
N VAL N 101 -53.94 -93.60 -6.92
CA VAL N 101 -55.07 -93.34 -7.79
C VAL N 101 -55.10 -91.87 -8.19
N THR N 102 -55.37 -91.61 -9.46
CA THR N 102 -55.48 -90.27 -10.01
C THR N 102 -56.93 -89.95 -10.29
N ILE N 103 -57.38 -88.78 -9.85
CA ILE N 103 -58.76 -88.33 -10.06
C ILE N 103 -58.74 -87.30 -11.19
N ALA N 104 -59.47 -87.59 -12.26
CA ALA N 104 -59.47 -86.72 -13.43
C ALA N 104 -60.28 -85.46 -13.19
N GLN N 105 -59.93 -84.40 -13.92
CA GLN N 105 -60.64 -83.12 -13.91
C GLN N 105 -60.67 -82.52 -12.50
N GLY N 106 -59.48 -82.22 -12.01
CA GLY N 106 -59.31 -81.49 -10.78
C GLY N 106 -59.10 -82.42 -9.58
N GLY N 107 -58.87 -81.79 -8.44
CA GLY N 107 -58.64 -82.49 -7.19
C GLY N 107 -57.24 -82.30 -6.66
N VAL N 108 -57.11 -81.48 -5.62
CA VAL N 108 -55.81 -81.21 -4.99
C VAL N 108 -56.07 -80.69 -3.59
N LEU N 109 -55.28 -81.19 -2.63
CA LEU N 109 -55.39 -80.77 -1.23
C LEU N 109 -54.51 -79.55 -0.99
N PRO N 110 -55.06 -78.48 -0.39
CA PRO N 110 -54.24 -77.28 -0.16
C PRO N 110 -53.20 -77.47 0.93
N ASN N 111 -52.11 -78.17 0.59
CA ASN N 111 -51.02 -78.41 1.52
C ASN N 111 -49.95 -77.35 1.32
N ILE N 112 -49.64 -76.61 2.39
CA ILE N 112 -48.64 -75.54 2.36
C ILE N 112 -47.55 -75.88 3.37
N GLN N 113 -46.31 -75.90 2.90
CA GLN N 113 -45.17 -76.16 3.78
C GLN N 113 -44.90 -74.96 4.67
N SER N 114 -44.42 -75.22 5.89
CA SER N 114 -44.16 -74.14 6.83
C SER N 114 -42.98 -73.27 6.39
N VAL N 115 -42.11 -73.81 5.53
CA VAL N 115 -40.98 -73.04 5.03
C VAL N 115 -41.42 -71.86 4.18
N LEU N 116 -42.50 -72.02 3.41
CA LEU N 116 -42.96 -70.98 2.48
C LEU N 116 -43.34 -69.68 3.19
N LEU N 117 -43.60 -69.72 4.49
CA LEU N 117 -43.91 -68.51 5.26
C LEU N 117 -42.71 -68.16 6.13
N PRO N 118 -41.91 -67.14 5.78
CA PRO N 118 -40.83 -66.73 6.69
C PRO N 118 -41.37 -66.21 8.02
N LYS N 119 -42.29 -65.26 7.98
CA LYS N 119 -43.01 -64.76 9.15
C LYS N 119 -42.04 -64.30 10.24
N LYS N 120 -40.99 -63.61 9.82
CA LYS N 120 -40.06 -62.96 10.73
C LYS N 120 -40.27 -61.45 10.76
N THR N 121 -41.49 -60.99 10.48
CA THR N 121 -41.82 -59.58 10.30
C THR N 121 -40.96 -58.93 9.22
N GLU N 122 -40.44 -59.74 8.29
CA GLU N 122 -39.47 -59.30 7.29
C GLU N 122 -38.28 -58.61 7.94
N SER N 123 -37.99 -58.96 9.18
CA SER N 123 -36.84 -58.44 9.91
C SER N 123 -35.69 -59.41 9.71
N SER N 124 -34.64 -58.95 9.05
CA SER N 124 -33.49 -59.80 8.78
C SER N 124 -32.69 -60.05 10.07
N LYS N 125 -31.58 -60.77 9.91
CA LYS N 125 -30.75 -61.11 11.05
C LYS N 125 -29.86 -59.93 11.43
N SER N 126 -29.96 -59.53 12.70
CA SER N 126 -29.24 -58.42 13.34
C SER N 126 -29.72 -57.05 12.87
N ALA N 127 -30.66 -56.98 11.93
CA ALA N 127 -31.23 -55.71 11.48
C ALA N 127 -32.53 -56.00 10.76
N LYS N 128 -33.48 -55.08 10.88
CA LYS N 128 -34.81 -55.28 10.30
C LYS N 128 -34.79 -55.33 8.77
N SER N 129 -33.90 -54.59 8.11
CA SER N 129 -33.86 -54.55 6.65
C SER N 129 -32.60 -55.22 6.13
N LYS N 130 -32.78 -56.32 5.39
CA LYS N 130 -31.72 -57.03 4.67
C LYS N 130 -30.38 -57.11 5.39
N MET O 1 148.73 32.56 -66.21
CA MET O 1 147.85 31.48 -66.68
C MET O 1 148.16 31.12 -68.12
N ALA O 2 148.49 29.87 -68.36
CA ALA O 2 148.81 29.41 -69.70
C ALA O 2 147.54 29.32 -70.55
N LYS O 3 147.73 29.28 -71.87
CA LYS O 3 146.63 29.22 -72.82
C LYS O 3 146.79 27.98 -73.69
N SER O 4 145.76 27.13 -73.67
CA SER O 4 145.71 25.93 -74.49
C SER O 4 144.29 25.39 -74.46
N ALA O 5 143.75 25.07 -75.63
CA ALA O 5 142.37 24.59 -75.76
C ALA O 5 142.33 23.30 -76.60
N PRO O 6 142.73 22.16 -76.01
CA PRO O 6 142.60 20.89 -76.72
C PRO O 6 141.16 20.43 -76.83
N ALA O 7 140.95 19.25 -77.43
CA ALA O 7 139.60 18.70 -77.54
C ALA O 7 138.93 18.44 -76.20
N PRO O 8 139.57 17.80 -75.20
CA PRO O 8 138.85 17.46 -73.97
C PRO O 8 138.39 18.66 -73.15
N LYS O 9 138.84 19.87 -73.49
CA LYS O 9 138.39 21.05 -72.76
C LYS O 9 136.89 21.27 -72.91
N LYS O 10 136.36 21.05 -74.12
CA LYS O 10 134.96 21.29 -74.39
C LYS O 10 134.12 20.05 -74.06
N GLY O 11 132.88 20.31 -73.65
CA GLY O 11 131.93 19.28 -73.30
C GLY O 11 131.64 19.19 -71.80
N SER O 12 132.64 19.44 -70.96
CA SER O 12 132.48 19.33 -69.52
C SER O 12 132.90 20.63 -68.83
N LYS O 13 132.42 21.76 -69.35
CA LYS O 13 132.84 23.06 -68.82
C LYS O 13 132.38 23.24 -67.38
N LYS O 14 131.17 22.83 -67.06
CA LYS O 14 130.57 23.17 -65.78
C LYS O 14 130.78 22.06 -64.76
N ALA O 15 130.70 22.45 -63.48
CA ALA O 15 130.91 21.52 -62.37
C ALA O 15 129.72 20.58 -62.28
N VAL O 16 129.92 19.32 -62.67
CA VAL O 16 128.84 18.34 -62.62
C VAL O 16 128.74 17.71 -61.23
N THR O 17 129.81 17.05 -60.79
CA THR O 17 129.79 16.34 -59.51
C THR O 17 131.09 16.50 -58.74
N LYS O 18 131.78 17.63 -58.87
CA LYS O 18 133.04 17.82 -58.17
C LYS O 18 133.28 19.31 -57.95
N THR O 19 133.86 19.63 -56.80
CA THR O 19 134.27 20.98 -56.45
C THR O 19 135.38 20.89 -55.41
N GLN O 20 136.25 21.89 -55.39
CA GLN O 20 137.34 21.97 -54.43
C GLN O 20 137.18 23.15 -53.48
N LYS O 21 137.03 24.36 -54.01
CA LYS O 21 136.83 25.55 -53.21
C LYS O 21 135.79 26.43 -53.92
N LYS O 22 135.23 27.37 -53.18
CA LYS O 22 134.12 28.19 -53.66
C LYS O 22 132.94 27.30 -54.06
N ASP O 23 132.36 26.66 -53.04
CA ASP O 23 131.36 25.61 -53.24
C ASP O 23 130.18 26.04 -54.11
N GLY O 24 130.00 27.34 -54.36
CA GLY O 24 128.97 27.77 -55.27
C GLY O 24 129.17 27.16 -56.65
N LYS O 25 128.31 26.21 -57.00
CA LYS O 25 128.47 25.42 -58.22
C LYS O 25 127.63 26.03 -59.33
N LYS O 26 128.20 26.08 -60.54
CA LYS O 26 127.49 26.62 -61.67
C LYS O 26 126.35 25.68 -62.08
N ARG O 27 125.17 26.27 -62.28
CA ARG O 27 123.95 25.50 -62.51
C ARG O 27 123.91 24.98 -63.96
N ARG O 28 124.86 24.09 -64.25
CA ARG O 28 125.04 23.53 -65.59
C ARG O 28 125.04 24.63 -66.63
N LYS O 29 124.29 24.46 -67.72
CA LYS O 29 124.26 25.50 -68.74
C LYS O 29 122.92 25.44 -69.48
N SER O 30 122.24 26.58 -69.50
CA SER O 30 121.07 26.78 -70.36
C SER O 30 121.02 28.26 -70.72
N ARG O 31 121.56 28.60 -71.88
CA ARG O 31 121.80 29.98 -72.26
C ARG O 31 120.55 30.61 -72.87
N LYS O 32 120.30 31.87 -72.52
CA LYS O 32 119.18 32.65 -73.04
C LYS O 32 119.69 34.03 -73.39
N GLU O 33 120.05 34.24 -74.67
CA GLU O 33 120.55 35.52 -75.14
C GLU O 33 119.36 36.39 -75.53
N SER O 34 119.11 37.42 -74.73
CA SER O 34 117.99 38.34 -74.96
C SER O 34 118.51 39.71 -75.36
N TYR O 35 117.57 40.56 -75.77
CA TYR O 35 117.87 41.93 -76.16
C TYR O 35 117.58 42.94 -75.05
N ALA O 36 117.37 42.47 -73.82
CA ALA O 36 116.99 43.36 -72.73
C ALA O 36 118.06 44.41 -72.47
N ILE O 37 119.33 44.02 -72.50
CA ILE O 37 120.41 44.96 -72.26
C ILE O 37 120.46 46.03 -73.35
N TYR O 38 120.31 45.60 -74.62
CA TYR O 38 120.44 46.53 -75.73
C TYR O 38 119.33 47.58 -75.72
N VAL O 39 118.08 47.14 -75.51
CA VAL O 39 116.98 48.09 -75.45
C VAL O 39 117.04 48.91 -74.17
N TYR O 40 117.76 48.42 -73.16
CA TYR O 40 117.97 49.22 -71.95
C TYR O 40 118.95 50.36 -72.20
N LYS O 41 119.97 50.10 -73.02
CA LYS O 41 121.00 51.11 -73.28
C LYS O 41 120.42 52.32 -74.01
N VAL O 42 119.57 52.08 -75.01
CA VAL O 42 119.07 53.16 -75.85
C VAL O 42 118.15 54.09 -75.05
N LEU O 43 117.35 53.52 -74.15
CA LEU O 43 116.47 54.35 -73.33
C LEU O 43 117.26 55.28 -72.42
N LYS O 44 118.35 54.78 -71.84
CA LYS O 44 119.17 55.62 -70.98
C LYS O 44 119.84 56.74 -71.77
N GLN O 45 120.01 56.56 -73.08
CA GLN O 45 120.57 57.62 -73.91
C GLN O 45 119.56 58.75 -74.13
N VAL O 46 118.29 58.39 -74.32
CA VAL O 46 117.27 59.41 -74.60
C VAL O 46 116.62 59.87 -73.30
N HIS O 47 116.41 58.96 -72.35
CA HIS O 47 115.79 59.26 -71.07
C HIS O 47 116.65 58.68 -69.96
N PRO O 48 117.72 59.38 -69.57
CA PRO O 48 118.59 58.86 -68.51
C PRO O 48 117.89 58.69 -67.17
N ASP O 49 116.83 59.44 -66.93
CA ASP O 49 116.14 59.44 -65.64
C ASP O 49 114.98 58.45 -65.59
N THR O 50 114.80 57.65 -66.63
CA THR O 50 113.68 56.72 -66.73
C THR O 50 114.18 55.29 -66.60
N GLY O 51 113.41 54.45 -65.90
CA GLY O 51 113.71 53.04 -65.76
C GLY O 51 112.64 52.18 -66.42
N ILE O 52 112.94 50.88 -66.49
CA ILE O 52 112.04 49.90 -67.08
C ILE O 52 111.93 48.71 -66.15
N SER O 53 110.72 48.18 -66.03
CA SER O 53 110.48 46.97 -65.25
C SER O 53 110.89 45.73 -66.06
N SER O 54 111.09 44.63 -65.34
CA SER O 54 111.48 43.38 -66.00
C SER O 54 110.34 42.81 -66.83
N LYS O 55 109.09 43.08 -66.43
CA LYS O 55 107.95 42.61 -67.21
C LYS O 55 107.93 43.25 -68.60
N ALA O 56 108.21 44.55 -68.67
CA ALA O 56 108.26 45.22 -69.96
C ALA O 56 109.47 44.79 -70.77
N MET O 57 110.58 44.48 -70.08
CA MET O 57 111.79 44.05 -70.78
C MET O 57 111.56 42.75 -71.53
N SER O 58 110.81 41.82 -70.92
CA SER O 58 110.47 40.58 -71.60
C SER O 58 109.65 40.84 -72.86
N ILE O 59 108.73 41.80 -72.79
CA ILE O 59 107.95 42.16 -73.96
C ILE O 59 108.84 42.72 -75.06
N MET O 60 109.77 43.61 -74.70
CA MET O 60 110.66 44.21 -75.70
C MET O 60 111.55 43.15 -76.34
N ASN O 61 112.06 42.21 -75.54
CA ASN O 61 112.87 41.13 -76.10
C ASN O 61 112.06 40.29 -77.08
N SER O 62 110.81 39.98 -76.72
CA SER O 62 109.93 39.28 -77.64
C SER O 62 109.57 40.16 -78.83
N PHE O 63 109.37 41.46 -78.60
CA PHE O 63 108.98 42.36 -79.68
C PHE O 63 110.08 42.48 -80.73
N VAL O 64 111.33 42.59 -80.30
CA VAL O 64 112.44 42.68 -81.25
C VAL O 64 112.57 41.38 -82.04
N ASN O 65 112.47 40.25 -81.35
CA ASN O 65 112.59 38.96 -82.02
C ASN O 65 111.45 38.75 -83.01
N ASP O 66 110.23 39.10 -82.63
CA ASP O 66 109.09 38.93 -83.53
C ASP O 66 109.21 39.81 -84.77
N VAL O 67 109.63 41.08 -84.57
CA VAL O 67 109.80 41.98 -85.70
C VAL O 67 110.94 41.51 -86.59
N PHE O 68 112.01 40.97 -85.98
CA PHE O 68 113.13 40.48 -86.77
C PHE O 68 112.72 39.34 -87.68
N GLU O 69 111.85 38.45 -87.20
CA GLU O 69 111.39 37.32 -88.01
C GLU O 69 110.63 37.80 -89.24
N ARG O 70 109.74 38.78 -89.06
CA ARG O 70 108.94 39.27 -90.18
C ARG O 70 109.80 40.01 -91.21
N ILE O 71 110.69 40.89 -90.73
CA ILE O 71 111.51 41.67 -91.65
C ILE O 71 112.51 40.78 -92.38
N ALA O 72 113.04 39.76 -91.70
CA ALA O 72 113.93 38.82 -92.38
C ALA O 72 113.15 37.92 -93.32
N GLY O 73 111.94 37.51 -92.92
CA GLY O 73 111.12 36.69 -93.79
C GLY O 73 110.69 37.42 -95.05
N GLU O 74 110.39 38.72 -94.92
CA GLU O 74 110.03 39.52 -96.09
C GLU O 74 111.18 39.58 -97.09
N ALA O 75 112.41 39.76 -96.59
CA ALA O 75 113.57 39.75 -97.47
C ALA O 75 113.77 38.39 -98.13
N SER O 76 113.45 37.31 -97.40
CA SER O 76 113.56 35.97 -97.96
C SER O 76 112.60 35.79 -99.13
N ARG O 77 111.36 36.28 -98.98
CA ARG O 77 110.39 36.17 -100.08
C ARG O 77 110.84 36.98 -101.29
N LEU O 78 111.41 38.17 -101.05
CA LEU O 78 111.86 39.00 -102.16
C LEU O 78 112.95 38.31 -102.96
N ALA O 79 113.88 37.64 -102.28
CA ALA O 79 114.95 36.93 -102.98
C ALA O 79 114.39 35.80 -103.84
N HIS O 80 113.41 35.07 -103.31
CA HIS O 80 112.81 33.98 -104.09
C HIS O 80 112.04 34.51 -105.29
N TYR O 81 111.40 35.67 -105.15
CA TYR O 81 110.60 36.20 -106.24
C TYR O 81 111.45 36.57 -107.45
N ASN O 82 112.61 37.19 -107.23
CA ASN O 82 113.50 37.58 -108.30
C ASN O 82 114.69 36.64 -108.48
N LYS O 83 114.66 35.48 -107.82
CA LYS O 83 115.68 34.44 -107.96
C LYS O 83 117.08 34.97 -107.62
N ARG O 84 117.24 35.36 -106.36
CA ARG O 84 118.52 35.80 -105.84
C ARG O 84 118.93 34.92 -104.66
N SER O 85 120.24 34.83 -104.43
CA SER O 85 120.79 34.00 -103.36
C SER O 85 121.44 34.80 -102.24
N THR O 86 121.63 36.10 -102.42
CA THR O 86 122.27 36.95 -101.41
C THR O 86 121.33 38.06 -100.99
N ILE O 87 121.30 38.34 -99.69
CA ILE O 87 120.50 39.42 -99.13
C ILE O 87 121.44 40.54 -98.71
N THR O 88 121.19 41.74 -99.21
CA THR O 88 122.02 42.91 -98.91
C THR O 88 121.09 44.08 -98.61
N SER O 89 121.67 45.29 -98.58
CA SER O 89 120.90 46.47 -98.23
C SER O 89 119.74 46.71 -99.18
N ARG O 90 119.90 46.36 -100.46
CA ARG O 90 118.82 46.58 -101.42
C ARG O 90 117.58 45.78 -101.07
N GLU O 91 117.76 44.51 -100.68
CA GLU O 91 116.62 43.67 -100.35
C GLU O 91 115.88 44.18 -99.13
N ILE O 92 116.61 44.58 -98.09
CA ILE O 92 115.96 45.03 -96.86
C ILE O 92 115.30 46.39 -97.06
N GLN O 93 115.89 47.24 -97.90
CA GLN O 93 115.30 48.55 -98.18
C GLN O 93 113.89 48.41 -98.72
N THR O 94 113.67 47.46 -99.63
CA THR O 94 112.32 47.15 -100.06
C THR O 94 111.50 46.56 -98.91
N ALA O 95 112.11 45.66 -98.13
CA ALA O 95 111.39 44.99 -97.06
C ALA O 95 110.96 45.98 -95.97
N VAL O 96 111.83 46.95 -95.65
CA VAL O 96 111.47 47.97 -94.66
C VAL O 96 110.28 48.77 -95.13
N ARG O 97 110.26 49.15 -96.41
CA ARG O 97 109.14 49.90 -96.97
C ARG O 97 107.84 49.10 -96.93
N LEU O 98 107.95 47.76 -96.88
CA LEU O 98 106.75 46.93 -96.89
C LEU O 98 106.19 46.71 -95.49
N LEU O 99 107.06 46.56 -94.49
CA LEU O 99 106.60 46.32 -93.13
C LEU O 99 106.20 47.60 -92.41
N LEU O 100 107.04 48.63 -92.50
CA LEU O 100 106.73 49.90 -91.85
C LEU O 100 105.72 50.67 -92.69
N PRO O 101 104.54 50.99 -92.15
CA PRO O 101 103.48 51.57 -92.99
C PRO O 101 103.62 53.06 -93.26
N GLY O 102 104.11 53.83 -92.29
CA GLY O 102 104.06 55.27 -92.39
C GLY O 102 105.39 55.97 -92.56
N GLU O 103 105.50 57.17 -91.99
CA GLU O 103 106.73 57.95 -92.11
C GLU O 103 107.89 57.27 -91.39
N LEU O 104 107.60 56.34 -90.48
CA LEU O 104 108.67 55.60 -89.82
C LEU O 104 109.51 54.81 -90.82
N ALA O 105 108.90 54.40 -91.93
CA ALA O 105 109.66 53.74 -92.98
C ALA O 105 110.73 54.65 -93.57
N LYS O 106 110.36 55.90 -93.85
CA LYS O 106 111.33 56.86 -94.38
C LYS O 106 112.43 57.16 -93.37
N HIS O 107 112.07 57.28 -92.09
CA HIS O 107 113.08 57.48 -91.05
C HIS O 107 114.02 56.28 -90.95
N ALA O 108 113.48 55.07 -91.01
CA ALA O 108 114.31 53.88 -90.94
C ALA O 108 115.21 53.75 -92.15
N VAL O 109 114.68 54.05 -93.35
CA VAL O 109 115.49 53.97 -94.56
C VAL O 109 116.63 54.98 -94.52
N SER O 110 116.34 56.21 -94.08
CA SER O 110 117.40 57.22 -93.95
C SER O 110 118.43 56.80 -92.92
N GLU O 111 117.99 56.28 -91.78
CA GLU O 111 118.94 55.79 -90.78
C GLU O 111 119.67 54.54 -91.27
N GLY O 112 118.95 53.66 -91.97
CA GLY O 112 119.61 52.48 -92.55
C GLY O 112 120.65 52.86 -93.58
N THR O 113 120.34 53.85 -94.43
CA THR O 113 121.33 54.34 -95.38
C THR O 113 122.52 54.96 -94.66
N LYS O 114 122.26 55.72 -93.59
CA LYS O 114 123.34 56.34 -92.83
C LYS O 114 124.21 55.29 -92.17
N ALA O 115 123.60 54.24 -91.61
CA ALA O 115 124.37 53.19 -90.95
C ALA O 115 125.28 52.47 -91.94
N VAL O 116 124.76 52.15 -93.13
CA VAL O 116 125.58 51.55 -94.16
C VAL O 116 126.68 52.51 -94.60
N THR O 117 126.36 53.80 -94.67
CA THR O 117 127.36 54.81 -95.03
C THR O 117 128.49 54.83 -94.01
N LYS O 118 128.15 54.82 -92.72
CA LYS O 118 129.17 54.81 -91.68
C LYS O 118 129.91 53.47 -91.64
N TYR O 119 129.19 52.37 -91.93
CA TYR O 119 129.82 51.06 -91.90
C TYR O 119 130.91 50.94 -92.95
N THR O 120 130.66 51.45 -94.16
CA THR O 120 131.60 51.35 -95.25
C THR O 120 132.55 52.54 -95.34
N SER O 121 132.39 53.55 -94.49
CA SER O 121 133.29 54.69 -94.50
C SER O 121 134.57 54.44 -93.71
N ALA O 122 134.63 53.36 -92.94
CA ALA O 122 135.84 53.04 -92.19
C ALA O 122 136.94 52.56 -93.13
N LYS O 123 138.18 52.70 -92.68
CA LYS O 123 139.34 52.30 -93.47
C LYS O 123 139.40 50.79 -93.60
N THR P 19 -111.03 105.61 3.63
CA THR P 19 -110.25 106.62 2.93
C THR P 19 -109.26 107.31 3.87
N GLN P 20 -108.21 106.58 4.25
CA GLN P 20 -107.20 107.10 5.15
C GLN P 20 -105.87 106.44 4.83
N LYS P 21 -104.82 106.87 5.52
CA LYS P 21 -103.48 106.38 5.26
C LYS P 21 -102.69 106.35 6.57
N LYS P 22 -101.57 105.64 6.54
CA LYS P 22 -100.55 105.53 7.58
C LYS P 22 -101.02 104.66 8.75
N ASP P 23 -102.29 104.24 8.79
CA ASP P 23 -102.82 103.47 9.90
C ASP P 23 -102.76 101.97 9.66
N GLY P 24 -102.31 101.53 8.49
CA GLY P 24 -102.22 100.11 8.23
C GLY P 24 -100.91 99.69 7.60
N LYS P 25 -100.13 98.88 8.31
CA LYS P 25 -98.85 98.34 7.85
C LYS P 25 -97.98 99.42 7.21
N LYS P 26 -97.90 100.59 7.85
CA LYS P 26 -97.06 101.67 7.31
C LYS P 26 -95.59 101.28 7.37
N ARG P 27 -95.20 100.51 8.38
CA ARG P 27 -93.84 100.03 8.47
C ARG P 27 -93.54 99.05 7.32
N ARG P 28 -92.28 98.63 7.25
CA ARG P 28 -91.70 97.78 6.21
C ARG P 28 -91.64 98.50 4.87
N LYS P 29 -92.06 99.77 4.80
CA LYS P 29 -91.98 100.50 3.55
C LYS P 29 -90.55 100.92 3.22
N SER P 30 -89.62 100.80 4.17
CA SER P 30 -88.22 101.05 3.87
C SER P 30 -87.75 100.08 2.79
N ARG P 31 -87.09 100.61 1.77
CA ARG P 31 -86.73 99.84 0.59
C ARG P 31 -85.22 99.92 0.35
N LYS P 32 -84.68 98.85 -0.21
CA LYS P 32 -83.28 98.78 -0.60
C LYS P 32 -83.19 98.92 -2.11
N GLU P 33 -82.31 99.80 -2.58
CA GLU P 33 -82.16 100.03 -4.00
C GLU P 33 -81.71 98.76 -4.72
N SER P 34 -82.39 98.44 -5.82
CA SER P 34 -82.08 97.24 -6.58
C SER P 34 -82.49 97.45 -8.03
N TYR P 35 -81.93 96.62 -8.91
CA TYR P 35 -82.23 96.66 -10.33
C TYR P 35 -82.70 95.31 -10.86
N ALA P 36 -83.25 94.46 -9.97
CA ALA P 36 -83.61 93.10 -10.37
C ALA P 36 -84.69 93.10 -11.45
N ILE P 37 -85.69 93.98 -11.31
CA ILE P 37 -86.78 94.03 -12.29
C ILE P 37 -86.24 94.45 -13.65
N TYR P 38 -85.36 95.45 -13.68
CA TYR P 38 -84.80 95.92 -14.94
C TYR P 38 -83.88 94.88 -15.57
N VAL P 39 -83.09 94.19 -14.75
CA VAL P 39 -82.24 93.11 -15.26
C VAL P 39 -83.10 92.00 -15.84
N TYR P 40 -84.21 91.67 -15.17
CA TYR P 40 -85.12 90.66 -15.68
C TYR P 40 -85.73 91.08 -17.01
N LYS P 41 -86.07 92.36 -17.16
CA LYS P 41 -86.70 92.84 -18.38
C LYS P 41 -85.72 92.83 -19.55
N VAL P 42 -84.50 93.35 -19.34
CA VAL P 42 -83.52 93.39 -20.42
C VAL P 42 -83.10 91.99 -20.82
N LEU P 43 -83.18 91.03 -19.89
CA LEU P 43 -82.91 89.64 -20.24
C LEU P 43 -83.94 89.11 -21.23
N LYS P 44 -85.21 89.48 -21.04
CA LYS P 44 -86.26 89.04 -21.96
C LYS P 44 -86.06 89.62 -23.35
N GLN P 45 -85.62 90.88 -23.44
CA GLN P 45 -85.41 91.50 -24.74
C GLN P 45 -84.32 90.79 -25.53
N VAL P 46 -83.21 90.47 -24.88
CA VAL P 46 -82.12 89.79 -25.57
C VAL P 46 -82.47 88.32 -25.82
N HIS P 47 -83.17 87.69 -24.88
CA HIS P 47 -83.55 86.28 -25.00
C HIS P 47 -84.80 86.04 -24.17
N PRO P 48 -85.98 86.06 -24.81
CA PRO P 48 -87.22 85.89 -24.03
C PRO P 48 -87.42 84.48 -23.51
N ASP P 49 -86.73 83.48 -24.04
CA ASP P 49 -86.96 82.10 -23.67
C ASP P 49 -86.06 81.61 -22.55
N THR P 50 -85.23 82.48 -21.98
CA THR P 50 -84.36 82.12 -20.87
C THR P 50 -84.74 82.94 -19.64
N GLY P 51 -84.43 82.39 -18.47
CA GLY P 51 -84.76 83.05 -17.22
C GLY P 51 -83.58 83.02 -16.27
N ILE P 52 -83.59 83.98 -15.34
CA ILE P 52 -82.49 84.19 -14.41
C ILE P 52 -82.91 83.67 -13.05
N SER P 53 -82.02 82.91 -12.40
CA SER P 53 -82.31 82.35 -11.09
C SER P 53 -82.45 83.46 -10.05
N SER P 54 -83.36 83.25 -9.10
CA SER P 54 -83.56 84.22 -8.04
C SER P 54 -82.32 84.36 -7.16
N LYS P 55 -81.65 83.24 -6.87
CA LYS P 55 -80.43 83.31 -6.06
C LYS P 55 -79.33 84.06 -6.80
N ALA P 56 -79.23 83.86 -8.12
CA ALA P 56 -78.21 84.57 -8.89
C ALA P 56 -78.50 86.07 -8.99
N MET P 57 -79.75 86.47 -8.73
CA MET P 57 -80.08 87.89 -8.78
C MET P 57 -79.37 88.66 -7.68
N SER P 58 -79.13 88.03 -6.52
CA SER P 58 -78.40 88.70 -5.45
C SER P 58 -76.98 89.02 -5.89
N ILE P 59 -76.34 88.10 -6.61
CA ILE P 59 -75.00 88.35 -7.13
C ILE P 59 -75.03 89.51 -8.13
N MET P 60 -76.02 89.50 -9.02
CA MET P 60 -76.10 90.54 -10.05
C MET P 60 -76.40 91.90 -9.45
N ASN P 61 -77.17 91.95 -8.37
CA ASN P 61 -77.54 93.23 -7.78
C ASN P 61 -76.32 93.98 -7.26
N SER P 62 -75.40 93.28 -6.60
CA SER P 62 -74.19 93.93 -6.10
C SER P 62 -73.25 94.30 -7.24
N PHE P 63 -73.33 93.58 -8.37
CA PHE P 63 -72.50 93.90 -9.52
C PHE P 63 -72.83 95.29 -10.06
N VAL P 64 -74.11 95.61 -10.15
CA VAL P 64 -74.51 96.92 -10.65
C VAL P 64 -74.14 98.02 -9.67
N ASN P 65 -74.30 97.75 -8.37
CA ASN P 65 -73.98 98.76 -7.36
C ASN P 65 -72.49 99.08 -7.35
N ASP P 66 -71.65 98.05 -7.42
CA ASP P 66 -70.20 98.28 -7.40
C ASP P 66 -69.74 99.00 -8.66
N VAL P 67 -70.26 98.59 -9.81
CA VAL P 67 -69.89 99.26 -11.07
C VAL P 67 -70.34 100.71 -11.05
N PHE P 68 -71.55 100.97 -10.56
CA PHE P 68 -72.01 102.34 -10.41
C PHE P 68 -71.14 103.11 -9.42
N GLU P 69 -70.76 102.46 -8.31
CA GLU P 69 -69.91 103.11 -7.32
C GLU P 69 -68.54 103.44 -7.89
N ARG P 70 -67.97 102.52 -8.67
CA ARG P 70 -66.64 102.75 -9.24
C ARG P 70 -66.65 103.91 -10.22
N ILE P 71 -67.65 103.95 -11.11
CA ILE P 71 -67.72 105.03 -12.09
C ILE P 71 -68.04 106.35 -11.42
N ALA P 72 -69.03 106.37 -10.52
CA ALA P 72 -69.38 107.60 -9.83
C ALA P 72 -68.25 108.09 -8.94
N GLY P 73 -67.56 107.17 -8.27
CA GLY P 73 -66.41 107.56 -7.47
C GLY P 73 -65.29 108.16 -8.29
N GLU P 74 -65.02 107.58 -9.47
CA GLU P 74 -64.02 108.14 -10.36
C GLU P 74 -64.44 109.51 -10.88
N ALA P 75 -65.73 109.67 -11.19
CA ALA P 75 -66.21 110.94 -11.74
C ALA P 75 -66.03 112.07 -10.72
N SER P 76 -66.28 111.80 -9.45
CA SER P 76 -66.07 112.81 -8.41
C SER P 76 -64.60 113.20 -8.33
N ARG P 77 -63.70 112.24 -8.42
CA ARG P 77 -62.27 112.54 -8.36
C ARG P 77 -61.83 113.40 -9.54
N LEU P 78 -62.32 113.07 -10.75
CA LEU P 78 -61.94 113.84 -11.92
C LEU P 78 -62.42 115.28 -11.83
N ALA P 79 -63.65 115.49 -11.37
CA ALA P 79 -64.18 116.85 -11.25
C ALA P 79 -63.39 117.66 -10.23
N HIS P 80 -63.06 117.05 -9.09
CA HIS P 80 -62.30 117.75 -8.06
C HIS P 80 -60.89 118.07 -8.54
N TYR P 81 -60.25 117.14 -9.26
CA TYR P 81 -58.92 117.39 -9.77
C TYR P 81 -58.93 118.50 -10.82
N ASN P 82 -59.98 118.55 -11.63
CA ASN P 82 -60.10 119.53 -12.70
C ASN P 82 -60.75 120.83 -12.25
N LYS P 83 -61.08 120.96 -10.96
CA LYS P 83 -61.65 122.18 -10.40
C LYS P 83 -62.97 122.54 -11.07
N ARG P 84 -63.86 121.55 -11.15
CA ARG P 84 -65.18 121.73 -11.73
C ARG P 84 -66.23 121.35 -10.69
N SER P 85 -67.34 122.09 -10.68
CA SER P 85 -68.43 121.85 -9.74
C SER P 85 -69.60 121.08 -10.39
N THR P 86 -69.43 120.61 -11.62
CA THR P 86 -70.49 119.91 -12.32
C THR P 86 -69.93 118.64 -12.94
N ILE P 87 -70.79 117.63 -13.07
CA ILE P 87 -70.45 116.36 -13.69
C ILE P 87 -71.42 116.10 -14.82
N THR P 88 -70.89 115.74 -15.99
CA THR P 88 -71.70 115.49 -17.17
C THR P 88 -71.12 114.27 -17.89
N SER P 89 -71.56 114.05 -19.13
CA SER P 89 -71.09 112.89 -19.89
C SER P 89 -69.59 112.96 -20.13
N ARG P 90 -69.00 114.15 -20.12
CA ARG P 90 -67.56 114.28 -20.29
C ARG P 90 -66.81 113.60 -19.16
N GLU P 91 -67.28 113.79 -17.93
CA GLU P 91 -66.66 113.10 -16.78
C GLU P 91 -66.88 111.60 -16.85
N ILE P 92 -68.08 111.18 -17.29
CA ILE P 92 -68.37 109.75 -17.39
C ILE P 92 -67.50 109.11 -18.47
N GLN P 93 -67.26 109.82 -19.56
CA GLN P 93 -66.39 109.29 -20.62
C GLN P 93 -64.99 109.03 -20.10
N THR P 94 -64.46 109.97 -19.31
CA THR P 94 -63.14 109.76 -18.71
C THR P 94 -63.17 108.58 -17.74
N ALA P 95 -64.23 108.47 -16.93
CA ALA P 95 -64.33 107.36 -16.00
C ALA P 95 -64.43 106.03 -16.73
N VAL P 96 -65.18 105.99 -17.83
CA VAL P 96 -65.31 104.75 -18.60
C VAL P 96 -63.96 104.36 -19.21
N ARG P 97 -63.26 105.32 -19.79
CA ARG P 97 -61.96 105.03 -20.40
C ARG P 97 -60.95 104.58 -19.35
N LEU P 98 -60.95 105.23 -18.17
CA LEU P 98 -60.02 104.83 -17.12
C LEU P 98 -60.30 103.42 -16.62
N LEU P 99 -61.58 103.09 -16.43
CA LEU P 99 -61.94 101.79 -15.85
C LEU P 99 -61.91 100.69 -16.90
N LEU P 100 -62.60 100.89 -18.02
CA LEU P 100 -62.66 99.85 -19.05
C LEU P 100 -61.31 99.72 -19.75
N PRO P 101 -60.99 98.48 -20.12
CA PRO P 101 -59.72 98.26 -20.73
C PRO P 101 -59.84 98.02 -22.20
N GLY P 102 -60.53 98.89 -22.92
CA GLY P 102 -60.56 98.75 -24.37
C GLY P 102 -61.34 97.56 -24.83
N GLU P 103 -61.82 97.63 -26.06
CA GLU P 103 -62.61 96.54 -26.62
C GLU P 103 -63.91 96.51 -25.90
N LEU P 104 -64.00 97.24 -24.81
CA LEU P 104 -65.25 97.34 -24.13
C LEU P 104 -65.52 98.81 -24.12
N ALA P 105 -64.46 99.59 -24.02
CA ALA P 105 -64.61 101.03 -24.06
C ALA P 105 -65.23 101.40 -25.35
N LYS P 106 -64.66 100.95 -26.44
CA LYS P 106 -65.14 101.38 -27.74
C LYS P 106 -66.64 101.34 -27.79
N HIS P 107 -67.20 100.16 -27.66
CA HIS P 107 -68.63 100.05 -27.82
C HIS P 107 -69.33 100.97 -26.85
N ALA P 108 -68.82 101.10 -25.65
CA ALA P 108 -69.49 101.90 -24.62
C ALA P 108 -69.63 103.36 -24.97
N VAL P 109 -68.58 103.94 -25.52
CA VAL P 109 -68.65 105.32 -25.94
C VAL P 109 -69.70 105.44 -27.00
N SER P 110 -69.88 104.37 -27.76
CA SER P 110 -70.84 104.37 -28.83
C SER P 110 -72.21 104.50 -28.27
N GLU P 111 -72.49 103.69 -27.27
CA GLU P 111 -73.81 103.71 -26.69
C GLU P 111 -74.05 105.04 -26.02
N GLY P 112 -73.04 105.58 -25.35
CA GLY P 112 -73.21 106.82 -24.64
C GLY P 112 -73.69 107.89 -25.58
N THR P 113 -73.00 108.02 -26.71
CA THR P 113 -73.42 108.99 -27.71
C THR P 113 -74.77 108.58 -28.27
N LYS P 114 -75.02 107.28 -28.39
CA LYS P 114 -76.28 106.85 -28.97
C LYS P 114 -77.45 107.35 -28.16
N ALA P 115 -77.38 107.22 -26.85
CA ALA P 115 -78.46 107.73 -26.02
C ALA P 115 -78.51 109.24 -26.00
N VAL P 116 -77.38 109.88 -25.82
CA VAL P 116 -77.40 111.32 -25.74
C VAL P 116 -77.89 111.97 -27.03
N THR P 117 -77.39 111.54 -28.18
CA THR P 117 -77.76 112.14 -29.45
C THR P 117 -79.21 111.88 -29.65
N LYS P 118 -79.63 110.69 -29.31
CA LYS P 118 -81.01 110.33 -29.47
C LYS P 118 -81.84 111.08 -28.47
N TYR P 119 -81.38 111.08 -27.24
CA TYR P 119 -82.10 111.78 -26.22
C TYR P 119 -82.38 113.16 -26.71
N THR P 120 -81.37 113.81 -27.27
CA THR P 120 -81.54 115.20 -27.67
C THR P 120 -82.65 115.41 -28.68
N SER P 121 -83.06 114.35 -29.38
CA SER P 121 -84.07 114.48 -30.43
C SER P 121 -85.43 114.09 -29.96
N ALA P 122 -85.60 113.96 -28.66
CA ALA P 122 -86.87 113.48 -28.19
C ALA P 122 -87.47 114.39 -27.19
N LYS P 123 -88.77 114.26 -27.00
CA LYS P 123 -89.48 115.10 -26.05
C LYS P 123 -90.86 114.54 -25.93
N LYS Q 21 -103.54 -128.34 31.96
CA LYS Q 21 -103.17 -127.07 31.35
C LYS Q 21 -102.29 -126.24 32.27
N LYS Q 22 -102.91 -125.65 33.28
CA LYS Q 22 -102.20 -124.81 34.25
C LYS Q 22 -101.91 -125.52 35.56
N ASP Q 23 -102.28 -126.80 35.71
CA ASP Q 23 -102.01 -127.51 36.95
C ASP Q 23 -100.51 -127.68 37.18
N GLY Q 24 -99.75 -127.91 36.11
CA GLY Q 24 -98.31 -127.93 36.23
C GLY Q 24 -97.74 -126.55 36.52
N LYS Q 25 -96.46 -126.52 36.89
CA LYS Q 25 -95.81 -125.27 37.25
C LYS Q 25 -95.83 -124.29 36.09
N LYS Q 26 -96.60 -123.21 36.23
CA LYS Q 26 -96.80 -122.25 35.16
C LYS Q 26 -96.71 -120.80 35.61
N ARG Q 27 -96.76 -120.53 36.92
CA ARG Q 27 -96.87 -119.15 37.41
C ARG Q 27 -95.69 -118.28 36.98
N ARG Q 28 -94.56 -118.89 36.62
CA ARG Q 28 -93.35 -118.15 36.30
C ARG Q 28 -93.27 -117.74 34.83
N LYS Q 29 -94.41 -117.65 34.14
CA LYS Q 29 -94.46 -117.17 32.77
C LYS Q 29 -95.06 -115.77 32.77
N SER Q 30 -94.21 -114.75 32.63
CA SER Q 30 -94.64 -113.37 32.72
C SER Q 30 -93.52 -112.48 32.17
N ARG Q 31 -93.69 -111.17 32.37
CA ARG Q 31 -92.73 -110.09 32.04
C ARG Q 31 -92.16 -110.32 30.64
N LYS Q 32 -90.83 -110.29 30.45
CA LYS Q 32 -90.17 -110.40 29.15
C LYS Q 32 -90.59 -109.21 28.27
N GLU Q 33 -90.41 -108.01 28.81
CA GLU Q 33 -90.32 -106.78 28.03
C GLU Q 33 -88.84 -106.36 28.02
N SER Q 34 -88.03 -107.08 27.24
CA SER Q 34 -86.60 -106.87 27.24
C SER Q 34 -86.04 -107.23 25.88
N TYR Q 35 -84.73 -106.99 25.71
CA TYR Q 35 -84.04 -107.18 24.43
C TYR Q 35 -82.80 -108.05 24.58
N ALA Q 36 -82.82 -109.02 25.50
CA ALA Q 36 -81.59 -109.76 25.82
C ALA Q 36 -81.10 -110.56 24.61
N ILE Q 37 -81.97 -111.37 24.01
CA ILE Q 37 -81.57 -112.18 22.87
C ILE Q 37 -81.33 -111.30 21.65
N TYR Q 38 -82.16 -110.28 21.46
CA TYR Q 38 -82.01 -109.41 20.29
C TYR Q 38 -80.68 -108.68 20.32
N VAL Q 39 -80.26 -108.18 21.48
CA VAL Q 39 -78.92 -107.61 21.62
C VAL Q 39 -77.87 -108.70 21.40
N TYR Q 40 -78.11 -109.89 21.95
CA TYR Q 40 -77.18 -111.00 21.76
C TYR Q 40 -77.06 -111.38 20.29
N LYS Q 41 -78.18 -111.42 19.57
CA LYS Q 41 -78.14 -111.73 18.15
C LYS Q 41 -77.39 -110.66 17.37
N VAL Q 42 -77.63 -109.39 17.69
CA VAL Q 42 -76.90 -108.30 17.04
C VAL Q 42 -75.42 -108.36 17.41
N LEU Q 43 -75.12 -108.73 18.66
CA LEU Q 43 -73.74 -108.78 19.11
C LEU Q 43 -72.94 -109.80 18.31
N LYS Q 44 -73.53 -110.98 18.07
CA LYS Q 44 -72.83 -112.00 17.31
C LYS Q 44 -72.65 -111.59 15.85
N GLN Q 45 -73.65 -110.92 15.28
CA GLN Q 45 -73.56 -110.51 13.88
C GLN Q 45 -72.51 -109.42 13.69
N VAL Q 46 -72.49 -108.43 14.57
CA VAL Q 46 -71.50 -107.36 14.46
C VAL Q 46 -70.11 -107.90 14.80
N HIS Q 47 -69.99 -108.65 15.89
CA HIS Q 47 -68.73 -109.25 16.30
C HIS Q 47 -68.87 -110.76 16.28
N PRO Q 48 -68.22 -111.47 15.35
CA PRO Q 48 -68.46 -112.91 15.20
C PRO Q 48 -68.14 -113.73 16.45
N ASP Q 49 -66.90 -113.65 16.93
CA ASP Q 49 -66.44 -114.47 18.05
C ASP Q 49 -66.17 -113.56 19.26
N THR Q 50 -67.17 -113.43 20.12
CA THR Q 50 -67.04 -112.67 21.35
C THR Q 50 -68.13 -113.13 22.31
N GLY Q 51 -67.92 -112.83 23.60
CA GLY Q 51 -68.85 -113.21 24.64
C GLY Q 51 -69.41 -111.99 25.34
N ILE Q 52 -70.57 -112.17 25.98
CA ILE Q 52 -71.20 -111.13 26.78
C ILE Q 52 -71.53 -111.71 28.15
N SER Q 53 -71.55 -110.87 29.16
CA SER Q 53 -71.85 -111.31 30.52
C SER Q 53 -73.30 -111.00 30.87
N SER Q 54 -73.87 -111.83 31.75
CA SER Q 54 -75.22 -111.60 32.21
C SER Q 54 -75.35 -110.24 32.91
N LYS Q 55 -74.27 -109.77 33.53
CA LYS Q 55 -74.27 -108.43 34.09
C LYS Q 55 -74.42 -107.37 33.01
N ALA Q 56 -73.62 -107.48 31.94
CA ALA Q 56 -73.65 -106.47 30.88
C ALA Q 56 -74.98 -106.47 30.13
N MET Q 57 -75.71 -107.58 30.15
CA MET Q 57 -77.02 -107.61 29.51
C MET Q 57 -78.01 -106.70 30.24
N SER Q 58 -77.84 -106.55 31.56
CA SER Q 58 -78.75 -105.72 32.33
C SER Q 58 -78.62 -104.24 31.96
N ILE Q 59 -77.39 -103.75 31.81
CA ILE Q 59 -77.19 -102.35 31.42
C ILE Q 59 -77.73 -102.12 30.02
N MET Q 60 -77.44 -103.04 29.10
CA MET Q 60 -77.90 -102.88 27.72
C MET Q 60 -79.41 -102.92 27.63
N ASN Q 61 -80.05 -103.82 28.38
CA ASN Q 61 -81.51 -103.94 28.33
C ASN Q 61 -82.19 -102.67 28.83
N SER Q 62 -81.69 -102.10 29.94
CA SER Q 62 -82.27 -100.87 30.46
C SER Q 62 -81.95 -99.68 29.57
N PHE Q 63 -80.77 -99.68 28.96
CA PHE Q 63 -80.40 -98.59 28.06
C PHE Q 63 -81.33 -98.53 26.85
N VAL Q 64 -81.65 -99.69 26.28
CA VAL Q 64 -82.55 -99.73 25.13
C VAL Q 64 -83.95 -99.25 25.53
N ASN Q 65 -84.39 -99.65 26.72
CA ASN Q 65 -85.71 -99.23 27.19
C ASN Q 65 -85.79 -97.70 27.33
N ASP Q 66 -84.75 -97.08 27.89
CA ASP Q 66 -84.73 -95.64 28.00
C ASP Q 66 -84.67 -94.98 26.62
N VAL Q 67 -83.86 -95.53 25.72
CA VAL Q 67 -83.79 -95.00 24.36
C VAL Q 67 -85.16 -95.11 23.69
N PHE Q 68 -85.82 -96.24 23.84
CA PHE Q 68 -87.16 -96.41 23.28
C PHE Q 68 -88.13 -95.40 23.89
N GLU Q 69 -88.04 -95.17 25.21
CA GLU Q 69 -88.89 -94.18 25.85
C GLU Q 69 -88.58 -92.77 25.38
N ARG Q 70 -87.29 -92.47 25.17
CA ARG Q 70 -86.90 -91.11 24.79
C ARG Q 70 -87.44 -90.74 23.43
N ILE Q 71 -87.27 -91.61 22.43
CA ILE Q 71 -87.72 -91.28 21.08
C ILE Q 71 -89.24 -91.30 21.00
N ALA Q 72 -89.87 -92.28 21.66
CA ALA Q 72 -91.33 -92.33 21.67
C ALA Q 72 -91.92 -91.21 22.52
N GLY Q 73 -91.20 -90.80 23.56
CA GLY Q 73 -91.67 -89.69 24.38
C GLY Q 73 -91.76 -88.40 23.59
N GLU Q 74 -90.73 -88.12 22.77
CA GLU Q 74 -90.78 -86.97 21.89
C GLU Q 74 -91.86 -87.14 20.83
N ALA Q 75 -91.97 -88.35 20.25
CA ALA Q 75 -92.92 -88.58 19.17
C ALA Q 75 -94.36 -88.35 19.64
N SER Q 76 -94.61 -88.55 20.95
CA SER Q 76 -95.92 -88.20 21.50
C SER Q 76 -96.18 -86.71 21.40
N ARG Q 77 -95.15 -85.89 21.66
CA ARG Q 77 -95.31 -84.45 21.62
C ARG Q 77 -95.58 -83.96 20.19
N LEU Q 78 -94.84 -84.48 19.21
CA LEU Q 78 -95.06 -84.07 17.83
C LEU Q 78 -96.47 -84.42 17.35
N ALA Q 79 -96.95 -85.61 17.71
CA ALA Q 79 -98.29 -86.01 17.29
C ALA Q 79 -99.36 -85.11 17.88
N HIS Q 80 -99.21 -84.74 19.16
CA HIS Q 80 -100.25 -83.94 19.81
C HIS Q 80 -100.27 -82.51 19.27
N TYR Q 81 -99.10 -81.92 19.01
CA TYR Q 81 -99.04 -80.53 18.56
C TYR Q 81 -99.50 -80.36 17.12
N ASN Q 82 -99.47 -81.41 16.31
CA ASN Q 82 -99.80 -81.33 14.90
C ASN Q 82 -101.20 -81.81 14.58
N LYS Q 83 -102.03 -82.06 15.60
CA LYS Q 83 -103.40 -82.56 15.42
C LYS Q 83 -103.42 -83.85 14.62
N ARG Q 84 -102.42 -84.71 14.84
CA ARG Q 84 -102.30 -85.99 14.14
C ARG Q 84 -102.38 -87.11 15.17
N SER Q 85 -103.27 -88.07 14.92
CA SER Q 85 -103.46 -89.17 15.87
C SER Q 85 -102.49 -90.32 15.60
N THR Q 86 -102.24 -90.64 14.33
CA THR Q 86 -101.38 -91.75 13.99
C THR Q 86 -99.91 -91.39 14.22
N ILE Q 87 -99.08 -92.43 14.32
CA ILE Q 87 -97.64 -92.29 14.43
C ILE Q 87 -97.02 -92.95 13.21
N THR Q 88 -96.23 -92.18 12.47
CA THR Q 88 -95.61 -92.67 11.23
C THR Q 88 -94.10 -92.48 11.33
N SER Q 89 -93.41 -92.87 10.25
CA SER Q 89 -91.96 -92.75 10.22
C SER Q 89 -91.52 -91.29 10.15
N ARG Q 90 -92.35 -90.43 9.58
CA ARG Q 90 -92.00 -89.01 9.46
C ARG Q 90 -91.85 -88.37 10.84
N GLU Q 91 -92.78 -88.65 11.75
CA GLU Q 91 -92.67 -88.12 13.10
C GLU Q 91 -91.48 -88.71 13.84
N ILE Q 92 -91.22 -90.00 13.64
CA ILE Q 92 -90.04 -90.62 14.23
C ILE Q 92 -88.77 -90.05 13.61
N GLN Q 93 -88.81 -89.71 12.32
CA GLN Q 93 -87.66 -89.07 11.69
C GLN Q 93 -87.33 -87.75 12.37
N THR Q 94 -88.35 -86.98 12.73
CA THR Q 94 -88.13 -85.74 13.49
C THR Q 94 -87.53 -86.05 14.86
N ALA Q 95 -88.02 -87.09 15.52
CA ALA Q 95 -87.53 -87.42 16.85
C ALA Q 95 -86.05 -87.82 16.82
N VAL Q 96 -85.63 -88.55 15.79
CA VAL Q 96 -84.24 -88.98 15.69
C VAL Q 96 -83.33 -87.76 15.57
N ARG Q 97 -83.71 -86.81 14.72
CA ARG Q 97 -82.92 -85.59 14.58
C ARG Q 97 -82.92 -84.78 15.87
N LEU Q 98 -84.06 -84.72 16.55
CA LEU Q 98 -84.15 -83.94 17.77
C LEU Q 98 -83.34 -84.58 18.91
N LEU Q 99 -83.32 -85.90 18.97
CA LEU Q 99 -82.65 -86.60 20.07
C LEU Q 99 -81.17 -86.83 19.78
N LEU Q 100 -80.86 -87.54 18.69
CA LEU Q 100 -79.49 -87.89 18.37
C LEU Q 100 -78.76 -86.70 17.75
N PRO Q 101 -77.44 -86.65 17.87
CA PRO Q 101 -76.67 -85.58 17.21
C PRO Q 101 -76.59 -85.76 15.71
N GLY Q 102 -75.85 -84.89 15.04
CA GLY Q 102 -75.83 -84.91 13.57
C GLY Q 102 -75.24 -86.19 13.01
N GLU Q 103 -74.10 -86.62 13.54
CA GLU Q 103 -73.46 -87.82 13.02
C GLU Q 103 -74.29 -89.06 13.33
N LEU Q 104 -74.83 -89.15 14.54
CA LEU Q 104 -75.63 -90.32 14.92
C LEU Q 104 -76.92 -90.38 14.11
N ALA Q 105 -77.55 -89.23 13.88
CA ALA Q 105 -78.81 -89.22 13.13
C ALA Q 105 -78.60 -89.55 11.67
N LYS Q 106 -77.43 -89.19 11.12
CA LYS Q 106 -77.17 -89.44 9.70
C LYS Q 106 -77.20 -90.94 9.40
N HIS Q 107 -76.57 -91.74 10.24
CA HIS Q 107 -76.61 -93.19 10.05
C HIS Q 107 -77.96 -93.77 10.46
N ALA Q 108 -78.61 -93.15 11.45
CA ALA Q 108 -79.89 -93.66 11.93
C ALA Q 108 -80.97 -93.56 10.87
N VAL Q 109 -81.01 -92.44 10.15
CA VAL Q 109 -82.05 -92.26 9.13
C VAL Q 109 -81.82 -93.20 7.95
N SER Q 110 -80.56 -93.44 7.59
CA SER Q 110 -80.28 -94.33 6.47
C SER Q 110 -80.73 -95.75 6.78
N GLU Q 111 -80.46 -96.23 7.99
CA GLU Q 111 -80.92 -97.56 8.38
C GLU Q 111 -82.44 -97.61 8.46
N GLY Q 112 -83.06 -96.56 9.01
CA GLY Q 112 -84.51 -96.54 9.11
C GLY Q 112 -85.19 -96.46 7.76
N THR Q 113 -84.69 -95.60 6.87
CA THR Q 113 -85.29 -95.47 5.55
C THR Q 113 -85.13 -96.76 4.74
N LYS Q 114 -83.97 -97.41 4.85
CA LYS Q 114 -83.77 -98.66 4.13
C LYS Q 114 -84.69 -99.76 4.66
N ALA Q 115 -85.06 -99.68 5.94
CA ALA Q 115 -85.98 -100.66 6.51
C ALA Q 115 -87.36 -100.55 5.88
N VAL Q 116 -87.83 -99.32 5.66
CA VAL Q 116 -89.16 -99.11 5.11
C VAL Q 116 -89.22 -99.55 3.65
N THR Q 117 -88.19 -99.19 2.87
CA THR Q 117 -88.19 -99.50 1.44
C THR Q 117 -88.17 -101.00 1.19
N LYS Q 118 -87.33 -101.73 1.94
CA LYS Q 118 -87.26 -103.17 1.75
C LYS Q 118 -88.51 -103.87 2.26
N TYR Q 119 -89.11 -103.35 3.34
CA TYR Q 119 -90.32 -103.96 3.87
C TYR Q 119 -91.48 -103.84 2.88
N THR Q 120 -91.61 -102.68 2.25
CA THR Q 120 -92.70 -102.48 1.29
C THR Q 120 -92.52 -103.35 0.05
N SER Q 121 -91.27 -103.62 -0.34
CA SER Q 121 -90.98 -104.45 -1.50
C SER Q 121 -90.93 -105.94 -1.17
N ALA Q 122 -91.17 -106.31 0.08
CA ALA Q 122 -91.16 -107.70 0.51
C ALA Q 122 -92.56 -108.13 0.95
N LYS Q 123 -92.87 -109.39 0.69
CA LYS Q 123 -94.17 -109.94 1.07
C LYS Q 123 -94.08 -111.46 1.21
N THR R 19 -123.91 67.04 -50.32
CA THR R 19 -125.03 67.84 -50.82
C THR R 19 -124.76 68.34 -52.23
N GLN R 20 -125.50 69.37 -52.64
CA GLN R 20 -125.29 69.95 -53.96
C GLN R 20 -123.90 70.57 -54.08
N LYS R 21 -123.44 71.25 -53.03
CA LYS R 21 -122.10 71.81 -52.98
C LYS R 21 -121.46 71.43 -51.65
N LYS R 22 -120.14 71.24 -51.67
CA LYS R 22 -119.38 70.88 -50.48
C LYS R 22 -119.91 69.59 -49.86
N ASP R 23 -119.61 69.39 -48.58
CA ASP R 23 -120.14 68.25 -47.81
C ASP R 23 -119.80 66.92 -48.46
N GLY R 24 -118.61 66.83 -49.03
CA GLY R 24 -118.09 65.61 -49.62
C GLY R 24 -116.67 65.36 -49.17
N LYS R 25 -115.92 64.67 -50.02
CA LYS R 25 -114.49 64.46 -49.78
C LYS R 25 -113.68 65.58 -50.40
N LYS R 26 -114.08 66.82 -50.07
CA LYS R 26 -113.42 68.01 -50.58
C LYS R 26 -112.10 68.29 -49.87
N ARG R 27 -111.95 67.84 -48.62
CA ARG R 27 -110.74 68.17 -47.86
C ARG R 27 -109.49 67.63 -48.52
N ARG R 28 -109.59 66.47 -49.18
CA ARG R 28 -108.45 65.87 -49.88
C ARG R 28 -108.45 66.31 -51.36
N LYS R 29 -108.28 67.62 -51.55
CA LYS R 29 -108.25 68.21 -52.88
C LYS R 29 -107.05 69.16 -53.04
N SER R 30 -106.11 69.11 -52.10
CA SER R 30 -104.95 69.98 -52.16
C SER R 30 -104.16 69.72 -53.43
N ARG R 31 -103.76 70.80 -54.10
CA ARG R 31 -103.11 70.74 -55.40
C ARG R 31 -101.59 70.76 -55.22
N LYS R 32 -100.93 69.79 -55.84
CA LYS R 32 -99.47 69.73 -55.90
C LYS R 32 -99.05 69.98 -57.34
N GLU R 33 -98.25 71.02 -57.55
CA GLU R 33 -97.90 71.45 -58.89
C GLU R 33 -96.83 70.52 -59.47
N SER R 34 -97.07 70.02 -60.68
CA SER R 34 -96.13 69.14 -61.36
C SER R 34 -96.37 69.25 -62.87
N TYR R 35 -95.29 69.11 -63.62
CA TYR R 35 -95.33 69.15 -65.08
C TYR R 35 -95.30 67.76 -65.70
N ALA R 36 -95.48 66.71 -64.88
CA ALA R 36 -95.34 65.35 -65.38
C ALA R 36 -96.39 65.02 -66.44
N ILE R 37 -97.63 65.43 -66.22
CA ILE R 37 -98.69 65.11 -67.18
C ILE R 37 -98.44 65.79 -68.52
N TYR R 38 -98.03 67.07 -68.49
CA TYR R 38 -97.76 67.77 -69.73
C TYR R 38 -96.50 67.24 -70.41
N VAL R 39 -95.49 66.88 -69.64
CA VAL R 39 -94.30 66.23 -70.21
C VAL R 39 -94.68 64.89 -70.80
N TYR R 40 -95.59 64.17 -70.15
CA TYR R 40 -96.06 62.89 -70.69
C TYR R 40 -96.71 63.07 -72.05
N LYS R 41 -97.49 64.12 -72.22
CA LYS R 41 -98.08 64.40 -73.53
C LYS R 41 -97.00 64.71 -74.57
N VAL R 42 -95.98 65.48 -74.18
CA VAL R 42 -94.89 65.78 -75.09
C VAL R 42 -94.08 64.53 -75.41
N LEU R 43 -93.89 63.67 -74.41
CA LEU R 43 -93.10 62.45 -74.62
C LEU R 43 -93.74 61.55 -75.66
N LYS R 44 -95.06 61.40 -75.62
CA LYS R 44 -95.75 60.54 -76.57
C LYS R 44 -95.63 61.08 -77.99
N GLN R 45 -95.64 62.41 -78.14
CA GLN R 45 -95.54 62.99 -79.48
C GLN R 45 -94.17 62.75 -80.09
N VAL R 46 -93.10 63.01 -79.33
CA VAL R 46 -91.75 62.83 -79.86
C VAL R 46 -91.44 61.35 -80.03
N HIS R 47 -91.82 60.51 -79.07
CA HIS R 47 -91.53 59.08 -79.09
C HIS R 47 -92.81 58.31 -78.77
N PRO R 48 -93.59 57.95 -79.79
CA PRO R 48 -94.88 57.29 -79.51
C PRO R 48 -94.77 55.96 -78.78
N ASP R 49 -93.73 55.18 -79.04
CA ASP R 49 -93.62 53.82 -78.52
C ASP R 49 -92.67 53.72 -77.32
N THR R 50 -92.53 54.79 -76.54
CA THR R 50 -91.69 54.79 -75.35
C THR R 50 -92.50 55.25 -74.16
N GLY R 51 -92.32 54.57 -73.04
CA GLY R 51 -92.97 54.93 -71.79
C GLY R 51 -92.05 55.71 -70.87
N ILE R 52 -92.52 55.91 -69.64
CA ILE R 52 -91.74 56.60 -68.62
C ILE R 52 -92.24 56.19 -67.25
N SER R 53 -91.33 56.13 -66.27
CA SER R 53 -91.70 55.78 -64.91
C SER R 53 -92.22 57.01 -64.17
N SER R 54 -93.04 56.76 -63.15
CA SER R 54 -93.55 57.86 -62.33
C SER R 54 -92.43 58.58 -61.60
N LYS R 55 -91.44 57.83 -61.10
CA LYS R 55 -90.30 58.46 -60.44
C LYS R 55 -89.49 59.31 -61.41
N ALA R 56 -89.33 58.84 -62.65
CA ALA R 56 -88.60 59.62 -63.64
C ALA R 56 -89.36 60.89 -64.01
N MET R 57 -90.70 60.84 -63.93
CA MET R 57 -91.50 62.03 -64.20
C MET R 57 -91.22 63.13 -63.19
N SER R 58 -91.01 62.75 -61.92
CA SER R 58 -90.72 63.74 -60.90
C SER R 58 -89.38 64.44 -61.15
N ILE R 59 -88.40 63.70 -61.67
CA ILE R 59 -87.09 64.29 -61.95
C ILE R 59 -87.22 65.36 -63.03
N MET R 60 -87.97 65.07 -64.10
CA MET R 60 -88.17 66.06 -65.14
C MET R 60 -89.04 67.22 -64.67
N ASN R 61 -89.97 66.95 -63.76
CA ASN R 61 -90.79 68.02 -63.19
C ASN R 61 -89.93 69.02 -62.43
N SER R 62 -88.98 68.52 -61.63
CA SER R 62 -88.06 69.42 -60.93
C SER R 62 -87.12 70.11 -61.91
N PHE R 63 -86.78 69.44 -63.01
CA PHE R 63 -85.92 70.05 -64.02
C PHE R 63 -86.60 71.26 -64.66
N VAL R 64 -87.88 71.14 -65.00
CA VAL R 64 -88.60 72.26 -65.60
C VAL R 64 -88.72 73.41 -64.61
N ASN R 65 -89.03 73.09 -63.35
CA ASN R 65 -89.18 74.13 -62.34
C ASN R 65 -87.87 74.89 -62.12
N ASP R 66 -86.75 74.17 -62.08
CA ASP R 66 -85.46 74.84 -61.93
C ASP R 66 -85.17 75.74 -63.12
N VAL R 67 -85.45 75.26 -64.34
CA VAL R 67 -85.30 76.12 -65.52
C VAL R 67 -86.28 77.28 -65.45
N PHE R 68 -87.52 77.01 -65.05
CA PHE R 68 -88.52 78.07 -64.95
C PHE R 68 -88.12 79.10 -63.90
N GLU R 69 -87.66 78.65 -62.73
CA GLU R 69 -87.28 79.58 -61.68
C GLU R 69 -86.07 80.42 -62.09
N ARG R 70 -85.07 79.78 -62.69
CA ARG R 70 -83.87 80.52 -63.12
C ARG R 70 -84.19 81.52 -64.22
N ILE R 71 -85.01 81.12 -65.20
CA ILE R 71 -85.33 82.01 -66.31
C ILE R 71 -86.23 83.14 -65.85
N ALA R 72 -87.16 82.85 -64.94
CA ALA R 72 -88.06 83.90 -64.44
C ALA R 72 -87.34 84.83 -63.48
N GLY R 73 -86.50 84.26 -62.59
CA GLY R 73 -85.74 85.09 -61.69
C GLY R 73 -84.77 86.00 -62.40
N GLU R 74 -84.09 85.48 -63.42
CA GLU R 74 -83.19 86.32 -64.22
C GLU R 74 -83.98 87.40 -64.97
N ALA R 75 -85.12 87.04 -65.54
CA ALA R 75 -85.94 88.02 -66.24
C ALA R 75 -86.49 89.07 -65.29
N SER R 76 -86.94 88.63 -64.10
CA SER R 76 -87.42 89.59 -63.11
C SER R 76 -86.30 90.51 -62.65
N ARG R 77 -85.11 89.97 -62.43
CA ARG R 77 -83.96 90.80 -62.08
C ARG R 77 -83.58 91.72 -63.23
N LEU R 78 -83.77 91.27 -64.47
CA LEU R 78 -83.48 92.12 -65.62
C LEU R 78 -84.38 93.35 -65.64
N ALA R 79 -85.66 93.17 -65.31
CA ALA R 79 -86.58 94.31 -65.26
C ALA R 79 -86.18 95.29 -64.16
N HIS R 80 -85.73 94.77 -63.02
CA HIS R 80 -85.30 95.64 -61.92
C HIS R 80 -84.09 96.47 -62.31
N TYR R 81 -83.22 95.92 -63.15
CA TYR R 81 -82.01 96.63 -63.56
C TYR R 81 -82.35 97.91 -64.33
N ASN R 82 -83.33 97.84 -65.23
CA ASN R 82 -83.72 98.99 -66.04
C ASN R 82 -84.93 99.73 -65.48
N LYS R 83 -85.35 99.40 -64.26
CA LYS R 83 -86.49 100.05 -63.60
C LYS R 83 -87.76 99.94 -64.45
N ARG R 84 -88.01 98.74 -64.96
CA ARG R 84 -89.18 98.45 -65.76
C ARG R 84 -90.13 97.54 -64.97
N SER R 85 -91.40 97.92 -64.93
CA SER R 85 -92.40 97.19 -64.16
C SER R 85 -93.18 96.17 -64.98
N THR R 86 -92.83 95.98 -66.25
CA THR R 86 -93.55 95.06 -67.12
C THR R 86 -92.61 94.00 -67.66
N ILE R 87 -93.04 92.74 -67.59
CA ILE R 87 -92.31 91.60 -68.13
C ILE R 87 -93.03 91.12 -69.39
N THR R 88 -92.29 90.96 -70.46
CA THR R 88 -92.86 90.55 -71.74
C THR R 88 -91.86 89.66 -72.45
N SER R 89 -92.07 89.43 -73.76
CA SER R 89 -91.20 88.54 -74.51
C SER R 89 -89.77 89.06 -74.58
N ARG R 90 -89.59 90.39 -74.47
CA ARG R 90 -88.26 90.96 -74.55
C ARG R 90 -87.38 90.48 -73.40
N GLU R 91 -87.91 90.46 -72.19
CA GLU R 91 -87.12 90.04 -71.04
C GLU R 91 -86.82 88.54 -71.09
N ILE R 92 -87.78 87.73 -71.53
CA ILE R 92 -87.56 86.30 -71.61
C ILE R 92 -86.53 85.98 -72.68
N GLN R 93 -86.53 86.72 -73.79
CA GLN R 93 -85.52 86.52 -74.83
C GLN R 93 -84.12 86.77 -74.28
N THR R 94 -83.96 87.82 -73.48
CA THR R 94 -82.66 88.09 -72.88
C THR R 94 -82.24 86.97 -71.94
N ALA R 95 -83.18 86.48 -71.11
CA ALA R 95 -82.85 85.44 -70.15
C ALA R 95 -82.53 84.12 -70.84
N VAL R 96 -83.15 83.87 -72.00
CA VAL R 96 -82.88 82.64 -72.75
C VAL R 96 -81.42 82.60 -73.19
N ARG R 97 -80.91 83.72 -73.70
CA ARG R 97 -79.55 83.75 -74.21
C ARG R 97 -78.53 83.56 -73.09
N LEU R 98 -78.79 84.13 -71.92
CA LEU R 98 -77.84 84.00 -70.81
C LEU R 98 -77.76 82.57 -70.32
N LEU R 99 -78.91 81.95 -70.04
CA LEU R 99 -78.91 80.62 -69.45
C LEU R 99 -78.53 79.56 -70.47
N LEU R 100 -79.08 79.63 -71.67
CA LEU R 100 -78.84 78.61 -72.69
C LEU R 100 -77.70 79.06 -73.61
N PRO R 101 -76.60 78.33 -73.66
CA PRO R 101 -75.49 78.72 -74.54
C PRO R 101 -75.53 78.03 -75.90
N GLY R 102 -74.98 78.74 -76.88
CA GLY R 102 -74.70 78.15 -78.18
C GLY R 102 -75.95 77.72 -78.93
N GLU R 103 -75.98 76.44 -79.32
CA GLU R 103 -77.02 75.94 -80.23
C GLU R 103 -78.40 76.02 -79.59
N LEU R 104 -78.50 75.73 -78.29
CA LEU R 104 -79.81 75.70 -77.64
C LEU R 104 -80.48 77.06 -77.70
N ALA R 105 -79.72 78.14 -77.48
CA ALA R 105 -80.30 79.48 -77.55
C ALA R 105 -80.78 79.82 -78.96
N LYS R 106 -80.01 79.43 -79.97
CA LYS R 106 -80.34 79.79 -81.34
C LYS R 106 -81.66 79.18 -81.78
N HIS R 107 -81.87 77.89 -81.46
CA HIS R 107 -83.10 77.23 -81.86
C HIS R 107 -84.28 77.66 -80.99
N ALA R 108 -84.02 78.00 -79.72
CA ALA R 108 -85.11 78.40 -78.83
C ALA R 108 -85.78 79.68 -79.32
N VAL R 109 -85.00 80.65 -79.79
CA VAL R 109 -85.57 81.90 -80.29
C VAL R 109 -86.44 81.64 -81.50
N SER R 110 -85.98 80.79 -82.42
CA SER R 110 -86.76 80.49 -83.62
C SER R 110 -88.08 79.81 -83.27
N GLU R 111 -88.05 78.86 -82.34
CA GLU R 111 -89.26 78.17 -81.93
C GLU R 111 -90.22 79.12 -81.21
N GLY R 112 -89.67 80.03 -80.40
CA GLY R 112 -90.51 81.01 -79.75
C GLY R 112 -91.22 81.94 -80.73
N THR R 113 -90.52 82.32 -81.79
CA THR R 113 -91.13 83.16 -82.82
C THR R 113 -92.28 82.44 -83.51
N LYS R 114 -92.12 81.14 -83.76
CA LYS R 114 -93.19 80.37 -84.39
C LYS R 114 -94.44 80.34 -83.53
N ALA R 115 -94.27 80.14 -82.22
CA ALA R 115 -95.43 80.13 -81.32
C ALA R 115 -96.08 81.50 -81.23
N VAL R 116 -95.27 82.56 -81.22
CA VAL R 116 -95.81 83.91 -81.11
C VAL R 116 -96.64 84.25 -82.34
N THR R 117 -96.16 83.91 -83.52
CA THR R 117 -96.87 84.24 -84.76
C THR R 117 -98.22 83.56 -84.82
N LYS R 118 -98.29 82.28 -84.44
CA LYS R 118 -99.56 81.56 -84.50
C LYS R 118 -100.57 82.14 -83.52
N TYR R 119 -100.15 82.46 -82.30
CA TYR R 119 -101.06 83.00 -81.30
C TYR R 119 -101.57 84.38 -81.73
N THR R 120 -100.68 85.22 -82.24
CA THR R 120 -101.08 86.57 -82.65
C THR R 120 -101.96 86.56 -83.90
N SER R 121 -101.96 85.47 -84.66
CA SER R 121 -102.77 85.36 -85.87
C SER R 121 -104.00 84.47 -85.68
N ALA R 122 -104.27 84.02 -84.46
CA ALA R 122 -105.39 83.15 -84.20
C ALA R 122 -106.13 83.61 -82.96
N LYS R 123 -107.42 83.27 -82.89
CA LYS R 123 -108.25 83.62 -81.76
C LYS R 123 -109.35 82.58 -81.56
N MET S 1 125.49 -23.31 93.93
CA MET S 1 126.49 -22.33 94.34
C MET S 1 126.25 -21.88 95.77
N ALA S 2 127.30 -21.95 96.59
CA ALA S 2 127.19 -21.57 97.99
C ALA S 2 126.95 -20.07 98.13
N LYS S 3 126.14 -19.71 99.13
CA LYS S 3 125.82 -18.32 99.43
C LYS S 3 126.21 -18.00 100.86
N SER S 4 126.47 -16.72 101.12
CA SER S 4 126.93 -16.30 102.44
C SER S 4 125.76 -16.14 103.41
N ALA S 5 124.86 -15.21 103.13
CA ALA S 5 123.74 -14.94 104.03
C ALA S 5 122.59 -14.25 103.32
N PRO S 6 121.62 -15.02 102.81
CA PRO S 6 120.42 -14.41 102.21
C PRO S 6 119.24 -14.23 103.17
N ALA S 7 119.44 -14.50 104.46
CA ALA S 7 118.33 -14.47 105.42
C ALA S 7 117.69 -13.09 105.61
N PRO S 8 118.45 -11.99 105.83
CA PRO S 8 117.85 -10.78 106.41
C PRO S 8 116.65 -10.18 105.68
N LYS S 9 116.79 -9.82 104.40
CA LYS S 9 115.81 -8.97 103.74
C LYS S 9 115.36 -9.58 102.41
N LYS S 10 115.02 -10.86 102.42
CA LYS S 10 114.47 -11.53 101.25
C LYS S 10 113.05 -11.98 101.55
N GLY S 11 112.08 -11.35 100.91
CA GLY S 11 110.68 -11.69 101.12
C GLY S 11 109.83 -11.59 99.87
N SER S 12 110.48 -11.54 98.71
CA SER S 12 109.77 -11.43 97.43
C SER S 12 110.43 -12.35 96.41
N LYS S 13 109.66 -12.73 95.40
CA LYS S 13 110.12 -13.64 94.35
C LYS S 13 110.23 -12.96 93.00
N LYS S 14 109.17 -12.32 92.52
CA LYS S 14 109.17 -11.68 91.20
C LYS S 14 108.25 -10.46 91.27
N ALA S 15 108.85 -9.28 91.40
CA ALA S 15 108.06 -8.05 91.43
C ALA S 15 107.70 -7.58 90.03
N VAL S 16 108.72 -7.19 89.24
CA VAL S 16 108.52 -6.77 87.87
C VAL S 16 109.62 -7.35 86.99
N THR S 17 109.31 -8.47 86.32
CA THR S 17 110.21 -9.15 85.39
C THR S 17 111.66 -9.16 85.88
N LYS S 18 112.52 -8.37 85.24
CA LYS S 18 113.93 -8.23 85.61
C LYS S 18 114.61 -9.59 85.72
N THR S 19 114.53 -10.35 84.64
CA THR S 19 115.13 -11.68 84.57
C THR S 19 116.35 -11.64 83.66
N GLN S 20 117.42 -12.29 84.07
CA GLN S 20 118.62 -12.41 83.25
C GLN S 20 118.67 -13.71 82.47
N LYS S 21 118.14 -14.78 83.03
CA LYS S 21 118.13 -16.08 82.36
C LYS S 21 117.00 -16.93 82.93
N LYS S 22 116.55 -17.88 82.12
CA LYS S 22 115.65 -18.96 82.51
C LYS S 22 114.22 -18.48 82.73
N ASP S 23 114.00 -17.16 82.74
CA ASP S 23 112.69 -16.54 82.96
C ASP S 23 111.86 -17.31 83.98
N GLY S 24 110.59 -17.57 83.64
CA GLY S 24 109.74 -18.49 84.37
C GLY S 24 109.68 -18.32 85.88
N LYS S 25 109.07 -17.24 86.35
CA LYS S 25 108.87 -17.04 87.77
C LYS S 25 107.45 -16.55 88.02
N LYS S 26 106.95 -16.84 89.22
CA LYS S 26 105.60 -16.46 89.60
C LYS S 26 105.62 -15.94 91.03
N ARG S 27 104.61 -15.13 91.35
CA ARG S 27 104.50 -14.59 92.70
C ARG S 27 104.22 -15.68 93.71
N ARG S 28 104.64 -15.44 94.95
CA ARG S 28 104.58 -16.46 96.00
C ARG S 28 103.13 -16.66 96.43
N LYS S 29 102.50 -17.70 95.90
CA LYS S 29 101.16 -18.08 96.35
C LYS S 29 101.24 -18.71 97.74
N SER S 30 100.24 -18.43 98.56
CA SER S 30 100.21 -18.99 99.91
C SER S 30 100.24 -20.51 99.86
N ARG S 31 101.11 -21.11 100.67
CA ARG S 31 101.29 -22.55 100.64
C ARG S 31 100.06 -23.26 101.19
N LYS S 32 99.61 -24.28 100.47
CA LYS S 32 98.48 -25.11 100.90
C LYS S 32 99.08 -26.33 101.60
N GLU S 33 99.22 -26.22 102.92
CA GLU S 33 99.74 -27.33 103.73
C GLU S 33 98.79 -28.52 103.64
N SER S 34 99.23 -29.58 102.97
CA SER S 34 98.39 -30.74 102.73
C SER S 34 99.15 -32.01 103.04
N TYR S 35 98.41 -33.07 103.36
CA TYR S 35 98.99 -34.36 103.67
C TYR S 35 99.01 -35.29 102.48
N ALA S 36 99.02 -34.75 101.26
CA ALA S 36 98.96 -35.58 100.06
C ALA S 36 100.18 -36.49 99.96
N ILE S 37 101.37 -35.95 100.20
CA ILE S 37 102.58 -36.76 100.13
C ILE S 37 102.55 -37.85 101.21
N TYR S 38 102.11 -37.50 102.42
CA TYR S 38 102.08 -38.47 103.50
C TYR S 38 100.99 -39.51 103.29
N VAL S 39 99.85 -39.10 102.70
CA VAL S 39 98.80 -40.06 102.38
C VAL S 39 99.30 -41.06 101.33
N TYR S 40 100.10 -40.59 100.37
CA TYR S 40 100.67 -41.48 99.38
C TYR S 40 101.60 -42.50 100.02
N LYS S 41 102.36 -42.07 101.04
CA LYS S 41 103.32 -42.98 101.68
C LYS S 41 102.60 -44.14 102.36
N VAL S 42 101.57 -43.85 103.14
CA VAL S 42 100.89 -44.90 103.91
C VAL S 42 100.11 -45.82 102.98
N LEU S 43 99.60 -45.29 101.86
CA LEU S 43 98.87 -46.12 100.92
C LEU S 43 99.77 -47.20 100.32
N LYS S 44 100.99 -46.83 99.96
CA LYS S 44 101.93 -47.81 99.42
C LYS S 44 102.40 -48.78 100.50
N GLN S 45 102.32 -48.37 101.77
CA GLN S 45 102.69 -49.28 102.86
C GLN S 45 101.72 -50.45 102.96
N VAL S 46 100.42 -50.18 102.80
CA VAL S 46 99.43 -51.24 102.93
C VAL S 46 99.15 -51.89 101.58
N HIS S 47 99.07 -51.10 100.51
CA HIS S 47 98.80 -51.61 99.17
C HIS S 47 99.85 -51.04 98.22
N PRO S 48 101.02 -51.68 98.12
CA PRO S 48 102.05 -51.17 97.20
C PRO S 48 101.66 -51.23 95.74
N ASP S 49 100.66 -52.03 95.38
CA ASP S 49 100.30 -52.26 93.99
C ASP S 49 99.08 -51.46 93.56
N THR S 50 98.68 -50.45 94.33
CA THR S 50 97.50 -49.67 94.02
C THR S 50 97.85 -48.19 94.01
N GLY S 51 97.12 -47.43 93.18
CA GLY S 51 97.23 -45.99 93.13
C GLY S 51 95.98 -45.30 93.61
N ILE S 52 95.94 -43.99 93.38
CA ILE S 52 94.80 -43.17 93.81
C ILE S 52 94.70 -41.96 92.89
N SER S 53 93.47 -41.62 92.53
CA SER S 53 93.22 -40.47 91.68
C SER S 53 93.45 -39.17 92.45
N SER S 54 93.63 -38.08 91.69
CA SER S 54 93.88 -36.78 92.30
C SER S 54 92.66 -36.28 93.07
N LYS S 55 91.45 -36.54 92.55
CA LYS S 55 90.25 -36.08 93.22
C LYS S 55 90.08 -36.74 94.58
N ALA S 56 90.35 -38.05 94.66
CA ALA S 56 90.27 -38.73 95.95
C ALA S 56 91.36 -38.26 96.90
N MET S 57 92.46 -37.74 96.37
CA MET S 57 93.54 -37.25 97.21
C MET S 57 93.10 -36.04 98.01
N SER S 58 92.32 -35.14 97.39
CA SER S 58 91.84 -33.96 98.10
C SER S 58 90.83 -34.35 99.18
N ILE S 59 90.05 -35.41 98.95
CA ILE S 59 89.09 -35.85 99.95
C ILE S 59 89.81 -36.29 101.22
N MET S 60 90.89 -37.05 101.06
CA MET S 60 91.65 -37.52 102.23
C MET S 60 92.33 -36.35 102.93
N ASN S 61 92.75 -35.34 102.18
CA ASN S 61 93.30 -34.14 102.79
C ASN S 61 92.26 -33.45 103.66
N SER S 62 91.02 -33.37 103.18
CA SER S 62 89.95 -32.81 104.00
C SER S 62 89.56 -33.76 105.12
N PHE S 63 89.72 -35.07 104.91
CA PHE S 63 89.41 -36.04 105.96
C PHE S 63 90.30 -35.85 107.17
N VAL S 64 91.60 -35.68 106.95
CA VAL S 64 92.53 -35.48 108.06
C VAL S 64 92.26 -34.13 108.73
N ASN S 65 91.96 -33.11 107.94
CA ASN S 65 91.67 -31.79 108.50
C ASN S 65 90.44 -31.82 109.41
N ASP S 66 89.39 -32.50 108.96
CA ASP S 66 88.16 -32.57 109.76
C ASP S 66 88.35 -33.43 111.00
N VAL S 67 89.03 -34.58 110.85
CA VAL S 67 89.25 -35.47 111.98
C VAL S 67 90.15 -34.81 113.01
N PHE S 68 91.21 -34.13 112.55
CA PHE S 68 92.10 -33.43 113.48
C PHE S 68 91.35 -32.34 114.23
N GLU S 69 90.44 -31.63 113.55
CA GLU S 69 89.64 -30.60 114.21
C GLU S 69 88.75 -31.21 115.29
N ARG S 70 88.14 -32.36 115.00
CA ARG S 70 87.22 -32.98 115.95
C ARG S 70 87.96 -33.48 117.19
N ILE S 71 89.06 -34.22 116.99
CA ILE S 71 89.77 -34.81 118.12
C ILE S 71 90.44 -33.73 118.97
N ALA S 72 91.14 -32.80 118.32
CA ALA S 72 91.79 -31.72 119.06
C ALA S 72 90.76 -30.79 119.70
N GLY S 73 89.67 -30.51 118.99
CA GLY S 73 88.64 -29.64 119.52
C GLY S 73 87.97 -30.21 120.76
N GLU S 74 87.69 -31.52 120.74
CA GLU S 74 87.07 -32.15 121.90
C GLU S 74 88.00 -32.11 123.11
N ALA S 75 89.30 -32.36 122.88
CA ALA S 75 90.27 -32.24 123.97
C ALA S 75 90.39 -30.81 124.45
N SER S 76 90.18 -29.84 123.55
CA SER S 76 90.19 -28.45 123.95
C SER S 76 89.06 -28.15 124.93
N ARG S 77 87.86 -28.68 124.67
CA ARG S 77 86.75 -28.49 125.58
C ARG S 77 87.03 -29.12 126.94
N LEU S 78 87.59 -30.34 126.94
CA LEU S 78 87.90 -31.01 128.20
C LEU S 78 88.95 -30.25 128.99
N ALA S 79 89.89 -29.60 128.29
CA ALA S 79 90.89 -28.79 128.99
C ALA S 79 90.25 -27.65 129.77
N HIS S 80 89.25 -27.00 129.17
CA HIS S 80 88.53 -25.94 129.88
C HIS S 80 87.74 -26.49 131.05
N TYR S 81 87.11 -27.65 130.88
CA TYR S 81 86.29 -28.23 131.94
C TYR S 81 87.14 -28.58 133.16
N ASN S 82 88.31 -29.18 132.94
CA ASN S 82 89.18 -29.60 134.02
C ASN S 82 90.17 -28.50 134.37
N LYS S 83 90.17 -27.39 133.62
CA LYS S 83 91.06 -26.24 133.84
C LYS S 83 92.53 -26.64 133.73
N ARG S 84 92.85 -27.37 132.66
CA ARG S 84 94.21 -27.80 132.38
C ARG S 84 94.81 -26.88 131.34
N SER S 85 95.90 -26.20 131.70
CA SER S 85 96.61 -25.36 130.73
C SER S 85 97.40 -26.21 129.74
N THR S 86 98.06 -27.25 130.22
CA THR S 86 98.87 -28.11 129.36
C THR S 86 98.00 -29.20 128.73
N ILE S 87 98.51 -29.77 127.64
CA ILE S 87 97.86 -30.87 126.95
C ILE S 87 98.94 -31.90 126.61
N THR S 88 98.55 -33.18 126.60
CA THR S 88 99.48 -34.24 126.26
C THR S 88 98.75 -35.43 125.65
N SER S 89 99.41 -36.59 125.61
CA SER S 89 98.81 -37.77 125.02
C SER S 89 97.57 -38.21 125.79
N ARG S 90 97.57 -38.04 127.11
CA ARG S 90 96.45 -38.49 127.92
C ARG S 90 95.15 -37.78 127.53
N GLU S 91 95.22 -36.47 127.31
CA GLU S 91 94.03 -35.73 126.91
C GLU S 91 93.50 -36.22 125.56
N ILE S 92 94.40 -36.46 124.61
CA ILE S 92 93.98 -37.03 123.33
C ILE S 92 93.52 -38.47 123.50
N GLN S 93 94.15 -39.22 124.43
CA GLN S 93 93.70 -40.57 124.73
C GLN S 93 92.26 -40.57 125.23
N THR S 94 91.92 -39.62 126.09
CA THR S 94 90.54 -39.50 126.55
C THR S 94 89.60 -39.19 125.39
N ALA S 95 90.03 -38.32 124.48
CA ALA S 95 89.20 -37.98 123.33
C ALA S 95 89.00 -39.18 122.43
N VAL S 96 90.04 -39.98 122.23
CA VAL S 96 89.96 -41.13 121.33
C VAL S 96 88.85 -42.07 121.78
N ARG S 97 88.70 -42.25 123.09
CA ARG S 97 87.60 -43.05 123.61
C ARG S 97 86.25 -42.40 123.32
N LEU S 98 86.21 -41.06 123.28
CA LEU S 98 84.94 -40.38 123.10
C LEU S 98 84.43 -40.46 121.67
N LEU S 99 85.23 -40.02 120.69
CA LEU S 99 84.76 -39.99 119.31
C LEU S 99 84.96 -41.32 118.60
N LEU S 100 86.17 -41.86 118.63
CA LEU S 100 86.46 -43.10 117.90
C LEU S 100 85.70 -44.26 118.54
N PRO S 101 84.86 -44.97 117.80
CA PRO S 101 84.05 -46.04 118.39
C PRO S 101 84.66 -47.42 118.25
N GLY S 102 84.45 -48.24 119.30
CA GLY S 102 84.72 -49.66 119.21
C GLY S 102 86.20 -49.98 119.02
N GLU S 103 86.45 -51.06 118.26
CA GLU S 103 87.81 -51.52 118.05
C GLU S 103 88.65 -50.50 117.30
N LEU S 104 88.02 -49.61 116.54
CA LEU S 104 88.76 -48.57 115.84
C LEU S 104 89.46 -47.65 116.82
N ALA S 105 88.85 -47.42 117.99
CA ALA S 105 89.52 -46.66 119.04
C ALA S 105 90.65 -47.46 119.67
N LYS S 106 90.43 -48.76 119.87
CA LYS S 106 91.44 -49.59 120.54
C LYS S 106 92.74 -49.64 119.74
N HIS S 107 92.63 -49.80 118.42
CA HIS S 107 93.83 -49.79 117.58
C HIS S 107 94.48 -48.41 117.57
N ALA S 108 93.67 -47.35 117.53
CA ALA S 108 94.23 -46.00 117.50
C ALA S 108 94.96 -45.67 118.80
N VAL S 109 94.37 -46.00 119.95
CA VAL S 109 95.02 -45.69 121.21
C VAL S 109 96.26 -46.57 121.39
N SER S 110 96.21 -47.81 120.92
CA SER S 110 97.37 -48.69 121.03
C SER S 110 98.54 -48.18 120.20
N GLU S 111 98.27 -47.82 118.94
CA GLU S 111 99.32 -47.25 118.10
C GLU S 111 99.78 -45.90 118.62
N GLY S 112 98.84 -45.06 119.09
CA GLY S 112 99.22 -43.77 119.62
C GLY S 112 100.06 -43.87 120.87
N THR S 113 99.69 -44.77 121.79
CA THR S 113 100.49 -44.97 122.99
C THR S 113 101.87 -45.51 122.64
N LYS S 114 101.95 -46.43 121.68
CA LYS S 114 103.24 -46.95 121.25
C LYS S 114 104.12 -45.86 120.67
N ALA S 115 103.53 -44.98 119.85
CA ALA S 115 104.31 -43.91 119.23
C ALA S 115 104.87 -42.96 120.28
N VAL S 116 104.04 -42.57 121.25
CA VAL S 116 104.50 -41.69 122.32
C VAL S 116 105.55 -42.37 123.17
N THR S 117 105.31 -43.63 123.53
CA THR S 117 106.27 -44.37 124.35
C THR S 117 107.58 -44.58 123.61
N LYS S 118 107.51 -44.90 122.32
CA LYS S 118 108.73 -45.08 121.54
C LYS S 118 109.46 -43.76 121.34
N TYR S 119 108.72 -42.66 121.26
CA TYR S 119 109.35 -41.35 121.08
C TYR S 119 110.15 -40.96 122.31
N THR S 120 109.58 -41.15 123.50
CA THR S 120 110.30 -40.80 124.72
C THR S 120 111.35 -41.84 125.10
N SER S 121 111.28 -43.05 124.54
CA SER S 121 112.28 -44.07 124.81
C SER S 121 113.48 -43.98 123.90
N ALA S 122 113.49 -43.05 122.95
CA ALA S 122 114.62 -42.89 122.05
C ALA S 122 115.81 -42.27 122.78
N LYS S 123 116.96 -42.32 122.13
CA LYS S 123 118.19 -41.78 122.70
C LYS S 123 118.09 -40.27 122.89
N GLY T 24 38.63 23.09 165.15
CA GLY T 24 37.25 23.04 165.58
C GLY T 24 36.33 23.88 164.72
N LYS T 25 36.34 23.61 163.41
CA LYS T 25 35.52 24.35 162.46
C LYS T 25 34.69 23.37 161.63
N LYS T 26 33.67 23.90 160.98
CA LYS T 26 32.83 23.08 160.12
C LYS T 26 33.66 22.51 158.96
N ARG T 27 33.45 21.22 158.68
CA ARG T 27 34.27 20.51 157.71
C ARG T 27 33.65 20.48 156.31
N ARG T 28 32.32 20.54 156.21
CA ARG T 28 31.63 20.37 154.93
C ARG T 28 31.61 21.69 154.17
N LYS T 29 32.75 22.01 153.58
CA LYS T 29 32.85 23.14 152.67
C LYS T 29 33.53 22.76 151.37
N SER T 30 33.58 21.47 151.03
CA SER T 30 34.14 21.05 149.75
C SER T 30 33.31 21.63 148.62
N ARG T 31 33.92 22.55 147.87
CA ARG T 31 33.22 23.33 146.85
C ARG T 31 33.42 22.67 145.49
N LYS T 32 32.31 22.42 144.80
CA LYS T 32 32.32 21.91 143.45
C LYS T 32 31.92 23.02 142.48
N GLU T 33 32.69 23.17 141.39
CA GLU T 33 32.37 24.17 140.39
C GLU T 33 31.02 23.84 139.75
N SER T 34 30.01 24.65 140.03
CA SER T 34 28.65 24.39 139.59
C SER T 34 28.02 25.65 139.04
N TYR T 35 27.03 25.46 138.17
CA TYR T 35 26.32 26.56 137.54
C TYR T 35 24.81 26.48 137.75
N ALA T 36 24.34 25.60 138.64
CA ALA T 36 22.91 25.38 138.79
C ALA T 36 22.20 26.62 139.31
N ILE T 37 22.84 27.35 140.22
CA ILE T 37 22.23 28.57 140.77
C ILE T 37 22.01 29.61 139.68
N TYR T 38 23.01 29.79 138.80
CA TYR T 38 22.88 30.74 137.71
C TYR T 38 21.92 30.25 136.63
N VAL T 39 21.90 28.94 136.37
CA VAL T 39 20.93 28.38 135.42
C VAL T 39 19.51 28.59 135.93
N TYR T 40 19.30 28.41 137.23
CA TYR T 40 17.98 28.63 137.81
C TYR T 40 17.53 30.07 137.64
N LYS T 41 18.46 31.02 137.80
CA LYS T 41 18.10 32.44 137.70
C LYS T 41 17.77 32.84 136.26
N VAL T 42 18.58 32.42 135.30
CA VAL T 42 18.34 32.82 133.91
C VAL T 42 17.05 32.19 133.40
N LEU T 43 16.74 30.98 133.84
CA LEU T 43 15.47 30.36 133.45
C LEU T 43 14.29 31.15 133.97
N LYS T 44 14.37 31.63 135.22
CA LYS T 44 13.28 32.41 135.80
C LYS T 44 13.11 33.77 135.15
N GLN T 45 14.15 34.27 134.47
CA GLN T 45 14.04 35.53 133.74
C GLN T 45 13.44 35.35 132.35
N VAL T 46 13.25 34.12 131.91
CA VAL T 46 12.60 33.81 130.63
C VAL T 46 11.22 33.22 130.83
N HIS T 47 11.11 32.22 131.72
CA HIS T 47 9.85 31.59 132.08
C HIS T 47 9.74 31.59 133.60
N PRO T 48 9.22 32.69 134.18
CA PRO T 48 9.17 32.78 135.65
C PRO T 48 8.37 31.67 136.31
N ASP T 49 7.31 31.18 135.66
CA ASP T 49 6.44 30.18 136.25
C ASP T 49 6.87 28.75 135.94
N THR T 50 7.98 28.57 135.22
CA THR T 50 8.46 27.24 134.85
C THR T 50 9.65 26.86 135.71
N GLY T 51 9.57 25.70 136.38
CA GLY T 51 10.65 25.19 137.18
C GLY T 51 11.53 24.21 136.41
N ILE T 52 12.58 23.76 137.09
CA ILE T 52 13.53 22.81 136.52
C ILE T 52 13.86 21.76 137.57
N SER T 53 13.87 20.49 137.17
CA SER T 53 14.14 19.41 138.09
C SER T 53 15.63 19.30 138.38
N SER T 54 15.96 18.53 139.43
CA SER T 54 17.36 18.33 139.79
C SER T 54 18.11 17.57 138.71
N LYS T 55 17.45 16.60 138.07
CA LYS T 55 18.10 15.84 137.00
C LYS T 55 18.45 16.75 135.83
N ALA T 56 17.55 17.67 135.47
CA ALA T 56 17.84 18.61 134.39
C ALA T 56 18.94 19.59 134.78
N MET T 57 18.99 19.97 136.06
CA MET T 57 20.07 20.85 136.52
C MET T 57 21.43 20.19 136.36
N SER T 58 21.53 18.90 136.72
CA SER T 58 22.80 18.19 136.60
C SER T 58 23.24 18.09 135.14
N ILE T 59 22.30 17.82 134.24
CA ILE T 59 22.62 17.80 132.82
C ILE T 59 23.03 19.18 132.34
N MET T 60 22.29 20.21 132.79
CA MET T 60 22.64 21.58 132.42
C MET T 60 24.01 21.97 132.98
N ASN T 61 24.30 21.55 134.21
CA ASN T 61 25.61 21.84 134.81
C ASN T 61 26.73 21.20 134.00
N SER T 62 26.54 19.96 133.56
CA SER T 62 27.53 19.32 132.70
C SER T 62 27.62 20.01 131.35
N PHE T 63 26.48 20.47 130.82
CA PHE T 63 26.48 21.13 129.52
C PHE T 63 27.28 22.42 129.55
N VAL T 64 27.09 23.22 130.60
CA VAL T 64 27.82 24.49 130.70
C VAL T 64 29.30 24.24 130.85
N ASN T 65 29.68 23.27 131.69
CA ASN T 65 31.09 22.96 131.88
C ASN T 65 31.72 22.44 130.59
N ASP T 66 31.00 21.58 129.87
CA ASP T 66 31.53 21.04 128.62
C ASP T 66 31.72 22.12 127.56
N VAL T 67 30.75 23.04 127.46
CA VAL T 67 30.85 24.12 126.47
C VAL T 67 32.02 25.04 126.80
N PHE T 68 32.19 25.38 128.08
CA PHE T 68 33.28 26.28 128.47
C PHE T 68 34.63 25.66 128.14
N GLU T 69 34.80 24.38 128.47
CA GLU T 69 36.08 23.72 128.19
C GLU T 69 36.34 23.64 126.69
N ARG T 70 35.30 23.37 125.90
CA ARG T 70 35.46 23.28 124.46
C ARG T 70 35.90 24.63 123.87
N ILE T 71 35.25 25.71 124.31
CA ILE T 71 35.60 27.03 123.80
C ILE T 71 36.97 27.46 124.31
N ALA T 72 37.23 27.26 125.61
CA ALA T 72 38.51 27.67 126.18
C ALA T 72 39.66 26.86 125.58
N GLY T 73 39.43 25.57 125.32
CA GLY T 73 40.45 24.78 124.66
C GLY T 73 40.78 25.30 123.28
N GLU T 74 39.76 25.72 122.52
CA GLU T 74 40.00 26.35 121.23
C GLU T 74 40.71 27.69 121.39
N ALA T 75 40.31 28.45 122.40
CA ALA T 75 40.95 29.75 122.64
C ALA T 75 42.43 29.59 122.97
N SER T 76 42.77 28.58 123.78
CA SER T 76 44.17 28.32 124.09
C SER T 76 44.94 27.92 122.85
N ARG T 77 44.35 27.07 122.00
CA ARG T 77 45.02 26.65 120.78
C ARG T 77 45.25 27.84 119.84
N LEU T 78 44.27 28.74 119.74
CA LEU T 78 44.43 29.91 118.90
C LEU T 78 45.58 30.79 119.37
N ALA T 79 45.70 30.97 120.70
CA ALA T 79 46.78 31.80 121.24
C ALA T 79 48.14 31.18 120.96
N HIS T 80 48.28 29.87 121.11
CA HIS T 80 49.55 29.21 120.84
C HIS T 80 49.92 29.33 119.36
N TYR T 81 48.92 29.24 118.48
CA TYR T 81 49.16 29.28 117.04
C TYR T 81 49.63 30.65 116.58
N ASN T 82 49.24 31.72 117.28
CA ASN T 82 49.61 33.08 116.92
C ASN T 82 50.64 33.67 117.87
N LYS T 83 51.47 32.81 118.47
CA LYS T 83 52.53 33.18 119.43
C LYS T 83 52.02 34.11 120.52
N ARG T 84 50.72 34.04 120.81
CA ARG T 84 50.11 34.87 121.83
C ARG T 84 50.20 34.19 123.19
N SER T 85 50.44 35.00 124.22
CA SER T 85 50.55 34.51 125.59
C SER T 85 49.29 34.75 126.41
N THR T 86 48.19 35.14 125.77
CA THR T 86 46.95 35.42 126.48
C THR T 86 45.76 35.24 125.55
N ILE T 87 44.58 35.08 126.16
CA ILE T 87 43.32 35.04 125.44
C ILE T 87 42.53 36.30 125.80
N THR T 88 42.06 37.00 124.79
CA THR T 88 41.17 38.15 124.94
C THR T 88 39.85 37.84 124.25
N SER T 89 38.99 38.85 124.13
CA SER T 89 37.71 38.66 123.46
C SER T 89 37.89 38.24 122.01
N ARG T 90 38.99 38.64 121.37
CA ARG T 90 39.23 38.28 119.99
C ARG T 90 39.40 36.76 119.83
N GLU T 91 40.20 36.15 120.71
CA GLU T 91 40.43 34.71 120.61
C GLU T 91 39.15 33.93 120.87
N ILE T 92 38.38 34.33 121.88
CA ILE T 92 37.13 33.63 122.19
C ILE T 92 36.13 33.79 121.07
N GLN T 93 36.03 35.00 120.49
CA GLN T 93 35.12 35.22 119.38
C GLN T 93 35.49 34.33 118.19
N THR T 94 36.78 34.14 117.95
CA THR T 94 37.21 33.19 116.92
C THR T 94 36.76 31.78 117.25
N ALA T 95 36.89 31.39 118.53
CA ALA T 95 36.45 30.06 118.94
C ALA T 95 34.93 29.90 118.80
N VAL T 96 34.18 30.94 119.15
CA VAL T 96 32.73 30.88 119.04
C VAL T 96 32.31 30.73 117.58
N ARG T 97 32.95 31.48 116.68
CA ARG T 97 32.65 31.35 115.26
C ARG T 97 33.01 29.96 114.74
N LEU T 98 34.12 29.40 115.22
CA LEU T 98 34.54 28.07 114.78
C LEU T 98 33.58 26.98 115.25
N LEU T 99 32.95 27.17 116.41
CA LEU T 99 32.09 26.14 116.98
C LEU T 99 30.63 26.30 116.57
N LEU T 100 30.05 27.46 116.86
CA LEU T 100 28.63 27.68 116.56
C LEU T 100 28.45 27.86 115.06
N PRO T 101 27.63 27.03 114.40
CA PRO T 101 27.57 27.06 112.94
C PRO T 101 26.67 28.15 112.35
N GLY T 102 25.56 28.45 113.02
CA GLY T 102 24.55 29.30 112.41
C GLY T 102 24.00 30.40 113.30
N GLU T 103 22.67 30.40 113.51
CA GLU T 103 22.02 31.44 114.29
C GLU T 103 22.61 31.57 115.68
N LEU T 104 23.13 30.47 116.24
CA LEU T 104 23.81 30.54 117.53
C LEU T 104 25.02 31.45 117.44
N ALA T 105 25.80 31.34 116.37
CA ALA T 105 26.98 32.19 116.20
C ALA T 105 26.60 33.66 116.06
N LYS T 106 25.52 33.93 115.34
CA LYS T 106 25.12 35.33 115.10
C LYS T 106 24.76 36.03 116.40
N HIS T 107 23.92 35.41 117.22
CA HIS T 107 23.47 36.05 118.45
C HIS T 107 24.53 36.02 119.55
N ALA T 108 25.34 34.97 119.62
CA ALA T 108 26.38 34.90 120.64
C ALA T 108 27.39 36.02 120.45
N VAL T 109 27.76 36.31 119.20
CA VAL T 109 28.66 37.43 118.94
C VAL T 109 28.02 38.74 119.37
N SER T 110 26.73 38.92 119.04
CA SER T 110 26.03 40.14 119.46
C SER T 110 25.93 40.22 120.98
N GLU T 111 25.58 39.11 121.62
CA GLU T 111 25.53 39.09 123.08
C GLU T 111 26.92 39.28 123.69
N GLY T 112 27.94 38.65 123.10
CA GLY T 112 29.29 38.80 123.62
C GLY T 112 29.81 40.21 123.48
N THR T 113 29.60 40.83 122.31
CA THR T 113 30.06 42.20 122.11
C THR T 113 29.32 43.17 123.03
N LYS T 114 28.02 42.94 123.24
CA LYS T 114 27.24 43.83 124.09
C LYS T 114 27.78 43.83 125.53
N ALA T 115 28.11 42.64 126.06
CA ALA T 115 28.64 42.57 127.42
C ALA T 115 29.99 43.26 127.52
N VAL T 116 30.83 43.13 126.49
CA VAL T 116 32.17 43.70 126.55
C VAL T 116 32.10 45.22 126.57
N THR T 117 31.31 45.81 125.68
CA THR T 117 31.26 47.27 125.59
C THR T 117 30.59 47.88 126.81
N LYS T 118 29.60 47.20 127.38
CA LYS T 118 28.94 47.73 128.57
C LYS T 118 29.84 47.65 129.80
N TYR T 119 30.62 46.57 129.91
CA TYR T 119 31.53 46.44 131.05
C TYR T 119 32.58 47.53 131.04
N THR T 120 33.12 47.85 129.85
CA THR T 120 34.13 48.89 129.76
C THR T 120 33.56 50.28 129.97
N SER T 121 32.28 50.48 129.71
CA SER T 121 31.65 51.80 129.82
C SER T 121 30.87 51.97 131.12
N ALA T 122 30.94 51.00 132.03
CA ALA T 122 30.22 51.07 133.30
C ALA T 122 31.20 51.01 134.45
N LYS T 123 30.82 51.65 135.56
CA LYS T 123 31.65 51.66 136.76
C LYS T 123 30.79 51.66 138.02
N MET U 1 24.26 -93.23 -113.58
CA MET U 1 24.47 -94.17 -112.48
C MET U 1 25.73 -94.99 -112.68
N ALA U 2 26.85 -94.30 -112.88
CA ALA U 2 28.14 -94.94 -113.13
C ALA U 2 29.15 -94.47 -112.10
N LYS U 3 30.30 -95.13 -112.09
CA LYS U 3 31.37 -94.81 -111.15
C LYS U 3 31.97 -93.45 -111.48
N SER U 4 32.30 -92.68 -110.44
CA SER U 4 32.94 -91.39 -110.60
C SER U 4 34.13 -91.22 -109.65
N ALA U 5 34.77 -92.31 -109.26
CA ALA U 5 35.87 -92.23 -108.30
C ALA U 5 37.15 -91.71 -108.91
N PRO U 6 37.48 -92.01 -110.18
CA PRO U 6 38.66 -91.42 -110.82
C PRO U 6 38.85 -89.94 -110.49
N ALA U 7 40.12 -89.56 -110.33
CA ALA U 7 40.46 -88.18 -109.97
C ALA U 7 39.95 -87.13 -110.94
N PRO U 8 39.98 -87.30 -112.27
CA PRO U 8 39.60 -86.19 -113.17
C PRO U 8 38.29 -85.50 -112.85
N LYS U 9 37.33 -86.17 -112.21
CA LYS U 9 36.08 -85.54 -111.84
C LYS U 9 36.07 -84.98 -110.42
N LYS U 10 37.18 -85.10 -109.68
CA LYS U 10 37.23 -84.54 -108.33
C LYS U 10 37.14 -83.02 -108.37
N GLY U 11 37.84 -82.39 -109.32
CA GLY U 11 37.76 -80.97 -109.51
C GLY U 11 37.21 -80.61 -110.88
N SER U 12 36.06 -79.96 -110.92
CA SER U 12 35.35 -79.74 -112.18
C SER U 12 34.44 -78.53 -112.02
N LYS U 13 33.47 -78.40 -112.93
CA LYS U 13 32.51 -77.29 -112.97
C LYS U 13 33.18 -75.98 -113.32
N LYS U 14 34.20 -76.04 -114.17
CA LYS U 14 34.80 -74.82 -114.71
C LYS U 14 33.86 -74.13 -115.69
N ALA U 15 34.04 -72.82 -115.83
CA ALA U 15 33.20 -72.03 -116.72
C ALA U 15 33.82 -71.94 -118.12
N VAL U 16 34.12 -73.09 -118.71
CA VAL U 16 34.62 -73.15 -120.08
C VAL U 16 33.48 -73.09 -121.09
N THR U 17 32.23 -73.08 -120.62
CA THR U 17 31.04 -73.04 -121.46
C THR U 17 30.99 -74.23 -122.43
N LYS U 18 31.23 -75.44 -121.89
CA LYS U 18 31.02 -76.68 -122.65
C LYS U 18 29.66 -77.23 -122.24
N THR U 19 28.61 -76.52 -122.63
CA THR U 19 27.27 -76.76 -122.12
C THR U 19 26.39 -77.38 -123.19
N GLN U 20 25.64 -78.41 -122.79
CA GLN U 20 24.56 -78.97 -123.59
C GLN U 20 23.19 -78.52 -123.12
N LYS U 21 23.03 -78.29 -121.81
CA LYS U 21 21.80 -77.81 -121.22
C LYS U 21 22.14 -77.27 -119.83
N LYS U 22 21.21 -76.52 -119.25
CA LYS U 22 21.36 -75.94 -117.91
C LYS U 22 22.60 -75.03 -117.86
N ASP U 23 22.51 -73.94 -118.61
CA ASP U 23 23.64 -73.02 -118.75
C ASP U 23 24.06 -72.44 -117.41
N GLY U 24 23.10 -72.05 -116.58
CA GLY U 24 23.42 -71.38 -115.33
C GLY U 24 24.11 -72.27 -114.30
N LYS U 25 25.40 -72.02 -114.09
CA LYS U 25 26.19 -72.72 -113.08
C LYS U 25 27.48 -71.94 -112.87
N LYS U 26 28.16 -72.25 -111.78
CA LYS U 26 29.39 -71.53 -111.44
C LYS U 26 30.33 -72.48 -110.72
N ARG U 27 31.34 -71.92 -110.05
CA ARG U 27 32.43 -72.68 -109.45
C ARG U 27 32.19 -72.89 -107.95
N ARG U 28 32.66 -74.03 -107.46
CA ARG U 28 32.40 -74.46 -106.09
C ARG U 28 33.21 -73.61 -105.12
N LYS U 29 32.53 -72.71 -104.41
CA LYS U 29 33.17 -71.86 -103.40
C LYS U 29 33.57 -72.71 -102.19
N SER U 30 34.52 -72.18 -101.42
CA SER U 30 34.88 -72.80 -100.15
C SER U 30 33.64 -72.91 -99.25
N ARG U 31 33.48 -74.08 -98.63
CA ARG U 31 32.31 -74.33 -97.80
C ARG U 31 32.41 -73.52 -96.52
N LYS U 32 31.71 -72.38 -96.48
CA LYS U 32 31.57 -71.61 -95.25
C LYS U 32 30.60 -72.37 -94.36
N GLU U 33 31.17 -73.19 -93.47
CA GLU U 33 30.35 -74.08 -92.65
C GLU U 33 29.42 -73.26 -91.75
N SER U 34 28.14 -73.55 -91.85
CA SER U 34 27.13 -72.82 -91.10
C SER U 34 26.15 -73.80 -90.46
N TYR U 35 25.55 -73.37 -89.35
CA TYR U 35 24.59 -74.18 -88.61
C TYR U 35 23.17 -73.64 -88.76
N ALA U 36 22.86 -73.00 -89.90
CA ALA U 36 21.56 -72.37 -90.07
C ALA U 36 20.44 -73.40 -90.07
N ILE U 37 20.64 -74.53 -90.73
CA ILE U 37 19.59 -75.55 -90.81
C ILE U 37 19.31 -76.12 -89.43
N TYR U 38 20.35 -76.31 -88.62
CA TYR U 38 20.17 -76.87 -87.28
C TYR U 38 19.54 -75.87 -86.33
N VAL U 39 19.97 -74.60 -86.40
CA VAL U 39 19.40 -73.58 -85.52
C VAL U 39 17.92 -73.37 -85.84
N TYR U 40 17.57 -73.33 -87.13
CA TYR U 40 16.17 -73.20 -87.51
C TYR U 40 15.35 -74.40 -87.07
N LYS U 41 15.91 -75.61 -87.21
CA LYS U 41 15.18 -76.81 -86.86
C LYS U 41 14.88 -76.88 -85.37
N VAL U 42 15.87 -76.54 -84.53
CA VAL U 42 15.63 -76.59 -83.09
C VAL U 42 14.71 -75.45 -82.65
N LEU U 43 14.68 -74.36 -83.42
CA LEU U 43 13.77 -73.25 -83.10
C LEU U 43 12.32 -73.68 -83.22
N LYS U 44 12.00 -74.45 -84.27
CA LYS U 44 10.61 -74.85 -84.50
C LYS U 44 10.12 -75.78 -83.41
N GLN U 45 10.98 -76.66 -82.91
CA GLN U 45 10.57 -77.60 -81.87
C GLN U 45 10.19 -76.88 -80.59
N VAL U 46 10.95 -75.86 -80.21
CA VAL U 46 10.68 -75.16 -78.96
C VAL U 46 9.63 -74.07 -79.17
N HIS U 47 9.54 -73.53 -80.38
CA HIS U 47 8.57 -72.48 -80.69
C HIS U 47 8.14 -72.62 -82.13
N PRO U 48 7.10 -73.43 -82.39
CA PRO U 48 6.65 -73.62 -83.78
C PRO U 48 6.20 -72.35 -84.47
N ASP U 49 5.57 -71.42 -83.73
CA ASP U 49 5.01 -70.22 -84.32
C ASP U 49 5.94 -69.01 -84.24
N THR U 50 7.25 -69.23 -84.25
CA THR U 50 8.22 -68.15 -84.15
C THR U 50 9.19 -68.23 -85.32
N GLY U 51 9.39 -67.11 -86.01
CA GLY U 51 10.36 -67.01 -87.07
C GLY U 51 11.66 -66.40 -86.61
N ILE U 52 12.56 -66.19 -87.57
CA ILE U 52 13.86 -65.60 -87.30
C ILE U 52 14.40 -64.98 -88.57
N SER U 53 15.21 -63.93 -88.42
CA SER U 53 15.76 -63.20 -89.55
C SER U 53 17.17 -63.68 -89.88
N SER U 54 17.66 -63.27 -91.05
CA SER U 54 18.98 -63.69 -91.49
C SER U 54 20.07 -63.09 -90.62
N LYS U 55 19.88 -61.85 -90.16
CA LYS U 55 20.89 -61.20 -89.33
C LYS U 55 21.08 -61.95 -88.02
N ALA U 56 20.00 -62.40 -87.40
CA ALA U 56 20.11 -63.22 -86.19
C ALA U 56 20.79 -64.54 -86.48
N MET U 57 20.51 -65.13 -87.65
CA MET U 57 21.11 -66.41 -88.00
C MET U 57 22.63 -66.29 -88.15
N SER U 58 23.08 -65.20 -88.78
CA SER U 58 24.52 -64.96 -88.89
C SER U 58 25.14 -64.74 -87.51
N ILE U 59 24.42 -64.07 -86.62
CA ILE U 59 24.91 -63.87 -85.25
C ILE U 59 25.06 -65.22 -84.55
N MET U 60 24.05 -66.09 -84.69
CA MET U 60 24.13 -67.41 -84.09
C MET U 60 25.25 -68.24 -84.69
N ASN U 61 25.44 -68.13 -86.01
CA ASN U 61 26.50 -68.90 -86.67
C ASN U 61 27.87 -68.56 -86.09
N SER U 62 28.12 -67.28 -85.85
CA SER U 62 29.37 -66.89 -85.19
C SER U 62 29.37 -67.30 -83.73
N PHE U 63 28.18 -67.38 -83.11
CA PHE U 63 28.12 -67.74 -81.70
C PHE U 63 28.55 -69.18 -81.46
N VAL U 64 28.07 -70.12 -82.29
CA VAL U 64 28.45 -71.52 -82.12
C VAL U 64 29.94 -71.70 -82.37
N ASN U 65 30.47 -71.05 -83.42
CA ASN U 65 31.89 -71.18 -83.72
C ASN U 65 32.75 -70.61 -82.60
N ASP U 66 32.37 -69.45 -82.07
CA ASP U 66 33.12 -68.86 -80.97
C ASP U 66 33.01 -69.70 -79.70
N VAL U 67 31.81 -70.18 -79.38
CA VAL U 67 31.64 -71.02 -78.21
C VAL U 67 32.38 -72.33 -78.37
N PHE U 68 32.29 -72.94 -79.56
CA PHE U 68 32.99 -74.20 -79.80
C PHE U 68 34.49 -74.03 -79.65
N GLU U 69 35.03 -72.92 -80.15
CA GLU U 69 36.44 -72.64 -79.95
C GLU U 69 36.77 -72.48 -78.47
N ARG U 70 35.88 -71.84 -77.71
CA ARG U 70 36.12 -71.62 -76.30
C ARG U 70 36.11 -72.93 -75.52
N ILE U 71 35.06 -73.74 -75.71
CA ILE U 71 34.93 -74.97 -74.92
C ILE U 71 35.97 -76.00 -75.34
N ALA U 72 36.20 -76.16 -76.65
CA ALA U 72 37.20 -77.10 -77.10
C ALA U 72 38.61 -76.60 -76.80
N GLY U 73 38.83 -75.28 -76.93
CA GLY U 73 40.13 -74.72 -76.58
C GLY U 73 40.46 -74.91 -75.12
N GLU U 74 39.49 -74.65 -74.25
CA GLU U 74 39.69 -74.90 -72.82
C GLU U 74 39.86 -76.40 -72.55
N ALA U 75 39.12 -77.23 -73.29
CA ALA U 75 39.23 -78.68 -73.12
C ALA U 75 40.65 -79.18 -73.43
N SER U 76 41.30 -78.58 -74.43
CA SER U 76 42.67 -78.98 -74.75
C SER U 76 43.67 -78.44 -73.74
N ARG U 77 43.31 -77.39 -72.99
CA ARG U 77 44.24 -76.82 -72.02
C ARG U 77 44.48 -77.77 -70.86
N LEU U 78 43.41 -78.31 -70.27
CA LEU U 78 43.55 -79.20 -69.14
C LEU U 78 43.92 -80.62 -69.55
N ALA U 79 43.78 -80.97 -70.83
CA ALA U 79 44.28 -82.25 -71.30
C ALA U 79 45.79 -82.32 -71.19
N HIS U 80 46.48 -81.21 -71.51
CA HIS U 80 47.92 -81.15 -71.31
C HIS U 80 48.29 -80.94 -69.85
N TYR U 81 47.40 -80.32 -69.07
CA TYR U 81 47.71 -80.07 -67.66
C TYR U 81 47.83 -81.36 -66.86
N ASN U 82 46.99 -82.34 -67.16
CA ASN U 82 47.04 -83.63 -66.48
C ASN U 82 47.83 -84.67 -67.26
N LYS U 83 48.58 -84.25 -68.28
CA LYS U 83 49.43 -85.15 -69.07
C LYS U 83 48.60 -86.23 -69.75
N ARG U 84 47.62 -85.81 -70.54
CA ARG U 84 46.74 -86.72 -71.25
C ARG U 84 46.66 -86.33 -72.71
N SER U 85 46.55 -87.34 -73.58
CA SER U 85 46.51 -87.12 -75.02
C SER U 85 45.17 -87.47 -75.65
N THR U 86 44.25 -88.06 -74.90
CA THR U 86 42.94 -88.46 -75.41
C THR U 86 41.85 -87.71 -74.65
N ILE U 87 40.92 -87.12 -75.39
CA ILE U 87 39.79 -86.39 -74.83
C ILE U 87 38.51 -87.08 -75.29
N THR U 88 37.80 -87.72 -74.37
CA THR U 88 36.56 -88.41 -74.71
C THR U 88 35.35 -87.77 -74.04
N SER U 89 35.29 -87.75 -72.72
CA SER U 89 34.17 -87.11 -72.02
C SER U 89 34.54 -86.35 -70.76
N ARG U 90 35.71 -86.58 -70.18
CA ARG U 90 36.01 -85.99 -68.88
C ARG U 90 36.59 -84.59 -69.02
N GLU U 91 37.39 -84.36 -70.06
CA GLU U 91 38.01 -83.05 -70.24
C GLU U 91 36.96 -81.97 -70.49
N ILE U 92 35.95 -82.27 -71.32
CA ILE U 92 34.92 -81.29 -71.61
C ILE U 92 34.04 -81.08 -70.38
N GLN U 93 33.67 -82.17 -69.71
CA GLN U 93 32.85 -82.06 -68.51
C GLN U 93 33.52 -81.20 -67.45
N THR U 94 34.83 -81.41 -67.26
CA THR U 94 35.59 -80.55 -66.36
C THR U 94 35.66 -79.13 -66.91
N ALA U 95 35.78 -78.99 -68.24
CA ALA U 95 35.80 -77.66 -68.84
C ALA U 95 34.45 -76.98 -68.74
N VAL U 96 33.37 -77.75 -68.76
CA VAL U 96 32.04 -77.16 -68.61
C VAL U 96 31.90 -76.49 -67.26
N ARG U 97 32.38 -77.15 -66.20
CA ARG U 97 32.37 -76.52 -64.88
C ARG U 97 33.32 -75.31 -64.83
N LEU U 98 34.29 -75.26 -65.73
CA LEU U 98 35.21 -74.12 -65.79
C LEU U 98 34.60 -72.97 -66.59
N LEU U 99 34.21 -73.25 -67.84
CA LEU U 99 33.75 -72.18 -68.71
C LEU U 99 32.39 -71.65 -68.29
N LEU U 100 31.37 -72.50 -68.30
CA LEU U 100 30.02 -72.09 -67.98
C LEU U 100 29.88 -71.80 -66.49
N PRO U 101 29.01 -70.85 -66.12
CA PRO U 101 28.76 -70.58 -64.71
C PRO U 101 28.01 -71.71 -64.03
N GLY U 102 27.67 -71.53 -62.75
CA GLY U 102 27.05 -72.57 -61.96
C GLY U 102 25.83 -73.22 -62.56
N GLU U 103 24.76 -72.43 -62.77
CA GLU U 103 23.52 -72.98 -63.28
C GLU U 103 23.69 -73.49 -64.71
N LEU U 104 24.44 -72.76 -65.55
CA LEU U 104 24.62 -73.16 -66.93
C LEU U 104 25.39 -74.48 -67.02
N ALA U 105 26.41 -74.66 -66.18
CA ALA U 105 27.17 -75.90 -66.19
C ALA U 105 26.30 -77.08 -65.76
N LYS U 106 25.41 -76.86 -64.80
CA LYS U 106 24.54 -77.94 -64.32
C LYS U 106 23.65 -78.47 -65.44
N HIS U 107 23.07 -77.57 -66.23
CA HIS U 107 22.23 -77.99 -67.35
C HIS U 107 23.06 -78.70 -68.41
N ALA U 108 24.26 -78.17 -68.71
CA ALA U 108 25.11 -78.78 -69.73
C ALA U 108 25.57 -80.17 -69.31
N VAL U 109 25.98 -80.32 -68.05
CA VAL U 109 26.46 -81.61 -67.57
C VAL U 109 25.33 -82.63 -67.52
N SER U 110 24.17 -82.22 -67.01
CA SER U 110 23.04 -83.15 -66.87
C SER U 110 22.58 -83.65 -68.23
N GLU U 111 22.47 -82.75 -69.21
CA GLU U 111 22.08 -83.17 -70.55
C GLU U 111 23.19 -83.97 -71.22
N GLY U 112 24.45 -83.60 -70.98
CA GLY U 112 25.55 -84.34 -71.56
C GLY U 112 25.64 -85.76 -71.04
N THR U 113 25.42 -85.94 -69.73
CA THR U 113 25.39 -87.29 -69.16
C THR U 113 24.24 -88.10 -69.74
N LYS U 114 23.09 -87.47 -69.95
CA LYS U 114 21.97 -88.15 -70.59
C LYS U 114 22.30 -88.49 -72.04
N ALA U 115 22.98 -87.59 -72.74
CA ALA U 115 23.27 -87.81 -74.15
C ALA U 115 24.23 -88.98 -74.36
N VAL U 116 25.28 -89.06 -73.55
CA VAL U 116 26.26 -90.13 -73.72
C VAL U 116 25.65 -91.48 -73.36
N THR U 117 24.79 -91.51 -72.33
CA THR U 117 24.08 -92.75 -72.01
C THR U 117 23.13 -93.15 -73.12
N LYS U 118 22.43 -92.17 -73.71
CA LYS U 118 21.56 -92.47 -74.84
C LYS U 118 22.37 -92.94 -76.05
N TYR U 119 23.54 -92.33 -76.28
CA TYR U 119 24.38 -92.74 -77.38
C TYR U 119 24.86 -94.18 -77.21
N THR U 120 25.20 -94.57 -75.98
CA THR U 120 25.61 -95.93 -75.69
C THR U 120 24.36 -96.74 -75.36
N SER U 121 24.54 -97.96 -74.83
CA SER U 121 23.43 -98.86 -74.48
C SER U 121 22.55 -99.14 -75.69
N ALA U 122 23.17 -99.29 -76.85
CA ALA U 122 22.46 -99.56 -78.08
C ALA U 122 23.44 -100.22 -79.06
N LYS U 123 23.05 -100.29 -80.34
CA LYS U 123 23.83 -100.90 -81.42
C LYS U 123 24.64 -102.12 -81.00
N MET V 1 42.81 96.79 95.51
CA MET V 1 43.02 97.63 94.34
C MET V 1 42.50 99.03 94.66
N ALA V 2 42.26 99.28 95.95
CA ALA V 2 41.74 100.56 96.43
C ALA V 2 40.44 100.92 95.73
N LYS V 3 39.57 99.93 95.56
CA LYS V 3 38.31 100.10 94.87
C LYS V 3 37.29 100.71 95.83
N SER V 4 36.77 101.88 95.48
CA SER V 4 35.73 102.51 96.28
C SER V 4 34.40 101.79 96.08
N ALA V 5 33.42 102.16 96.89
CA ALA V 5 32.11 101.53 96.82
C ALA V 5 31.44 101.84 95.49
N PRO V 6 31.07 100.83 94.69
CA PRO V 6 30.42 101.11 93.40
C PRO V 6 29.11 101.86 93.59
N ALA V 7 28.87 102.80 92.68
CA ALA V 7 27.64 103.58 92.73
C ALA V 7 26.48 102.78 92.13
N PRO V 8 25.24 103.07 92.53
CA PRO V 8 24.10 102.40 91.91
C PRO V 8 23.86 102.85 90.48
N LYS V 9 22.90 102.21 89.81
CA LYS V 9 22.57 102.51 88.41
C LYS V 9 23.78 102.27 87.52
N LYS V 10 24.32 101.06 87.59
CA LYS V 10 25.41 100.61 86.72
C LYS V 10 25.22 99.16 86.34
N GLY V 11 23.96 98.72 86.24
CA GLY V 11 23.68 97.30 86.05
C GLY V 11 24.17 96.77 84.72
N SER V 12 24.05 97.58 83.67
CA SER V 12 24.34 97.15 82.30
C SER V 12 25.71 97.68 81.87
N LYS V 13 26.71 96.81 81.89
CA LYS V 13 28.03 97.16 81.35
C LYS V 13 28.62 95.90 80.70
N LYS V 14 28.37 95.73 79.41
CA LYS V 14 28.92 94.59 78.68
C LYS V 14 29.17 95.01 77.23
N ALA V 15 30.39 95.48 76.96
CA ALA V 15 30.89 95.73 75.60
C ALA V 15 29.85 96.42 74.71
N VAL V 16 29.13 97.39 75.29
CA VAL V 16 28.12 98.09 74.52
C VAL V 16 28.76 98.99 73.47
N THR V 17 29.88 99.63 73.82
CA THR V 17 30.58 100.55 72.93
C THR V 17 31.91 100.91 73.57
N LYS V 18 32.95 100.98 72.73
CA LYS V 18 34.28 101.54 73.05
C LYS V 18 35.04 100.72 74.09
N THR V 19 36.36 100.88 74.11
CA THR V 19 37.23 100.20 75.05
C THR V 19 38.57 100.91 75.03
N GLN V 20 39.42 100.56 76.00
CA GLN V 20 40.76 101.13 76.11
C GLN V 20 41.85 100.09 75.85
N LYS V 21 41.86 99.00 76.61
CA LYS V 21 42.85 97.94 76.43
C LYS V 21 42.25 96.55 76.31
N LYS V 22 41.12 96.27 76.96
CA LYS V 22 40.51 94.95 76.94
C LYS V 22 39.14 95.01 76.29
N ASP V 23 38.82 94.01 75.47
CA ASP V 23 37.56 93.97 74.76
C ASP V 23 37.19 92.52 74.47
N GLY V 24 35.88 92.26 74.40
CA GLY V 24 35.37 90.96 74.04
C GLY V 24 34.32 90.50 75.02
N LYS V 25 34.03 89.20 74.95
CA LYS V 25 33.12 88.45 75.83
C LYS V 25 31.65 88.80 75.60
N LYS V 26 31.34 89.73 74.70
CA LYS V 26 29.96 90.04 74.29
C LYS V 26 29.15 90.47 75.53
N ARG V 27 27.87 90.09 75.56
CA ARG V 27 26.98 90.47 76.66
C ARG V 27 27.00 89.39 77.74
N ARG V 28 26.07 89.48 78.68
CA ARG V 28 25.95 88.52 79.78
C ARG V 28 24.97 87.43 79.36
N LYS V 29 25.50 86.34 78.80
CA LYS V 29 24.67 85.23 78.33
C LYS V 29 24.20 84.45 79.55
N SER V 30 23.14 84.97 80.18
CA SER V 30 22.51 84.40 81.37
C SER V 30 23.54 84.05 82.44
N ARG V 31 23.18 83.14 83.34
CA ARG V 31 24.14 82.55 84.26
C ARG V 31 24.24 81.05 84.11
N LYS V 32 23.12 80.33 84.18
CA LYS V 32 23.06 78.90 83.91
C LYS V 32 24.09 78.12 84.73
N GLU V 33 23.93 78.18 86.04
CA GLU V 33 24.82 77.46 86.93
C GLU V 33 24.60 75.96 86.78
N SER V 34 25.69 75.21 86.72
CA SER V 34 25.65 73.76 86.59
C SER V 34 26.36 73.11 87.77
N TYR V 35 25.87 71.94 88.16
CA TYR V 35 26.48 71.15 89.21
C TYR V 35 27.69 70.36 88.71
N ALA V 36 28.20 70.69 87.52
CA ALA V 36 29.32 69.94 86.95
C ALA V 36 30.57 70.07 87.80
N ILE V 37 30.79 71.23 88.42
CA ILE V 37 31.98 71.43 89.24
C ILE V 37 31.98 70.46 90.42
N TYR V 38 30.83 70.33 91.09
CA TYR V 38 30.72 69.43 92.24
C TYR V 38 30.62 67.97 91.84
N VAL V 39 29.98 67.67 90.70
CA VAL V 39 29.95 66.28 90.22
C VAL V 39 31.35 65.81 89.88
N TYR V 40 32.13 66.65 89.20
CA TYR V 40 33.53 66.32 88.95
C TYR V 40 34.34 66.28 90.25
N LYS V 41 33.95 67.09 91.24
CA LYS V 41 34.60 67.02 92.54
C LYS V 41 34.36 65.66 93.19
N VAL V 42 33.18 65.10 92.99
CA VAL V 42 32.88 63.77 93.55
C VAL V 42 33.75 62.71 92.89
N LEU V 43 34.04 62.87 91.59
CA LEU V 43 34.86 61.88 90.89
C LEU V 43 36.20 61.68 91.58
N LYS V 44 36.86 62.75 91.99
CA LYS V 44 38.16 62.64 92.63
C LYS V 44 38.10 62.07 94.03
N GLN V 45 36.89 61.89 94.59
CA GLN V 45 36.73 61.30 95.90
C GLN V 45 36.46 59.80 95.87
N VAL V 46 35.98 59.27 94.75
CA VAL V 46 35.70 57.86 94.61
C VAL V 46 36.63 57.18 93.61
N HIS V 47 36.85 57.82 92.45
CA HIS V 47 37.76 57.31 91.42
C HIS V 47 38.62 58.47 90.97
N PRO V 48 39.68 58.79 91.71
CA PRO V 48 40.45 60.01 91.41
C PRO V 48 41.08 60.03 90.02
N ASP V 49 41.43 58.88 89.46
CA ASP V 49 42.12 58.81 88.18
C ASP V 49 41.18 58.61 87.00
N THR V 50 39.93 59.05 87.13
CA THR V 50 38.95 58.92 86.06
C THR V 50 38.41 60.29 85.66
N GLY V 51 38.30 60.51 84.35
CA GLY V 51 37.78 61.75 83.82
C GLY V 51 36.28 61.67 83.53
N ILE V 52 35.77 62.75 82.95
CA ILE V 52 34.36 62.86 82.59
C ILE V 52 34.26 63.38 81.17
N SER V 53 33.18 63.01 80.48
CA SER V 53 32.90 63.53 79.15
C SER V 53 31.83 64.61 79.22
N SER V 54 31.81 65.48 78.21
CA SER V 54 30.86 66.58 78.20
C SER V 54 29.43 66.07 78.14
N LYS V 55 29.18 65.02 77.35
CA LYS V 55 27.83 64.46 77.25
C LYS V 55 27.39 63.86 78.58
N ALA V 56 28.26 63.05 79.20
CA ALA V 56 27.92 62.44 80.48
C ALA V 56 27.78 63.50 81.57
N MET V 57 28.67 64.50 81.56
CA MET V 57 28.58 65.57 82.54
C MET V 57 27.29 66.36 82.40
N SER V 58 26.87 66.64 81.16
CA SER V 58 25.62 67.33 80.92
C SER V 58 24.44 66.50 81.40
N ILE V 59 24.48 65.18 81.18
CA ILE V 59 23.43 64.31 81.67
C ILE V 59 23.41 64.31 83.20
N MET V 60 24.59 64.25 83.82
CA MET V 60 24.67 64.29 85.27
C MET V 60 24.15 65.60 85.82
N ASN V 61 24.44 66.71 85.14
CA ASN V 61 23.94 68.01 85.57
C ASN V 61 22.41 68.05 85.53
N SER V 62 21.82 67.49 84.47
CA SER V 62 20.36 67.44 84.37
C SER V 62 19.76 66.39 85.30
N PHE V 63 20.52 65.33 85.60
CA PHE V 63 20.02 64.32 86.53
C PHE V 63 19.80 64.91 87.91
N VAL V 64 20.70 65.78 88.36
CA VAL V 64 20.55 66.42 89.65
C VAL V 64 19.29 67.29 89.67
N ASN V 65 19.07 68.05 88.59
CA ASN V 65 17.89 68.89 88.50
C ASN V 65 16.62 68.04 88.45
N ASP V 66 16.65 66.95 87.67
CA ASP V 66 15.49 66.07 87.58
C ASP V 66 15.18 65.42 88.93
N VAL V 67 16.20 64.95 89.63
CA VAL V 67 15.99 64.35 90.95
C VAL V 67 15.52 65.41 91.94
N PHE V 68 16.12 66.60 91.89
CA PHE V 68 15.71 67.67 92.80
C PHE V 68 14.25 68.06 92.56
N GLU V 69 13.82 68.08 91.31
CA GLU V 69 12.42 68.41 91.01
C GLU V 69 11.47 67.39 91.62
N ARG V 70 11.82 66.10 91.55
CA ARG V 70 10.94 65.07 92.10
C ARG V 70 10.94 65.11 93.62
N ILE V 71 12.11 65.20 94.24
CA ILE V 71 12.20 65.14 95.70
C ILE V 71 11.58 66.39 96.32
N ALA V 72 11.76 67.55 95.68
CA ALA V 72 11.13 68.77 96.19
C ALA V 72 9.64 68.78 95.91
N GLY V 73 9.23 68.19 94.78
CA GLY V 73 7.81 68.09 94.49
C GLY V 73 7.08 67.20 95.48
N GLU V 74 7.71 66.07 95.83
CA GLU V 74 7.12 65.19 96.85
C GLU V 74 7.05 65.90 98.20
N ALA V 75 8.12 66.63 98.55
CA ALA V 75 8.09 67.40 99.80
C ALA V 75 7.04 68.49 99.74
N SER V 76 6.88 69.12 98.57
CA SER V 76 5.83 70.13 98.41
C SER V 76 4.45 69.51 98.60
N ARG V 77 4.23 68.33 98.03
CA ARG V 77 2.95 67.65 98.18
C ARG V 77 2.68 67.30 99.64
N LEU V 78 3.72 66.86 100.36
CA LEU V 78 3.56 66.55 101.77
C LEU V 78 3.18 67.78 102.57
N ALA V 79 3.76 68.95 102.23
CA ALA V 79 3.44 70.17 102.93
C ALA V 79 1.97 70.55 102.78
N HIS V 80 1.41 70.31 101.59
CA HIS V 80 -0.01 70.59 101.39
C HIS V 80 -0.89 69.54 102.05
N TYR V 81 -0.40 68.30 102.16
CA TYR V 81 -1.22 67.25 102.75
C TYR V 81 -1.33 67.39 104.26
N ASN V 82 -0.23 67.73 104.93
CA ASN V 82 -0.24 67.84 106.39
C ASN V 82 -0.63 69.23 106.88
N LYS V 83 -0.94 70.16 105.98
CA LYS V 83 -1.36 71.51 106.34
C LYS V 83 -0.32 72.23 107.19
N ARG V 84 0.95 72.04 106.84
CA ARG V 84 2.05 72.71 107.52
C ARG V 84 2.84 73.51 106.48
N SER V 85 3.02 74.80 106.75
CA SER V 85 3.72 75.69 105.82
C SER V 85 5.18 75.82 106.24
N THR V 86 5.88 74.69 106.21
CA THR V 86 7.30 74.64 106.53
C THR V 86 7.89 73.35 105.98
N ILE V 87 9.15 73.43 105.55
CA ILE V 87 9.89 72.28 105.05
C ILE V 87 11.21 72.20 105.80
N THR V 88 11.49 71.02 106.36
CA THR V 88 12.74 70.77 107.07
C THR V 88 13.20 69.37 106.73
N SER V 89 14.20 68.88 107.47
CA SER V 89 14.74 67.55 107.20
C SER V 89 13.69 66.47 107.41
N ARG V 90 12.77 66.69 108.36
CA ARG V 90 11.75 65.69 108.64
C ARG V 90 10.84 65.45 107.43
N GLU V 91 10.41 66.53 106.79
CA GLU V 91 9.51 66.38 105.64
C GLU V 91 10.20 65.67 104.48
N ILE V 92 11.46 66.04 104.20
CA ILE V 92 12.18 65.39 103.12
C ILE V 92 12.54 63.95 103.47
N GLN V 93 12.71 63.67 104.76
CA GLN V 93 13.01 62.29 105.18
C GLN V 93 11.88 61.35 104.79
N THR V 94 10.63 61.77 105.01
CA THR V 94 9.49 60.97 104.54
C THR V 94 9.47 60.92 103.02
N ALA V 95 9.76 62.05 102.35
CA ALA V 95 9.75 62.08 100.90
C ALA V 95 10.85 61.18 100.31
N VAL V 96 11.99 61.10 100.99
CA VAL V 96 13.06 60.22 100.53
C VAL V 96 12.60 58.76 100.56
N ARG V 97 11.90 58.36 101.62
CA ARG V 97 11.36 57.00 101.69
C ARG V 97 10.35 56.75 100.58
N LEU V 98 9.52 57.74 100.27
CA LEU V 98 8.57 57.61 99.17
C LEU V 98 9.28 57.46 97.83
N LEU V 99 10.35 58.22 97.60
CA LEU V 99 11.03 58.25 96.31
C LEU V 99 12.07 57.14 96.18
N LEU V 100 13.07 57.12 97.07
CA LEU V 100 14.12 56.13 96.95
C LEU V 100 13.68 54.79 97.52
N PRO V 101 13.90 53.71 96.77
CA PRO V 101 13.44 52.39 97.21
C PRO V 101 14.49 51.59 97.98
N GLY V 102 14.02 50.85 98.98
CA GLY V 102 14.85 49.88 99.66
C GLY V 102 16.05 50.52 100.36
N GLU V 103 17.22 49.90 100.16
CA GLU V 103 18.43 50.35 100.84
C GLU V 103 18.85 51.74 100.39
N LEU V 104 18.46 52.15 99.18
CA LEU V 104 18.83 53.47 98.69
C LEU V 104 18.25 54.56 99.58
N ALA V 105 17.02 54.38 100.05
CA ALA V 105 16.45 55.33 101.00
C ALA V 105 17.21 55.33 102.31
N LYS V 106 17.64 54.16 102.77
CA LYS V 106 18.36 54.07 104.04
C LYS V 106 19.67 54.86 103.99
N HIS V 107 20.42 54.74 102.89
CA HIS V 107 21.68 55.45 102.77
C HIS V 107 21.47 56.96 102.76
N ALA V 108 20.46 57.42 102.00
CA ALA V 108 20.18 58.86 101.94
C ALA V 108 19.73 59.39 103.30
N VAL V 109 18.87 58.64 103.98
CA VAL V 109 18.41 59.07 105.31
C VAL V 109 19.57 59.08 106.29
N SER V 110 20.41 58.04 106.26
CA SER V 110 21.55 57.98 107.16
C SER V 110 22.53 59.12 106.90
N GLU V 111 22.86 59.35 105.62
CA GLU V 111 23.75 60.46 105.29
C GLU V 111 23.09 61.80 105.55
N GLY V 112 21.81 61.92 105.21
CA GLY V 112 21.11 63.18 105.43
C GLY V 112 20.97 63.54 106.90
N THR V 113 20.63 62.55 107.73
CA THR V 113 20.50 62.80 109.16
C THR V 113 21.83 63.22 109.77
N LYS V 114 22.92 62.56 109.37
CA LYS V 114 24.24 62.93 109.88
C LYS V 114 24.60 64.35 109.49
N ALA V 115 24.23 64.76 108.27
CA ALA V 115 24.49 66.14 107.85
C ALA V 115 23.74 67.14 108.72
N VAL V 116 22.49 66.84 109.05
CA VAL V 116 21.70 67.75 109.88
C VAL V 116 22.27 67.82 111.30
N THR V 117 22.63 66.66 111.86
CA THR V 117 23.16 66.64 113.22
C THR V 117 24.49 67.40 113.31
N LYS V 118 25.38 67.17 112.35
CA LYS V 118 26.67 67.86 112.37
C LYS V 118 26.50 69.37 112.20
N TYR V 119 25.58 69.79 111.32
CA TYR V 119 25.38 71.21 111.07
C TYR V 119 24.84 71.93 112.30
N THR V 120 23.92 71.29 113.02
CA THR V 120 23.23 71.96 114.13
C THR V 120 23.93 71.77 115.47
N SER V 121 24.81 70.78 115.61
CA SER V 121 25.50 70.54 116.88
C SER V 121 26.78 71.33 117.02
N ALA V 122 27.18 72.10 116.01
CA ALA V 122 28.42 72.86 116.03
C ALA V 122 28.10 74.33 116.28
N LYS V 123 28.75 74.91 117.28
CA LYS V 123 28.56 76.31 117.60
C LYS V 123 29.68 77.14 116.96
N MET W 1 -45.51 -99.83 -97.17
CA MET W 1 -45.03 -99.13 -98.35
C MET W 1 -43.76 -99.78 -98.90
N ALA W 2 -43.88 -101.05 -99.28
CA ALA W 2 -42.78 -101.84 -99.85
C ALA W 2 -41.64 -101.86 -98.82
N LYS W 3 -40.43 -101.46 -99.18
CA LYS W 3 -39.31 -101.50 -98.23
C LYS W 3 -38.23 -100.54 -98.71
N SER W 4 -37.87 -99.57 -97.87
CA SER W 4 -36.78 -98.64 -98.15
C SER W 4 -35.54 -98.96 -97.33
N ALA W 5 -35.44 -100.17 -96.77
CA ALA W 5 -34.28 -100.53 -95.96
C ALA W 5 -32.97 -100.45 -96.73
N PRO W 6 -32.84 -100.98 -97.97
CA PRO W 6 -31.61 -100.73 -98.74
C PRO W 6 -31.45 -99.24 -99.00
N ALA W 7 -30.40 -98.64 -98.43
CA ALA W 7 -30.30 -97.18 -98.40
C ALA W 7 -29.09 -96.70 -99.19
N PRO W 8 -29.27 -96.27 -100.44
CA PRO W 8 -28.26 -95.44 -101.09
C PRO W 8 -28.32 -93.97 -100.68
N LYS W 9 -29.23 -93.62 -99.78
CA LYS W 9 -29.41 -92.26 -99.28
C LYS W 9 -29.42 -92.32 -97.75
N LYS W 10 -28.32 -91.90 -97.13
CA LYS W 10 -28.23 -91.80 -95.68
C LYS W 10 -28.25 -90.37 -95.19
N GLY W 11 -27.39 -89.51 -95.76
CA GLY W 11 -27.50 -88.09 -95.46
C GLY W 11 -28.80 -87.50 -95.98
N SER W 12 -29.13 -87.82 -97.24
CA SER W 12 -30.41 -87.45 -97.86
C SER W 12 -30.78 -85.99 -97.63
N LYS W 13 -32.00 -85.76 -97.16
CA LYS W 13 -32.53 -84.42 -96.86
C LYS W 13 -32.55 -83.62 -98.16
N LYS W 14 -32.11 -82.36 -98.16
CA LYS W 14 -32.19 -81.51 -99.34
C LYS W 14 -30.79 -81.19 -99.85
N ALA W 15 -30.55 -81.49 -101.13
CA ALA W 15 -29.28 -81.19 -101.77
C ALA W 15 -29.46 -80.22 -102.94
N VAL W 16 -30.37 -80.52 -103.87
CA VAL W 16 -30.59 -79.68 -105.05
C VAL W 16 -31.94 -78.97 -105.00
N THR W 17 -32.82 -79.36 -104.08
CA THR W 17 -34.19 -78.85 -103.98
C THR W 17 -35.00 -79.25 -105.21
N LYS W 18 -34.99 -80.54 -105.53
CA LYS W 18 -35.83 -81.11 -106.57
C LYS W 18 -37.10 -81.62 -105.90
N THR W 19 -38.13 -80.78 -105.86
CA THR W 19 -39.35 -81.06 -105.12
C THR W 19 -40.56 -81.01 -106.04
N GLN W 20 -41.64 -81.63 -105.59
CA GLN W 20 -42.86 -81.73 -106.39
C GLN W 20 -43.92 -80.72 -105.96
N LYS W 21 -44.35 -80.76 -104.70
CA LYS W 21 -45.48 -79.95 -104.25
C LYS W 21 -45.13 -78.98 -103.14
N LYS W 22 -44.53 -79.44 -102.05
CA LYS W 22 -44.47 -78.67 -100.82
C LYS W 22 -43.08 -78.13 -100.49
N ASP W 23 -42.07 -78.39 -101.33
CA ASP W 23 -40.69 -78.07 -101.01
C ASP W 23 -40.32 -78.70 -99.67
N GLY W 24 -40.23 -77.88 -98.63
CA GLY W 24 -40.15 -78.35 -97.26
C GLY W 24 -39.03 -79.30 -96.93
N LYS W 25 -37.79 -78.86 -97.10
CA LYS W 25 -36.64 -79.68 -96.69
C LYS W 25 -35.42 -78.78 -96.54
N LYS W 26 -34.51 -79.20 -95.67
CA LYS W 26 -33.26 -78.47 -95.44
C LYS W 26 -32.16 -79.48 -95.17
N ARG W 27 -31.00 -78.97 -94.79
CA ARG W 27 -29.88 -79.84 -94.46
C ARG W 27 -30.19 -80.64 -93.19
N ARG W 28 -29.68 -81.88 -93.13
CA ARG W 28 -29.93 -82.75 -92.00
C ARG W 28 -29.33 -82.15 -90.72
N LYS W 29 -30.19 -81.69 -89.82
CA LYS W 29 -29.72 -81.09 -88.58
C LYS W 29 -29.32 -82.17 -87.59
N SER W 30 -28.22 -81.94 -86.87
CA SER W 30 -27.77 -82.88 -85.86
C SER W 30 -28.82 -83.03 -84.77
N ARG W 31 -29.03 -84.25 -84.32
CA ARG W 31 -30.07 -84.52 -83.33
C ARG W 31 -29.63 -84.03 -81.96
N LYS W 32 -30.27 -82.97 -81.47
CA LYS W 32 -29.97 -82.41 -80.15
C LYS W 32 -30.86 -83.13 -79.14
N GLU W 33 -30.32 -84.17 -78.53
CA GLU W 33 -31.07 -84.92 -77.53
C GLU W 33 -31.30 -84.06 -76.29
N SER W 34 -32.57 -83.82 -75.97
CA SER W 34 -32.94 -82.97 -74.85
C SER W 34 -33.97 -83.68 -73.99
N TYR W 35 -33.90 -83.45 -72.68
CA TYR W 35 -34.85 -83.99 -71.73
C TYR W 35 -36.07 -83.09 -71.56
N ALA W 36 -36.35 -82.22 -72.53
CA ALA W 36 -37.41 -81.23 -72.37
C ALA W 36 -38.77 -81.88 -72.22
N ILE W 37 -39.06 -82.91 -73.01
CA ILE W 37 -40.35 -83.59 -72.94
C ILE W 37 -40.52 -84.26 -71.59
N TYR W 38 -39.47 -84.93 -71.12
CA TYR W 38 -39.56 -85.70 -69.88
C TYR W 38 -39.53 -84.82 -68.63
N VAL W 39 -38.82 -83.70 -68.67
CA VAL W 39 -38.83 -82.78 -67.54
C VAL W 39 -40.23 -82.19 -67.36
N TYR W 40 -40.89 -81.84 -68.46
CA TYR W 40 -42.23 -81.28 -68.38
C TYR W 40 -43.24 -82.32 -67.90
N LYS W 41 -42.99 -83.60 -68.19
CA LYS W 41 -43.92 -84.64 -67.79
C LYS W 41 -44.04 -84.74 -66.27
N VAL W 42 -42.89 -84.82 -65.59
CA VAL W 42 -42.92 -84.92 -64.13
C VAL W 42 -43.37 -83.60 -63.51
N LEU W 43 -43.15 -82.47 -64.21
CA LEU W 43 -43.60 -81.18 -63.71
C LEU W 43 -45.13 -81.15 -63.62
N LYS W 44 -45.81 -81.74 -64.60
CA LYS W 44 -47.27 -81.82 -64.55
C LYS W 44 -47.74 -82.68 -63.37
N GLN W 45 -46.96 -83.71 -63.03
CA GLN W 45 -47.36 -84.60 -61.94
C GLN W 45 -47.34 -83.87 -60.60
N VAL W 46 -46.23 -83.18 -60.30
CA VAL W 46 -46.12 -82.50 -59.02
C VAL W 46 -47.04 -81.29 -58.95
N HIS W 47 -47.13 -80.52 -60.04
CA HIS W 47 -47.95 -79.31 -60.08
C HIS W 47 -48.51 -79.16 -61.49
N PRO W 48 -49.76 -79.59 -61.71
CA PRO W 48 -50.33 -79.51 -63.06
C PRO W 48 -50.47 -78.09 -63.59
N ASP W 49 -50.93 -77.16 -62.77
CA ASP W 49 -51.24 -75.81 -63.22
C ASP W 49 -50.07 -74.87 -62.98
N THR W 50 -48.91 -75.23 -63.52
CA THR W 50 -47.72 -74.39 -63.41
C THR W 50 -47.20 -73.91 -64.75
N GLY W 51 -46.97 -74.81 -65.69
CA GLY W 51 -46.32 -74.44 -66.94
C GLY W 51 -44.81 -74.32 -66.74
N ILE W 52 -44.16 -73.79 -67.77
CA ILE W 52 -42.70 -73.68 -67.76
C ILE W 52 -42.30 -72.60 -68.75
N SER W 53 -41.07 -72.10 -68.58
CA SER W 53 -40.48 -71.16 -69.52
C SER W 53 -39.31 -71.82 -70.25
N SER W 54 -38.99 -71.28 -71.43
CA SER W 54 -37.94 -71.87 -72.26
C SER W 54 -36.58 -71.78 -71.57
N LYS W 55 -36.29 -70.67 -70.91
CA LYS W 55 -35.00 -70.52 -70.24
C LYS W 55 -34.86 -71.52 -69.10
N ALA W 56 -35.95 -71.83 -68.42
CA ALA W 56 -35.91 -72.81 -67.34
C ALA W 56 -35.52 -74.19 -67.87
N MET W 57 -36.06 -74.58 -69.03
CA MET W 57 -35.72 -75.88 -69.61
C MET W 57 -34.25 -75.93 -69.99
N SER W 58 -33.71 -74.83 -70.52
CA SER W 58 -32.30 -74.81 -70.89
C SER W 58 -31.40 -75.05 -69.69
N ILE W 59 -31.74 -74.44 -68.55
CA ILE W 59 -31.00 -74.68 -67.31
C ILE W 59 -31.17 -76.14 -66.87
N MET W 60 -32.40 -76.64 -66.92
CA MET W 60 -32.67 -77.97 -66.39
C MET W 60 -32.16 -79.05 -67.32
N ASN W 61 -32.15 -78.78 -68.64
CA ASN W 61 -31.55 -79.73 -69.58
C ASN W 61 -30.07 -79.89 -69.31
N SER W 62 -29.37 -78.79 -69.03
CA SER W 62 -27.96 -78.89 -68.64
C SER W 62 -27.82 -79.61 -67.30
N PHE W 63 -28.74 -79.37 -66.37
CA PHE W 63 -28.66 -80.00 -65.05
C PHE W 63 -28.76 -81.52 -65.16
N VAL W 64 -29.74 -82.00 -65.94
CA VAL W 64 -29.91 -83.45 -66.08
C VAL W 64 -28.71 -84.06 -66.77
N ASN W 65 -28.20 -83.41 -67.83
CA ASN W 65 -27.05 -83.93 -68.55
C ASN W 65 -25.80 -83.95 -67.67
N ASP W 66 -25.59 -82.89 -66.88
CA ASP W 66 -24.40 -82.83 -66.04
C ASP W 66 -24.50 -83.79 -64.85
N VAL W 67 -25.70 -83.93 -64.28
CA VAL W 67 -25.88 -84.84 -63.16
C VAL W 67 -25.59 -86.28 -63.58
N PHE W 68 -26.11 -86.67 -64.76
CA PHE W 68 -25.81 -88.00 -65.27
C PHE W 68 -24.32 -88.18 -65.52
N GLU W 69 -23.66 -87.14 -66.05
CA GLU W 69 -22.23 -87.21 -66.29
C GLU W 69 -21.46 -87.42 -64.99
N ARG W 70 -21.87 -86.74 -63.93
CA ARG W 70 -21.21 -86.91 -62.64
C ARG W 70 -21.47 -88.29 -62.06
N ILE W 71 -22.72 -88.77 -62.11
CA ILE W 71 -23.05 -90.08 -61.58
C ILE W 71 -22.35 -91.18 -62.39
N ALA W 72 -22.47 -91.10 -63.72
CA ALA W 72 -21.80 -92.09 -64.56
C ALA W 72 -20.28 -91.96 -64.48
N GLY W 73 -19.78 -90.73 -64.39
CA GLY W 73 -18.35 -90.54 -64.26
C GLY W 73 -17.81 -91.12 -62.96
N GLU W 74 -18.49 -90.84 -61.85
CA GLU W 74 -18.07 -91.40 -60.57
C GLU W 74 -18.20 -92.92 -60.55
N ALA W 75 -19.26 -93.44 -61.17
CA ALA W 75 -19.41 -94.88 -61.28
C ALA W 75 -18.29 -95.49 -62.11
N SER W 76 -17.89 -94.80 -63.19
CA SER W 76 -16.77 -95.26 -64.00
C SER W 76 -15.48 -95.30 -63.19
N ARG W 77 -15.23 -94.26 -62.38
CA ARG W 77 -14.07 -94.27 -61.50
C ARG W 77 -14.15 -95.40 -60.49
N LEU W 78 -15.34 -95.64 -59.93
CA LEU W 78 -15.53 -96.77 -59.04
C LEU W 78 -15.35 -98.09 -59.79
N ALA W 79 -15.72 -98.13 -61.07
CA ALA W 79 -15.53 -99.32 -61.88
C ALA W 79 -14.05 -99.60 -62.16
N HIS W 80 -13.17 -98.65 -61.89
CA HIS W 80 -11.73 -98.86 -62.01
C HIS W 80 -11.05 -99.10 -60.66
N TYR W 81 -11.68 -98.69 -59.57
CA TYR W 81 -11.13 -98.96 -58.24
C TYR W 81 -11.07 -100.46 -57.98
N ASN W 82 -12.12 -101.18 -58.37
CA ASN W 82 -12.11 -102.63 -58.43
C ASN W 82 -12.06 -103.07 -59.90
N LYS W 83 -11.62 -104.29 -60.12
CA LYS W 83 -11.38 -104.78 -61.48
C LYS W 83 -12.63 -105.29 -62.17
N ARG W 84 -13.83 -104.91 -61.70
CA ARG W 84 -15.05 -105.34 -62.36
C ARG W 84 -15.20 -104.67 -63.71
N SER W 85 -15.50 -105.47 -64.73
CA SER W 85 -15.67 -104.98 -66.09
C SER W 85 -17.12 -104.69 -66.45
N THR W 86 -18.06 -104.93 -65.54
CA THR W 86 -19.48 -104.72 -65.79
C THR W 86 -20.06 -103.80 -64.72
N ILE W 87 -20.87 -102.84 -65.15
CA ILE W 87 -21.53 -101.90 -64.26
C ILE W 87 -23.02 -102.25 -64.22
N THR W 88 -23.53 -102.51 -63.02
CA THR W 88 -24.94 -102.80 -62.81
C THR W 88 -25.48 -101.83 -61.75
N SER W 89 -26.71 -102.11 -61.29
CA SER W 89 -27.38 -101.21 -60.36
C SER W 89 -26.58 -101.05 -59.07
N ARG W 90 -25.89 -102.11 -58.65
CA ARG W 90 -25.10 -102.03 -57.42
C ARG W 90 -23.98 -101.00 -57.55
N GLU W 91 -23.34 -100.94 -58.72
CA GLU W 91 -22.25 -99.99 -58.93
C GLU W 91 -22.71 -98.55 -58.76
N ILE W 92 -23.96 -98.25 -59.09
CA ILE W 92 -24.48 -96.90 -58.89
C ILE W 92 -25.15 -96.76 -57.53
N GLN W 93 -25.63 -97.85 -56.93
CA GLN W 93 -26.20 -97.78 -55.59
C GLN W 93 -25.17 -97.25 -54.60
N THR W 94 -23.92 -97.71 -54.71
CA THR W 94 -22.85 -97.14 -53.90
C THR W 94 -22.44 -95.76 -54.42
N ALA W 95 -22.62 -95.51 -55.72
CA ALA W 95 -22.18 -94.25 -56.30
C ALA W 95 -23.06 -93.09 -55.85
N VAL W 96 -24.32 -93.37 -55.50
CA VAL W 96 -25.22 -92.31 -55.06
C VAL W 96 -24.74 -91.70 -53.75
N ARG W 97 -24.20 -92.52 -52.86
CA ARG W 97 -23.81 -92.04 -51.53
C ARG W 97 -22.72 -90.99 -51.61
N LEU W 98 -21.75 -91.16 -52.51
CA LEU W 98 -20.61 -90.25 -52.56
C LEU W 98 -21.04 -88.84 -52.96
N LEU W 99 -21.93 -88.72 -53.94
CA LEU W 99 -22.33 -87.41 -54.45
C LEU W 99 -23.62 -86.89 -53.83
N LEU W 100 -24.63 -87.74 -53.67
CA LEU W 100 -25.91 -87.30 -53.11
C LEU W 100 -25.89 -87.54 -51.60
N PRO W 101 -25.87 -86.50 -50.77
CA PRO W 101 -25.81 -86.69 -49.33
C PRO W 101 -27.18 -86.68 -48.66
N GLY W 102 -27.20 -87.19 -47.43
CA GLY W 102 -28.38 -87.10 -46.59
C GLY W 102 -29.59 -87.79 -47.19
N GLU W 103 -30.73 -87.10 -47.12
CA GLU W 103 -31.98 -87.67 -47.61
C GLU W 103 -31.98 -87.86 -49.12
N LEU W 104 -31.16 -87.12 -49.86
CA LEU W 104 -31.09 -87.29 -51.30
C LEU W 104 -30.63 -88.70 -51.66
N ALA W 105 -29.67 -89.25 -50.91
CA ALA W 105 -29.25 -90.62 -51.12
C ALA W 105 -30.39 -91.59 -50.85
N LYS W 106 -31.14 -91.38 -49.78
CA LYS W 106 -32.24 -92.26 -49.44
C LYS W 106 -33.32 -92.25 -50.52
N HIS W 107 -33.69 -91.05 -50.99
CA HIS W 107 -34.69 -90.96 -52.05
C HIS W 107 -34.19 -91.56 -53.35
N ALA W 108 -32.92 -91.30 -53.69
CA ALA W 108 -32.37 -91.83 -54.93
C ALA W 108 -32.24 -93.34 -54.88
N VAL W 109 -31.75 -93.89 -53.77
CA VAL W 109 -31.58 -95.33 -53.67
C VAL W 109 -32.94 -96.02 -53.65
N SER W 110 -33.89 -95.51 -52.86
CA SER W 110 -35.20 -96.15 -52.75
C SER W 110 -35.92 -96.14 -54.10
N GLU W 111 -35.89 -95.00 -54.80
CA GLU W 111 -36.48 -94.95 -56.13
C GLU W 111 -35.70 -95.81 -57.11
N GLY W 112 -34.37 -95.77 -57.03
CA GLY W 112 -33.56 -96.57 -57.92
C GLY W 112 -33.70 -98.06 -57.68
N THR W 113 -33.68 -98.48 -56.41
CA THR W 113 -33.80 -99.90 -56.10
C THR W 113 -35.19 -100.42 -56.47
N LYS W 114 -36.23 -99.61 -56.22
CA LYS W 114 -37.57 -100.01 -56.63
C LYS W 114 -37.68 -100.11 -58.14
N ALA W 115 -37.08 -99.16 -58.86
CA ALA W 115 -37.19 -99.14 -60.32
C ALA W 115 -36.56 -100.39 -60.93
N VAL W 116 -35.36 -100.74 -60.48
CA VAL W 116 -34.70 -101.94 -61.02
C VAL W 116 -35.44 -103.19 -60.57
N THR W 117 -35.99 -103.19 -59.35
CA THR W 117 -36.75 -104.34 -58.88
C THR W 117 -38.02 -104.53 -59.70
N LYS W 118 -38.74 -103.44 -59.99
CA LYS W 118 -39.92 -103.52 -60.83
C LYS W 118 -39.60 -103.57 -62.31
N TYR W 119 -38.36 -103.23 -62.70
CA TYR W 119 -37.94 -103.45 -64.08
C TYR W 119 -37.97 -104.92 -64.44
N THR W 120 -37.46 -105.77 -63.54
CA THR W 120 -37.59 -107.20 -63.67
C THR W 120 -38.88 -107.66 -62.99
N SER W 121 -39.06 -108.97 -62.83
CA SER W 121 -40.26 -109.54 -62.22
C SER W 121 -41.51 -109.08 -62.95
N ALA W 122 -41.42 -109.01 -64.29
CA ALA W 122 -42.53 -108.58 -65.13
C ALA W 122 -42.49 -109.41 -66.41
N LYS W 123 -43.25 -108.97 -67.41
CA LYS W 123 -43.31 -109.64 -68.70
C LYS W 123 -43.79 -111.08 -68.59
N MET X 1 -24.28 120.05 71.53
CA MET X 1 -25.18 119.02 71.02
C MET X 1 -26.44 118.93 71.89
N ALA X 2 -27.56 119.38 71.34
CA ALA X 2 -28.82 119.36 72.07
C ALA X 2 -29.98 119.44 71.08
N LYS X 3 -31.04 118.67 71.35
CA LYS X 3 -32.29 118.72 70.59
C LYS X 3 -32.05 118.45 69.10
N SER X 4 -31.61 117.23 68.81
CA SER X 4 -31.35 116.82 67.43
C SER X 4 -32.49 115.99 66.85
N ALA X 5 -33.25 115.29 67.69
CA ALA X 5 -34.31 114.40 67.23
C ALA X 5 -35.56 115.13 66.76
N PRO X 6 -36.20 115.97 67.61
CA PRO X 6 -37.52 116.51 67.21
C PRO X 6 -37.42 117.59 66.14
N ALA X 7 -37.34 117.17 64.88
CA ALA X 7 -37.18 118.08 63.76
C ALA X 7 -37.64 117.39 62.47
N PRO X 8 -37.84 118.14 61.38
CA PRO X 8 -38.16 117.48 60.10
C PRO X 8 -36.95 116.77 59.50
N LYS X 9 -35.87 116.65 60.28
CA LYS X 9 -34.67 115.94 59.84
C LYS X 9 -34.94 114.47 59.55
N LYS X 10 -35.96 113.89 60.17
CA LYS X 10 -36.27 112.48 59.96
C LYS X 10 -36.60 112.23 58.49
N GLY X 11 -35.98 111.20 57.91
CA GLY X 11 -36.20 110.84 56.53
C GLY X 11 -35.38 111.64 55.53
N SER X 12 -34.57 112.60 55.98
CA SER X 12 -33.75 113.42 55.11
C SER X 12 -32.30 112.95 55.22
N LYS X 13 -31.73 112.52 54.10
CA LYS X 13 -30.38 111.99 54.06
C LYS X 13 -29.44 112.88 53.26
N LYS X 14 -29.78 113.16 52.00
CA LYS X 14 -28.94 113.99 51.14
C LYS X 14 -29.85 114.89 50.31
N ALA X 15 -29.77 116.20 50.57
CA ALA X 15 -30.52 117.18 49.80
C ALA X 15 -29.80 117.48 48.49
N VAL X 16 -30.20 118.53 47.80
CA VAL X 16 -29.59 118.89 46.51
C VAL X 16 -28.41 119.81 46.85
N THR X 17 -27.29 119.18 47.21
CA THR X 17 -26.03 119.86 47.56
C THR X 17 -26.33 120.87 48.66
N LYS X 18 -25.94 122.14 48.52
CA LYS X 18 -26.08 123.17 49.56
C LYS X 18 -25.42 122.72 50.86
N THR X 19 -24.25 122.10 50.75
CA THR X 19 -23.53 121.59 51.90
C THR X 19 -22.10 122.11 51.91
N GLN X 20 -21.47 122.05 53.08
CA GLN X 20 -20.09 122.44 53.26
C GLN X 20 -19.17 121.31 52.81
N LYS X 21 -17.89 121.39 53.19
CA LYS X 21 -16.90 120.41 52.73
C LYS X 21 -17.30 118.98 53.07
N LYS X 22 -17.92 118.79 54.24
CA LYS X 22 -18.31 117.45 54.67
C LYS X 22 -19.44 116.93 53.79
N ASP X 23 -19.11 116.05 52.85
CA ASP X 23 -20.08 115.50 51.92
C ASP X 23 -19.88 113.99 51.80
N GLY X 24 -20.98 113.26 51.83
CA GLY X 24 -20.90 111.81 51.71
C GLY X 24 -22.29 111.22 51.62
N LYS X 25 -22.31 109.91 51.34
CA LYS X 25 -23.52 109.11 51.25
C LYS X 25 -24.34 109.48 50.01
N LYS X 26 -24.97 108.48 49.40
CA LYS X 26 -25.89 108.69 48.28
C LYS X 26 -27.33 108.73 48.80
N ARG X 27 -28.21 109.33 48.01
CA ARG X 27 -29.61 109.44 48.41
C ARG X 27 -30.32 108.11 48.22
N ARG X 28 -29.90 107.10 48.96
CA ARG X 28 -30.50 105.77 48.89
C ARG X 28 -30.26 105.07 50.21
N LYS X 29 -31.32 104.89 51.01
CA LYS X 29 -31.15 104.28 52.33
C LYS X 29 -32.29 103.29 52.55
N SER X 30 -32.05 102.04 52.18
CA SER X 30 -32.84 100.90 52.65
C SER X 30 -31.86 99.91 53.25
N ARG X 31 -32.21 99.33 54.40
CA ARG X 31 -31.27 98.52 55.16
C ARG X 31 -31.90 97.17 55.51
N LYS X 32 -31.03 96.16 55.58
CA LYS X 32 -31.41 94.85 56.11
C LYS X 32 -30.55 94.57 57.34
N GLU X 33 -31.18 94.05 58.39
CA GLU X 33 -30.45 93.75 59.62
C GLU X 33 -29.60 92.50 59.41
N SER X 34 -28.47 92.67 58.73
CA SER X 34 -27.64 91.54 58.36
C SER X 34 -27.06 90.87 59.60
N TYR X 35 -27.00 89.54 59.57
CA TYR X 35 -26.43 88.74 60.63
C TYR X 35 -24.97 88.39 60.37
N ALA X 36 -24.36 89.00 59.36
CA ALA X 36 -22.99 88.65 58.98
C ALA X 36 -22.01 88.95 60.12
N ILE X 37 -22.18 90.09 60.79
CA ILE X 37 -21.27 90.44 61.88
C ILE X 37 -21.37 89.42 63.01
N TYR X 38 -22.57 88.93 63.29
CA TYR X 38 -22.74 87.93 64.35
C TYR X 38 -22.22 86.57 63.91
N VAL X 39 -22.49 86.19 62.66
CA VAL X 39 -21.97 84.92 62.13
C VAL X 39 -20.45 84.95 62.09
N TYR X 40 -19.88 86.08 61.65
CA TYR X 40 -18.42 86.20 61.62
C TYR X 40 -17.84 86.14 63.02
N LYS X 41 -18.51 86.76 63.99
CA LYS X 41 -18.06 86.69 65.38
C LYS X 41 -18.10 85.26 65.90
N VAL X 42 -19.17 84.52 65.57
CA VAL X 42 -19.27 83.13 65.98
C VAL X 42 -18.19 82.30 65.31
N LEU X 43 -17.86 82.62 64.06
CA LEU X 43 -16.82 81.87 63.34
C LEU X 43 -15.48 81.95 64.06
N LYS X 44 -15.13 83.13 64.58
CA LYS X 44 -13.88 83.28 65.31
C LYS X 44 -13.88 82.51 66.63
N GLN X 45 -15.05 82.23 67.19
CA GLN X 45 -15.11 81.47 68.43
C GLN X 45 -14.78 80.00 68.21
N VAL X 46 -15.26 79.42 67.11
CA VAL X 46 -14.98 78.03 66.81
C VAL X 46 -13.66 77.87 66.04
N HIS X 47 -13.25 78.90 65.30
CA HIS X 47 -12.00 78.86 64.54
C HIS X 47 -11.35 80.23 64.62
N PRO X 48 -10.36 80.40 65.50
CA PRO X 48 -9.79 81.75 65.69
C PRO X 48 -9.14 82.33 64.44
N ASP X 49 -8.53 81.50 63.60
CA ASP X 49 -7.84 81.95 62.40
C ASP X 49 -8.46 81.25 61.20
N THR X 50 -9.53 81.84 60.66
CA THR X 50 -10.23 81.28 59.52
C THR X 50 -11.09 82.37 58.89
N GLY X 51 -10.95 82.54 57.58
CA GLY X 51 -11.73 83.52 56.85
C GLY X 51 -13.00 82.93 56.26
N ILE X 52 -13.80 83.81 55.64
CA ILE X 52 -15.06 83.41 55.04
C ILE X 52 -15.36 84.36 53.90
N SER X 53 -15.98 83.83 52.84
CA SER X 53 -16.29 84.61 51.65
C SER X 53 -17.61 85.35 51.81
N SER X 54 -17.79 86.39 50.98
CA SER X 54 -19.04 87.14 50.99
C SER X 54 -20.19 86.29 50.49
N LYS X 55 -19.93 85.41 49.52
CA LYS X 55 -20.98 84.51 49.03
C LYS X 55 -21.48 83.60 50.14
N ALA X 56 -20.55 83.05 50.94
CA ALA X 56 -20.95 82.22 52.07
C ALA X 56 -21.73 83.03 53.10
N MET X 57 -21.33 84.28 53.33
CA MET X 57 -22.06 85.12 54.27
C MET X 57 -23.47 85.41 53.76
N SER X 58 -23.61 85.64 52.46
CA SER X 58 -24.94 85.82 51.88
C SER X 58 -25.77 84.54 52.03
N ILE X 59 -25.15 83.38 51.80
CA ILE X 59 -25.85 82.12 51.97
C ILE X 59 -26.27 81.92 53.42
N MET X 60 -25.37 82.23 54.35
CA MET X 60 -25.69 82.11 55.77
C MET X 60 -26.81 83.06 56.16
N ASN X 61 -26.82 84.27 55.60
CA ASN X 61 -27.89 85.21 55.89
C ASN X 61 -29.25 84.65 55.46
N SER X 62 -29.30 83.99 54.30
CA SER X 62 -30.53 83.33 53.89
C SER X 62 -30.89 82.21 54.85
N PHE X 63 -29.90 81.46 55.33
CA PHE X 63 -30.19 80.34 56.24
C PHE X 63 -30.79 80.83 57.55
N VAL X 64 -30.19 81.86 58.17
CA VAL X 64 -30.71 82.37 59.42
C VAL X 64 -32.11 82.94 59.24
N ASN X 65 -32.33 83.67 58.14
CA ASN X 65 -33.66 84.22 57.88
C ASN X 65 -34.69 83.11 57.69
N ASP X 66 -34.34 82.06 56.93
CA ASP X 66 -35.29 81.00 56.66
C ASP X 66 -35.49 80.10 57.87
N VAL X 67 -34.41 79.77 58.60
CA VAL X 67 -34.55 78.89 59.74
C VAL X 67 -35.35 79.57 60.85
N PHE X 68 -35.20 80.89 60.99
CA PHE X 68 -36.02 81.62 61.95
C PHE X 68 -37.48 81.63 61.52
N GLU X 69 -37.72 81.76 60.21
CA GLU X 69 -39.10 81.75 59.70
C GLU X 69 -39.78 80.41 59.98
N ARG X 70 -39.05 79.30 59.81
CA ARG X 70 -39.65 77.98 59.98
C ARG X 70 -40.00 77.71 61.44
N ILE X 71 -39.07 77.98 62.36
CA ILE X 71 -39.33 77.69 63.77
C ILE X 71 -40.42 78.59 64.32
N ALA X 72 -40.41 79.87 63.94
CA ALA X 72 -41.44 80.79 64.41
C ALA X 72 -42.79 80.47 63.78
N GLY X 73 -42.79 80.09 62.50
CA GLY X 73 -44.03 79.71 61.85
C GLY X 73 -44.65 78.47 62.44
N GLU X 74 -43.82 77.45 62.71
CA GLU X 74 -44.33 76.23 63.34
C GLU X 74 -44.83 76.51 64.75
N ALA X 75 -44.12 77.36 65.49
CA ALA X 75 -44.58 77.75 66.82
C ALA X 75 -45.90 78.52 66.74
N SER X 76 -46.07 79.33 65.69
CA SER X 76 -47.31 80.06 65.52
C SER X 76 -48.49 79.11 65.33
N ARG X 77 -48.31 78.08 64.50
CA ARG X 77 -49.37 77.09 64.31
C ARG X 77 -49.64 76.33 65.60
N LEU X 78 -48.58 76.02 66.35
CA LEU X 78 -48.75 75.33 67.63
C LEU X 78 -49.58 76.16 68.61
N ALA X 79 -49.35 77.46 68.64
CA ALA X 79 -50.13 78.33 69.52
C ALA X 79 -51.60 78.32 69.15
N HIS X 80 -51.90 78.32 67.85
CA HIS X 80 -53.29 78.26 67.41
C HIS X 80 -53.94 76.94 67.84
N TYR X 81 -53.22 75.83 67.69
CA TYR X 81 -53.74 74.55 68.19
C TYR X 81 -53.89 74.57 69.70
N ASN X 82 -52.90 75.14 70.39
CA ASN X 82 -52.99 75.31 71.84
C ASN X 82 -54.11 76.28 72.22
N LYS X 83 -54.47 77.20 71.32
CA LYS X 83 -55.43 78.27 71.58
C LYS X 83 -54.88 79.23 72.63
N ARG X 84 -53.58 79.53 72.53
CA ARG X 84 -52.91 80.47 73.41
C ARG X 84 -52.50 81.69 72.61
N SER X 85 -52.82 82.88 73.13
CA SER X 85 -52.55 84.13 72.44
C SER X 85 -51.15 84.67 72.68
N THR X 86 -50.35 83.99 73.49
CA THR X 86 -49.00 84.44 73.81
C THR X 86 -48.01 83.33 73.48
N ILE X 87 -46.93 83.69 72.77
CA ILE X 87 -45.86 82.75 72.45
C ILE X 87 -44.76 82.94 73.48
N THR X 88 -44.38 81.85 74.15
CA THR X 88 -43.36 81.91 75.19
C THR X 88 -42.27 80.89 74.91
N SER X 89 -41.38 80.68 75.87
CA SER X 89 -40.30 79.70 75.69
C SER X 89 -40.84 78.29 75.52
N ARG X 90 -41.92 77.96 76.24
CA ARG X 90 -42.49 76.62 76.15
C ARG X 90 -42.98 76.31 74.74
N GLU X 91 -43.64 77.28 74.10
CA GLU X 91 -44.13 77.06 72.74
C GLU X 91 -42.98 76.78 71.77
N ILE X 92 -41.88 77.51 71.92
CA ILE X 92 -40.71 77.25 71.07
C ILE X 92 -40.16 75.86 71.36
N GLN X 93 -39.99 75.52 72.65
CA GLN X 93 -39.36 74.26 73.02
C GLN X 93 -40.04 73.08 72.36
N THR X 94 -41.38 73.06 72.37
CA THR X 94 -42.12 72.04 71.64
C THR X 94 -41.87 72.14 70.15
N ALA X 95 -41.86 73.37 69.62
CA ALA X 95 -41.67 73.56 68.18
C ALA X 95 -40.25 73.19 67.75
N VAL X 96 -39.26 73.45 68.62
CA VAL X 96 -37.89 73.01 68.33
C VAL X 96 -37.83 71.51 68.21
N ARG X 97 -38.51 70.79 69.11
CA ARG X 97 -38.48 69.33 69.06
C ARG X 97 -39.12 68.80 67.78
N LEU X 98 -40.24 69.40 67.35
CA LEU X 98 -40.91 68.95 66.14
C LEU X 98 -40.05 69.24 64.91
N LEU X 99 -39.52 70.46 64.80
CA LEU X 99 -38.84 70.86 63.57
C LEU X 99 -37.47 70.19 63.45
N LEU X 100 -36.69 70.18 64.53
CA LEU X 100 -35.33 69.66 64.37
C LEU X 100 -35.34 68.13 64.38
N PRO X 101 -34.37 67.51 63.69
CA PRO X 101 -34.45 66.05 63.51
C PRO X 101 -34.30 65.25 64.80
N GLY X 102 -33.22 65.46 65.56
CA GLY X 102 -32.95 64.64 66.72
C GLY X 102 -31.47 64.57 67.05
N GLU X 103 -31.15 64.60 68.35
CA GLU X 103 -29.78 64.68 68.87
C GLU X 103 -29.17 66.04 68.53
N LEU X 104 -29.91 66.85 67.79
CA LEU X 104 -29.61 68.25 67.54
C LEU X 104 -30.60 69.18 68.22
N ALA X 105 -31.85 68.77 68.33
CA ALA X 105 -32.81 69.51 69.13
C ALA X 105 -32.45 69.47 70.61
N LYS X 106 -31.98 68.32 71.09
CA LYS X 106 -31.62 68.18 72.51
C LYS X 106 -30.60 69.24 72.91
N HIS X 107 -29.62 69.50 72.06
CA HIS X 107 -28.69 70.60 72.31
C HIS X 107 -29.42 71.94 72.25
N ALA X 108 -30.36 72.10 71.31
CA ALA X 108 -31.07 73.36 71.17
C ALA X 108 -31.98 73.64 72.35
N VAL X 109 -32.77 72.64 72.78
CA VAL X 109 -33.64 72.82 73.92
C VAL X 109 -32.83 73.07 75.19
N SER X 110 -31.73 72.32 75.37
CA SER X 110 -30.89 72.52 76.54
C SER X 110 -30.27 73.91 76.53
N GLU X 111 -29.74 74.33 75.37
CA GLU X 111 -29.13 75.65 75.27
C GLU X 111 -30.17 76.74 75.45
N GLY X 112 -31.35 76.57 74.85
CA GLY X 112 -32.39 77.57 74.98
C GLY X 112 -32.89 77.71 76.41
N THR X 113 -33.09 76.58 77.09
CA THR X 113 -33.51 76.62 78.48
C THR X 113 -32.43 77.25 79.36
N LYS X 114 -31.17 76.90 79.12
CA LYS X 114 -30.08 77.50 79.88
C LYS X 114 -29.98 78.99 79.63
N ALA X 115 -30.15 79.42 78.39
CA ALA X 115 -30.08 80.85 78.06
C ALA X 115 -31.21 81.61 78.73
N VAL X 116 -32.42 81.05 78.71
CA VAL X 116 -33.57 81.73 79.31
C VAL X 116 -33.40 81.82 80.83
N THR X 117 -32.97 80.72 81.46
CA THR X 117 -32.83 80.70 82.90
C THR X 117 -31.78 81.71 83.38
N LYS X 118 -30.65 81.79 82.67
CA LYS X 118 -29.64 82.79 83.02
C LYS X 118 -30.17 84.20 82.80
N TYR X 119 -30.88 84.43 81.72
CA TYR X 119 -31.35 85.77 81.40
C TYR X 119 -32.35 86.23 82.41
N THR X 120 -32.87 85.33 83.22
CA THR X 120 -33.97 85.71 84.11
C THR X 120 -33.68 85.73 85.60
N SER X 121 -32.57 85.14 86.02
CA SER X 121 -32.25 85.10 87.43
C SER X 121 -31.28 86.19 87.74
N ALA X 122 -30.52 86.62 86.75
CA ALA X 122 -29.63 87.75 86.97
C ALA X 122 -30.48 88.99 87.11
N LYS X 123 -29.93 90.06 87.68
CA LYS X 123 -30.73 91.23 87.91
C LYS X 123 -31.21 91.83 86.57
N MET Y 1 -98.42 -107.76 -27.35
CA MET Y 1 -99.15 -109.03 -27.46
C MET Y 1 -98.67 -109.81 -28.68
N ALA Y 2 -97.62 -110.60 -28.51
CA ALA Y 2 -97.06 -111.38 -29.60
C ALA Y 2 -96.28 -112.55 -29.03
N LYS Y 3 -95.97 -113.51 -29.88
CA LYS Y 3 -95.16 -114.68 -29.54
C LYS Y 3 -93.88 -114.62 -30.36
N SER Y 4 -92.75 -114.44 -29.68
CA SER Y 4 -91.47 -114.27 -30.36
C SER Y 4 -90.90 -115.62 -30.78
N ALA Y 5 -89.82 -115.56 -31.56
CA ALA Y 5 -89.12 -116.73 -32.05
C ALA Y 5 -87.63 -116.54 -31.77
N PRO Y 6 -86.90 -117.64 -31.61
CA PRO Y 6 -85.48 -117.53 -31.26
C PRO Y 6 -84.55 -117.29 -32.45
N ALA Y 7 -84.98 -117.71 -33.64
CA ALA Y 7 -84.06 -117.76 -34.78
C ALA Y 7 -83.71 -116.38 -35.34
N PRO Y 8 -84.67 -115.58 -35.82
CA PRO Y 8 -84.31 -114.38 -36.59
C PRO Y 8 -84.22 -113.09 -35.78
N LYS Y 9 -84.42 -113.13 -34.47
CA LYS Y 9 -84.52 -111.91 -33.67
C LYS Y 9 -83.20 -111.49 -33.02
N LYS Y 10 -82.09 -112.17 -33.33
CA LYS Y 10 -80.80 -111.79 -32.76
C LYS Y 10 -80.33 -110.48 -33.37
N GLY Y 11 -80.20 -109.46 -32.53
CA GLY Y 11 -79.81 -108.14 -33.00
C GLY Y 11 -80.82 -107.53 -33.95
N SER Y 12 -82.10 -107.67 -33.61
CA SER Y 12 -83.18 -107.19 -34.48
C SER Y 12 -83.29 -105.67 -34.36
N LYS Y 13 -82.51 -104.98 -35.19
CA LYS Y 13 -82.51 -103.53 -35.25
C LYS Y 13 -82.66 -103.09 -36.71
N LYS Y 14 -82.61 -101.79 -36.93
CA LYS Y 14 -82.82 -101.25 -38.26
C LYS Y 14 -81.62 -101.52 -39.17
N ALA Y 15 -81.90 -101.97 -40.39
CA ALA Y 15 -80.91 -102.10 -41.44
C ALA Y 15 -81.29 -101.28 -42.67
N VAL Y 16 -82.57 -101.25 -43.02
CA VAL Y 16 -83.09 -100.42 -44.10
C VAL Y 16 -84.34 -99.72 -43.56
N THR Y 17 -84.49 -98.44 -43.93
CA THR Y 17 -85.52 -97.60 -43.33
C THR Y 17 -86.92 -97.99 -43.81
N LYS Y 18 -87.39 -99.17 -43.42
CA LYS Y 18 -88.77 -99.57 -43.65
C LYS Y 18 -89.57 -99.37 -42.35
N THR Y 19 -89.88 -98.11 -42.08
CA THR Y 19 -90.45 -97.71 -40.80
C THR Y 19 -91.72 -96.90 -41.01
N GLN Y 20 -92.56 -96.89 -39.98
CA GLN Y 20 -93.77 -96.10 -39.93
C GLN Y 20 -93.83 -95.35 -38.61
N LYS Y 21 -94.36 -94.12 -38.66
CA LYS Y 21 -94.42 -93.25 -37.48
C LYS Y 21 -93.02 -93.00 -36.93
N LYS Y 22 -92.61 -93.78 -35.93
CA LYS Y 22 -91.29 -93.62 -35.37
C LYS Y 22 -90.22 -94.15 -36.31
N ASP Y 23 -89.07 -93.48 -36.33
CA ASP Y 23 -87.96 -93.91 -37.16
C ASP Y 23 -87.33 -95.18 -36.60
N GLY Y 24 -86.54 -95.85 -37.43
CA GLY Y 24 -85.89 -97.07 -37.01
C GLY Y 24 -84.82 -96.82 -35.96
N LYS Y 25 -84.68 -97.78 -35.05
CA LYS Y 25 -83.67 -97.68 -34.01
C LYS Y 25 -82.27 -97.79 -34.61
N LYS Y 26 -81.34 -96.99 -34.08
CA LYS Y 26 -79.97 -97.07 -34.53
C LYS Y 26 -79.36 -98.42 -34.12
N ARG Y 27 -78.22 -98.72 -34.72
CA ARG Y 27 -77.53 -99.97 -34.39
C ARG Y 27 -77.14 -99.99 -32.92
N ARG Y 28 -77.29 -101.16 -32.30
CA ARG Y 28 -77.08 -101.29 -30.87
C ARG Y 28 -75.64 -100.92 -30.49
N LYS Y 29 -75.53 -100.19 -29.39
CA LYS Y 29 -74.25 -99.76 -28.85
C LYS Y 29 -73.74 -100.81 -27.87
N SER Y 30 -72.43 -101.05 -27.89
CA SER Y 30 -71.81 -101.96 -26.94
C SER Y 30 -72.16 -101.56 -25.52
N ARG Y 31 -72.81 -102.47 -24.80
CA ARG Y 31 -73.36 -102.17 -23.48
C ARG Y 31 -72.22 -101.92 -22.50
N LYS Y 32 -71.99 -100.65 -22.17
CA LYS Y 32 -71.07 -100.29 -21.09
C LYS Y 32 -71.85 -100.23 -19.78
N GLU Y 33 -72.21 -101.41 -19.29
CA GLU Y 33 -73.00 -101.52 -18.07
C GLU Y 33 -72.27 -100.87 -16.91
N SER Y 34 -72.98 -100.02 -16.18
CA SER Y 34 -72.38 -99.20 -15.14
C SER Y 34 -73.20 -99.28 -13.86
N TYR Y 35 -72.53 -98.97 -12.76
CA TYR Y 35 -73.16 -98.91 -11.44
C TYR Y 35 -73.77 -97.55 -11.15
N ALA Y 36 -74.01 -96.73 -12.19
CA ALA Y 36 -74.50 -95.37 -11.97
C ALA Y 36 -75.88 -95.38 -11.32
N ILE Y 37 -76.77 -96.26 -11.79
CA ILE Y 37 -78.11 -96.34 -11.20
C ILE Y 37 -78.09 -96.95 -9.81
N TYR Y 38 -77.01 -97.61 -9.42
CA TYR Y 38 -76.86 -98.19 -8.09
C TYR Y 38 -76.08 -97.30 -7.14
N VAL Y 39 -75.04 -96.62 -7.64
CA VAL Y 39 -74.29 -95.69 -6.81
C VAL Y 39 -75.17 -94.52 -6.39
N TYR Y 40 -76.01 -94.04 -7.32
CA TYR Y 40 -76.93 -92.95 -6.98
C TYR Y 40 -77.94 -93.38 -5.93
N LYS Y 41 -78.31 -94.65 -5.91
CA LYS Y 41 -79.23 -95.16 -4.88
C LYS Y 41 -78.61 -95.02 -3.50
N VAL Y 42 -77.35 -95.40 -3.36
CA VAL Y 42 -76.67 -95.30 -2.07
C VAL Y 42 -76.46 -93.84 -1.69
N LEU Y 43 -76.20 -92.99 -2.69
CA LEU Y 43 -75.97 -91.57 -2.42
C LEU Y 43 -77.19 -90.92 -1.76
N LYS Y 44 -78.38 -91.25 -2.24
CA LYS Y 44 -79.61 -90.68 -1.69
C LYS Y 44 -79.98 -91.26 -0.33
N GLN Y 45 -79.32 -92.34 0.11
CA GLN Y 45 -79.59 -92.90 1.42
C GLN Y 45 -78.77 -92.25 2.52
N VAL Y 46 -77.58 -91.75 2.20
CA VAL Y 46 -76.72 -91.09 3.18
C VAL Y 46 -76.83 -89.58 3.09
N HIS Y 47 -76.95 -89.04 1.88
CA HIS Y 47 -77.07 -87.61 1.64
C HIS Y 47 -78.22 -87.38 0.67
N PRO Y 48 -79.47 -87.45 1.13
CA PRO Y 48 -80.61 -87.29 0.22
C PRO Y 48 -80.70 -85.93 -0.43
N ASP Y 49 -80.07 -84.90 0.14
CA ASP Y 49 -80.19 -83.54 -0.34
C ASP Y 49 -79.00 -83.09 -1.18
N THR Y 50 -78.20 -84.04 -1.66
CA THR Y 50 -77.00 -83.73 -2.42
C THR Y 50 -77.08 -84.36 -3.81
N GLY Y 51 -76.62 -83.61 -4.81
CA GLY Y 51 -76.57 -84.10 -6.18
C GLY Y 51 -75.22 -84.70 -6.53
N ILE Y 52 -75.07 -85.02 -7.81
CA ILE Y 52 -73.86 -85.68 -8.30
C ILE Y 52 -73.75 -85.41 -9.79
N SER Y 53 -72.55 -85.05 -10.24
CA SER Y 53 -72.29 -84.81 -11.65
C SER Y 53 -71.81 -86.08 -12.34
N SER Y 54 -71.89 -86.08 -13.68
CA SER Y 54 -71.51 -87.26 -14.44
C SER Y 54 -70.00 -87.48 -14.41
N LYS Y 55 -69.22 -86.40 -14.32
CA LYS Y 55 -67.76 -86.53 -14.31
C LYS Y 55 -67.31 -87.33 -13.09
N ALA Y 56 -67.89 -87.06 -11.93
CA ALA Y 56 -67.55 -87.85 -10.74
C ALA Y 56 -68.14 -89.24 -10.80
N MET Y 57 -69.28 -89.40 -11.49
CA MET Y 57 -69.86 -90.73 -11.67
C MET Y 57 -68.97 -91.59 -12.56
N SER Y 58 -68.34 -90.97 -13.56
CA SER Y 58 -67.38 -91.71 -14.38
C SER Y 58 -66.20 -92.20 -13.55
N ILE Y 59 -65.79 -91.41 -12.55
CA ILE Y 59 -64.74 -91.85 -11.64
C ILE Y 59 -65.22 -93.05 -10.83
N MET Y 60 -66.43 -92.97 -10.28
CA MET Y 60 -66.96 -94.08 -9.48
C MET Y 60 -67.19 -95.32 -10.35
N ASN Y 61 -67.64 -95.11 -11.59
CA ASN Y 61 -67.78 -96.24 -12.51
C ASN Y 61 -66.43 -96.92 -12.75
N SER Y 62 -65.38 -96.13 -12.96
CA SER Y 62 -64.05 -96.70 -13.11
C SER Y 62 -63.49 -97.20 -11.79
N PHE Y 63 -63.90 -96.59 -10.67
CA PHE Y 63 -63.39 -97.00 -9.37
C PHE Y 63 -63.85 -98.41 -9.02
N VAL Y 64 -65.16 -98.66 -9.12
CA VAL Y 64 -65.69 -99.97 -8.74
C VAL Y 64 -65.17 -101.05 -9.67
N ASN Y 65 -65.11 -100.77 -10.97
CA ASN Y 65 -64.61 -101.76 -11.92
C ASN Y 65 -63.15 -102.11 -11.63
N ASP Y 66 -62.33 -101.10 -11.35
CA ASP Y 66 -60.93 -101.36 -11.02
C ASP Y 66 -60.79 -102.03 -9.66
N VAL Y 67 -61.60 -101.59 -8.68
CA VAL Y 67 -61.56 -102.22 -7.36
C VAL Y 67 -62.00 -103.67 -7.45
N PHE Y 68 -63.06 -103.94 -8.22
CA PHE Y 68 -63.53 -105.31 -8.37
C PHE Y 68 -62.46 -106.20 -8.98
N GLU Y 69 -61.65 -105.64 -9.89
CA GLU Y 69 -60.55 -106.42 -10.46
C GLU Y 69 -59.53 -106.82 -9.41
N ARG Y 70 -59.21 -105.90 -8.49
CA ARG Y 70 -58.20 -106.20 -7.47
C ARG Y 70 -58.68 -107.28 -6.51
N ILE Y 71 -59.88 -107.11 -5.95
CA ILE Y 71 -60.36 -108.05 -4.94
C ILE Y 71 -60.58 -109.43 -5.54
N ALA Y 72 -61.19 -109.48 -6.73
CA ALA Y 72 -61.39 -110.76 -7.40
C ALA Y 72 -60.07 -111.34 -7.91
N GLY Y 73 -59.15 -110.47 -8.33
CA GLY Y 73 -57.86 -110.94 -8.77
C GLY Y 73 -57.06 -111.58 -7.65
N GLU Y 74 -57.07 -110.95 -6.47
CA GLU Y 74 -56.40 -111.55 -5.32
C GLU Y 74 -57.05 -112.87 -4.92
N ALA Y 75 -58.39 -112.91 -4.95
CA ALA Y 75 -59.10 -114.15 -4.63
C ALA Y 75 -58.77 -115.24 -5.65
N SER Y 76 -58.59 -114.86 -6.91
CA SER Y 76 -58.20 -115.84 -7.92
C SER Y 76 -56.83 -116.42 -7.62
N ARG Y 77 -55.88 -115.57 -7.20
CA ARG Y 77 -54.57 -116.07 -6.80
C ARG Y 77 -54.68 -116.95 -5.55
N LEU Y 78 -55.57 -116.60 -4.62
CA LEU Y 78 -55.71 -117.37 -3.40
C LEU Y 78 -56.19 -118.79 -3.69
N ALA Y 79 -57.12 -118.95 -4.64
CA ALA Y 79 -57.65 -120.27 -4.95
C ALA Y 79 -56.55 -121.19 -5.48
N HIS Y 80 -55.68 -120.67 -6.34
CA HIS Y 80 -54.59 -121.49 -6.88
C HIS Y 80 -53.62 -121.90 -5.78
N TYR Y 81 -53.34 -121.01 -4.83
CA TYR Y 81 -52.42 -121.34 -3.75
C TYR Y 81 -52.97 -122.47 -2.88
N ASN Y 82 -54.28 -122.46 -2.62
CA ASN Y 82 -54.90 -123.49 -1.82
C ASN Y 82 -55.32 -124.71 -2.63
N LYS Y 83 -55.08 -124.70 -3.94
CA LYS Y 83 -55.54 -125.77 -4.84
C LYS Y 83 -57.07 -125.92 -4.75
N ARG Y 84 -57.77 -124.80 -4.68
CA ARG Y 84 -59.22 -124.76 -4.54
C ARG Y 84 -59.85 -124.35 -5.85
N SER Y 85 -60.87 -125.09 -6.28
CA SER Y 85 -61.52 -124.84 -7.56
C SER Y 85 -62.68 -123.85 -7.45
N THR Y 86 -63.20 -123.62 -6.25
CA THR Y 86 -64.35 -122.76 -6.04
C THR Y 86 -63.97 -121.54 -5.22
N ILE Y 87 -64.70 -120.45 -5.43
CA ILE Y 87 -64.51 -119.20 -4.70
C ILE Y 87 -65.82 -118.84 -4.02
N THR Y 88 -65.76 -118.58 -2.72
CA THR Y 88 -66.94 -118.20 -1.95
C THR Y 88 -66.60 -117.07 -0.99
N SER Y 89 -67.49 -116.80 -0.04
CA SER Y 89 -67.31 -115.66 0.85
C SER Y 89 -66.04 -115.78 1.69
N ARG Y 90 -65.62 -117.01 2.00
CA ARG Y 90 -64.48 -117.20 2.88
C ARG Y 90 -63.20 -116.65 2.27
N GLU Y 91 -62.92 -116.99 1.01
CA GLU Y 91 -61.69 -116.53 0.38
C GLU Y 91 -61.70 -115.02 0.18
N ILE Y 92 -62.85 -114.46 -0.22
CA ILE Y 92 -62.94 -113.02 -0.40
C ILE Y 92 -62.80 -112.28 0.92
N GLN Y 93 -63.32 -112.87 2.01
CA GLN Y 93 -63.18 -112.25 3.33
C GLN Y 93 -61.70 -112.10 3.70
N THR Y 94 -60.91 -113.15 3.46
CA THR Y 94 -59.48 -113.05 3.69
C THR Y 94 -58.82 -112.08 2.72
N ALA Y 95 -59.27 -112.08 1.47
CA ALA Y 95 -58.73 -111.14 0.48
C ALA Y 95 -59.03 -109.70 0.87
N VAL Y 96 -60.21 -109.46 1.48
CA VAL Y 96 -60.52 -108.13 2.00
C VAL Y 96 -59.54 -107.75 3.11
N ARG Y 97 -59.23 -108.69 3.99
CA ARG Y 97 -58.28 -108.42 5.07
C ARG Y 97 -56.89 -108.13 4.53
N LEU Y 98 -56.58 -108.62 3.33
CA LEU Y 98 -55.27 -108.38 2.73
C LEU Y 98 -55.21 -107.02 2.03
N LEU Y 99 -56.11 -106.80 1.06
CA LEU Y 99 -56.05 -105.60 0.25
C LEU Y 99 -56.50 -104.37 1.04
N LEU Y 100 -57.59 -104.47 1.78
CA LEU Y 100 -58.14 -103.32 2.48
C LEU Y 100 -57.39 -103.06 3.77
N PRO Y 101 -57.40 -101.81 4.26
CA PRO Y 101 -56.73 -101.49 5.52
C PRO Y 101 -57.40 -102.14 6.72
N GLY Y 102 -56.86 -101.90 7.92
CA GLY Y 102 -57.34 -102.53 9.13
C GLY Y 102 -58.80 -102.27 9.46
N GLU Y 103 -59.13 -101.01 9.76
CA GLU Y 103 -60.50 -100.70 10.15
C GLU Y 103 -61.46 -100.87 8.97
N LEU Y 104 -61.01 -100.56 7.76
CA LEU Y 104 -61.86 -100.70 6.59
C LEU Y 104 -62.27 -102.15 6.35
N ALA Y 105 -61.32 -103.09 6.52
CA ALA Y 105 -61.64 -104.50 6.32
C ALA Y 105 -62.63 -104.99 7.37
N LYS Y 106 -62.46 -104.57 8.62
CA LYS Y 106 -63.34 -105.03 9.69
C LYS Y 106 -64.79 -104.62 9.44
N HIS Y 107 -64.99 -103.37 9.01
CA HIS Y 107 -66.35 -102.92 8.69
C HIS Y 107 -66.91 -103.67 7.49
N ALA Y 108 -66.08 -103.92 6.47
CA ALA Y 108 -66.54 -104.67 5.31
C ALA Y 108 -66.90 -106.10 5.69
N VAL Y 109 -66.09 -106.74 6.53
CA VAL Y 109 -66.39 -108.09 6.97
C VAL Y 109 -67.65 -108.11 7.83
N SER Y 110 -67.79 -107.13 8.72
CA SER Y 110 -68.96 -107.09 9.61
C SER Y 110 -70.25 -106.96 8.81
N GLU Y 111 -70.31 -105.98 7.91
CA GLU Y 111 -71.50 -105.82 7.08
C GLU Y 111 -71.65 -106.97 6.09
N GLY Y 112 -70.53 -107.45 5.54
CA GLY Y 112 -70.61 -108.55 4.60
C GLY Y 112 -71.13 -109.82 5.22
N THR Y 113 -70.70 -110.12 6.45
CA THR Y 113 -71.20 -111.31 7.14
C THR Y 113 -72.69 -111.17 7.43
N LYS Y 114 -73.14 -109.98 7.83
CA LYS Y 114 -74.56 -109.77 8.09
C LYS Y 114 -75.37 -109.91 6.80
N ALA Y 115 -74.88 -109.34 5.71
CA ALA Y 115 -75.59 -109.43 4.43
C ALA Y 115 -75.65 -110.88 3.94
N VAL Y 116 -74.55 -111.62 4.08
CA VAL Y 116 -74.53 -113.02 3.65
C VAL Y 116 -75.49 -113.85 4.50
N THR Y 117 -75.54 -113.57 5.81
CA THR Y 117 -76.41 -114.33 6.69
C THR Y 117 -77.88 -114.17 6.31
N LYS Y 118 -78.25 -112.83 5.93
CA LYS Y 118 -79.70 -112.63 5.68
C LYS Y 118 -80.08 -113.47 4.46
N TYR Y 119 -79.12 -113.62 3.32
CA TYR Y 119 -79.38 -114.36 2.09
C TYR Y 119 -79.54 -115.85 2.36
N THR Y 120 -78.67 -116.41 3.20
CA THR Y 120 -78.72 -117.85 3.45
C THR Y 120 -79.90 -118.23 4.32
N SER Y 121 -80.15 -117.46 5.39
CA SER Y 121 -81.23 -117.80 6.31
C SER Y 121 -82.59 -117.67 5.64
N ALA Y 122 -82.81 -116.61 4.89
CA ALA Y 122 -84.08 -116.39 4.23
C ALA Y 122 -84.21 -117.25 2.98
N LYS Y 123 -85.44 -117.60 2.63
CA LYS Y 123 -85.70 -118.40 1.45
C LYS Y 123 -85.76 -117.51 0.20
N ALA Z 25 54.67 50.06 -137.57
CA ALA Z 25 53.57 49.58 -136.74
C ALA Z 25 53.86 48.18 -136.22
N ALA Z 26 53.90 48.03 -134.90
CA ALA Z 26 54.17 46.74 -134.28
C ALA Z 26 53.59 46.72 -132.88
N ARG Z 27 53.20 45.52 -132.43
CA ARG Z 27 52.71 45.28 -131.08
C ARG Z 27 51.51 46.17 -130.75
N LYS Z 28 51.31 46.44 -129.46
CA LYS Z 28 50.17 47.22 -129.00
C LYS Z 28 50.39 48.72 -129.08
N SER Z 29 51.59 49.17 -129.46
CA SER Z 29 51.88 50.60 -129.55
C SER Z 29 50.97 51.25 -130.59
N ALA Z 30 50.35 52.36 -130.21
CA ALA Z 30 49.44 53.05 -131.11
C ALA Z 30 50.20 53.67 -132.27
N PRO Z 31 49.63 53.67 -133.48
CA PRO Z 31 50.30 54.35 -134.60
C PRO Z 31 50.42 55.85 -134.42
N ALA Z 32 49.63 56.46 -133.53
CA ALA Z 32 49.71 57.90 -133.29
C ALA Z 32 50.88 58.30 -132.42
N THR Z 33 51.55 57.34 -131.78
CA THR Z 33 52.72 57.60 -130.93
C THR Z 33 52.40 58.62 -129.83
N GLY Z 34 51.47 58.23 -128.96
CA GLY Z 34 51.07 59.08 -127.85
C GLY Z 34 50.90 58.34 -126.54
N GLY Z 35 51.32 57.07 -126.52
CA GLY Z 35 51.22 56.25 -125.33
C GLY Z 35 49.97 55.38 -125.35
N VAL Z 36 50.11 54.19 -124.75
CA VAL Z 36 49.02 53.23 -124.71
C VAL Z 36 48.87 52.65 -123.31
N LYS Z 37 47.67 52.80 -122.74
CA LYS Z 37 47.28 52.15 -121.48
C LYS Z 37 48.27 52.56 -120.39
N LYS Z 38 48.49 51.67 -119.42
CA LYS Z 38 49.43 51.88 -118.33
C LYS Z 38 50.57 50.90 -118.44
N PRO Z 39 51.82 51.35 -118.45
CA PRO Z 39 52.94 50.42 -118.62
C PRO Z 39 53.02 49.41 -117.48
N HIS Z 40 53.40 48.18 -117.83
CA HIS Z 40 53.56 47.14 -116.83
C HIS Z 40 54.76 47.45 -115.93
N ARG Z 41 54.56 47.39 -114.63
CA ARG Z 41 55.59 47.69 -113.65
C ARG Z 41 55.71 46.54 -112.68
N TYR Z 42 56.92 45.98 -112.56
CA TYR Z 42 57.20 45.00 -111.53
C TYR Z 42 57.22 45.69 -110.16
N ARG Z 43 56.79 44.96 -109.13
CA ARG Z 43 56.83 45.51 -107.79
C ARG Z 43 58.28 45.75 -107.38
N PRO Z 44 58.56 46.80 -106.61
CA PRO Z 44 59.93 47.04 -106.16
C PRO Z 44 60.49 45.85 -105.39
N GLY Z 45 61.67 45.40 -105.79
CA GLY Z 45 62.29 44.23 -105.21
C GLY Z 45 61.96 42.91 -105.88
N THR Z 46 61.02 42.90 -106.85
CA THR Z 46 60.72 41.67 -107.55
C THR Z 46 61.84 41.30 -108.51
N VAL Z 47 62.34 42.27 -109.28
CA VAL Z 47 63.48 42.04 -110.14
C VAL Z 47 64.76 41.80 -109.35
N ALA Z 48 64.76 42.16 -108.07
CA ALA Z 48 65.93 41.93 -107.22
C ALA Z 48 66.26 40.45 -107.12
N LEU Z 49 65.24 39.60 -107.01
CA LEU Z 49 65.47 38.16 -106.93
C LEU Z 49 66.14 37.62 -108.19
N ARG Z 50 65.62 38.01 -109.35
CA ARG Z 50 66.20 37.55 -110.61
C ARG Z 50 67.62 38.06 -110.79
N GLU Z 51 67.84 39.35 -110.45
CA GLU Z 51 69.19 39.90 -110.55
C GLU Z 51 70.15 39.19 -109.61
N ILE Z 52 69.70 38.87 -108.39
CA ILE Z 52 70.54 38.15 -107.45
C ILE Z 52 70.89 36.78 -107.99
N ARG Z 53 69.91 36.06 -108.52
CA ARG Z 53 70.18 34.75 -109.10
C ARG Z 53 71.18 34.85 -110.23
N ARG Z 54 70.97 35.79 -111.15
CA ARG Z 54 71.85 35.92 -112.30
C ARG Z 54 73.28 36.28 -111.89
N TYR Z 55 73.43 37.23 -110.97
CA TYR Z 55 74.76 37.71 -110.62
C TYR Z 55 75.46 36.87 -109.56
N GLN Z 56 74.75 35.93 -108.92
CA GLN Z 56 75.41 34.90 -108.14
C GLN Z 56 75.75 33.67 -108.97
N LYS Z 57 75.04 33.45 -110.09
CA LYS Z 57 75.43 32.42 -111.04
C LYS Z 57 76.44 32.92 -112.07
N SER Z 58 76.72 34.22 -112.10
CA SER Z 58 77.65 34.78 -113.05
C SER Z 58 79.09 34.63 -112.56
N THR Z 59 80.03 34.79 -113.49
CA THR Z 59 81.45 34.71 -113.16
C THR Z 59 82.27 35.82 -113.81
N GLU Z 60 81.63 36.85 -114.38
CA GLU Z 60 82.34 37.89 -115.10
C GLU Z 60 82.80 38.99 -114.15
N LEU Z 61 83.47 39.99 -114.70
CA LEU Z 61 83.89 41.17 -113.97
C LEU Z 61 82.85 42.27 -114.15
N LEU Z 62 82.24 42.70 -113.04
CA LEU Z 62 81.13 43.64 -113.12
C LEU Z 62 81.57 45.07 -113.41
N ILE Z 63 82.77 45.47 -112.99
CA ILE Z 63 83.32 46.76 -113.37
C ILE Z 63 84.05 46.60 -114.70
N ARG Z 64 84.08 47.67 -115.49
CA ARG Z 64 84.54 47.55 -116.87
C ARG Z 64 86.06 47.64 -116.97
N LYS Z 65 86.61 46.85 -117.88
CA LYS Z 65 88.07 46.64 -117.94
C LYS Z 65 88.80 47.93 -118.29
N LEU Z 66 88.34 48.64 -119.31
CA LEU Z 66 89.03 49.88 -119.70
C LEU Z 66 88.93 50.96 -118.63
N PRO Z 67 87.75 51.24 -118.03
CA PRO Z 67 87.75 52.18 -116.90
C PRO Z 67 88.63 51.76 -115.74
N PHE Z 68 88.66 50.45 -115.41
CA PHE Z 68 89.53 50.01 -114.32
C PHE Z 68 91.00 50.22 -114.67
N GLN Z 69 91.39 49.92 -115.91
CA GLN Z 69 92.77 50.13 -116.34
C GLN Z 69 93.14 51.60 -116.28
N ARG Z 70 92.24 52.47 -116.75
CA ARG Z 70 92.50 53.91 -116.67
C ARG Z 70 92.65 54.36 -115.22
N LEU Z 71 91.78 53.87 -114.34
CA LEU Z 71 91.85 54.26 -112.93
C LEU Z 71 93.16 53.82 -112.29
N VAL Z 72 93.58 52.57 -112.53
CA VAL Z 72 94.80 52.09 -111.89
C VAL Z 72 96.03 52.78 -112.45
N ARG Z 73 96.05 53.03 -113.77
CA ARG Z 73 97.20 53.72 -114.36
C ARG Z 73 97.25 55.19 -113.92
N GLU Z 74 96.10 55.78 -113.61
CA GLU Z 74 96.11 57.13 -113.06
C GLU Z 74 96.56 57.13 -111.61
N ILE Z 75 96.13 56.14 -110.83
CA ILE Z 75 96.51 56.06 -109.42
C ILE Z 75 98.01 55.84 -109.27
N ALA Z 76 98.58 54.96 -110.10
CA ALA Z 76 100.00 54.65 -109.99
C ALA Z 76 100.89 55.84 -110.35
N GLN Z 77 100.33 56.87 -110.98
CA GLN Z 77 101.14 58.02 -111.40
C GLN Z 77 101.71 58.75 -110.18
N ASP Z 78 100.91 58.90 -109.12
CA ASP Z 78 101.38 59.60 -107.93
C ASP Z 78 102.53 58.84 -107.26
N PHE Z 79 102.41 57.51 -107.19
CA PHE Z 79 103.45 56.72 -106.52
C PHE Z 79 104.73 56.65 -107.36
N LYS Z 80 104.60 56.42 -108.67
CA LYS Z 80 105.75 56.37 -109.55
C LYS Z 80 105.45 57.14 -110.83
N THR Z 81 106.47 57.82 -111.35
CA THR Z 81 106.28 58.72 -112.48
C THR Z 81 105.88 57.97 -113.74
N ASP Z 82 106.64 56.93 -114.10
CA ASP Z 82 106.41 56.21 -115.34
C ASP Z 82 106.69 54.72 -115.15
N LEU Z 83 105.82 53.89 -115.71
CA LEU Z 83 105.96 52.45 -115.66
C LEU Z 83 105.00 51.83 -116.66
N ARG Z 84 105.31 50.61 -117.08
CA ARG Z 84 104.45 49.86 -117.98
C ARG Z 84 103.46 49.01 -117.19
N PHE Z 85 102.47 48.47 -117.90
CA PHE Z 85 101.40 47.70 -117.27
C PHE Z 85 101.13 46.46 -118.11
N GLN Z 86 100.53 45.46 -117.45
CA GLN Z 86 100.19 44.20 -118.09
C GLN Z 86 98.72 43.91 -117.89
N SER Z 87 98.08 43.40 -118.96
CA SER Z 87 96.66 43.08 -118.89
C SER Z 87 96.38 42.01 -117.83
N SER Z 88 97.31 41.07 -117.66
CA SER Z 88 97.15 40.06 -116.62
C SER Z 88 97.12 40.69 -115.23
N ALA Z 89 98.03 41.64 -114.98
CA ALA Z 89 98.05 42.33 -113.69
C ALA Z 89 96.76 43.13 -113.47
N VAL Z 90 96.31 43.82 -114.53
CA VAL Z 90 95.07 44.60 -114.40
C VAL Z 90 93.90 43.70 -114.10
N MET Z 91 93.79 42.57 -114.81
CA MET Z 91 92.69 41.64 -114.58
C MET Z 91 92.74 41.04 -113.18
N ALA Z 92 93.95 40.70 -112.71
CA ALA Z 92 94.08 40.14 -111.36
C ALA Z 92 93.67 41.15 -110.31
N LEU Z 93 94.11 42.40 -110.45
CA LEU Z 93 93.69 43.45 -109.52
C LEU Z 93 92.18 43.64 -109.55
N GLN Z 94 91.59 43.64 -110.75
CA GLN Z 94 90.15 43.80 -110.88
C GLN Z 94 89.41 42.67 -110.18
N GLU Z 95 89.85 41.42 -110.39
CA GLU Z 95 89.18 40.28 -109.78
C GLU Z 95 89.30 40.32 -108.26
N ALA Z 96 90.49 40.66 -107.75
CA ALA Z 96 90.66 40.76 -106.31
C ALA Z 96 89.76 41.83 -105.71
N SER Z 97 89.70 43.00 -106.36
CA SER Z 97 88.83 44.06 -105.88
C SER Z 97 87.36 43.65 -105.92
N GLU Z 98 86.94 42.97 -106.98
CA GLU Z 98 85.55 42.54 -107.09
C GLU Z 98 85.20 41.55 -105.99
N ALA Z 99 86.08 40.58 -105.73
CA ALA Z 99 85.80 39.60 -104.69
C ALA Z 99 85.77 40.25 -103.30
N TYR Z 100 86.73 41.16 -103.04
CA TYR Z 100 86.75 41.85 -101.76
C TYR Z 100 85.49 42.68 -101.57
N LEU Z 101 85.03 43.36 -102.61
CA LEU Z 101 83.82 44.15 -102.52
C LEU Z 101 82.58 43.27 -102.40
N VAL Z 102 82.59 42.08 -102.99
CA VAL Z 102 81.47 41.16 -102.81
C VAL Z 102 81.37 40.71 -101.35
N ALA Z 103 82.52 40.38 -100.75
CA ALA Z 103 82.51 40.02 -99.34
C ALA Z 103 82.05 41.20 -98.48
N LEU Z 104 82.51 42.41 -98.82
CA LEU Z 104 82.09 43.59 -98.08
C LEU Z 104 80.59 43.83 -98.22
N PHE Z 105 80.04 43.58 -99.42
CA PHE Z 105 78.60 43.75 -99.63
C PHE Z 105 77.81 42.72 -98.83
N GLU Z 106 78.30 41.49 -98.75
CA GLU Z 106 77.62 40.49 -97.92
C GLU Z 106 77.64 40.90 -96.46
N ASP Z 107 78.79 41.39 -95.97
CA ASP Z 107 78.86 41.86 -94.59
C ASP Z 107 77.93 43.05 -94.37
N THR Z 108 77.84 43.94 -95.35
CA THR Z 108 76.94 45.09 -95.25
C THR Z 108 75.49 44.66 -95.20
N ASN Z 109 75.13 43.66 -96.01
CA ASN Z 109 73.77 43.13 -95.97
C ASN Z 109 73.45 42.51 -94.62
N LEU Z 110 74.41 41.78 -94.03
CA LEU Z 110 74.20 41.23 -92.70
C LEU Z 110 74.04 42.33 -91.66
N CYS Z 111 74.84 43.39 -91.77
CA CYS Z 111 74.72 44.51 -90.84
C CYS Z 111 73.35 45.19 -90.98
N ALA Z 112 72.85 45.33 -92.21
CA ALA Z 112 71.52 45.89 -92.40
C ALA Z 112 70.45 44.97 -91.83
N ILE Z 113 70.63 43.66 -91.98
CA ILE Z 113 69.72 42.69 -91.37
C ILE Z 113 69.64 42.92 -89.87
N HIS Z 114 70.81 43.10 -89.24
CA HIS Z 114 70.83 43.38 -87.80
C HIS Z 114 70.18 44.71 -87.48
N ALA Z 115 70.42 45.72 -88.32
CA ALA Z 115 69.87 47.06 -88.09
C ALA Z 115 68.38 47.15 -88.38
N LYS Z 116 67.78 46.10 -88.94
CA LYS Z 116 66.33 45.99 -89.14
C LYS Z 116 65.82 46.91 -90.24
N ARG Z 117 66.64 47.15 -91.26
CA ARG Z 117 66.21 47.90 -92.44
C ARG Z 117 66.80 47.22 -93.67
N VAL Z 118 65.97 47.05 -94.70
CA VAL Z 118 66.40 46.33 -95.90
C VAL Z 118 67.49 47.11 -96.62
N THR Z 119 67.41 48.44 -96.60
CA THR Z 119 68.42 49.26 -97.24
C THR Z 119 69.74 49.18 -96.49
N ILE Z 120 70.75 48.53 -97.08
CA ILE Z 120 72.07 48.54 -96.49
C ILE Z 120 72.63 49.96 -96.51
N MET Z 121 73.61 50.23 -95.67
CA MET Z 121 73.95 51.60 -95.35
C MET Z 121 75.45 51.84 -95.29
N PRO Z 122 75.88 53.10 -95.51
CA PRO Z 122 77.28 53.45 -95.23
C PRO Z 122 77.70 53.19 -93.80
N LYS Z 123 76.78 53.38 -92.83
CA LYS Z 123 77.11 53.00 -91.46
C LYS Z 123 77.28 51.49 -91.34
N ASP Z 124 76.53 50.73 -92.15
CA ASP Z 124 76.75 49.28 -92.19
C ASP Z 124 78.16 48.98 -92.68
N ILE Z 125 78.59 49.68 -93.73
CA ILE Z 125 79.93 49.48 -94.27
C ILE Z 125 80.99 49.84 -93.24
N GLN Z 126 80.81 50.97 -92.54
CA GLN Z 126 81.79 51.39 -91.55
C GLN Z 126 81.87 50.40 -90.40
N LEU Z 127 80.73 49.92 -89.92
CA LEU Z 127 80.74 48.91 -88.85
C LEU Z 127 81.43 47.64 -89.32
N ALA Z 128 81.13 47.19 -90.55
CA ALA Z 128 81.74 45.97 -91.05
C ALA Z 128 83.26 46.12 -91.12
N ARG Z 129 83.74 47.26 -91.61
CA ARG Z 129 85.17 47.50 -91.65
C ARG Z 129 85.77 47.52 -90.25
N ARG Z 130 85.10 48.17 -89.31
CA ARG Z 130 85.62 48.26 -87.96
C ARG Z 130 85.76 46.87 -87.33
N ILE Z 131 84.77 46.01 -87.55
CA ILE Z 131 84.89 44.65 -87.03
C ILE Z 131 85.99 43.89 -87.75
N ARG Z 132 86.14 44.11 -89.05
CA ARG Z 132 87.20 43.47 -89.83
C ARG Z 132 88.12 44.55 -90.39
N GLY Z 133 89.03 45.03 -89.54
CA GLY Z 133 90.20 45.79 -89.96
C GLY Z 133 89.93 47.01 -90.81
N GLU Z 134 90.62 47.09 -91.94
CA GLU Z 134 90.31 48.00 -93.04
C GLU Z 134 89.90 49.40 -92.55
N ARG Z 135 90.67 49.92 -91.60
CA ARG Z 135 90.38 51.21 -91.00
C ARG Z 135 91.67 51.98 -90.80
N ALA Z 136 91.57 53.30 -90.86
CA ALA Z 136 92.74 54.17 -90.69
C ALA Z 136 93.23 54.13 -89.25
N ALA AA 26 2.22 85.32 -12.13
CA ALA AA 26 1.09 86.20 -12.39
C ALA AA 26 0.94 87.24 -11.29
N ARG AA 27 1.96 88.10 -11.13
CA ARG AA 27 1.99 89.08 -10.06
C ARG AA 27 1.07 90.24 -10.38
N LYS AA 28 0.18 90.57 -9.45
CA LYS AA 28 -0.74 91.70 -9.56
C LYS AA 28 -1.56 91.61 -10.84
N SER AA 29 -2.37 90.55 -10.91
CA SER AA 29 -3.29 90.30 -12.02
C SER AA 29 -2.58 90.20 -13.37
N ALA AA 30 -1.36 89.69 -13.39
CA ALA AA 30 -0.66 89.51 -14.66
C ALA AA 30 -1.33 88.39 -15.45
N PRO AA 31 -1.69 88.61 -16.71
CA PRO AA 31 -2.43 87.62 -17.49
C PRO AA 31 -1.56 86.58 -18.20
N ALA AA 32 -0.30 86.44 -17.83
CA ALA AA 32 0.57 85.46 -18.48
C ALA AA 32 0.12 84.04 -18.12
N THR AA 33 0.65 83.08 -18.87
CA THR AA 33 0.26 81.67 -18.70
C THR AA 33 0.99 80.98 -17.55
N GLY AA 34 1.94 81.66 -16.90
CA GLY AA 34 2.64 81.03 -15.79
C GLY AA 34 1.72 80.64 -14.66
N GLY AA 35 0.82 81.54 -14.27
CA GLY AA 35 -0.22 81.22 -13.31
C GLY AA 35 -1.56 81.09 -14.00
N VAL AA 36 -2.04 79.86 -14.17
CA VAL AA 36 -3.25 79.64 -14.95
C VAL AA 36 -4.45 80.29 -14.27
N LYS AA 37 -4.58 80.10 -12.95
CA LYS AA 37 -5.65 80.69 -12.17
C LYS AA 37 -5.42 80.37 -10.70
N LYS AA 38 -5.99 81.20 -9.85
CA LYS AA 38 -6.13 80.99 -8.41
C LYS AA 38 -7.59 80.62 -8.13
N PRO AA 39 -7.86 79.89 -7.04
CA PRO AA 39 -9.25 79.46 -6.82
C PRO AA 39 -10.13 80.48 -6.11
N HIS AA 40 -9.64 81.70 -5.88
CA HIS AA 40 -10.47 82.81 -5.38
C HIS AA 40 -10.20 84.02 -6.25
N ARG AA 41 -10.89 84.10 -7.39
CA ARG AA 41 -10.72 85.26 -8.26
C ARG AA 41 -11.73 86.33 -7.83
N TYR AA 42 -11.98 87.29 -8.72
CA TYR AA 42 -12.99 88.32 -8.53
C TYR AA 42 -14.40 87.72 -8.66
N ARG AA 43 -14.71 86.79 -7.74
CA ARG AA 43 -15.95 86.03 -7.84
C ARG AA 43 -17.16 86.95 -7.81
N PRO AA 44 -18.17 86.72 -8.65
CA PRO AA 44 -19.35 87.61 -8.64
C PRO AA 44 -20.05 87.69 -7.31
N GLY AA 45 -20.03 86.61 -6.51
CA GLY AA 45 -20.58 86.69 -5.18
C GLY AA 45 -19.89 87.74 -4.33
N THR AA 46 -18.57 87.82 -4.44
CA THR AA 46 -17.83 88.90 -3.78
C THR AA 46 -18.16 90.25 -4.41
N VAL AA 47 -18.27 90.30 -5.74
CA VAL AA 47 -18.61 91.56 -6.40
C VAL AA 47 -20.03 91.97 -6.06
N ALA AA 48 -20.97 91.01 -6.07
CA ALA AA 48 -22.36 91.35 -5.77
C ALA AA 48 -22.52 91.86 -4.35
N LEU AA 49 -21.74 91.32 -3.41
CA LEU AA 49 -21.87 91.72 -2.02
C LEU AA 49 -21.60 93.21 -1.83
N ARG AA 50 -20.58 93.74 -2.52
CA ARG AA 50 -20.28 95.16 -2.42
C ARG AA 50 -21.39 96.01 -3.00
N GLU AA 51 -21.83 95.70 -4.22
CA GLU AA 51 -22.84 96.52 -4.88
C GLU AA 51 -24.21 96.35 -4.24
N ILE AA 52 -24.55 95.15 -3.76
CA ILE AA 52 -25.80 94.98 -3.03
C ILE AA 52 -25.79 95.84 -1.77
N ARG AA 53 -24.67 95.83 -1.03
CA ARG AA 53 -24.53 96.71 0.12
C ARG AA 53 -24.57 98.17 -0.29
N ARG AA 54 -23.84 98.52 -1.36
CA ARG AA 54 -23.72 99.92 -1.75
C ARG AA 54 -25.02 100.47 -2.29
N TYR AA 55 -25.66 99.75 -3.21
CA TYR AA 55 -26.88 100.25 -3.82
C TYR AA 55 -28.08 100.21 -2.88
N GLN AA 56 -27.99 99.46 -1.78
CA GLN AA 56 -28.98 99.53 -0.72
C GLN AA 56 -28.59 100.52 0.37
N LYS AA 57 -27.48 101.23 0.20
CA LYS AA 57 -26.99 102.22 1.16
C LYS AA 57 -27.01 103.64 0.60
N SER AA 58 -27.43 103.81 -0.65
CA SER AA 58 -27.43 105.12 -1.30
C SER AA 58 -28.72 105.28 -2.09
N THR AA 59 -29.07 106.54 -2.37
CA THR AA 59 -30.28 106.87 -3.09
C THR AA 59 -29.91 107.58 -4.38
N GLU AA 60 -30.43 107.08 -5.50
CA GLU AA 60 -30.15 107.64 -6.81
C GLU AA 60 -31.11 106.99 -7.81
N LEU AA 61 -31.16 107.56 -9.01
CA LEU AA 61 -31.95 107.00 -10.11
C LEU AA 61 -31.03 106.13 -10.96
N LEU AA 62 -31.28 104.82 -10.96
CA LEU AA 62 -30.38 103.89 -11.64
C LEU AA 62 -30.37 104.12 -13.15
N ILE AA 63 -31.54 104.34 -13.75
CA ILE AA 63 -31.64 104.52 -15.19
C ILE AA 63 -31.15 105.91 -15.57
N ARG AA 64 -30.31 105.98 -16.59
CA ARG AA 64 -29.84 107.27 -17.08
C ARG AA 64 -31.00 108.08 -17.64
N LYS AA 65 -30.92 109.41 -17.46
CA LYS AA 65 -32.07 110.27 -17.73
C LYS AA 65 -32.38 110.32 -19.22
N LEU AA 66 -31.37 110.56 -20.06
CA LEU AA 66 -31.62 110.71 -21.50
C LEU AA 66 -32.18 109.47 -22.14
N PRO AA 67 -31.66 108.25 -21.91
CA PRO AA 67 -32.32 107.07 -22.49
C PRO AA 67 -33.78 106.92 -22.07
N PHE AA 68 -34.10 107.25 -20.82
CA PHE AA 68 -35.49 107.19 -20.37
C PHE AA 68 -36.34 108.25 -21.05
N GLN AA 69 -35.78 109.46 -21.23
CA GLN AA 69 -36.53 110.52 -21.91
C GLN AA 69 -36.89 110.13 -23.33
N ARG AA 70 -35.93 109.53 -24.05
CA ARG AA 70 -36.23 109.06 -25.40
C ARG AA 70 -37.25 107.94 -25.39
N LEU AA 71 -37.13 107.02 -24.43
CA LEU AA 71 -38.06 105.89 -24.38
C LEU AA 71 -39.48 106.34 -24.07
N VAL AA 72 -39.63 107.31 -23.17
CA VAL AA 72 -40.96 107.76 -22.78
C VAL AA 72 -41.70 108.35 -23.98
N ARG AA 73 -41.02 109.19 -24.76
CA ARG AA 73 -41.65 109.78 -25.93
C ARG AA 73 -42.03 108.72 -26.96
N GLU AA 74 -41.15 107.74 -27.19
CA GLU AA 74 -41.40 106.74 -28.22
C GLU AA 74 -42.64 105.91 -27.91
N ILE AA 75 -42.81 105.50 -26.65
CA ILE AA 75 -43.92 104.63 -26.29
C ILE AA 75 -45.24 105.37 -26.41
N ALA AA 76 -45.29 106.63 -25.97
CA ALA AA 76 -46.54 107.34 -25.82
C ALA AA 76 -46.92 108.19 -27.04
N GLN AA 77 -46.10 108.19 -28.09
CA GLN AA 77 -46.42 109.01 -29.26
C GLN AA 77 -47.63 108.47 -30.01
N ASP AA 78 -47.82 107.14 -30.00
CA ASP AA 78 -48.92 106.54 -30.76
C ASP AA 78 -50.27 106.98 -30.22
N PHE AA 79 -50.40 107.09 -28.90
CA PHE AA 79 -51.67 107.51 -28.31
C PHE AA 79 -52.04 108.93 -28.76
N LYS AA 80 -51.07 109.84 -28.76
CA LYS AA 80 -51.26 111.20 -29.24
C LYS AA 80 -49.89 111.84 -29.47
N THR AA 81 -49.82 112.71 -30.46
CA THR AA 81 -48.55 113.32 -30.83
C THR AA 81 -48.37 114.67 -30.13
N ASP AA 82 -47.12 115.12 -30.10
CA ASP AA 82 -46.74 116.40 -29.49
C ASP AA 82 -47.17 116.45 -28.02
N LEU AA 83 -46.62 115.53 -27.24
CA LEU AA 83 -47.03 115.40 -25.84
C LEU AA 83 -46.43 116.50 -24.98
N ARG AA 84 -45.19 116.89 -25.25
CA ARG AA 84 -44.51 117.97 -24.50
C ARG AA 84 -44.46 117.65 -23.01
N PHE AA 85 -43.74 116.57 -22.69
CA PHE AA 85 -43.61 116.14 -21.31
C PHE AA 85 -42.90 117.20 -20.47
N GLN AA 86 -43.32 117.30 -19.21
CA GLN AA 86 -42.68 118.19 -18.25
C GLN AA 86 -41.48 117.50 -17.61
N SER AA 87 -40.60 118.31 -17.03
CA SER AA 87 -39.40 117.76 -16.39
C SER AA 87 -39.77 116.90 -15.19
N SER AA 88 -40.73 117.33 -14.39
CA SER AA 88 -41.11 116.56 -13.20
C SER AA 88 -41.85 115.29 -13.58
N ALA AA 89 -42.62 115.32 -14.67
CA ALA AA 89 -43.36 114.13 -15.10
C ALA AA 89 -42.42 112.99 -15.48
N VAL AA 90 -41.34 113.31 -16.17
CA VAL AA 90 -40.38 112.27 -16.55
C VAL AA 90 -39.73 111.65 -15.33
N MET AA 91 -39.36 112.49 -14.35
CA MET AA 91 -38.74 111.97 -13.13
C MET AA 91 -39.71 111.07 -12.35
N ALA AA 92 -40.99 111.47 -12.29
CA ALA AA 92 -41.97 110.66 -11.58
C ALA AA 92 -42.14 109.29 -12.23
N LEU AA 93 -42.17 109.25 -13.56
CA LEU AA 93 -42.28 107.97 -14.26
C LEU AA 93 -41.05 107.10 -14.00
N GLN AA 94 -39.86 107.70 -14.01
CA GLN AA 94 -38.64 106.93 -13.79
C GLN AA 94 -38.57 106.38 -12.38
N GLU AA 95 -38.91 107.20 -11.38
CA GLU AA 95 -38.84 106.74 -9.99
C GLU AA 95 -39.84 105.62 -9.73
N ALA AA 96 -41.06 105.75 -10.26
CA ALA AA 96 -42.05 104.70 -10.10
C ALA AA 96 -41.64 103.43 -10.85
N SER AA 97 -41.09 103.59 -12.06
CA SER AA 97 -40.66 102.42 -12.82
C SER AA 97 -39.51 101.70 -12.15
N GLU AA 98 -38.55 102.45 -11.59
CA GLU AA 98 -37.44 101.83 -10.88
C GLU AA 98 -37.93 101.08 -9.65
N ALA AA 99 -38.86 101.68 -8.90
CA ALA AA 99 -39.44 100.98 -7.75
C ALA AA 99 -40.24 99.77 -8.20
N TYR AA 100 -40.96 99.89 -9.32
CA TYR AA 100 -41.73 98.76 -9.83
C TYR AA 100 -40.83 97.59 -10.19
N LEU AA 101 -39.70 97.86 -10.85
CA LEU AA 101 -38.77 96.80 -11.19
C LEU AA 101 -38.17 96.18 -9.94
N VAL AA 102 -37.88 96.99 -8.92
CA VAL AA 102 -37.39 96.46 -7.66
C VAL AA 102 -38.42 95.54 -7.02
N ALA AA 103 -39.70 95.89 -7.15
CA ALA AA 103 -40.76 95.03 -6.60
C ALA AA 103 -40.74 93.66 -7.25
N LEU AA 104 -40.49 93.60 -8.57
CA LEU AA 104 -40.32 92.31 -9.22
C LEU AA 104 -39.10 91.57 -8.68
N PHE AA 105 -37.99 92.27 -8.47
CA PHE AA 105 -36.79 91.64 -7.92
C PHE AA 105 -37.01 91.19 -6.47
N GLU AA 106 -37.95 91.82 -5.76
CA GLU AA 106 -38.27 91.38 -4.41
C GLU AA 106 -38.85 89.96 -4.42
N ASP AA 107 -39.69 89.66 -5.41
CA ASP AA 107 -40.36 88.37 -5.47
C ASP AA 107 -39.61 87.36 -6.34
N THR AA 108 -39.07 87.80 -7.49
CA THR AA 108 -38.41 86.87 -8.39
C THR AA 108 -37.17 86.25 -7.75
N ASN AA 109 -36.41 87.04 -6.99
CA ASN AA 109 -35.27 86.49 -6.27
C ASN AA 109 -35.71 85.47 -5.24
N LEU AA 110 -36.81 85.75 -4.54
CA LEU AA 110 -37.32 84.80 -3.55
C LEU AA 110 -37.92 83.57 -4.22
N CYS AA 111 -38.35 83.67 -5.47
CA CYS AA 111 -38.92 82.52 -6.16
C CYS AA 111 -37.89 81.44 -6.40
N ALA AA 112 -36.60 81.78 -6.37
CA ALA AA 112 -35.55 80.82 -6.63
C ALA AA 112 -35.08 80.09 -5.37
N ILE AA 113 -35.56 80.48 -4.18
CA ILE AA 113 -35.07 79.86 -2.96
C ILE AA 113 -35.44 78.38 -2.92
N HIS AA 114 -36.60 78.03 -3.47
CA HIS AA 114 -36.92 76.63 -3.71
C HIS AA 114 -36.36 76.22 -5.07
N ALA AA 115 -36.17 74.90 -5.22
CA ALA AA 115 -35.43 74.24 -6.29
C ALA AA 115 -33.93 74.42 -6.10
N LYS AA 116 -33.49 75.08 -5.03
CA LYS AA 116 -32.08 75.17 -4.65
C LYS AA 116 -31.22 75.79 -5.75
N ARG AA 117 -31.49 77.06 -6.04
CA ARG AA 117 -30.67 77.82 -6.98
C ARG AA 117 -30.78 79.30 -6.66
N VAL AA 118 -29.82 80.08 -7.15
CA VAL AA 118 -29.74 81.49 -6.86
C VAL AA 118 -29.89 82.30 -8.15
N THR AA 119 -30.22 81.63 -9.24
CA THR AA 119 -30.29 82.24 -10.56
C THR AA 119 -31.73 82.62 -10.89
N ILE AA 120 -31.92 83.84 -11.37
CA ILE AA 120 -33.20 84.28 -11.88
C ILE AA 120 -33.32 83.80 -13.32
N MET AA 121 -34.47 83.22 -13.66
CA MET AA 121 -34.65 82.57 -14.96
C MET AA 121 -36.05 82.86 -15.49
N PRO AA 122 -36.34 82.50 -16.75
CA PRO AA 122 -37.72 82.72 -17.25
C PRO AA 122 -38.78 82.03 -16.41
N LYS AA 123 -38.45 80.91 -15.76
CA LYS AA 123 -39.41 80.26 -14.87
C LYS AA 123 -39.74 81.15 -13.69
N ASP AA 124 -38.75 81.84 -13.12
CA ASP AA 124 -38.98 82.68 -11.97
C ASP AA 124 -39.87 83.87 -12.30
N ILE AA 125 -39.58 84.57 -13.40
CA ILE AA 125 -40.29 85.81 -13.70
C ILE AA 125 -41.73 85.52 -14.09
N GLN AA 126 -41.97 84.44 -14.84
CA GLN AA 126 -43.33 84.10 -15.26
C GLN AA 126 -44.21 83.76 -14.08
N LEU AA 127 -43.66 83.04 -13.09
CA LEU AA 127 -44.45 82.62 -11.94
C LEU AA 127 -44.95 83.81 -11.13
N ALA AA 128 -44.10 84.82 -10.93
CA ALA AA 128 -44.47 85.96 -10.09
C ALA AA 128 -45.54 86.84 -10.73
N ARG AA 129 -45.65 86.84 -12.06
CA ARG AA 129 -46.60 87.74 -12.72
C ARG AA 129 -48.04 87.34 -12.41
N ARG AA 130 -48.39 86.07 -12.58
CA ARG AA 130 -49.78 85.65 -12.41
C ARG AA 130 -50.19 85.71 -10.93
N ILE AA 131 -49.30 85.29 -10.03
CA ILE AA 131 -49.66 85.23 -8.61
C ILE AA 131 -49.95 86.63 -8.07
N ARG AA 132 -49.36 87.66 -8.67
CA ARG AA 132 -49.67 89.04 -8.29
C ARG AA 132 -50.92 89.57 -8.98
N GLY AA 133 -51.53 88.81 -9.88
CA GLY AA 133 -52.67 89.26 -10.62
C GLY AA 133 -52.36 90.03 -11.89
N GLU AA 134 -51.07 90.24 -12.20
CA GLU AA 134 -50.71 90.96 -13.41
C GLU AA 134 -51.12 90.18 -14.65
N ARG AA 135 -50.90 88.87 -14.67
CA ARG AA 135 -51.24 88.02 -15.80
C ARG AA 135 -52.18 86.88 -15.39
N ALA AA 136 -53.05 87.14 -14.42
CA ALA AA 136 -53.98 86.13 -13.94
C ALA AA 136 -54.98 85.73 -15.01
N VAL BA 47 -69.74 -47.00 40.08
CA VAL BA 47 -70.33 -46.69 38.79
C VAL BA 47 -70.82 -47.97 38.12
N ALA BA 48 -69.95 -48.98 38.05
CA ALA BA 48 -70.36 -50.27 37.52
C ALA BA 48 -71.38 -50.93 38.44
N LEU BA 49 -71.20 -50.80 39.75
CA LEU BA 49 -72.21 -51.26 40.69
C LEU BA 49 -73.35 -50.26 40.85
N ARG BA 50 -73.18 -49.02 40.41
CA ARG BA 50 -74.29 -48.07 40.39
C ARG BA 50 -75.37 -48.52 39.41
N GLU BA 51 -74.96 -49.00 38.24
CA GLU BA 51 -75.92 -49.48 37.26
C GLU BA 51 -76.42 -50.88 37.57
N ILE BA 52 -75.83 -51.56 38.56
CA ILE BA 52 -76.36 -52.84 39.00
C ILE BA 52 -77.79 -52.66 39.51
N ARG BA 53 -78.03 -51.60 40.28
CA ARG BA 53 -79.36 -51.35 40.80
C ARG BA 53 -80.36 -51.09 39.68
N ARG BA 54 -79.94 -50.36 38.65
CA ARG BA 54 -80.86 -50.02 37.56
C ARG BA 54 -81.37 -51.27 36.86
N TYR BA 55 -80.47 -52.20 36.52
CA TYR BA 55 -80.88 -53.40 35.80
C TYR BA 55 -81.53 -54.42 36.71
N GLN BA 56 -81.19 -54.42 38.00
CA GLN BA 56 -81.81 -55.36 38.93
C GLN BA 56 -83.11 -54.82 39.54
N LYS BA 57 -83.43 -53.55 39.31
CA LYS BA 57 -84.70 -52.98 39.74
C LYS BA 57 -85.70 -52.83 38.59
N SER BA 58 -85.23 -52.58 37.39
CA SER BA 58 -86.10 -52.44 36.22
C SER BA 58 -85.84 -53.60 35.26
N THR BA 59 -86.92 -54.11 34.66
CA THR BA 59 -86.82 -55.22 33.72
C THR BA 59 -86.93 -54.68 32.31
N GLU BA 60 -85.93 -54.99 31.48
CA GLU BA 60 -85.88 -54.51 30.11
C GLU BA 60 -84.93 -55.38 29.31
N LEU BA 61 -85.09 -55.35 28.00
CA LEU BA 61 -84.15 -56.04 27.12
C LEU BA 61 -82.82 -55.28 27.10
N LEU BA 62 -81.72 -56.04 27.14
CA LEU BA 62 -80.40 -55.45 27.27
C LEU BA 62 -79.54 -55.58 26.01
N ILE BA 63 -80.08 -56.13 24.93
CA ILE BA 63 -79.34 -56.24 23.67
C ILE BA 63 -80.19 -55.61 22.57
N ARG BA 64 -79.51 -55.17 21.51
CA ARG BA 64 -80.21 -54.50 20.42
C ARG BA 64 -81.16 -55.47 19.72
N LYS BA 65 -82.32 -54.95 19.33
CA LYS BA 65 -83.40 -55.80 18.85
C LYS BA 65 -83.08 -56.45 17.51
N LEU BA 66 -82.87 -55.63 16.48
CA LEU BA 66 -82.69 -56.13 15.12
C LEU BA 66 -81.36 -56.84 14.91
N PRO BA 67 -80.24 -56.38 15.51
CA PRO BA 67 -79.01 -57.18 15.40
C PRO BA 67 -79.18 -58.60 15.92
N PHE BA 68 -79.98 -58.80 16.97
CA PHE BA 68 -80.35 -60.15 17.36
C PHE BA 68 -81.19 -60.82 16.28
N GLN BA 69 -82.13 -60.07 15.69
CA GLN BA 69 -82.92 -60.62 14.60
C GLN BA 69 -82.05 -60.95 13.38
N ARG BA 70 -81.09 -60.09 13.08
CA ARG BA 70 -80.16 -60.38 11.99
C ARG BA 70 -79.29 -61.58 12.32
N LEU BA 71 -78.85 -61.69 13.56
CA LEU BA 71 -77.98 -62.81 13.95
C LEU BA 71 -78.71 -64.14 13.83
N VAL BA 72 -79.94 -64.22 14.33
CA VAL BA 72 -80.69 -65.48 14.25
C VAL BA 72 -81.07 -65.78 12.80
N ARG BA 73 -81.29 -64.72 12.00
CA ARG BA 73 -81.61 -64.93 10.59
C ARG BA 73 -80.44 -65.55 9.85
N GLU BA 74 -79.23 -65.05 10.07
CA GLU BA 74 -78.07 -65.56 9.34
C GLU BA 74 -77.78 -67.00 9.73
N ILE BA 75 -78.03 -67.37 10.98
CA ILE BA 75 -77.87 -68.76 11.40
C ILE BA 75 -78.94 -69.64 10.77
N ALA BA 76 -80.18 -69.14 10.74
CA ALA BA 76 -81.28 -69.94 10.21
C ALA BA 76 -81.17 -70.10 8.70
N GLN BA 77 -80.63 -69.10 8.00
CA GLN BA 77 -80.53 -69.19 6.54
C GLN BA 77 -79.61 -70.32 6.11
N ASP BA 78 -78.53 -70.55 6.85
CA ASP BA 78 -77.63 -71.66 6.53
C ASP BA 78 -78.33 -73.00 6.64
N PHE BA 79 -79.15 -73.18 7.67
CA PHE BA 79 -79.92 -74.41 7.79
C PHE BA 79 -80.97 -74.51 6.68
N LYS BA 80 -81.76 -73.46 6.50
CA LYS BA 80 -82.76 -73.41 5.45
C LYS BA 80 -82.87 -71.98 4.94
N THR BA 81 -82.68 -71.80 3.64
CA THR BA 81 -82.75 -70.46 3.07
C THR BA 81 -84.19 -69.97 3.01
N ASP BA 82 -84.34 -68.64 2.97
CA ASP BA 82 -85.66 -67.99 2.88
C ASP BA 82 -86.56 -68.38 4.05
N LEU BA 83 -85.98 -68.49 5.23
CA LEU BA 83 -86.75 -68.86 6.42
C LEU BA 83 -87.53 -67.66 6.92
N ARG BA 84 -88.78 -67.91 7.33
CA ARG BA 84 -89.68 -66.87 7.82
C ARG BA 84 -89.70 -66.91 9.34
N PHE BA 85 -89.41 -65.77 9.96
CA PHE BA 85 -89.37 -65.65 11.42
C PHE BA 85 -90.52 -64.78 11.89
N GLN BA 86 -91.29 -65.27 12.85
CA GLN BA 86 -92.35 -64.48 13.47
C GLN BA 86 -91.76 -63.48 14.44
N SER BA 87 -92.43 -62.33 14.57
CA SER BA 87 -91.94 -61.27 15.45
C SER BA 87 -91.93 -61.73 16.91
N SER BA 88 -92.94 -62.52 17.31
CA SER BA 88 -92.97 -63.03 18.67
C SER BA 88 -91.88 -64.07 18.90
N ALA BA 89 -91.58 -64.88 17.88
CA ALA BA 89 -90.61 -65.96 18.04
C ALA BA 89 -89.21 -65.41 18.29
N VAL BA 90 -88.80 -64.37 17.55
CA VAL BA 90 -87.45 -63.84 17.72
C VAL BA 90 -87.31 -63.14 19.07
N MET BA 91 -88.36 -62.45 19.50
CA MET BA 91 -88.33 -61.81 20.82
C MET BA 91 -88.35 -62.85 21.94
N ALA BA 92 -89.07 -63.95 21.74
CA ALA BA 92 -89.10 -65.01 22.76
C ALA BA 92 -87.71 -65.62 22.95
N LEU BA 93 -86.98 -65.83 21.85
CA LEU BA 93 -85.63 -66.37 21.95
C LEU BA 93 -84.70 -65.36 22.63
N GLN BA 94 -84.93 -64.07 22.42
CA GLN BA 94 -84.07 -63.04 23.01
C GLN BA 94 -84.15 -63.08 24.54
N GLU BA 95 -85.36 -63.18 25.09
CA GLU BA 95 -85.51 -63.23 26.54
C GLU BA 95 -84.85 -64.47 27.12
N ALA BA 96 -85.01 -65.62 26.45
CA ALA BA 96 -84.32 -66.83 26.88
C ALA BA 96 -82.82 -66.69 26.75
N SER BA 97 -82.35 -66.09 25.65
CA SER BA 97 -80.92 -65.92 25.45
C SER BA 97 -80.33 -64.97 26.47
N GLU BA 98 -81.04 -63.87 26.78
CA GLU BA 98 -80.54 -62.90 27.74
C GLU BA 98 -80.41 -63.52 29.13
N ALA BA 99 -81.46 -64.22 29.57
CA ALA BA 99 -81.42 -64.86 30.88
C ALA BA 99 -80.45 -66.03 30.91
N TYR BA 100 -80.17 -66.63 29.75
CA TYR BA 100 -79.17 -67.69 29.70
C TYR BA 100 -77.79 -67.15 30.05
N LEU BA 101 -77.43 -65.97 29.53
CA LEU BA 101 -76.15 -65.37 29.87
C LEU BA 101 -76.17 -64.78 31.28
N VAL BA 102 -77.33 -64.28 31.73
CA VAL BA 102 -77.43 -63.74 33.09
C VAL BA 102 -77.11 -64.82 34.10
N ALA BA 103 -77.68 -66.02 33.92
CA ALA BA 103 -77.32 -67.14 34.78
C ALA BA 103 -75.85 -67.49 34.63
N LEU BA 104 -75.33 -67.47 33.40
CA LEU BA 104 -73.91 -67.71 33.18
C LEU BA 104 -73.07 -66.62 33.83
N PHE BA 105 -73.48 -65.36 33.70
CA PHE BA 105 -72.75 -64.27 34.34
C PHE BA 105 -72.92 -64.29 35.85
N GLU BA 106 -74.01 -64.88 36.35
CA GLU BA 106 -74.18 -65.05 37.78
C GLU BA 106 -73.22 -66.11 38.32
N ASP BA 107 -73.11 -67.24 37.63
CA ASP BA 107 -72.22 -68.30 38.08
C ASP BA 107 -70.76 -67.88 37.99
N THR BA 108 -70.38 -67.20 36.91
CA THR BA 108 -68.99 -66.79 36.75
C THR BA 108 -68.58 -65.80 37.82
N ASN BA 109 -69.53 -65.01 38.34
CA ASN BA 109 -69.22 -64.13 39.47
C ASN BA 109 -68.81 -64.93 40.69
N LEU BA 110 -69.55 -66.00 40.99
CA LEU BA 110 -69.18 -66.84 42.13
C LEU BA 110 -67.94 -67.68 41.84
N CYS BA 111 -67.66 -67.95 40.57
CA CYS BA 111 -66.41 -68.61 40.23
C CYS BA 111 -65.21 -67.73 40.54
N ALA BA 112 -65.34 -66.41 40.30
CA ALA BA 112 -64.23 -65.50 40.57
C ALA BA 112 -63.95 -65.39 42.07
N ILE BA 113 -65.01 -65.23 42.88
CA ILE BA 113 -64.82 -65.07 44.32
C ILE BA 113 -64.25 -66.35 44.92
N HIS BA 114 -64.46 -67.49 44.27
CA HIS BA 114 -63.85 -68.73 44.73
C HIS BA 114 -62.33 -68.66 44.63
N ALA BA 115 -61.80 -68.07 43.56
CA ALA BA 115 -60.38 -67.97 43.33
C ALA BA 115 -59.78 -66.66 43.81
N LYS BA 116 -60.36 -66.06 44.85
CA LYS BA 116 -59.90 -64.78 45.40
C LYS BA 116 -59.84 -63.70 44.32
N ARG BA 117 -60.87 -63.66 43.49
CA ARG BA 117 -60.90 -62.77 42.34
C ARG BA 117 -62.24 -62.04 42.28
N VAL BA 118 -62.24 -60.90 41.59
CA VAL BA 118 -63.45 -60.11 41.40
C VAL BA 118 -63.83 -60.14 39.93
N THR BA 119 -62.86 -59.92 39.05
CA THR BA 119 -63.09 -59.98 37.62
C THR BA 119 -63.41 -61.40 37.18
N ILE BA 120 -64.21 -61.52 36.12
CA ILE BA 120 -64.47 -62.78 35.45
C ILE BA 120 -63.66 -62.79 34.15
N MET BA 121 -63.00 -63.91 33.89
CA MET BA 121 -62.07 -64.04 32.77
C MET BA 121 -62.50 -65.21 31.90
N PRO BA 122 -61.87 -65.45 30.76
CA PRO BA 122 -62.22 -66.65 29.97
C PRO BA 122 -62.05 -67.94 30.74
N LYS BA 123 -61.17 -67.99 31.74
CA LYS BA 123 -61.06 -69.18 32.58
C LYS BA 123 -62.35 -69.45 33.33
N ASP BA 124 -63.01 -68.39 33.83
CA ASP BA 124 -64.25 -68.56 34.58
C ASP BA 124 -65.34 -69.16 33.71
N ILE BA 125 -65.47 -68.69 32.46
CA ILE BA 125 -66.55 -69.17 31.60
C ILE BA 125 -66.30 -70.61 31.19
N GLN BA 126 -65.03 -71.03 31.11
CA GLN BA 126 -64.74 -72.43 30.78
C GLN BA 126 -65.19 -73.36 31.90
N LEU BA 127 -64.94 -72.97 33.16
CA LEU BA 127 -65.32 -73.81 34.28
C LEU BA 127 -66.84 -73.95 34.39
N ALA BA 128 -67.57 -72.84 34.22
CA ALA BA 128 -69.02 -72.87 34.42
C ALA BA 128 -69.71 -73.73 33.38
N ARG BA 129 -69.35 -73.57 32.11
CA ARG BA 129 -69.99 -74.35 31.06
C ARG BA 129 -69.66 -75.84 31.19
N ARG BA 130 -68.41 -76.17 31.50
CA ARG BA 130 -68.02 -77.58 31.58
C ARG BA 130 -68.61 -78.24 32.81
N ILE BA 131 -68.60 -77.56 33.96
CA ILE BA 131 -69.12 -78.16 35.18
C ILE BA 131 -70.62 -78.37 35.09
N ARG BA 132 -71.30 -77.59 34.24
CA ARG BA 132 -72.74 -77.73 34.06
C ARG BA 132 -73.10 -78.75 32.98
N GLY BA 133 -72.12 -79.30 32.29
CA GLY BA 133 -72.39 -80.25 31.22
C GLY BA 133 -72.79 -79.63 29.90
N GLU BA 134 -72.75 -78.29 29.80
CA GLU BA 134 -73.16 -77.63 28.57
C GLU BA 134 -72.11 -77.79 27.48
N ARG BA 135 -70.82 -77.66 27.83
CA ARG BA 135 -69.75 -77.76 26.87
C ARG BA 135 -68.97 -79.07 26.92
N ALA BA 136 -68.91 -79.73 28.08
CA ALA BA 136 -68.19 -80.98 28.21
C ALA BA 136 -68.68 -81.77 29.41
N THR CA 12 -2.76 75.23 -64.16
CA THR CA 12 -3.00 76.43 -63.36
C THR CA 12 -2.75 77.69 -64.17
N GLY CA 13 -3.79 78.52 -64.30
CA GLY CA 13 -3.66 79.76 -65.05
C GLY CA 13 -3.41 79.55 -66.53
N GLY CA 14 -4.12 78.61 -67.15
CA GLY CA 14 -3.93 78.32 -68.55
C GLY CA 14 -5.00 78.95 -69.44
N LYS CA 15 -4.85 78.73 -70.74
CA LYS CA 15 -5.83 79.23 -71.70
C LYS CA 15 -7.18 78.56 -71.52
N ALA CA 16 -7.18 77.27 -71.17
CA ALA CA 16 -8.40 76.55 -70.91
C ALA CA 16 -9.13 77.16 -69.71
N PRO CA 17 -10.47 77.03 -69.65
CA PRO CA 17 -11.24 77.81 -68.68
C PRO CA 17 -11.20 77.24 -67.27
N ARG CA 18 -10.05 77.41 -66.61
CA ARG CA 18 -9.89 77.11 -65.20
C ARG CA 18 -9.51 78.33 -64.38
N LYS CA 19 -8.48 79.07 -64.78
CA LYS CA 19 -8.01 80.23 -64.03
C LYS CA 19 -7.54 81.30 -65.02
N GLN CA 20 -8.45 82.20 -65.37
CA GLN CA 20 -8.11 83.40 -66.11
C GLN CA 20 -8.85 84.63 -65.60
N LEU CA 21 -9.60 84.50 -64.51
CA LEU CA 21 -10.42 85.58 -63.98
C LEU CA 21 -9.63 86.60 -63.16
N ALA CA 22 -8.29 86.52 -63.17
CA ALA CA 22 -7.49 87.51 -62.48
C ALA CA 22 -7.30 88.75 -63.35
N THR CA 23 -8.40 89.30 -63.84
CA THR CA 23 -8.39 90.50 -64.66
C THR CA 23 -8.85 91.73 -63.89
N LYS CA 24 -8.93 91.63 -62.56
CA LYS CA 24 -9.42 92.70 -61.69
C LYS CA 24 -10.85 93.09 -62.03
N ALA CA 25 -11.64 92.16 -62.59
CA ALA CA 25 -13.02 92.42 -62.99
C ALA CA 25 -13.90 91.30 -62.41
N ALA CA 26 -14.30 91.48 -61.15
CA ALA CA 26 -15.25 90.59 -60.50
C ALA CA 26 -15.90 91.40 -59.37
N ARG CA 27 -17.10 91.90 -59.62
CA ARG CA 27 -17.71 92.90 -58.74
C ARG CA 27 -19.19 92.52 -58.54
N LYS CA 28 -19.45 91.75 -57.50
CA LYS CA 28 -20.79 91.25 -57.19
C LYS CA 28 -21.39 90.55 -58.41
N SER CA 29 -20.72 89.47 -58.82
CA SER CA 29 -21.05 88.71 -60.02
C SER CA 29 -21.04 89.62 -61.26
N ALA CA 30 -19.86 90.17 -61.53
CA ALA CA 30 -19.66 90.96 -62.74
C ALA CA 30 -19.37 90.03 -63.91
N PRO CA 31 -20.24 89.96 -64.90
CA PRO CA 31 -20.10 88.97 -65.98
C PRO CA 31 -19.25 89.47 -67.14
N ALA CA 32 -17.99 89.74 -66.87
CA ALA CA 32 -17.01 90.01 -67.91
C ALA CA 32 -16.39 88.69 -68.36
N THR CA 33 -15.31 88.76 -69.12
CA THR CA 33 -14.61 87.55 -69.52
C THR CA 33 -13.82 86.96 -68.35
N GLY CA 34 -14.53 86.41 -67.38
CA GLY CA 34 -13.91 85.89 -66.18
C GLY CA 34 -14.75 86.23 -64.95
N GLY CA 35 -14.64 85.37 -63.93
CA GLY CA 35 -15.40 85.57 -62.71
C GLY CA 35 -16.42 84.46 -62.49
N VAL CA 36 -16.09 83.53 -61.61
CA VAL CA 36 -17.00 82.43 -61.29
C VAL CA 36 -18.12 82.96 -60.41
N LYS CA 37 -19.32 82.43 -60.60
CA LYS CA 37 -20.44 82.84 -59.77
C LYS CA 37 -20.38 82.14 -58.42
N LYS CA 38 -20.98 82.76 -57.42
CA LYS CA 38 -21.13 82.14 -56.11
C LYS CA 38 -22.58 81.68 -55.95
N PRO CA 39 -22.83 80.38 -55.76
CA PRO CA 39 -24.19 79.83 -55.80
C PRO CA 39 -25.29 80.66 -55.15
N HIS CA 40 -24.97 81.39 -54.07
CA HIS CA 40 -25.99 82.09 -53.32
C HIS CA 40 -26.67 83.17 -54.17
N ARG CA 41 -25.88 84.05 -54.77
CA ARG CA 41 -26.36 85.16 -55.59
C ARG CA 41 -27.47 85.89 -54.83
N TYR CA 42 -28.41 86.47 -55.57
CA TYR CA 42 -29.73 86.82 -55.07
C TYR CA 42 -30.64 85.71 -55.56
N ARG CA 43 -30.77 84.66 -54.77
CA ARG CA 43 -31.40 83.43 -55.23
C ARG CA 43 -32.86 83.66 -55.60
N PRO CA 44 -33.40 82.86 -56.52
CA PRO CA 44 -34.83 82.99 -56.85
C PRO CA 44 -35.73 82.84 -55.65
N GLY CA 45 -35.36 82.01 -54.67
CA GLY CA 45 -36.12 81.97 -53.43
C GLY CA 45 -36.10 83.30 -52.71
N THR CA 46 -34.92 83.93 -52.66
CA THR CA 46 -34.83 85.26 -52.05
C THR CA 46 -35.49 86.32 -52.93
N VAL CA 47 -35.30 86.23 -54.25
CA VAL CA 47 -35.89 87.22 -55.15
C VAL CA 47 -37.40 87.15 -55.12
N ALA CA 48 -37.95 85.92 -55.17
CA ALA CA 48 -39.40 85.77 -55.13
C ALA CA 48 -39.97 86.25 -53.81
N LEU CA 49 -39.29 85.94 -52.70
CA LEU CA 49 -39.80 86.31 -51.38
C LEU CA 49 -39.92 87.83 -51.25
N ARG CA 50 -38.90 88.56 -51.72
CA ARG CA 50 -39.01 90.01 -51.76
C ARG CA 50 -40.09 90.45 -52.75
N GLU CA 51 -40.21 89.76 -53.88
CA GLU CA 51 -41.19 90.13 -54.88
C GLU CA 51 -42.62 89.88 -54.40
N ILE CA 52 -42.86 88.70 -53.80
CA ILE CA 52 -44.21 88.37 -53.37
C ILE CA 52 -44.65 89.26 -52.20
N ARG CA 53 -43.72 89.55 -51.28
CA ARG CA 53 -44.07 90.42 -50.16
C ARG CA 53 -44.42 91.83 -50.62
N ARG CA 54 -43.66 92.36 -51.58
CA ARG CA 54 -43.93 93.71 -52.06
C ARG CA 54 -45.28 93.78 -52.77
N TYR CA 55 -45.58 92.78 -53.60
CA TYR CA 55 -46.82 92.81 -54.36
C TYR CA 55 -48.03 92.48 -53.49
N GLN CA 56 -47.86 91.56 -52.53
CA GLN CA 56 -48.97 91.26 -51.62
C GLN CA 56 -49.29 92.45 -50.71
N LYS CA 57 -48.31 93.32 -50.48
CA LYS CA 57 -48.50 94.51 -49.65
C LYS CA 57 -49.10 95.68 -50.42
N SER CA 58 -48.83 95.79 -51.71
CA SER CA 58 -49.25 96.92 -52.52
C SER CA 58 -50.50 96.56 -53.32
N THR CA 59 -51.36 97.56 -53.54
CA THR CA 59 -52.55 97.41 -54.35
C THR CA 59 -52.36 98.16 -55.66
N GLU CA 60 -52.45 97.45 -56.78
CA GLU CA 60 -52.23 98.05 -58.10
C GLU CA 60 -52.78 97.09 -59.15
N LEU CA 61 -52.85 97.58 -60.38
CA LEU CA 61 -53.27 96.79 -61.52
C LEU CA 61 -52.02 96.22 -62.18
N LEU CA 62 -51.88 94.89 -62.12
CA LEU CA 62 -50.65 94.25 -62.61
C LEU CA 62 -50.51 94.38 -64.12
N ILE CA 63 -51.59 94.13 -64.86
CA ILE CA 63 -51.52 94.20 -66.31
C ILE CA 63 -51.43 95.66 -66.74
N ARG CA 64 -50.64 95.92 -67.78
CA ARG CA 64 -50.44 97.28 -68.26
C ARG CA 64 -51.75 97.89 -68.73
N LYS CA 65 -51.79 99.23 -68.74
CA LYS CA 65 -53.06 99.94 -68.92
C LYS CA 65 -53.65 99.69 -70.31
N LEU CA 66 -52.83 99.76 -71.36
CA LEU CA 66 -53.35 99.70 -72.71
C LEU CA 66 -53.71 98.30 -73.20
N PRO CA 67 -52.84 97.28 -73.01
CA PRO CA 67 -53.14 95.97 -73.63
C PRO CA 67 -54.48 95.39 -73.23
N PHE CA 68 -54.95 95.65 -72.01
CA PHE CA 68 -56.30 95.23 -71.64
C PHE CA 68 -57.34 96.02 -72.41
N GLN CA 69 -57.11 97.33 -72.61
CA GLN CA 69 -58.05 98.15 -73.37
C GLN CA 69 -58.16 97.67 -74.82
N ARG CA 70 -57.02 97.34 -75.43
CA ARG CA 70 -57.06 96.79 -76.78
C ARG CA 70 -57.73 95.43 -76.80
N LEU CA 71 -57.48 94.61 -75.77
CA LEU CA 71 -58.03 93.25 -75.75
C LEU CA 71 -59.55 93.28 -75.66
N VAL CA 72 -60.10 94.13 -74.79
CA VAL CA 72 -61.55 94.16 -74.61
C VAL CA 72 -62.26 94.80 -75.79
N ARG CA 73 -61.55 95.53 -76.64
CA ARG CA 73 -62.17 96.14 -77.80
C ARG CA 73 -62.25 95.16 -78.97
N GLU CA 74 -61.14 94.50 -79.29
CA GLU CA 74 -61.11 93.63 -80.45
C GLU CA 74 -61.84 92.32 -80.21
N ILE CA 75 -61.94 91.89 -78.95
CA ILE CA 75 -62.51 90.58 -78.65
C ILE CA 75 -64.01 90.54 -78.93
N ALA CA 76 -64.65 91.72 -79.01
CA ALA CA 76 -66.09 91.79 -79.20
C ALA CA 76 -66.49 92.53 -80.48
N GLN CA 77 -65.54 92.84 -81.36
CA GLN CA 77 -65.87 93.55 -82.59
C GLN CA 77 -66.83 92.73 -83.46
N ASP CA 78 -66.68 91.41 -83.45
CA ASP CA 78 -67.58 90.57 -84.24
C ASP CA 78 -69.01 90.64 -83.71
N PHE CA 79 -69.17 90.67 -82.38
CA PHE CA 79 -70.51 90.80 -81.80
C PHE CA 79 -71.16 92.11 -82.20
N LYS CA 80 -70.46 93.22 -81.98
CA LYS CA 80 -70.93 94.54 -82.37
C LYS CA 80 -69.74 95.33 -82.90
N THR CA 81 -69.93 96.02 -84.01
CA THR CA 81 -68.80 96.61 -84.73
C THR CA 81 -68.18 97.77 -83.96
N ASP CA 82 -69.01 98.70 -83.48
CA ASP CA 82 -68.46 99.94 -82.92
C ASP CA 82 -68.15 99.81 -81.43
N LEU CA 83 -69.17 99.52 -80.62
CA LEU CA 83 -69.01 99.27 -79.18
C LEU CA 83 -68.37 100.47 -78.46
N ARG CA 84 -69.11 101.56 -78.43
CA ARG CA 84 -68.78 102.65 -77.53
C ARG CA 84 -69.05 102.22 -76.10
N PHE CA 85 -68.15 102.59 -75.18
CA PHE CA 85 -68.36 102.28 -73.77
C PHE CA 85 -67.57 103.27 -72.92
N GLN CA 86 -67.83 103.20 -71.61
CA GLN CA 86 -67.19 104.09 -70.64
C GLN CA 86 -65.87 103.51 -70.17
N SER CA 87 -65.10 104.34 -69.48
CA SER CA 87 -63.81 103.90 -68.94
C SER CA 87 -64.01 102.99 -67.73
N SER CA 88 -65.08 103.20 -66.97
CA SER CA 88 -65.32 102.38 -65.78
C SER CA 88 -65.55 100.92 -66.14
N ALA CA 89 -66.14 100.65 -67.31
CA ALA CA 89 -66.33 99.27 -67.74
C ALA CA 89 -65.01 98.57 -67.93
N VAL CA 90 -64.03 99.25 -68.52
CA VAL CA 90 -62.70 98.67 -68.70
C VAL CA 90 -62.04 98.43 -67.34
N MET CA 91 -62.13 99.40 -66.44
CA MET CA 91 -61.53 99.24 -65.11
C MET CA 91 -62.20 98.11 -64.34
N ALA CA 92 -63.53 98.00 -64.43
CA ALA CA 92 -64.23 96.91 -63.75
C ALA CA 92 -63.82 95.56 -64.30
N LEU CA 93 -63.69 95.46 -65.64
CA LEU CA 93 -63.25 94.20 -66.24
C LEU CA 93 -61.82 93.88 -65.86
N GLN CA 94 -60.95 94.90 -65.79
CA GLN CA 94 -59.54 94.67 -65.49
C GLN CA 94 -59.36 94.11 -64.09
N GLU CA 95 -60.00 94.74 -63.09
CA GLU CA 95 -59.83 94.29 -61.72
C GLU CA 95 -60.43 92.90 -61.51
N ALA CA 96 -61.59 92.63 -62.12
CA ALA CA 96 -62.18 91.30 -62.03
C ALA CA 96 -61.31 90.25 -62.68
N SER CA 97 -60.74 90.57 -63.85
CA SER CA 97 -59.87 89.62 -64.54
C SER CA 97 -58.61 89.35 -63.73
N GLU CA 98 -58.03 90.38 -63.12
CA GLU CA 98 -56.82 90.20 -62.33
C GLU CA 98 -57.08 89.31 -61.12
N ALA CA 99 -58.20 89.54 -60.42
CA ALA CA 99 -58.53 88.72 -59.26
C ALA CA 99 -58.82 87.28 -59.67
N TYR CA 100 -59.50 87.10 -60.81
CA TYR CA 100 -59.77 85.75 -61.30
C TYR CA 100 -58.48 85.01 -61.63
N LEU CA 101 -57.53 85.70 -62.27
CA LEU CA 101 -56.23 85.10 -62.55
C LEU CA 101 -55.47 84.81 -61.26
N VAL CA 102 -55.54 85.74 -60.30
CA VAL CA 102 -54.88 85.53 -59.01
C VAL CA 102 -55.51 84.35 -58.28
N ALA CA 103 -56.84 84.25 -58.32
CA ALA CA 103 -57.53 83.13 -57.67
C ALA CA 103 -57.09 81.80 -58.27
N LEU CA 104 -56.93 81.75 -59.60
CA LEU CA 104 -56.42 80.54 -60.23
C LEU CA 104 -55.00 80.24 -59.78
N PHE CA 105 -54.17 81.27 -59.65
CA PHE CA 105 -52.79 81.07 -59.19
C PHE CA 105 -52.75 80.50 -57.78
N GLU CA 106 -53.73 80.84 -56.95
CA GLU CA 106 -53.80 80.24 -55.61
C GLU CA 106 -54.00 78.73 -55.71
N ASP CA 107 -54.87 78.29 -56.62
CA ASP CA 107 -55.12 76.86 -56.78
C ASP CA 107 -53.94 76.15 -57.43
N THR CA 108 -53.33 76.77 -58.45
CA THR CA 108 -52.21 76.13 -59.12
C THR CA 108 -50.99 76.03 -58.22
N ASN CA 109 -50.81 76.98 -57.30
CA ASN CA 109 -49.72 76.89 -56.34
C ASN CA 109 -49.87 75.65 -55.46
N LEU CA 110 -51.10 75.36 -55.03
CA LEU CA 110 -51.35 74.13 -54.28
C LEU CA 110 -51.12 72.90 -55.16
N CYS CA 111 -51.53 72.98 -56.43
CA CYS CA 111 -51.31 71.85 -57.34
C CYS CA 111 -49.82 71.57 -57.53
N ALA CA 112 -49.01 72.64 -57.63
CA ALA CA 112 -47.57 72.46 -57.76
C ALA CA 112 -46.98 71.83 -56.49
N ILE CA 113 -47.42 72.31 -55.32
CA ILE CA 113 -46.92 71.73 -54.07
C ILE CA 113 -47.45 70.32 -53.88
N HIS CA 114 -48.57 69.98 -54.52
CA HIS CA 114 -49.10 68.64 -54.41
C HIS CA 114 -48.18 67.61 -55.07
N ALA CA 115 -47.61 67.96 -56.22
CA ALA CA 115 -46.73 67.06 -56.95
C ALA CA 115 -45.27 67.21 -56.53
N LYS CA 116 -45.01 67.74 -55.34
CA LYS CA 116 -43.65 67.92 -54.82
C LYS CA 116 -42.81 68.78 -55.77
N ARG CA 117 -43.42 69.82 -56.31
CA ARG CA 117 -42.76 70.70 -57.27
C ARG CA 117 -42.90 72.15 -56.83
N VAL CA 118 -41.94 72.97 -57.26
CA VAL CA 118 -41.94 74.40 -56.98
C VAL CA 118 -42.18 75.23 -58.24
N THR CA 119 -42.36 74.61 -59.38
CA THR CA 119 -42.53 75.30 -60.65
C THR CA 119 -43.96 75.15 -61.15
N ILE CA 120 -44.57 76.26 -61.53
CA ILE CA 120 -45.92 76.24 -62.07
C ILE CA 120 -45.86 75.77 -63.52
N MET CA 121 -46.67 74.78 -63.85
CA MET CA 121 -46.69 74.15 -65.17
C MET CA 121 -48.13 74.10 -65.67
N PRO CA 122 -48.32 73.94 -66.99
CA PRO CA 122 -49.69 73.85 -67.51
C PRO CA 122 -50.47 72.68 -66.95
N LYS CA 123 -49.79 71.66 -66.41
CA LYS CA 123 -50.49 70.55 -65.79
C LYS CA 123 -51.31 71.02 -64.59
N ASP CA 124 -50.78 71.96 -63.82
CA ASP CA 124 -51.52 72.51 -62.69
C ASP CA 124 -52.77 73.25 -63.15
N ILE CA 125 -52.67 74.00 -64.24
CA ILE CA 125 -53.80 74.81 -64.70
C ILE CA 125 -54.94 73.90 -65.17
N GLN CA 126 -54.60 72.88 -65.96
CA GLN CA 126 -55.63 71.99 -66.50
C GLN CA 126 -56.37 71.25 -65.39
N LEU CA 127 -55.63 70.78 -64.38
CA LEU CA 127 -56.26 70.05 -63.29
C LEU CA 127 -57.24 70.92 -62.52
N ALA CA 128 -56.88 72.19 -62.30
CA ALA CA 128 -57.74 73.07 -61.52
C ALA CA 128 -59.06 73.33 -62.23
N ARG CA 129 -59.03 73.51 -63.56
CA ARG CA 129 -60.24 73.88 -64.28
C ARG CA 129 -61.30 72.77 -64.22
N ARG CA 130 -60.86 71.51 -64.23
CA ARG CA 130 -61.81 70.40 -64.26
C ARG CA 130 -62.67 70.38 -63.01
N ILE CA 131 -62.05 70.60 -61.84
CA ILE CA 131 -62.79 70.47 -60.59
C ILE CA 131 -63.78 71.63 -60.42
N ARG CA 132 -63.44 72.81 -60.95
CA ARG CA 132 -64.34 73.96 -60.88
C ARG CA 132 -65.29 74.04 -62.06
N GLY CA 133 -65.15 73.17 -63.06
CA GLY CA 133 -66.13 73.06 -64.11
C GLY CA 133 -66.14 74.18 -65.13
N GLU CA 134 -65.04 74.92 -65.27
CA GLU CA 134 -64.98 75.97 -66.28
C GLU CA 134 -64.44 75.45 -67.61
N ARG CA 135 -63.56 74.46 -67.58
CA ARG CA 135 -63.04 73.90 -68.82
C ARG CA 135 -64.14 73.21 -69.62
N ALA CA 136 -65.01 72.47 -68.95
CA ALA CA 136 -66.10 71.77 -69.61
C ALA CA 136 -67.37 71.78 -68.76
N VAL DA 36 25.55 -54.24 141.81
CA VAL DA 36 24.74 -54.40 140.61
C VAL DA 36 25.64 -54.58 139.39
N LYS DA 37 26.10 -53.48 138.83
CA LYS DA 37 26.96 -53.50 137.65
C LYS DA 37 27.68 -52.17 137.55
N LYS DA 38 28.72 -52.13 136.73
CA LYS DA 38 29.41 -50.89 136.42
C LYS DA 38 29.22 -50.60 134.93
N PRO DA 39 28.14 -49.92 134.56
CA PRO DA 39 27.95 -49.59 133.15
C PRO DA 39 28.67 -48.30 132.76
N HIS DA 40 29.16 -48.28 131.53
CA HIS DA 40 29.90 -47.14 130.98
C HIS DA 40 31.09 -46.79 131.87
N ARG DA 41 31.94 -47.78 132.10
CA ARG DA 41 33.18 -47.55 132.84
C ARG DA 41 34.03 -46.50 132.12
N TYR DA 42 34.44 -46.81 130.90
CA TYR DA 42 35.16 -45.86 130.06
C TYR DA 42 35.07 -46.32 128.62
N ARG DA 43 34.50 -45.48 127.76
CA ARG DA 43 34.38 -45.82 126.35
C ARG DA 43 35.76 -45.90 125.71
N PRO DA 44 35.90 -46.66 124.60
CA PRO DA 44 37.23 -46.84 123.99
C PRO DA 44 37.97 -45.53 123.73
N GLY DA 45 39.07 -45.33 124.45
CA GLY DA 45 39.89 -44.15 124.31
C GLY DA 45 39.40 -42.92 125.04
N THR DA 46 38.28 -43.00 125.75
CA THR DA 46 37.78 -41.83 126.47
C THR DA 46 38.70 -41.45 127.61
N VAL DA 47 39.19 -42.43 128.38
CA VAL DA 47 40.10 -42.14 129.48
C VAL DA 47 41.45 -41.68 128.94
N ALA DA 48 41.75 -41.99 127.68
CA ALA DA 48 43.04 -41.60 127.11
C ALA DA 48 43.18 -40.09 127.01
N LEU DA 49 42.08 -39.40 126.68
CA LEU DA 49 42.14 -37.94 126.53
C LEU DA 49 42.46 -37.26 127.85
N ARG DA 50 41.88 -37.74 128.95
CA ARG DA 50 42.08 -37.10 130.25
C ARG DA 50 43.53 -37.23 130.70
N GLU DA 51 44.11 -38.43 130.57
CA GLU DA 51 45.47 -38.64 131.06
C GLU DA 51 46.49 -37.88 130.22
N ILE DA 52 46.26 -37.79 128.90
CA ILE DA 52 47.21 -37.11 128.03
C ILE DA 52 47.36 -35.64 128.43
N ARG DA 53 46.23 -34.97 128.70
CA ARG DA 53 46.30 -33.57 129.10
C ARG DA 53 47.02 -33.40 130.43
N ARG DA 54 46.80 -34.31 131.37
CA ARG DA 54 47.42 -34.19 132.69
C ARG DA 54 48.93 -34.32 132.61
N TYR DA 55 49.42 -35.35 131.91
CA TYR DA 55 50.85 -35.60 131.90
C TYR DA 55 51.61 -34.60 131.03
N GLN DA 56 50.99 -34.11 129.96
CA GLN DA 56 51.64 -33.08 129.15
C GLN DA 56 51.82 -31.80 129.95
N LYS DA 57 50.83 -31.44 130.77
CA LYS DA 57 50.98 -30.32 131.68
C LYS DA 57 52.05 -30.60 132.73
N SER DA 58 52.07 -31.83 133.25
CA SER DA 58 52.93 -32.17 134.37
C SER DA 58 54.41 -32.09 133.99
N THR DA 59 55.22 -31.59 134.92
CA THR DA 59 56.66 -31.54 134.77
C THR DA 59 57.36 -32.62 135.58
N GLU DA 60 56.61 -33.54 136.17
CA GLU DA 60 57.17 -34.57 137.03
C GLU DA 60 57.97 -35.59 136.22
N LEU DA 61 58.84 -36.31 136.92
CA LEU DA 61 59.63 -37.36 136.29
C LEU DA 61 58.82 -38.65 136.29
N LEU DA 62 58.50 -39.16 135.09
CA LEU DA 62 57.62 -40.30 134.96
C LEU DA 62 58.28 -41.63 135.31
N ILE DA 63 59.59 -41.75 135.17
CA ILE DA 63 60.30 -42.97 135.54
C ILE DA 63 60.73 -42.84 136.99
N ARG DA 64 60.47 -43.87 137.78
CA ARG DA 64 60.85 -43.86 139.19
C ARG DA 64 62.36 -43.77 139.32
N LYS DA 65 62.82 -42.89 140.22
CA LYS DA 65 64.25 -42.70 140.41
C LYS DA 65 64.89 -43.90 141.08
N LEU DA 66 64.14 -44.59 141.94
CA LEU DA 66 64.73 -45.66 142.75
C LEU DA 66 65.26 -46.81 141.89
N PRO DA 67 64.52 -47.33 140.92
CA PRO DA 67 65.14 -48.34 140.03
C PRO DA 67 66.16 -47.74 139.08
N PHE DA 68 65.98 -46.48 138.68
CA PHE DA 68 66.91 -45.86 137.74
C PHE DA 68 68.30 -45.71 138.35
N GLN DA 69 68.38 -45.68 139.69
CA GLN DA 69 69.68 -45.53 140.34
C GLN DA 69 70.59 -46.72 140.08
N ARG DA 70 70.03 -47.94 140.11
CA ARG DA 70 70.85 -49.12 139.84
C ARG DA 70 71.15 -49.25 138.36
N LEU DA 71 70.26 -48.75 137.49
CA LEU DA 71 70.47 -48.88 136.05
C LEU DA 71 71.73 -48.14 135.62
N VAL DA 72 71.93 -46.92 136.10
CA VAL DA 72 73.11 -46.16 135.73
C VAL DA 72 74.36 -46.78 136.38
N ARG DA 73 74.22 -47.29 137.60
CA ARG DA 73 75.37 -47.91 138.26
C ARG DA 73 75.74 -49.24 137.60
N GLU DA 74 74.75 -50.03 137.21
CA GLU DA 74 75.03 -51.31 136.55
C GLU DA 74 75.69 -51.08 135.20
N ILE DA 75 75.19 -50.11 134.43
CA ILE DA 75 75.78 -49.81 133.13
C ILE DA 75 77.21 -49.29 133.30
N ALA DA 76 77.41 -48.38 134.26
CA ALA DA 76 78.74 -47.84 134.52
C ALA DA 76 79.68 -48.88 135.11
N GLN DA 77 79.14 -49.92 135.75
CA GLN DA 77 79.99 -50.95 136.32
C GLN DA 77 80.71 -51.76 135.23
N ASP DA 78 80.06 -51.97 134.08
CA ASP DA 78 80.66 -52.72 133.01
C ASP DA 78 81.87 -52.01 132.40
N PHE DA 79 81.93 -50.68 132.50
CA PHE DA 79 83.05 -49.92 131.96
C PHE DA 79 84.08 -49.54 133.01
N LYS DA 80 83.65 -49.29 134.25
CA LYS DA 80 84.58 -48.94 135.32
C LYS DA 80 83.94 -49.33 136.64
N THR DA 81 84.55 -50.28 137.33
CA THR DA 81 83.96 -50.82 138.56
C THR DA 81 84.03 -49.81 139.70
N ASP DA 82 82.99 -49.83 140.53
CA ASP DA 82 82.94 -49.07 141.78
C ASP DA 82 83.11 -47.56 141.53
N LEU DA 83 82.15 -46.99 140.82
CA LEU DA 83 82.09 -45.56 140.59
C LEU DA 83 81.15 -44.90 141.59
N ARG DA 84 81.18 -43.56 141.60
CA ARG DA 84 80.32 -42.77 142.45
C ARG DA 84 79.56 -41.75 141.62
N PHE DA 85 78.43 -41.30 142.14
CA PHE DA 85 77.56 -40.36 141.44
C PHE DA 85 77.09 -39.29 142.41
N GLN DA 86 76.32 -38.35 141.86
CA GLN DA 86 75.67 -37.29 142.64
C GLN DA 86 74.18 -37.29 142.35
N SER DA 87 73.41 -36.66 143.24
CA SER DA 87 71.97 -36.61 143.06
C SER DA 87 71.59 -35.89 141.78
N SER DA 88 72.25 -34.76 141.49
CA SER DA 88 71.97 -34.04 140.25
C SER DA 88 72.41 -34.85 139.04
N ALA DA 89 73.54 -35.56 139.15
CA ALA DA 89 74.04 -36.33 138.02
C ALA DA 89 73.09 -37.47 137.65
N VAL DA 90 72.53 -38.14 138.66
CA VAL DA 90 71.57 -39.21 138.39
C VAL DA 90 70.33 -38.67 137.70
N MET DA 91 69.83 -37.52 138.17
CA MET DA 91 68.67 -36.89 137.54
C MET DA 91 69.01 -36.41 136.13
N ALA DA 92 70.27 -36.01 135.91
CA ALA DA 92 70.68 -35.55 134.58
C ALA DA 92 70.51 -36.64 133.54
N LEU DA 93 70.92 -37.87 133.87
CA LEU DA 93 70.69 -38.98 132.96
C LEU DA 93 69.20 -39.30 132.86
N GLN DA 94 68.46 -39.13 133.97
CA GLN DA 94 67.03 -39.42 133.96
C GLN DA 94 66.26 -38.40 133.13
N GLU DA 95 66.53 -37.12 133.33
CA GLU DA 95 65.80 -36.08 132.60
C GLU DA 95 66.08 -36.15 131.11
N ALA DA 96 67.33 -36.40 130.72
CA ALA DA 96 67.66 -36.56 129.31
C ALA DA 96 66.97 -37.79 128.73
N SER DA 97 66.91 -38.88 129.51
CA SER DA 97 66.24 -40.09 129.03
C SER DA 97 64.74 -39.86 128.83
N GLU DA 98 64.10 -39.11 129.74
CA GLU DA 98 62.70 -38.80 129.58
C GLU DA 98 62.45 -37.97 128.32
N ALA DA 99 63.30 -36.95 128.10
CA ALA DA 99 63.16 -36.13 126.91
C ALA DA 99 63.42 -36.94 125.64
N TYR DA 100 64.40 -37.84 125.70
CA TYR DA 100 64.70 -38.68 124.55
C TYR DA 100 63.52 -39.58 124.21
N LEU DA 101 62.87 -40.14 125.23
CA LEU DA 101 61.76 -41.06 124.99
C LEU DA 101 60.53 -40.33 124.48
N VAL DA 102 60.18 -39.20 125.09
CA VAL DA 102 58.98 -38.47 124.67
C VAL DA 102 59.15 -37.91 123.28
N ALA DA 103 60.37 -37.49 122.93
CA ALA DA 103 60.64 -37.05 121.56
C ALA DA 103 60.45 -38.20 120.58
N LEU DA 104 60.94 -39.39 120.94
CA LEU DA 104 60.73 -40.56 120.10
C LEU DA 104 59.25 -40.93 120.05
N PHE DA 105 58.55 -40.82 121.18
CA PHE DA 105 57.13 -41.18 121.22
C PHE DA 105 56.32 -40.27 120.30
N GLU DA 106 56.56 -38.97 120.34
CA GLU DA 106 55.86 -38.05 119.44
C GLU DA 106 56.25 -38.32 117.99
N ASP DA 107 57.54 -38.59 117.73
CA ASP DA 107 57.96 -38.93 116.39
C ASP DA 107 57.34 -40.25 115.94
N THR DA 108 57.20 -41.21 116.86
CA THR DA 108 56.59 -42.49 116.51
C THR DA 108 55.12 -42.32 116.14
N ASN DA 109 54.42 -41.41 116.81
CA ASN DA 109 53.00 -41.22 116.54
C ASN DA 109 52.77 -40.72 115.12
N LEU DA 110 53.70 -39.92 114.59
CA LEU DA 110 53.59 -39.47 113.21
C LEU DA 110 53.66 -40.66 112.25
N CYS DA 111 54.54 -41.62 112.53
CA CYS DA 111 54.59 -42.82 111.71
C CYS DA 111 53.29 -43.61 111.78
N ALA DA 112 52.70 -43.69 112.98
CA ALA DA 112 51.40 -44.33 113.11
C ALA DA 112 50.33 -43.57 112.34
N ILE DA 113 50.41 -42.24 112.32
CA ILE DA 113 49.51 -41.43 111.51
C ILE DA 113 49.65 -41.77 110.04
N HIS DA 114 50.91 -41.90 109.57
CA HIS DA 114 51.15 -42.23 108.17
C HIS DA 114 50.63 -43.62 107.83
N ALA DA 115 50.68 -44.55 108.79
CA ALA DA 115 50.20 -45.90 108.58
C ALA DA 115 48.70 -46.03 108.80
N LYS DA 116 48.01 -44.93 109.13
CA LYS DA 116 46.56 -44.91 109.32
C LYS DA 116 46.11 -45.84 110.45
N ARG DA 117 46.93 -46.00 111.47
CA ARG DA 117 46.58 -46.78 112.66
C ARG DA 117 46.89 -45.98 113.91
N VAL DA 118 45.98 -46.02 114.88
CA VAL DA 118 46.23 -45.37 116.15
C VAL DA 118 47.29 -46.12 116.95
N THR DA 119 47.36 -47.45 116.77
CA THR DA 119 48.27 -48.27 117.56
C THR DA 119 49.72 -47.91 117.28
N ILE DA 120 50.53 -47.88 118.33
CA ILE DA 120 51.97 -47.66 118.24
C ILE DA 120 52.65 -49.03 118.30
N MET DA 121 53.30 -49.41 117.20
CA MET DA 121 53.83 -50.76 117.07
C MET DA 121 55.36 -50.75 117.01
N PRO DA 122 56.01 -51.90 117.17
CA PRO DA 122 57.46 -51.94 116.97
C PRO DA 122 57.90 -51.49 115.59
N LYS DA 123 57.06 -51.69 114.57
CA LYS DA 123 57.40 -51.26 113.22
C LYS DA 123 57.58 -49.74 113.15
N ASP DA 124 56.71 -49.00 113.84
CA ASP DA 124 56.81 -47.54 113.81
C ASP DA 124 58.06 -47.04 114.51
N ILE DA 125 58.45 -47.70 115.61
CA ILE DA 125 59.62 -47.25 116.36
C ILE DA 125 60.89 -47.41 115.53
N GLN DA 126 61.04 -48.55 114.85
CA GLN DA 126 62.26 -48.81 114.09
C GLN DA 126 62.44 -47.83 112.95
N LEU DA 127 61.35 -47.49 112.25
CA LEU DA 127 61.45 -46.55 111.13
C LEU DA 127 61.90 -45.18 111.60
N ALA DA 128 61.35 -44.70 112.73
CA ALA DA 128 61.72 -43.38 113.24
C ALA DA 128 63.18 -43.36 113.68
N ARG DA 129 63.66 -44.45 114.28
CA ARG DA 129 65.04 -44.49 114.76
C ARG DA 129 66.03 -44.37 113.60
N ARG DA 130 65.76 -45.04 112.49
CA ARG DA 130 66.68 -44.98 111.35
C ARG DA 130 66.74 -43.57 110.76
N ILE DA 131 65.59 -42.93 110.59
CA ILE DA 131 65.57 -41.60 109.99
C ILE DA 131 66.20 -40.57 110.92
N ARG DA 132 65.99 -40.72 112.23
CA ARG DA 132 66.58 -39.81 113.20
C ARG DA 132 68.10 -39.88 113.25
N GLY DA 133 68.70 -40.93 112.68
CA GLY DA 133 70.14 -41.02 112.62
C GLY DA 133 70.79 -41.66 113.82
N GLU DA 134 70.05 -42.44 114.60
CA GLU DA 134 70.59 -43.12 115.77
C GLU DA 134 70.63 -44.63 115.62
N ARG DA 135 70.05 -45.18 114.55
CA ARG DA 135 70.09 -46.61 114.30
C ARG DA 135 71.31 -47.04 113.51
N ALA DA 136 72.10 -46.09 113.01
CA ALA DA 136 73.30 -46.42 112.25
C ALA DA 136 74.55 -45.96 112.97
N PRO EA 31 14.73 16.42 -123.76
CA PRO EA 31 13.95 17.33 -124.59
C PRO EA 31 14.53 18.75 -124.60
N ALA EA 32 15.18 19.13 -123.51
CA ALA EA 32 15.77 20.46 -123.37
C ALA EA 32 17.21 20.32 -122.90
N THR EA 33 18.01 21.34 -123.22
CA THR EA 33 19.42 21.32 -122.83
C THR EA 33 19.59 21.38 -121.32
N GLY EA 34 18.72 22.13 -120.64
CA GLY EA 34 18.79 22.25 -119.19
C GLY EA 34 17.44 22.01 -118.56
N GLY EA 35 17.44 21.27 -117.45
CA GLY EA 35 16.20 20.96 -116.76
C GLY EA 35 16.04 19.49 -116.44
N VAL EA 36 17.11 18.71 -116.64
CA VAL EA 36 17.05 17.29 -116.33
C VAL EA 36 16.99 17.08 -114.81
N LYS EA 37 16.32 16.01 -114.42
CA LYS EA 37 16.11 15.71 -113.00
C LYS EA 37 17.43 15.26 -112.36
N LYS EA 38 17.36 14.84 -111.10
CA LYS EA 38 18.54 14.43 -110.38
C LYS EA 38 19.17 13.20 -111.03
N PRO EA 39 20.47 13.23 -111.34
CA PRO EA 39 21.10 12.08 -111.99
C PRO EA 39 21.15 10.87 -111.06
N HIS EA 40 21.16 9.69 -111.67
CA HIS EA 40 21.26 8.43 -110.94
C HIS EA 40 22.73 8.17 -110.62
N ARG EA 41 23.20 8.81 -109.56
CA ARG EA 41 24.60 8.74 -109.16
C ARG EA 41 24.75 7.89 -107.90
N TYR EA 42 25.71 6.97 -107.93
CA TYR EA 42 25.98 6.13 -106.78
C TYR EA 42 26.66 6.94 -105.68
N ARG EA 43 26.41 6.54 -104.43
CA ARG EA 43 27.05 7.18 -103.29
C ARG EA 43 28.55 6.92 -103.31
N PRO EA 44 29.34 7.78 -102.66
CA PRO EA 44 30.80 7.61 -102.71
C PRO EA 44 31.23 6.24 -102.19
N GLY EA 45 32.22 5.66 -102.87
CA GLY EA 45 32.74 4.36 -102.51
C GLY EA 45 31.94 3.18 -103.03
N THR EA 46 31.10 3.36 -104.04
CA THR EA 46 30.22 2.28 -104.48
C THR EA 46 30.82 1.49 -105.63
N VAL EA 47 31.31 2.17 -106.68
CA VAL EA 47 31.80 1.48 -107.86
C VAL EA 47 33.07 0.71 -107.56
N ALA EA 48 33.69 0.97 -106.41
CA ALA EA 48 34.88 0.21 -106.02
C ALA EA 48 34.57 -1.29 -105.95
N LEU EA 49 33.38 -1.64 -105.49
CA LEU EA 49 32.98 -3.04 -105.46
C LEU EA 49 32.91 -3.61 -106.87
N ARG EA 50 32.33 -2.85 -107.81
CA ARG EA 50 32.26 -3.31 -109.19
C ARG EA 50 33.64 -3.34 -109.84
N GLU EA 51 34.46 -2.33 -109.57
CA GLU EA 51 35.80 -2.29 -110.16
C GLU EA 51 36.68 -3.40 -109.62
N ILE EA 52 36.46 -3.81 -108.36
CA ILE EA 52 37.29 -4.85 -107.77
C ILE EA 52 37.09 -6.17 -108.51
N ARG EA 53 35.84 -6.54 -108.77
CA ARG EA 53 35.56 -7.83 -109.40
C ARG EA 53 36.11 -7.87 -110.82
N ARG EA 54 36.00 -6.76 -111.55
CA ARG EA 54 36.47 -6.73 -112.93
C ARG EA 54 37.99 -6.85 -113.01
N TYR EA 55 38.71 -6.15 -112.14
CA TYR EA 55 40.16 -6.00 -112.32
C TYR EA 55 40.93 -7.26 -111.91
N GLN EA 56 40.48 -7.97 -110.88
CA GLN EA 56 41.16 -9.21 -110.52
C GLN EA 56 41.01 -10.27 -111.59
N LYS EA 57 39.93 -10.24 -112.36
CA LYS EA 57 39.73 -11.19 -113.44
C LYS EA 57 40.51 -10.84 -114.70
N SER EA 58 41.08 -9.64 -114.77
CA SER EA 58 41.81 -9.20 -115.94
C SER EA 58 43.24 -9.74 -115.93
N THR EA 59 43.84 -9.79 -117.13
CA THR EA 59 45.22 -10.24 -117.28
C THR EA 59 46.05 -9.30 -118.14
N GLU EA 60 45.72 -8.01 -118.17
CA GLU EA 60 46.39 -7.05 -119.02
C GLU EA 60 47.00 -5.93 -118.17
N LEU EA 61 48.03 -5.29 -118.73
CA LEU EA 61 48.65 -4.16 -118.05
C LEU EA 61 47.71 -2.98 -117.99
N LEU EA 62 47.59 -2.37 -116.82
CA LEU EA 62 46.74 -1.21 -116.62
C LEU EA 62 47.49 0.11 -116.82
N ILE EA 63 48.75 0.04 -117.25
CA ILE EA 63 49.58 1.21 -117.48
C ILE EA 63 49.78 1.37 -118.99
N ARG EA 64 49.53 2.57 -119.50
CA ARG EA 64 49.72 2.83 -120.91
C ARG EA 64 51.19 2.63 -121.29
N LYS EA 65 51.41 1.91 -122.40
CA LYS EA 65 52.76 1.51 -122.77
C LYS EA 65 53.59 2.70 -123.24
N LEU EA 66 53.00 3.59 -124.03
CA LEU EA 66 53.76 4.70 -124.59
C LEU EA 66 54.32 5.64 -123.52
N PRO EA 67 53.57 6.10 -122.52
CA PRO EA 67 54.21 6.90 -121.46
C PRO EA 67 55.31 6.17 -120.72
N PHE EA 68 55.15 4.85 -120.52
CA PHE EA 68 56.20 4.09 -119.86
C PHE EA 68 57.43 3.95 -120.74
N GLN EA 69 57.22 3.90 -122.07
CA GLN EA 69 58.35 3.77 -122.99
C GLN EA 69 59.27 4.98 -122.90
N ARG EA 70 58.70 6.18 -122.84
CA ARG EA 70 59.52 7.39 -122.80
C ARG EA 70 60.23 7.53 -121.47
N LEU EA 71 59.61 7.07 -120.38
CA LEU EA 71 60.20 7.24 -119.05
C LEU EA 71 61.50 6.45 -118.90
N VAL EA 72 61.51 5.21 -119.40
CA VAL EA 72 62.68 4.35 -119.21
C VAL EA 72 63.87 4.85 -120.01
N ARG EA 73 63.62 5.40 -121.21
CA ARG EA 73 64.72 5.92 -122.01
C ARG EA 73 65.36 7.14 -121.34
N GLU EA 74 64.54 8.01 -120.75
CA GLU EA 74 65.09 9.20 -120.10
C GLU EA 74 65.95 8.83 -118.90
N ILE EA 75 65.51 7.87 -118.09
CA ILE EA 75 66.28 7.46 -116.94
C ILE EA 75 67.59 6.81 -117.36
N ALA EA 76 67.54 5.94 -118.37
CA ALA EA 76 68.74 5.25 -118.83
C ALA EA 76 69.72 6.19 -119.51
N GLN EA 77 69.26 7.39 -119.91
CA GLN EA 77 70.15 8.32 -120.59
C GLN EA 77 71.26 8.81 -119.67
N ASP EA 78 70.94 9.06 -118.40
CA ASP EA 78 71.96 9.48 -117.44
C ASP EA 78 73.01 8.39 -117.23
N PHE EA 79 72.58 7.13 -117.13
CA PHE EA 79 73.51 6.04 -116.91
C PHE EA 79 74.34 5.75 -118.16
N LYS EA 80 73.69 5.71 -119.32
CA LYS EA 80 74.37 5.46 -120.59
C LYS EA 80 73.91 6.50 -121.60
N THR EA 81 74.86 7.08 -122.34
CA THR EA 81 74.52 8.14 -123.28
C THR EA 81 73.63 7.62 -124.40
N ASP EA 82 73.96 6.46 -124.95
CA ASP EA 82 73.22 5.89 -126.07
C ASP EA 82 72.77 4.48 -125.72
N LEU EA 83 71.49 4.20 -125.89
CA LEU EA 83 70.93 2.88 -125.62
C LEU EA 83 69.70 2.67 -126.48
N ARG EA 84 69.38 1.41 -126.71
CA ARG EA 84 68.17 0.99 -127.43
C ARG EA 84 67.49 -0.13 -126.65
N PHE EA 85 66.30 -0.51 -127.11
CA PHE EA 85 65.51 -1.55 -126.47
C PHE EA 85 65.00 -2.53 -127.51
N GLN EA 86 64.71 -3.74 -127.06
CA GLN EA 86 64.29 -4.83 -127.94
C GLN EA 86 62.77 -4.88 -128.13
N SER EA 87 62.04 -3.88 -127.61
CA SER EA 87 60.59 -3.81 -127.69
C SER EA 87 59.93 -4.91 -126.85
N SER EA 88 60.74 -5.72 -126.19
CA SER EA 88 60.27 -6.72 -125.23
C SER EA 88 60.72 -6.45 -123.81
N ALA EA 89 61.90 -5.85 -123.63
CA ALA EA 89 62.34 -5.45 -122.31
C ALA EA 89 61.44 -4.35 -121.74
N VAL EA 90 60.98 -3.44 -122.61
CA VAL EA 90 60.05 -2.40 -122.17
C VAL EA 90 58.77 -3.03 -121.65
N MET EA 91 58.24 -4.02 -122.37
CA MET EA 91 57.07 -4.75 -121.90
C MET EA 91 57.38 -5.49 -120.61
N ALA EA 92 58.56 -6.09 -120.50
CA ALA EA 92 58.93 -6.82 -119.29
C ALA EA 92 59.04 -5.88 -118.10
N LEU EA 93 59.60 -4.68 -118.30
CA LEU EA 93 59.72 -3.72 -117.22
C LEU EA 93 58.34 -3.30 -116.70
N GLN EA 94 57.39 -3.09 -117.61
CA GLN EA 94 56.04 -2.72 -117.19
C GLN EA 94 55.38 -3.84 -116.39
N GLU EA 95 55.57 -5.09 -116.81
CA GLU EA 95 54.97 -6.21 -116.11
C GLU EA 95 55.53 -6.32 -114.69
N ALA EA 96 56.84 -6.16 -114.54
CA ALA EA 96 57.45 -6.21 -113.21
C ALA EA 96 57.01 -5.03 -112.36
N SER EA 97 56.97 -3.83 -112.94
CA SER EA 97 56.58 -2.65 -112.18
C SER EA 97 55.13 -2.73 -111.72
N GLU EA 98 54.24 -3.21 -112.60
CA GLU EA 98 52.85 -3.36 -112.22
C GLU EA 98 52.69 -4.37 -111.09
N ALA EA 99 53.37 -5.52 -111.19
CA ALA EA 99 53.32 -6.51 -110.13
C ALA EA 99 53.92 -5.98 -108.84
N TYR EA 100 55.02 -5.23 -108.95
CA TYR EA 100 55.64 -4.63 -107.76
C TYR EA 100 54.69 -3.64 -107.10
N LEU EA 101 53.97 -2.84 -107.89
CA LEU EA 101 53.04 -1.87 -107.32
C LEU EA 101 51.80 -2.56 -106.76
N VAL EA 102 51.24 -3.51 -107.51
CA VAL EA 102 50.00 -4.17 -107.09
C VAL EA 102 50.22 -4.95 -105.81
N ALA EA 103 51.33 -5.69 -105.74
CA ALA EA 103 51.65 -6.41 -104.50
C ALA EA 103 51.88 -5.44 -103.35
N LEU EA 104 52.54 -4.31 -103.62
CA LEU EA 104 52.70 -3.29 -102.59
C LEU EA 104 51.36 -2.71 -102.18
N PHE EA 105 50.47 -2.47 -103.14
CA PHE EA 105 49.14 -1.97 -102.81
C PHE EA 105 48.37 -2.97 -101.95
N GLU EA 106 48.49 -4.27 -102.26
CA GLU EA 106 47.86 -5.28 -101.42
C GLU EA 106 48.43 -5.26 -100.01
N ASP EA 107 49.75 -5.13 -99.89
CA ASP EA 107 50.35 -4.98 -98.56
C ASP EA 107 49.95 -3.67 -97.92
N THR EA 108 49.82 -2.61 -98.71
CA THR EA 108 49.39 -1.32 -98.18
C THR EA 108 47.97 -1.40 -97.63
N ASN EA 109 47.09 -2.14 -98.30
CA ASN EA 109 45.72 -2.29 -97.82
C ASN EA 109 45.68 -2.98 -96.46
N LEU EA 110 46.60 -3.94 -96.24
CA LEU EA 110 46.65 -4.61 -94.96
C LEU EA 110 47.07 -3.66 -93.84
N CYS EA 111 47.90 -2.67 -94.15
CA CYS EA 111 48.30 -1.69 -93.15
C CYS EA 111 47.14 -0.78 -92.78
N ALA EA 112 46.32 -0.41 -93.77
CA ALA EA 112 45.21 0.52 -93.51
C ALA EA 112 44.19 -0.08 -92.56
N ILE EA 113 43.80 -1.34 -92.80
CA ILE EA 113 42.81 -1.98 -91.92
C ILE EA 113 43.40 -2.18 -90.53
N HIS EA 114 44.69 -2.47 -90.44
CA HIS EA 114 45.35 -2.60 -89.14
C HIS EA 114 45.31 -1.30 -88.36
N ALA EA 115 45.20 -0.16 -89.03
CA ALA EA 115 45.10 1.14 -88.37
C ALA EA 115 43.67 1.64 -88.26
N LYS EA 116 42.69 0.78 -88.54
CA LYS EA 116 41.27 1.10 -88.42
C LYS EA 116 40.89 2.26 -89.35
N ARG EA 117 41.14 2.04 -90.64
CA ARG EA 117 40.79 3.03 -91.66
C ARG EA 117 40.78 2.37 -93.03
N VAL EA 118 39.79 2.72 -93.85
CA VAL EA 118 39.72 2.21 -95.21
C VAL EA 118 40.80 2.85 -96.07
N THR EA 119 41.01 4.16 -95.92
CA THR EA 119 41.97 4.88 -96.73
C THR EA 119 43.40 4.42 -96.45
N ILE EA 120 44.22 4.40 -97.49
CA ILE EA 120 45.63 4.07 -97.38
C ILE EA 120 46.41 5.38 -97.41
N MET EA 121 46.85 5.83 -96.23
CA MET EA 121 47.60 7.07 -96.14
C MET EA 121 49.03 6.88 -96.68
N PRO EA 122 49.70 7.97 -97.05
CA PRO EA 122 51.09 7.84 -97.50
C PRO EA 122 52.02 7.23 -96.47
N LYS EA 123 51.67 7.27 -95.19
CA LYS EA 123 52.49 6.58 -94.19
C LYS EA 123 52.34 5.07 -94.29
N ASP EA 124 51.29 4.58 -94.94
CA ASP EA 124 51.11 3.13 -95.07
C ASP EA 124 52.12 2.53 -96.05
N ILE EA 125 52.30 3.16 -97.21
CA ILE EA 125 53.25 2.62 -98.18
C ILE EA 125 54.67 2.69 -97.64
N GLN EA 126 55.02 3.81 -97.00
CA GLN EA 126 56.36 3.95 -96.43
C GLN EA 126 56.60 2.88 -95.37
N LEU EA 127 55.60 2.62 -94.54
CA LEU EA 127 55.71 1.56 -93.55
C LEU EA 127 55.75 0.19 -94.22
N ALA EA 128 54.91 -0.01 -95.25
CA ALA EA 128 54.81 -1.33 -95.88
C ALA EA 128 56.14 -1.76 -96.49
N ARG EA 129 56.82 -0.85 -97.17
CA ARG EA 129 58.13 -1.16 -97.72
C ARG EA 129 59.21 -1.20 -96.64
N ARG EA 130 58.97 -0.61 -95.48
CA ARG EA 130 59.94 -0.67 -94.39
C ARG EA 130 59.97 -2.06 -93.77
N ILE EA 131 58.82 -2.65 -93.51
CA ILE EA 131 58.77 -3.99 -92.92
C ILE EA 131 59.34 -5.01 -93.91
N ARG EA 132 59.03 -4.86 -95.19
CA ARG EA 132 59.61 -5.70 -96.22
C ARG EA 132 61.08 -5.35 -96.43
N GLY EA 133 61.71 -6.01 -97.39
CA GLY EA 133 63.11 -5.74 -97.68
C GLY EA 133 63.37 -4.43 -98.39
N GLU EA 134 62.33 -3.67 -98.72
CA GLU EA 134 62.48 -2.40 -99.42
C GLU EA 134 62.87 -1.30 -98.44
N ARG EA 135 62.79 -0.06 -98.88
CA ARG EA 135 63.25 1.10 -98.10
C ARG EA 135 64.72 0.95 -97.73
N ALA EA 136 65.51 0.43 -98.66
CA ALA EA 136 66.94 0.27 -98.46
C ALA EA 136 67.64 0.15 -99.81
N PRO FA 39 32.07 -9.14 70.18
CA PRO FA 39 31.55 -10.50 70.39
C PRO FA 39 32.31 -11.25 71.48
N HIS FA 40 32.03 -10.92 72.73
CA HIS FA 40 32.65 -11.54 73.90
C HIS FA 40 34.15 -11.32 73.88
N ARG FA 41 34.86 -11.84 74.89
CA ARG FA 41 36.30 -11.68 75.08
C ARG FA 41 36.71 -10.22 75.20
N TYR FA 42 35.76 -9.33 75.43
CA TYR FA 42 36.05 -7.93 75.71
C TYR FA 42 36.30 -7.76 77.20
N ARG FA 43 36.32 -6.53 77.68
CA ARG FA 43 36.62 -6.28 79.08
C ARG FA 43 35.46 -5.58 79.75
N PRO FA 44 34.44 -6.33 80.20
CA PRO FA 44 33.29 -5.68 80.87
C PRO FA 44 33.64 -5.22 82.26
N GLY FA 45 34.39 -6.05 82.99
CA GLY FA 45 34.83 -5.69 84.33
C GLY FA 45 36.34 -5.69 84.44
N THR FA 46 37.01 -6.13 83.37
CA THR FA 46 38.47 -6.14 83.37
C THR FA 46 39.05 -4.74 83.25
N VAL FA 47 38.30 -3.81 82.66
CA VAL FA 47 38.73 -2.41 82.68
C VAL FA 47 38.75 -1.88 84.11
N ALA FA 48 37.79 -2.31 84.93
CA ALA FA 48 37.83 -1.96 86.34
C ALA FA 48 39.02 -2.61 87.02
N LEU FA 49 39.28 -3.89 86.72
CA LEU FA 49 40.41 -4.58 87.32
C LEU FA 49 41.73 -3.97 86.89
N ARG FA 50 41.85 -3.61 85.60
CA ARG FA 50 43.06 -2.97 85.13
C ARG FA 50 43.27 -1.61 85.79
N GLU FA 51 42.19 -0.83 85.93
CA GLU FA 51 42.30 0.46 86.61
C GLU FA 51 42.52 0.28 88.11
N ILE FA 52 41.87 -0.73 88.71
CA ILE FA 52 42.06 -1.01 90.13
C ILE FA 52 43.52 -1.38 90.41
N ARG FA 53 44.08 -2.25 89.57
CA ARG FA 53 45.47 -2.66 89.76
C ARG FA 53 46.42 -1.48 89.58
N ARG FA 54 46.15 -0.62 88.60
CA ARG FA 54 47.03 0.51 88.35
C ARG FA 54 46.89 1.58 89.42
N TYR FA 55 45.66 1.91 89.81
CA TYR FA 55 45.44 3.02 90.73
C TYR FA 55 45.83 2.64 92.16
N GLN FA 56 45.49 1.42 92.59
CA GLN FA 56 45.82 1.01 93.95
C GLN FA 56 47.31 0.73 94.13
N LYS FA 57 48.08 0.65 93.05
CA LYS FA 57 49.52 0.46 93.13
C LYS FA 57 50.30 1.76 93.13
N SER FA 58 49.81 2.80 92.45
CA SER FA 58 50.51 4.06 92.36
C SER FA 58 49.84 5.09 93.27
N THR FA 59 50.64 6.08 93.69
CA THR FA 59 50.17 7.17 94.54
C THR FA 59 50.28 8.47 93.75
N GLU FA 60 49.14 9.07 93.45
CA GLU FA 60 49.11 10.29 92.65
C GLU FA 60 47.78 10.99 92.88
N LEU FA 61 47.71 12.25 92.44
CA LEU FA 61 46.48 13.01 92.52
C LEU FA 61 45.54 12.59 91.40
N LEU FA 62 44.28 12.31 91.74
CA LEU FA 62 43.33 11.77 90.80
C LEU FA 62 42.39 12.83 90.23
N ILE FA 63 42.60 14.10 90.55
CA ILE FA 63 41.86 15.21 89.96
C ILE FA 63 42.86 16.25 89.47
N ARG FA 64 42.45 17.02 88.46
CA ARG FA 64 43.34 18.02 87.89
C ARG FA 64 43.58 19.16 88.86
N LYS FA 65 44.79 19.72 88.81
CA LYS FA 65 45.20 20.73 89.79
C LYS FA 65 44.59 22.10 89.49
N LEU FA 66 44.79 22.59 88.27
CA LEU FA 66 44.30 23.92 87.92
C LEU FA 66 42.78 24.04 88.03
N PRO FA 67 41.97 23.09 87.54
CA PRO FA 67 40.52 23.16 87.81
C PRO FA 67 40.19 23.13 89.30
N PHE FA 68 41.00 22.46 90.11
CA PHE FA 68 40.77 22.50 91.55
C PHE FA 68 41.13 23.86 92.14
N GLN FA 69 42.17 24.49 91.61
CA GLN FA 69 42.57 25.81 92.12
C GLN FA 69 41.49 26.85 91.87
N ARG FA 70 40.87 26.84 90.69
CA ARG FA 70 39.78 27.76 90.42
C ARG FA 70 38.55 27.39 91.23
N LEU FA 71 38.41 26.12 91.61
CA LEU FA 71 37.26 25.69 92.38
C LEU FA 71 37.31 26.20 93.81
N VAL FA 72 38.47 26.07 94.46
CA VAL FA 72 38.58 26.50 95.86
C VAL FA 72 38.49 28.01 95.96
N ARG FA 73 39.06 28.73 94.97
CA ARG FA 73 38.99 30.19 94.99
C ARG FA 73 37.54 30.67 94.87
N GLU FA 74 36.75 30.02 94.02
CA GLU FA 74 35.36 30.43 93.85
C GLU FA 74 34.57 30.25 95.13
N ILE FA 75 34.72 29.09 95.79
CA ILE FA 75 33.99 28.84 97.03
C ILE FA 75 34.46 29.79 98.12
N ALA FA 76 35.78 30.01 98.22
CA ALA FA 76 36.32 30.86 99.27
C ALA FA 76 36.00 32.33 99.01
N GLN FA 77 35.73 32.70 97.76
CA GLN FA 77 35.42 34.10 97.46
C GLN FA 77 34.07 34.52 98.04
N ASP FA 78 33.22 33.56 98.41
CA ASP FA 78 31.96 33.90 99.07
C ASP FA 78 32.18 34.47 100.46
N PHE FA 79 33.23 34.03 101.16
CA PHE FA 79 33.53 34.51 102.50
C PHE FA 79 34.44 35.73 102.51
N LYS FA 80 35.49 35.75 101.69
CA LYS FA 80 36.41 36.86 101.62
C LYS FA 80 36.59 37.28 100.16
N THR FA 81 36.86 38.57 99.96
CA THR FA 81 37.01 39.13 98.62
C THR FA 81 38.44 39.04 98.12
N ASP FA 82 39.38 39.66 98.84
CA ASP FA 82 40.79 39.64 98.45
C ASP FA 82 41.53 38.55 99.23
N LEU FA 83 41.20 37.32 98.90
CA LEU FA 83 41.79 36.14 99.53
C LEU FA 83 42.60 35.36 98.51
N ARG FA 84 43.76 34.87 98.93
CA ARG FA 84 44.65 34.11 98.07
C ARG FA 84 45.08 32.83 98.78
N PHE FA 85 45.57 31.88 97.99
CA PHE FA 85 45.99 30.57 98.48
C PHE FA 85 47.47 30.35 98.16
N GLN FA 86 48.19 29.75 99.09
CA GLN FA 86 49.55 29.34 98.84
C GLN FA 86 49.57 28.02 98.06
N SER FA 87 50.73 27.72 97.47
CA SER FA 87 50.87 26.50 96.69
C SER FA 87 50.66 25.26 97.55
N SER FA 88 51.22 25.25 98.76
CA SER FA 88 51.05 24.11 99.65
C SER FA 88 49.61 24.03 100.17
N ALA FA 89 48.96 25.18 100.36
CA ALA FA 89 47.60 25.19 100.87
C ALA FA 89 46.64 24.49 99.92
N VAL FA 90 46.76 24.76 98.63
CA VAL FA 90 45.91 24.09 97.63
C VAL FA 90 46.22 22.61 97.60
N MET FA 91 47.51 22.25 97.62
CA MET FA 91 47.90 20.84 97.58
C MET FA 91 47.41 20.11 98.81
N ALA FA 92 47.54 20.73 99.99
CA ALA FA 92 47.02 20.12 101.21
C ALA FA 92 45.51 19.96 101.16
N LEU FA 93 44.81 20.98 100.66
CA LEU FA 93 43.36 20.91 100.56
C LEU FA 93 42.94 19.85 99.54
N GLN FA 94 43.68 19.73 98.44
CA GLN FA 94 43.35 18.74 97.43
C GLN FA 94 43.53 17.31 97.95
N GLU FA 95 44.67 17.05 98.61
CA GLU FA 95 44.94 15.71 99.10
C GLU FA 95 43.93 15.29 100.17
N ALA FA 96 43.57 16.21 101.07
CA ALA FA 96 42.55 15.91 102.06
C ALA FA 96 41.20 15.63 101.40
N SER FA 97 40.84 16.43 100.40
CA SER FA 97 39.59 16.21 99.69
C SER FA 97 39.60 14.89 98.93
N GLU FA 98 40.72 14.58 98.27
CA GLU FA 98 40.82 13.31 97.54
C GLU FA 98 40.74 12.12 98.49
N ALA FA 99 41.44 12.19 99.62
CA ALA FA 99 41.41 11.11 100.60
C ALA FA 99 40.02 10.95 101.19
N TYR FA 100 39.32 12.06 101.43
CA TYR FA 100 37.95 11.98 101.94
C TYR FA 100 37.04 11.30 100.92
N LEU FA 101 37.20 11.62 99.64
CA LEU FA 101 36.33 11.06 98.61
C LEU FA 101 36.53 9.56 98.46
N VAL FA 102 37.79 9.11 98.40
CA VAL FA 102 38.06 7.68 98.22
C VAL FA 102 37.63 6.91 99.46
N ALA FA 103 37.80 7.49 100.65
CA ALA FA 103 37.29 6.87 101.86
C ALA FA 103 35.77 6.77 101.83
N LEU FA 104 35.10 7.81 101.35
CA LEU FA 104 33.66 7.75 101.17
C LEU FA 104 33.28 6.73 100.11
N PHE FA 105 34.09 6.61 99.06
CA PHE FA 105 33.81 5.63 98.01
C PHE FA 105 33.89 4.21 98.55
N GLU FA 106 34.84 3.95 99.46
CA GLU FA 106 34.91 2.63 100.08
C GLU FA 106 33.63 2.34 100.87
N ASP FA 107 33.16 3.32 101.65
CA ASP FA 107 31.89 3.15 102.35
C ASP FA 107 30.73 3.08 101.37
N THR FA 108 30.77 3.87 100.31
CA THR FA 108 29.71 3.83 99.30
C THR FA 108 29.68 2.47 98.60
N ASN FA 109 30.85 1.92 98.27
CA ASN FA 109 30.90 0.61 97.64
C ASN FA 109 30.37 -0.47 98.57
N LEU FA 110 30.72 -0.40 99.85
CA LEU FA 110 30.20 -1.37 100.82
C LEU FA 110 28.69 -1.22 101.00
N CYS FA 111 28.16 -0.02 100.74
CA CYS FA 111 26.71 0.16 100.79
C CYS FA 111 26.02 -0.61 99.66
N ALA FA 112 26.64 -0.66 98.49
CA ALA FA 112 26.04 -1.33 97.35
C ALA FA 112 26.02 -2.85 97.55
N ILE FA 113 27.12 -3.41 98.03
CA ILE FA 113 27.19 -4.87 98.21
C ILE FA 113 26.19 -5.32 99.26
N HIS FA 114 25.84 -4.45 100.21
CA HIS FA 114 24.80 -4.79 101.17
C HIS FA 114 23.45 -5.00 100.50
N ALA FA 115 23.18 -4.26 99.43
CA ALA FA 115 21.96 -4.41 98.65
C ALA FA 115 22.14 -5.32 97.44
N LYS FA 116 23.10 -6.25 97.49
CA LYS FA 116 23.38 -7.18 96.40
C LYS FA 116 23.66 -6.45 95.09
N ARG FA 117 24.46 -5.37 95.18
CA ARG FA 117 24.78 -4.55 94.04
C ARG FA 117 26.28 -4.29 93.99
N VAL FA 118 26.82 -4.15 92.78
CA VAL FA 118 28.18 -3.68 92.57
C VAL FA 118 28.22 -2.33 91.87
N THR FA 119 27.06 -1.74 91.61
CA THR FA 119 26.96 -0.42 90.99
C THR FA 119 26.63 0.62 92.05
N ILE FA 120 27.23 1.79 91.92
CA ILE FA 120 27.07 2.86 92.90
C ILE FA 120 25.95 3.78 92.45
N MET FA 121 25.01 4.04 93.35
CA MET FA 121 23.83 4.85 93.11
C MET FA 121 23.70 5.88 94.23
N PRO FA 122 22.94 6.95 94.00
CA PRO FA 122 22.78 7.96 95.06
C PRO FA 122 22.17 7.42 96.34
N LYS FA 123 21.50 6.26 96.28
CA LYS FA 123 21.00 5.63 97.50
C LYS FA 123 22.15 5.27 98.43
N ASP FA 124 23.26 4.77 97.88
CA ASP FA 124 24.40 4.35 98.69
C ASP FA 124 25.00 5.54 99.43
N ILE FA 125 25.15 6.68 98.76
CA ILE FA 125 25.78 7.84 99.39
C ILE FA 125 24.89 8.42 100.48
N GLN FA 126 23.57 8.18 100.39
CA GLN FA 126 22.67 8.65 101.45
C GLN FA 126 22.95 7.93 102.76
N LEU FA 127 23.15 6.62 102.72
CA LEU FA 127 23.39 5.87 103.94
C LEU FA 127 24.80 6.09 104.46
N ALA FA 128 25.79 6.14 103.57
CA ALA FA 128 27.18 6.23 104.00
C ALA FA 128 27.45 7.53 104.76
N ARG FA 129 26.92 8.64 104.28
CA ARG FA 129 27.18 9.93 104.94
C ARG FA 129 26.35 10.09 106.20
N ARG FA 130 25.11 9.59 106.20
CA ARG FA 130 24.22 9.83 107.33
C ARG FA 130 24.69 9.09 108.58
N ILE FA 131 25.00 7.80 108.45
CA ILE FA 131 25.42 7.04 109.62
C ILE FA 131 26.81 7.46 110.07
N ARG FA 132 27.61 8.05 109.19
CA ARG FA 132 28.91 8.57 109.55
C ARG FA 132 28.79 10.01 110.01
N GLY FA 133 27.89 10.27 110.97
CA GLY FA 133 27.66 11.63 111.42
C GLY FA 133 27.18 12.51 110.29
N GLU FA 134 27.85 13.66 110.13
CA GLU FA 134 27.61 14.58 109.02
C GLU FA 134 26.18 15.10 109.02
N ARG FA 135 25.34 14.58 108.12
CA ARG FA 135 23.99 15.12 107.96
C ARG FA 135 23.13 14.89 109.21
N ALA FA 136 23.38 13.81 109.93
CA ALA FA 136 22.61 13.51 111.13
C ALA FA 136 23.48 13.56 112.38
N ARG GA 43 48.36 -33.82 -36.47
CA ARG GA 43 48.99 -35.13 -36.26
C ARG GA 43 48.25 -36.32 -36.90
N PRO GA 44 46.90 -36.34 -36.86
CA PRO GA 44 46.19 -37.41 -37.57
C PRO GA 44 46.56 -37.46 -39.05
N GLY GA 45 46.80 -38.67 -39.54
CA GLY GA 45 47.17 -38.89 -40.92
C GLY GA 45 48.63 -38.68 -41.25
N THR GA 46 49.45 -38.28 -40.29
CA THR GA 46 50.86 -38.01 -40.57
C THR GA 46 51.63 -39.29 -40.87
N VAL GA 47 51.47 -40.31 -40.02
CA VAL GA 47 52.19 -41.56 -40.21
C VAL GA 47 51.60 -42.42 -41.30
N ALA GA 48 50.41 -42.06 -41.80
CA ALA GA 48 49.86 -42.77 -42.95
C ALA GA 48 50.76 -42.60 -44.17
N LEU GA 49 51.27 -41.39 -44.38
CA LEU GA 49 52.26 -41.17 -45.44
C LEU GA 49 53.54 -41.95 -45.16
N ARG GA 50 53.95 -42.01 -43.89
CA ARG GA 50 55.11 -42.81 -43.52
C ARG GA 50 54.89 -44.27 -43.84
N GLU GA 51 53.67 -44.76 -43.66
CA GLU GA 51 53.36 -46.15 -43.98
C GLU GA 51 53.52 -46.43 -45.47
N ILE GA 52 53.31 -45.42 -46.32
CA ILE GA 52 53.47 -45.60 -47.76
C ILE GA 52 54.93 -45.95 -48.09
N ARG GA 53 55.87 -45.25 -47.46
CA ARG GA 53 57.28 -45.47 -47.75
C ARG GA 53 57.71 -46.89 -47.37
N ARG GA 54 57.29 -47.36 -46.20
CA ARG GA 54 57.72 -48.67 -45.72
C ARG GA 54 57.05 -49.80 -46.51
N TYR GA 55 55.74 -49.69 -46.72
CA TYR GA 55 55.00 -50.82 -47.27
C TYR GA 55 55.23 -51.01 -48.76
N GLN GA 56 55.70 -49.98 -49.45
CA GLN GA 56 55.87 -50.04 -50.90
C GLN GA 56 57.29 -50.43 -51.31
N LYS GA 57 58.15 -50.80 -50.38
CA LYS GA 57 59.49 -51.30 -50.66
C LYS GA 57 59.85 -52.45 -49.73
N SER GA 58 58.84 -53.22 -49.30
CA SER GA 58 59.04 -54.18 -48.23
C SER GA 58 59.02 -55.62 -48.71
N THR GA 59 58.21 -55.93 -49.73
CA THR GA 59 58.14 -57.27 -50.33
C THR GA 59 57.75 -58.33 -49.30
N GLU GA 60 56.51 -58.21 -48.79
CA GLU GA 60 55.98 -59.20 -47.87
C GLU GA 60 54.48 -59.26 -48.02
N LEU GA 61 53.85 -60.14 -47.24
CA LEU GA 61 52.41 -60.28 -47.21
C LEU GA 61 51.85 -59.65 -45.95
N LEU GA 62 50.71 -58.98 -46.11
CA LEU GA 62 50.08 -58.23 -45.02
C LEU GA 62 48.98 -58.99 -44.31
N ILE GA 63 48.25 -59.85 -45.01
CA ILE GA 63 47.20 -60.64 -44.38
C ILE GA 63 47.82 -61.76 -43.57
N ARG GA 64 47.30 -61.98 -42.37
CA ARG GA 64 47.80 -63.05 -41.51
C ARG GA 64 47.67 -64.40 -42.20
N LYS GA 65 48.74 -65.19 -42.14
CA LYS GA 65 48.79 -66.42 -42.94
C LYS GA 65 47.92 -67.51 -42.34
N LEU GA 66 47.89 -67.64 -41.01
CA LEU GA 66 47.09 -68.70 -40.39
C LEU GA 66 45.59 -68.52 -40.60
N PRO GA 67 44.99 -67.34 -40.39
CA PRO GA 67 43.57 -67.19 -40.75
C PRO GA 67 43.30 -67.45 -42.22
N PHE GA 68 44.24 -67.09 -43.10
CA PHE GA 68 44.07 -67.39 -44.52
C PHE GA 68 44.17 -68.89 -44.77
N GLN GA 69 45.01 -69.58 -44.00
CA GLN GA 69 45.15 -71.03 -44.17
C GLN GA 69 43.84 -71.74 -43.86
N ARG GA 70 43.14 -71.31 -42.80
CA ARG GA 70 41.84 -71.90 -42.49
C ARG GA 70 40.76 -71.38 -43.44
N LEU GA 71 41.01 -70.22 -44.06
CA LEU GA 71 39.98 -69.62 -44.92
C LEU GA 71 39.86 -70.38 -46.24
N VAL GA 72 40.99 -70.78 -46.82
CA VAL GA 72 40.94 -71.53 -48.08
C VAL GA 72 40.32 -72.89 -47.88
N ARG GA 73 40.53 -73.51 -46.72
CA ARG GA 73 39.92 -74.82 -46.44
C ARG GA 73 38.40 -74.72 -46.40
N GLU GA 74 37.87 -73.68 -45.75
CA GLU GA 74 36.43 -73.53 -45.61
C GLU GA 74 35.76 -73.36 -46.97
N ILE GA 75 36.34 -72.53 -47.83
CA ILE GA 75 35.75 -72.30 -49.16
C ILE GA 75 35.83 -73.56 -50.00
N ALA GA 76 36.98 -74.25 -49.96
CA ALA GA 76 37.16 -75.43 -50.80
C ALA GA 76 36.32 -76.60 -50.30
N GLN GA 77 36.10 -76.70 -48.99
CA GLN GA 77 35.41 -77.85 -48.43
C GLN GA 77 33.96 -77.92 -48.91
N ASP GA 78 33.30 -76.77 -49.03
CA ASP GA 78 31.90 -76.77 -49.45
C ASP GA 78 31.74 -77.31 -50.87
N PHE GA 79 32.66 -76.95 -51.77
CA PHE GA 79 32.60 -77.45 -53.14
C PHE GA 79 32.83 -78.95 -53.18
N LYS GA 80 33.90 -79.42 -52.56
CA LYS GA 80 34.19 -80.85 -52.46
C LYS GA 80 34.88 -81.11 -51.13
N THR GA 81 34.68 -82.33 -50.61
CA THR GA 81 35.19 -82.69 -49.30
C THR GA 81 36.55 -83.37 -49.41
N ASP GA 82 37.28 -83.35 -48.30
CA ASP GA 82 38.59 -84.01 -48.18
C ASP GA 82 39.58 -83.50 -49.22
N LEU GA 83 39.90 -82.22 -49.12
CA LEU GA 83 40.87 -81.57 -49.99
C LEU GA 83 42.13 -81.26 -49.20
N ARG GA 84 43.26 -81.77 -49.67
CA ARG GA 84 44.55 -81.54 -49.02
C ARG GA 84 45.28 -80.40 -49.73
N PHE GA 85 45.78 -79.45 -48.96
CA PHE GA 85 46.48 -78.29 -49.50
C PHE GA 85 47.99 -78.50 -49.44
N GLN GA 86 48.71 -77.57 -50.05
CA GLN GA 86 50.16 -77.60 -50.10
C GLN GA 86 50.71 -76.25 -49.66
N SER GA 87 51.97 -76.26 -49.22
CA SER GA 87 52.60 -75.03 -48.75
C SER GA 87 52.68 -73.99 -49.87
N SER GA 88 53.06 -74.43 -51.08
CA SER GA 88 53.13 -73.51 -52.21
C SER GA 88 51.74 -73.04 -52.63
N ALA GA 89 50.73 -73.92 -52.52
CA ALA GA 89 49.39 -73.55 -52.93
C ALA GA 89 48.83 -72.41 -52.08
N VAL GA 90 49.08 -72.44 -50.77
CA VAL GA 90 48.57 -71.39 -49.89
C VAL GA 90 49.22 -70.06 -50.22
N MET GA 91 50.55 -70.06 -50.38
CA MET GA 91 51.26 -68.81 -50.67
C MET GA 91 50.90 -68.27 -52.04
N ALA GA 92 50.75 -69.15 -53.04
CA ALA GA 92 50.36 -68.71 -54.36
C ALA GA 92 48.98 -68.10 -54.36
N LEU GA 93 48.04 -68.72 -53.64
CA LEU GA 93 46.69 -68.18 -53.56
C LEU GA 93 46.66 -66.87 -52.80
N GLN GA 94 47.44 -66.77 -51.72
CA GLN GA 94 47.46 -65.55 -50.92
C GLN GA 94 48.06 -64.39 -51.69
N GLU GA 95 49.13 -64.63 -52.45
CA GLU GA 95 49.80 -63.56 -53.17
C GLU GA 95 48.89 -62.94 -54.22
N ALA GA 96 48.14 -63.77 -54.95
CA ALA GA 96 47.23 -63.24 -55.96
C ALA GA 96 46.11 -62.42 -55.31
N SER GA 97 45.60 -62.87 -54.16
CA SER GA 97 44.53 -62.14 -53.49
C SER GA 97 45.04 -60.79 -52.96
N GLU GA 98 46.22 -60.79 -52.37
CA GLU GA 98 46.76 -59.53 -51.84
C GLU GA 98 47.05 -58.54 -52.95
N ALA GA 99 47.63 -59.00 -54.05
CA ALA GA 99 47.92 -58.10 -55.16
C ALA GA 99 46.64 -57.57 -55.79
N TYR GA 100 45.59 -58.40 -55.83
CA TYR GA 100 44.30 -57.95 -56.33
C TYR GA 100 43.74 -56.84 -55.47
N LEU GA 101 43.86 -56.97 -54.14
CA LEU GA 101 43.39 -55.91 -53.25
C LEU GA 101 44.19 -54.63 -53.43
N VAL GA 102 45.51 -54.75 -53.58
CA VAL GA 102 46.34 -53.57 -53.78
C VAL GA 102 45.97 -52.87 -55.09
N ALA GA 103 45.78 -53.64 -56.16
CA ALA GA 103 45.33 -53.05 -57.42
C ALA GA 103 43.95 -52.43 -57.28
N LEU GA 104 43.04 -53.10 -56.56
CA LEU GA 104 41.72 -52.55 -56.33
C LEU GA 104 41.78 -51.27 -55.51
N PHE GA 105 42.62 -51.24 -54.48
CA PHE GA 105 42.73 -50.06 -53.63
C PHE GA 105 43.26 -48.86 -54.40
N GLU GA 106 44.20 -49.10 -55.32
CA GLU GA 106 44.71 -48.00 -56.14
C GLU GA 106 43.61 -47.44 -57.03
N ASP GA 107 42.76 -48.30 -57.59
CA ASP GA 107 41.64 -47.82 -58.39
C ASP GA 107 40.68 -46.99 -57.55
N THR GA 108 40.40 -47.44 -56.33
CA THR GA 108 39.53 -46.66 -55.44
C THR GA 108 40.19 -45.36 -55.01
N ASN GA 109 41.53 -45.31 -54.99
CA ASN GA 109 42.21 -44.06 -54.67
C ASN GA 109 41.89 -42.99 -55.70
N LEU GA 110 41.89 -43.35 -56.98
CA LEU GA 110 41.53 -42.39 -58.01
C LEU GA 110 40.06 -42.01 -57.96
N CYS GA 111 39.22 -42.86 -57.38
CA CYS GA 111 37.82 -42.53 -57.19
C CYS GA 111 37.64 -41.48 -56.10
N ALA GA 112 38.48 -41.51 -55.07
CA ALA GA 112 38.36 -40.54 -53.98
C ALA GA 112 38.72 -39.13 -54.45
N ILE GA 113 39.84 -39.00 -55.16
CA ILE GA 113 40.25 -37.68 -55.65
C ILE GA 113 39.25 -37.16 -56.67
N HIS GA 114 38.57 -38.06 -57.40
CA HIS GA 114 37.55 -37.63 -58.35
C HIS GA 114 36.40 -36.92 -57.65
N ALA GA 115 35.98 -37.45 -56.50
CA ALA GA 115 34.87 -36.87 -55.74
C ALA GA 115 35.34 -35.89 -54.67
N LYS GA 116 36.52 -35.29 -54.83
CA LYS GA 116 37.06 -34.34 -53.86
C LYS GA 116 37.14 -34.95 -52.47
N ARG GA 117 37.58 -36.20 -52.40
CA ARG GA 117 37.61 -36.95 -51.15
C ARG GA 117 39.00 -37.52 -50.92
N VAL GA 118 39.29 -37.81 -49.66
CA VAL GA 118 40.53 -38.47 -49.27
C VAL GA 118 40.30 -39.88 -48.74
N THR GA 119 39.09 -40.22 -48.32
CA THR GA 119 38.78 -41.53 -47.79
C THR GA 119 38.16 -42.41 -48.87
N ILE GA 120 38.29 -43.72 -48.69
CA ILE GA 120 37.65 -44.71 -49.55
C ILE GA 120 36.36 -45.15 -48.87
N MET GA 121 35.26 -44.53 -49.27
CA MET GA 121 33.93 -44.99 -48.92
C MET GA 121 33.62 -46.26 -49.69
N PRO GA 122 32.63 -47.03 -49.26
CA PRO GA 122 32.22 -48.22 -50.05
C PRO GA 122 31.78 -47.87 -51.46
N LYS GA 123 31.45 -46.61 -51.73
CA LYS GA 123 31.10 -46.19 -53.09
C LYS GA 123 32.27 -46.39 -54.04
N ASP GA 124 33.49 -46.09 -53.60
CA ASP GA 124 34.65 -46.22 -54.47
C ASP GA 124 34.87 -47.67 -54.91
N ILE GA 125 34.74 -48.61 -53.98
CA ILE GA 125 34.96 -50.02 -54.30
C ILE GA 125 33.88 -50.52 -55.26
N GLN GA 126 32.62 -50.14 -55.01
CA GLN GA 126 31.54 -50.59 -55.88
C GLN GA 126 31.71 -50.07 -57.30
N LEU GA 127 32.09 -48.79 -57.44
CA LEU GA 127 32.29 -48.23 -58.77
C LEU GA 127 33.46 -48.89 -59.49
N ALA GA 128 34.56 -49.13 -58.77
CA ALA GA 128 35.75 -49.72 -59.39
C ALA GA 128 35.46 -51.13 -59.91
N ARG GA 129 34.70 -51.91 -59.15
CA ARG GA 129 34.38 -53.28 -59.58
C ARG GA 129 33.53 -53.27 -60.85
N ARG GA 130 32.59 -52.35 -60.95
CA ARG GA 130 31.72 -52.30 -62.14
C ARG GA 130 32.48 -51.81 -63.35
N ILE GA 131 33.29 -50.75 -63.20
CA ILE GA 131 34.01 -50.19 -64.33
C ILE GA 131 35.06 -51.17 -64.85
N ARG GA 132 35.77 -51.83 -63.94
CA ARG GA 132 36.76 -52.83 -64.34
C ARG GA 132 36.12 -54.08 -64.92
N GLY GA 133 34.81 -54.26 -64.72
CA GLY GA 133 34.12 -55.44 -65.21
C GLY GA 133 34.26 -56.67 -64.36
N GLU GA 134 34.91 -56.57 -63.20
CA GLU GA 134 35.07 -57.72 -62.33
C GLU GA 134 33.80 -58.06 -61.57
N ARG GA 135 32.93 -57.07 -61.32
CA ARG GA 135 31.70 -57.32 -60.58
C ARG GA 135 30.74 -58.22 -61.36
N ALA GA 136 30.72 -58.12 -62.68
CA ALA GA 136 29.84 -58.94 -63.49
C ALA GA 136 30.43 -59.19 -64.88
N PRO HA 39 -29.72 14.21 85.28
CA PRO HA 39 -29.18 15.51 85.68
C PRO HA 39 -28.97 16.45 84.49
N HIS HA 40 -28.80 17.74 84.78
CA HIS HA 40 -28.58 18.75 83.74
C HIS HA 40 -27.29 19.49 84.05
N ARG HA 41 -26.30 19.33 83.17
CA ARG HA 41 -25.03 20.03 83.27
C ARG HA 41 -24.91 21.01 82.11
N TYR HA 42 -24.54 22.25 82.41
CA TYR HA 42 -24.46 23.28 81.38
C TYR HA 42 -23.36 22.95 80.38
N ARG HA 43 -23.61 23.30 79.12
CA ARG HA 43 -22.67 23.00 78.05
C ARG HA 43 -21.37 23.77 78.26
N PRO HA 44 -20.24 23.25 77.76
CA PRO HA 44 -18.95 23.91 77.99
C PRO HA 44 -18.94 25.33 77.43
N GLY HA 45 -18.34 26.24 78.21
CA GLY HA 45 -18.23 27.62 77.83
C GLY HA 45 -19.45 28.46 78.16
N THR HA 46 -20.59 27.84 78.48
CA THR HA 46 -21.80 28.60 78.76
C THR HA 46 -21.75 29.25 80.14
N VAL HA 47 -21.06 28.62 81.10
CA VAL HA 47 -20.97 29.19 82.44
C VAL HA 47 -20.21 30.51 82.41
N ALA HA 48 -19.31 30.67 81.45
CA ALA HA 48 -18.59 31.93 81.31
C ALA HA 48 -19.47 33.00 80.66
N LEU HA 49 -20.34 32.58 79.73
CA LEU HA 49 -21.16 33.54 79.01
C LEU HA 49 -22.15 34.24 79.93
N ARG HA 50 -22.87 33.47 80.76
CA ARG HA 50 -23.84 34.08 81.66
C ARG HA 50 -23.14 34.93 82.72
N GLU HA 51 -21.96 34.50 83.17
CA GLU HA 51 -21.22 35.26 84.16
C GLU HA 51 -20.62 36.52 83.55
N ILE HA 52 -20.26 36.47 82.27
CA ILE HA 52 -19.62 37.63 81.63
C ILE HA 52 -20.60 38.79 81.53
N ARG HA 53 -21.90 38.49 81.44
CA ARG HA 53 -22.89 39.56 81.43
C ARG HA 53 -23.08 40.13 82.83
N ARG HA 54 -23.10 39.26 83.85
CA ARG HA 54 -23.39 39.71 85.21
C ARG HA 54 -22.23 40.52 85.78
N TYR HA 55 -21.00 40.01 85.65
CA TYR HA 55 -19.86 40.65 86.30
C TYR HA 55 -19.48 41.95 85.62
N GLN HA 56 -19.57 42.02 84.30
CA GLN HA 56 -19.29 43.28 83.60
C GLN HA 56 -20.40 44.30 83.81
N LYS HA 57 -21.56 43.87 84.32
CA LYS HA 57 -22.63 44.79 84.69
C LYS HA 57 -22.66 45.09 86.18
N SER HA 58 -21.71 44.58 86.95
CA SER HA 58 -21.71 44.71 88.39
C SER HA 58 -20.76 45.81 88.85
N THR HA 59 -21.03 46.36 90.04
CA THR HA 59 -20.21 47.38 90.65
C THR HA 59 -19.64 46.98 92.00
N GLU HA 60 -20.14 45.91 92.62
CA GLU HA 60 -19.72 45.51 93.95
C GLU HA 60 -18.31 44.93 93.94
N LEU HA 61 -17.67 44.96 95.10
CA LEU HA 61 -16.37 44.32 95.25
C LEU HA 61 -16.52 42.81 95.24
N LEU HA 62 -15.63 42.14 94.52
CA LEU HA 62 -15.68 40.69 94.39
C LEU HA 62 -14.87 39.95 95.43
N ILE HA 63 -13.74 40.51 95.86
CA ILE HA 63 -12.98 39.94 96.97
C ILE HA 63 -13.72 40.23 98.27
N ARG HA 64 -13.92 39.18 99.07
CA ARG HA 64 -14.61 39.36 100.34
C ARG HA 64 -13.85 40.31 101.23
N LYS HA 65 -14.57 41.27 101.83
CA LYS HA 65 -13.93 42.36 102.56
C LYS HA 65 -13.18 41.86 103.78
N LEU HA 66 -13.76 40.91 104.51
CA LEU HA 66 -13.14 40.45 105.76
C LEU HA 66 -11.77 39.82 105.54
N PRO HA 67 -11.58 38.88 104.59
CA PRO HA 67 -10.22 38.39 104.36
C PRO HA 67 -9.25 39.48 103.91
N PHE HA 68 -9.72 40.46 103.13
CA PHE HA 68 -8.84 41.53 102.67
C PHE HA 68 -8.48 42.47 103.81
N GLN HA 69 -9.44 42.76 104.68
CA GLN HA 69 -9.16 43.63 105.82
C GLN HA 69 -8.12 43.01 106.74
N ARG HA 70 -8.22 41.71 107.01
CA ARG HA 70 -7.24 41.03 107.84
C ARG HA 70 -5.90 40.93 107.13
N LEU HA 71 -5.89 40.76 105.81
CA LEU HA 71 -4.66 40.69 105.06
C LEU HA 71 -3.88 42.00 105.15
N VAL HA 72 -4.59 43.14 105.03
CA VAL HA 72 -3.92 44.44 105.10
C VAL HA 72 -3.33 44.66 106.49
N ARG HA 73 -4.06 44.26 107.53
CA ARG HA 73 -3.60 44.51 108.89
C ARG HA 73 -2.28 43.79 109.17
N GLU HA 74 -2.17 42.53 108.76
CA GLU HA 74 -0.93 41.80 108.99
C GLU HA 74 0.21 42.38 108.17
N ILE HA 75 -0.06 42.79 106.93
CA ILE HA 75 0.99 43.36 106.09
C ILE HA 75 1.53 44.64 106.69
N ALA HA 76 0.64 45.51 107.16
CA ALA HA 76 1.08 46.78 107.73
C ALA HA 76 1.72 46.60 109.10
N GLN HA 77 1.40 45.51 109.79
CA GLN HA 77 1.96 45.29 111.13
C GLN HA 77 3.47 45.11 111.08
N ASP HA 78 3.97 44.38 110.07
CA ASP HA 78 5.40 44.13 109.97
C ASP HA 78 6.18 45.44 109.76
N PHE HA 79 5.67 46.32 108.90
CA PHE HA 79 6.34 47.60 108.68
C PHE HA 79 6.25 48.50 109.90
N LYS HA 80 5.10 48.51 110.58
CA LYS HA 80 4.92 49.32 111.76
C LYS HA 80 3.84 48.69 112.64
N THR HA 81 4.17 48.46 113.91
CA THR HA 81 3.22 47.89 114.84
C THR HA 81 2.31 48.96 115.41
N ASP HA 82 1.25 48.51 116.10
CA ASP HA 82 0.28 49.40 116.74
C ASP HA 82 -0.35 50.35 115.74
N LEU HA 83 -1.06 49.79 114.76
CA LEU HA 83 -1.73 50.55 113.72
C LEU HA 83 -3.22 50.31 113.75
N ARG HA 84 -3.98 51.31 113.33
CA ARG HA 84 -5.44 51.23 113.24
C ARG HA 84 -5.87 51.53 111.82
N PHE HA 85 -7.07 51.06 111.47
CA PHE HA 85 -7.61 51.23 110.14
C PHE HA 85 -9.08 51.60 110.22
N GLN HA 86 -9.51 52.50 109.34
CA GLN HA 86 -10.93 52.77 109.17
C GLN HA 86 -11.49 51.92 108.03
N SER HA 87 -12.81 51.75 108.03
CA SER HA 87 -13.44 50.92 107.02
C SER HA 87 -13.26 51.50 105.62
N SER HA 88 -13.22 52.83 105.50
CA SER HA 88 -13.03 53.45 104.20
C SER HA 88 -11.62 53.24 103.67
N ALA HA 89 -10.63 53.24 104.56
CA ALA HA 89 -9.24 53.06 104.14
C ALA HA 89 -9.02 51.68 103.52
N VAL HA 90 -9.59 50.65 104.14
CA VAL HA 90 -9.47 49.29 103.59
C VAL HA 90 -10.20 49.21 102.25
N MET HA 91 -11.38 49.81 102.16
CA MET HA 91 -12.13 49.79 100.90
C MET HA 91 -11.37 50.52 99.80
N ALA HA 92 -10.75 51.64 100.12
CA ALA HA 92 -9.98 52.38 99.12
C ALA HA 92 -8.81 51.55 98.61
N LEU HA 93 -8.10 50.87 99.50
CA LEU HA 93 -7.04 49.97 99.07
C LEU HA 93 -7.58 48.79 98.29
N GLN HA 94 -8.73 48.26 98.72
CA GLN HA 94 -9.32 47.11 98.05
C GLN HA 94 -9.82 47.47 96.65
N GLU HA 95 -10.52 48.60 96.55
CA GLU HA 95 -11.15 48.97 95.28
C GLU HA 95 -10.11 49.19 94.19
N ALA HA 96 -8.99 49.84 94.53
CA ALA HA 96 -7.92 50.01 93.56
C ALA HA 96 -7.34 48.66 93.14
N SER HA 97 -7.17 47.74 94.10
CA SER HA 97 -6.66 46.42 93.77
C SER HA 97 -7.66 45.61 92.97
N GLU HA 98 -8.95 45.85 93.19
CA GLU HA 98 -9.98 45.14 92.43
C GLU HA 98 -9.87 45.46 90.94
N ALA HA 99 -9.81 46.75 90.60
CA ALA HA 99 -9.70 47.12 89.19
C ALA HA 99 -8.30 46.85 88.65
N TYR HA 100 -7.29 46.85 89.52
CA TYR HA 100 -5.93 46.56 89.09
C TYR HA 100 -5.82 45.13 88.57
N LEU HA 101 -6.44 44.18 89.27
CA LEU HA 101 -6.40 42.78 88.84
C LEU HA 101 -7.31 42.55 87.64
N VAL HA 102 -8.48 43.19 87.63
CA VAL HA 102 -9.40 43.05 86.50
C VAL HA 102 -8.76 43.59 85.22
N ALA HA 103 -8.11 44.75 85.30
CA ALA HA 103 -7.40 45.28 84.15
C ALA HA 103 -6.28 44.36 83.72
N LEU HA 104 -5.60 43.74 84.69
CA LEU HA 104 -4.58 42.74 84.36
C LEU HA 104 -5.19 41.55 83.63
N PHE HA 105 -6.35 41.08 84.09
CA PHE HA 105 -7.03 39.98 83.40
C PHE HA 105 -7.47 40.38 82.00
N GLU HA 106 -7.95 41.62 81.84
CA GLU HA 106 -8.32 42.10 80.52
C GLU HA 106 -7.10 42.17 79.60
N ASP HA 107 -5.97 42.63 80.13
CA ASP HA 107 -4.75 42.70 79.31
C ASP HA 107 -4.25 41.32 78.92
N THR HA 108 -4.31 40.36 79.85
CA THR HA 108 -3.82 39.02 79.56
C THR HA 108 -4.73 38.30 78.56
N ASN HA 109 -5.99 38.72 78.47
CA ASN HA 109 -6.90 38.14 77.49
C ASN HA 109 -6.40 38.40 76.07
N LEU HA 110 -5.91 39.61 75.82
CA LEU HA 110 -5.30 39.90 74.53
C LEU HA 110 -4.00 39.13 74.33
N CYS HA 111 -3.28 38.85 75.42
CA CYS HA 111 -2.08 38.02 75.32
C CYS HA 111 -2.43 36.57 75.01
N ALA HA 112 -3.51 36.06 75.60
CA ALA HA 112 -3.89 34.67 75.38
C ALA HA 112 -4.27 34.43 73.93
N ILE HA 113 -5.08 35.32 73.34
CA ILE HA 113 -5.46 35.15 71.94
C ILE HA 113 -4.25 35.32 71.03
N HIS HA 114 -3.26 36.11 71.47
CA HIS HA 114 -2.01 36.21 70.71
C HIS HA 114 -1.27 34.88 70.69
N ALA HA 115 -1.28 34.17 71.82
CA ALA HA 115 -0.67 32.85 71.93
C ALA HA 115 -1.55 31.74 71.35
N LYS HA 116 -2.59 32.09 70.61
CA LYS HA 116 -3.50 31.16 69.97
C LYS HA 116 -4.18 30.23 70.95
N ARG HA 117 -4.46 30.71 72.16
CA ARG HA 117 -5.14 29.93 73.19
C ARG HA 117 -6.27 30.75 73.81
N VAL HA 118 -7.25 30.04 74.36
CA VAL HA 118 -8.39 30.67 75.02
C VAL HA 118 -8.21 30.70 76.53
N THR HA 119 -7.04 30.29 77.04
CA THR HA 119 -6.79 30.19 78.46
C THR HA 119 -5.68 31.15 78.87
N ILE HA 120 -5.75 31.62 80.11
CA ILE HA 120 -4.74 32.48 80.69
C ILE HA 120 -3.74 31.61 81.45
N MET HA 121 -2.48 31.77 81.13
CA MET HA 121 -1.38 31.09 81.80
C MET HA 121 -0.57 32.09 82.61
N PRO HA 122 0.11 31.64 83.67
CA PRO HA 122 1.00 32.55 84.40
C PRO HA 122 2.06 33.20 83.51
N LYS HA 123 2.45 32.54 82.42
CA LYS HA 123 3.36 33.18 81.47
C LYS HA 123 2.71 34.38 80.82
N ASP HA 124 1.38 34.36 80.66
CA ASP HA 124 0.68 35.52 80.11
C ASP HA 124 0.61 36.65 81.13
N ILE HA 125 0.45 36.31 82.42
CA ILE HA 125 0.39 37.33 83.46
C ILE HA 125 1.72 38.07 83.54
N GLN HA 126 2.83 37.35 83.52
CA GLN HA 126 4.14 37.98 83.61
C GLN HA 126 4.47 38.76 82.34
N LEU HA 127 4.04 38.26 81.19
CA LEU HA 127 4.25 38.99 79.94
C LEU HA 127 3.51 40.32 79.95
N ALA HA 128 2.27 40.32 80.45
CA ALA HA 128 1.52 41.57 80.56
C ALA HA 128 2.18 42.52 81.55
N ARG HA 129 2.70 41.99 82.67
CA ARG HA 129 3.38 42.83 83.63
C ARG HA 129 4.66 43.41 83.05
N ARG HA 130 5.42 42.60 82.30
CA ARG HA 130 6.64 43.11 81.67
C ARG HA 130 6.32 44.12 80.58
N ILE HA 131 5.31 43.82 79.76
CA ILE HA 131 4.91 44.76 78.71
C ILE HA 131 4.37 46.04 79.33
N ARG HA 132 3.87 45.97 80.56
CA ARG HA 132 3.45 47.14 81.31
C ARG HA 132 4.59 47.58 82.23
N GLY HA 133 4.30 48.53 83.12
CA GLY HA 133 5.30 49.01 84.05
C GLY HA 133 5.25 48.31 85.39
N GLU HA 134 4.56 47.17 85.46
CA GLU HA 134 4.44 46.44 86.72
C GLU HA 134 5.79 45.94 87.20
N ARG HA 135 6.59 45.39 86.30
CA ARG HA 135 7.93 44.93 86.67
C ARG HA 135 8.92 46.07 86.49
N ALA HA 136 9.68 46.37 87.55
CA ALA HA 136 10.65 47.46 87.56
C ALA HA 136 10.00 48.81 87.25
N GLY IA 35 13.86 -72.69 -2.33
CA GLY IA 35 15.00 -71.80 -2.48
C GLY IA 35 15.70 -71.95 -3.81
N VAL IA 36 15.02 -72.60 -4.76
CA VAL IA 36 15.58 -72.77 -6.09
C VAL IA 36 15.75 -71.40 -6.74
N LYS IA 37 16.81 -71.26 -7.53
CA LYS IA 37 17.07 -69.99 -8.20
C LYS IA 37 15.93 -69.65 -9.14
N LYS IA 38 15.53 -68.38 -9.15
CA LYS IA 38 14.40 -67.97 -9.96
C LYS IA 38 14.72 -68.14 -11.44
N PRO IA 39 13.86 -68.78 -12.21
CA PRO IA 39 14.18 -69.08 -13.60
C PRO IA 39 14.19 -67.83 -14.46
N HIS IA 40 14.95 -67.93 -15.55
CA HIS IA 40 14.99 -66.88 -16.58
C HIS IA 40 13.79 -67.09 -17.49
N ARG IA 41 12.63 -66.65 -17.01
CA ARG IA 41 11.38 -66.86 -17.75
C ARG IA 41 11.35 -65.98 -18.99
N TYR IA 42 11.06 -66.60 -20.13
CA TYR IA 42 10.83 -65.83 -21.35
C TYR IA 42 9.49 -65.12 -21.28
N ARG IA 43 9.40 -63.96 -21.93
CA ARG IA 43 8.15 -63.24 -22.00
C ARG IA 43 7.14 -64.06 -22.80
N PRO IA 44 5.84 -63.91 -22.51
CA PRO IA 44 4.83 -64.68 -23.24
C PRO IA 44 4.91 -64.47 -24.74
N GLY IA 45 4.92 -65.56 -25.49
CA GLY IA 45 5.03 -65.52 -26.93
C GLY IA 45 6.45 -65.53 -27.47
N THR IA 46 7.46 -65.44 -26.60
CA THR IA 46 8.84 -65.43 -27.09
C THR IA 46 9.26 -66.80 -27.60
N VAL IA 47 8.89 -67.86 -26.88
CA VAL IA 47 9.26 -69.22 -27.31
C VAL IA 47 8.49 -69.64 -28.55
N ALA IA 48 7.40 -68.94 -28.89
CA ALA IA 48 6.65 -69.26 -30.09
C ALA IA 48 7.52 -69.15 -31.33
N LEU IA 49 8.46 -68.19 -31.34
CA LEU IA 49 9.42 -68.10 -32.43
C LEU IA 49 10.33 -69.34 -32.44
N ARG IA 50 10.79 -69.76 -31.26
CA ARG IA 50 11.62 -70.96 -31.18
C ARG IA 50 10.83 -72.21 -31.60
N GLU IA 51 9.56 -72.29 -31.18
CA GLU IA 51 8.73 -73.42 -31.57
C GLU IA 51 8.55 -73.47 -33.09
N ILE IA 52 8.36 -72.31 -33.72
CA ILE IA 52 8.20 -72.26 -35.17
C ILE IA 52 9.42 -72.85 -35.87
N ARG IA 53 10.61 -72.54 -35.36
CA ARG IA 53 11.83 -73.04 -36.00
C ARG IA 53 11.87 -74.56 -36.02
N ARG IA 54 11.47 -75.20 -34.92
CA ARG IA 54 11.45 -76.66 -34.88
C ARG IA 54 10.31 -77.23 -35.71
N TYR IA 55 9.11 -76.65 -35.58
CA TYR IA 55 7.93 -77.26 -36.18
C TYR IA 55 7.85 -77.03 -37.69
N GLN IA 56 8.39 -75.90 -38.18
CA GLN IA 56 8.48 -75.73 -39.63
C GLN IA 56 9.44 -76.74 -40.24
N LYS IA 57 10.47 -77.14 -39.49
CA LYS IA 57 11.40 -78.18 -39.91
C LYS IA 57 10.94 -79.58 -39.53
N SER IA 58 9.79 -79.70 -38.87
CA SER IA 58 9.31 -80.98 -38.37
C SER IA 58 8.57 -81.74 -39.46
N THR IA 59 8.87 -83.03 -39.58
CA THR IA 59 8.19 -83.92 -40.51
C THR IA 59 7.41 -85.02 -39.80
N GLU IA 60 7.25 -84.90 -38.47
CA GLU IA 60 6.62 -85.92 -37.68
C GLU IA 60 5.10 -85.74 -37.68
N LEU IA 61 4.41 -86.59 -36.92
CA LEU IA 61 2.97 -86.50 -36.71
C LEU IA 61 2.71 -86.02 -35.29
N LEU IA 62 1.99 -84.90 -35.17
CA LEU IA 62 1.78 -84.31 -33.85
C LEU IA 62 0.75 -85.10 -33.04
N ILE IA 63 -0.21 -85.74 -33.72
CA ILE IA 63 -1.20 -86.56 -33.04
C ILE IA 63 -0.64 -87.97 -32.89
N ARG IA 64 -0.83 -88.55 -31.70
CA ARG IA 64 -0.32 -89.88 -31.43
C ARG IA 64 -1.11 -90.93 -32.22
N LYS IA 65 -0.53 -92.13 -32.31
CA LYS IA 65 -1.10 -93.18 -33.15
C LYS IA 65 -2.35 -93.79 -32.51
N LEU IA 66 -2.20 -94.39 -31.33
CA LEU IA 66 -3.32 -95.07 -30.69
C LEU IA 66 -4.49 -94.16 -30.38
N PRO IA 67 -4.31 -92.96 -29.81
CA PRO IA 67 -5.48 -92.08 -29.60
C PRO IA 67 -6.22 -91.75 -30.88
N PHE IA 68 -5.51 -91.56 -32.00
CA PHE IA 68 -6.17 -91.31 -33.27
C PHE IA 68 -6.78 -92.57 -33.85
N GLN IA 69 -6.17 -93.73 -33.58
CA GLN IA 69 -6.71 -94.99 -34.08
C GLN IA 69 -8.09 -95.27 -33.50
N ARG IA 70 -8.27 -94.99 -32.20
CA ARG IA 70 -9.57 -95.19 -31.57
C ARG IA 70 -10.60 -94.21 -32.13
N LEU IA 71 -10.16 -92.99 -32.46
CA LEU IA 71 -11.10 -91.98 -32.95
C LEU IA 71 -11.66 -92.37 -34.31
N VAL IA 72 -10.79 -92.76 -35.25
CA VAL IA 72 -11.25 -93.09 -36.60
C VAL IA 72 -12.11 -94.35 -36.58
N ARG IA 73 -11.79 -95.31 -35.70
CA ARG IA 73 -12.57 -96.53 -35.63
C ARG IA 73 -14.01 -96.24 -35.20
N GLU IA 74 -14.19 -95.35 -34.22
CA GLU IA 74 -15.54 -95.04 -33.73
C GLU IA 74 -16.34 -94.26 -34.75
N ILE IA 75 -15.68 -93.35 -35.49
CA ILE IA 75 -16.39 -92.55 -36.49
C ILE IA 75 -16.96 -93.46 -37.58
N ALA IA 76 -16.16 -94.41 -38.05
CA ALA IA 76 -16.66 -95.39 -39.02
C ALA IA 76 -17.73 -96.26 -38.39
N GLN IA 77 -17.54 -96.67 -37.13
CA GLN IA 77 -18.50 -97.53 -36.46
C GLN IA 77 -19.83 -96.81 -36.24
N ASP IA 78 -19.82 -95.49 -36.16
CA ASP IA 78 -21.06 -94.75 -35.92
C ASP IA 78 -22.05 -94.90 -37.07
N PHE IA 79 -21.55 -95.10 -38.29
CA PHE IA 79 -22.40 -95.25 -39.46
C PHE IA 79 -22.48 -96.69 -39.97
N LYS IA 80 -21.35 -97.42 -39.97
CA LYS IA 80 -21.34 -98.81 -40.37
C LYS IA 80 -20.50 -99.60 -39.37
N THR IA 81 -21.08 -100.66 -38.81
CA THR IA 81 -20.41 -101.47 -37.81
C THR IA 81 -19.58 -102.57 -38.48
N ASP IA 82 -18.74 -103.21 -37.67
CA ASP IA 82 -17.88 -104.31 -38.11
C ASP IA 82 -16.95 -103.86 -39.23
N LEU IA 83 -16.10 -102.89 -38.91
CA LEU IA 83 -15.11 -102.36 -39.84
C LEU IA 83 -13.70 -102.64 -39.32
N ARG IA 84 -12.85 -103.13 -40.22
CA ARG IA 84 -11.45 -103.38 -39.92
C ARG IA 84 -10.61 -102.17 -40.35
N PHE IA 85 -9.35 -102.16 -39.92
CA PHE IA 85 -8.48 -101.03 -40.20
C PHE IA 85 -7.05 -101.51 -40.42
N GLN IA 86 -6.28 -100.67 -41.10
CA GLN IA 86 -4.87 -100.91 -41.36
C GLN IA 86 -4.05 -99.74 -40.81
N SER IA 87 -2.82 -100.04 -40.39
CA SER IA 87 -1.94 -98.97 -39.90
C SER IA 87 -1.62 -97.97 -41.01
N SER IA 88 -1.40 -98.44 -42.23
CA SER IA 88 -1.12 -97.54 -43.35
C SER IA 88 -2.33 -96.65 -43.63
N ALA IA 89 -3.54 -97.21 -43.58
CA ALA IA 89 -4.74 -96.42 -43.78
C ALA IA 89 -4.92 -95.38 -42.66
N VAL IA 90 -4.59 -95.77 -41.42
CA VAL IA 90 -4.68 -94.85 -40.30
C VAL IA 90 -3.71 -93.68 -40.50
N MET IA 91 -2.49 -93.98 -40.96
CA MET IA 91 -1.54 -92.91 -41.26
C MET IA 91 -2.07 -91.98 -42.34
N ALA IA 92 -2.72 -92.55 -43.36
CA ALA IA 92 -3.31 -91.73 -44.42
C ALA IA 92 -4.40 -90.82 -43.87
N LEU IA 93 -5.24 -91.34 -42.98
CA LEU IA 93 -6.29 -90.52 -42.38
C LEU IA 93 -5.69 -89.40 -41.54
N GLN IA 94 -4.61 -89.70 -40.81
CA GLN IA 94 -3.98 -88.69 -39.96
C GLN IA 94 -3.30 -87.61 -40.78
N GLU IA 95 -2.55 -88.00 -41.81
CA GLU IA 95 -1.78 -87.03 -42.59
C GLU IA 95 -2.70 -86.03 -43.31
N ALA IA 96 -3.77 -86.54 -43.91
CA ALA IA 96 -4.69 -85.65 -44.63
C ALA IA 96 -5.39 -84.69 -43.68
N SER IA 97 -5.83 -85.18 -42.53
CA SER IA 97 -6.51 -84.32 -41.56
C SER IA 97 -5.57 -83.27 -40.99
N GLU IA 98 -4.33 -83.67 -40.66
CA GLU IA 98 -3.38 -82.73 -40.10
C GLU IA 98 -3.03 -81.63 -41.08
N ALA IA 99 -2.77 -81.99 -42.34
CA ALA IA 99 -2.44 -80.98 -43.35
C ALA IA 99 -3.64 -80.08 -43.65
N TYR IA 100 -4.85 -80.63 -43.56
CA TYR IA 100 -6.04 -79.81 -43.74
C TYR IA 100 -6.15 -78.75 -42.65
N LEU IA 101 -5.82 -79.12 -41.40
CA LEU IA 101 -5.84 -78.15 -40.33
C LEU IA 101 -4.63 -77.22 -40.39
N VAL IA 102 -3.47 -77.75 -40.79
CA VAL IA 102 -2.26 -76.94 -40.87
C VAL IA 102 -2.44 -75.81 -41.89
N ALA IA 103 -2.97 -76.16 -43.07
CA ALA IA 103 -3.22 -75.13 -44.08
C ALA IA 103 -4.28 -74.14 -43.62
N LEU IA 104 -5.23 -74.61 -42.81
CA LEU IA 104 -6.27 -73.71 -42.30
C LEU IA 104 -5.68 -72.65 -41.37
N PHE IA 105 -4.71 -73.04 -40.55
CA PHE IA 105 -4.13 -72.10 -39.58
C PHE IA 105 -3.44 -70.94 -40.29
N GLU IA 106 -2.68 -71.23 -41.35
CA GLU IA 106 -2.08 -70.17 -42.13
C GLU IA 106 -3.14 -69.32 -42.83
N ASP IA 107 -4.18 -69.98 -43.36
CA ASP IA 107 -5.30 -69.25 -43.94
C ASP IA 107 -6.02 -68.42 -42.88
N THR IA 108 -6.18 -68.98 -41.68
CA THR IA 108 -6.82 -68.26 -40.59
C THR IA 108 -5.98 -67.06 -40.14
N ASN IA 109 -4.65 -67.18 -40.21
CA ASN IA 109 -3.78 -66.09 -39.79
C ASN IA 109 -3.99 -64.85 -40.65
N LEU IA 110 -4.20 -65.04 -41.95
CA LEU IA 110 -4.42 -63.89 -42.84
C LEU IA 110 -5.69 -63.13 -42.47
N CYS IA 111 -6.65 -63.81 -41.82
CA CYS IA 111 -7.83 -63.11 -41.33
C CYS IA 111 -7.50 -62.28 -40.09
N ALA IA 112 -6.55 -62.76 -39.27
CA ALA IA 112 -6.22 -62.05 -38.03
C ALA IA 112 -5.56 -60.71 -38.32
N ILE IA 113 -4.60 -60.68 -39.25
CA ILE IA 113 -3.92 -59.43 -39.58
C ILE IA 113 -4.89 -58.44 -40.19
N HIS IA 114 -5.85 -58.93 -40.98
CA HIS IA 114 -6.88 -58.06 -41.54
C HIS IA 114 -7.70 -57.39 -40.45
N ALA IA 115 -7.80 -58.02 -39.28
CA ALA IA 115 -8.49 -57.46 -38.13
C ALA IA 115 -7.55 -56.74 -37.17
N LYS IA 116 -6.29 -56.54 -37.57
CA LYS IA 116 -5.28 -55.86 -36.74
C LYS IA 116 -5.05 -56.60 -35.43
N ARG IA 117 -4.82 -57.91 -35.53
CA ARG IA 117 -4.57 -58.73 -34.36
C ARG IA 117 -3.79 -59.98 -34.78
N VAL IA 118 -3.21 -60.65 -33.78
CA VAL IA 118 -2.48 -61.89 -34.02
C VAL IA 118 -3.18 -63.10 -33.42
N THR IA 119 -4.29 -62.92 -32.72
CA THR IA 119 -4.98 -64.04 -32.10
C THR IA 119 -5.74 -64.85 -33.14
N ILE IA 120 -6.00 -66.11 -32.79
CA ILE IA 120 -6.84 -67.00 -33.59
C ILE IA 120 -8.10 -67.28 -32.79
N MET IA 121 -9.25 -66.97 -33.36
CA MET IA 121 -10.53 -67.05 -32.69
C MET IA 121 -11.52 -67.79 -33.58
N PRO IA 122 -12.60 -68.34 -33.00
CA PRO IA 122 -13.66 -68.91 -33.85
C PRO IA 122 -14.21 -67.92 -34.86
N LYS IA 123 -14.21 -66.64 -34.55
CA LYS IA 123 -14.55 -65.63 -35.55
C LYS IA 123 -13.60 -65.70 -36.74
N ASP IA 124 -12.30 -65.85 -36.47
CA ASP IA 124 -11.33 -66.04 -37.54
C ASP IA 124 -11.52 -67.39 -38.23
N ILE IA 125 -11.79 -68.44 -37.44
CA ILE IA 125 -11.89 -69.79 -38.01
C ILE IA 125 -13.13 -69.90 -38.90
N GLN IA 126 -14.27 -69.42 -38.41
CA GLN IA 126 -15.50 -69.51 -39.21
C GLN IA 126 -15.38 -68.69 -40.49
N LEU IA 127 -14.78 -67.51 -40.41
CA LEU IA 127 -14.56 -66.71 -41.61
C LEU IA 127 -13.60 -67.40 -42.57
N ALA IA 128 -12.54 -68.00 -42.04
CA ALA IA 128 -11.54 -68.63 -42.89
C ALA IA 128 -12.14 -69.76 -43.72
N ARG IA 129 -12.99 -70.58 -43.10
CA ARG IA 129 -13.65 -71.65 -43.83
C ARG IA 129 -14.62 -71.10 -44.87
N ARG IA 130 -15.43 -70.12 -44.48
CA ARG IA 130 -16.58 -69.70 -45.27
C ARG IA 130 -16.17 -69.23 -46.66
N ILE IA 131 -15.12 -68.41 -46.75
CA ILE IA 131 -14.68 -67.91 -48.06
C ILE IA 131 -14.18 -69.05 -48.92
N ARG IA 132 -13.40 -69.97 -48.33
CA ARG IA 132 -12.89 -71.11 -49.06
C ARG IA 132 -13.96 -72.14 -49.37
N GLY IA 133 -15.06 -72.16 -48.61
CA GLY IA 133 -16.11 -73.14 -48.81
C GLY IA 133 -16.36 -73.96 -47.56
N GLU IA 134 -16.58 -75.27 -47.72
CA GLU IA 134 -16.68 -76.24 -46.63
C GLU IA 134 -17.83 -75.95 -45.67
N ARG IA 135 -18.64 -74.93 -45.93
CA ARG IA 135 -19.77 -74.59 -45.08
C ARG IA 135 -21.08 -74.47 -45.86
N ALA IA 136 -21.09 -74.93 -47.11
CA ALA IA 136 -22.28 -74.86 -47.95
C ALA IA 136 -22.23 -75.93 -49.03
N HIS JA 40 -61.21 24.54 39.50
CA HIS JA 40 -60.44 23.63 40.35
C HIS JA 40 -59.18 24.31 40.86
N ARG JA 41 -58.06 24.08 40.17
CA ARG JA 41 -56.79 24.66 40.56
C ARG JA 41 -56.53 25.94 39.78
N TYR JA 42 -56.22 27.01 40.49
CA TYR JA 42 -55.92 28.30 39.88
C TYR JA 42 -54.41 28.41 39.70
N ARG JA 43 -53.97 28.49 38.44
CA ARG JA 43 -52.54 28.64 38.17
C ARG JA 43 -52.06 30.01 38.66
N PRO JA 44 -50.78 30.12 38.99
CA PRO JA 44 -50.26 31.38 39.53
C PRO JA 44 -50.52 32.56 38.60
N GLY JA 45 -50.94 33.68 39.19
CA GLY JA 45 -51.23 34.88 38.44
C GLY JA 45 -52.68 35.04 38.02
N THR JA 46 -53.48 33.97 38.06
CA THR JA 46 -54.87 34.07 37.64
C THR JA 46 -55.71 34.81 38.67
N VAL JA 47 -55.55 34.49 39.96
CA VAL JA 47 -56.36 35.12 40.99
C VAL JA 47 -55.85 36.52 41.29
N ALA JA 48 -54.58 36.80 41.02
CA ALA JA 48 -54.03 38.12 41.30
C ALA JA 48 -54.76 39.19 40.49
N LEU JA 49 -55.02 38.91 39.21
CA LEU JA 49 -55.72 39.87 38.37
C LEU JA 49 -57.12 40.14 38.89
N ARG JA 50 -57.82 39.09 39.32
CA ARG JA 50 -59.15 39.27 39.91
C ARG JA 50 -59.06 40.09 41.19
N GLU JA 51 -58.06 39.82 42.03
CA GLU JA 51 -57.91 40.57 43.27
C GLU JA 51 -57.52 42.01 43.02
N ILE JA 52 -56.81 42.28 41.91
CA ILE JA 52 -56.50 43.66 41.56
C ILE JA 52 -57.77 44.46 41.32
N ARG JA 53 -58.70 43.88 40.56
CA ARG JA 53 -59.94 44.58 40.21
C ARG JA 53 -60.93 44.64 41.37
N ARG JA 54 -60.65 43.97 42.48
CA ARG JA 54 -61.57 43.96 43.62
C ARG JA 54 -61.17 45.00 44.68
N TYR JA 55 -59.90 45.00 45.07
CA TYR JA 55 -59.46 45.89 46.14
C TYR JA 55 -59.49 47.35 45.71
N GLN JA 56 -59.38 47.61 44.40
CA GLN JA 56 -59.39 48.98 43.92
C GLN JA 56 -60.72 49.66 44.16
N LYS JA 57 -61.83 48.95 43.95
CA LYS JA 57 -63.16 49.52 44.11
C LYS JA 57 -63.72 49.40 45.52
N SER JA 58 -62.99 48.79 46.44
CA SER JA 58 -63.48 48.53 47.79
C SER JA 58 -63.03 49.64 48.74
N THR JA 59 -63.69 49.68 49.90
CA THR JA 59 -63.39 50.65 50.96
C THR JA 59 -63.20 49.84 52.25
N GLU JA 60 -61.95 49.58 52.61
CA GLU JA 60 -61.65 48.75 53.76
C GLU JA 60 -60.25 49.05 54.27
N LEU JA 61 -59.99 48.60 55.48
CA LEU JA 61 -58.65 48.68 56.07
C LEU JA 61 -58.01 47.29 56.03
N LEU JA 62 -56.82 47.22 55.44
CA LEU JA 62 -56.15 45.94 55.21
C LEU JA 62 -55.28 45.50 56.38
N ILE JA 63 -55.00 46.38 57.32
CA ILE JA 63 -54.24 46.02 58.52
C ILE JA 63 -55.22 45.64 59.62
N ARG JA 64 -54.99 44.49 60.26
CA ARG JA 64 -55.87 44.03 61.31
C ARG JA 64 -55.88 45.03 62.47
N LYS JA 65 -57.07 45.22 63.05
CA LYS JA 65 -57.27 46.29 64.02
C LYS JA 65 -56.48 46.06 65.30
N LEU JA 66 -56.60 44.86 65.89
CA LEU JA 66 -56.01 44.62 67.20
C LEU JA 66 -54.48 44.71 67.20
N PRO JA 67 -53.75 44.05 66.28
CA PRO JA 67 -52.29 44.22 66.31
C PRO JA 67 -51.83 45.65 66.10
N PHE JA 68 -52.59 46.44 65.33
CA PHE JA 68 -52.19 47.82 65.08
C PHE JA 68 -52.27 48.66 66.35
N GLN JA 69 -53.30 48.45 67.16
CA GLN JA 69 -53.41 49.19 68.42
C GLN JA 69 -52.23 48.89 69.33
N ARG JA 70 -51.84 47.62 69.43
CA ARG JA 70 -50.68 47.26 70.24
C ARG JA 70 -49.40 47.87 69.68
N LEU JA 71 -49.27 47.89 68.35
CA LEU JA 71 -48.10 48.50 67.72
C LEU JA 71 -48.05 50.00 67.98
N VAL JA 72 -49.20 50.68 67.87
CA VAL JA 72 -49.24 52.13 68.05
C VAL JA 72 -48.88 52.49 69.49
N ARG JA 73 -49.43 51.76 70.45
CA ARG JA 73 -49.15 52.06 71.85
C ARG JA 73 -47.68 51.81 72.20
N GLU JA 74 -47.08 50.75 71.65
CA GLU JA 74 -45.72 50.38 72.01
C GLU JA 74 -44.72 51.42 71.52
N ILE JA 75 -44.87 51.90 70.29
CA ILE JA 75 -43.90 52.83 69.73
C ILE JA 75 -43.95 54.16 70.48
N ALA JA 76 -45.14 54.59 70.89
CA ALA JA 76 -45.26 55.81 71.66
C ALA JA 76 -44.97 55.60 73.13
N GLN JA 77 -44.94 54.34 73.59
CA GLN JA 77 -44.68 54.07 75.00
C GLN JA 77 -43.26 54.50 75.39
N ASP JA 78 -42.28 54.23 74.54
CA ASP JA 78 -40.90 54.61 74.85
C ASP JA 78 -40.71 56.12 74.79
N PHE JA 79 -41.40 56.79 73.86
CA PHE JA 79 -41.29 58.25 73.78
C PHE JA 79 -41.88 58.92 75.01
N LYS JA 80 -43.09 58.54 75.39
CA LYS JA 80 -43.73 59.02 76.61
C LYS JA 80 -44.38 57.85 77.32
N THR JA 81 -44.18 57.76 78.63
CA THR JA 81 -44.63 56.60 79.39
C THR JA 81 -46.14 56.60 79.59
N ASP JA 82 -46.67 57.63 80.24
CA ASP JA 82 -48.09 57.69 80.59
C ASP JA 82 -48.85 58.37 79.45
N LEU JA 83 -49.48 57.55 78.61
CA LEU JA 83 -50.21 58.03 77.45
C LEU JA 83 -51.56 57.33 77.34
N ARG JA 84 -52.50 58.01 76.70
CA ARG JA 84 -53.81 57.48 76.38
C ARG JA 84 -54.09 57.73 74.90
N PHE JA 85 -54.75 56.77 74.25
CA PHE JA 85 -54.99 56.85 72.82
C PHE JA 85 -56.48 56.89 72.54
N GLN JA 86 -56.91 57.86 71.75
CA GLN JA 86 -58.29 57.94 71.30
C GLN JA 86 -58.51 57.02 70.11
N SER JA 87 -59.75 56.58 69.93
CA SER JA 87 -60.06 55.69 68.81
C SER JA 87 -59.85 56.37 67.47
N SER JA 88 -60.14 57.67 67.38
CA SER JA 88 -59.98 58.39 66.13
C SER JA 88 -58.52 58.44 65.70
N ALA JA 89 -57.61 58.65 66.66
CA ALA JA 89 -56.18 58.72 66.33
C ALA JA 89 -55.67 57.41 65.75
N VAL JA 90 -56.12 56.28 66.31
CA VAL JA 90 -55.71 54.97 65.79
C VAL JA 90 -56.21 54.80 64.37
N MET JA 91 -57.46 55.18 64.11
CA MET JA 91 -57.99 55.10 62.75
C MET JA 91 -57.23 56.01 61.79
N ALA JA 92 -56.90 57.22 62.24
CA ALA JA 92 -56.16 58.15 61.39
C ALA JA 92 -54.77 57.64 61.08
N LEU JA 93 -54.09 57.05 62.08
CA LEU JA 93 -52.75 56.53 61.86
C LEU JA 93 -52.76 55.37 60.86
N GLN JA 94 -53.76 54.49 60.97
CA GLN JA 94 -53.82 53.34 60.08
C GLN JA 94 -54.05 53.78 58.64
N GLU JA 95 -54.95 54.74 58.41
CA GLU JA 95 -55.24 55.17 57.05
C GLU JA 95 -54.03 55.80 56.39
N ALA JA 96 -53.30 56.65 57.12
CA ALA JA 96 -52.10 57.25 56.57
C ALA JA 96 -51.01 56.20 56.33
N SER JA 97 -50.86 55.27 57.26
CA SER JA 97 -49.84 54.23 57.10
C SER JA 97 -50.16 53.32 55.93
N GLU JA 98 -51.44 52.95 55.77
CA GLU JA 98 -51.83 52.08 54.66
C GLU JA 98 -51.70 52.82 53.32
N ALA JA 99 -52.19 54.06 53.26
CA ALA JA 99 -52.13 54.80 52.01
C ALA JA 99 -50.69 55.10 51.59
N TYR JA 100 -49.83 55.38 52.57
CA TYR JA 100 -48.41 55.58 52.26
C TYR JA 100 -47.80 54.31 51.68
N LEU JA 101 -48.13 53.16 52.26
CA LEU JA 101 -47.63 51.90 51.73
C LEU JA 101 -48.28 51.57 50.39
N VAL JA 102 -49.57 51.88 50.22
CA VAL JA 102 -50.25 51.66 48.95
C VAL JA 102 -49.63 52.53 47.86
N ALA JA 103 -49.39 53.80 48.17
CA ALA JA 103 -48.75 54.68 47.20
C ALA JA 103 -47.33 54.22 46.89
N LEU JA 104 -46.62 53.73 47.89
CA LEU JA 104 -45.28 53.19 47.66
C LEU JA 104 -45.34 51.96 46.76
N PHE JA 105 -46.33 51.09 46.98
CA PHE JA 105 -46.44 49.88 46.17
C PHE JA 105 -46.68 50.21 44.70
N GLU JA 106 -47.45 51.27 44.42
CA GLU JA 106 -47.67 51.69 43.05
C GLU JA 106 -46.37 52.12 42.39
N ASP JA 107 -45.55 52.89 43.12
CA ASP JA 107 -44.28 53.33 42.56
C ASP JA 107 -43.32 52.16 42.37
N THR JA 108 -43.28 51.23 43.34
CA THR JA 108 -42.42 50.07 43.19
C THR JA 108 -42.92 49.14 42.09
N ASN JA 109 -44.22 49.12 41.84
CA ASN JA 109 -44.74 48.40 40.69
C ASN JA 109 -44.22 49.01 39.39
N LEU JA 110 -44.13 50.33 39.33
CA LEU JA 110 -43.54 50.99 38.18
C LEU JA 110 -42.03 50.88 38.19
N CYS JA 111 -41.44 50.55 39.34
CA CYS JA 111 -40.02 50.23 39.37
C CYS JA 111 -39.76 48.86 38.77
N ALA JA 112 -40.70 47.92 38.98
CA ALA JA 112 -40.54 46.59 38.40
C ALA JA 112 -40.70 46.62 36.89
N ILE JA 113 -41.61 47.44 36.37
CA ILE JA 113 -41.82 47.51 34.93
C ILE JA 113 -40.62 48.16 34.24
N HIS JA 114 -39.85 48.97 34.98
CA HIS JA 114 -38.61 49.51 34.44
C HIS JA 114 -37.64 48.38 34.11
N ALA JA 115 -37.55 47.38 34.99
CA ALA JA 115 -36.81 46.17 34.71
C ALA JA 115 -37.70 45.21 33.92
N LYS JA 116 -37.24 43.99 33.70
CA LYS JA 116 -37.99 42.99 32.95
C LYS JA 116 -38.63 41.95 33.85
N ARG JA 117 -38.72 42.20 35.14
CA ARG JA 117 -39.25 41.24 36.11
C ARG JA 117 -40.61 41.71 36.61
N VAL JA 118 -41.58 40.81 36.57
CA VAL JA 118 -42.89 41.13 37.16
C VAL JA 118 -42.79 41.20 38.68
N THR JA 119 -41.94 40.37 39.28
CA THR JA 119 -41.80 40.33 40.73
C THR JA 119 -41.16 41.61 41.23
N ILE JA 120 -41.57 42.03 42.42
CA ILE JA 120 -41.03 43.22 43.08
C ILE JA 120 -40.10 42.76 44.19
N MET JA 121 -38.84 43.14 44.09
CA MET JA 121 -37.80 42.80 45.04
C MET JA 121 -37.53 43.98 45.97
N PRO JA 122 -36.77 43.77 47.05
CA PRO JA 122 -36.35 44.91 47.88
C PRO JA 122 -35.51 45.93 47.11
N LYS JA 123 -34.95 45.54 45.97
CA LYS JA 123 -34.24 46.51 45.12
C LYS JA 123 -35.17 47.62 44.67
N ASP JA 124 -36.43 47.30 44.38
CA ASP JA 124 -37.38 48.30 43.91
C ASP JA 124 -37.80 49.24 45.05
N ILE JA 125 -38.06 48.68 46.23
CA ILE JA 125 -38.57 49.50 47.34
C ILE JA 125 -37.51 50.49 47.80
N GLN JA 126 -36.27 50.01 47.99
CA GLN JA 126 -35.20 50.89 48.45
C GLN JA 126 -34.90 51.98 47.43
N LEU JA 127 -34.91 51.63 46.14
CA LEU JA 127 -34.71 52.64 45.11
C LEU JA 127 -35.85 53.64 45.09
N ALA JA 128 -37.10 53.17 45.27
CA ALA JA 128 -38.24 54.07 45.26
C ALA JA 128 -38.19 55.03 46.45
N ARG JA 129 -37.73 54.55 47.62
CA ARG JA 129 -37.64 55.41 48.78
C ARG JA 129 -36.66 56.54 48.56
N ARG JA 130 -35.52 56.25 47.93
CA ARG JA 130 -34.52 57.30 47.67
C ARG JA 130 -35.07 58.34 46.70
N ILE JA 131 -35.73 57.89 45.63
CA ILE JA 131 -36.25 58.82 44.63
C ILE JA 131 -37.38 59.66 45.23
N ARG JA 132 -38.28 59.03 45.98
CA ARG JA 132 -39.39 59.75 46.59
C ARG JA 132 -38.94 60.62 47.76
N GLY JA 133 -37.71 60.48 48.22
CA GLY JA 133 -37.23 61.25 49.35
C GLY JA 133 -37.57 60.67 50.71
N GLU JA 134 -38.03 59.42 50.76
CA GLU JA 134 -38.37 58.81 52.03
C GLU JA 134 -37.15 58.64 52.92
N ARG JA 135 -36.01 58.27 52.33
CA ARG JA 135 -34.77 58.09 53.08
C ARG JA 135 -34.14 59.46 53.35
N ALA JA 136 -34.86 60.27 54.11
CA ALA JA 136 -34.43 61.61 54.46
C ALA JA 136 -35.13 62.11 55.71
N LYS KA 38 2.29 -97.58 21.54
CA LYS KA 38 1.15 -96.87 20.95
C LYS KA 38 0.53 -97.69 19.81
N PRO KA 39 -0.80 -97.84 19.85
CA PRO KA 39 -1.48 -98.57 18.77
C PRO KA 39 -1.34 -97.85 17.44
N HIS KA 40 -1.36 -98.63 16.36
CA HIS KA 40 -1.24 -98.05 15.03
C HIS KA 40 -2.41 -97.11 14.72
N ARG KA 41 -3.63 -97.55 15.04
CA ARG KA 41 -4.84 -96.75 14.89
C ARG KA 41 -5.15 -96.42 13.43
N TYR KA 42 -6.39 -96.03 13.15
CA TYR KA 42 -6.83 -95.61 11.83
C TYR KA 42 -7.65 -94.34 11.97
N ARG KA 43 -7.60 -93.50 10.94
CA ARG KA 43 -8.38 -92.27 10.95
C ARG KA 43 -9.87 -92.62 10.96
N PRO KA 44 -10.68 -91.88 11.73
CA PRO KA 44 -12.11 -92.20 11.79
C PRO KA 44 -12.78 -92.11 10.43
N GLY KA 45 -13.66 -93.06 10.16
CA GLY KA 45 -14.39 -93.11 8.91
C GLY KA 45 -13.71 -93.88 7.80
N THR KA 46 -12.40 -94.11 7.90
CA THR KA 46 -11.69 -94.84 6.87
C THR KA 46 -11.95 -96.34 6.95
N VAL KA 47 -12.07 -96.88 8.17
CA VAL KA 47 -12.30 -98.31 8.34
C VAL KA 47 -13.64 -98.71 7.72
N ALA KA 48 -14.55 -97.76 7.56
CA ALA KA 48 -15.81 -98.04 6.88
C ALA KA 48 -15.59 -98.34 5.40
N LEU KA 49 -14.59 -97.70 4.80
CA LEU KA 49 -14.31 -97.94 3.38
C LEU KA 49 -13.88 -99.38 3.15
N ARG KA 50 -12.99 -99.90 3.99
CA ARG KA 50 -12.57 -101.29 3.84
C ARG KA 50 -13.65 -102.25 4.32
N GLU KA 51 -14.50 -101.81 5.25
CA GLU KA 51 -15.65 -102.63 5.65
C GLU KA 51 -16.66 -102.74 4.51
N ILE KA 52 -16.81 -101.67 3.73
CA ILE KA 52 -17.75 -101.69 2.61
C ILE KA 52 -17.33 -102.73 1.59
N ARG KA 53 -16.04 -102.78 1.25
CA ARG KA 53 -15.55 -103.75 0.28
C ARG KA 53 -15.67 -105.19 0.77
N ARG KA 54 -15.89 -105.39 2.08
CA ARG KA 54 -16.14 -106.71 2.62
C ARG KA 54 -17.62 -107.03 2.71
N TYR KA 55 -18.45 -106.02 3.02
CA TYR KA 55 -19.86 -106.28 3.27
C TYR KA 55 -20.70 -106.23 2.00
N GLN KA 56 -20.31 -105.40 1.03
CA GLN KA 56 -20.95 -105.47 -0.29
C GLN KA 56 -20.70 -106.83 -0.94
N LYS KA 57 -19.48 -107.35 -0.82
CA LYS KA 57 -19.14 -108.68 -1.32
C LYS KA 57 -19.46 -109.71 -0.23
N SER KA 58 -20.76 -109.94 -0.06
CA SER KA 58 -21.26 -110.84 0.97
C SER KA 58 -22.53 -111.52 0.49
N THR KA 59 -22.73 -112.76 0.94
CA THR KA 59 -23.90 -113.55 0.60
C THR KA 59 -24.55 -114.11 1.86
N GLU KA 60 -24.61 -113.30 2.92
CA GLU KA 60 -25.12 -113.75 4.20
C GLU KA 60 -26.06 -112.69 4.77
N LEU KA 61 -26.68 -113.02 5.90
CA LEU KA 61 -27.55 -112.11 6.63
C LEU KA 61 -26.82 -111.59 7.84
N LEU KA 62 -26.88 -110.27 8.04
CA LEU KA 62 -26.09 -109.62 9.08
C LEU KA 62 -26.84 -109.46 10.40
N ILE KA 63 -28.05 -110.03 10.50
CA ILE KA 63 -28.82 -110.03 11.73
C ILE KA 63 -28.86 -111.47 12.25
N ARG KA 64 -28.54 -111.65 13.53
CA ARG KA 64 -28.51 -112.98 14.11
C ARG KA 64 -29.87 -113.65 13.98
N LYS KA 65 -29.87 -114.93 13.61
CA LYS KA 65 -31.10 -115.60 13.23
C LYS KA 65 -32.00 -115.85 14.44
N LEU KA 66 -31.40 -116.18 15.59
CA LEU KA 66 -32.22 -116.48 16.77
C LEU KA 66 -32.97 -115.25 17.29
N PRO KA 67 -32.35 -114.09 17.49
CA PRO KA 67 -33.14 -112.91 17.89
C PRO KA 67 -34.21 -112.55 16.87
N PHE KA 68 -33.92 -112.70 15.58
CA PHE KA 68 -34.93 -112.42 14.56
C PHE KA 68 -36.07 -113.43 14.63
N GLN KA 69 -35.75 -114.70 14.89
CA GLN KA 69 -36.80 -115.71 15.01
C GLN KA 69 -37.70 -115.42 16.19
N ARG KA 70 -37.13 -115.04 17.33
CA ARG KA 70 -37.94 -114.67 18.48
C ARG KA 70 -38.75 -113.41 18.20
N LEU KA 71 -38.15 -112.43 17.51
CA LEU KA 71 -38.85 -111.20 17.19
C LEU KA 71 -40.05 -111.47 16.29
N VAL KA 72 -39.88 -112.32 15.29
CA VAL KA 72 -40.98 -112.62 14.36
C VAL KA 72 -42.11 -113.34 15.10
N ARG KA 73 -41.76 -114.30 15.96
CA ARG KA 73 -42.79 -115.04 16.69
C ARG KA 73 -43.55 -114.14 17.65
N GLU KA 74 -42.84 -113.21 18.30
CA GLU KA 74 -43.50 -112.32 19.26
C GLU KA 74 -44.50 -111.39 18.57
N ILE KA 75 -44.07 -110.74 17.47
CA ILE KA 75 -44.97 -109.82 16.78
C ILE KA 75 -46.10 -110.57 16.10
N ALA KA 76 -45.87 -111.82 15.70
CA ALA KA 76 -46.94 -112.64 15.15
C ALA KA 76 -47.99 -112.96 16.22
N GLN KA 77 -47.54 -113.17 17.45
CA GLN KA 77 -48.48 -113.45 18.54
C GLN KA 77 -49.39 -112.27 18.82
N ASP KA 78 -48.95 -111.06 18.51
CA ASP KA 78 -49.80 -109.89 18.70
C ASP KA 78 -51.03 -109.92 17.80
N PHE KA 79 -50.96 -110.61 16.67
CA PHE KA 79 -52.07 -110.75 15.74
C PHE KA 79 -52.70 -112.13 15.75
N LYS KA 80 -51.93 -113.18 16.02
CA LYS KA 80 -52.46 -114.53 16.08
C LYS KA 80 -51.57 -115.36 17.02
N THR KA 81 -52.17 -115.93 18.05
CA THR KA 81 -51.44 -116.68 19.04
C THR KA 81 -51.27 -118.14 18.63
N ASP KA 82 -50.29 -118.80 19.24
CA ASP KA 82 -50.01 -120.22 19.02
C ASP KA 82 -49.73 -120.51 17.53
N LEU KA 83 -48.65 -119.93 17.04
CA LEU KA 83 -48.23 -120.09 15.66
C LEU KA 83 -46.92 -120.87 15.59
N ARG KA 84 -46.80 -121.71 14.58
CA ARG KA 84 -45.58 -122.46 14.30
C ARG KA 84 -44.90 -121.89 13.06
N PHE KA 85 -43.58 -122.01 13.01
CA PHE KA 85 -42.79 -121.45 11.93
C PHE KA 85 -41.80 -122.48 11.41
N GLN KA 86 -41.40 -122.30 10.16
CA GLN KA 86 -40.36 -123.11 9.54
C GLN KA 86 -39.07 -122.30 9.48
N SER KA 87 -37.94 -123.00 9.53
CA SER KA 87 -36.65 -122.33 9.48
C SER KA 87 -36.46 -121.58 8.17
N SER KA 88 -36.87 -122.19 7.06
CA SER KA 88 -36.78 -121.52 5.77
C SER KA 88 -37.69 -120.30 5.71
N ALA KA 89 -38.90 -120.42 6.27
CA ALA KA 89 -39.82 -119.29 6.28
C ALA KA 89 -39.28 -118.13 7.10
N VAL KA 90 -38.69 -118.42 8.26
CA VAL KA 90 -38.09 -117.37 9.07
C VAL KA 90 -36.93 -116.72 8.33
N MET KA 91 -36.11 -117.53 7.66
CA MET KA 91 -35.01 -116.99 6.86
C MET KA 91 -35.54 -116.13 5.72
N ALA KA 92 -36.70 -116.48 5.16
CA ALA KA 92 -37.29 -115.70 4.09
C ALA KA 92 -37.64 -114.29 4.56
N LEU KA 93 -38.19 -114.17 5.77
CA LEU KA 93 -38.47 -112.85 6.33
C LEU KA 93 -37.18 -112.07 6.54
N GLN KA 94 -36.14 -112.73 7.04
CA GLN KA 94 -34.86 -112.06 7.26
C GLN KA 94 -34.24 -111.60 5.94
N GLU KA 95 -34.25 -112.47 4.92
CA GLU KA 95 -33.63 -112.12 3.65
C GLU KA 95 -34.32 -110.93 3.01
N ALA KA 96 -35.66 -110.89 3.06
CA ALA KA 96 -36.38 -109.72 2.56
C ALA KA 96 -36.07 -108.48 3.38
N SER KA 97 -35.97 -108.65 4.71
CA SER KA 97 -35.69 -107.51 5.59
C SER KA 97 -34.27 -106.98 5.36
N GLU KA 98 -33.30 -107.88 5.19
CA GLU KA 98 -31.93 -107.45 4.98
C GLU KA 98 -31.81 -106.65 3.67
N ALA KA 99 -32.43 -107.13 2.60
CA ALA KA 99 -32.39 -106.40 1.34
C ALA KA 99 -33.18 -105.11 1.42
N TYR KA 100 -34.28 -105.11 2.17
CA TYR KA 100 -35.08 -103.90 2.33
C TYR KA 100 -34.28 -102.80 3.03
N LEU KA 101 -33.50 -103.17 4.06
CA LEU KA 101 -32.74 -102.17 4.81
C LEU KA 101 -31.54 -101.66 4.02
N VAL KA 102 -30.80 -102.57 3.36
CA VAL KA 102 -29.61 -102.13 2.64
C VAL KA 102 -29.99 -101.30 1.42
N ALA KA 103 -31.11 -101.63 0.77
CA ALA KA 103 -31.59 -100.80 -0.33
C ALA KA 103 -31.99 -99.42 0.18
N LEU KA 104 -32.62 -99.36 1.35
CA LEU KA 104 -32.95 -98.07 1.95
C LEU KA 104 -31.70 -97.28 2.29
N PHE KA 105 -30.66 -97.95 2.81
CA PHE KA 105 -29.44 -97.26 3.18
C PHE KA 105 -28.77 -96.64 1.96
N GLU KA 106 -28.71 -97.35 0.84
CA GLU KA 106 -28.17 -96.77 -0.38
C GLU KA 106 -29.03 -95.61 -0.86
N ASP KA 107 -30.35 -95.75 -0.78
CA ASP KA 107 -31.23 -94.62 -1.05
C ASP KA 107 -31.02 -93.50 -0.03
N THR KA 108 -30.85 -93.87 1.24
CA THR KA 108 -30.55 -92.88 2.27
C THR KA 108 -29.17 -92.26 2.06
N ASN KA 109 -28.23 -93.03 1.51
CA ASN KA 109 -26.89 -92.49 1.25
C ASN KA 109 -26.96 -91.37 0.21
N LEU KA 110 -27.78 -91.53 -0.83
CA LEU KA 110 -27.94 -90.46 -1.81
C LEU KA 110 -28.60 -89.23 -1.20
N CYS KA 111 -29.35 -89.41 -0.11
CA CYS KA 111 -29.90 -88.26 0.61
C CYS KA 111 -28.84 -87.56 1.43
N ALA KA 112 -27.85 -88.31 1.93
CA ALA KA 112 -26.81 -87.71 2.75
C ALA KA 112 -25.93 -86.76 1.96
N ILE KA 113 -25.55 -87.15 0.73
CA ILE KA 113 -24.70 -86.29 -0.09
C ILE KA 113 -25.45 -85.02 -0.47
N HIS KA 114 -26.76 -85.11 -0.68
CA HIS KA 114 -27.55 -83.92 -0.97
C HIS KA 114 -27.51 -82.93 0.19
N ALA KA 115 -27.40 -83.43 1.43
CA ALA KA 115 -27.28 -82.58 2.60
C ALA KA 115 -25.85 -82.09 2.84
N LYS KA 116 -24.91 -82.47 1.98
CA LYS KA 116 -23.51 -82.07 2.09
C LYS KA 116 -22.91 -82.53 3.41
N ARG KA 117 -23.15 -83.79 3.76
CA ARG KA 117 -22.54 -84.41 4.93
C ARG KA 117 -22.40 -85.89 4.69
N VAL KA 118 -21.47 -86.50 5.43
CA VAL KA 118 -21.17 -87.93 5.30
C VAL KA 118 -22.16 -88.79 6.08
N THR KA 119 -22.69 -88.28 7.19
CA THR KA 119 -23.53 -89.05 8.09
C THR KA 119 -24.99 -88.95 7.67
N ILE KA 120 -25.66 -90.10 7.59
CA ILE KA 120 -27.09 -90.17 7.36
C ILE KA 120 -27.79 -90.06 8.71
N MET KA 121 -29.00 -89.51 8.71
CA MET KA 121 -29.67 -89.15 9.95
C MET KA 121 -31.18 -89.36 9.82
N PRO KA 122 -31.95 -89.19 10.90
CA PRO KA 122 -33.42 -89.31 10.76
C PRO KA 122 -34.02 -88.45 9.67
N LYS KA 123 -33.49 -87.24 9.46
CA LYS KA 123 -33.96 -86.40 8.37
C LYS KA 123 -33.77 -87.08 7.03
N ASP KA 124 -32.67 -87.82 6.87
CA ASP KA 124 -32.43 -88.54 5.62
C ASP KA 124 -33.42 -89.68 5.42
N ILE KA 125 -33.68 -90.46 6.47
CA ILE KA 125 -34.55 -91.64 6.34
C ILE KA 125 -35.98 -91.22 6.03
N GLN KA 126 -36.48 -90.19 6.72
CA GLN KA 126 -37.85 -89.75 6.49
C GLN KA 126 -38.05 -89.26 5.07
N LEU KA 127 -37.09 -88.50 4.54
CA LEU KA 127 -37.17 -88.08 3.15
C LEU KA 127 -37.14 -89.27 2.20
N ALA KA 128 -36.27 -90.23 2.46
CA ALA KA 128 -36.18 -91.41 1.60
C ALA KA 128 -37.46 -92.23 1.64
N ARG KA 129 -38.05 -92.38 2.84
CA ARG KA 129 -39.29 -93.13 2.95
C ARG KA 129 -40.44 -92.44 2.22
N ARG KA 130 -40.49 -91.11 2.30
CA ARG KA 130 -41.57 -90.37 1.65
C ARG KA 130 -41.52 -90.54 0.14
N ILE KA 131 -40.33 -90.45 -0.46
CA ILE KA 131 -40.21 -90.63 -1.90
C ILE KA 131 -40.47 -92.08 -2.29
N ARG KA 132 -40.01 -93.03 -1.48
CA ARG KA 132 -40.19 -94.44 -1.76
C ARG KA 132 -41.63 -94.91 -1.54
N GLY KA 133 -42.48 -94.07 -0.95
CA GLY KA 133 -43.86 -94.44 -0.70
C GLY KA 133 -44.09 -95.27 0.55
N GLU KA 134 -43.10 -95.33 1.45
CA GLU KA 134 -43.22 -96.11 2.67
C GLU KA 134 -43.77 -95.31 3.85
N ARG KA 135 -44.09 -94.03 3.65
CA ARG KA 135 -44.63 -93.18 4.71
C ARG KA 135 -46.14 -93.04 4.60
N ALA KA 136 -46.82 -94.04 4.06
CA ALA KA 136 -48.27 -94.01 3.95
C ALA KA 136 -48.84 -95.43 3.85
N ALA LA 32 65.44 50.89 -47.82
CA ALA LA 32 64.13 51.50 -47.70
C ALA LA 32 63.01 50.46 -47.76
N THR LA 33 62.17 50.45 -46.73
CA THR LA 33 61.07 49.50 -46.64
C THR LA 33 59.69 50.14 -46.63
N GLY LA 34 59.55 51.29 -45.96
CA GLY LA 34 58.26 51.93 -45.85
C GLY LA 34 57.82 52.58 -47.14
N GLY LA 35 56.55 53.00 -47.15
CA GLY LA 35 55.98 53.65 -48.31
C GLY LA 35 56.38 55.10 -48.43
N VAL LA 36 57.64 55.35 -48.76
CA VAL LA 36 58.15 56.70 -48.93
C VAL LA 36 58.55 56.91 -50.38
N LYS LA 37 57.97 56.12 -51.27
CA LYS LA 37 58.38 56.05 -52.69
C LYS LA 37 59.84 55.64 -52.68
N LYS LA 38 60.66 56.14 -53.62
CA LYS LA 38 62.08 55.85 -53.56
C LYS LA 38 62.90 56.87 -54.35
N PRO LA 39 64.16 57.08 -53.98
CA PRO LA 39 65.06 57.81 -54.87
C PRO LA 39 65.52 56.92 -56.01
N HIS LA 40 66.22 57.52 -56.96
CA HIS LA 40 66.73 56.77 -58.10
C HIS LA 40 68.03 56.04 -57.79
N ARG LA 41 68.51 56.11 -56.54
CA ARG LA 41 69.79 55.55 -56.10
C ARG LA 41 70.86 55.67 -57.17
N TYR LA 42 71.43 54.55 -57.59
CA TYR LA 42 72.37 54.51 -58.70
C TYR LA 42 71.64 53.91 -59.91
N ARG LA 43 71.68 54.63 -61.03
CA ARG LA 43 70.98 54.21 -62.24
C ARG LA 43 71.64 52.95 -62.79
N PRO LA 44 70.93 52.16 -63.61
CA PRO LA 44 71.54 50.94 -64.17
C PRO LA 44 72.83 51.20 -64.93
N GLY LA 45 73.13 52.45 -65.27
CA GLY LA 45 74.37 52.78 -65.95
C GLY LA 45 75.22 53.79 -65.23
N THR LA 46 75.32 53.69 -63.90
CA THR LA 46 76.17 54.59 -63.12
C THR LA 46 77.29 53.81 -62.42
N VAL LA 47 76.93 52.78 -61.65
CA VAL LA 47 77.95 51.87 -61.16
C VAL LA 47 78.65 51.19 -62.32
N ALA LA 48 77.94 51.03 -63.45
CA ALA LA 48 78.58 50.54 -64.66
C ALA LA 48 79.69 51.48 -65.10
N LEU LA 49 79.43 52.80 -65.09
CA LEU LA 49 80.46 53.76 -65.46
C LEU LA 49 81.60 53.79 -64.45
N ARG LA 50 81.27 53.60 -63.16
CA ARG LA 50 82.31 53.52 -62.15
C ARG LA 50 83.24 52.34 -62.41
N GLU LA 51 82.67 51.19 -62.74
CA GLU LA 51 83.49 50.03 -63.12
C GLU LA 51 84.25 50.29 -64.42
N ILE LA 52 83.64 51.03 -65.34
CA ILE LA 52 84.34 51.42 -66.56
C ILE LA 52 85.61 52.17 -66.22
N ARG LA 53 85.49 53.18 -65.37
CA ARG LA 53 86.63 54.00 -64.99
C ARG LA 53 87.68 53.16 -64.27
N ARG LA 54 87.25 52.31 -63.34
CA ARG LA 54 88.21 51.51 -62.57
C ARG LA 54 88.97 50.54 -63.47
N TYR LA 55 88.25 49.80 -64.32
CA TYR LA 55 88.89 48.76 -65.11
C TYR LA 55 89.64 49.33 -66.31
N GLN LA 56 89.35 50.59 -66.69
CA GLN LA 56 90.17 51.22 -67.72
C GLN LA 56 91.37 51.95 -67.14
N LYS LA 57 91.30 52.37 -65.87
CA LYS LA 57 92.46 52.95 -65.22
C LYS LA 57 93.47 51.88 -64.82
N SER LA 58 93.00 50.76 -64.29
CA SER LA 58 93.87 49.71 -63.76
C SER LA 58 93.83 48.47 -64.66
N THR LA 59 94.98 47.85 -64.83
CA THR LA 59 95.11 46.64 -65.65
C THR LA 59 95.23 45.43 -64.73
N GLU LA 60 94.35 44.44 -64.95
CA GLU LA 60 94.35 43.25 -64.11
C GLU LA 60 93.67 42.12 -64.87
N LEU LA 61 93.86 40.90 -64.37
CA LEU LA 61 93.23 39.73 -64.96
C LEU LA 61 91.81 39.59 -64.42
N LEU LA 62 90.84 39.45 -65.33
CA LEU LA 62 89.44 39.36 -64.96
C LEU LA 62 88.93 37.93 -64.85
N ILE LA 63 89.79 36.94 -65.04
CA ILE LA 63 89.40 35.53 -65.01
C ILE LA 63 90.13 34.85 -63.86
N ARG LA 64 89.39 34.10 -63.05
CA ARG LA 64 89.98 33.49 -61.86
C ARG LA 64 90.92 32.33 -62.24
N LYS LA 65 92.10 32.37 -61.63
CA LYS LA 65 93.22 31.51 -62.05
C LYS LA 65 92.92 30.03 -61.83
N LEU LA 66 92.37 29.66 -60.67
CA LEU LA 66 92.10 28.26 -60.40
C LEU LA 66 91.06 27.65 -61.34
N PRO LA 67 89.88 28.26 -61.53
CA PRO LA 67 88.97 27.70 -62.55
C PRO LA 67 89.51 27.75 -63.95
N PHE LA 68 90.32 28.76 -64.30
CA PHE LA 68 90.92 28.76 -65.63
C PHE LA 68 91.89 27.59 -65.80
N GLN LA 69 92.68 27.30 -64.77
CA GLN LA 69 93.58 26.14 -64.83
C GLN LA 69 92.77 24.86 -64.96
N ARG LA 70 91.70 24.73 -64.18
CA ARG LA 70 90.86 23.55 -64.29
C ARG LA 70 90.30 23.40 -65.68
N LEU LA 71 89.83 24.50 -66.28
CA LEU LA 71 89.26 24.44 -67.62
C LEU LA 71 90.30 24.06 -68.67
N VAL LA 72 91.49 24.64 -68.60
CA VAL LA 72 92.50 24.33 -69.61
C VAL LA 72 92.94 22.88 -69.49
N ARG LA 73 93.12 22.39 -68.26
CA ARG LA 73 93.47 20.98 -68.09
C ARG LA 73 92.35 20.08 -68.59
N GLU LA 74 91.09 20.45 -68.33
CA GLU LA 74 89.96 19.63 -68.77
C GLU LA 74 89.91 19.53 -70.28
N ILE LA 75 90.08 20.66 -70.98
CA ILE LA 75 89.99 20.62 -72.43
C ILE LA 75 91.25 19.98 -73.04
N ALA LA 76 92.39 20.05 -72.35
CA ALA LA 76 93.57 19.34 -72.82
C ALA LA 76 93.43 17.84 -72.63
N GLN LA 77 92.63 17.41 -71.64
CA GLN LA 77 92.39 15.99 -71.43
C GLN LA 77 91.65 15.38 -72.63
N ASP LA 78 90.92 16.19 -73.38
CA ASP LA 78 90.22 15.66 -74.56
C ASP LA 78 91.21 15.25 -75.64
N PHE LA 79 92.37 15.91 -75.72
CA PHE LA 79 93.37 15.59 -76.73
C PHE LA 79 94.45 14.65 -76.23
N LYS LA 80 94.81 14.72 -74.95
CA LYS LA 80 95.82 13.81 -74.42
C LYS LA 80 95.58 13.62 -72.93
N THR LA 81 96.12 12.53 -72.40
CA THR LA 81 95.97 12.17 -71.00
C THR LA 81 97.31 12.22 -70.28
N ASP LA 82 97.27 12.51 -68.99
CA ASP LA 82 98.45 12.56 -68.13
C ASP LA 82 99.47 13.57 -68.62
N LEU LA 83 99.01 14.67 -69.19
CA LEU LA 83 99.89 15.74 -69.62
C LEU LA 83 100.10 16.74 -68.48
N ARG LA 84 101.19 17.50 -68.59
CA ARG LA 84 101.56 18.49 -67.59
C ARG LA 84 101.40 19.89 -68.15
N PHE LA 85 101.19 20.84 -67.25
CA PHE LA 85 100.97 22.23 -67.61
C PHE LA 85 101.97 23.11 -66.86
N GLN LA 86 102.03 24.38 -67.26
CA GLN LA 86 102.91 25.36 -66.65
C GLN LA 86 102.13 26.61 -66.30
N SER LA 87 102.48 27.22 -65.16
CA SER LA 87 101.79 28.42 -64.72
C SER LA 87 101.97 29.56 -65.72
N SER LA 88 103.17 29.71 -66.27
CA SER LA 88 103.41 30.74 -67.27
C SER LA 88 102.56 30.51 -68.51
N ALA LA 89 102.46 29.26 -68.97
CA ALA LA 89 101.64 28.95 -70.13
C ALA LA 89 100.17 29.22 -69.85
N VAL LA 90 99.70 28.86 -68.66
CA VAL LA 90 98.31 29.12 -68.30
C VAL LA 90 98.03 30.61 -68.27
N MET LA 91 98.95 31.39 -67.70
CA MET LA 91 98.76 32.83 -67.65
C MET LA 91 98.77 33.45 -69.05
N ALA LA 92 99.65 32.96 -69.92
CA ALA LA 92 99.68 33.44 -71.30
C ALA LA 92 98.37 33.14 -72.01
N LEU LA 93 97.87 31.92 -71.86
CA LEU LA 93 96.59 31.56 -72.46
C LEU LA 93 95.46 32.41 -71.92
N GLN LA 94 95.47 32.67 -70.61
CA GLN LA 94 94.45 33.50 -69.99
C GLN LA 94 94.49 34.93 -70.54
N GLU LA 95 95.68 35.50 -70.66
CA GLU LA 95 95.79 36.85 -71.19
C GLU LA 95 95.36 36.92 -72.65
N ALA LA 96 95.75 35.93 -73.46
CA ALA LA 96 95.32 35.91 -74.84
C ALA LA 96 93.80 35.79 -74.96
N SER LA 97 93.20 34.92 -74.15
CA SER LA 97 91.76 34.76 -74.17
C SER LA 97 91.06 36.04 -73.72
N GLU LA 98 91.61 36.70 -72.69
CA GLU LA 98 91.02 37.95 -72.22
C GLU LA 98 91.09 39.04 -73.27
N ALA LA 99 92.23 39.15 -73.97
CA ALA LA 99 92.34 40.13 -75.03
C ALA LA 99 91.38 39.83 -76.18
N TYR LA 100 91.26 38.56 -76.56
CA TYR LA 100 90.34 38.18 -77.62
C TYR LA 100 88.90 38.49 -77.23
N LEU LA 101 88.52 38.19 -75.98
CA LEU LA 101 87.17 38.46 -75.52
C LEU LA 101 86.91 39.95 -75.39
N VAL LA 102 87.91 40.74 -75.00
CA VAL LA 102 87.74 42.18 -74.92
C VAL LA 102 87.53 42.78 -76.30
N ALA LA 103 88.31 42.32 -77.29
CA ALA LA 103 88.08 42.78 -78.66
C ALA LA 103 86.70 42.36 -79.15
N LEU LA 104 86.29 41.13 -78.85
CA LEU LA 104 84.97 40.67 -79.25
C LEU LA 104 83.86 41.50 -78.59
N PHE LA 105 84.06 41.88 -77.32
CA PHE LA 105 83.07 42.69 -76.62
C PHE LA 105 83.01 44.11 -77.16
N GLU LA 106 84.16 44.67 -77.54
CA GLU LA 106 84.16 45.98 -78.19
C GLU LA 106 83.40 45.91 -79.51
N ASP LA 107 83.65 44.86 -80.29
CA ASP LA 107 82.93 44.68 -81.55
C ASP LA 107 81.43 44.51 -81.31
N THR LA 108 81.07 43.76 -80.27
CA THR LA 108 79.66 43.56 -79.95
C THR LA 108 78.99 44.85 -79.53
N ASN LA 109 79.66 45.66 -78.72
CA ASN LA 109 79.10 46.95 -78.31
C ASN LA 109 78.91 47.87 -79.51
N LEU LA 110 79.91 47.92 -80.40
CA LEU LA 110 79.78 48.75 -81.58
C LEU LA 110 78.65 48.26 -82.48
N CYS LA 111 78.50 46.94 -82.60
CA CYS LA 111 77.42 46.37 -83.39
C CYS LA 111 76.06 46.71 -82.79
N ALA LA 112 75.95 46.67 -81.46
CA ALA LA 112 74.69 47.03 -80.81
C ALA LA 112 74.36 48.49 -81.01
N ILE LA 113 75.35 49.37 -80.86
CA ILE LA 113 75.11 50.80 -81.09
C ILE LA 113 74.71 51.04 -82.55
N HIS LA 114 75.33 50.29 -83.47
CA HIS LA 114 74.93 50.33 -84.87
C HIS LA 114 73.48 49.90 -85.05
N ALA LA 115 73.09 48.82 -84.37
CA ALA LA 115 71.74 48.29 -84.42
C ALA LA 115 70.78 49.04 -83.51
N LYS LA 116 71.19 50.20 -83.00
CA LYS LA 116 70.32 51.10 -82.26
C LYS LA 116 69.95 50.53 -80.89
N ARG LA 117 70.94 49.97 -80.20
CA ARG LA 117 70.72 49.37 -78.89
C ARG LA 117 71.93 49.64 -78.01
N VAL LA 118 71.69 49.60 -76.69
CA VAL LA 118 72.77 49.69 -75.71
C VAL LA 118 73.00 48.38 -74.98
N THR LA 119 72.10 47.41 -75.12
CA THR LA 119 72.24 46.09 -74.51
C THR LA 119 72.83 45.13 -75.53
N ILE LA 120 73.70 44.25 -75.08
CA ILE LA 120 74.36 43.31 -75.97
C ILE LA 120 73.61 41.99 -75.95
N MET LA 121 73.27 41.49 -77.14
CA MET LA 121 72.47 40.29 -77.33
C MET LA 121 73.23 39.32 -78.23
N PRO LA 122 72.86 38.04 -78.22
CA PRO LA 122 73.62 37.06 -79.01
C PRO LA 122 73.67 37.35 -80.50
N LYS LA 123 72.70 38.10 -81.04
CA LYS LA 123 72.74 38.43 -82.46
C LYS LA 123 73.97 39.25 -82.80
N ASP LA 124 74.31 40.22 -81.95
CA ASP LA 124 75.47 41.08 -82.22
C ASP LA 124 76.75 40.27 -82.22
N ILE LA 125 76.93 39.41 -81.21
CA ILE LA 125 78.15 38.60 -81.13
C ILE LA 125 78.20 37.58 -82.26
N GLN LA 126 77.05 37.05 -82.68
CA GLN LA 126 77.01 36.15 -83.82
C GLN LA 126 77.47 36.85 -85.09
N LEU LA 127 76.95 38.06 -85.33
CA LEU LA 127 77.38 38.82 -86.50
C LEU LA 127 78.87 39.13 -86.45
N ALA LA 128 79.36 39.55 -85.27
CA ALA LA 128 80.77 39.88 -85.13
C ALA LA 128 81.66 38.68 -85.38
N ARG LA 129 81.28 37.52 -84.85
CA ARG LA 129 82.08 36.31 -85.06
C ARG LA 129 82.02 35.85 -86.51
N ARG LA 130 80.87 36.04 -87.17
CA ARG LA 130 80.75 35.63 -88.56
C ARG LA 130 81.62 36.49 -89.46
N ILE LA 131 81.61 37.81 -89.27
CA ILE LA 131 82.33 38.68 -90.19
C ILE LA 131 83.84 38.52 -90.03
N ARG LA 132 84.31 38.35 -88.79
CA ARG LA 132 85.74 38.23 -88.54
C ARG LA 132 86.36 36.97 -89.14
N GLY LA 133 85.54 36.01 -89.57
CA GLY LA 133 86.03 34.77 -90.12
C GLY LA 133 86.19 33.64 -89.13
N GLU LA 134 85.99 33.91 -87.83
CA GLU LA 134 86.05 32.83 -86.85
C GLU LA 134 84.88 31.87 -86.98
N ARG LA 135 83.76 32.34 -87.53
CA ARG LA 135 82.60 31.50 -87.80
C ARG LA 135 82.15 31.74 -89.24
N ALA LA 136 81.79 30.64 -89.92
CA ALA LA 136 81.35 30.69 -91.31
C ALA LA 136 82.36 31.39 -92.21
N LYS MA 38 -54.63 42.73 -7.21
CA LYS MA 38 -54.90 43.86 -6.33
C LYS MA 38 -56.41 44.12 -6.26
N PRO MA 39 -56.90 44.56 -5.08
CA PRO MA 39 -58.34 44.71 -4.86
C PRO MA 39 -58.94 45.97 -5.49
N HIS MA 40 -58.57 46.23 -6.75
CA HIS MA 40 -59.11 47.35 -7.52
C HIS MA 40 -59.01 48.68 -6.76
N ARG MA 41 -57.88 48.92 -6.11
CA ARG MA 41 -57.68 50.19 -5.42
C ARG MA 41 -57.24 51.25 -6.42
N TYR MA 42 -57.99 52.35 -6.48
CA TYR MA 42 -57.59 53.46 -7.34
C TYR MA 42 -56.29 54.06 -6.84
N ARG MA 43 -55.41 54.41 -7.78
CA ARG MA 43 -54.09 54.87 -7.42
C ARG MA 43 -54.19 56.19 -6.63
N PRO MA 44 -53.35 56.39 -5.61
CA PRO MA 44 -53.43 57.63 -4.83
C PRO MA 44 -53.25 58.89 -5.67
N GLY MA 45 -52.45 58.81 -6.73
CA GLY MA 45 -52.37 59.94 -7.66
C GLY MA 45 -53.64 60.13 -8.45
N THR MA 46 -54.28 59.03 -8.84
CA THR MA 46 -55.44 59.12 -9.73
C THR MA 46 -56.73 59.49 -9.00
N VAL MA 47 -56.81 59.25 -7.69
CA VAL MA 47 -58.03 59.57 -6.96
C VAL MA 47 -58.27 61.08 -6.97
N ALA MA 48 -57.20 61.86 -7.11
CA ALA MA 48 -57.37 63.31 -7.25
C ALA MA 48 -58.12 63.67 -8.53
N LEU MA 49 -57.84 62.97 -9.63
CA LEU MA 49 -58.48 63.29 -10.90
C LEU MA 49 -59.99 63.10 -10.82
N ARG MA 50 -60.45 62.03 -10.18
CA ARG MA 50 -61.88 61.88 -9.94
C ARG MA 50 -62.40 62.98 -9.04
N GLU MA 51 -61.64 63.33 -7.99
CA GLU MA 51 -62.02 64.46 -7.15
C GLU MA 51 -61.90 65.78 -7.89
N ILE MA 52 -61.00 65.87 -8.87
CA ILE MA 52 -60.89 67.07 -9.69
C ILE MA 52 -62.19 67.34 -10.41
N ARG MA 53 -62.75 66.32 -11.05
CA ARG MA 53 -63.90 66.53 -11.92
C ARG MA 53 -65.16 66.86 -11.12
N ARG MA 54 -65.21 66.45 -9.86
CA ARG MA 54 -66.36 66.79 -9.02
C ARG MA 54 -66.34 68.28 -8.67
N TYR MA 55 -65.21 68.78 -8.19
CA TYR MA 55 -65.13 70.17 -7.75
C TYR MA 55 -65.01 71.14 -8.93
N GLN MA 56 -64.43 70.68 -10.04
CA GLN MA 56 -64.38 71.51 -11.24
C GLN MA 56 -65.72 71.60 -11.95
N LYS MA 57 -66.68 70.76 -11.58
CA LYS MA 57 -68.01 70.78 -12.20
C LYS MA 57 -69.09 71.30 -11.28
N SER MA 58 -68.87 71.29 -9.97
CA SER MA 58 -69.90 71.63 -8.98
C SER MA 58 -69.53 72.91 -8.25
N THR MA 59 -70.56 73.61 -7.78
CA THR MA 59 -70.42 74.78 -6.93
C THR MA 59 -70.95 74.42 -5.54
N GLU MA 60 -70.12 74.62 -4.53
CA GLU MA 60 -70.45 74.18 -3.18
C GLU MA 60 -69.51 74.85 -2.19
N LEU MA 61 -69.71 74.55 -0.91
CA LEU MA 61 -68.88 75.04 0.17
C LEU MA 61 -68.22 73.85 0.85
N LEU MA 62 -66.89 73.90 0.98
CA LEU MA 62 -66.11 72.75 1.41
C LEU MA 62 -65.58 72.89 2.84
N ILE MA 63 -66.22 73.71 3.67
CA ILE MA 63 -65.87 73.84 5.08
C ILE MA 63 -67.14 73.62 5.89
N ARG MA 64 -67.03 72.80 6.94
CA ARG MA 64 -68.18 72.50 7.79
C ARG MA 64 -68.74 73.79 8.40
N LYS MA 65 -70.07 73.87 8.42
CA LYS MA 65 -70.73 75.11 8.83
C LYS MA 65 -70.66 75.32 10.33
N LEU MA 66 -71.16 74.35 11.11
CA LEU MA 66 -71.21 74.53 12.56
C LEU MA 66 -69.84 74.71 13.19
N PRO MA 67 -68.81 73.91 12.86
CA PRO MA 67 -67.48 74.23 13.40
C PRO MA 67 -66.99 75.61 13.00
N PHE MA 68 -67.32 76.05 11.79
CA PHE MA 68 -66.99 77.41 11.39
C PHE MA 68 -67.83 78.43 12.17
N GLN MA 69 -69.08 78.08 12.48
CA GLN MA 69 -69.92 78.98 13.25
C GLN MA 69 -69.36 79.22 14.65
N ARG MA 70 -68.88 78.16 15.30
CA ARG MA 70 -68.27 78.31 16.62
C ARG MA 70 -66.98 79.10 16.54
N LEU MA 71 -66.17 78.85 15.51
CA LEU MA 71 -64.90 79.55 15.36
C LEU MA 71 -65.13 81.04 15.16
N VAL MA 72 -66.10 81.41 14.31
CA VAL MA 72 -66.38 82.82 14.07
C VAL MA 72 -66.88 83.50 15.33
N ARG MA 73 -67.75 82.81 16.09
CA ARG MA 73 -68.21 83.37 17.36
C ARG MA 73 -67.09 83.47 18.38
N GLU MA 74 -66.10 82.56 18.31
CA GLU MA 74 -65.03 82.58 19.29
C GLU MA 74 -64.09 83.76 19.08
N ILE MA 75 -63.70 84.02 17.82
CA ILE MA 75 -62.76 85.10 17.54
C ILE MA 75 -63.37 86.46 17.86
N ALA MA 76 -64.71 86.54 17.87
CA ALA MA 76 -65.36 87.80 18.23
C ALA MA 76 -65.09 88.18 19.68
N GLN MA 77 -65.07 87.18 20.57
CA GLN MA 77 -64.91 87.46 22.00
C GLN MA 77 -63.60 88.16 22.28
N ASP MA 78 -62.56 87.87 21.50
CA ASP MA 78 -61.26 88.52 21.72
C ASP MA 78 -61.35 90.02 21.45
N PHE MA 79 -62.10 90.41 20.43
CA PHE MA 79 -62.21 91.82 20.04
C PHE MA 79 -63.47 92.49 20.59
N LYS MA 80 -64.63 91.85 20.45
CA LYS MA 80 -65.89 92.46 20.87
C LYS MA 80 -66.82 91.38 21.41
N THR MA 81 -67.07 91.41 22.71
CA THR MA 81 -68.00 90.50 23.36
C THR MA 81 -69.43 90.99 23.20
N ASP MA 82 -70.38 90.16 23.65
CA ASP MA 82 -71.81 90.46 23.59
C ASP MA 82 -72.24 90.77 22.16
N LEU MA 83 -72.06 89.78 21.29
CA LEU MA 83 -72.38 89.93 19.88
C LEU MA 83 -73.17 88.72 19.39
N ARG MA 84 -74.11 88.98 18.49
CA ARG MA 84 -74.84 87.94 17.80
C ARG MA 84 -74.37 87.89 16.35
N PHE MA 85 -74.84 86.88 15.62
CA PHE MA 85 -74.34 86.61 14.27
C PHE MA 85 -75.48 86.09 13.40
N GLN MA 86 -75.88 86.87 12.41
CA GLN MA 86 -76.88 86.43 11.45
C GLN MA 86 -76.32 85.30 10.59
N SER MA 87 -77.21 84.40 10.16
CA SER MA 87 -76.77 83.26 9.35
C SER MA 87 -76.14 83.73 8.04
N SER MA 88 -76.65 84.81 7.46
CA SER MA 88 -76.09 85.33 6.21
C SER MA 88 -74.66 85.80 6.41
N ALA MA 89 -74.36 86.43 7.55
CA ALA MA 89 -73.01 86.90 7.81
C ALA MA 89 -72.02 85.74 7.89
N VAL MA 90 -72.40 84.64 8.54
CA VAL MA 90 -71.52 83.50 8.65
C VAL MA 90 -71.26 82.88 7.28
N MET MA 91 -72.31 82.75 6.47
CA MET MA 91 -72.14 82.19 5.13
C MET MA 91 -71.24 83.07 4.27
N ALA MA 92 -71.41 84.39 4.37
CA ALA MA 92 -70.56 85.30 3.62
C ALA MA 92 -69.09 85.18 4.02
N LEU MA 93 -68.84 85.01 5.32
CA LEU MA 93 -67.48 84.78 5.78
C LEU MA 93 -66.92 83.48 5.21
N GLN MA 94 -67.74 82.44 5.14
CA GLN MA 94 -67.30 81.17 4.56
C GLN MA 94 -66.99 81.34 3.08
N GLU MA 95 -67.82 82.09 2.36
CA GLU MA 95 -67.62 82.26 0.93
C GLU MA 95 -66.28 82.93 0.63
N ALA MA 96 -65.91 83.93 1.42
CA ALA MA 96 -64.61 84.55 1.28
C ALA MA 96 -63.50 83.54 1.59
N SER MA 97 -63.69 82.71 2.62
CA SER MA 97 -62.68 81.73 2.98
C SER MA 97 -62.47 80.70 1.87
N GLU MA 98 -63.55 80.25 1.24
CA GLU MA 98 -63.43 79.28 0.16
C GLU MA 98 -62.62 79.84 -1.00
N ALA MA 99 -62.92 81.08 -1.40
CA ALA MA 99 -62.19 81.68 -2.51
C ALA MA 99 -60.76 82.06 -2.10
N TYR MA 100 -60.57 82.42 -0.83
CA TYR MA 100 -59.23 82.76 -0.36
C TYR MA 100 -58.29 81.57 -0.45
N LEU MA 101 -58.75 80.40 0.03
CA LEU MA 101 -57.88 79.23 0.06
C LEU MA 101 -57.72 78.63 -1.33
N VAL MA 102 -58.80 78.59 -2.12
CA VAL MA 102 -58.72 78.03 -3.47
C VAL MA 102 -57.79 78.86 -4.34
N ALA MA 103 -57.90 80.20 -4.25
CA ALA MA 103 -56.95 81.05 -4.96
C ALA MA 103 -55.53 80.84 -4.45
N LEU MA 104 -55.38 80.65 -3.13
CA LEU MA 104 -54.08 80.30 -2.59
C LEU MA 104 -53.61 78.95 -3.12
N PHE MA 105 -54.51 77.97 -3.16
CA PHE MA 105 -54.14 76.65 -3.66
C PHE MA 105 -53.76 76.68 -5.14
N GLU MA 106 -54.53 77.42 -5.95
CA GLU MA 106 -54.25 77.48 -7.38
C GLU MA 106 -52.91 78.16 -7.65
N ASP MA 107 -52.62 79.26 -6.96
CA ASP MA 107 -51.36 79.95 -7.15
C ASP MA 107 -50.20 79.15 -6.59
N THR MA 108 -50.40 78.46 -5.46
CA THR MA 108 -49.34 77.65 -4.87
C THR MA 108 -48.98 76.48 -5.77
N ASN MA 109 -49.94 75.98 -6.55
CA ASN MA 109 -49.64 74.89 -7.49
C ASN MA 109 -48.62 75.35 -8.54
N LEU MA 110 -48.74 76.59 -9.00
CA LEU MA 110 -47.75 77.13 -9.92
C LEU MA 110 -46.40 77.29 -9.24
N CYS MA 111 -46.39 77.56 -7.94
CA CYS MA 111 -45.13 77.58 -7.20
C CYS MA 111 -44.49 76.20 -7.16
N ALA MA 112 -45.30 75.16 -6.97
CA ALA MA 112 -44.79 73.80 -6.98
C ALA MA 112 -44.29 73.40 -8.36
N ILE MA 113 -45.02 73.79 -9.41
CA ILE MA 113 -44.62 73.42 -10.77
C ILE MA 113 -43.31 74.08 -11.13
N HIS MA 114 -43.02 75.24 -10.53
CA HIS MA 114 -41.75 75.90 -10.73
C HIS MA 114 -40.62 75.25 -9.93
N ALA MA 115 -40.95 74.61 -8.81
CA ALA MA 115 -39.96 74.00 -7.94
C ALA MA 115 -39.67 72.55 -8.29
N LYS MA 116 -40.15 72.08 -9.43
CA LYS MA 116 -39.93 70.73 -9.98
C LYS MA 116 -40.62 69.65 -9.16
N ARG MA 117 -41.42 70.00 -8.16
CA ARG MA 117 -42.11 69.02 -7.33
C ARG MA 117 -43.61 69.11 -7.57
N VAL MA 118 -44.26 67.95 -7.72
CA VAL MA 118 -45.70 67.89 -7.88
C VAL MA 118 -46.44 68.39 -6.65
N THR MA 119 -45.89 68.18 -5.46
CA THR MA 119 -46.53 68.53 -4.21
C THR MA 119 -46.31 70.00 -3.86
N ILE MA 120 -47.33 70.61 -3.26
CA ILE MA 120 -47.21 71.95 -2.69
C ILE MA 120 -46.75 71.81 -1.24
N MET MA 121 -46.00 72.81 -0.78
CA MET MA 121 -45.38 72.77 0.53
C MET MA 121 -45.60 74.12 1.21
N PRO MA 122 -45.65 74.14 2.54
CA PRO MA 122 -45.69 75.44 3.24
C PRO MA 122 -44.56 76.38 2.87
N LYS MA 123 -43.46 75.85 2.30
CA LYS MA 123 -42.43 76.72 1.74
C LYS MA 123 -43.01 77.58 0.62
N ASP MA 124 -43.83 76.98 -0.24
CA ASP MA 124 -44.44 77.73 -1.34
C ASP MA 124 -45.58 78.62 -0.83
N ILE MA 125 -46.34 78.14 0.16
CA ILE MA 125 -47.46 78.92 0.67
C ILE MA 125 -46.97 80.19 1.34
N GLN MA 126 -45.89 80.10 2.12
CA GLN MA 126 -45.32 81.30 2.73
C GLN MA 126 -44.84 82.27 1.66
N LEU MA 127 -44.23 81.75 0.59
CA LEU MA 127 -43.85 82.60 -0.53
C LEU MA 127 -45.09 83.19 -1.21
N ALA MA 128 -46.14 82.37 -1.37
CA ALA MA 128 -47.34 82.84 -2.05
C ALA MA 128 -47.98 84.00 -1.29
N ARG MA 129 -48.01 83.90 0.04
CA ARG MA 129 -48.56 84.99 0.85
C ARG MA 129 -47.73 86.27 0.70
N ARG MA 130 -46.41 86.12 0.62
CA ARG MA 130 -45.53 87.29 0.49
C ARG MA 130 -45.74 87.99 -0.84
N ILE MA 131 -45.73 87.23 -1.94
CA ILE MA 131 -45.84 87.85 -3.26
C ILE MA 131 -47.23 88.44 -3.48
N ARG MA 132 -48.27 87.73 -3.02
CA ARG MA 132 -49.64 88.24 -3.15
C ARG MA 132 -49.90 89.45 -2.26
N GLY MA 133 -49.00 89.76 -1.33
CA GLY MA 133 -49.23 90.85 -0.40
C GLY MA 133 -50.10 90.51 0.78
N GLU MA 134 -50.51 89.25 0.92
CA GLU MA 134 -51.36 88.83 2.02
C GLU MA 134 -50.59 88.46 3.27
N ARG MA 135 -49.25 88.34 3.19
CA ARG MA 135 -48.46 88.04 4.38
C ARG MA 135 -48.50 89.19 5.37
N ALA MA 136 -48.44 90.42 4.88
CA ALA MA 136 -48.47 91.59 5.74
C ALA MA 136 -49.41 92.66 5.17
N THR NA 23 -17.68 -83.94 64.81
CA THR NA 23 -18.12 -83.84 66.20
C THR NA 23 -19.53 -84.39 66.37
N LYS NA 24 -19.62 -85.61 66.90
CA LYS NA 24 -20.90 -86.27 67.14
C LYS NA 24 -21.43 -85.79 68.49
N ALA NA 25 -22.34 -84.81 68.44
CA ALA NA 25 -22.95 -84.32 69.68
C ALA NA 25 -23.87 -85.37 70.28
N ALA NA 26 -24.50 -86.19 69.44
CA ALA NA 26 -25.44 -87.25 69.80
C ALA NA 26 -26.69 -86.72 70.51
N ARG NA 27 -26.89 -85.41 70.56
CA ARG NA 27 -28.07 -84.82 71.18
C ARG NA 27 -28.84 -83.88 70.26
N LYS NA 28 -28.25 -83.42 69.17
CA LYS NA 28 -28.91 -82.54 68.22
C LYS NA 28 -28.98 -83.23 66.86
N SER NA 29 -30.14 -83.13 66.22
CA SER NA 29 -30.43 -83.89 65.01
C SER NA 29 -30.06 -83.14 63.73
N ALA NA 30 -29.08 -82.24 63.77
CA ALA NA 30 -28.69 -81.54 62.55
C ALA NA 30 -27.87 -82.44 61.62
N PRO NA 31 -26.80 -83.13 62.08
CA PRO NA 31 -26.29 -84.28 61.33
C PRO NA 31 -27.34 -85.27 60.85
N ALA NA 32 -28.55 -85.21 61.42
CA ALA NA 32 -29.66 -86.13 61.26
C ALA NA 32 -29.45 -87.43 62.04
N THR NA 33 -28.56 -87.42 63.03
CA THR NA 33 -28.34 -88.55 63.93
C THR NA 33 -28.00 -89.82 63.16
N GLY NA 34 -29.00 -90.66 62.90
CA GLY NA 34 -28.78 -91.89 62.18
C GLY NA 34 -29.80 -92.16 61.11
N GLY NA 35 -29.35 -92.66 59.96
CA GLY NA 35 -30.24 -93.02 58.88
C GLY NA 35 -30.10 -94.47 58.48
N VAL NA 36 -29.88 -95.33 59.47
CA VAL NA 36 -29.60 -96.74 59.23
C VAL NA 36 -30.86 -97.57 59.05
N LYS NA 37 -31.83 -97.43 59.96
CA LYS NA 37 -33.10 -98.15 59.86
C LYS NA 37 -34.23 -97.23 59.39
N LYS NA 38 -33.91 -96.24 58.57
CA LYS NA 38 -35.07 -95.47 58.13
C LYS NA 38 -35.69 -96.11 56.89
N PRO NA 39 -36.98 -96.43 56.96
CA PRO NA 39 -37.63 -97.10 55.83
C PRO NA 39 -37.78 -96.18 54.63
N HIS NA 40 -37.87 -96.79 53.46
CA HIS NA 40 -38.10 -96.07 52.22
C HIS NA 40 -39.56 -95.61 52.18
N ARG NA 41 -39.79 -94.36 52.57
CA ARG NA 41 -41.13 -93.78 52.60
C ARG NA 41 -41.34 -92.93 51.36
N TYR NA 42 -42.53 -93.02 50.78
CA TYR NA 42 -42.86 -92.20 49.63
C TYR NA 42 -42.99 -90.73 50.03
N ARG NA 43 -42.58 -89.84 49.12
CA ARG NA 43 -42.70 -88.42 49.37
C ARG NA 43 -44.18 -88.02 49.41
N PRO NA 44 -44.52 -86.96 50.14
CA PRO NA 44 -45.92 -86.54 50.21
C PRO NA 44 -46.46 -86.19 48.83
N GLY NA 45 -47.66 -86.68 48.54
CA GLY NA 45 -48.29 -86.47 47.25
C GLY NA 45 -47.88 -87.42 46.16
N THR NA 46 -46.83 -88.22 46.37
CA THR NA 46 -46.39 -89.15 45.34
C THR NA 46 -47.29 -90.37 45.26
N VAL NA 47 -47.82 -90.83 46.39
CA VAL NA 47 -48.70 -91.99 46.40
C VAL NA 47 -49.99 -91.69 45.65
N ALA NA 48 -50.47 -90.45 45.74
CA ALA NA 48 -51.70 -90.08 45.03
C ALA NA 48 -51.55 -90.28 43.52
N LEU NA 49 -50.34 -90.11 43.00
CA LEU NA 49 -50.12 -90.33 41.57
C LEU NA 49 -50.43 -91.78 41.20
N ARG NA 50 -49.94 -92.73 41.99
CA ARG NA 50 -50.24 -94.13 41.73
C ARG NA 50 -51.67 -94.48 42.12
N GLU NA 51 -52.20 -93.84 43.16
CA GLU NA 51 -53.57 -94.12 43.60
C GLU NA 51 -54.59 -93.72 42.54
N ILE NA 52 -54.29 -92.66 41.78
CA ILE NA 52 -55.21 -92.25 40.71
C ILE NA 52 -55.34 -93.36 39.68
N ARG NA 53 -54.22 -93.89 39.21
CA ARG NA 53 -54.26 -94.90 38.16
C ARG NA 53 -54.89 -96.20 38.65
N ARG NA 54 -54.72 -96.50 39.94
CA ARG NA 54 -55.29 -97.74 40.48
C ARG NA 54 -56.81 -97.65 40.58
N TYR NA 55 -57.32 -96.55 41.14
CA TYR NA 55 -58.75 -96.45 41.42
C TYR NA 55 -59.57 -96.12 40.18
N GLN NA 56 -59.03 -95.32 39.26
CA GLN NA 56 -59.78 -95.01 38.04
C GLN NA 56 -60.03 -96.26 37.21
N LYS NA 57 -59.04 -97.14 37.10
CA LYS NA 57 -59.23 -98.41 36.42
C LYS NA 57 -60.09 -99.38 37.23
N SER NA 58 -60.09 -99.25 38.56
CA SER NA 58 -60.81 -100.19 39.41
C SER NA 58 -62.31 -100.08 39.21
N THR NA 59 -63.00 -101.21 39.38
CA THR NA 59 -64.43 -101.31 39.16
C THR NA 59 -65.21 -101.76 40.39
N GLU NA 60 -64.56 -101.96 41.52
CA GLU NA 60 -65.24 -102.47 42.71
C GLU NA 60 -66.16 -101.40 43.28
N LEU NA 61 -67.16 -101.87 44.05
CA LEU NA 61 -68.03 -100.95 44.78
C LEU NA 61 -67.22 -100.28 45.89
N LEU NA 62 -67.20 -98.95 45.88
CA LEU NA 62 -66.24 -98.21 46.69
C LEU NA 62 -66.51 -98.37 48.18
N ILE NA 63 -67.75 -98.14 48.61
CA ILE NA 63 -68.08 -98.14 50.02
C ILE NA 63 -68.71 -99.47 50.39
N ARG NA 64 -68.62 -99.81 51.68
CA ARG NA 64 -69.17 -101.07 52.17
C ARG NA 64 -70.70 -101.03 52.16
N LYS NA 65 -71.31 -102.20 52.08
CA LYS NA 65 -72.76 -102.30 52.00
C LYS NA 65 -73.44 -102.04 53.34
N LEU NA 66 -72.94 -102.65 54.41
CA LEU NA 66 -73.62 -102.56 55.71
C LEU NA 66 -73.68 -101.14 56.25
N PRO NA 67 -72.59 -100.36 56.34
CA PRO NA 67 -72.72 -98.99 56.84
C PRO NA 67 -73.66 -98.14 55.99
N PHE NA 68 -73.69 -98.38 54.67
CA PHE NA 68 -74.66 -97.70 53.82
C PHE NA 68 -76.07 -98.24 54.05
N GLN NA 69 -76.19 -99.56 54.28
CA GLN NA 69 -77.51 -100.18 54.40
C GLN NA 69 -78.26 -99.65 55.62
N ARG NA 70 -77.58 -99.54 56.76
CA ARG NA 70 -78.25 -99.05 57.97
C ARG NA 70 -78.58 -97.56 57.84
N LEU NA 71 -77.80 -96.82 57.06
CA LEU NA 71 -78.04 -95.39 56.91
C LEU NA 71 -79.31 -95.12 56.12
N VAL NA 72 -79.47 -95.80 54.98
CA VAL NA 72 -80.65 -95.55 54.14
C VAL NA 72 -81.91 -96.03 54.84
N ARG NA 73 -81.81 -97.10 55.63
CA ARG NA 73 -82.96 -97.57 56.39
C ARG NA 73 -83.41 -96.55 57.42
N GLU NA 74 -82.47 -95.85 58.04
CA GLU NA 74 -82.81 -94.88 59.08
C GLU NA 74 -83.58 -93.70 58.51
N ILE NA 75 -83.07 -93.12 57.42
CA ILE NA 75 -83.77 -91.98 56.81
C ILE NA 75 -85.10 -92.43 56.23
N ALA NA 76 -85.17 -93.64 55.70
CA ALA NA 76 -86.45 -94.19 55.27
C ALA NA 76 -87.38 -94.40 56.46
N GLN NA 77 -86.83 -94.79 57.61
CA GLN NA 77 -87.65 -94.97 58.80
C GLN NA 77 -88.27 -93.66 59.25
N ASP NA 78 -87.51 -92.56 59.15
CA ASP NA 78 -88.05 -91.25 59.53
C ASP NA 78 -89.19 -90.85 58.59
N PHE NA 79 -89.01 -91.08 57.29
CA PHE NA 79 -90.04 -90.68 56.32
C PHE NA 79 -91.25 -91.62 56.37
N LYS NA 80 -91.01 -92.91 56.47
CA LYS NA 80 -92.08 -93.91 56.44
C LYS NA 80 -91.83 -94.95 57.53
N THR NA 81 -92.93 -95.48 58.06
CA THR NA 81 -92.85 -96.52 59.09
C THR NA 81 -92.18 -97.76 58.50
N ASP NA 82 -91.89 -98.73 59.37
CA ASP NA 82 -91.08 -99.91 59.04
C ASP NA 82 -91.42 -100.48 57.67
N LEU NA 83 -90.38 -100.68 56.86
CA LEU NA 83 -90.53 -101.19 55.51
C LEU NA 83 -89.39 -102.16 55.21
N ARG NA 84 -89.56 -102.97 54.19
CA ARG NA 84 -88.57 -103.96 53.80
C ARG NA 84 -87.72 -103.44 52.65
N PHE NA 85 -86.56 -104.07 52.49
CA PHE NA 85 -85.60 -103.72 51.44
C PHE NA 85 -85.14 -104.97 50.72
N GLN NA 86 -84.66 -104.78 49.50
CA GLN NA 86 -84.09 -105.85 48.69
C GLN NA 86 -82.62 -105.58 48.43
N SER NA 87 -81.85 -106.66 48.23
CA SER NA 87 -80.43 -106.51 47.98
C SER NA 87 -80.16 -105.72 46.70
N SER NA 88 -81.01 -105.86 45.69
CA SER NA 88 -80.86 -105.09 44.47
C SER NA 88 -81.06 -103.60 44.73
N ALA NA 89 -82.00 -103.26 45.61
CA ALA NA 89 -82.26 -101.85 45.91
C ALA NA 89 -81.05 -101.20 46.57
N VAL NA 90 -80.36 -101.93 47.46
CA VAL NA 90 -79.18 -101.39 48.12
C VAL NA 90 -78.09 -101.09 47.10
N MET NA 91 -77.88 -102.01 46.15
CA MET NA 91 -76.86 -101.79 45.13
C MET NA 91 -77.20 -100.60 44.25
N ALA NA 92 -78.48 -100.43 43.90
CA ALA NA 92 -78.89 -99.31 43.05
C ALA NA 92 -78.61 -97.98 43.73
N LEU NA 93 -78.88 -97.88 45.04
CA LEU NA 93 -78.61 -96.65 45.77
C LEU NA 93 -77.11 -96.38 45.85
N GLN NA 94 -76.31 -97.44 46.04
CA GLN NA 94 -74.87 -97.27 46.23
C GLN NA 94 -74.20 -96.77 44.96
N GLU NA 95 -74.47 -97.43 43.82
CA GLU NA 95 -73.77 -97.10 42.59
C GLU NA 95 -74.11 -95.69 42.11
N ALA NA 96 -75.40 -95.32 42.19
CA ALA NA 96 -75.78 -93.96 41.81
C ALA NA 96 -75.15 -92.94 42.74
N SER NA 97 -75.12 -93.23 44.04
CA SER NA 97 -74.52 -92.31 45.01
C SER NA 97 -73.02 -92.19 44.80
N GLU NA 98 -72.35 -93.32 44.56
CA GLU NA 98 -70.89 -93.28 44.37
C GLU NA 98 -70.51 -92.50 43.13
N ALA NA 99 -71.22 -92.73 42.02
CA ALA NA 99 -70.95 -91.97 40.80
C ALA NA 99 -71.32 -90.50 40.97
N TYR NA 100 -72.33 -90.21 41.79
CA TYR NA 100 -72.70 -88.82 42.06
C TYR NA 100 -71.56 -88.10 42.78
N LEU NA 101 -70.95 -88.76 43.75
CA LEU NA 101 -69.82 -88.14 44.46
C LEU NA 101 -68.58 -88.06 43.57
N VAL NA 102 -68.31 -89.13 42.82
CA VAL NA 102 -67.12 -89.14 41.96
C VAL NA 102 -67.22 -88.04 40.91
N ALA NA 103 -68.40 -87.88 40.30
CA ALA NA 103 -68.60 -86.79 39.36
C ALA NA 103 -68.44 -85.43 40.05
N LEU NA 104 -68.97 -85.31 41.27
CA LEU NA 104 -68.80 -84.07 42.02
C LEU NA 104 -67.33 -83.83 42.37
N PHE NA 105 -66.61 -84.90 42.72
CA PHE NA 105 -65.20 -84.75 43.08
C PHE NA 105 -64.39 -84.23 41.89
N GLU NA 106 -64.65 -84.78 40.70
CA GLU NA 106 -63.99 -84.25 39.50
C GLU NA 106 -64.44 -82.82 39.22
N ASP NA 107 -65.72 -82.52 39.44
CA ASP NA 107 -66.21 -81.16 39.25
C ASP NA 107 -65.54 -80.19 40.21
N THR NA 108 -65.38 -80.59 41.48
CA THR NA 108 -64.67 -79.75 42.43
C THR NA 108 -63.17 -79.72 42.15
N ASN NA 109 -62.63 -80.79 41.54
CA ASN NA 109 -61.22 -80.79 41.18
C ASN NA 109 -60.92 -79.72 40.15
N LEU NA 110 -61.81 -79.54 39.17
CA LEU NA 110 -61.63 -78.46 38.20
C LEU NA 110 -61.81 -77.09 38.85
N CYS NA 111 -62.57 -77.02 39.94
CA CYS NA 111 -62.67 -75.76 40.68
C CYS NA 111 -61.40 -75.51 41.50
N ALA NA 112 -60.73 -76.59 41.91
CA ALA NA 112 -59.50 -76.45 42.68
C ALA NA 112 -58.39 -75.81 41.85
N ILE NA 113 -58.18 -76.30 40.63
CA ILE NA 113 -57.15 -75.73 39.77
C ILE NA 113 -57.52 -74.30 39.38
N HIS NA 114 -58.81 -74.03 39.20
CA HIS NA 114 -59.24 -72.67 38.92
C HIS NA 114 -58.92 -71.73 40.08
N ALA NA 115 -59.04 -72.22 41.32
CA ALA NA 115 -58.58 -71.48 42.49
C ALA NA 115 -57.07 -71.54 42.65
N LYS NA 116 -56.36 -72.11 41.67
CA LYS NA 116 -54.91 -72.22 41.67
C LYS NA 116 -54.37 -72.98 42.87
N ARG NA 117 -55.05 -74.04 43.32
CA ARG NA 117 -54.41 -74.88 44.33
C ARG NA 117 -55.05 -76.27 44.32
N VAL NA 118 -54.22 -77.28 44.62
CA VAL NA 118 -54.62 -78.67 44.51
C VAL NA 118 -55.73 -79.02 45.51
N THR NA 119 -55.71 -78.43 46.70
CA THR NA 119 -56.63 -78.84 47.76
C THR NA 119 -58.08 -78.53 47.39
N ILE NA 120 -59.00 -79.29 47.99
CA ILE NA 120 -60.43 -79.13 47.77
C ILE NA 120 -61.08 -78.90 49.12
N MET NA 121 -61.85 -77.81 49.23
CA MET NA 121 -62.55 -77.44 50.45
C MET NA 121 -64.02 -77.16 50.16
N PRO NA 122 -64.86 -76.91 51.17
CA PRO NA 122 -66.25 -76.53 50.90
C PRO NA 122 -66.39 -75.36 49.93
N LYS NA 123 -65.40 -74.46 49.87
CA LYS NA 123 -65.44 -73.42 48.84
C LYS NA 123 -65.51 -74.04 47.45
N ASP NA 124 -64.83 -75.15 47.23
CA ASP NA 124 -64.91 -75.85 45.95
C ASP NA 124 -66.27 -76.52 45.78
N ILE NA 125 -66.74 -77.19 46.83
CA ILE NA 125 -68.00 -77.94 46.72
C ILE NA 125 -69.18 -76.99 46.61
N GLN NA 126 -69.20 -75.91 47.40
CA GLN NA 126 -70.33 -74.98 47.36
C GLN NA 126 -70.48 -74.34 45.99
N LEU NA 127 -69.35 -73.94 45.38
CA LEU NA 127 -69.41 -73.42 44.02
C LEU NA 127 -69.89 -74.47 43.03
N ALA NA 128 -69.37 -75.70 43.15
CA ALA NA 128 -69.78 -76.76 42.24
C ALA NA 128 -71.26 -77.09 42.38
N ARG NA 129 -71.75 -77.16 43.62
CA ARG NA 129 -73.16 -77.47 43.86
C ARG NA 129 -74.08 -76.35 43.38
N ARG NA 130 -73.56 -75.13 43.25
CA ARG NA 130 -74.40 -74.01 42.82
C ARG NA 130 -74.61 -74.01 41.31
N ILE NA 131 -73.52 -74.16 40.54
CA ILE NA 131 -73.62 -74.06 39.09
C ILE NA 131 -74.46 -75.19 38.52
N ARG NA 132 -74.26 -76.42 39.01
CA ARG NA 132 -74.96 -77.58 38.49
C ARG NA 132 -76.33 -77.78 39.13
N GLY NA 133 -76.84 -76.76 39.83
CA GLY NA 133 -78.23 -76.74 40.26
C GLY NA 133 -78.53 -77.45 41.57
N GLU NA 134 -77.53 -77.98 42.27
CA GLU NA 134 -77.80 -78.66 43.53
C GLU NA 134 -78.12 -77.68 44.65
N ARG NA 135 -77.45 -76.53 44.69
CA ARG NA 135 -77.67 -75.54 45.74
C ARG NA 135 -78.86 -74.67 45.36
N ALA NA 136 -80.03 -75.30 45.36
CA ALA NA 136 -81.28 -74.62 45.04
C ALA NA 136 -82.47 -75.35 45.66
N PRO OA 39 -54.63 27.21 -54.23
CA PRO OA 39 -55.59 28.29 -54.43
C PRO OA 39 -55.13 29.31 -55.47
N HIS OA 40 -56.03 29.70 -56.36
CA HIS OA 40 -55.68 30.67 -57.39
C HIS OA 40 -55.34 32.03 -56.78
N ARG OA 41 -56.13 32.47 -55.80
CA ARG OA 41 -55.95 33.71 -55.04
C ARG OA 41 -56.17 34.96 -55.90
N TYR OA 42 -56.38 34.81 -57.19
CA TYR OA 42 -56.57 35.93 -58.13
C TYR OA 42 -55.36 36.86 -58.02
N ARG OA 43 -55.56 38.14 -58.29
CA ARG OA 43 -54.52 39.15 -58.22
C ARG OA 43 -54.95 40.28 -57.30
N PRO OA 44 -54.01 40.98 -56.66
CA PRO OA 44 -54.38 41.97 -55.64
C PRO OA 44 -54.96 43.26 -56.20
N GLY OA 45 -55.05 43.42 -57.52
CA GLY OA 45 -55.60 44.65 -58.06
C GLY OA 45 -56.49 44.49 -59.27
N THR OA 46 -56.69 43.25 -59.73
CA THR OA 46 -57.50 43.03 -60.92
C THR OA 46 -58.99 43.14 -60.64
N VAL OA 47 -59.43 42.69 -59.46
CA VAL OA 47 -60.85 42.70 -59.14
C VAL OA 47 -61.38 44.12 -59.00
N ALA OA 48 -60.51 45.11 -58.77
CA ALA OA 48 -60.95 46.49 -58.72
C ALA OA 48 -61.59 46.92 -60.03
N LEU OA 49 -61.11 46.39 -61.16
CA LEU OA 49 -61.73 46.67 -62.44
C LEU OA 49 -63.15 46.12 -62.50
N ARG OA 50 -63.37 44.94 -61.92
CA ARG OA 50 -64.71 44.35 -61.91
C ARG OA 50 -65.69 45.23 -61.15
N GLU OA 51 -65.22 45.86 -60.06
CA GLU OA 51 -66.09 46.76 -59.31
C GLU OA 51 -66.49 47.97 -60.14
N ILE OA 52 -65.61 48.39 -61.07
CA ILE OA 52 -65.95 49.50 -61.96
C ILE OA 52 -67.10 49.12 -62.86
N ARG OA 53 -67.03 47.93 -63.47
CA ARG OA 53 -68.08 47.49 -64.39
C ARG OA 53 -69.34 47.02 -63.69
N ARG OA 54 -69.31 46.87 -62.37
CA ARG OA 54 -70.49 46.50 -61.61
C ARG OA 54 -71.17 47.70 -60.96
N TYR OA 55 -70.39 48.68 -60.52
CA TYR OA 55 -70.96 49.81 -59.79
C TYR OA 55 -71.36 50.94 -60.73
N GLN OA 56 -70.58 51.17 -61.79
CA GLN OA 56 -70.89 52.25 -62.73
C GLN OA 56 -72.17 51.99 -63.50
N LYS OA 57 -72.58 50.72 -63.62
CA LYS OA 57 -73.86 50.37 -64.21
C LYS OA 57 -74.98 50.29 -63.19
N SER OA 58 -74.69 50.60 -61.93
CA SER OA 58 -75.64 50.46 -60.83
C SER OA 58 -76.02 51.84 -60.31
N THR OA 59 -77.27 51.97 -59.85
CA THR OA 59 -77.81 53.24 -59.42
C THR OA 59 -78.27 53.27 -57.97
N GLU OA 60 -77.94 52.26 -57.18
CA GLU OA 60 -78.36 52.23 -55.79
C GLU OA 60 -77.36 52.97 -54.91
N LEU OA 61 -77.66 53.03 -53.61
CA LEU OA 61 -76.82 53.70 -52.63
C LEU OA 61 -76.00 52.65 -51.89
N LEU OA 62 -74.70 52.89 -51.76
CA LEU OA 62 -73.79 51.96 -51.10
C LEU OA 62 -73.69 52.19 -49.60
N ILE OA 63 -74.43 53.17 -49.07
CA ILE OA 63 -74.44 53.46 -47.63
C ILE OA 63 -75.65 52.79 -47.03
N ARG OA 64 -75.44 52.05 -45.93
CA ARG OA 64 -76.54 51.38 -45.26
C ARG OA 64 -77.56 52.40 -44.76
N LYS OA 65 -78.84 52.10 -44.99
CA LYS OA 65 -79.89 53.08 -44.71
C LYS OA 65 -80.06 53.34 -43.23
N LEU OA 66 -80.09 52.27 -42.41
CA LEU OA 66 -80.38 52.45 -40.99
C LEU OA 66 -79.35 53.30 -40.26
N PRO OA 67 -78.03 53.06 -40.39
CA PRO OA 67 -77.08 53.95 -39.70
C PRO OA 67 -77.21 55.40 -40.11
N PHE OA 68 -77.50 55.67 -41.39
CA PHE OA 68 -77.71 57.05 -41.82
C PHE OA 68 -78.99 57.61 -41.22
N GLN OA 69 -80.04 56.79 -41.10
CA GLN OA 69 -81.30 57.26 -40.54
C GLN OA 69 -81.12 57.74 -39.11
N ARG OA 70 -80.39 56.97 -38.30
CA ARG OA 70 -80.09 57.41 -36.94
C ARG OA 70 -79.13 58.59 -36.93
N LEU OA 71 -78.25 58.68 -37.93
CA LEU OA 71 -77.30 59.78 -37.98
C LEU OA 71 -78.01 61.12 -38.20
N VAL OA 72 -79.03 61.14 -39.06
CA VAL OA 72 -79.75 62.39 -39.34
C VAL OA 72 -80.40 62.92 -38.07
N ARG OA 73 -80.92 62.02 -37.22
CA ARG OA 73 -81.54 62.44 -35.98
C ARG OA 73 -80.54 63.13 -35.06
N GLU OA 74 -79.33 62.58 -34.98
CA GLU OA 74 -78.36 63.08 -33.99
C GLU OA 74 -77.64 64.33 -34.44
N ILE OA 75 -77.44 64.52 -35.75
CA ILE OA 75 -76.75 65.73 -36.22
C ILE OA 75 -77.65 66.94 -36.04
N ALA OA 76 -78.96 66.78 -36.30
CA ALA OA 76 -79.91 67.86 -36.09
C ALA OA 76 -80.11 68.15 -34.60
N GLN OA 77 -79.75 67.22 -33.73
CA GLN OA 77 -80.00 67.40 -32.30
C GLN OA 77 -79.20 68.58 -31.74
N ASP OA 78 -77.98 68.78 -32.22
CA ASP OA 78 -77.16 69.88 -31.73
C ASP OA 78 -77.77 71.22 -32.09
N PHE OA 79 -78.32 71.33 -33.29
CA PHE OA 79 -78.85 72.60 -33.76
C PHE OA 79 -80.30 72.81 -33.34
N LYS OA 80 -81.11 71.76 -33.33
CA LYS OA 80 -82.51 71.85 -32.98
C LYS OA 80 -82.92 70.66 -32.15
N THR OA 81 -84.03 70.79 -31.43
CA THR OA 81 -84.50 69.74 -30.54
C THR OA 81 -85.94 69.38 -30.86
N ASP OA 82 -86.30 68.12 -30.60
CA ASP OA 82 -87.66 67.61 -30.74
C ASP OA 82 -88.17 67.77 -32.19
N LEU OA 83 -87.50 67.07 -33.09
CA LEU OA 83 -87.86 67.08 -34.51
C LEU OA 83 -88.02 65.66 -35.01
N ARG OA 84 -88.88 65.51 -36.02
CA ARG OA 84 -89.14 64.23 -36.67
C ARG OA 84 -88.68 64.27 -38.12
N PHE OA 85 -88.52 63.09 -38.70
CA PHE OA 85 -88.05 62.96 -40.08
C PHE OA 85 -88.94 61.99 -40.84
N GLN OA 86 -88.92 62.12 -42.16
CA GLN OA 86 -89.75 61.32 -43.05
C GLN OA 86 -88.87 60.43 -43.93
N SER OA 87 -89.49 59.38 -44.48
CA SER OA 87 -88.75 58.45 -45.32
C SER OA 87 -88.20 59.12 -46.57
N SER OA 88 -88.99 60.00 -47.19
CA SER OA 88 -88.53 60.72 -48.37
C SER OA 88 -87.41 61.69 -48.01
N ALA OA 89 -87.42 62.22 -46.78
CA ALA OA 89 -86.40 63.18 -46.38
C ALA OA 89 -85.03 62.53 -46.26
N VAL OA 90 -84.96 61.37 -45.59
CA VAL OA 90 -83.66 60.71 -45.41
C VAL OA 90 -83.13 60.19 -46.74
N MET OA 91 -84.02 59.71 -47.61
CA MET OA 91 -83.60 59.19 -48.91
C MET OA 91 -82.92 60.28 -49.74
N ALA OA 92 -83.49 61.49 -49.72
CA ALA OA 92 -82.88 62.59 -50.48
C ALA OA 92 -81.54 62.99 -49.88
N LEU OA 93 -81.41 62.93 -48.55
CA LEU OA 93 -80.16 63.34 -47.92
C LEU OA 93 -79.02 62.43 -48.28
N GLN OA 94 -79.26 61.12 -48.33
CA GLN OA 94 -78.20 60.17 -48.70
C GLN OA 94 -77.74 60.41 -50.13
N GLU OA 95 -78.68 60.62 -51.05
CA GLU OA 95 -78.32 60.83 -52.45
C GLU OA 95 -77.55 62.14 -52.62
N ALA OA 96 -77.95 63.19 -51.91
CA ALA OA 96 -77.23 64.46 -52.00
C ALA OA 96 -75.80 64.31 -51.49
N SER OA 97 -75.62 63.59 -50.38
CA SER OA 97 -74.28 63.40 -49.84
C SER OA 97 -73.46 62.44 -50.71
N GLU OA 98 -74.08 61.37 -51.18
CA GLU OA 98 -73.37 60.42 -52.03
C GLU OA 98 -72.95 61.07 -53.35
N ALA OA 99 -73.84 61.86 -53.95
CA ALA OA 99 -73.47 62.57 -55.18
C ALA OA 99 -72.34 63.56 -54.93
N TYR OA 100 -72.37 64.26 -53.80
CA TYR OA 100 -71.27 65.15 -53.43
C TYR OA 100 -69.99 64.37 -53.20
N LEU OA 101 -70.08 63.19 -52.59
CA LEU OA 101 -68.89 62.38 -52.33
C LEU OA 101 -68.38 61.75 -53.62
N VAL OA 102 -69.27 61.22 -54.46
CA VAL OA 102 -68.84 60.54 -55.67
C VAL OA 102 -68.25 61.52 -56.66
N ALA OA 103 -68.72 62.77 -56.65
CA ALA OA 103 -68.13 63.80 -57.51
C ALA OA 103 -66.70 64.09 -57.10
N LEU OA 104 -66.42 64.12 -55.79
CA LEU OA 104 -65.08 64.38 -55.31
C LEU OA 104 -64.13 63.23 -55.67
N PHE OA 105 -64.64 62.00 -55.65
CA PHE OA 105 -63.79 60.84 -55.96
C PHE OA 105 -63.26 60.90 -57.38
N GLU OA 106 -64.10 61.29 -58.33
CA GLU OA 106 -63.65 61.43 -59.71
C GLU OA 106 -62.63 62.56 -59.84
N ASP OA 107 -62.89 63.69 -59.18
CA ASP OA 107 -61.95 64.81 -59.25
C ASP OA 107 -60.62 64.47 -58.60
N THR OA 108 -60.65 63.81 -57.44
CA THR OA 108 -59.42 63.44 -56.76
C THR OA 108 -58.63 62.38 -57.51
N ASN OA 109 -59.29 61.60 -58.37
CA ASN OA 109 -58.58 60.59 -59.14
C ASN OA 109 -57.56 61.22 -60.08
N LEU OA 110 -57.94 62.34 -60.71
CA LEU OA 110 -57.01 63.05 -61.58
C LEU OA 110 -55.88 63.69 -60.78
N CYS OA 111 -56.10 63.95 -59.49
CA CYS OA 111 -55.06 64.55 -58.67
C CYS OA 111 -53.90 63.58 -58.43
N ALA OA 112 -54.20 62.29 -58.29
CA ALA OA 112 -53.16 61.31 -58.04
C ALA OA 112 -52.18 61.22 -59.21
N ILE OA 113 -52.70 61.21 -60.44
CA ILE OA 113 -51.82 61.12 -61.61
C ILE OA 113 -51.05 62.42 -61.79
N HIS OA 114 -51.54 63.52 -61.21
CA HIS OA 114 -50.80 64.78 -61.27
C HIS OA 114 -49.51 64.69 -60.45
N ALA OA 115 -49.51 63.86 -59.41
CA ALA OA 115 -48.32 63.63 -58.60
C ALA OA 115 -47.68 62.28 -58.89
N LYS OA 116 -47.95 61.70 -60.07
CA LYS OA 116 -47.38 60.43 -60.53
C LYS OA 116 -47.74 59.25 -59.63
N ARG OA 117 -48.61 59.46 -58.64
CA ARG OA 117 -49.01 58.42 -57.71
C ARG OA 117 -50.35 57.83 -58.13
N VAL OA 118 -50.74 56.77 -57.43
CA VAL OA 118 -52.03 56.13 -57.66
C VAL OA 118 -52.94 56.20 -56.44
N THR OA 119 -52.40 56.27 -55.23
CA THR OA 119 -53.21 56.32 -54.03
C THR OA 119 -53.95 57.65 -53.93
N ILE OA 120 -55.14 57.61 -53.35
CA ILE OA 120 -55.92 58.81 -53.05
C ILE OA 120 -55.82 59.06 -51.55
N MET OA 121 -55.36 60.25 -51.18
CA MET OA 121 -55.07 60.56 -49.79
C MET OA 121 -55.75 61.87 -49.38
N PRO OA 122 -55.97 62.07 -48.08
CA PRO OA 122 -56.38 63.38 -47.56
C PRO OA 122 -55.68 64.55 -48.22
N LYS OA 123 -54.38 64.37 -48.52
CA LYS OA 123 -53.64 65.40 -49.24
C LYS OA 123 -54.30 65.74 -50.56
N ASP OA 124 -54.80 64.74 -51.28
CA ASP OA 124 -55.53 64.99 -52.51
C ASP OA 124 -56.91 65.57 -52.22
N ILE OA 125 -57.62 64.99 -51.25
CA ILE OA 125 -59.01 65.38 -51.00
C ILE OA 125 -59.08 66.79 -50.42
N GLN OA 126 -58.27 67.08 -49.40
CA GLN OA 126 -58.29 68.40 -48.79
C GLN OA 126 -57.88 69.48 -49.78
N LEU OA 127 -56.88 69.19 -50.61
CA LEU OA 127 -56.52 70.11 -51.69
C LEU OA 127 -57.66 70.27 -52.68
N ALA OA 128 -58.34 69.17 -53.01
CA ALA OA 128 -59.44 69.23 -53.96
C ALA OA 128 -60.59 70.08 -53.44
N ARG OA 129 -60.91 69.95 -52.15
CA ARG OA 129 -62.03 70.70 -51.58
C ARG OA 129 -61.76 72.20 -51.62
N ARG OA 130 -60.52 72.61 -51.37
CA ARG OA 130 -60.19 74.04 -51.39
C ARG OA 130 -60.38 74.63 -52.78
N ILE OA 131 -59.92 73.93 -53.82
CA ILE OA 131 -60.08 74.42 -55.18
C ILE OA 131 -61.53 74.42 -55.63
N ARG OA 132 -62.30 73.41 -55.23
CA ARG OA 132 -63.71 73.32 -55.60
C ARG OA 132 -64.57 74.37 -54.92
N GLY OA 133 -64.03 75.09 -53.94
CA GLY OA 133 -64.78 76.11 -53.24
C GLY OA 133 -65.45 75.67 -51.96
N GLU OA 134 -65.45 74.37 -51.66
CA GLU OA 134 -66.04 73.88 -50.42
C GLU OA 134 -65.20 74.23 -49.21
N ARG OA 135 -63.88 74.07 -49.31
CA ARG OA 135 -62.97 74.34 -48.21
C ARG OA 135 -62.38 75.75 -48.26
N ALA OA 136 -62.71 76.53 -49.28
CA ALA OA 136 -62.16 77.87 -49.41
C ALA OA 136 -62.79 78.84 -48.42
N LYS PA 24 46.84 -57.67 62.16
CA LYS PA 24 47.51 -58.76 62.87
C LYS PA 24 48.75 -58.23 63.61
N ALA PA 25 48.72 -58.32 64.94
CA ALA PA 25 49.82 -57.82 65.76
C ALA PA 25 49.98 -58.77 66.95
N ALA PA 26 50.88 -59.74 66.83
CA ALA PA 26 51.14 -60.68 67.92
C ALA PA 26 52.63 -60.99 68.06
N ARG PA 27 53.50 -60.18 67.48
CA ARG PA 27 54.94 -60.42 67.53
C ARG PA 27 55.64 -59.17 68.03
N LYS PA 28 56.76 -59.38 68.73
CA LYS PA 28 57.57 -58.31 69.29
C LYS PA 28 56.73 -57.35 70.12
N SER PA 29 56.64 -56.10 69.68
CA SER PA 29 55.86 -55.06 70.36
C SER PA 29 54.93 -54.38 69.37
N ALA PA 30 54.25 -55.18 68.56
CA ALA PA 30 53.30 -54.64 67.60
C ALA PA 30 51.98 -54.36 68.30
N PRO PA 31 51.54 -53.10 68.40
CA PRO PA 31 50.33 -52.78 69.16
C PRO PA 31 49.05 -52.65 68.33
N ALA PA 32 49.07 -53.02 67.05
CA ALA PA 32 47.90 -52.90 66.20
C ALA PA 32 46.73 -53.71 66.75
N THR PA 33 45.52 -53.42 66.27
CA THR PA 33 44.32 -54.07 66.78
C THR PA 33 44.43 -55.58 66.70
N GLY PA 34 44.47 -56.22 67.87
CA GLY PA 34 44.67 -57.65 67.96
C GLY PA 34 44.93 -58.12 69.38
N GLY PA 35 45.98 -58.90 69.56
CA GLY PA 35 46.32 -59.43 70.87
C GLY PA 35 46.57 -58.37 71.93
N VAL PA 36 46.01 -58.58 73.12
CA VAL PA 36 46.21 -57.67 74.25
C VAL PA 36 47.66 -57.76 74.69
N LYS PA 37 48.23 -56.62 75.09
CA LYS PA 37 49.64 -56.56 75.47
C LYS PA 37 49.95 -57.54 76.59
N LYS PA 38 51.03 -58.30 76.42
CA LYS PA 38 51.47 -59.27 77.40
C LYS PA 38 52.33 -58.58 78.46
N PRO PA 39 51.97 -58.68 79.74
CA PRO PA 39 52.77 -58.02 80.78
C PRO PA 39 54.07 -58.74 81.10
N HIS PA 40 54.51 -59.69 80.27
CA HIS PA 40 55.79 -60.34 80.53
C HIS PA 40 56.96 -59.38 80.33
N ARG PA 41 56.79 -58.38 79.48
CA ARG PA 41 57.90 -57.52 79.13
C ARG PA 41 58.17 -56.48 80.23
N TYR PA 42 58.99 -55.49 79.88
CA TYR PA 42 59.48 -54.50 80.85
C TYR PA 42 58.34 -53.87 81.64
N ARG PA 43 58.42 -54.00 82.96
CA ARG PA 43 57.46 -53.48 83.91
C ARG PA 43 57.98 -52.22 84.56
N PRO PA 44 57.10 -51.37 85.12
CA PRO PA 44 57.59 -50.24 85.92
C PRO PA 44 58.47 -50.69 87.07
N GLY PA 45 58.15 -51.82 87.71
CA GLY PA 45 59.05 -52.38 88.70
C GLY PA 45 60.33 -52.92 88.08
N THR PA 46 60.21 -53.59 86.93
CA THR PA 46 61.38 -54.14 86.26
C THR PA 46 62.28 -53.02 85.73
N VAL PA 47 61.68 -51.99 85.15
CA VAL PA 47 62.48 -50.86 84.68
C VAL PA 47 63.08 -50.10 85.84
N ALA PA 48 62.41 -50.12 87.00
CA ALA PA 48 62.98 -49.51 88.19
C ALA PA 48 64.25 -50.22 88.63
N LEU PA 49 64.23 -51.55 88.64
CA LEU PA 49 65.41 -52.31 89.02
C LEU PA 49 66.55 -52.07 88.04
N ARG PA 50 66.23 -51.99 86.75
CA ARG PA 50 67.26 -51.69 85.75
C ARG PA 50 67.85 -50.30 85.97
N GLU PA 51 67.00 -49.31 86.27
CA GLU PA 51 67.47 -47.95 86.44
C GLU PA 51 68.19 -47.77 87.77
N ILE PA 52 67.72 -48.43 88.83
CA ILE PA 52 68.35 -48.32 90.14
C ILE PA 52 69.77 -48.86 90.10
N ARG PA 53 69.98 -49.97 89.39
CA ARG PA 53 71.31 -50.56 89.31
C ARG PA 53 72.32 -49.61 88.67
N ARG PA 54 71.92 -48.93 87.60
CA ARG PA 54 72.83 -48.03 86.89
C ARG PA 54 73.25 -46.87 87.78
N TYR PA 55 72.29 -46.26 88.48
CA TYR PA 55 72.60 -45.08 89.28
C TYR PA 55 73.37 -45.44 90.54
N GLN PA 56 73.10 -46.62 91.12
CA GLN PA 56 73.84 -47.06 92.30
C GLN PA 56 75.25 -47.54 91.95
N LYS PA 57 75.49 -47.93 90.70
CA LYS PA 57 76.79 -48.42 90.28
C LYS PA 57 77.76 -47.31 89.88
N SER PA 58 77.25 -46.19 89.36
CA SER PA 58 78.09 -45.08 88.92
C SER PA 58 77.84 -43.87 89.78
N THR PA 59 78.81 -42.95 89.78
CA THR PA 59 78.77 -41.74 90.61
C THR PA 59 78.45 -40.49 89.81
N GLU PA 60 77.78 -40.62 88.67
CA GLU PA 60 77.47 -39.46 87.84
C GLU PA 60 76.49 -38.53 88.56
N LEU PA 61 76.60 -37.24 88.23
CA LEU PA 61 75.67 -36.26 88.78
C LEU PA 61 74.30 -36.40 88.10
N LEU PA 62 73.25 -36.38 88.91
CA LEU PA 62 71.89 -36.56 88.43
C LEU PA 62 71.14 -35.25 88.27
N ILE PA 63 71.82 -34.11 88.39
CA ILE PA 63 71.20 -32.80 88.31
C ILE PA 63 71.92 -31.99 87.25
N ARG PA 64 71.15 -31.33 86.39
CA ARG PA 64 71.74 -30.56 85.30
C ARG PA 64 72.63 -29.44 85.85
N LYS PA 65 73.73 -29.17 85.15
CA LYS PA 65 74.78 -28.31 85.69
C LYS PA 65 74.42 -26.83 85.59
N LEU PA 66 74.27 -26.33 84.36
CA LEU PA 66 74.10 -24.89 84.17
C LEU PA 66 72.82 -24.34 84.80
N PRO PA 67 71.64 -24.94 84.62
CA PRO PA 67 70.46 -24.40 85.31
C PRO PA 67 70.58 -24.39 86.82
N PHE PA 68 71.29 -25.37 87.40
CA PHE PA 68 71.55 -25.33 88.85
C PHE PA 68 72.40 -24.12 89.21
N GLN PA 69 73.41 -23.82 88.39
CA GLN PA 69 74.20 -22.61 88.59
C GLN PA 69 73.33 -21.37 88.44
N ARG PA 70 72.42 -21.38 87.47
CA ARG PA 70 71.45 -20.30 87.36
C ARG PA 70 70.52 -20.26 88.57
N LEU PA 71 70.15 -21.44 89.07
CA LEU PA 71 69.23 -21.51 90.21
C LEU PA 71 69.85 -20.90 91.46
N VAL PA 72 71.08 -21.29 91.79
CA VAL PA 72 71.72 -20.76 92.99
C VAL PA 72 72.00 -19.27 92.84
N ARG PA 73 72.33 -18.83 91.62
CA ARG PA 73 72.57 -17.41 91.39
C ARG PA 73 71.31 -16.59 91.65
N GLU PA 74 70.15 -17.11 91.23
CA GLU PA 74 68.90 -16.40 91.46
C GLU PA 74 68.61 -16.25 92.95
N ILE PA 75 68.82 -17.32 93.72
CA ILE PA 75 68.64 -17.22 95.17
C ILE PA 75 69.72 -16.35 95.78
N ALA PA 76 70.94 -16.41 95.26
CA ALA PA 76 72.02 -15.60 95.79
C ALA PA 76 71.75 -14.11 95.60
N GLN PA 77 71.15 -13.74 94.47
CA GLN PA 77 70.83 -12.34 94.21
C GLN PA 77 69.77 -11.79 95.16
N ASP PA 78 69.04 -12.65 95.87
CA ASP PA 78 68.04 -12.19 96.83
C ASP PA 78 68.67 -11.59 98.07
N PHE PA 79 69.96 -11.80 98.31
CA PHE PA 79 70.66 -11.27 99.47
C PHE PA 79 71.66 -10.18 99.13
N LYS PA 80 72.35 -10.29 98.00
CA LYS PA 80 73.26 -9.26 97.54
C LYS PA 80 73.03 -9.02 96.05
N THR PA 81 73.23 -7.77 95.63
CA THR PA 81 72.97 -7.41 94.24
C THR PA 81 73.89 -8.14 93.29
N ASP PA 82 75.18 -8.20 93.62
CA ASP PA 82 76.19 -8.82 92.76
C ASP PA 82 76.86 -9.96 93.52
N LEU PA 83 76.93 -11.13 92.90
CA LEU PA 83 77.70 -12.25 93.40
C LEU PA 83 78.34 -12.96 92.23
N ARG PA 84 79.67 -12.92 92.16
CA ARG PA 84 80.39 -13.41 90.98
C ARG PA 84 80.38 -14.94 90.92
N PHE PA 85 80.28 -15.60 92.08
CA PHE PA 85 80.29 -17.05 92.19
C PHE PA 85 81.60 -17.67 91.70
N GLN PA 86 81.79 -18.96 91.97
CA GLN PA 86 83.02 -19.65 91.61
C GLN PA 86 82.66 -21.01 91.01
N SER PA 87 83.53 -21.49 90.11
CA SER PA 87 83.27 -22.77 89.47
C SER PA 87 83.28 -23.92 90.47
N SER PA 88 84.19 -23.89 91.45
CA SER PA 88 84.22 -24.93 92.47
C SER PA 88 83.05 -24.77 93.43
N ALA PA 89 82.60 -23.54 93.66
CA ALA PA 89 81.51 -23.31 94.59
C ALA PA 89 80.20 -23.91 94.09
N VAL PA 90 79.87 -23.68 92.81
CA VAL PA 90 78.64 -24.22 92.26
C VAL PA 90 78.72 -25.74 92.17
N MET PA 91 79.89 -26.27 91.84
CA MET PA 91 80.06 -27.72 91.78
C MET PA 91 79.84 -28.36 93.15
N ALA PA 92 80.37 -27.72 94.21
CA ALA PA 92 80.21 -28.27 95.55
C ALA PA 92 78.75 -28.25 95.99
N LEU PA 93 78.03 -27.18 95.68
CA LEU PA 93 76.63 -27.08 96.08
C LEU PA 93 75.79 -28.18 95.45
N GLN PA 94 76.08 -28.50 94.18
CA GLN PA 94 75.33 -29.55 93.49
C GLN PA 94 75.51 -30.89 94.19
N GLU PA 95 76.76 -31.24 94.53
CA GLU PA 95 77.01 -32.51 95.19
C GLU PA 95 76.38 -32.55 96.58
N ALA PA 96 76.47 -31.45 97.33
CA ALA PA 96 75.85 -31.41 98.65
C ALA PA 96 74.32 -31.47 98.55
N SER PA 97 73.75 -30.72 97.61
CA SER PA 97 72.30 -30.74 97.45
C SER PA 97 71.81 -32.10 97.00
N GLU PA 98 72.52 -32.74 96.08
CA GLU PA 98 72.13 -34.08 95.63
C GLU PA 98 72.19 -35.08 96.78
N ALA PA 99 73.21 -34.99 97.63
CA ALA PA 99 73.31 -35.91 98.76
C ALA PA 99 72.15 -35.73 99.72
N TYR PA 100 71.74 -34.48 99.97
CA TYR PA 100 70.60 -34.23 100.83
C TYR PA 100 69.33 -34.86 100.26
N LEU PA 101 69.10 -34.70 98.95
CA LEU PA 101 67.92 -35.29 98.33
C LEU PA 101 68.01 -36.81 98.30
N VAL PA 102 69.19 -37.36 98.00
CA VAL PA 102 69.36 -38.81 97.98
C VAL PA 102 69.11 -39.38 99.37
N ALA PA 103 69.67 -38.75 100.40
CA ALA PA 103 69.40 -39.18 101.77
C ALA PA 103 67.92 -39.02 102.10
N LEU PA 104 67.30 -37.93 101.66
CA LEU PA 104 65.87 -37.74 101.86
C LEU PA 104 65.08 -38.81 101.11
N PHE PA 105 65.47 -39.11 99.87
CA PHE PA 105 64.75 -40.10 99.09
C PHE PA 105 64.84 -41.48 99.73
N GLU PA 106 65.99 -41.82 100.29
CA GLU PA 106 66.13 -43.10 100.98
C GLU PA 106 65.20 -43.17 102.19
N ASP PA 107 65.13 -42.09 102.96
CA ASP PA 107 64.22 -42.06 104.10
C ASP PA 107 62.77 -41.98 103.67
N THR PA 108 62.49 -41.18 102.63
CA THR PA 108 61.11 -41.03 102.16
C THR PA 108 60.58 -42.35 101.60
N ASN PA 109 61.41 -43.10 100.89
CA ASN PA 109 60.96 -44.39 100.35
C ASN PA 109 60.63 -45.36 101.46
N LEU PA 110 61.42 -45.37 102.54
CA LEU PA 110 61.15 -46.26 103.66
C LEU PA 110 59.81 -45.95 104.32
N CYS PA 111 59.38 -44.69 104.28
CA CYS PA 111 58.06 -44.35 104.79
C CYS PA 111 56.95 -44.94 103.93
N ALA PA 112 57.18 -45.03 102.62
CA ALA PA 112 56.18 -45.61 101.72
C ALA PA 112 55.93 -47.07 102.06
N ILE PA 113 57.00 -47.83 102.35
CA ILE PA 113 56.84 -49.23 102.72
C ILE PA 113 56.01 -49.35 103.99
N HIS PA 114 56.27 -48.49 104.98
CA HIS PA 114 55.46 -48.48 106.19
C HIS PA 114 54.01 -48.11 105.90
N ALA PA 115 53.77 -47.31 104.85
CA ALA PA 115 52.44 -46.86 104.50
C ALA PA 115 51.77 -47.77 103.47
N LYS PA 116 52.23 -49.02 103.34
CA LYS PA 116 51.67 -49.98 102.40
C LYS PA 116 51.68 -49.44 100.98
N ARG PA 117 52.78 -48.78 100.60
CA ARG PA 117 52.89 -48.15 99.30
C ARG PA 117 54.29 -48.35 98.74
N VAL PA 118 54.40 -48.23 97.43
CA VAL PA 118 55.67 -48.18 96.73
C VAL PA 118 55.79 -46.89 95.91
N THR PA 119 54.87 -45.95 96.11
CA THR PA 119 54.82 -44.69 95.40
C THR PA 119 55.16 -43.56 96.34
N ILE PA 120 56.09 -42.70 95.94
CA ILE PA 120 56.47 -41.56 96.77
C ILE PA 120 55.35 -40.52 96.73
N MET PA 121 54.94 -40.09 97.91
CA MET PA 121 53.83 -39.15 98.09
C MET PA 121 54.31 -38.02 98.99
N PRO PA 122 53.77 -36.81 98.82
CA PRO PA 122 54.19 -35.70 99.68
C PRO PA 122 53.92 -35.94 101.16
N LYS PA 123 52.96 -36.80 101.50
CA LYS PA 123 52.75 -37.17 102.89
C LYS PA 123 53.96 -37.89 103.46
N ASP PA 124 54.67 -38.66 102.63
CA ASP PA 124 55.87 -39.35 103.08
C ASP PA 124 56.98 -38.35 103.42
N ILE PA 125 57.12 -37.29 102.61
CA ILE PA 125 58.24 -36.37 102.81
C ILE PA 125 57.97 -35.40 103.95
N GLN PA 126 56.69 -35.10 104.23
CA GLN PA 126 56.38 -34.27 105.40
C GLN PA 126 56.80 -34.96 106.69
N LEU PA 127 56.55 -36.27 106.78
CA LEU PA 127 56.97 -37.03 107.95
C LEU PA 127 58.50 -37.06 108.06
N ALA PA 128 59.19 -37.28 106.94
CA ALA PA 128 60.63 -37.46 106.99
C ALA PA 128 61.35 -36.20 107.47
N ARG PA 129 60.91 -35.03 107.01
CA ARG PA 129 61.57 -33.78 107.40
C ARG PA 129 61.40 -33.51 108.88
N ARG PA 130 60.19 -33.71 109.42
CA ARG PA 130 59.91 -33.31 110.79
C ARG PA 130 60.71 -34.10 111.80
N ILE PA 131 60.72 -35.44 111.66
CA ILE PA 131 61.40 -36.27 112.65
C ILE PA 131 62.91 -36.11 112.54
N ARG PA 132 63.42 -35.90 111.32
CA ARG PA 132 64.85 -35.72 111.15
C ARG PA 132 65.37 -34.44 111.77
N GLY PA 133 64.50 -33.43 111.93
CA GLY PA 133 64.90 -32.17 112.53
C GLY PA 133 64.58 -30.94 111.70
N GLU PA 134 64.00 -31.08 110.52
CA GLU PA 134 63.65 -29.94 109.67
C GLU PA 134 62.16 -29.65 109.83
N ARG PA 135 61.82 -28.37 109.90
CA ARG PA 135 60.45 -27.91 110.15
C ARG PA 135 59.91 -28.40 111.49
N ALA PA 136 60.78 -28.69 112.44
CA ALA PA 136 60.36 -29.20 113.74
C ALA PA 136 59.88 -28.07 114.65
N LYS QA 28 57.75 7.17 -48.99
CA LYS QA 28 59.01 7.91 -49.03
C LYS QA 28 59.57 7.96 -50.45
N SER QA 29 60.74 7.34 -50.64
CA SER QA 29 61.34 7.31 -51.98
C SER QA 29 60.46 6.51 -52.95
N ALA QA 30 60.05 5.31 -52.54
CA ALA QA 30 59.15 4.46 -53.31
C ALA QA 30 58.52 3.44 -52.35
N PRO QA 31 57.60 3.87 -51.49
CA PRO QA 31 57.17 3.01 -50.38
C PRO QA 31 56.37 1.78 -50.82
N ALA QA 32 55.30 1.99 -51.59
CA ALA QA 32 54.29 0.96 -51.83
C ALA QA 32 53.67 0.52 -50.50
N THR QA 33 53.98 -0.69 -50.07
CA THR QA 33 53.46 -1.29 -48.82
C THR QA 33 51.93 -1.21 -48.87
N GLY QA 34 51.28 -0.70 -47.82
CA GLY QA 34 49.83 -0.65 -47.81
C GLY QA 34 49.26 0.18 -48.94
N GLY QA 35 49.88 1.33 -49.22
CA GLY QA 35 49.46 2.04 -50.42
C GLY QA 35 49.00 3.47 -50.17
N VAL QA 36 49.51 4.38 -51.00
CA VAL QA 36 49.10 5.78 -51.00
C VAL QA 36 49.09 6.27 -52.44
N LYS QA 37 48.44 7.40 -52.67
CA LYS QA 37 48.38 7.98 -54.01
C LYS QA 37 49.78 8.43 -54.43
N LYS QA 38 50.40 7.69 -55.34
CA LYS QA 38 51.81 7.87 -55.65
C LYS QA 38 52.04 9.16 -56.44
N PRO QA 39 53.12 9.89 -56.16
CA PRO QA 39 53.48 11.02 -57.02
C PRO QA 39 54.23 10.56 -58.26
N HIS QA 40 54.78 11.52 -59.02
CA HIS QA 40 55.62 11.18 -60.17
C HIS QA 40 56.68 10.17 -59.78
N ARG QA 41 56.65 9.00 -60.41
CA ARG QA 41 57.51 7.88 -60.06
C ARG QA 41 57.96 7.22 -61.35
N TYR QA 42 58.49 6.00 -61.24
CA TYR QA 42 58.89 5.24 -62.41
C TYR QA 42 57.63 4.84 -63.18
N ARG QA 43 57.29 5.62 -64.20
CA ARG QA 43 56.08 5.41 -64.98
C ARG QA 43 56.30 4.26 -65.96
N PRO QA 44 55.20 3.69 -66.52
CA PRO QA 44 55.31 2.48 -67.34
C PRO QA 44 56.42 2.47 -68.39
N GLY QA 45 56.95 3.64 -68.76
CA GLY QA 45 58.05 3.69 -69.70
C GLY QA 45 59.38 4.02 -69.09
N THR QA 46 59.41 4.34 -67.79
CA THR QA 46 60.62 4.87 -67.18
C THR QA 46 61.72 3.82 -67.05
N VAL QA 47 61.41 2.68 -66.42
CA VAL QA 47 62.44 1.64 -66.28
C VAL QA 47 62.76 1.05 -67.64
N ALA QA 48 61.78 1.01 -68.54
CA ALA QA 48 62.02 0.52 -69.89
C ALA QA 48 63.12 1.32 -70.56
N LEU QA 49 63.08 2.65 -70.43
CA LEU QA 49 64.16 3.49 -70.95
C LEU QA 49 65.48 3.13 -70.30
N ARG QA 50 65.46 2.87 -68.99
CA ARG QA 50 66.68 2.40 -68.33
C ARG QA 50 67.12 1.06 -68.89
N GLU QA 51 66.17 0.15 -69.12
CA GLU QA 51 66.50 -1.12 -69.77
C GLU QA 51 66.85 -0.90 -71.25
N ILE QA 52 66.18 0.04 -71.90
CA ILE QA 52 66.54 0.39 -73.28
C ILE QA 52 67.96 0.90 -73.33
N ARG QA 53 68.33 1.81 -72.43
CA ARG QA 53 69.68 2.34 -72.40
C ARG QA 53 70.68 1.23 -72.08
N ARG QA 54 70.36 0.38 -71.10
CA ARG QA 54 71.30 -0.64 -70.65
C ARG QA 54 71.57 -1.66 -71.76
N TYR QA 55 70.51 -2.10 -72.45
CA TYR QA 55 70.69 -3.12 -73.48
C TYR QA 55 71.18 -2.54 -74.79
N GLN QA 56 71.15 -1.21 -74.93
CA GLN QA 56 71.76 -0.56 -76.09
C GLN QA 56 73.16 -0.02 -75.77
N LYS QA 57 73.49 0.13 -74.49
CA LYS QA 57 74.84 0.57 -74.12
C LYS QA 57 75.85 -0.53 -74.33
N SER QA 58 75.45 -1.79 -74.14
CA SER QA 58 76.35 -2.93 -74.25
C SER QA 58 75.68 -4.04 -75.05
N THR QA 59 76.50 -4.98 -75.49
CA THR QA 59 76.03 -6.14 -76.24
C THR QA 59 76.05 -7.37 -75.35
N GLU QA 60 74.94 -8.08 -75.30
CA GLU QA 60 74.80 -9.25 -74.45
C GLU QA 60 73.75 -10.18 -75.04
N LEU QA 61 73.62 -11.36 -74.46
CA LEU QA 61 72.62 -12.34 -74.84
C LEU QA 61 71.52 -12.35 -73.80
N LEU QA 62 70.27 -12.17 -74.24
CA LEU QA 62 69.13 -12.04 -73.35
C LEU QA 62 68.33 -13.34 -73.24
N ILE QA 63 68.92 -14.47 -73.61
CA ILE QA 63 68.25 -15.76 -73.56
C ILE QA 63 69.13 -16.73 -72.79
N ARG QA 64 68.52 -17.44 -71.83
CA ARG QA 64 69.25 -18.43 -71.05
C ARG QA 64 69.71 -19.57 -71.95
N LYS QA 65 70.99 -19.93 -71.83
CA LYS QA 65 71.57 -20.90 -72.75
C LYS QA 65 71.10 -22.32 -72.47
N LEU QA 66 71.04 -22.70 -71.19
CA LEU QA 66 70.73 -24.10 -70.86
C LEU QA 66 69.34 -24.51 -71.31
N PRO QA 67 68.26 -23.79 -71.01
CA PRO QA 67 66.96 -24.16 -71.59
C PRO QA 67 66.95 -24.07 -73.11
N PHE QA 68 67.68 -23.12 -73.69
CA PHE QA 68 67.76 -23.03 -75.14
C PHE QA 68 68.45 -24.24 -75.74
N GLN QA 69 69.51 -24.74 -75.08
CA GLN QA 69 70.16 -25.95 -75.55
C GLN QA 69 69.21 -27.14 -75.52
N ARG QA 70 68.36 -27.22 -74.50
CA ARG QA 70 67.31 -28.23 -74.49
C ARG QA 70 66.32 -27.99 -75.63
N LEU QA 71 66.02 -26.73 -75.92
CA LEU QA 71 65.02 -26.42 -76.93
C LEU QA 71 65.46 -26.89 -78.32
N VAL QA 72 66.71 -26.60 -78.70
CA VAL QA 72 67.19 -26.99 -80.02
C VAL QA 72 67.32 -28.50 -80.12
N ARG QA 73 67.78 -29.13 -79.04
CA ARG QA 73 67.92 -30.59 -79.05
C ARG QA 73 66.55 -31.28 -79.10
N GLU QA 74 65.58 -30.74 -78.38
CA GLU QA 74 64.26 -31.38 -78.30
C GLU QA 74 63.59 -31.43 -79.66
N ILE QA 75 63.54 -30.30 -80.36
CA ILE QA 75 62.86 -30.25 -81.65
C ILE QA 75 63.61 -31.08 -82.69
N ALA QA 76 64.94 -31.10 -82.62
CA ALA QA 76 65.74 -31.84 -83.59
C ALA QA 76 65.80 -33.34 -83.32
N GLN QA 77 65.24 -33.80 -82.20
CA GLN QA 77 65.27 -35.23 -81.90
C GLN QA 77 64.49 -36.04 -82.92
N ASP QA 78 63.34 -35.52 -83.36
CA ASP QA 78 62.51 -36.24 -84.33
C ASP QA 78 63.26 -36.43 -85.65
N PHE QA 79 63.92 -35.39 -86.14
CA PHE QA 79 64.62 -35.49 -87.42
C PHE QA 79 65.84 -36.40 -87.32
N LYS QA 80 66.59 -36.30 -86.23
CA LYS QA 80 67.75 -37.16 -86.01
C LYS QA 80 67.77 -37.62 -84.57
N THR QA 81 67.85 -38.93 -84.37
CA THR QA 81 67.88 -39.49 -83.02
C THR QA 81 69.27 -39.34 -82.42
N ASP QA 82 69.31 -39.08 -81.11
CA ASP QA 82 70.55 -38.88 -80.37
C ASP QA 82 71.42 -37.82 -81.04
N LEU QA 83 70.78 -36.70 -81.39
CA LEU QA 83 71.48 -35.62 -82.08
C LEU QA 83 72.54 -34.99 -81.17
N ARG QA 84 73.69 -34.69 -81.75
CA ARG QA 84 74.81 -34.08 -81.04
C ARG QA 84 75.06 -32.69 -81.59
N PHE QA 85 75.43 -31.77 -80.71
CA PHE QA 85 75.65 -30.37 -81.06
C PHE QA 85 77.12 -30.01 -80.86
N GLN QA 86 77.44 -28.76 -81.17
CA GLN QA 86 78.77 -28.20 -80.98
C GLN QA 86 78.65 -26.89 -80.23
N SER QA 87 79.74 -26.50 -79.57
CA SER QA 87 79.73 -25.28 -78.78
C SER QA 87 79.45 -24.05 -79.64
N SER QA 88 80.05 -23.99 -80.83
CA SER QA 88 79.79 -22.87 -81.73
C SER QA 88 78.39 -22.96 -82.32
N ALA QA 89 77.90 -24.19 -82.57
CA ALA QA 89 76.62 -24.36 -83.24
C ALA QA 89 75.46 -23.83 -82.39
N VAL QA 90 75.45 -24.16 -81.10
CA VAL QA 90 74.34 -23.74 -80.24
C VAL QA 90 74.33 -22.23 -80.10
N MET QA 91 75.51 -21.63 -79.92
CA MET QA 91 75.59 -20.18 -79.78
C MET QA 91 75.21 -19.47 -81.07
N ALA QA 92 75.62 -20.03 -82.21
CA ALA QA 92 75.26 -19.44 -83.50
C ALA QA 92 73.75 -19.49 -83.72
N LEU QA 93 73.14 -20.63 -83.39
CA LEU QA 93 71.68 -20.74 -83.54
C LEU QA 93 70.96 -19.78 -82.60
N GLN QA 94 71.45 -19.65 -81.36
CA GLN QA 94 70.85 -18.70 -80.43
C GLN QA 94 71.00 -17.27 -80.93
N GLU QA 95 72.19 -16.92 -81.44
CA GLU QA 95 72.41 -15.57 -81.96
C GLU QA 95 71.52 -15.28 -83.16
N ALA QA 96 71.40 -16.25 -84.08
CA ALA QA 96 70.52 -16.07 -85.22
C ALA QA 96 69.06 -15.96 -84.78
N SER QA 97 68.64 -16.79 -83.83
CA SER QA 97 67.28 -16.73 -83.33
C SER QA 97 67.04 -15.44 -82.57
N GLU QA 98 68.00 -15.01 -81.74
CA GLU QA 98 67.85 -13.78 -80.98
C GLU QA 98 67.79 -12.57 -81.91
N ALA QA 99 68.63 -12.54 -82.93
CA ALA QA 99 68.60 -11.43 -83.89
C ALA QA 99 67.29 -11.42 -84.67
N TYR QA 100 66.79 -12.60 -85.04
CA TYR QA 100 65.54 -12.66 -85.78
C TYR QA 100 64.38 -12.13 -84.94
N LEU QA 101 64.33 -12.48 -83.65
CA LEU QA 101 63.29 -11.97 -82.78
C LEU QA 101 63.40 -10.46 -82.61
N VAL QA 102 64.63 -9.96 -82.47
CA VAL QA 102 64.83 -8.51 -82.38
C VAL QA 102 64.42 -7.83 -83.68
N ALA QA 103 64.78 -8.43 -84.82
CA ALA QA 103 64.39 -7.88 -86.11
C ALA QA 103 62.87 -7.86 -86.25
N LEU QA 104 62.18 -8.83 -85.66
CA LEU QA 104 60.72 -8.81 -85.65
C LEU QA 104 60.19 -7.72 -84.73
N PHE QA 105 60.87 -7.50 -83.59
CA PHE QA 105 60.40 -6.51 -82.63
C PHE QA 105 60.47 -5.09 -83.20
N GLU QA 106 61.56 -4.78 -83.92
CA GLU QA 106 61.70 -3.43 -84.48
C GLU QA 106 60.62 -3.16 -85.52
N ASP QA 107 60.20 -4.19 -86.26
CA ASP QA 107 59.11 -4.03 -87.20
C ASP QA 107 57.76 -3.99 -86.48
N THR QA 108 57.61 -4.82 -85.45
CA THR QA 108 56.35 -4.86 -84.69
C THR QA 108 56.12 -3.55 -83.95
N ASN QA 109 57.17 -2.98 -83.37
CA ASN QA 109 57.01 -1.73 -82.61
C ASN QA 109 56.58 -0.59 -83.51
N LEU QA 110 57.15 -0.50 -84.71
CA LEU QA 110 56.78 0.57 -85.64
C LEU QA 110 55.34 0.41 -86.11
N CYS QA 111 54.87 -0.84 -86.25
CA CYS QA 111 53.49 -1.07 -86.66
C CYS QA 111 52.51 -0.58 -85.60
N ALA QA 112 52.85 -0.75 -84.32
CA ALA QA 112 51.97 -0.29 -83.25
C ALA QA 112 51.80 1.22 -83.29
N ILE QA 113 52.91 1.94 -83.50
CA ILE QA 113 52.84 3.40 -83.61
C ILE QA 113 52.01 3.80 -84.82
N HIS QA 114 52.13 3.04 -85.91
CA HIS QA 114 51.30 3.28 -87.08
C HIS QA 114 49.82 3.15 -86.76
N ALA QA 115 49.47 2.32 -85.78
CA ALA QA 115 48.09 2.13 -85.34
C ALA QA 115 47.73 3.00 -84.15
N LYS QA 116 48.43 4.12 -83.96
CA LYS QA 116 48.17 5.04 -82.85
C LYS QA 116 48.27 4.34 -81.49
N ARG QA 117 49.27 3.48 -81.34
CA ARG QA 117 49.49 2.74 -80.11
C ARG QA 117 50.98 2.73 -79.80
N VAL QA 118 51.31 2.63 -78.51
CA VAL QA 118 52.69 2.48 -78.08
C VAL QA 118 52.97 1.09 -77.53
N THR QA 119 51.98 0.21 -77.51
CA THR QA 119 52.12 -1.16 -77.05
C THR QA 119 52.00 -2.11 -78.22
N ILE QA 120 52.99 -2.99 -78.37
CA ILE QA 120 52.95 -4.00 -79.41
C ILE QA 120 51.96 -5.09 -79.01
N MET QA 121 51.14 -5.52 -79.97
CA MET QA 121 50.01 -6.40 -79.73
C MET QA 121 49.97 -7.45 -80.82
N PRO QA 122 49.29 -8.57 -80.57
CA PRO QA 122 49.31 -9.68 -81.56
C PRO QA 122 48.80 -9.30 -82.94
N LYS QA 123 47.98 -8.26 -83.06
CA LYS QA 123 47.57 -7.81 -84.38
C LYS QA 123 48.76 -7.32 -85.20
N ASP QA 124 49.70 -6.63 -84.56
CA ASP QA 124 50.88 -6.15 -85.27
C ASP QA 124 51.75 -7.29 -85.75
N ILE QA 125 51.94 -8.32 -84.90
CA ILE QA 125 52.86 -9.40 -85.25
C ILE QA 125 52.32 -10.23 -86.40
N GLN QA 126 50.99 -10.31 -86.53
CA GLN QA 126 50.41 -11.03 -87.66
C GLN QA 126 50.71 -10.34 -88.98
N LEU QA 127 50.60 -9.00 -89.00
CA LEU QA 127 50.87 -8.26 -90.23
C LEU QA 127 52.35 -8.31 -90.59
N ALA QA 128 53.23 -8.23 -89.60
CA ALA QA 128 54.67 -8.13 -89.88
C ALA QA 128 55.19 -9.36 -90.62
N ARG QA 129 54.79 -10.55 -90.18
CA ARG QA 129 55.25 -11.76 -90.85
C ARG QA 129 54.53 -12.01 -92.17
N ARG QA 130 53.26 -11.60 -92.27
CA ARG QA 130 52.51 -11.79 -93.51
C ARG QA 130 53.07 -10.91 -94.63
N ILE QA 131 53.36 -9.64 -94.32
CA ILE QA 131 53.86 -8.73 -95.35
C ILE QA 131 55.25 -9.14 -95.81
N ARG QA 132 56.04 -9.76 -94.94
CA ARG QA 132 57.36 -10.23 -95.30
C ARG QA 132 57.33 -11.60 -95.98
N GLY QA 133 56.17 -12.24 -96.03
CA GLY QA 133 56.05 -13.55 -96.65
C GLY QA 133 56.37 -14.72 -95.73
N GLU QA 134 56.80 -14.45 -94.50
CA GLU QA 134 57.12 -15.54 -93.58
C GLU QA 134 55.87 -16.25 -93.09
N ARG QA 135 54.84 -15.48 -92.72
CA ARG QA 135 53.60 -16.09 -92.26
C ARG QA 135 52.91 -16.87 -93.38
N ALA QA 136 52.87 -16.28 -94.57
CA ALA QA 136 52.24 -16.93 -95.72
C ALA QA 136 52.75 -16.33 -97.02
N GLY RA 35 -11.19 -24.69 124.73
CA GLY RA 35 -11.56 -23.45 125.38
C GLY RA 35 -12.46 -22.57 124.53
N VAL RA 36 -12.00 -21.34 124.27
CA VAL RA 36 -12.79 -20.43 123.46
C VAL RA 36 -12.78 -20.87 122.00
N LYS RA 37 -13.71 -20.33 121.22
CA LYS RA 37 -13.80 -20.66 119.80
C LYS RA 37 -12.55 -20.21 119.06
N LYS RA 38 -12.29 -18.91 119.04
CA LYS RA 38 -11.10 -18.37 118.41
C LYS RA 38 -10.56 -17.27 119.31
N PRO RA 39 -9.24 -17.04 119.29
CA PRO RA 39 -8.63 -16.12 120.26
C PRO RA 39 -8.57 -14.66 119.84
N HIS RA 40 -8.92 -14.33 118.60
CA HIS RA 40 -8.75 -12.98 118.05
C HIS RA 40 -7.28 -12.56 118.16
N ARG RA 41 -6.44 -13.27 117.41
CA ARG RA 41 -5.01 -13.06 117.46
C ARG RA 41 -4.60 -11.92 116.51
N TYR RA 42 -3.56 -11.19 116.91
CA TYR RA 42 -3.00 -10.18 116.05
C TYR RA 42 -2.03 -10.80 115.05
N ARG RA 43 -1.62 -10.00 114.08
CA ARG RA 43 -0.68 -10.42 113.06
C ARG RA 43 0.72 -9.96 113.42
N PRO RA 44 1.76 -10.64 112.93
CA PRO RA 44 3.13 -10.19 113.19
C PRO RA 44 3.34 -8.77 112.66
N GLY RA 45 3.99 -7.94 113.49
CA GLY RA 45 4.20 -6.55 113.16
C GLY RA 45 3.07 -5.62 113.52
N THR RA 46 1.89 -6.16 113.86
CA THR RA 46 0.78 -5.30 114.27
C THR RA 46 1.08 -4.62 115.60
N VAL RA 47 1.62 -5.37 116.57
CA VAL RA 47 1.96 -4.81 117.86
C VAL RA 47 3.34 -4.15 117.87
N ALA RA 48 4.14 -4.35 116.82
CA ALA RA 48 5.45 -3.70 116.74
C ALA RA 48 5.30 -2.19 116.68
N LEU RA 49 4.32 -1.70 115.90
CA LEU RA 49 4.10 -0.26 115.83
C LEU RA 49 3.67 0.29 117.18
N ARG RA 50 2.81 -0.43 117.90
CA ARG RA 50 2.39 0.02 119.22
C ARG RA 50 3.57 0.07 120.19
N GLU RA 51 4.48 -0.90 120.09
CA GLU RA 51 5.66 -0.89 120.95
C GLU RA 51 6.52 0.33 120.69
N ILE RA 52 6.69 0.71 119.42
CA ILE RA 52 7.53 1.86 119.09
C ILE RA 52 6.97 3.13 119.69
N ARG RA 53 5.63 3.28 119.68
CA ARG RA 53 5.02 4.51 120.19
C ARG RA 53 5.35 4.73 121.66
N ARG RA 54 5.33 3.66 122.45
CA ARG RA 54 5.67 3.78 123.87
C ARG RA 54 7.16 4.01 124.07
N TYR RA 55 7.99 3.26 123.35
CA TYR RA 55 9.43 3.30 123.61
C TYR RA 55 10.08 4.57 123.09
N GLN RA 56 9.51 5.19 122.06
CA GLN RA 56 10.02 6.49 121.63
C GLN RA 56 9.80 7.54 122.71
N LYS RA 57 8.65 7.49 123.38
CA LYS RA 57 8.36 8.39 124.50
C LYS RA 57 8.72 7.69 125.81
N SER RA 58 9.99 7.32 125.91
CA SER RA 58 10.50 6.60 127.07
C SER RA 58 11.81 7.24 127.54
N THR RA 59 12.08 7.11 128.83
CA THR RA 59 13.28 7.66 129.43
C THR RA 59 14.01 6.70 130.36
N GLU RA 60 13.40 5.58 130.76
CA GLU RA 60 14.01 4.65 131.69
C GLU RA 60 14.90 3.66 130.94
N LEU RA 61 15.73 2.96 131.70
CA LEU RA 61 16.60 1.93 131.15
C LEU RA 61 15.79 0.67 130.84
N LEU RA 62 15.98 0.11 129.65
CA LEU RA 62 15.24 -1.07 129.23
C LEU RA 62 15.96 -2.37 129.57
N ILE RA 63 17.12 -2.31 130.21
CA ILE RA 63 17.85 -3.49 130.64
C ILE RA 63 17.91 -3.48 132.17
N ARG RA 64 17.68 -4.64 132.77
CA ARG RA 64 17.65 -4.73 134.23
C ARG RA 64 19.00 -4.35 134.83
N LYS RA 65 18.97 -3.53 135.88
CA LYS RA 65 20.20 -2.95 136.42
C LYS RA 65 21.07 -4.01 137.07
N LEU RA 66 20.47 -4.90 137.88
CA LEU RA 66 21.26 -5.89 138.61
C LEU RA 66 22.04 -6.83 137.69
N PRO RA 67 21.47 -7.42 136.64
CA PRO RA 67 22.30 -8.19 135.70
C PRO RA 67 23.40 -7.36 135.06
N PHE RA 68 23.12 -6.08 134.76
CA PHE RA 68 24.15 -5.23 134.18
C PHE RA 68 25.17 -4.82 135.23
N GLN RA 69 24.74 -4.67 136.48
CA GLN RA 69 25.67 -4.29 137.55
C GLN RA 69 26.70 -5.38 137.78
N ARG RA 70 26.30 -6.65 137.72
CA ARG RA 70 27.26 -7.74 137.87
C ARG RA 70 28.13 -7.88 136.63
N LEU RA 71 27.63 -7.46 135.47
CA LEU RA 71 28.38 -7.61 134.23
C LEU RA 71 29.60 -6.69 134.21
N VAL RA 72 29.42 -5.43 134.60
CA VAL RA 72 30.54 -4.47 134.57
C VAL RA 72 31.60 -4.86 135.58
N ARG RA 73 31.20 -5.41 136.72
CA ARG RA 73 32.16 -5.86 137.71
C ARG RA 73 33.00 -7.02 137.17
N GLU RA 74 32.37 -7.94 136.43
CA GLU RA 74 33.10 -9.07 135.87
C GLU RA 74 34.17 -8.60 134.87
N ILE RA 75 33.83 -7.62 134.04
CA ILE RA 75 34.80 -7.11 133.07
C ILE RA 75 35.98 -6.46 133.78
N ALA RA 76 35.69 -5.67 134.82
CA ALA RA 76 36.77 -5.06 135.59
C ALA RA 76 37.62 -6.11 136.31
N GLN RA 77 36.97 -7.13 136.87
CA GLN RA 77 37.70 -8.15 137.62
C GLN RA 77 38.70 -8.90 136.74
N ASP RA 78 38.45 -8.98 135.43
CA ASP RA 78 39.39 -9.64 134.54
C ASP RA 78 40.71 -8.88 134.48
N PHE RA 79 40.66 -7.55 134.50
CA PHE RA 79 41.86 -6.73 134.39
C PHE RA 79 42.30 -6.13 135.73
N LYS RA 80 41.38 -5.61 136.53
CA LYS RA 80 41.70 -4.99 137.80
C LYS RA 80 40.91 -5.67 138.90
N THR RA 81 41.60 -6.32 139.83
CA THR RA 81 40.96 -7.05 140.91
C THR RA 81 40.61 -6.12 142.07
N ASP RA 82 39.59 -6.53 142.82
CA ASP RA 82 39.15 -5.81 144.03
C ASP RA 82 38.78 -4.36 143.70
N LEU RA 83 38.03 -4.18 142.61
CA LEU RA 83 37.58 -2.87 142.18
C LEU RA 83 36.13 -2.66 142.63
N ARG RA 84 35.86 -1.51 143.23
CA ARG RA 84 34.54 -1.19 143.76
C ARG RA 84 33.79 -0.32 142.76
N PHE RA 85 32.50 -0.59 142.59
CA PHE RA 85 31.66 0.12 141.64
C PHE RA 85 30.63 0.95 142.39
N GLN RA 86 30.54 2.22 142.04
CA GLN RA 86 29.53 3.11 142.62
C GLN RA 86 28.19 2.91 141.92
N SER RA 87 27.11 3.16 142.66
CA SER RA 87 25.77 3.00 142.10
C SER RA 87 25.54 3.99 140.96
N SER RA 88 25.98 5.24 141.12
CA SER RA 88 25.82 6.23 140.06
C SER RA 88 26.64 5.86 138.84
N ALA RA 89 27.83 5.28 139.04
CA ALA RA 89 28.68 4.89 137.92
C ALA RA 89 28.00 3.81 137.07
N VAL RA 90 27.31 2.87 137.72
CA VAL RA 90 26.60 1.83 136.98
C VAL RA 90 25.51 2.44 136.10
N MET RA 91 24.78 3.42 136.64
CA MET RA 91 23.72 4.06 135.87
C MET RA 91 24.28 4.78 134.65
N ALA RA 92 25.42 5.46 134.80
CA ALA RA 92 26.04 6.15 133.69
C ALA RA 92 26.43 5.19 132.57
N LEU RA 93 27.01 4.05 132.95
CA LEU RA 93 27.37 3.04 131.95
C LEU RA 93 26.12 2.48 131.27
N GLN RA 94 25.06 2.24 132.04
CA GLN RA 94 23.83 1.70 131.48
C GLN RA 94 23.22 2.66 130.46
N GLU RA 95 23.17 3.95 130.80
CA GLU RA 95 22.58 4.93 129.89
C GLU RA 95 23.43 5.11 128.64
N ALA RA 96 24.75 5.13 128.80
CA ALA RA 96 25.63 5.28 127.64
C ALA RA 96 25.54 4.07 126.72
N SER RA 97 25.52 2.87 127.30
CA SER RA 97 25.41 1.65 126.50
C SER RA 97 24.06 1.58 125.78
N GLU RA 98 22.98 1.95 126.48
CA GLU RA 98 21.66 1.91 125.87
C GLU RA 98 21.55 2.91 124.73
N ALA RA 99 22.08 4.11 124.91
CA ALA RA 99 22.04 5.11 123.84
C ALA RA 99 22.93 4.70 122.68
N TYR RA 100 24.04 4.01 122.97
CA TYR RA 100 24.90 3.51 121.91
C TYR RA 100 24.16 2.51 121.04
N LEU RA 101 23.36 1.63 121.64
CA LEU RA 101 22.60 0.66 120.87
C LEU RA 101 21.44 1.31 120.13
N VAL RA 102 20.76 2.26 120.77
CA VAL RA 102 19.60 2.90 120.15
C VAL RA 102 20.01 3.63 118.88
N ALA RA 103 21.11 4.38 118.95
CA ALA RA 103 21.64 5.02 117.75
C ALA RA 103 22.09 3.97 116.73
N LEU RA 104 22.72 2.90 117.21
CA LEU RA 104 23.14 1.83 116.31
C LEU RA 104 21.93 1.13 115.69
N PHE RA 105 20.89 0.89 116.50
CA PHE RA 105 19.70 0.21 115.99
C PHE RA 105 19.00 1.05 114.92
N GLU RA 106 18.94 2.37 115.11
CA GLU RA 106 18.36 3.23 114.08
C GLU RA 106 19.18 3.18 112.80
N ASP RA 107 20.52 3.15 112.92
CA ASP RA 107 21.36 3.05 111.75
C ASP RA 107 21.13 1.73 111.01
N THR RA 108 20.98 0.64 111.75
CA THR RA 108 20.69 -0.65 111.12
C THR RA 108 19.34 -0.63 110.42
N ASN RA 109 18.35 0.03 111.04
CA ASN RA 109 17.06 0.19 110.38
C ASN RA 109 17.20 0.94 109.06
N LEU RA 110 18.08 1.93 109.01
CA LEU RA 110 18.39 2.60 107.76
C LEU RA 110 19.17 1.72 106.80
N CYS RA 111 19.96 0.77 107.31
CA CYS RA 111 20.62 -0.18 106.43
C CYS RA 111 19.65 -1.23 105.92
N ALA RA 112 18.55 -1.46 106.64
CA ALA RA 112 17.53 -2.39 106.16
C ALA RA 112 16.79 -1.82 104.96
N ILE RA 113 16.51 -0.51 104.98
CA ILE RA 113 15.80 0.11 103.87
C ILE RA 113 16.66 0.07 102.60
N HIS RA 114 17.98 0.18 102.75
CA HIS RA 114 18.87 0.14 101.60
C HIS RA 114 18.84 -1.25 100.94
N ALA RA 115 18.58 -2.29 101.72
CA ALA RA 115 18.47 -3.65 101.21
C ALA RA 115 17.03 -4.05 100.90
N LYS RA 116 16.08 -3.13 101.02
CA LYS RA 116 14.66 -3.34 100.72
C LYS RA 116 14.00 -4.38 101.60
N ARG RA 117 14.53 -4.62 102.81
CA ARG RA 117 13.95 -5.56 103.74
C ARG RA 117 13.63 -4.86 105.06
N VAL RA 118 12.67 -5.41 105.79
CA VAL RA 118 12.35 -4.91 107.11
C VAL RA 118 13.11 -5.65 108.20
N THR RA 119 13.38 -6.93 107.99
CA THR RA 119 14.13 -7.70 108.98
C THR RA 119 15.58 -7.21 109.07
N ILE RA 120 16.06 -7.11 110.30
CA ILE RA 120 17.44 -6.69 110.55
C ILE RA 120 18.32 -7.94 110.58
N MET RA 121 19.30 -7.98 109.68
CA MET RA 121 20.22 -9.11 109.57
C MET RA 121 21.58 -8.70 110.13
N PRO RA 122 22.45 -9.65 110.46
CA PRO RA 122 23.80 -9.27 110.91
C PRO RA 122 24.55 -8.41 109.91
N LYS RA 123 24.24 -8.53 108.62
CA LYS RA 123 24.89 -7.67 107.62
C LYS RA 123 24.60 -6.21 107.91
N ASP RA 124 23.40 -5.90 108.42
CA ASP RA 124 23.05 -4.52 108.72
C ASP RA 124 23.94 -3.95 109.83
N ILE RA 125 24.18 -4.73 110.87
CA ILE RA 125 24.98 -4.24 112.00
C ILE RA 125 26.43 -4.06 111.60
N GLN RA 126 27.01 -5.05 110.91
CA GLN RA 126 28.42 -4.95 110.52
C GLN RA 126 28.64 -3.79 109.57
N LEU RA 127 27.73 -3.59 108.62
CA LEU RA 127 27.85 -2.44 107.71
C LEU RA 127 27.72 -1.13 108.47
N ALA RA 128 26.79 -1.05 109.42
CA ALA RA 128 26.61 0.17 110.20
C ALA RA 128 27.84 0.45 111.06
N ARG RA 129 28.40 -0.60 111.69
CA ARG RA 129 29.55 -0.41 112.55
C ARG RA 129 30.80 -0.03 111.75
N ARG RA 130 30.94 -0.60 110.55
CA ARG RA 130 32.13 -0.32 109.75
C ARG RA 130 32.16 1.13 109.28
N ILE RA 131 31.04 1.62 108.76
CA ILE RA 131 31.00 2.99 108.24
C ILE RA 131 31.06 4.00 109.38
N ARG RA 132 30.34 3.74 110.47
CA ARG RA 132 30.33 4.65 111.61
C ARG RA 132 31.66 4.71 112.33
N GLY RA 133 32.58 3.78 112.06
CA GLY RA 133 33.88 3.78 112.69
C GLY RA 133 33.99 2.97 113.95
N GLU RA 134 33.00 2.12 114.26
CA GLU RA 134 33.05 1.30 115.46
C GLU RA 134 33.94 0.08 115.32
N ARG RA 135 34.35 -0.26 114.09
CA ARG RA 135 35.26 -1.37 113.85
C ARG RA 135 36.70 -0.92 113.69
N ALA RA 136 36.99 0.36 113.94
CA ALA RA 136 38.35 0.87 113.83
C ALA RA 136 38.77 1.56 115.12
N ARG SA 27 0.26 -25.59 -76.38
CA ARG SA 27 1.70 -25.42 -76.30
C ARG SA 27 2.17 -24.36 -77.30
N LYS SA 28 2.55 -23.19 -76.77
CA LYS SA 28 3.00 -22.07 -77.59
C LYS SA 28 4.41 -21.68 -77.18
N SER SA 29 5.25 -21.43 -78.19
CA SER SA 29 6.64 -21.03 -77.94
C SER SA 29 6.80 -19.51 -77.95
N ALA SA 30 6.43 -18.88 -79.05
CA ALA SA 30 6.50 -17.43 -79.21
C ALA SA 30 7.87 -16.84 -78.87
N PRO SA 31 8.88 -17.05 -79.73
CA PRO SA 31 10.20 -16.46 -79.48
C PRO SA 31 10.22 -14.94 -79.34
N ALA SA 32 9.09 -14.26 -79.58
CA ALA SA 32 9.08 -12.81 -79.62
C ALA SA 32 9.36 -12.22 -78.24
N THR SA 33 9.42 -10.87 -78.19
CA THR SA 33 9.73 -10.19 -76.95
C THR SA 33 8.70 -10.47 -75.87
N GLY SA 34 7.42 -10.49 -76.23
CA GLY SA 34 6.36 -10.76 -75.27
C GLY SA 34 6.51 -12.10 -74.58
N GLY SA 35 6.42 -12.09 -73.26
CA GLY SA 35 6.60 -13.29 -72.48
C GLY SA 35 7.98 -13.36 -71.85
N VAL SA 36 8.05 -13.97 -70.66
CA VAL SA 36 9.30 -14.13 -69.93
C VAL SA 36 9.70 -15.59 -69.97
N LYS SA 37 9.32 -16.28 -71.05
CA LYS SA 37 9.50 -17.73 -71.21
C LYS SA 37 8.71 -18.48 -70.15
N LYS SA 38 8.92 -19.79 -70.07
CA LYS SA 38 8.20 -20.63 -69.13
C LYS SA 38 9.18 -21.44 -68.30
N PRO SA 39 8.81 -21.79 -67.07
CA PRO SA 39 9.69 -22.67 -66.27
C PRO SA 39 9.92 -24.02 -66.91
N HIS SA 40 8.94 -24.57 -67.62
CA HIS SA 40 9.04 -25.88 -68.25
C HIS SA 40 8.86 -25.71 -69.76
N ARG SA 41 9.97 -25.47 -70.47
CA ARG SA 41 9.99 -25.44 -71.92
C ARG SA 41 11.07 -26.43 -72.38
N TYR SA 42 10.71 -27.71 -72.39
CA TYR SA 42 11.63 -28.80 -72.68
C TYR SA 42 12.99 -28.54 -71.98
N ARG SA 43 12.92 -28.48 -70.65
CA ARG SA 43 14.05 -28.13 -69.79
C ARG SA 43 15.26 -28.99 -70.09
N PRO SA 44 16.49 -28.48 -69.83
CA PRO SA 44 17.69 -29.29 -70.10
C PRO SA 44 17.64 -30.65 -69.43
N GLY SA 45 17.59 -31.70 -70.25
CA GLY SA 45 17.49 -33.06 -69.78
C GLY SA 45 16.15 -33.71 -70.00
N THR SA 46 15.07 -32.92 -70.14
CA THR SA 46 13.75 -33.51 -70.36
C THR SA 46 13.64 -34.12 -71.75
N VAL SA 47 14.11 -33.41 -72.77
CA VAL SA 47 14.20 -34.00 -74.09
C VAL SA 47 15.21 -35.14 -74.09
N ALA SA 48 16.27 -35.02 -73.28
CA ALA SA 48 17.17 -36.15 -73.08
C ALA SA 48 16.41 -37.34 -72.48
N LEU SA 49 15.54 -37.09 -71.50
CA LEU SA 49 14.68 -38.15 -70.98
C LEU SA 49 13.76 -38.68 -72.07
N ARG SA 50 13.39 -37.83 -73.03
CA ARG SA 50 12.66 -38.31 -74.19
C ARG SA 50 13.61 -39.04 -75.16
N GLU SA 51 14.83 -38.53 -75.30
CA GLU SA 51 15.76 -39.13 -76.26
C GLU SA 51 16.27 -40.48 -75.79
N ILE SA 52 16.45 -40.65 -74.48
CA ILE SA 52 16.93 -41.94 -73.97
C ILE SA 52 15.91 -43.03 -74.24
N ARG SA 53 14.62 -42.70 -74.09
CA ARG SA 53 13.58 -43.69 -74.38
C ARG SA 53 13.55 -44.05 -75.85
N ARG SA 54 13.68 -43.05 -76.73
CA ARG SA 54 13.63 -43.31 -78.17
C ARG SA 54 14.85 -44.10 -78.64
N TYR SA 55 16.04 -43.74 -78.16
CA TYR SA 55 17.27 -44.37 -78.63
C TYR SA 55 17.54 -45.71 -77.96
N GLN SA 56 16.85 -46.03 -76.87
CA GLN SA 56 16.94 -47.34 -76.24
C GLN SA 56 15.79 -48.25 -76.63
N LYS SA 57 14.91 -47.79 -77.52
CA LYS SA 57 13.78 -48.57 -77.98
C LYS SA 57 13.97 -49.13 -79.39
N SER SA 58 15.04 -48.76 -80.08
CA SER SA 58 15.30 -49.24 -81.43
C SER SA 58 16.79 -49.44 -81.60
N THR SA 59 17.14 -50.24 -82.61
CA THR SA 59 18.52 -50.54 -82.95
C THR SA 59 18.90 -49.83 -84.24
N GLU SA 60 20.04 -49.15 -84.23
CA GLU SA 60 20.48 -48.37 -85.38
C GLU SA 60 21.92 -47.97 -85.16
N LEU SA 61 22.56 -47.51 -86.25
CA LEU SA 61 23.90 -46.92 -86.18
C LEU SA 61 23.74 -45.43 -85.91
N LEU SA 62 24.39 -44.95 -84.84
CA LEU SA 62 24.17 -43.58 -84.38
C LEU SA 62 25.03 -42.57 -85.12
N ILE SA 63 26.35 -42.77 -85.14
CA ILE SA 63 27.23 -41.81 -85.79
C ILE SA 63 27.10 -41.93 -87.31
N ARG SA 64 27.63 -40.92 -87.99
CA ARG SA 64 27.56 -40.87 -89.44
C ARG SA 64 28.37 -42.00 -90.07
N LYS SA 65 27.86 -42.52 -91.19
CA LYS SA 65 28.50 -43.66 -91.84
C LYS SA 65 29.66 -43.22 -92.74
N LEU SA 66 29.37 -42.39 -93.73
CA LEU SA 66 30.41 -41.99 -94.69
C LEU SA 66 31.56 -41.23 -94.03
N PRO SA 67 31.34 -40.24 -93.15
CA PRO SA 67 32.49 -39.62 -92.47
C PRO SA 67 33.32 -40.61 -91.67
N PHE SA 68 32.69 -41.63 -91.09
CA PHE SA 68 33.46 -42.66 -90.40
C PHE SA 68 34.22 -43.54 -91.40
N GLN SA 69 33.63 -43.77 -92.58
CA GLN SA 69 34.31 -44.57 -93.60
C GLN SA 69 35.59 -43.90 -94.06
N ARG SA 70 35.55 -42.57 -94.24
CA ARG SA 70 36.75 -41.85 -94.61
C ARG SA 70 37.81 -41.91 -93.51
N LEU SA 71 37.38 -41.90 -92.25
CA LEU SA 71 38.31 -42.01 -91.13
C LEU SA 71 39.05 -43.34 -91.17
N VAL SA 72 38.32 -44.43 -91.43
CA VAL SA 72 38.95 -45.74 -91.49
C VAL SA 72 39.94 -45.82 -92.66
N ARG SA 73 39.54 -45.28 -93.81
CA ARG SA 73 40.40 -45.30 -94.99
C ARG SA 73 41.65 -44.45 -94.79
N GLU SA 74 41.49 -43.27 -94.18
CA GLU SA 74 42.64 -42.37 -94.00
C GLU SA 74 43.68 -42.98 -93.05
N ILE SA 75 43.22 -43.58 -91.95
CA ILE SA 75 44.14 -44.18 -90.99
C ILE SA 75 44.88 -45.36 -91.62
N ALA SA 76 44.15 -46.20 -92.35
CA ALA SA 76 44.77 -47.36 -92.98
C ALA SA 76 45.72 -46.94 -94.10
N GLN SA 77 45.49 -45.78 -94.70
CA GLN SA 77 46.34 -45.31 -95.79
C GLN SA 77 47.76 -45.03 -95.29
N ASP SA 78 47.88 -44.45 -94.10
CA ASP SA 78 49.21 -44.23 -93.52
C ASP SA 78 49.81 -45.54 -93.03
N PHE SA 79 48.98 -46.43 -92.46
CA PHE SA 79 49.47 -47.73 -92.02
C PHE SA 79 49.98 -48.55 -93.19
N LYS SA 80 49.23 -48.56 -94.30
CA LYS SA 80 49.62 -49.30 -95.49
C LYS SA 80 49.29 -48.44 -96.71
N THR SA 81 50.23 -48.36 -97.64
CA THR SA 81 50.07 -47.47 -98.79
C THR SA 81 48.86 -47.84 -99.63
N ASP SA 82 48.69 -49.13 -99.91
CA ASP SA 82 47.58 -49.61 -100.73
C ASP SA 82 46.77 -50.62 -99.92
N LEU SA 83 45.45 -50.42 -99.87
CA LEU SA 83 44.57 -51.31 -99.14
C LEU SA 83 43.14 -51.08 -99.61
N ARG SA 84 42.44 -52.15 -99.96
CA ARG SA 84 41.05 -52.09 -100.38
C ARG SA 84 40.13 -52.37 -99.19
N PHE SA 85 38.85 -52.02 -99.37
CA PHE SA 85 37.87 -52.15 -98.32
C PHE SA 85 36.59 -52.76 -98.88
N GLN SA 86 35.80 -53.37 -97.99
CA GLN SA 86 34.51 -53.92 -98.35
C GLN SA 86 33.47 -53.45 -97.34
N SER SA 87 32.20 -53.54 -97.74
CA SER SA 87 31.12 -53.01 -96.92
C SER SA 87 31.02 -53.73 -95.58
N SER SA 88 31.22 -55.05 -95.57
CA SER SA 88 31.12 -55.80 -94.32
C SER SA 88 32.21 -55.40 -93.34
N ALA SA 89 33.42 -55.15 -93.83
CA ALA SA 89 34.54 -54.82 -92.94
C ALA SA 89 34.32 -53.47 -92.26
N VAL SA 90 33.93 -52.45 -93.02
CA VAL SA 90 33.76 -51.12 -92.45
C VAL SA 90 32.57 -51.09 -91.50
N MET SA 91 31.51 -51.83 -91.82
CA MET SA 91 30.34 -51.88 -90.94
C MET SA 91 30.70 -52.51 -89.59
N ALA SA 92 31.50 -53.58 -89.61
CA ALA SA 92 31.90 -54.22 -88.36
C ALA SA 92 32.73 -53.27 -87.50
N LEU SA 93 33.65 -52.53 -88.11
CA LEU SA 93 34.47 -51.59 -87.35
C LEU SA 93 33.61 -50.48 -86.75
N GLN SA 94 32.66 -49.95 -87.53
CA GLN SA 94 31.80 -48.88 -87.05
C GLN SA 94 30.89 -49.38 -85.92
N GLU SA 95 30.30 -50.57 -86.11
CA GLU SA 95 29.39 -51.09 -85.09
C GLU SA 95 30.12 -51.38 -83.78
N ALA SA 96 31.32 -51.94 -83.86
CA ALA SA 96 32.09 -52.19 -82.64
C ALA SA 96 32.49 -50.88 -81.97
N SER SA 97 32.89 -49.88 -82.75
CA SER SA 97 33.28 -48.60 -82.18
C SER SA 97 32.11 -47.92 -81.48
N GLU SA 98 30.93 -47.96 -82.10
CA GLU SA 98 29.75 -47.37 -81.47
C GLU SA 98 29.41 -48.09 -80.17
N ALA SA 99 29.46 -49.42 -80.18
CA ALA SA 99 29.21 -50.18 -78.97
C ALA SA 99 30.27 -49.90 -77.92
N TYR SA 100 31.53 -49.78 -78.33
CA TYR SA 100 32.59 -49.45 -77.39
C TYR SA 100 32.39 -48.07 -76.77
N LEU SA 101 31.99 -47.09 -77.60
CA LEU SA 101 31.72 -45.76 -77.08
C LEU SA 101 30.52 -45.75 -76.15
N VAL SA 102 29.45 -46.47 -76.52
CA VAL SA 102 28.25 -46.51 -75.68
C VAL SA 102 28.56 -47.15 -74.34
N ALA SA 103 29.30 -48.27 -74.35
CA ALA SA 103 29.68 -48.91 -73.10
C ALA SA 103 30.56 -48.00 -72.26
N LEU SA 104 31.47 -47.26 -72.90
CA LEU SA 104 32.30 -46.32 -72.16
C LEU SA 104 31.47 -45.22 -71.54
N PHE SA 105 30.45 -44.73 -72.26
CA PHE SA 105 29.60 -43.68 -71.72
C PHE SA 105 28.84 -44.15 -70.49
N GLU SA 106 28.40 -45.41 -70.49
CA GLU SA 106 27.71 -45.96 -69.31
C GLU SA 106 28.63 -45.95 -68.10
N ASP SA 107 29.88 -46.39 -68.28
CA ASP SA 107 30.83 -46.36 -67.18
C ASP SA 107 31.21 -44.93 -66.82
N THR SA 108 31.37 -44.06 -67.81
CA THR SA 108 31.71 -42.67 -67.54
C THR SA 108 30.59 -41.96 -66.79
N ASN SA 109 29.34 -42.25 -67.16
CA ASN SA 109 28.21 -41.69 -66.42
C ASN SA 109 28.18 -42.21 -64.99
N LEU SA 110 28.54 -43.48 -64.79
CA LEU SA 110 28.69 -44.00 -63.43
C LEU SA 110 29.78 -43.28 -62.68
N CYS SA 111 30.86 -42.89 -63.36
CA CYS SA 111 31.86 -42.02 -62.76
C CYS SA 111 31.28 -40.64 -62.46
N ALA SA 112 30.38 -40.16 -63.31
CA ALA SA 112 29.77 -38.85 -63.10
C ALA SA 112 28.89 -38.84 -61.85
N ILE SA 113 28.16 -39.94 -61.61
CA ILE SA 113 27.27 -40.00 -60.47
C ILE SA 113 28.02 -40.07 -59.15
N HIS SA 114 29.33 -40.36 -59.20
CA HIS SA 114 30.14 -40.36 -57.99
C HIS SA 114 30.14 -38.99 -57.33
N ALA SA 115 30.33 -37.95 -58.12
CA ALA SA 115 30.12 -36.59 -57.65
C ALA SA 115 28.66 -36.20 -57.83
N LYS SA 116 28.23 -35.19 -57.08
CA LYS SA 116 26.84 -34.73 -57.14
C LYS SA 116 26.65 -33.90 -58.41
N ARG SA 117 26.77 -34.58 -59.55
CA ARG SA 117 26.65 -33.92 -60.84
C ARG SA 117 26.09 -34.91 -61.85
N VAL SA 118 25.45 -34.37 -62.88
CA VAL SA 118 24.85 -35.18 -63.95
C VAL SA 118 25.49 -34.88 -65.30
N THR SA 119 26.65 -34.22 -65.30
CA THR SA 119 27.35 -33.86 -66.52
C THR SA 119 28.64 -34.66 -66.64
N ILE SA 120 28.84 -35.30 -67.78
CA ILE SA 120 30.08 -36.03 -68.04
C ILE SA 120 31.20 -35.04 -68.30
N MET SA 121 32.32 -35.22 -67.60
CA MET SA 121 33.44 -34.30 -67.63
C MET SA 121 34.72 -35.09 -67.88
N PRO SA 122 35.78 -34.44 -68.35
CA PRO SA 122 37.04 -35.17 -68.56
C PRO SA 122 37.60 -35.81 -67.31
N LYS SA 123 37.23 -35.35 -66.12
CA LYS SA 123 37.65 -36.02 -64.90
C LYS SA 123 37.14 -37.45 -64.85
N ASP SA 124 35.91 -37.68 -65.32
CA ASP SA 124 35.32 -39.01 -65.24
C ASP SA 124 35.93 -39.95 -66.28
N ILE SA 125 36.20 -39.46 -67.48
CA ILE SA 125 36.71 -40.33 -68.54
C ILE SA 125 38.12 -40.81 -68.22
N GLN SA 126 38.93 -39.96 -67.58
CA GLN SA 126 40.27 -40.37 -67.16
C GLN SA 126 40.19 -41.49 -66.12
N LEU SA 127 39.28 -41.34 -65.15
CA LEU SA 127 39.14 -42.35 -64.11
C LEU SA 127 38.63 -43.67 -64.68
N ALA SA 128 37.63 -43.60 -65.57
CA ALA SA 128 37.04 -44.82 -66.11
C ALA SA 128 38.06 -45.59 -66.96
N ARG SA 129 38.82 -44.89 -67.80
CA ARG SA 129 39.79 -45.56 -68.65
C ARG SA 129 40.92 -46.18 -67.84
N ARG SA 130 41.41 -45.46 -66.82
CA ARG SA 130 42.52 -45.97 -66.02
C ARG SA 130 42.13 -47.23 -65.26
N ILE SA 131 40.88 -47.30 -64.78
CA ILE SA 131 40.43 -48.49 -64.06
C ILE SA 131 40.51 -49.71 -64.98
N ARG SA 132 40.06 -49.56 -66.22
CA ARG SA 132 40.19 -50.63 -67.20
C ARG SA 132 41.64 -50.73 -67.68
N GLY SA 133 41.89 -51.67 -68.58
CA GLY SA 133 43.23 -51.90 -69.10
C GLY SA 133 43.75 -50.79 -69.98
N GLU SA 134 42.88 -49.90 -70.46
CA GLU SA 134 43.32 -48.81 -71.31
C GLU SA 134 44.10 -47.78 -70.51
N ARG SA 135 45.16 -47.25 -71.13
CA ARG SA 135 45.98 -46.17 -70.59
C ARG SA 135 46.63 -46.50 -69.25
N ALA SA 136 46.61 -47.77 -68.83
CA ALA SA 136 47.18 -48.16 -67.55
C ALA SA 136 47.53 -49.64 -67.53
N PRO TA 31 30.20 29.71 43.00
CA PRO TA 31 29.72 30.50 44.14
C PRO TA 31 30.16 29.92 45.48
N ALA TA 32 30.42 30.79 46.46
CA ALA TA 32 30.86 30.38 47.78
C ALA TA 32 32.10 29.49 47.71
N THR TA 33 32.10 28.40 48.48
CA THR TA 33 33.20 27.46 48.47
C THR TA 33 32.84 26.10 47.86
N GLY TA 34 31.55 25.77 47.79
CA GLY TA 34 31.13 24.51 47.21
C GLY TA 34 31.25 24.50 45.70
N GLY TA 35 31.06 23.31 45.14
CA GLY TA 35 31.22 23.13 43.71
C GLY TA 35 30.10 23.70 42.86
N VAL TA 36 28.91 23.10 42.96
CA VAL TA 36 27.80 23.49 42.10
C VAL TA 36 26.57 23.83 42.94
N LYS TA 37 26.48 23.25 44.13
CA LYS TA 37 25.27 23.33 44.95
C LYS TA 37 25.50 24.27 46.13
N LYS TA 38 24.46 25.03 46.45
CA LYS TA 38 24.51 25.98 47.55
C LYS TA 38 24.73 25.23 48.87
N PRO TA 39 25.64 25.71 49.72
CA PRO TA 39 25.84 25.05 51.03
C PRO TA 39 24.77 25.47 52.04
N HIS TA 40 24.92 25.00 53.28
CA HIS TA 40 23.96 25.30 54.34
C HIS TA 40 24.55 26.18 55.43
N ARG TA 41 25.57 26.98 55.11
CA ARG TA 41 26.25 27.80 56.08
C ARG TA 41 25.85 29.27 55.93
N TYR TA 42 26.47 30.12 56.74
CA TYR TA 42 26.22 31.56 56.75
C TYR TA 42 24.74 31.86 57.02
N ARG TA 43 24.16 31.12 57.95
CA ARG TA 43 22.79 31.32 58.37
C ARG TA 43 22.66 32.57 59.23
N PRO TA 44 21.46 33.15 59.32
CA PRO TA 44 21.31 34.39 60.11
C PRO TA 44 21.57 34.19 61.59
N GLY TA 45 21.52 32.96 62.09
CA GLY TA 45 21.85 32.73 63.48
C GLY TA 45 23.24 33.23 63.82
N THR TA 46 24.19 33.04 62.90
CA THR TA 46 25.50 33.67 63.04
C THR TA 46 25.45 35.15 62.64
N VAL TA 47 24.59 35.49 61.67
CA VAL TA 47 24.59 36.85 61.13
C VAL TA 47 23.78 37.79 62.02
N ALA TA 48 22.53 37.40 62.34
CA ALA TA 48 21.69 38.27 63.17
C ALA TA 48 22.30 38.46 64.56
N LEU TA 49 22.86 37.40 65.13
CA LEU TA 49 23.56 37.55 66.41
C LEU TA 49 24.75 38.49 66.27
N ARG TA 50 25.49 38.38 65.15
CA ARG TA 50 26.56 39.34 64.89
C ARG TA 50 26.03 40.76 64.79
N GLU TA 51 24.90 40.94 64.10
CA GLU TA 51 24.27 42.25 64.04
C GLU TA 51 23.78 42.68 65.42
N ILE TA 52 23.16 41.76 66.16
CA ILE TA 52 22.63 42.10 67.47
C ILE TA 52 23.76 42.46 68.43
N ARG TA 53 24.82 41.65 68.44
CA ARG TA 53 25.94 41.92 69.35
C ARG TA 53 26.64 43.22 68.98
N ARG TA 54 26.83 43.47 67.68
CA ARG TA 54 27.55 44.67 67.27
C ARG TA 54 26.74 45.93 67.54
N TYR TA 55 25.46 45.93 67.17
CA TYR TA 55 24.65 47.13 67.31
C TYR TA 55 24.37 47.46 68.78
N GLN TA 56 24.14 46.43 69.60
CA GLN TA 56 23.93 46.67 71.02
C GLN TA 56 25.21 47.12 71.71
N LYS TA 57 26.36 46.63 71.25
CA LYS TA 57 27.63 47.06 71.82
C LYS TA 57 27.88 48.54 71.55
N SER TA 58 27.58 49.00 70.34
CA SER TA 58 27.85 50.39 69.97
C SER TA 58 26.71 51.29 70.41
N THR TA 59 27.03 52.57 70.58
CA THR TA 59 26.05 53.60 70.94
C THR TA 59 26.13 54.73 69.92
N GLU TA 60 25.07 54.91 69.13
CA GLU TA 60 25.04 55.92 68.08
C GLU TA 60 23.60 56.13 67.67
N LEU TA 61 23.38 57.22 66.93
CA LEU TA 61 22.06 57.51 66.37
C LEU TA 61 21.87 56.64 65.12
N LEU TA 62 20.92 55.71 65.19
CA LEU TA 62 20.80 54.69 64.16
C LEU TA 62 20.28 55.28 62.84
N ILE TA 63 19.24 56.09 62.91
CA ILE TA 63 18.65 56.66 61.71
C ILE TA 63 19.48 57.85 61.24
N ARG TA 64 19.51 58.06 59.93
CA ARG TA 64 20.28 59.14 59.36
C ARG TA 64 19.70 60.50 59.75
N LYS TA 65 20.57 61.50 59.86
CA LYS TA 65 20.15 62.80 60.38
C LYS TA 65 19.28 63.55 59.38
N LEU TA 66 19.68 63.56 58.11
CA LEU TA 66 18.96 64.36 57.11
C LEU TA 66 17.52 63.91 56.92
N PRO TA 67 17.20 62.63 56.71
CA PRO TA 67 15.77 62.26 56.61
C PRO TA 67 14.97 62.58 57.85
N PHE TA 68 15.56 62.48 59.03
CA PHE TA 68 14.85 62.83 60.25
C PHE TA 68 14.56 64.32 60.32
N GLN TA 69 15.52 65.15 59.89
CA GLN TA 69 15.29 66.59 59.87
C GLN TA 69 14.14 66.94 58.93
N ARG TA 70 14.08 66.28 57.77
CA ARG TA 70 12.95 66.47 56.88
C ARG TA 70 11.67 65.91 57.50
N LEU TA 71 11.78 64.83 58.27
CA LEU TA 71 10.61 64.20 58.84
C LEU TA 71 9.94 65.10 59.89
N VAL TA 72 10.74 65.70 60.77
CA VAL TA 72 10.17 66.54 61.83
C VAL TA 72 9.57 67.80 61.24
N ARG TA 73 10.20 68.37 60.21
CA ARG TA 73 9.69 69.58 59.61
C ARG TA 73 8.32 69.36 58.95
N GLU TA 74 8.15 68.20 58.30
CA GLU TA 74 6.89 67.93 57.61
C GLU TA 74 5.72 67.91 58.59
N ILE TA 75 5.89 67.25 59.73
CA ILE TA 75 4.82 67.20 60.73
C ILE TA 75 4.65 68.57 61.40
N ALA TA 76 5.76 69.25 61.69
CA ALA TA 76 5.68 70.52 62.40
C ALA TA 76 5.08 71.61 61.54
N GLN TA 77 5.35 71.58 60.22
CA GLN TA 77 4.84 72.62 59.34
C GLN TA 77 3.32 72.59 59.27
N ASP TA 78 2.70 71.46 59.60
CA ASP TA 78 1.23 71.41 59.66
C ASP TA 78 0.70 72.27 60.80
N PHE TA 79 1.38 72.23 61.96
CA PHE TA 79 0.91 73.00 63.10
C PHE TA 79 1.06 74.50 62.87
N LYS TA 80 2.25 74.93 62.45
CA LYS TA 80 2.50 76.33 62.13
C LYS TA 80 3.30 76.43 60.85
N THR TA 81 3.16 77.58 60.17
CA THR TA 81 3.79 77.75 58.87
C THR TA 81 5.31 77.75 58.96
N ASP TA 82 5.86 78.35 60.02
CA ASP TA 82 7.30 78.44 60.22
C ASP TA 82 7.65 78.07 61.66
N LEU TA 83 8.68 77.22 61.82
CA LEU TA 83 9.12 76.80 63.15
C LEU TA 83 10.61 76.96 63.40
N ARG TA 84 11.46 76.92 62.37
CA ARG TA 84 12.89 77.19 62.50
C ARG TA 84 13.52 76.36 63.63
N PHE TA 85 13.52 75.05 63.40
CA PHE TA 85 14.02 74.12 64.41
C PHE TA 85 15.49 74.37 64.73
N GLN TA 86 15.87 74.05 65.95
CA GLN TA 86 17.24 74.16 66.43
C GLN TA 86 17.91 72.80 66.34
N SER TA 87 19.23 72.81 66.12
CA SER TA 87 19.97 71.57 65.92
C SER TA 87 19.89 70.67 67.14
N SER TA 88 20.02 71.24 68.34
CA SER TA 88 19.94 70.44 69.56
C SER TA 88 18.55 69.85 69.73
N ALA TA 89 17.51 70.62 69.41
CA ALA TA 89 16.15 70.12 69.55
C ALA TA 89 15.89 68.92 68.65
N VAL TA 90 16.37 68.97 67.41
CA VAL TA 90 16.17 67.86 66.49
C VAL TA 90 16.88 66.61 66.99
N MET TA 91 18.11 66.77 67.49
CA MET TA 91 18.84 65.63 68.03
C MET TA 91 18.14 65.04 69.25
N ALA TA 92 17.57 65.90 70.10
CA ALA TA 92 16.85 65.42 71.28
C ALA TA 92 15.63 64.59 70.88
N LEU TA 93 14.91 65.04 69.86
CA LEU TA 93 13.76 64.27 69.37
C LEU TA 93 14.22 62.94 68.76
N GLN TA 94 15.35 62.95 68.07
CA GLN TA 94 15.83 61.72 67.43
C GLN TA 94 16.18 60.66 68.46
N GLU TA 95 16.95 61.03 69.49
CA GLU TA 95 17.35 60.07 70.51
C GLU TA 95 16.16 59.56 71.29
N ALA TA 96 15.22 60.45 71.62
CA ALA TA 96 14.00 60.03 72.32
C ALA TA 96 13.18 59.08 71.45
N SER TA 97 13.05 59.39 70.17
CA SER TA 97 12.32 58.50 69.26
C SER TA 97 13.00 57.16 69.12
N GLU TA 98 14.33 57.16 68.99
CA GLU TA 98 15.08 55.91 68.87
C GLU TA 98 14.92 55.06 70.13
N ALA TA 99 15.05 55.69 71.30
CA ALA TA 99 14.91 54.96 72.56
C ALA TA 99 13.50 54.41 72.72
N TYR TA 100 12.49 55.20 72.35
CA TYR TA 100 11.11 54.73 72.41
C TYR TA 100 10.91 53.53 71.49
N LEU TA 101 11.46 53.59 70.27
CA LEU TA 101 11.37 52.45 69.37
C LEU TA 101 12.17 51.27 69.89
N VAL TA 102 13.36 51.54 70.45
CA VAL TA 102 14.17 50.46 71.02
C VAL TA 102 13.44 49.81 72.20
N ALA TA 103 12.85 50.64 73.07
CA ALA TA 103 12.08 50.10 74.18
C ALA TA 103 10.89 49.30 73.68
N LEU TA 104 10.22 49.78 72.64
CA LEU TA 104 9.13 49.01 72.03
C LEU TA 104 9.63 47.71 71.44
N PHE TA 105 10.78 47.74 70.74
CA PHE TA 105 11.31 46.52 70.14
C PHE TA 105 11.78 45.55 71.20
N GLU TA 106 12.31 46.06 72.32
CA GLU TA 106 12.67 45.18 73.43
C GLU TA 106 11.43 44.49 73.99
N ASP TA 107 10.33 45.23 74.14
CA ASP TA 107 9.09 44.68 74.67
C ASP TA 107 8.33 43.84 73.64
N THR TA 108 8.32 44.27 72.38
CA THR TA 108 7.55 43.55 71.36
C THR TA 108 8.17 42.20 71.03
N ASN TA 109 9.48 42.05 71.24
CA ASN TA 109 10.13 40.78 70.97
C ASN TA 109 9.59 39.68 71.87
N LEU TA 110 9.30 40.02 73.13
CA LEU TA 110 8.76 39.02 74.06
C LEU TA 110 7.38 38.54 73.63
N CYS TA 111 6.63 39.38 72.92
CA CYS TA 111 5.34 38.95 72.40
C CYS TA 111 5.49 37.86 71.36
N ALA TA 112 6.53 37.94 70.52
CA ALA TA 112 6.75 36.94 69.49
C ALA TA 112 7.11 35.59 70.10
N ILE TA 113 8.06 35.58 71.04
CA ILE TA 113 8.45 34.32 71.66
C ILE TA 113 7.33 33.78 72.54
N HIS TA 114 6.43 34.64 72.99
CA HIS TA 114 5.27 34.18 73.76
C HIS TA 114 4.38 33.28 72.92
N ALA TA 115 4.20 33.63 71.64
CA ALA TA 115 3.41 32.83 70.72
C ALA TA 115 4.26 31.84 69.92
N LYS TA 116 5.40 31.40 70.47
CA LYS TA 116 6.26 30.41 69.84
C LYS TA 116 6.70 30.84 68.45
N ARG TA 117 7.05 32.12 68.31
CA ARG TA 117 7.47 32.66 67.02
C ARG TA 117 8.77 33.43 67.19
N VAL TA 118 9.62 33.35 66.17
CA VAL TA 118 10.87 34.10 66.15
C VAL TA 118 10.68 35.45 65.47
N THR TA 119 9.94 35.48 64.36
CA THR TA 119 9.68 36.72 63.64
C THR TA 119 8.71 37.60 64.42
N ILE TA 120 8.77 38.90 64.14
CA ILE TA 120 7.87 39.88 64.74
C ILE TA 120 6.88 40.33 63.67
N MET TA 121 5.60 40.09 63.92
CA MET TA 121 4.52 40.37 62.99
C MET TA 121 3.73 41.59 63.43
N PRO TA 122 2.89 42.15 62.55
CA PRO TA 122 2.03 43.26 62.98
C PRO TA 122 1.11 42.92 64.14
N LYS TA 123 0.78 41.64 64.33
CA LYS TA 123 -0.01 41.25 65.49
C LYS TA 123 0.73 41.51 66.79
N ASP TA 124 2.07 41.41 66.76
CA ASP TA 124 2.85 41.59 67.98
C ASP TA 124 2.76 43.02 68.50
N ILE TA 125 2.91 44.00 67.61
CA ILE TA 125 2.96 45.39 68.05
C ILE TA 125 1.59 45.86 68.55
N GLN TA 126 0.52 45.39 67.93
CA GLN TA 126 -0.82 45.78 68.36
C GLN TA 126 -1.09 45.37 69.80
N LEU TA 127 -0.67 44.16 70.18
CA LEU TA 127 -0.83 43.71 71.55
C LEU TA 127 -0.03 44.59 72.52
N ALA TA 128 1.20 44.92 72.15
CA ALA TA 128 2.05 45.71 73.03
C ALA TA 128 1.53 47.12 73.21
N ARG TA 129 1.05 47.73 72.12
CA ARG TA 129 0.62 49.13 72.18
C ARG TA 129 -0.59 49.30 73.09
N ARG TA 130 -1.56 48.38 73.02
CA ARG TA 130 -2.77 48.54 73.80
C ARG TA 130 -2.49 48.46 75.30
N ILE TA 131 -1.73 47.45 75.72
CA ILE TA 131 -1.45 47.28 77.14
C ILE TA 131 -0.56 48.41 77.65
N ARG TA 132 0.40 48.86 76.83
CA ARG TA 132 1.23 49.98 77.20
C ARG TA 132 0.45 51.29 77.28
N GLY TA 133 -0.77 51.32 76.76
CA GLY TA 133 -1.57 52.51 76.75
C GLY TA 133 -1.33 53.46 75.59
N GLU TA 134 -0.43 53.10 74.67
CA GLU TA 134 -0.17 53.96 73.52
C GLU TA 134 -1.38 54.02 72.59
N ARG TA 135 -2.02 52.88 72.33
CA ARG TA 135 -3.18 52.83 71.46
C ARG TA 135 -4.49 52.89 72.25
N ALA TA 136 -4.66 51.96 73.18
CA ALA TA 136 -5.86 51.88 74.03
C ALA TA 136 -7.15 51.80 73.20
N TYR UA 42 -32.62 -38.94 -47.51
CA TYR UA 42 -32.02 -40.16 -48.02
C TYR UA 42 -30.55 -40.26 -47.65
N ARG UA 43 -30.28 -40.84 -46.47
CA ARG UA 43 -28.91 -41.01 -46.01
C ARG UA 43 -28.17 -41.97 -46.93
N PRO UA 44 -26.98 -41.62 -47.43
CA PRO UA 44 -26.30 -42.49 -48.39
C PRO UA 44 -25.99 -43.88 -47.85
N GLY UA 45 -25.71 -44.01 -46.56
CA GLY UA 45 -25.42 -45.32 -46.00
C GLY UA 45 -26.62 -46.25 -46.02
N THR UA 46 -27.80 -45.73 -45.65
CA THR UA 46 -28.99 -46.54 -45.57
C THR UA 46 -29.70 -46.73 -46.91
N VAL UA 47 -29.51 -45.82 -47.86
CA VAL UA 47 -30.11 -46.00 -49.17
C VAL UA 47 -29.48 -47.20 -49.88
N ALA UA 48 -28.19 -47.43 -49.66
CA ALA UA 48 -27.53 -48.60 -50.25
C ALA UA 48 -28.21 -49.90 -49.81
N LEU UA 49 -28.78 -49.91 -48.60
CA LEU UA 49 -29.53 -51.07 -48.16
C LEU UA 49 -30.77 -51.28 -49.02
N ARG UA 50 -31.42 -50.19 -49.43
CA ARG UA 50 -32.57 -50.30 -50.31
C ARG UA 50 -32.18 -50.90 -51.66
N GLU UA 51 -31.00 -50.52 -52.18
CA GLU UA 51 -30.52 -51.10 -53.43
C GLU UA 51 -30.28 -52.60 -53.29
N ILE UA 52 -29.79 -53.03 -52.14
CA ILE UA 52 -29.51 -54.45 -51.93
C ILE UA 52 -30.78 -55.28 -52.07
N ARG UA 53 -31.87 -54.81 -51.46
CA ARG UA 53 -33.14 -55.53 -51.53
C ARG UA 53 -33.64 -55.62 -52.97
N ARG UA 54 -33.54 -54.52 -53.72
CA ARG UA 54 -34.04 -54.52 -55.09
C ARG UA 54 -33.17 -55.37 -56.01
N TYR UA 55 -31.85 -55.19 -55.94
CA TYR UA 55 -30.96 -55.89 -56.85
C TYR UA 55 -30.95 -57.40 -56.59
N GLN UA 56 -31.02 -57.81 -55.31
CA GLN UA 56 -31.10 -59.22 -55.00
C GLN UA 56 -32.42 -59.81 -55.48
N LYS UA 57 -33.52 -59.07 -55.30
CA LYS UA 57 -34.82 -59.54 -55.76
C LYS UA 57 -34.89 -59.59 -57.28
N SER UA 58 -34.40 -58.56 -57.95
CA SER UA 58 -34.42 -58.49 -59.39
C SER UA 58 -33.36 -59.39 -60.00
N THR UA 59 -33.65 -59.91 -61.20
CA THR UA 59 -32.70 -60.72 -61.96
C THR UA 59 -32.46 -60.03 -63.29
N GLU UA 60 -31.22 -59.62 -63.53
CA GLU UA 60 -30.85 -58.92 -64.74
C GLU UA 60 -29.33 -58.93 -64.87
N LEU UA 61 -28.86 -58.52 -66.04
CA LEU UA 61 -27.43 -58.39 -66.28
C LEU UA 61 -26.97 -57.01 -65.84
N LEU UA 62 -26.14 -56.97 -64.81
CA LEU UA 62 -25.77 -55.70 -64.20
C LEU UA 62 -24.79 -54.91 -65.06
N ILE UA 63 -23.80 -55.58 -65.65
CA ILE UA 63 -22.80 -54.91 -66.46
C ILE UA 63 -23.31 -54.75 -67.87
N ARG UA 64 -22.78 -53.75 -68.57
CA ARG UA 64 -23.19 -53.47 -69.94
C ARG UA 64 -22.77 -54.61 -70.87
N LYS UA 65 -23.54 -54.81 -71.93
CA LYS UA 65 -23.33 -55.97 -72.79
C LYS UA 65 -22.17 -55.72 -73.76
N LEU UA 66 -22.33 -54.74 -74.65
CA LEU UA 66 -21.30 -54.48 -75.65
C LEU UA 66 -19.95 -54.06 -75.04
N PRO UA 67 -19.89 -53.18 -74.03
CA PRO UA 67 -18.58 -52.92 -73.39
C PRO UA 67 -17.91 -54.18 -72.86
N PHE UA 68 -18.70 -55.14 -72.37
CA PHE UA 68 -18.12 -56.45 -72.05
C PHE UA 68 -17.81 -57.23 -73.31
N GLN UA 69 -18.65 -57.11 -74.34
CA GLN UA 69 -18.41 -57.82 -75.59
C GLN UA 69 -17.13 -57.34 -76.27
N ARG UA 70 -16.89 -56.03 -76.27
CA ARG UA 70 -15.64 -55.53 -76.81
C ARG UA 70 -14.47 -55.82 -75.87
N LEU UA 71 -14.74 -56.02 -74.59
CA LEU UA 71 -13.69 -56.37 -73.64
C LEU UA 71 -13.16 -57.77 -73.89
N VAL UA 72 -14.04 -58.75 -74.05
CA VAL UA 72 -13.60 -60.12 -74.29
C VAL UA 72 -12.94 -60.24 -75.65
N ARG UA 73 -13.43 -59.48 -76.64
CA ARG UA 73 -12.77 -59.46 -77.95
C ARG UA 73 -11.35 -58.93 -77.85
N GLU UA 74 -11.14 -57.92 -77.00
CA GLU UA 74 -9.79 -57.36 -76.83
C GLU UA 74 -8.82 -58.40 -76.30
N ILE UA 75 -9.25 -59.20 -75.31
CA ILE UA 75 -8.39 -60.23 -74.74
C ILE UA 75 -8.11 -61.31 -75.76
N ALA UA 76 -9.11 -61.65 -76.59
CA ALA UA 76 -8.94 -62.73 -77.56
C ALA UA 76 -7.90 -62.37 -78.61
N GLN UA 77 -7.82 -61.09 -79.00
CA GLN UA 77 -6.90 -60.70 -80.06
C GLN UA 77 -5.46 -60.99 -79.69
N ASP UA 78 -5.07 -60.70 -78.44
CA ASP UA 78 -3.72 -61.04 -78.00
C ASP UA 78 -3.49 -62.54 -78.00
N PHE UA 79 -4.49 -63.30 -77.54
CA PHE UA 79 -4.36 -64.76 -77.52
C PHE UA 79 -4.37 -65.33 -78.94
N LYS UA 80 -5.33 -64.91 -79.75
CA LYS UA 80 -5.43 -65.38 -81.13
C LYS UA 80 -6.10 -64.29 -81.96
N THR UA 81 -5.35 -63.74 -82.91
CA THR UA 81 -5.87 -62.65 -83.73
C THR UA 81 -7.06 -63.11 -84.57
N ASP UA 82 -8.05 -62.23 -84.70
CA ASP UA 82 -9.26 -62.49 -85.48
C ASP UA 82 -10.00 -63.74 -84.96
N LEU UA 83 -10.13 -63.84 -83.64
CA LEU UA 83 -10.91 -64.90 -83.02
C LEU UA 83 -12.34 -64.40 -82.80
N ARG UA 84 -13.29 -65.00 -83.49
CA ARG UA 84 -14.67 -64.54 -83.48
C ARG UA 84 -15.42 -65.08 -82.27
N PHE UA 85 -16.52 -64.42 -81.94
CA PHE UA 85 -17.40 -64.83 -80.85
C PHE UA 85 -18.83 -64.85 -81.32
N GLN UA 86 -19.61 -65.82 -80.82
CA GLN UA 86 -21.04 -65.84 -81.07
C GLN UA 86 -21.76 -65.04 -79.99
N SER UA 87 -23.05 -64.77 -80.25
CA SER UA 87 -23.86 -64.05 -79.26
C SER UA 87 -24.01 -64.85 -77.99
N SER UA 88 -24.21 -66.17 -78.10
CA SER UA 88 -24.38 -67.01 -76.92
C SER UA 88 -23.12 -67.05 -76.07
N ALA UA 89 -21.95 -67.08 -76.71
CA ALA UA 89 -20.69 -67.19 -75.97
C ALA UA 89 -20.46 -65.97 -75.10
N VAL UA 90 -20.73 -64.77 -75.63
CA VAL UA 90 -20.48 -63.55 -74.88
C VAL UA 90 -21.38 -63.49 -73.65
N MET UA 91 -22.66 -63.82 -73.82
CA MET UA 91 -23.59 -63.79 -72.70
C MET UA 91 -23.23 -64.82 -71.64
N ALA UA 92 -22.79 -66.01 -72.08
CA ALA UA 92 -22.36 -67.04 -71.13
C ALA UA 92 -21.17 -66.58 -70.33
N LEU UA 93 -20.20 -65.92 -70.98
CA LEU UA 93 -19.05 -65.39 -70.26
C LEU UA 93 -19.46 -64.29 -69.29
N GLN UA 94 -20.40 -63.44 -69.71
CA GLN UA 94 -20.85 -62.34 -68.85
C GLN UA 94 -21.54 -62.86 -67.60
N GLU UA 95 -22.44 -63.83 -67.75
CA GLU UA 95 -23.16 -64.35 -66.60
C GLU UA 95 -22.23 -65.05 -65.63
N ALA UA 96 -21.27 -65.83 -66.14
CA ALA UA 96 -20.29 -66.47 -65.27
C ALA UA 96 -19.44 -65.43 -64.56
N SER UA 97 -19.04 -64.39 -65.27
CA SER UA 97 -18.25 -63.32 -64.65
C SER UA 97 -19.05 -62.59 -63.59
N GLU UA 98 -20.34 -62.33 -63.85
CA GLU UA 98 -21.17 -61.63 -62.88
C GLU UA 98 -21.33 -62.46 -61.61
N ALA UA 99 -21.59 -63.76 -61.76
CA ALA UA 99 -21.73 -64.63 -60.60
C ALA UA 99 -20.41 -64.73 -59.82
N TYR UA 100 -19.29 -64.81 -60.53
CA TYR UA 100 -17.99 -64.88 -59.88
C TYR UA 100 -17.70 -63.61 -59.09
N LEU UA 101 -18.01 -62.45 -59.66
CA LEU UA 101 -17.76 -61.19 -58.94
C LEU UA 101 -18.72 -61.03 -57.77
N VAL UA 102 -19.96 -61.48 -57.91
CA VAL UA 102 -20.92 -61.41 -56.82
C VAL UA 102 -20.45 -62.25 -55.65
N ALA UA 103 -19.96 -63.47 -55.93
CA ALA UA 103 -19.46 -64.33 -54.87
C ALA UA 103 -18.27 -63.69 -54.14
N LEU UA 104 -17.37 -63.06 -54.90
CA LEU UA 104 -16.25 -62.36 -54.27
C LEU UA 104 -16.74 -61.21 -53.41
N PHE UA 105 -17.75 -60.47 -53.89
CA PHE UA 105 -18.32 -59.39 -53.07
C PHE UA 105 -18.96 -59.94 -51.81
N GLU UA 106 -19.61 -61.10 -51.91
CA GLU UA 106 -20.20 -61.73 -50.73
C GLU UA 106 -19.12 -62.10 -49.72
N ASP UA 107 -18.01 -62.65 -50.19
CA ASP UA 107 -16.94 -63.04 -49.28
C ASP UA 107 -16.23 -61.83 -48.68
N THR UA 108 -15.95 -60.82 -49.51
CA THR UA 108 -15.29 -59.61 -49.00
C THR UA 108 -16.17 -58.86 -48.02
N ASN UA 109 -17.49 -58.97 -48.18
CA ASN UA 109 -18.40 -58.34 -47.22
C ASN UA 109 -18.23 -58.94 -45.82
N LEU UA 110 -18.07 -60.26 -45.76
CA LEU UA 110 -17.82 -60.93 -44.48
C LEU UA 110 -16.42 -60.65 -43.95
N CYS UA 111 -15.48 -60.28 -44.82
CA CYS UA 111 -14.15 -59.89 -44.34
C CYS UA 111 -14.20 -58.53 -43.64
N ALA UA 112 -15.11 -57.65 -44.07
CA ALA UA 112 -15.21 -56.32 -43.46
C ALA UA 112 -15.75 -56.41 -42.04
N ILE UA 113 -16.82 -57.18 -41.83
CA ILE UA 113 -17.39 -57.32 -40.49
C ILE UA 113 -16.41 -58.03 -39.57
N HIS UA 114 -15.56 -58.88 -40.13
CA HIS UA 114 -14.53 -59.55 -39.34
C HIS UA 114 -13.57 -58.54 -38.71
N ALA UA 115 -13.17 -57.53 -39.49
CA ALA UA 115 -12.30 -56.48 -39.00
C ALA UA 115 -13.05 -55.37 -38.28
N LYS UA 116 -14.27 -55.65 -37.83
CA LYS UA 116 -15.12 -54.65 -37.16
C LYS UA 116 -15.32 -53.42 -38.04
N ARG UA 117 -15.53 -53.66 -39.33
CA ARG UA 117 -15.73 -52.58 -40.29
C ARG UA 117 -16.91 -52.93 -41.18
N VAL UA 118 -17.21 -52.02 -42.11
CA VAL UA 118 -18.33 -52.17 -43.04
C VAL UA 118 -17.86 -52.07 -44.49
N THR UA 119 -17.14 -51.01 -44.83
CA THR UA 119 -16.70 -50.80 -46.20
C THR UA 119 -15.62 -51.80 -46.60
N ILE UA 120 -15.48 -52.01 -47.90
CA ILE UA 120 -14.46 -52.89 -48.45
C ILE UA 120 -13.21 -52.07 -48.75
N MET UA 121 -12.08 -52.52 -48.22
CA MET UA 121 -10.76 -51.96 -48.49
C MET UA 121 -9.96 -52.91 -49.35
N PRO UA 122 -8.85 -52.44 -49.94
CA PRO UA 122 -8.02 -53.34 -50.77
C PRO UA 122 -7.50 -54.54 -50.01
N LYS UA 123 -7.36 -54.44 -48.68
CA LYS UA 123 -6.95 -55.60 -47.89
C LYS UA 123 -7.99 -56.72 -47.92
N ASP UA 124 -9.27 -56.36 -48.04
CA ASP UA 124 -10.31 -57.38 -48.05
C ASP UA 124 -10.20 -58.30 -49.26
N ILE UA 125 -9.92 -57.73 -50.44
CA ILE UA 125 -9.86 -58.54 -51.64
C ILE UA 125 -8.61 -59.42 -51.65
N GLN UA 126 -7.57 -59.02 -50.92
CA GLN UA 126 -6.37 -59.84 -50.85
C GLN UA 126 -6.61 -61.09 -50.01
N LEU UA 127 -7.26 -60.92 -48.85
CA LEU UA 127 -7.53 -62.05 -47.98
C LEU UA 127 -8.47 -63.05 -48.63
N ALA UA 128 -9.54 -62.56 -49.27
CA ALA UA 128 -10.52 -63.46 -49.86
C ALA UA 128 -9.94 -64.29 -50.99
N ARG UA 129 -9.14 -63.65 -51.87
CA ARG UA 129 -8.64 -64.35 -53.04
C ARG UA 129 -7.62 -65.42 -52.67
N ARG UA 130 -6.67 -65.08 -51.80
CA ARG UA 130 -5.63 -66.03 -51.43
C ARG UA 130 -6.19 -67.22 -50.66
N ILE UA 131 -7.14 -66.97 -49.76
CA ILE UA 131 -7.69 -68.04 -48.93
C ILE UA 131 -8.48 -69.03 -49.78
N ARG UA 132 -8.94 -68.62 -50.96
CA ARG UA 132 -9.61 -69.53 -51.88
C ARG UA 132 -8.63 -70.34 -52.73
N GLY UA 133 -7.33 -70.08 -52.61
CA GLY UA 133 -6.36 -70.75 -53.44
C GLY UA 133 -6.17 -70.16 -54.82
N GLU UA 134 -6.63 -68.93 -55.05
CA GLU UA 134 -6.55 -68.31 -56.36
C GLU UA 134 -5.27 -67.47 -56.50
N ARG UA 135 -5.10 -66.48 -55.62
CA ARG UA 135 -3.93 -65.60 -55.73
C ARG UA 135 -2.63 -66.37 -55.48
N ALA UA 136 -2.60 -67.21 -54.45
CA ALA UA 136 -1.41 -67.98 -54.12
C ALA UA 136 -1.76 -69.19 -53.25
N ALA VA 26 10.66 49.83 15.61
CA ALA VA 26 10.76 51.28 15.58
C ALA VA 26 9.52 51.90 14.94
N ARG VA 27 9.18 53.11 15.40
CA ARG VA 27 8.09 53.92 14.84
C ARG VA 27 6.72 53.31 15.14
N LYS VA 28 5.69 54.16 15.16
CA LYS VA 28 4.29 53.75 15.17
C LYS VA 28 3.92 53.15 16.53
N SER VA 29 2.72 52.58 16.64
CA SER VA 29 2.14 52.18 17.94
C SER VA 29 2.10 53.36 18.90
N ALA VA 30 1.72 54.52 18.38
CA ALA VA 30 1.68 55.76 19.12
C ALA VA 30 0.26 56.32 19.07
N PRO VA 31 -0.05 57.44 19.75
CA PRO VA 31 -1.37 58.06 19.59
C PRO VA 31 -1.66 58.51 18.16
N ALA VA 32 -0.73 58.31 17.23
CA ALA VA 32 -0.96 58.54 15.82
C ALA VA 32 -1.23 57.19 15.15
N THR VA 33 -2.39 57.06 14.52
CA THR VA 33 -2.81 55.78 13.94
C THR VA 33 -3.60 56.02 12.65
N GLY VA 34 -3.04 55.56 11.54
CA GLY VA 34 -3.77 55.55 10.28
C GLY VA 34 -3.95 54.16 9.73
N GLY VA 35 -5.18 53.66 9.75
CA GLY VA 35 -5.42 52.29 9.34
C GLY VA 35 -4.65 51.28 10.16
N VAL VA 36 -4.56 51.50 11.47
CA VAL VA 36 -3.69 50.74 12.35
C VAL VA 36 -4.44 50.34 13.60
N LYS VA 37 -4.22 49.11 14.06
CA LYS VA 37 -4.81 48.62 15.30
C LYS VA 37 -4.38 49.48 16.48
N LYS VA 38 -5.35 49.89 17.28
CA LYS VA 38 -5.13 50.65 18.50
C LYS VA 38 -4.79 49.73 19.67
N PRO VA 39 -4.08 50.25 20.67
CA PRO VA 39 -3.72 49.42 21.83
C PRO VA 39 -4.82 49.26 22.86
N HIS VA 40 -6.07 49.62 22.54
CA HIS VA 40 -7.23 49.48 23.43
C HIS VA 40 -7.11 50.29 24.71
N ARG VA 41 -6.54 51.49 24.64
CA ARG VA 41 -6.39 52.32 25.83
C ARG VA 41 -7.50 53.38 25.91
N TYR VA 42 -7.70 53.87 27.14
CA TYR VA 42 -8.72 54.86 27.45
C TYR VA 42 -10.11 54.37 27.04
N ARG VA 43 -10.43 53.16 27.48
CA ARG VA 43 -11.68 52.53 27.12
C ARG VA 43 -12.87 53.31 27.70
N PRO VA 44 -14.06 53.18 27.07
CA PRO VA 44 -15.25 53.90 27.58
C PRO VA 44 -15.47 53.72 29.08
N GLY VA 45 -15.42 54.83 29.80
CA GLY VA 45 -15.53 54.81 31.24
C GLY VA 45 -14.35 55.47 31.90
N THR VA 46 -13.15 55.25 31.36
CA THR VA 46 -11.96 55.89 31.89
C THR VA 46 -12.03 57.41 31.73
N VAL VA 47 -12.52 57.87 30.58
CA VAL VA 47 -12.72 59.30 30.37
C VAL VA 47 -13.77 59.83 31.33
N ALA VA 48 -14.84 59.06 31.54
CA ALA VA 48 -15.87 59.47 32.49
C ALA VA 48 -15.33 59.50 33.91
N LEU VA 49 -14.56 58.48 34.30
CA LEU VA 49 -14.00 58.46 35.66
C LEU VA 49 -13.07 59.65 35.89
N ARG VA 50 -12.32 60.05 34.86
CA ARG VA 50 -11.49 61.24 34.99
C ARG VA 50 -12.33 62.50 35.13
N GLU VA 51 -13.44 62.57 34.39
CA GLU VA 51 -14.24 63.80 34.38
C GLU VA 51 -15.10 63.93 35.63
N ILE VA 52 -15.60 62.82 36.16
CA ILE VA 52 -16.48 62.90 37.33
C ILE VA 52 -15.72 63.43 38.54
N ARG VA 53 -14.44 63.07 38.66
CA ARG VA 53 -13.64 63.57 39.77
C ARG VA 53 -13.46 65.08 39.69
N ARG VA 54 -13.19 65.60 38.49
CA ARG VA 54 -12.92 67.03 38.34
C ARG VA 54 -14.19 67.86 38.53
N TYR VA 55 -15.29 67.45 37.90
CA TYR VA 55 -16.50 68.27 37.92
C TYR VA 55 -17.16 68.25 39.30
N GLN VA 56 -17.01 67.16 40.05
CA GLN VA 56 -17.51 67.13 41.41
C GLN VA 56 -16.56 67.77 42.42
N LYS VA 57 -15.36 68.15 41.97
CA LYS VA 57 -14.38 68.82 42.81
C LYS VA 57 -14.47 70.33 42.78
N SER VA 58 -15.10 70.90 41.74
CA SER VA 58 -15.15 72.34 41.55
C SER VA 58 -16.59 72.81 41.48
N THR VA 59 -16.81 74.06 41.85
CA THR VA 59 -18.12 74.70 41.77
C THR VA 59 -18.13 75.59 40.55
N GLU VA 60 -19.03 75.32 39.61
CA GLU VA 60 -19.05 76.03 38.34
C GLU VA 60 -20.45 75.95 37.75
N LEU VA 61 -20.73 76.86 36.82
CA LEU VA 61 -21.97 76.86 36.06
C LEU VA 61 -21.70 76.25 34.69
N LEU VA 62 -22.14 75.01 34.50
CA LEU VA 62 -21.84 74.26 33.29
C LEU VA 62 -22.57 74.78 32.06
N ILE VA 63 -23.82 75.22 32.22
CA ILE VA 63 -24.57 75.80 31.10
C ILE VA 63 -24.03 77.19 30.83
N ARG VA 64 -23.81 77.52 29.56
CA ARG VA 64 -23.32 78.83 29.19
C ARG VA 64 -24.32 79.91 29.61
N LYS VA 65 -23.79 81.03 30.10
CA LYS VA 65 -24.62 82.04 30.76
C LYS VA 65 -25.57 82.71 29.77
N LEU VA 66 -25.05 83.17 28.64
CA LEU VA 66 -25.87 83.96 27.73
C LEU VA 66 -27.02 83.17 27.11
N PRO VA 67 -26.83 81.95 26.58
CA PRO VA 67 -28.00 81.22 26.07
C PRO VA 67 -29.08 80.97 27.11
N PHE VA 68 -28.69 80.74 28.37
CA PHE VA 68 -29.68 80.64 29.43
C PHE VA 68 -30.39 81.97 29.64
N GLN VA 69 -29.65 83.08 29.55
CA GLN VA 69 -30.26 84.40 29.65
C GLN VA 69 -31.26 84.62 28.53
N ARG VA 70 -30.93 84.15 27.32
CA ARG VA 70 -31.89 84.21 26.22
C ARG VA 70 -33.08 83.29 26.48
N LEU VA 71 -32.83 82.13 27.10
CA LEU VA 71 -33.91 81.18 27.35
C LEU VA 71 -34.92 81.73 28.35
N VAL VA 72 -34.43 82.29 29.47
CA VAL VA 72 -35.34 82.80 30.49
C VAL VA 72 -36.12 84.00 29.96
N ARG VA 73 -35.49 84.82 29.13
CA ARG VA 73 -36.21 85.91 28.49
C ARG VA 73 -37.26 85.38 27.52
N GLU VA 74 -36.93 84.34 26.77
CA GLU VA 74 -37.84 83.80 25.76
C GLU VA 74 -39.13 83.28 26.41
N ILE VA 75 -38.99 82.46 27.45
CA ILE VA 75 -40.16 81.83 28.06
C ILE VA 75 -41.05 82.87 28.72
N ALA VA 76 -40.44 83.82 29.44
CA ALA VA 76 -41.22 84.76 30.24
C ALA VA 76 -41.98 85.76 29.38
N GLN VA 77 -41.54 85.98 28.14
CA GLN VA 77 -42.20 86.97 27.30
C GLN VA 77 -43.63 86.56 26.96
N ASP VA 78 -43.86 85.26 26.72
CA ASP VA 78 -45.21 84.79 26.41
C ASP VA 78 -46.16 85.00 27.58
N PHE VA 79 -45.68 84.74 28.81
CA PHE VA 79 -46.53 84.92 29.98
C PHE VA 79 -46.91 86.38 30.16
N LYS VA 80 -45.96 87.29 30.00
CA LYS VA 80 -46.26 88.72 30.05
C LYS VA 80 -45.15 89.47 29.32
N THR VA 81 -45.47 90.69 28.89
CA THR VA 81 -44.52 91.57 28.25
C THR VA 81 -44.08 92.66 29.23
N ASP VA 82 -43.25 93.59 28.73
CA ASP VA 82 -42.67 94.64 29.56
C ASP VA 82 -41.95 94.05 30.78
N LEU VA 83 -41.24 92.95 30.56
CA LEU VA 83 -40.61 92.20 31.63
C LEU VA 83 -39.12 92.09 31.37
N ARG VA 84 -38.32 92.40 32.38
CA ARG VA 84 -36.87 92.27 32.34
C ARG VA 84 -36.40 91.40 33.50
N PHE VA 85 -35.11 91.08 33.50
CA PHE VA 85 -34.51 90.24 34.52
C PHE VA 85 -33.22 90.87 35.01
N GLN VA 86 -33.00 90.84 36.32
CA GLN VA 86 -31.75 91.32 36.88
C GLN VA 86 -30.63 90.31 36.61
N SER VA 87 -29.39 90.78 36.77
CA SER VA 87 -28.25 89.88 36.60
C SER VA 87 -28.25 88.78 37.64
N SER VA 88 -28.58 89.09 38.89
CA SER VA 88 -28.64 88.07 39.93
C SER VA 88 -29.84 87.15 39.72
N ALA VA 89 -30.95 87.68 39.18
CA ALA VA 89 -32.13 86.86 38.96
C ALA VA 89 -31.86 85.74 37.97
N VAL VA 90 -31.15 86.04 36.89
CA VAL VA 90 -30.78 85.00 35.93
C VAL VA 90 -29.83 84.00 36.56
N MET VA 91 -28.86 84.49 37.35
CA MET VA 91 -27.94 83.61 38.04
C MET VA 91 -28.67 82.72 39.05
N ALA VA 92 -29.64 83.30 39.77
CA ALA VA 92 -30.39 82.51 40.75
C ALA VA 92 -31.17 81.39 40.08
N LEU VA 93 -31.82 81.68 38.95
CA LEU VA 93 -32.55 80.65 38.23
C LEU VA 93 -31.62 79.59 37.67
N GLN VA 94 -30.46 80.02 37.16
CA GLN VA 94 -29.52 79.06 36.57
C GLN VA 94 -28.99 78.09 37.61
N GLU VA 95 -28.61 78.60 38.79
CA GLU VA 95 -28.09 77.72 39.83
C GLU VA 95 -29.14 76.72 40.32
N ALA VA 96 -30.37 77.19 40.49
CA ALA VA 96 -31.44 76.28 40.88
C ALA VA 96 -31.73 75.27 39.78
N SER VA 97 -31.74 75.72 38.52
CA SER VA 97 -31.98 74.82 37.41
C SER VA 97 -30.87 73.79 37.28
N GLU VA 98 -29.62 74.24 37.40
CA GLU VA 98 -28.49 73.31 37.32
C GLU VA 98 -28.53 72.30 38.46
N ALA VA 99 -28.82 72.76 39.68
CA ALA VA 99 -28.93 71.84 40.81
C ALA VA 99 -30.10 70.88 40.62
N TYR VA 100 -31.20 71.35 40.05
CA TYR VA 100 -32.34 70.48 39.77
C TYR VA 100 -31.95 69.37 38.81
N LEU VA 101 -31.20 69.71 37.76
CA LEU VA 101 -30.76 68.70 36.82
C LEU VA 101 -29.79 67.71 37.46
N VAL VA 102 -28.85 68.21 38.26
CA VAL VA 102 -27.88 67.33 38.91
C VAL VA 102 -28.58 66.41 39.91
N ALA VA 103 -29.50 66.97 40.71
CA ALA VA 103 -30.26 66.14 41.64
C ALA VA 103 -31.09 65.11 40.90
N LEU VA 104 -31.67 65.50 39.76
CA LEU VA 104 -32.37 64.54 38.91
C LEU VA 104 -31.43 63.47 38.40
N PHE VA 105 -30.21 63.87 38.02
CA PHE VA 105 -29.23 62.89 37.55
C PHE VA 105 -28.82 61.92 38.64
N GLU VA 106 -28.90 62.33 39.90
CA GLU VA 106 -28.61 61.42 41.01
C GLU VA 106 -29.63 60.28 41.06
N ASP VA 107 -30.91 60.60 40.89
CA ASP VA 107 -31.95 59.59 40.97
C ASP VA 107 -31.97 58.73 39.70
N THR VA 108 -31.81 59.36 38.53
CA THR VA 108 -31.88 58.61 37.29
C THR VA 108 -30.71 57.64 37.15
N ASN VA 109 -29.52 58.03 37.61
CA ASN VA 109 -28.38 57.12 37.57
C ASN VA 109 -28.63 55.89 38.44
N LEU VA 110 -29.26 56.09 39.60
CA LEU VA 110 -29.58 54.95 40.47
C LEU VA 110 -30.63 54.05 39.82
N CYS VA 111 -31.41 54.57 38.87
CA CYS VA 111 -32.34 53.73 38.13
C CYS VA 111 -31.59 52.81 37.17
N ALA VA 112 -30.49 53.30 36.59
CA ALA VA 112 -29.75 52.50 35.61
C ALA VA 112 -29.11 51.28 36.26
N ILE VA 113 -28.48 51.46 37.42
CA ILE VA 113 -27.81 50.33 38.09
C ILE VA 113 -28.83 49.30 38.52
N HIS VA 114 -30.03 49.74 38.93
CA HIS VA 114 -31.09 48.82 39.29
C HIS VA 114 -31.50 47.95 38.11
N ALA VA 115 -31.31 48.45 36.89
CA ALA VA 115 -31.63 47.70 35.68
C ALA VA 115 -30.40 47.07 35.04
N LYS VA 116 -29.27 47.02 35.77
CA LYS VA 116 -28.02 46.45 35.27
C LYS VA 116 -27.51 47.18 34.03
N ARG VA 117 -27.66 48.50 34.03
CA ARG VA 117 -27.21 49.34 32.93
C ARG VA 117 -26.48 50.56 33.48
N VAL VA 118 -25.67 51.19 32.63
CA VAL VA 118 -25.05 52.46 32.95
C VAL VA 118 -25.25 53.42 31.79
N THR VA 119 -26.19 53.09 30.91
CA THR VA 119 -26.43 53.85 29.69
C THR VA 119 -27.48 54.95 29.83
N ILE VA 120 -28.04 55.11 31.04
CA ILE VA 120 -29.02 56.15 31.38
C ILE VA 120 -30.05 56.34 30.27
N MET VA 121 -30.55 55.23 29.72
CA MET VA 121 -31.47 55.29 28.59
C MET VA 121 -32.79 55.96 29.00
N PRO VA 122 -33.56 56.50 28.05
CA PRO VA 122 -34.70 57.35 28.42
C PRO VA 122 -35.78 56.68 29.25
N LYS VA 123 -35.70 55.37 29.50
CA LYS VA 123 -36.68 54.76 30.38
C LYS VA 123 -36.47 55.19 31.82
N ASP VA 124 -35.27 55.68 32.15
CA ASP VA 124 -35.00 56.15 33.51
C ASP VA 124 -35.78 57.42 33.84
N ILE VA 125 -35.85 58.35 32.88
CA ILE VA 125 -36.48 59.65 33.16
C ILE VA 125 -37.98 59.48 33.37
N GLN VA 126 -38.59 58.49 32.70
CA GLN VA 126 -40.02 58.26 32.89
C GLN VA 126 -40.33 57.82 34.31
N LEU VA 127 -39.49 56.94 34.87
CA LEU VA 127 -39.74 56.44 36.22
C LEU VA 127 -39.40 57.49 37.28
N ALA VA 128 -38.30 58.22 37.09
CA ALA VA 128 -37.85 59.18 38.09
C ALA VA 128 -38.87 60.29 38.28
N ARG VA 129 -39.41 60.83 37.19
CA ARG VA 129 -40.38 61.91 37.30
C ARG VA 129 -41.71 61.41 37.83
N ARG VA 130 -42.09 60.17 37.49
CA ARG VA 130 -43.38 59.64 37.91
C ARG VA 130 -43.42 59.42 39.42
N ILE VA 131 -42.33 58.94 40.01
CA ILE VA 131 -42.31 58.64 41.44
C ILE VA 131 -42.57 59.91 42.25
N ARG VA 132 -41.90 61.00 41.90
CA ARG VA 132 -42.18 62.28 42.53
C ARG VA 132 -43.47 62.88 41.98
N GLY VA 133 -44.02 63.82 42.73
CA GLY VA 133 -45.25 64.48 42.32
C GLY VA 133 -45.02 65.58 41.30
N GLU VA 134 -44.40 65.24 40.17
CA GLU VA 134 -44.06 66.19 39.13
C GLU VA 134 -44.82 65.94 37.83
N ARG VA 135 -44.74 64.74 37.29
CA ARG VA 135 -45.42 64.43 36.03
C ARG VA 135 -46.50 63.37 36.23
N SER WA 11 -33.81 -36.22 -0.61
CA SER WA 11 -33.88 -35.18 -1.64
C SER WA 11 -32.57 -34.42 -1.70
N THR WA 12 -31.48 -35.09 -1.32
CA THR WA 12 -30.16 -34.47 -1.39
C THR WA 12 -29.71 -34.26 -2.83
N GLY WA 13 -30.39 -34.86 -3.80
CA GLY WA 13 -30.05 -34.69 -5.19
C GLY WA 13 -28.69 -35.27 -5.56
N GLY WA 14 -27.82 -34.43 -6.11
CA GLY WA 14 -26.50 -34.89 -6.51
C GLY WA 14 -26.45 -35.55 -7.87
N LYS WA 15 -27.56 -35.55 -8.61
CA LYS WA 15 -27.63 -36.16 -9.93
C LYS WA 15 -27.20 -37.62 -9.90
N ALA WA 16 -27.64 -38.33 -8.85
CA ALA WA 16 -27.28 -39.73 -8.66
C ALA WA 16 -28.52 -40.51 -8.21
N PRO WA 17 -28.84 -41.61 -8.89
CA PRO WA 17 -30.00 -42.41 -8.48
C PRO WA 17 -29.78 -43.03 -7.10
N ARG WA 18 -30.89 -43.24 -6.39
CA ARG WA 18 -31.01 -43.60 -4.98
C ARG WA 18 -30.66 -42.41 -4.09
N LYS WA 19 -30.16 -41.31 -4.64
CA LYS WA 19 -30.12 -40.02 -3.99
C LYS WA 19 -30.98 -39.00 -4.72
N GLN WA 20 -31.60 -39.38 -5.83
CA GLN WA 20 -32.38 -38.47 -6.66
C GLN WA 20 -33.75 -38.24 -6.05
N LEU WA 21 -34.63 -37.62 -6.82
CA LEU WA 21 -35.99 -37.34 -6.35
C LEU WA 21 -36.90 -38.52 -6.62
N ALA WA 22 -37.59 -38.98 -5.59
CA ALA WA 22 -38.64 -39.98 -5.74
C ALA WA 22 -40.03 -39.43 -5.48
N THR WA 23 -40.16 -38.13 -5.20
CA THR WA 23 -41.48 -37.53 -5.12
C THR WA 23 -42.08 -37.34 -6.52
N LYS WA 24 -41.22 -37.21 -7.54
CA LYS WA 24 -41.70 -37.26 -8.91
C LYS WA 24 -42.05 -38.68 -9.31
N ALA WA 25 -41.25 -39.65 -8.87
CA ALA WA 25 -41.55 -41.06 -9.05
C ALA WA 25 -42.51 -41.50 -7.94
N ALA WA 26 -42.65 -42.80 -7.76
CA ALA WA 26 -43.54 -43.29 -6.72
C ALA WA 26 -43.08 -44.66 -6.23
N ARG WA 27 -43.18 -44.84 -4.91
CA ARG WA 27 -43.02 -46.16 -4.30
C ARG WA 27 -44.10 -47.12 -4.77
N LYS WA 28 -45.29 -46.59 -5.09
CA LYS WA 28 -46.42 -47.41 -5.50
C LYS WA 28 -46.31 -47.71 -6.99
N SER WA 29 -45.41 -48.63 -7.31
CA SER WA 29 -45.26 -49.18 -8.67
C SER WA 29 -45.01 -48.09 -9.70
N ALA WA 30 -43.90 -47.37 -9.54
CA ALA WA 30 -43.41 -46.41 -10.53
C ALA WA 30 -41.94 -46.69 -10.78
N PRO WA 31 -41.62 -47.62 -11.68
CA PRO WA 31 -40.22 -47.99 -11.92
C PRO WA 31 -39.32 -46.88 -12.42
N ALA WA 32 -39.83 -45.66 -12.58
CA ALA WA 32 -38.99 -44.53 -12.99
C ALA WA 32 -37.87 -44.34 -11.97
N THR WA 33 -36.65 -44.13 -12.49
CA THR WA 33 -35.47 -44.08 -11.64
C THR WA 33 -35.57 -42.97 -10.59
N GLY WA 34 -35.15 -43.27 -9.38
CA GLY WA 34 -35.25 -42.32 -8.27
C GLY WA 34 -34.67 -42.91 -7.02
N GLY WA 35 -35.39 -42.75 -5.91
CA GLY WA 35 -34.93 -43.34 -4.66
C GLY WA 35 -35.20 -44.83 -4.59
N VAL WA 36 -34.67 -45.45 -3.54
CA VAL WA 36 -34.87 -46.88 -3.34
C VAL WA 36 -36.33 -47.15 -3.01
N LYS WA 37 -36.88 -48.18 -3.67
CA LYS WA 37 -38.29 -48.53 -3.49
C LYS WA 37 -38.52 -49.13 -2.11
N LYS WA 38 -39.79 -49.35 -1.81
CA LYS WA 38 -40.19 -49.92 -0.53
C LYS WA 38 -39.81 -51.41 -0.47
N PRO WA 39 -39.26 -51.86 0.67
CA PRO WA 39 -38.57 -53.16 0.69
C PRO WA 39 -39.45 -54.35 0.31
N HIS WA 40 -40.72 -54.34 0.70
CA HIS WA 40 -41.61 -55.46 0.38
C HIS WA 40 -41.75 -55.59 -1.14
N ARG WA 41 -42.28 -54.55 -1.78
CA ARG WA 41 -42.34 -54.47 -3.24
C ARG WA 41 -43.08 -55.67 -3.84
N TYR WA 42 -44.10 -56.14 -3.11
CA TYR WA 42 -44.82 -57.37 -3.47
C TYR WA 42 -43.84 -58.49 -3.80
N ARG WA 43 -43.00 -58.82 -2.81
CA ARG WA 43 -41.85 -59.70 -2.96
C ARG WA 43 -42.26 -61.04 -3.59
N PRO WA 44 -41.33 -61.72 -4.27
CA PRO WA 44 -41.70 -62.97 -4.95
C PRO WA 44 -42.31 -64.01 -4.02
N GLY WA 45 -41.91 -64.03 -2.76
CA GLY WA 45 -42.54 -64.96 -1.82
C GLY WA 45 -44.02 -64.68 -1.62
N THR WA 46 -44.39 -63.40 -1.52
CA THR WA 46 -45.79 -63.04 -1.30
C THR WA 46 -46.65 -63.40 -2.51
N VAL WA 47 -46.18 -63.04 -3.71
CA VAL WA 47 -46.96 -63.31 -4.92
C VAL WA 47 -47.03 -64.80 -5.19
N ALA WA 48 -45.94 -65.53 -4.93
CA ALA WA 48 -45.97 -66.98 -5.10
C ALA WA 48 -46.99 -67.63 -4.18
N LEU WA 49 -47.10 -67.14 -2.94
CA LEU WA 49 -48.12 -67.65 -2.03
C LEU WA 49 -49.52 -67.42 -2.58
N ARG WA 50 -49.72 -66.33 -3.33
CA ARG WA 50 -51.02 -66.11 -3.98
C ARG WA 50 -51.31 -67.19 -5.00
N GLU WA 51 -50.30 -67.60 -5.78
CA GLU WA 51 -50.53 -68.60 -6.81
C GLU WA 51 -50.75 -69.98 -6.23
N ILE WA 52 -49.95 -70.38 -5.23
CA ILE WA 52 -50.10 -71.71 -4.65
C ILE WA 52 -51.44 -71.84 -3.93
N ARG WA 53 -51.89 -70.74 -3.31
CA ARG WA 53 -53.22 -70.76 -2.71
C ARG WA 53 -54.31 -70.89 -3.77
N ARG WA 54 -54.14 -70.18 -4.89
CA ARG WA 54 -55.14 -70.22 -5.96
C ARG WA 54 -55.11 -71.54 -6.71
N TYR WA 55 -53.91 -72.04 -7.04
CA TYR WA 55 -53.80 -73.23 -7.86
C TYR WA 55 -54.09 -74.51 -7.09
N GLN WA 56 -53.83 -74.53 -5.78
CA GLN WA 56 -54.18 -75.69 -4.98
C GLN WA 56 -55.64 -75.70 -4.58
N LYS WA 57 -56.38 -74.63 -4.89
CA LYS WA 57 -57.82 -74.56 -4.62
C LYS WA 57 -58.66 -74.73 -5.88
N SER WA 58 -58.18 -74.23 -7.02
CA SER WA 58 -58.94 -74.28 -8.26
C SER WA 58 -58.88 -75.69 -8.86
N THR WA 59 -59.68 -75.89 -9.92
CA THR WA 59 -59.79 -77.18 -10.61
C THR WA 59 -59.78 -76.92 -12.12
N GLU WA 60 -58.59 -76.96 -12.71
CA GLU WA 60 -58.44 -76.68 -14.13
C GLU WA 60 -57.17 -77.33 -14.64
N LEU WA 61 -57.12 -77.56 -15.95
CA LEU WA 61 -55.89 -77.98 -16.59
C LEU WA 61 -54.93 -76.79 -16.68
N LEU WA 62 -53.65 -77.06 -16.49
CA LEU WA 62 -52.65 -76.01 -16.32
C LEU WA 62 -51.51 -76.08 -17.33
N ILE WA 63 -51.66 -76.85 -18.40
CA ILE WA 63 -50.76 -76.78 -19.55
C ILE WA 63 -51.62 -76.72 -20.80
N ARG WA 64 -51.05 -76.18 -21.88
CA ARG WA 64 -51.80 -75.99 -23.11
C ARG WA 64 -52.18 -77.33 -23.72
N LYS WA 65 -53.38 -77.40 -24.29
CA LYS WA 65 -53.94 -78.67 -24.74
C LYS WA 65 -53.33 -79.09 -26.07
N LEU WA 66 -53.52 -78.28 -27.12
CA LEU WA 66 -53.06 -78.66 -28.45
C LEU WA 66 -51.55 -78.87 -28.53
N PRO WA 67 -50.70 -78.01 -27.96
CA PRO WA 67 -49.26 -78.33 -27.96
C PRO WA 67 -48.93 -79.65 -27.28
N PHE WA 68 -49.65 -80.00 -26.20
CA PHE WA 68 -49.47 -81.32 -25.61
C PHE WA 68 -49.92 -82.41 -26.57
N GLN WA 69 -51.04 -82.19 -27.26
CA GLN WA 69 -51.47 -83.13 -28.29
C GLN WA 69 -50.45 -83.21 -29.42
N ARG WA 70 -49.88 -82.07 -29.80
CA ARG WA 70 -48.81 -82.07 -30.80
C ARG WA 70 -47.59 -82.81 -30.28
N LEU WA 71 -47.30 -82.70 -28.98
CA LEU WA 71 -46.19 -83.42 -28.39
C LEU WA 71 -46.40 -84.93 -28.48
N VAL WA 72 -47.62 -85.38 -28.21
CA VAL WA 72 -47.92 -86.80 -28.33
C VAL WA 72 -47.89 -87.24 -29.79
N ARG WA 73 -48.37 -86.38 -30.69
CA ARG WA 73 -48.36 -86.71 -32.12
C ARG WA 73 -46.93 -86.86 -32.63
N GLU WA 74 -46.01 -86.01 -32.17
CA GLU WA 74 -44.62 -86.11 -32.60
C GLU WA 74 -44.01 -87.45 -32.19
N ILE WA 75 -44.23 -87.86 -30.95
CA ILE WA 75 -43.69 -89.13 -30.49
C ILE WA 75 -44.41 -90.30 -31.15
N ALA WA 76 -45.72 -90.16 -31.39
CA ALA WA 76 -46.49 -91.22 -32.03
C ALA WA 76 -46.05 -91.46 -33.46
N GLN WA 77 -45.71 -90.38 -34.19
CA GLN WA 77 -45.33 -90.53 -35.59
C GLN WA 77 -44.08 -91.38 -35.74
N ASP WA 78 -43.10 -91.19 -34.85
CA ASP WA 78 -41.89 -92.01 -34.91
C ASP WA 78 -42.20 -93.48 -34.60
N PHE WA 79 -43.08 -93.72 -33.63
CA PHE WA 79 -43.44 -95.10 -33.29
C PHE WA 79 -44.29 -95.73 -34.39
N LYS WA 80 -45.31 -95.02 -34.86
CA LYS WA 80 -46.19 -95.52 -35.92
C LYS WA 80 -46.34 -94.44 -36.98
N THR WA 81 -46.23 -94.84 -38.25
CA THR WA 81 -46.27 -93.86 -39.34
C THR WA 81 -47.61 -93.13 -39.38
N ASP WA 82 -48.71 -93.85 -39.24
CA ASP WA 82 -50.04 -93.27 -39.21
C ASP WA 82 -50.76 -93.76 -37.97
N LEU WA 83 -51.21 -92.83 -37.12
CA LEU WA 83 -51.92 -93.17 -35.91
C LEU WA 83 -53.14 -92.25 -35.76
N ARG WA 84 -54.24 -92.83 -35.26
CA ARG WA 84 -55.47 -92.10 -35.03
C ARG WA 84 -55.67 -91.93 -33.53
N PHE WA 85 -55.97 -90.70 -33.11
CA PHE WA 85 -56.12 -90.36 -31.71
C PHE WA 85 -57.56 -89.98 -31.40
N GLN WA 86 -57.88 -90.01 -30.11
CA GLN WA 86 -59.17 -89.57 -29.60
C GLN WA 86 -58.96 -88.38 -28.67
N SER WA 87 -59.96 -87.51 -28.60
CA SER WA 87 -59.87 -86.34 -27.74
C SER WA 87 -59.75 -86.75 -26.27
N SER WA 88 -60.52 -87.76 -25.85
CA SER WA 88 -60.45 -88.23 -24.48
C SER WA 88 -59.09 -88.82 -24.16
N ALA WA 89 -58.52 -89.59 -25.10
CA ALA WA 89 -57.24 -90.25 -24.86
C ALA WA 89 -56.13 -89.23 -24.63
N VAL WA 90 -56.11 -88.18 -25.45
CA VAL WA 90 -55.10 -87.13 -25.26
C VAL WA 90 -55.30 -86.41 -23.94
N MET WA 91 -56.56 -86.09 -23.61
CA MET WA 91 -56.84 -85.43 -22.34
C MET WA 91 -56.53 -86.34 -21.16
N ALA WA 92 -56.82 -87.64 -21.30
CA ALA WA 92 -56.51 -88.58 -20.23
C ALA WA 92 -55.01 -88.66 -19.97
N LEU WA 93 -54.22 -88.67 -21.05
CA LEU WA 93 -52.77 -88.66 -20.90
C LEU WA 93 -52.27 -87.38 -20.25
N GLN WA 94 -52.90 -86.25 -20.57
CA GLN WA 94 -52.47 -84.98 -20.02
C GLN WA 94 -52.63 -84.93 -18.50
N GLU WA 95 -53.80 -85.36 -18.01
CA GLU WA 95 -54.07 -85.28 -16.58
C GLU WA 95 -53.09 -86.13 -15.78
N ALA WA 96 -52.80 -87.35 -16.26
CA ALA WA 96 -51.77 -88.15 -15.62
C ALA WA 96 -50.40 -87.49 -15.75
N SER WA 97 -50.11 -86.91 -16.91
CA SER WA 97 -48.83 -86.24 -17.11
C SER WA 97 -48.72 -84.97 -16.27
N GLU WA 98 -49.82 -84.22 -16.15
CA GLU WA 98 -49.80 -83.01 -15.32
C GLU WA 98 -49.55 -83.36 -13.87
N ALA WA 99 -50.22 -84.40 -13.35
CA ALA WA 99 -50.05 -84.77 -11.96
C ALA WA 99 -48.70 -85.44 -11.72
N TYR WA 100 -48.09 -85.98 -12.78
CA TYR WA 100 -46.78 -86.60 -12.64
C TYR WA 100 -45.73 -85.59 -12.17
N LEU WA 101 -45.70 -84.42 -12.79
CA LEU WA 101 -44.78 -83.38 -12.36
C LEU WA 101 -45.28 -82.70 -11.09
N VAL WA 102 -46.60 -82.71 -10.87
CA VAL WA 102 -47.15 -82.20 -9.61
C VAL WA 102 -46.72 -83.10 -8.45
N ALA WA 103 -46.85 -84.41 -8.62
CA ALA WA 103 -46.42 -85.34 -7.59
C ALA WA 103 -44.91 -85.28 -7.38
N LEU WA 104 -44.15 -85.14 -8.46
CA LEU WA 104 -42.71 -85.05 -8.36
C LEU WA 104 -42.29 -83.78 -7.62
N PHE WA 105 -42.97 -82.66 -7.90
CA PHE WA 105 -42.61 -81.40 -7.24
C PHE WA 105 -42.84 -81.45 -5.74
N GLU WA 106 -43.87 -82.20 -5.31
CA GLU WA 106 -44.08 -82.39 -3.87
C GLU WA 106 -42.88 -83.09 -3.25
N ASP WA 107 -42.38 -84.14 -3.91
CA ASP WA 107 -41.17 -84.80 -3.43
C ASP WA 107 -39.94 -83.93 -3.67
N THR WA 108 -39.91 -83.21 -4.80
CA THR WA 108 -38.79 -82.33 -5.09
C THR WA 108 -38.67 -81.21 -4.06
N ASN WA 109 -39.81 -80.65 -3.65
CA ASN WA 109 -39.79 -79.62 -2.61
C ASN WA 109 -39.27 -80.18 -1.29
N LEU WA 110 -39.66 -81.42 -0.96
CA LEU WA 110 -39.21 -82.04 0.28
C LEU WA 110 -37.71 -82.30 0.24
N CYS WA 111 -37.17 -82.65 -0.93
CA CYS WA 111 -35.73 -82.83 -1.06
C CYS WA 111 -34.99 -81.51 -0.82
N ALA WA 112 -35.58 -80.40 -1.28
CA ALA WA 112 -34.94 -79.10 -1.10
C ALA WA 112 -34.85 -78.73 0.38
N ILE WA 113 -35.91 -79.01 1.15
CA ILE WA 113 -35.89 -78.67 2.57
C ILE WA 113 -34.85 -79.49 3.31
N HIS WA 114 -34.49 -80.66 2.77
CA HIS WA 114 -33.52 -81.52 3.45
C HIS WA 114 -32.13 -80.90 3.44
N ALA WA 115 -31.77 -80.24 2.34
CA ALA WA 115 -30.46 -79.61 2.20
C ALA WA 115 -30.47 -78.15 2.65
N LYS WA 116 -31.38 -77.78 3.55
CA LYS WA 116 -31.53 -76.40 4.02
C LYS WA 116 -31.78 -75.45 2.86
N ARG WA 117 -32.58 -75.87 1.88
CA ARG WA 117 -32.84 -75.09 0.69
C ARG WA 117 -34.35 -74.92 0.49
N VAL WA 118 -34.71 -73.88 -0.27
CA VAL WA 118 -36.10 -73.56 -0.52
C VAL WA 118 -36.51 -73.77 -1.97
N THR WA 119 -35.60 -73.64 -2.92
CA THR WA 119 -35.90 -73.78 -4.33
C THR WA 119 -35.44 -75.15 -4.83
N ILE WA 120 -36.15 -75.68 -5.82
CA ILE WA 120 -35.82 -76.96 -6.42
C ILE WA 120 -34.74 -76.75 -7.47
N MET WA 121 -33.79 -77.67 -7.52
CA MET WA 121 -32.64 -77.61 -8.41
C MET WA 121 -32.41 -78.96 -9.05
N PRO WA 122 -31.65 -79.02 -10.14
CA PRO WA 122 -31.40 -80.33 -10.79
C PRO WA 122 -30.75 -81.35 -9.87
N LYS WA 123 -30.15 -80.93 -8.76
CA LYS WA 123 -29.67 -81.90 -7.78
C LYS WA 123 -30.82 -82.67 -7.13
N ASP WA 124 -31.99 -82.04 -7.02
CA ASP WA 124 -33.13 -82.69 -6.38
C ASP WA 124 -33.75 -83.74 -7.30
N ILE WA 125 -33.87 -83.44 -8.59
CA ILE WA 125 -34.62 -84.31 -9.49
C ILE WA 125 -33.91 -85.65 -9.66
N GLN WA 126 -32.57 -85.65 -9.69
CA GLN WA 126 -31.85 -86.89 -9.85
C GLN WA 126 -32.00 -87.79 -8.63
N LEU WA 127 -32.10 -87.19 -7.44
CA LEU WA 127 -32.27 -87.98 -6.22
C LEU WA 127 -33.69 -88.52 -6.10
N ALA WA 128 -34.69 -87.69 -6.41
CA ALA WA 128 -36.08 -88.12 -6.27
C ALA WA 128 -36.43 -89.24 -7.22
N ARG WA 129 -35.99 -89.13 -8.48
CA ARG WA 129 -36.35 -90.13 -9.48
C ARG WA 129 -35.65 -91.47 -9.22
N ARG WA 130 -34.39 -91.43 -8.79
CA ARG WA 130 -33.67 -92.67 -8.53
C ARG WA 130 -34.29 -93.45 -7.37
N ILE WA 131 -34.71 -92.74 -6.32
CA ILE WA 131 -35.34 -93.41 -5.18
C ILE WA 131 -36.65 -94.07 -5.61
N ARG WA 132 -37.44 -93.37 -6.42
CA ARG WA 132 -38.67 -93.96 -6.95
C ARG WA 132 -38.40 -95.16 -7.85
N GLY WA 133 -37.21 -95.26 -8.41
CA GLY WA 133 -36.87 -96.33 -9.33
C GLY WA 133 -37.00 -95.99 -10.80
N GLU WA 134 -37.26 -94.73 -11.14
CA GLU WA 134 -37.41 -94.34 -12.54
C GLU WA 134 -36.06 -94.32 -13.25
N ARG WA 135 -35.01 -93.84 -12.57
CA ARG WA 135 -33.68 -93.73 -13.15
C ARG WA 135 -32.71 -94.59 -12.35
N ALA WA 136 -31.95 -95.42 -13.06
CA ALA WA 136 -30.95 -96.30 -12.46
C ALA WA 136 -31.55 -97.24 -11.42
N LYS XA 6 64.71 71.26 -119.25
CA LYS XA 6 65.24 70.04 -118.64
C LYS XA 6 65.57 68.99 -119.70
N GLY XA 7 65.92 67.80 -119.25
CA GLY XA 7 66.27 66.74 -120.18
C GLY XA 7 65.08 66.20 -120.93
N GLY XA 8 65.36 65.57 -122.06
CA GLY XA 8 64.31 65.00 -122.88
C GLY XA 8 64.89 64.17 -124.01
N LYS XA 9 64.00 63.51 -124.74
CA LYS XA 9 64.39 62.66 -125.86
C LYS XA 9 64.59 63.52 -127.11
N GLY XA 10 65.73 64.22 -127.12
CA GLY XA 10 66.05 65.08 -128.25
C GLY XA 10 67.49 65.51 -128.20
N LEU XA 11 67.94 66.11 -129.31
CA LEU XA 11 69.32 66.56 -129.41
C LEU XA 11 69.55 67.75 -128.47
N GLY XA 12 70.67 67.71 -127.77
CA GLY XA 12 71.04 68.79 -126.86
C GLY XA 12 70.81 68.39 -125.41
N LYS XA 13 70.11 69.24 -124.67
CA LYS XA 13 69.81 69.04 -123.24
C LYS XA 13 71.14 68.91 -122.50
N GLY XA 14 71.26 68.01 -121.53
CA GLY XA 14 72.50 67.86 -120.78
C GLY XA 14 73.24 66.58 -121.10
N GLY XA 15 72.91 65.95 -122.23
CA GLY XA 15 73.51 64.67 -122.59
C GLY XA 15 74.62 64.78 -123.61
N ALA XA 16 75.19 65.97 -123.78
CA ALA XA 16 76.24 66.21 -124.76
C ALA XA 16 77.60 66.22 -124.08
N LYS XA 17 78.36 65.16 -124.28
CA LYS XA 17 79.72 65.05 -123.74
C LYS XA 17 80.64 64.54 -124.84
N ARG XA 18 81.76 65.24 -125.05
CA ARG XA 18 82.73 64.84 -126.07
C ARG XA 18 84.13 64.59 -125.50
N HIS XA 19 84.40 65.01 -124.26
CA HIS XA 19 85.67 64.74 -123.60
C HIS XA 19 85.41 63.74 -122.48
N ARG XA 20 86.10 62.60 -122.52
CA ARG XA 20 85.86 61.51 -121.58
C ARG XA 20 87.18 61.02 -121.03
N LYS XA 21 87.27 60.93 -119.70
CA LYS XA 21 88.40 60.35 -118.97
C LYS XA 21 89.72 61.05 -119.26
N VAL XA 22 89.68 62.22 -119.89
CA VAL XA 22 90.91 62.97 -120.20
C VAL XA 22 91.19 63.87 -119.00
N LEU XA 23 91.83 63.29 -117.98
CA LEU XA 23 92.19 64.00 -116.75
C LEU XA 23 90.98 64.71 -116.15
N ARG XA 24 89.84 64.03 -116.15
CA ARG XA 24 88.60 64.63 -115.67
C ARG XA 24 87.70 63.51 -115.15
N ASP XA 25 87.44 63.54 -113.83
CA ASP XA 25 86.51 62.61 -113.18
C ASP XA 25 86.86 61.15 -113.47
N ASN XA 26 88.15 60.82 -113.36
CA ASN XA 26 88.57 59.44 -113.53
C ASN XA 26 88.01 58.54 -112.43
N ILE XA 27 87.96 59.05 -111.20
CA ILE XA 27 87.41 58.27 -110.09
C ILE XA 27 85.92 58.00 -110.33
N GLN XA 28 85.21 58.96 -110.91
CA GLN XA 28 83.79 58.79 -111.20
C GLN XA 28 83.53 57.83 -112.36
N GLY XA 29 84.55 57.17 -112.90
CA GLY XA 29 84.32 56.20 -113.95
C GLY XA 29 83.48 55.03 -113.49
N ILE XA 30 83.49 54.75 -112.18
CA ILE XA 30 82.63 53.71 -111.63
C ILE XA 30 81.18 54.16 -111.75
N THR XA 31 80.35 53.32 -112.36
CA THR XA 31 78.98 53.66 -112.68
C THR XA 31 78.01 53.04 -111.68
N LYS XA 32 76.82 53.64 -111.60
CA LYS XA 32 75.78 53.11 -110.73
C LYS XA 32 75.36 51.69 -111.11
N PRO XA 33 75.13 51.35 -112.39
CA PRO XA 33 74.79 49.95 -112.70
C PRO XA 33 75.86 48.96 -112.29
N ALA XA 34 77.14 49.33 -112.40
CA ALA XA 34 78.20 48.42 -111.99
C ALA XA 34 78.15 48.14 -110.49
N ILE XA 35 77.96 49.19 -109.69
CA ILE XA 35 77.86 49.01 -108.24
C ILE XA 35 76.60 48.23 -107.89
N ARG XA 36 75.51 48.44 -108.63
CA ARG XA 36 74.31 47.67 -108.40
C ARG XA 36 74.52 46.19 -108.70
N ARG XA 37 75.22 45.89 -109.79
CA ARG XA 37 75.55 44.49 -110.11
C ARG XA 37 76.44 43.89 -109.03
N LEU XA 38 77.40 44.65 -108.53
CA LEU XA 38 78.26 44.18 -107.46
C LEU XA 38 77.45 43.87 -106.20
N ALA XA 39 76.51 44.75 -105.87
CA ALA XA 39 75.65 44.53 -104.71
C ALA XA 39 74.77 43.30 -104.91
N ARG XA 40 74.27 43.10 -106.13
CA ARG XA 40 73.46 41.91 -106.41
C ARG XA 40 74.29 40.63 -106.25
N ARG XA 41 75.53 40.65 -106.73
CA ARG XA 41 76.41 39.50 -106.54
C ARG XA 41 76.70 39.28 -105.07
N GLY XA 42 76.83 40.36 -104.30
CA GLY XA 42 77.03 40.24 -102.86
C GLY XA 42 75.78 39.91 -102.08
N GLY XA 43 74.61 39.93 -102.72
CA GLY XA 43 73.37 39.60 -102.04
C GLY XA 43 72.69 40.78 -101.38
N VAL XA 44 72.42 41.83 -102.15
CA VAL XA 44 71.84 43.07 -101.64
C VAL XA 44 70.52 43.33 -102.34
N LYS XA 45 69.50 43.70 -101.56
CA LYS XA 45 68.17 43.99 -102.09
C LYS XA 45 68.00 45.47 -102.45
N ARG XA 46 68.38 46.38 -101.56
CA ARG XA 46 68.21 47.81 -101.79
C ARG XA 46 69.50 48.53 -101.47
N ILE XA 47 69.76 49.61 -102.22
CA ILE XA 47 71.02 50.35 -102.14
C ILE XA 47 70.72 51.82 -101.96
N SER XA 48 71.44 52.46 -101.04
CA SER XA 48 71.29 53.88 -100.74
C SER XA 48 72.23 54.72 -101.60
N GLY XA 49 71.96 56.02 -101.62
CA GLY XA 49 72.71 56.91 -102.50
C GLY XA 49 74.16 57.09 -102.10
N LEU XA 50 74.43 57.23 -100.80
CA LEU XA 50 75.80 57.48 -100.35
C LEU XA 50 76.69 56.26 -100.46
N ILE XA 51 76.10 55.08 -100.64
CA ILE XA 51 76.88 53.85 -100.70
C ILE XA 51 77.77 53.82 -101.92
N TYR XA 52 77.33 54.42 -103.04
CA TYR XA 52 78.18 54.49 -104.22
C TYR XA 52 79.50 55.20 -103.90
N GLU XA 53 79.40 56.37 -103.26
CA GLU XA 53 80.61 57.11 -102.90
C GLU XA 53 81.43 56.35 -101.85
N GLU XA 54 80.77 55.75 -100.87
CA GLU XA 54 81.50 55.01 -99.84
C GLU XA 54 82.26 53.83 -100.43
N THR XA 55 81.62 53.08 -101.33
CA THR XA 55 82.26 51.95 -101.98
C THR XA 55 83.38 52.42 -102.90
N ARG XA 56 83.21 53.58 -103.54
CA ARG XA 56 84.29 54.13 -104.34
C ARG XA 56 85.50 54.47 -103.48
N GLY XA 57 85.26 55.04 -102.30
CA GLY XA 57 86.37 55.31 -101.39
C GLY XA 57 87.04 54.05 -100.88
N VAL XA 58 86.25 53.03 -100.56
CA VAL XA 58 86.82 51.75 -100.13
C VAL XA 58 87.66 51.13 -101.24
N LEU XA 59 87.14 51.16 -102.47
CA LEU XA 59 87.88 50.67 -103.62
C LEU XA 59 89.19 51.44 -103.78
N LYS XA 60 89.13 52.77 -103.63
CA LYS XA 60 90.33 53.59 -103.76
C LYS XA 60 91.38 53.20 -102.72
N VAL XA 61 90.95 53.00 -101.48
CA VAL XA 61 91.89 52.61 -100.42
C VAL XA 61 92.52 51.25 -100.74
N PHE XA 62 91.70 50.31 -101.20
CA PHE XA 62 92.20 48.97 -101.50
C PHE XA 62 93.24 49.02 -102.62
N LEU XA 63 92.91 49.69 -103.73
CA LEU XA 63 93.87 49.81 -104.81
C LEU XA 63 95.11 50.59 -104.37
N GLU XA 64 94.94 51.59 -103.50
CA GLU XA 64 96.09 52.33 -103.01
C GLU XA 64 97.07 51.41 -102.32
N ASN XA 65 96.59 50.63 -101.35
CA ASN XA 65 97.48 49.74 -100.61
C ASN XA 65 98.11 48.70 -101.52
N VAL XA 66 97.30 48.06 -102.38
CA VAL XA 66 97.82 47.01 -103.24
C VAL XA 66 98.84 47.58 -104.23
N ILE XA 67 98.61 48.82 -104.70
CA ILE XA 67 99.51 49.42 -105.67
C ILE XA 67 100.82 49.84 -105.03
N ARG XA 68 100.77 50.35 -103.79
CA ARG XA 68 102.02 50.60 -103.08
C ARG XA 68 102.84 49.31 -102.95
N ASP XA 69 102.18 48.22 -102.54
CA ASP XA 69 102.92 46.96 -102.41
C ASP XA 69 103.47 46.50 -103.76
N ALA XA 70 102.66 46.57 -104.81
CA ALA XA 70 103.09 46.10 -106.12
C ALA XA 70 104.22 46.94 -106.68
N VAL XA 71 104.16 48.26 -106.48
CA VAL XA 71 105.20 49.12 -107.02
C VAL XA 71 106.50 48.95 -106.24
N THR XA 72 106.41 48.67 -104.93
CA THR XA 72 107.62 48.35 -104.18
C THR XA 72 108.24 47.06 -104.70
N TYR XA 73 107.41 46.05 -104.96
CA TYR XA 73 107.93 44.81 -105.52
C TYR XA 73 108.56 45.03 -106.89
N THR XA 74 107.93 45.85 -107.73
CA THR XA 74 108.47 46.13 -109.05
C THR XA 74 109.81 46.86 -108.96
N GLU XA 75 109.90 47.84 -108.07
CA GLU XA 75 111.16 48.55 -107.88
C GLU XA 75 112.26 47.61 -107.40
N HIS XA 76 111.91 46.68 -106.49
CA HIS XA 76 112.89 45.70 -106.05
C HIS XA 76 113.32 44.78 -107.20
N ALA XA 77 112.36 44.38 -108.04
CA ALA XA 77 112.65 43.47 -109.15
C ALA XA 77 113.29 44.16 -110.33
N LYS XA 78 113.42 45.49 -110.30
CA LYS XA 78 114.07 46.31 -111.32
C LYS XA 78 113.27 46.38 -112.61
N ARG XA 79 112.04 45.87 -112.63
CA ARG XA 79 111.19 45.96 -113.79
C ARG XA 79 110.45 47.29 -113.81
N LYS XA 80 109.83 47.59 -114.95
CA LYS XA 80 108.94 48.73 -115.09
C LYS XA 80 107.53 48.31 -115.48
N THR XA 81 107.27 47.01 -115.56
CA THR XA 81 105.95 46.47 -115.88
C THR XA 81 105.43 45.73 -114.66
N VAL XA 82 104.41 46.29 -114.00
CA VAL XA 82 103.80 45.60 -112.87
C VAL XA 82 103.16 44.32 -113.37
N THR XA 83 103.29 43.26 -112.57
CA THR XA 83 102.88 41.93 -113.00
C THR XA 83 101.82 41.36 -112.07
N ALA XA 84 101.04 40.44 -112.64
CA ALA XA 84 100.07 39.68 -111.84
C ALA XA 84 100.76 38.94 -110.71
N MET XA 85 102.02 38.53 -110.91
CA MET XA 85 102.78 37.95 -109.81
C MET XA 85 102.94 38.95 -108.68
N ASP XA 86 103.28 40.20 -108.99
CA ASP XA 86 103.43 41.21 -107.96
C ASP XA 86 102.12 41.47 -107.24
N VAL XA 87 101.02 41.59 -107.99
CA VAL XA 87 99.73 41.87 -107.35
C VAL XA 87 99.30 40.68 -106.50
N VAL XA 88 99.59 39.46 -106.94
CA VAL XA 88 99.23 38.27 -106.16
C VAL XA 88 100.04 38.20 -104.88
N TYR XA 89 101.33 38.53 -104.96
CA TYR XA 89 102.15 38.55 -103.75
C TYR XA 89 101.67 39.62 -102.78
N ALA XA 90 101.27 40.79 -103.31
CA ALA XA 90 100.73 41.85 -102.46
C ALA XA 90 99.46 41.39 -101.76
N LEU XA 91 98.55 40.75 -102.49
CA LEU XA 91 97.33 40.24 -101.89
C LEU XA 91 97.63 39.16 -100.85
N LYS XA 92 98.61 38.30 -101.14
CA LYS XA 92 98.98 37.26 -100.19
C LYS XA 92 99.52 37.85 -98.89
N ARG XA 93 100.36 38.88 -98.99
CA ARG XA 93 100.88 39.51 -97.79
C ARG XA 93 99.84 40.35 -97.06
N GLN XA 94 98.82 40.85 -97.76
CA GLN XA 94 97.76 41.61 -97.12
C GLN XA 94 96.58 40.77 -96.65
N GLY XA 95 96.56 39.48 -96.96
CA GLY XA 95 95.51 38.59 -96.51
C GLY XA 95 94.35 38.36 -97.47
N ARG XA 96 94.55 38.62 -98.76
CA ARG XA 96 93.51 38.45 -99.79
C ARG XA 96 94.08 37.71 -100.99
N THR XA 97 94.76 36.60 -100.72
CA THR XA 97 95.48 35.86 -101.75
C THR XA 97 94.54 35.45 -102.89
N LEU XA 98 95.04 35.59 -104.12
CA LEU XA 98 94.28 35.28 -105.32
C LEU XA 98 95.00 34.17 -106.09
N TYR XA 99 94.22 33.20 -106.56
CA TYR XA 99 94.76 32.07 -107.32
C TYR XA 99 94.34 32.20 -108.78
N GLY XA 100 95.28 31.95 -109.69
CA GLY XA 100 94.98 31.95 -111.11
C GLY XA 100 95.95 32.74 -111.95
N PHE XA 101 96.91 33.41 -111.33
CA PHE XA 101 97.89 34.22 -112.01
C PHE XA 101 99.29 33.95 -111.48
N GLY XA 102 99.62 32.67 -111.27
CA GLY XA 102 100.93 32.31 -110.76
C GLY XA 102 101.76 31.53 -111.75
N GLY XA 103 102.61 30.64 -111.24
CA GLY XA 103 103.46 29.82 -112.09
C GLY XA 103 104.71 30.54 -112.55
N MET YA 1 -40.07 136.49 -33.14
CA MET YA 1 -41.38 136.71 -32.53
C MET YA 1 -42.02 135.38 -32.14
N SER YA 2 -43.33 135.42 -31.87
CA SER YA 2 -44.08 134.24 -31.49
C SER YA 2 -44.94 133.77 -32.66
N GLY YA 3 -44.86 132.47 -32.95
CA GLY YA 3 -45.63 131.91 -34.05
C GLY YA 3 -46.80 131.07 -33.58
N ARG YA 4 -47.79 130.88 -34.44
CA ARG YA 4 -48.98 130.11 -34.12
C ARG YA 4 -48.78 128.65 -34.50
N GLY YA 5 -49.32 127.75 -33.68
CA GLY YA 5 -49.20 126.33 -33.93
C GLY YA 5 -50.50 125.57 -33.77
N LYS YA 6 -50.84 124.75 -34.75
CA LYS YA 6 -52.06 123.94 -34.73
C LYS YA 6 -51.65 122.47 -34.68
N GLY YA 7 -52.16 121.75 -33.69
CA GLY YA 7 -51.83 120.33 -33.56
C GLY YA 7 -50.36 120.08 -33.32
N GLY YA 8 -49.74 120.86 -32.44
CA GLY YA 8 -48.31 120.74 -32.19
C GLY YA 8 -47.53 121.84 -32.86
N LYS YA 9 -46.49 121.48 -33.61
CA LYS YA 9 -45.69 122.45 -34.34
C LYS YA 9 -46.29 122.63 -35.74
N GLY YA 10 -46.78 123.83 -36.02
CA GLY YA 10 -47.41 124.09 -37.30
C GLY YA 10 -46.45 124.67 -38.32
N LEU YA 11 -45.73 125.73 -37.95
CA LEU YA 11 -44.77 126.36 -38.85
C LEU YA 11 -43.44 125.62 -38.75
N GLY YA 12 -42.39 126.21 -39.33
CA GLY YA 12 -41.10 125.55 -39.36
C GLY YA 12 -41.10 124.29 -40.20
N LYS YA 13 -41.83 124.31 -41.31
CA LYS YA 13 -42.00 123.15 -42.17
C LYS YA 13 -40.90 122.99 -43.20
N GLY YA 14 -40.56 124.06 -43.92
CA GLY YA 14 -39.59 123.97 -44.98
C GLY YA 14 -38.15 124.18 -44.53
N GLY YA 15 -37.57 123.21 -43.84
CA GLY YA 15 -36.19 123.30 -43.42
C GLY YA 15 -35.93 124.44 -42.46
N ALA YA 16 -36.45 124.33 -41.24
CA ALA YA 16 -36.38 125.42 -40.28
C ALA YA 16 -36.02 124.85 -38.92
N LYS YA 17 -36.21 125.67 -37.88
CA LYS YA 17 -35.72 125.39 -36.54
C LYS YA 17 -36.48 124.28 -35.81
N ARG YA 18 -37.37 123.57 -36.49
CA ARG YA 18 -38.09 122.46 -35.87
C ARG YA 18 -37.85 121.19 -36.68
N HIS YA 19 -37.35 120.15 -36.02
CA HIS YA 19 -37.06 118.88 -36.67
C HIS YA 19 -37.10 117.78 -35.61
N ARG YA 20 -38.21 117.04 -35.55
CA ARG YA 20 -38.34 115.92 -34.63
C ARG YA 20 -37.93 114.62 -35.33
N LYS YA 21 -37.37 113.71 -34.54
CA LYS YA 21 -36.85 112.45 -35.05
C LYS YA 21 -37.73 111.29 -34.62
N VAL YA 22 -37.85 110.30 -35.50
CA VAL YA 22 -38.65 109.12 -35.21
C VAL YA 22 -37.90 108.24 -34.23
N LEU YA 23 -38.48 108.02 -33.05
CA LEU YA 23 -37.89 107.17 -32.03
C LEU YA 23 -38.48 105.78 -32.19
N ARG YA 24 -37.67 104.83 -32.67
CA ARG YA 24 -38.15 103.52 -33.07
C ARG YA 24 -37.77 102.43 -32.06
N ASP YA 25 -36.49 102.30 -31.72
CA ASP YA 25 -36.00 101.22 -30.87
C ASP YA 25 -35.14 101.78 -29.75
N ASN YA 26 -35.63 102.81 -29.07
CA ASN YA 26 -34.93 103.38 -27.93
C ASN YA 26 -35.12 102.56 -26.66
N ILE YA 27 -35.95 101.52 -26.69
CA ILE YA 27 -36.13 100.65 -25.52
C ILE YA 27 -34.85 99.90 -25.19
N GLN YA 28 -33.91 99.82 -26.14
CA GLN YA 28 -32.63 99.18 -25.86
C GLN YA 28 -31.73 100.02 -24.96
N GLY YA 29 -32.13 101.27 -24.66
CA GLY YA 29 -31.34 102.08 -23.74
C GLY YA 29 -31.26 101.50 -22.35
N ILE YA 30 -32.25 100.69 -21.96
CA ILE YA 30 -32.21 99.96 -20.71
C ILE YA 30 -31.34 98.72 -20.93
N THR YA 31 -30.05 98.85 -20.66
CA THR YA 31 -29.07 97.85 -21.04
C THR YA 31 -28.69 96.99 -19.84
N LYS YA 32 -27.70 96.11 -20.06
CA LYS YA 32 -27.32 95.12 -19.05
C LYS YA 32 -26.83 95.74 -17.75
N PRO YA 33 -25.88 96.69 -17.74
CA PRO YA 33 -25.48 97.28 -16.45
C PRO YA 33 -26.62 98.00 -15.75
N ALA YA 34 -27.55 98.60 -16.51
CA ALA YA 34 -28.72 99.22 -15.89
C ALA YA 34 -29.58 98.17 -15.18
N ILE YA 35 -29.79 97.02 -15.83
CA ILE YA 35 -30.51 95.93 -15.18
C ILE YA 35 -29.71 95.38 -14.01
N ARG YA 36 -28.38 95.35 -14.14
CA ARG YA 36 -27.55 94.87 -13.04
C ARG YA 36 -27.75 95.72 -11.79
N ARG YA 37 -27.76 97.05 -11.94
CA ARG YA 37 -28.01 97.92 -10.81
C ARG YA 37 -29.39 97.69 -10.23
N LEU YA 38 -30.40 97.52 -11.08
CA LEU YA 38 -31.74 97.20 -10.60
C LEU YA 38 -31.78 95.85 -9.93
N ALA YA 39 -31.10 94.85 -10.51
CA ALA YA 39 -31.11 93.51 -9.93
C ALA YA 39 -30.36 93.48 -8.60
N ARG YA 40 -29.19 94.12 -8.53
CA ARG YA 40 -28.43 94.11 -7.29
C ARG YA 40 -29.09 94.93 -6.19
N ARG YA 41 -30.00 95.85 -6.55
CA ARG YA 41 -30.80 96.53 -5.53
C ARG YA 41 -31.69 95.53 -4.79
N GLY YA 42 -32.27 94.58 -5.51
CA GLY YA 42 -33.08 93.53 -4.93
C GLY YA 42 -32.32 92.34 -4.40
N GLY YA 43 -31.00 92.32 -4.57
CA GLY YA 43 -30.18 91.23 -4.07
C GLY YA 43 -29.86 90.14 -5.06
N VAL YA 44 -30.14 90.34 -6.34
CA VAL YA 44 -29.87 89.33 -7.36
C VAL YA 44 -28.42 89.46 -7.80
N LYS YA 45 -27.71 88.32 -7.87
CA LYS YA 45 -26.30 88.32 -8.22
C LYS YA 45 -26.02 87.82 -9.62
N ARG YA 46 -26.93 87.04 -10.22
CA ARG YA 46 -26.73 86.52 -11.56
C ARG YA 46 -27.99 86.76 -12.38
N ILE YA 47 -27.80 87.09 -13.65
CA ILE YA 47 -28.89 87.42 -14.56
C ILE YA 47 -28.80 86.53 -15.79
N SER YA 48 -29.93 85.93 -16.15
CA SER YA 48 -30.02 85.07 -17.32
C SER YA 48 -30.12 85.91 -18.60
N GLY YA 49 -29.87 85.24 -19.73
CA GLY YA 49 -29.82 85.95 -21.00
C GLY YA 49 -31.16 86.52 -21.42
N LEU YA 50 -32.23 85.75 -21.28
CA LEU YA 50 -33.54 86.22 -21.74
C LEU YA 50 -34.13 87.27 -20.81
N ILE YA 51 -33.63 87.34 -19.57
CA ILE YA 51 -34.15 88.31 -18.62
C ILE YA 51 -33.95 89.74 -19.10
N TYR YA 52 -32.87 89.99 -19.85
CA TYR YA 52 -32.60 91.34 -20.34
C TYR YA 52 -33.73 91.84 -21.24
N GLU YA 53 -34.21 90.98 -22.15
CA GLU YA 53 -35.30 91.39 -23.03
C GLU YA 53 -36.63 91.43 -22.27
N GLU YA 54 -36.85 90.48 -21.36
CA GLU YA 54 -38.11 90.44 -20.63
C GLU YA 54 -38.24 91.61 -19.67
N THR YA 55 -37.12 92.04 -19.07
CA THR YA 55 -37.17 93.20 -18.18
C THR YA 55 -37.62 94.45 -18.94
N ARG YA 56 -37.12 94.64 -20.16
CA ARG YA 56 -37.62 95.73 -20.99
C ARG YA 56 -39.08 95.53 -21.35
N GLY YA 57 -39.48 94.28 -21.61
CA GLY YA 57 -40.88 94.00 -21.89
C GLY YA 57 -41.78 94.27 -20.69
N VAL YA 58 -41.32 93.89 -19.50
CA VAL YA 58 -42.09 94.18 -18.29
C VAL YA 58 -42.21 95.68 -18.07
N LEU YA 59 -41.11 96.42 -18.28
CA LEU YA 59 -41.15 97.87 -18.14
C LEU YA 59 -42.08 98.49 -19.18
N LYS YA 60 -42.10 97.94 -20.39
CA LYS YA 60 -42.98 98.48 -21.44
C LYS YA 60 -44.44 98.34 -21.06
N VAL YA 61 -44.83 97.19 -20.47
CA VAL YA 61 -46.21 96.97 -20.08
C VAL YA 61 -46.63 97.98 -19.00
N PHE YA 62 -45.75 98.21 -18.02
CA PHE YA 62 -46.06 99.17 -16.97
C PHE YA 62 -46.20 100.58 -17.54
N LEU YA 63 -45.29 100.96 -18.43
CA LEU YA 63 -45.40 102.28 -19.07
C LEU YA 63 -46.64 102.36 -19.95
N GLU YA 64 -46.95 101.28 -20.69
CA GLU YA 64 -48.14 101.27 -21.53
C GLU YA 64 -49.41 101.40 -20.69
N ASN YA 65 -49.48 100.68 -19.56
CA ASN YA 65 -50.66 100.75 -18.71
C ASN YA 65 -50.81 102.11 -18.05
N VAL YA 66 -49.70 102.68 -17.58
CA VAL YA 66 -49.76 103.95 -16.88
C VAL YA 66 -50.13 105.08 -17.82
N ILE YA 67 -49.52 105.09 -19.02
CA ILE YA 67 -49.71 106.22 -19.93
C ILE YA 67 -51.13 106.29 -20.45
N ARG YA 68 -51.85 105.17 -20.46
CA ARG YA 68 -53.25 105.18 -20.89
C ARG YA 68 -54.09 106.07 -19.98
N ASP YA 69 -53.87 105.98 -18.67
CA ASP YA 69 -54.58 106.83 -17.74
C ASP YA 69 -54.12 108.28 -17.87
N ALA YA 70 -52.80 108.48 -17.99
CA ALA YA 70 -52.27 109.84 -18.10
C ALA YA 70 -52.78 110.55 -19.35
N VAL YA 71 -52.85 109.83 -20.47
CA VAL YA 71 -53.41 110.39 -21.69
C VAL YA 71 -54.88 110.74 -21.49
N THR YA 72 -55.63 109.85 -20.83
CA THR YA 72 -57.03 110.14 -20.51
C THR YA 72 -57.15 111.33 -19.58
N TYR YA 73 -56.26 111.43 -18.60
CA TYR YA 73 -56.25 112.60 -17.73
C TYR YA 73 -55.94 113.88 -18.52
N THR YA 74 -54.99 113.80 -19.45
CA THR YA 74 -54.63 114.97 -20.25
C THR YA 74 -55.80 115.42 -21.11
N GLU YA 75 -56.48 114.48 -21.77
CA GLU YA 75 -57.62 114.84 -22.61
C GLU YA 75 -58.76 115.41 -21.78
N HIS YA 76 -59.02 114.82 -20.61
CA HIS YA 76 -60.07 115.36 -19.75
C HIS YA 76 -59.73 116.75 -19.26
N ALA YA 77 -58.45 117.00 -18.96
CA ALA YA 77 -58.00 118.31 -18.52
C ALA YA 77 -57.95 119.32 -19.67
N LYS YA 78 -58.17 118.88 -20.91
CA LYS YA 78 -58.13 119.70 -22.12
C LYS YA 78 -56.75 120.27 -22.39
N ARG YA 79 -55.71 119.74 -21.74
CA ARG YA 79 -54.36 120.23 -21.96
C ARG YA 79 -53.68 119.42 -23.07
N LYS YA 80 -52.46 119.85 -23.42
CA LYS YA 80 -51.61 119.09 -24.33
C LYS YA 80 -50.36 118.55 -23.66
N THR YA 81 -49.91 119.15 -22.57
CA THR YA 81 -48.76 118.65 -21.82
C THR YA 81 -49.20 117.61 -20.80
N VAL YA 82 -48.21 116.90 -20.26
CA VAL YA 82 -48.44 115.89 -19.23
C VAL YA 82 -47.84 116.43 -17.94
N THR YA 83 -48.68 116.98 -17.07
CA THR YA 83 -48.22 117.54 -15.82
C THR YA 83 -47.95 116.43 -14.80
N ALA YA 84 -47.18 116.77 -13.78
CA ALA YA 84 -46.88 115.81 -12.73
C ALA YA 84 -48.13 115.46 -11.93
N MET YA 85 -49.05 116.42 -11.81
CA MET YA 85 -50.30 116.16 -11.08
C MET YA 85 -51.14 115.10 -11.79
N ASP YA 86 -51.20 115.15 -13.12
CA ASP YA 86 -51.93 114.14 -13.86
C ASP YA 86 -51.29 112.77 -13.70
N VAL YA 87 -49.95 112.73 -13.69
CA VAL YA 87 -49.25 111.44 -13.61
C VAL YA 87 -49.52 110.77 -12.27
N VAL YA 88 -49.44 111.52 -11.17
CA VAL YA 88 -49.62 110.93 -9.85
C VAL YA 88 -51.04 110.44 -9.66
N TYR YA 89 -52.01 111.13 -10.27
CA TYR YA 89 -53.38 110.62 -10.27
C TYR YA 89 -53.47 109.29 -11.01
N ALA YA 90 -52.79 109.18 -12.15
CA ALA YA 90 -52.76 107.92 -12.88
C ALA YA 90 -52.04 106.84 -12.07
N LEU YA 91 -50.92 107.19 -11.44
CA LEU YA 91 -50.20 106.21 -10.63
C LEU YA 91 -51.04 105.75 -9.44
N LYS YA 92 -51.77 106.66 -8.81
CA LYS YA 92 -52.64 106.29 -7.70
C LYS YA 92 -53.76 105.37 -8.18
N ARG YA 93 -54.31 105.63 -9.36
CA ARG YA 93 -55.44 104.84 -9.85
C ARG YA 93 -55.08 103.38 -10.07
N GLN YA 94 -53.82 103.10 -10.37
CA GLN YA 94 -53.37 101.73 -10.63
C GLN YA 94 -52.69 101.09 -9.43
N GLY YA 95 -52.71 101.75 -8.27
CA GLY YA 95 -52.19 101.18 -7.05
C GLY YA 95 -50.75 101.52 -6.74
N ARG YA 96 -50.00 102.08 -7.69
CA ARG YA 96 -48.61 102.46 -7.45
C ARG YA 96 -48.54 103.95 -7.09
N THR YA 97 -48.99 104.23 -5.88
CA THR YA 97 -49.06 105.62 -5.42
C THR YA 97 -47.68 106.23 -5.30
N LEU YA 98 -47.56 107.49 -5.70
CA LEU YA 98 -46.31 108.24 -5.63
C LEU YA 98 -46.55 109.56 -4.93
N TYR YA 99 -45.58 110.01 -4.16
CA TYR YA 99 -45.65 111.26 -3.42
C TYR YA 99 -44.53 112.19 -3.85
N GLY YA 100 -44.59 113.42 -3.35
CA GLY YA 100 -43.57 114.41 -3.63
C GLY YA 100 -43.76 115.14 -4.94
N PHE YA 101 -43.76 114.39 -6.05
CA PHE YA 101 -43.91 115.01 -7.36
C PHE YA 101 -45.28 115.66 -7.51
N GLY YA 102 -46.33 114.99 -7.01
CA GLY YA 102 -47.67 115.54 -7.08
C GLY YA 102 -48.37 115.54 -5.74
N GLY YA 103 -48.77 116.72 -5.27
CA GLY YA 103 -49.42 116.84 -3.99
C GLY YA 103 -50.71 117.64 -4.06
N GLY ZA 5 -99.81 -64.85 -8.01
CA GLY ZA 5 -98.90 -65.64 -8.83
C GLY ZA 5 -98.52 -66.96 -8.20
N LYS ZA 6 -97.22 -67.25 -8.19
CA LYS ZA 6 -96.71 -68.49 -7.62
C LYS ZA 6 -95.44 -68.20 -6.84
N GLY ZA 7 -95.15 -69.07 -5.87
CA GLY ZA 7 -93.95 -68.94 -5.08
C GLY ZA 7 -93.53 -70.23 -4.41
N GLY ZA 8 -92.23 -70.53 -4.44
CA GLY ZA 8 -91.72 -71.72 -3.81
C GLY ZA 8 -91.16 -71.43 -2.44
N LYS ZA 9 -89.83 -71.42 -2.33
CA LYS ZA 9 -89.19 -71.02 -1.08
C LYS ZA 9 -89.45 -69.57 -0.75
N GLY ZA 10 -89.78 -68.76 -1.76
CA GLY ZA 10 -90.05 -67.34 -1.55
C GLY ZA 10 -89.41 -66.49 -2.63
N LEU ZA 11 -89.56 -65.16 -2.49
CA LEU ZA 11 -89.00 -64.20 -3.43
C LEU ZA 11 -89.48 -64.50 -4.86
N GLY ZA 12 -90.80 -64.66 -5.00
CA GLY ZA 12 -91.37 -64.95 -6.29
C GLY ZA 12 -91.52 -63.74 -7.19
N LYS ZA 13 -91.59 -62.54 -6.61
CA LYS ZA 13 -91.80 -61.34 -7.41
C LYS ZA 13 -90.57 -61.02 -8.25
N GLY ZA 14 -89.39 -61.01 -7.63
CA GLY ZA 14 -88.20 -60.60 -8.36
C GLY ZA 14 -88.30 -59.18 -8.83
N GLY ZA 15 -87.69 -58.90 -9.98
CA GLY ZA 15 -87.77 -57.57 -10.57
C GLY ZA 15 -87.17 -56.53 -9.66
N ALA ZA 16 -87.94 -55.45 -9.43
CA ALA ZA 16 -87.50 -54.35 -8.57
C ALA ZA 16 -88.43 -54.18 -7.37
N LYS ZA 17 -89.22 -55.18 -7.04
CA LYS ZA 17 -90.14 -55.12 -5.91
C LYS ZA 17 -89.63 -55.84 -4.67
N ARG ZA 18 -88.40 -56.35 -4.69
CA ARG ZA 18 -87.82 -57.04 -3.55
C ARG ZA 18 -86.37 -56.61 -3.39
N HIS ZA 19 -85.86 -56.75 -2.17
CA HIS ZA 19 -84.46 -56.43 -1.89
C HIS ZA 19 -84.01 -57.20 -0.66
N ARG ZA 20 -82.89 -57.91 -0.77
CA ARG ZA 20 -82.27 -58.62 0.34
C ARG ZA 20 -80.79 -58.30 0.36
N LYS ZA 21 -80.22 -58.26 1.57
CA LYS ZA 21 -78.82 -57.94 1.77
C LYS ZA 21 -78.10 -59.14 2.40
N VAL ZA 22 -76.81 -59.25 2.09
CA VAL ZA 22 -76.02 -60.38 2.56
C VAL ZA 22 -75.68 -60.17 4.04
N LEU ZA 23 -75.97 -61.17 4.86
CA LEU ZA 23 -75.67 -61.16 6.28
C LEU ZA 23 -74.65 -62.25 6.56
N ARG ZA 24 -73.43 -61.87 6.92
CA ARG ZA 24 -72.35 -62.82 7.12
C ARG ZA 24 -71.80 -62.81 8.54
N ASP ZA 25 -71.48 -61.64 9.08
CA ASP ZA 25 -70.82 -61.52 10.38
C ASP ZA 25 -71.60 -60.59 11.30
N ASN ZA 26 -72.91 -60.81 11.38
CA ASN ZA 26 -73.78 -60.02 12.24
C ASN ZA 26 -73.76 -60.48 13.69
N ILE ZA 27 -72.86 -61.39 14.05
CA ILE ZA 27 -72.70 -61.80 15.44
C ILE ZA 27 -72.26 -60.62 16.29
N GLN ZA 28 -71.48 -59.70 15.71
CA GLN ZA 28 -70.99 -58.51 16.40
C GLN ZA 28 -72.10 -57.56 16.82
N GLY ZA 29 -73.37 -57.90 16.57
CA GLY ZA 29 -74.46 -57.05 17.02
C GLY ZA 29 -74.50 -56.91 18.53
N ILE ZA 30 -74.09 -57.97 19.24
CA ILE ZA 30 -73.96 -57.91 20.70
C ILE ZA 30 -72.66 -57.18 21.00
N THR ZA 31 -72.75 -55.88 21.28
CA THR ZA 31 -71.58 -55.02 21.45
C THR ZA 31 -71.26 -54.86 22.94
N LYS ZA 32 -70.29 -53.99 23.22
CA LYS ZA 32 -69.83 -53.81 24.60
C LYS ZA 32 -70.93 -53.35 25.55
N PRO ZA 33 -71.74 -52.32 25.24
CA PRO ZA 33 -72.85 -51.99 26.16
C PRO ZA 33 -73.84 -53.13 26.32
N ALA ZA 34 -74.12 -53.88 25.27
CA ALA ZA 34 -75.08 -54.98 25.36
C ALA ZA 34 -74.53 -56.12 26.19
N ILE ZA 35 -73.25 -56.46 26.00
CA ILE ZA 35 -72.65 -57.56 26.73
C ILE ZA 35 -72.53 -57.21 28.21
N ARG ZA 36 -72.13 -55.97 28.51
CA ARG ZA 36 -71.94 -55.60 29.91
C ARG ZA 36 -73.26 -55.53 30.67
N ARG ZA 37 -74.34 -55.16 29.97
CA ARG ZA 37 -75.65 -55.08 30.63
C ARG ZA 37 -76.09 -56.43 31.16
N LEU ZA 38 -75.95 -57.48 30.34
CA LEU ZA 38 -76.25 -58.83 30.80
C LEU ZA 38 -75.32 -59.23 31.94
N ALA ZA 39 -74.04 -58.84 31.84
CA ALA ZA 39 -73.12 -59.04 32.95
C ALA ZA 39 -73.57 -58.27 34.19
N ARG ZA 40 -74.02 -57.03 33.99
CA ARG ZA 40 -74.53 -56.25 35.12
C ARG ZA 40 -75.77 -56.89 35.72
N ARG ZA 41 -76.66 -57.42 34.88
CA ARG ZA 41 -77.80 -58.17 35.40
C ARG ZA 41 -77.35 -59.40 36.17
N GLY ZA 42 -76.17 -59.94 35.88
CA GLY ZA 42 -75.59 -61.00 36.67
C GLY ZA 42 -74.89 -60.55 37.94
N GLY ZA 43 -74.76 -59.25 38.13
CA GLY ZA 43 -74.19 -58.72 39.36
C GLY ZA 43 -72.69 -58.73 39.47
N VAL ZA 44 -71.97 -58.71 38.34
CA VAL ZA 44 -70.51 -58.70 38.34
C VAL ZA 44 -70.02 -57.27 38.14
N LYS ZA 45 -69.07 -56.85 38.98
CA LYS ZA 45 -68.56 -55.49 38.91
C LYS ZA 45 -67.66 -55.28 37.69
N ARG ZA 46 -66.79 -56.24 37.39
CA ARG ZA 46 -65.77 -56.09 36.36
C ARG ZA 46 -65.77 -57.32 35.44
N ILE ZA 47 -65.76 -57.06 34.13
CA ILE ZA 47 -65.70 -58.12 33.13
C ILE ZA 47 -64.52 -57.84 32.21
N SER ZA 48 -63.78 -58.90 31.87
CA SER ZA 48 -62.57 -58.75 31.07
C SER ZA 48 -62.91 -58.43 29.62
N GLY ZA 49 -61.90 -58.01 28.87
CA GLY ZA 49 -62.10 -57.69 27.47
C GLY ZA 49 -62.15 -58.90 26.56
N LEU ZA 50 -61.51 -59.99 26.95
CA LEU ZA 50 -61.47 -61.18 26.11
C LEU ZA 50 -62.77 -61.98 26.14
N ILE ZA 51 -63.61 -61.80 27.16
CA ILE ZA 51 -64.84 -62.57 27.23
C ILE ZA 51 -65.91 -62.00 26.31
N TYR ZA 52 -65.67 -60.79 25.77
CA TYR ZA 52 -66.63 -60.22 24.83
C TYR ZA 52 -66.77 -61.11 23.60
N GLU ZA 53 -65.65 -61.62 23.08
CA GLU ZA 53 -65.71 -62.59 22.01
C GLU ZA 53 -66.28 -63.92 22.49
N GLU ZA 54 -65.89 -64.35 23.69
CA GLU ZA 54 -66.38 -65.62 24.22
C GLU ZA 54 -67.89 -65.56 24.48
N THR ZA 55 -68.38 -64.46 25.02
CA THR ZA 55 -69.82 -64.32 25.26
C THR ZA 55 -70.60 -64.39 23.95
N ARG ZA 56 -70.10 -63.72 22.91
CA ARG ZA 56 -70.71 -63.84 21.60
C ARG ZA 56 -70.61 -65.26 21.07
N GLY ZA 57 -69.45 -65.90 21.28
CA GLY ZA 57 -69.31 -67.29 20.88
C GLY ZA 57 -70.22 -68.22 21.66
N VAL ZA 58 -70.38 -67.98 22.96
CA VAL ZA 58 -71.29 -68.78 23.77
C VAL ZA 58 -72.73 -68.59 23.28
N LEU ZA 59 -73.11 -67.35 22.96
CA LEU ZA 59 -74.44 -67.10 22.43
C LEU ZA 59 -74.66 -67.83 21.11
N LYS ZA 60 -73.63 -67.87 20.26
CA LYS ZA 60 -73.73 -68.61 19.01
C LYS ZA 60 -73.95 -70.10 19.27
N VAL ZA 61 -73.22 -70.66 20.23
CA VAL ZA 61 -73.41 -72.06 20.60
C VAL ZA 61 -74.82 -72.28 21.17
N PHE ZA 62 -75.26 -71.37 22.04
CA PHE ZA 62 -76.59 -71.48 22.60
C PHE ZA 62 -77.67 -71.35 21.52
N LEU ZA 63 -77.49 -70.40 20.60
CA LEU ZA 63 -78.50 -70.16 19.57
C LEU ZA 63 -78.52 -71.27 18.53
N GLU ZA 64 -77.35 -71.81 18.18
CA GLU ZA 64 -77.30 -72.84 17.15
C GLU ZA 64 -78.02 -74.11 17.60
N ASN ZA 65 -77.96 -74.43 18.90
CA ASN ZA 65 -78.62 -75.62 19.40
C ASN ZA 65 -80.13 -75.46 19.44
N VAL ZA 66 -80.61 -74.31 19.92
CA VAL ZA 66 -82.05 -74.10 20.03
C VAL ZA 66 -82.67 -73.92 18.66
N ILE ZA 67 -81.92 -73.36 17.71
CA ILE ZA 67 -82.44 -73.18 16.35
C ILE ZA 67 -82.67 -74.53 15.69
N ARG ZA 68 -81.74 -75.48 15.88
CA ARG ZA 68 -81.91 -76.82 15.33
C ARG ZA 68 -83.22 -77.45 15.82
N ASP ZA 69 -83.48 -77.33 17.12
CA ASP ZA 69 -84.71 -77.87 17.68
C ASP ZA 69 -85.93 -77.13 17.13
N ALA ZA 70 -85.83 -75.81 17.00
CA ALA ZA 70 -86.96 -75.02 16.50
C ALA ZA 70 -87.21 -75.28 15.02
N VAL ZA 71 -86.13 -75.34 14.22
CA VAL ZA 71 -86.28 -75.57 12.79
C VAL ZA 71 -86.84 -76.96 12.52
N THR ZA 72 -86.33 -77.97 13.24
CA THR ZA 72 -86.83 -79.33 13.07
C THR ZA 72 -88.30 -79.42 13.47
N TYR ZA 73 -88.67 -78.73 14.55
CA TYR ZA 73 -90.09 -78.68 14.95
C TYR ZA 73 -90.92 -78.02 13.86
N THR ZA 74 -90.43 -76.92 13.30
CA THR ZA 74 -91.17 -76.22 12.25
C THR ZA 74 -91.22 -77.03 10.96
N GLU ZA 75 -90.11 -77.68 10.61
CA GLU ZA 75 -90.07 -78.49 9.39
C GLU ZA 75 -90.98 -79.71 9.48
N HIS ZA 76 -91.30 -80.16 10.69
CA HIS ZA 76 -92.20 -81.29 10.83
C HIS ZA 76 -93.57 -80.98 10.22
N ALA ZA 77 -94.09 -79.79 10.50
CA ALA ZA 77 -95.38 -79.37 9.96
C ALA ZA 77 -95.25 -78.72 8.58
N LYS ZA 78 -94.03 -78.61 8.05
CA LYS ZA 78 -93.74 -78.00 6.75
C LYS ZA 78 -94.16 -76.54 6.67
N ARG ZA 79 -94.33 -75.87 7.80
CA ARG ZA 79 -94.71 -74.47 7.80
C ARG ZA 79 -93.50 -73.59 7.56
N LYS ZA 80 -93.63 -72.62 6.65
CA LYS ZA 80 -92.52 -71.71 6.37
C LYS ZA 80 -92.20 -70.84 7.58
N THR ZA 81 -93.25 -70.33 8.24
CA THR ZA 81 -93.05 -69.43 9.37
C THR ZA 81 -92.80 -70.20 10.66
N VAL ZA 82 -91.81 -69.76 11.42
CA VAL ZA 82 -91.49 -70.35 12.71
C VAL ZA 82 -92.36 -69.64 13.76
N THR ZA 83 -93.39 -70.33 14.23
CA THR ZA 83 -94.28 -69.75 15.22
C THR ZA 83 -93.66 -69.81 16.61
N ALA ZA 84 -94.24 -69.02 17.53
CA ALA ZA 84 -93.76 -69.02 18.91
C ALA ZA 84 -94.05 -70.34 19.60
N MET ZA 85 -95.04 -71.10 19.10
CA MET ZA 85 -95.34 -72.40 19.70
C MET ZA 85 -94.17 -73.36 19.54
N ASP ZA 86 -93.54 -73.37 18.36
CA ASP ZA 86 -92.43 -74.28 18.12
C ASP ZA 86 -91.23 -73.95 18.99
N VAL ZA 87 -91.03 -72.66 19.28
CA VAL ZA 87 -89.89 -72.25 20.08
C VAL ZA 87 -89.99 -72.79 21.50
N VAL ZA 88 -91.17 -72.66 22.12
CA VAL ZA 88 -91.31 -73.11 23.51
C VAL ZA 88 -91.22 -74.63 23.60
N TYR ZA 89 -91.67 -75.34 22.57
CA TYR ZA 89 -91.45 -76.79 22.53
C TYR ZA 89 -89.97 -77.11 22.48
N ALA ZA 90 -89.21 -76.35 21.70
CA ALA ZA 90 -87.76 -76.53 21.66
C ALA ZA 90 -87.13 -76.17 23.00
N LEU ZA 91 -87.65 -75.13 23.66
CA LEU ZA 91 -87.10 -74.70 24.94
C LEU ZA 91 -87.30 -75.78 26.01
N LYS ZA 92 -88.43 -76.48 25.97
CA LYS ZA 92 -88.70 -77.52 26.96
C LYS ZA 92 -87.68 -78.64 26.90
N ARG ZA 93 -87.31 -79.05 25.68
CA ARG ZA 93 -86.36 -80.15 25.54
C ARG ZA 93 -84.99 -79.80 26.09
N GLN ZA 94 -84.55 -78.56 25.88
CA GLN ZA 94 -83.22 -78.14 26.29
C GLN ZA 94 -83.13 -77.75 27.76
N GLY ZA 95 -84.24 -77.80 28.49
CA GLY ZA 95 -84.23 -77.43 29.90
C GLY ZA 95 -84.49 -75.95 30.16
N ARG ZA 96 -83.92 -75.08 29.33
CA ARG ZA 96 -84.14 -73.65 29.45
C ARG ZA 96 -85.55 -73.32 28.97
N THR ZA 97 -86.49 -73.23 29.90
CA THR ZA 97 -87.91 -73.03 29.58
C THR ZA 97 -88.32 -71.60 29.89
N LEU ZA 98 -89.11 -71.03 28.99
CA LEU ZA 98 -89.63 -69.67 29.14
C LEU ZA 98 -91.15 -69.72 29.19
N TYR ZA 99 -91.72 -69.13 30.24
CA TYR ZA 99 -93.17 -69.09 30.38
C TYR ZA 99 -93.73 -67.88 29.65
N GLY ZA 100 -94.72 -68.12 28.80
CA GLY ZA 100 -95.31 -67.09 27.98
C GLY ZA 100 -95.08 -67.33 26.50
N PHE ZA 101 -95.45 -66.35 25.70
CA PHE ZA 101 -95.33 -66.41 24.25
C PHE ZA 101 -96.05 -67.62 23.67
N GLY ZA 102 -97.21 -67.95 24.22
CA GLY ZA 102 -97.99 -69.08 23.78
C GLY ZA 102 -98.29 -70.03 24.93
N GLY ZA 103 -99.45 -70.69 24.84
CA GLY ZA 103 -99.86 -71.63 25.87
C GLY ZA 103 -101.15 -72.34 25.53
N SER AB 2 -70.19 119.09 -79.89
CA SER AB 2 -70.49 120.51 -79.85
C SER AB 2 -71.46 120.90 -80.96
N GLY AB 3 -72.50 120.09 -81.14
CA GLY AB 3 -73.50 120.35 -82.16
C GLY AB 3 -73.08 120.06 -83.57
N ARG AB 4 -71.93 119.42 -83.77
CA ARG AB 4 -71.42 119.10 -85.09
C ARG AB 4 -71.36 117.58 -85.26
N GLY AB 5 -71.96 117.08 -86.34
CA GLY AB 5 -71.89 115.67 -86.65
C GLY AB 5 -72.98 114.84 -86.01
N LYS AB 6 -73.68 114.04 -86.81
CA LYS AB 6 -74.70 113.12 -86.32
C LYS AB 6 -74.70 111.90 -87.24
N GLY AB 7 -73.95 110.87 -86.84
CA GLY AB 7 -73.84 109.67 -87.65
C GLY AB 7 -74.81 108.58 -87.23
N GLY AB 8 -74.96 107.59 -88.10
CA GLY AB 8 -75.78 106.43 -87.81
C GLY AB 8 -74.97 105.17 -87.68
N LYS AB 9 -75.29 104.33 -86.70
CA LYS AB 9 -74.61 103.08 -86.38
C LYS AB 9 -73.20 103.32 -85.81
N GLY AB 10 -72.75 104.57 -85.77
CA GLY AB 10 -71.43 104.90 -85.27
C GLY AB 10 -70.45 105.23 -86.39
N LEU AB 11 -69.44 106.03 -86.02
CA LEU AB 11 -68.41 106.49 -86.94
C LEU AB 11 -69.02 107.22 -88.14
N GLY AB 12 -68.26 107.31 -89.23
CA GLY AB 12 -68.74 107.98 -90.42
C GLY AB 12 -67.96 109.24 -90.75
N LYS AB 13 -68.63 110.20 -91.39
CA LYS AB 13 -68.06 111.49 -91.77
C LYS AB 13 -66.98 111.36 -92.85
N GLY AB 14 -66.85 112.38 -93.69
CA GLY AB 14 -65.86 112.36 -94.75
C GLY AB 14 -64.63 113.19 -94.44
N GLY AB 15 -63.53 112.51 -94.11
CA GLY AB 15 -62.29 113.20 -93.82
C GLY AB 15 -62.16 113.74 -92.42
N ALA AB 16 -63.13 113.47 -91.54
CA ALA AB 16 -63.05 113.94 -90.17
C ALA AB 16 -62.08 113.07 -89.37
N LYS AB 17 -61.97 113.38 -88.08
CA LYS AB 17 -61.04 112.67 -87.20
C LYS AB 17 -61.77 111.49 -86.55
N ARG AB 18 -62.12 110.52 -87.37
CA ARG AB 18 -62.76 109.30 -86.90
C ARG AB 18 -62.04 108.12 -87.55
N HIS AB 19 -61.04 107.60 -86.84
CA HIS AB 19 -60.20 106.52 -87.33
C HIS AB 19 -59.91 105.54 -86.20
N ARG AB 20 -59.88 104.26 -86.55
CA ARG AB 20 -59.59 103.20 -85.61
C ARG AB 20 -58.52 102.29 -86.18
N LYS AB 21 -57.63 101.83 -85.31
CA LYS AB 21 -56.56 100.94 -85.72
C LYS AB 21 -57.11 99.56 -86.09
N VAL AB 22 -56.35 98.82 -86.89
CA VAL AB 22 -56.68 97.44 -87.20
C VAL AB 22 -56.22 96.58 -86.03
N LEU AB 23 -57.17 95.90 -85.39
CA LEU AB 23 -56.91 95.19 -84.14
C LEU AB 23 -57.00 93.69 -84.39
N ARG AB 24 -55.95 92.97 -84.00
CA ARG AB 24 -55.93 91.51 -84.13
C ARG AB 24 -54.84 90.95 -83.23
N ASP AB 25 -55.22 90.00 -82.37
CA ASP AB 25 -54.31 89.30 -81.47
C ASP AB 25 -53.57 90.28 -80.57
N ASN AB 26 -54.34 91.08 -79.84
CA ASN AB 26 -53.80 92.03 -78.87
C ASN AB 26 -53.58 91.41 -77.49
N ILE AB 27 -53.96 90.15 -77.30
CA ILE AB 27 -53.70 89.50 -76.02
C ILE AB 27 -52.21 89.28 -75.82
N GLN AB 28 -51.43 89.29 -76.91
CA GLN AB 28 -49.98 89.19 -76.79
C GLN AB 28 -49.38 90.44 -76.16
N GLY AB 29 -50.13 91.54 -76.07
CA GLY AB 29 -49.63 92.73 -75.40
C GLY AB 29 -49.36 92.53 -73.93
N ILE AB 30 -49.93 91.49 -73.33
CA ILE AB 30 -49.63 91.13 -71.94
C ILE AB 30 -48.31 90.36 -71.93
N THR AB 31 -47.22 91.08 -71.75
CA THR AB 31 -45.89 90.52 -71.94
C THR AB 31 -45.52 89.60 -70.78
N LYS AB 32 -44.33 89.02 -70.87
CA LYS AB 32 -43.84 88.13 -69.82
C LYS AB 32 -43.75 88.79 -68.45
N PRO AB 33 -43.21 90.02 -68.31
CA PRO AB 33 -43.23 90.64 -66.97
C PRO AB 33 -44.62 90.83 -66.41
N ALA AB 34 -45.62 91.12 -67.27
CA ALA AB 34 -46.99 91.26 -66.79
C ALA AB 34 -47.51 89.96 -66.21
N ILE AB 35 -47.23 88.84 -66.87
CA ILE AB 35 -47.64 87.55 -66.34
C ILE AB 35 -46.82 87.21 -65.09
N ARG AB 36 -45.53 87.55 -65.09
CA ARG AB 36 -44.68 87.25 -63.96
C ARG AB 36 -45.14 87.98 -62.70
N ARG AB 37 -45.39 89.28 -62.82
CA ARG AB 37 -45.87 90.06 -61.67
C ARG AB 37 -47.24 89.58 -61.22
N LEU AB 38 -48.12 89.23 -62.16
CA LEU AB 38 -49.42 88.68 -61.80
C LEU AB 38 -49.26 87.35 -61.08
N ALA AB 39 -48.33 86.51 -61.53
CA ALA AB 39 -48.10 85.23 -60.86
C ALA AB 39 -47.44 85.42 -59.50
N ARG AB 40 -46.69 86.51 -59.32
CA ARG AB 40 -46.02 86.75 -58.04
C ARG AB 40 -47.04 86.97 -56.92
N ARG AB 41 -48.19 87.57 -57.24
CA ARG AB 41 -49.23 87.74 -56.24
C ARG AB 41 -49.76 86.40 -55.74
N GLY AB 42 -49.70 85.36 -56.57
CA GLY AB 42 -50.11 84.04 -56.15
C GLY AB 42 -49.09 83.29 -55.33
N GLY AB 43 -47.92 83.86 -55.12
CA GLY AB 43 -46.89 83.21 -54.33
C GLY AB 43 -46.05 82.19 -55.05
N VAL AB 44 -45.99 82.26 -56.39
CA VAL AB 44 -45.23 81.28 -57.15
C VAL AB 44 -43.74 81.48 -56.92
N LYS AB 45 -42.97 80.39 -57.04
CA LYS AB 45 -41.52 80.45 -56.89
C LYS AB 45 -40.80 80.32 -58.23
N ARG AB 46 -41.22 79.37 -59.05
CA ARG AB 46 -40.65 79.17 -60.37
C ARG AB 46 -41.79 78.98 -61.37
N ILE AB 47 -41.51 79.34 -62.63
CA ILE AB 47 -42.50 79.24 -63.69
C ILE AB 47 -41.84 78.64 -64.93
N SER AB 48 -42.67 78.10 -65.81
CA SER AB 48 -42.23 77.51 -67.06
C SER AB 48 -42.57 78.43 -68.23
N GLY AB 49 -42.10 78.07 -69.42
CA GLY AB 49 -42.35 78.90 -70.59
C GLY AB 49 -43.70 78.65 -71.22
N LEU AB 50 -44.27 77.46 -71.00
CA LEU AB 50 -45.53 77.10 -71.66
C LEU AB 50 -46.75 77.68 -70.96
N ILE AB 51 -46.61 78.19 -69.74
CA ILE AB 51 -47.78 78.70 -69.03
C ILE AB 51 -48.24 80.03 -69.61
N TYR AB 52 -47.36 80.75 -70.29
CA TYR AB 52 -47.70 82.07 -70.80
C TYR AB 52 -48.86 81.99 -71.81
N GLU AB 53 -48.80 81.03 -72.73
CA GLU AB 53 -49.87 80.88 -73.70
C GLU AB 53 -51.18 80.48 -73.04
N GLU AB 54 -51.12 79.55 -72.08
CA GLU AB 54 -52.34 79.14 -71.40
C GLU AB 54 -52.87 80.21 -70.47
N THR AB 55 -51.98 81.01 -69.85
CA THR AB 55 -52.45 82.11 -69.02
C THR AB 55 -53.23 83.13 -69.85
N ARG AB 56 -52.75 83.42 -71.06
CA ARG AB 56 -53.52 84.25 -71.97
C ARG AB 56 -54.83 83.56 -72.35
N GLY AB 57 -54.78 82.25 -72.58
CA GLY AB 57 -56.01 81.52 -72.88
C GLY AB 57 -57.00 81.55 -71.73
N VAL AB 58 -56.51 81.46 -70.50
CA VAL AB 58 -57.38 81.56 -69.33
C VAL AB 58 -58.05 82.92 -69.28
N LEU AB 59 -57.29 83.98 -69.54
CA LEU AB 59 -57.89 85.31 -69.59
C LEU AB 59 -58.87 85.43 -70.75
N LYS AB 60 -58.54 84.83 -71.89
CA LYS AB 60 -59.40 84.95 -73.07
C LYS AB 60 -60.75 84.28 -72.83
N VAL AB 61 -60.75 83.08 -72.26
CA VAL AB 61 -62.01 82.36 -72.03
C VAL AB 61 -62.84 83.06 -70.96
N PHE AB 62 -62.18 83.61 -69.94
CA PHE AB 62 -62.90 84.35 -68.91
C PHE AB 62 -63.54 85.61 -69.50
N LEU AB 63 -62.79 86.34 -70.33
CA LEU AB 63 -63.35 87.52 -70.98
C LEU AB 63 -64.46 87.13 -71.95
N GLU AB 64 -64.28 86.01 -72.67
CA GLU AB 64 -65.31 85.57 -73.61
C GLU AB 64 -66.61 85.22 -72.89
N ASN AB 65 -66.52 84.60 -71.71
CA ASN AB 65 -67.72 84.28 -70.96
C ASN AB 65 -68.43 85.55 -70.49
N VAL AB 66 -67.66 86.56 -70.06
CA VAL AB 66 -68.27 87.78 -69.51
C VAL AB 66 -68.95 88.58 -70.61
N ILE AB 67 -68.30 88.71 -71.77
CA ILE AB 67 -68.84 89.56 -72.84
C ILE AB 67 -70.14 89.00 -73.40
N ARG AB 68 -70.38 87.70 -73.22
CA ARG AB 68 -71.64 87.11 -73.66
C ARG AB 68 -72.82 87.74 -72.94
N ASP AB 69 -72.70 87.90 -71.62
CA ASP AB 69 -73.76 88.56 -70.87
C ASP AB 69 -73.75 90.07 -71.09
N ALA AB 70 -72.55 90.67 -71.14
CA ALA AB 70 -72.46 92.12 -71.27
C ALA AB 70 -73.09 92.61 -72.56
N VAL AB 71 -72.85 91.90 -73.67
CA VAL AB 71 -73.50 92.24 -74.93
C VAL AB 71 -75.00 92.07 -74.81
N THR AB 72 -75.43 90.95 -74.22
CA THR AB 72 -76.86 90.69 -74.05
C THR AB 72 -77.48 91.69 -73.08
N TYR AB 73 -76.77 92.01 -71.99
CA TYR AB 73 -77.29 92.99 -71.04
C TYR AB 73 -77.44 94.36 -71.68
N THR AB 74 -76.45 94.77 -72.48
CA THR AB 74 -76.49 96.08 -73.11
C THR AB 74 -77.61 96.18 -74.14
N GLU AB 75 -77.82 95.12 -74.92
CA GLU AB 75 -78.88 95.14 -75.91
C GLU AB 75 -80.26 95.25 -75.27
N HIS AB 76 -80.41 94.73 -74.05
CA HIS AB 76 -81.68 94.87 -73.35
C HIS AB 76 -81.96 96.33 -73.01
N ALA AB 77 -80.92 97.09 -72.68
CA ALA AB 77 -81.11 98.50 -72.30
C ALA AB 77 -81.32 99.41 -73.51
N LYS AB 78 -81.34 98.86 -74.72
CA LYS AB 78 -81.55 99.64 -75.95
C LYS AB 78 -80.50 100.74 -76.09
N ARG AB 79 -79.26 100.43 -75.73
CA ARG AB 79 -78.18 101.39 -75.79
C ARG AB 79 -76.96 100.73 -76.41
N LYS AB 80 -76.11 101.57 -77.03
CA LYS AB 80 -74.86 101.11 -77.61
C LYS AB 80 -73.68 101.21 -76.67
N THR AB 81 -73.90 101.67 -75.44
CA THR AB 81 -72.83 101.87 -74.46
C THR AB 81 -73.00 100.85 -73.34
N VAL AB 82 -72.03 99.96 -73.19
CA VAL AB 82 -72.00 99.05 -72.05
C VAL AB 82 -71.30 99.75 -70.89
N THR AB 83 -71.97 99.80 -69.74
CA THR AB 83 -71.47 100.52 -68.58
C THR AB 83 -70.92 99.54 -67.55
N ALA AB 84 -70.29 100.10 -66.51
CA ALA AB 84 -69.81 99.27 -65.41
C ALA AB 84 -70.97 98.58 -64.69
N MET AB 85 -72.15 99.19 -64.70
CA MET AB 85 -73.30 98.56 -64.07
C MET AB 85 -73.78 97.35 -64.87
N ASP AB 86 -73.63 97.41 -66.20
CA ASP AB 86 -73.90 96.24 -67.02
C ASP AB 86 -72.81 95.19 -66.86
N VAL AB 87 -71.56 95.62 -66.68
CA VAL AB 87 -70.45 94.69 -66.52
C VAL AB 87 -70.61 93.89 -65.23
N VAL AB 88 -70.98 94.56 -64.14
CA VAL AB 88 -71.11 93.88 -62.85
C VAL AB 88 -72.28 92.89 -62.88
N TYR AB 89 -73.23 93.10 -63.80
CA TYR AB 89 -74.30 92.11 -63.96
C TYR AB 89 -73.75 90.77 -64.41
N ALA AB 90 -72.82 90.79 -65.37
CA ALA AB 90 -72.23 89.55 -65.85
C ALA AB 90 -71.42 88.86 -64.76
N LEU AB 91 -70.65 89.64 -63.98
CA LEU AB 91 -69.78 89.05 -62.97
C LEU AB 91 -70.59 88.34 -61.89
N LYS AB 92 -71.73 88.91 -61.51
CA LYS AB 92 -72.58 88.27 -60.49
C LYS AB 92 -73.08 86.92 -60.96
N ARG AB 93 -73.46 86.82 -62.24
CA ARG AB 93 -73.98 85.56 -62.76
C ARG AB 93 -72.92 84.47 -62.76
N GLN AB 94 -71.70 84.80 -63.21
CA GLN AB 94 -70.64 83.80 -63.27
C GLN AB 94 -70.05 83.49 -61.90
N GLY AB 95 -70.01 84.48 -61.01
CA GLY AB 95 -69.40 84.34 -59.70
C GLY AB 95 -68.31 85.36 -59.48
N ARG AB 96 -67.85 85.43 -58.23
CA ARG AB 96 -66.86 86.40 -57.81
C ARG AB 96 -67.34 87.83 -58.08
N THR AB 97 -68.43 88.19 -57.40
CA THR AB 97 -69.06 89.48 -57.62
C THR AB 97 -68.10 90.62 -57.29
N LEU AB 98 -68.16 91.67 -58.11
CA LEU AB 98 -67.28 92.82 -57.98
C LEU AB 98 -68.01 93.95 -57.26
N TYR AB 99 -67.31 94.61 -56.34
CA TYR AB 99 -67.86 95.72 -55.58
C TYR AB 99 -67.03 96.98 -55.84
N GLY AB 100 -67.69 98.13 -55.78
CA GLY AB 100 -67.07 99.41 -56.00
C GLY AB 100 -67.30 100.00 -57.37
N PHE AB 101 -67.71 99.19 -58.35
CA PHE AB 101 -68.01 99.67 -59.69
C PHE AB 101 -69.50 99.67 -60.01
N GLY AB 102 -70.32 99.08 -59.15
CA GLY AB 102 -71.77 99.04 -59.34
C GLY AB 102 -72.49 99.99 -58.41
N GLY AB 103 -73.61 99.54 -57.86
CA GLY AB 103 -74.39 100.34 -56.95
C GLY AB 103 -75.20 101.42 -57.63
N ARG BB 20 60.08 -61.44 146.87
CA ARG BB 20 61.39 -61.20 147.45
C ARG BB 20 61.69 -59.70 147.50
N LYS BB 21 62.82 -59.30 146.92
CA LYS BB 21 63.23 -57.92 146.90
C LYS BB 21 64.10 -57.69 145.67
N VAL BB 22 64.25 -56.41 145.29
CA VAL BB 22 65.02 -56.05 144.11
C VAL BB 22 66.49 -56.38 144.37
N LEU BB 23 67.09 -57.12 143.45
CA LEU BB 23 68.47 -57.56 143.57
C LEU BB 23 69.01 -57.76 142.16
N ARG BB 24 70.11 -58.50 142.02
CA ARG BB 24 70.64 -58.85 140.71
C ARG BB 24 69.64 -59.68 139.89
N ASP BB 25 68.58 -60.17 140.52
CA ASP BB 25 67.56 -60.92 139.80
C ASP BB 25 66.92 -60.06 138.70
N ASN BB 26 66.63 -58.81 139.03
CA ASN BB 26 66.04 -57.90 138.05
C ASN BB 26 66.51 -56.48 138.33
N ILE BB 27 67.10 -55.86 137.31
CA ILE BB 27 67.50 -54.45 137.40
C ILE BB 27 66.66 -53.56 136.50
N GLN BB 28 66.11 -54.09 135.39
CA GLN BB 28 65.28 -53.31 134.48
C GLN BB 28 63.92 -53.09 135.14
N GLY BB 29 63.87 -52.07 135.99
CA GLY BB 29 62.68 -51.72 136.74
C GLY BB 29 61.66 -50.90 135.99
N ILE BB 30 61.82 -50.72 134.69
CA ILE BB 30 60.87 -49.95 133.89
C ILE BB 30 59.58 -50.75 133.79
N THR BB 31 58.54 -50.31 134.47
CA THR BB 31 57.28 -51.04 134.55
C THR BB 31 56.31 -50.57 133.46
N LYS BB 32 55.18 -51.26 133.36
CA LYS BB 32 54.15 -50.89 132.40
C LYS BB 32 53.62 -49.48 132.60
N PRO BB 33 53.23 -49.06 133.81
CA PRO BB 33 52.74 -47.67 133.96
C PRO BB 33 53.78 -46.63 133.59
N ALA BB 34 55.06 -46.88 133.87
CA ALA BB 34 56.09 -45.90 133.57
C ALA BB 34 56.17 -45.62 132.07
N ILE BB 35 56.13 -46.68 131.26
CA ILE BB 35 56.10 -46.50 129.81
C ILE BB 35 54.78 -45.86 129.38
N ARG BB 36 53.67 -46.27 130.01
CA ARG BB 36 52.37 -45.71 129.66
C ARG BB 36 52.31 -44.23 130.01
N ARG BB 37 52.85 -43.85 131.17
CA ARG BB 37 52.85 -42.43 131.55
C ARG BB 37 53.64 -41.60 130.55
N LEU BB 38 54.75 -42.13 130.05
CA LEU BB 38 55.49 -41.46 128.99
C LEU BB 38 54.67 -41.38 127.72
N ALA BB 39 53.81 -42.38 127.48
CA ALA BB 39 52.95 -42.36 126.31
C ALA BB 39 51.96 -41.20 126.36
N ARG BB 40 51.41 -40.92 127.55
CA ARG BB 40 50.44 -39.84 127.68
C ARG BB 40 51.07 -38.49 127.39
N ARG BB 41 52.30 -38.28 127.88
CA ARG BB 41 53.04 -37.06 127.54
C ARG BB 41 53.38 -37.02 126.06
N GLY BB 42 53.56 -38.18 125.44
CA GLY BB 42 53.84 -38.27 124.01
C GLY BB 42 52.63 -38.16 123.12
N GLY BB 43 51.44 -38.00 123.69
CA GLY BB 43 50.23 -37.84 122.91
C GLY BB 43 49.85 -39.03 122.05
N VAL BB 44 49.88 -40.23 122.64
CA VAL BB 44 49.44 -41.44 121.96
C VAL BB 44 48.39 -42.13 122.83
N LYS BB 45 47.34 -42.65 122.20
CA LYS BB 45 46.25 -43.27 122.95
C LYS BB 45 46.52 -44.74 123.19
N ARG BB 46 46.77 -45.50 122.13
CA ARG BB 46 47.00 -46.94 122.23
C ARG BB 46 48.44 -47.26 121.84
N ILE BB 47 49.04 -48.19 122.58
CA ILE BB 47 50.37 -48.69 122.28
C ILE BB 47 50.33 -50.21 122.23
N SER BB 48 51.27 -50.81 121.50
CA SER BB 48 51.32 -52.26 121.39
C SER BB 48 51.98 -52.87 122.62
N GLY BB 49 51.71 -54.15 122.84
CA GLY BB 49 52.28 -54.86 123.97
C GLY BB 49 53.71 -55.32 123.79
N LEU BB 50 54.27 -55.14 122.59
CA LEU BB 50 55.64 -55.57 122.32
C LEU BB 50 56.67 -54.46 122.49
N ILE BB 51 56.25 -53.19 122.48
CA ILE BB 51 57.21 -52.09 122.61
C ILE BB 51 57.63 -51.83 124.03
N TYR BB 52 57.07 -52.57 125.01
CA TYR BB 52 57.52 -52.43 126.38
C TYR BB 52 58.98 -52.82 126.53
N GLU BB 53 59.39 -53.89 125.86
CA GLU BB 53 60.80 -54.27 125.85
C GLU BB 53 61.63 -53.28 125.05
N GLU BB 54 61.10 -52.81 123.91
CA GLU BB 54 61.85 -51.88 123.06
C GLU BB 54 62.07 -50.54 123.77
N THR BB 55 61.06 -50.05 124.49
CA THR BB 55 61.23 -48.82 125.26
C THR BB 55 62.35 -48.98 126.27
N ARG BB 56 62.42 -50.15 126.92
CA ARG BB 56 63.58 -50.47 127.74
C ARG BB 56 64.84 -50.60 126.87
N GLY BB 57 64.70 -51.19 125.69
CA GLY BB 57 65.86 -51.39 124.83
C GLY BB 57 66.46 -50.09 124.33
N VAL BB 58 65.60 -49.17 123.88
CA VAL BB 58 66.09 -47.87 123.42
C VAL BB 58 66.66 -47.07 124.58
N LEU BB 59 66.15 -47.30 125.78
CA LEU BB 59 66.70 -46.64 126.96
C LEU BB 59 68.12 -47.10 127.22
N LYS BB 60 68.34 -48.41 127.22
CA LYS BB 60 69.66 -48.94 127.55
C LYS BB 60 70.72 -48.45 126.57
N VAL BB 61 70.38 -48.42 125.28
CA VAL BB 61 71.32 -47.91 124.28
C VAL BB 61 71.60 -46.43 124.53
N PHE BB 62 70.57 -45.66 124.86
CA PHE BB 62 70.76 -44.23 125.08
C PHE BB 62 71.65 -43.96 126.30
N LEU BB 63 71.40 -44.67 127.40
CA LEU BB 63 72.24 -44.50 128.58
C LEU BB 63 73.66 -45.00 128.34
N GLU BB 64 73.82 -46.09 127.60
CA GLU BB 64 75.14 -46.65 127.38
C GLU BB 64 76.06 -45.66 126.66
N ASN BB 65 75.54 -44.97 125.64
CA ASN BB 65 76.33 -43.99 124.92
C ASN BB 65 76.72 -42.83 125.83
N VAL BB 66 75.77 -42.33 126.63
CA VAL BB 66 76.06 -41.20 127.51
C VAL BB 66 76.98 -41.62 128.65
N ILE BB 67 76.74 -42.80 129.23
CA ILE BB 67 77.53 -43.25 130.37
C ILE BB 67 78.99 -43.47 129.95
N ARG BB 68 79.21 -44.08 128.78
CA ARG BB 68 80.57 -44.34 128.33
C ARG BB 68 81.38 -43.06 128.24
N ASP BB 69 80.80 -42.01 127.65
CA ASP BB 69 81.48 -40.72 127.60
C ASP BB 69 81.61 -40.11 129.00
N ALA BB 70 80.55 -40.19 129.80
CA ALA BB 70 80.57 -39.61 131.14
C ALA BB 70 81.63 -40.27 132.02
N VAL BB 71 81.72 -41.60 131.95
CA VAL BB 71 82.75 -42.32 132.70
C VAL BB 71 84.14 -41.92 132.19
N THR BB 72 84.27 -41.75 130.87
CA THR BB 72 85.55 -41.33 130.31
C THR BB 72 85.93 -39.93 130.81
N TYR BB 73 84.96 -39.02 130.88
CA TYR BB 73 85.22 -37.72 131.47
C TYR BB 73 85.58 -37.84 132.95
N THR BB 74 84.88 -38.71 133.67
CA THR BB 74 85.16 -38.91 135.09
C THR BB 74 86.57 -39.47 135.30
N GLU BB 75 86.95 -40.45 134.49
CA GLU BB 75 88.28 -41.06 134.65
C GLU BB 75 89.38 -40.07 134.30
N HIS BB 76 89.10 -39.15 133.36
CA HIS BB 76 90.11 -38.17 132.98
C HIS BB 76 90.47 -37.23 134.11
N ALA BB 77 89.49 -36.86 134.94
CA ALA BB 77 89.71 -35.94 136.05
C ALA BB 77 90.08 -36.66 137.34
N LYS BB 78 90.27 -37.98 137.30
CA LYS BB 78 90.74 -38.83 138.41
C LYS BB 78 89.95 -38.58 139.70
N ARG BB 79 88.76 -37.98 139.60
CA ARG BB 79 87.96 -37.70 140.79
C ARG BB 79 87.09 -38.89 141.21
N LYS BB 80 86.96 -39.90 140.37
CA LYS BB 80 86.29 -41.17 140.64
C LYS BB 80 84.79 -41.04 140.88
N THR BB 81 84.20 -39.84 140.73
CA THR BB 81 82.76 -39.67 140.86
C THR BB 81 82.24 -38.94 139.63
N VAL BB 82 80.99 -39.23 139.27
CA VAL BB 82 80.35 -38.62 138.11
C VAL BB 82 79.49 -37.47 138.63
N THR BB 83 79.96 -36.24 138.44
CA THR BB 83 79.20 -35.07 138.84
C THR BB 83 78.17 -34.71 137.77
N ALA BB 84 77.32 -33.74 138.10
CA ALA BB 84 76.34 -33.27 137.13
C ALA BB 84 76.99 -32.65 135.90
N MET BB 85 78.19 -32.08 136.08
CA MET BB 85 78.90 -31.51 134.94
C MET BB 85 79.29 -32.58 133.93
N ASP BB 86 79.75 -33.75 134.41
CA ASP BB 86 80.23 -34.79 133.51
C ASP BB 86 79.14 -35.25 132.55
N VAL BB 87 77.90 -35.34 133.04
CA VAL BB 87 76.80 -35.79 132.19
C VAL BB 87 76.55 -34.79 131.06
N VAL BB 88 76.58 -33.49 131.38
CA VAL BB 88 76.24 -32.48 130.38
C VAL BB 88 77.34 -32.39 129.32
N TYR BB 89 78.59 -32.66 129.69
CA TYR BB 89 79.64 -32.69 128.68
C TYR BB 89 79.49 -33.91 127.78
N ALA BB 90 79.15 -35.06 128.36
CA ALA BB 90 78.89 -36.25 127.56
C ALA BB 90 77.67 -36.05 126.68
N LEU BB 91 76.64 -35.38 127.20
CA LEU BB 91 75.44 -35.11 126.41
C LEU BB 91 75.67 -34.04 125.37
N LYS BB 92 76.67 -33.17 125.57
CA LYS BB 92 76.91 -32.07 124.65
C LYS BB 92 77.32 -32.57 123.27
N ARG BB 93 78.21 -33.58 123.23
CA ARG BB 93 78.74 -34.05 121.96
C ARG BB 93 77.77 -34.93 121.19
N GLN BB 94 76.71 -35.41 121.82
CA GLN BB 94 75.73 -36.28 121.18
C GLN BB 94 74.55 -35.51 120.59
N GLY BB 95 74.57 -34.18 120.67
CA GLY BB 95 73.51 -33.37 120.10
C GLY BB 95 72.27 -33.24 120.96
N ARG BB 96 72.30 -33.74 122.20
CA ARG BB 96 71.17 -33.66 123.12
C ARG BB 96 71.69 -33.00 124.40
N THR BB 97 71.51 -31.69 124.50
CA THR BB 97 72.00 -30.93 125.64
C THR BB 97 70.86 -30.64 126.61
N LEU BB 98 71.22 -30.50 127.89
CA LEU BB 98 70.26 -30.22 128.95
C LEU BB 98 70.69 -28.97 129.70
N TYR BB 99 69.76 -28.03 129.87
CA TYR BB 99 70.03 -26.78 130.57
C TYR BB 99 69.71 -26.85 132.06
N GLY BB 100 69.32 -28.02 132.57
CA GLY BB 100 68.86 -28.08 133.95
C GLY BB 100 69.93 -27.75 134.96
N PHE BB 101 71.16 -28.22 134.72
CA PHE BB 101 72.25 -28.11 135.68
C PHE BB 101 73.45 -27.43 135.05
N GLY BB 102 74.51 -27.31 135.85
CA GLY BB 102 75.72 -26.64 135.40
C GLY BB 102 76.30 -25.72 136.46
N GLY BB 103 75.68 -25.69 137.63
CA GLY BB 103 76.14 -24.84 138.71
C GLY BB 103 75.02 -24.33 139.60
N GLY CB 10 33.46 25.90 -119.50
CA GLY CB 10 33.87 25.95 -120.89
C GLY CB 10 33.52 24.69 -121.66
N LEU CB 11 33.89 23.54 -121.10
CA LEU CB 11 33.66 22.24 -121.73
C LEU CB 11 34.25 22.20 -123.14
N GLY CB 12 35.53 22.57 -123.23
CA GLY CB 12 36.24 22.60 -124.50
C GLY CB 12 36.78 23.99 -124.75
N LYS CB 13 37.68 24.09 -125.73
CA LYS CB 13 38.28 25.36 -126.16
C LYS CB 13 39.04 26.03 -125.01
N GLY CB 14 39.49 25.22 -124.04
CA GLY CB 14 40.15 25.75 -122.89
C GLY CB 14 41.66 25.82 -123.05
N GLY CB 15 42.31 26.43 -122.06
CA GLY CB 15 43.76 26.54 -122.03
C GLY CB 15 44.48 25.42 -121.33
N ALA CB 16 43.77 24.63 -120.52
CA ALA CB 16 44.38 23.51 -119.81
C ALA CB 16 44.15 22.21 -120.59
N LYS CB 17 44.79 22.14 -121.75
CA LYS CB 17 44.66 21.00 -122.65
C LYS CB 17 46.01 20.36 -122.94
N ARG CB 18 46.97 20.50 -122.03
CA ARG CB 18 48.29 19.90 -122.17
C ARG CB 18 49.00 20.40 -123.42
N HIS CB 19 48.73 19.73 -124.55
CA HIS CB 19 49.21 20.13 -125.88
C HIS CB 19 50.72 19.97 -126.03
N ARG CB 20 51.39 19.24 -125.14
CA ARG CB 20 52.83 19.11 -125.21
C ARG CB 20 53.24 17.72 -124.71
N LYS CB 21 54.36 17.24 -125.26
CA LYS CB 21 54.91 15.95 -124.85
C LYS CB 21 56.40 16.02 -124.52
N VAL CB 22 57.01 17.20 -124.55
CA VAL CB 22 58.45 17.36 -124.33
C VAL CB 22 58.68 17.92 -122.93
N LEU CB 23 59.59 17.29 -122.19
CA LEU CB 23 59.96 17.70 -120.83
C LEU CB 23 58.78 17.67 -119.88
N ARG CB 24 57.74 16.90 -120.21
CA ARG CB 24 56.58 16.76 -119.35
C ARG CB 24 55.89 15.45 -119.71
N ASP CB 25 55.06 14.97 -118.79
CA ASP CB 25 54.28 13.74 -118.83
C ASP CB 25 55.16 12.50 -118.68
N ASN CB 26 56.49 12.63 -118.62
CA ASN CB 26 57.36 11.48 -118.44
C ASN CB 26 57.17 10.85 -117.06
N ILE CB 27 57.11 11.68 -116.02
CA ILE CB 27 56.89 11.16 -114.68
C ILE CB 27 55.41 11.16 -114.30
N GLN CB 28 54.59 11.95 -114.99
CA GLN CB 28 53.17 12.02 -114.72
C GLN CB 28 52.34 11.18 -115.68
N GLY CB 29 52.99 10.32 -116.49
CA GLY CB 29 52.24 9.44 -117.36
C GLY CB 29 51.34 8.49 -116.58
N ILE CB 30 51.71 8.18 -115.34
CA ILE CB 30 50.88 7.38 -114.45
C ILE CB 30 49.92 8.32 -113.74
N THR CB 31 48.78 8.60 -114.37
CA THR CB 31 47.85 9.60 -113.87
C THR CB 31 46.98 9.02 -112.76
N LYS CB 32 46.00 9.79 -112.31
CA LYS CB 32 45.15 9.37 -111.19
C LYS CB 32 44.39 8.08 -111.49
N PRO CB 33 43.70 7.91 -112.62
CA PRO CB 33 43.06 6.61 -112.88
C PRO CB 33 44.05 5.46 -112.98
N ALA CB 34 45.24 5.72 -113.51
CA ALA CB 34 46.23 4.65 -113.67
C ALA CB 34 46.66 4.08 -112.33
N ILE CB 35 46.95 4.96 -111.36
CA ILE CB 35 47.30 4.48 -110.02
C ILE CB 35 46.08 3.85 -109.35
N ARG CB 36 44.89 4.40 -109.60
CA ARG CB 36 43.67 3.78 -109.09
C ARG CB 36 43.47 2.39 -109.68
N ARG CB 37 43.75 2.23 -110.97
CA ARG CB 37 43.59 0.93 -111.62
C ARG CB 37 44.48 -0.12 -110.96
N LEU CB 38 45.76 0.22 -110.75
CA LEU CB 38 46.68 -0.70 -110.11
C LEU CB 38 46.27 -0.97 -108.67
N ALA CB 39 45.84 0.07 -107.96
CA ALA CB 39 45.39 -0.10 -106.58
C ALA CB 39 44.13 -0.97 -106.53
N ARG CB 40 43.22 -0.78 -107.49
CA ARG CB 40 42.03 -1.63 -107.54
C ARG CB 40 42.38 -3.07 -107.84
N ARG CB 41 43.43 -3.30 -108.64
CA ARG CB 41 43.94 -4.66 -108.83
C ARG CB 41 44.50 -5.22 -107.53
N GLY CB 42 44.97 -4.34 -106.65
CA GLY CB 42 45.36 -4.77 -105.32
C GLY CB 42 44.17 -5.04 -104.42
N GLY CB 43 42.98 -4.68 -104.87
CA GLY CB 43 41.76 -4.90 -104.13
C GLY CB 43 41.34 -3.79 -103.19
N VAL CB 44 42.17 -2.75 -103.02
CA VAL CB 44 41.89 -1.71 -102.04
C VAL CB 44 40.59 -1.00 -102.37
N LYS CB 45 40.01 -0.35 -101.36
CA LYS CB 45 38.72 0.32 -101.47
C LYS CB 45 38.82 1.84 -101.54
N ARG CB 46 39.70 2.45 -100.75
CA ARG CB 46 39.82 3.90 -100.68
C ARG CB 46 41.25 4.32 -100.95
N ILE CB 47 41.40 5.39 -101.73
CA ILE CB 47 42.70 5.91 -102.16
C ILE CB 47 42.87 7.31 -101.56
N SER CB 48 43.97 7.51 -100.83
CA SER CB 48 44.28 8.83 -100.33
C SER CB 48 44.69 9.76 -101.48
N GLY CB 49 44.40 11.05 -101.29
CA GLY CB 49 44.72 12.02 -102.33
C GLY CB 49 46.21 12.19 -102.53
N LEU CB 50 46.98 12.12 -101.45
CA LEU CB 50 48.43 12.27 -101.54
C LEU CB 50 49.14 11.00 -101.99
N ILE CB 51 48.42 9.89 -102.13
CA ILE CB 51 49.07 8.63 -102.50
C ILE CB 51 49.60 8.70 -103.92
N TYR CB 52 48.96 9.51 -104.78
CA TYR CB 52 49.34 9.55 -106.20
C TYR CB 52 50.73 10.14 -106.37
N GLU CB 53 51.01 11.25 -105.69
CA GLU CB 53 52.33 11.87 -105.82
C GLU CB 53 53.40 11.03 -105.13
N GLU CB 54 53.05 10.39 -104.01
CA GLU CB 54 54.02 9.57 -103.30
C GLU CB 54 54.37 8.31 -104.08
N THR CB 55 53.38 7.75 -104.80
CA THR CB 55 53.64 6.55 -105.60
C THR CB 55 54.64 6.82 -106.71
N ARG CB 56 54.74 8.07 -107.15
CA ARG CB 56 55.74 8.41 -108.18
C ARG CB 56 57.15 8.17 -107.66
N GLY CB 57 57.44 8.56 -106.43
CA GLY CB 57 58.75 8.30 -105.85
C GLY CB 57 59.00 6.83 -105.63
N VAL CB 58 57.96 6.08 -105.23
CA VAL CB 58 58.11 4.65 -105.00
C VAL CB 58 58.46 3.95 -106.31
N LEU CB 59 57.78 4.30 -107.40
CA LEU CB 59 58.07 3.68 -108.69
C LEU CB 59 59.45 4.07 -109.20
N LYS CB 60 59.96 5.24 -108.79
CA LYS CB 60 61.25 5.69 -109.26
C LYS CB 60 62.38 4.80 -108.77
N VAL CB 61 62.32 4.37 -107.51
CA VAL CB 61 63.41 3.58 -106.94
C VAL CB 61 63.48 2.21 -107.60
N PHE CB 62 62.33 1.65 -107.98
CA PHE CB 62 62.32 0.35 -108.65
C PHE CB 62 62.83 0.46 -110.07
N LEU CB 63 62.41 1.50 -110.80
CA LEU CB 63 62.85 1.67 -112.18
C LEU CB 63 64.35 1.93 -112.27
N GLU CB 64 64.87 2.76 -111.36
CA GLU CB 64 66.30 3.09 -111.40
C GLU CB 64 67.16 1.86 -111.14
N ASN CB 65 66.81 1.06 -110.14
CA ASN CB 65 67.64 -0.08 -109.77
C ASN CB 65 67.68 -1.13 -110.86
N VAL CB 66 66.52 -1.46 -111.45
CA VAL CB 66 66.47 -2.49 -112.48
C VAL CB 66 67.24 -2.05 -113.72
N ILE CB 67 67.07 -0.78 -114.10
CA ILE CB 67 67.80 -0.25 -115.25
C ILE CB 67 69.29 -0.20 -114.95
N ARG CB 68 69.66 0.10 -113.70
CA ARG CB 68 71.07 0.20 -113.33
C ARG CB 68 71.81 -1.11 -113.60
N ASP CB 69 71.17 -2.24 -113.31
CA ASP CB 69 71.75 -3.52 -113.68
C ASP CB 69 71.68 -3.74 -115.18
N ALA CB 70 70.59 -3.27 -115.81
CA ALA CB 70 70.41 -3.50 -117.24
C ALA CB 70 71.46 -2.78 -118.08
N VAL CB 71 71.78 -1.52 -117.73
CA VAL CB 71 72.77 -0.77 -118.50
C VAL CB 71 74.14 -1.42 -118.37
N THR CB 72 74.48 -1.86 -117.16
CA THR CB 72 75.76 -2.52 -116.95
C THR CB 72 75.84 -3.83 -117.72
N TYR CB 73 74.73 -4.57 -117.78
CA TYR CB 73 74.68 -5.78 -118.60
C TYR CB 73 74.87 -5.45 -120.08
N THR CB 74 74.20 -4.40 -120.55
CA THR CB 74 74.28 -4.03 -121.96
C THR CB 74 75.69 -3.61 -122.35
N GLU CB 75 76.37 -2.86 -121.48
CA GLU CB 75 77.73 -2.43 -121.77
C GLU CB 75 78.68 -3.62 -121.81
N HIS CB 76 78.42 -4.64 -120.98
CA HIS CB 76 79.28 -5.83 -120.96
C HIS CB 76 79.16 -6.64 -122.24
N ALA CB 77 77.98 -6.65 -122.87
CA ALA CB 77 77.75 -7.45 -124.05
C ALA CB 77 78.11 -6.73 -125.35
N LYS CB 78 78.64 -5.52 -125.27
CA LYS CB 78 79.02 -4.73 -126.45
C LYS CB 78 77.85 -4.49 -127.39
N ARG CB 79 76.66 -4.30 -126.82
CA ARG CB 79 75.46 -4.02 -127.60
C ARG CB 79 74.90 -2.66 -127.22
N LYS CB 80 74.21 -2.04 -128.18
CA LYS CB 80 73.52 -0.78 -127.96
C LYS CB 80 72.04 -0.99 -127.62
N THR CB 81 71.58 -2.24 -127.57
CA THR CB 81 70.18 -2.56 -127.34
C THR CB 81 70.06 -3.40 -126.08
N VAL CB 82 69.09 -3.03 -125.22
CA VAL CB 82 68.82 -3.76 -124.00
C VAL CB 82 67.75 -4.81 -124.29
N THR CB 83 68.04 -6.07 -123.98
CA THR CB 83 67.13 -7.17 -124.23
C THR CB 83 66.39 -7.56 -122.96
N ALA CB 84 65.37 -8.40 -123.14
CA ALA CB 84 64.57 -8.86 -122.00
C ALA CB 84 65.38 -9.74 -121.06
N MET CB 85 66.44 -10.38 -121.58
CA MET CB 85 67.27 -11.23 -120.73
C MET CB 85 67.96 -10.41 -119.65
N ASP CB 86 68.44 -9.21 -120.00
CA ASP CB 86 69.07 -8.35 -119.00
C ASP CB 86 68.08 -7.95 -117.91
N VAL CB 87 66.83 -7.66 -118.31
CA VAL CB 87 65.80 -7.32 -117.32
C VAL CB 87 65.52 -8.53 -116.43
N VAL CB 88 65.41 -9.71 -117.03
CA VAL CB 88 65.14 -10.92 -116.25
C VAL CB 88 66.29 -11.20 -115.29
N TYR CB 89 67.52 -11.08 -115.77
CA TYR CB 89 68.68 -11.27 -114.90
C TYR CB 89 68.71 -10.25 -113.78
N ALA CB 90 68.39 -8.99 -114.09
CA ALA CB 90 68.29 -7.98 -113.05
C ALA CB 90 67.17 -8.29 -112.08
N LEU CB 91 66.01 -8.69 -112.59
CA LEU CB 91 64.85 -8.94 -111.73
C LEU CB 91 65.08 -10.14 -110.81
N LYS CB 92 66.01 -11.04 -111.16
CA LYS CB 92 66.27 -12.19 -110.32
C LYS CB 92 66.85 -11.78 -108.96
N ARG CB 93 67.75 -10.79 -108.97
CA ARG CB 93 68.38 -10.32 -107.75
C ARG CB 93 67.64 -9.17 -107.10
N GLN CB 94 66.50 -8.76 -107.64
CA GLN CB 94 65.72 -7.65 -107.09
C GLN CB 94 64.53 -8.11 -106.26
N GLY CB 95 64.36 -9.41 -106.07
CA GLY CB 95 63.25 -9.92 -105.29
C GLY CB 95 61.94 -9.98 -106.01
N ARG CB 96 61.89 -9.62 -107.29
CA ARG CB 96 60.66 -9.66 -108.09
C ARG CB 96 60.99 -10.39 -109.39
N THR CB 97 60.91 -11.72 -109.35
CA THR CB 97 61.23 -12.54 -110.51
C THR CB 97 60.07 -12.53 -111.51
N LEU CB 98 60.44 -12.52 -112.79
CA LEU CB 98 59.45 -12.46 -113.87
C LEU CB 98 59.69 -13.63 -114.83
N TYR CB 99 58.62 -14.35 -115.16
CA TYR CB 99 58.66 -15.44 -116.12
C TYR CB 99 57.75 -15.11 -117.29
N GLY CB 100 58.21 -15.43 -118.49
CA GLY CB 100 57.41 -15.20 -119.68
C GLY CB 100 58.12 -14.45 -120.78
N PHE CB 101 59.39 -14.10 -120.54
CA PHE CB 101 60.18 -13.34 -121.50
C PHE CB 101 61.51 -14.04 -121.72
N GLY CB 102 62.10 -13.80 -122.89
CA GLY CB 102 63.34 -14.45 -123.26
C GLY CB 102 63.18 -15.82 -123.86
N GLY CB 103 61.96 -16.27 -124.13
CA GLY CB 103 61.73 -17.56 -124.73
C GLY CB 103 61.15 -17.48 -126.12
N LYS DB 17 12.75 25.38 94.74
CA LYS DB 17 13.22 24.88 93.45
C LYS DB 17 14.74 25.04 93.32
N ARG DB 18 15.21 26.28 93.31
CA ARG DB 18 16.62 26.57 93.15
C ARG DB 18 16.91 27.99 93.61
N HIS DB 19 18.10 28.22 94.20
CA HIS DB 19 18.47 29.55 94.67
C HIS DB 19 18.52 30.52 93.51
N ARG DB 20 18.08 31.75 93.77
CA ARG DB 20 17.97 32.80 92.75
C ARG DB 20 19.11 33.80 92.95
N LYS DB 21 20.25 33.52 92.33
CA LYS DB 21 21.40 34.43 92.35
C LYS DB 21 22.31 34.08 91.19
N VAL DB 22 22.78 35.11 90.49
CA VAL DB 22 23.59 34.91 89.29
C VAL DB 22 24.95 35.56 89.47
N LEU DB 23 25.34 35.78 90.74
CA LEU DB 23 26.60 36.45 91.02
C LEU DB 23 27.79 35.65 90.51
N ARG DB 24 27.80 34.33 90.74
CA ARG DB 24 28.90 33.48 90.33
C ARG DB 24 28.37 32.07 90.13
N ASP DB 25 28.23 31.64 88.87
CA ASP DB 25 27.74 30.31 88.54
C ASP DB 25 28.63 29.68 87.48
N ASN DB 26 28.95 28.40 87.68
CA ASN DB 26 29.67 27.59 86.71
C ASN DB 26 29.64 26.14 87.18
N ILE DB 27 29.71 25.21 86.24
CA ILE DB 27 29.76 23.80 86.58
C ILE DB 27 31.17 23.46 87.06
N GLN DB 28 31.27 22.43 87.90
CA GLN DB 28 32.55 22.05 88.46
C GLN DB 28 33.44 21.45 87.37
N GLY DB 29 34.73 21.78 87.43
CA GLY DB 29 35.69 21.26 86.47
C GLY DB 29 35.96 19.78 86.60
N ILE DB 30 35.58 19.17 87.72
CA ILE DB 30 35.79 17.74 87.92
C ILE DB 30 34.78 16.99 87.05
N THR DB 31 35.26 16.40 85.96
CA THR DB 31 34.41 15.68 85.03
C THR DB 31 34.30 14.22 85.42
N LYS DB 32 33.59 13.45 84.59
CA LYS DB 32 33.37 12.05 84.89
C LYS DB 32 34.64 11.20 84.96
N PRO DB 33 35.67 11.37 84.09
CA PRO DB 33 36.85 10.51 84.24
C PRO DB 33 37.56 10.68 85.58
N ALA DB 34 37.56 11.90 86.12
CA ALA DB 34 38.17 12.13 87.42
C ALA DB 34 37.39 11.40 88.52
N ILE DB 35 36.07 11.36 88.40
CA ILE DB 35 35.25 10.60 89.35
C ILE DB 35 35.59 9.12 89.26
N ARG DB 36 35.77 8.60 88.04
CA ARG DB 36 36.08 7.19 87.87
C ARG DB 36 37.41 6.84 88.52
N ARG DB 37 38.42 7.68 88.33
CA ARG DB 37 39.74 7.39 88.89
C ARG DB 37 39.68 7.30 90.41
N LEU DB 38 38.99 8.25 91.06
CA LEU DB 38 38.82 8.18 92.50
C LEU DB 38 38.03 6.95 92.91
N ALA DB 39 36.97 6.63 92.16
CA ALA DB 39 36.13 5.49 92.50
C ALA DB 39 36.87 4.18 92.27
N ARG DB 40 37.59 4.06 91.14
CA ARG DB 40 38.35 2.84 90.89
C ARG DB 40 39.46 2.66 91.91
N ARG DB 41 39.94 3.76 92.51
CA ARG DB 41 40.90 3.62 93.60
C ARG DB 41 40.29 2.92 94.80
N GLY DB 42 39.02 3.21 95.08
CA GLY DB 42 38.34 2.52 96.17
C GLY DB 42 37.99 1.09 95.84
N GLY DB 43 37.96 0.74 94.56
CA GLY DB 43 37.68 -0.60 94.11
C GLY DB 43 36.29 -0.85 93.53
N VAL DB 44 35.66 0.16 92.95
CA VAL DB 44 34.31 0.02 92.42
C VAL DB 44 34.36 -0.61 91.03
N LYS DB 45 33.20 -1.03 90.52
CA LYS DB 45 33.08 -1.62 89.20
C LYS DB 45 32.32 -0.72 88.23
N ARG DB 46 31.12 -0.29 88.60
CA ARG DB 46 30.27 0.51 87.73
C ARG DB 46 29.82 1.78 88.47
N ILE DB 47 29.57 2.83 87.69
CA ILE DB 47 29.19 4.13 88.21
C ILE DB 47 27.92 4.59 87.49
N SER DB 48 26.94 5.07 88.26
CA SER DB 48 25.75 5.65 87.67
C SER DB 48 26.00 7.09 87.26
N GLY DB 49 25.08 7.63 86.46
CA GLY DB 49 25.24 8.98 85.96
C GLY DB 49 25.14 10.04 87.05
N LEU DB 50 24.21 9.87 87.98
CA LEU DB 50 24.00 10.86 89.02
C LEU DB 50 25.15 10.95 90.01
N ILE DB 51 26.04 9.95 90.02
CA ILE DB 51 27.17 9.97 90.94
C ILE DB 51 28.14 11.10 90.59
N TYR DB 52 28.24 11.44 89.31
CA TYR DB 52 29.12 12.52 88.89
C TYR DB 52 28.72 13.84 89.54
N GLU DB 53 27.41 14.14 89.56
CA GLU DB 53 26.94 15.36 90.19
C GLU DB 53 27.06 15.27 91.71
N GLU DB 54 26.77 14.11 92.29
CA GLU DB 54 26.83 13.97 93.75
C GLU DB 54 28.26 14.13 94.25
N THR DB 55 29.24 13.57 93.53
CA THR DB 55 30.63 13.69 93.95
C THR DB 55 31.08 15.15 93.96
N ARG DB 56 30.70 15.91 92.93
CA ARG DB 56 31.00 17.34 92.92
C ARG DB 56 30.25 18.06 94.03
N GLY DB 57 28.99 17.69 94.27
CA GLY DB 57 28.24 18.32 95.35
C GLY DB 57 28.82 17.99 96.70
N VAL DB 58 29.21 16.74 96.91
CA VAL DB 58 29.87 16.36 98.16
C VAL DB 58 31.21 17.07 98.29
N LEU DB 59 31.97 17.15 97.20
CA LEU DB 59 33.25 17.85 97.22
C LEU DB 59 33.06 19.32 97.57
N LYS DB 60 32.08 19.97 96.97
CA LYS DB 60 31.83 21.38 97.26
C LYS DB 60 31.42 21.58 98.71
N VAL DB 61 30.55 20.70 99.21
CA VAL DB 61 30.13 20.79 100.62
C VAL DB 61 31.32 20.53 101.54
N PHE DB 62 32.11 19.50 101.23
CA PHE DB 62 33.29 19.20 102.03
C PHE DB 62 34.30 20.34 101.99
N LEU DB 63 34.51 20.91 100.79
CA LEU DB 63 35.41 22.06 100.68
C LEU DB 63 34.88 23.25 101.46
N GLU DB 64 33.57 23.46 101.43
CA GLU DB 64 32.97 24.57 102.17
C GLU DB 64 33.19 24.43 103.67
N ASN DB 65 33.08 23.19 104.19
CA ASN DB 65 33.30 22.97 105.62
C ASN DB 65 34.74 23.26 106.01
N VAL DB 66 35.70 22.87 105.17
CA VAL DB 66 37.10 23.08 105.50
C VAL DB 66 37.47 24.56 105.40
N ILE DB 67 36.98 25.24 104.35
CA ILE DB 67 37.44 26.60 104.08
C ILE DB 67 36.95 27.56 105.15
N ARG DB 68 35.73 27.37 105.66
CA ARG DB 68 35.20 28.29 106.67
C ARG DB 68 36.01 28.22 107.95
N ASP DB 69 36.44 27.02 108.34
CA ASP DB 69 37.34 26.89 109.49
C ASP DB 69 38.72 27.47 109.18
N ALA DB 70 39.24 27.17 107.98
CA ALA DB 70 40.56 27.66 107.61
C ALA DB 70 40.59 29.19 107.49
N VAL DB 71 39.54 29.77 106.91
CA VAL DB 71 39.49 31.22 106.74
C VAL DB 71 39.47 31.91 108.10
N THR DB 72 38.75 31.34 109.07
CA THR DB 72 38.66 31.95 110.39
C THR DB 72 40.03 32.07 111.04
N TYR DB 73 40.89 31.06 110.85
CA TYR DB 73 42.25 31.16 111.35
C TYR DB 73 43.02 32.26 110.64
N THR DB 74 42.83 32.40 109.33
CA THR DB 74 43.49 33.48 108.59
C THR DB 74 42.98 34.84 109.04
N GLU DB 75 41.67 34.96 109.26
CA GLU DB 75 41.10 36.25 109.67
C GLU DB 75 41.62 36.66 111.04
N HIS DB 76 41.76 35.70 111.96
CA HIS DB 76 42.26 36.02 113.30
C HIS DB 76 43.71 36.47 113.25
N ALA DB 77 44.49 35.92 112.32
CA ALA DB 77 45.91 36.23 112.23
C ALA DB 77 46.19 37.53 111.45
N LYS DB 78 45.16 38.21 110.97
CA LYS DB 78 45.30 39.44 110.20
C LYS DB 78 46.14 39.20 108.94
N ARG DB 79 45.72 38.21 108.16
CA ARG DB 79 46.40 37.85 106.93
C ARG DB 79 45.37 37.62 105.83
N LYS DB 80 45.83 37.63 104.58
CA LYS DB 80 44.97 37.39 103.44
C LYS DB 80 45.29 36.10 102.70
N THR DB 81 46.43 35.47 102.97
CA THR DB 81 46.82 34.23 102.33
C THR DB 81 46.58 33.07 103.30
N VAL DB 82 46.13 31.94 102.79
CA VAL DB 82 45.93 30.75 103.60
C VAL DB 82 47.20 29.92 103.53
N THR DB 83 47.79 29.63 104.69
CA THR DB 83 49.03 28.88 104.78
C THR DB 83 48.74 27.42 105.12
N ALA DB 84 49.80 26.62 105.08
CA ALA DB 84 49.68 25.22 105.46
C ALA DB 84 49.36 25.07 106.94
N MET DB 85 49.79 26.04 107.76
CA MET DB 85 49.47 26.02 109.18
C MET DB 85 47.96 26.07 109.39
N ASP DB 86 47.29 27.05 108.79
CA ASP DB 86 45.86 27.23 109.00
C ASP DB 86 45.07 26.04 108.45
N VAL DB 87 45.50 25.50 107.32
CA VAL DB 87 44.84 24.32 106.76
C VAL DB 87 44.97 23.13 107.70
N VAL DB 88 46.17 22.94 108.27
CA VAL DB 88 46.37 21.86 109.23
C VAL DB 88 45.49 22.07 110.46
N TYR DB 89 45.39 23.31 110.94
CA TYR DB 89 44.56 23.59 112.10
C TYR DB 89 43.10 23.26 111.83
N ALA DB 90 42.59 23.66 110.66
CA ALA DB 90 41.20 23.37 110.31
C ALA DB 90 40.98 21.87 110.13
N LEU DB 91 41.92 21.19 109.48
CA LEU DB 91 41.78 19.75 109.25
C LEU DB 91 41.83 18.98 110.57
N LYS DB 92 42.64 19.44 111.52
CA LYS DB 92 42.72 18.78 112.81
C LYS DB 92 41.40 18.85 113.57
N ARG DB 93 40.67 19.97 113.42
CA ARG DB 93 39.39 20.11 114.10
C ARG DB 93 38.37 19.08 113.62
N GLN DB 94 38.35 18.81 112.32
CA GLN DB 94 37.39 17.90 111.73
C GLN DB 94 37.85 16.45 111.73
N GLY DB 95 39.02 16.16 112.28
CA GLY DB 95 39.54 14.80 112.31
C GLY DB 95 40.26 14.36 111.06
N ARG DB 96 40.34 15.21 110.04
CA ARG DB 96 41.06 14.89 108.81
C ARG DB 96 42.52 15.34 108.88
N THR DB 97 43.24 14.83 109.88
CA THR DB 97 44.62 15.25 110.11
C THR DB 97 45.48 14.95 108.90
N LEU DB 98 46.27 15.94 108.48
CA LEU DB 98 47.13 15.84 107.32
C LEU DB 98 48.58 16.01 107.75
N TYR DB 99 49.47 15.18 107.21
CA TYR DB 99 50.86 15.14 107.61
C TYR DB 99 51.75 15.56 106.45
N GLY DB 100 52.86 16.21 106.77
CA GLY DB 100 53.84 16.58 105.77
C GLY DB 100 53.79 18.04 105.37
N PHE DB 101 52.58 18.58 105.21
CA PHE DB 101 52.45 19.99 104.83
C PHE DB 101 52.81 20.93 105.96
N GLY DB 102 52.85 20.45 107.20
CA GLY DB 102 53.25 21.28 108.31
C GLY DB 102 53.11 20.54 109.61
N GLY DB 103 53.77 21.07 110.64
CA GLY DB 103 53.74 20.47 111.95
C GLY DB 103 54.43 21.31 113.01
N LYS EB 9 37.84 -56.57 -12.62
CA LYS EB 9 37.87 -56.52 -14.08
C LYS EB 9 37.98 -55.08 -14.57
N GLY EB 10 36.84 -54.40 -14.66
CA GLY EB 10 36.83 -53.00 -15.06
C GLY EB 10 36.95 -52.79 -16.56
N LEU EB 11 36.67 -51.56 -17.00
CA LEU EB 11 36.72 -51.27 -18.43
C LEU EB 11 38.15 -51.23 -18.95
N GLY EB 12 39.04 -50.56 -18.23
CA GLY EB 12 40.40 -50.32 -18.66
C GLY EB 12 41.31 -51.51 -18.41
N LYS EB 13 42.56 -51.21 -18.05
CA LYS EB 13 43.58 -52.23 -17.84
C LYS EB 13 43.29 -52.92 -16.50
N GLY EB 14 42.59 -54.05 -16.60
CA GLY EB 14 42.17 -54.78 -15.42
C GLY EB 14 43.33 -55.44 -14.70
N GLY EB 15 43.06 -55.84 -13.46
CA GLY EB 15 44.10 -56.43 -12.63
C GLY EB 15 44.51 -57.81 -13.10
N ALA EB 16 43.54 -58.70 -13.33
CA ALA EB 16 43.87 -60.07 -13.67
C ALA EB 16 44.20 -60.23 -15.14
N LYS EB 17 43.21 -60.02 -16.01
CA LYS EB 17 43.39 -60.17 -17.44
C LYS EB 17 42.33 -59.37 -18.18
N ARG EB 18 42.49 -59.19 -19.49
CA ARG EB 18 41.76 -58.15 -20.21
C ARG EB 18 41.84 -58.41 -21.71
N HIS EB 19 41.11 -57.58 -22.46
CA HIS EB 19 41.25 -57.29 -23.88
C HIS EB 19 40.68 -58.35 -24.83
N ARG EB 20 40.50 -59.61 -24.43
CA ARG EB 20 40.27 -60.57 -25.50
C ARG EB 20 39.50 -61.78 -24.98
N LYS EB 21 39.14 -62.64 -25.92
CA LYS EB 21 38.42 -63.89 -25.69
C LYS EB 21 39.39 -65.06 -25.83
N VAL EB 22 38.97 -66.22 -25.38
CA VAL EB 22 39.83 -67.40 -25.37
C VAL EB 22 39.45 -68.36 -26.49
N LEU EB 23 38.15 -68.48 -26.76
CA LEU EB 23 37.66 -69.37 -27.79
C LEU EB 23 38.08 -68.87 -29.17
N ARG EB 24 38.48 -69.81 -30.03
CA ARG EB 24 39.10 -69.45 -31.31
C ARG EB 24 38.89 -70.56 -32.32
N ASP EB 25 39.15 -70.23 -33.59
CA ASP EB 25 39.26 -71.16 -34.70
C ASP EB 25 37.93 -71.74 -35.15
N ASN EB 26 36.81 -71.12 -34.82
CA ASN EB 26 35.52 -71.57 -35.33
C ASN EB 26 34.61 -70.46 -35.82
N ILE EB 27 34.87 -69.19 -35.48
CA ILE EB 27 34.05 -68.09 -35.95
C ILE EB 27 34.94 -66.96 -36.48
N GLN EB 28 36.15 -67.31 -36.90
CA GLN EB 28 37.13 -66.32 -37.32
C GLN EB 28 36.87 -65.87 -38.76
N GLY EB 29 37.77 -65.04 -39.27
CA GLY EB 29 37.66 -64.52 -40.62
C GLY EB 29 37.72 -63.01 -40.71
N ILE EB 30 38.17 -62.36 -39.64
CA ILE EB 30 38.25 -60.91 -39.57
C ILE EB 30 39.68 -60.51 -39.26
N THR EB 31 40.26 -59.69 -40.14
CA THR EB 31 41.60 -59.13 -39.94
C THR EB 31 41.50 -57.63 -40.19
N LYS EB 32 41.39 -56.83 -39.14
CA LYS EB 32 41.15 -55.41 -39.28
C LYS EB 32 42.42 -54.65 -39.66
N PRO EB 33 43.53 -54.86 -38.95
CA PRO EB 33 44.80 -54.20 -39.37
C PRO EB 33 45.24 -54.48 -40.79
N ALA EB 34 45.10 -55.72 -41.25
CA ALA EB 34 45.61 -56.09 -42.56
C ALA EB 34 44.96 -55.28 -43.67
N ILE EB 35 43.66 -54.99 -43.55
CA ILE EB 35 42.98 -54.18 -44.56
C ILE EB 35 43.53 -52.75 -44.56
N ARG EB 36 43.90 -52.24 -43.39
CA ARG EB 36 44.50 -50.92 -43.32
C ARG EB 36 45.84 -50.88 -44.05
N ARG EB 37 46.71 -51.87 -43.79
CA ARG EB 37 48.01 -51.90 -44.44
C ARG EB 37 47.88 -52.05 -45.95
N LEU EB 38 46.96 -52.92 -46.40
CA LEU EB 38 46.72 -53.05 -47.84
C LEU EB 38 46.18 -51.76 -48.43
N ALA EB 39 45.32 -51.07 -47.70
CA ALA EB 39 44.84 -49.76 -48.16
C ALA EB 39 45.98 -48.77 -48.25
N ARG EB 40 46.88 -48.77 -47.25
CA ARG EB 40 48.07 -47.93 -47.33
C ARG EB 40 48.97 -48.37 -48.48
N ARG EB 41 49.07 -49.69 -48.70
CA ARG EB 41 49.81 -50.18 -49.86
C ARG EB 41 49.19 -49.69 -51.16
N GLY EB 42 47.91 -49.34 -51.14
CA GLY EB 42 47.26 -48.68 -52.25
C GLY EB 42 47.51 -47.19 -52.32
N GLY EB 43 48.26 -46.65 -51.37
CA GLY EB 43 48.60 -45.24 -51.37
C GLY EB 43 47.59 -44.31 -50.73
N VAL EB 44 46.67 -44.85 -49.93
CA VAL EB 44 45.59 -44.02 -49.39
C VAL EB 44 46.03 -43.37 -48.09
N LYS EB 45 45.27 -42.34 -47.67
CA LYS EB 45 45.46 -41.67 -46.40
C LYS EB 45 44.42 -42.03 -45.35
N ARG EB 46 43.15 -42.15 -45.74
CA ARG EB 46 42.09 -42.54 -44.81
C ARG EB 46 41.27 -43.65 -45.45
N ILE EB 47 40.59 -44.43 -44.60
CA ILE EB 47 39.93 -45.64 -45.04
C ILE EB 47 38.40 -45.55 -44.97
N SER EB 48 37.84 -44.51 -44.38
CA SER EB 48 36.41 -44.25 -44.23
C SER EB 48 35.71 -45.26 -43.34
N GLY EB 49 36.43 -46.15 -42.66
CA GLY EB 49 35.84 -46.98 -41.64
C GLY EB 49 35.05 -48.18 -42.11
N LEU EB 50 33.89 -47.95 -42.71
CA LEU EB 50 32.97 -49.05 -43.05
C LEU EB 50 33.38 -49.76 -44.34
N ILE EB 51 34.63 -50.18 -44.41
CA ILE EB 51 35.14 -50.94 -45.55
C ILE EB 51 35.55 -52.36 -45.17
N TYR EB 52 35.68 -52.67 -43.88
CA TYR EB 52 36.07 -54.02 -43.49
C TYR EB 52 35.00 -55.03 -43.88
N GLU EB 53 33.72 -54.68 -43.70
CA GLU EB 53 32.64 -55.59 -44.09
C GLU EB 53 32.62 -55.81 -45.59
N GLU EB 54 32.81 -54.73 -46.37
CA GLU EB 54 32.80 -54.87 -47.82
C GLU EB 54 34.01 -55.63 -48.32
N THR EB 55 35.20 -55.33 -47.78
CA THR EB 55 36.42 -55.99 -48.24
C THR EB 55 36.37 -57.49 -47.97
N ARG EB 56 35.82 -57.89 -46.81
CA ARG EB 56 35.66 -59.30 -46.53
C ARG EB 56 34.73 -59.96 -47.54
N GLY EB 57 33.63 -59.29 -47.89
CA GLY EB 57 32.78 -59.79 -48.95
C GLY EB 57 33.47 -59.78 -50.31
N VAL EB 58 34.21 -58.70 -50.60
CA VAL EB 58 34.98 -58.64 -51.84
C VAL EB 58 36.05 -59.73 -51.85
N LEU EB 59 36.71 -59.93 -50.71
CA LEU EB 59 37.74 -60.98 -50.63
C LEU EB 59 37.13 -62.35 -50.90
N LYS EB 60 35.99 -62.63 -50.28
CA LYS EB 60 35.39 -63.97 -50.38
C LYS EB 60 35.03 -64.31 -51.82
N VAL EB 61 34.49 -63.34 -52.56
CA VAL EB 61 34.12 -63.59 -53.95
C VAL EB 61 35.35 -63.92 -54.78
N PHE EB 62 36.45 -63.20 -54.56
CA PHE EB 62 37.67 -63.44 -55.34
C PHE EB 62 38.22 -64.83 -55.10
N LEU EB 63 38.29 -65.25 -53.83
CA LEU EB 63 38.80 -66.59 -53.53
C LEU EB 63 37.82 -67.67 -53.99
N GLU EB 64 36.53 -67.38 -53.94
CA GLU EB 64 35.54 -68.36 -54.39
C GLU EB 64 35.72 -68.71 -55.85
N ASN EB 65 35.95 -67.69 -56.69
CA ASN EB 65 36.08 -67.93 -58.12
C ASN EB 65 37.34 -68.72 -58.45
N VAL EB 66 38.48 -68.36 -57.85
CA VAL EB 66 39.73 -69.03 -58.16
C VAL EB 66 39.74 -70.45 -57.60
N ILE EB 67 39.20 -70.63 -56.39
CA ILE EB 67 39.18 -71.96 -55.78
C ILE EB 67 38.26 -72.89 -56.57
N ARG EB 68 37.14 -72.35 -57.06
CA ARG EB 68 36.23 -73.15 -57.88
C ARG EB 68 36.95 -73.69 -59.11
N ASP EB 69 37.71 -72.83 -59.80
CA ASP EB 69 38.53 -73.30 -60.91
C ASP EB 69 39.64 -74.22 -60.43
N ALA EB 70 40.27 -73.87 -59.30
CA ALA EB 70 41.37 -74.68 -58.79
C ALA EB 70 40.89 -76.08 -58.39
N VAL EB 71 39.73 -76.16 -57.74
CA VAL EB 71 39.18 -77.46 -57.37
C VAL EB 71 38.71 -78.21 -58.60
N THR EB 72 38.38 -77.49 -59.67
CA THR EB 72 37.97 -78.14 -60.90
C THR EB 72 39.14 -78.84 -61.57
N TYR EB 73 40.31 -78.19 -61.62
CA TYR EB 73 41.50 -78.83 -62.15
C TYR EB 73 41.95 -79.98 -61.24
N THR EB 74 41.76 -79.82 -59.93
CA THR EB 74 42.15 -80.87 -58.99
C THR EB 74 41.35 -82.15 -59.22
N GLU EB 75 40.04 -82.01 -59.48
CA GLU EB 75 39.20 -83.18 -59.72
C GLU EB 75 39.63 -83.89 -61.00
N HIS EB 76 40.00 -83.14 -62.04
CA HIS EB 76 40.45 -83.75 -63.28
C HIS EB 76 41.72 -84.57 -63.07
N ALA EB 77 42.65 -84.05 -62.27
CA ALA EB 77 43.91 -84.73 -62.02
C ALA EB 77 43.75 -85.99 -61.18
N LYS EB 78 42.56 -86.24 -60.63
CA LYS EB 78 42.28 -87.44 -59.84
C LYS EB 78 43.18 -87.51 -58.60
N ARG EB 79 43.11 -86.45 -57.79
CA ARG EB 79 43.91 -86.38 -56.56
C ARG EB 79 43.20 -85.45 -55.58
N LYS EB 80 43.57 -85.61 -54.31
CA LYS EB 80 43.04 -84.76 -53.25
C LYS EB 80 43.94 -83.57 -52.95
N THR EB 81 45.05 -83.42 -53.66
CA THR EB 81 46.04 -82.39 -53.37
C THR EB 81 45.87 -81.21 -54.31
N VAL EB 82 45.83 -80.00 -53.75
CA VAL EB 82 45.80 -78.77 -54.52
C VAL EB 82 47.23 -78.25 -54.62
N THR EB 83 47.75 -78.17 -55.85
CA THR EB 83 49.13 -77.81 -56.09
C THR EB 83 49.22 -76.39 -56.64
N ALA EB 84 50.45 -75.88 -56.67
CA ALA EB 84 50.69 -74.53 -57.16
C ALA EB 84 50.37 -74.42 -58.65
N MET EB 85 50.67 -75.48 -59.42
CA MET EB 85 50.42 -75.44 -60.86
C MET EB 85 48.94 -75.26 -61.16
N ASP EB 86 48.09 -75.99 -60.45
CA ASP EB 86 46.65 -75.85 -60.66
C ASP EB 86 46.18 -74.45 -60.27
N VAL EB 87 46.72 -73.90 -59.17
CA VAL EB 87 46.38 -72.55 -58.77
C VAL EB 87 46.81 -71.55 -59.83
N VAL EB 88 48.01 -71.73 -60.38
CA VAL EB 88 48.50 -70.85 -61.44
C VAL EB 88 47.61 -70.98 -62.68
N TYR EB 89 47.21 -72.20 -63.02
CA TYR EB 89 46.35 -72.42 -64.18
C TYR EB 89 45.01 -71.72 -64.00
N ALA EB 90 44.44 -71.79 -62.80
CA ALA EB 90 43.16 -71.14 -62.53
C ALA EB 90 43.29 -69.62 -62.68
N LEU EB 91 44.37 -69.05 -62.15
CA LEU EB 91 44.59 -67.62 -62.30
C LEU EB 91 44.89 -67.25 -63.75
N LYS EB 92 45.65 -68.10 -64.45
CA LYS EB 92 46.00 -67.81 -65.84
C LYS EB 92 44.77 -67.88 -66.73
N ARG EB 93 43.87 -68.83 -66.47
CA ARG EB 93 42.68 -68.99 -67.31
C ARG EB 93 41.79 -67.75 -67.23
N GLN EB 94 41.63 -67.18 -66.04
CA GLN EB 94 40.78 -66.02 -65.84
C GLN EB 94 41.47 -64.70 -66.15
N GLY EB 95 42.76 -64.73 -66.49
CA GLY EB 95 43.49 -63.54 -66.86
C GLY EB 95 44.42 -63.00 -65.80
N ARG EB 96 44.32 -63.46 -64.55
CA ARG EB 96 45.24 -63.01 -63.52
C ARG EB 96 46.67 -63.42 -63.83
N THR EB 97 46.85 -64.68 -64.25
CA THR EB 97 48.13 -65.24 -64.74
C THR EB 97 49.31 -64.81 -63.86
N LEU EB 98 49.17 -65.08 -62.56
CA LEU EB 98 50.27 -64.92 -61.61
C LEU EB 98 51.45 -65.77 -62.06
N TYR EB 99 52.53 -65.12 -62.46
CA TYR EB 99 53.74 -65.86 -62.85
C TYR EB 99 54.29 -66.65 -61.67
N GLY EB 100 54.75 -65.95 -60.64
CA GLY EB 100 55.13 -66.56 -59.38
C GLY EB 100 56.14 -67.69 -59.50
N PHE EB 101 55.78 -68.85 -58.94
CA PHE EB 101 56.62 -70.04 -58.96
C PHE EB 101 55.89 -71.14 -59.72
N GLY EB 102 56.56 -71.72 -60.71
CA GLY EB 102 55.97 -72.79 -61.49
C GLY EB 102 56.97 -73.86 -61.88
N GLY EB 103 58.16 -73.82 -61.27
CA GLY EB 103 59.20 -74.78 -61.55
C GLY EB 103 59.99 -75.19 -60.33
N GLY FB 10 -20.85 13.26 110.20
CA GLY FB 10 -20.09 14.14 109.34
C GLY FB 10 -18.60 14.00 109.51
N LEU FB 11 -18.01 13.06 108.75
CA LEU FB 11 -16.57 12.83 108.85
C LEU FB 11 -15.78 14.05 108.41
N GLY FB 12 -16.18 14.69 107.32
CA GLY FB 12 -15.48 15.84 106.81
C GLY FB 12 -14.04 15.55 106.42
N LYS FB 13 -13.83 14.48 105.65
CA LYS FB 13 -12.48 14.14 105.22
C LYS FB 13 -11.88 15.24 104.35
N GLY FB 14 -12.67 15.79 103.43
CA GLY FB 14 -12.23 16.93 102.65
C GLY FB 14 -12.39 18.22 103.43
N GLY FB 15 -11.27 18.86 103.77
CA GLY FB 15 -11.36 19.99 104.67
C GLY FB 15 -11.67 19.52 106.08
N ALA FB 16 -12.20 20.44 106.88
CA ALA FB 16 -12.61 20.16 108.26
C ALA FB 16 -13.29 21.41 108.81
N LYS FB 17 -13.84 21.26 110.02
CA LYS FB 17 -14.35 22.40 110.78
C LYS FB 17 -13.18 23.06 111.53
N ARG FB 18 -12.14 23.38 110.78
CA ARG FB 18 -10.88 23.83 111.35
C ARG FB 18 -11.00 25.28 111.83
N HIS FB 19 -9.98 25.72 112.56
CA HIS FB 19 -9.94 27.07 113.10
C HIS FB 19 -9.81 28.09 111.97
N ARG FB 20 -10.37 29.27 112.20
CA ARG FB 20 -10.38 30.33 111.20
C ARG FB 20 -9.40 31.42 111.59
N LYS FB 21 -8.43 31.67 110.71
CA LYS FB 21 -7.48 32.78 110.85
C LYS FB 21 -6.73 32.71 112.18
N VAL FB 22 -6.23 31.52 112.52
CA VAL FB 22 -5.31 31.37 113.65
C VAL FB 22 -3.91 31.50 113.07
N LEU FB 23 -3.49 32.74 112.88
CA LEU FB 23 -2.18 33.10 112.32
C LEU FB 23 -1.88 32.28 111.06
N ARG FB 24 -2.89 32.17 110.20
CA ARG FB 24 -2.77 31.35 109.00
C ARG FB 24 -3.79 31.81 107.96
N ASP FB 25 -3.66 31.25 106.76
CA ASP FB 25 -4.54 31.51 105.60
C ASP FB 25 -4.78 33.00 105.38
N ASN FB 26 -3.80 33.83 105.74
CA ASN FB 26 -3.92 35.28 105.50
C ASN FB 26 -3.95 35.58 104.01
N ILE FB 27 -3.07 34.94 103.24
CA ILE FB 27 -3.05 35.13 101.80
C ILE FB 27 -3.92 34.12 101.07
N GLN FB 28 -3.94 32.86 101.53
CA GLN FB 28 -4.73 31.81 100.91
C GLN FB 28 -6.23 32.01 101.05
N GLY FB 29 -6.67 33.08 101.71
CA GLY FB 29 -8.08 33.34 101.87
C GLY FB 29 -8.78 33.83 100.61
N ILE FB 30 -8.01 34.16 99.56
CA ILE FB 30 -8.62 34.56 98.30
C ILE FB 30 -9.39 33.39 97.69
N THR FB 31 -8.81 32.19 97.72
CA THR FB 31 -9.42 30.97 97.19
C THR FB 31 -9.74 31.04 95.71
N LYS FB 32 -10.14 29.90 95.14
CA LYS FB 32 -10.38 29.83 93.69
C LYS FB 32 -11.51 30.72 93.20
N PRO FB 33 -12.72 30.69 93.79
CA PRO FB 33 -13.83 31.46 93.19
C PRO FB 33 -13.57 32.95 93.09
N ALA FB 34 -12.94 33.56 94.09
CA ALA FB 34 -12.72 35.00 94.05
C ALA FB 34 -11.81 35.41 92.91
N ILE FB 35 -10.75 34.63 92.67
CA ILE FB 35 -9.88 34.89 91.53
C ILE FB 35 -10.66 34.73 90.23
N ARG FB 36 -11.50 33.69 90.14
CA ARG FB 36 -12.32 33.49 88.95
C ARG FB 36 -13.29 34.65 88.75
N ARG FB 37 -13.92 35.11 89.84
CA ARG FB 37 -14.86 36.23 89.74
C ARG FB 37 -14.15 37.50 89.25
N LEU FB 38 -12.97 37.78 89.78
CA LEU FB 38 -12.18 38.90 89.27
C LEU FB 38 -11.84 38.69 87.79
N ALA FB 39 -11.46 37.47 87.43
CA ALA FB 39 -11.15 37.18 86.04
C ALA FB 39 -12.38 37.33 85.15
N ARG FB 40 -13.54 36.83 85.61
CA ARG FB 40 -14.75 36.90 84.80
C ARG FB 40 -15.19 38.35 84.58
N ARG FB 41 -14.83 39.26 85.49
CA ARG FB 41 -15.08 40.67 85.24
C ARG FB 41 -14.13 41.22 84.18
N GLY FB 42 -12.96 40.60 84.03
CA GLY FB 42 -11.98 41.01 83.05
C GLY FB 42 -12.17 40.44 81.66
N GLY FB 43 -13.23 39.67 81.43
CA GLY FB 43 -13.52 39.15 80.11
C GLY FB 43 -12.61 38.02 79.68
N VAL FB 44 -12.69 36.88 80.35
CA VAL FB 44 -11.88 35.72 80.02
C VAL FB 44 -12.74 34.46 80.10
N LYS FB 45 -12.53 33.56 79.13
CA LYS FB 45 -13.22 32.28 79.11
C LYS FB 45 -12.76 31.34 80.22
N ARG FB 46 -11.45 31.19 80.40
CA ARG FB 46 -10.93 30.18 81.30
C ARG FB 46 -9.53 30.56 81.74
N ILE FB 47 -9.08 29.93 82.82
CA ILE FB 47 -7.75 30.17 83.39
C ILE FB 47 -7.09 28.82 83.67
N SER FB 48 -5.77 28.86 83.80
CA SER FB 48 -4.97 27.66 84.01
C SER FB 48 -4.94 27.26 85.47
N GLY FB 49 -4.37 26.08 85.73
CA GLY FB 49 -4.31 25.57 87.09
C GLY FB 49 -3.39 26.35 88.00
N LEU FB 50 -2.26 26.81 87.47
CA LEU FB 50 -1.23 27.44 88.30
C LEU FB 50 -1.43 28.94 88.45
N ILE FB 51 -2.48 29.52 87.87
CA ILE FB 51 -2.64 30.97 87.89
C ILE FB 51 -3.01 31.45 89.28
N TYR FB 52 -3.70 30.62 90.07
CA TYR FB 52 -4.23 31.08 91.35
C TYR FB 52 -3.12 31.47 92.32
N GLU FB 53 -2.06 30.66 92.40
CA GLU FB 53 -0.95 30.98 93.29
C GLU FB 53 -0.22 32.23 92.82
N GLU FB 54 -0.02 32.38 91.51
CA GLU FB 54 0.73 33.52 91.00
C GLU FB 54 -0.06 34.82 91.15
N THR FB 55 -1.37 34.77 90.92
CA THR FB 55 -2.18 35.99 91.01
C THR FB 55 -2.16 36.57 92.42
N ARG FB 56 -1.96 35.73 93.44
CA ARG FB 56 -1.78 36.25 94.79
C ARG FB 56 -0.43 36.92 94.95
N GLY FB 57 0.59 36.43 94.24
CA GLY FB 57 1.90 37.04 94.33
C GLY FB 57 1.94 38.45 93.78
N VAL FB 58 1.31 38.65 92.62
CA VAL FB 58 1.28 39.98 92.01
C VAL FB 58 0.43 40.93 92.85
N LEU FB 59 -0.61 40.40 93.52
CA LEU FB 59 -1.40 41.22 94.42
C LEU FB 59 -0.56 41.69 95.60
N LYS FB 60 0.28 40.80 96.15
CA LYS FB 60 1.12 41.18 97.28
C LYS FB 60 2.11 42.26 96.90
N VAL FB 61 2.72 42.15 95.71
CA VAL FB 61 3.67 43.16 95.26
C VAL FB 61 2.97 44.51 95.10
N PHE FB 62 1.77 44.50 94.50
CA PHE FB 62 1.00 45.73 94.37
C PHE FB 62 0.59 46.26 95.74
N LEU FB 63 0.12 45.36 96.61
CA LEU FB 63 -0.31 45.79 97.95
C LEU FB 63 0.87 46.31 98.76
N GLU FB 64 2.04 45.68 98.63
CA GLU FB 64 3.21 46.11 99.39
C GLU FB 64 3.61 47.55 99.03
N ASN FB 65 3.57 47.88 97.74
CA ASN FB 65 3.98 49.22 97.31
C ASN FB 65 3.03 50.30 97.79
N VAL FB 66 1.73 50.00 97.83
CA VAL FB 66 0.75 51.00 98.29
C VAL FB 66 0.89 51.22 99.78
N ILE FB 67 0.99 50.14 100.55
CA ILE FB 67 1.03 50.27 102.01
C ILE FB 67 2.35 50.90 102.46
N ARG FB 68 3.41 50.73 101.69
CA ARG FB 68 4.70 51.32 102.05
C ARG FB 68 4.62 52.83 102.12
N ASP FB 69 3.95 53.44 101.13
CA ASP FB 69 3.75 54.88 101.17
C ASP FB 69 2.72 55.27 102.24
N ALA FB 70 1.65 54.48 102.35
CA ALA FB 70 0.58 54.80 103.30
C ALA FB 70 1.09 54.77 104.74
N VAL FB 71 2.00 53.84 105.05
CA VAL FB 71 2.60 53.78 106.38
C VAL FB 71 3.36 55.06 106.68
N THR FB 72 4.15 55.53 105.71
CA THR FB 72 4.86 56.80 105.89
C THR FB 72 3.90 57.98 106.00
N TYR FB 73 2.84 57.97 105.19
CA TYR FB 73 1.85 59.06 105.25
C TYR FB 73 1.20 59.13 106.62
N THR FB 74 0.80 57.98 107.16
CA THR FB 74 0.23 57.94 108.50
C THR FB 74 1.24 58.38 109.55
N GLU FB 75 2.49 57.91 109.42
CA GLU FB 75 3.53 58.30 110.37
C GLU FB 75 3.87 59.79 110.21
N HIS FB 76 3.80 60.31 108.98
CA HIS FB 76 4.08 61.72 108.76
C HIS FB 76 3.07 62.60 109.49
N ALA FB 77 1.80 62.19 109.48
CA ALA FB 77 0.77 62.95 110.18
C ALA FB 77 0.74 62.69 111.67
N LYS FB 78 1.68 61.89 112.19
CA LYS FB 78 1.80 61.53 113.60
C LYS FB 78 0.61 60.73 114.11
N ARG FB 79 -0.27 60.28 113.22
CA ARG FB 79 -1.42 59.47 113.62
C ARG FB 79 -1.02 58.01 113.69
N LYS FB 80 -1.90 57.21 114.30
CA LYS FB 80 -1.73 55.77 114.37
C LYS FB 80 -2.84 55.03 113.63
N THR FB 81 -3.69 55.75 112.89
CA THR FB 81 -4.75 55.14 112.10
C THR FB 81 -4.57 55.53 110.64
N VAL FB 82 -4.76 54.55 109.75
CA VAL FB 82 -4.63 54.79 108.32
C VAL FB 82 -5.98 55.25 107.78
N THR FB 83 -5.98 56.35 107.05
CA THR FB 83 -7.19 56.94 106.49
C THR FB 83 -7.28 56.68 105.00
N ALA FB 84 -8.48 56.91 104.45
CA ALA FB 84 -8.69 56.72 103.02
C ALA FB 84 -7.86 57.71 102.22
N MET FB 85 -7.77 58.96 102.69
CA MET FB 85 -6.96 59.96 102.01
C MET FB 85 -5.49 59.60 101.99
N ASP FB 86 -5.00 58.91 103.03
CA ASP FB 86 -3.63 58.41 102.99
C ASP FB 86 -3.45 57.36 101.90
N VAL FB 87 -4.47 56.51 101.70
CA VAL FB 87 -4.38 55.47 100.68
C VAL FB 87 -4.32 56.09 99.28
N VAL FB 88 -5.17 57.09 99.02
CA VAL FB 88 -5.21 57.69 97.69
C VAL FB 88 -3.92 58.43 97.39
N TYR FB 89 -3.21 58.90 98.42
CA TYR FB 89 -1.92 59.55 98.18
C TYR FB 89 -0.92 58.57 97.59
N ALA FB 90 -0.88 57.35 98.13
CA ALA FB 90 -0.01 56.32 97.56
C ALA FB 90 -0.44 55.94 96.15
N LEU FB 91 -1.75 55.83 95.92
CA LEU FB 91 -2.24 55.40 94.62
C LEU FB 91 -2.03 56.48 93.56
N LYS FB 92 -2.14 57.75 93.96
CA LYS FB 92 -2.03 58.84 92.99
C LYS FB 92 -0.64 58.88 92.36
N ARG FB 93 0.40 58.72 93.16
CA ARG FB 93 1.76 58.77 92.65
C ARG FB 93 2.13 57.54 91.84
N GLN FB 94 1.50 56.41 92.10
CA GLN FB 94 1.83 55.14 91.46
C GLN FB 94 1.16 54.96 90.11
N GLY FB 95 0.35 55.91 89.68
CA GLY FB 95 -0.39 55.75 88.44
C GLY FB 95 -1.63 54.92 88.55
N ARG FB 96 -2.15 54.70 89.76
CA ARG FB 96 -3.37 53.93 89.99
C ARG FB 96 -4.33 54.75 90.85
N THR FB 97 -4.52 56.01 90.47
CA THR FB 97 -5.36 56.92 91.26
C THR FB 97 -6.79 56.40 91.32
N LEU FB 98 -7.38 56.49 92.52
CA LEU FB 98 -8.76 56.07 92.75
C LEU FB 98 -9.56 57.26 93.24
N TYR FB 99 -10.57 57.67 92.48
CA TYR FB 99 -11.42 58.77 92.87
C TYR FB 99 -12.45 58.32 93.90
N GLY FB 100 -13.03 59.30 94.59
CA GLY FB 100 -14.03 59.04 95.60
C GLY FB 100 -13.51 59.02 97.02
N PHE FB 101 -12.19 58.89 97.21
CA PHE FB 101 -11.59 58.88 98.53
C PHE FB 101 -10.64 60.05 98.74
N GLY FB 102 -10.72 61.07 97.89
CA GLY FB 102 -9.86 62.23 98.01
C GLY FB 102 -10.56 63.42 98.65
N LYS GB 17 -27.44 -106.28 -24.75
CA LYS GB 17 -26.11 -105.77 -24.44
C LYS GB 17 -25.77 -104.54 -25.28
N ARG GB 18 -26.79 -103.75 -25.63
CA ARG GB 18 -26.56 -102.52 -26.37
C ARG GB 18 -25.73 -101.54 -25.57
N HIS GB 19 -25.95 -101.48 -24.25
CA HIS GB 19 -25.29 -100.51 -23.41
C HIS GB 19 -23.77 -100.66 -23.49
N ARG GB 20 -23.13 -99.65 -24.07
CA ARG GB 20 -21.67 -99.63 -24.19
C ARG GB 20 -21.19 -98.22 -23.88
N LYS GB 21 -19.88 -98.03 -23.94
CA LYS GB 21 -19.28 -96.75 -23.57
C LYS GB 21 -19.62 -95.69 -24.61
N VAL GB 22 -20.57 -94.82 -24.27
CA VAL GB 22 -20.89 -93.66 -25.10
C VAL GB 22 -20.98 -92.41 -24.22
N LEU GB 23 -19.88 -91.68 -24.15
CA LEU GB 23 -19.80 -90.47 -23.33
C LEU GB 23 -18.62 -89.65 -23.84
N ARG GB 24 -18.89 -88.42 -24.26
CA ARG GB 24 -17.90 -87.55 -24.92
C ARG GB 24 -17.39 -88.34 -26.13
N ASP GB 25 -16.07 -88.47 -26.33
CA ASP GB 25 -15.53 -89.18 -27.49
C ASP GB 25 -14.03 -89.37 -27.34
N ASN GB 26 -13.40 -90.00 -28.34
CA ASN GB 26 -11.95 -90.06 -28.41
C ASN GB 26 -11.36 -88.81 -29.03
N ILE GB 27 -12.20 -87.84 -29.40
CA ILE GB 27 -11.71 -86.57 -29.94
C ILE GB 27 -10.90 -85.80 -28.91
N GLN GB 28 -11.07 -86.11 -27.62
CA GLN GB 28 -10.22 -85.53 -26.60
C GLN GB 28 -8.79 -86.03 -26.70
N GLY GB 29 -8.55 -87.09 -27.48
CA GLY GB 29 -7.19 -87.51 -27.76
C GLY GB 29 -6.40 -86.46 -28.51
N ILE GB 30 -7.09 -85.52 -29.16
CA ILE GB 30 -6.45 -84.34 -29.73
C ILE GB 30 -6.14 -83.39 -28.58
N THR GB 31 -4.92 -83.45 -28.06
CA THR GB 31 -4.58 -82.79 -26.81
C THR GB 31 -4.38 -81.29 -27.01
N LYS GB 32 -4.34 -80.58 -25.89
CA LYS GB 32 -4.09 -79.14 -25.92
C LYS GB 32 -2.76 -78.78 -26.56
N PRO GB 33 -1.62 -79.38 -26.17
CA PRO GB 33 -0.39 -79.09 -26.91
C PRO GB 33 -0.45 -79.49 -28.38
N ALA GB 34 -1.16 -80.57 -28.71
CA ALA GB 34 -1.25 -81.01 -30.10
C ALA GB 34 -1.96 -79.98 -30.96
N ILE GB 35 -3.06 -79.41 -30.43
CA ILE GB 35 -3.75 -78.35 -31.15
C ILE GB 35 -2.85 -77.13 -31.32
N ARG GB 36 -2.13 -76.76 -30.26
CA ARG GB 36 -1.16 -75.68 -30.35
C ARG GB 36 -0.04 -76.02 -31.34
N ARG GB 37 0.45 -77.27 -31.29
CA ARG GB 37 1.49 -77.69 -32.22
C ARG GB 37 1.01 -77.60 -33.67
N LEU GB 38 -0.24 -77.99 -33.91
CA LEU GB 38 -0.81 -77.84 -35.25
C LEU GB 38 -0.83 -76.38 -35.67
N ALA GB 39 -1.18 -75.48 -34.75
CA ALA GB 39 -1.11 -74.06 -35.03
C ALA GB 39 0.33 -73.59 -35.18
N ARG GB 40 1.26 -74.18 -34.43
CA ARG GB 40 2.66 -73.81 -34.55
C ARG GB 40 3.22 -74.16 -35.91
N ARG GB 41 2.63 -75.18 -36.57
CA ARG GB 41 3.02 -75.49 -37.94
C ARG GB 41 2.71 -74.34 -38.88
N GLY GB 42 1.57 -73.67 -38.67
CA GLY GB 42 1.30 -72.41 -39.32
C GLY GB 42 1.94 -71.25 -38.58
N GLY GB 43 1.69 -70.04 -39.08
CA GLY GB 43 2.23 -68.87 -38.44
C GLY GB 43 1.30 -68.28 -37.40
N VAL GB 44 1.51 -68.62 -36.13
CA VAL GB 44 0.69 -68.10 -35.03
C VAL GB 44 1.61 -67.68 -33.89
N LYS GB 45 1.08 -66.82 -33.03
CA LYS GB 45 1.74 -66.45 -31.79
C LYS GB 45 0.76 -66.45 -30.61
N ARG GB 46 -0.53 -66.54 -30.87
CA ARG GB 46 -1.55 -66.57 -29.83
C ARG GB 46 -2.86 -67.10 -30.41
N ILE GB 47 -3.46 -68.09 -29.76
CA ILE GB 47 -4.73 -68.68 -30.19
C ILE GB 47 -5.68 -68.69 -29.01
N SER GB 48 -6.96 -68.40 -29.27
CA SER GB 48 -7.92 -68.27 -28.20
C SER GB 48 -8.24 -69.64 -27.59
N GLY GB 49 -8.86 -69.61 -26.41
CA GLY GB 49 -9.16 -70.83 -25.71
C GLY GB 49 -10.26 -71.65 -26.36
N LEU GB 50 -11.10 -71.00 -27.18
CA LEU GB 50 -12.17 -71.71 -27.87
C LEU GB 50 -11.68 -72.48 -29.09
N ILE GB 51 -10.43 -72.28 -29.51
CA ILE GB 51 -9.90 -73.00 -30.66
C ILE GB 51 -9.82 -74.50 -30.37
N TYR GB 52 -9.48 -74.87 -29.14
CA TYR GB 52 -9.39 -76.28 -28.80
C TYR GB 52 -10.74 -76.97 -28.97
N GLU GB 53 -11.82 -76.32 -28.54
CA GLU GB 53 -13.15 -76.87 -28.79
C GLU GB 53 -13.50 -76.81 -30.27
N GLU GB 54 -13.09 -75.75 -30.96
CA GLU GB 54 -13.38 -75.60 -32.38
C GLU GB 54 -12.69 -76.70 -33.20
N THR GB 55 -11.44 -77.02 -32.86
CA THR GB 55 -10.71 -78.02 -33.62
C THR GB 55 -11.37 -79.39 -33.53
N ARG GB 56 -12.00 -79.69 -32.39
CA ARG GB 56 -12.72 -80.95 -32.25
C ARG GB 56 -13.88 -81.03 -33.24
N GLY GB 57 -14.66 -79.95 -33.33
CA GLY GB 57 -15.77 -79.94 -34.28
C GLY GB 57 -15.30 -79.95 -35.72
N VAL GB 58 -14.28 -79.16 -36.04
CA VAL GB 58 -13.78 -79.08 -37.41
C VAL GB 58 -13.21 -80.42 -37.85
N LEU GB 59 -12.44 -81.07 -36.98
CA LEU GB 59 -11.85 -82.37 -37.32
C LEU GB 59 -12.92 -83.41 -37.56
N LYS GB 60 -13.97 -83.42 -36.72
CA LYS GB 60 -15.04 -84.40 -36.88
C LYS GB 60 -15.80 -84.18 -38.19
N VAL GB 61 -16.06 -82.92 -38.55
CA VAL GB 61 -16.79 -82.62 -39.77
C VAL GB 61 -16.01 -83.09 -40.99
N PHE GB 62 -14.71 -82.78 -41.03
CA PHE GB 62 -13.87 -83.23 -42.14
C PHE GB 62 -13.75 -84.74 -42.16
N LEU GB 63 -13.58 -85.36 -40.99
CA LEU GB 63 -13.42 -86.81 -40.94
C LEU GB 63 -14.68 -87.53 -41.40
N GLU GB 64 -15.85 -87.04 -41.01
CA GLU GB 64 -17.10 -87.72 -41.35
C GLU GB 64 -17.31 -87.78 -42.85
N ASN GB 65 -17.04 -86.67 -43.56
CA ASN GB 65 -17.20 -86.66 -45.01
C ASN GB 65 -16.22 -87.61 -45.69
N VAL GB 66 -14.96 -87.62 -45.24
CA VAL GB 66 -13.96 -88.48 -45.86
C VAL GB 66 -14.21 -89.95 -45.53
N ILE GB 67 -14.51 -90.24 -44.26
CA ILE GB 67 -14.66 -91.64 -43.85
C ILE GB 67 -15.89 -92.26 -44.49
N ARG GB 68 -16.97 -91.48 -44.64
CA ARG GB 68 -18.18 -92.01 -45.25
C ARG GB 68 -17.91 -92.51 -46.67
N ASP GB 69 -17.14 -91.75 -47.44
CA ASP GB 69 -16.76 -92.20 -48.78
C ASP GB 69 -15.89 -93.44 -48.71
N ALA GB 70 -14.93 -93.47 -47.79
CA ALA GB 70 -14.05 -94.62 -47.66
C ALA GB 70 -14.82 -95.88 -47.26
N VAL GB 71 -15.84 -95.72 -46.41
CA VAL GB 71 -16.69 -96.85 -46.04
C VAL GB 71 -17.42 -97.38 -47.26
N THR GB 72 -17.90 -96.48 -48.12
CA THR GB 72 -18.58 -96.90 -49.34
C THR GB 72 -17.65 -97.68 -50.27
N TYR GB 73 -16.40 -97.24 -50.38
CA TYR GB 73 -15.43 -97.97 -51.20
C TYR GB 73 -15.19 -99.37 -50.64
N THR GB 74 -15.05 -99.49 -49.32
CA THR GB 74 -14.85 -100.79 -48.70
C THR GB 74 -16.07 -101.68 -48.89
N GLU GB 75 -17.27 -101.12 -48.75
CA GLU GB 75 -18.49 -101.89 -48.94
C GLU GB 75 -18.63 -102.35 -50.39
N HIS GB 76 -18.30 -101.47 -51.34
CA HIS GB 76 -18.43 -101.83 -52.75
C HIS GB 76 -17.48 -102.97 -53.11
N ALA GB 77 -16.25 -102.93 -52.59
CA ALA GB 77 -15.29 -103.99 -52.84
C ALA GB 77 -15.62 -105.27 -52.08
N LYS GB 78 -16.71 -105.30 -51.32
CA LYS GB 78 -17.13 -106.45 -50.52
C LYS GB 78 -16.05 -106.84 -49.51
N ARG GB 79 -15.24 -105.88 -49.10
CA ARG GB 79 -14.19 -106.08 -48.12
C ARG GB 79 -14.59 -105.48 -46.78
N LYS GB 80 -13.76 -105.73 -45.77
CA LYS GB 80 -13.92 -105.14 -44.46
C LYS GB 80 -12.69 -104.38 -43.97
N THR GB 81 -11.52 -104.66 -44.53
CA THR GB 81 -10.30 -103.97 -44.15
C THR GB 81 -10.18 -102.69 -44.96
N VAL GB 82 -10.13 -101.55 -44.27
CA VAL GB 82 -9.97 -100.26 -44.95
C VAL GB 82 -8.52 -100.13 -45.40
N THR GB 83 -8.32 -100.15 -46.72
CA THR GB 83 -6.99 -100.05 -47.30
C THR GB 83 -6.65 -98.60 -47.60
N ALA GB 84 -5.37 -98.36 -47.88
CA ALA GB 84 -4.90 -97.02 -48.16
C ALA GB 84 -5.49 -96.49 -49.47
N MET GB 85 -5.76 -97.37 -50.42
CA MET GB 85 -6.36 -96.94 -51.68
C MET GB 85 -7.75 -96.38 -51.47
N ASP GB 86 -8.53 -96.99 -50.57
CA ASP GB 86 -9.87 -96.48 -50.29
C ASP GB 86 -9.82 -95.09 -49.70
N VAL GB 87 -8.78 -94.79 -48.91
CA VAL GB 87 -8.66 -93.48 -48.29
C VAL GB 87 -8.39 -92.40 -49.33
N VAL GB 88 -7.43 -92.65 -50.23
CA VAL GB 88 -7.04 -91.63 -51.20
C VAL GB 88 -8.17 -91.39 -52.21
N TYR GB 89 -8.93 -92.43 -52.54
CA TYR GB 89 -10.08 -92.25 -53.42
C TYR GB 89 -11.09 -91.29 -52.82
N ALA GB 90 -11.33 -91.40 -51.50
CA ALA GB 90 -12.23 -90.49 -50.83
C ALA GB 90 -11.70 -89.06 -50.86
N LEU GB 91 -10.39 -88.90 -50.65
CA LEU GB 91 -9.82 -87.56 -50.55
C LEU GB 91 -9.81 -86.84 -51.89
N LYS GB 92 -9.40 -87.53 -52.96
CA LYS GB 92 -9.16 -86.87 -54.24
C LYS GB 92 -10.43 -86.21 -54.78
N ARG GB 93 -11.61 -86.69 -54.37
CA ARG GB 93 -12.85 -86.07 -54.82
C ARG GB 93 -12.99 -84.65 -54.29
N GLN GB 94 -12.64 -84.44 -53.02
CA GLN GB 94 -12.85 -83.16 -52.36
C GLN GB 94 -11.55 -82.42 -52.04
N GLY GB 95 -10.47 -82.75 -52.75
CA GLY GB 95 -9.20 -82.09 -52.51
C GLY GB 95 -8.39 -82.77 -51.41
N ARG GB 96 -7.24 -82.16 -51.12
CA ARG GB 96 -6.27 -82.70 -50.17
C ARG GB 96 -5.84 -84.11 -50.58
N THR GB 97 -5.61 -84.31 -51.88
CA THR GB 97 -5.18 -85.60 -52.39
C THR GB 97 -3.83 -86.01 -51.80
N LEU GB 98 -3.82 -87.10 -51.05
CA LEU GB 98 -2.62 -87.57 -50.36
C LEU GB 98 -1.74 -88.31 -51.36
N TYR GB 99 -0.64 -87.67 -51.77
CA TYR GB 99 0.37 -88.38 -52.53
C TYR GB 99 1.08 -89.39 -51.63
N GLY GB 100 1.30 -90.59 -52.16
CA GLY GB 100 1.76 -91.70 -51.37
C GLY GB 100 0.61 -92.58 -50.89
N PHE GB 101 0.97 -93.70 -50.27
CA PHE GB 101 0.02 -94.72 -49.85
C PHE GB 101 -0.83 -95.23 -51.00
N GLY GB 102 -0.32 -95.18 -52.22
CA GLY GB 102 -1.06 -95.63 -53.38
C GLY GB 102 -0.20 -96.33 -54.41
N GLY GB 103 -0.62 -97.51 -54.84
CA GLY GB 103 0.11 -98.28 -55.82
C GLY GB 103 1.36 -98.94 -55.27
N LYS HB 9 -52.92 15.77 61.39
CA LYS HB 9 -54.03 16.73 61.29
C LYS HB 9 -54.47 17.20 62.67
N GLY HB 10 -54.58 16.26 63.60
CA GLY HB 10 -55.00 16.62 64.95
C GLY HB 10 -53.95 17.46 65.66
N LEU HB 11 -54.42 18.28 66.60
CA LEU HB 11 -53.56 19.13 67.43
C LEU HB 11 -52.78 20.12 66.57
N GLY HB 12 -51.79 20.78 67.18
CA GLY HB 12 -51.02 21.77 66.44
C GLY HB 12 -50.19 21.15 65.34
N LYS HB 13 -49.54 20.02 65.62
CA LYS HB 13 -48.78 19.24 64.65
C LYS HB 13 -47.49 19.94 64.26
N GLY HB 14 -47.33 21.19 64.71
CA GLY HB 14 -46.13 21.96 64.40
C GLY HB 14 -46.43 23.39 64.02
N GLY HB 15 -45.74 24.33 64.67
CA GLY HB 15 -45.94 25.74 64.39
C GLY HB 15 -47.11 26.37 65.12
N ALA HB 16 -47.84 25.62 65.93
CA ALA HB 16 -48.96 26.18 66.68
C ALA HB 16 -48.48 27.17 67.72
N LYS HB 17 -49.29 28.18 67.97
CA LYS HB 17 -48.94 29.24 68.93
C LYS HB 17 -50.18 29.66 69.69
N ARG HB 18 -50.14 29.51 71.01
CA ARG HB 18 -51.18 29.98 71.92
C ARG HB 18 -50.56 30.96 72.92
N HIS HB 19 -49.77 31.90 72.41
CA HIS HB 19 -49.11 32.92 73.22
C HIS HB 19 -49.38 34.27 72.56
N ARG HB 20 -50.48 34.92 72.95
CA ARG HB 20 -50.92 36.16 72.35
C ARG HB 20 -50.36 37.33 73.14
N LYS HB 21 -49.80 38.31 72.42
CA LYS HB 21 -49.24 39.54 73.00
C LYS HB 21 -48.10 39.13 73.94
N VAL HB 22 -48.09 39.58 75.19
CA VAL HB 22 -47.00 39.35 76.13
C VAL HB 22 -45.69 39.83 75.52
N LEU HB 23 -45.59 41.14 75.29
CA LEU HB 23 -44.39 41.79 74.78
C LEU HB 23 -43.97 41.29 73.41
N ARG HB 24 -44.86 40.66 72.66
CA ARG HB 24 -44.56 40.13 71.34
C ARG HB 24 -45.74 40.36 70.42
N ASP HB 25 -45.56 39.97 69.14
CA ASP HB 25 -46.58 39.95 68.10
C ASP HB 25 -47.09 41.33 67.71
N ASN HB 26 -46.49 42.41 68.20
CA ASN HB 26 -46.98 43.74 67.87
C ASN HB 26 -46.74 44.07 66.40
N ILE HB 27 -45.51 43.86 65.92
CA ILE HB 27 -45.19 44.17 64.53
C ILE HB 27 -45.30 42.92 63.65
N GLN HB 28 -45.21 41.73 64.24
CA GLN HB 28 -45.35 40.51 63.45
C GLN HB 28 -46.79 40.15 63.18
N GLY HB 29 -47.75 40.89 63.74
CA GLY HB 29 -49.15 40.66 63.44
C GLY HB 29 -49.54 40.96 62.01
N ILE HB 30 -48.70 41.70 61.29
CA ILE HB 30 -48.95 41.97 59.86
C ILE HB 30 -48.39 40.78 59.11
N THR HB 31 -49.23 39.76 58.95
CA THR HB 31 -48.82 38.49 58.35
C THR HB 31 -48.70 38.65 56.83
N LYS HB 32 -48.22 37.60 56.18
CA LYS HB 32 -48.07 37.62 54.71
C LYS HB 32 -49.34 37.97 53.96
N PRO HB 33 -50.51 37.38 54.26
CA PRO HB 33 -51.73 37.81 53.54
C PRO HB 33 -52.05 39.29 53.73
N ALA HB 34 -51.79 39.84 54.92
CA ALA HB 34 -52.06 41.26 55.16
C ALA HB 34 -51.21 42.13 54.25
N ILE HB 35 -49.92 41.79 54.10
CA ILE HB 35 -49.06 42.55 53.20
C ILE HB 35 -49.50 42.36 51.76
N ARG HB 36 -49.98 41.16 51.41
CA ARG HB 36 -50.40 40.89 50.04
C ARG HB 36 -51.54 41.81 49.62
N ARG HB 37 -52.54 41.98 50.49
CA ARG HB 37 -53.69 42.82 50.14
C ARG HB 37 -53.26 44.26 49.92
N LEU HB 38 -52.34 44.77 50.75
CA LEU HB 38 -51.81 46.10 50.53
C LEU HB 38 -51.08 46.20 49.20
N ALA HB 39 -50.31 45.16 48.85
CA ALA HB 39 -49.67 45.13 47.55
C ALA HB 39 -50.70 45.02 46.43
N ARG HB 40 -51.74 44.20 46.63
CA ARG HB 40 -52.77 44.07 45.60
C ARG HB 40 -53.59 45.34 45.45
N ARG HB 41 -53.79 46.08 46.55
CA ARG HB 41 -54.53 47.33 46.46
C ARG HB 41 -53.81 48.33 45.57
N GLY HB 42 -52.49 48.44 45.72
CA GLY HB 42 -51.73 49.28 44.80
C GLY HB 42 -51.60 48.65 43.42
N GLY HB 43 -51.70 47.33 43.34
CA GLY HB 43 -51.65 46.64 42.06
C GLY HB 43 -50.32 45.97 41.79
N VAL HB 44 -50.23 44.67 42.08
CA VAL HB 44 -49.04 43.89 41.79
C VAL HB 44 -49.48 42.55 41.22
N LYS HB 45 -48.55 41.85 40.58
CA LYS HB 45 -48.79 40.51 40.07
C LYS HB 45 -48.01 39.45 40.83
N ARG HB 46 -46.83 39.79 41.34
CA ARG HB 46 -46.02 38.87 42.11
C ARG HB 46 -45.04 39.66 42.96
N ILE HB 47 -44.82 39.20 44.19
CA ILE HB 47 -43.93 39.86 45.13
C ILE HB 47 -42.93 38.84 45.67
N SER HB 48 -41.70 39.27 45.88
CA SER HB 48 -40.66 38.38 46.37
C SER HB 48 -40.90 38.04 47.83
N GLY HB 49 -40.23 36.96 48.28
CA GLY HB 49 -40.34 36.55 49.67
C GLY HB 49 -39.69 37.49 50.66
N LEU HB 50 -38.77 38.33 50.19
CA LEU HB 50 -38.10 39.29 51.05
C LEU HB 50 -38.91 40.55 51.30
N ILE HB 51 -40.01 40.75 50.57
CA ILE HB 51 -40.79 41.98 50.71
C ILE HB 51 -41.58 41.97 52.01
N TYR HB 52 -41.80 40.79 52.61
CA TYR HB 52 -42.63 40.71 53.80
C TYR HB 52 -41.91 41.31 55.00
N GLU HB 53 -40.64 40.96 55.20
CA GLU HB 53 -39.87 41.54 56.30
C GLU HB 53 -39.56 43.01 56.04
N GLU HB 54 -39.32 43.38 54.78
CA GLU HB 54 -39.04 44.77 54.44
C GLU HB 54 -40.26 45.65 54.66
N THR HB 55 -41.46 45.12 54.38
CA THR HB 55 -42.68 45.91 54.55
C THR HB 55 -42.88 46.30 56.02
N ARG HB 56 -42.61 45.38 56.94
CA ARG HB 56 -42.75 45.69 58.36
C ARG HB 56 -41.79 46.80 58.78
N GLY HB 57 -40.56 46.76 58.28
CA GLY HB 57 -39.62 47.83 58.59
C GLY HB 57 -40.02 49.16 57.96
N VAL HB 58 -40.53 49.11 56.73
CA VAL HB 58 -40.95 50.35 56.06
C VAL HB 58 -42.13 50.99 56.80
N LEU HB 59 -43.11 50.17 57.19
CA LEU HB 59 -44.28 50.70 57.89
C LEU HB 59 -43.89 51.30 59.23
N LYS HB 60 -42.96 50.66 59.95
CA LYS HB 60 -42.57 51.16 61.26
C LYS HB 60 -41.90 52.53 61.17
N VAL HB 61 -41.06 52.73 60.16
CA VAL HB 61 -40.36 54.01 60.02
C VAL HB 61 -41.35 55.14 59.79
N PHE HB 62 -42.33 54.92 58.91
CA PHE HB 62 -43.34 55.94 58.66
C PHE HB 62 -44.16 56.21 59.92
N LEU HB 63 -44.54 55.17 60.64
CA LEU HB 63 -45.32 55.34 61.87
C LEU HB 63 -44.49 56.06 62.93
N GLU HB 64 -43.20 55.72 63.02
CA GLU HB 64 -42.35 56.34 64.04
C GLU HB 64 -42.24 57.85 63.83
N ASN HB 65 -42.06 58.27 62.57
CA ASN HB 65 -41.91 59.70 62.29
C ASN HB 65 -43.18 60.46 62.63
N VAL HB 66 -44.34 59.90 62.31
CA VAL HB 66 -45.61 60.57 62.57
C VAL HB 66 -45.89 60.61 64.07
N ILE HB 67 -45.69 59.49 64.76
CA ILE HB 67 -46.03 59.42 66.17
C ILE HB 67 -45.09 60.28 67.00
N ARG HB 68 -43.87 60.52 66.51
CA ARG HB 68 -42.92 61.36 67.24
C ARG HB 68 -43.44 62.77 67.38
N ASP HB 69 -44.03 63.31 66.32
CA ASP HB 69 -44.65 64.64 66.41
C ASP HB 69 -45.92 64.60 67.25
N ALA HB 70 -46.70 63.52 67.10
CA ALA HB 70 -48.01 63.44 67.76
C ALA HB 70 -47.87 63.47 69.28
N VAL HB 71 -46.93 62.70 69.83
CA VAL HB 71 -46.72 62.71 71.27
C VAL HB 71 -46.21 64.08 71.73
N THR HB 72 -45.38 64.71 70.90
CA THR HB 72 -44.89 66.04 71.23
C THR HB 72 -46.02 67.06 71.26
N TYR HB 73 -46.96 66.96 70.32
CA TYR HB 73 -48.13 67.83 70.34
C TYR HB 73 -48.99 67.56 71.58
N THR HB 74 -49.15 66.29 71.95
CA THR HB 74 -49.99 65.95 73.10
C THR HB 74 -49.40 66.49 74.39
N GLU HB 75 -48.08 66.39 74.56
CA GLU HB 75 -47.45 66.84 75.79
C GLU HB 75 -47.57 68.36 75.94
N HIS HB 76 -47.49 69.10 74.84
CA HIS HB 76 -47.63 70.55 74.90
C HIS HB 76 -49.03 70.96 75.36
N ALA HB 77 -50.04 70.15 75.03
CA ALA HB 77 -51.40 70.45 75.42
C ALA HB 77 -51.71 70.07 76.87
N LYS HB 78 -50.76 69.44 77.56
CA LYS HB 78 -50.92 69.02 78.96
C LYS HB 78 -52.13 68.09 79.11
N ARG HB 79 -52.14 67.05 78.27
CA ARG HB 79 -53.19 66.04 78.31
C ARG HB 79 -52.56 64.69 78.01
N LYS HB 80 -53.28 63.63 78.38
CA LYS HB 80 -52.78 62.27 78.19
C LYS HB 80 -53.40 61.56 77.00
N THR HB 81 -54.54 62.03 76.50
CA THR HB 81 -55.21 61.40 75.37
C THR HB 81 -54.57 61.92 74.07
N VAL HB 82 -54.45 61.03 73.09
CA VAL HB 82 -53.93 61.40 71.78
C VAL HB 82 -55.08 61.38 70.78
N THR HB 83 -55.40 62.53 70.21
CA THR HB 83 -56.55 62.69 69.34
C THR HB 83 -56.13 62.67 67.88
N ALA HB 84 -57.12 62.55 67.00
CA ALA HB 84 -56.87 62.59 65.56
C ALA HB 84 -56.35 63.94 65.11
N MET HB 85 -56.57 65.00 65.90
CA MET HB 85 -56.07 66.31 65.52
C MET HB 85 -54.54 66.39 65.65
N ASP HB 86 -53.96 65.67 66.61
CA ASP HB 86 -52.52 65.71 66.78
C ASP HB 86 -51.80 64.98 65.65
N VAL HB 87 -52.30 63.81 65.26
CA VAL HB 87 -51.62 63.02 64.25
C VAL HB 87 -51.72 63.69 62.88
N VAL HB 88 -52.86 64.32 62.58
CA VAL HB 88 -53.04 64.93 61.27
C VAL HB 88 -52.10 66.11 61.09
N TYR HB 89 -51.75 66.78 62.19
CA TYR HB 89 -50.77 67.87 62.10
C TYR HB 89 -49.40 67.33 61.68
N ALA HB 90 -49.02 66.17 62.21
CA ALA HB 90 -47.76 65.55 61.80
C ALA HB 90 -47.79 65.19 60.31
N LEU HB 91 -48.90 64.65 59.84
CA LEU HB 91 -49.03 64.31 58.43
C LEU HB 91 -49.00 65.56 57.56
N LYS HB 92 -49.65 66.65 58.02
CA LYS HB 92 -49.70 67.86 57.23
C LYS HB 92 -48.31 68.45 57.01
N ARG HB 93 -47.49 68.49 58.06
CA ARG HB 93 -46.13 68.99 57.92
C ARG HB 93 -45.30 68.10 57.01
N GLN HB 94 -45.45 66.78 57.15
CA GLN HB 94 -44.72 65.84 56.31
C GLN HB 94 -45.16 65.91 54.85
N GLY HB 95 -46.43 66.28 54.60
CA GLY HB 95 -46.96 66.37 53.27
C GLY HB 95 -48.09 65.39 52.97
N ARG HB 96 -48.27 64.37 53.80
CA ARG HB 96 -49.34 63.41 53.64
C ARG HB 96 -50.60 63.82 54.40
N THR HB 97 -51.07 65.04 54.14
CA THR HB 97 -52.22 65.57 54.85
C THR HB 97 -53.43 64.68 54.66
N LEU HB 98 -54.12 64.38 55.77
CA LEU HB 98 -55.24 63.46 55.78
C LEU HB 98 -56.52 64.23 56.08
N TYR HB 99 -57.52 64.09 55.20
CA TYR HB 99 -58.81 64.71 55.38
C TYR HB 99 -59.78 63.73 56.03
N GLY HB 100 -60.93 64.25 56.46
CA GLY HB 100 -61.96 63.45 57.07
C GLY HB 100 -61.88 63.32 58.57
N PHE HB 101 -60.86 63.90 59.21
CA PHE HB 101 -60.73 63.87 60.66
C PHE HB 101 -60.76 65.27 61.26
N GLY HB 102 -61.37 66.23 60.56
CA GLY HB 102 -61.44 67.60 61.02
C GLY HB 102 -62.56 67.90 62.00
N GLY HB 103 -63.37 66.90 62.36
CA GLY HB 103 -64.46 67.12 63.30
C GLY HB 103 -65.82 67.24 62.64
N GLY IB 15 -18.94 -101.78 36.88
CA GLY IB 15 -19.07 -102.09 35.47
C GLY IB 15 -20.50 -101.98 34.96
N ALA IB 16 -20.80 -102.73 33.91
CA ALA IB 16 -22.15 -102.75 33.33
C ALA IB 16 -22.42 -104.17 32.84
N LYS IB 17 -23.50 -104.77 33.31
CA LYS IB 17 -23.73 -106.17 32.97
C LYS IB 17 -25.20 -106.52 33.20
N ARG IB 18 -25.77 -107.29 32.28
CA ARG IB 18 -27.11 -107.84 32.39
C ARG IB 18 -27.08 -109.33 32.10
N HIS IB 19 -27.99 -110.07 32.74
CA HIS IB 19 -28.03 -111.52 32.58
C HIS IB 19 -29.45 -112.04 32.42
N ARG IB 20 -30.36 -111.23 31.86
CA ARG IB 20 -31.72 -111.66 31.59
C ARG IB 20 -31.89 -111.84 30.09
N LYS IB 21 -32.37 -113.02 29.69
CA LYS IB 21 -32.33 -113.40 28.28
C LYS IB 21 -33.55 -112.91 27.51
N VAL IB 22 -34.74 -113.34 27.93
CA VAL IB 22 -35.95 -113.14 27.14
C VAL IB 22 -36.83 -112.10 27.84
N LEU IB 23 -37.83 -111.61 27.11
CA LEU IB 23 -38.89 -110.68 27.52
C LEU IB 23 -38.36 -109.25 27.60
N ARG IB 24 -37.05 -109.02 27.41
CA ARG IB 24 -36.53 -107.67 27.46
C ARG IB 24 -35.54 -107.34 26.34
N ASP IB 25 -35.21 -108.29 25.47
CA ASP IB 25 -34.23 -108.03 24.41
C ASP IB 25 -34.65 -108.63 23.08
N ASN IB 26 -35.93 -108.54 22.74
CA ASN IB 26 -36.40 -109.10 21.48
C ASN IB 26 -36.17 -108.14 20.32
N ILE IB 27 -36.80 -106.97 20.37
CA ILE IB 27 -36.61 -105.98 19.31
C ILE IB 27 -35.22 -105.37 19.36
N GLN IB 28 -34.69 -105.12 20.56
CA GLN IB 28 -33.38 -104.49 20.73
C GLN IB 28 -32.22 -105.43 20.42
N GLY IB 29 -32.50 -106.63 19.89
CA GLY IB 29 -31.43 -107.55 19.55
C GLY IB 29 -30.56 -107.11 18.39
N ILE IB 30 -31.00 -106.13 17.61
CA ILE IB 30 -30.19 -105.63 16.51
C ILE IB 30 -28.92 -104.96 17.04
N THR IB 31 -29.06 -104.17 18.10
CA THR IB 31 -27.94 -103.50 18.76
C THR IB 31 -27.18 -102.58 17.82
N LYS IB 32 -26.01 -102.11 18.26
CA LYS IB 32 -25.25 -101.14 17.46
C LYS IB 32 -24.60 -101.77 16.23
N PRO IB 33 -23.77 -102.81 16.35
CA PRO IB 33 -22.99 -103.24 15.18
C PRO IB 33 -23.81 -103.68 13.98
N ALA IB 34 -24.97 -104.30 14.20
CA ALA IB 34 -25.75 -104.82 13.07
C ALA IB 34 -26.22 -103.70 12.15
N ILE IB 35 -26.58 -102.55 12.72
CA ILE IB 35 -26.94 -101.40 11.89
C ILE IB 35 -25.76 -100.95 11.06
N ARG IB 36 -24.56 -100.92 11.66
CA ARG IB 36 -23.36 -100.60 10.90
C ARG IB 36 -23.08 -101.67 9.85
N ARG IB 37 -23.30 -102.94 10.20
CA ARG IB 37 -23.11 -104.03 9.24
C ARG IB 37 -24.00 -103.84 8.02
N LEU IB 38 -25.27 -103.51 8.24
CA LEU IB 38 -26.18 -103.26 7.13
C LEU IB 38 -25.84 -101.95 6.43
N ALA IB 39 -25.31 -100.98 7.18
CA ALA IB 39 -24.93 -99.70 6.57
C ALA IB 39 -23.81 -99.87 5.57
N ARG IB 40 -22.81 -100.71 5.90
CA ARG IB 40 -21.71 -100.94 4.97
C ARG IB 40 -22.19 -101.59 3.68
N ARG IB 41 -23.11 -102.56 3.79
CA ARG IB 41 -23.71 -103.13 2.59
C ARG IB 41 -24.55 -102.11 1.84
N GLY IB 42 -25.03 -101.09 2.52
CA GLY IB 42 -25.74 -99.98 1.90
C GLY IB 42 -24.86 -98.83 1.47
N GLY IB 43 -23.53 -98.98 1.58
CA GLY IB 43 -22.62 -97.94 1.17
C GLY IB 43 -22.72 -96.67 1.99
N VAL IB 44 -22.76 -96.80 3.32
CA VAL IB 44 -22.84 -95.66 4.23
C VAL IB 44 -21.56 -95.61 5.04
N LYS IB 45 -20.84 -94.49 4.94
CA LYS IB 45 -19.57 -94.36 5.65
C LYS IB 45 -19.77 -94.16 7.14
N ARG IB 46 -20.70 -93.26 7.53
CA ARG IB 46 -20.92 -92.95 8.93
C ARG IB 46 -22.40 -92.75 9.18
N ILE IB 47 -22.83 -93.04 10.41
CA ILE IB 47 -24.22 -92.93 10.81
C ILE IB 47 -24.30 -92.23 12.15
N SER IB 48 -25.48 -91.70 12.46
CA SER IB 48 -25.76 -91.03 13.71
C SER IB 48 -26.42 -92.00 14.69
N GLY IB 49 -26.26 -91.73 15.98
CA GLY IB 49 -26.79 -92.64 16.99
C GLY IB 49 -28.31 -92.70 17.01
N LEU IB 50 -28.97 -91.72 16.39
CA LEU IB 50 -30.42 -91.73 16.35
C LEU IB 50 -30.97 -92.78 15.41
N ILE IB 51 -30.13 -93.34 14.51
CA ILE IB 51 -30.61 -94.35 13.58
C ILE IB 51 -30.93 -95.65 14.32
N TYR IB 52 -30.27 -95.89 15.46
CA TYR IB 52 -30.46 -97.15 16.17
C TYR IB 52 -31.85 -97.27 16.76
N GLU IB 53 -32.61 -96.18 16.83
CA GLU IB 53 -33.98 -96.25 17.34
C GLU IB 53 -35.01 -96.33 16.23
N GLU IB 54 -34.82 -95.61 15.13
CA GLU IB 54 -35.75 -95.69 14.02
C GLU IB 54 -35.68 -97.06 13.35
N THR IB 55 -34.47 -97.60 13.18
CA THR IB 55 -34.32 -98.89 12.51
C THR IB 55 -35.11 -99.98 13.19
N ARG IB 56 -35.20 -99.95 14.52
CA ARG IB 56 -36.09 -100.87 15.22
C ARG IB 56 -37.54 -100.63 14.82
N GLY IB 57 -37.96 -99.36 14.80
CA GLY IB 57 -39.30 -99.05 14.34
C GLY IB 57 -39.49 -99.29 12.85
N VAL IB 58 -38.50 -98.91 12.04
CA VAL IB 58 -38.62 -99.08 10.60
C VAL IB 58 -38.69 -100.55 10.24
N LEU IB 59 -37.82 -101.37 10.85
CA LEU IB 59 -37.87 -102.81 10.59
C LEU IB 59 -39.20 -103.39 11.06
N LYS IB 60 -39.64 -103.01 12.26
CA LYS IB 60 -40.87 -103.58 12.82
C LYS IB 60 -42.07 -103.30 11.93
N VAL IB 61 -42.15 -102.10 11.36
CA VAL IB 61 -43.23 -101.79 10.44
C VAL IB 61 -43.17 -102.71 9.22
N PHE IB 62 -41.97 -102.95 8.71
CA PHE IB 62 -41.82 -103.83 7.55
C PHE IB 62 -42.23 -105.26 7.89
N LEU IB 63 -41.77 -105.77 9.03
CA LEU IB 63 -42.16 -107.13 9.43
C LEU IB 63 -43.66 -107.22 9.72
N GLU IB 64 -44.22 -106.22 10.41
CA GLU IB 64 -45.63 -106.28 10.77
C GLU IB 64 -46.52 -106.32 9.53
N ASN IB 65 -46.18 -105.53 8.50
CA ASN IB 65 -46.96 -105.55 7.27
C ASN IB 65 -46.89 -106.91 6.59
N VAL IB 66 -45.71 -107.52 6.56
CA VAL IB 66 -45.56 -108.81 5.90
C VAL IB 66 -46.26 -109.91 6.68
N ILE IB 67 -46.07 -109.95 8.01
CA ILE IB 67 -46.66 -111.02 8.79
C ILE IB 67 -48.18 -110.89 8.85
N ARG IB 68 -48.71 -109.67 8.75
CA ARG IB 68 -50.15 -109.49 8.74
C ARG IB 68 -50.78 -110.21 7.56
N ASP IB 69 -50.16 -110.11 6.39
CA ASP IB 69 -50.63 -110.88 5.24
C ASP IB 69 -50.26 -112.35 5.37
N ALA IB 70 -49.04 -112.63 5.83
CA ALA IB 70 -48.57 -114.01 5.91
C ALA IB 70 -49.41 -114.83 6.88
N VAL IB 71 -49.75 -114.26 8.04
CA VAL IB 71 -50.62 -114.96 8.98
C VAL IB 71 -52.01 -115.14 8.38
N THR IB 72 -52.49 -114.15 7.63
CA THR IB 72 -53.79 -114.27 6.97
C THR IB 72 -53.79 -115.42 5.97
N TYR IB 73 -52.71 -115.55 5.19
CA TYR IB 73 -52.60 -116.69 4.29
C TYR IB 73 -52.52 -117.99 5.07
N THR IB 74 -51.75 -118.01 6.16
CA THR IB 74 -51.64 -119.21 6.97
C THR IB 74 -52.98 -119.56 7.64
N GLU IB 75 -53.68 -118.55 8.16
CA GLU IB 75 -54.96 -118.81 8.80
C GLU IB 75 -55.99 -119.32 7.79
N HIS IB 76 -56.02 -118.73 6.60
CA HIS IB 76 -57.00 -119.14 5.60
C HIS IB 76 -56.77 -120.58 5.15
N ALA IB 77 -55.50 -120.97 4.99
CA ALA IB 77 -55.18 -122.33 4.59
C ALA IB 77 -55.37 -123.35 5.69
N LYS IB 78 -55.92 -122.95 6.84
CA LYS IB 78 -56.14 -123.85 7.98
C LYS IB 78 -54.85 -124.52 8.44
N ARG IB 79 -53.75 -123.78 8.41
CA ARG IB 79 -52.44 -124.31 8.78
C ARG IB 79 -51.95 -123.62 10.05
N LYS IB 80 -51.35 -124.40 10.94
CA LYS IB 80 -50.74 -123.87 12.15
C LYS IB 80 -49.28 -123.51 11.96
N THR IB 81 -48.69 -123.85 10.80
CA THR IB 81 -47.29 -123.59 10.51
C THR IB 81 -47.20 -122.68 9.28
N VAL IB 82 -46.33 -121.67 9.38
CA VAL IB 82 -46.11 -120.72 8.29
C VAL IB 82 -45.00 -121.29 7.40
N THR IB 83 -45.37 -121.73 6.20
CA THR IB 83 -44.40 -122.28 5.28
C THR IB 83 -43.62 -121.15 4.60
N ALA IB 84 -42.55 -121.54 3.90
CA ALA IB 84 -41.73 -120.56 3.19
C ALA IB 84 -42.54 -119.90 2.07
N MET IB 85 -43.37 -120.67 1.37
CA MET IB 85 -44.18 -120.11 0.29
C MET IB 85 -45.18 -119.09 0.80
N ASP IB 86 -45.61 -119.21 2.05
CA ASP IB 86 -46.52 -118.23 2.63
C ASP IB 86 -45.88 -116.85 2.69
N VAL IB 87 -44.60 -116.78 3.05
CA VAL IB 87 -43.90 -115.51 3.12
C VAL IB 87 -43.84 -114.86 1.74
N VAL IB 88 -43.66 -115.68 0.69
CA VAL IB 88 -43.58 -115.15 -0.66
C VAL IB 88 -44.88 -114.46 -1.05
N TYR IB 89 -46.02 -115.05 -0.69
CA TYR IB 89 -47.31 -114.46 -1.03
C TYR IB 89 -47.47 -113.09 -0.39
N ALA IB 90 -47.10 -112.96 0.88
CA ALA IB 90 -47.19 -111.68 1.56
C ALA IB 90 -46.23 -110.67 0.95
N LEU IB 91 -45.01 -111.11 0.61
CA LEU IB 91 -44.01 -110.21 0.05
C LEU IB 91 -44.36 -109.77 -1.37
N LYS IB 92 -45.05 -110.63 -2.12
CA LYS IB 92 -45.35 -110.32 -3.52
C LYS IB 92 -46.28 -109.12 -3.64
N ARG IB 93 -47.27 -109.03 -2.73
CA ARG IB 93 -48.26 -107.96 -2.83
C ARG IB 93 -47.61 -106.58 -2.68
N GLN IB 94 -46.69 -106.44 -1.72
CA GLN IB 94 -46.03 -105.16 -1.51
C GLN IB 94 -44.96 -104.86 -2.55
N GLY IB 95 -44.63 -105.82 -3.40
CA GLY IB 95 -43.62 -105.65 -4.42
C GLY IB 95 -42.26 -106.21 -4.07
N ARG IB 96 -42.00 -106.47 -2.79
CA ARG IB 96 -40.72 -107.00 -2.34
C ARG IB 96 -40.68 -108.52 -2.58
N THR IB 97 -40.72 -108.90 -3.85
CA THR IB 97 -40.76 -110.30 -4.23
C THR IB 97 -39.45 -110.98 -3.83
N LEU IB 98 -39.57 -112.24 -3.39
CA LEU IB 98 -38.42 -113.04 -2.96
C LEU IB 98 -38.27 -114.24 -3.87
N TYR IB 99 -37.04 -114.46 -4.33
CA TYR IB 99 -36.73 -115.63 -5.16
C TYR IB 99 -35.94 -116.65 -4.35
N GLY JB 3 114.71 11.96 -57.21
CA GLY JB 3 113.51 11.46 -57.84
C GLY JB 3 113.41 9.95 -57.83
N ARG JB 4 112.35 9.44 -57.19
CA ARG JB 4 112.11 7.99 -57.10
C ARG JB 4 110.71 7.71 -57.62
N GLY JB 5 110.62 7.07 -58.79
CA GLY JB 5 109.33 6.74 -59.36
C GLY JB 5 109.43 5.81 -60.55
N LYS JB 6 108.35 5.07 -60.81
CA LYS JB 6 108.34 4.15 -61.95
C LYS JB 6 108.38 4.92 -63.28
N GLY JB 7 107.67 6.04 -63.35
CA GLY JB 7 107.60 6.78 -64.59
C GLY JB 7 106.60 6.25 -65.60
N GLY JB 8 105.67 5.40 -65.17
CA GLY JB 8 104.67 4.85 -66.06
C GLY JB 8 103.58 5.83 -66.42
N LYS JB 9 103.93 6.86 -67.19
CA LYS JB 9 103.05 7.93 -67.68
C LYS JB 9 102.07 8.43 -66.61
N GLY JB 10 102.52 8.46 -65.35
CA GLY JB 10 101.65 8.87 -64.27
C GLY JB 10 102.43 9.55 -63.16
N LEU JB 11 101.70 9.97 -62.14
CA LEU JB 11 102.28 10.64 -60.97
C LEU JB 11 102.10 9.85 -59.69
N GLY JB 12 101.01 9.09 -59.55
CA GLY JB 12 100.79 8.30 -58.36
C GLY JB 12 101.36 6.89 -58.48
N LYS JB 13 101.78 6.36 -57.33
CA LYS JB 13 102.36 5.02 -57.25
C LYS JB 13 101.61 4.17 -56.24
N GLY JB 14 100.29 4.31 -56.20
CA GLY JB 14 99.48 3.56 -55.27
C GLY JB 14 99.45 4.20 -53.88
N GLY JB 15 98.61 3.63 -53.03
CA GLY JB 15 98.45 4.14 -51.68
C GLY JB 15 97.59 5.36 -51.55
N ALA JB 16 96.92 5.79 -52.63
CA ALA JB 16 96.05 6.97 -52.63
C ALA JB 16 96.80 8.21 -52.18
N LYS JB 17 98.05 8.33 -52.60
CA LYS JB 17 98.87 9.49 -52.28
C LYS JB 17 98.57 10.68 -53.17
N ARG JB 18 98.36 10.47 -54.46
CA ARG JB 18 98.10 11.54 -55.41
C ARG JB 18 96.60 11.69 -55.63
N HIS JB 19 96.12 12.94 -55.60
CA HIS JB 19 94.71 13.25 -55.75
C HIS JB 19 94.45 13.72 -57.17
N ARG JB 20 93.81 12.86 -57.96
CA ARG JB 20 93.34 13.22 -59.30
C ARG JB 20 91.84 12.98 -59.36
N LYS JB 21 91.08 14.04 -59.61
CA LYS JB 21 89.62 13.97 -59.65
C LYS JB 21 89.15 14.33 -61.05
N VAL JB 22 88.06 13.68 -61.48
CA VAL JB 22 87.50 13.94 -62.80
C VAL JB 22 87.13 15.42 -62.91
N LEU JB 23 87.46 16.02 -64.05
CA LEU JB 23 87.18 17.43 -64.28
C LEU JB 23 85.87 17.53 -65.04
N ARG JB 24 84.81 17.90 -64.33
CA ARG JB 24 83.55 18.22 -64.97
C ARG JB 24 83.67 19.55 -65.71
N ASP JB 25 82.55 20.00 -66.27
CA ASP JB 25 82.59 21.24 -67.04
C ASP JB 25 83.03 22.41 -66.16
N ASN JB 26 84.25 22.87 -66.38
CA ASN JB 26 84.80 24.00 -65.64
C ASN JB 26 84.61 25.32 -66.38
N ILE JB 27 84.02 25.29 -67.58
CA ILE JB 27 83.70 26.52 -68.28
C ILE JB 27 82.64 27.30 -67.49
N GLN JB 28 81.77 26.59 -66.76
CA GLN JB 28 80.88 27.25 -65.82
C GLN JB 28 81.64 27.95 -64.71
N GLY JB 29 82.89 27.56 -64.46
CA GLY JB 29 83.73 28.27 -63.51
C GLY JB 29 84.03 29.69 -63.92
N ILE JB 30 83.86 30.02 -65.20
CA ILE JB 30 83.95 31.39 -65.65
C ILE JB 30 82.77 32.15 -65.05
N THR JB 31 83.05 32.98 -64.06
CA THR JB 31 82.01 33.56 -63.23
C THR JB 31 81.29 34.69 -63.98
N LYS JB 32 80.02 34.88 -63.64
CA LYS JB 32 79.24 35.94 -64.30
C LYS JB 32 79.82 37.32 -64.07
N PRO JB 33 80.27 37.71 -62.87
CA PRO JB 33 81.00 38.98 -62.75
C PRO JB 33 82.24 39.07 -63.63
N ALA JB 34 82.90 37.94 -63.93
CA ALA JB 34 84.05 37.99 -64.83
C ALA JB 34 83.61 38.40 -66.24
N ILE JB 35 82.52 37.82 -66.73
CA ILE JB 35 81.98 38.20 -68.03
C ILE JB 35 81.52 39.64 -68.01
N ARG JB 36 80.94 40.07 -66.89
CA ARG JB 36 80.52 41.46 -66.75
C ARG JB 36 81.72 42.40 -66.80
N ARG JB 37 82.82 42.02 -66.15
CA ARG JB 37 84.04 42.82 -66.20
C ARG JB 37 84.59 42.91 -67.61
N LEU JB 38 84.57 41.80 -68.33
CA LEU JB 38 85.02 41.82 -69.73
C LEU JB 38 84.13 42.72 -70.57
N ALA JB 39 82.82 42.66 -70.35
CA ALA JB 39 81.90 43.52 -71.07
C ALA JB 39 82.16 44.98 -70.76
N ARG JB 40 82.42 45.31 -69.49
CA ARG JB 40 82.74 46.69 -69.13
C ARG JB 40 84.04 47.14 -69.79
N ARG JB 41 85.07 46.29 -69.74
CA ARG JB 41 86.33 46.64 -70.40
C ARG JB 41 86.12 46.88 -71.89
N GLY JB 42 85.15 46.16 -72.49
CA GLY JB 42 84.76 46.47 -73.85
C GLY JB 42 83.93 47.73 -73.97
N GLY JB 43 83.28 48.15 -72.88
CA GLY JB 43 82.45 49.34 -72.90
C GLY JB 43 80.96 49.05 -72.96
N VAL JB 44 80.50 48.07 -72.19
CA VAL JB 44 79.11 47.61 -72.25
C VAL JB 44 78.39 48.04 -70.98
N LYS JB 45 77.20 48.62 -71.16
CA LYS JB 45 76.36 49.05 -70.05
C LYS JB 45 75.60 47.90 -69.41
N ARG JB 46 74.84 47.14 -70.19
CA ARG JB 46 74.07 46.01 -69.69
C ARG JB 46 74.33 44.78 -70.56
N ILE JB 47 74.30 43.62 -69.93
CA ILE JB 47 74.59 42.35 -70.59
C ILE JB 47 73.43 41.39 -70.35
N SER JB 48 72.91 40.82 -71.44
CA SER JB 48 71.78 39.92 -71.34
C SER JB 48 72.23 38.55 -70.83
N GLY JB 49 71.24 37.73 -70.47
CA GLY JB 49 71.55 36.45 -69.83
C GLY JB 49 72.26 35.48 -70.74
N LEU JB 50 71.79 35.35 -71.98
CA LEU JB 50 72.38 34.40 -72.91
C LEU JB 50 73.80 34.78 -73.31
N ILE JB 51 74.19 36.04 -73.10
CA ILE JB 51 75.56 36.45 -73.41
C ILE JB 51 76.54 35.76 -72.48
N TYR JB 52 76.13 35.43 -71.25
CA TYR JB 52 76.98 34.62 -70.38
C TYR JB 52 77.33 33.29 -71.04
N GLU JB 53 76.32 32.57 -71.51
CA GLU JB 53 76.55 31.27 -72.13
C GLU JB 53 77.34 31.41 -73.42
N GLU JB 54 77.05 32.45 -74.21
CA GLU JB 54 77.77 32.62 -75.47
C GLU JB 54 79.23 32.99 -75.24
N THR JB 55 79.51 33.82 -74.23
CA THR JB 55 80.89 34.13 -73.88
C THR JB 55 81.62 32.90 -73.39
N ARG JB 56 80.95 32.07 -72.58
CA ARG JB 56 81.55 30.81 -72.15
C ARG JB 56 81.87 29.92 -73.35
N GLY JB 57 80.94 29.83 -74.30
CA GLY JB 57 81.15 29.00 -75.46
C GLY JB 57 82.28 29.49 -76.35
N VAL JB 58 82.35 30.81 -76.58
CA VAL JB 58 83.43 31.34 -77.41
C VAL JB 58 84.78 31.20 -76.71
N LEU JB 59 84.81 31.36 -75.39
CA LEU JB 59 86.05 31.11 -74.65
C LEU JB 59 86.48 29.66 -74.79
N LYS JB 60 85.53 28.73 -74.68
CA LYS JB 60 85.86 27.31 -74.84
C LYS JB 60 86.37 27.02 -76.25
N VAL JB 61 85.73 27.62 -77.26
CA VAL JB 61 86.15 27.39 -78.64
C VAL JB 61 87.55 27.93 -78.88
N PHE JB 62 87.84 29.15 -78.40
CA PHE JB 62 89.17 29.72 -78.56
C PHE JB 62 90.20 28.88 -77.82
N LEU JB 63 89.86 28.40 -76.62
CA LEU JB 63 90.77 27.56 -75.87
C LEU JB 63 91.06 26.27 -76.61
N GLU JB 64 90.03 25.62 -77.17
CA GLU JB 64 90.26 24.40 -77.94
C GLU JB 64 91.16 24.69 -79.13
N ASN JB 65 90.91 25.80 -79.83
CA ASN JB 65 91.72 26.14 -80.99
C ASN JB 65 93.18 26.33 -80.62
N VAL JB 66 93.45 27.05 -79.53
CA VAL JB 66 94.84 27.33 -79.17
C VAL JB 66 95.53 26.06 -78.65
N ILE JB 67 94.84 25.26 -77.85
CA ILE JB 67 95.50 24.09 -77.28
C ILE JB 67 95.66 22.98 -78.32
N ARG JB 68 94.88 22.98 -79.39
CA ARG JB 68 95.19 22.07 -80.49
C ARG JB 68 96.59 22.32 -81.03
N ASP JB 69 96.88 23.59 -81.37
CA ASP JB 69 98.20 23.96 -81.83
C ASP JB 69 99.26 23.70 -80.77
N ALA JB 70 98.96 24.03 -79.52
CA ALA JB 70 99.93 23.86 -78.44
C ALA JB 70 100.30 22.39 -78.24
N VAL JB 71 99.30 21.51 -78.24
CA VAL JB 71 99.56 20.09 -78.01
C VAL JB 71 100.23 19.47 -79.23
N THR JB 72 99.93 19.94 -80.44
CA THR JB 72 100.65 19.46 -81.60
C THR JB 72 102.12 19.85 -81.54
N TYR JB 73 102.41 21.07 -81.08
CA TYR JB 73 103.81 21.46 -80.86
C TYR JB 73 104.45 20.60 -79.77
N THR JB 74 103.71 20.35 -78.68
CA THR JB 74 104.27 19.63 -77.54
C THR JB 74 104.60 18.19 -77.90
N GLU JB 75 103.71 17.52 -78.65
CA GLU JB 75 103.92 16.11 -78.96
C GLU JB 75 105.15 15.90 -79.82
N HIS JB 76 105.44 16.83 -80.72
CA HIS JB 76 106.63 16.70 -81.58
C HIS JB 76 107.91 16.69 -80.75
N ALA JB 77 107.97 17.54 -79.72
CA ALA JB 77 109.11 17.54 -78.81
C ALA JB 77 109.14 16.34 -77.89
N LYS JB 78 108.08 15.53 -77.88
CA LYS JB 78 107.99 14.34 -77.04
C LYS JB 78 108.13 14.68 -75.56
N ARG JB 79 107.62 15.85 -75.18
CA ARG JB 79 107.58 16.29 -73.79
C ARG JB 79 106.13 16.33 -73.31
N LYS JB 80 105.96 16.42 -71.99
CA LYS JB 80 104.65 16.37 -71.38
C LYS JB 80 104.16 17.71 -70.84
N THR JB 81 105.03 18.72 -70.80
CA THR JB 81 104.68 20.02 -70.26
C THR JB 81 104.36 20.98 -71.40
N VAL JB 82 103.13 21.50 -71.42
CA VAL JB 82 102.75 22.53 -72.39
C VAL JB 82 103.36 23.84 -71.89
N THR JB 83 104.38 24.33 -72.58
CA THR JB 83 105.18 25.44 -72.09
C THR JB 83 104.75 26.76 -72.73
N ALA JB 84 105.25 27.85 -72.12
CA ALA JB 84 105.01 29.18 -72.68
C ALA JB 84 105.59 29.31 -74.08
N MET JB 85 106.68 28.61 -74.36
CA MET JB 85 107.22 28.60 -75.72
C MET JB 85 106.19 28.08 -76.71
N ASP JB 86 105.61 26.91 -76.42
CA ASP JB 86 104.63 26.32 -77.33
C ASP JB 86 103.38 27.18 -77.41
N VAL JB 87 102.97 27.77 -76.29
CA VAL JB 87 101.81 28.66 -76.32
C VAL JB 87 102.08 29.86 -77.23
N VAL JB 88 103.29 30.42 -77.14
CA VAL JB 88 103.65 31.57 -77.98
C VAL JB 88 103.65 31.19 -79.44
N TYR JB 89 104.24 30.02 -79.78
CA TYR JB 89 104.26 29.61 -81.18
C TYR JB 89 102.84 29.38 -81.69
N ALA JB 90 101.99 28.76 -80.87
CA ALA JB 90 100.61 28.51 -81.28
C ALA JB 90 99.86 29.81 -81.53
N LEU JB 91 100.01 30.78 -80.62
CA LEU JB 91 99.33 32.06 -80.78
C LEU JB 91 99.84 32.80 -82.01
N LYS JB 92 101.16 32.76 -82.25
CA LYS JB 92 101.72 33.41 -83.42
C LYS JB 92 101.20 32.76 -84.70
N ARG JB 93 101.11 31.43 -84.73
CA ARG JB 93 100.60 30.75 -85.90
C ARG JB 93 99.14 31.08 -86.15
N GLN JB 94 98.34 31.14 -85.09
CA GLN JB 94 96.91 31.42 -85.26
C GLN JB 94 96.60 32.90 -85.37
N GLY JB 95 97.58 33.78 -85.21
CA GLY JB 95 97.35 35.19 -85.37
C GLY JB 95 97.07 35.94 -84.08
N ARG JB 96 97.63 35.50 -82.96
CA ARG JB 96 97.42 36.12 -81.66
C ARG JB 96 98.75 36.31 -80.94
N THR JB 97 99.74 36.86 -81.65
CA THR JB 97 101.09 36.98 -81.10
C THR JB 97 101.09 37.75 -79.79
N LEU JB 98 101.76 37.18 -78.79
CA LEU JB 98 101.79 37.72 -77.43
C LEU JB 98 103.23 37.89 -76.98
N TYR JB 99 103.53 39.02 -76.35
CA TYR JB 99 104.86 39.31 -75.84
C TYR JB 99 104.88 39.23 -74.32
N GLY JB 100 106.07 38.99 -73.77
CA GLY JB 100 106.30 39.02 -72.34
C GLY JB 100 106.32 37.66 -71.69
N PHE JB 101 105.62 36.67 -72.25
CA PHE JB 101 105.61 35.32 -71.71
C PHE JB 101 106.65 34.42 -72.37
N GLY JB 102 107.34 34.91 -73.39
CA GLY JB 102 108.35 34.10 -74.05
C GLY JB 102 108.86 34.80 -75.29
N GLY JB 103 109.93 34.23 -75.84
CA GLY JB 103 110.55 34.76 -77.04
C GLY JB 103 111.95 35.27 -76.81
N ARG KB 18 -64.68 61.56 32.56
CA ARG KB 18 -65.97 61.45 31.89
C ARG KB 18 -66.16 62.57 30.88
N HIS KB 19 -65.86 63.80 31.28
CA HIS KB 19 -66.05 64.97 30.44
C HIS KB 19 -64.72 65.65 30.17
N ARG KB 20 -64.59 66.18 28.96
CA ARG KB 20 -63.42 66.96 28.58
C ARG KB 20 -63.67 68.44 28.89
N LYS KB 21 -62.61 69.23 28.81
CA LYS KB 21 -62.64 70.61 29.31
C LYS KB 21 -63.34 71.56 28.35
N VAL KB 22 -63.14 72.86 28.58
CA VAL KB 22 -63.99 73.96 28.10
C VAL KB 22 -64.46 73.82 26.65
N LEU KB 23 -63.56 73.48 25.72
CA LEU KB 23 -63.95 73.48 24.32
C LEU KB 23 -62.97 72.62 23.53
N ARG KB 24 -63.41 72.26 22.33
CA ARG KB 24 -62.60 71.53 21.36
C ARG KB 24 -63.21 71.74 19.98
N ASP KB 25 -62.42 71.41 18.95
CA ASP KB 25 -62.81 71.46 17.55
C ASP KB 25 -63.15 72.86 17.07
N ASN KB 26 -62.84 73.90 17.84
CA ASN KB 26 -63.14 75.26 17.41
C ASN KB 26 -62.29 75.64 16.19
N ILE KB 27 -60.99 75.40 16.26
CA ILE KB 27 -60.10 75.62 15.12
C ILE KB 27 -59.64 74.31 14.50
N GLN KB 28 -59.70 73.20 15.23
CA GLN KB 28 -59.37 71.90 14.67
C GLN KB 28 -60.54 71.24 13.96
N GLY KB 29 -61.70 71.89 13.92
CA GLY KB 29 -62.83 71.35 13.18
C GLY KB 29 -62.58 71.28 11.68
N ILE KB 30 -61.60 72.04 11.18
CA ILE KB 30 -61.20 71.95 9.79
C ILE KB 30 -60.19 70.81 9.67
N THR KB 31 -60.70 69.59 9.47
CA THR KB 31 -59.86 68.40 9.51
C THR KB 31 -59.13 68.23 8.17
N LYS KB 32 -58.49 67.07 8.02
CA LYS KB 32 -57.76 66.79 6.78
C LYS KB 32 -58.65 66.79 5.54
N PRO KB 33 -59.83 66.15 5.52
CA PRO KB 33 -60.65 66.20 4.30
C PRO KB 33 -61.02 67.60 3.88
N ALA KB 34 -61.27 68.50 4.84
CA ALA KB 34 -61.63 69.88 4.49
C ALA KB 34 -60.51 70.58 3.73
N ILE KB 35 -59.27 70.39 4.18
CA ILE KB 35 -58.13 70.97 3.46
C ILE KB 35 -57.91 70.23 2.14
N ARG KB 36 -58.06 68.91 2.14
CA ARG KB 36 -57.85 68.15 0.92
C ARG KB 36 -58.86 68.52 -0.15
N ARG KB 37 -60.13 68.70 0.23
CA ARG KB 37 -61.15 69.10 -0.74
C ARG KB 37 -60.81 70.45 -1.35
N LEU KB 38 -60.36 71.40 -0.52
CA LEU KB 38 -59.89 72.67 -1.04
C LEU KB 38 -58.60 72.50 -1.84
N ALA KB 39 -57.76 71.54 -1.43
CA ALA KB 39 -56.56 71.24 -2.21
C ALA KB 39 -56.92 70.64 -3.56
N ARG KB 40 -57.91 69.75 -3.60
CA ARG KB 40 -58.36 69.18 -4.87
C ARG KB 40 -58.99 70.26 -5.75
N ARG KB 41 -59.44 71.36 -5.17
CA ARG KB 41 -59.96 72.47 -5.96
C ARG KB 41 -58.83 73.15 -6.72
N GLY KB 42 -57.63 73.18 -6.14
CA GLY KB 42 -56.49 73.79 -6.78
C GLY KB 42 -55.76 72.92 -7.78
N GLY KB 43 -56.16 71.67 -7.92
CA GLY KB 43 -55.55 70.78 -8.89
C GLY KB 43 -54.47 69.86 -8.35
N VAL KB 44 -53.98 70.12 -7.13
CA VAL KB 44 -52.84 69.38 -6.60
C VAL KB 44 -53.23 67.92 -6.37
N LYS KB 45 -52.21 67.06 -6.21
CA LYS KB 45 -52.47 65.64 -6.00
C LYS KB 45 -52.33 65.27 -4.52
N ARG KB 46 -51.20 65.62 -3.91
CA ARG KB 46 -50.95 65.28 -2.52
C ARG KB 46 -50.26 66.45 -1.85
N ILE KB 47 -50.25 66.45 -0.52
CA ILE KB 47 -49.65 67.51 0.26
C ILE KB 47 -48.67 66.91 1.27
N SER KB 48 -47.77 67.76 1.76
CA SER KB 48 -47.02 67.45 2.96
C SER KB 48 -47.92 67.62 4.18
N GLY KB 49 -47.50 67.00 5.29
CA GLY KB 49 -48.35 66.96 6.47
C GLY KB 49 -48.44 68.28 7.21
N LEU KB 50 -47.49 69.19 6.95
CA LEU KB 50 -47.42 70.44 7.71
C LEU KB 50 -48.43 71.48 7.25
N ILE KB 51 -49.14 71.25 6.14
CA ILE KB 51 -50.06 72.27 5.63
C ILE KB 51 -51.27 72.43 6.55
N TYR KB 52 -51.68 71.34 7.22
CA TYR KB 52 -52.94 71.35 7.95
C TYR KB 52 -52.89 72.32 9.13
N GLU KB 53 -51.75 72.38 9.82
CA GLU KB 53 -51.58 73.40 10.86
C GLU KB 53 -51.45 74.80 10.23
N GLU KB 54 -50.78 74.88 9.09
CA GLU KB 54 -50.60 76.19 8.44
C GLU KB 54 -51.90 76.71 7.86
N THR KB 55 -52.70 75.83 7.25
CA THR KB 55 -53.97 76.26 6.66
C THR KB 55 -54.91 76.81 7.73
N ARG KB 56 -54.93 76.18 8.90
CA ARG KB 56 -55.70 76.71 10.01
C ARG KB 56 -55.16 78.06 10.46
N GLY KB 57 -53.83 78.21 10.47
CA GLY KB 57 -53.25 79.48 10.86
C GLY KB 57 -53.55 80.61 9.89
N VAL KB 58 -53.42 80.33 8.60
CA VAL KB 58 -53.70 81.36 7.60
C VAL KB 58 -55.19 81.67 7.55
N LEU KB 59 -56.04 80.68 7.87
CA LEU KB 59 -57.46 80.95 8.00
C LEU KB 59 -57.75 81.86 9.18
N LYS KB 60 -57.05 81.64 10.30
CA LYS KB 60 -57.30 82.43 11.49
C LYS KB 60 -56.95 83.90 11.28
N VAL KB 61 -55.81 84.17 10.64
CA VAL KB 61 -55.41 85.56 10.41
C VAL KB 61 -56.34 86.22 9.39
N PHE KB 62 -56.80 85.45 8.40
CA PHE KB 62 -57.71 86.01 7.40
C PHE KB 62 -59.04 86.39 8.02
N LEU KB 63 -59.60 85.49 8.85
CA LEU KB 63 -60.85 85.80 9.52
C LEU KB 63 -60.68 86.96 10.50
N GLU KB 64 -59.55 87.00 11.21
CA GLU KB 64 -59.33 88.06 12.19
C GLU KB 64 -59.30 89.43 11.50
N ASN KB 65 -58.67 89.52 10.34
CA ASN KB 65 -58.67 90.77 9.60
C ASN KB 65 -60.08 91.18 9.18
N VAL KB 66 -60.86 90.23 8.68
CA VAL KB 66 -62.22 90.54 8.25
C VAL KB 66 -63.12 90.80 9.45
N ILE KB 67 -63.00 89.98 10.49
CA ILE KB 67 -63.91 90.10 11.64
C ILE KB 67 -63.63 91.39 12.41
N ARG KB 68 -62.37 91.84 12.40
CA ARG KB 68 -62.05 93.12 13.03
C ARG KB 68 -62.78 94.26 12.33
N ASP KB 69 -62.82 94.21 11.00
CA ASP KB 69 -63.54 95.24 10.23
C ASP KB 69 -65.05 95.07 10.39
N ALA KB 70 -65.52 93.83 10.47
CA ALA KB 70 -66.96 93.58 10.55
C ALA KB 70 -67.53 94.08 11.86
N VAL KB 71 -66.89 93.76 12.98
CA VAL KB 71 -67.38 94.21 14.28
C VAL KB 71 -67.27 95.72 14.40
N THR KB 72 -66.32 96.33 13.69
CA THR KB 72 -66.19 97.79 13.73
C THR KB 72 -67.41 98.47 13.11
N TYR KB 73 -67.90 97.93 11.98
CA TYR KB 73 -69.14 98.45 11.42
C TYR KB 73 -70.31 98.19 12.36
N THR KB 74 -70.36 97.00 12.95
CA THR KB 74 -71.45 96.64 13.84
C THR KB 74 -71.50 97.56 15.07
N GLU KB 75 -70.32 97.88 15.63
CA GLU KB 75 -70.27 98.81 16.76
C GLU KB 75 -70.76 100.18 16.35
N HIS KB 76 -70.43 100.63 15.13
CA HIS KB 76 -70.90 101.92 14.65
C HIS KB 76 -72.41 101.93 14.47
N ALA KB 77 -73.01 100.77 14.19
CA ALA KB 77 -74.45 100.67 14.02
C ALA KB 77 -75.20 100.56 15.35
N LYS KB 78 -74.47 100.47 16.47
CA LYS KB 78 -75.08 100.38 17.80
C LYS KB 78 -76.03 99.18 17.90
N ARG KB 79 -75.61 98.05 17.34
CA ARG KB 79 -76.41 96.83 17.39
C ARG KB 79 -75.51 95.66 17.77
N LYS KB 80 -76.13 94.61 18.31
CA LYS KB 80 -75.42 93.43 18.76
C LYS KB 80 -75.44 92.30 17.74
N THR KB 81 -75.96 92.54 16.54
CA THR KB 81 -76.03 91.53 15.50
C THR KB 81 -75.21 91.99 14.31
N VAL KB 82 -74.42 91.07 13.76
CA VAL KB 82 -73.60 91.35 12.59
C VAL KB 82 -74.30 90.79 11.35
N THR KB 83 -74.49 91.65 10.35
CA THR KB 83 -75.19 91.28 9.13
C THR KB 83 -74.19 91.06 8.01
N ALA KB 84 -74.69 90.51 6.90
CA ALA KB 84 -73.84 90.27 5.74
C ALA KB 84 -73.39 91.58 5.09
N MET KB 85 -74.15 92.66 5.30
CA MET KB 85 -73.76 93.95 4.73
C MET KB 85 -72.43 94.42 5.31
N ASP KB 86 -72.25 94.25 6.63
CA ASP KB 86 -70.98 94.61 7.26
C ASP KB 86 -69.84 93.73 6.73
N VAL KB 87 -70.12 92.44 6.53
CA VAL KB 87 -69.10 91.53 6.01
C VAL KB 87 -68.73 91.93 4.58
N VAL KB 88 -69.73 92.26 3.76
CA VAL KB 88 -69.46 92.68 2.39
C VAL KB 88 -68.63 93.96 2.36
N TYR KB 89 -68.97 94.91 3.24
CA TYR KB 89 -68.19 96.15 3.33
C TYR KB 89 -66.75 95.85 3.73
N ALA KB 90 -66.57 94.94 4.69
CA ALA KB 90 -65.22 94.56 5.10
C ALA KB 90 -64.46 93.89 3.95
N LEU KB 91 -65.14 93.00 3.23
CA LEU KB 91 -64.46 92.28 2.15
C LEU KB 91 -64.18 93.18 0.96
N LYS KB 92 -65.10 94.09 0.64
CA LYS KB 92 -64.90 94.99 -0.50
C LYS KB 92 -63.69 95.89 -0.30
N ARG KB 93 -63.53 96.44 0.90
CA ARG KB 93 -62.41 97.31 1.20
C ARG KB 93 -61.09 96.56 1.25
N GLN KB 94 -61.11 95.28 1.62
CA GLN KB 94 -59.90 94.49 1.78
C GLN KB 94 -59.37 93.93 0.46
N GLY KB 95 -60.04 94.20 -0.66
CA GLY KB 95 -59.65 93.62 -1.92
C GLY KB 95 -60.21 92.23 -2.17
N ARG KB 96 -61.14 91.79 -1.33
CA ARG KB 96 -61.75 90.46 -1.44
C ARG KB 96 -63.24 90.61 -1.64
N THR KB 97 -63.63 91.53 -2.53
CA THR KB 97 -65.03 91.91 -2.67
C THR KB 97 -65.90 90.71 -3.03
N LEU KB 98 -67.02 90.57 -2.33
CA LEU KB 98 -67.97 89.49 -2.51
C LEU KB 98 -69.25 90.06 -3.10
N TYR KB 99 -69.50 89.76 -4.38
CA TYR KB 99 -70.70 90.24 -5.06
C TYR KB 99 -71.95 89.47 -4.65
N GLY KB 100 -71.82 88.34 -3.98
CA GLY KB 100 -72.97 87.58 -3.53
C GLY KB 100 -73.57 88.13 -2.26
N PHE KB 101 -74.72 87.56 -1.90
CA PHE KB 101 -75.44 87.94 -0.68
C PHE KB 101 -75.80 89.42 -0.68
N GLY KB 102 -76.16 89.94 -1.85
CA GLY KB 102 -76.61 91.31 -1.98
C GLY KB 102 -78.11 91.44 -1.79
N GLY KB 103 -78.57 92.68 -1.84
CA GLY KB 103 -79.98 92.98 -1.70
C GLY KB 103 -80.83 92.48 -2.85
N SER LB 2 -56.74 -96.95 84.66
CA SER LB 2 -57.07 -98.00 83.71
C SER LB 2 -55.99 -98.11 82.62
N GLY LB 3 -55.91 -97.09 81.77
CA GLY LB 3 -54.92 -97.06 80.71
C GLY LB 3 -53.50 -97.07 81.23
N ARG LB 4 -52.67 -97.95 80.68
CA ARG LB 4 -51.28 -98.08 81.10
C ARG LB 4 -50.34 -97.14 80.35
N GLY LB 5 -50.86 -96.33 79.43
CA GLY LB 5 -50.03 -95.41 78.69
C GLY LB 5 -50.87 -94.43 77.91
N LYS LB 6 -50.24 -93.32 77.50
CA LYS LB 6 -50.96 -92.30 76.74
C LYS LB 6 -51.16 -92.72 75.29
N GLY LB 7 -50.21 -93.48 74.74
CA GLY LB 7 -50.26 -93.90 73.36
C GLY LB 7 -51.09 -95.15 73.15
N GLY LB 8 -51.06 -95.64 71.92
CA GLY LB 8 -51.77 -96.84 71.53
C GLY LB 8 -50.95 -98.12 71.61
N LYS LB 9 -49.80 -98.08 72.27
CA LYS LB 9 -48.95 -99.26 72.37
C LYS LB 9 -49.66 -100.38 73.12
N GLY LB 10 -50.31 -100.05 74.23
CA GLY LB 10 -50.93 -101.03 75.09
C GLY LB 10 -52.36 -101.33 74.71
N LEU LB 11 -53.08 -101.94 75.66
CA LEU LB 11 -54.42 -102.46 75.42
C LEU LB 11 -55.45 -101.38 75.75
N GLY LB 12 -56.15 -100.90 74.73
CA GLY LB 12 -57.35 -100.09 74.89
C GLY LB 12 -57.20 -98.84 75.74
N LYS LB 13 -56.12 -98.09 75.54
CA LYS LB 13 -55.95 -96.84 76.28
C LYS LB 13 -56.98 -95.80 75.87
N GLY LB 14 -57.27 -95.71 74.59
CA GLY LB 14 -58.26 -94.77 74.10
C GLY LB 14 -59.04 -95.29 72.91
N GLY LB 15 -60.31 -94.90 72.81
CA GLY LB 15 -61.13 -95.33 71.70
C GLY LB 15 -61.42 -96.81 71.67
N ALA LB 16 -61.60 -97.42 72.84
CA ALA LB 16 -61.97 -98.83 72.91
C ALA LB 16 -63.47 -98.96 72.66
N LYS LB 17 -63.83 -99.49 71.49
CA LYS LB 17 -65.22 -99.52 71.05
C LYS LB 17 -65.74 -100.96 71.05
N ARG LB 18 -66.93 -101.15 71.62
CA ARG LB 18 -67.61 -102.43 71.60
C ARG LB 18 -69.05 -102.32 71.11
N HIS LB 19 -69.61 -101.13 71.04
CA HIS LB 19 -70.96 -100.91 70.53
C HIS LB 19 -70.87 -100.69 69.02
N ARG LB 20 -71.70 -101.40 68.27
CA ARG LB 20 -71.64 -101.39 66.81
C ARG LB 20 -72.90 -100.71 66.26
N LYS LB 21 -72.83 -99.37 66.17
CA LYS LB 21 -73.80 -98.49 65.52
C LYS LB 21 -75.24 -98.96 65.64
N VAL LB 22 -75.69 -99.26 66.86
CA VAL LB 22 -77.10 -99.54 67.08
C VAL LB 22 -77.92 -98.26 66.90
N LEU LB 23 -77.50 -97.17 67.54
CA LEU LB 23 -78.14 -95.87 67.40
C LEU LB 23 -77.11 -94.75 67.30
N ARG LB 24 -75.84 -95.09 67.05
CA ARG LB 24 -74.75 -94.12 67.03
C ARG LB 24 -73.92 -94.29 65.77
N ASP LB 25 -73.36 -93.18 65.30
CA ASP LB 25 -72.39 -93.20 64.20
C ASP LB 25 -72.95 -93.83 62.93
N ASN LB 26 -74.28 -93.85 62.80
CA ASN LB 26 -74.89 -94.40 61.59
C ASN LB 26 -74.55 -93.55 60.37
N ILE LB 27 -74.60 -92.23 60.51
CA ILE LB 27 -74.16 -91.36 59.43
C ILE LB 27 -72.66 -91.47 59.20
N GLN LB 28 -71.89 -91.67 60.28
CA GLN LB 28 -70.46 -91.81 60.16
C GLN LB 28 -70.09 -93.25 59.78
N GLY LB 29 -70.69 -93.76 58.73
CA GLY LB 29 -70.36 -95.09 58.23
C GLY LB 29 -69.38 -95.03 57.09
N ILE LB 30 -69.04 -93.81 56.67
CA ILE LB 30 -68.09 -93.58 55.59
C ILE LB 30 -66.79 -93.09 56.22
N THR LB 31 -65.74 -93.87 56.09
CA THR LB 31 -64.46 -93.58 56.73
C THR LB 31 -63.60 -92.69 55.83
N LYS LB 32 -62.45 -92.29 56.37
CA LYS LB 32 -61.57 -91.37 55.64
C LYS LB 32 -61.04 -91.97 54.33
N PRO LB 33 -60.51 -93.20 54.29
CA PRO LB 33 -60.11 -93.75 52.98
C PRO LB 33 -61.26 -93.88 52.00
N ALA LB 34 -62.48 -94.11 52.48
CA ALA LB 34 -63.63 -94.18 51.58
C ALA LB 34 -63.86 -92.86 50.88
N ILE LB 35 -63.76 -91.75 51.61
CA ILE LB 35 -63.86 -90.44 50.99
C ILE LB 35 -62.66 -90.20 50.07
N ARG LB 36 -61.47 -90.64 50.48
CA ARG LB 36 -60.29 -90.49 49.64
C ARG LB 36 -60.43 -91.27 48.34
N ARG LB 37 -60.94 -92.51 48.42
CA ARG LB 37 -61.08 -93.32 47.22
C ARG LB 37 -62.06 -92.69 46.23
N LEU LB 38 -63.14 -92.09 46.74
CA LEU LB 38 -64.05 -91.35 45.86
C LEU LB 38 -63.35 -90.17 45.22
N ALA LB 39 -62.51 -89.47 45.98
CA ALA LB 39 -61.74 -88.37 45.41
C ALA LB 39 -60.75 -88.87 44.36
N ARG LB 40 -60.11 -90.01 44.61
CA ARG LB 40 -59.14 -90.55 43.66
C ARG LB 40 -59.81 -90.92 42.35
N ARG LB 41 -61.00 -91.53 42.41
CA ARG LB 41 -61.72 -91.84 41.17
C ARG LB 41 -62.15 -90.58 40.45
N GLY LB 42 -62.27 -89.46 41.16
CA GLY LB 42 -62.53 -88.17 40.57
C GLY LB 42 -61.30 -87.41 40.14
N GLY LB 43 -60.12 -88.01 40.25
CA GLY LB 43 -58.89 -87.32 39.86
C GLY LB 43 -58.41 -86.28 40.82
N VAL LB 44 -58.73 -86.41 42.11
CA VAL LB 44 -58.31 -85.45 43.13
C VAL LB 44 -57.03 -85.93 43.78
N LYS LB 45 -56.04 -85.04 43.86
CA LYS LB 45 -54.76 -85.38 44.47
C LYS LB 45 -54.77 -85.17 45.98
N ARG LB 46 -55.32 -84.05 46.44
CA ARG LB 46 -55.31 -83.72 47.86
C ARG LB 46 -56.64 -83.07 48.23
N ILE LB 47 -57.15 -83.44 49.41
CA ILE LB 47 -58.40 -82.89 49.92
C ILE LB 47 -58.14 -82.32 51.31
N SER LB 48 -59.02 -81.45 51.77
CA SER LB 48 -58.87 -80.83 53.08
C SER LB 48 -59.61 -81.63 54.14
N GLY LB 49 -59.40 -81.23 55.39
CA GLY LB 49 -60.06 -81.91 56.50
C GLY LB 49 -61.56 -81.69 56.51
N LEU LB 50 -62.00 -80.50 56.12
CA LEU LB 50 -63.43 -80.17 56.17
C LEU LB 50 -64.24 -80.95 55.16
N ILE LB 51 -63.60 -81.54 54.14
CA ILE LB 51 -64.35 -82.26 53.11
C ILE LB 51 -64.90 -83.57 53.66
N TYR LB 52 -64.30 -84.10 54.73
CA TYR LB 52 -64.80 -85.36 55.29
C TYR LB 52 -66.21 -85.21 55.84
N GLU LB 53 -66.47 -84.12 56.57
CA GLU LB 53 -67.82 -83.86 57.05
C GLU LB 53 -68.72 -83.32 55.95
N GLU LB 54 -68.16 -82.51 55.04
CA GLU LB 54 -68.96 -81.92 53.97
C GLU LB 54 -69.50 -82.99 53.03
N THR LB 55 -68.68 -83.99 52.68
CA THR LB 55 -69.14 -85.05 51.80
C THR LB 55 -70.28 -85.84 52.42
N ARG LB 56 -70.18 -86.11 53.73
CA ARG LB 56 -71.27 -86.81 54.41
C ARG LB 56 -72.55 -85.99 54.40
N GLY LB 57 -72.43 -84.68 54.61
CA GLY LB 57 -73.60 -83.81 54.49
C GLY LB 57 -74.18 -83.81 53.09
N VAL LB 58 -73.31 -83.76 52.08
CA VAL LB 58 -73.77 -83.87 50.70
C VAL LB 58 -74.35 -85.26 50.45
N LEU LB 59 -73.72 -86.28 51.01
CA LEU LB 59 -74.21 -87.64 50.83
C LEU LB 59 -75.61 -87.81 51.42
N LYS LB 60 -75.85 -87.25 52.60
CA LYS LB 60 -77.16 -87.37 53.23
C LYS LB 60 -78.24 -86.69 52.39
N VAL LB 61 -77.90 -85.55 51.78
CA VAL LB 61 -78.88 -84.82 50.96
C VAL LB 61 -79.32 -85.66 49.77
N PHE LB 62 -78.34 -86.29 49.09
CA PHE LB 62 -78.67 -87.07 47.89
C PHE LB 62 -79.56 -88.26 48.22
N LEU LB 63 -79.22 -89.00 49.29
CA LEU LB 63 -80.04 -90.14 49.67
C LEU LB 63 -81.43 -89.70 50.12
N GLU LB 64 -81.51 -88.58 50.85
CA GLU LB 64 -82.81 -88.09 51.30
C GLU LB 64 -83.70 -87.72 50.12
N ASN LB 65 -83.15 -87.00 49.13
CA ASN LB 65 -83.94 -86.61 47.98
C ASN LB 65 -84.40 -87.81 47.17
N VAL LB 66 -83.52 -88.80 46.99
CA VAL LB 66 -83.88 -89.98 46.21
C VAL LB 66 -84.92 -90.82 46.95
N ILE LB 67 -84.70 -91.04 48.25
CA ILE LB 67 -85.59 -91.91 49.01
C ILE LB 67 -86.91 -91.22 49.36
N ARG LB 68 -86.99 -89.90 49.23
CA ARG LB 68 -88.27 -89.23 49.41
C ARG LB 68 -89.27 -89.67 48.34
N ASP LB 69 -88.79 -89.85 47.10
CA ASP LB 69 -89.63 -90.41 46.06
C ASP LB 69 -89.86 -91.90 46.25
N ALA LB 70 -88.87 -92.62 46.80
CA ALA LB 70 -88.97 -94.07 46.92
C ALA LB 70 -90.12 -94.47 47.86
N VAL LB 71 -90.27 -93.77 48.98
CA VAL LB 71 -91.34 -94.11 49.92
C VAL LB 71 -92.70 -93.81 49.29
N THR LB 72 -92.81 -92.72 48.54
CA THR LB 72 -94.04 -92.42 47.82
C THR LB 72 -94.29 -93.45 46.73
N TYR LB 73 -93.24 -93.85 46.00
CA TYR LB 73 -93.39 -94.87 44.98
C TYR LB 73 -93.80 -96.21 45.58
N THR LB 74 -93.16 -96.60 46.68
CA THR LB 74 -93.47 -97.89 47.29
C THR LB 74 -94.88 -97.92 47.88
N GLU LB 75 -95.30 -96.83 48.51
CA GLU LB 75 -96.62 -96.79 49.11
C GLU LB 75 -97.71 -96.77 48.03
N HIS LB 76 -97.42 -96.16 46.89
CA HIS LB 76 -98.41 -96.08 45.81
C HIS LB 76 -98.80 -97.46 45.30
N ALA LB 77 -97.81 -98.35 45.15
CA ALA LB 77 -98.06 -99.69 44.65
C ALA LB 77 -98.37 -100.69 45.75
N LYS LB 78 -98.44 -100.24 47.01
CA LYS LB 78 -98.70 -101.11 48.16
C LYS LB 78 -97.68 -102.24 48.27
N ARG LB 79 -96.45 -101.99 47.86
CA ARG LB 79 -95.45 -103.05 47.80
C ARG LB 79 -94.64 -103.13 49.08
N LYS LB 80 -94.48 -102.01 49.79
CA LYS LB 80 -93.84 -101.92 51.10
C LYS LB 80 -92.44 -102.54 51.12
N THR LB 81 -91.86 -102.78 49.96
CA THR LB 81 -90.52 -103.36 49.87
C THR LB 81 -89.85 -102.73 48.65
N VAL LB 82 -89.08 -101.68 48.89
CA VAL LB 82 -88.43 -100.96 47.79
C VAL LB 82 -87.46 -101.89 47.08
N THR LB 83 -87.61 -101.99 45.76
CA THR LB 83 -86.80 -102.86 44.92
C THR LB 83 -85.92 -102.01 44.00
N ALA LB 84 -85.22 -102.70 43.10
CA ALA LB 84 -84.33 -102.01 42.18
C ALA LB 84 -85.11 -101.06 41.27
N MET LB 85 -86.31 -101.45 40.86
CA MET LB 85 -87.11 -100.61 39.97
C MET LB 85 -87.45 -99.29 40.62
N ASP LB 86 -87.79 -99.30 41.92
CA ASP LB 86 -88.17 -98.07 42.61
C ASP LB 86 -87.01 -97.08 42.65
N VAL LB 87 -85.79 -97.57 42.86
CA VAL LB 87 -84.63 -96.68 42.90
C VAL LB 87 -84.43 -96.00 41.55
N VAL LB 88 -84.56 -96.76 40.46
CA VAL LB 88 -84.43 -96.18 39.13
C VAL LB 88 -85.52 -95.14 38.89
N TYR LB 89 -86.76 -95.47 39.27
CA TYR LB 89 -87.85 -94.51 39.13
C TYR LB 89 -87.59 -93.24 39.94
N ALA LB 90 -87.01 -93.39 41.14
CA ALA LB 90 -86.65 -92.24 41.93
C ALA LB 90 -85.41 -91.53 41.42
N LEU LB 91 -84.63 -92.18 40.54
CA LEU LB 91 -83.43 -91.60 39.97
C LEU LB 91 -83.62 -91.11 38.55
N LYS LB 92 -84.37 -91.86 37.73
CA LYS LB 92 -84.54 -91.50 36.32
C LYS LB 92 -85.23 -90.16 36.13
N ARG LB 93 -85.96 -89.69 37.14
CA ARG LB 93 -86.71 -88.45 37.00
C ARG LB 93 -85.78 -87.26 36.76
N GLN LB 94 -84.73 -87.13 37.57
CA GLN LB 94 -83.76 -86.06 37.41
C GLN LB 94 -82.36 -86.66 37.51
N GLY LB 95 -81.55 -86.45 36.48
CA GLY LB 95 -80.18 -86.93 36.43
C GLY LB 95 -80.03 -88.41 36.77
N ARG LB 96 -78.79 -88.82 37.07
CA ARG LB 96 -78.49 -90.10 37.73
C ARG LB 96 -79.29 -91.27 37.17
N THR LB 97 -79.54 -91.25 35.86
CA THR LB 97 -80.35 -92.28 35.22
C THR LB 97 -79.51 -93.55 35.10
N LEU LB 98 -79.62 -94.41 36.12
CA LEU LB 98 -78.83 -95.64 36.16
C LEU LB 98 -79.48 -96.72 35.31
N TYR LB 99 -78.69 -97.31 34.41
CA TYR LB 99 -79.15 -98.40 33.56
C TYR LB 99 -78.78 -99.78 34.11
N GLY LB 100 -78.18 -99.83 35.30
CA GLY LB 100 -77.66 -101.10 35.79
C GLY LB 100 -78.72 -102.15 36.03
N PHE LB 101 -79.84 -101.74 36.62
CA PHE LB 101 -80.91 -102.66 36.99
C PHE LB 101 -82.25 -102.17 36.47
N GLY LB 102 -83.16 -103.11 36.26
CA GLY LB 102 -84.47 -102.81 35.73
C GLY LB 102 -84.86 -103.71 34.57
N GLY LB 103 -86.14 -104.05 34.49
CA GLY LB 103 -86.63 -104.91 33.42
C GLY LB 103 -86.29 -106.37 33.63
N LYS MB 6 -64.82 34.42 -23.26
CA LYS MB 6 -64.47 33.04 -23.61
C LYS MB 6 -64.12 32.97 -25.09
N GLY MB 7 -63.22 32.06 -25.44
CA GLY MB 7 -62.91 31.80 -26.84
C GLY MB 7 -61.90 32.74 -27.45
N GLY MB 8 -61.35 32.37 -28.59
CA GLY MB 8 -60.44 33.22 -29.32
C GLY MB 8 -61.17 34.20 -30.21
N LYS MB 9 -60.39 35.09 -30.82
CA LYS MB 9 -60.94 36.07 -31.74
C LYS MB 9 -61.47 35.38 -33.00
N GLY MB 10 -62.49 35.99 -33.59
CA GLY MB 10 -63.06 35.48 -34.83
C GLY MB 10 -63.41 34.01 -34.77
N LEU MB 11 -63.07 33.28 -35.84
CA LEU MB 11 -63.25 31.83 -35.91
C LEU MB 11 -64.69 31.44 -35.57
N GLY MB 12 -64.86 30.40 -34.75
CA GLY MB 12 -66.17 29.99 -34.34
C GLY MB 12 -66.63 30.67 -33.06
N LYS MB 13 -67.93 30.57 -32.80
CA LYS MB 13 -68.56 31.08 -31.59
C LYS MB 13 -68.34 32.59 -31.49
N GLY MB 14 -68.68 33.28 -32.58
CA GLY MB 14 -68.69 34.73 -32.65
C GLY MB 14 -67.54 35.43 -31.94
N GLY MB 15 -66.32 35.22 -32.44
CA GLY MB 15 -65.14 35.69 -31.70
C GLY MB 15 -65.04 37.19 -31.61
N ALA MB 16 -65.27 37.88 -32.74
CA ALA MB 16 -65.08 39.33 -32.80
C ALA MB 16 -66.19 39.99 -33.61
N LYS MB 17 -67.44 39.58 -33.35
CA LYS MB 17 -68.57 40.05 -34.14
C LYS MB 17 -69.40 41.14 -33.45
N ARG MB 18 -69.16 41.40 -32.16
CA ARG MB 18 -69.87 42.42 -31.38
C ARG MB 18 -71.35 42.10 -31.21
N HIS MB 19 -71.94 42.60 -30.12
CA HIS MB 19 -73.37 42.42 -29.87
C HIS MB 19 -74.06 43.65 -29.31
N ARG MB 20 -73.34 44.74 -29.07
CA ARG MB 20 -73.95 45.96 -28.56
C ARG MB 20 -74.72 46.68 -29.67
N LYS MB 21 -75.58 47.59 -29.24
CA LYS MB 21 -76.58 48.21 -30.12
C LYS MB 21 -76.13 49.60 -30.57
N VAL MB 22 -77.05 50.31 -31.23
CA VAL MB 22 -76.77 51.62 -31.81
C VAL MB 22 -76.38 52.64 -30.76
N LEU MB 23 -76.72 52.39 -29.49
CA LEU MB 23 -76.34 53.29 -28.42
C LEU MB 23 -74.83 53.52 -28.42
N ARG MB 24 -74.44 54.79 -28.52
CA ARG MB 24 -73.03 55.18 -28.66
C ARG MB 24 -72.38 54.51 -29.86
N ASP MB 25 -73.11 54.44 -30.96
CA ASP MB 25 -72.63 53.90 -32.22
C ASP MB 25 -72.87 54.91 -33.35
N ASN MB 26 -72.76 54.46 -34.59
CA ASN MB 26 -72.98 55.26 -35.80
C ASN MB 26 -71.77 56.16 -36.06
N ILE MB 27 -71.90 57.07 -37.03
CA ILE MB 27 -70.87 57.97 -37.56
C ILE MB 27 -69.70 57.15 -38.10
N GLN MB 28 -69.34 56.06 -37.41
CA GLN MB 28 -68.37 55.09 -37.91
C GLN MB 28 -69.03 53.99 -38.71
N GLY MB 29 -70.34 54.10 -38.99
CA GLY MB 29 -71.02 53.09 -39.78
C GLY MB 29 -70.45 52.97 -41.19
N ILE MB 30 -69.74 53.99 -41.66
CA ILE MB 30 -69.06 53.93 -42.94
C ILE MB 30 -67.71 53.25 -42.72
N THR MB 31 -67.71 51.92 -42.79
CA THR MB 31 -66.53 51.11 -42.55
C THR MB 31 -65.78 50.91 -43.86
N LYS MB 32 -64.62 50.25 -43.77
CA LYS MB 32 -63.68 50.15 -44.88
C LYS MB 32 -64.34 49.61 -46.14
N PRO MB 33 -65.23 48.60 -46.06
CA PRO MB 33 -66.03 48.26 -47.24
C PRO MB 33 -66.77 49.44 -47.85
N ALA MB 34 -67.33 50.32 -47.02
CA ALA MB 34 -68.23 51.35 -47.52
C ALA MB 34 -67.50 52.38 -48.38
N ILE MB 35 -66.38 52.90 -47.87
CA ILE MB 35 -65.62 53.87 -48.67
C ILE MB 35 -65.02 53.18 -49.90
N ARG MB 36 -64.61 51.92 -49.76
CA ARG MB 36 -64.05 51.21 -50.90
C ARG MB 36 -65.07 51.08 -52.02
N ARG MB 37 -66.31 50.72 -51.68
CA ARG MB 37 -67.36 50.65 -52.70
C ARG MB 37 -67.62 52.02 -53.31
N LEU MB 38 -67.66 53.07 -52.47
CA LEU MB 38 -67.89 54.41 -52.99
C LEU MB 38 -66.72 54.88 -53.84
N ALA MB 39 -65.49 54.52 -53.44
CA ALA MB 39 -64.30 54.98 -54.17
C ALA MB 39 -64.28 54.44 -55.59
N ARG MB 40 -64.64 53.17 -55.77
CA ARG MB 40 -64.61 52.57 -57.10
C ARG MB 40 -65.63 53.21 -58.03
N ARG MB 41 -66.75 53.69 -57.48
CA ARG MB 41 -67.75 54.36 -58.32
C ARG MB 41 -67.18 55.63 -58.94
N GLY MB 42 -66.42 56.40 -58.16
CA GLY MB 42 -65.77 57.57 -58.72
C GLY MB 42 -64.63 57.24 -59.65
N GLY MB 43 -64.08 56.02 -59.53
CA GLY MB 43 -63.00 55.58 -60.38
C GLY MB 43 -61.64 55.66 -59.71
N VAL MB 44 -61.15 54.52 -59.23
CA VAL MB 44 -59.86 54.48 -58.55
C VAL MB 44 -59.36 53.04 -58.51
N LYS MB 45 -58.04 52.86 -58.52
CA LYS MB 45 -57.44 51.54 -58.41
C LYS MB 45 -56.96 51.26 -56.99
N ARG MB 46 -56.35 52.24 -56.33
CA ARG MB 46 -55.83 52.09 -54.98
C ARG MB 46 -56.07 53.37 -54.20
N ILE MB 47 -56.50 53.22 -52.95
CA ILE MB 47 -56.74 54.36 -52.06
C ILE MB 47 -55.90 54.18 -50.81
N SER MB 48 -55.63 55.29 -50.12
CA SER MB 48 -54.83 55.25 -48.91
C SER MB 48 -55.69 54.88 -47.70
N GLY MB 49 -55.02 54.43 -46.63
CA GLY MB 49 -55.75 54.06 -45.43
C GLY MB 49 -56.26 55.25 -44.65
N LEU MB 50 -55.66 56.42 -44.86
CA LEU MB 50 -56.10 57.61 -44.16
C LEU MB 50 -57.38 58.19 -44.73
N ILE MB 51 -57.81 57.73 -45.91
CA ILE MB 51 -59.03 58.25 -46.52
C ILE MB 51 -60.25 57.86 -45.71
N TYR MB 52 -60.17 56.77 -44.95
CA TYR MB 52 -61.33 56.31 -44.18
C TYR MB 52 -61.67 57.29 -43.08
N GLU MB 53 -60.67 57.87 -42.42
CA GLU MB 53 -60.94 58.82 -41.35
C GLU MB 53 -61.50 60.12 -41.87
N GLU MB 54 -60.99 60.60 -43.01
CA GLU MB 54 -61.44 61.89 -43.53
C GLU MB 54 -62.87 61.82 -44.07
N THR MB 55 -63.23 60.69 -44.70
CA THR MB 55 -64.56 60.56 -45.27
C THR MB 55 -65.64 60.70 -44.21
N ARG MB 56 -65.35 60.25 -42.98
CA ARG MB 56 -66.26 60.50 -41.87
C ARG MB 56 -66.37 61.99 -41.59
N GLY MB 57 -65.23 62.70 -41.58
CA GLY MB 57 -65.26 64.13 -41.39
C GLY MB 57 -65.86 64.88 -42.56
N VAL MB 58 -65.53 64.45 -43.79
CA VAL MB 58 -66.07 65.12 -44.97
C VAL MB 58 -67.58 64.96 -45.04
N LEU MB 59 -68.07 63.75 -44.75
CA LEU MB 59 -69.51 63.53 -44.75
C LEU MB 59 -70.20 64.36 -43.68
N LYS MB 60 -69.60 64.43 -42.49
CA LYS MB 60 -70.21 65.16 -41.38
C LYS MB 60 -70.36 66.64 -41.70
N VAL MB 61 -69.34 67.23 -42.33
CA VAL MB 61 -69.38 68.67 -42.64
C VAL MB 61 -70.49 68.96 -43.63
N PHE MB 62 -70.62 68.13 -44.67
CA PHE MB 62 -71.67 68.36 -45.67
C PHE MB 62 -73.06 68.22 -45.05
N LEU MB 63 -73.26 67.22 -44.20
CA LEU MB 63 -74.54 67.05 -43.54
C LEU MB 63 -74.84 68.23 -42.62
N GLU MB 64 -73.80 68.76 -41.95
CA GLU MB 64 -74.01 69.87 -41.02
C GLU MB 64 -74.59 71.08 -41.73
N ASN MB 65 -74.08 71.39 -42.92
CA ASN MB 65 -74.59 72.53 -43.67
C ASN MB 65 -76.01 72.27 -44.18
N VAL MB 66 -76.27 71.06 -44.69
CA VAL MB 66 -77.57 70.76 -45.26
C VAL MB 66 -78.63 70.67 -44.16
N ILE MB 67 -78.32 69.96 -43.08
CA ILE MB 67 -79.31 69.74 -42.03
C ILE MB 67 -79.62 71.04 -41.29
N ARG MB 68 -78.59 71.87 -41.04
CA ARG MB 68 -78.82 73.13 -40.34
C ARG MB 68 -79.87 73.95 -41.04
N ASP MB 69 -79.81 74.03 -42.37
CA ASP MB 69 -80.86 74.71 -43.12
C ASP MB 69 -82.11 73.85 -43.24
N ALA MB 70 -81.95 72.53 -43.27
CA ALA MB 70 -83.12 71.65 -43.39
C ALA MB 70 -84.06 71.82 -42.20
N VAL MB 71 -83.49 71.94 -40.99
CA VAL MB 71 -84.32 72.18 -39.82
C VAL MB 71 -84.72 73.65 -39.71
N THR MB 72 -83.99 74.54 -40.38
CA THR MB 72 -84.32 75.96 -40.33
C THR MB 72 -85.63 76.25 -41.07
N TYR MB 73 -85.83 75.60 -42.23
CA TYR MB 73 -87.11 75.72 -42.90
C TYR MB 73 -88.23 75.12 -42.06
N THR MB 74 -87.97 73.97 -41.41
CA THR MB 74 -88.98 73.32 -40.59
C THR MB 74 -89.33 74.18 -39.38
N GLU MB 75 -88.35 74.87 -38.80
CA GLU MB 75 -88.61 75.74 -37.66
C GLU MB 75 -89.56 76.87 -38.04
N HIS MB 76 -89.35 77.48 -39.21
CA HIS MB 76 -90.23 78.54 -39.66
C HIS MB 76 -91.62 78.03 -40.03
N ALA MB 77 -91.76 76.75 -40.32
CA ALA MB 77 -93.04 76.16 -40.68
C ALA MB 77 -93.86 75.75 -39.46
N LYS MB 78 -93.32 75.93 -38.25
CA LYS MB 78 -94.01 75.55 -37.01
C LYS MB 78 -94.41 74.07 -37.03
N ARG MB 79 -93.51 73.23 -37.51
CA ARG MB 79 -93.74 71.80 -37.62
C ARG MB 79 -92.58 71.05 -36.98
N LYS MB 80 -92.75 69.74 -36.84
CA LYS MB 80 -91.71 68.86 -36.29
C LYS MB 80 -91.15 67.89 -37.32
N THR MB 81 -92.00 67.33 -38.18
CA THR MB 81 -91.53 66.43 -39.21
C THR MB 81 -90.79 67.22 -40.30
N VAL MB 82 -89.72 66.63 -40.82
CA VAL MB 82 -88.92 67.24 -41.88
C VAL MB 82 -89.37 66.62 -43.19
N THR MB 83 -90.01 67.42 -44.03
CA THR MB 83 -90.51 66.94 -45.32
C THR MB 83 -89.38 66.88 -46.34
N ALA MB 84 -89.63 66.15 -47.43
CA ALA MB 84 -88.66 66.07 -48.51
C ALA MB 84 -88.49 67.43 -49.18
N MET MB 85 -89.50 68.29 -49.12
CA MET MB 85 -89.38 69.62 -49.70
C MET MB 85 -88.30 70.43 -49.00
N ASP MB 86 -88.38 70.53 -47.68
CA ASP MB 86 -87.48 71.43 -46.94
C ASP MB 86 -86.02 71.08 -47.16
N VAL MB 87 -85.73 69.83 -47.52
CA VAL MB 87 -84.36 69.43 -47.82
C VAL MB 87 -83.89 70.05 -49.13
N VAL MB 88 -84.74 70.03 -50.16
CA VAL MB 88 -84.28 70.43 -51.49
C VAL MB 88 -84.09 71.94 -51.59
N TYR MB 89 -84.80 72.72 -50.76
CA TYR MB 89 -84.58 74.16 -50.77
C TYR MB 89 -83.18 74.48 -50.25
N ALA MB 90 -82.71 73.73 -49.26
CA ALA MB 90 -81.36 73.91 -48.76
C ALA MB 90 -80.32 73.60 -49.84
N LEU MB 91 -80.58 72.57 -50.64
CA LEU MB 91 -79.63 72.16 -51.68
C LEU MB 91 -79.57 73.18 -52.81
N LYS MB 92 -80.61 74.00 -52.96
CA LYS MB 92 -80.65 74.96 -54.07
C LYS MB 92 -79.64 76.08 -53.89
N ARG MB 93 -79.52 76.62 -52.67
CA ARG MB 93 -78.65 77.76 -52.44
C ARG MB 93 -77.19 77.42 -52.71
N GLN MB 94 -76.74 76.25 -52.24
CA GLN MB 94 -75.36 75.84 -52.45
C GLN MB 94 -75.09 75.39 -53.88
N GLY MB 95 -76.14 75.25 -54.71
CA GLY MB 95 -75.99 74.77 -56.06
C GLY MB 95 -76.09 73.27 -56.22
N ARG MB 96 -76.21 72.52 -55.13
CA ARG MB 96 -76.33 71.07 -55.19
C ARG MB 96 -77.78 70.62 -55.23
N THR MB 97 -78.56 71.20 -56.16
CA THR MB 97 -79.98 70.88 -56.23
C THR MB 97 -80.18 69.44 -56.67
N LEU MB 98 -81.23 68.81 -56.14
CA LEU MB 98 -81.54 67.41 -56.40
C LEU MB 98 -82.92 67.30 -57.02
N TYR MB 99 -83.02 66.56 -58.11
CA TYR MB 99 -84.28 66.33 -58.80
C TYR MB 99 -84.88 64.99 -58.39
N GLY MB 100 -86.21 64.93 -58.41
CA GLY MB 100 -86.93 63.72 -58.04
C GLY MB 100 -87.77 63.86 -56.78
N PHE MB 101 -87.76 65.00 -56.10
CA PHE MB 101 -88.55 65.21 -54.91
C PHE MB 101 -89.30 66.52 -55.02
N GLY MB 102 -90.46 66.59 -54.36
CA GLY MB 102 -91.29 67.77 -54.38
C GLY MB 102 -92.29 67.85 -55.51
N ARG NB 4 92.02 -3.72 78.97
CA ARG NB 4 91.48 -2.44 79.42
C ARG NB 4 90.41 -2.66 80.49
N GLY NB 5 90.02 -1.57 81.15
CA GLY NB 5 89.00 -1.63 82.18
C GLY NB 5 88.08 -0.45 82.09
N LYS NB 6 86.84 -0.65 82.54
CA LYS NB 6 85.81 0.37 82.48
C LYS NB 6 85.64 1.13 83.79
N GLY NB 7 86.45 0.83 84.79
CA GLY NB 7 86.40 1.57 86.05
C GLY NB 7 85.11 1.43 86.82
N GLY NB 8 84.61 0.21 86.96
CA GLY NB 8 83.41 -0.03 87.75
C GLY NB 8 83.72 -0.60 89.11
N LYS NB 9 83.41 0.14 90.18
CA LYS NB 9 83.77 -0.26 91.54
C LYS NB 9 82.66 -1.05 92.22
N GLY NB 10 81.49 -0.44 92.41
CA GLY NB 10 80.41 -1.13 93.08
C GLY NB 10 79.77 -2.21 92.22
N LEU NB 11 79.58 -1.93 90.94
CA LEU NB 11 78.96 -2.85 90.00
C LEU NB 11 80.02 -3.36 89.04
N GLY NB 12 80.14 -4.68 88.93
CA GLY NB 12 81.11 -5.24 88.02
C GLY NB 12 80.56 -5.45 86.63
N LYS NB 13 80.80 -4.48 85.75
CA LYS NB 13 80.32 -4.51 84.37
C LYS NB 13 81.24 -3.65 83.53
N GLY NB 14 81.18 -3.86 82.22
CA GLY NB 14 81.98 -3.07 81.30
C GLY NB 14 81.20 -2.49 80.15
N GLY NB 15 81.13 -1.16 80.07
CA GLY NB 15 80.52 -0.50 78.94
C GLY NB 15 79.05 -0.83 78.80
N ALA NB 16 78.60 -0.91 77.55
CA ALA NB 16 77.21 -1.20 77.24
C ALA NB 16 77.15 -2.16 76.05
N LYS NB 17 76.03 -2.87 75.93
CA LYS NB 17 75.82 -3.84 74.86
C LYS NB 17 76.91 -4.90 74.85
N ARG NB 18 77.32 -5.33 76.05
CA ARG NB 18 78.43 -6.27 76.19
C ARG NB 18 78.08 -7.49 77.03
N HIS NB 19 77.29 -7.31 78.09
CA HIS NB 19 76.93 -8.41 78.99
C HIS NB 19 75.43 -8.42 79.22
N ARG NB 20 74.92 -9.60 79.55
CA ARG NB 20 73.49 -9.82 79.74
C ARG NB 20 73.22 -10.27 81.17
N LYS NB 21 72.15 -9.73 81.74
CA LYS NB 21 71.76 -10.07 83.10
C LYS NB 21 70.24 -10.11 83.17
N VAL NB 22 69.68 -11.32 83.25
CA VAL NB 22 68.25 -11.51 83.42
C VAL NB 22 68.03 -12.89 84.02
N LEU NB 23 67.14 -12.97 85.00
CA LEU NB 23 66.89 -14.23 85.68
C LEU NB 23 65.48 -14.24 86.25
N ARG NB 24 64.91 -15.43 86.33
CA ARG NB 24 63.61 -15.67 86.95
C ARG NB 24 63.65 -17.05 87.57
N ASP NB 25 62.49 -17.63 87.87
CA ASP NB 25 62.44 -18.97 88.44
C ASP NB 25 63.14 -19.98 87.56
N ASN NB 26 64.22 -20.56 88.08
CA ASN NB 26 64.96 -21.61 87.40
C ASN NB 26 64.88 -22.94 88.12
N ILE NB 27 64.11 -23.03 89.20
CA ILE NB 27 63.90 -24.30 89.88
C ILE NB 27 63.20 -25.29 88.95
N GLN NB 28 62.40 -24.78 88.01
CA GLN NB 28 61.76 -25.65 87.03
C GLN NB 28 62.76 -26.26 86.06
N GLY NB 29 63.99 -25.74 86.01
CA GLY NB 29 65.04 -26.39 85.24
C GLY NB 29 65.33 -27.80 85.70
N ILE NB 30 65.05 -28.10 86.97
CA ILE NB 30 65.13 -29.48 87.48
C ILE NB 30 63.81 -30.13 87.05
N THR NB 31 63.84 -30.76 85.88
CA THR NB 31 62.63 -31.29 85.28
C THR NB 31 62.28 -32.64 85.88
N LYS NB 32 61.24 -33.27 85.30
CA LYS NB 32 60.78 -34.57 85.81
C LYS NB 32 61.86 -35.65 85.73
N PRO NB 33 62.57 -35.86 84.62
CA PRO NB 33 63.61 -36.90 84.61
C PRO NB 33 64.71 -36.66 85.63
N ALA NB 34 65.07 -35.40 85.88
CA ALA NB 34 66.11 -35.12 86.87
C ALA NB 34 65.68 -35.54 88.26
N ILE NB 35 64.42 -35.26 88.62
CA ILE NB 35 63.91 -35.68 89.93
C ILE NB 35 63.75 -37.19 89.96
N ARG NB 36 63.31 -37.79 88.85
CA ARG NB 36 63.15 -39.24 88.79
C ARG NB 36 64.49 -39.95 88.99
N ARG NB 37 65.55 -39.44 88.37
CA ARG NB 37 66.86 -40.08 88.51
C ARG NB 37 67.36 -40.03 89.95
N LEU NB 38 67.18 -38.88 90.62
CA LEU NB 38 67.61 -38.78 92.01
C LEU NB 38 66.82 -39.72 92.90
N ALA NB 39 65.51 -39.83 92.69
CA ALA NB 39 64.69 -40.75 93.47
C ALA NB 39 65.09 -42.19 93.22
N ARG NB 40 65.41 -42.53 91.96
CA ARG NB 40 65.80 -43.90 91.65
C ARG NB 40 67.15 -44.26 92.27
N ARG NB 41 68.02 -43.27 92.49
CA ARG NB 41 69.29 -43.55 93.15
C ARG NB 41 69.07 -44.07 94.57
N GLY NB 42 68.16 -43.44 95.31
CA GLY NB 42 67.77 -43.98 96.60
C GLY NB 42 67.02 -45.29 96.47
N GLY NB 43 66.23 -45.45 95.41
CA GLY NB 43 65.49 -46.67 95.17
C GLY NB 43 63.99 -46.48 95.35
N VAL NB 44 63.28 -46.31 94.23
CA VAL NB 44 61.83 -46.13 94.24
C VAL NB 44 61.24 -46.90 93.06
N LYS NB 45 59.91 -46.95 93.02
CA LYS NB 45 59.18 -47.62 91.95
C LYS NB 45 58.29 -46.67 91.17
N ARG NB 46 57.47 -45.88 91.86
CA ARG NB 46 56.54 -44.97 91.21
C ARG NB 46 56.58 -43.62 91.91
N ILE NB 47 56.12 -42.60 91.19
CA ILE NB 47 56.04 -41.23 91.70
C ILE NB 47 54.60 -40.75 91.55
N SER NB 48 54.05 -40.19 92.64
CA SER NB 48 52.66 -39.71 92.61
C SER NB 48 52.48 -38.57 91.62
N GLY NB 49 53.41 -37.62 91.58
CA GLY NB 49 53.30 -36.49 90.68
C GLY NB 49 53.51 -35.16 91.36
N LEU NB 50 53.05 -35.03 92.60
CA LEU NB 50 53.31 -33.81 93.36
C LEU NB 50 54.72 -33.79 93.95
N ILE NB 51 55.45 -34.90 93.87
CA ILE NB 51 56.83 -34.93 94.34
C ILE NB 51 57.71 -34.01 93.50
N TYR NB 52 57.38 -33.84 92.22
CA TYR NB 52 58.17 -32.97 91.35
C TYR NB 52 58.19 -31.54 91.88
N GLU NB 53 57.04 -31.04 92.33
CA GLU NB 53 57.01 -29.72 92.94
C GLU NB 53 57.63 -29.75 94.33
N GLU NB 54 57.45 -30.85 95.07
CA GLU NB 54 57.98 -30.92 96.42
C GLU NB 54 59.50 -31.09 96.42
N THR NB 55 60.03 -31.94 95.55
CA THR NB 55 61.47 -32.07 95.44
C THR NB 55 62.12 -30.76 94.99
N ARG NB 56 61.43 -30.04 94.10
CA ARG NB 56 61.87 -28.70 93.75
C ARG NB 56 61.83 -27.77 94.95
N GLY NB 57 60.77 -27.89 95.77
CA GLY NB 57 60.65 -27.03 96.93
C GLY NB 57 61.73 -27.28 97.97
N VAL NB 58 61.98 -28.56 98.29
CA VAL NB 58 62.99 -28.88 99.31
C VAL NB 58 64.39 -28.54 98.81
N LEU NB 59 64.62 -28.71 97.51
CA LEU NB 59 65.90 -28.30 96.94
C LEU NB 59 66.10 -26.80 97.08
N LYS NB 60 65.06 -26.02 96.82
CA LYS NB 60 65.14 -24.57 97.01
C LYS NB 60 65.34 -24.22 98.48
N VAL NB 61 64.62 -24.89 99.38
CA VAL NB 61 64.75 -24.62 100.80
C VAL NB 61 66.16 -24.95 101.29
N PHE NB 62 66.69 -26.09 100.87
CA PHE NB 62 68.06 -26.45 101.25
C PHE NB 62 69.06 -25.44 100.71
N LEU NB 63 68.89 -25.01 99.46
CA LEU NB 63 69.78 -24.01 98.89
C LEU NB 63 69.65 -22.68 99.60
N GLU NB 64 68.42 -22.31 99.97
CA GLU NB 64 68.22 -21.03 100.67
C GLU NB 64 68.97 -21.00 101.99
N ASN NB 65 68.94 -22.10 102.74
CA ASN NB 65 69.59 -22.12 104.05
C ASN NB 65 71.11 -22.13 103.91
N VAL NB 66 71.65 -22.94 103.00
CA VAL NB 66 73.10 -23.05 102.88
C VAL NB 66 73.69 -21.77 102.28
N ILE NB 67 72.99 -21.16 101.32
CA ILE NB 67 73.51 -19.94 100.71
C ILE NB 67 73.52 -18.79 101.72
N ARG NB 68 72.42 -18.65 102.48
CA ARG NB 68 72.41 -17.64 103.55
C ARG NB 68 73.56 -17.87 104.51
N ASP NB 69 73.85 -19.13 104.84
CA ASP NB 69 75.04 -19.43 105.63
C ASP NB 69 76.31 -19.11 104.85
N ALA NB 70 76.33 -19.42 103.56
CA ALA NB 70 77.55 -19.23 102.77
C ALA NB 70 77.87 -17.75 102.56
N VAL NB 71 76.87 -16.94 102.21
CA VAL NB 71 77.11 -15.53 101.93
C VAL NB 71 77.58 -14.80 103.18
N THR NB 72 77.09 -15.21 104.34
CA THR NB 72 77.49 -14.55 105.58
C THR NB 72 79.00 -14.68 105.81
N TYR NB 73 79.59 -15.80 105.40
CA TYR NB 73 81.04 -15.92 105.41
C TYR NB 73 81.68 -14.90 104.47
N THR NB 74 81.10 -14.72 103.29
CA THR NB 74 81.58 -13.71 102.35
C THR NB 74 81.11 -12.31 102.70
N GLU NB 75 80.26 -12.15 103.72
CA GLU NB 75 79.92 -10.83 104.21
C GLU NB 75 80.90 -10.38 105.29
N HIS NB 76 81.41 -11.33 106.09
CA HIS NB 76 82.42 -10.99 107.08
C HIS NB 76 83.69 -10.48 106.42
N ALA NB 77 84.15 -11.16 105.37
CA ALA NB 77 85.25 -10.68 104.55
C ALA NB 77 84.65 -9.84 103.43
N LYS NB 78 84.98 -8.55 103.41
CA LYS NB 78 84.26 -7.59 102.56
C LYS NB 78 84.66 -7.83 101.10
N ARG NB 79 84.07 -8.87 100.52
CA ARG NB 79 84.33 -9.22 99.13
C ARG NB 79 83.06 -9.78 98.52
N LYS NB 80 82.93 -9.64 97.20
CA LYS NB 80 81.85 -10.26 96.45
C LYS NB 80 82.22 -11.64 95.92
N THR NB 81 83.41 -12.13 96.28
CA THR NB 81 83.91 -13.41 95.80
C THR NB 81 83.53 -14.51 96.76
N VAL NB 82 82.93 -15.57 96.23
CA VAL NB 82 82.66 -16.79 97.00
C VAL NB 82 83.55 -17.88 96.45
N THR NB 83 83.71 -18.93 97.25
CA THR NB 83 84.59 -20.05 96.87
C THR NB 83 84.07 -21.32 97.51
N ALA NB 84 84.57 -22.45 97.01
CA ALA NB 84 84.20 -23.74 97.58
C ALA NB 84 84.60 -23.85 99.04
N MET NB 85 85.64 -23.11 99.45
CA MET NB 85 86.01 -23.07 100.85
C MET NB 85 84.90 -22.46 101.69
N ASP NB 86 84.30 -21.37 101.21
CA ASP NB 86 83.19 -20.76 101.94
C ASP NB 86 81.98 -21.71 101.99
N VAL NB 87 81.79 -22.51 100.95
CA VAL NB 87 80.63 -23.39 100.88
C VAL NB 87 80.74 -24.50 101.93
N VAL NB 88 81.91 -25.16 102.00
CA VAL NB 88 82.08 -26.24 102.95
C VAL NB 88 82.08 -25.70 104.38
N TYR NB 89 82.58 -24.48 104.57
CA TYR NB 89 82.54 -23.85 105.88
C TYR NB 89 81.11 -23.66 106.36
N ALA NB 90 80.22 -23.24 105.46
CA ALA NB 90 78.80 -23.12 105.80
C ALA NB 90 78.16 -24.48 106.01
N LEU NB 91 78.53 -25.47 105.19
CA LEU NB 91 77.89 -26.78 105.26
C LEU NB 91 78.32 -27.57 106.50
N LYS NB 92 79.51 -27.29 107.03
CA LYS NB 92 79.99 -28.04 108.19
C LYS NB 92 79.12 -27.81 109.41
N ARG NB 93 78.57 -26.59 109.54
CA ARG NB 93 77.71 -26.30 110.68
C ARG NB 93 76.42 -27.12 110.66
N GLN NB 94 75.84 -27.32 109.48
CA GLN NB 94 74.58 -28.03 109.35
C GLN NB 94 74.77 -29.54 109.19
N GLY NB 95 76.00 -30.03 109.21
CA GLY NB 95 76.27 -31.45 109.11
C GLY NB 95 76.47 -31.96 107.71
N ARG NB 96 76.28 -31.13 106.69
CA ARG NB 96 76.50 -31.54 105.30
C ARG NB 96 77.95 -31.32 104.89
N THR NB 97 78.87 -31.90 105.66
CA THR NB 97 80.29 -31.70 105.42
C THR NB 97 80.70 -32.25 104.07
N LEU NB 98 81.49 -31.46 103.34
CA LEU NB 98 81.94 -31.81 102.00
C LEU NB 98 83.45 -32.03 102.01
N TYR NB 99 83.88 -33.03 101.24
CA TYR NB 99 85.28 -33.41 101.14
C TYR NB 99 85.70 -33.42 99.68
N GLY NB 100 86.88 -32.89 99.39
CA GLY NB 100 87.41 -32.80 98.05
C GLY NB 100 87.30 -31.42 97.43
N PHE NB 101 86.39 -30.59 97.91
CA PHE NB 101 86.25 -29.22 97.44
C PHE NB 101 87.00 -28.22 98.32
N GLY NB 102 87.66 -28.69 99.37
CA GLY NB 102 88.39 -27.82 100.27
C GLY NB 102 88.24 -28.31 101.70
N GLY NB 103 89.27 -28.07 102.51
CA GLY NB 103 89.24 -28.49 103.93
C GLY NB 103 89.66 -27.37 104.85
N LYS OB 17 70.79 -47.74 -69.29
CA LYS OB 17 71.17 -46.54 -68.55
C LYS OB 17 70.93 -45.28 -69.37
N ARG OB 18 70.56 -45.46 -70.64
CA ARG OB 18 70.28 -44.35 -71.54
C ARG OB 18 68.79 -44.02 -71.47
N HIS OB 19 68.42 -43.37 -70.38
CA HIS OB 19 67.02 -43.00 -70.17
C HIS OB 19 66.57 -41.96 -71.19
N ARG OB 20 65.35 -42.11 -71.68
CA ARG OB 20 64.76 -41.16 -72.61
C ARG OB 20 63.36 -40.79 -72.14
N LYS OB 21 62.97 -39.56 -72.47
CA LYS OB 21 61.68 -39.00 -72.06
C LYS OB 21 60.94 -38.53 -73.29
N VAL OB 22 59.68 -38.96 -73.42
CA VAL OB 22 58.87 -38.57 -74.57
C VAL OB 22 58.78 -37.05 -74.64
N LEU OB 23 58.81 -36.52 -75.86
CA LEU OB 23 59.02 -35.08 -76.04
C LEU OB 23 57.91 -34.27 -75.38
N ARG OB 24 58.30 -33.43 -74.43
CA ARG OB 24 57.41 -32.49 -73.76
C ARG OB 24 57.85 -31.08 -74.12
N ASP OB 25 56.88 -30.18 -74.22
CA ASP OB 25 57.15 -28.81 -74.67
C ASP OB 25 57.98 -28.04 -73.65
N ASN OB 26 59.28 -27.91 -73.90
CA ASN OB 26 60.16 -27.11 -73.07
C ASN OB 26 60.45 -25.74 -73.67
N ILE OB 27 59.75 -25.38 -74.75
CA ILE OB 27 59.90 -24.05 -75.33
C ILE OB 27 59.44 -22.97 -74.37
N GLN OB 28 58.58 -23.32 -73.40
CA GLN OB 28 58.15 -22.38 -72.39
C GLN OB 28 59.28 -21.96 -71.45
N GLY OB 29 60.48 -22.50 -71.63
CA GLY OB 29 61.62 -22.05 -70.83
C GLY OB 29 61.93 -20.58 -71.04
N ILE OB 30 61.55 -20.04 -72.19
CA ILE OB 30 61.68 -18.61 -72.41
C ILE OB 30 60.69 -17.88 -71.51
N THR OB 31 61.21 -17.04 -70.61
CA THR OB 31 60.43 -16.42 -69.56
C THR OB 31 60.06 -15.00 -69.95
N LYS OB 32 59.09 -14.43 -69.22
CA LYS OB 32 58.60 -13.09 -69.52
C LYS OB 32 59.68 -12.02 -69.42
N PRO OB 33 60.52 -11.97 -68.37
CA PRO OB 33 61.64 -11.02 -68.40
C PRO OB 33 62.55 -11.20 -69.60
N ALA OB 34 62.79 -12.44 -70.03
CA ALA OB 34 63.60 -12.66 -71.23
C ALA OB 34 62.93 -12.05 -72.46
N ILE OB 35 61.61 -12.22 -72.58
CA ILE OB 35 60.88 -11.58 -73.67
C ILE OB 35 60.84 -10.07 -73.46
N ARG OB 36 60.71 -9.63 -72.21
CA ARG OB 36 60.74 -8.21 -71.90
C ARG OB 36 62.09 -7.59 -72.28
N ARG OB 37 63.18 -8.31 -71.98
CA ARG OB 37 64.51 -7.81 -72.34
C ARG OB 37 64.67 -7.68 -73.85
N LEU OB 38 64.19 -8.68 -74.60
CA LEU OB 38 64.25 -8.61 -76.05
C LEU OB 38 63.40 -7.46 -76.57
N ALA OB 39 62.21 -7.26 -76.01
CA ALA OB 39 61.37 -6.14 -76.41
C ALA OB 39 62.06 -4.81 -76.05
N ARG OB 40 62.64 -4.72 -74.87
CA ARG OB 40 63.33 -3.49 -74.47
C ARG OB 40 64.58 -3.27 -75.32
N ARG OB 41 65.21 -4.35 -75.80
CA ARG OB 41 66.31 -4.19 -76.74
C ARG OB 41 65.84 -3.59 -78.05
N GLY OB 42 64.59 -3.87 -78.44
CA GLY OB 42 64.04 -3.33 -79.68
C GLY OB 42 63.28 -2.04 -79.46
N GLY OB 43 63.51 -1.38 -78.34
CA GLY OB 43 62.86 -0.11 -78.06
C GLY OB 43 61.36 -0.20 -77.86
N VAL OB 44 60.89 -1.18 -77.10
CA VAL OB 44 59.47 -1.38 -76.85
C VAL OB 44 59.16 -0.92 -75.42
N LYS OB 45 58.19 -0.03 -75.28
CA LYS OB 45 57.82 0.46 -73.96
C LYS OB 45 56.95 -0.56 -73.22
N ARG OB 46 55.91 -1.06 -73.88
CA ARG OB 46 55.00 -2.03 -73.29
C ARG OB 46 54.73 -3.16 -74.28
N ILE OB 47 54.63 -4.37 -73.77
CA ILE OB 47 54.44 -5.57 -74.57
C ILE OB 47 53.20 -6.31 -74.08
N SER OB 48 52.37 -6.74 -75.03
CA SER OB 48 51.12 -7.40 -74.68
C SER OB 48 51.38 -8.77 -74.07
N GLY OB 49 50.42 -9.22 -73.26
CA GLY OB 49 50.58 -10.50 -72.57
C GLY OB 49 50.54 -11.69 -73.52
N LEU OB 50 49.67 -11.64 -74.54
CA LEU OB 50 49.55 -12.75 -75.46
C LEU OB 50 50.80 -12.92 -76.32
N ILE OB 51 51.51 -11.83 -76.58
CA ILE OB 51 52.71 -11.89 -77.42
C ILE OB 51 53.80 -12.73 -76.77
N TYR OB 52 53.80 -12.81 -75.43
CA TYR OB 52 54.76 -13.66 -74.73
C TYR OB 52 54.73 -15.09 -75.26
N GLU OB 53 53.53 -15.61 -75.53
CA GLU OB 53 53.41 -16.92 -76.16
C GLU OB 53 53.75 -16.86 -77.64
N GLU OB 54 53.33 -15.79 -78.32
CA GLU OB 54 53.59 -15.67 -79.75
C GLU OB 54 55.08 -15.55 -80.04
N THR OB 55 55.81 -14.81 -79.20
CA THR OB 55 57.25 -14.68 -79.39
C THR OB 55 57.94 -16.04 -79.30
N ARG OB 56 57.54 -16.87 -78.34
CA ARG OB 56 58.03 -18.24 -78.29
C ARG OB 56 57.51 -19.04 -79.48
N GLY OB 57 56.27 -18.76 -79.91
CA GLY OB 57 55.75 -19.43 -81.10
C GLY OB 57 56.51 -19.04 -82.36
N VAL OB 58 56.85 -17.76 -82.49
CA VAL OB 58 57.68 -17.32 -83.61
C VAL OB 58 59.06 -17.97 -83.53
N LEU OB 59 59.59 -18.11 -82.31
CA LEU OB 59 60.85 -18.81 -82.14
C LEU OB 59 60.77 -20.26 -82.60
N LYS OB 60 59.61 -20.90 -82.38
CA LYS OB 60 59.45 -22.29 -82.77
C LYS OB 60 59.50 -22.45 -84.29
N VAL OB 61 58.72 -21.66 -85.02
CA VAL OB 61 58.65 -21.80 -86.46
C VAL OB 61 59.97 -21.39 -87.11
N PHE OB 62 60.60 -20.33 -86.58
CA PHE OB 62 61.89 -19.92 -87.13
C PHE OB 62 62.95 -20.98 -86.89
N LEU OB 63 62.98 -21.55 -85.69
CA LEU OB 63 63.93 -22.62 -85.40
C LEU OB 63 63.65 -23.85 -86.25
N GLU OB 64 62.37 -24.21 -86.39
CA GLU OB 64 62.01 -25.44 -87.10
C GLU OB 64 62.47 -25.40 -88.54
N ASN OB 65 62.30 -24.26 -89.20
CA ASN OB 65 62.80 -24.11 -90.57
C ASN OB 65 64.32 -24.24 -90.62
N VAL OB 66 65.01 -23.69 -89.62
CA VAL OB 66 66.47 -23.70 -89.63
C VAL OB 66 67.00 -25.12 -89.45
N ILE OB 67 66.49 -25.84 -88.46
CA ILE OB 67 67.02 -27.18 -88.18
C ILE OB 67 66.66 -28.13 -89.30
N ARG OB 68 65.45 -28.00 -89.85
CA ARG OB 68 65.06 -28.81 -91.00
C ARG OB 68 66.06 -28.63 -92.15
N ASP OB 69 66.49 -27.39 -92.38
CA ASP OB 69 67.60 -27.17 -93.30
C ASP OB 69 68.90 -27.73 -92.74
N ALA OB 70 69.15 -27.52 -91.44
CA ALA OB 70 70.43 -27.91 -90.85
C ALA OB 70 70.63 -29.43 -90.86
N VAL OB 71 69.59 -30.18 -90.49
CA VAL OB 71 69.73 -31.63 -90.42
C VAL OB 71 69.96 -32.23 -91.79
N THR OB 72 69.45 -31.57 -92.84
CA THR OB 72 69.64 -32.09 -94.19
C THR OB 72 71.11 -32.03 -94.60
N TYR OB 73 71.82 -30.97 -94.19
CA TYR OB 73 73.25 -30.90 -94.44
C TYR OB 73 73.98 -32.03 -93.71
N THR OB 74 73.64 -32.25 -92.43
CA THR OB 74 74.31 -33.29 -91.66
C THR OB 74 73.97 -34.68 -92.19
N GLU OB 75 72.72 -34.88 -92.62
CA GLU OB 75 72.32 -36.16 -93.18
C GLU OB 75 73.10 -36.46 -94.46
N HIS OB 76 73.30 -35.44 -95.31
CA HIS OB 76 74.06 -35.62 -96.53
C HIS OB 76 75.52 -35.95 -96.26
N ALA OB 77 76.10 -35.42 -95.18
CA ALA OB 77 77.49 -35.64 -94.84
C ALA OB 77 77.69 -36.82 -93.89
N LYS OB 78 76.60 -37.46 -93.44
CA LYS OB 78 76.67 -38.60 -92.53
C LYS OB 78 77.44 -38.24 -91.25
N ARG OB 79 77.20 -37.04 -90.75
CA ARG OB 79 77.88 -36.52 -89.56
C ARG OB 79 76.84 -36.14 -88.52
N LYS OB 80 76.93 -36.76 -87.33
CA LYS OB 80 75.90 -36.57 -86.32
C LYS OB 80 75.98 -35.19 -85.70
N THR OB 81 77.19 -34.73 -85.35
CA THR OB 81 77.33 -33.44 -84.69
C THR OB 81 76.96 -32.30 -85.63
N VAL OB 82 76.42 -31.24 -85.05
CA VAL OB 82 75.98 -30.08 -85.82
C VAL OB 82 77.17 -29.13 -85.92
N THR OB 83 77.70 -28.98 -87.14
CA THR OB 83 78.85 -28.13 -87.37
C THR OB 83 78.43 -26.67 -87.49
N ALA OB 84 79.32 -25.78 -87.08
CA ALA OB 84 79.09 -24.35 -87.31
C ALA OB 84 79.03 -24.05 -88.80
N MET OB 85 79.82 -24.78 -89.60
CA MET OB 85 79.77 -24.60 -91.05
C MET OB 85 78.40 -24.92 -91.60
N ASP OB 86 77.80 -26.03 -91.15
CA ASP OB 86 76.51 -26.46 -91.68
C ASP OB 86 75.41 -25.47 -91.31
N VAL OB 87 75.51 -24.87 -90.11
CA VAL OB 87 74.50 -23.89 -89.70
C VAL OB 87 74.55 -22.66 -90.60
N VAL OB 88 75.75 -22.17 -90.91
CA VAL OB 88 75.88 -20.99 -91.76
C VAL OB 88 75.35 -21.28 -93.16
N TYR OB 89 75.63 -22.47 -93.69
CA TYR OB 89 75.13 -22.83 -95.01
C TYR OB 89 73.61 -22.78 -95.06
N ALA OB 90 72.94 -23.30 -94.03
CA ALA OB 90 71.50 -23.21 -93.95
C ALA OB 90 71.04 -21.76 -93.82
N LEU OB 91 71.75 -20.96 -93.01
CA LEU OB 91 71.35 -19.58 -92.80
C LEU OB 91 71.63 -18.71 -94.02
N LYS OB 92 72.71 -19.00 -94.75
CA LYS OB 92 73.04 -18.18 -95.92
C LYS OB 92 71.96 -18.24 -96.97
N ARG OB 93 71.39 -19.43 -97.19
CA ARG OB 93 70.28 -19.56 -98.13
C ARG OB 93 69.08 -18.73 -97.69
N GLN OB 94 68.64 -18.92 -96.45
CA GLN OB 94 67.46 -18.25 -95.94
C GLN OB 94 67.67 -16.74 -95.80
N GLY OB 95 68.90 -16.28 -95.95
CA GLY OB 95 69.22 -14.87 -95.81
C GLY OB 95 69.63 -14.44 -94.42
N ARG OB 96 69.54 -15.32 -93.44
CA ARG OB 96 69.92 -14.99 -92.07
C ARG OB 96 71.39 -15.29 -91.81
N THR OB 97 72.26 -14.79 -92.68
CA THR OB 97 73.68 -15.06 -92.55
C THR OB 97 74.24 -14.42 -91.28
N LEU OB 98 75.00 -15.20 -90.52
CA LEU OB 98 75.60 -14.76 -89.27
C LEU OB 98 77.12 -14.83 -89.40
N TYR OB 99 77.77 -13.68 -89.41
CA TYR OB 99 79.21 -13.65 -89.46
C TYR OB 99 79.81 -14.17 -88.16
N GLY OB 100 80.99 -14.76 -88.27
CA GLY OB 100 81.61 -15.40 -87.12
C GLY OB 100 81.27 -16.88 -87.05
N PHE OB 101 82.11 -17.61 -86.32
CA PHE OB 101 82.04 -19.06 -86.13
C PHE OB 101 82.29 -19.84 -87.40
N GLY OB 102 82.54 -19.17 -88.53
CA GLY OB 102 82.74 -19.84 -89.79
C GLY OB 102 83.94 -19.26 -90.53
N GLY OB 103 84.46 -20.08 -91.45
CA GLY OB 103 85.59 -19.67 -92.27
C GLY OB 103 85.71 -20.48 -93.54
N GLY PB 8 5.97 -30.56 125.40
CA GLY PB 8 5.85 -31.62 126.38
C GLY PB 8 7.13 -31.83 127.19
N LYS PB 9 7.42 -30.88 128.08
CA LYS PB 9 8.60 -30.96 128.92
C LYS PB 9 8.31 -30.56 130.36
N GLY PB 10 7.10 -30.85 130.84
CA GLY PB 10 6.77 -30.61 132.23
C GLY PB 10 5.89 -29.40 132.47
N LEU PB 11 4.73 -29.61 133.10
CA LEU PB 11 3.83 -28.53 133.47
C LEU PB 11 3.76 -28.34 134.99
N GLY PB 12 3.39 -29.40 135.72
CA GLY PB 12 3.34 -29.28 137.17
C GLY PB 12 4.70 -29.07 137.78
N LYS PB 13 5.69 -29.85 137.31
CA LYS PB 13 7.07 -29.73 137.77
C LYS PB 13 7.95 -29.40 136.57
N GLY PB 14 8.81 -28.39 136.72
CA GLY PB 14 9.63 -27.94 135.62
C GLY PB 14 10.81 -28.83 135.33
N GLY PB 15 10.75 -29.58 134.23
CA GLY PB 15 11.88 -30.40 133.83
C GLY PB 15 13.08 -29.57 133.40
N ALA PB 16 12.83 -28.47 132.72
CA ALA PB 16 13.88 -27.59 132.20
C ALA PB 16 14.09 -26.36 133.08
N LYS PB 17 13.94 -26.51 134.39
CA LYS PB 17 14.09 -25.42 135.33
C LYS PB 17 15.50 -25.41 135.93
N ARG PB 18 15.86 -24.27 136.51
CA ARG PB 18 17.19 -24.08 137.08
C ARG PB 18 17.06 -23.43 138.45
N HIS PB 19 18.11 -23.58 139.26
CA HIS PB 19 18.12 -22.96 140.58
C HIS PB 19 19.49 -22.39 140.96
N ARG PB 20 20.35 -22.08 139.99
CA ARG PB 20 21.68 -21.59 140.29
C ARG PB 20 21.75 -20.06 140.24
N LYS PB 21 21.26 -19.46 139.15
CA LYS PB 21 21.09 -18.02 139.02
C LYS PB 21 22.42 -17.26 139.01
N VAL PB 22 22.80 -16.69 140.16
CA VAL PB 22 23.81 -15.63 140.19
C VAL PB 22 25.20 -16.14 139.82
N LEU PB 23 25.41 -17.45 139.88
CA LEU PB 23 26.76 -17.99 139.71
C LEU PB 23 27.31 -17.69 138.32
N ARG PB 24 26.49 -17.83 137.28
CA ARG PB 24 26.97 -17.65 135.91
C ARG PB 24 25.95 -16.93 135.04
N ASP PB 25 26.15 -16.98 133.73
CA ASP PB 25 25.27 -16.35 132.75
C ASP PB 25 25.22 -14.83 132.92
N ASN PB 26 26.36 -14.21 133.19
CA ASN PB 26 26.39 -12.75 133.34
C ASN PB 26 26.19 -12.06 132.00
N ILE PB 27 26.91 -12.50 130.97
CA ILE PB 27 26.81 -11.87 129.66
C ILE PB 27 25.47 -12.19 129.01
N GLN PB 28 24.84 -13.30 129.41
CA GLN PB 28 23.56 -13.69 128.85
C GLN PB 28 22.38 -13.10 129.60
N GLY PB 29 22.61 -12.26 130.61
CA GLY PB 29 21.53 -11.64 131.34
C GLY PB 29 20.72 -10.66 130.53
N ILE PB 30 21.22 -10.26 129.35
CA ILE PB 30 20.46 -9.34 128.49
C ILE PB 30 19.16 -9.98 128.05
N THR PB 31 19.21 -11.25 127.62
CA THR PB 31 18.06 -12.03 127.19
C THR PB 31 17.38 -11.43 125.95
N LYS PB 32 16.46 -12.19 125.35
CA LYS PB 32 15.82 -11.77 124.10
C LYS PB 32 15.04 -10.47 124.23
N PRO PB 33 14.15 -10.28 125.21
CA PRO PB 33 13.30 -9.07 125.19
C PRO PB 33 14.07 -7.76 125.24
N ALA PB 34 15.20 -7.72 125.94
CA ALA PB 34 15.91 -6.46 126.08
C ALA PB 34 16.45 -5.97 124.73
N ILE PB 35 17.00 -6.88 123.93
CA ILE PB 35 17.47 -6.48 122.60
C ILE PB 35 16.29 -6.04 121.74
N ARG PB 36 15.15 -6.73 121.86
CA ARG PB 36 13.95 -6.29 121.17
C ARG PB 36 13.49 -4.94 121.70
N ARG PB 37 13.54 -4.74 123.02
CA ARG PB 37 13.12 -3.47 123.61
C ARG PB 37 13.99 -2.33 123.13
N LEU PB 38 15.31 -2.54 123.10
CA LEU PB 38 16.22 -1.49 122.66
C LEU PB 38 16.08 -1.22 121.17
N ALA PB 39 15.79 -2.26 120.38
CA ALA PB 39 15.59 -2.07 118.95
C ALA PB 39 14.34 -1.25 118.67
N ARG PB 40 13.31 -1.40 119.50
CA ARG PB 40 12.08 -0.63 119.31
C ARG PB 40 12.33 0.86 119.46
N ARG PB 41 13.17 1.25 120.43
CA ARG PB 41 13.55 2.65 120.55
C ARG PB 41 14.31 3.14 119.34
N GLY PB 42 14.94 2.24 118.59
CA GLY PB 42 15.62 2.56 117.35
C GLY PB 42 14.76 2.52 116.12
N GLY PB 43 13.44 2.39 116.28
CA GLY PB 43 12.54 2.31 115.15
C GLY PB 43 12.73 1.08 114.29
N VAL PB 44 12.84 -0.08 114.94
CA VAL PB 44 13.03 -1.36 114.26
C VAL PB 44 11.72 -2.14 114.35
N LYS PB 45 11.25 -2.62 113.20
CA LYS PB 45 9.98 -3.36 113.12
C LYS PB 45 10.16 -4.87 113.15
N ARG PB 46 11.20 -5.40 112.52
CA ARG PB 46 11.43 -6.84 112.48
C ARG PB 46 12.92 -7.11 112.68
N ILE PB 47 13.21 -8.26 113.30
CA ILE PB 47 14.58 -8.68 113.58
C ILE PB 47 14.74 -10.15 113.20
N SER PB 48 15.99 -10.55 113.00
CA SER PB 48 16.31 -11.94 112.68
C SER PB 48 16.74 -12.70 113.93
N GLY PB 49 16.92 -14.01 113.77
CA GLY PB 49 17.31 -14.85 114.88
C GLY PB 49 18.77 -14.81 115.26
N LEU PB 50 19.63 -14.31 114.39
CA LEU PB 50 21.06 -14.25 114.66
C LEU PB 50 21.51 -12.92 115.27
N ILE PB 51 20.60 -11.96 115.42
CA ILE PB 51 20.98 -10.65 115.93
C ILE PB 51 21.35 -10.73 117.41
N TYR PB 52 20.73 -11.66 118.16
CA TYR PB 52 20.98 -11.74 119.58
C TYR PB 52 22.40 -12.20 119.89
N GLU PB 53 22.91 -13.16 119.10
CA GLU PB 53 24.25 -13.67 119.35
C GLU PB 53 25.31 -12.60 119.14
N GLU PB 54 25.19 -11.83 118.06
CA GLU PB 54 26.19 -10.81 117.75
C GLU PB 54 26.02 -9.56 118.62
N THR PB 55 24.82 -9.34 119.15
CA THR PB 55 24.59 -8.16 119.99
C THR PB 55 25.42 -8.22 121.26
N ARG PB 56 25.51 -9.39 121.88
CA ARG PB 56 26.29 -9.53 123.11
C ARG PB 56 27.76 -9.21 122.88
N GLY PB 57 28.30 -9.62 121.73
CA GLY PB 57 29.67 -9.25 121.40
C GLY PB 57 29.84 -7.75 121.23
N VAL PB 58 28.84 -7.09 120.66
CA VAL PB 58 28.91 -5.64 120.47
C VAL PB 58 28.96 -4.93 121.81
N LEU PB 59 28.12 -5.36 122.77
CA LEU PB 59 28.13 -4.75 124.10
C LEU PB 59 29.47 -4.94 124.77
N LYS PB 60 30.06 -6.14 124.68
CA LYS PB 60 31.33 -6.40 125.34
C LYS PB 60 32.44 -5.53 124.76
N VAL PB 61 32.47 -5.37 123.43
CA VAL PB 61 33.52 -4.57 122.81
C VAL PB 61 33.40 -3.11 123.24
N PHE PB 62 32.18 -2.56 123.21
CA PHE PB 62 31.99 -1.17 123.60
C PHE PB 62 32.25 -0.97 125.09
N LEU PB 63 31.75 -1.88 125.93
CA LEU PB 63 31.94 -1.75 127.37
C LEU PB 63 33.41 -1.88 127.74
N GLU PB 64 34.12 -2.82 127.11
CA GLU PB 64 35.53 -3.03 127.44
C GLU PB 64 36.35 -1.78 127.12
N ASN PB 65 36.10 -1.15 125.97
CA ASN PB 65 36.85 0.04 125.60
C ASN PB 65 36.61 1.17 126.58
N VAL PB 66 35.37 1.36 127.02
CA VAL PB 66 35.06 2.41 127.98
C VAL PB 66 35.64 2.07 129.35
N ILE PB 67 35.47 0.83 129.79
CA ILE PB 67 35.92 0.45 131.13
C ILE PB 67 37.45 0.40 131.20
N ARG PB 68 38.11 0.12 130.08
CA ARG PB 68 39.56 0.10 130.07
C ARG PB 68 40.13 1.47 130.37
N ASP PB 69 39.53 2.52 129.79
CA ASP PB 69 39.92 3.88 130.16
C ASP PB 69 39.59 4.17 131.61
N ALA PB 70 38.42 3.72 132.06
CA ALA PB 70 38.00 3.96 133.45
C ALA PB 70 38.93 3.26 134.43
N VAL PB 71 39.40 2.05 134.08
CA VAL PB 71 40.36 1.36 134.93
C VAL PB 71 41.64 2.17 135.03
N THR PB 72 42.11 2.72 133.92
CA THR PB 72 43.30 3.57 133.95
C THR PB 72 43.05 4.84 134.76
N TYR PB 73 41.87 5.43 134.61
CA TYR PB 73 41.54 6.62 135.40
C TYR PB 73 41.51 6.31 136.89
N THR PB 74 40.91 5.17 137.27
CA THR PB 74 40.78 4.82 138.67
C THR PB 74 42.14 4.62 139.34
N GLU PB 75 43.05 3.93 138.66
CA GLU PB 75 44.37 3.67 139.23
C GLU PB 75 45.16 4.97 139.42
N HIS PB 76 44.98 5.92 138.51
CA HIS PB 76 45.70 7.19 138.62
C HIS PB 76 45.29 7.95 139.88
N ALA PB 77 44.00 7.98 140.19
CA ALA PB 77 43.51 8.71 141.36
C ALA PB 77 43.67 7.93 142.66
N LYS PB 78 44.11 6.67 142.60
CA LYS PB 78 44.26 5.81 143.77
C LYS PB 78 42.97 5.67 144.57
N ARG PB 79 41.83 5.85 143.92
CA ARG PB 79 40.55 5.80 144.62
C ARG PB 79 40.18 4.37 145.00
N LYS PB 80 40.58 3.40 144.18
CA LYS PB 80 40.22 1.98 144.26
C LYS PB 80 38.74 1.75 143.98
N THR PB 81 37.96 2.79 143.72
CA THR PB 81 36.57 2.67 143.32
C THR PB 81 36.31 3.60 142.15
N VAL PB 82 35.40 3.18 141.27
CA VAL PB 82 35.07 3.98 140.09
C VAL PB 82 34.00 5.00 140.48
N THR PB 83 34.22 6.25 140.12
CA THR PB 83 33.28 7.32 140.41
C THR PB 83 32.49 7.69 139.15
N ALA PB 84 31.46 8.51 139.35
CA ALA PB 84 30.60 8.91 138.23
C ALA PB 84 31.39 9.71 137.20
N MET PB 85 32.26 10.62 137.65
CA MET PB 85 33.02 11.45 136.73
C MET PB 85 34.04 10.63 135.94
N ASP PB 86 34.57 9.55 136.55
CA ASP PB 86 35.55 8.72 135.85
C ASP PB 86 34.95 8.08 134.61
N VAL PB 87 33.71 7.60 134.70
CA VAL PB 87 33.05 7.01 133.54
C VAL PB 87 32.83 8.08 132.46
N VAL PB 88 32.46 9.30 132.89
CA VAL PB 88 32.23 10.38 131.93
C VAL PB 88 33.52 10.72 131.19
N TYR PB 89 34.65 10.72 131.90
CA TYR PB 89 35.93 11.03 131.26
C TYR PB 89 36.25 10.01 130.17
N ALA PB 90 36.02 8.73 130.45
CA ALA PB 90 36.24 7.70 129.44
C ALA PB 90 35.32 7.89 128.23
N LEU PB 91 34.06 8.24 128.48
CA LEU PB 91 33.12 8.47 127.38
C LEU PB 91 33.42 9.76 126.65
N LYS PB 92 33.92 10.77 127.36
CA LYS PB 92 34.17 12.07 126.74
C LYS PB 92 35.24 11.97 125.66
N ARG PB 93 36.31 11.23 125.92
CA ARG PB 93 37.41 11.12 124.96
C ARG PB 93 37.03 10.28 123.74
N GLN PB 94 35.98 9.47 123.84
CA GLN PB 94 35.54 8.64 122.73
C GLN PB 94 34.41 9.26 121.93
N GLY PB 95 33.96 10.46 122.29
CA GLY PB 95 32.89 11.13 121.59
C GLY PB 95 31.51 10.86 122.12
N ARG PB 96 31.33 9.86 122.99
CA ARG PB 96 30.05 9.55 123.58
C ARG PB 96 29.86 10.27 124.91
N THR PB 97 30.04 11.59 124.91
CA THR PB 97 29.91 12.36 126.14
C THR PB 97 28.50 12.26 126.70
N LEU PB 98 28.40 12.01 127.99
CA LEU PB 98 27.12 11.84 128.68
C LEU PB 98 26.93 12.99 129.65
N TYR PB 99 26.00 13.88 129.34
CA TYR PB 99 25.68 14.97 130.25
C TYR PB 99 25.00 14.43 131.51
N GLY PB 100 25.29 15.07 132.63
CA GLY PB 100 24.85 14.57 133.92
C GLY PB 100 25.92 13.74 134.60
N PHE PB 101 25.60 13.33 135.84
CA PHE PB 101 26.47 12.53 136.70
C PHE PB 101 27.79 13.22 137.00
N GLY PB 102 27.92 14.51 136.70
CA GLY PB 102 29.13 15.24 136.98
C GLY PB 102 28.89 16.55 137.69
N GLY PB 103 29.41 16.69 138.91
CA GLY PB 103 29.23 17.89 139.69
C GLY PB 103 27.87 18.01 140.31
N LYS QB 13 40.57 -35.91 -111.94
CA LYS QB 13 41.53 -35.53 -110.92
C LYS QB 13 42.51 -36.68 -110.65
N GLY QB 14 43.28 -37.03 -111.68
CA GLY QB 14 44.24 -38.11 -111.56
C GLY QB 14 45.55 -37.65 -110.95
N GLY QB 15 46.51 -38.57 -110.93
CA GLY QB 15 47.81 -38.30 -110.35
C GLY QB 15 47.77 -38.25 -108.84
N ALA QB 16 48.89 -37.81 -108.27
CA ALA QB 16 49.00 -37.67 -106.82
C ALA QB 16 47.99 -36.65 -106.30
N LYS QB 17 48.19 -35.39 -106.67
CA LYS QB 17 47.29 -34.29 -106.31
C LYS QB 17 46.94 -34.32 -104.81
N ARG QB 18 47.98 -34.45 -103.99
CA ARG QB 18 47.83 -34.62 -102.56
C ARG QB 18 48.17 -33.32 -101.85
N HIS QB 19 47.22 -32.80 -101.08
CA HIS QB 19 47.44 -31.65 -100.22
C HIS QB 19 47.37 -32.11 -98.77
N ARG QB 20 48.45 -31.93 -98.03
CA ARG QB 20 48.55 -32.41 -96.65
C ARG QB 20 49.11 -31.28 -95.79
N LYS QB 21 48.25 -30.68 -94.98
CA LYS QB 21 48.69 -29.66 -94.03
C LYS QB 21 49.26 -30.32 -92.77
N VAL QB 22 49.82 -29.49 -91.89
CA VAL QB 22 50.36 -29.98 -90.63
C VAL QB 22 49.29 -30.58 -89.73
N LEU QB 23 48.03 -30.19 -89.91
CA LEU QB 23 46.93 -30.69 -89.10
C LEU QB 23 46.03 -31.58 -89.95
N ARG QB 24 45.09 -32.25 -89.27
CA ARG QB 24 44.13 -33.13 -89.91
C ARG QB 24 42.73 -32.78 -89.43
N ASP QB 25 41.74 -33.02 -90.30
CA ASP QB 25 40.37 -32.59 -90.02
C ASP QB 25 39.31 -33.66 -90.27
N ASN QB 26 39.67 -34.84 -90.76
CA ASN QB 26 38.65 -35.86 -91.01
C ASN QB 26 38.08 -36.40 -89.70
N ILE QB 27 38.83 -36.26 -88.61
CA ILE QB 27 38.32 -36.66 -87.29
C ILE QB 27 37.12 -35.81 -86.91
N GLN QB 28 37.14 -34.51 -87.26
CA GLN QB 28 36.07 -33.59 -86.89
C GLN QB 28 34.76 -33.89 -87.59
N GLY QB 29 34.74 -34.78 -88.58
CA GLY QB 29 33.49 -35.15 -89.21
C GLY QB 29 32.49 -35.71 -88.22
N ILE QB 30 32.96 -36.51 -87.27
CA ILE QB 30 32.14 -36.94 -86.15
C ILE QB 30 31.92 -35.72 -85.25
N THR QB 31 30.70 -35.21 -85.22
CA THR QB 31 30.41 -33.92 -84.61
C THR QB 31 29.46 -34.09 -83.41
N LYS QB 32 29.01 -32.97 -82.87
CA LYS QB 32 28.23 -32.99 -81.62
C LYS QB 32 26.97 -33.83 -81.71
N PRO QB 33 26.12 -33.71 -82.74
CA PRO QB 33 24.94 -34.59 -82.80
C PRO QB 33 25.29 -36.07 -82.81
N ALA QB 34 26.37 -36.46 -83.48
CA ALA QB 34 26.80 -37.85 -83.46
C ALA QB 34 27.20 -38.28 -82.06
N ILE QB 35 27.94 -37.43 -81.35
CA ILE QB 35 28.31 -37.73 -79.97
C ILE QB 35 27.08 -37.70 -79.06
N ARG QB 36 26.14 -36.80 -79.35
CA ARG QB 36 24.96 -36.65 -78.50
C ARG QB 36 24.12 -37.92 -78.47
N ARG QB 37 23.95 -38.57 -79.62
CA ARG QB 37 23.14 -39.78 -79.67
C ARG QB 37 23.74 -40.89 -78.80
N LEU QB 38 25.05 -41.07 -78.85
CA LEU QB 38 25.71 -42.07 -78.02
C LEU QB 38 25.56 -41.73 -76.54
N ALA QB 39 25.68 -40.45 -76.19
CA ALA QB 39 25.52 -40.04 -74.80
C ALA QB 39 24.10 -40.32 -74.31
N ARG QB 40 23.09 -40.01 -75.14
CA ARG QB 40 21.71 -40.29 -74.75
C ARG QB 40 21.46 -41.80 -74.67
N ARG QB 41 22.03 -42.57 -75.59
CA ARG QB 41 21.85 -44.02 -75.53
C ARG QB 41 22.46 -44.60 -74.27
N GLY QB 42 23.53 -43.99 -73.77
CA GLY QB 42 24.11 -44.38 -72.49
C GLY QB 42 23.42 -43.81 -71.28
N GLY QB 43 22.38 -42.99 -71.48
CA GLY QB 43 21.65 -42.39 -70.39
C GLY QB 43 22.21 -41.09 -69.86
N VAL QB 44 23.26 -40.55 -70.48
CA VAL QB 44 23.86 -39.32 -69.99
C VAL QB 44 22.92 -38.15 -70.30
N LYS QB 45 22.53 -37.41 -69.24
CA LYS QB 45 21.57 -36.33 -69.40
C LYS QB 45 22.20 -35.14 -70.13
N ARG QB 46 23.39 -34.73 -69.71
CA ARG QB 46 24.08 -33.60 -70.30
C ARG QB 46 25.55 -33.94 -70.50
N ILE QB 47 26.14 -33.33 -71.53
CA ILE QB 47 27.52 -33.60 -71.92
C ILE QB 47 28.27 -32.28 -72.00
N SER QB 48 29.47 -32.24 -71.43
CA SER QB 48 30.29 -31.04 -71.42
C SER QB 48 30.91 -30.79 -72.79
N GLY QB 49 31.44 -29.58 -72.97
CA GLY QB 49 31.97 -29.19 -74.27
C GLY QB 49 33.21 -29.96 -74.67
N LEU QB 50 34.14 -30.14 -73.71
CA LEU QB 50 35.43 -30.74 -74.05
C LEU QB 50 35.31 -32.24 -74.25
N ILE QB 51 34.19 -32.84 -73.83
CA ILE QB 51 33.97 -34.27 -74.06
C ILE QB 51 33.89 -34.57 -75.55
N TYR QB 52 33.35 -33.64 -76.33
CA TYR QB 52 33.29 -33.83 -77.78
C TYR QB 52 34.69 -34.05 -78.37
N GLU QB 53 35.66 -33.24 -77.92
CA GLU QB 53 37.03 -33.42 -78.39
C GLU QB 53 37.65 -34.70 -77.84
N GLU QB 54 37.40 -35.00 -76.56
CA GLU QB 54 37.96 -36.20 -75.96
C GLU QB 54 37.35 -37.46 -76.59
N THR QB 55 36.04 -37.44 -76.86
CA THR QB 55 35.41 -38.59 -77.49
C THR QB 55 36.01 -38.87 -78.86
N ARG QB 56 36.31 -37.82 -79.62
CA ARG QB 56 37.03 -37.98 -80.87
C ARG QB 56 38.42 -38.56 -80.63
N GLY QB 57 39.08 -38.11 -79.56
CA GLY QB 57 40.39 -38.66 -79.22
C GLY QB 57 40.31 -40.12 -78.81
N VAL QB 58 39.28 -40.48 -78.02
CA VAL QB 58 39.10 -41.87 -77.62
C VAL QB 58 38.84 -42.75 -78.84
N LEU QB 59 38.09 -42.22 -79.82
CA LEU QB 59 37.86 -42.96 -81.05
C LEU QB 59 39.16 -43.20 -81.81
N LYS QB 60 40.05 -42.21 -81.81
CA LYS QB 60 41.29 -42.32 -82.56
C LYS QB 60 42.19 -43.41 -81.98
N VAL QB 61 42.37 -43.42 -80.66
CA VAL QB 61 43.27 -44.38 -80.04
C VAL QB 61 42.68 -45.79 -80.13
N PHE QB 62 41.36 -45.90 -79.94
CA PHE QB 62 40.72 -47.21 -80.02
C PHE QB 62 40.83 -47.80 -81.42
N LEU QB 63 40.62 -46.98 -82.46
CA LEU QB 63 40.76 -47.47 -83.82
C LEU QB 63 42.20 -47.85 -84.14
N GLU QB 64 43.16 -47.04 -83.66
CA GLU QB 64 44.56 -47.29 -83.98
C GLU QB 64 45.02 -48.64 -83.45
N ASN QB 65 44.62 -48.99 -82.24
CA ASN QB 65 45.00 -50.30 -81.68
C ASN QB 65 44.39 -51.44 -82.49
N VAL QB 66 43.14 -51.28 -82.92
CA VAL QB 66 42.46 -52.34 -83.64
C VAL QB 66 43.11 -52.56 -85.00
N ILE QB 67 43.42 -51.47 -85.71
CA ILE QB 67 43.96 -51.59 -87.06
C ILE QB 67 45.35 -52.20 -87.03
N ARG QB 68 46.12 -51.94 -85.97
CA ARG QB 68 47.47 -52.49 -85.87
C ARG QB 68 47.45 -54.01 -85.95
N ASP QB 69 46.54 -54.65 -85.20
CA ASP QB 69 46.40 -56.10 -85.29
C ASP QB 69 45.82 -56.52 -86.64
N ALA QB 70 44.81 -55.79 -87.12
CA ALA QB 70 44.14 -56.19 -88.36
C ALA QB 70 45.08 -56.09 -89.56
N VAL QB 71 45.96 -55.09 -89.57
CA VAL QB 71 46.90 -54.94 -90.67
C VAL QB 71 47.82 -56.15 -90.76
N THR QB 72 48.29 -56.64 -89.61
CA THR QB 72 49.17 -57.80 -89.59
C THR QB 72 48.45 -59.04 -90.14
N TYR QB 73 47.18 -59.21 -89.77
CA TYR QB 73 46.41 -60.34 -90.29
C TYR QB 73 46.24 -60.23 -91.80
N THR QB 74 45.97 -59.02 -92.31
CA THR QB 74 45.70 -58.84 -93.73
C THR QB 74 46.94 -59.16 -94.57
N GLU QB 75 48.11 -58.69 -94.13
CA GLU QB 75 49.33 -58.92 -94.91
C GLU QB 75 49.80 -60.35 -94.80
N HIS QB 76 49.55 -61.01 -93.67
CA HIS QB 76 49.93 -62.41 -93.53
C HIS QB 76 49.18 -63.30 -94.52
N ALA QB 77 47.97 -62.89 -94.90
CA ALA QB 77 47.18 -63.60 -95.90
C ALA QB 77 47.47 -63.15 -97.32
N LYS QB 78 48.45 -62.26 -97.51
CA LYS QB 78 48.78 -61.71 -98.83
C LYS QB 78 47.57 -61.07 -99.50
N ARG QB 79 46.78 -60.36 -98.70
CA ARG QB 79 45.55 -59.73 -99.17
C ARG QB 79 45.74 -58.22 -99.22
N LYS QB 80 45.33 -57.63 -100.34
CA LYS QB 80 45.26 -56.17 -100.47
C LYS QB 80 43.88 -55.63 -100.15
N THR QB 81 42.94 -56.50 -99.77
CA THR QB 81 41.58 -56.10 -99.42
C THR QB 81 41.26 -56.61 -98.02
N VAL QB 82 40.74 -55.73 -97.17
CA VAL QB 82 40.34 -56.12 -95.83
C VAL QB 82 38.99 -56.82 -95.90
N THR QB 83 38.79 -57.80 -95.03
CA THR QB 83 37.56 -58.58 -94.99
C THR QB 83 37.08 -58.67 -93.55
N ALA QB 84 35.82 -59.12 -93.40
CA ALA QB 84 35.22 -59.23 -92.07
C ALA QB 84 35.98 -60.20 -91.19
N MET QB 85 36.59 -61.24 -91.78
CA MET QB 85 37.36 -62.19 -90.99
C MET QB 85 38.55 -61.52 -90.33
N ASP QB 86 39.25 -60.65 -91.08
CA ASP QB 86 40.47 -60.03 -90.54
C ASP QB 86 40.17 -59.14 -89.35
N VAL QB 87 39.10 -58.35 -89.42
CA VAL QB 87 38.77 -57.45 -88.31
C VAL QB 87 38.28 -58.25 -87.11
N VAL QB 88 37.63 -59.39 -87.35
CA VAL QB 88 37.17 -60.23 -86.25
C VAL QB 88 38.35 -60.78 -85.47
N TYR QB 89 39.41 -61.19 -86.16
CA TYR QB 89 40.58 -61.73 -85.48
C TYR QB 89 41.20 -60.69 -84.55
N ALA QB 90 41.31 -59.45 -85.02
CA ALA QB 90 41.82 -58.37 -84.17
C ALA QB 90 40.88 -58.09 -83.00
N LEU QB 91 39.57 -58.06 -83.26
CA LEU QB 91 38.61 -57.78 -82.21
C LEU QB 91 38.54 -58.91 -81.20
N LYS QB 92 38.54 -60.16 -81.68
CA LYS QB 92 38.49 -61.30 -80.77
C LYS QB 92 39.74 -61.37 -79.90
N ARG QB 93 40.91 -61.11 -80.49
CA ARG QB 93 42.15 -61.14 -79.72
C ARG QB 93 42.15 -60.07 -78.63
N GLN QB 94 41.67 -58.87 -78.95
CA GLN QB 94 41.64 -57.79 -77.98
C GLN QB 94 40.56 -57.95 -76.93
N GLY QB 95 39.64 -58.91 -77.08
CA GLY QB 95 38.58 -59.16 -76.13
C GLY QB 95 37.24 -58.58 -76.53
N ARG QB 96 37.20 -57.64 -77.47
CA ARG QB 96 35.95 -57.05 -77.93
C ARG QB 96 35.41 -57.86 -79.11
N THR QB 97 34.98 -59.08 -78.79
CA THR QB 97 34.48 -60.00 -79.82
C THR QB 97 33.18 -59.48 -80.40
N LEU QB 98 33.05 -59.61 -81.72
CA LEU QB 98 31.86 -59.16 -82.44
C LEU QB 98 31.19 -60.36 -83.09
N TYR QB 99 29.88 -60.46 -82.90
CA TYR QB 99 29.07 -61.49 -83.54
C TYR QB 99 28.12 -60.83 -84.54
N GLY QB 100 28.05 -61.40 -85.74
CA GLY QB 100 27.18 -60.88 -86.77
C GLY QB 100 27.78 -60.86 -88.15
N PHE QB 101 29.11 -60.73 -88.23
CA PHE QB 101 29.82 -60.75 -89.50
C PHE QB 101 30.88 -61.83 -89.44
N GLY QB 102 30.84 -62.78 -90.37
CA GLY QB 102 31.79 -63.86 -90.43
C GLY QB 102 31.39 -65.04 -89.56
N GLY QB 103 32.12 -66.13 -89.73
CA GLY QB 103 31.87 -67.35 -88.98
C GLY QB 103 31.92 -68.60 -89.84
N GLY RB 3 22.37 91.53 59.32
CA GLY RB 3 21.23 91.16 58.49
C GLY RB 3 20.41 92.34 58.04
N ARG RB 4 20.06 92.37 56.76
CA ARG RB 4 19.27 93.44 56.17
C ARG RB 4 18.03 92.86 55.51
N GLY RB 5 16.89 93.52 55.72
CA GLY RB 5 15.64 93.10 55.12
C GLY RB 5 14.47 93.17 56.08
N LYS RB 6 13.31 92.71 55.62
CA LYS RB 6 12.09 92.69 56.43
C LYS RB 6 11.55 91.26 56.42
N GLY RB 7 11.78 90.53 57.52
CA GLY RB 7 11.33 89.15 57.57
C GLY RB 7 9.83 89.00 57.57
N GLY RB 8 9.13 89.85 58.34
CA GLY RB 8 7.70 89.68 58.50
C GLY RB 8 7.40 88.34 59.15
N LYS RB 9 6.41 87.65 58.60
CA LYS RB 9 6.13 86.29 59.05
C LYS RB 9 7.30 85.36 58.73
N GLY RB 10 7.85 85.49 57.52
CA GLY RB 10 8.97 84.66 57.12
C GLY RB 10 9.26 84.87 55.64
N LEU RB 11 10.44 84.41 55.25
CA LEU RB 11 10.92 84.52 53.86
C LEU RB 11 10.91 86.01 53.49
N GLY RB 12 10.44 86.36 52.29
CA GLY RB 12 10.35 87.75 51.87
C GLY RB 12 11.47 88.22 50.97
N LYS RB 13 12.39 87.35 50.57
CA LYS RB 13 13.50 87.69 49.69
C LYS RB 13 13.30 87.03 48.34
N GLY RB 14 13.11 87.84 47.31
CA GLY RB 14 12.93 87.32 45.97
C GLY RB 14 14.23 86.87 45.34
N GLY RB 15 14.10 86.22 44.20
CA GLY RB 15 15.27 85.71 43.49
C GLY RB 15 15.84 84.47 44.16
N ALA RB 16 17.09 84.18 43.80
CA ALA RB 16 17.80 83.01 44.33
C ALA RB 16 18.45 83.39 45.66
N LYS RB 17 17.61 83.49 46.68
CA LYS RB 17 18.08 83.79 48.04
C LYS RB 17 17.64 82.73 49.02
N ARG RB 18 16.41 82.23 48.87
CA ARG RB 18 15.87 81.22 49.76
C ARG RB 18 15.14 80.18 48.92
N HIS RB 19 15.29 78.92 49.29
CA HIS RB 19 14.65 77.81 48.60
C HIS RB 19 13.85 76.99 49.60
N ARG RB 20 12.55 76.82 49.33
CA ARG RB 20 11.68 76.01 50.15
C ARG RB 20 10.82 75.13 49.25
N LYS RB 21 10.49 73.94 49.75
CA LYS RB 21 9.73 72.97 48.98
C LYS RB 21 8.87 72.15 49.91
N VAL RB 22 7.68 71.77 49.45
CA VAL RB 22 6.77 70.97 50.25
C VAL RB 22 7.27 69.53 50.29
N LEU RB 23 7.54 69.03 51.48
CA LEU RB 23 8.00 67.66 51.63
C LEU RB 23 6.86 66.68 51.36
N ARG RB 24 7.22 65.51 50.83
CA ARG RB 24 6.23 64.51 50.43
C ARG RB 24 6.73 63.13 50.84
N ASP RB 25 6.09 62.53 51.84
CA ASP RB 25 6.34 61.15 52.25
C ASP RB 25 7.81 60.91 52.59
N ASN RB 26 8.41 61.86 53.31
CA ASN RB 26 9.78 61.69 53.76
C ASN RB 26 9.90 60.73 54.94
N ILE RB 27 8.77 60.29 55.51
CA ILE RB 27 8.80 59.28 56.56
C ILE RB 27 9.38 57.98 56.04
N GLN RB 28 9.21 57.71 54.74
CA GLN RB 28 9.75 56.51 54.13
C GLN RB 28 11.27 56.50 54.08
N GLY RB 29 11.93 57.62 54.39
CA GLY RB 29 13.39 57.64 54.44
C GLY RB 29 13.98 56.72 55.47
N ILE RB 30 13.19 56.29 56.45
CA ILE RB 30 13.61 55.28 57.42
C ILE RB 30 13.36 53.93 56.73
N THR RB 31 14.38 53.47 56.00
CA THR RB 31 14.24 52.29 55.18
C THR RB 31 14.33 51.01 56.02
N LYS RB 32 14.36 49.87 55.34
CA LYS RB 32 14.44 48.59 56.03
C LYS RB 32 15.69 48.45 56.90
N PRO RB 33 16.91 48.76 56.42
CA PRO RB 33 18.07 48.65 57.31
C PRO RB 33 17.99 49.55 58.53
N ALA RB 34 17.41 50.74 58.39
CA ALA RB 34 17.26 51.64 59.54
C ALA RB 34 16.36 51.03 60.59
N ILE RB 35 15.23 50.48 60.17
CA ILE RB 35 14.36 49.76 61.10
C ILE RB 35 15.04 48.50 61.60
N ARG RB 36 15.81 47.84 60.72
CA ARG RB 36 16.53 46.63 61.12
C ARG RB 36 17.51 46.92 62.24
N ARG RB 37 18.26 48.04 62.12
CA ARG RB 37 19.23 48.39 63.16
C ARG RB 37 18.54 48.66 64.49
N LEU RB 38 17.39 49.36 64.46
CA LEU RB 38 16.61 49.54 65.67
C LEU RB 38 16.11 48.19 66.19
N ALA RB 39 15.70 47.31 65.29
CA ALA RB 39 15.24 45.98 65.70
C ALA RB 39 16.38 45.18 66.31
N ARG RB 40 17.59 45.27 65.74
CA ARG RB 40 18.72 44.53 66.29
C ARG RB 40 19.06 45.02 67.69
N ARG RB 41 18.94 46.33 67.93
CA ARG RB 41 19.18 46.86 69.27
C ARG RB 41 18.20 46.28 70.27
N GLY RB 42 16.92 46.14 69.87
CA GLY RB 42 15.95 45.48 70.73
C GLY RB 42 16.26 44.01 70.94
N GLY RB 43 16.84 43.36 69.93
CA GLY RB 43 17.20 41.96 70.05
C GLY RB 43 16.20 41.00 69.43
N VAL RB 44 15.78 41.26 68.19
CA VAL RB 44 14.89 40.38 67.46
C VAL RB 44 15.61 39.95 66.18
N LYS RB 45 15.63 38.65 65.92
CA LYS RB 45 16.41 38.11 64.81
C LYS RB 45 15.75 38.36 63.46
N ARG RB 46 14.43 38.20 63.37
CA ARG RB 46 13.74 38.25 62.10
C ARG RB 46 12.70 39.37 62.08
N ILE RB 47 12.56 40.01 60.92
CA ILE RB 47 11.59 41.08 60.69
C ILE RB 47 10.61 40.60 59.63
N SER RB 48 9.32 40.73 59.93
CA SER RB 48 8.29 40.30 59.00
C SER RB 48 7.81 41.48 58.15
N GLY RB 49 6.89 41.18 57.24
CA GLY RB 49 6.39 42.20 56.34
C GLY RB 49 5.46 43.17 57.04
N LEU RB 50 5.40 44.39 56.49
CA LEU RB 50 4.56 45.51 56.94
C LEU RB 50 5.03 46.06 58.28
N ILE RB 51 6.01 45.43 58.93
CA ILE RB 51 6.55 45.97 60.17
C ILE RB 51 7.19 47.33 59.92
N TYR RB 52 7.86 47.49 58.78
CA TYR RB 52 8.45 48.77 58.43
C TYR RB 52 7.38 49.86 58.31
N GLU RB 53 6.24 49.52 57.70
CA GLU RB 53 5.18 50.51 57.51
C GLU RB 53 4.62 50.98 58.85
N GLU RB 54 4.38 50.04 59.77
CA GLU RB 54 3.78 50.42 61.05
C GLU RB 54 4.82 51.07 61.96
N THR RB 55 6.08 50.63 61.89
CA THR RB 55 7.14 51.27 62.67
C THR RB 55 7.29 52.72 62.26
N ARG RB 56 7.24 53.00 60.96
CA ARG RB 56 7.23 54.39 60.50
C ARG RB 56 5.94 55.09 60.92
N GLY RB 57 4.82 54.36 60.90
CA GLY RB 57 3.56 54.94 61.34
C GLY RB 57 3.57 55.29 62.82
N VAL RB 58 4.17 54.41 63.65
CA VAL RB 58 4.30 54.71 65.07
C VAL RB 58 5.18 55.93 65.28
N LEU RB 59 6.27 56.02 64.53
CA LEU RB 59 7.15 57.18 64.63
C LEU RB 59 6.41 58.46 64.24
N LYS RB 60 5.57 58.40 63.21
CA LYS RB 60 4.78 59.57 62.84
C LYS RB 60 3.82 59.97 63.96
N VAL RB 61 3.17 58.98 64.57
CA VAL RB 61 2.28 59.27 65.70
C VAL RB 61 3.07 59.78 66.90
N PHE RB 62 4.21 59.14 67.19
CA PHE RB 62 5.02 59.55 68.33
C PHE RB 62 5.55 60.97 68.16
N LEU RB 63 6.07 61.28 66.97
CA LEU RB 63 6.60 62.62 66.72
C LEU RB 63 5.49 63.66 66.76
N GLU RB 64 4.32 63.33 66.23
CA GLU RB 64 3.19 64.26 66.27
C GLU RB 64 2.74 64.51 67.70
N ASN RB 65 2.72 63.46 68.53
CA ASN RB 65 2.19 63.61 69.89
C ASN RB 65 3.14 64.40 70.78
N VAL RB 66 4.45 64.17 70.66
CA VAL RB 66 5.41 64.83 71.54
C VAL RB 66 5.45 66.33 71.26
N ILE RB 67 5.28 66.72 70.00
CA ILE RB 67 5.31 68.15 69.65
C ILE RB 67 3.99 68.84 69.88
N ARG RB 68 2.96 68.12 70.32
CA ARG RB 68 1.70 68.78 70.67
C ARG RB 68 1.89 69.76 71.81
N ASP RB 69 2.65 69.36 72.84
CA ASP RB 69 2.99 70.27 73.92
C ASP RB 69 4.07 71.25 73.52
N ALA RB 70 5.01 70.82 72.66
CA ALA RB 70 6.12 71.69 72.26
C ALA RB 70 5.61 72.91 71.51
N VAL RB 71 4.64 72.72 70.62
CA VAL RB 71 4.06 73.84 69.89
C VAL RB 71 3.31 74.76 70.85
N THR RB 72 2.71 74.20 71.89
CA THR RB 72 2.07 75.02 72.91
C THR RB 72 3.10 75.65 73.83
N TYR RB 73 4.18 74.93 74.12
CA TYR RB 73 5.30 75.52 74.84
C TYR RB 73 5.93 76.65 74.04
N THR RB 74 6.11 76.43 72.73
CA THR RB 74 6.72 77.44 71.88
C THR RB 74 5.85 78.69 71.79
N GLU RB 75 4.53 78.51 71.66
CA GLU RB 75 3.65 79.66 71.48
C GLU RB 75 3.49 80.47 72.77
N HIS RB 76 3.62 79.82 73.93
CA HIS RB 76 3.47 80.53 75.18
C HIS RB 76 4.55 81.59 75.35
N ALA RB 77 5.80 81.25 75.01
CA ALA RB 77 6.90 82.21 75.08
C ALA RB 77 6.99 83.09 73.84
N LYS RB 78 6.14 82.86 72.85
CA LYS RB 78 6.10 83.59 71.59
C LYS RB 78 7.38 83.47 70.78
N ARG RB 79 8.27 82.54 71.16
CA ARG RB 79 9.47 82.31 70.38
C ARG RB 79 9.11 81.66 69.04
N LYS RB 80 9.90 81.99 68.01
CA LYS RB 80 9.68 81.43 66.68
C LYS RB 80 10.52 80.18 66.43
N THR RB 81 11.24 79.69 67.44
CA THR RB 81 12.05 78.49 67.31
C THR RB 81 11.74 77.54 68.45
N VAL RB 82 12.08 76.27 68.24
CA VAL RB 82 11.92 75.23 69.26
C VAL RB 82 13.31 74.83 69.74
N THR RB 83 13.56 74.99 71.04
CA THR RB 83 14.84 74.66 71.63
C THR RB 83 14.77 73.30 72.31
N ALA RB 84 15.95 72.80 72.71
CA ALA RB 84 16.01 71.55 73.44
C ALA RB 84 15.33 71.65 74.80
N MET RB 85 15.26 72.87 75.36
CA MET RB 85 14.58 73.05 76.63
C MET RB 85 13.09 72.74 76.50
N ASP RB 86 12.46 73.24 75.44
CA ASP RB 86 11.02 73.02 75.26
C ASP RB 86 10.72 71.57 74.92
N VAL RB 87 11.61 70.91 74.17
CA VAL RB 87 11.43 69.51 73.85
C VAL RB 87 11.47 68.67 75.13
N VAL RB 88 12.41 68.98 76.02
CA VAL RB 88 12.53 68.25 77.28
C VAL RB 88 11.25 68.43 78.11
N TYR RB 89 10.71 69.65 78.14
CA TYR RB 89 9.49 69.89 78.91
C TYR RB 89 8.33 69.05 78.39
N ALA RB 90 8.19 68.97 77.06
CA ALA RB 90 7.16 68.12 76.49
C ALA RB 90 7.44 66.65 76.77
N LEU RB 91 8.70 66.24 76.68
CA LEU RB 91 9.07 64.85 76.98
C LEU RB 91 8.79 64.52 78.44
N LYS RB 92 9.12 65.44 79.36
CA LYS RB 92 8.86 65.20 80.78
C LYS RB 92 7.36 65.11 81.05
N ARG RB 93 6.57 65.95 80.39
CA ARG RB 93 5.13 65.98 80.65
C ARG RB 93 4.46 64.65 80.27
N GLN RB 94 4.86 64.06 79.15
CA GLN RB 94 4.23 62.85 78.65
C GLN RB 94 4.87 61.57 79.19
N GLY RB 95 5.86 61.69 80.08
CA GLY RB 95 6.51 60.54 80.65
C GLY RB 95 7.67 59.99 79.86
N ARG RB 96 7.92 60.50 78.66
CA ARG RB 96 9.08 60.10 77.86
C ARG RB 96 10.29 60.94 78.21
N THR RB 97 10.64 60.96 79.50
CA THR RB 97 11.68 61.85 79.99
C THR RB 97 13.03 61.53 79.37
N LEU RB 98 13.74 62.57 78.94
CA LEU RB 98 15.08 62.44 78.39
C LEU RB 98 15.85 63.70 78.76
N TYR RB 99 16.89 63.54 79.57
CA TYR RB 99 17.74 64.67 79.96
C TYR RB 99 19.11 64.54 79.32
N GLY RB 100 19.95 65.52 79.59
CA GLY RB 100 21.23 65.69 78.92
C GLY RB 100 21.24 66.80 77.89
N PHE RB 101 20.06 67.18 77.38
CA PHE RB 101 19.92 68.34 76.52
C PHE RB 101 19.34 69.56 77.23
N GLY RB 102 18.73 69.37 78.39
CA GLY RB 102 18.18 70.47 79.15
C GLY RB 102 18.47 70.37 80.64
N GLY RB 103 19.11 71.40 81.19
CA GLY RB 103 19.45 71.41 82.59
C GLY RB 103 18.88 72.60 83.35
N SER SB 2 -24.05 -66.83 -99.59
CA SER SB 2 -23.67 -66.35 -100.91
C SER SB 2 -22.22 -65.89 -100.92
N GLY SB 3 -21.29 -66.83 -101.15
CA GLY SB 3 -19.88 -66.52 -101.18
C GLY SB 3 -19.51 -65.52 -102.26
N ARG SB 4 -18.76 -64.48 -101.89
CA ARG SB 4 -18.39 -63.44 -102.84
C ARG SB 4 -16.92 -63.03 -102.69
N GLY SB 5 -16.09 -63.87 -102.09
CA GLY SB 5 -14.69 -63.52 -101.92
C GLY SB 5 -14.00 -64.54 -101.02
N LYS SB 6 -12.76 -64.20 -100.66
CA LYS SB 6 -11.94 -65.04 -99.81
C LYS SB 6 -11.57 -64.29 -98.54
N GLY SB 7 -11.67 -64.98 -97.41
CA GLY SB 7 -11.37 -64.37 -96.13
C GLY SB 7 -10.00 -64.78 -95.59
N GLY SB 8 -9.68 -66.06 -95.70
CA GLY SB 8 -8.42 -66.57 -95.21
C GLY SB 8 -8.22 -66.38 -93.73
N LYS SB 9 -7.26 -65.53 -93.35
CA LYS SB 9 -7.05 -65.21 -91.94
C LYS SB 9 -8.26 -64.46 -91.37
N GLY SB 10 -8.80 -63.53 -92.14
CA GLY SB 10 -9.95 -62.77 -91.70
C GLY SB 10 -10.10 -61.51 -92.52
N LEU SB 11 -11.11 -60.72 -92.14
CA LEU SB 11 -11.41 -59.44 -92.79
C LEU SB 11 -11.62 -59.63 -94.30
N GLY SB 12 -12.66 -60.40 -94.62
CA GLY SB 12 -12.97 -60.66 -96.03
C GLY SB 12 -13.56 -59.43 -96.68
N LYS SB 13 -13.13 -59.18 -97.92
CA LYS SB 13 -13.59 -58.04 -98.72
C LYS SB 13 -13.45 -56.74 -97.95
N GLY SB 14 -12.25 -56.51 -97.39
CA GLY SB 14 -12.01 -55.34 -96.58
C GLY SB 14 -12.08 -54.05 -97.37
N GLY SB 15 -11.10 -53.82 -98.25
CA GLY SB 15 -11.04 -52.60 -99.03
C GLY SB 15 -11.20 -51.34 -98.20
N ALA SB 16 -12.29 -50.63 -98.43
CA ALA SB 16 -12.68 -49.50 -97.59
C ALA SB 16 -14.09 -49.65 -97.03
N LYS SB 17 -14.69 -50.84 -97.16
CA LYS SB 17 -16.05 -51.08 -96.75
C LYS SB 17 -16.16 -51.59 -95.30
N ARG SB 18 -15.15 -52.27 -94.79
CA ARG SB 18 -15.15 -52.78 -93.42
C ARG SB 18 -14.59 -51.73 -92.47
N HIS SB 19 -14.83 -51.95 -91.18
CA HIS SB 19 -14.40 -51.03 -90.14
C HIS SB 19 -13.78 -51.82 -88.99
N ARG SB 20 -12.74 -51.26 -88.38
CA ARG SB 20 -12.06 -51.90 -87.27
C ARG SB 20 -11.33 -50.83 -86.47
N LYS SB 21 -11.16 -51.09 -85.17
CA LYS SB 21 -10.46 -50.18 -84.28
C LYS SB 21 -9.45 -50.96 -83.43
N VAL SB 22 -8.49 -50.22 -82.88
CA VAL SB 22 -7.41 -50.84 -82.12
C VAL SB 22 -7.95 -51.48 -80.84
N LEU SB 23 -8.87 -50.80 -80.16
CA LEU SB 23 -9.41 -51.25 -78.88
C LEU SB 23 -8.30 -51.42 -77.84
N ARG SB 24 -7.65 -50.31 -77.53
CA ARG SB 24 -6.51 -50.30 -76.60
C ARG SB 24 -6.92 -50.76 -75.21
N ASP SB 25 -7.80 -49.99 -74.55
CA ASP SB 25 -8.26 -50.32 -73.21
C ASP SB 25 -9.78 -50.36 -73.22
N ASN SB 26 -10.34 -51.47 -72.73
CA ASN SB 26 -11.78 -51.63 -72.63
C ASN SB 26 -12.26 -52.16 -71.29
N ILE SB 27 -11.35 -52.52 -70.39
CA ILE SB 27 -11.74 -52.91 -69.04
C ILE SB 27 -12.34 -51.74 -68.28
N GLN SB 28 -12.05 -50.50 -68.71
CA GLN SB 28 -12.64 -49.33 -68.09
C GLN SB 28 -14.15 -49.24 -68.34
N GLY SB 29 -14.67 -50.03 -69.28
CA GLY SB 29 -16.10 -50.05 -69.52
C GLY SB 29 -16.92 -50.50 -68.32
N ILE SB 30 -16.32 -51.28 -67.43
CA ILE SB 30 -16.97 -51.65 -66.17
C ILE SB 30 -16.74 -50.50 -65.19
N THR SB 31 -17.69 -49.58 -65.12
CA THR SB 31 -17.56 -48.37 -64.33
C THR SB 31 -18.14 -48.58 -62.94
N LYS SB 32 -18.29 -47.49 -62.18
CA LYS SB 32 -18.81 -47.51 -60.83
C LYS SB 32 -20.20 -48.14 -60.73
N PRO SB 33 -21.18 -47.76 -61.57
CA PRO SB 33 -22.50 -48.41 -61.47
C PRO SB 33 -22.46 -49.91 -61.71
N ALA SB 34 -21.62 -50.37 -62.63
CA ALA SB 34 -21.52 -51.81 -62.88
C ALA SB 34 -20.96 -52.54 -61.67
N ILE SB 35 -19.92 -51.99 -61.06
CA ILE SB 35 -19.32 -52.62 -59.88
C ILE SB 35 -20.25 -52.52 -58.68
N ARG SB 36 -20.92 -51.38 -58.52
CA ARG SB 36 -21.82 -51.20 -57.39
C ARG SB 36 -22.98 -52.20 -57.43
N ARG SB 37 -23.54 -52.45 -58.62
CA ARG SB 37 -24.65 -53.38 -58.74
C ARG SB 37 -24.23 -54.78 -58.30
N LEU SB 38 -23.02 -55.22 -58.68
CA LEU SB 38 -22.52 -56.50 -58.22
C LEU SB 38 -22.34 -56.51 -56.71
N ALA SB 39 -21.87 -55.40 -56.15
CA ALA SB 39 -21.69 -55.31 -54.69
C ALA SB 39 -23.04 -55.34 -53.98
N ARG SB 40 -24.08 -54.78 -54.60
CA ARG SB 40 -25.39 -54.78 -53.98
C ARG SB 40 -25.94 -56.20 -53.85
N ARG SB 41 -25.67 -57.05 -54.84
CA ARG SB 41 -26.11 -58.44 -54.75
C ARG SB 41 -25.45 -59.15 -53.57
N GLY SB 42 -24.16 -58.89 -53.35
CA GLY SB 42 -23.49 -59.48 -52.21
C GLY SB 42 -24.00 -58.95 -50.88
N GLY SB 43 -24.33 -57.66 -50.83
CA GLY SB 43 -24.80 -57.06 -49.60
C GLY SB 43 -23.86 -55.98 -49.08
N VAL SB 44 -23.18 -55.30 -49.99
CA VAL SB 44 -22.18 -54.30 -49.61
C VAL SB 44 -22.85 -52.95 -49.39
N LYS SB 45 -22.38 -52.24 -48.38
CA LYS SB 45 -22.85 -50.89 -48.06
C LYS SB 45 -22.06 -49.82 -48.81
N ARG SB 46 -20.73 -49.77 -48.62
CA ARG SB 46 -19.89 -48.79 -49.27
C ARG SB 46 -18.68 -49.47 -49.89
N ILE SB 47 -18.17 -48.89 -50.96
CA ILE SB 47 -17.05 -49.43 -51.72
C ILE SB 47 -15.96 -48.37 -51.84
N SER SB 48 -14.71 -48.77 -51.61
CA SER SB 48 -13.60 -47.86 -51.71
C SER SB 48 -13.23 -47.60 -53.18
N GLY SB 49 -12.47 -46.53 -53.40
CA GLY SB 49 -12.08 -46.18 -54.75
C GLY SB 49 -11.15 -47.20 -55.39
N LEU SB 50 -10.17 -47.69 -54.61
CA LEU SB 50 -9.21 -48.64 -55.16
C LEU SB 50 -9.85 -49.98 -55.49
N ILE SB 51 -10.98 -50.30 -54.86
CA ILE SB 51 -11.68 -51.55 -55.17
C ILE SB 51 -12.21 -51.53 -56.60
N TYR SB 52 -12.64 -50.36 -57.07
CA TYR SB 52 -13.19 -50.27 -58.43
C TYR SB 52 -12.16 -50.70 -59.47
N GLU SB 53 -10.91 -50.25 -59.33
CA GLU SB 53 -9.86 -50.70 -60.23
C GLU SB 53 -9.50 -52.15 -59.98
N GLU SB 54 -9.48 -52.57 -58.71
CA GLU SB 54 -9.19 -53.97 -58.39
C GLU SB 54 -10.29 -54.88 -58.92
N THR SB 55 -11.55 -54.44 -58.87
CA THR SB 55 -12.64 -55.23 -59.44
C THR SB 55 -12.44 -55.43 -60.93
N ARG SB 56 -12.00 -54.38 -61.63
CA ARG SB 56 -11.64 -54.53 -63.04
C ARG SB 56 -10.48 -55.49 -63.22
N GLY SB 57 -9.48 -55.41 -62.33
CA GLY SB 57 -8.37 -56.34 -62.39
C GLY SB 57 -8.78 -57.77 -62.13
N VAL SB 58 -9.67 -57.97 -61.15
CA VAL SB 58 -10.19 -59.31 -60.86
C VAL SB 58 -10.94 -59.85 -62.07
N LEU SB 59 -11.76 -59.01 -62.70
CA LEU SB 59 -12.47 -59.44 -63.91
C LEU SB 59 -11.48 -59.75 -65.03
N LYS SB 60 -10.42 -58.95 -65.15
CA LYS SB 60 -9.43 -59.19 -66.21
C LYS SB 60 -8.76 -60.54 -66.05
N VAL SB 61 -8.36 -60.88 -64.83
CA VAL SB 61 -7.71 -62.17 -64.58
C VAL SB 61 -8.70 -63.31 -64.80
N PHE SB 62 -9.94 -63.15 -64.34
CA PHE SB 62 -10.94 -64.20 -64.50
C PHE SB 62 -11.22 -64.47 -65.97
N LEU SB 63 -11.36 -63.40 -66.77
CA LEU SB 63 -11.60 -63.58 -68.20
C LEU SB 63 -10.40 -64.21 -68.89
N GLU SB 64 -9.19 -63.81 -68.51
CA GLU SB 64 -7.99 -64.36 -69.13
C GLU SB 64 -7.87 -65.86 -68.87
N ASN SB 65 -8.18 -66.29 -67.64
CA ASN SB 65 -8.09 -67.72 -67.32
C ASN SB 65 -9.13 -68.52 -68.08
N VAL SB 66 -10.35 -67.98 -68.23
CA VAL SB 66 -11.42 -68.73 -68.89
C VAL SB 66 -11.15 -68.85 -70.39
N ILE SB 67 -10.70 -67.76 -71.01
CA ILE SB 67 -10.55 -67.74 -72.47
C ILE SB 67 -9.49 -68.73 -72.93
N ARG SB 68 -8.36 -68.80 -72.21
CA ARG SB 68 -7.28 -69.68 -72.64
C ARG SB 68 -7.72 -71.14 -72.67
N ASP SB 69 -8.66 -71.51 -71.80
CA ASP SB 69 -9.21 -72.87 -71.84
C ASP SB 69 -10.13 -73.04 -73.05
N ALA SB 70 -10.99 -72.05 -73.31
CA ALA SB 70 -11.91 -72.14 -74.45
C ALA SB 70 -11.16 -72.05 -75.76
N VAL SB 71 -10.07 -71.27 -75.81
CA VAL SB 71 -9.28 -71.15 -77.03
C VAL SB 71 -8.68 -72.50 -77.40
N THR SB 72 -8.22 -73.26 -76.40
CA THR SB 72 -7.63 -74.57 -76.66
C THR SB 72 -8.63 -75.51 -77.32
N TYR SB 73 -9.87 -75.53 -76.83
CA TYR SB 73 -10.90 -76.34 -77.47
C TYR SB 73 -11.24 -75.80 -78.85
N THR SB 74 -11.12 -74.48 -79.04
CA THR SB 74 -11.49 -73.87 -80.32
C THR SB 74 -10.58 -74.35 -81.44
N GLU SB 75 -9.27 -74.41 -81.20
CA GLU SB 75 -8.34 -74.83 -82.24
C GLU SB 75 -8.49 -76.32 -82.55
N HIS SB 76 -8.87 -77.12 -81.55
CA HIS SB 76 -9.09 -78.54 -81.78
C HIS SB 76 -10.24 -78.76 -82.77
N ALA SB 77 -11.32 -78.00 -82.62
CA ALA SB 77 -12.43 -78.09 -83.57
C ALA SB 77 -12.18 -77.27 -84.82
N LYS SB 78 -11.09 -76.50 -84.88
CA LYS SB 78 -10.67 -75.67 -86.00
C LYS SB 78 -11.64 -74.53 -86.30
N ARG SB 79 -12.68 -74.36 -85.49
CA ARG SB 79 -13.61 -73.25 -85.71
C ARG SB 79 -12.94 -71.92 -85.39
N LYS SB 80 -13.41 -70.87 -86.06
CA LYS SB 80 -12.93 -69.52 -85.80
C LYS SB 80 -13.76 -68.79 -84.76
N THR SB 81 -14.80 -69.42 -84.22
CA THR SB 81 -15.67 -68.80 -83.22
C THR SB 81 -16.06 -69.84 -82.18
N VAL SB 82 -16.30 -69.38 -80.96
CA VAL SB 82 -16.81 -70.24 -79.90
C VAL SB 82 -18.33 -70.04 -79.83
N THR SB 83 -19.08 -71.14 -79.96
CA THR SB 83 -20.53 -71.01 -80.10
C THR SB 83 -21.26 -71.11 -78.77
N ALA SB 84 -21.24 -72.30 -78.15
CA ALA SB 84 -21.82 -72.47 -76.83
C ALA SB 84 -21.04 -73.37 -75.90
N MET SB 85 -20.21 -74.28 -76.41
CA MET SB 85 -19.69 -75.38 -75.60
C MET SB 85 -18.29 -75.13 -75.08
N ASP SB 86 -17.43 -74.48 -75.87
CA ASP SB 86 -16.07 -74.21 -75.43
C ASP SB 86 -16.05 -73.34 -74.19
N VAL SB 87 -16.97 -72.38 -74.10
CA VAL SB 87 -17.13 -71.61 -72.87
C VAL SB 87 -17.59 -72.52 -71.73
N VAL SB 88 -18.55 -73.41 -72.02
CA VAL SB 88 -19.07 -74.31 -70.99
C VAL SB 88 -17.98 -75.26 -70.53
N TYR SB 89 -17.22 -75.83 -71.47
CA TYR SB 89 -16.15 -76.75 -71.09
C TYR SB 89 -15.06 -76.03 -70.31
N ALA SB 90 -14.73 -74.79 -70.71
CA ALA SB 90 -13.77 -74.00 -69.96
C ALA SB 90 -14.27 -73.71 -68.55
N LEU SB 91 -15.56 -73.37 -68.42
CA LEU SB 91 -16.14 -73.12 -67.11
C LEU SB 91 -16.20 -74.38 -66.27
N LYS SB 92 -16.48 -75.53 -66.91
CA LYS SB 92 -16.57 -76.78 -66.17
C LYS SB 92 -15.22 -77.16 -65.56
N ARG SB 93 -14.14 -76.97 -66.30
CA ARG SB 93 -12.82 -77.36 -65.82
C ARG SB 93 -12.36 -76.48 -64.66
N GLN SB 94 -12.81 -75.23 -64.62
CA GLN SB 94 -12.36 -74.26 -63.62
C GLN SB 94 -13.26 -74.20 -62.41
N GLY SB 95 -14.23 -75.10 -62.29
CA GLY SB 95 -15.13 -75.10 -61.16
C GLY SB 95 -16.25 -74.09 -61.24
N ARG SB 96 -16.48 -73.49 -62.41
CA ARG SB 96 -17.53 -72.50 -62.62
C ARG SB 96 -18.56 -73.01 -63.60
N THR SB 97 -18.98 -74.27 -63.44
CA THR SB 97 -19.87 -74.91 -64.39
C THR SB 97 -21.16 -74.11 -64.55
N LEU SB 98 -21.57 -73.91 -65.79
CA LEU SB 98 -22.72 -73.09 -66.13
C LEU SB 98 -23.89 -73.99 -66.54
N TYR SB 99 -25.05 -73.74 -65.95
CA TYR SB 99 -26.28 -74.43 -66.31
C TYR SB 99 -27.17 -73.47 -67.10
N GLY SB 100 -27.65 -73.92 -68.25
CA GLY SB 100 -28.33 -73.05 -69.18
C GLY SB 100 -27.37 -72.47 -70.21
N PHE SB 101 -27.95 -71.88 -71.25
CA PHE SB 101 -27.24 -71.27 -72.38
C PHE SB 101 -26.44 -72.29 -73.17
N GLY SB 102 -26.54 -73.58 -72.86
CA GLY SB 102 -25.78 -74.58 -73.57
C GLY SB 102 -25.98 -75.93 -72.93
N GLY SB 103 -25.39 -76.95 -73.56
CA GLY SB 103 -25.48 -78.31 -73.06
C GLY SB 103 -26.79 -78.99 -73.44
N LYS TB 17 -39.70 98.72 19.21
CA LYS TB 17 -39.40 97.31 18.98
C LYS TB 17 -40.69 96.49 18.92
N ARG TB 18 -40.76 95.44 19.75
CA ARG TB 18 -41.93 94.58 19.86
C ARG TB 18 -42.24 93.89 18.54
N HIS TB 19 -41.23 93.64 17.70
CA HIS TB 19 -41.46 92.97 16.43
C HIS TB 19 -41.70 91.47 16.60
N ARG TB 20 -41.34 90.91 17.76
CA ARG TB 20 -41.53 89.49 18.02
C ARG TB 20 -42.82 89.28 18.79
N LYS TB 21 -43.74 88.51 18.23
CA LYS TB 21 -45.03 88.24 18.87
C LYS TB 21 -45.19 86.77 19.23
N VAL TB 22 -45.04 85.87 18.27
CA VAL TB 22 -45.25 84.45 18.51
C VAL TB 22 -44.00 83.85 19.11
N LEU TB 23 -44.17 82.76 19.87
CA LEU TB 23 -43.06 82.05 20.49
C LEU TB 23 -42.68 80.79 19.73
N ARG TB 24 -43.04 80.69 18.45
CA ARG TB 24 -42.69 79.52 17.65
C ARG TB 24 -41.17 79.36 17.52
N ASP TB 25 -40.46 80.46 17.31
CA ASP TB 25 -39.01 80.42 17.23
C ASP TB 25 -38.42 80.00 18.57
N ASN TB 26 -37.45 79.09 18.54
CA ASN TB 26 -36.82 78.55 19.74
C ASN TB 26 -35.36 78.96 19.76
N ILE TB 27 -34.91 79.46 20.92
CA ILE TB 27 -33.52 79.87 21.11
C ILE TB 27 -32.94 79.05 22.26
N GLN TB 28 -33.44 77.82 22.42
CA GLN TB 28 -33.10 76.94 23.53
C GLN TB 28 -32.04 75.91 23.14
N GLY TB 29 -31.07 76.32 22.32
CA GLY TB 29 -30.04 75.41 21.85
C GLY TB 29 -29.01 75.06 22.90
N ILE TB 30 -29.41 74.25 23.88
CA ILE TB 30 -28.48 73.82 24.91
C ILE TB 30 -27.35 73.00 24.30
N THR TB 31 -26.13 73.27 24.74
CA THR TB 31 -24.91 72.70 24.18
C THR TB 31 -24.71 71.27 24.69
N LYS TB 32 -24.30 70.38 23.79
CA LYS TB 32 -24.18 68.97 24.14
C LYS TB 32 -23.12 68.69 25.20
N PRO TB 33 -21.87 69.19 25.11
CA PRO TB 33 -20.92 68.96 26.21
C PRO TB 33 -21.39 69.52 27.54
N ALA TB 34 -22.18 70.59 27.53
CA ALA TB 34 -22.78 71.08 28.78
C ALA TB 34 -23.68 70.02 29.39
N ILE TB 35 -24.47 69.33 28.55
CA ILE TB 35 -25.27 68.22 29.04
C ILE TB 35 -24.37 67.08 29.53
N ARG TB 36 -23.30 66.80 28.80
CA ARG TB 36 -22.36 65.76 29.21
C ARG TB 36 -21.73 66.10 30.55
N ARG TB 37 -21.29 67.35 30.72
CA ARG TB 37 -20.72 67.77 31.99
C ARG TB 37 -21.74 67.72 33.10
N LEU TB 38 -22.98 68.15 32.82
CA LEU TB 38 -24.04 68.04 33.82
C LEU TB 38 -24.34 66.59 34.15
N ALA TB 39 -24.39 65.73 33.13
CA ALA TB 39 -24.64 64.31 33.38
C ALA TB 39 -23.47 63.67 34.12
N ARG TB 40 -22.25 63.94 33.67
CA ARG TB 40 -21.08 63.38 34.34
C ARG TB 40 -20.89 63.96 35.74
N ARG TB 41 -21.46 65.13 36.02
CA ARG TB 41 -21.44 65.65 37.39
C ARG TB 41 -22.26 64.76 38.31
N GLY TB 42 -23.35 64.19 37.79
CA GLY TB 42 -24.21 63.29 38.54
C GLY TB 42 -23.84 61.83 38.49
N GLY TB 43 -22.73 61.47 37.84
CA GLY TB 43 -22.30 60.10 37.77
C GLY TB 43 -22.66 59.34 36.51
N VAL TB 44 -23.00 60.03 35.43
CA VAL TB 44 -23.39 59.39 34.18
C VAL TB 44 -22.14 59.16 33.33
N LYS TB 45 -22.11 58.05 32.61
CA LYS TB 45 -20.97 57.72 31.76
C LYS TB 45 -21.31 57.40 30.32
N ARG TB 46 -22.57 57.09 29.99
CA ARG TB 46 -22.96 56.76 28.62
C ARG TB 46 -24.28 57.45 28.34
N ILE TB 47 -24.24 58.48 27.47
CA ILE TB 47 -25.43 59.27 27.13
C ILE TB 47 -25.86 58.94 25.71
N SER TB 48 -27.13 58.60 25.55
CA SER TB 48 -27.68 58.27 24.24
C SER TB 48 -28.17 59.55 23.54
N GLY TB 49 -28.47 59.39 22.25
CA GLY TB 49 -28.89 60.55 21.46
C GLY TB 49 -30.24 61.10 21.89
N LEU TB 50 -31.18 60.22 22.24
CA LEU TB 50 -32.53 60.67 22.60
C LEU TB 50 -32.55 61.39 23.94
N ILE TB 51 -31.48 61.25 24.74
CA ILE TB 51 -31.44 61.89 26.04
C ILE TB 51 -31.38 63.40 25.91
N TYR TB 52 -30.69 63.90 24.88
CA TYR TB 52 -30.44 65.35 24.78
C TYR TB 52 -31.74 66.13 24.63
N GLU TB 53 -32.66 65.63 23.82
CA GLU TB 53 -33.90 66.37 23.55
C GLU TB 53 -34.75 66.48 24.81
N GLU TB 54 -34.94 65.38 25.53
CA GLU TB 54 -35.76 65.42 26.74
C GLU TB 54 -35.06 66.15 27.87
N THR TB 55 -33.73 66.16 27.88
CA THR TB 55 -33.00 66.92 28.89
C THR TB 55 -33.32 68.41 28.79
N ARG TB 56 -33.41 68.93 27.57
CA ARG TB 56 -33.88 70.30 27.38
C ARG TB 56 -35.34 70.44 27.79
N GLY TB 57 -36.15 69.44 27.48
CA GLY TB 57 -37.57 69.49 27.83
C GLY TB 57 -37.80 69.52 29.33
N VAL TB 58 -37.03 68.72 30.08
CA VAL TB 58 -37.15 68.73 31.53
C VAL TB 58 -36.77 70.11 32.08
N LEU TB 59 -35.70 70.70 31.55
CA LEU TB 59 -35.30 72.04 31.96
C LEU TB 59 -36.38 73.05 31.59
N LYS TB 60 -36.97 72.92 30.40
CA LYS TB 60 -38.02 73.83 29.98
C LYS TB 60 -39.25 73.72 30.87
N VAL TB 61 -39.65 72.49 31.20
CA VAL TB 61 -40.82 72.30 32.05
C VAL TB 61 -40.55 72.84 33.46
N PHE TB 62 -39.37 72.57 34.00
CA PHE TB 62 -39.02 73.10 35.31
C PHE TB 62 -38.95 74.62 35.29
N LEU TB 63 -38.37 75.19 34.24
CA LEU TB 63 -38.30 76.65 34.14
C LEU TB 63 -39.68 77.26 33.96
N GLU TB 64 -40.56 76.58 33.23
CA GLU TB 64 -41.90 77.10 33.01
C GLU TB 64 -42.68 77.20 34.31
N ASN TB 65 -42.59 76.17 35.16
CA ASN TB 65 -43.38 76.16 36.39
C ASN TB 65 -42.87 77.18 37.40
N VAL TB 66 -41.55 77.29 37.56
CA VAL TB 66 -41.00 78.22 38.54
C VAL TB 66 -41.26 79.65 38.12
N ILE TB 67 -41.28 79.92 36.81
CA ILE TB 67 -41.46 81.28 36.34
C ILE TB 67 -42.90 81.74 36.50
N ARG TB 68 -43.85 80.79 36.62
CA ARG TB 68 -45.25 81.15 36.81
C ARG TB 68 -45.44 81.91 38.13
N ASP TB 69 -44.73 81.49 39.17
CA ASP TB 69 -44.81 82.21 40.44
C ASP TB 69 -44.05 83.53 40.36
N ALA TB 70 -42.97 83.58 39.57
CA ALA TB 70 -42.19 84.80 39.46
C ALA TB 70 -42.98 85.93 38.81
N VAL TB 71 -43.70 85.63 37.72
CA VAL TB 71 -44.49 86.66 37.05
C VAL TB 71 -45.62 87.12 37.94
N THR TB 72 -46.28 86.19 38.64
CA THR TB 72 -47.37 86.55 39.53
C THR TB 72 -46.88 87.44 40.66
N TYR TB 73 -45.73 87.12 41.24
CA TYR TB 73 -45.14 88.01 42.25
C TYR TB 73 -44.74 89.34 41.66
N THR TB 74 -44.17 89.33 40.45
CA THR TB 74 -43.73 90.58 39.81
C THR TB 74 -44.91 91.48 39.50
N GLU TB 75 -46.01 90.91 38.99
CA GLU TB 75 -47.16 91.73 38.64
C GLU TB 75 -47.81 92.32 39.89
N HIS TB 76 -47.79 91.58 41.00
CA HIS TB 76 -48.35 92.10 42.25
C HIS TB 76 -47.59 93.33 42.73
N ALA TB 77 -46.29 93.37 42.51
CA ALA TB 77 -45.47 94.51 42.90
C ALA TB 77 -45.42 95.59 41.82
N LYS TB 78 -46.10 95.38 40.69
CA LYS TB 78 -46.12 96.34 39.57
C LYS TB 78 -44.69 96.66 39.10
N ARG TB 79 -43.86 95.64 39.03
CA ARG TB 79 -42.46 95.78 38.64
C ARG TB 79 -42.29 95.49 37.15
N LYS TB 80 -41.15 95.94 36.61
CA LYS TB 80 -40.77 95.65 35.24
C LYS TB 80 -39.58 94.72 35.13
N THR TB 81 -38.79 94.58 36.19
CA THR TB 81 -37.64 93.69 36.22
C THR TB 81 -37.78 92.73 37.39
N VAL TB 82 -37.58 91.44 37.13
CA VAL TB 82 -37.67 90.43 38.17
C VAL TB 82 -36.44 90.51 39.05
N THR TB 83 -36.64 90.76 40.34
CA THR TB 83 -35.55 90.81 41.30
C THR TB 83 -35.24 89.42 41.83
N ALA TB 84 -34.04 89.28 42.40
CA ALA TB 84 -33.64 87.99 42.96
C ALA TB 84 -34.49 87.61 44.16
N MET TB 85 -35.02 88.59 44.89
CA MET TB 85 -35.89 88.30 46.03
C MET TB 85 -37.16 87.61 45.58
N ASP TB 86 -37.74 88.05 44.47
CA ASP TB 86 -38.97 87.43 43.96
C ASP TB 86 -38.70 85.99 43.53
N VAL TB 87 -37.51 85.71 43.00
CA VAL TB 87 -37.15 84.35 42.61
C VAL TB 87 -37.12 83.44 43.83
N VAL TB 88 -36.54 83.93 44.93
CA VAL TB 88 -36.47 83.12 46.15
C VAL TB 88 -37.86 82.81 46.67
N TYR TB 89 -38.77 83.78 46.63
CA TYR TB 89 -40.15 83.53 47.02
C TYR TB 89 -40.78 82.47 46.13
N ALA TB 90 -40.54 82.56 44.82
CA ALA TB 90 -41.05 81.56 43.89
C ALA TB 90 -40.38 80.22 44.11
N LEU TB 91 -39.06 80.21 44.31
CA LEU TB 91 -38.33 78.96 44.46
C LEU TB 91 -38.71 78.24 45.75
N LYS TB 92 -38.79 78.99 46.87
CA LYS TB 92 -39.11 78.36 48.14
C LYS TB 92 -40.55 77.86 48.17
N ARG TB 93 -41.42 78.40 47.30
CA ARG TB 93 -42.79 77.91 47.24
C ARG TB 93 -42.86 76.52 46.64
N GLN TB 94 -41.97 76.20 45.70
CA GLN TB 94 -42.01 74.95 44.98
C GLN TB 94 -41.17 73.86 45.64
N GLY TB 95 -40.55 74.12 46.78
CA GLY TB 95 -39.79 73.16 47.52
C GLY TB 95 -38.30 73.19 47.26
N ARG TB 96 -37.86 73.84 46.19
CA ARG TB 96 -36.44 73.97 45.87
C ARG TB 96 -35.98 75.37 46.25
N THR TB 97 -35.29 75.48 47.38
CA THR TB 97 -34.89 76.77 47.95
C THR TB 97 -33.43 77.04 47.66
N LEU TB 98 -33.14 78.27 47.21
CA LEU TB 98 -31.79 78.73 46.94
C LEU TB 98 -31.38 79.72 48.01
N TYR TB 99 -30.12 79.64 48.45
CA TYR TB 99 -29.60 80.50 49.50
C TYR TB 99 -28.53 81.42 48.94
N GLY TB 100 -28.46 82.63 49.49
CA GLY TB 100 -27.48 83.62 49.09
C GLY TB 100 -27.98 84.62 48.07
N PHE TB 101 -29.08 84.34 47.40
CA PHE TB 101 -29.67 85.25 46.43
C PHE TB 101 -30.88 85.99 46.97
N GLY TB 102 -31.19 85.84 48.25
CA GLY TB 102 -32.34 86.49 48.84
C GLY TB 102 -32.34 86.37 50.34
N GLY TB 103 -33.29 87.06 50.97
CA GLY TB 103 -33.42 87.03 52.41
C GLY TB 103 -33.57 88.41 53.02
N GLY UB 14 -47.87 -92.00 -52.02
CA GLY UB 14 -46.58 -91.32 -51.96
C GLY UB 14 -46.68 -89.84 -52.26
N GLY UB 15 -47.45 -89.12 -51.44
CA GLY UB 15 -47.62 -87.70 -51.64
C GLY UB 15 -46.39 -86.91 -51.25
N ALA UB 16 -46.39 -85.63 -51.63
CA ALA UB 16 -45.26 -84.77 -51.33
C ALA UB 16 -45.23 -84.45 -49.84
N LYS UB 17 -44.05 -84.62 -49.23
CA LYS UB 17 -43.86 -84.36 -47.81
C LYS UB 17 -42.58 -83.57 -47.61
N ARG UB 18 -42.49 -82.90 -46.46
CA ARG UB 18 -41.34 -82.08 -46.12
C ARG UB 18 -40.46 -82.85 -45.12
N HIS UB 19 -39.18 -82.98 -45.43
CA HIS UB 19 -38.23 -83.69 -44.59
C HIS UB 19 -37.34 -82.78 -43.77
N ARG UB 20 -37.33 -81.47 -44.05
CA ARG UB 20 -36.58 -80.47 -43.30
C ARG UB 20 -35.10 -80.81 -43.38
N LYS UB 21 -34.42 -81.10 -42.28
CA LYS UB 21 -32.97 -81.26 -42.26
C LYS UB 21 -32.60 -82.24 -41.16
N VAL UB 22 -31.30 -82.56 -41.08
CA VAL UB 22 -30.82 -83.45 -40.03
C VAL UB 22 -31.12 -82.87 -38.65
N LEU UB 23 -31.17 -81.55 -38.54
CA LEU UB 23 -31.62 -80.89 -37.32
C LEU UB 23 -33.11 -81.13 -37.18
N ARG UB 24 -33.49 -82.03 -36.28
CA ARG UB 24 -34.87 -82.45 -36.17
C ARG UB 24 -35.74 -81.35 -35.59
N ASP UB 25 -37.04 -81.45 -35.85
CA ASP UB 25 -38.03 -80.49 -35.39
C ASP UB 25 -38.27 -80.66 -33.89
N ASN UB 26 -38.75 -79.58 -33.27
CA ASN UB 26 -39.06 -79.58 -31.84
C ASN UB 26 -40.43 -78.93 -31.64
N ILE UB 27 -41.08 -79.32 -30.55
CA ILE UB 27 -42.37 -78.77 -30.17
C ILE UB 27 -42.24 -77.74 -29.06
N GLN UB 28 -41.75 -78.16 -27.89
CA GLN UB 28 -41.55 -77.29 -26.73
C GLN UB 28 -42.80 -76.50 -26.41
N GLY UB 29 -43.97 -77.16 -26.47
CA GLY UB 29 -45.21 -76.48 -26.18
C GLY UB 29 -45.32 -76.04 -24.73
N ILE UB 30 -44.76 -76.82 -23.81
CA ILE UB 30 -44.77 -76.47 -22.40
C ILE UB 30 -43.79 -75.32 -22.20
N THR UB 31 -44.32 -74.11 -22.02
CA THR UB 31 -43.51 -72.91 -21.89
C THR UB 31 -43.21 -72.62 -20.42
N LYS UB 32 -42.55 -71.49 -20.19
CA LYS UB 32 -42.19 -71.11 -18.82
C LYS UB 32 -43.38 -70.94 -17.91
N PRO UB 33 -44.44 -70.20 -18.28
CA PRO UB 33 -45.61 -70.12 -17.38
C PRO UB 33 -46.25 -71.46 -17.12
N ALA UB 34 -46.27 -72.36 -18.12
CA ALA UB 34 -46.91 -73.66 -17.93
C ALA UB 34 -46.21 -74.48 -16.86
N ILE UB 35 -44.87 -74.49 -16.87
CA ILE UB 35 -44.13 -75.21 -15.85
C ILE UB 35 -44.29 -74.53 -14.49
N ARG UB 36 -44.43 -73.21 -14.47
CA ARG UB 36 -44.65 -72.49 -13.21
C ARG UB 36 -45.96 -72.93 -12.57
N ARG UB 37 -47.00 -73.14 -13.37
CA ARG UB 37 -48.27 -73.60 -12.84
C ARG UB 37 -48.12 -74.94 -12.12
N LEU UB 38 -47.36 -75.85 -12.73
CA LEU UB 38 -47.09 -77.14 -12.10
C LEU UB 38 -46.29 -76.96 -10.81
N ALA UB 39 -45.30 -76.06 -10.82
CA ALA UB 39 -44.51 -75.80 -9.62
C ALA UB 39 -45.35 -75.17 -8.53
N ARG UB 40 -46.23 -74.24 -8.89
CA ARG UB 40 -47.07 -73.57 -7.89
C ARG UB 40 -48.07 -74.53 -7.28
N ARG UB 41 -48.57 -75.50 -8.06
CA ARG UB 41 -49.50 -76.49 -7.52
C ARG UB 41 -48.83 -77.34 -6.46
N GLY UB 42 -47.58 -77.72 -6.67
CA GLY UB 42 -46.85 -78.51 -5.71
C GLY UB 42 -46.27 -77.74 -4.53
N GLY UB 43 -46.44 -76.43 -4.51
CA GLY UB 43 -45.93 -75.61 -3.43
C GLY UB 43 -44.51 -75.13 -3.60
N VAL UB 44 -43.99 -75.15 -4.83
CA VAL UB 44 -42.61 -74.73 -5.06
C VAL UB 44 -42.54 -73.21 -5.09
N LYS UB 45 -41.72 -72.63 -4.21
CA LYS UB 45 -41.59 -71.18 -4.15
C LYS UB 45 -40.91 -70.63 -5.41
N ARG UB 46 -39.78 -71.21 -5.79
CA ARG UB 46 -39.04 -70.75 -6.96
C ARG UB 46 -38.42 -71.96 -7.65
N ILE UB 47 -38.12 -71.79 -8.94
CA ILE UB 47 -37.65 -72.88 -9.78
C ILE UB 47 -36.31 -72.49 -10.38
N SER UB 48 -35.55 -73.50 -10.81
CA SER UB 48 -34.25 -73.28 -11.42
C SER UB 48 -34.38 -73.24 -12.95
N GLY UB 49 -33.38 -72.63 -13.59
CA GLY UB 49 -33.42 -72.48 -15.03
C GLY UB 49 -33.33 -73.80 -15.77
N LEU UB 50 -32.45 -74.69 -15.34
CA LEU UB 50 -32.29 -75.98 -16.01
C LEU UB 50 -33.49 -76.89 -15.76
N ILE UB 51 -34.27 -76.62 -14.72
CA ILE UB 51 -35.43 -77.47 -14.41
C ILE UB 51 -36.43 -77.44 -15.56
N TYR UB 52 -36.58 -76.28 -16.21
CA TYR UB 52 -37.50 -76.17 -17.34
C TYR UB 52 -37.20 -77.22 -18.40
N GLU UB 53 -35.93 -77.32 -18.80
CA GLU UB 53 -35.55 -78.33 -19.78
C GLU UB 53 -35.71 -79.74 -19.22
N GLU UB 54 -35.32 -79.93 -17.95
CA GLU UB 54 -35.47 -81.24 -17.32
C GLU UB 54 -36.94 -81.62 -17.19
N THR UB 55 -37.80 -80.66 -16.85
CA THR UB 55 -39.22 -80.94 -16.75
C THR UB 55 -39.79 -81.37 -18.09
N ARG UB 56 -39.38 -80.70 -19.17
CA ARG UB 56 -39.80 -81.12 -20.51
C ARG UB 56 -39.27 -82.52 -20.84
N GLY UB 57 -38.01 -82.79 -20.50
CA GLY UB 57 -37.48 -84.12 -20.72
C GLY UB 57 -38.16 -85.18 -19.87
N VAL UB 58 -38.41 -84.86 -18.59
CA VAL UB 58 -39.11 -85.79 -17.71
C VAL UB 58 -40.53 -86.02 -18.22
N LEU UB 59 -41.19 -84.96 -18.68
CA LEU UB 59 -42.52 -85.11 -19.27
C LEU UB 59 -42.46 -85.99 -20.52
N LYS UB 60 -41.43 -85.81 -21.35
CA LYS UB 60 -41.25 -86.67 -22.51
C LYS UB 60 -41.00 -88.12 -22.09
N VAL UB 61 -40.18 -88.33 -21.07
CA VAL UB 61 -39.88 -89.67 -20.61
C VAL UB 61 -41.13 -90.35 -20.09
N PHE UB 62 -41.93 -89.64 -19.29
CA PHE UB 62 -43.19 -90.19 -18.80
C PHE UB 62 -44.13 -90.49 -19.95
N LEU UB 63 -44.22 -89.57 -20.92
CA LEU UB 63 -45.04 -89.80 -22.10
C LEU UB 63 -44.51 -90.97 -22.93
N GLU UB 64 -43.19 -91.03 -23.11
CA GLU UB 64 -42.60 -92.06 -23.97
C GLU UB 64 -42.88 -93.46 -23.42
N ASN UB 65 -42.76 -93.63 -22.10
CA ASN UB 65 -43.01 -94.94 -21.50
C ASN UB 65 -44.47 -95.36 -21.68
N VAL UB 66 -45.41 -94.43 -21.51
CA VAL UB 66 -46.82 -94.79 -21.52
C VAL UB 66 -47.28 -95.17 -22.93
N ILE UB 67 -46.88 -94.39 -23.94
CA ILE UB 67 -47.37 -94.68 -25.29
C ILE UB 67 -46.73 -95.95 -25.85
N ARG UB 68 -45.58 -96.36 -25.29
CA ARG UB 68 -44.98 -97.62 -25.73
C ARG UB 68 -45.95 -98.78 -25.53
N ASP UB 69 -46.60 -98.82 -24.37
CA ASP UB 69 -47.66 -99.81 -24.15
C ASP UB 69 -48.92 -99.44 -24.93
N ALA UB 70 -49.31 -98.16 -24.91
CA ALA UB 70 -50.56 -97.75 -25.53
C ALA UB 70 -50.61 -98.13 -27.00
N VAL UB 71 -49.47 -98.06 -27.69
CA VAL UB 71 -49.41 -98.54 -29.07
C VAL UB 71 -49.62 -100.06 -29.11
N THR UB 72 -49.04 -100.78 -28.15
CA THR UB 72 -49.10 -102.23 -28.16
C THR UB 72 -50.53 -102.74 -28.02
N TYR UB 73 -51.33 -102.14 -27.11
CA TYR UB 73 -52.74 -102.49 -27.05
C TYR UB 73 -53.46 -102.14 -28.33
N THR UB 74 -53.17 -100.96 -28.88
CA THR UB 74 -53.79 -100.54 -30.13
C THR UB 74 -53.38 -101.44 -31.29
N GLU UB 75 -52.11 -101.84 -31.34
CA GLU UB 75 -51.65 -102.73 -32.41
C GLU UB 75 -52.33 -104.09 -32.33
N HIS UB 76 -52.47 -104.64 -31.11
CA HIS UB 76 -53.09 -105.95 -30.96
C HIS UB 76 -54.56 -105.93 -31.36
N ALA UB 77 -55.26 -104.82 -31.08
CA ALA UB 77 -56.67 -104.72 -31.43
C ALA UB 77 -56.90 -104.47 -32.91
N LYS UB 78 -55.85 -104.15 -33.67
CA LYS UB 78 -55.89 -103.93 -35.11
C LYS UB 78 -56.82 -102.79 -35.51
N ARG UB 79 -57.04 -101.82 -34.63
CA ARG UB 79 -57.84 -100.64 -34.94
C ARG UB 79 -56.95 -99.41 -34.89
N LYS UB 80 -57.18 -98.48 -35.82
CA LYS UB 80 -56.33 -97.29 -35.90
C LYS UB 80 -56.57 -96.36 -34.73
N THR UB 81 -57.82 -96.20 -34.30
CA THR UB 81 -58.13 -95.25 -33.25
C THR UB 81 -57.55 -95.69 -31.92
N VAL UB 82 -57.13 -94.71 -31.12
CA VAL UB 82 -56.60 -94.94 -29.79
C VAL UB 82 -57.61 -94.39 -28.78
N THR UB 83 -58.17 -95.28 -27.96
CA THR UB 83 -59.21 -94.92 -27.01
C THR UB 83 -58.62 -94.67 -25.63
N ALA UB 84 -59.42 -94.02 -24.78
CA ALA UB 84 -59.00 -93.79 -23.40
C ALA UB 84 -58.88 -95.09 -22.64
N MET UB 85 -59.59 -96.14 -23.07
CA MET UB 85 -59.45 -97.45 -22.44
C MET UB 85 -58.04 -97.99 -22.61
N ASP UB 86 -57.46 -97.85 -23.80
CA ASP UB 86 -56.10 -98.31 -24.03
C ASP UB 86 -55.10 -97.54 -23.16
N VAL UB 87 -55.33 -96.24 -22.98
CA VAL UB 87 -54.44 -95.43 -22.15
C VAL UB 87 -54.48 -95.90 -20.71
N VAL UB 88 -55.68 -96.13 -20.18
CA VAL UB 88 -55.81 -96.52 -18.78
C VAL UB 88 -55.26 -97.93 -18.56
N TYR UB 89 -55.31 -98.78 -19.58
CA TYR UB 89 -54.69 -100.10 -19.47
C TYR UB 89 -53.18 -99.98 -19.32
N ALA UB 90 -52.57 -99.09 -20.11
CA ALA UB 90 -51.13 -98.88 -20.01
C ALA UB 90 -50.78 -98.13 -18.73
N LEU UB 91 -51.61 -97.17 -18.32
CA LEU UB 91 -51.32 -96.36 -17.15
C LEU UB 91 -51.28 -97.21 -15.89
N LYS UB 92 -52.25 -98.13 -15.74
CA LYS UB 92 -52.34 -98.93 -14.52
C LYS UB 92 -51.18 -99.91 -14.40
N ARG UB 93 -50.57 -100.31 -15.53
CA ARG UB 93 -49.43 -101.21 -15.48
C ARG UB 93 -48.18 -100.48 -14.99
N GLN UB 94 -48.02 -99.22 -15.38
CA GLN UB 94 -46.87 -98.44 -14.92
C GLN UB 94 -46.96 -98.13 -13.43
N GLY UB 95 -48.10 -98.38 -12.81
CA GLY UB 95 -48.30 -98.09 -11.40
C GLY UB 95 -49.16 -96.89 -11.12
N ARG UB 96 -50.01 -96.47 -12.06
CA ARG UB 96 -50.81 -95.25 -11.93
C ARG UB 96 -52.17 -95.46 -12.58
N THR UB 97 -53.15 -95.86 -11.78
CA THR UB 97 -54.51 -95.99 -12.26
C THR UB 97 -55.15 -94.61 -12.42
N LEU UB 98 -55.96 -94.45 -13.46
CA LEU UB 98 -56.65 -93.21 -13.74
C LEU UB 98 -58.16 -93.47 -13.85
N TYR UB 99 -58.94 -92.67 -13.15
CA TYR UB 99 -60.39 -92.80 -13.13
C TYR UB 99 -61.03 -91.56 -13.73
N GLY UB 100 -62.22 -91.75 -14.31
CA GLY UB 100 -63.02 -90.67 -14.84
C GLY UB 100 -62.97 -90.52 -16.34
N PHE UB 101 -61.97 -91.09 -17.00
CA PHE UB 101 -61.87 -91.03 -18.46
C PHE UB 101 -62.37 -92.29 -19.14
N GLY UB 102 -62.37 -93.42 -18.44
CA GLY UB 102 -62.87 -94.66 -19.01
C GLY UB 102 -63.04 -95.75 -17.97
N GLY UB 103 -64.09 -96.55 -18.12
CA GLY UB 103 -64.36 -97.63 -17.19
C GLY UB 103 -65.30 -98.68 -17.74
N GLY VB 8 126.19 -2.74 -110.36
CA GLY VB 8 125.87 -4.16 -110.35
C GLY VB 8 124.38 -4.44 -110.28
N GLY VB 9 123.73 -4.49 -111.44
CA GLY VB 9 122.30 -4.74 -111.48
C GLY VB 9 121.85 -4.98 -112.90
N LYS VB 10 120.55 -5.24 -113.04
CA LYS VB 10 119.98 -5.48 -114.35
C LYS VB 10 120.09 -4.24 -115.24
N THR VB 11 119.81 -3.06 -114.69
CA THR VB 11 119.87 -1.82 -115.43
C THR VB 11 120.69 -0.81 -114.64
N ARG VB 12 121.79 -0.34 -115.23
CA ARG VB 12 122.63 0.69 -114.62
C ARG VB 12 122.13 2.08 -115.00
N ALA VB 13 120.84 2.31 -114.78
CA ALA VB 13 120.17 3.56 -115.15
C ALA VB 13 118.86 3.63 -114.38
N LYS VB 14 118.00 4.57 -114.77
CA LYS VB 14 116.69 4.69 -114.14
C LYS VB 14 115.84 3.46 -114.43
N ALA VB 15 115.66 2.61 -113.43
CA ALA VB 15 114.76 1.47 -113.55
C ALA VB 15 113.32 1.85 -113.25
N LYS VB 16 113.11 2.73 -112.25
CA LYS VB 16 111.74 3.24 -111.94
C LYS VB 16 111.70 4.38 -110.91
N THR VB 17 111.30 5.58 -111.33
CA THR VB 17 111.26 6.74 -110.43
C THR VB 17 110.62 6.47 -109.10
N ARG VB 18 111.12 7.10 -108.05
CA ARG VB 18 110.62 6.84 -106.71
C ARG VB 18 109.16 7.18 -106.59
N SER VB 19 108.72 8.16 -107.35
CA SER VB 19 107.33 8.49 -107.34
C SER VB 19 106.60 7.25 -107.76
N SER VB 20 107.17 6.52 -108.69
CA SER VB 20 106.51 5.33 -109.19
C SER VB 20 106.83 4.13 -108.33
N ARG VB 21 107.87 4.22 -107.52
CA ARG VB 21 108.17 3.15 -106.60
C ARG VB 21 107.12 3.24 -105.52
N ALA VB 22 106.34 4.30 -105.53
CA ALA VB 22 105.31 4.48 -104.53
C ALA VB 22 103.95 4.50 -105.15
N GLY VB 23 103.89 4.77 -106.45
CA GLY VB 23 102.62 4.83 -107.15
C GLY VB 23 102.19 6.25 -107.33
N LEU VB 24 102.96 7.17 -106.79
CA LEU VB 24 102.59 8.56 -106.86
C LEU VB 24 102.66 8.99 -108.30
N GLN VB 25 101.93 10.04 -108.63
CA GLN VB 25 101.91 10.54 -110.00
C GLN VB 25 102.62 11.87 -110.07
N PHE VB 26 103.14 12.35 -108.95
CA PHE VB 26 103.89 13.58 -108.95
C PHE VB 26 105.37 13.30 -108.71
N PRO VB 27 106.27 13.97 -109.44
CA PRO VB 27 107.70 13.67 -109.33
C PRO VB 27 108.26 14.13 -107.98
N VAL VB 28 108.94 13.22 -107.28
CA VAL VB 28 109.55 13.57 -106.00
C VAL VB 28 110.82 14.38 -106.22
N GLY VB 29 111.44 14.25 -107.40
CA GLY VB 29 112.60 15.06 -107.70
C GLY VB 29 112.30 16.55 -107.74
N ARG VB 30 111.14 16.91 -108.28
CA ARG VB 30 110.73 18.31 -108.29
C ARG VB 30 110.54 18.83 -106.86
N VAL VB 31 109.93 18.01 -106.00
CA VAL VB 31 109.75 18.41 -104.61
C VAL VB 31 111.09 18.59 -103.92
N HIS VB 32 112.03 17.67 -104.16
CA HIS VB 32 113.36 17.79 -103.58
C HIS VB 32 114.05 19.07 -104.06
N ARG VB 33 113.96 19.36 -105.36
CA ARG VB 33 114.60 20.55 -105.90
C ARG VB 33 114.00 21.81 -105.29
N LEU VB 34 112.68 21.87 -105.19
CA LEU VB 34 112.04 23.05 -104.63
C LEU VB 34 112.39 23.22 -103.16
N LEU VB 35 112.41 22.12 -102.40
CA LEU VB 35 112.75 22.20 -100.98
C LEU VB 35 114.19 22.66 -100.79
N ARG VB 36 115.12 22.17 -101.62
CA ARG VB 36 116.50 22.60 -101.51
C ARG VB 36 116.68 24.05 -101.94
N LYS VB 37 115.90 24.49 -102.94
CA LYS VB 37 116.02 25.87 -103.41
C LYS VB 37 115.43 26.86 -102.41
N GLY VB 38 114.36 26.48 -101.72
CA GLY VB 38 113.68 27.40 -100.81
C GLY VB 38 114.48 27.77 -99.57
N ASN VB 39 115.61 27.08 -99.31
CA ASN VB 39 116.45 27.37 -98.15
C ASN VB 39 115.65 27.25 -96.86
N TYR VB 40 114.94 26.13 -96.71
CA TYR VB 40 114.12 25.90 -95.53
C TYR VB 40 114.90 25.28 -94.37
N ALA VB 41 115.96 24.54 -94.67
CA ALA VB 41 116.77 23.92 -93.62
C ALA VB 41 118.15 23.62 -94.18
N GLU VB 42 119.08 23.36 -93.26
CA GLU VB 42 120.45 23.02 -93.66
C GLU VB 42 120.55 21.62 -94.24
N ARG VB 43 119.64 20.72 -93.85
CA ARG VB 43 119.66 19.34 -94.33
C ARG VB 43 118.23 18.87 -94.53
N VAL VB 44 118.08 17.86 -95.40
CA VAL VB 44 116.78 17.31 -95.76
C VAL VB 44 116.79 15.81 -95.53
N GLY VB 45 115.67 15.30 -95.05
CA GLY VB 45 115.51 13.86 -94.85
C GLY VB 45 114.86 13.16 -96.03
N ALA VB 46 115.07 11.85 -96.13
CA ALA VB 46 114.54 11.09 -97.26
C ALA VB 46 113.04 10.82 -97.13
N GLY VB 47 112.52 10.74 -95.90
CA GLY VB 47 111.12 10.40 -95.71
C GLY VB 47 110.16 11.56 -95.86
N ALA VB 48 110.66 12.79 -95.75
CA ALA VB 48 109.79 13.96 -95.92
C ALA VB 48 109.20 14.09 -97.32
N PRO VB 49 109.98 14.01 -98.41
CA PRO VB 49 109.38 14.27 -99.74
C PRO VB 49 108.27 13.31 -100.13
N VAL VB 50 108.39 12.03 -99.78
CA VAL VB 50 107.34 11.08 -100.15
C VAL VB 50 106.05 11.39 -99.40
N TYR VB 51 106.16 11.71 -98.11
CA TYR VB 51 105.00 12.09 -97.32
C TYR VB 51 104.34 13.34 -97.89
N LEU VB 52 105.14 14.35 -98.21
CA LEU VB 52 104.60 15.59 -98.75
C LEU VB 52 103.93 15.35 -100.10
N ALA VB 53 104.55 14.56 -100.97
CA ALA VB 53 103.98 14.26 -102.27
C ALA VB 53 102.66 13.50 -102.13
N ALA VB 54 102.62 12.54 -101.20
CA ALA VB 54 101.37 11.80 -100.98
C ALA VB 54 100.26 12.73 -100.49
N VAL VB 55 100.58 13.63 -99.56
CA VAL VB 55 99.57 14.55 -99.05
C VAL VB 55 99.05 15.45 -100.16
N LEU VB 56 99.97 16.00 -100.96
CA LEU VB 56 99.57 16.89 -102.05
C LEU VB 56 98.75 16.16 -103.10
N GLU VB 57 99.15 14.92 -103.43
CA GLU VB 57 98.41 14.15 -104.42
C GLU VB 57 97.02 13.80 -103.91
N TYR VB 58 96.89 13.44 -102.63
CA TYR VB 58 95.57 13.14 -102.08
C TYR VB 58 94.69 14.37 -102.12
N LEU VB 59 95.22 15.53 -101.72
CA LEU VB 59 94.44 16.75 -101.73
C LEU VB 59 93.99 17.10 -103.14
N THR VB 60 94.91 17.00 -104.11
CA THR VB 60 94.57 17.31 -105.49
C THR VB 60 93.52 16.35 -106.04
N ALA VB 61 93.66 15.06 -105.75
CA ALA VB 61 92.68 14.09 -106.24
C ALA VB 61 91.30 14.35 -105.64
N GLU VB 62 91.23 14.64 -104.35
CA GLU VB 62 89.93 14.87 -103.72
C GLU VB 62 89.29 16.16 -104.23
N ILE VB 63 90.07 17.23 -104.37
CA ILE VB 63 89.47 18.47 -104.87
C ILE VB 63 89.04 18.31 -106.33
N LEU VB 64 89.80 17.53 -107.11
CA LEU VB 64 89.40 17.27 -108.49
C LEU VB 64 88.12 16.44 -108.54
N GLU VB 65 87.97 15.45 -107.65
CA GLU VB 65 86.75 14.66 -107.60
C GLU VB 65 85.55 15.55 -107.24
N LEU VB 66 85.73 16.43 -106.26
CA LEU VB 66 84.65 17.34 -105.88
C LEU VB 66 84.30 18.29 -107.03
N ALA VB 67 85.32 18.79 -107.73
CA ALA VB 67 85.06 19.67 -108.88
C ALA VB 67 84.34 18.92 -109.99
N GLY VB 68 84.70 17.65 -110.21
CA GLY VB 68 84.00 16.86 -111.21
C GLY VB 68 82.55 16.62 -110.84
N ASN VB 69 82.29 16.36 -109.56
CA ASN VB 69 80.90 16.21 -109.11
C ASN VB 69 80.13 17.50 -109.29
N ALA VB 70 80.74 18.64 -108.98
CA ALA VB 70 80.08 19.92 -109.19
C ALA VB 70 79.80 20.16 -110.67
N ALA VB 71 80.75 19.81 -111.53
CA ALA VB 71 80.54 19.96 -112.97
C ALA VB 71 79.43 19.06 -113.46
N ARG VB 72 79.35 17.84 -112.94
CA ARG VB 72 78.25 16.94 -113.30
C ARG VB 72 76.91 17.52 -112.85
N ASP VB 73 76.88 18.13 -111.66
CA ASP VB 73 75.68 18.81 -111.20
C ASP VB 73 75.31 19.95 -112.15
N ASN VB 74 76.31 20.69 -112.63
CA ASN VB 74 76.08 21.77 -113.58
C ASN VB 74 75.91 21.27 -115.02
N LYS VB 75 75.95 19.95 -115.23
CA LYS VB 75 75.75 19.33 -116.54
C LYS VB 75 76.88 19.66 -117.51
N LYS VB 76 78.07 19.93 -117.01
CA LYS VB 76 79.24 20.19 -117.84
C LYS VB 76 80.36 19.22 -117.46
N THR VB 77 81.34 19.09 -118.34
CA THR VB 77 82.47 18.19 -118.11
C THR VB 77 83.79 18.92 -117.89
N ARG VB 78 84.14 19.85 -118.77
CA ARG VB 78 85.36 20.63 -118.58
C ARG VB 78 85.20 21.51 -117.35
N ILE VB 79 86.21 21.50 -116.47
CA ILE VB 79 86.11 22.18 -115.19
C ILE VB 79 86.30 23.67 -115.40
N ILE VB 80 85.22 24.43 -115.20
CA ILE VB 80 85.26 25.89 -115.19
C ILE VB 80 85.55 26.29 -113.74
N PRO VB 81 86.22 27.42 -113.48
CA PRO VB 81 86.49 27.80 -112.09
C PRO VB 81 85.25 27.90 -111.20
N ARG VB 82 84.07 28.05 -111.79
CA ARG VB 82 82.85 28.04 -110.98
C ARG VB 82 82.67 26.70 -110.28
N HIS VB 83 82.96 25.59 -110.97
CA HIS VB 83 82.87 24.28 -110.33
C HIS VB 83 83.87 24.16 -109.19
N LEU VB 84 85.11 24.66 -109.39
CA LEU VB 84 86.10 24.63 -108.34
C LEU VB 84 85.65 25.42 -107.12
N GLN VB 85 85.10 26.61 -107.35
CA GLN VB 85 84.61 27.42 -106.24
C GLN VB 85 83.46 26.74 -105.52
N LEU VB 86 82.54 26.12 -106.27
CA LEU VB 86 81.43 25.41 -105.65
C LEU VB 86 81.92 24.25 -104.79
N ALA VB 87 82.92 23.52 -105.29
CA ALA VB 87 83.50 22.44 -104.49
C ALA VB 87 84.18 22.96 -103.24
N VAL VB 88 84.90 24.08 -103.36
CA VAL VB 88 85.71 24.58 -102.24
C VAL VB 88 84.83 25.14 -101.14
N ARG VB 89 83.83 25.96 -101.50
CA ARG VB 89 83.11 26.74 -100.50
C ARG VB 89 81.95 25.99 -99.85
N ASN VB 90 81.70 24.74 -100.23
CA ASN VB 90 80.52 24.04 -99.74
C ASN VB 90 80.75 23.28 -98.43
N ASP VB 91 81.98 23.20 -97.95
CA ASP VB 91 82.27 22.48 -96.71
C ASP VB 91 83.12 23.36 -95.79
N GLU VB 92 82.87 23.26 -94.49
CA GLU VB 92 83.58 24.09 -93.53
C GLU VB 92 85.06 23.71 -93.44
N GLU VB 93 85.37 22.43 -93.61
CA GLU VB 93 86.76 22.00 -93.55
C GLU VB 93 87.58 22.63 -94.67
N LEU VB 94 87.03 22.72 -95.87
CA LEU VB 94 87.70 23.39 -96.97
C LEU VB 94 87.62 24.91 -96.84
N ASN VB 95 86.55 25.42 -96.22
CA ASN VB 95 86.45 26.86 -95.99
C ASN VB 95 87.53 27.35 -95.04
N LYS VB 96 87.88 26.53 -94.05
CA LYS VB 96 88.98 26.90 -93.16
C LYS VB 96 90.28 27.04 -93.92
N LEU VB 97 90.53 26.15 -94.89
CA LEU VB 97 91.77 26.20 -95.65
C LEU VB 97 91.77 27.36 -96.64
N LEU VB 98 90.64 27.63 -97.28
CA LEU VB 98 90.55 28.62 -98.35
C LEU VB 98 89.55 29.73 -98.00
N GLY VB 99 89.63 30.25 -96.78
CA GLY VB 99 88.70 31.27 -96.34
C GLY VB 99 88.73 32.57 -97.13
N ARG VB 100 89.82 33.31 -97.02
CA ARG VB 100 89.94 34.60 -97.67
C ARG VB 100 90.58 34.52 -99.05
N VAL VB 101 90.89 33.30 -99.52
CA VAL VB 101 91.49 33.14 -100.83
C VAL VB 101 90.44 33.34 -101.91
N THR VB 102 90.75 34.18 -102.89
CA THR VB 102 89.85 34.46 -104.01
C THR VB 102 90.26 33.63 -105.22
N ILE VB 103 89.27 33.10 -105.91
CA ILE VB 103 89.50 32.25 -107.09
C ILE VB 103 89.17 33.06 -108.33
N ALA VB 104 90.11 33.10 -109.27
CA ALA VB 104 89.90 33.82 -110.52
C ALA VB 104 88.75 33.19 -111.31
N GLN VB 105 87.83 34.03 -111.78
CA GLN VB 105 86.67 33.62 -112.56
C GLN VB 105 85.80 32.60 -111.83
N GLY VB 106 85.96 32.49 -110.50
CA GLY VB 106 85.26 31.48 -109.73
C GLY VB 106 83.84 31.85 -109.35
N GLY VB 107 83.59 33.14 -109.15
CA GLY VB 107 82.28 33.57 -108.73
C GLY VB 107 82.02 33.26 -107.27
N VAL VB 108 80.75 33.34 -106.88
CA VAL VB 108 80.33 33.09 -105.51
C VAL VB 108 79.08 32.21 -105.53
N LEU VB 109 78.83 31.55 -104.40
CA LEU VB 109 77.69 30.66 -104.25
C LEU VB 109 76.40 31.46 -104.07
N PRO VB 110 75.28 30.94 -104.58
CA PRO VB 110 73.99 31.65 -104.43
C PRO VB 110 73.51 31.56 -102.99
N ASN VB 111 73.11 32.72 -102.44
CA ASN VB 111 72.70 32.79 -101.04
C ASN VB 111 71.50 33.72 -100.91
N ILE VB 112 70.51 33.30 -100.13
CA ILE VB 112 69.36 34.12 -99.78
C ILE VB 112 68.85 33.63 -98.43
N GLN VB 113 68.72 34.54 -97.45
CA GLN VB 113 68.52 34.12 -96.06
C GLN VB 113 67.17 34.52 -95.49
N SER VB 114 66.87 35.81 -95.38
CA SER VB 114 65.70 36.15 -94.57
C SER VB 114 64.72 37.14 -95.19
N VAL VB 115 65.21 38.18 -95.85
CA VAL VB 115 64.35 39.30 -96.22
C VAL VB 115 64.41 39.63 -97.71
N LEU VB 116 65.35 39.08 -98.48
CA LEU VB 116 65.33 39.30 -99.91
C LEU VB 116 64.07 38.73 -100.57
N LEU VB 117 63.41 37.77 -99.91
CA LEU VB 117 62.11 37.26 -100.29
C LEU VB 117 61.02 38.24 -99.84
N PRO VB 118 59.84 38.19 -100.46
CA PRO VB 118 58.74 39.03 -100.00
C PRO VB 118 58.12 38.52 -98.70
N LYS VB 119 57.05 39.16 -98.25
CA LYS VB 119 56.34 38.78 -97.03
C LYS VB 119 57.25 38.89 -95.81
N LYS VB 120 57.85 40.07 -95.64
CA LYS VB 120 58.73 40.36 -94.51
C LYS VB 120 59.85 39.33 -94.42
N THR VB 121 59.85 38.54 -93.36
CA THR VB 121 60.81 37.47 -93.16
C THR VB 121 60.10 36.13 -93.32
N GLU VB 122 60.60 35.31 -94.24
CA GLU VB 122 59.98 34.01 -94.53
C GLU VB 122 61.04 33.06 -95.04
N SER VB 123 60.91 31.78 -94.66
CA SER VB 123 61.88 30.77 -95.06
C SER VB 123 61.24 29.44 -95.44
N SER VB 124 59.92 29.36 -95.52
CA SER VB 124 59.24 28.10 -95.84
C SER VB 124 59.12 27.96 -97.35
N LYS VB 125 59.95 27.10 -97.94
CA LYS VB 125 59.96 26.90 -99.37
C LYS VB 125 60.08 25.40 -99.66
N SER VB 126 59.81 25.03 -100.91
CA SER VB 126 59.88 23.64 -101.32
C SER VB 126 61.32 23.17 -101.39
N ALA VB 127 61.49 21.88 -101.66
CA ALA VB 127 62.81 21.27 -101.72
C ALA VB 127 63.55 21.71 -102.98
N LYS VB 128 64.84 21.37 -103.03
CA LYS VB 128 65.72 21.58 -104.18
C LYS VB 128 66.02 23.06 -104.37
N SER VB 129 65.37 23.92 -103.59
CA SER VB 129 65.55 25.35 -103.72
C SER VB 129 65.70 25.97 -102.33
N LYS VB 130 66.34 27.14 -102.29
CA LYS VB 130 66.62 27.89 -101.06
C LYS VB 130 67.61 27.15 -100.16
N GLY WB 8 -69.90 142.98 22.07
CA GLY WB 8 -69.71 144.11 22.97
C GLY WB 8 -68.58 143.90 23.96
N GLY WB 9 -67.74 142.91 23.70
CA GLY WB 9 -66.62 142.61 24.57
C GLY WB 9 -65.60 141.77 23.84
N LYS WB 10 -64.51 141.48 24.54
CA LYS WB 10 -63.42 140.67 24.00
C LYS WB 10 -63.14 139.52 24.97
N THR WB 11 -63.88 138.43 24.80
CA THR WB 11 -63.72 137.25 25.62
C THR WB 11 -63.99 136.02 24.77
N ARG WB 12 -63.50 134.87 25.25
CA ARG WB 12 -63.72 133.53 24.71
C ARG WB 12 -62.96 133.29 23.41
N ALA WB 13 -62.33 134.30 22.82
CA ALA WB 13 -61.70 134.17 21.51
C ALA WB 13 -60.65 135.26 21.38
N LYS WB 14 -60.19 135.49 20.14
CA LYS WB 14 -59.20 136.49 19.75
C LYS WB 14 -57.79 136.17 20.24
N ALA WB 15 -57.61 135.10 21.01
CA ALA WB 15 -56.28 134.68 21.45
C ALA WB 15 -55.99 133.21 21.24
N LYS WB 16 -57.02 132.36 21.15
CA LYS WB 16 -56.87 130.94 20.87
C LYS WB 16 -57.65 130.64 19.60
N THR WB 17 -56.94 130.39 18.50
CA THR WB 17 -57.60 130.08 17.24
C THR WB 17 -58.23 128.70 17.30
N ARG WB 18 -58.89 128.33 16.19
CA ARG WB 18 -59.56 127.04 16.13
C ARG WB 18 -58.57 125.89 16.34
N SER WB 19 -57.34 126.04 15.83
CA SER WB 19 -56.31 125.05 16.06
C SER WB 19 -55.79 125.13 17.50
N SER WB 20 -55.60 126.35 18.01
CA SER WB 20 -55.07 126.51 19.35
C SER WB 20 -56.12 126.22 20.41
N ARG WB 21 -57.41 126.32 20.07
CA ARG WB 21 -58.46 126.01 21.03
C ARG WB 21 -58.41 124.54 21.44
N ALA WB 22 -58.01 123.66 20.52
CA ALA WB 22 -57.83 122.24 20.82
C ALA WB 22 -56.38 121.88 21.10
N GLY WB 23 -55.51 122.88 21.26
CA GLY WB 23 -54.10 122.61 21.52
C GLY WB 23 -53.40 121.89 20.39
N LEU WB 24 -53.69 122.26 19.15
CA LEU WB 24 -53.11 121.62 17.98
C LEU WB 24 -52.40 122.65 17.11
N GLN WB 25 -51.20 122.32 16.65
CA GLN WB 25 -50.47 123.20 15.75
C GLN WB 25 -51.04 123.16 14.34
N PHE WB 26 -51.50 121.99 13.90
CA PHE WB 26 -52.04 121.85 12.56
C PHE WB 26 -53.33 122.66 12.42
N PRO WB 27 -53.55 123.28 11.25
CA PRO WB 27 -54.72 124.14 11.06
C PRO WB 27 -55.98 123.34 10.87
N VAL WB 28 -56.86 123.36 11.87
CA VAL WB 28 -58.13 122.65 11.76
C VAL WB 28 -59.12 123.43 10.92
N GLY WB 29 -58.92 124.75 10.81
CA GLY WB 29 -59.81 125.55 9.98
C GLY WB 29 -59.68 125.22 8.50
N ARG WB 30 -58.45 125.08 8.02
CA ARG WB 30 -58.24 124.75 6.62
C ARG WB 30 -58.59 123.29 6.34
N VAL WB 31 -58.47 122.42 7.34
CA VAL WB 31 -58.91 121.04 7.19
C VAL WB 31 -60.42 120.98 7.05
N HIS WB 32 -61.14 121.84 7.79
CA HIS WB 32 -62.59 121.85 7.71
C HIS WB 32 -63.09 122.17 6.31
N ARG WB 33 -62.47 123.16 5.66
CA ARG WB 33 -62.83 123.47 4.28
C ARG WB 33 -62.32 122.43 3.29
N LEU WB 34 -61.27 121.70 3.65
CA LEU WB 34 -60.81 120.61 2.80
C LEU WB 34 -61.85 119.50 2.72
N LEU WB 35 -62.51 119.20 3.85
CA LEU WB 35 -63.58 118.21 3.83
C LEU WB 35 -64.74 118.66 2.96
N ARG WB 36 -65.09 119.94 3.03
CA ARG WB 36 -66.18 120.46 2.18
C ARG WB 36 -65.79 120.48 0.72
N LYS WB 37 -64.50 120.66 0.41
CA LYS WB 37 -64.06 120.60 -0.98
C LYS WB 37 -64.27 119.21 -1.57
N GLY WB 38 -64.00 118.17 -0.79
CA GLY WB 38 -64.17 116.80 -1.27
C GLY WB 38 -65.60 116.33 -1.32
N ASN WB 39 -66.55 117.11 -0.80
CA ASN WB 39 -67.97 116.76 -0.83
C ASN WB 39 -68.22 115.40 -0.20
N TYR WB 40 -67.50 115.11 0.89
CA TYR WB 40 -67.60 113.82 1.55
C TYR WB 40 -68.90 113.65 2.33
N ALA WB 41 -69.56 114.74 2.71
CA ALA WB 41 -70.82 114.65 3.45
C ALA WB 41 -71.57 115.96 3.27
N GLU WB 42 -72.88 115.89 3.52
CA GLU WB 42 -73.71 117.09 3.44
C GLU WB 42 -73.42 118.05 4.59
N ARG WB 43 -73.20 117.52 5.79
CA ARG WB 43 -72.88 118.32 6.96
C ARG WB 43 -71.65 117.76 7.65
N VAL WB 44 -70.79 118.65 8.12
CA VAL WB 44 -69.57 118.28 8.82
C VAL WB 44 -69.61 118.89 10.21
N GLY WB 45 -69.53 118.03 11.24
CA GLY WB 45 -69.59 118.50 12.60
C GLY WB 45 -68.33 119.19 13.04
N ALA WB 46 -68.42 119.88 14.18
CA ALA WB 46 -67.28 120.61 14.72
C ALA WB 46 -66.19 119.68 15.23
N GLY WB 47 -66.53 118.45 15.59
CA GLY WB 47 -65.53 117.52 16.10
C GLY WB 47 -64.75 116.78 15.04
N ALA WB 48 -65.16 116.90 13.76
CA ALA WB 48 -64.46 116.17 12.70
C ALA WB 48 -63.12 116.80 12.36
N PRO WB 49 -63.03 118.08 11.98
CA PRO WB 49 -61.71 118.63 11.61
C PRO WB 49 -60.70 118.62 12.75
N VAL WB 50 -61.15 118.83 13.98
CA VAL WB 50 -60.22 118.86 15.11
C VAL WB 50 -59.67 117.47 15.39
N TYR WB 51 -60.50 116.43 15.27
CA TYR WB 51 -60.02 115.07 15.48
C TYR WB 51 -59.07 114.65 14.37
N LEU WB 52 -59.37 115.04 13.13
CA LEU WB 52 -58.51 114.68 12.01
C LEU WB 52 -57.13 115.31 12.16
N ALA WB 53 -57.08 116.58 12.56
CA ALA WB 53 -55.80 117.25 12.75
C ALA WB 53 -54.99 116.59 13.87
N ALA WB 54 -55.66 116.22 14.96
CA ALA WB 54 -54.97 115.57 16.06
C ALA WB 54 -54.36 114.23 15.63
N VAL WB 55 -55.12 113.45 14.87
CA VAL WB 55 -54.59 112.20 14.34
C VAL WB 55 -53.46 112.48 13.35
N LEU WB 56 -53.65 113.47 12.47
CA LEU WB 56 -52.60 113.80 11.51
C LEU WB 56 -51.36 114.35 12.21
N GLU WB 57 -51.54 115.17 13.23
CA GLU WB 57 -50.40 115.72 13.96
C GLU WB 57 -49.61 114.62 14.65
N TYR WB 58 -50.31 113.65 15.24
CA TYR WB 58 -49.62 112.53 15.89
C TYR WB 58 -48.84 111.71 14.86
N LEU WB 59 -49.44 111.44 13.71
CA LEU WB 59 -48.74 110.72 12.66
C LEU WB 59 -47.56 111.51 12.12
N THR WB 60 -47.73 112.83 11.97
CA THR WB 60 -46.66 113.68 11.46
C THR WB 60 -45.48 113.70 12.42
N ALA WB 61 -45.75 113.93 13.72
CA ALA WB 61 -44.67 114.01 14.70
C ALA WB 61 -43.97 112.68 14.86
N GLU WB 62 -44.73 111.57 14.88
CA GLU WB 62 -44.13 110.25 15.09
C GLU WB 62 -43.21 109.88 13.93
N ILE WB 63 -43.66 110.15 12.70
CA ILE WB 63 -42.83 109.81 11.54
C ILE WB 63 -41.56 110.65 11.52
N LEU WB 64 -41.68 111.94 11.82
CA LEU WB 64 -40.49 112.80 11.86
C LEU WB 64 -39.53 112.37 12.95
N GLU WB 65 -40.06 111.96 14.11
CA GLU WB 65 -39.19 111.50 15.18
C GLU WB 65 -38.39 110.29 14.77
N LEU WB 66 -39.03 109.31 14.12
CA LEU WB 66 -38.31 108.15 13.62
C LEU WB 66 -37.36 108.53 12.50
N ALA WB 67 -37.80 109.42 11.61
CA ALA WB 67 -36.92 109.89 10.53
C ALA WB 67 -35.75 110.67 11.09
N GLY WB 68 -35.98 111.51 12.10
CA GLY WB 68 -34.89 112.25 12.72
C GLY WB 68 -33.91 111.34 13.44
N ASN WB 69 -34.43 110.26 14.04
CA ASN WB 69 -33.54 109.31 14.71
C ASN WB 69 -32.60 108.63 13.73
N ALA WB 70 -33.10 108.27 12.55
CA ALA WB 70 -32.27 107.63 11.55
C ALA WB 70 -31.17 108.56 11.06
N ALA WB 71 -31.44 109.87 11.03
CA ALA WB 71 -30.42 110.82 10.57
C ALA WB 71 -29.21 110.81 11.49
N ARG WB 72 -29.43 110.78 12.81
CA ARG WB 72 -28.31 110.77 13.74
C ARG WB 72 -27.54 109.46 13.71
N ASP WB 73 -28.21 108.36 13.32
CA ASP WB 73 -27.53 107.07 13.23
C ASP WB 73 -26.46 107.09 12.15
N ASN WB 74 -26.75 107.76 11.02
CA ASN WB 74 -25.81 107.85 9.91
C ASN WB 74 -24.72 108.89 10.14
N LYS WB 75 -24.58 109.40 11.36
CA LYS WB 75 -23.58 110.40 11.72
C LYS WB 75 -23.75 111.69 10.92
N LYS WB 76 -24.99 112.04 10.59
CA LYS WB 76 -25.29 113.26 9.85
C LYS WB 76 -26.36 114.04 10.59
N THR WB 77 -26.41 115.35 10.31
CA THR WB 77 -27.35 116.26 10.98
C THR WB 77 -28.44 116.74 10.04
N ARG WB 78 -28.59 116.11 8.87
CA ARG WB 78 -29.61 116.50 7.90
C ARG WB 78 -30.50 115.30 7.59
N ILE WB 79 -31.80 115.54 7.51
CA ILE WB 79 -32.78 114.50 7.19
C ILE WB 79 -32.96 114.50 5.68
N ILE WB 80 -32.54 113.40 5.05
CA ILE WB 80 -32.69 113.23 3.61
C ILE WB 80 -33.88 112.30 3.36
N PRO WB 81 -34.45 112.25 2.15
CA PRO WB 81 -35.58 111.35 1.90
C PRO WB 81 -35.26 109.88 2.13
N ARG WB 82 -33.99 109.51 2.18
CA ARG WB 82 -33.63 108.14 2.51
C ARG WB 82 -34.15 107.75 3.88
N HIS WB 83 -34.03 108.65 4.86
CA HIS WB 83 -34.49 108.37 6.21
C HIS WB 83 -35.99 108.18 6.26
N LEU WB 84 -36.74 108.84 5.38
CA LEU WB 84 -38.17 108.61 5.30
C LEU WB 84 -38.47 107.18 4.88
N GLN WB 85 -37.71 106.65 3.92
CA GLN WB 85 -37.85 105.25 3.54
C GLN WB 85 -37.44 104.33 4.68
N LEU WB 86 -36.42 104.73 5.44
CA LEU WB 86 -36.00 103.93 6.59
C LEU WB 86 -37.11 103.85 7.63
N ALA WB 87 -37.79 104.97 7.89
CA ALA WB 87 -38.79 105.01 8.96
C ALA WB 87 -40.01 104.17 8.61
N VAL WB 88 -40.48 104.27 7.36
CA VAL WB 88 -41.71 103.56 6.98
C VAL WB 88 -41.47 102.04 6.98
N ARG WB 89 -40.25 101.61 6.73
CA ARG WB 89 -39.90 100.19 6.77
C ARG WB 89 -39.37 99.75 8.12
N ASN WB 90 -39.19 100.67 9.06
CA ASN WB 90 -38.63 100.31 10.36
C ASN WB 90 -39.62 99.57 11.23
N ASP WB 91 -40.87 100.01 11.25
CA ASP WB 91 -41.88 99.50 12.17
C ASP WB 91 -42.85 98.57 11.46
N GLU WB 92 -43.29 97.53 12.17
CA GLU WB 92 -44.27 96.60 11.63
C GLU WB 92 -45.60 97.31 11.35
N GLU WB 93 -46.03 98.16 12.29
CA GLU WB 93 -47.29 98.88 12.10
C GLU WB 93 -47.19 99.87 10.95
N LEU WB 94 -46.06 100.57 10.84
CA LEU WB 94 -45.89 101.52 9.74
C LEU WB 94 -45.81 100.83 8.39
N ASN WB 95 -45.27 99.61 8.35
CA ASN WB 95 -45.22 98.87 7.10
C ASN WB 95 -46.63 98.55 6.59
N LYS WB 96 -47.53 98.14 7.49
CA LYS WB 96 -48.89 97.83 7.08
C LYS WB 96 -49.62 99.08 6.59
N LEU WB 97 -49.43 100.21 7.27
CA LEU WB 97 -50.11 101.43 6.88
C LEU WB 97 -49.65 101.91 5.51
N LEU WB 98 -48.34 101.91 5.27
CA LEU WB 98 -47.75 102.34 4.00
C LEU WB 98 -46.83 101.23 3.51
N GLY WB 99 -47.38 100.31 2.73
CA GLY WB 99 -46.60 99.18 2.23
C GLY WB 99 -46.20 99.31 0.79
N ARG WB 100 -47.09 99.87 -0.04
CA ARG WB 100 -46.85 100.00 -1.48
C ARG WB 100 -46.59 101.44 -1.89
N VAL WB 101 -46.25 102.30 -0.95
CA VAL WB 101 -45.97 103.70 -1.24
C VAL WB 101 -44.52 103.84 -1.70
N THR WB 102 -44.33 104.52 -2.82
CA THR WB 102 -43.00 104.76 -3.37
C THR WB 102 -42.51 106.13 -2.90
N ILE WB 103 -41.33 106.15 -2.28
CA ILE WB 103 -40.74 107.38 -1.76
C ILE WB 103 -39.87 108.01 -2.83
N ALA WB 104 -40.12 109.29 -3.12
CA ALA WB 104 -39.36 110.00 -4.14
C ALA WB 104 -37.91 110.18 -3.68
N GLN WB 105 -36.98 109.85 -4.58
CA GLN WB 105 -35.54 109.97 -4.32
C GLN WB 105 -35.11 109.16 -3.10
N GLY WB 106 -35.85 108.10 -2.78
CA GLY WB 106 -35.58 107.28 -1.62
C GLY WB 106 -34.66 106.12 -1.94
N GLY WB 107 -34.52 105.23 -0.95
CA GLY WB 107 -33.69 104.05 -1.07
C GLY WB 107 -34.49 102.80 -0.73
N VAL WB 108 -33.77 101.82 -0.19
CA VAL WB 108 -34.36 100.55 0.24
C VAL WB 108 -33.69 100.11 1.52
N LEU WB 109 -34.45 99.47 2.41
CA LEU WB 109 -33.86 98.86 3.59
C LEU WB 109 -32.97 97.71 3.18
N PRO WB 110 -31.73 97.64 3.67
CA PRO WB 110 -30.87 96.50 3.34
C PRO WB 110 -31.48 95.20 3.87
N ASN WB 111 -31.35 94.14 3.07
CA ASN WB 111 -31.91 92.85 3.45
C ASN WB 111 -31.12 91.75 2.74
N ILE WB 112 -30.85 90.68 3.48
CA ILE WB 112 -30.04 89.56 3.00
C ILE WB 112 -30.85 88.28 3.15
N GLN WB 113 -30.93 87.52 2.06
CA GLN WB 113 -31.69 86.27 2.02
C GLN WB 113 -30.97 85.10 2.69
N SER WB 114 -29.68 85.23 2.98
CA SER WB 114 -28.81 84.27 3.67
C SER WB 114 -28.50 83.05 2.82
N VAL WB 115 -29.09 82.90 1.63
CA VAL WB 115 -28.73 81.79 0.75
C VAL WB 115 -27.28 81.94 0.30
N LEU WB 116 -26.88 83.14 -0.07
CA LEU WB 116 -25.50 83.43 -0.43
C LEU WB 116 -24.67 83.63 0.83
N LEU WB 117 -23.46 84.14 0.68
CA LEU WB 117 -22.46 84.21 1.76
C LEU WB 117 -22.29 82.86 2.45
N PRO WB 118 -21.84 81.83 1.73
CA PRO WB 118 -21.63 80.53 2.38
C PRO WB 118 -20.39 80.58 3.27
N LYS WB 119 -20.50 79.97 4.45
CA LYS WB 119 -19.36 79.91 5.35
C LYS WB 119 -18.23 79.10 4.73
N LYS WB 120 -18.56 77.97 4.10
CA LYS WB 120 -17.58 77.25 3.31
C LYS WB 120 -17.16 78.11 2.12
N THR WB 121 -15.93 77.90 1.65
CA THR WB 121 -15.41 78.69 0.55
C THR WB 121 -16.31 78.57 -0.67
N GLU WB 122 -16.59 79.72 -1.28
CA GLU WB 122 -17.57 79.80 -2.39
C GLU WB 122 -16.94 79.27 -3.67
N SER WB 123 -16.68 77.96 -3.66
CA SER WB 123 -16.15 77.27 -4.84
C SER WB 123 -16.42 75.79 -4.68
N SER WB 124 -17.32 75.25 -5.49
CA SER WB 124 -17.71 73.82 -5.47
C SER WB 124 -17.99 73.43 -4.03
N LYS WB 125 -17.38 72.38 -3.49
CA LYS WB 125 -17.49 72.02 -2.09
C LYS WB 125 -16.19 72.21 -1.33
N SER WB 126 -15.14 72.75 -1.97
CA SER WB 126 -13.84 72.86 -1.35
C SER WB 126 -13.07 74.03 -1.97
N ALA WB 127 -12.15 74.59 -1.19
CA ALA WB 127 -11.51 75.85 -1.57
C ALA WB 127 -10.62 75.69 -2.81
N LYS WB 128 -9.72 74.70 -2.80
CA LYS WB 128 -8.74 74.60 -3.88
C LYS WB 128 -9.39 74.29 -5.22
N SER WB 129 -10.33 73.35 -5.23
CA SER WB 129 -11.05 73.01 -6.46
C SER WB 129 -12.20 73.99 -6.62
N LYS WB 130 -12.12 74.86 -7.63
CA LYS WB 130 -13.22 75.81 -7.90
C LYS WB 130 -14.53 75.07 -8.03
N GLN XB 7 -136.15 -88.73 34.56
CA GLN XB 7 -137.55 -89.12 34.45
C GLN XB 7 -138.46 -87.92 34.68
N GLY XB 8 -138.32 -87.30 35.85
CA GLY XB 8 -139.12 -86.13 36.19
C GLY XB 8 -138.33 -84.85 36.12
N GLY XB 9 -138.36 -84.06 37.19
CA GLY XB 9 -137.61 -82.83 37.21
C GLY XB 9 -136.12 -83.05 37.34
N LYS XB 10 -135.35 -82.10 36.82
CA LYS XB 10 -133.90 -82.17 36.88
C LYS XB 10 -133.42 -81.64 38.23
N THR XB 11 -132.89 -82.53 39.07
CA THR XB 11 -132.49 -82.15 40.41
C THR XB 11 -131.10 -82.68 40.76
N ARG XB 12 -130.22 -82.82 39.77
CA ARG XB 12 -128.87 -83.33 40.02
C ARG XB 12 -127.79 -82.29 39.76
N ALA XB 13 -127.69 -81.78 38.52
CA ALA XB 13 -126.64 -80.82 38.21
C ALA XB 13 -127.10 -79.75 37.22
N LYS XB 14 -128.39 -79.42 37.19
CA LYS XB 14 -128.89 -78.50 36.17
C LYS XB 14 -128.31 -77.11 36.35
N ALA XB 15 -128.24 -76.62 37.58
CA ALA XB 15 -127.78 -75.26 37.86
C ALA XB 15 -126.37 -75.23 38.44
N LYS XB 16 -125.69 -76.37 38.49
CA LYS XB 16 -124.35 -76.42 39.06
C LYS XB 16 -123.45 -77.26 38.17
N THR XB 17 -122.27 -76.74 37.85
CA THR XB 17 -121.30 -77.47 37.06
C THR XB 17 -120.45 -78.37 37.95
N ARG XB 18 -119.59 -79.18 37.31
CA ARG XB 18 -118.73 -80.07 38.06
C ARG XB 18 -117.74 -79.31 38.93
N SER XB 19 -117.22 -78.19 38.42
CA SER XB 19 -116.32 -77.36 39.22
C SER XB 19 -117.04 -76.79 40.44
N SER XB 20 -118.28 -76.33 40.25
CA SER XB 20 -119.04 -75.77 41.37
C SER XB 20 -119.44 -76.86 42.35
N ARG XB 21 -119.63 -78.09 41.88
CA ARG XB 21 -119.98 -79.19 42.77
C ARG XB 21 -118.88 -79.46 43.78
N ALA XB 22 -117.62 -79.41 43.34
CA ALA XB 22 -116.47 -79.61 44.21
C ALA XB 22 -116.01 -78.32 44.87
N GLY XB 23 -116.73 -77.22 44.68
CA GLY XB 23 -116.32 -75.94 45.23
C GLY XB 23 -115.04 -75.38 44.64
N LEU XB 24 -114.87 -75.51 43.33
CA LEU XB 24 -113.69 -75.03 42.64
C LEU XB 24 -114.09 -74.12 41.49
N GLN XB 25 -113.19 -73.19 41.14
CA GLN XB 25 -113.45 -72.24 40.07
C GLN XB 25 -112.76 -72.61 38.75
N PHE XB 26 -111.76 -73.49 38.80
CA PHE XB 26 -111.06 -73.91 37.60
C PHE XB 26 -111.90 -74.89 36.79
N PRO XB 27 -111.74 -74.91 35.46
CA PRO XB 27 -112.59 -75.75 34.61
C PRO XB 27 -112.25 -77.22 34.76
N VAL XB 28 -113.16 -77.97 35.39
CA VAL XB 28 -112.97 -79.41 35.54
C VAL XB 28 -113.13 -80.12 34.21
N GLY XB 29 -114.14 -79.72 33.42
CA GLY XB 29 -114.39 -80.39 32.16
C GLY XB 29 -113.27 -80.24 31.16
N ARG XB 30 -112.69 -79.03 31.08
CA ARG XB 30 -111.58 -78.81 30.16
C ARG XB 30 -110.36 -79.64 30.57
N VAL XB 31 -110.11 -79.76 31.87
CA VAL XB 31 -109.03 -80.61 32.34
C VAL XB 31 -109.28 -82.06 31.96
N HIS XB 32 -110.53 -82.52 32.09
CA HIS XB 32 -110.89 -83.86 31.66
C HIS XB 32 -110.64 -84.05 30.18
N ARG XB 33 -110.97 -83.04 29.37
CA ARG XB 33 -110.73 -83.11 27.94
C ARG XB 33 -109.24 -83.19 27.64
N LEU XB 34 -108.42 -82.44 28.38
CA LEU XB 34 -106.98 -82.43 28.14
C LEU XB 34 -106.37 -83.81 28.38
N LEU XB 35 -106.79 -84.50 29.43
CA LEU XB 35 -106.21 -85.80 29.75
C LEU XB 35 -106.49 -86.81 28.64
N ARG XB 36 -107.72 -86.82 28.13
CA ARG XB 36 -108.03 -87.72 27.01
C ARG XB 36 -107.30 -87.29 25.75
N LYS XB 37 -107.24 -85.98 25.48
CA LYS XB 37 -106.50 -85.50 24.31
C LYS XB 37 -105.01 -85.75 24.47
N GLY XB 38 -104.47 -85.55 25.67
CA GLY XB 38 -103.06 -85.78 25.91
C GLY XB 38 -102.64 -87.23 26.02
N ASN XB 39 -103.61 -88.14 26.08
CA ASN XB 39 -103.34 -89.58 26.16
C ASN XB 39 -102.45 -89.91 27.35
N TYR XB 40 -102.79 -89.38 28.52
CA TYR XB 40 -102.01 -89.69 29.72
C TYR XB 40 -102.33 -91.07 30.27
N ALA XB 41 -103.48 -91.63 29.91
CA ALA XB 41 -103.85 -92.95 30.37
C ALA XB 41 -104.89 -93.54 29.43
N GLU XB 42 -105.07 -94.86 29.53
CA GLU XB 42 -106.09 -95.53 28.72
C GLU XB 42 -107.49 -95.05 29.11
N ARG XB 43 -107.75 -94.90 30.40
CA ARG XB 43 -109.02 -94.40 30.89
C ARG XB 43 -108.76 -93.33 31.94
N VAL XB 44 -109.61 -92.31 31.96
CA VAL XB 44 -109.48 -91.18 32.88
C VAL XB 44 -110.64 -91.24 33.86
N GLY XB 45 -110.32 -91.38 35.14
CA GLY XB 45 -111.34 -91.32 36.16
C GLY XB 45 -111.75 -89.89 36.47
N ALA XB 46 -112.85 -89.77 37.21
CA ALA XB 46 -113.33 -88.44 37.58
C ALA XB 46 -112.47 -87.83 38.69
N GLY XB 47 -111.73 -88.66 39.42
CA GLY XB 47 -110.94 -88.14 40.54
C GLY XB 47 -109.81 -87.25 40.10
N ALA XB 48 -109.17 -87.56 38.98
CA ALA XB 48 -108.02 -86.79 38.52
C ALA XB 48 -108.37 -85.34 38.18
N PRO XB 49 -109.40 -85.04 37.36
CA PRO XB 49 -109.64 -83.63 37.03
C PRO XB 49 -110.03 -82.76 38.20
N VAL XB 50 -110.82 -83.28 39.14
CA VAL XB 50 -111.21 -82.46 40.30
C VAL XB 50 -109.99 -82.20 41.18
N TYR XB 51 -109.14 -83.20 41.35
CA TYR XB 51 -107.90 -83.00 42.09
C TYR XB 51 -106.97 -82.05 41.35
N LEU XB 52 -106.93 -82.15 40.02
CA LEU XB 52 -106.10 -81.24 39.23
C LEU XB 52 -106.56 -79.80 39.38
N ALA XB 53 -107.88 -79.57 39.34
CA ALA XB 53 -108.38 -78.21 39.47
C ALA XB 53 -108.09 -77.64 40.85
N ALA XB 54 -108.23 -78.45 41.90
CA ALA XB 54 -107.98 -77.98 43.26
C ALA XB 54 -106.51 -77.63 43.45
N VAL XB 55 -105.61 -78.46 42.94
CA VAL XB 55 -104.17 -78.20 43.09
C VAL XB 55 -103.78 -76.96 42.31
N LEU XB 56 -104.26 -76.84 41.07
CA LEU XB 56 -103.97 -75.65 40.27
C LEU XB 56 -104.56 -74.40 40.90
N GLU XB 57 -105.75 -74.51 41.49
CA GLU XB 57 -106.39 -73.37 42.12
C GLU XB 57 -105.58 -72.88 43.32
N TYR XB 58 -105.07 -73.80 44.14
CA TYR XB 58 -104.27 -73.39 45.30
C TYR XB 58 -102.95 -72.76 44.86
N LEU XB 59 -102.28 -73.37 43.87
CA LEU XB 59 -101.05 -72.80 43.36
C LEU XB 59 -101.29 -71.42 42.75
N THR XB 60 -102.40 -71.27 42.02
CA THR XB 60 -102.75 -69.96 41.48
C THR XB 60 -103.01 -68.96 42.59
N ALA XB 61 -103.71 -69.38 43.64
CA ALA XB 61 -104.03 -68.46 44.73
C ALA XB 61 -102.77 -68.02 45.48
N GLU XB 62 -101.88 -68.96 45.79
CA GLU XB 62 -100.67 -68.62 46.52
C GLU XB 62 -99.75 -67.74 45.70
N ILE XB 63 -99.60 -68.04 44.41
CA ILE XB 63 -98.74 -67.24 43.54
C ILE XB 63 -99.27 -65.81 43.44
N LEU XB 64 -100.58 -65.66 43.23
CA LEU XB 64 -101.15 -64.32 43.10
C LEU XB 64 -101.13 -63.57 44.43
N GLU XB 65 -101.19 -64.31 45.54
CA GLU XB 65 -101.08 -63.66 46.85
C GLU XB 65 -99.70 -63.07 47.04
N LEU XB 66 -98.65 -63.84 46.75
CA LEU XB 66 -97.29 -63.32 46.86
C LEU XB 66 -97.03 -62.24 45.82
N ALA XB 67 -97.53 -62.43 44.60
CA ALA XB 67 -97.39 -61.40 43.58
C ALA XB 67 -98.13 -60.12 43.97
N GLY XB 68 -99.32 -60.26 44.54
CA GLY XB 68 -100.04 -59.09 45.00
C GLY XB 68 -99.32 -58.36 46.13
N ASN XB 69 -98.73 -59.12 47.05
CA ASN XB 69 -97.94 -58.49 48.12
C ASN XB 69 -96.72 -57.79 47.55
N ALA XB 70 -96.05 -58.41 46.58
CA ALA XB 70 -94.90 -57.77 45.94
C ALA XB 70 -95.33 -56.53 45.17
N ALA XB 71 -96.49 -56.58 44.51
CA ALA XB 71 -96.99 -55.42 43.80
C ALA XB 71 -97.28 -54.26 44.75
N ARG XB 72 -97.89 -54.55 45.90
CA ARG XB 72 -98.16 -53.50 46.88
C ARG XB 72 -96.88 -52.88 47.40
N ASP XB 73 -95.83 -53.69 47.59
CA ASP XB 73 -94.54 -53.16 47.99
C ASP XB 73 -93.92 -52.27 46.94
N ASN XB 74 -94.39 -52.35 45.69
CA ASN XB 74 -93.89 -51.52 44.60
C ASN XB 74 -94.86 -50.41 44.22
N LYS XB 75 -95.79 -50.08 45.12
CA LYS XB 75 -96.73 -48.95 44.93
C LYS XB 75 -97.59 -49.14 43.68
N LYS XB 76 -97.92 -50.40 43.37
CA LYS XB 76 -98.76 -50.70 42.22
C LYS XB 76 -99.79 -51.74 42.61
N THR XB 77 -101.03 -51.53 42.17
CA THR XB 77 -102.11 -52.49 42.41
C THR XB 77 -102.33 -53.42 41.23
N ARG XB 78 -101.55 -53.30 40.15
CA ARG XB 78 -101.65 -54.18 39.00
C ARG XB 78 -100.44 -55.10 38.98
N ILE XB 79 -100.71 -56.40 38.84
CA ILE XB 79 -99.63 -57.39 38.80
C ILE XB 79 -99.03 -57.42 37.40
N ILE XB 80 -97.72 -57.21 37.32
CA ILE XB 80 -96.98 -57.28 36.07
C ILE XB 80 -96.07 -58.50 36.15
N PRO XB 81 -95.47 -58.96 35.04
CA PRO XB 81 -94.58 -60.12 35.13
C PRO XB 81 -93.40 -59.92 36.08
N ARG XB 82 -92.97 -58.68 36.29
CA ARG XB 82 -91.88 -58.43 37.23
C ARG XB 82 -92.27 -58.85 38.65
N HIS XB 83 -93.49 -58.52 39.07
CA HIS XB 83 -93.94 -58.92 40.40
C HIS XB 83 -94.07 -60.43 40.53
N LEU XB 84 -94.40 -61.10 39.42
CA LEU XB 84 -94.47 -62.56 39.44
C LEU XB 84 -93.11 -63.16 39.72
N GLN XB 85 -92.05 -62.61 39.11
CA GLN XB 85 -90.70 -63.12 39.35
C GLN XB 85 -90.28 -62.94 40.80
N LEU XB 86 -90.60 -61.78 41.39
CA LEU XB 86 -90.25 -61.54 42.79
C LEU XB 86 -90.96 -62.52 43.71
N ALA XB 87 -92.19 -62.90 43.36
CA ALA XB 87 -92.92 -63.86 44.18
C ALA XB 87 -92.25 -65.23 44.15
N VAL XB 88 -91.72 -65.64 43.00
CA VAL XB 88 -91.08 -66.95 42.89
C VAL XB 88 -89.74 -66.96 43.62
N ARG XB 89 -88.96 -65.89 43.48
CA ARG XB 89 -87.57 -65.92 43.95
C ARG XB 89 -87.46 -65.92 45.47
N ASN XB 90 -88.37 -65.27 46.18
CA ASN XB 90 -88.25 -65.12 47.62
C ASN XB 90 -88.80 -66.32 48.39
N ASP XB 91 -89.32 -67.33 47.70
CA ASP XB 91 -89.83 -68.54 48.34
C ASP XB 91 -88.95 -69.72 47.93
N GLU XB 92 -88.43 -70.43 48.93
CA GLU XB 92 -87.54 -71.56 48.65
C GLU XB 92 -88.30 -72.69 47.95
N GLU XB 93 -89.54 -72.96 48.37
CA GLU XB 93 -90.30 -74.05 47.77
C GLU XB 93 -90.57 -73.79 46.30
N LEU XB 94 -90.82 -72.53 45.93
CA LEU XB 94 -91.08 -72.22 44.53
C LEU XB 94 -89.82 -72.37 43.69
N ASN XB 95 -88.65 -72.06 44.26
CA ASN XB 95 -87.40 -72.17 43.52
C ASN XB 95 -87.12 -73.62 43.11
N LYS XB 96 -87.42 -74.57 44.00
CA LYS XB 96 -87.18 -75.98 43.68
C LYS XB 96 -88.06 -76.43 42.52
N LEU XB 97 -89.34 -76.11 42.56
CA LEU XB 97 -90.23 -76.46 41.46
C LEU XB 97 -89.94 -75.63 40.23
N LEU XB 98 -89.82 -74.31 40.38
CA LEU XB 98 -89.57 -73.41 39.27
C LEU XB 98 -88.07 -73.15 39.14
N GLY XB 99 -87.36 -74.22 38.83
CA GLY XB 99 -85.92 -74.18 38.64
C GLY XB 99 -85.57 -74.24 37.16
N ARG XB 100 -84.58 -73.43 36.76
CA ARG XB 100 -84.11 -73.35 35.38
C ARG XB 100 -85.25 -72.98 34.42
N VAL XB 101 -86.19 -72.16 34.88
CA VAL XB 101 -87.28 -71.66 34.06
C VAL XB 101 -87.29 -70.14 34.16
N THR XB 102 -87.56 -69.47 33.05
CA THR XB 102 -87.50 -68.02 32.97
C THR XB 102 -88.90 -67.43 32.77
N ILE XB 103 -89.09 -66.22 33.28
CA ILE XB 103 -90.35 -65.50 33.18
C ILE XB 103 -90.16 -64.37 32.17
N ALA XB 104 -91.06 -64.27 31.20
CA ALA XB 104 -90.99 -63.21 30.22
C ALA XB 104 -91.17 -61.86 30.89
N GLN XB 105 -90.18 -60.97 30.69
CA GLN XB 105 -90.18 -59.64 31.30
C GLN XB 105 -90.33 -59.73 32.82
N GLY XB 106 -89.61 -60.68 33.42
CA GLY XB 106 -89.69 -60.88 34.85
C GLY XB 106 -88.58 -60.22 35.64
N GLY XB 107 -87.40 -60.10 35.05
CA GLY XB 107 -86.27 -59.52 35.73
C GLY XB 107 -85.61 -60.50 36.68
N VAL XB 108 -84.70 -59.97 37.49
CA VAL XB 108 -83.94 -60.76 38.45
C VAL XB 108 -84.01 -60.09 39.82
N LEU XB 109 -84.03 -60.92 40.86
CA LEU XB 109 -83.95 -60.40 42.22
C LEU XB 109 -82.58 -59.77 42.45
N PRO XB 110 -82.51 -58.65 43.18
CA PRO XB 110 -81.20 -58.00 43.38
C PRO XB 110 -80.28 -58.80 44.30
N ASN XB 111 -79.69 -59.87 43.75
CA ASN XB 111 -78.73 -60.68 44.48
C ASN XB 111 -77.32 -60.21 44.15
N ILE XB 112 -76.55 -59.84 45.17
CA ILE XB 112 -75.20 -59.33 44.99
C ILE XB 112 -74.27 -60.01 45.99
N GLN XB 113 -72.98 -59.99 45.67
CA GLN XB 113 -71.96 -60.55 46.54
C GLN XB 113 -71.44 -59.50 47.51
N SER XB 114 -71.00 -59.96 48.68
CA SER XB 114 -70.50 -59.04 49.70
C SER XB 114 -69.15 -58.44 49.31
N VAL XB 115 -68.40 -59.12 48.45
CA VAL XB 115 -67.09 -58.62 48.05
C VAL XB 115 -67.22 -57.37 47.19
N LEU XB 116 -68.39 -57.16 46.58
CA LEU XB 116 -68.60 -55.98 45.75
C LEU XB 116 -68.60 -54.70 46.57
N LEU XB 117 -69.17 -54.71 47.77
CA LEU XB 117 -69.21 -53.53 48.62
C LEU XB 117 -67.90 -53.38 49.39
N ARG YB 4 -112.23 112.68 -35.41
CA ARG YB 4 -112.34 113.58 -36.56
C ARG YB 4 -112.28 115.03 -36.17
N GLY YB 5 -111.68 115.86 -37.01
CA GLY YB 5 -111.54 117.27 -36.71
C GLY YB 5 -110.07 117.63 -36.73
N LYS YB 6 -109.78 118.92 -36.68
CA LYS YB 6 -108.41 119.34 -36.67
C LYS YB 6 -107.72 118.99 -35.35
N GLN YB 7 -107.36 117.73 -35.18
CA GLN YB 7 -106.64 117.37 -34.00
C GLN YB 7 -105.37 118.15 -34.05
N GLY YB 8 -105.03 118.84 -32.98
CA GLY YB 8 -103.86 119.68 -33.01
C GLY YB 8 -102.58 119.05 -32.51
N GLY YB 9 -101.46 119.71 -32.74
CA GLY YB 9 -100.20 119.22 -32.24
C GLY YB 9 -99.87 117.87 -32.83
N LYS YB 10 -98.74 117.31 -32.43
CA LYS YB 10 -98.37 116.00 -32.92
C LYS YB 10 -98.23 115.13 -31.71
N THR YB 11 -98.54 113.84 -31.76
CA THR YB 11 -98.29 113.03 -30.58
C THR YB 11 -97.43 111.83 -30.90
N ARG YB 12 -97.59 111.27 -32.08
CA ARG YB 12 -96.78 110.16 -32.45
C ARG YB 12 -95.44 110.68 -32.88
N ALA YB 13 -95.41 111.64 -33.79
CA ALA YB 13 -94.15 112.27 -34.16
C ALA YB 13 -94.33 113.35 -35.21
N LYS YB 14 -93.32 114.19 -35.37
CA LYS YB 14 -93.34 115.24 -36.38
C LYS YB 14 -91.92 115.21 -36.86
N ALA YB 15 -91.19 114.24 -36.36
CA ALA YB 15 -89.80 114.08 -36.73
C ALA YB 15 -89.43 112.77 -36.05
N LYS YB 16 -88.26 112.70 -35.45
CA LYS YB 16 -87.82 111.45 -34.89
C LYS YB 16 -88.18 110.33 -35.83
N THR YB 17 -87.49 110.27 -36.95
CA THR YB 17 -87.80 109.25 -37.95
C THR YB 17 -87.70 107.85 -37.40
N ARG YB 18 -88.45 106.93 -37.98
CA ARG YB 18 -88.49 105.55 -37.51
C ARG YB 18 -87.12 104.98 -37.13
N SER YB 19 -86.09 105.38 -37.84
CA SER YB 19 -84.78 104.91 -37.49
C SER YB 19 -84.40 105.36 -36.11
N SER YB 20 -84.79 106.58 -35.73
CA SER YB 20 -84.35 107.12 -34.46
C SER YB 20 -85.38 107.07 -33.38
N ARG YB 21 -86.29 106.12 -33.44
CA ARG YB 21 -87.22 105.96 -32.34
C ARG YB 21 -86.67 104.69 -31.76
N ALA YB 22 -86.27 103.77 -32.62
CA ALA YB 22 -85.62 102.55 -32.17
C ALA YB 22 -84.13 102.73 -31.92
N GLY YB 23 -83.61 103.95 -32.10
CA GLY YB 23 -82.20 104.20 -31.90
C GLY YB 23 -81.31 103.92 -33.09
N LEU YB 24 -81.88 103.54 -34.23
CA LEU YB 24 -81.10 103.27 -35.42
C LEU YB 24 -80.75 104.56 -36.16
N GLN YB 25 -79.76 104.46 -37.04
CA GLN YB 25 -79.28 105.60 -37.81
C GLN YB 25 -79.62 105.52 -39.29
N PHE YB 26 -79.59 104.33 -39.88
CA PHE YB 26 -79.92 104.19 -41.29
C PHE YB 26 -81.40 104.44 -41.53
N PRO YB 27 -81.77 104.98 -42.70
CA PRO YB 27 -83.16 105.34 -42.97
C PRO YB 27 -84.05 104.11 -43.08
N VAL YB 28 -84.96 103.96 -42.11
CA VAL YB 28 -85.89 102.83 -42.13
C VAL YB 28 -86.90 103.00 -43.25
N GLY YB 29 -87.40 104.22 -43.46
CA GLY YB 29 -88.42 104.43 -44.48
C GLY YB 29 -87.94 104.09 -45.88
N ARG YB 30 -86.67 104.38 -46.17
CA ARG YB 30 -86.12 104.02 -47.48
C ARG YB 30 -86.06 102.51 -47.66
N VAL YB 31 -85.77 101.78 -46.59
CA VAL YB 31 -85.73 100.32 -46.67
C VAL YB 31 -87.12 99.78 -47.01
N HIS YB 32 -88.15 100.35 -46.40
CA HIS YB 32 -89.53 99.92 -46.72
C HIS YB 32 -89.86 100.18 -48.18
N ARG YB 33 -89.45 101.34 -48.70
CA ARG YB 33 -89.60 101.61 -50.12
C ARG YB 33 -88.77 100.67 -50.97
N LEU YB 34 -87.53 100.40 -50.54
CA LEU YB 34 -86.65 99.54 -51.32
C LEU YB 34 -87.23 98.13 -51.43
N LEU YB 35 -87.81 97.61 -50.33
CA LEU YB 35 -88.48 96.33 -50.40
C LEU YB 35 -89.71 96.39 -51.31
N ARG YB 36 -90.48 97.47 -51.23
CA ARG YB 36 -91.65 97.61 -52.08
C ARG YB 36 -91.26 97.79 -53.54
N LYS YB 37 -90.23 98.59 -53.81
CA LYS YB 37 -89.78 98.77 -55.19
C LYS YB 37 -89.22 97.47 -55.77
N GLY YB 38 -88.47 96.74 -54.97
CA GLY YB 38 -87.88 95.49 -55.43
C GLY YB 38 -88.88 94.39 -55.71
N ASN YB 39 -90.13 94.57 -55.30
CA ASN YB 39 -91.20 93.58 -55.51
C ASN YB 39 -90.83 92.22 -54.91
N TYR YB 40 -90.16 92.24 -53.76
CA TYR YB 40 -89.80 91.00 -53.09
C TYR YB 40 -91.04 90.25 -52.62
N ALA YB 41 -92.02 90.97 -52.09
CA ALA YB 41 -93.26 90.36 -51.63
C ALA YB 41 -94.41 91.34 -51.83
N GLU YB 42 -95.63 90.80 -51.86
CA GLU YB 42 -96.81 91.63 -52.05
C GLU YB 42 -96.98 92.60 -50.88
N ARG YB 43 -96.77 92.13 -49.66
CA ARG YB 43 -96.92 92.96 -48.47
C ARG YB 43 -95.67 92.86 -47.61
N VAL YB 44 -95.25 94.00 -47.05
CA VAL YB 44 -94.09 94.07 -46.18
C VAL YB 44 -94.55 94.63 -44.84
N GLY YB 45 -94.24 93.91 -43.77
CA GLY YB 45 -94.63 94.35 -42.44
C GLY YB 45 -93.85 95.57 -41.98
N ALA YB 46 -94.38 96.23 -40.95
CA ALA YB 46 -93.73 97.42 -40.42
C ALA YB 46 -92.39 97.10 -39.78
N GLY YB 47 -92.28 95.94 -39.13
CA GLY YB 47 -91.04 95.59 -38.45
C GLY YB 47 -89.96 95.08 -39.38
N ALA YB 48 -90.34 94.73 -40.62
CA ALA YB 48 -89.36 94.21 -41.56
C ALA YB 48 -88.26 95.21 -41.91
N PRO YB 49 -88.57 96.47 -42.30
CA PRO YB 49 -87.47 97.42 -42.54
C PRO YB 49 -86.66 97.73 -41.29
N VAL YB 50 -87.30 97.74 -40.12
CA VAL YB 50 -86.57 98.08 -38.89
C VAL YB 50 -85.54 97.00 -38.58
N TYR YB 51 -85.92 95.74 -38.70
CA TYR YB 51 -84.97 94.65 -38.46
C TYR YB 51 -83.87 94.65 -39.49
N LEU YB 52 -84.22 94.89 -40.76
CA LEU YB 52 -83.21 94.94 -41.82
C LEU YB 52 -82.26 96.12 -41.61
N ALA YB 53 -82.79 97.27 -41.19
CA ALA YB 53 -81.93 98.42 -40.92
C ALA YB 53 -80.95 98.14 -39.79
N ALA YB 54 -81.43 97.46 -38.74
CA ALA YB 54 -80.55 97.17 -37.60
C ALA YB 54 -79.41 96.23 -37.98
N VAL YB 55 -79.71 95.17 -38.74
CA VAL YB 55 -78.67 94.22 -39.12
C VAL YB 55 -77.70 94.86 -40.11
N LEU YB 56 -78.22 95.69 -41.02
CA LEU YB 56 -77.35 96.41 -41.95
C LEU YB 56 -76.48 97.42 -41.22
N GLU YB 57 -77.05 98.11 -40.22
CA GLU YB 57 -76.27 99.07 -39.44
C GLU YB 57 -75.15 98.37 -38.67
N TYR YB 58 -75.44 97.21 -38.09
CA TYR YB 58 -74.40 96.45 -37.39
C TYR YB 58 -73.33 95.99 -38.35
N LEU YB 59 -73.72 95.46 -39.51
CA LEU YB 59 -72.75 95.00 -40.49
C LEU YB 59 -71.90 96.16 -41.01
N THR YB 60 -72.53 97.31 -41.26
CA THR YB 60 -71.78 98.48 -41.69
C THR YB 60 -70.79 98.93 -40.61
N ALA YB 61 -71.24 98.94 -39.36
CA ALA YB 61 -70.35 99.34 -38.27
C ALA YB 61 -69.27 98.29 -38.01
N GLU YB 62 -69.64 97.01 -38.06
CA GLU YB 62 -68.66 95.95 -37.80
C GLU YB 62 -67.56 95.96 -38.87
N ILE YB 63 -67.93 96.12 -40.13
CA ILE YB 63 -66.95 96.16 -41.20
C ILE YB 63 -66.06 97.39 -41.07
N LEU YB 64 -66.67 98.54 -40.81
CA LEU YB 64 -65.89 99.77 -40.64
C LEU YB 64 -64.98 99.68 -39.42
N GLU YB 65 -65.42 98.99 -38.37
CA GLU YB 65 -64.58 98.77 -37.21
C GLU YB 65 -63.35 97.95 -37.57
N LEU YB 66 -63.55 96.84 -38.28
CA LEU YB 66 -62.43 95.99 -38.67
C LEU YB 66 -61.48 96.72 -39.60
N ALA YB 67 -62.01 97.52 -40.52
CA ALA YB 67 -61.16 98.37 -41.35
C ALA YB 67 -60.42 99.39 -40.50
N GLY YB 68 -61.01 99.81 -39.39
CA GLY YB 68 -60.33 100.74 -38.50
C GLY YB 68 -59.11 100.12 -37.83
N ASN YB 69 -59.24 98.87 -37.36
CA ASN YB 69 -58.10 98.19 -36.77
C ASN YB 69 -57.02 97.91 -37.80
N ALA YB 70 -57.42 97.65 -39.04
CA ALA YB 70 -56.44 97.47 -40.12
C ALA YB 70 -55.63 98.73 -40.34
N ALA YB 71 -56.25 99.90 -40.16
CA ALA YB 71 -55.52 101.15 -40.28
C ALA YB 71 -54.52 101.33 -39.13
N ARG YB 72 -54.83 100.78 -37.96
CA ARG YB 72 -53.90 100.87 -36.83
C ARG YB 72 -52.59 100.16 -37.13
N ASP YB 73 -52.66 98.99 -37.79
CA ASP YB 73 -51.45 98.26 -38.14
C ASP YB 73 -50.56 99.04 -39.09
N ASN YB 74 -51.14 99.88 -39.95
CA ASN YB 74 -50.38 100.67 -40.91
C ASN YB 74 -50.13 102.10 -40.44
N LYS YB 75 -50.56 102.44 -39.22
CA LYS YB 75 -50.39 103.79 -38.67
C LYS YB 75 -50.98 104.85 -39.59
N LYS YB 76 -52.18 104.58 -40.11
CA LYS YB 76 -52.86 105.48 -41.03
C LYS YB 76 -54.19 105.90 -40.45
N THR YB 77 -54.53 107.18 -40.62
CA THR YB 77 -55.76 107.75 -40.08
C THR YB 77 -56.87 107.84 -41.13
N ARG YB 78 -56.68 107.26 -42.31
CA ARG YB 78 -57.70 107.26 -43.35
C ARG YB 78 -57.82 105.86 -43.93
N ILE YB 79 -59.05 105.39 -44.09
CA ILE YB 79 -59.30 104.04 -44.58
C ILE YB 79 -59.03 103.98 -46.08
N ILE YB 80 -58.29 102.95 -46.49
CA ILE YB 80 -58.03 102.67 -47.90
C ILE YB 80 -58.77 101.38 -48.25
N PRO YB 81 -59.06 101.11 -49.52
CA PRO YB 81 -59.79 99.88 -49.86
C PRO YB 81 -59.10 98.61 -49.41
N ARG YB 82 -57.77 98.62 -49.27
CA ARG YB 82 -57.08 97.42 -48.82
C ARG YB 82 -57.44 97.06 -47.38
N HIS YB 83 -57.85 98.04 -46.58
CA HIS YB 83 -58.21 97.76 -45.19
C HIS YB 83 -59.37 96.80 -45.10
N LEU YB 84 -60.38 96.96 -45.97
CA LEU YB 84 -61.48 96.01 -46.02
C LEU YB 84 -61.00 94.64 -46.47
N GLN YB 85 -60.12 94.60 -47.48
CA GLN YB 85 -59.63 93.33 -47.99
C GLN YB 85 -58.85 92.56 -46.93
N LEU YB 86 -58.04 93.27 -46.13
CA LEU YB 86 -57.36 92.63 -45.01
C LEU YB 86 -58.36 92.06 -44.02
N ALA YB 87 -59.41 92.82 -43.72
CA ALA YB 87 -60.40 92.38 -42.73
C ALA YB 87 -61.25 91.23 -43.28
N VAL YB 88 -61.52 91.23 -44.58
CA VAL YB 88 -62.38 90.19 -45.15
C VAL YB 88 -61.74 88.81 -45.02
N ARG YB 89 -60.45 88.71 -45.33
CA ARG YB 89 -59.74 87.45 -45.22
C ARG YB 89 -59.21 87.17 -43.83
N ASN YB 90 -59.21 88.16 -42.94
CA ASN YB 90 -58.75 87.94 -41.57
C ASN YB 90 -59.80 87.19 -40.76
N ASP YB 91 -61.07 87.49 -40.97
CA ASP YB 91 -62.16 86.89 -40.21
C ASP YB 91 -62.78 85.76 -41.01
N GLU YB 92 -62.97 84.61 -40.36
CA GLU YB 92 -63.59 83.47 -41.02
C GLU YB 92 -65.03 83.78 -41.42
N GLU YB 93 -65.77 84.47 -40.55
CA GLU YB 93 -67.16 84.77 -40.83
C GLU YB 93 -67.30 85.68 -42.05
N LEU YB 94 -66.43 86.68 -42.16
CA LEU YB 94 -66.40 87.50 -43.37
C LEU YB 94 -66.00 86.66 -44.58
N ASN YB 95 -65.03 85.76 -44.42
CA ASN YB 95 -64.66 84.87 -45.50
C ASN YB 95 -65.79 83.92 -45.86
N LYS YB 96 -66.51 83.42 -44.84
CA LYS YB 96 -67.62 82.50 -45.10
C LYS YB 96 -68.73 83.20 -45.88
N LEU YB 97 -69.05 84.44 -45.50
CA LEU YB 97 -70.14 85.16 -46.14
C LEU YB 97 -69.73 85.69 -47.51
N LEU YB 98 -68.47 86.09 -47.67
CA LEU YB 98 -67.98 86.71 -48.89
C LEU YB 98 -66.81 85.91 -49.49
N GLY YB 99 -66.98 84.59 -49.56
CA GLY YB 99 -65.93 83.77 -50.14
C GLY YB 99 -65.68 84.06 -51.61
N ARG YB 100 -66.76 84.14 -52.38
CA ARG YB 100 -66.65 84.40 -53.82
C ARG YB 100 -66.89 85.89 -54.09
N VAL YB 101 -65.91 86.70 -53.68
CA VAL YB 101 -66.01 88.15 -53.79
C VAL YB 101 -64.77 88.69 -54.46
N THR YB 102 -64.89 89.85 -55.10
CA THR YB 102 -63.79 90.59 -55.68
C THR YB 102 -63.94 92.06 -55.31
N ILE YB 103 -62.93 92.62 -54.66
CA ILE YB 103 -62.98 94.00 -54.17
C ILE YB 103 -62.17 94.88 -55.11
N ALA YB 104 -62.56 96.14 -55.21
CA ALA YB 104 -61.87 97.07 -56.10
C ALA YB 104 -60.72 97.75 -55.37
N GLN YB 105 -59.58 97.85 -56.06
CA GLN YB 105 -58.37 98.50 -55.55
C GLN YB 105 -57.86 97.84 -54.27
N GLY YB 106 -58.26 96.59 -54.01
CA GLY YB 106 -57.79 95.88 -52.84
C GLY YB 106 -56.62 94.97 -53.14
N GLY YB 107 -55.92 94.57 -52.09
CA GLY YB 107 -54.77 93.70 -52.21
C GLY YB 107 -55.10 92.25 -51.90
N VAL YB 108 -54.13 91.54 -51.34
CA VAL YB 108 -54.31 90.15 -50.91
C VAL YB 108 -53.62 89.96 -49.57
N LEU YB 109 -54.19 89.13 -48.72
CA LEU YB 109 -53.52 88.76 -47.49
C LEU YB 109 -52.24 87.99 -47.82
N PRO YB 110 -51.14 88.26 -47.13
CA PRO YB 110 -49.89 87.56 -47.45
C PRO YB 110 -50.03 86.07 -47.30
N ASN YB 111 -49.46 85.34 -48.25
CA ASN YB 111 -49.50 83.88 -48.28
C ASN YB 111 -48.09 83.34 -48.40
N ILE YB 112 -47.79 82.30 -47.63
CA ILE YB 112 -46.44 81.74 -47.57
C ILE YB 112 -46.54 80.27 -47.20
N GLN YB 113 -45.61 79.47 -47.73
CA GLN YB 113 -45.54 78.05 -47.45
C GLN YB 113 -44.11 77.67 -47.08
N SER YB 114 -43.99 76.57 -46.34
CA SER YB 114 -42.68 76.14 -45.86
C SER YB 114 -41.74 75.70 -46.97
N VAL YB 115 -42.28 75.34 -48.14
CA VAL YB 115 -41.43 74.88 -49.24
C VAL YB 115 -40.56 76.01 -49.77
N LEU YB 116 -41.11 77.23 -49.82
CA LEU YB 116 -40.37 78.38 -50.33
C LEU YB 116 -39.16 78.72 -49.47
N LEU YB 117 -39.14 78.29 -48.21
CA LEU YB 117 -38.05 78.62 -47.31
C LEU YB 117 -37.17 77.40 -47.09
N PRO YB 118 -35.96 77.38 -47.65
CA PRO YB 118 -35.07 76.22 -47.42
C PRO YB 118 -34.60 76.11 -45.98
N LYS YB 119 -34.08 77.22 -45.44
CA LYS YB 119 -33.59 77.32 -44.07
C LYS YB 119 -32.32 76.49 -43.88
N LYS YB 120 -31.91 75.77 -44.91
CA LYS YB 120 -30.66 75.02 -44.88
C LYS YB 120 -29.56 75.87 -45.51
N THR YB 121 -28.41 75.24 -45.78
CA THR YB 121 -27.32 75.94 -46.46
C THR YB 121 -27.56 76.14 -47.95
N GLU YB 122 -28.75 75.78 -48.44
CA GLU YB 122 -29.09 75.89 -49.87
C GLU YB 122 -28.07 75.14 -50.73
N SER YB 123 -27.72 73.93 -50.30
CA SER YB 123 -26.72 73.11 -50.97
C SER YB 123 -27.24 71.68 -51.07
N SER YB 124 -26.39 70.80 -51.60
CA SER YB 124 -26.75 69.40 -51.77
C SER YB 124 -26.50 68.65 -50.45
N LYS YB 125 -26.54 67.32 -50.53
CA LYS YB 125 -26.45 66.50 -49.32
C LYS YB 125 -25.08 66.60 -48.66
N SER YB 126 -24.01 66.63 -49.46
CA SER YB 126 -22.66 66.42 -48.96
C SER YB 126 -21.86 67.73 -48.98
N ALA YB 127 -21.70 68.32 -47.80
CA ALA YB 127 -20.69 69.34 -47.53
C ALA YB 127 -20.76 70.53 -48.50
N LYS YB 128 -21.90 71.23 -48.45
CA LYS YB 128 -22.06 72.51 -49.13
C LYS YB 128 -21.79 72.42 -50.63
N SER YB 129 -22.06 71.27 -51.23
CA SER YB 129 -21.80 71.09 -52.65
C SER YB 129 -22.98 71.59 -53.47
N LYS YB 130 -22.98 71.29 -54.76
CA LYS YB 130 -24.08 71.68 -55.63
C LYS YB 130 -24.23 70.69 -56.79
N LYS ZB 6 99.71 21.61 133.33
CA LYS ZB 6 98.53 21.40 134.15
C LYS ZB 6 98.04 19.97 134.06
N GLN ZB 7 98.00 19.30 135.21
CA GLN ZB 7 97.50 17.93 135.38
C GLN ZB 7 97.94 17.02 134.22
N GLY ZB 8 99.26 16.86 134.10
CA GLY ZB 8 99.84 16.04 133.06
C GLY ZB 8 99.31 14.62 133.03
N GLY ZB 9 99.04 14.11 131.84
CA GLY ZB 9 98.36 12.82 131.73
C GLY ZB 9 96.93 12.95 132.20
N LYS ZB 10 96.54 12.10 133.14
CA LYS ZB 10 95.23 12.16 133.77
C LYS ZB 10 95.42 12.16 135.28
N THR ZB 11 94.74 13.07 135.97
CA THR ZB 11 94.89 13.25 137.40
C THR ZB 11 93.55 13.14 138.10
N ARG ZB 12 93.49 13.54 139.37
CA ARG ZB 12 92.30 13.44 140.21
C ARG ZB 12 92.09 11.97 140.53
N ALA ZB 13 91.13 11.64 141.40
CA ALA ZB 13 90.81 10.24 141.68
C ALA ZB 13 90.54 9.53 140.36
N LYS ZB 14 91.36 8.54 140.02
CA LYS ZB 14 91.31 7.94 138.70
C LYS ZB 14 89.96 7.28 138.50
N ALA ZB 15 89.10 7.93 137.71
CA ALA ZB 15 87.69 7.58 137.62
C ALA ZB 15 87.44 6.72 136.40
N LYS ZB 16 86.41 5.89 136.51
CA LYS ZB 16 85.98 5.04 135.42
C LYS ZB 16 84.52 4.67 135.66
N THR ZB 17 83.88 4.17 134.61
CA THR ZB 17 82.52 3.67 134.70
C THR ZB 17 82.52 2.24 134.17
N ARG ZB 18 81.66 1.41 134.76
CA ARG ZB 18 81.50 0.02 134.35
C ARG ZB 18 81.53 -0.13 132.83
N SER ZB 19 82.18 -1.19 132.36
CA SER ZB 19 82.49 -1.34 130.94
C SER ZB 19 81.24 -1.38 130.06
N SER ZB 20 80.09 -1.75 130.61
CA SER ZB 20 78.86 -1.73 129.84
C SER ZB 20 78.25 -0.32 129.86
N ARG ZB 21 79.02 0.66 129.38
CA ARG ZB 21 78.63 2.07 129.47
C ARG ZB 21 77.40 2.41 128.66
N ALA ZB 22 76.89 1.49 127.85
CA ALA ZB 22 75.70 1.73 127.04
C ALA ZB 22 74.41 1.30 127.72
N GLY ZB 23 74.37 1.28 129.05
CA GLY ZB 23 73.17 0.92 129.76
C GLY ZB 23 73.00 -0.56 130.04
N LEU ZB 24 73.93 -1.39 129.59
CA LEU ZB 24 73.83 -2.83 129.79
C LEU ZB 24 74.09 -3.20 131.24
N GLN ZB 25 73.53 -4.33 131.66
CA GLN ZB 25 73.72 -4.82 133.02
C GLN ZB 25 74.65 -6.04 133.10
N PHE ZB 26 74.93 -6.69 131.98
CA PHE ZB 26 75.75 -7.89 132.00
C PHE ZB 26 77.21 -7.55 132.29
N PRO ZB 27 77.95 -8.48 132.91
CA PRO ZB 27 79.37 -8.25 133.27
C PRO ZB 27 80.32 -8.32 132.07
N VAL ZB 28 80.46 -7.18 131.39
CA VAL ZB 28 81.36 -7.10 130.23
C VAL ZB 28 82.78 -7.48 130.60
N GLY ZB 29 83.22 -7.11 131.81
CA GLY ZB 29 84.55 -7.50 132.24
C GLY ZB 29 84.74 -9.00 132.32
N ARG ZB 30 83.74 -9.70 132.86
CA ARG ZB 30 83.82 -11.16 132.93
C ARG ZB 30 83.68 -11.77 131.54
N VAL ZB 31 82.82 -11.21 130.70
CA VAL ZB 31 82.69 -11.69 129.32
C VAL ZB 31 84.00 -11.49 128.57
N HIS ZB 32 84.66 -10.35 128.79
CA HIS ZB 32 85.96 -10.11 128.17
C HIS ZB 32 86.99 -11.13 128.65
N ARG ZB 33 86.99 -11.42 129.96
CA ARG ZB 33 87.90 -12.42 130.49
C ARG ZB 33 87.60 -13.81 129.95
N LEU ZB 34 86.32 -14.16 129.85
CA LEU ZB 34 85.94 -15.48 129.36
C LEU ZB 34 86.40 -15.71 127.93
N LEU ZB 35 86.33 -14.67 127.09
CA LEU ZB 35 86.82 -14.78 125.73
C LEU ZB 35 88.33 -15.05 125.72
N ARG ZB 36 89.08 -14.37 126.58
CA ARG ZB 36 90.51 -14.64 126.70
C ARG ZB 36 90.77 -16.02 127.28
N LYS ZB 37 89.98 -16.42 128.29
CA LYS ZB 37 90.19 -17.71 128.94
C LYS ZB 37 89.85 -18.86 128.00
N GLY ZB 38 88.83 -18.69 127.16
CA GLY ZB 38 88.40 -19.74 126.26
C GLY ZB 38 89.42 -20.11 125.19
N ASN ZB 39 90.46 -19.30 125.01
CA ASN ZB 39 91.49 -19.54 124.00
C ASN ZB 39 90.88 -19.63 122.60
N TYR ZB 40 89.84 -18.83 122.37
CA TYR ZB 40 89.24 -18.78 121.04
C TYR ZB 40 90.21 -18.19 120.03
N ALA ZB 41 90.96 -17.17 120.43
CA ALA ZB 41 91.97 -16.56 119.57
C ALA ZB 41 93.03 -15.93 120.47
N GLU ZB 42 94.19 -15.64 119.85
CA GLU ZB 42 95.27 -15.02 120.60
C GLU ZB 42 94.92 -13.61 121.09
N ARG ZB 43 93.92 -12.97 120.49
CA ARG ZB 43 93.45 -11.68 120.95
C ARG ZB 43 91.95 -11.59 120.75
N VAL ZB 44 91.31 -10.74 121.56
CA VAL ZB 44 89.87 -10.54 121.49
C VAL ZB 44 89.56 -9.06 121.36
N GLY ZB 45 90.60 -8.26 121.17
CA GLY ZB 45 90.45 -6.82 120.95
C GLY ZB 45 89.71 -6.13 122.08
N ALA ZB 46 88.85 -5.19 121.70
CA ALA ZB 46 88.03 -4.45 122.66
C ALA ZB 46 86.58 -4.33 122.27
N GLY ZB 47 86.22 -4.44 120.98
CA GLY ZB 47 84.83 -4.31 120.58
C GLY ZB 47 84.03 -5.59 120.73
N ALA ZB 48 84.72 -6.73 120.76
CA ALA ZB 48 84.01 -8.01 120.91
C ALA ZB 48 83.28 -8.13 122.24
N PRO ZB 49 83.88 -7.83 123.41
CA PRO ZB 49 83.12 -7.97 124.66
C PRO ZB 49 81.88 -7.10 124.73
N VAL ZB 50 81.93 -5.90 124.16
CA VAL ZB 50 80.77 -5.01 124.19
C VAL ZB 50 79.65 -5.55 123.32
N TYR ZB 51 79.98 -5.99 122.11
CA TYR ZB 51 78.96 -6.51 121.20
C TYR ZB 51 78.39 -7.82 121.72
N LEU ZB 52 79.24 -8.71 122.23
CA LEU ZB 52 78.76 -9.99 122.72
C LEU ZB 52 77.86 -9.83 123.94
N ALA ZB 53 78.23 -8.94 124.86
CA ALA ZB 53 77.42 -8.74 126.06
C ALA ZB 53 76.05 -8.16 125.71
N ALA ZB 54 76.00 -7.22 124.78
CA ALA ZB 54 74.72 -6.63 124.39
C ALA ZB 54 73.79 -7.66 123.77
N VAL ZB 55 74.32 -8.52 122.90
CA VAL ZB 55 73.52 -9.57 122.30
C VAL ZB 55 73.07 -10.57 123.37
N LEU ZB 56 73.97 -10.94 124.27
CA LEU ZB 56 73.62 -11.87 125.35
C LEU ZB 56 72.53 -11.28 126.24
N GLU ZB 57 72.58 -9.98 126.50
CA GLU ZB 57 71.55 -9.34 127.32
C GLU ZB 57 70.18 -9.41 126.65
N TYR ZB 58 70.14 -9.19 125.33
CA TYR ZB 58 68.86 -9.20 124.62
C TYR ZB 58 68.20 -10.57 124.70
N LEU ZB 59 68.98 -11.64 124.50
CA LEU ZB 59 68.44 -12.98 124.65
C LEU ZB 59 67.97 -13.24 126.08
N THR ZB 60 68.74 -12.74 127.06
CA THR ZB 60 68.33 -12.86 128.45
C THR ZB 60 67.06 -12.06 128.73
N ALA ZB 61 66.97 -10.85 128.19
CA ALA ZB 61 65.82 -9.98 128.49
C ALA ZB 61 64.57 -10.45 127.76
N GLU ZB 62 64.71 -10.82 126.48
CA GLU ZB 62 63.53 -11.19 125.70
C GLU ZB 62 62.86 -12.45 126.24
N ILE ZB 63 63.65 -13.44 126.66
CA ILE ZB 63 63.08 -14.67 127.17
C ILE ZB 63 62.32 -14.41 128.47
N LEU ZB 64 62.87 -13.55 129.34
CA LEU ZB 64 62.22 -13.27 130.61
C LEU ZB 64 60.86 -12.60 130.40
N GLU ZB 65 60.76 -11.70 129.42
CA GLU ZB 65 59.48 -11.09 129.11
C GLU ZB 65 58.48 -12.12 128.64
N LEU ZB 66 58.91 -13.02 127.76
CA LEU ZB 66 58.03 -14.10 127.32
C LEU ZB 66 57.73 -15.07 128.46
N ALA ZB 67 58.74 -15.39 129.28
CA ALA ZB 67 58.51 -16.26 130.42
C ALA ZB 67 57.58 -15.62 131.43
N GLY ZB 68 57.75 -14.31 131.68
CA GLY ZB 68 56.83 -13.62 132.57
C GLY ZB 68 55.41 -13.61 132.04
N ASN ZB 69 55.26 -13.42 130.73
CA ASN ZB 69 53.92 -13.46 130.14
C ASN ZB 69 53.31 -14.86 130.28
N ALA ZB 70 54.12 -15.90 130.08
CA ALA ZB 70 53.64 -17.26 130.32
C ALA ZB 70 53.27 -17.47 131.78
N ALA ZB 71 54.06 -16.91 132.70
CA ALA ZB 71 53.72 -16.97 134.11
C ALA ZB 71 52.42 -16.24 134.40
N ARG ZB 72 52.21 -15.09 133.76
CA ARG ZB 72 50.95 -14.37 133.91
C ARG ZB 72 49.77 -15.19 133.44
N ASP ZB 73 49.92 -15.86 132.29
CA ASP ZB 73 48.86 -16.72 131.78
C ASP ZB 73 48.62 -17.93 132.67
N ASN ZB 74 49.61 -18.32 133.47
CA ASN ZB 74 49.49 -19.44 134.39
C ASN ZB 74 49.19 -18.99 135.82
N LYS ZB 75 48.87 -17.71 136.02
CA LYS ZB 75 48.51 -17.16 137.33
C LYS ZB 75 49.65 -17.31 138.34
N LYS ZB 76 50.88 -17.28 137.87
CA LYS ZB 76 52.06 -17.41 138.72
C LYS ZB 76 52.90 -16.15 138.64
N THR ZB 77 53.40 -15.70 139.79
CA THR ZB 77 54.25 -14.51 139.87
C THR ZB 77 55.73 -14.85 139.88
N ARG ZB 78 56.09 -16.14 139.88
CA ARG ZB 78 57.48 -16.55 139.89
C ARG ZB 78 57.76 -17.39 138.66
N ILE ZB 79 58.91 -17.15 138.03
CA ILE ZB 79 59.30 -17.87 136.83
C ILE ZB 79 59.82 -19.24 137.22
N ILE ZB 80 59.24 -20.28 136.64
CA ILE ZB 80 59.63 -21.67 136.91
C ILE ZB 80 59.99 -22.32 135.58
N PRO ZB 81 60.73 -23.43 135.62
CA PRO ZB 81 61.12 -24.10 134.36
C PRO ZB 81 59.94 -24.46 133.47
N ARG ZB 82 58.74 -24.63 134.04
CA ARG ZB 82 57.55 -24.85 133.22
C ARG ZB 82 57.28 -23.64 132.33
N HIS ZB 83 57.41 -22.43 132.88
CA HIS ZB 83 57.19 -21.23 132.08
C HIS ZB 83 58.28 -21.05 131.03
N LEU ZB 84 59.53 -21.37 131.38
CA LEU ZB 84 60.62 -21.22 130.43
C LEU ZB 84 60.43 -22.15 129.23
N GLN ZB 85 60.00 -23.38 129.48
CA GLN ZB 85 59.75 -24.31 128.38
C GLN ZB 85 58.62 -23.83 127.49
N LEU ZB 86 57.56 -23.25 128.08
CA LEU ZB 86 56.44 -22.77 127.31
C LEU ZB 86 56.86 -21.65 126.36
N ALA ZB 87 57.68 -20.71 126.84
CA ALA ZB 87 58.11 -19.60 126.00
C ALA ZB 87 59.06 -20.07 124.89
N VAL ZB 88 59.95 -21.00 125.21
CA VAL ZB 88 60.94 -21.44 124.23
C VAL ZB 88 60.27 -22.21 123.09
N ARG ZB 89 59.39 -23.17 123.43
CA ARG ZB 89 58.80 -24.02 122.40
C ARG ZB 89 57.72 -23.30 121.61
N ASN ZB 90 56.95 -22.41 122.23
CA ASN ZB 90 55.88 -21.73 121.53
C ASN ZB 90 56.40 -20.49 120.80
N ASP ZB 91 57.47 -20.67 120.02
CA ASP ZB 91 58.04 -19.61 119.21
C ASP ZB 91 59.01 -20.21 118.20
N GLU ZB 92 58.78 -19.96 116.91
CA GLU ZB 92 59.64 -20.55 115.89
C GLU ZB 92 61.06 -20.03 115.98
N GLU ZB 93 61.23 -18.74 116.26
CA GLU ZB 93 62.58 -18.18 116.39
C GLU ZB 93 63.33 -18.81 117.57
N LEU ZB 94 62.64 -18.99 118.70
CA LEU ZB 94 63.27 -19.64 119.85
C LEU ZB 94 63.38 -21.14 119.65
N ASN ZB 95 62.48 -21.73 118.87
CA ASN ZB 95 62.53 -23.17 118.63
C ASN ZB 95 63.82 -23.57 117.91
N LYS ZB 96 64.21 -22.80 116.89
CA LYS ZB 96 65.43 -23.11 116.16
C LYS ZB 96 66.66 -23.00 117.05
N LEU ZB 97 66.71 -21.96 117.90
CA LEU ZB 97 67.87 -21.74 118.75
C LEU ZB 97 68.03 -22.85 119.79
N LEU ZB 98 66.93 -23.29 120.39
CA LEU ZB 98 66.99 -24.26 121.48
C LEU ZB 98 66.15 -25.49 121.18
N GLY ZB 99 66.27 -26.03 119.97
CA GLY ZB 99 65.51 -27.21 119.59
C GLY ZB 99 66.01 -28.48 120.21
N ARG ZB 100 67.27 -28.83 119.92
CA ARG ZB 100 67.84 -30.08 120.43
C ARG ZB 100 68.12 -30.01 121.93
N VAL ZB 101 68.10 -28.82 122.52
CA VAL ZB 101 68.42 -28.67 123.94
C VAL ZB 101 67.16 -28.86 124.76
N THR ZB 102 67.32 -29.48 125.92
CA THR ZB 102 66.22 -29.76 126.83
C THR ZB 102 66.34 -28.91 128.09
N ILE ZB 103 65.20 -28.53 128.65
CA ILE ZB 103 65.13 -27.79 129.90
C ILE ZB 103 64.53 -28.71 130.95
N ALA ZB 104 65.26 -28.93 132.03
CA ALA ZB 104 64.79 -29.81 133.09
C ALA ZB 104 63.62 -29.19 133.84
N GLN ZB 105 62.81 -30.04 134.46
CA GLN ZB 105 61.61 -29.65 135.21
C GLN ZB 105 60.62 -28.89 134.33
N GLY ZB 106 60.66 -29.11 133.02
CA GLY ZB 106 59.72 -28.48 132.12
C GLY ZB 106 58.99 -29.49 131.26
N GLY ZB 107 57.67 -29.38 131.18
CA GLY ZB 107 56.88 -30.33 130.43
C GLY ZB 107 56.91 -30.10 128.94
N VAL ZB 108 55.79 -30.40 128.26
CA VAL ZB 108 55.68 -30.23 126.82
C VAL ZB 108 54.40 -29.44 126.53
N LEU ZB 109 54.37 -28.84 125.35
CA LEU ZB 109 53.20 -28.07 124.93
C LEU ZB 109 52.03 -29.00 124.66
N PRO ZB 110 50.86 -28.73 125.23
CA PRO ZB 110 49.72 -29.63 125.00
C PRO ZB 110 49.25 -29.60 123.55
N ASN ZB 111 49.27 -30.77 122.92
CA ASN ZB 111 48.83 -30.91 121.54
C ASN ZB 111 48.30 -32.32 121.33
N ILE ZB 112 47.15 -32.43 120.67
CA ILE ZB 112 46.50 -33.71 120.41
C ILE ZB 112 46.29 -33.84 118.91
N GLN ZB 113 46.67 -34.98 118.35
CA GLN ZB 113 46.54 -35.21 116.93
C GLN ZB 113 45.07 -35.44 116.54
N SER ZB 114 44.84 -35.51 115.23
CA SER ZB 114 43.47 -35.55 114.72
C SER ZB 114 42.78 -36.86 115.08
N VAL ZB 115 43.46 -37.99 114.87
CA VAL ZB 115 42.81 -39.29 115.04
C VAL ZB 115 42.56 -39.63 116.51
N LEU ZB 116 43.14 -38.85 117.43
CA LEU ZB 116 42.98 -39.12 118.85
C LEU ZB 116 41.68 -38.58 119.42
N LEU ZB 117 40.93 -37.79 118.66
CA LEU ZB 117 39.67 -37.23 119.12
C LEU ZB 117 38.60 -38.32 119.19
N PRO ZB 118 37.53 -38.10 119.96
CA PRO ZB 118 36.53 -39.16 120.18
C PRO ZB 118 35.93 -39.72 118.90
N LYS ZB 119 35.68 -38.88 117.90
CA LYS ZB 119 35.09 -39.34 116.66
C LYS ZB 119 36.15 -40.08 115.83
N LYS ZB 120 35.70 -40.62 114.69
CA LYS ZB 120 36.61 -41.33 113.80
C LYS ZB 120 37.70 -40.39 113.28
N THR ZB 121 37.32 -39.18 112.90
CA THR ZB 121 38.25 -38.18 112.42
C THR ZB 121 37.95 -36.87 113.15
N GLU ZB 122 39.01 -36.09 113.39
CA GLU ZB 122 38.88 -34.86 114.17
C GLU ZB 122 37.79 -33.96 113.61
N SER ZB 123 36.93 -33.48 114.51
CA SER ZB 123 35.91 -32.50 114.18
C SER ZB 123 36.32 -31.15 114.78
N SER ZB 124 35.70 -30.09 114.27
CA SER ZB 124 36.02 -28.75 114.74
C SER ZB 124 35.67 -28.59 116.21
N LYS ZB 125 36.59 -28.00 116.96
CA LYS ZB 125 36.37 -27.76 118.38
C LYS ZB 125 35.53 -26.50 118.55
N SER ZB 126 35.36 -26.06 119.80
CA SER ZB 126 34.54 -24.88 120.08
C SER ZB 126 35.35 -23.59 119.98
N ALA ZB 127 36.36 -23.45 120.83
CA ALA ZB 127 37.19 -22.24 120.86
C ALA ZB 127 38.36 -22.40 121.83
N LYS ZB 128 39.21 -21.37 121.90
CA LYS ZB 128 40.29 -21.16 122.87
C LYS ZB 128 41.49 -22.06 122.58
N SER ZB 129 41.38 -23.05 121.70
CA SER ZB 129 42.48 -23.97 121.43
C SER ZB 129 42.07 -24.87 120.27
N LYS ZB 130 43.07 -25.55 119.71
CA LYS ZB 130 42.85 -26.52 118.64
C LYS ZB 130 44.06 -27.45 118.52
N GLN AC 7 79.54 -57.26 -125.69
CA GLN AC 7 79.43 -56.02 -126.45
C GLN AC 7 78.25 -56.08 -127.42
N GLY AC 8 78.54 -56.37 -128.68
CA GLY AC 8 77.51 -56.49 -129.69
C GLY AC 8 78.01 -56.27 -131.10
N GLY AC 9 77.29 -56.82 -132.08
CA GLY AC 9 77.66 -56.66 -133.47
C GLY AC 9 76.53 -56.07 -134.31
N LYS AC 10 75.52 -55.53 -133.63
CA LYS AC 10 74.37 -54.95 -134.29
C LYS AC 10 73.98 -53.66 -133.56
N THR AC 11 73.12 -52.87 -134.20
CA THR AC 11 72.63 -51.60 -133.68
C THR AC 11 73.78 -50.68 -133.31
N ARG AC 12 74.69 -50.47 -134.27
CA ARG AC 12 75.81 -49.54 -134.11
C ARG AC 12 75.35 -48.11 -134.43
N ALA AC 13 74.28 -47.71 -133.77
CA ALA AC 13 73.66 -46.40 -133.97
C ALA AC 13 72.87 -46.06 -132.72
N LYS AC 14 72.03 -45.03 -132.83
CA LYS AC 14 71.20 -44.58 -131.70
C LYS AC 14 69.98 -45.48 -131.59
N ALA AC 15 70.16 -46.63 -130.94
CA ALA AC 15 69.05 -47.55 -130.72
C ALA AC 15 68.01 -46.94 -129.78
N LYS AC 16 68.46 -46.24 -128.75
CA LYS AC 16 67.56 -45.64 -127.77
C LYS AC 16 68.27 -44.45 -127.14
N THR AC 17 67.49 -43.61 -126.46
CA THR AC 17 67.99 -42.42 -125.82
C THR AC 17 68.04 -42.60 -124.31
N ARG AC 18 68.78 -41.70 -123.64
CA ARG AC 18 68.89 -41.76 -122.18
C ARG AC 18 67.57 -41.40 -121.50
N SER AC 19 66.73 -40.63 -122.17
CA SER AC 19 65.41 -40.32 -121.61
C SER AC 19 64.57 -41.58 -121.49
N SER AC 20 64.62 -42.45 -122.51
CA SER AC 20 63.86 -43.69 -122.49
C SER AC 20 64.43 -44.72 -121.51
N ARG AC 21 65.60 -44.46 -120.93
CA ARG AC 21 66.18 -45.40 -119.98
C ARG AC 21 65.28 -45.57 -118.76
N ALA AC 22 64.75 -44.47 -118.24
CA ALA AC 22 63.85 -44.49 -117.11
C ALA AC 22 62.40 -44.23 -117.50
N GLY AC 23 62.09 -44.26 -118.80
CA GLY AC 23 60.76 -43.92 -119.25
C GLY AC 23 60.48 -42.44 -119.28
N LEU AC 24 61.51 -41.61 -119.11
CA LEU AC 24 61.35 -40.16 -119.06
C LEU AC 24 61.26 -39.59 -120.47
N GLN AC 25 60.78 -38.35 -120.55
CA GLN AC 25 60.62 -37.65 -121.82
C GLN AC 25 61.47 -36.40 -121.92
N PHE AC 26 62.19 -36.04 -120.86
CA PHE AC 26 63.01 -34.83 -120.84
C PHE AC 26 64.40 -35.12 -121.37
N PRO AC 27 65.09 -34.10 -121.90
CA PRO AC 27 66.42 -34.32 -122.46
C PRO AC 27 67.49 -34.51 -121.40
N VAL AC 28 67.64 -35.75 -120.93
CA VAL AC 28 68.64 -36.07 -119.91
C VAL AC 28 70.04 -35.66 -120.37
N GLY AC 29 70.34 -35.90 -121.65
CA GLY AC 29 71.64 -35.51 -122.19
C GLY AC 29 71.87 -34.02 -122.11
N ARG AC 30 70.81 -33.23 -122.28
CA ARG AC 30 70.93 -31.78 -122.15
C ARG AC 30 71.25 -31.38 -120.71
N VAL AC 31 70.72 -32.13 -119.74
CA VAL AC 31 71.03 -31.86 -118.33
C VAL AC 31 72.51 -32.09 -118.07
N HIS AC 32 73.07 -33.16 -118.63
CA HIS AC 32 74.49 -33.43 -118.46
C HIS AC 32 75.33 -32.32 -119.10
N ARG AC 33 74.95 -31.88 -120.29
CA ARG AC 33 75.70 -30.83 -120.97
C ARG AC 33 75.58 -29.50 -120.24
N LEU AC 34 74.39 -29.19 -119.72
CA LEU AC 34 74.21 -27.94 -118.98
C LEU AC 34 75.03 -27.93 -117.70
N LEU AC 35 75.13 -29.07 -117.03
CA LEU AC 35 75.97 -29.16 -115.84
C LEU AC 35 77.43 -28.87 -116.16
N ARG AC 36 77.93 -29.42 -117.27
CA ARG AC 36 79.30 -29.16 -117.68
C ARG AC 36 79.45 -27.72 -118.19
N LYS AC 37 78.43 -27.21 -118.89
CA LYS AC 37 78.50 -25.84 -119.39
C LYS AC 37 78.57 -24.83 -118.25
N GLY AC 38 77.77 -25.04 -117.20
CA GLY AC 38 77.74 -24.14 -116.07
C GLY AC 38 78.89 -24.28 -115.10
N ASN AC 39 79.77 -25.25 -115.32
CA ASN AC 39 80.93 -25.49 -114.45
C ASN AC 39 80.51 -25.69 -112.99
N TYR AC 40 79.49 -26.53 -112.78
CA TYR AC 40 79.06 -26.81 -111.42
C TYR AC 40 80.10 -27.64 -110.67
N ALA AC 41 80.77 -28.56 -111.36
CA ALA AC 41 81.87 -29.32 -110.77
C ALA AC 41 82.72 -29.89 -111.89
N GLU AC 42 83.91 -30.36 -111.53
CA GLU AC 42 84.81 -30.96 -112.51
C GLU AC 42 84.32 -32.34 -112.95
N ARG AC 43 83.45 -32.96 -112.15
CA ARG AC 43 82.91 -34.27 -112.45
C ARG AC 43 81.45 -34.32 -112.04
N VAL AC 44 80.61 -34.89 -112.90
CA VAL AC 44 79.20 -35.12 -112.60
C VAL AC 44 78.88 -36.59 -112.88
N GLY AC 45 78.56 -37.35 -111.84
CA GLY AC 45 78.38 -38.78 -111.98
C GLY AC 45 77.03 -39.15 -112.58
N ALA AC 46 76.95 -40.38 -113.05
CA ALA AC 46 75.69 -40.90 -113.57
C ALA AC 46 74.68 -41.06 -112.44
N GLY AC 47 73.41 -40.90 -112.78
CA GLY AC 47 72.35 -40.90 -111.80
C GLY AC 47 71.93 -39.52 -111.33
N ALA AC 48 72.78 -38.50 -111.52
CA ALA AC 48 72.37 -37.14 -111.18
C ALA AC 48 71.44 -36.55 -112.22
N PRO AC 49 71.78 -36.52 -113.52
CA PRO AC 49 70.83 -35.95 -114.49
C PRO AC 49 69.51 -36.70 -114.55
N VAL AC 50 69.53 -38.02 -114.38
CA VAL AC 50 68.28 -38.78 -114.44
C VAL AC 50 67.42 -38.49 -113.22
N TYR AC 51 68.05 -38.21 -112.08
CA TYR AC 51 67.31 -37.81 -110.90
C TYR AC 51 66.74 -36.40 -111.07
N LEU AC 52 67.54 -35.49 -111.60
CA LEU AC 52 67.09 -34.11 -111.82
C LEU AC 52 66.00 -34.06 -112.88
N ALA AC 53 66.15 -34.83 -113.96
CA ALA AC 53 65.16 -34.82 -115.03
C ALA AC 53 63.81 -35.32 -114.52
N ALA AC 54 63.82 -36.37 -113.71
CA ALA AC 54 62.56 -36.87 -113.13
C ALA AC 54 61.94 -35.83 -112.21
N VAL AC 55 62.76 -35.14 -111.42
CA VAL AC 55 62.24 -34.09 -110.54
C VAL AC 55 61.67 -32.94 -111.37
N LEU AC 56 62.38 -32.54 -112.42
CA LEU AC 56 61.86 -31.50 -113.30
C LEU AC 56 60.59 -31.96 -114.00
N GLU AC 57 60.54 -33.23 -114.43
CA GLU AC 57 59.34 -33.74 -115.08
C GLU AC 57 58.15 -33.74 -114.13
N TYR AC 58 58.38 -34.12 -112.87
CA TYR AC 58 57.29 -34.11 -111.90
C TYR AC 58 56.76 -32.70 -111.68
N LEU AC 59 57.65 -31.72 -111.54
CA LEU AC 59 57.22 -30.35 -111.36
C LEU AC 59 56.47 -29.84 -112.59
N THR AC 60 56.93 -30.21 -113.78
CA THR AC 60 56.25 -29.82 -115.01
C THR AC 60 54.85 -30.43 -115.08
N ALA AC 61 54.72 -31.69 -114.68
CA ALA AC 61 53.44 -32.40 -114.83
C ALA AC 61 52.40 -31.89 -113.84
N GLU AC 62 52.80 -31.69 -112.58
CA GLU AC 62 51.84 -31.28 -111.55
C GLU AC 62 51.23 -29.92 -111.85
N ILE AC 63 52.08 -28.95 -112.26
CA ILE AC 63 51.57 -27.62 -112.56
C ILE AC 63 50.69 -27.66 -113.80
N LEU AC 64 51.09 -28.42 -114.82
CA LEU AC 64 50.28 -28.53 -116.03
C LEU AC 64 48.94 -29.17 -115.75
N GLU AC 65 48.91 -30.20 -114.90
CA GLU AC 65 47.64 -30.82 -114.53
C GLU AC 65 46.74 -29.84 -113.79
N LEU AC 66 47.31 -29.06 -112.87
CA LEU AC 66 46.55 -28.02 -112.19
C LEU AC 66 46.11 -26.93 -113.18
N ALA AC 67 46.98 -26.58 -114.12
CA ALA AC 67 46.60 -25.62 -115.15
C ALA AC 67 45.47 -26.16 -116.01
N GLY AC 68 45.52 -27.45 -116.36
CA GLY AC 68 44.43 -28.05 -117.10
C GLY AC 68 43.13 -28.05 -116.32
N ASN AC 69 43.22 -28.36 -115.02
CA ASN AC 69 42.04 -28.29 -114.16
C ASN AC 69 41.53 -26.85 -114.05
N ALA AC 70 42.45 -25.89 -113.92
CA ALA AC 70 42.06 -24.48 -113.90
C ALA AC 70 41.45 -24.07 -115.24
N ALA AC 71 41.97 -24.63 -116.34
CA ALA AC 71 41.38 -24.35 -117.65
C ALA AC 71 39.94 -24.86 -117.72
N ARG AC 72 39.67 -26.01 -117.13
CA ARG AC 72 38.30 -26.53 -117.08
C ARG AC 72 37.39 -25.58 -116.31
N ASP AC 73 37.91 -24.97 -115.24
CA ASP AC 73 37.12 -24.01 -114.47
C ASP AC 73 36.74 -22.81 -115.32
N ASN AC 74 37.65 -22.35 -116.17
CA ASN AC 74 37.40 -21.23 -117.07
C ASN AC 74 36.81 -21.65 -118.40
N LYS AC 75 36.53 -22.96 -118.58
CA LYS AC 75 35.85 -23.48 -119.76
C LYS AC 75 36.60 -23.14 -121.04
N LYS AC 76 37.91 -23.39 -121.04
CA LYS AC 76 38.74 -23.17 -122.21
C LYS AC 76 39.69 -24.35 -122.38
N THR AC 77 39.77 -24.87 -123.60
CA THR AC 77 40.63 -26.03 -123.87
C THR AC 77 42.10 -25.67 -123.70
N ARG AC 78 42.55 -24.59 -124.34
CA ARG AC 78 43.94 -24.18 -124.24
C ARG AC 78 44.17 -23.39 -122.96
N ILE AC 79 45.38 -23.49 -122.43
CA ILE AC 79 45.70 -22.93 -121.12
C ILE AC 79 46.25 -21.51 -121.32
N ILE AC 80 45.49 -20.52 -120.92
CA ILE AC 80 45.95 -19.13 -120.93
C ILE AC 80 46.84 -18.92 -119.71
N PRO AC 81 47.68 -17.88 -119.69
CA PRO AC 81 48.56 -17.66 -118.53
C PRO AC 81 47.82 -17.44 -117.22
N ARG AC 82 46.54 -17.08 -117.27
CA ARG AC 82 45.78 -16.86 -116.04
C ARG AC 82 45.69 -18.14 -115.19
N HIS AC 83 45.58 -19.30 -115.85
CA HIS AC 83 45.46 -20.56 -115.12
C HIS AC 83 46.69 -20.83 -114.25
N LEU AC 84 47.87 -20.40 -114.71
CA LEU AC 84 49.09 -20.64 -113.94
C LEU AC 84 49.07 -19.87 -112.62
N GLN AC 85 48.59 -18.62 -112.64
CA GLN AC 85 48.61 -17.80 -111.44
C GLN AC 85 47.70 -18.36 -110.35
N LEU AC 86 46.53 -18.88 -110.75
CA LEU AC 86 45.60 -19.43 -109.76
C LEU AC 86 46.20 -20.63 -109.04
N ALA AC 87 46.89 -21.51 -109.78
CA ALA AC 87 47.43 -22.73 -109.19
C ALA AC 87 48.55 -22.43 -108.21
N VAL AC 88 49.45 -21.50 -108.56
CA VAL AC 88 50.64 -21.27 -107.74
C VAL AC 88 50.30 -20.61 -106.42
N ARG AC 89 49.12 -19.98 -106.33
CA ARG AC 89 48.72 -19.31 -105.10
C ARG AC 89 47.66 -20.07 -104.33
N ASN AC 90 46.86 -20.91 -104.99
CA ASN AC 90 45.81 -21.64 -104.29
C ASN AC 90 46.39 -22.61 -103.25
N ASP AC 91 47.49 -23.28 -103.59
CA ASP AC 91 48.09 -24.28 -102.72
C ASP AC 91 49.31 -23.68 -102.02
N GLU AC 92 49.41 -23.92 -100.71
CA GLU AC 92 50.58 -23.49 -99.95
C GLU AC 92 51.84 -24.22 -100.43
N GLU AC 93 51.68 -25.40 -101.02
CA GLU AC 93 52.84 -26.15 -101.49
C GLU AC 93 53.57 -25.40 -102.60
N LEU AC 94 52.83 -24.81 -103.54
CA LEU AC 94 53.44 -24.07 -104.65
C LEU AC 94 53.69 -22.62 -104.32
N ASN AC 95 53.05 -22.08 -103.29
CA ASN AC 95 53.26 -20.68 -102.92
C ASN AC 95 54.66 -20.46 -102.35
N LYS AC 96 55.17 -21.44 -101.62
CA LYS AC 96 56.50 -21.29 -101.01
C LYS AC 96 57.58 -21.18 -102.06
N LEU AC 97 57.51 -22.01 -103.10
CA LEU AC 97 58.54 -22.00 -104.14
C LEU AC 97 58.49 -20.70 -104.95
N LEU AC 98 57.29 -20.22 -105.27
CA LEU AC 98 57.11 -19.06 -106.13
C LEU AC 98 56.45 -17.90 -105.39
N GLY AC 99 56.90 -17.65 -104.15
CA GLY AC 99 56.37 -16.52 -103.41
C GLY AC 99 56.71 -15.18 -104.04
N ARG AC 100 57.94 -15.04 -104.53
CA ARG AC 100 58.41 -13.82 -105.15
C ARG AC 100 58.51 -13.94 -106.67
N VAL AC 101 57.58 -14.66 -107.29
CA VAL AC 101 57.63 -14.97 -108.71
C VAL AC 101 56.38 -14.42 -109.38
N THR AC 102 56.59 -13.72 -110.50
CA THR AC 102 55.51 -13.17 -111.32
C THR AC 102 55.33 -13.99 -112.58
N ILE AC 103 54.08 -14.14 -113.01
CA ILE AC 103 53.75 -14.83 -114.24
C ILE AC 103 53.25 -13.80 -115.23
N ALA AC 104 53.83 -13.78 -116.43
CA ALA AC 104 53.44 -12.83 -117.45
C ALA AC 104 51.99 -13.07 -117.88
N GLN AC 105 51.20 -12.00 -117.89
CA GLN AC 105 49.78 -12.05 -118.22
C GLN AC 105 49.00 -13.00 -117.32
N GLY AC 106 49.50 -13.25 -116.10
CA GLY AC 106 48.83 -14.16 -115.19
C GLY AC 106 47.75 -13.53 -114.35
N GLY AC 107 47.78 -12.21 -114.18
CA GLY AC 107 46.79 -11.57 -113.34
C GLY AC 107 47.04 -11.88 -111.86
N VAL AC 108 45.99 -11.66 -111.06
CA VAL AC 108 46.01 -11.92 -109.64
C VAL AC 108 44.70 -12.57 -109.23
N LEU AC 109 44.71 -13.20 -108.04
CA LEU AC 109 43.55 -13.87 -107.48
C LEU AC 109 42.55 -12.84 -106.94
N PRO AC 110 41.25 -13.18 -106.94
CA PRO AC 110 40.22 -12.26 -106.42
C PRO AC 110 40.24 -12.15 -104.90
N ASN AC 111 41.18 -11.33 -104.40
CA ASN AC 111 41.32 -11.14 -102.96
C ASN AC 111 40.16 -10.33 -102.39
N ILE AC 112 39.95 -10.49 -101.09
CA ILE AC 112 38.90 -9.76 -100.37
C ILE AC 112 39.32 -9.63 -98.92
N GLN AC 113 38.88 -8.56 -98.26
CA GLN AC 113 39.22 -8.28 -96.87
C GLN AC 113 37.98 -7.82 -96.12
N SER AC 114 38.17 -7.49 -94.84
CA SER AC 114 37.04 -7.18 -93.97
C SER AC 114 36.34 -5.90 -94.40
N VAL AC 115 37.11 -4.82 -94.59
CA VAL AC 115 36.50 -3.55 -94.99
C VAL AC 115 36.07 -3.55 -96.45
N LEU AC 116 36.40 -4.61 -97.20
CA LEU AC 116 36.12 -4.68 -98.63
C LEU AC 116 34.74 -5.31 -98.87
N LEU AC 117 33.75 -4.78 -98.16
CA LEU AC 117 32.42 -5.36 -98.18
C LEU AC 117 31.42 -4.28 -97.79
N PRO AC 118 30.13 -4.44 -98.16
CA PRO AC 118 29.14 -3.42 -97.83
C PRO AC 118 28.99 -3.15 -96.34
N LYS AC 119 28.76 -4.19 -95.55
CA LYS AC 119 28.58 -4.01 -94.12
C LYS AC 119 29.91 -3.69 -93.45
N LYS AC 120 29.82 -3.15 -92.24
CA LYS AC 120 30.99 -2.65 -91.53
C LYS AC 120 31.75 -3.83 -90.92
N THR AC 121 32.84 -4.23 -91.58
CA THR AC 121 33.75 -5.25 -91.07
C THR AC 121 33.01 -6.54 -90.70
N GLU AC 122 32.39 -7.14 -91.72
CA GLU AC 122 31.67 -8.39 -91.52
C GLU AC 122 31.58 -9.10 -92.86
N SER AC 123 31.78 -10.42 -92.83
CA SER AC 123 31.76 -11.26 -94.02
C SER AC 123 30.75 -12.39 -93.85
N SER AC 124 29.55 -12.05 -93.39
CA SER AC 124 28.52 -13.05 -93.18
C SER AC 124 28.08 -13.71 -94.47
N LYS AC 125 28.18 -12.98 -95.59
CA LYS AC 125 27.82 -13.56 -96.88
C LYS AC 125 28.74 -14.73 -97.22
N SER AC 126 28.16 -15.83 -97.68
CA SER AC 126 28.92 -17.04 -97.96
C SER AC 126 28.15 -17.89 -98.95
N ALA AC 127 28.57 -19.15 -99.08
CA ALA AC 127 27.96 -20.19 -99.91
C ALA AC 127 28.07 -19.90 -101.40
N LYS AC 128 28.95 -18.99 -101.82
CA LYS AC 128 29.13 -18.73 -103.25
C LYS AC 128 30.60 -18.34 -103.47
N SER AC 129 31.42 -19.35 -103.79
CA SER AC 129 32.81 -19.18 -104.21
C SER AC 129 33.70 -18.61 -103.12
N LYS AC 130 33.12 -18.26 -101.97
CA LYS AC 130 33.88 -17.70 -100.86
C LYS AC 130 32.98 -17.54 -99.63
N ARG BC 4 80.95 27.89 148.48
CA ARG BC 4 79.92 28.83 148.07
C ARG BC 4 80.38 29.66 146.88
N GLY BC 5 81.62 30.18 146.96
CA GLY BC 5 82.12 31.01 145.88
C GLY BC 5 82.26 30.25 144.58
N LYS BC 6 82.82 29.05 144.64
CA LYS BC 6 82.98 28.20 143.45
C LYS BC 6 83.29 26.79 143.90
N GLN BC 7 82.74 25.81 143.20
CA GLN BC 7 82.95 24.40 143.56
C GLN BC 7 84.25 23.88 142.96
N GLY BC 8 84.50 24.17 141.68
CA GLY BC 8 85.69 23.69 141.02
C GLY BC 8 85.41 23.02 139.69
N GLY BC 9 86.14 21.96 139.39
CA GLY BC 9 85.94 21.25 138.14
C GLY BC 9 84.60 20.54 138.09
N LYS BC 10 84.14 20.30 136.86
CA LYS BC 10 82.84 19.66 136.62
C LYS BC 10 83.08 18.16 136.44
N THR BC 11 83.29 17.48 137.56
CA THR BC 11 83.59 16.05 137.51
C THR BC 11 82.35 15.19 137.39
N ARG BC 12 81.19 15.69 137.84
CA ARG BC 12 79.98 14.88 137.83
C ARG BC 12 79.50 14.64 136.40
N ALA BC 13 79.43 15.70 135.59
CA ALA BC 13 79.00 15.58 134.19
C ALA BC 13 79.33 16.86 133.43
N LYS BC 14 79.90 16.73 132.23
CA LYS BC 14 80.25 17.91 131.44
C LYS BC 14 79.55 17.94 130.09
N ALA BC 15 79.61 16.87 129.31
CA ALA BC 15 79.11 16.86 127.95
C ALA BC 15 78.38 15.55 127.64
N LYS BC 16 77.55 15.10 128.58
CA LYS BC 16 76.78 13.88 128.39
C LYS BC 16 75.34 14.11 127.93
N THR BC 17 74.73 15.24 128.31
CA THR BC 17 73.39 15.63 127.90
C THR BC 17 72.34 14.73 128.54
N ARG BC 18 71.18 15.31 128.89
CA ARG BC 18 70.14 14.54 129.57
C ARG BC 18 69.65 13.38 128.72
N SER BC 19 69.52 13.60 127.41
CA SER BC 19 68.99 12.55 126.54
C SER BC 19 69.91 11.33 126.52
N SER BC 20 71.21 11.55 126.39
CA SER BC 20 72.14 10.42 126.36
C SER BC 20 72.37 9.84 127.75
N ARG BC 21 72.09 10.62 128.81
CA ARG BC 21 72.21 10.08 130.16
C ARG BC 21 71.19 8.97 130.39
N ALA BC 22 69.99 9.14 129.86
CA ALA BC 22 68.96 8.10 129.96
C ALA BC 22 69.06 7.06 128.86
N GLY BC 23 70.04 7.18 127.95
CA GLY BC 23 70.19 6.26 126.85
C GLY BC 23 69.38 6.59 125.62
N LEU BC 24 68.68 7.72 125.61
CA LEU BC 24 67.88 8.12 124.47
C LEU BC 24 68.68 9.03 123.54
N GLN BC 25 68.11 9.29 122.37
CA GLN BC 25 68.73 10.15 121.36
C GLN BC 25 67.92 11.39 121.05
N PHE BC 26 66.59 11.33 121.14
CA PHE BC 26 65.76 12.49 120.88
C PHE BC 26 65.97 13.54 121.98
N PRO BC 27 65.81 14.82 121.65
CA PRO BC 27 66.16 15.88 122.62
C PRO BC 27 65.13 15.97 123.73
N VAL BC 28 65.60 15.81 124.97
CA VAL BC 28 64.72 15.98 126.12
C VAL BC 28 64.32 17.44 126.29
N GLY BC 29 65.27 18.36 126.05
CA GLY BC 29 64.98 19.77 126.23
C GLY BC 29 63.92 20.28 125.27
N ARG BC 30 63.94 19.81 124.03
CA ARG BC 30 62.94 20.23 123.05
C ARG BC 30 61.54 19.83 123.51
N VAL BC 31 61.39 18.60 124.00
CA VAL BC 31 60.09 18.15 124.49
C VAL BC 31 59.70 18.93 125.74
N HIS BC 32 60.68 19.26 126.58
CA HIS BC 32 60.40 20.03 127.79
C HIS BC 32 59.85 21.41 127.45
N ARG BC 33 60.46 22.07 126.45
CA ARG BC 33 59.99 23.40 126.07
C ARG BC 33 58.63 23.34 125.37
N LEU BC 34 58.35 22.24 124.66
CA LEU BC 34 57.05 22.09 124.02
C LEU BC 34 55.93 22.05 125.06
N LEU BC 35 56.17 21.35 126.18
CA LEU BC 35 55.20 21.35 127.26
C LEU BC 35 55.04 22.75 127.85
N ARG BC 36 56.15 23.48 128.01
CA ARG BC 36 56.08 24.85 128.51
C ARG BC 36 55.42 25.77 127.49
N LYS BC 37 55.78 25.64 126.21
CA LYS BC 37 55.22 26.51 125.18
C LYS BC 37 53.72 26.29 125.03
N GLY BC 38 53.28 25.04 125.08
CA GLY BC 38 51.87 24.73 124.97
C GLY BC 38 51.06 24.91 126.23
N ASN BC 39 51.71 25.27 127.34
CA ASN BC 39 51.04 25.45 128.63
C ASN BC 39 50.27 24.19 129.02
N TYR BC 40 50.86 23.03 128.74
CA TYR BC 40 50.19 21.77 129.04
C TYR BC 40 50.04 21.57 130.54
N ALA BC 41 51.07 21.91 131.31
CA ALA BC 41 51.07 21.69 132.76
C ALA BC 41 51.25 23.01 133.49
N GLU BC 42 50.64 23.10 134.67
CA GLU BC 42 50.86 24.26 135.54
C GLU BC 42 52.31 24.34 135.96
N ARG BC 43 52.91 23.20 136.33
CA ARG BC 43 54.33 23.10 136.63
C ARG BC 43 54.84 21.80 136.03
N VAL BC 44 55.72 21.92 135.03
CA VAL BC 44 56.20 20.75 134.32
C VAL BC 44 57.30 20.07 135.13
N GLY BC 45 57.14 18.76 135.37
CA GLY BC 45 58.12 18.01 136.11
C GLY BC 45 59.31 17.61 135.27
N ALA BC 46 60.38 17.19 135.96
CA ALA BC 46 61.60 16.81 135.28
C ALA BC 46 61.51 15.43 134.64
N GLY BC 47 60.74 14.52 135.23
CA GLY BC 47 60.66 13.17 134.69
C GLY BC 47 59.70 13.06 133.52
N ALA BC 48 58.86 14.09 133.32
CA ALA BC 48 57.91 14.05 132.21
C ALA BC 48 58.58 14.06 130.84
N PRO BC 49 59.51 14.98 130.53
CA PRO BC 49 60.06 15.00 129.16
C PRO BC 49 60.85 13.74 128.79
N VAL BC 50 61.56 13.14 129.74
CA VAL BC 50 62.43 12.01 129.41
C VAL BC 50 61.60 10.79 129.00
N TYR BC 51 60.45 10.59 129.65
CA TYR BC 51 59.57 9.48 129.28
C TYR BC 51 58.99 9.68 127.88
N LEU BC 52 58.65 10.93 127.55
CA LEU BC 52 58.09 11.21 126.23
C LEU BC 52 59.09 10.91 125.13
N ALA BC 53 60.36 11.26 125.35
CA ALA BC 53 61.40 10.99 124.34
C ALA BC 53 61.56 9.50 124.12
N ALA BC 54 61.53 8.70 125.19
CA ALA BC 54 61.66 7.26 125.04
C ALA BC 54 60.50 6.67 124.24
N VAL BC 55 59.28 7.13 124.52
CA VAL BC 55 58.12 6.65 123.77
C VAL BC 55 58.22 7.06 122.31
N LEU BC 56 58.60 8.31 122.06
CA LEU BC 56 58.75 8.79 120.69
C LEU BC 56 59.92 8.11 119.99
N GLU BC 57 60.98 7.78 120.73
CA GLU BC 57 62.12 7.10 120.13
C GLU BC 57 61.72 5.74 119.59
N TYR BC 58 60.94 4.98 120.36
CA TYR BC 58 60.50 3.67 119.90
C TYR BC 58 59.43 3.78 118.82
N LEU BC 59 58.51 4.75 118.97
CA LEU BC 59 57.44 4.90 118.00
C LEU BC 59 58.00 5.26 116.62
N THR BC 60 58.98 6.16 116.57
CA THR BC 60 59.64 6.46 115.30
C THR BC 60 60.40 5.25 114.77
N ALA BC 61 61.11 4.55 115.66
CA ALA BC 61 61.87 3.37 115.24
C ALA BC 61 60.94 2.24 114.78
N GLU BC 62 59.84 2.02 115.51
CA GLU BC 62 58.90 0.96 115.12
C GLU BC 62 58.28 1.26 113.76
N ILE BC 63 57.87 2.51 113.53
CA ILE BC 63 57.29 2.87 112.25
C ILE BC 63 58.32 2.76 111.14
N LEU BC 64 59.53 3.25 111.38
CA LEU BC 64 60.58 3.22 110.36
C LEU BC 64 61.00 1.78 110.05
N GLU BC 65 61.02 0.92 111.07
CA GLU BC 65 61.38 -0.48 110.84
C GLU BC 65 60.36 -1.16 109.93
N LEU BC 66 59.07 -0.93 110.18
CA LEU BC 66 58.05 -1.49 109.30
C LEU BC 66 58.04 -0.80 107.94
N ALA BC 67 58.33 0.50 107.91
CA ALA BC 67 58.45 1.19 106.62
C ALA BC 67 59.60 0.63 105.80
N GLY BC 68 60.72 0.32 106.45
CA GLY BC 68 61.84 -0.28 105.74
C GLY BC 68 61.49 -1.64 105.16
N ASN BC 69 60.72 -2.43 105.92
CA ASN BC 69 60.26 -3.72 105.40
C ASN BC 69 59.36 -3.54 104.19
N ALA BC 70 58.49 -2.52 104.22
CA ALA BC 70 57.65 -2.23 103.07
C ALA BC 70 58.49 -1.79 101.88
N ALA BC 71 59.59 -1.08 102.13
CA ALA BC 71 60.48 -0.67 101.04
C ALA BC 71 61.09 -1.88 100.35
N ARG BC 72 61.51 -2.88 101.13
CA ARG BC 72 62.04 -4.11 100.54
C ARG BC 72 60.96 -4.83 99.74
N ASP BC 73 59.73 -4.85 100.25
CA ASP BC 73 58.63 -5.46 99.51
C ASP BC 73 58.32 -4.68 98.23
N ASN BC 74 58.61 -3.38 98.22
CA ASN BC 74 58.37 -2.53 97.06
C ASN BC 74 59.61 -2.37 96.18
N LYS BC 75 60.67 -3.12 96.46
CA LYS BC 75 61.91 -3.11 95.68
C LYS BC 75 62.57 -1.74 95.64
N LYS BC 76 62.49 -0.97 96.72
CA LYS BC 76 63.08 0.35 96.80
C LYS BC 76 63.92 0.49 98.05
N THR BC 77 64.90 1.38 98.00
CA THR BC 77 65.82 1.61 99.10
C THR BC 77 65.60 2.94 99.83
N ARG BC 78 64.62 3.73 99.43
CA ARG BC 78 64.32 5.00 100.05
C ARG BC 78 62.90 4.99 100.59
N ILE BC 79 62.71 5.55 101.79
CA ILE BC 79 61.39 5.60 102.42
C ILE BC 79 60.60 6.72 101.78
N ILE BC 80 59.47 6.38 101.18
CA ILE BC 80 58.59 7.35 100.53
C ILE BC 80 57.27 7.38 101.30
N PRO BC 81 56.42 8.38 101.10
CA PRO BC 81 55.12 8.39 101.80
C PRO BC 81 54.27 7.16 101.53
N ARG BC 82 54.42 6.52 100.37
CA ARG BC 82 53.68 5.30 100.10
C ARG BC 82 54.06 4.19 101.07
N HIS BC 83 55.36 4.07 101.39
CA HIS BC 83 55.80 3.02 102.31
C HIS BC 83 55.21 3.19 103.69
N LEU BC 84 55.01 4.44 104.13
CA LEU BC 84 54.40 4.68 105.44
C LEU BC 84 52.96 4.19 105.48
N GLN BC 85 52.20 4.40 104.40
CA GLN BC 85 50.80 3.99 104.39
C GLN BC 85 50.68 2.48 104.51
N LEU BC 86 51.53 1.72 103.81
CA LEU BC 86 51.50 0.27 103.92
C LEU BC 86 51.88 -0.18 105.32
N ALA BC 87 52.86 0.48 105.94
CA ALA BC 87 53.32 0.06 107.26
C ALA BC 87 52.24 0.25 108.32
N VAL BC 88 51.47 1.33 108.24
CA VAL BC 88 50.47 1.59 109.28
C VAL BC 88 49.18 0.82 109.02
N ARG BC 89 48.90 0.45 107.77
CA ARG BC 89 47.64 -0.20 107.43
C ARG BC 89 47.72 -1.72 107.44
N ASN BC 90 48.90 -2.30 107.64
CA ASN BC 90 49.05 -3.75 107.64
C ASN BC 90 49.08 -4.35 109.04
N ASP BC 91 48.95 -3.53 110.08
CA ASP BC 91 48.91 -4.01 111.45
C ASP BC 91 47.69 -3.45 112.16
N GLU BC 92 47.03 -4.30 112.96
CA GLU BC 92 45.81 -3.88 113.64
C GLU BC 92 46.08 -2.75 114.63
N GLU BC 93 47.17 -2.87 115.40
CA GLU BC 93 47.48 -1.86 116.40
C GLU BC 93 47.85 -0.53 115.75
N LEU BC 94 48.67 -0.58 114.69
CA LEU BC 94 49.09 0.65 114.03
C LEU BC 94 47.96 1.26 113.21
N ASN BC 95 47.01 0.44 112.73
CA ASN BC 95 45.87 0.96 112.00
C ASN BC 95 44.88 1.68 112.91
N LYS BC 96 45.05 1.61 114.23
CA LYS BC 96 44.21 2.36 115.15
C LYS BC 96 44.91 3.58 115.71
N LEU BC 97 46.25 3.57 115.80
CA LEU BC 97 46.97 4.74 116.27
C LEU BC 97 46.85 5.89 115.29
N LEU BC 98 46.90 5.60 113.99
CA LEU BC 98 46.79 6.60 112.94
C LEU BC 98 45.66 6.24 111.98
N GLY BC 99 44.57 5.69 112.52
CA GLY BC 99 43.46 5.31 111.66
C GLY BC 99 42.80 6.51 110.99
N ARG BC 100 42.52 7.55 111.75
CA ARG BC 100 41.91 8.77 111.22
C ARG BC 100 42.99 9.79 110.86
N VAL BC 101 43.95 9.33 110.06
CA VAL BC 101 45.09 10.13 109.66
C VAL BC 101 45.22 10.07 108.14
N THR BC 102 45.35 11.23 107.52
CA THR BC 102 45.55 11.33 106.08
C THR BC 102 47.02 11.57 105.78
N ILE BC 103 47.60 10.71 104.94
CA ILE BC 103 49.01 10.80 104.55
C ILE BC 103 49.06 11.24 103.09
N ALA BC 104 49.76 12.34 102.84
CA ALA BC 104 49.90 12.83 101.47
C ALA BC 104 50.74 11.87 100.64
N GLN BC 105 50.32 11.65 99.40
CA GLN BC 105 51.00 10.74 98.47
C GLN BC 105 51.12 9.34 99.06
N GLY BC 106 50.07 8.91 99.77
CA GLY BC 106 50.08 7.60 100.40
C GLY BC 106 49.28 6.56 99.65
N GLY BC 107 48.21 6.99 98.98
CA GLY BC 107 47.37 6.08 98.24
C GLY BC 107 46.54 5.21 99.18
N VAL BC 108 46.02 4.12 98.62
CA VAL BC 108 45.21 3.17 99.36
C VAL BC 108 45.79 1.77 99.17
N LEU BC 109 45.58 0.91 100.16
CA LEU BC 109 45.98 -0.48 100.04
C LEU BC 109 45.08 -1.18 99.03
N PRO BC 110 45.59 -2.22 98.35
CA PRO BC 110 44.75 -2.93 97.37
C PRO BC 110 43.60 -3.68 98.02
N ASN BC 111 42.58 -2.94 98.44
CA ASN BC 111 41.40 -3.53 99.05
C ASN BC 111 40.37 -3.86 97.98
N ILE BC 112 40.02 -5.14 97.85
CA ILE BC 112 39.11 -5.61 96.81
C ILE BC 112 38.00 -6.42 97.45
N GLN BC 113 37.01 -6.76 96.62
CA GLN BC 113 35.87 -7.57 97.04
C GLN BC 113 35.78 -8.81 96.18
N SER BC 114 35.31 -9.91 96.78
CA SER BC 114 35.26 -11.17 96.06
C SER BC 114 34.21 -11.14 94.95
N VAL BC 115 33.12 -10.40 95.16
CA VAL BC 115 32.04 -10.36 94.16
C VAL BC 115 32.51 -9.74 92.86
N LEU BC 116 33.52 -8.87 92.90
CA LEU BC 116 34.00 -8.21 91.71
C LEU BC 116 34.84 -9.12 90.81
N LEU BC 117 35.19 -10.33 91.28
CA LEU BC 117 36.02 -11.23 90.51
C LEU BC 117 35.21 -12.43 90.05
N PRO BC 118 34.76 -12.48 88.80
CA PRO BC 118 34.04 -13.66 88.28
C PRO BC 118 34.99 -14.73 87.75
N LYS BC 119 35.56 -15.50 88.69
CA LYS BC 119 36.52 -16.53 88.32
C LYS BC 119 35.87 -17.60 87.46
N LYS BC 120 34.67 -18.02 87.82
CA LYS BC 120 33.91 -18.93 86.97
C LYS BC 120 33.58 -18.25 85.65
N THR BC 121 33.54 -19.05 84.58
CA THR BC 121 33.28 -18.53 83.24
C THR BC 121 32.00 -17.69 83.24
N GLU BC 122 32.11 -16.48 82.68
CA GLU BC 122 31.00 -15.52 82.71
C GLU BC 122 29.93 -15.99 81.74
N SER BC 123 29.13 -16.95 82.20
CA SER BC 123 28.08 -17.55 81.39
C SER BC 123 26.76 -17.43 82.16
N SER BC 124 25.71 -18.01 81.61
CA SER BC 124 24.39 -17.97 82.23
C SER BC 124 24.29 -19.00 83.35
N LYS BC 125 23.12 -19.02 83.99
CA LYS BC 125 22.86 -20.04 85.00
C LYS BC 125 22.87 -21.44 84.40
N SER BC 126 22.29 -21.59 83.20
CA SER BC 126 22.34 -22.85 82.49
C SER BC 126 23.70 -23.00 81.82
N ALA BC 127 23.88 -24.07 81.06
CA ALA BC 127 25.16 -24.33 80.42
C ALA BC 127 25.24 -23.63 79.07
N LYS BC 128 26.38 -22.98 78.81
CA LYS BC 128 26.68 -22.39 77.51
C LYS BC 128 25.66 -21.34 77.09
N SER BC 129 25.61 -20.21 77.80
CA SER BC 129 24.85 -19.06 77.35
C SER BC 129 25.36 -17.82 78.08
N LYS BC 130 25.23 -16.67 77.42
CA LYS BC 130 25.60 -15.40 78.04
C LYS BC 130 24.38 -14.67 78.57
N LYS CC 14 77.89 -85.68 -84.13
CA LYS CC 14 77.30 -84.44 -83.61
C LYS CC 14 78.37 -83.54 -83.00
N ALA CC 15 78.62 -82.41 -83.66
CA ALA CC 15 79.64 -81.46 -83.19
C ALA CC 15 79.06 -80.13 -82.75
N LYS CC 16 77.96 -79.68 -83.34
CA LYS CC 16 77.35 -78.41 -82.96
C LYS CC 16 75.84 -78.57 -82.97
N THR CC 17 75.17 -77.80 -82.11
CA THR CC 17 73.72 -77.85 -82.01
C THR CC 17 73.09 -76.73 -82.84
N ARG CC 18 71.78 -76.84 -83.05
CA ARG CC 18 71.07 -75.83 -83.83
C ARG CC 18 71.09 -74.48 -83.14
N SER CC 19 70.98 -74.45 -81.81
CA SER CC 19 71.03 -73.20 -81.08
C SER CC 19 72.37 -72.51 -81.26
N SER CC 20 73.47 -73.28 -81.22
CA SER CC 20 74.79 -72.68 -81.37
C SER CC 20 75.01 -72.20 -82.81
N ARG CC 21 74.44 -72.90 -83.78
CA ARG CC 21 74.59 -72.49 -85.18
C ARG CC 21 73.96 -71.12 -85.43
N ALA CC 22 72.79 -70.89 -84.85
CA ALA CC 22 72.10 -69.60 -85.01
C ALA CC 22 72.61 -68.52 -84.08
N GLY CC 23 73.52 -68.86 -83.16
CA GLY CC 23 74.03 -67.89 -82.22
C GLY CC 23 73.16 -67.65 -81.00
N LEU CC 24 72.16 -68.49 -80.76
CA LEU CC 24 71.25 -68.34 -79.64
C LEU CC 24 71.63 -69.27 -78.51
N GLN CC 25 71.39 -68.81 -77.27
CA GLN CC 25 71.68 -69.61 -76.09
C GLN CC 25 70.49 -70.42 -75.63
N PHE CC 26 69.27 -69.97 -75.92
CA PHE CC 26 68.09 -70.72 -75.56
C PHE CC 26 67.99 -71.98 -76.44
N PRO CC 27 67.44 -73.07 -75.88
CA PRO CC 27 67.34 -74.32 -76.65
C PRO CC 27 66.24 -74.24 -77.69
N VAL CC 28 66.65 -74.14 -78.96
CA VAL CC 28 65.67 -74.10 -80.05
C VAL CC 28 64.96 -75.45 -80.19
N GLY CC 29 65.67 -76.54 -79.93
CA GLY CC 29 65.05 -77.85 -80.02
C GLY CC 29 63.97 -78.06 -78.98
N ARG CC 30 64.18 -77.56 -77.76
CA ARG CC 30 63.18 -77.67 -76.72
C ARG CC 30 61.92 -76.91 -77.12
N VAL CC 31 62.07 -75.74 -77.73
CA VAL CC 31 60.92 -75.01 -78.24
C VAL CC 31 60.22 -75.81 -79.33
N HIS CC 32 61.00 -76.49 -80.17
CA HIS CC 32 60.41 -77.35 -81.21
C HIS CC 32 59.61 -78.49 -80.58
N ARG CC 33 60.14 -79.10 -79.52
CA ARG CC 33 59.43 -80.19 -78.85
C ARG CC 33 58.11 -79.69 -78.25
N LEU CC 34 58.13 -78.53 -77.61
CA LEU CC 34 56.91 -77.99 -77.01
C LEU CC 34 55.89 -77.64 -78.08
N LEU CC 35 56.35 -77.13 -79.23
CA LEU CC 35 55.44 -76.85 -80.33
C LEU CC 35 54.78 -78.13 -80.84
N ARG CC 36 55.56 -79.20 -80.99
CA ARG CC 36 54.98 -80.48 -81.37
C ARG CC 36 54.08 -81.03 -80.26
N LYS CC 37 54.48 -80.85 -79.00
CA LYS CC 37 53.67 -81.34 -77.89
C LYS CC 37 52.32 -80.64 -77.83
N GLY CC 38 52.31 -79.33 -78.06
CA GLY CC 38 51.07 -78.57 -77.95
C GLY CC 38 50.10 -78.76 -79.10
N ASN CC 39 50.52 -79.47 -80.15
CA ASN CC 39 49.67 -79.73 -81.32
C ASN CC 39 49.13 -78.44 -81.94
N TYR CC 40 49.99 -77.43 -82.04
CA TYR CC 40 49.57 -76.15 -82.60
C TYR CC 40 49.30 -76.27 -84.10
N ALA CC 41 50.13 -77.02 -84.81
CA ALA CC 41 49.98 -77.18 -86.26
C ALA CC 41 50.26 -78.63 -86.64
N GLU CC 42 49.69 -79.04 -87.78
CA GLU CC 42 49.93 -80.38 -88.27
C GLU CC 42 51.40 -80.58 -88.66
N ARG CC 43 52.00 -79.58 -89.28
CA ARG CC 43 53.39 -79.63 -89.70
C ARG CC 43 54.11 -78.37 -89.23
N VAL CC 44 55.41 -78.50 -88.98
CA VAL CC 44 56.21 -77.41 -88.43
C VAL CC 44 57.40 -77.16 -89.35
N GLY CC 45 57.61 -75.89 -89.68
CA GLY CC 45 58.75 -75.46 -90.48
C GLY CC 45 59.98 -75.30 -89.61
N ALA CC 46 61.15 -75.50 -90.22
CA ALA CC 46 62.40 -75.40 -89.48
C ALA CC 46 62.70 -73.95 -89.08
N GLY CC 47 62.22 -72.98 -89.86
CA GLY CC 47 62.45 -71.59 -89.54
C GLY CC 47 61.58 -71.05 -88.44
N ALA CC 48 60.60 -71.85 -87.98
CA ALA CC 48 59.72 -71.38 -86.92
C ALA CC 48 60.38 -71.37 -85.55
N PRO CC 49 60.90 -72.49 -85.02
CA PRO CC 49 61.46 -72.43 -83.66
C PRO CC 49 62.64 -71.50 -83.52
N VAL CC 50 63.44 -71.33 -84.58
CA VAL CC 50 64.61 -70.45 -84.50
C VAL CC 50 64.16 -69.00 -84.34
N TYR CC 51 63.05 -68.63 -84.99
CA TYR CC 51 62.53 -67.28 -84.83
C TYR CC 51 61.93 -67.06 -83.45
N LEU CC 52 61.17 -68.05 -82.96
CA LEU CC 52 60.54 -67.93 -81.64
C LEU CC 52 61.59 -67.90 -80.54
N ALA CC 53 62.63 -68.73 -80.64
CA ALA CC 53 63.66 -68.76 -79.62
C ALA CC 53 64.42 -67.44 -79.55
N ALA CC 54 64.72 -66.85 -80.71
CA ALA CC 54 65.43 -65.58 -80.74
C ALA CC 54 64.63 -64.47 -80.07
N VAL CC 55 63.32 -64.41 -80.35
CA VAL CC 55 62.48 -63.40 -79.73
C VAL CC 55 62.39 -63.63 -78.23
N LEU CC 56 62.22 -64.88 -77.81
CA LEU CC 56 62.17 -65.20 -76.38
C LEU CC 56 63.50 -64.87 -75.71
N GLU CC 57 64.61 -65.22 -76.35
CA GLU CC 57 65.93 -64.91 -75.79
C GLU CC 57 66.16 -63.40 -75.73
N TYR CC 58 65.72 -62.67 -76.75
CA TYR CC 58 65.90 -61.22 -76.76
C TYR CC 58 65.15 -60.55 -75.61
N LEU CC 59 63.91 -60.99 -75.36
CA LEU CC 59 63.14 -60.42 -74.25
C LEU CC 59 63.79 -60.71 -72.91
N THR CC 60 64.31 -61.93 -72.74
CA THR CC 60 64.97 -62.28 -71.48
C THR CC 60 66.21 -61.43 -71.25
N ALA CC 61 67.01 -61.22 -72.29
CA ALA CC 61 68.22 -60.43 -72.14
C ALA CC 61 67.91 -58.97 -71.81
N GLU CC 62 66.91 -58.40 -72.47
CA GLU CC 62 66.59 -56.99 -72.27
C GLU CC 62 66.05 -56.74 -70.86
N ILE CC 63 65.16 -57.62 -70.38
CA ILE CC 63 64.62 -57.44 -69.03
C ILE CC 63 65.72 -57.60 -67.99
N LEU CC 64 66.57 -58.61 -68.15
CA LEU CC 64 67.70 -58.77 -67.22
C LEU CC 64 68.67 -57.61 -67.33
N GLU CC 65 68.80 -57.01 -68.51
CA GLU CC 65 69.62 -55.81 -68.64
C GLU CC 65 69.05 -54.67 -67.81
N LEU CC 66 67.72 -54.50 -67.85
CA LEU CC 66 67.09 -53.47 -67.02
C LEU CC 66 67.05 -53.89 -65.56
N ALA CC 67 66.89 -55.19 -65.31
CA ALA CC 67 66.90 -55.68 -63.92
C ALA CC 67 68.25 -55.45 -63.26
N GLY CC 68 69.33 -55.68 -64.00
CA GLY CC 68 70.65 -55.44 -63.44
C GLY CC 68 70.88 -53.98 -63.10
N ASN CC 69 70.36 -53.07 -63.92
CA ASN CC 69 70.47 -51.65 -63.61
C ASN CC 69 69.72 -51.29 -62.33
N ALA CC 70 68.52 -51.83 -62.15
CA ALA CC 70 67.76 -51.57 -60.94
C ALA CC 70 68.40 -52.24 -59.73
N ALA CC 71 68.94 -53.44 -59.90
CA ALA CC 71 69.60 -54.13 -58.81
C ALA CC 71 70.85 -53.37 -58.35
N ARG CC 72 71.60 -52.81 -59.30
CA ARG CC 72 72.79 -52.05 -58.96
C ARG CC 72 72.44 -50.82 -58.13
N ASP CC 73 71.34 -50.15 -58.45
CA ASP CC 73 70.93 -48.96 -57.71
C ASP CC 73 70.46 -49.29 -56.30
N ASN CC 74 70.20 -50.56 -56.01
CA ASN CC 74 69.76 -51.00 -54.69
C ASN CC 74 70.88 -51.61 -53.86
N LYS CC 75 72.13 -51.37 -54.25
CA LYS CC 75 73.31 -51.87 -53.53
C LYS CC 75 73.31 -53.39 -53.42
N LYS CC 76 72.89 -54.06 -54.50
CA LYS CC 76 72.86 -55.52 -54.54
C LYS CC 76 73.42 -56.00 -55.87
N THR CC 77 74.11 -57.14 -55.83
CA THR CC 77 74.56 -57.79 -57.04
C THR CC 77 73.76 -59.04 -57.40
N ARG CC 78 72.71 -59.36 -56.65
CA ARG CC 78 71.78 -60.42 -57.00
C ARG CC 78 70.44 -59.80 -57.38
N ILE CC 79 69.78 -60.39 -58.37
CA ILE CC 79 68.51 -59.86 -58.86
C ILE CC 79 67.38 -60.37 -57.97
N ILE CC 80 67.08 -59.62 -56.92
CA ILE CC 80 65.92 -59.90 -56.07
C ILE CC 80 64.67 -59.64 -56.93
N PRO CC 81 63.61 -60.46 -56.80
CA PRO CC 81 62.42 -60.26 -57.63
C PRO CC 81 61.83 -58.86 -57.59
N ARG CC 82 62.24 -58.05 -56.62
CA ARG CC 82 61.82 -56.65 -56.61
C ARG CC 82 62.32 -55.90 -57.84
N HIS CC 83 63.57 -56.15 -58.24
CA HIS CC 83 64.13 -55.46 -59.39
C HIS CC 83 63.41 -55.83 -60.68
N LEU CC 84 62.91 -57.07 -60.78
CA LEU CC 84 62.15 -57.46 -61.96
C LEU CC 84 60.87 -56.65 -62.09
N GLN CC 85 60.17 -56.42 -60.97
CA GLN CC 85 58.96 -55.62 -61.00
C GLN CC 85 59.25 -54.18 -61.36
N LEU CC 86 60.38 -53.65 -60.88
CA LEU CC 86 60.73 -52.26 -61.17
C LEU CC 86 60.96 -52.04 -62.67
N ALA CC 87 61.61 -52.98 -63.33
CA ALA CC 87 61.95 -52.81 -64.74
C ALA CC 87 60.73 -52.91 -65.65
N VAL CC 88 59.87 -53.90 -65.41
CA VAL CC 88 58.73 -54.13 -66.30
C VAL CC 88 57.73 -52.99 -66.21
N ARG CC 89 57.54 -52.45 -65.01
CA ARG CC 89 56.53 -51.40 -64.82
C ARG CC 89 57.04 -50.01 -65.20
N ASN CC 90 58.34 -49.87 -65.47
CA ASN CC 90 58.91 -48.56 -65.78
C ASN CC 90 58.74 -48.22 -67.25
N ASP CC 91 59.28 -49.06 -68.13
CA ASP CC 91 59.22 -48.79 -69.56
C ASP CC 91 57.78 -48.88 -70.07
N GLU CC 92 57.43 -47.97 -70.98
CA GLU CC 92 56.08 -47.97 -71.55
C GLU CC 92 55.82 -49.23 -72.36
N GLU CC 93 56.81 -49.69 -73.12
CA GLU CC 93 56.64 -50.89 -73.93
C GLU CC 93 56.44 -52.13 -73.08
N LEU CC 94 57.17 -52.22 -71.96
CA LEU CC 94 57.15 -53.45 -71.16
C LEU CC 94 55.88 -53.58 -70.35
N ASN CC 95 55.32 -52.46 -69.85
CA ASN CC 95 54.19 -52.54 -68.95
C ASN CC 95 52.94 -53.04 -69.64
N LYS CC 96 52.78 -52.71 -70.94
CA LYS CC 96 51.61 -53.16 -71.68
C LYS CC 96 51.60 -54.68 -71.83
N LEU CC 97 52.77 -55.28 -72.03
CA LEU CC 97 52.84 -56.73 -72.21
C LEU CC 97 52.35 -57.46 -70.96
N LEU CC 98 52.91 -57.11 -69.81
CA LEU CC 98 52.46 -57.73 -68.56
C LEU CC 98 51.03 -57.32 -68.22
N GLY CC 99 50.76 -56.02 -68.23
CA GLY CC 99 49.43 -55.56 -67.87
C GLY CC 99 49.10 -55.92 -66.44
N ARG CC 100 47.97 -56.60 -66.26
CA ARG CC 100 47.50 -57.00 -64.94
C ARG CC 100 48.15 -58.34 -64.57
N VAL CC 101 49.45 -58.27 -64.26
CA VAL CC 101 50.24 -59.43 -63.87
C VAL CC 101 50.91 -59.15 -62.54
N THR CC 102 50.81 -60.11 -61.63
CA THR CC 102 51.41 -59.99 -60.31
C THR CC 102 52.63 -60.91 -60.21
N ILE CC 103 53.49 -60.60 -59.25
CA ILE CC 103 54.74 -61.34 -59.02
C ILE CC 103 54.76 -61.82 -57.58
N ALA CC 104 55.27 -63.04 -57.38
CA ALA CC 104 55.17 -63.69 -56.08
C ALA CC 104 55.84 -62.87 -54.98
N GLN CC 105 57.03 -62.34 -55.25
CA GLN CC 105 57.77 -61.54 -54.28
C GLN CC 105 58.02 -60.12 -54.76
N GLY CC 106 57.46 -59.73 -55.90
CA GLY CC 106 57.60 -58.36 -56.36
C GLY CC 106 56.59 -57.45 -55.68
N GLY CC 107 57.05 -56.27 -55.31
CA GLY CC 107 56.22 -55.29 -54.63
C GLY CC 107 55.51 -54.37 -55.60
N VAL CC 108 55.15 -53.19 -55.08
CA VAL CC 108 54.48 -52.17 -55.86
C VAL CC 108 55.36 -50.92 -55.86
N LEU CC 109 55.53 -50.32 -57.03
CA LEU CC 109 56.40 -49.16 -57.15
C LEU CC 109 55.82 -47.99 -56.36
N PRO CC 110 56.68 -47.16 -55.77
CA PRO CC 110 56.17 -46.02 -54.98
C PRO CC 110 55.40 -45.04 -55.85
N ASN CC 111 54.28 -44.57 -55.32
CA ASN CC 111 53.42 -43.61 -56.00
C ASN CC 111 52.39 -43.09 -55.01
N ILE CC 112 52.09 -41.81 -55.11
CA ILE CC 112 51.11 -41.17 -54.23
C ILE CC 112 50.46 -40.02 -54.98
N GLN CC 113 49.15 -39.90 -54.85
CA GLN CC 113 48.43 -38.81 -55.50
C GLN CC 113 48.74 -37.48 -54.83
N SER CC 114 48.62 -36.40 -55.60
CA SER CC 114 48.98 -35.08 -55.09
C SER CC 114 48.06 -34.63 -53.96
N VAL CC 115 46.77 -35.00 -54.02
CA VAL CC 115 45.82 -34.55 -53.02
C VAL CC 115 46.10 -35.12 -51.64
N LEU CC 116 46.89 -36.19 -51.56
CA LEU CC 116 47.16 -36.85 -50.29
C LEU CC 116 48.32 -36.24 -49.53
N LEU CC 117 49.11 -35.37 -50.16
CA LEU CC 117 50.18 -34.70 -49.45
C LEU CC 117 49.61 -33.70 -48.43
N PRO CC 118 50.28 -33.54 -47.29
CA PRO CC 118 49.69 -32.70 -46.22
C PRO CC 118 49.51 -31.25 -46.59
N LYS CC 119 50.37 -30.69 -47.45
CA LYS CC 119 50.35 -29.24 -47.67
C LYS CC 119 49.04 -28.79 -48.28
N LYS CC 120 48.78 -29.18 -49.53
CA LYS CC 120 47.59 -28.76 -50.28
C LYS CC 120 47.24 -29.83 -51.31
N THR CC 121 46.36 -29.48 -52.25
CA THR CC 121 45.88 -30.43 -53.24
C THR CC 121 46.98 -30.85 -54.20
N GLU CC 122 47.88 -29.93 -54.54
CA GLU CC 122 49.00 -30.24 -55.42
C GLU CC 122 50.20 -29.41 -54.99
N SER CC 123 51.19 -30.07 -54.39
CA SER CC 123 52.34 -29.38 -53.82
C SER CC 123 53.63 -30.16 -54.09
N SER CC 124 53.81 -30.58 -55.34
CA SER CC 124 54.98 -31.36 -55.69
C SER CC 124 56.15 -30.44 -56.02
N LYS CC 125 56.97 -30.12 -55.00
CA LYS CC 125 58.19 -29.37 -55.18
C LYS CC 125 59.37 -30.24 -54.77
N SER CC 126 60.57 -29.72 -55.04
CA SER CC 126 61.83 -30.42 -54.76
C SER CC 126 61.83 -31.80 -55.44
N ALA CC 127 61.83 -31.76 -56.77
CA ALA CC 127 61.65 -32.97 -57.57
C ALA CC 127 62.90 -33.84 -57.59
N LYS CC 128 63.18 -34.51 -56.48
CA LYS CC 128 64.23 -35.52 -56.47
C LYS CC 128 63.81 -36.76 -57.26
N SER CC 129 62.50 -36.97 -57.41
CA SER CC 129 61.97 -38.08 -58.19
C SER CC 129 60.63 -37.64 -58.77
N LYS CC 130 60.61 -37.40 -60.08
CA LYS CC 130 59.41 -36.92 -60.74
C LYS CC 130 59.34 -37.40 -62.18
N SER DC 2 -22.41 111.35 91.59
CA SER DC 2 -22.50 112.81 91.60
C SER DC 2 -21.77 113.40 92.81
N GLY DC 3 -20.45 113.53 92.68
CA GLY DC 3 -19.64 114.10 93.74
C GLY DC 3 -19.23 113.14 94.84
N ARG DC 4 -19.52 111.85 94.70
CA ARG DC 4 -19.15 110.89 95.74
C ARG DC 4 -17.66 110.55 95.68
N GLY DC 5 -17.21 109.98 94.56
CA GLY DC 5 -15.80 109.69 94.38
C GLY DC 5 -15.40 108.27 94.76
N LYS DC 6 -14.53 107.68 93.95
CA LYS DC 6 -14.00 106.33 94.18
C LYS DC 6 -15.13 105.31 94.31
N GLN DC 7 -15.91 105.20 93.23
CA GLN DC 7 -17.01 104.26 93.13
C GLN DC 7 -17.95 104.41 94.33
N GLY DC 8 -18.42 105.63 94.55
CA GLY DC 8 -19.39 105.88 95.59
C GLY DC 8 -20.72 105.24 95.27
N GLY DC 9 -21.39 104.69 96.27
CA GLY DC 9 -22.66 104.04 96.04
C GLY DC 9 -23.50 103.95 97.29
N LYS DC 10 -24.79 103.74 97.10
CA LYS DC 10 -25.71 103.56 98.22
C LYS DC 10 -25.47 102.22 98.92
N THR DC 11 -25.03 101.21 98.17
CA THR DC 11 -24.79 99.88 98.72
C THR DC 11 -23.30 99.64 98.84
N ARG DC 12 -22.88 99.13 100.01
CA ARG DC 12 -21.50 98.74 100.27
C ARG DC 12 -21.53 97.28 100.69
N ALA DC 13 -21.53 96.38 99.71
CA ALA DC 13 -21.61 94.95 99.95
C ALA DC 13 -21.35 94.22 98.65
N LYS DC 14 -21.27 92.89 98.74
CA LYS DC 14 -21.06 92.03 97.57
C LYS DC 14 -22.40 91.83 96.86
N ALA DC 15 -22.80 92.86 96.10
CA ALA DC 15 -24.05 92.77 95.35
C ALA DC 15 -24.01 91.63 94.34
N LYS DC 16 -22.92 91.54 93.58
CA LYS DC 16 -22.71 90.44 92.65
C LYS DC 16 -21.30 89.89 92.84
N THR DC 17 -21.19 88.57 92.95
CA THR DC 17 -19.90 87.94 93.10
C THR DC 17 -19.14 87.94 91.79
N ARG DC 18 -17.85 87.59 91.87
CA ARG DC 18 -17.03 87.52 90.66
C ARG DC 18 -17.55 86.47 89.70
N SER DC 19 -18.09 85.36 90.22
CA SER DC 19 -18.70 84.35 89.37
C SER DC 19 -19.91 84.91 88.64
N SER DC 20 -20.74 85.67 89.33
CA SER DC 20 -21.92 86.25 88.70
C SER DC 20 -21.53 87.25 87.62
N ARG DC 21 -20.49 88.05 87.88
CA ARG DC 21 -20.03 89.01 86.88
C ARG DC 21 -19.53 88.29 85.62
N ALA DC 22 -18.81 87.20 85.80
CA ALA DC 22 -18.33 86.41 84.67
C ALA DC 22 -19.38 85.45 84.13
N GLY DC 23 -20.53 85.33 84.79
CA GLY DC 23 -21.56 84.42 84.36
C GLY DC 23 -21.37 82.98 84.81
N LEU DC 24 -20.34 82.70 85.60
CA LEU DC 24 -20.06 81.35 86.06
C LEU DC 24 -20.76 81.09 87.39
N GLN DC 25 -20.79 79.81 87.78
CA GLN DC 25 -21.36 79.41 89.06
C GLN DC 25 -20.34 78.90 90.05
N PHE DC 26 -19.16 78.47 89.58
CA PHE DC 26 -18.14 77.94 90.47
C PHE DC 26 -17.54 79.05 91.33
N PRO DC 27 -17.03 78.70 92.52
CA PRO DC 27 -16.47 79.73 93.40
C PRO DC 27 -15.09 80.21 92.96
N VAL DC 28 -15.05 81.19 92.07
CA VAL DC 28 -13.78 81.72 91.58
C VAL DC 28 -12.95 82.27 92.72
N GLY DC 29 -13.60 82.91 93.70
CA GLY DC 29 -12.87 83.41 94.85
C GLY DC 29 -12.17 82.32 95.63
N ARG DC 30 -12.85 81.19 95.82
CA ARG DC 30 -12.20 80.02 96.43
C ARG DC 30 -11.09 79.48 95.52
N VAL DC 31 -11.33 79.49 94.21
CA VAL DC 31 -10.30 79.05 93.27
C VAL DC 31 -9.09 79.98 93.33
N HIS DC 32 -9.33 81.29 93.42
CA HIS DC 32 -8.23 82.23 93.54
C HIS DC 32 -7.44 81.99 94.82
N ARG DC 33 -8.13 81.73 95.93
CA ARG DC 33 -7.43 81.40 97.18
C ARG DC 33 -6.67 80.09 97.06
N LEU DC 34 -7.26 79.09 96.40
CA LEU DC 34 -6.59 77.81 96.23
C LEU DC 34 -5.32 77.95 95.41
N LEU DC 35 -5.36 78.78 94.36
CA LEU DC 35 -4.15 79.03 93.57
C LEU DC 35 -3.06 79.68 94.41
N ARG DC 36 -3.44 80.65 95.25
CA ARG DC 36 -2.47 81.26 96.15
C ARG DC 36 -2.03 80.28 97.23
N LYS DC 37 -2.95 79.41 97.68
CA LYS DC 37 -2.60 78.42 98.69
C LYS DC 37 -1.59 77.42 98.16
N GLY DC 38 -1.72 77.03 96.90
CA GLY DC 38 -0.84 76.03 96.32
C GLY DC 38 0.58 76.49 96.03
N ASN DC 39 0.89 77.77 96.28
CA ASN DC 39 2.22 78.32 96.07
C ASN DC 39 2.71 78.10 94.63
N TYR DC 40 1.81 78.29 93.67
CA TYR DC 40 2.19 78.10 92.27
C TYR DC 40 3.08 79.22 91.74
N ALA DC 41 2.96 80.42 92.30
CA ALA DC 41 3.78 81.56 91.92
C ALA DC 41 3.65 82.61 93.01
N GLU DC 42 4.43 83.68 92.88
CA GLU DC 42 4.37 84.76 93.86
C GLU DC 42 3.07 85.54 93.74
N ARG DC 43 2.60 85.77 92.51
CA ARG DC 43 1.40 86.55 92.26
C ARG DC 43 0.50 85.82 91.29
N VAL DC 44 -0.80 86.08 91.38
CA VAL DC 44 -1.80 85.50 90.51
C VAL DC 44 -2.68 86.61 89.95
N GLY DC 45 -2.87 86.62 88.63
CA GLY DC 45 -3.67 87.65 88.01
C GLY DC 45 -5.17 87.40 88.17
N ALA DC 46 -5.95 88.43 87.82
CA ALA DC 46 -7.40 88.33 87.94
C ALA DC 46 -7.99 87.39 86.89
N GLY DC 47 -7.36 87.28 85.72
CA GLY DC 47 -7.89 86.43 84.68
C GLY DC 47 -7.62 84.95 84.89
N ALA DC 48 -6.83 84.60 85.91
CA ALA DC 48 -6.53 83.19 86.15
C ALA DC 48 -7.72 82.44 86.75
N PRO DC 49 -8.28 82.86 87.90
CA PRO DC 49 -9.41 82.08 88.46
C PRO DC 49 -10.64 82.06 87.56
N VAL DC 50 -10.89 83.15 86.82
CA VAL DC 50 -12.06 83.21 85.96
C VAL DC 50 -11.96 82.20 84.84
N TYR DC 51 -10.80 82.15 84.17
CA TYR DC 51 -10.61 81.21 83.08
C TYR DC 51 -10.61 79.76 83.58
N LEU DC 52 -9.96 79.52 84.73
CA LEU DC 52 -9.85 78.17 85.25
C LEU DC 52 -11.21 77.60 85.63
N ALA DC 53 -12.06 78.41 86.27
CA ALA DC 53 -13.35 77.91 86.71
C ALA DC 53 -14.25 77.56 85.53
N ALA DC 54 -14.18 78.36 84.46
CA ALA DC 54 -14.98 78.08 83.27
C ALA DC 54 -14.60 76.73 82.67
N VAL DC 55 -13.31 76.42 82.63
CA VAL DC 55 -12.87 75.12 82.14
C VAL DC 55 -13.38 74.01 83.06
N LEU DC 56 -13.29 74.23 84.38
CA LEU DC 56 -13.80 73.24 85.33
C LEU DC 56 -15.30 73.05 85.19
N GLU DC 57 -16.04 74.15 84.98
CA GLU DC 57 -17.49 74.04 84.80
C GLU DC 57 -17.84 73.26 83.54
N TYR DC 58 -17.11 73.51 82.44
CA TYR DC 58 -17.37 72.79 81.20
C TYR DC 58 -17.12 71.29 81.37
N LEU DC 59 -16.01 70.93 82.01
CA LEU DC 59 -15.70 69.53 82.23
C LEU DC 59 -16.73 68.86 83.12
N THR DC 60 -17.17 69.55 84.17
CA THR DC 60 -18.18 69.00 85.06
C THR DC 60 -19.52 68.85 84.36
N ALA DC 61 -19.90 69.85 83.55
CA ALA DC 61 -21.23 69.85 82.94
C ALA DC 61 -21.37 68.78 81.87
N GLU DC 62 -20.35 68.64 81.02
CA GLU DC 62 -20.45 67.71 79.89
C GLU DC 62 -20.56 66.27 80.36
N ILE DC 63 -19.75 65.88 81.35
CA ILE DC 63 -19.80 64.50 81.84
C ILE DC 63 -21.11 64.25 82.57
N LEU DC 64 -21.61 65.26 83.29
CA LEU DC 64 -22.91 65.13 83.95
C LEU DC 64 -24.02 64.98 82.93
N GLU DC 65 -23.96 65.74 81.83
CA GLU DC 65 -24.94 65.59 80.76
C GLU DC 65 -24.86 64.20 80.15
N LEU DC 66 -23.65 63.71 79.91
CA LEU DC 66 -23.48 62.35 79.40
C LEU DC 66 -23.91 61.32 80.45
N ALA DC 67 -23.62 61.60 81.73
CA ALA DC 67 -24.07 60.70 82.79
C ALA DC 67 -25.60 60.66 82.85
N GLY DC 68 -26.24 61.82 82.70
CA GLY DC 68 -27.70 61.84 82.63
C GLY DC 68 -28.22 61.05 81.45
N ASN DC 69 -27.57 61.17 80.29
CA ASN DC 69 -27.90 60.31 79.16
C ASN DC 69 -27.60 58.85 79.46
N ALA DC 70 -26.47 58.60 80.14
CA ALA DC 70 -26.18 57.25 80.62
C ALA DC 70 -27.19 56.82 81.68
N ALA DC 71 -27.77 57.78 82.39
CA ALA DC 71 -28.85 57.50 83.33
C ALA DC 71 -30.21 57.44 82.66
N ARG DC 72 -30.27 57.58 81.34
CA ARG DC 72 -31.50 57.41 80.58
C ARG DC 72 -31.56 56.08 79.85
N ASP DC 73 -30.43 55.54 79.42
CA ASP DC 73 -30.41 54.19 78.86
C ASP DC 73 -30.85 53.17 79.91
N ASN DC 74 -30.33 53.31 81.12
CA ASN DC 74 -30.88 52.62 82.30
C ASN DC 74 -31.93 53.53 82.90
N LYS DC 75 -33.19 53.08 82.90
CA LYS DC 75 -34.32 53.97 83.19
C LYS DC 75 -34.33 54.30 84.69
N LYS DC 76 -33.48 55.27 85.04
CA LYS DC 76 -33.39 55.78 86.41
C LYS DC 76 -33.37 57.30 86.37
N THR DC 77 -33.58 57.91 87.53
CA THR DC 77 -33.58 59.36 87.66
C THR DC 77 -32.45 59.86 88.54
N ARG DC 78 -31.63 58.97 89.09
CA ARG DC 78 -30.55 59.35 89.98
C ARG DC 78 -29.23 58.87 89.39
N ILE DC 79 -28.23 59.75 89.41
CA ILE DC 79 -26.93 59.44 88.85
C ILE DC 79 -26.21 58.45 89.76
N ILE DC 80 -25.77 57.34 89.18
CA ILE DC 80 -25.11 56.27 89.91
C ILE DC 80 -23.65 56.23 89.44
N PRO DC 81 -22.69 55.85 90.29
CA PRO DC 81 -21.31 55.71 89.82
C PRO DC 81 -21.17 54.81 88.59
N ARG DC 82 -22.08 53.86 88.40
CA ARG DC 82 -22.08 53.07 87.18
C ARG DC 82 -22.33 53.95 85.95
N HIS DC 83 -23.25 54.89 86.07
CA HIS DC 83 -23.54 55.80 84.96
C HIS DC 83 -22.32 56.65 84.61
N LEU DC 84 -21.61 57.14 85.61
CA LEU DC 84 -20.41 57.95 85.35
C LEU DC 84 -19.35 57.13 84.63
N GLN DC 85 -19.16 55.88 85.04
CA GLN DC 85 -18.15 55.03 84.40
C GLN DC 85 -18.54 54.71 82.96
N LEU DC 86 -19.84 54.57 82.69
CA LEU DC 86 -20.29 54.24 81.35
C LEU DC 86 -19.94 55.34 80.36
N ALA DC 87 -20.12 56.60 80.75
CA ALA DC 87 -19.89 57.70 79.82
C ALA DC 87 -18.40 57.92 79.57
N VAL DC 88 -17.59 57.89 80.62
CA VAL DC 88 -16.18 58.23 80.48
C VAL DC 88 -15.44 57.17 79.68
N ARG DC 89 -15.80 55.90 79.85
CA ARG DC 89 -15.07 54.80 79.22
C ARG DC 89 -15.59 54.46 77.83
N ASN DC 90 -16.65 55.11 77.37
CA ASN DC 90 -17.19 54.86 76.04
C ASN DC 90 -16.75 55.91 75.02
N ASP DC 91 -15.92 56.86 75.43
CA ASP DC 91 -15.44 57.91 74.54
C ASP DC 91 -13.94 58.05 74.72
N GLU DC 92 -13.22 58.14 73.59
CA GLU DC 92 -11.77 58.27 73.66
C GLU DC 92 -11.36 59.59 74.31
N GLU DC 93 -12.10 60.66 74.05
CA GLU DC 93 -11.77 61.96 74.62
C GLU DC 93 -11.82 61.92 76.14
N LEU DC 94 -12.87 61.31 76.69
CA LEU DC 94 -12.93 61.14 78.14
C LEU DC 94 -12.00 60.03 78.62
N ASN DC 95 -11.67 59.08 77.75
CA ASN DC 95 -10.77 57.99 78.12
C ASN DC 95 -9.38 58.52 78.44
N LYS DC 96 -8.89 59.48 77.65
CA LYS DC 96 -7.56 60.03 77.88
C LYS DC 96 -7.47 60.73 79.24
N LEU DC 97 -8.56 61.35 79.67
CA LEU DC 97 -8.58 61.98 80.99
C LEU DC 97 -8.43 60.95 82.10
N LEU DC 98 -9.06 59.79 81.94
CA LEU DC 98 -9.07 58.73 82.95
C LEU DC 98 -8.46 57.45 82.40
N GLY DC 99 -7.32 57.56 81.71
CA GLY DC 99 -6.72 56.40 81.09
C GLY DC 99 -6.25 55.36 82.10
N ARG DC 100 -5.55 55.81 83.14
CA ARG DC 100 -4.93 54.92 84.12
C ARG DC 100 -5.38 55.26 85.53
N VAL DC 101 -6.67 55.53 85.71
CA VAL DC 101 -7.24 55.78 87.03
C VAL DC 101 -8.50 54.95 87.18
N THR DC 102 -8.94 54.80 88.43
CA THR DC 102 -10.10 53.99 88.75
C THR DC 102 -11.17 54.84 89.41
N ILE DC 103 -12.43 54.45 89.19
CA ILE DC 103 -13.60 55.15 89.73
C ILE DC 103 -14.22 54.26 90.79
N ALA DC 104 -14.40 54.80 92.00
CA ALA DC 104 -15.02 54.04 93.07
C ALA DC 104 -16.47 53.71 92.72
N GLN DC 105 -16.90 52.51 93.11
CA GLN DC 105 -18.25 52.02 92.86
C GLN DC 105 -18.58 51.96 91.37
N GLY DC 106 -17.57 51.98 90.51
CA GLY DC 106 -17.79 51.96 89.08
C GLY DC 106 -17.83 50.57 88.51
N GLY DC 107 -17.08 50.33 87.43
CA GLY DC 107 -17.06 49.03 86.82
C GLY DC 107 -16.37 49.08 85.48
N VAL DC 108 -16.72 48.11 84.62
CA VAL DC 108 -16.16 48.01 83.28
C VAL DC 108 -17.31 47.86 82.29
N LEU DC 109 -17.09 48.35 81.08
CA LEU DC 109 -18.08 48.24 80.02
C LEU DC 109 -18.08 46.84 79.44
N PRO DC 110 -19.24 46.35 78.98
CA PRO DC 110 -19.29 45.01 78.38
C PRO DC 110 -18.54 44.95 77.05
N ASN DC 111 -17.43 44.24 77.04
CA ASN DC 111 -16.58 44.13 75.86
C ASN DC 111 -16.21 42.68 75.63
N ILE DC 112 -16.27 42.25 74.37
CA ILE DC 112 -15.86 40.90 73.97
C ILE DC 112 -14.93 41.04 72.76
N GLN DC 113 -13.78 40.37 72.83
CA GLN DC 113 -12.78 40.42 71.78
C GLN DC 113 -12.84 39.21 70.86
N SER DC 114 -14.05 38.67 70.62
CA SER DC 114 -14.25 37.48 69.81
C SER DC 114 -13.57 36.26 70.41
N VAL DC 115 -13.81 35.08 69.84
CA VAL DC 115 -13.24 33.81 70.29
C VAL DC 115 -13.87 33.40 71.62
N LEU DC 116 -14.00 34.33 72.58
CA LEU DC 116 -14.71 34.00 73.80
C LEU DC 116 -16.17 33.69 73.52
N LEU DC 117 -16.71 34.20 72.43
CA LEU DC 117 -18.06 33.86 72.01
C LEU DC 117 -18.09 32.42 71.49
N PRO DC 118 -19.27 31.80 71.44
CA PRO DC 118 -19.37 30.46 70.87
C PRO DC 118 -18.86 30.40 69.44
N LYS DC 119 -18.73 29.16 68.94
CA LYS DC 119 -18.16 28.86 67.63
C LYS DC 119 -16.67 29.20 67.59
N LYS DC 120 -15.96 28.70 66.58
CA LYS DC 120 -14.51 28.89 66.50
C LYS DC 120 -14.23 30.22 65.80
N THR DC 121 -13.88 31.24 66.60
CA THR DC 121 -13.44 32.54 66.12
C THR DC 121 -14.49 33.18 65.20
N GLU DC 122 -15.64 33.48 65.80
CA GLU DC 122 -16.72 34.18 65.11
C GLU DC 122 -17.11 35.40 65.94
N SER DC 123 -17.31 36.53 65.27
CA SER DC 123 -17.59 37.79 65.95
C SER DC 123 -18.79 38.50 65.35
N SER DC 124 -19.79 37.75 64.89
CA SER DC 124 -21.03 38.31 64.37
C SER DC 124 -22.14 38.09 65.39
N LYS DC 125 -22.71 39.18 65.91
CA LYS DC 125 -23.72 39.11 66.96
C LYS DC 125 -24.99 39.88 66.61
N SER DC 126 -25.34 39.94 65.32
CA SER DC 126 -26.57 40.57 64.86
C SER DC 126 -26.64 42.04 65.25
N ALA DC 127 -27.84 42.60 65.27
CA ALA DC 127 -28.03 44.01 65.57
C ALA DC 127 -28.16 44.23 67.07
N LYS DC 128 -28.21 45.51 67.45
CA LYS DC 128 -28.45 45.99 68.82
C LYS DC 128 -27.22 45.76 69.70
N SER DC 129 -26.25 45.00 69.20
CA SER DC 129 -25.04 44.71 69.97
C SER DC 129 -23.98 44.20 69.01
N LYS DC 130 -22.72 44.41 69.39
CA LYS DC 130 -21.59 43.94 68.60
C LYS DC 130 -20.32 43.94 69.44
N ARG EC 12 12.58 -111.76 -85.39
CA ARG EC 12 11.61 -112.67 -84.81
C ARG EC 12 11.49 -112.47 -83.30
N ALA EC 13 12.21 -111.48 -82.79
CA ALA EC 13 12.28 -111.22 -81.36
C ALA EC 13 12.12 -109.72 -81.11
N LYS EC 14 12.09 -109.36 -79.83
CA LYS EC 14 11.98 -107.95 -79.42
C LYS EC 14 13.37 -107.34 -79.46
N ALA EC 15 13.76 -106.89 -80.65
CA ALA EC 15 15.08 -106.28 -80.82
C ALA EC 15 15.19 -104.97 -80.05
N LYS EC 16 14.21 -104.08 -80.22
CA LYS EC 16 14.17 -102.81 -79.52
C LYS EC 16 12.75 -102.54 -79.06
N THR EC 17 12.63 -101.80 -77.95
CA THR EC 17 11.35 -101.45 -77.37
C THR EC 17 10.91 -100.08 -77.88
N ARG EC 18 9.60 -99.83 -77.80
CA ARG EC 18 9.05 -98.56 -78.27
C ARG EC 18 9.68 -97.38 -77.52
N SER EC 19 9.96 -97.55 -76.23
CA SER EC 19 10.64 -96.51 -75.47
C SER EC 19 12.03 -96.25 -76.02
N SER EC 20 12.78 -97.32 -76.30
CA SER EC 20 14.12 -97.17 -76.86
C SER EC 20 14.07 -96.69 -78.30
N ARG EC 21 13.03 -97.05 -79.04
CA ARG EC 21 12.88 -96.58 -80.41
C ARG EC 21 12.73 -95.07 -80.47
N ALA EC 22 11.96 -94.51 -79.53
CA ALA EC 22 11.76 -93.07 -79.44
C ALA EC 22 12.79 -92.38 -78.57
N GLY EC 23 13.76 -93.12 -78.03
CA GLY EC 23 14.76 -92.52 -77.17
C GLY EC 23 14.26 -92.18 -75.78
N LEU EC 24 13.19 -92.83 -75.33
CA LEU EC 24 12.61 -92.57 -74.02
C LEU EC 24 12.89 -93.72 -73.08
N GLN EC 25 12.71 -93.47 -71.79
CA GLN EC 25 12.90 -94.47 -70.75
C GLN EC 25 11.61 -94.96 -70.12
N PHE EC 26 10.56 -94.15 -70.14
CA PHE EC 26 9.30 -94.53 -69.53
C PHE EC 26 8.63 -95.65 -70.34
N PRO EC 27 7.78 -96.46 -69.70
CA PRO EC 27 7.15 -97.58 -70.41
C PRO EC 27 6.05 -97.12 -71.36
N VAL EC 28 6.44 -96.77 -72.58
CA VAL EC 28 5.47 -96.31 -73.58
C VAL EC 28 4.41 -97.38 -73.82
N GLY EC 29 4.82 -98.65 -73.87
CA GLY EC 29 3.86 -99.72 -74.06
C GLY EC 29 2.84 -99.81 -72.94
N ARG EC 30 3.26 -99.55 -71.71
CA ARG EC 30 2.33 -99.55 -70.58
C ARG EC 30 1.30 -98.45 -70.72
N VAL EC 31 1.70 -97.27 -71.20
CA VAL EC 31 0.76 -96.18 -71.40
C VAL EC 31 -0.29 -96.58 -72.42
N HIS EC 32 0.11 -97.33 -73.45
CA HIS EC 32 -0.84 -97.80 -74.46
C HIS EC 32 -1.92 -98.68 -73.82
N ARG EC 33 -1.50 -99.58 -72.92
CA ARG EC 33 -2.47 -100.43 -72.25
C ARG EC 33 -3.32 -99.62 -71.26
N LEU EC 34 -2.69 -98.67 -70.55
CA LEU EC 34 -3.43 -97.86 -69.59
C LEU EC 34 -4.48 -97.00 -70.27
N LEU EC 35 -4.16 -96.46 -71.45
CA LEU EC 35 -5.14 -95.65 -72.18
C LEU EC 35 -6.34 -96.49 -72.59
N ARG EC 36 -6.11 -97.74 -73.00
CA ARG EC 36 -7.22 -98.63 -73.33
C ARG EC 36 -7.92 -99.13 -72.07
N LYS EC 37 -7.18 -99.31 -70.97
CA LYS EC 37 -7.78 -99.81 -69.74
C LYS EC 37 -8.83 -98.85 -69.20
N GLY EC 38 -8.55 -97.55 -69.26
CA GLY EC 38 -9.45 -96.55 -68.72
C GLY EC 38 -10.66 -96.25 -69.57
N ASN EC 39 -10.77 -96.87 -70.75
CA ASN EC 39 -11.89 -96.65 -71.66
C ASN EC 39 -12.07 -95.17 -71.99
N TYR EC 40 -10.94 -94.49 -72.24
CA TYR EC 40 -10.99 -93.06 -72.52
C TYR EC 40 -11.58 -92.78 -73.90
N ALA EC 41 -11.45 -93.71 -74.83
CA ALA EC 41 -11.99 -93.54 -76.18
C ALA EC 41 -12.16 -94.91 -76.81
N GLU EC 42 -12.93 -94.94 -77.91
CA GLU EC 42 -13.14 -96.18 -78.63
C GLU EC 42 -11.83 -96.70 -79.22
N ARG EC 43 -11.01 -95.81 -79.77
CA ARG EC 43 -9.75 -96.19 -80.40
C ARG EC 43 -8.66 -95.26 -79.94
N VAL EC 44 -7.41 -95.70 -80.10
CA VAL EC 44 -6.24 -94.91 -79.75
C VAL EC 44 -5.28 -94.90 -80.93
N GLY EC 45 -4.45 -93.85 -80.98
CA GLY EC 45 -3.48 -93.69 -82.03
C GLY EC 45 -2.06 -93.96 -81.55
N ALA EC 46 -1.14 -94.01 -82.50
CA ALA EC 46 0.26 -94.28 -82.19
C ALA EC 46 0.97 -93.07 -81.60
N GLY EC 47 0.51 -91.87 -81.94
CA GLY EC 47 1.19 -90.67 -81.45
C GLY EC 47 0.87 -90.35 -80.00
N ALA EC 48 -0.24 -90.88 -79.49
CA ALA EC 48 -0.62 -90.59 -78.11
C ALA EC 48 0.35 -91.15 -77.08
N PRO EC 49 0.73 -92.43 -77.11
CA PRO EC 49 1.62 -92.93 -76.04
C PRO EC 49 2.98 -92.26 -76.02
N VAL EC 50 3.56 -91.96 -77.19
CA VAL EC 50 4.87 -91.34 -77.23
C VAL EC 50 4.79 -89.89 -76.74
N TYR EC 51 3.73 -89.17 -77.12
CA TYR EC 51 3.53 -87.81 -76.63
C TYR EC 51 3.31 -87.80 -75.12
N LEU EC 52 2.54 -88.76 -74.61
CA LEU EC 52 2.25 -88.79 -73.19
C LEU EC 52 3.47 -89.19 -72.38
N ALA EC 53 4.25 -90.16 -72.87
CA ALA EC 53 5.41 -90.62 -72.12
C ALA EC 53 6.47 -89.53 -71.99
N ALA EC 54 6.69 -88.77 -73.07
CA ALA EC 54 7.66 -87.69 -73.01
C ALA EC 54 7.23 -86.60 -72.02
N VAL EC 55 5.92 -86.30 -71.97
CA VAL EC 55 5.41 -85.32 -71.02
C VAL EC 55 5.65 -85.79 -69.60
N LEU EC 56 5.37 -87.06 -69.31
CA LEU EC 56 5.59 -87.59 -67.97
C LEU EC 56 7.06 -87.58 -67.60
N GLU EC 57 7.94 -87.90 -68.55
CA GLU EC 57 9.37 -87.92 -68.27
C GLU EC 57 9.87 -86.54 -67.90
N TYR EC 58 9.41 -85.50 -68.60
CA TYR EC 58 9.84 -84.14 -68.28
C TYR EC 58 9.38 -83.73 -66.89
N LEU EC 59 8.14 -84.04 -66.53
CA LEU EC 59 7.63 -83.67 -65.22
C LEU EC 59 8.35 -84.42 -64.11
N THR EC 60 8.56 -85.73 -64.28
CA THR EC 60 9.24 -86.52 -63.27
C THR EC 60 10.68 -86.08 -63.08
N ALA EC 61 11.39 -85.84 -64.19
CA ALA EC 61 12.80 -85.49 -64.10
C ALA EC 61 13.00 -84.11 -63.49
N GLU EC 62 12.18 -83.13 -63.89
CA GLU EC 62 12.37 -81.76 -63.42
C GLU EC 62 12.15 -81.66 -61.91
N ILE EC 63 11.09 -82.31 -61.41
CA ILE EC 63 10.85 -82.30 -59.97
C ILE EC 63 11.97 -83.02 -59.24
N LEU EC 64 12.42 -84.17 -59.78
CA LEU EC 64 13.55 -84.87 -59.18
C LEU EC 64 14.81 -84.02 -59.26
N GLU EC 65 15.00 -83.30 -60.36
CA GLU EC 65 16.13 -82.38 -60.46
C GLU EC 65 16.02 -81.28 -59.40
N LEU EC 66 14.82 -80.74 -59.21
CA LEU EC 66 14.62 -79.73 -58.17
C LEU EC 66 14.71 -80.34 -56.79
N ALA EC 67 14.27 -81.59 -56.64
CA ALA EC 67 14.39 -82.27 -55.36
C ALA EC 67 15.84 -82.44 -54.94
N GLY EC 68 16.71 -82.80 -55.90
CA GLY EC 68 18.12 -82.91 -55.60
C GLY EC 68 18.74 -81.59 -55.18
N ASN EC 69 18.34 -80.50 -55.84
CA ASN EC 69 18.80 -79.18 -55.43
C ASN EC 69 18.31 -78.84 -54.04
N ALA EC 70 17.05 -79.16 -53.73
CA ALA EC 70 16.53 -78.96 -52.38
C ALA EC 70 17.26 -79.84 -51.37
N ALA EC 71 17.58 -81.07 -51.77
CA ALA EC 71 18.35 -81.95 -50.88
C ALA EC 71 19.74 -81.40 -50.62
N ARG EC 72 20.36 -80.79 -51.64
CA ARG EC 72 21.68 -80.20 -51.45
C ARG EC 72 21.62 -79.04 -50.46
N ASP EC 73 20.57 -78.23 -50.53
CA ASP EC 73 20.42 -77.12 -49.58
C ASP EC 73 20.20 -77.65 -48.16
N ASN EC 74 19.57 -78.82 -48.03
CA ASN EC 74 19.33 -79.44 -46.74
C ASN EC 74 20.47 -80.38 -46.32
N LYS EC 75 21.55 -80.44 -47.11
CA LYS EC 75 22.72 -81.26 -46.80
C LYS EC 75 22.35 -82.74 -46.70
N LYS EC 76 21.62 -83.23 -47.70
CA LYS EC 76 21.26 -84.62 -47.81
C LYS EC 76 21.45 -85.07 -49.25
N THR EC 77 21.78 -86.36 -49.42
CA THR EC 77 21.96 -86.95 -50.74
C THR EC 77 20.86 -87.92 -51.14
N ARG EC 78 20.22 -88.58 -50.17
CA ARG EC 78 19.07 -89.43 -50.44
C ARG EC 78 17.82 -88.57 -50.44
N ILE EC 79 17.06 -88.63 -51.53
CA ILE EC 79 15.87 -87.80 -51.66
C ILE EC 79 14.77 -88.35 -50.75
N ILE EC 80 14.31 -87.53 -49.82
CA ILE EC 80 13.28 -87.92 -48.87
C ILE EC 80 12.06 -87.04 -49.13
N PRO EC 81 10.87 -87.46 -48.68
CA PRO EC 81 9.65 -86.70 -49.00
C PRO EC 81 9.68 -85.24 -48.55
N ARG EC 82 10.53 -84.89 -47.59
CA ARG EC 82 10.66 -83.48 -47.21
C ARG EC 82 11.17 -82.66 -48.39
N HIS EC 83 12.17 -83.17 -49.10
CA HIS EC 83 12.70 -82.45 -50.26
C HIS EC 83 11.64 -82.29 -51.35
N LEU EC 84 10.75 -83.28 -51.49
CA LEU EC 84 9.68 -83.17 -52.48
C LEU EC 84 8.74 -82.03 -52.15
N GLN EC 85 8.38 -81.88 -50.87
CA GLN EC 85 7.46 -80.83 -50.48
C GLN EC 85 8.05 -79.45 -50.70
N LEU EC 86 9.33 -79.27 -50.38
CA LEU EC 86 9.95 -77.95 -50.56
C LEU EC 86 9.97 -77.54 -52.02
N ALA EC 87 10.26 -78.48 -52.93
CA ALA EC 87 10.34 -78.14 -54.34
C ALA EC 87 8.98 -77.75 -54.90
N VAL EC 88 7.92 -78.46 -54.50
CA VAL EC 88 6.60 -78.23 -55.09
C VAL EC 88 5.87 -77.03 -54.51
N ARG EC 89 6.48 -76.34 -53.54
CA ARG EC 89 5.89 -75.12 -52.99
C ARG EC 89 6.69 -73.86 -53.31
N ASN EC 90 7.95 -73.98 -53.73
CA ASN EC 90 8.75 -72.80 -54.05
C ASN EC 90 8.36 -72.25 -55.42
N ASP EC 91 8.44 -73.08 -56.45
CA ASP EC 91 8.10 -72.64 -57.80
C ASP EC 91 6.61 -72.39 -57.92
N GLU EC 92 6.25 -71.29 -58.58
CA GLU EC 92 4.84 -70.95 -58.74
C GLU EC 92 4.13 -71.92 -59.67
N GLU EC 93 4.81 -72.35 -60.74
CA GLU EC 93 4.19 -73.29 -61.68
C GLU EC 93 3.87 -74.61 -61.01
N LEU EC 94 4.80 -75.13 -60.21
CA LEU EC 94 4.53 -76.35 -59.45
C LEU EC 94 3.51 -76.10 -58.35
N ASN EC 95 3.45 -74.87 -57.82
CA ASN EC 95 2.47 -74.55 -56.79
C ASN EC 95 1.05 -74.66 -57.34
N LYS EC 96 0.82 -74.18 -58.55
CA LYS EC 96 -0.52 -74.22 -59.12
C LYS EC 96 -1.00 -75.65 -59.34
N LEU EC 97 -0.11 -76.52 -59.81
CA LEU EC 97 -0.51 -77.90 -60.10
C LEU EC 97 -0.72 -78.70 -58.82
N LEU EC 98 0.20 -78.57 -57.87
CA LEU EC 98 0.21 -79.39 -56.67
C LEU EC 98 -0.21 -78.62 -55.42
N GLY EC 99 -0.94 -77.52 -55.59
CA GLY EC 99 -1.37 -76.74 -54.44
C GLY EC 99 -2.36 -77.49 -53.57
N ARG EC 100 -3.34 -78.14 -54.17
CA ARG EC 100 -4.37 -78.85 -53.43
C ARG EC 100 -3.96 -80.23 -52.97
N VAL EC 101 -3.09 -80.92 -53.72
CA VAL EC 101 -2.66 -82.26 -53.37
C VAL EC 101 -1.79 -82.18 -52.12
N THR EC 102 -1.73 -83.28 -51.38
CA THR EC 102 -0.98 -83.32 -50.13
C THR EC 102 0.16 -84.33 -50.21
N ILE EC 103 1.29 -83.97 -49.60
CA ILE EC 103 2.51 -84.76 -49.65
C ILE EC 103 2.63 -85.51 -48.33
N ALA EC 104 2.74 -86.84 -48.42
CA ALA EC 104 2.94 -87.65 -47.22
C ALA EC 104 4.33 -87.41 -46.66
N GLN EC 105 4.42 -87.30 -45.33
CA GLN EC 105 5.65 -87.06 -44.59
C GLN EC 105 6.31 -85.73 -44.93
N GLY EC 106 5.66 -84.91 -45.77
CA GLY EC 106 6.23 -83.63 -46.12
C GLY EC 106 6.06 -82.59 -45.02
N GLY EC 107 6.92 -81.58 -45.06
CA GLY EC 107 6.90 -80.51 -44.11
C GLY EC 107 6.20 -79.27 -44.63
N VAL EC 108 6.62 -78.12 -44.12
CA VAL EC 108 6.07 -76.83 -44.52
C VAL EC 108 7.21 -75.84 -44.73
N LEU EC 109 7.03 -74.94 -45.69
CA LEU EC 109 8.03 -73.93 -45.96
C LEU EC 109 8.09 -72.94 -44.79
N PRO EC 110 9.28 -72.41 -44.49
CA PRO EC 110 9.42 -71.45 -43.36
C PRO EC 110 8.88 -70.07 -43.71
N ASN EC 111 7.56 -69.92 -43.59
CA ASN EC 111 6.90 -68.64 -43.87
C ASN EC 111 6.36 -68.05 -42.57
N ILE EC 112 6.62 -66.76 -42.36
CA ILE EC 112 6.15 -66.05 -41.18
C ILE EC 112 5.61 -64.69 -41.61
N GLN EC 113 4.51 -64.28 -41.00
CA GLN EC 113 3.90 -63.00 -41.33
C GLN EC 113 4.61 -61.87 -40.61
N SER EC 114 4.34 -60.64 -41.07
CA SER EC 114 5.04 -59.47 -40.56
C SER EC 114 4.66 -59.18 -39.11
N VAL EC 115 3.42 -59.48 -38.72
CA VAL EC 115 2.98 -59.15 -37.37
C VAL EC 115 3.55 -60.10 -36.32
N LEU EC 116 4.18 -61.20 -36.74
CA LEU EC 116 4.63 -62.22 -35.81
C LEU EC 116 6.07 -62.03 -35.34
N LEU EC 117 6.81 -61.10 -35.94
CA LEU EC 117 8.18 -60.84 -35.51
C LEU EC 117 8.19 -60.07 -34.18
N PRO EC 118 9.32 -60.13 -33.43
CA PRO EC 118 9.40 -59.42 -32.14
C PRO EC 118 8.93 -57.98 -32.19
N LYS EC 119 9.49 -57.18 -33.09
CA LYS EC 119 9.03 -55.80 -33.23
C LYS EC 119 7.61 -55.78 -33.78
N LYS EC 120 6.83 -54.80 -33.33
CA LYS EC 120 5.43 -54.70 -33.73
C LYS EC 120 5.31 -54.36 -35.20
N THR EC 121 4.89 -55.33 -36.01
CA THR EC 121 4.69 -55.16 -37.45
C THR EC 121 5.96 -54.63 -38.13
N GLU EC 122 7.01 -55.45 -38.08
CA GLU EC 122 8.29 -55.11 -38.66
C GLU EC 122 8.91 -56.38 -39.24
N SER EC 123 9.43 -56.27 -40.46
CA SER EC 123 9.90 -57.44 -41.19
C SER EC 123 11.34 -57.33 -41.67
N SER EC 124 12.12 -56.39 -41.14
CA SER EC 124 13.52 -56.25 -41.55
C SER EC 124 14.39 -57.22 -40.79
N LYS EC 125 15.25 -57.94 -41.52
CA LYS EC 125 16.15 -58.91 -40.91
C LYS EC 125 17.43 -58.97 -41.74
N SER EC 126 18.40 -59.72 -41.24
CA SER EC 126 19.68 -59.86 -41.91
C SER EC 126 19.50 -60.62 -43.23
N ALA EC 127 20.42 -60.36 -44.16
CA ALA EC 127 20.34 -60.94 -45.51
C ALA EC 127 20.93 -62.35 -45.51
N LYS EC 128 20.20 -63.27 -44.89
CA LYS EC 128 20.54 -64.68 -44.89
C LYS EC 128 19.39 -65.58 -45.31
N SER EC 129 18.15 -65.17 -45.08
CA SER EC 129 16.99 -65.93 -45.52
C SER EC 129 15.74 -65.05 -45.51
N LYS EC 130 15.10 -64.89 -46.66
CA LYS EC 130 13.89 -64.06 -46.75
C LYS EC 130 13.10 -64.39 -48.02
N GLY FC 5 -73.97 105.56 59.42
CA GLY FC 5 -73.81 106.53 58.34
C GLY FC 5 -75.09 107.24 57.99
N LYS FC 6 -75.67 107.94 58.97
CA LYS FC 6 -76.94 108.65 58.81
C LYS FC 6 -78.02 107.70 58.29
N GLN FC 7 -78.03 106.47 58.82
CA GLN FC 7 -78.86 105.40 58.30
C GLN FC 7 -80.10 105.14 59.15
N GLY FC 8 -80.45 106.04 60.06
CA GLY FC 8 -81.64 105.87 60.86
C GLY FC 8 -82.90 105.79 60.02
N GLY FC 9 -83.49 104.61 59.92
CA GLY FC 9 -84.66 104.40 59.10
C GLY FC 9 -85.56 103.34 59.68
N LYS FC 10 -86.32 102.68 58.80
CA LYS FC 10 -87.26 101.65 59.26
C LYS FC 10 -86.52 100.47 59.88
N THR FC 11 -85.44 100.02 59.26
CA THR FC 11 -84.70 98.84 59.70
C THR FC 11 -83.39 99.27 60.34
N ARG FC 12 -83.19 98.87 61.59
CA ARG FC 12 -81.94 99.13 62.30
C ARG FC 12 -81.39 97.87 62.96
N ALA FC 13 -82.02 96.72 62.75
CA ALA FC 13 -81.60 95.48 63.40
C ALA FC 13 -80.66 94.66 62.52
N LYS FC 14 -81.16 94.20 61.38
CA LYS FC 14 -80.35 93.41 60.46
C LYS FC 14 -80.98 93.51 59.08
N ALA FC 15 -80.39 94.34 58.21
CA ALA FC 15 -80.89 94.46 56.85
C ALA FC 15 -80.59 93.21 56.04
N LYS FC 16 -79.30 92.89 55.88
CA LYS FC 16 -78.88 91.71 55.16
C LYS FC 16 -77.55 91.23 55.73
N THR FC 17 -77.33 89.92 55.68
CA THR FC 17 -76.03 89.38 56.02
C THR FC 17 -75.03 89.78 54.96
N ARG FC 18 -73.78 90.01 55.39
CA ARG FC 18 -72.75 90.49 54.48
C ARG FC 18 -72.58 89.54 53.29
N SER FC 19 -72.69 88.24 53.52
CA SER FC 19 -72.67 87.29 52.42
C SER FC 19 -73.99 87.27 51.67
N SER FC 20 -75.10 87.58 52.34
CA SER FC 20 -76.41 87.51 51.71
C SER FC 20 -76.67 88.70 50.80
N ARG FC 21 -75.90 89.78 50.94
CA ARG FC 21 -76.09 90.94 50.07
C ARG FC 21 -75.80 90.58 48.62
N ALA FC 22 -74.67 89.93 48.36
CA ALA FC 22 -74.35 89.51 47.00
C ALA FC 22 -75.17 88.29 46.60
N GLY FC 23 -75.42 87.38 47.54
CA GLY FC 23 -76.16 86.17 47.24
C GLY FC 23 -75.34 84.92 47.44
N LEU FC 24 -74.23 85.05 48.16
CA LEU FC 24 -73.33 83.92 48.40
C LEU FC 24 -73.92 82.96 49.41
N GLN FC 25 -73.39 81.74 49.42
CA GLN FC 25 -73.81 80.69 50.34
C GLN FC 25 -72.93 80.61 51.58
N PHE FC 26 -71.62 80.52 51.39
CA PHE FC 26 -70.69 80.50 52.52
C PHE FC 26 -70.67 81.88 53.17
N PRO FC 27 -70.92 81.99 54.47
CA PRO FC 27 -70.91 83.31 55.10
C PRO FC 27 -69.52 83.93 55.08
N VAL FC 28 -69.49 85.26 54.94
CA VAL FC 28 -68.23 86.00 54.93
C VAL FC 28 -67.95 86.67 56.28
N GLY FC 29 -68.96 86.84 57.12
CA GLY FC 29 -68.72 87.39 58.45
C GLY FC 29 -67.89 86.46 59.31
N ARG FC 30 -68.15 85.16 59.22
CA ARG FC 30 -67.37 84.19 59.98
C ARG FC 30 -65.92 84.18 59.53
N VAL FC 31 -65.68 84.32 58.21
CA VAL FC 31 -64.31 84.40 57.71
C VAL FC 31 -63.60 85.62 58.27
N HIS FC 32 -64.30 86.77 58.29
CA HIS FC 32 -63.75 87.99 58.86
C HIS FC 32 -63.79 87.99 60.38
N ARG FC 33 -64.56 87.10 60.99
CA ARG FC 33 -64.68 87.09 62.45
C ARG FC 33 -63.36 86.75 63.11
N LEU FC 34 -62.68 85.70 62.64
CA LEU FC 34 -61.44 85.23 63.22
C LEU FC 34 -60.29 85.27 62.22
N LEU FC 35 -60.39 86.14 61.21
CA LEU FC 35 -59.29 86.27 60.26
C LEU FC 35 -58.04 86.80 60.93
N ARG FC 36 -58.20 87.77 61.83
CA ARG FC 36 -57.07 88.31 62.58
C ARG FC 36 -56.68 87.44 63.76
N LYS FC 37 -57.47 86.43 64.11
CA LYS FC 37 -57.05 85.47 65.12
C LYS FC 37 -55.78 84.78 64.69
N GLY FC 38 -55.76 84.21 63.49
CA GLY FC 38 -54.51 83.82 62.87
C GLY FC 38 -53.72 85.06 62.48
N ASN FC 39 -52.45 85.10 62.88
CA ASN FC 39 -51.66 86.31 62.70
C ASN FC 39 -51.18 86.44 61.26
N TYR FC 40 -52.11 86.43 60.30
CA TYR FC 40 -51.74 86.62 58.91
C TYR FC 40 -51.26 88.04 58.65
N ALA FC 41 -52.02 89.03 59.10
CA ALA FC 41 -51.69 90.44 58.93
C ALA FC 41 -52.64 91.26 59.78
N GLU FC 42 -52.52 92.57 59.68
CA GLU FC 42 -53.39 93.51 60.37
C GLU FC 42 -54.12 94.38 59.35
N ARG FC 43 -55.21 94.99 59.79
CA ARG FC 43 -56.00 95.92 58.97
C ARG FC 43 -56.42 95.25 57.66
N VAL FC 44 -57.23 94.21 57.79
CA VAL FC 44 -57.69 93.44 56.64
C VAL FC 44 -58.78 94.23 55.92
N GLY FC 45 -58.60 94.45 54.63
CA GLY FC 45 -59.59 95.15 53.85
C GLY FC 45 -60.83 94.30 53.59
N ALA FC 46 -61.89 94.96 53.13
CA ALA FC 46 -63.14 94.26 52.88
C ALA FC 46 -63.08 93.34 51.67
N GLY FC 47 -62.16 93.59 50.73
CA GLY FC 47 -62.12 92.79 49.52
C GLY FC 47 -61.72 91.34 49.78
N ALA FC 48 -60.76 91.13 50.69
CA ALA FC 48 -60.24 89.78 50.91
C ALA FC 48 -61.28 88.79 51.40
N PRO FC 49 -62.10 89.08 52.42
CA PRO FC 49 -63.10 88.08 52.84
C PRO FC 49 -64.10 87.73 51.75
N VAL FC 50 -64.48 88.70 50.92
CA VAL FC 50 -65.42 88.42 49.83
C VAL FC 50 -64.75 87.55 48.76
N TYR FC 51 -63.50 87.88 48.41
CA TYR FC 51 -62.79 87.10 47.41
C TYR FC 51 -62.53 85.68 47.90
N LEU FC 52 -62.11 85.53 49.16
CA LEU FC 52 -61.78 84.22 49.68
C LEU FC 52 -63.01 83.32 49.76
N ALA FC 53 -64.14 83.88 50.19
CA ALA FC 53 -65.36 83.07 50.30
C ALA FC 53 -65.84 82.62 48.93
N ALA FC 54 -65.75 83.50 47.92
CA ALA FC 54 -66.24 83.16 46.59
C ALA FC 54 -65.42 82.05 45.96
N VAL FC 55 -64.09 82.13 46.04
CA VAL FC 55 -63.25 81.10 45.43
C VAL FC 55 -63.43 79.77 46.14
N LEU FC 56 -63.66 79.80 47.46
CA LEU FC 56 -63.95 78.58 48.19
C LEU FC 56 -65.27 77.97 47.74
N GLU FC 57 -66.28 78.81 47.48
CA GLU FC 57 -67.55 78.32 46.99
C GLU FC 57 -67.40 77.67 45.62
N TYR FC 58 -66.63 78.29 44.73
CA TYR FC 58 -66.41 77.72 43.40
C TYR FC 58 -65.71 76.37 43.48
N LEU FC 59 -64.70 76.27 44.34
CA LEU FC 59 -64.01 74.99 44.50
C LEU FC 59 -64.93 73.95 45.13
N THR FC 60 -65.72 74.35 46.13
CA THR FC 60 -66.63 73.41 46.78
C THR FC 60 -67.70 72.92 45.81
N ALA FC 61 -68.27 73.82 45.01
CA ALA FC 61 -69.33 73.43 44.09
C ALA FC 61 -68.82 72.49 43.01
N GLU FC 62 -67.62 72.75 42.48
CA GLU FC 62 -67.09 71.91 41.41
C GLU FC 62 -66.86 70.47 41.88
N ILE FC 63 -66.30 70.31 43.08
CA ILE FC 63 -66.06 68.97 43.60
C ILE FC 63 -67.38 68.23 43.83
N LEU FC 64 -68.38 68.93 44.37
CA LEU FC 64 -69.67 68.29 44.62
C LEU FC 64 -70.33 67.85 43.32
N GLU FC 65 -70.26 68.70 42.28
CA GLU FC 65 -70.86 68.34 41.00
C GLU FC 65 -70.18 67.13 40.39
N LEU FC 66 -68.85 67.09 40.42
CA LEU FC 66 -68.13 65.93 39.89
C LEU FC 66 -68.35 64.69 40.75
N ALA FC 67 -68.44 64.87 42.07
CA ALA FC 67 -68.73 63.74 42.94
C ALA FC 67 -70.11 63.15 42.64
N GLY FC 68 -71.10 64.01 42.39
CA GLY FC 68 -72.40 63.52 42.00
C GLY FC 68 -72.37 62.79 40.67
N ASN FC 69 -71.55 63.27 39.74
CA ASN FC 69 -71.39 62.58 38.45
C ASN FC 69 -70.79 61.20 38.66
N ALA FC 70 -69.78 61.09 39.52
CA ALA FC 70 -69.20 59.78 39.83
C ALA FC 70 -70.19 58.91 40.59
N ALA FC 71 -71.02 59.53 41.44
CA ALA FC 71 -72.01 58.77 42.18
C ALA FC 71 -73.04 58.14 41.26
N ARG FC 72 -73.44 58.86 40.21
CA ARG FC 72 -74.42 58.32 39.27
C ARG FC 72 -73.87 57.11 38.54
N ASP FC 73 -72.58 57.11 38.21
CA ASP FC 73 -71.97 55.95 37.57
C ASP FC 73 -71.96 54.74 38.50
N ASN FC 74 -71.99 54.98 39.81
CA ASN FC 74 -71.97 53.90 40.79
C ASN FC 74 -73.35 53.57 41.34
N LYS FC 75 -74.41 54.11 40.71
CA LYS FC 75 -75.80 53.84 41.10
C LYS FC 75 -76.05 54.16 42.56
N LYS FC 76 -75.49 55.28 43.02
CA LYS FC 76 -75.67 55.74 44.40
C LYS FC 76 -76.04 57.21 44.40
N THR FC 77 -77.01 57.56 45.25
CA THR FC 77 -77.45 58.94 45.42
C THR FC 77 -76.74 59.64 46.56
N ARG FC 78 -75.83 58.96 47.25
CA ARG FC 78 -75.08 59.53 48.37
C ARG FC 78 -73.61 59.59 48.00
N ILE FC 79 -72.96 60.70 48.36
CA ILE FC 79 -71.57 60.95 47.97
C ILE FC 79 -70.70 60.18 48.96
N ILE FC 80 -70.31 58.98 48.56
CA ILE FC 80 -69.34 58.17 49.29
C ILE FC 80 -67.95 58.73 48.99
N PRO FC 81 -67.01 58.71 49.93
CA PRO FC 81 -65.68 59.27 49.65
C PRO FC 81 -64.98 58.66 48.44
N ARG FC 82 -65.42 57.49 47.98
CA ARG FC 82 -64.88 56.95 46.73
C ARG FC 82 -65.23 57.85 45.55
N HIS FC 83 -66.44 58.41 45.55
CA HIS FC 83 -66.84 59.30 44.47
C HIS FC 83 -65.96 60.55 44.42
N LEU FC 84 -65.62 61.09 45.59
CA LEU FC 84 -64.73 62.25 45.64
C LEU FC 84 -63.35 61.92 45.11
N GLN FC 85 -62.85 60.72 45.44
CA GLN FC 85 -61.52 60.32 44.98
C GLN FC 85 -61.47 60.20 43.46
N LEU FC 86 -62.55 59.70 42.85
CA LEU FC 86 -62.58 59.58 41.39
C LEU FC 86 -62.49 60.94 40.72
N ALA FC 87 -63.19 61.94 41.27
CA ALA FC 87 -63.13 63.28 40.70
C ALA FC 87 -61.75 63.88 40.83
N VAL FC 88 -61.09 63.67 41.97
CA VAL FC 88 -59.77 64.26 42.20
C VAL FC 88 -58.75 63.69 41.22
N ARG FC 89 -58.79 62.39 40.97
CA ARG FC 89 -57.80 61.71 40.14
C ARG FC 89 -58.28 61.52 38.71
N ASN FC 90 -59.06 62.47 38.19
CA ASN FC 90 -59.52 62.41 36.81
C ASN FC 90 -59.16 63.65 35.99
N ASP FC 91 -58.67 64.71 36.62
CA ASP FC 91 -58.26 65.93 35.92
C ASP FC 91 -56.81 66.24 36.27
N GLU FC 92 -56.02 66.54 35.24
CA GLU FC 92 -54.61 66.87 35.46
C GLU FC 92 -54.46 68.10 36.33
N GLU FC 93 -55.29 69.13 36.09
CA GLU FC 93 -55.26 70.31 36.92
C GLU FC 93 -55.62 70.00 38.37
N LEU FC 94 -56.62 69.14 38.57
CA LEU FC 94 -56.96 68.68 39.92
C LEU FC 94 -55.95 67.67 40.44
N ASN FC 95 -55.17 67.04 39.54
CA ASN FC 95 -54.19 66.05 39.99
C ASN FC 95 -53.05 66.69 40.75
N LYS FC 96 -52.59 67.88 40.31
CA LYS FC 96 -51.48 68.54 40.98
C LYS FC 96 -51.83 68.89 42.42
N LEU FC 97 -53.02 69.42 42.65
CA LEU FC 97 -53.48 69.63 44.01
C LEU FC 97 -53.85 68.29 44.65
N LEU FC 98 -53.67 68.22 45.97
CA LEU FC 98 -53.89 66.99 46.73
C LEU FC 98 -53.09 65.82 46.17
N GLY FC 99 -51.86 66.08 45.73
CA GLY FC 99 -51.05 65.03 45.15
C GLY FC 99 -50.72 63.92 46.14
N ARG FC 100 -50.30 64.31 47.35
CA ARG FC 100 -50.01 63.36 48.42
C ARG FC 100 -51.02 63.45 49.56
N VAL FC 101 -52.16 64.12 49.34
CA VAL FC 101 -53.16 64.24 50.39
C VAL FC 101 -53.96 62.94 50.49
N THR FC 102 -54.08 62.42 51.71
CA THR FC 102 -54.80 61.19 51.98
C THR FC 102 -56.26 61.51 52.28
N ILE FC 103 -57.16 60.69 51.73
CA ILE FC 103 -58.60 60.83 51.95
C ILE FC 103 -59.04 59.65 52.82
N ALA FC 104 -59.64 59.95 53.96
CA ALA FC 104 -60.08 58.89 54.87
C ALA FC 104 -61.27 58.15 54.28
N GLN FC 105 -61.21 56.81 54.37
CA GLN FC 105 -62.29 55.94 53.90
C GLN FC 105 -62.62 56.21 52.43
N GLY FC 106 -61.59 56.53 51.65
CA GLY FC 106 -61.78 56.82 50.24
C GLY FC 106 -61.51 55.64 49.35
N GLY FC 107 -60.44 55.72 48.57
CA GLY FC 107 -60.09 54.63 47.67
C GLY FC 107 -59.11 55.11 46.62
N VAL FC 108 -58.76 54.19 45.73
CA VAL FC 108 -57.84 54.45 44.63
C VAL FC 108 -58.43 53.88 43.34
N LEU FC 109 -58.16 54.57 42.23
CA LEU FC 109 -58.74 54.25 40.95
C LEU FC 109 -58.23 52.91 40.43
N PRO FC 110 -59.09 52.13 39.75
CA PRO FC 110 -58.70 50.80 39.24
C PRO FC 110 -57.76 50.86 38.04
N ASN FC 111 -56.48 51.06 38.33
CA ASN FC 111 -55.46 51.13 37.30
C ASN FC 111 -54.72 49.79 37.18
N ILE FC 112 -54.28 49.49 35.96
CA ILE FC 112 -53.57 48.25 35.68
C ILE FC 112 -52.54 48.52 34.60
N GLN FC 113 -51.48 47.70 34.58
CA GLN FC 113 -50.43 47.80 33.58
C GLN FC 113 -50.55 46.67 32.57
N SER FC 114 -49.94 46.86 31.40
CA SER FC 114 -50.10 45.94 30.29
C SER FC 114 -49.50 44.57 30.59
N VAL FC 115 -48.32 44.53 31.22
CA VAL FC 115 -47.62 43.26 31.40
C VAL FC 115 -48.30 42.40 32.45
N LEU FC 116 -49.13 43.01 33.30
CA LEU FC 116 -49.93 42.21 34.22
C LEU FC 116 -50.97 41.38 33.50
N LEU FC 117 -51.36 41.77 32.28
CA LEU FC 117 -52.29 41.00 31.49
C LEU FC 117 -51.66 39.68 31.04
N PRO FC 118 -52.47 38.66 30.74
CA PRO FC 118 -51.91 37.34 30.37
C PRO FC 118 -50.94 37.41 29.21
N LYS FC 119 -51.27 38.18 28.17
CA LYS FC 119 -50.35 38.35 27.05
C LYS FC 119 -49.21 39.26 27.47
N LYS FC 120 -47.98 38.74 27.44
CA LYS FC 120 -46.83 39.50 27.93
C LYS FC 120 -46.60 40.74 27.09
N THR FC 121 -46.35 41.87 27.76
CA THR FC 121 -46.13 43.18 27.14
C THR FC 121 -47.20 43.48 26.09
N GLU FC 122 -48.46 43.21 26.45
CA GLU FC 122 -49.58 43.45 25.56
C GLU FC 122 -50.85 43.60 26.38
N SER FC 123 -51.68 44.58 25.98
CA SER FC 123 -52.94 44.83 26.65
C SER FC 123 -54.07 45.09 25.65
N SER FC 124 -54.14 44.28 24.59
CA SER FC 124 -55.19 44.47 23.60
C SER FC 124 -56.57 44.23 24.19
N LYS FC 125 -56.82 43.02 24.66
CA LYS FC 125 -58.08 42.62 25.29
C LYS FC 125 -59.24 42.89 24.33
N SER FC 126 -60.44 43.16 24.85
CA SER FC 126 -61.61 43.33 24.01
C SER FC 126 -62.61 44.24 24.74
N ALA FC 127 -62.69 45.49 24.27
CA ALA FC 127 -63.73 46.45 24.61
C ALA FC 127 -63.70 46.92 26.06
N LYS FC 128 -62.79 46.42 26.89
CA LYS FC 128 -62.72 46.87 28.27
C LYS FC 128 -62.13 48.28 28.33
N SER FC 129 -62.78 49.15 29.10
CA SER FC 129 -62.35 50.55 29.15
C SER FC 129 -61.02 50.67 29.88
N LYS FC 130 -60.08 51.36 29.25
CA LYS FC 130 -58.75 51.62 29.82
C LYS FC 130 -58.04 50.33 30.26
N ARG GC 12 -49.60 -144.36 -29.49
CA ARG GC 12 -49.12 -145.71 -29.76
C ARG GC 12 -47.76 -145.96 -29.09
N ALA GC 13 -46.82 -145.05 -29.34
CA ALA GC 13 -45.47 -145.20 -28.79
C ALA GC 13 -44.89 -143.91 -28.22
N LYS GC 14 -45.61 -142.78 -28.31
CA LYS GC 14 -45.12 -141.50 -27.79
C LYS GC 14 -43.77 -141.13 -28.42
N ALA GC 15 -43.81 -140.93 -29.73
CA ALA GC 15 -42.59 -140.73 -30.52
C ALA GC 15 -41.78 -139.52 -30.08
N LYS GC 16 -42.34 -138.33 -30.21
CA LYS GC 16 -41.61 -137.11 -29.89
C LYS GC 16 -42.59 -136.04 -29.39
N THR GC 17 -42.22 -135.39 -28.29
CA THR GC 17 -43.06 -134.35 -27.73
C THR GC 17 -43.01 -133.09 -28.58
N ARG GC 18 -43.98 -132.20 -28.36
CA ARG GC 18 -44.04 -130.95 -29.11
C ARG GC 18 -42.83 -130.08 -28.84
N SER GC 19 -42.28 -130.13 -27.63
CA SER GC 19 -41.10 -129.33 -27.31
C SER GC 19 -39.90 -129.74 -28.17
N SER GC 20 -39.70 -131.05 -28.35
CA SER GC 20 -38.60 -131.51 -29.18
C SER GC 20 -38.86 -131.23 -30.66
N ARG GC 21 -40.14 -131.24 -31.07
CA ARG GC 21 -40.47 -130.93 -32.45
C ARG GC 21 -40.12 -129.49 -32.80
N ALA GC 22 -40.23 -128.58 -31.83
CA ALA GC 22 -39.86 -127.18 -32.01
C ALA GC 22 -38.41 -126.91 -31.68
N GLY GC 23 -37.63 -127.95 -31.35
CA GLY GC 23 -36.24 -127.76 -30.96
C GLY GC 23 -36.06 -127.03 -29.66
N LEU GC 24 -36.87 -127.33 -28.66
CA LEU GC 24 -36.80 -126.68 -27.36
C LEU GC 24 -36.78 -127.74 -26.26
N GLN GC 25 -36.23 -127.36 -25.11
CA GLN GC 25 -36.04 -128.30 -24.00
C GLN GC 25 -37.05 -128.11 -22.88
N PHE GC 26 -37.63 -126.92 -22.74
CA PHE GC 26 -38.58 -126.67 -21.67
C PHE GC 26 -39.86 -127.48 -21.91
N PRO GC 27 -40.51 -127.95 -20.83
CA PRO GC 27 -41.72 -128.77 -20.99
C PRO GC 27 -42.90 -127.92 -21.45
N VAL GC 28 -43.33 -128.15 -22.69
CA VAL GC 28 -44.46 -127.39 -23.22
C VAL GC 28 -45.79 -127.96 -22.72
N GLY GC 29 -45.81 -129.25 -22.36
CA GLY GC 29 -47.04 -129.85 -21.88
C GLY GC 29 -47.49 -129.29 -20.55
N ARG GC 30 -46.55 -129.06 -19.63
CA ARG GC 30 -46.90 -128.53 -18.32
C ARG GC 30 -47.45 -127.11 -18.43
N VAL GC 31 -46.94 -126.32 -19.38
CA VAL GC 31 -47.45 -124.97 -19.58
C VAL GC 31 -48.90 -125.01 -20.03
N HIS GC 32 -49.26 -126.01 -20.84
CA HIS GC 32 -50.64 -126.12 -21.31
C HIS GC 32 -51.60 -126.34 -20.15
N ARG GC 33 -51.22 -127.19 -19.19
CA ARG GC 33 -52.06 -127.42 -18.02
C ARG GC 33 -52.14 -126.17 -17.15
N LEU GC 34 -51.00 -125.52 -16.90
CA LEU GC 34 -50.98 -124.36 -16.03
C LEU GC 34 -51.78 -123.20 -16.63
N LEU GC 35 -51.67 -123.00 -17.95
CA LEU GC 35 -52.46 -121.98 -18.61
C LEU GC 35 -53.95 -122.27 -18.50
N ARG GC 36 -54.33 -123.54 -18.66
CA ARG GC 36 -55.73 -123.91 -18.51
C ARG GC 36 -56.16 -123.87 -17.05
N LYS GC 37 -55.31 -124.38 -16.15
CA LYS GC 37 -55.64 -124.35 -14.73
C LYS GC 37 -55.59 -122.94 -14.16
N GLY GC 38 -54.68 -122.10 -14.65
CA GLY GC 38 -54.53 -120.75 -14.14
C GLY GC 38 -55.68 -119.83 -14.44
N ASN GC 39 -56.66 -120.29 -15.22
CA ASN GC 39 -57.88 -119.55 -15.54
C ASN GC 39 -57.60 -118.26 -16.30
N TYR GC 40 -56.48 -118.19 -17.03
CA TYR GC 40 -56.21 -117.02 -17.83
C TYR GC 40 -57.24 -116.86 -18.95
N ALA GC 41 -57.64 -117.98 -19.56
CA ALA GC 41 -58.68 -117.96 -20.58
C ALA GC 41 -59.39 -119.31 -20.58
N GLU GC 42 -60.62 -119.32 -21.08
CA GLU GC 42 -61.39 -120.56 -21.13
C GLU GC 42 -60.89 -121.48 -22.23
N ARG GC 43 -60.26 -120.92 -23.27
CA ARG GC 43 -59.75 -121.70 -24.39
C ARG GC 43 -58.34 -121.22 -24.73
N VAL GC 44 -57.56 -122.11 -25.33
CA VAL GC 44 -56.17 -121.83 -25.68
C VAL GC 44 -55.95 -122.18 -27.15
N GLY GC 45 -54.91 -121.59 -27.72
CA GLY GC 45 -54.52 -121.84 -29.10
C GLY GC 45 -53.22 -122.63 -29.17
N ALA GC 46 -52.87 -123.01 -30.40
CA ALA GC 46 -51.66 -123.82 -30.61
C ALA GC 46 -50.40 -122.99 -30.44
N GLY GC 47 -50.44 -121.71 -30.80
CA GLY GC 47 -49.23 -120.90 -30.74
C GLY GC 47 -48.85 -120.49 -29.34
N ALA GC 48 -49.83 -120.44 -28.43
CA ALA GC 48 -49.57 -119.95 -27.08
C ALA GC 48 -48.54 -120.80 -26.31
N PRO GC 49 -48.67 -122.12 -26.22
CA PRO GC 49 -47.71 -122.87 -25.38
C PRO GC 49 -46.29 -122.86 -25.93
N VAL GC 50 -46.13 -123.03 -27.25
CA VAL GC 50 -44.79 -123.08 -27.83
C VAL GC 50 -44.10 -121.72 -27.74
N TYR GC 51 -44.86 -120.64 -27.93
CA TYR GC 51 -44.28 -119.31 -27.85
C TYR GC 51 -43.83 -118.98 -26.44
N LEU GC 52 -44.62 -119.36 -25.44
CA LEU GC 52 -44.28 -119.04 -24.05
C LEU GC 52 -43.02 -119.76 -23.61
N ALA GC 53 -42.84 -121.01 -24.05
CA ALA GC 53 -41.65 -121.77 -23.67
C ALA GC 53 -40.39 -121.13 -24.23
N ALA GC 54 -40.44 -120.66 -25.48
CA ALA GC 54 -39.27 -120.06 -26.10
C ALA GC 54 -38.84 -118.80 -25.38
N VAL GC 55 -39.80 -117.95 -24.98
CA VAL GC 55 -39.47 -116.72 -24.28
C VAL GC 55 -38.81 -117.03 -22.93
N LEU GC 56 -39.37 -117.99 -22.20
CA LEU GC 56 -38.79 -118.37 -20.92
C LEU GC 56 -37.40 -118.99 -21.11
N GLU GC 57 -37.24 -119.80 -22.16
CA GLU GC 57 -35.96 -120.44 -22.41
C GLU GC 57 -34.86 -119.43 -22.70
N TYR GC 58 -35.17 -118.42 -23.52
CA TYR GC 58 -34.17 -117.42 -23.87
C TYR GC 58 -33.73 -116.63 -22.64
N LEU GC 59 -34.69 -116.23 -21.80
CA LEU GC 59 -34.35 -115.50 -20.59
C LEU GC 59 -33.53 -116.36 -19.63
N THR GC 60 -33.90 -117.63 -19.50
CA THR GC 60 -33.14 -118.54 -18.66
C THR GC 60 -31.75 -118.79 -19.22
N ALA GC 61 -31.66 -118.97 -20.54
CA ALA GC 61 -30.36 -119.23 -21.17
C ALA GC 61 -29.43 -118.03 -21.06
N GLU GC 62 -29.96 -116.83 -21.35
CA GLU GC 62 -29.13 -115.63 -21.28
C GLU GC 62 -28.68 -115.34 -19.86
N ILE GC 63 -29.58 -115.50 -18.89
CA ILE GC 63 -29.22 -115.24 -17.49
C ILE GC 63 -28.21 -116.28 -17.01
N LEU GC 64 -28.28 -117.50 -17.54
CA LEU GC 64 -27.27 -118.50 -17.19
C LEU GC 64 -25.98 -118.27 -17.95
N GLU GC 65 -26.07 -117.75 -19.17
CA GLU GC 65 -24.86 -117.44 -19.94
C GLU GC 65 -24.03 -116.37 -19.24
N LEU GC 66 -24.68 -115.33 -18.74
CA LEU GC 66 -23.96 -114.30 -18.00
C LEU GC 66 -23.51 -114.82 -16.64
N ALA GC 67 -24.31 -115.70 -16.02
CA ALA GC 67 -23.91 -116.29 -14.75
C ALA GC 67 -22.65 -117.12 -14.89
N GLY GC 68 -22.55 -117.89 -15.98
CA GLY GC 68 -21.33 -118.66 -16.22
C GLY GC 68 -20.11 -117.78 -16.40
N ASN GC 69 -20.26 -116.69 -17.14
CA ASN GC 69 -19.16 -115.73 -17.27
C ASN GC 69 -18.86 -115.07 -15.93
N ALA GC 70 -19.89 -114.75 -15.16
CA ALA GC 70 -19.67 -114.17 -13.83
C ALA GC 70 -18.96 -115.15 -12.92
N ALA GC 71 -19.30 -116.43 -13.00
CA ALA GC 71 -18.61 -117.44 -12.20
C ALA GC 71 -17.15 -117.56 -12.62
N ARG GC 72 -16.85 -117.35 -13.91
CA ARG GC 72 -15.47 -117.40 -14.37
C ARG GC 72 -14.63 -116.28 -13.76
N ASP GC 73 -15.25 -115.14 -13.46
CA ASP GC 73 -14.52 -114.04 -12.83
C ASP GC 73 -13.99 -114.44 -11.46
N ASN GC 74 -14.79 -115.18 -10.70
CA ASN GC 74 -14.42 -115.60 -9.35
C ASN GC 74 -13.71 -116.95 -9.32
N LYS GC 75 -13.31 -117.47 -10.48
CA LYS GC 75 -12.58 -118.74 -10.59
C LYS GC 75 -13.39 -119.88 -9.99
N LYS GC 76 -14.65 -119.97 -10.41
CA LYS GC 76 -15.54 -121.01 -9.94
C LYS GC 76 -16.34 -121.57 -11.11
N THR GC 77 -16.54 -122.88 -11.10
CA THR GC 77 -17.36 -123.56 -12.11
C THR GC 77 -18.80 -123.75 -11.64
N ARG GC 78 -19.13 -123.30 -10.44
CA ARG GC 78 -20.46 -123.44 -9.88
C ARG GC 78 -21.17 -122.09 -9.93
N ILE GC 79 -22.39 -122.08 -10.46
CA ILE GC 79 -23.21 -120.88 -10.47
C ILE GC 79 -23.90 -120.77 -9.12
N ILE GC 80 -23.42 -119.84 -8.30
CA ILE GC 80 -23.95 -119.65 -6.94
C ILE GC 80 -24.86 -118.43 -6.95
N PRO GC 81 -25.70 -118.23 -5.92
CA PRO GC 81 -26.62 -117.07 -5.95
C PRO GC 81 -25.91 -115.73 -6.09
N ARG GC 82 -24.67 -115.61 -5.62
CA ARG GC 82 -23.93 -114.37 -5.83
C ARG GC 82 -23.72 -114.09 -7.32
N HIS GC 83 -23.41 -115.13 -8.09
CA HIS GC 83 -23.22 -114.96 -9.53
C HIS GC 83 -24.51 -114.52 -10.22
N LEU GC 84 -25.65 -115.08 -9.78
CA LEU GC 84 -26.92 -114.69 -10.37
C LEU GC 84 -27.22 -113.21 -10.13
N GLN GC 85 -26.94 -112.72 -8.93
CA GLN GC 85 -27.12 -111.29 -8.64
C GLN GC 85 -26.17 -110.45 -9.48
N LEU GC 86 -24.93 -110.92 -9.66
CA LEU GC 86 -23.97 -110.18 -10.48
C LEU GC 86 -24.44 -110.06 -11.92
N ALA GC 87 -25.00 -111.13 -12.48
CA ALA GC 87 -25.45 -111.10 -13.86
C ALA GC 87 -26.59 -110.12 -14.05
N VAL GC 88 -27.51 -110.04 -13.08
CA VAL GC 88 -28.69 -109.21 -13.25
C VAL GC 88 -28.35 -107.74 -12.98
N ARG GC 89 -27.72 -107.45 -11.84
CA ARG GC 89 -27.54 -106.07 -11.42
C ARG GC 89 -26.49 -105.36 -12.27
N ASN GC 90 -25.34 -106.01 -12.50
CA ASN GC 90 -24.26 -105.36 -13.23
C ASN GC 90 -24.65 -105.07 -14.67
N ASP GC 91 -25.30 -106.02 -15.33
CA ASP GC 91 -25.74 -105.81 -16.70
C ASP GC 91 -27.01 -104.97 -16.70
N GLU GC 92 -26.92 -103.76 -17.25
CA GLU GC 92 -28.07 -102.86 -17.28
C GLU GC 92 -29.20 -103.40 -18.15
N GLU GC 93 -28.90 -104.31 -19.07
CA GLU GC 93 -29.96 -104.91 -19.88
C GLU GC 93 -30.90 -105.75 -19.02
N LEU GC 94 -30.36 -106.48 -18.05
CA LEU GC 94 -31.16 -107.34 -17.18
C LEU GC 94 -31.80 -106.48 -16.08
N ASN GC 95 -32.72 -105.63 -16.52
CA ASN GC 95 -33.46 -104.76 -15.62
C ASN GC 95 -34.89 -104.63 -16.12
N LYS GC 96 -35.77 -104.17 -15.24
CA LYS GC 96 -37.20 -104.01 -15.49
C LYS GC 96 -37.90 -105.36 -15.63
N LEU GC 97 -37.13 -106.44 -15.59
CA LEU GC 97 -37.68 -107.79 -15.49
C LEU GC 97 -37.64 -108.32 -14.07
N LEU GC 98 -36.69 -107.86 -13.27
CA LEU GC 98 -36.63 -108.17 -11.84
C LEU GC 98 -36.95 -106.95 -10.98
N GLY GC 99 -36.22 -105.85 -11.18
CA GLY GC 99 -36.51 -104.59 -10.53
C GLY GC 99 -36.64 -104.67 -9.02
N ARG GC 100 -37.84 -104.41 -8.52
CA ARG GC 100 -38.12 -104.50 -7.09
C ARG GC 100 -38.25 -105.97 -6.73
N VAL GC 101 -37.13 -106.58 -6.36
CA VAL GC 101 -37.08 -108.00 -6.04
C VAL GC 101 -35.86 -108.24 -5.16
N THR GC 102 -35.88 -109.35 -4.43
CA THR GC 102 -34.77 -109.74 -3.57
C THR GC 102 -34.30 -111.14 -3.94
N ILE GC 103 -32.98 -111.28 -4.10
CA ILE GC 103 -32.35 -112.54 -4.44
C ILE GC 103 -31.72 -113.11 -3.18
N ALA GC 104 -32.07 -114.36 -2.86
CA ALA GC 104 -31.49 -115.02 -1.70
C ALA GC 104 -29.98 -115.21 -1.90
N GLN GC 105 -29.21 -114.82 -0.89
CA GLN GC 105 -27.74 -114.89 -0.93
C GLN GC 105 -27.21 -114.14 -2.16
N GLY GC 106 -27.80 -112.99 -2.46
CA GLY GC 106 -27.43 -112.25 -3.64
C GLY GC 106 -26.37 -111.19 -3.40
N GLY GC 107 -26.59 -110.35 -2.38
CA GLY GC 107 -25.67 -109.27 -2.11
C GLY GC 107 -25.90 -108.07 -2.99
N VAL GC 108 -25.04 -107.07 -2.82
CA VAL GC 108 -25.13 -105.82 -3.56
C VAL GC 108 -23.78 -105.54 -4.22
N LEU GC 109 -23.84 -104.87 -5.36
CA LEU GC 109 -22.61 -104.49 -6.05
C LEU GC 109 -21.84 -103.46 -5.24
N PRO GC 110 -20.50 -103.51 -5.27
CA PRO GC 110 -19.70 -102.55 -4.48
C PRO GC 110 -19.67 -101.16 -5.09
N ASN GC 111 -20.75 -100.41 -4.88
CA ASN GC 111 -20.87 -99.05 -5.36
C ASN GC 111 -20.51 -98.09 -4.22
N ILE GC 112 -19.61 -97.15 -4.50
CA ILE GC 112 -19.14 -96.18 -3.51
C ILE GC 112 -19.35 -94.78 -4.06
N GLN GC 113 -19.89 -93.89 -3.24
CA GLN GC 113 -20.12 -92.52 -3.66
C GLN GC 113 -18.83 -91.71 -3.60
N SER GC 114 -18.83 -90.59 -4.32
CA SER GC 114 -17.64 -89.75 -4.41
C SER GC 114 -17.30 -89.13 -3.06
N VAL GC 115 -18.31 -88.66 -2.33
CA VAL GC 115 -18.05 -87.94 -1.08
C VAL GC 115 -17.45 -88.87 -0.04
N LEU GC 116 -17.88 -90.13 -0.02
CA LEU GC 116 -17.37 -91.08 0.97
C LEU GC 116 -15.93 -91.49 0.66
N LEU GC 117 -15.51 -91.36 -0.59
CA LEU GC 117 -14.15 -91.71 -0.97
C LEU GC 117 -13.17 -90.71 -0.37
N PRO GC 118 -11.89 -91.10 -0.24
CA PRO GC 118 -10.88 -90.16 0.27
C PRO GC 118 -10.67 -88.98 -0.66
N LYS GC 119 -9.79 -88.06 -0.26
CA LYS GC 119 -9.55 -86.81 -0.99
C LYS GC 119 -10.83 -85.99 -1.14
N LYS GC 120 -11.67 -86.04 -0.12
CA LYS GC 120 -12.98 -85.36 -0.10
C LYS GC 120 -13.79 -85.88 -1.29
N THR GC 121 -14.40 -85.02 -2.10
CA THR GC 121 -15.15 -85.48 -3.26
C THR GC 121 -14.18 -85.88 -4.37
N GLU GC 122 -14.41 -87.06 -4.95
CA GLU GC 122 -13.56 -87.56 -6.02
C GLU GC 122 -14.28 -88.61 -6.86
N LYS HC 21 123.29 20.35 -130.00
CA LYS HC 21 123.72 20.73 -128.66
C LYS HC 21 123.99 22.23 -128.57
N LYS HC 22 123.08 22.94 -127.89
CA LYS HC 22 123.18 24.38 -127.66
C LYS HC 22 123.08 25.15 -128.99
N ASP HC 23 123.04 26.48 -128.90
CA ASP HC 23 122.97 27.35 -130.08
C ASP HC 23 121.75 27.03 -130.94
N GLY HC 24 120.61 26.86 -130.28
CA GLY HC 24 119.36 26.61 -130.97
C GLY HC 24 118.20 27.40 -130.39
N LYS HC 25 117.10 26.71 -130.07
CA LYS HC 25 115.95 27.32 -129.43
C LYS HC 25 115.97 27.14 -127.92
N LYS HC 26 117.16 27.01 -127.33
CA LYS HC 26 117.28 26.81 -125.89
C LYS HC 26 116.79 28.02 -125.10
N ARG HC 27 116.78 29.21 -125.72
CA ARG HC 27 116.36 30.42 -125.01
C ARG HC 27 114.95 30.31 -124.47
N ARG HC 28 114.07 29.57 -125.13
CA ARG HC 28 112.70 29.38 -124.67
C ARG HC 28 112.50 28.04 -123.97
N LYS HC 29 113.59 27.34 -123.64
CA LYS HC 29 113.52 26.03 -122.99
C LYS HC 29 113.59 26.15 -121.47
N SER HC 30 113.62 27.37 -120.93
CA SER HC 30 113.69 27.56 -119.49
C SER HC 30 112.50 26.90 -118.81
N ARG HC 31 112.75 26.26 -117.68
CA ARG HC 31 111.75 25.47 -116.99
C ARG HC 31 110.98 26.33 -115.99
N LYS HC 32 109.66 26.34 -116.12
CA LYS HC 32 108.75 26.97 -115.18
C LYS HC 32 107.96 25.89 -114.47
N GLU HC 33 107.93 25.94 -113.14
CA GLU HC 33 107.25 24.93 -112.34
C GLU HC 33 105.75 24.91 -112.66
N SER HC 34 105.30 23.84 -113.32
CA SER HC 34 103.91 23.71 -113.73
C SER HC 34 103.40 22.32 -113.37
N TYR HC 35 102.20 22.26 -112.80
CA TYR HC 35 101.56 21.01 -112.43
C TYR HC 35 100.46 20.60 -113.38
N ALA HC 36 100.40 21.21 -114.58
CA ALA HC 36 99.28 20.97 -115.49
C ALA HC 36 99.22 19.52 -115.93
N ILE HC 37 100.36 18.97 -116.38
CA ILE HC 37 100.36 17.60 -116.90
C ILE HC 37 100.02 16.60 -115.81
N TYR HC 38 100.60 16.77 -114.62
CA TYR HC 38 100.34 15.83 -113.53
C TYR HC 38 98.89 15.93 -113.06
N VAL HC 39 98.34 17.14 -112.97
CA VAL HC 39 96.95 17.29 -112.55
C VAL HC 39 96.02 16.68 -113.59
N TYR HC 40 96.31 16.90 -114.87
CA TYR HC 40 95.50 16.30 -115.94
C TYR HC 40 95.56 14.78 -115.85
N LYS HC 41 96.75 14.23 -115.61
CA LYS HC 41 96.89 12.78 -115.52
C LYS HC 41 96.11 12.21 -114.34
N VAL HC 42 96.24 12.83 -113.16
CA VAL HC 42 95.52 12.30 -112.00
C VAL HC 42 94.02 12.48 -112.17
N LEU HC 43 93.59 13.56 -112.81
CA LEU HC 43 92.18 13.73 -113.09
C LEU HC 43 91.67 12.66 -114.04
N LYS HC 44 92.47 12.29 -115.04
CA LYS HC 44 92.07 11.22 -115.95
C LYS HC 44 92.00 9.89 -115.21
N GLN HC 45 92.93 9.62 -114.30
CA GLN HC 45 92.88 8.38 -113.53
C GLN HC 45 91.64 8.34 -112.63
N VAL HC 46 91.33 9.45 -111.96
CA VAL HC 46 90.20 9.48 -111.05
C VAL HC 46 88.88 9.37 -111.82
N HIS HC 47 88.74 10.18 -112.88
CA HIS HC 47 87.53 10.24 -113.67
C HIS HC 47 87.85 9.91 -115.12
N PRO HC 48 87.17 8.93 -115.72
CA PRO HC 48 87.54 8.52 -117.09
C PRO HC 48 87.28 9.59 -118.15
N ASP HC 49 86.07 10.17 -118.16
CA ASP HC 49 85.67 11.04 -119.27
C ASP HC 49 85.79 12.52 -118.97
N THR HC 50 85.95 12.90 -117.70
CA THR HC 50 85.97 14.32 -117.34
C THR HC 50 87.23 15.01 -117.88
N GLY HC 51 87.04 16.25 -118.32
CA GLY HC 51 88.14 17.06 -118.84
C GLY HC 51 88.45 18.23 -117.93
N ILE HC 52 89.47 18.98 -118.32
CA ILE HC 52 89.95 20.10 -117.52
C ILE HC 52 90.22 21.29 -118.45
N SER HC 53 90.11 22.50 -117.90
CA SER HC 53 90.32 23.72 -118.65
C SER HC 53 91.56 24.45 -118.13
N SER HC 54 92.16 25.26 -119.00
CA SER HC 54 93.35 26.01 -118.62
C SER HC 54 93.05 27.09 -117.59
N LYS HC 55 91.83 27.64 -117.63
CA LYS HC 55 91.43 28.62 -116.63
C LYS HC 55 91.47 28.00 -115.23
N ALA HC 56 91.00 26.76 -115.11
CA ALA HC 56 91.12 26.04 -113.85
C ALA HC 56 92.54 25.56 -113.59
N MET HC 57 93.31 25.29 -114.65
CA MET HC 57 94.70 24.87 -114.48
C MET HC 57 95.55 25.95 -113.82
N SER HC 58 95.35 27.21 -114.22
CA SER HC 58 96.12 28.29 -113.60
C SER HC 58 95.82 28.38 -112.10
N ILE HC 59 94.54 28.28 -111.74
CA ILE HC 59 94.15 28.34 -110.33
C ILE HC 59 94.71 27.13 -109.57
N MET HC 60 94.67 25.95 -110.19
CA MET HC 60 95.20 24.76 -109.55
C MET HC 60 96.70 24.88 -109.32
N ASN HC 61 97.44 25.41 -110.30
CA ASN HC 61 98.87 25.62 -110.14
C ASN HC 61 99.15 26.59 -109.00
N SER HC 62 98.41 27.70 -108.95
CA SER HC 62 98.61 28.67 -107.87
C SER HC 62 98.29 28.06 -106.51
N PHE HC 63 97.20 27.29 -106.44
CA PHE HC 63 96.80 26.68 -105.17
C PHE HC 63 97.81 25.66 -104.69
N VAL HC 64 98.32 24.82 -105.59
CA VAL HC 64 99.33 23.84 -105.20
C VAL HC 64 100.60 24.52 -104.77
N ASN HC 65 101.01 25.57 -105.49
CA ASN HC 65 102.20 26.32 -105.09
C ASN HC 65 102.04 26.93 -103.71
N ASP HC 66 100.87 27.52 -103.43
CA ASP HC 66 100.64 28.13 -102.13
C ASP HC 66 100.64 27.08 -101.02
N VAL HC 67 100.01 25.92 -101.27
CA VAL HC 67 99.98 24.86 -100.26
C VAL HC 67 101.39 24.36 -99.98
N PHE HC 68 102.18 24.15 -101.03
CA PHE HC 68 103.55 23.69 -100.84
C PHE HC 68 104.37 24.72 -100.08
N GLU HC 69 104.21 26.00 -100.40
CA GLU HC 69 104.93 27.04 -99.69
C GLU HC 69 104.54 27.08 -98.21
N ARG HC 70 103.24 26.97 -97.93
CA ARG HC 70 102.77 26.97 -96.55
C ARG HC 70 103.38 25.80 -95.77
N ILE HC 71 103.33 24.60 -96.37
CA ILE HC 71 103.83 23.42 -95.68
C ILE HC 71 105.33 23.52 -95.45
N ALA HC 72 106.07 24.00 -96.46
CA ALA HC 72 107.52 24.12 -96.31
C ALA HC 72 107.89 25.16 -95.26
N GLY HC 73 107.19 26.29 -95.24
CA GLY HC 73 107.45 27.30 -94.22
C GLY HC 73 107.14 26.79 -92.82
N GLU HC 74 106.04 26.05 -92.68
CA GLU HC 74 105.72 25.46 -91.39
C GLU HC 74 106.79 24.46 -90.97
N ALA HC 75 107.25 23.63 -91.91
CA ALA HC 75 108.28 22.65 -91.59
C ALA HC 75 109.57 23.35 -91.13
N SER HC 76 109.93 24.44 -91.80
CA SER HC 76 111.10 25.21 -91.37
C SER HC 76 110.89 25.79 -89.98
N ARG HC 77 109.67 26.26 -89.69
CA ARG HC 77 109.40 26.84 -88.38
C ARG HC 77 109.52 25.80 -87.27
N LEU HC 78 108.94 24.61 -87.46
CA LEU HC 78 109.11 23.54 -86.48
C LEU HC 78 110.57 23.11 -86.36
N ALA HC 79 111.30 23.06 -87.47
CA ALA HC 79 112.72 22.73 -87.39
C ALA HC 79 113.47 23.72 -86.52
N HIS HC 80 113.21 25.02 -86.72
CA HIS HC 80 113.85 26.04 -85.89
C HIS HC 80 113.43 25.91 -84.43
N TYR HC 81 112.14 25.64 -84.19
CA TYR HC 81 111.66 25.52 -82.82
C TYR HC 81 112.29 24.34 -82.10
N ASN HC 82 112.40 23.20 -82.77
CA ASN HC 82 112.87 21.97 -82.16
C ASN HC 82 114.37 21.76 -82.31
N LYS HC 83 115.09 22.72 -82.89
CA LYS HC 83 116.56 22.68 -82.96
C LYS HC 83 117.06 21.49 -83.77
N ARG HC 84 116.28 21.07 -84.76
CA ARG HC 84 116.64 19.95 -85.64
C ARG HC 84 117.03 20.52 -86.99
N SER HC 85 118.27 20.24 -87.41
CA SER HC 85 118.75 20.76 -88.70
C SER HC 85 118.09 20.04 -89.86
N THR HC 86 117.67 18.79 -89.65
CA THR HC 86 117.08 17.99 -90.71
C THR HC 86 115.55 17.98 -90.59
N ILE HC 87 114.89 18.31 -91.70
CA ILE HC 87 113.44 18.20 -91.80
C ILE HC 87 113.11 16.73 -92.03
N THR HC 88 112.19 16.20 -91.23
CA THR HC 88 111.91 14.78 -91.19
C THR HC 88 110.40 14.55 -91.34
N SER HC 89 110.06 13.30 -91.65
CA SER HC 89 108.65 12.92 -91.79
C SER HC 89 107.86 13.22 -90.53
N ARG HC 90 108.50 13.19 -89.36
CA ARG HC 90 107.81 13.61 -88.14
C ARG HC 90 107.40 15.07 -88.21
N GLU HC 91 108.32 15.94 -88.67
CA GLU HC 91 107.98 17.35 -88.86
C GLU HC 91 106.88 17.52 -89.89
N ILE HC 92 106.95 16.75 -90.98
CA ILE HC 92 105.93 16.85 -92.03
C ILE HC 92 104.56 16.45 -91.49
N GLN HC 93 104.51 15.35 -90.73
CA GLN HC 93 103.25 14.90 -90.15
C GLN HC 93 102.70 15.92 -89.17
N THR HC 94 103.56 16.50 -88.34
CA THR HC 94 103.11 17.51 -87.39
C THR HC 94 102.56 18.74 -88.12
N ALA HC 95 103.24 19.16 -89.19
CA ALA HC 95 102.76 20.30 -89.96
C ALA HC 95 101.43 20.00 -90.63
N VAL HC 96 101.26 18.77 -91.14
CA VAL HC 96 100.00 18.39 -91.77
C VAL HC 96 98.87 18.40 -90.75
N ARG HC 97 99.14 17.86 -89.54
CA ARG HC 97 98.13 17.91 -88.48
C ARG HC 97 97.83 19.34 -88.05
N LEU HC 98 98.83 20.21 -88.09
CA LEU HC 98 98.62 21.63 -87.78
C LEU HC 98 97.72 22.28 -88.81
N LEU HC 99 97.95 22.02 -90.09
CA LEU HC 99 97.21 22.69 -91.15
C LEU HC 99 95.81 22.11 -91.31
N LEU HC 100 95.72 20.84 -91.66
CA LEU HC 100 94.43 20.19 -91.83
C LEU HC 100 93.81 19.89 -90.47
N PRO HC 101 92.61 20.37 -90.18
CA PRO HC 101 92.04 20.20 -88.83
C PRO HC 101 91.63 18.77 -88.49
N GLY HC 102 90.86 18.13 -89.36
CA GLY HC 102 90.18 16.89 -88.99
C GLY HC 102 90.36 15.71 -89.91
N GLU HC 103 89.24 15.23 -90.45
CA GLU HC 103 89.25 14.03 -91.29
C GLU HC 103 90.22 14.17 -92.47
N LEU HC 104 90.39 15.38 -93.00
CA LEU HC 104 91.39 15.59 -94.02
C LEU HC 104 92.79 15.27 -93.50
N ALA HC 105 93.10 15.71 -92.28
CA ALA HC 105 94.39 15.39 -91.69
C ALA HC 105 94.54 13.89 -91.46
N LYS HC 106 93.46 13.24 -90.99
CA LYS HC 106 93.51 11.81 -90.75
C LYS HC 106 93.80 11.04 -92.03
N HIS HC 107 93.09 11.37 -93.11
CA HIS HC 107 93.30 10.69 -94.37
C HIS HC 107 94.67 11.01 -94.96
N ALA HC 108 95.15 12.25 -94.78
CA ALA HC 108 96.48 12.59 -95.23
C ALA HC 108 97.54 11.79 -94.50
N VAL HC 109 97.36 11.61 -93.19
CA VAL HC 109 98.30 10.80 -92.41
C VAL HC 109 98.28 9.35 -92.88
N SER HC 110 97.08 8.81 -93.13
CA SER HC 110 96.98 7.44 -93.61
C SER HC 110 97.68 7.28 -94.96
N GLU HC 111 97.45 8.23 -95.87
CA GLU HC 111 98.08 8.16 -97.19
C GLU HC 111 99.59 8.30 -97.09
N GLY HC 112 100.07 9.18 -96.21
CA GLY HC 112 101.51 9.32 -96.02
C GLY HC 112 102.15 8.06 -95.46
N THR HC 113 101.49 7.42 -94.49
CA THR HC 113 102.01 6.16 -93.96
C THR HC 113 102.04 5.09 -95.03
N LYS HC 114 100.98 5.00 -95.84
CA LYS HC 114 100.96 4.04 -96.94
C LYS HC 114 102.10 4.31 -97.91
N ALA HC 115 102.31 5.58 -98.27
CA ALA HC 115 103.36 5.92 -99.21
C ALA HC 115 104.74 5.58 -98.67
N VAL HC 116 105.00 5.92 -97.40
CA VAL HC 116 106.34 5.68 -96.85
C VAL HC 116 106.61 4.19 -96.70
N THR HC 117 105.59 3.42 -96.28
CA THR HC 117 105.81 1.98 -96.15
C THR HC 117 105.99 1.32 -97.51
N LYS HC 118 105.27 1.78 -98.54
CA LYS HC 118 105.46 1.25 -99.88
C LYS HC 118 106.85 1.59 -100.42
N TYR HC 119 107.30 2.83 -100.18
CA TYR HC 119 108.64 3.22 -100.60
C TYR HC 119 109.71 2.39 -99.90
N THR HC 120 109.53 2.15 -98.59
CA THR HC 120 110.49 1.34 -97.85
C THR HC 120 110.52 -0.09 -98.37
N SER HC 121 109.34 -0.67 -98.66
CA SER HC 121 109.28 -2.05 -99.11
C SER HC 121 109.61 -2.22 -100.58
N ALA HC 122 109.66 -1.14 -101.36
CA ALA HC 122 109.89 -1.22 -102.79
C ALA HC 122 111.26 -0.66 -103.15
N LYS HC 123 111.93 -1.30 -104.11
CA LYS HC 123 113.21 -0.82 -104.61
C LYS HC 123 113.44 -1.31 -106.04
N MET IC 1 -57.11 152.87 4.16
CA MET IC 1 -57.18 152.80 5.61
C MET IC 1 -58.63 152.86 6.10
N ALA IC 2 -59.45 153.65 5.40
CA ALA IC 2 -60.86 153.76 5.77
C ALA IC 2 -61.58 152.42 5.62
N LYS IC 3 -61.33 151.74 4.50
CA LYS IC 3 -61.88 150.41 4.26
C LYS IC 3 -61.08 149.76 3.14
N SER IC 4 -61.10 148.43 3.10
CA SER IC 4 -60.36 147.71 2.08
C SER IC 4 -60.90 148.04 0.69
N ALA IC 5 -62.15 147.62 0.41
CA ALA IC 5 -62.81 147.87 -0.87
C ALA IC 5 -64.24 147.34 -0.84
N PRO IC 6 -65.13 147.88 -1.68
CA PRO IC 6 -66.41 147.21 -1.94
C PRO IC 6 -66.23 145.89 -2.67
N ALA IC 7 -64.97 145.49 -2.88
CA ALA IC 7 -64.51 144.31 -3.60
C ALA IC 7 -64.87 144.35 -5.09
N PRO IC 8 -64.41 145.36 -5.84
CA PRO IC 8 -64.51 145.28 -7.31
C PRO IC 8 -63.23 144.78 -7.94
N LYS IC 9 -62.22 144.53 -7.12
CA LYS IC 9 -60.86 144.25 -7.56
C LYS IC 9 -60.29 143.02 -6.87
N LYS IC 10 -61.17 142.08 -6.53
CA LYS IC 10 -60.76 140.90 -5.76
C LYS IC 10 -59.60 140.15 -6.42
N GLY IC 11 -59.63 140.02 -7.74
CA GLY IC 11 -58.60 139.30 -8.45
C GLY IC 11 -57.64 140.17 -9.22
N SER IC 12 -57.24 141.30 -8.64
CA SER IC 12 -56.36 142.26 -9.31
C SER IC 12 -54.93 142.03 -8.85
N LYS IC 13 -54.04 141.77 -9.80
CA LYS IC 13 -52.62 141.60 -9.51
C LYS IC 13 -51.82 141.90 -10.78
N LYS IC 14 -51.18 143.05 -10.80
CA LYS IC 14 -50.30 143.46 -11.91
C LYS IC 14 -51.11 143.44 -13.22
N ALA IC 15 -50.47 142.98 -14.30
CA ALA IC 15 -51.03 142.82 -15.64
C ALA IC 15 -51.34 144.14 -16.32
N VAL IC 16 -51.20 145.27 -15.62
CA VAL IC 16 -51.43 146.58 -16.23
C VAL IC 16 -50.24 147.53 -16.08
N THR IC 17 -49.36 147.32 -15.08
CA THR IC 17 -48.15 148.12 -14.91
C THR IC 17 -48.46 149.61 -14.76
N LYS IC 18 -49.16 149.96 -13.68
CA LYS IC 18 -49.25 151.35 -13.25
C LYS IC 18 -48.30 151.67 -12.10
N THR IC 19 -47.40 150.75 -11.77
CA THR IC 19 -46.56 150.90 -10.59
C THR IC 19 -45.58 152.05 -10.75
N GLN IC 20 -45.27 152.69 -9.62
CA GLN IC 20 -44.32 153.81 -9.57
C GLN IC 20 -42.99 153.41 -8.94
N LYS IC 21 -43.01 152.85 -7.74
CA LYS IC 21 -41.82 152.44 -7.00
C LYS IC 21 -42.01 151.05 -6.41
N LYS IC 22 -42.53 150.13 -7.22
CA LYS IC 22 -42.76 148.76 -6.78
C LYS IC 22 -42.66 147.83 -7.98
N ASP IC 23 -41.87 146.77 -7.84
CA ASP IC 23 -41.71 145.75 -8.87
C ASP IC 23 -41.89 144.39 -8.21
N GLY IC 24 -43.07 143.78 -8.40
CA GLY IC 24 -43.43 142.57 -7.71
C GLY IC 24 -43.54 141.38 -8.63
N LYS IC 25 -44.34 140.40 -8.20
CA LYS IC 25 -44.46 139.15 -8.92
C LYS IC 25 -45.31 139.33 -10.19
N LYS IC 26 -45.57 138.23 -10.88
CA LYS IC 26 -46.26 138.30 -12.16
C LYS IC 26 -47.77 138.48 -11.97
N ARG IC 27 -48.43 137.50 -11.36
CA ARG IC 27 -49.87 137.56 -11.15
C ARG IC 27 -50.22 136.66 -9.96
N ARG IC 28 -51.51 136.62 -9.64
CA ARG IC 28 -52.01 135.82 -8.52
C ARG IC 28 -52.19 134.39 -8.98
N LYS IC 29 -51.24 133.53 -8.64
CA LYS IC 29 -51.33 132.11 -8.98
C LYS IC 29 -52.26 131.39 -8.00
N SER IC 30 -52.78 130.25 -8.44
CA SER IC 30 -53.57 129.38 -7.57
C SER IC 30 -52.62 128.78 -6.53
N ARG IC 31 -52.75 129.24 -5.28
CA ARG IC 31 -51.80 128.85 -4.25
C ARG IC 31 -51.90 127.35 -3.98
N LYS IC 32 -50.76 126.67 -4.09
CA LYS IC 32 -50.70 125.25 -3.79
C LYS IC 32 -50.98 124.95 -2.33
N GLU IC 33 -50.62 125.87 -1.43
CA GLU IC 33 -50.67 125.66 0.02
C GLU IC 33 -49.73 124.53 0.43
N SER IC 34 -49.47 124.42 1.73
CA SER IC 34 -48.54 123.40 2.20
C SER IC 34 -48.68 123.23 3.69
N TYR IC 35 -48.40 122.01 4.16
CA TYR IC 35 -48.24 121.73 5.57
C TYR IC 35 -46.80 121.94 6.02
N ALA IC 36 -45.95 122.49 5.14
CA ALA IC 36 -44.52 122.59 5.41
C ALA IC 36 -44.24 123.38 6.69
N ILE IC 37 -44.92 124.51 6.86
CA ILE IC 37 -44.75 125.29 8.09
C ILE IC 37 -45.22 124.50 9.31
N TYR IC 38 -46.35 123.81 9.18
CA TYR IC 38 -46.89 123.06 10.30
C TYR IC 38 -46.10 121.79 10.57
N VAL IC 39 -45.68 121.08 9.52
CA VAL IC 39 -44.91 119.86 9.70
C VAL IC 39 -43.55 120.18 10.31
N TYR IC 40 -42.96 121.31 9.92
CA TYR IC 40 -41.69 121.72 10.52
C TYR IC 40 -41.87 122.07 11.99
N LYS IC 41 -43.04 122.61 12.36
CA LYS IC 41 -43.26 123.03 13.74
C LYS IC 41 -43.24 121.83 14.69
N VAL IC 42 -43.89 120.74 14.31
CA VAL IC 42 -43.89 119.56 15.17
C VAL IC 42 -42.53 118.87 15.12
N LEU IC 43 -41.74 119.13 14.07
CA LEU IC 43 -40.40 118.56 14.00
C LEU IC 43 -39.47 119.21 15.02
N LYS IC 44 -39.67 120.50 15.31
CA LYS IC 44 -38.81 121.19 16.27
C LYS IC 44 -38.91 120.58 17.67
N GLN IC 45 -40.09 120.06 18.03
CA GLN IC 45 -40.27 119.48 19.35
C GLN IC 45 -39.47 118.21 19.51
N VAL IC 46 -39.56 117.29 18.53
CA VAL IC 46 -38.89 116.00 18.64
C VAL IC 46 -37.40 116.14 18.32
N HIS IC 47 -37.05 116.95 17.33
CA HIS IC 47 -35.66 117.19 16.96
C HIS IC 47 -35.44 118.69 16.81
N PRO IC 48 -34.83 119.35 17.79
CA PRO IC 48 -34.72 120.82 17.76
C PRO IC 48 -33.89 121.37 16.61
N ASP IC 49 -32.64 120.91 16.48
CA ASP IC 49 -31.69 121.54 15.58
C ASP IC 49 -31.43 120.74 14.30
N THR IC 50 -32.18 119.67 14.06
CA THR IC 50 -31.93 118.85 12.89
C THR IC 50 -32.44 119.52 11.63
N GLY IC 51 -31.57 119.60 10.61
CA GLY IC 51 -31.95 120.14 9.32
C GLY IC 51 -32.71 119.16 8.46
N ILE IC 52 -33.46 119.69 7.51
CA ILE IC 52 -34.32 118.88 6.65
C ILE IC 52 -34.24 119.40 5.23
N SER IC 53 -34.14 118.49 4.26
CA SER IC 53 -34.09 118.84 2.85
C SER IC 53 -35.48 119.16 2.31
N SER IC 54 -35.51 119.89 1.20
CA SER IC 54 -36.78 120.31 0.62
C SER IC 54 -37.50 119.16 -0.07
N LYS IC 55 -36.77 118.15 -0.56
CA LYS IC 55 -37.41 117.03 -1.24
C LYS IC 55 -38.31 116.25 -0.31
N ALA IC 56 -37.82 115.93 0.90
CA ALA IC 56 -38.65 115.22 1.87
C ALA IC 56 -39.84 116.07 2.29
N MET IC 57 -39.67 117.40 2.33
CA MET IC 57 -40.78 118.27 2.67
C MET IC 57 -41.88 118.19 1.63
N SER IC 58 -41.51 118.08 0.35
CA SER IC 58 -42.51 117.93 -0.70
C SER IC 58 -43.26 116.61 -0.56
N ILE IC 59 -42.56 115.55 -0.17
CA ILE IC 59 -43.21 114.26 0.03
C ILE IC 59 -44.23 114.35 1.16
N MET IC 60 -43.88 115.02 2.25
CA MET IC 60 -44.78 115.15 3.38
C MET IC 60 -46.05 115.91 3.00
N ASN IC 61 -45.92 116.90 2.11
CA ASN IC 61 -47.08 117.62 1.62
C ASN IC 61 -48.03 116.69 0.88
N SER IC 62 -47.49 115.82 0.03
CA SER IC 62 -48.33 114.86 -0.69
C SER IC 62 -48.77 113.73 0.23
N PHE IC 63 -47.95 113.36 1.21
CA PHE IC 63 -48.30 112.27 2.11
C PHE IC 63 -49.54 112.60 2.93
N VAL IC 64 -49.61 113.81 3.47
CA VAL IC 64 -50.76 114.19 4.28
C VAL IC 64 -52.00 114.34 3.40
N ASN IC 65 -51.84 114.89 2.20
CA ASN IC 65 -52.99 115.12 1.33
C ASN IC 65 -53.64 113.80 0.92
N ASP IC 66 -52.84 112.80 0.59
CA ASP IC 66 -53.42 111.51 0.18
C ASP IC 66 -54.03 110.78 1.36
N VAL IC 67 -53.35 110.80 2.51
CA VAL IC 67 -53.88 110.12 3.70
C VAL IC 67 -55.17 110.79 4.15
N PHE IC 68 -55.24 112.12 4.06
CA PHE IC 68 -56.48 112.82 4.39
C PHE IC 68 -57.62 112.35 3.50
N GLU IC 69 -57.33 112.10 2.22
CA GLU IC 69 -58.34 111.53 1.34
C GLU IC 69 -58.73 110.13 1.78
N ARG IC 70 -57.75 109.34 2.23
CA ARG IC 70 -58.01 107.96 2.62
C ARG IC 70 -58.90 107.90 3.86
N ILE IC 71 -58.54 108.66 4.91
CA ILE IC 71 -59.30 108.62 6.15
C ILE IC 71 -60.70 109.20 5.95
N ALA IC 72 -60.81 110.27 5.16
CA ALA IC 72 -62.11 110.83 4.86
C ALA IC 72 -62.88 109.96 3.87
N GLY IC 73 -62.17 109.32 2.95
CA GLY IC 73 -62.83 108.45 1.99
C GLY IC 73 -63.51 107.26 2.64
N GLU IC 74 -62.81 106.61 3.58
CA GLU IC 74 -63.42 105.53 4.33
C GLU IC 74 -64.59 106.03 5.18
N ALA IC 75 -64.42 107.19 5.79
CA ALA IC 75 -65.51 107.77 6.58
C ALA IC 75 -66.69 108.17 5.69
N SER IC 76 -66.41 108.64 4.48
CA SER IC 76 -67.48 109.03 3.57
C SER IC 76 -68.36 107.86 3.20
N ARG IC 77 -67.75 106.69 2.92
CA ARG IC 77 -68.54 105.50 2.65
C ARG IC 77 -69.33 105.08 3.88
N LEU IC 78 -68.72 105.20 5.06
CA LEU IC 78 -69.41 104.81 6.29
C LEU IC 78 -70.62 105.68 6.55
N ALA IC 79 -70.54 106.97 6.19
CA ALA IC 79 -71.68 107.86 6.38
C ALA IC 79 -72.88 107.42 5.54
N HIS IC 80 -72.63 107.00 4.30
CA HIS IC 80 -73.72 106.56 3.44
C HIS IC 80 -74.22 105.18 3.82
N TYR IC 81 -73.35 104.33 4.39
CA TYR IC 81 -73.78 103.00 4.79
C TYR IC 81 -74.82 103.06 5.90
N ASN IC 82 -74.62 103.94 6.88
CA ASN IC 82 -75.55 104.07 7.99
C ASN IC 82 -76.66 105.07 7.73
N LYS IC 83 -76.72 105.65 6.53
CA LYS IC 83 -77.81 106.53 6.11
C LYS IC 83 -77.92 107.76 7.03
N ARG IC 84 -76.85 108.56 7.06
CA ARG IC 84 -76.80 109.76 7.87
C ARG IC 84 -76.31 110.93 7.04
N SER IC 85 -76.83 112.12 7.34
CA SER IC 85 -76.43 113.35 6.66
C SER IC 85 -75.39 114.14 7.44
N THR IC 86 -74.96 113.64 8.60
CA THR IC 86 -73.97 114.33 9.41
C THR IC 86 -72.93 113.34 9.91
N ILE IC 87 -71.72 113.85 10.17
CA ILE IC 87 -70.63 113.05 10.71
C ILE IC 87 -70.10 113.74 11.95
N THR IC 88 -69.59 112.93 12.89
CA THR IC 88 -69.02 113.45 14.12
C THR IC 88 -67.65 112.84 14.36
N SER IC 89 -67.08 113.06 15.55
CA SER IC 89 -65.78 112.46 15.87
C SER IC 89 -65.88 110.94 15.94
N ARG IC 90 -67.06 110.41 16.28
CA ARG IC 90 -67.23 108.96 16.37
C ARG IC 90 -67.02 108.29 15.01
N GLU IC 91 -67.54 108.90 13.95
CA GLU IC 91 -67.36 108.33 12.62
C GLU IC 91 -65.89 108.27 12.24
N ILE IC 92 -65.13 109.34 12.51
CA ILE IC 92 -63.70 109.32 12.24
C ILE IC 92 -62.99 108.39 13.21
N GLN IC 93 -63.45 108.35 14.47
CA GLN IC 93 -62.90 107.40 15.43
C GLN IC 93 -63.09 105.96 14.94
N THR IC 94 -64.27 105.66 14.41
CA THR IC 94 -64.51 104.37 13.80
C THR IC 94 -63.60 104.18 12.57
N ALA IC 95 -63.45 105.23 11.76
CA ALA IC 95 -62.62 105.12 10.56
C ALA IC 95 -61.15 104.99 10.90
N VAL IC 96 -60.72 105.56 12.04
CA VAL IC 96 -59.33 105.43 12.46
C VAL IC 96 -58.97 103.97 12.71
N ARG IC 97 -59.86 103.25 13.39
CA ARG IC 97 -59.64 101.81 13.59
C ARG IC 97 -59.61 101.07 12.28
N LEU IC 98 -60.46 101.47 11.32
CA LEU IC 98 -60.48 100.82 10.02
C LEU IC 98 -59.17 101.03 9.26
N LEU IC 99 -58.63 102.25 9.31
CA LEU IC 99 -57.46 102.59 8.51
C LEU IC 99 -56.15 102.27 9.22
N LEU IC 100 -56.01 102.71 10.48
CA LEU IC 100 -54.77 102.46 11.21
C LEU IC 100 -54.68 100.99 11.61
N PRO IC 101 -53.60 100.29 11.27
CA PRO IC 101 -53.55 98.84 11.47
C PRO IC 101 -53.59 98.40 12.93
N GLY IC 102 -52.66 98.89 13.74
CA GLY IC 102 -52.51 98.37 15.09
C GLY IC 102 -52.54 99.41 16.19
N GLU IC 103 -51.47 99.47 16.99
CA GLU IC 103 -51.43 100.38 18.13
C GLU IC 103 -51.42 101.85 17.71
N LEU IC 104 -51.20 102.12 16.42
CA LEU IC 104 -51.31 103.49 15.93
C LEU IC 104 -52.73 104.03 16.16
N ALA IC 105 -53.73 103.18 15.91
CA ALA IC 105 -55.11 103.59 16.19
C ALA IC 105 -55.34 103.82 17.67
N LYS IC 106 -54.75 102.96 18.52
CA LYS IC 106 -54.94 103.09 19.97
C LYS IC 106 -54.42 104.42 20.47
N HIS IC 107 -53.23 104.83 20.01
CA HIS IC 107 -52.70 106.13 20.41
C HIS IC 107 -53.48 107.27 19.77
N ALA IC 108 -53.85 107.12 18.50
CA ALA IC 108 -54.60 108.16 17.81
C ALA IC 108 -55.98 108.38 18.43
N VAL IC 109 -56.68 107.29 18.76
CA VAL IC 109 -57.99 107.42 19.38
C VAL IC 109 -57.87 108.05 20.77
N SER IC 110 -56.88 107.60 21.55
CA SER IC 110 -56.73 108.12 22.91
C SER IC 110 -56.41 109.61 22.90
N GLU IC 111 -55.42 110.02 22.11
CA GLU IC 111 -55.06 111.43 22.06
C GLU IC 111 -56.07 112.24 21.25
N GLY IC 112 -56.64 111.64 20.20
CA GLY IC 112 -57.63 112.36 19.41
C GLY IC 112 -58.89 112.67 20.19
N THR IC 113 -59.35 111.71 21.00
CA THR IC 113 -60.52 111.97 21.84
C THR IC 113 -60.24 113.07 22.85
N LYS IC 114 -59.04 113.07 23.44
CA LYS IC 114 -58.67 114.12 24.38
C LYS IC 114 -58.63 115.48 23.71
N ALA IC 115 -58.27 115.53 22.42
CA ALA IC 115 -58.26 116.80 21.70
C ALA IC 115 -59.66 117.37 21.58
N VAL IC 116 -60.66 116.52 21.36
CA VAL IC 116 -62.04 117.00 21.26
C VAL IC 116 -62.53 117.52 22.60
N THR IC 117 -62.13 116.85 23.70
CA THR IC 117 -62.60 117.26 25.02
C THR IC 117 -62.09 118.66 25.38
N LYS IC 118 -60.79 118.89 25.22
CA LYS IC 118 -60.24 120.21 25.56
C LYS IC 118 -60.67 121.28 24.56
N TYR IC 119 -61.19 120.88 23.40
CA TYR IC 119 -61.74 121.87 22.47
C TYR IC 119 -63.09 122.38 22.95
N THR IC 120 -63.84 121.56 23.67
CA THR IC 120 -65.16 121.92 24.17
C THR IC 120 -65.27 121.89 25.68
N SER IC 121 -64.15 121.71 26.40
CA SER IC 121 -64.20 121.67 27.86
C SER IC 121 -64.68 123.00 28.43
N ALA IC 122 -64.15 124.10 27.91
CA ALA IC 122 -64.52 125.43 28.39
C ALA IC 122 -64.30 126.45 27.29
N LYS IC 123 -65.04 127.54 27.38
CA LYS IC 123 -64.91 128.64 26.42
C LYS IC 123 -64.89 129.99 27.13
N MET JC 1 -135.59 -70.14 19.59
CA MET JC 1 -136.56 -70.02 18.50
C MET JC 1 -136.01 -70.64 17.22
N ALA JC 2 -135.42 -71.83 17.35
CA ALA JC 2 -134.83 -72.51 16.21
C ALA JC 2 -134.82 -74.01 16.49
N LYS JC 3 -134.63 -74.78 15.42
CA LYS JC 3 -134.59 -76.24 15.50
C LYS JC 3 -133.15 -76.75 15.38
N SER JC 4 -132.17 -75.87 15.60
CA SER JC 4 -130.74 -76.18 15.53
C SER JC 4 -130.32 -76.56 14.13
N ALA JC 5 -129.27 -77.36 14.00
CA ALA JC 5 -128.64 -77.65 12.71
C ALA JC 5 -128.56 -79.16 12.48
N PRO JC 6 -129.64 -79.78 11.99
CA PRO JC 6 -129.57 -81.15 11.47
C PRO JC 6 -129.12 -81.17 10.01
N ALA JC 7 -128.05 -80.44 9.71
CA ALA JC 7 -127.68 -80.11 8.34
C ALA JC 7 -126.19 -79.76 8.35
N PRO JC 8 -125.53 -79.72 7.18
CA PRO JC 8 -124.08 -79.58 7.21
C PRO JC 8 -123.66 -78.13 7.45
N LYS JC 9 -123.98 -77.65 8.65
CA LYS JC 9 -123.64 -76.31 9.11
C LYS JC 9 -122.61 -76.33 10.22
N LYS JC 10 -121.81 -77.39 10.31
CA LYS JC 10 -120.75 -77.45 11.31
C LYS JC 10 -119.76 -76.32 11.12
N GLY JC 11 -119.36 -76.06 9.88
CA GLY JC 11 -118.64 -74.84 9.57
C GLY JC 11 -119.58 -73.80 9.01
N SER JC 12 -120.00 -72.87 9.87
CA SER JC 12 -120.95 -71.82 9.50
C SER JC 12 -120.29 -70.48 9.79
N LYS JC 13 -119.72 -69.87 8.76
CA LYS JC 13 -118.95 -68.64 8.91
C LYS JC 13 -119.13 -67.80 7.64
N LYS JC 14 -118.21 -66.86 7.44
CA LYS JC 14 -118.32 -65.87 6.37
C LYS JC 14 -118.58 -66.50 5.01
N ALA JC 15 -117.78 -67.50 4.63
CA ALA JC 15 -117.86 -68.13 3.32
C ALA JC 15 -117.76 -67.10 2.20
N VAL JC 16 -118.87 -66.83 1.51
CA VAL JC 16 -118.89 -65.89 0.41
C VAL JC 16 -119.70 -64.66 0.80
N THR JC 17 -119.79 -64.40 2.10
CA THR JC 17 -120.39 -63.21 2.72
C THR JC 17 -121.73 -62.83 2.07
N LYS JC 18 -122.70 -63.73 2.21
CA LYS JC 18 -124.08 -63.42 1.87
C LYS JC 18 -124.82 -62.96 3.13
N THR JC 19 -124.46 -61.77 3.59
CA THR JC 19 -124.98 -61.22 4.84
C THR JC 19 -126.14 -60.28 4.55
N GLN JC 20 -127.25 -60.48 5.26
CA GLN JC 20 -128.41 -59.59 5.13
C GLN JC 20 -128.25 -58.36 6.01
N LYS JC 21 -128.15 -58.57 7.32
CA LYS JC 21 -127.94 -57.49 8.28
C LYS JC 21 -126.74 -57.85 9.15
N LYS JC 22 -125.91 -56.84 9.45
CA LYS JC 22 -124.68 -56.98 10.21
C LYS JC 22 -123.62 -57.72 9.39
N ASP JC 23 -122.37 -57.29 9.51
CA ASP JC 23 -121.29 -57.85 8.70
C ASP JC 23 -120.00 -57.87 9.50
N GLY JC 24 -119.07 -58.70 9.04
CA GLY JC 24 -117.77 -58.80 9.67
C GLY JC 24 -117.44 -60.14 10.30
N LYS JC 25 -118.40 -61.05 10.41
CA LYS JC 25 -118.16 -62.36 11.00
C LYS JC 25 -117.38 -63.22 10.01
N LYS JC 26 -116.07 -63.30 10.19
CA LYS JC 26 -115.20 -64.05 9.31
C LYS JC 26 -115.09 -65.50 9.79
N ARG JC 27 -114.16 -66.24 9.20
CA ARG JC 27 -113.98 -67.64 9.55
C ARG JC 27 -113.51 -67.78 11.00
N ARG JC 28 -113.82 -68.92 11.60
CA ARG JC 28 -113.52 -69.14 13.01
C ARG JC 28 -112.01 -69.26 13.23
N LYS JC 29 -111.61 -68.98 14.46
CA LYS JC 29 -110.21 -69.03 14.88
C LYS JC 29 -109.97 -70.26 15.73
N SER JC 30 -108.78 -70.84 15.60
CA SER JC 30 -108.42 -72.00 16.42
C SER JC 30 -108.54 -71.68 17.90
N ARG JC 31 -109.14 -72.59 18.65
CA ARG JC 31 -109.44 -72.35 20.06
C ARG JC 31 -108.17 -72.29 20.87
N LYS JC 32 -107.85 -71.11 21.41
CA LYS JC 32 -106.70 -71.00 22.31
C LYS JC 32 -107.02 -71.61 23.68
N GLU JC 33 -108.23 -71.37 24.17
CA GLU JC 33 -108.70 -71.92 25.45
C GLU JC 33 -107.76 -71.54 26.59
N SER JC 34 -107.65 -70.23 26.80
CA SER JC 34 -106.76 -69.70 27.84
C SER JC 34 -107.36 -69.89 29.22
N TYR JC 35 -106.50 -69.77 30.23
CA TYR JC 35 -106.89 -69.87 31.63
C TYR JC 35 -107.06 -68.51 32.29
N ALA JC 36 -107.02 -67.44 31.52
CA ALA JC 36 -106.99 -66.08 32.10
C ALA JC 36 -108.24 -65.79 32.91
N ILE JC 37 -109.41 -66.19 32.39
CA ILE JC 37 -110.67 -65.89 33.08
C ILE JC 37 -110.73 -66.60 34.42
N TYR JC 38 -110.37 -67.89 34.46
CA TYR JC 38 -110.46 -68.64 35.70
C TYR JC 38 -109.42 -68.17 36.72
N VAL JC 39 -108.23 -67.81 36.25
CA VAL JC 39 -107.21 -67.29 37.16
C VAL JC 39 -107.65 -65.97 37.76
N TYR JC 40 -108.32 -65.14 36.97
CA TYR JC 40 -108.82 -63.86 37.47
C TYR JC 40 -109.83 -64.07 38.60
N LYS JC 41 -110.65 -65.12 38.50
CA LYS JC 41 -111.61 -65.41 39.55
C LYS JC 41 -110.93 -65.76 40.87
N VAL JC 42 -109.82 -66.50 40.80
CA VAL JC 42 -109.13 -66.94 42.00
C VAL JC 42 -108.51 -65.75 42.72
N LEU JC 43 -107.97 -64.79 41.96
CA LEU JC 43 -107.29 -63.66 42.57
C LEU JC 43 -108.24 -62.81 43.41
N LYS JC 44 -109.47 -62.62 42.93
CA LYS JC 44 -110.41 -61.78 43.66
C LYS JC 44 -110.76 -62.35 45.03
N GLN JC 45 -110.65 -63.67 45.18
CA GLN JC 45 -110.87 -64.27 46.49
C GLN JC 45 -109.76 -63.92 47.48
N VAL JC 46 -108.53 -63.72 46.98
CA VAL JC 46 -107.39 -63.42 47.83
C VAL JC 46 -107.21 -61.92 47.92
N HIS JC 47 -107.01 -61.26 46.78
CA HIS JC 47 -106.79 -59.82 46.72
C HIS JC 47 -107.84 -59.23 45.79
N PRO JC 48 -108.99 -58.80 46.34
CA PRO JC 48 -110.07 -58.28 45.48
C PRO JC 48 -109.69 -57.03 44.70
N ASP JC 49 -108.79 -56.19 45.22
CA ASP JC 49 -108.48 -54.91 44.61
C ASP JC 49 -107.15 -54.92 43.86
N THR JC 50 -106.84 -56.02 43.18
CA THR JC 50 -105.59 -56.16 42.45
C THR JC 50 -105.87 -56.45 40.98
N GLY JC 51 -105.13 -55.78 40.09
CA GLY JC 51 -105.26 -55.97 38.67
C GLY JC 51 -104.11 -56.80 38.10
N ILE JC 52 -104.35 -57.30 36.88
CA ILE JC 52 -103.37 -58.11 36.17
C ILE JC 52 -103.30 -57.64 34.73
N SER JC 53 -102.08 -57.58 34.20
CA SER JC 53 -101.83 -57.21 32.81
C SER JC 53 -102.00 -58.43 31.91
N SER JC 54 -102.06 -58.15 30.60
CA SER JC 54 -102.26 -59.22 29.63
C SER JC 54 -101.07 -60.18 29.60
N LYS JC 55 -99.85 -59.65 29.65
CA LYS JC 55 -98.67 -60.50 29.59
C LYS JC 55 -98.60 -61.44 30.80
N ALA JC 56 -98.95 -60.94 31.99
CA ALA JC 56 -98.96 -61.79 33.16
C ALA JC 56 -100.01 -62.88 33.05
N MET JC 57 -101.16 -62.56 32.46
CA MET JC 57 -102.18 -63.58 32.22
C MET JC 57 -101.67 -64.65 31.26
N SER JC 58 -100.96 -64.24 30.20
CA SER JC 58 -100.43 -65.21 29.25
C SER JC 58 -99.39 -66.11 29.90
N ILE JC 59 -98.55 -65.56 30.77
CA ILE JC 59 -97.55 -66.36 31.47
C ILE JC 59 -98.23 -67.37 32.40
N MET JC 60 -99.29 -66.93 33.09
CA MET JC 60 -99.98 -67.82 34.01
C MET JC 60 -100.60 -69.00 33.27
N ASN JC 61 -101.15 -68.76 32.08
CA ASN JC 61 -101.67 -69.86 31.26
C ASN JC 61 -100.55 -70.83 30.90
N SER JC 62 -99.37 -70.32 30.57
CA SER JC 62 -98.22 -71.19 30.32
C SER JC 62 -97.83 -71.95 31.58
N PHE JC 63 -97.87 -71.29 32.74
CA PHE JC 63 -97.52 -71.95 34.00
C PHE JC 63 -98.47 -73.10 34.30
N VAL JC 64 -99.76 -72.89 34.11
CA VAL JC 64 -100.75 -73.93 34.38
C VAL JC 64 -100.56 -75.10 33.40
N ASN JC 65 -100.41 -74.79 32.12
CA ASN JC 65 -100.26 -75.84 31.12
C ASN JC 65 -98.96 -76.60 31.31
N ASP JC 66 -97.86 -75.90 31.58
CA ASP JC 66 -96.58 -76.57 31.77
C ASP JC 66 -96.60 -77.45 33.01
N VAL JC 67 -97.20 -76.96 34.10
CA VAL JC 67 -97.33 -77.78 35.30
C VAL JC 67 -98.27 -78.95 35.03
N PHE JC 68 -99.30 -78.75 34.20
CA PHE JC 68 -100.23 -79.82 33.89
C PHE JC 68 -99.53 -80.99 33.20
N GLU JC 69 -98.60 -80.68 32.29
CA GLU JC 69 -97.88 -81.76 31.59
C GLU JC 69 -97.06 -82.59 32.57
N ARG JC 70 -96.37 -81.94 33.50
CA ARG JC 70 -95.52 -82.67 34.43
C ARG JC 70 -96.34 -83.48 35.43
N ILE JC 71 -97.37 -82.86 36.02
CA ILE JC 71 -98.14 -83.53 37.07
C ILE JC 71 -98.95 -84.69 36.48
N ALA JC 72 -99.48 -84.50 35.27
CA ALA JC 72 -100.17 -85.60 34.61
C ALA JC 72 -99.19 -86.63 34.07
N GLY JC 73 -98.01 -86.17 33.62
CA GLY JC 73 -97.00 -87.11 33.15
C GLY JC 73 -96.48 -88.00 34.26
N GLU JC 74 -96.31 -87.44 35.47
CA GLU JC 74 -95.89 -88.25 36.60
C GLU JC 74 -96.92 -89.32 36.93
N ALA JC 75 -98.20 -88.96 36.90
CA ALA JC 75 -99.25 -89.95 37.10
C ALA JC 75 -99.34 -90.90 35.91
N SER JC 76 -99.04 -90.40 34.71
CA SER JC 76 -99.08 -91.26 33.53
C SER JC 76 -98.03 -92.37 33.62
N ARG JC 77 -96.81 -92.03 34.07
CA ARG JC 77 -95.78 -93.04 34.23
C ARG JC 77 -96.10 -93.98 35.38
N LEU JC 78 -96.76 -93.48 36.43
CA LEU JC 78 -97.12 -94.33 37.55
C LEU JC 78 -98.10 -95.42 37.13
N ALA JC 79 -98.96 -95.13 36.15
CA ALA JC 79 -99.89 -96.13 35.65
C ALA JC 79 -99.15 -97.29 35.00
N HIS JC 80 -98.11 -96.99 34.22
CA HIS JC 80 -97.34 -98.04 33.57
C HIS JC 80 -96.46 -98.79 34.56
N TYR JC 81 -95.93 -98.09 35.56
CA TYR JC 81 -95.03 -98.73 36.52
C TYR JC 81 -95.76 -99.79 37.33
N ASN JC 82 -96.97 -99.49 37.79
CA ASN JC 82 -97.76 -100.42 38.59
C ASN JC 82 -98.78 -101.18 37.75
N LYS JC 83 -98.77 -101.00 36.43
CA LYS JC 83 -99.66 -101.70 35.51
C LYS JC 83 -101.13 -101.44 35.86
N ARG JC 84 -101.52 -100.18 35.78
CA ARG JC 84 -102.88 -99.74 36.05
C ARG JC 84 -103.45 -99.06 34.81
N SER JC 85 -104.70 -99.42 34.48
CA SER JC 85 -105.36 -98.88 33.30
C SER JC 85 -106.23 -97.67 33.60
N THR JC 86 -106.24 -97.20 34.84
CA THR JC 86 -107.06 -96.05 35.22
C THR JC 86 -106.25 -95.07 36.05
N ILE JC 87 -106.67 -93.81 36.01
CA ILE JC 87 -106.05 -92.74 36.78
C ILE JC 87 -107.14 -92.08 37.63
N THR JC 88 -106.92 -92.01 38.93
CA THR JC 88 -107.88 -91.40 39.85
C THR JC 88 -107.08 -90.62 40.90
N SER JC 89 -107.74 -90.26 41.99
CA SER JC 89 -107.10 -89.42 43.01
C SER JC 89 -105.86 -90.07 43.60
N ARG JC 90 -105.91 -91.40 43.80
CA ARG JC 90 -104.77 -92.09 44.42
C ARG JC 90 -103.51 -91.96 43.58
N GLU JC 91 -103.62 -92.15 42.27
CA GLU JC 91 -102.46 -92.07 41.40
C GLU JC 91 -101.89 -90.67 41.35
N ILE JC 92 -102.75 -89.65 41.32
CA ILE JC 92 -102.27 -88.28 41.16
C ILE JC 92 -101.85 -87.67 42.49
N GLN JC 93 -102.40 -88.16 43.61
CA GLN JC 93 -101.96 -87.65 44.91
C GLN JC 93 -100.49 -87.99 45.15
N THR JC 94 -100.06 -89.19 44.76
CA THR JC 94 -98.65 -89.54 44.87
C THR JC 94 -97.81 -88.69 43.94
N ALA JC 95 -98.34 -88.34 42.76
CA ALA JC 95 -97.60 -87.53 41.80
C ALA JC 95 -97.27 -86.16 42.36
N VAL JC 96 -98.23 -85.56 43.08
CA VAL JC 96 -97.97 -84.25 43.71
C VAL JC 96 -96.86 -84.38 44.74
N ARG JC 97 -96.91 -85.43 45.56
CA ARG JC 97 -95.86 -85.65 46.55
C ARG JC 97 -94.52 -85.93 45.88
N LEU JC 98 -94.53 -86.58 44.71
CA LEU JC 98 -93.29 -86.82 43.99
C LEU JC 98 -92.76 -85.55 43.35
N LEU JC 99 -93.63 -84.64 42.96
CA LEU JC 99 -93.24 -83.46 42.18
C LEU JC 99 -93.21 -82.19 43.04
N LEU JC 100 -94.32 -81.88 43.71
CA LEU JC 100 -94.38 -80.65 44.48
C LEU JC 100 -93.51 -80.76 45.72
N PRO JC 101 -92.61 -79.80 45.96
CA PRO JC 101 -91.73 -79.87 47.12
C PRO JC 101 -92.27 -79.14 48.34
N GLY JC 102 -91.83 -79.59 49.51
CA GLY JC 102 -92.11 -78.88 50.74
C GLY JC 102 -93.59 -78.86 51.09
N GLU JC 103 -94.02 -77.78 51.72
CA GLU JC 103 -95.41 -77.65 52.16
C GLU JC 103 -96.36 -77.54 50.98
N LEU JC 104 -95.84 -77.24 49.78
CA LEU JC 104 -96.71 -77.14 48.61
C LEU JC 104 -97.42 -78.45 48.33
N ALA JC 105 -96.70 -79.57 48.44
CA ALA JC 105 -97.33 -80.87 48.27
C ALA JC 105 -98.34 -81.14 49.37
N LYS JC 106 -98.00 -80.78 50.61
CA LYS JC 106 -98.89 -81.02 51.74
C LYS JC 106 -100.20 -80.24 51.59
N HIS JC 107 -100.11 -78.98 51.16
CA HIS JC 107 -101.32 -78.19 50.97
C HIS JC 107 -102.10 -78.65 49.75
N ALA JC 108 -101.39 -79.05 48.68
CA ALA JC 108 -102.06 -79.46 47.45
C ALA JC 108 -102.90 -80.72 47.69
N VAL JC 109 -102.34 -81.70 48.39
CA VAL JC 109 -103.10 -82.91 48.70
C VAL JC 109 -104.22 -82.61 49.69
N SER JC 110 -103.97 -81.71 50.65
CA SER JC 110 -105.00 -81.34 51.60
C SER JC 110 -106.15 -80.63 50.92
N GLU JC 111 -105.84 -79.65 50.07
CA GLU JC 111 -106.89 -78.99 49.29
C GLU JC 111 -107.54 -79.96 48.31
N GLY JC 112 -106.72 -80.82 47.68
CA GLY JC 112 -107.27 -81.80 46.75
C GLY JC 112 -108.16 -82.82 47.43
N THR JC 113 -107.75 -83.30 48.61
CA THR JC 113 -108.57 -84.27 49.33
C THR JC 113 -109.91 -83.67 49.73
N LYS JC 114 -109.92 -82.41 50.16
CA LYS JC 114 -111.17 -81.76 50.48
C LYS JC 114 -112.06 -81.61 49.25
N ALA JC 115 -111.45 -81.40 48.08
CA ALA JC 115 -112.22 -81.21 46.86
C ALA JC 115 -112.92 -82.51 46.42
N VAL JC 116 -112.19 -83.62 46.43
CA VAL JC 116 -112.77 -84.88 45.95
C VAL JC 116 -113.84 -85.37 46.91
N THR JC 117 -113.60 -85.25 48.22
CA THR JC 117 -114.60 -85.67 49.19
C THR JC 117 -115.87 -84.83 49.07
N LYS JC 118 -115.72 -83.52 48.83
CA LYS JC 118 -116.89 -82.68 48.60
C LYS JC 118 -117.63 -83.11 47.34
N TYR JC 119 -116.89 -83.44 46.29
CA TYR JC 119 -117.52 -83.81 45.02
C TYR JC 119 -118.28 -85.12 45.13
N THR JC 120 -117.67 -86.13 45.77
CA THR JC 120 -118.33 -87.43 45.86
C THR JC 120 -119.49 -87.41 46.85
N SER JC 121 -119.47 -86.50 47.81
CA SER JC 121 -120.55 -86.41 48.79
C SER JC 121 -121.76 -85.64 48.27
N ALA JC 122 -121.64 -84.96 47.15
CA ALA JC 122 -122.74 -84.16 46.64
C ALA JC 122 -123.81 -85.03 46.02
N LYS JC 123 -125.03 -84.94 46.57
CA LYS JC 123 -126.23 -85.66 46.11
C LYS JC 123 -125.98 -87.00 45.42
N MET KC 1 -93.53 129.94 -52.41
CA MET KC 1 -93.54 129.74 -50.97
C MET KC 1 -94.91 129.26 -50.50
N ALA KC 2 -95.96 129.73 -51.18
CA ALA KC 2 -97.32 129.42 -50.76
C ALA KC 2 -97.61 127.93 -50.86
N LYS KC 3 -97.34 127.34 -52.02
CA LYS KC 3 -97.62 125.92 -52.24
C LYS KC 3 -97.02 125.49 -53.58
N SER KC 4 -96.70 124.21 -53.68
CA SER KC 4 -96.32 123.58 -54.95
C SER KC 4 -97.39 122.61 -55.43
N ALA KC 5 -98.64 122.81 -55.01
CA ALA KC 5 -99.71 121.88 -55.34
C ALA KC 5 -99.96 121.68 -56.83
N PRO KC 6 -99.98 122.72 -57.69
CA PRO KC 6 -100.39 122.51 -59.08
C PRO KC 6 -99.59 121.43 -59.79
N ALA KC 7 -100.29 120.58 -60.54
CA ALA KC 7 -99.66 119.47 -61.24
C ALA KC 7 -98.65 119.88 -62.30
N PRO KC 8 -98.93 120.87 -63.18
CA PRO KC 8 -98.00 121.09 -64.31
C PRO KC 8 -96.57 121.43 -63.89
N LYS KC 9 -96.36 121.96 -62.70
CA LYS KC 9 -95.02 122.28 -62.23
C LYS KC 9 -94.35 121.00 -61.76
N LYS KC 10 -93.60 120.35 -62.66
CA LYS KC 10 -92.87 119.15 -62.34
C LYS KC 10 -91.64 119.08 -63.23
N GLY KC 11 -90.52 118.64 -62.65
CA GLY KC 11 -89.27 118.63 -63.39
C GLY KC 11 -88.81 120.02 -63.79
N SER KC 12 -89.06 121.01 -62.94
CA SER KC 12 -88.72 122.41 -63.25
C SER KC 12 -87.27 122.70 -62.90
N LYS KC 13 -86.38 121.90 -63.48
CA LYS KC 13 -84.95 122.09 -63.29
C LYS KC 13 -84.42 123.06 -64.34
N LYS KC 14 -83.09 123.15 -64.44
CA LYS KC 14 -82.45 124.13 -65.32
C LYS KC 14 -82.32 123.54 -66.73
N ALA KC 15 -83.41 123.70 -67.50
CA ALA KC 15 -83.45 123.17 -68.85
C ALA KC 15 -83.01 124.20 -69.89
N VAL KC 16 -83.44 125.45 -69.71
CA VAL KC 16 -83.18 126.49 -70.70
C VAL KC 16 -82.38 127.60 -70.01
N THR KC 17 -82.02 127.37 -68.75
CA THR KC 17 -81.31 128.32 -67.88
C THR KC 17 -81.77 129.76 -68.14
N LYS KC 18 -83.08 129.96 -67.98
CA LYS KC 18 -83.68 131.27 -68.22
C LYS KC 18 -83.29 132.30 -67.17
N THR KC 19 -83.03 131.86 -65.94
CA THR KC 19 -82.74 132.79 -64.86
C THR KC 19 -81.35 133.41 -65.03
N GLN KC 20 -81.14 134.51 -64.33
CA GLN KC 20 -79.88 135.23 -64.33
C GLN KC 20 -79.23 135.15 -62.95
N LYS KC 21 -77.93 135.44 -62.89
CA LYS KC 21 -77.13 135.48 -61.67
C LYS KC 21 -77.00 134.11 -61.02
N LYS KC 22 -77.50 133.04 -61.64
CA LYS KC 22 -77.63 131.77 -60.94
C LYS KC 22 -77.54 130.67 -61.98
N ASP KC 23 -76.32 130.16 -62.22
CA ASP KC 23 -76.13 129.13 -63.26
C ASP KC 23 -74.94 128.26 -62.87
N GLY KC 24 -75.21 127.12 -62.25
CA GLY KC 24 -74.16 126.20 -61.87
C GLY KC 24 -74.50 124.72 -61.95
N LYS KC 25 -75.67 124.39 -62.49
CA LYS KC 25 -76.13 122.99 -62.54
C LYS KC 25 -76.74 122.70 -63.90
N LYS KC 26 -76.76 121.41 -64.25
CA LYS KC 26 -77.28 120.94 -65.53
C LYS KC 26 -78.30 119.83 -65.26
N ARG KC 27 -79.58 120.15 -65.46
CA ARG KC 27 -80.68 119.19 -65.39
C ARG KC 27 -80.68 118.53 -64.01
N ARG KC 28 -81.17 117.29 -63.93
CA ARG KC 28 -81.20 116.54 -62.68
C ARG KC 28 -80.95 115.07 -62.98
N LYS KC 29 -79.80 114.57 -62.53
CA LYS KC 29 -79.48 113.16 -62.72
C LYS KC 29 -80.43 112.27 -61.93
N SER KC 30 -80.59 111.03 -62.40
CA SER KC 30 -81.38 110.05 -61.68
C SER KC 30 -80.84 109.88 -60.27
N ARG KC 31 -81.67 110.21 -59.28
CA ARG KC 31 -81.22 110.29 -57.89
C ARG KC 31 -80.71 108.96 -57.37
N LYS KC 32 -79.40 108.88 -57.13
CA LYS KC 32 -78.80 107.73 -56.45
C LYS KC 32 -78.71 108.09 -54.98
N GLU KC 33 -79.44 107.36 -54.15
CA GLU KC 33 -79.47 107.65 -52.72
C GLU KC 33 -78.27 107.00 -52.05
N SER KC 34 -77.16 107.74 -51.98
CA SER KC 34 -75.93 107.21 -51.41
C SER KC 34 -76.08 106.99 -49.91
N TYR KC 35 -75.44 105.93 -49.41
CA TYR KC 35 -75.37 105.64 -47.99
C TYR KC 35 -74.17 106.30 -47.33
N ALA KC 36 -73.49 107.20 -48.03
CA ALA KC 36 -72.24 107.76 -47.54
C ALA KC 36 -72.43 108.49 -46.22
N ILE KC 37 -73.50 109.28 -46.11
CA ILE KC 37 -73.75 110.02 -44.87
C ILE KC 37 -73.99 109.06 -43.72
N TYR KC 38 -74.78 108.01 -43.95
CA TYR KC 38 -75.07 107.05 -42.89
C TYR KC 38 -73.88 106.14 -42.61
N VAL KC 39 -73.10 105.82 -43.64
CA VAL KC 39 -71.87 105.06 -43.43
C VAL KC 39 -70.86 105.89 -42.66
N TYR KC 40 -70.78 107.18 -42.95
CA TYR KC 40 -69.90 108.08 -42.22
C TYR KC 40 -70.33 108.22 -40.76
N LYS KC 41 -71.63 108.11 -40.50
CA LYS KC 41 -72.13 108.26 -39.13
C LYS KC 41 -71.65 107.11 -38.25
N VAL KC 42 -71.85 105.87 -38.70
CA VAL KC 42 -71.50 104.72 -37.87
C VAL KC 42 -69.99 104.62 -37.70
N LEU KC 43 -69.23 105.00 -38.73
CA LEU KC 43 -67.77 105.00 -38.63
C LEU KC 43 -67.30 105.98 -37.56
N LYS KC 44 -67.93 107.15 -37.49
CA LYS KC 44 -67.56 108.13 -36.48
C LYS KC 44 -67.91 107.66 -35.07
N GLN KC 45 -69.05 106.76 -35.08
CA GLN KC 45 -69.45 106.36 -33.73
C GLN KC 45 -68.57 105.23 -33.21
N VAL KC 46 -67.52 104.66 -34.02
CA VAL KC 46 -66.52 103.66 -33.68
C VAL KC 46 -65.12 104.25 -33.69
N HIS KC 47 -64.77 104.99 -34.74
CA HIS KC 47 -63.46 105.63 -34.89
C HIS KC 47 -63.67 107.10 -35.18
N PRO KC 48 -63.88 107.90 -34.13
CA PRO KC 48 -64.18 109.33 -34.36
C PRO KC 48 -63.08 110.09 -35.07
N ASP KC 49 -61.81 109.73 -34.86
CA ASP KC 49 -60.68 110.47 -35.41
C ASP KC 49 -60.16 109.88 -36.71
N THR KC 50 -60.84 108.88 -37.27
CA THR KC 50 -60.38 108.20 -38.47
C THR KC 50 -61.34 108.46 -39.61
N GLY KC 51 -60.80 108.81 -40.78
CA GLY KC 51 -61.60 109.10 -41.95
C GLY KC 51 -61.73 107.91 -42.88
N ILE KC 52 -62.26 108.18 -44.07
CA ILE KC 52 -62.49 107.15 -45.07
C ILE KC 52 -62.34 107.79 -46.45
N SER KC 53 -61.92 106.99 -47.42
CA SER KC 53 -61.67 107.47 -48.78
C SER KC 53 -62.91 107.24 -49.65
N SER KC 54 -62.94 107.92 -50.80
CA SER KC 54 -64.06 107.80 -51.71
C SER KC 54 -64.11 106.41 -52.34
N LYS KC 55 -62.95 105.81 -52.60
CA LYS KC 55 -62.91 104.48 -53.19
C LYS KC 55 -63.58 103.45 -52.27
N ALA KC 56 -63.28 103.52 -50.97
CA ALA KC 56 -63.91 102.61 -50.03
C ALA KC 56 -65.38 102.92 -49.85
N MET KC 57 -65.74 104.21 -49.95
CA MET KC 57 -67.14 104.59 -49.79
C MET KC 57 -68.00 104.03 -50.91
N SER KC 58 -67.47 104.02 -52.14
CA SER KC 58 -68.21 103.44 -53.26
C SER KC 58 -68.38 101.93 -53.07
N ILE KC 59 -67.36 101.26 -52.54
CA ILE KC 59 -67.47 99.82 -52.28
C ILE KC 59 -68.58 99.53 -51.28
N MET KC 60 -68.66 100.35 -50.22
CA MET KC 60 -69.72 100.19 -49.23
C MET KC 60 -71.10 100.41 -49.84
N ASN KC 61 -71.22 101.37 -50.77
CA ASN KC 61 -72.49 101.62 -51.42
C ASN KC 61 -72.96 100.39 -52.19
N SER KC 62 -72.04 99.74 -52.92
CA SER KC 62 -72.38 98.51 -53.61
C SER KC 62 -72.64 97.37 -52.64
N PHE KC 63 -71.93 97.35 -51.51
CA PHE KC 63 -72.11 96.28 -50.53
C PHE KC 63 -73.50 96.31 -49.92
N VAL KC 64 -73.99 97.51 -49.57
CA VAL KC 64 -75.30 97.61 -48.93
C VAL KC 64 -76.40 97.17 -49.88
N ASN KC 65 -76.36 97.66 -51.13
CA ASN KC 65 -77.40 97.32 -52.10
C ASN KC 65 -77.37 95.83 -52.44
N ASP KC 66 -76.17 95.27 -52.61
CA ASP KC 66 -76.06 93.86 -52.98
C ASP KC 66 -76.50 92.95 -51.83
N VAL KC 67 -76.02 93.24 -50.62
CA VAL KC 67 -76.36 92.40 -49.47
C VAL KC 67 -77.86 92.47 -49.19
N PHE KC 68 -78.45 93.66 -49.30
CA PHE KC 68 -79.89 93.81 -49.12
C PHE KC 68 -80.66 92.95 -50.13
N GLU KC 69 -80.10 92.80 -51.34
CA GLU KC 69 -80.74 91.96 -52.35
C GLU KC 69 -80.75 90.50 -51.92
N ARG KC 70 -79.65 90.02 -51.33
CA ARG KC 70 -79.57 88.60 -50.96
C ARG KC 70 -80.55 88.26 -49.85
N ILE KC 71 -80.59 89.08 -48.80
CA ILE KC 71 -81.46 88.79 -47.66
C ILE KC 71 -82.92 88.93 -48.05
N ALA KC 72 -83.25 89.98 -48.81
CA ALA KC 72 -84.63 90.17 -49.26
C ALA KC 72 -84.99 89.15 -50.33
N GLY KC 73 -84.06 88.85 -51.23
CA GLY KC 73 -84.33 87.84 -52.25
C GLY KC 73 -84.58 86.48 -51.67
N GLU KC 74 -83.76 86.08 -50.69
CA GLU KC 74 -83.98 84.80 -50.01
C GLU KC 74 -85.25 84.84 -49.17
N ALA KC 75 -85.56 85.99 -48.56
CA ALA KC 75 -86.83 86.11 -47.84
C ALA KC 75 -88.01 86.04 -48.78
N SER KC 76 -87.84 86.53 -50.02
CA SER KC 76 -88.89 86.40 -51.01
C SER KC 76 -89.21 84.95 -51.32
N ARG KC 77 -88.17 84.12 -51.43
CA ARG KC 77 -88.39 82.69 -51.64
C ARG KC 77 -89.08 82.07 -50.44
N LEU KC 78 -88.64 82.41 -49.23
CA LEU KC 78 -89.24 81.84 -48.02
C LEU KC 78 -90.68 82.30 -47.87
N ALA KC 79 -90.98 83.52 -48.30
CA ALA KC 79 -92.36 84.01 -48.22
C ALA KC 79 -93.28 83.21 -49.13
N HIS KC 80 -92.78 82.80 -50.30
CA HIS KC 80 -93.60 82.02 -51.22
C HIS KC 80 -93.75 80.58 -50.77
N TYR KC 81 -92.79 80.06 -50.02
CA TYR KC 81 -92.83 78.65 -49.62
C TYR KC 81 -93.93 78.40 -48.61
N ASN KC 82 -94.10 79.30 -47.64
CA ASN KC 82 -95.09 79.14 -46.58
C ASN KC 82 -96.44 79.73 -46.94
N LYS KC 83 -96.75 79.84 -48.24
CA LYS KC 83 -98.04 80.29 -48.77
C LYS KC 83 -98.49 81.63 -48.18
N ARG KC 84 -97.56 82.39 -47.61
CA ARG KC 84 -97.87 83.70 -47.04
C ARG KC 84 -97.58 84.79 -48.06
N SER KC 85 -98.19 85.97 -47.83
CA SER KC 85 -98.01 87.13 -48.69
C SER KC 85 -97.44 88.33 -47.95
N THR KC 86 -97.06 88.19 -46.69
CA THR KC 86 -96.52 89.28 -45.90
C THR KC 86 -95.16 88.88 -45.35
N ILE KC 87 -94.17 89.75 -45.51
CA ILE KC 87 -92.84 89.53 -44.96
C ILE KC 87 -92.75 90.23 -43.61
N THR KC 88 -92.41 89.48 -42.57
CA THR KC 88 -92.33 90.00 -41.22
C THR KC 88 -90.94 89.76 -40.66
N SER KC 89 -90.76 90.12 -39.38
CA SER KC 89 -89.47 89.92 -38.73
C SER KC 89 -89.13 88.44 -38.58
N ARG KC 90 -90.15 87.59 -38.42
CA ARG KC 90 -89.89 86.16 -38.27
C ARG KC 90 -89.22 85.58 -39.50
N GLU KC 91 -89.67 85.95 -40.69
CA GLU KC 91 -89.07 85.45 -41.92
C GLU KC 91 -87.63 85.93 -42.06
N ILE KC 92 -87.37 87.22 -41.77
CA ILE KC 92 -86.02 87.73 -41.88
C ILE KC 92 -85.14 87.15 -40.79
N GLN KC 93 -85.69 86.95 -39.58
CA GLN KC 93 -84.93 86.28 -38.53
C GLN KC 93 -84.51 84.89 -38.96
N THR KC 94 -85.41 84.16 -39.63
CA THR KC 94 -85.04 82.89 -40.21
C THR KC 94 -83.99 83.07 -41.30
N ALA KC 95 -84.25 83.98 -42.25
CA ALA KC 95 -83.38 84.13 -43.40
C ALA KC 95 -81.98 84.63 -43.02
N VAL KC 96 -81.87 85.32 -41.89
CA VAL KC 96 -80.55 85.73 -41.40
C VAL KC 96 -79.72 84.50 -41.06
N ARG KC 97 -80.34 83.50 -40.43
CA ARG KC 97 -79.65 82.24 -40.15
C ARG KC 97 -79.28 81.53 -41.45
N LEU KC 98 -80.09 81.70 -42.50
CA LEU KC 98 -79.73 81.18 -43.81
C LEU KC 98 -78.44 81.79 -44.33
N LEU KC 99 -78.36 83.12 -44.37
CA LEU KC 99 -77.29 83.81 -45.09
C LEU KC 99 -76.11 84.14 -44.18
N LEU KC 100 -76.37 84.85 -43.08
CA LEU KC 100 -75.31 85.24 -42.18
C LEU KC 100 -74.82 84.02 -41.38
N PRO KC 101 -73.53 83.99 -41.03
CA PRO KC 101 -73.02 82.88 -40.22
C PRO KC 101 -73.55 82.88 -38.81
N GLY KC 102 -73.22 81.86 -38.03
CA GLY KC 102 -73.77 81.69 -36.69
C GLY KC 102 -73.48 82.82 -35.73
N GLU KC 103 -72.22 83.26 -35.66
CA GLU KC 103 -71.87 84.34 -34.74
C GLU KC 103 -72.42 85.68 -35.23
N LEU KC 104 -72.36 85.91 -36.54
CA LEU KC 104 -72.91 87.15 -37.08
C LEU KC 104 -74.42 87.22 -36.89
N ALA KC 105 -75.11 86.09 -37.07
CA ALA KC 105 -76.55 86.06 -36.86
C ALA KC 105 -76.90 86.27 -35.39
N LYS KC 106 -76.06 85.76 -34.49
CA LYS KC 106 -76.34 85.88 -33.06
C LYS KC 106 -76.41 87.34 -32.63
N HIS KC 107 -75.46 88.16 -33.08
CA HIS KC 107 -75.49 89.58 -32.78
C HIS KC 107 -76.60 90.29 -33.56
N ALA KC 108 -76.82 89.87 -34.81
CA ALA KC 108 -77.87 90.48 -35.62
C ALA KC 108 -79.25 90.22 -35.04
N VAL KC 109 -79.50 89.00 -34.59
CA VAL KC 109 -80.80 88.66 -34.02
C VAL KC 109 -81.01 89.39 -32.69
N SER KC 110 -79.98 89.39 -31.84
CA SER KC 110 -80.10 90.04 -30.54
C SER KC 110 -80.32 91.54 -30.68
N GLU KC 111 -79.51 92.19 -31.53
CA GLU KC 111 -79.69 93.62 -31.77
C GLU KC 111 -81.02 93.91 -32.43
N GLY KC 112 -81.41 93.07 -33.40
CA GLY KC 112 -82.69 93.27 -34.07
C GLY KC 112 -83.86 93.11 -33.14
N THR KC 113 -83.81 92.11 -32.25
CA THR KC 113 -84.90 91.89 -31.31
C THR KC 113 -85.07 93.09 -30.38
N LYS KC 114 -83.96 93.64 -29.89
CA LYS KC 114 -84.02 94.82 -29.04
C LYS KC 114 -84.56 96.03 -29.82
N ALA KC 115 -84.13 96.18 -31.07
CA ALA KC 115 -84.57 97.31 -31.88
C ALA KC 115 -86.07 97.27 -32.15
N VAL KC 116 -86.58 96.08 -32.48
CA VAL KC 116 -88.02 95.95 -32.73
C VAL KC 116 -88.82 96.22 -31.46
N THR KC 117 -88.35 95.68 -30.33
CA THR KC 117 -89.05 95.89 -29.07
C THR KC 117 -89.10 97.37 -28.69
N LYS KC 118 -87.98 98.08 -28.85
CA LYS KC 118 -87.96 99.50 -28.55
C LYS KC 118 -88.85 100.28 -29.50
N TYR KC 119 -88.88 99.89 -30.78
CA TYR KC 119 -89.73 100.57 -31.75
C TYR KC 119 -91.21 100.42 -31.39
N THR KC 120 -91.63 99.21 -31.00
CA THR KC 120 -93.03 98.97 -30.68
C THR KC 120 -93.41 99.53 -29.32
N SER KC 121 -92.53 99.41 -28.33
CA SER KC 121 -92.83 99.81 -26.95
C SER KC 121 -92.54 101.30 -26.78
N ALA KC 122 -93.28 102.10 -27.54
CA ALA KC 122 -93.16 103.56 -27.51
C ALA KC 122 -94.36 104.15 -28.24
N LYS KC 123 -94.33 105.47 -28.42
CA LYS KC 123 -95.32 106.21 -29.19
C LYS KC 123 -96.73 106.10 -28.60
N GLY LC 24 94.40 -17.08 157.63
CA GLY LC 24 93.07 -16.82 157.10
C GLY LC 24 91.97 -17.40 157.96
N LYS LC 25 90.74 -16.95 157.72
CA LYS LC 25 89.58 -17.42 158.46
C LYS LC 25 88.61 -18.21 157.59
N LYS LC 26 88.15 -17.64 156.49
CA LYS LC 26 87.29 -18.36 155.54
C LYS LC 26 87.57 -17.80 154.14
N ARG LC 27 88.48 -18.45 153.44
CA ARG LC 27 88.85 -18.06 152.08
C ARG LC 27 88.39 -19.07 151.03
N ARG LC 28 87.48 -19.97 151.40
CA ARG LC 28 87.01 -21.02 150.49
C ARG LC 28 85.87 -20.48 149.64
N LYS LC 29 86.23 -19.53 148.77
CA LYS LC 29 85.30 -18.90 147.84
C LYS LC 29 85.82 -19.15 146.43
N SER LC 30 85.35 -20.24 145.82
CA SER LC 30 85.72 -20.58 144.44
C SER LC 30 84.57 -20.13 143.54
N ARG LC 31 84.77 -18.97 142.91
CA ARG LC 31 83.73 -18.41 142.06
C ARG LC 31 83.46 -19.32 140.86
N LYS LC 32 82.18 -19.56 140.58
CA LYS LC 32 81.76 -20.41 139.47
C LYS LC 32 81.45 -19.63 138.20
N GLU LC 33 81.67 -18.30 138.21
CA GLU LC 33 81.41 -17.44 137.05
C GLU LC 33 79.96 -17.57 136.58
N SER LC 34 79.04 -17.47 137.53
CA SER LC 34 77.62 -17.54 137.23
C SER LC 34 77.08 -16.15 136.90
N TYR LC 35 75.78 -16.09 136.58
CA TYR LC 35 75.12 -14.84 136.22
C TYR LC 35 73.83 -14.66 137.01
N ALA LC 36 73.79 -15.19 138.24
CA ALA LC 36 72.55 -15.16 139.02
C ALA LC 36 72.14 -13.72 139.36
N ILE LC 37 73.11 -12.89 139.76
CA ILE LC 37 72.78 -11.53 140.17
C ILE LC 37 72.36 -10.69 138.96
N TYR LC 38 73.06 -10.85 137.83
CA TYR LC 38 72.76 -10.06 136.64
C TYR LC 38 71.40 -10.41 136.05
N VAL LC 39 70.99 -11.68 136.15
CA VAL LC 39 69.68 -12.08 135.66
C VAL LC 39 68.58 -11.39 136.46
N TYR LC 40 68.76 -11.26 137.78
CA TYR LC 40 67.77 -10.57 138.60
C TYR LC 40 67.64 -9.11 138.20
N LYS LC 41 68.77 -8.45 137.91
CA LYS LC 41 68.73 -7.03 137.55
C LYS LC 41 67.98 -6.81 136.24
N VAL LC 42 68.26 -7.64 135.24
CA VAL LC 42 67.59 -7.48 133.94
C VAL LC 42 66.14 -7.90 134.03
N LEU LC 43 65.82 -8.83 134.95
CA LEU LC 43 64.45 -9.28 135.11
C LEU LC 43 63.57 -8.17 135.65
N LYS LC 44 64.03 -7.47 136.69
CA LYS LC 44 63.24 -6.39 137.28
C LYS LC 44 63.04 -5.24 136.31
N GLN LC 45 64.06 -4.94 135.50
CA GLN LC 45 63.94 -3.87 134.53
C GLN LC 45 62.90 -4.19 133.45
N VAL LC 46 62.84 -5.46 133.04
CA VAL LC 46 61.90 -5.83 131.99
C VAL LC 46 60.58 -6.31 132.58
N HIS LC 47 60.58 -6.74 133.84
CA HIS LC 47 59.38 -7.23 134.51
C HIS LC 47 59.57 -7.09 136.02
N PRO LC 48 59.18 -5.96 136.61
CA PRO LC 48 59.47 -5.76 138.04
C PRO LC 48 58.62 -6.60 138.97
N ASP LC 49 57.36 -6.86 138.61
CA ASP LC 49 56.45 -7.54 139.51
C ASP LC 49 56.64 -9.05 139.55
N THR LC 50 57.41 -9.62 138.63
CA THR LC 50 57.63 -11.05 138.60
C THR LC 50 58.90 -11.42 139.35
N GLY LC 51 59.06 -12.72 139.63
CA GLY LC 51 60.21 -13.22 140.33
C GLY LC 51 60.82 -14.41 139.61
N ILE LC 52 61.97 -14.84 140.11
CA ILE LC 52 62.72 -15.95 139.54
C ILE LC 52 62.92 -17.00 140.63
N SER LC 53 62.77 -18.27 140.26
CA SER LC 53 62.97 -19.37 141.18
C SER LC 53 64.40 -19.90 141.07
N SER LC 54 64.91 -20.46 142.17
CA SER LC 54 66.28 -20.95 142.20
C SER LC 54 66.51 -22.05 141.17
N LYS LC 55 65.48 -22.87 140.92
CA LYS LC 55 65.62 -23.91 139.90
C LYS LC 55 65.80 -23.31 138.51
N ALA LC 56 65.10 -22.20 138.23
CA ALA LC 56 65.18 -21.58 136.91
C ALA LC 56 66.50 -20.83 136.73
N MET LC 57 67.17 -20.47 137.82
CA MET LC 57 68.46 -19.78 137.69
C MET LC 57 69.50 -20.68 137.03
N SER LC 58 69.52 -21.96 137.40
CA SER LC 58 70.43 -22.90 136.76
C SER LC 58 70.10 -23.08 135.28
N ILE LC 59 68.82 -22.95 134.92
CA ILE LC 59 68.44 -23.02 133.50
C ILE LC 59 69.08 -21.87 132.73
N MET LC 60 69.04 -20.66 133.29
CA MET LC 60 69.58 -19.51 132.59
C MET LC 60 71.11 -19.55 132.58
N ASN LC 61 71.72 -20.04 133.65
CA ASN LC 61 73.18 -20.14 133.70
C ASN LC 61 73.69 -21.05 132.60
N SER LC 62 73.03 -22.20 132.39
CA SER LC 62 73.40 -23.08 131.29
C SER LC 62 73.11 -22.44 129.95
N PHE LC 63 71.98 -21.73 129.85
CA PHE LC 63 71.62 -21.08 128.58
C PHE LC 63 72.65 -20.02 128.19
N VAL LC 64 73.08 -19.19 129.15
CA VAL LC 64 74.10 -18.19 128.85
C VAL LC 64 75.42 -18.85 128.49
N ASN LC 65 75.80 -19.90 129.23
CA ASN LC 65 77.06 -20.59 128.96
C ASN LC 65 77.04 -21.23 127.58
N ASP LC 66 75.93 -21.88 127.23
CA ASP LC 66 75.84 -22.53 125.92
C ASP LC 66 75.83 -21.49 124.79
N VAL LC 67 75.07 -20.41 124.95
CA VAL LC 67 75.01 -19.38 123.92
C VAL LC 67 76.38 -18.73 123.75
N PHE LC 68 77.05 -18.44 124.85
CA PHE LC 68 78.40 -17.87 124.77
C PHE LC 68 79.35 -18.82 124.07
N GLU LC 69 79.27 -20.11 124.40
CA GLU LC 69 80.12 -21.09 123.74
C GLU LC 69 79.81 -21.19 122.25
N ARG LC 70 78.53 -21.15 121.89
CA ARG LC 70 78.15 -21.24 120.48
C ARG LC 70 78.64 -20.03 119.69
N ILE LC 71 78.39 -18.83 120.22
CA ILE LC 71 78.77 -17.61 119.51
C ILE LC 71 80.29 -17.51 119.39
N ALA LC 72 81.00 -17.78 120.48
CA ALA LC 72 82.46 -17.73 120.45
C ALA LC 72 83.04 -18.83 119.58
N GLY LC 73 82.35 -19.97 119.51
CA GLY LC 73 82.82 -21.05 118.64
C GLY LC 73 82.80 -20.65 117.18
N GLU LC 74 81.73 -20.00 116.72
CA GLU LC 74 81.70 -19.49 115.37
C GLU LC 74 82.74 -18.40 115.15
N ALA LC 75 82.89 -17.51 116.14
CA ALA LC 75 83.89 -16.44 116.02
C ALA LC 75 85.30 -17.01 116.01
N SER LC 76 85.53 -18.11 116.72
CA SER LC 76 86.84 -18.74 116.72
C SER LC 76 87.22 -19.22 115.32
N ARG LC 77 86.29 -19.87 114.64
CA ARG LC 77 86.55 -20.34 113.29
C ARG LC 77 86.71 -19.18 112.32
N LEU LC 78 85.87 -18.14 112.46
CA LEU LC 78 85.92 -17.02 111.52
C LEU LC 78 87.25 -16.31 111.57
N ALA LC 79 87.80 -16.11 112.78
CA ALA LC 79 89.12 -15.49 112.89
C ALA LC 79 90.20 -16.36 112.25
N HIS LC 80 90.12 -17.67 112.47
CA HIS LC 80 91.09 -18.58 111.86
C HIS LC 80 90.96 -18.58 110.34
N TYR LC 81 89.73 -18.52 109.83
CA TYR LC 81 89.52 -18.56 108.40
C TYR LC 81 90.06 -17.31 107.71
N ASN LC 82 89.95 -16.15 108.35
CA ASN LC 82 90.38 -14.89 107.77
C ASN LC 82 91.83 -14.56 108.07
N LYS LC 83 92.56 -15.45 108.74
CA LYS LC 83 93.96 -15.23 109.12
C LYS LC 83 94.13 -13.93 109.90
N ARG LC 84 93.20 -13.68 110.82
CA ARG LC 84 93.22 -12.50 111.66
C ARG LC 84 93.41 -12.93 113.11
N SER LC 85 94.33 -12.26 113.80
CA SER LC 85 94.69 -12.62 115.17
C SER LC 85 93.78 -11.99 116.21
N THR LC 86 92.83 -11.14 115.81
CA THR LC 86 91.97 -10.42 116.74
C THR LC 86 90.51 -10.67 116.39
N ILE LC 87 89.72 -11.03 117.40
CA ILE LC 87 88.28 -11.17 117.27
C ILE LC 87 87.65 -9.87 117.77
N THR LC 88 86.92 -9.19 116.88
CA THR LC 88 86.32 -7.91 117.24
C THR LC 88 84.82 -7.93 116.98
N SER LC 89 84.18 -6.76 117.04
CA SER LC 89 82.74 -6.68 116.84
C SER LC 89 82.31 -7.26 115.50
N ARG LC 90 83.18 -7.18 114.49
CA ARG LC 90 82.85 -7.75 113.19
C ARG LC 90 82.66 -9.26 113.27
N GLU LC 91 83.56 -9.94 113.99
CA GLU LC 91 83.42 -11.38 114.16
C GLU LC 91 82.17 -11.73 114.97
N ILE LC 92 81.93 -10.98 116.06
CA ILE LC 92 80.77 -11.26 116.90
C ILE LC 92 79.47 -10.97 116.15
N GLN LC 93 79.42 -9.86 115.43
CA GLN LC 93 78.23 -9.54 114.64
C GLN LC 93 77.97 -10.60 113.58
N THR LC 94 79.02 -11.05 112.91
CA THR LC 94 78.87 -12.14 111.94
C THR LC 94 78.44 -13.42 112.63
N ALA LC 95 79.07 -13.76 113.77
CA ALA LC 95 78.73 -14.98 114.48
C ALA LC 95 77.29 -14.95 114.98
N VAL LC 96 76.80 -13.76 115.34
CA VAL LC 96 75.40 -13.62 115.75
C VAL LC 96 74.48 -13.98 114.60
N ARG LC 97 74.80 -13.50 113.40
CA ARG LC 97 74.01 -13.86 112.22
C ARG LC 97 74.13 -15.34 111.91
N LEU LC 98 75.29 -15.93 112.17
CA LEU LC 98 75.48 -17.35 111.94
C LEU LC 98 74.54 -18.18 112.82
N LEU LC 99 74.42 -17.83 114.09
CA LEU LC 99 73.68 -18.67 115.03
C LEU LC 99 72.21 -18.27 115.10
N LEU LC 100 71.94 -17.00 115.43
CA LEU LC 100 70.57 -16.56 115.61
C LEU LC 100 69.83 -16.51 114.28
N PRO LC 101 68.52 -16.77 114.28
CA PRO LC 101 67.73 -16.66 113.04
C PRO LC 101 67.56 -15.23 112.59
N GLY LC 102 66.79 -15.02 111.51
CA GLY LC 102 66.70 -13.69 110.93
C GLY LC 102 66.11 -12.66 111.88
N GLU LC 103 65.00 -13.02 112.54
CA GLU LC 103 64.35 -12.07 113.43
C GLU LC 103 65.18 -11.82 114.69
N LEU LC 104 65.73 -12.89 115.27
CA LEU LC 104 66.53 -12.75 116.49
C LEU LC 104 67.80 -11.96 116.22
N ALA LC 105 68.45 -12.21 115.08
CA ALA LC 105 69.69 -11.49 114.77
C ALA LC 105 69.43 -10.02 114.47
N LYS LC 106 68.27 -9.71 113.89
CA LYS LC 106 67.97 -8.33 113.52
C LYS LC 106 67.95 -7.43 114.75
N HIS LC 107 67.31 -7.89 115.83
CA HIS LC 107 67.31 -7.11 117.06
C HIS LC 107 68.64 -7.20 117.77
N ALA LC 108 69.30 -8.37 117.70
CA ALA LC 108 70.60 -8.53 118.35
C ALA LC 108 71.65 -7.59 117.74
N VAL LC 109 71.63 -7.45 116.41
CA VAL LC 109 72.56 -6.54 115.76
C VAL LC 109 72.30 -5.10 116.20
N SER LC 110 71.03 -4.73 116.32
CA SER LC 110 70.70 -3.39 116.79
C SER LC 110 71.18 -3.16 118.22
N GLU LC 111 71.03 -4.16 119.09
CA GLU LC 111 71.52 -4.03 120.45
C GLU LC 111 73.05 -3.91 120.49
N GLY LC 112 73.74 -4.71 119.67
CA GLY LC 112 75.19 -4.64 119.64
C GLY LC 112 75.70 -3.32 119.08
N THR LC 113 75.08 -2.84 118.00
CA THR LC 113 75.53 -1.59 117.39
C THR LC 113 75.30 -0.41 118.32
N LYS LC 114 74.15 -0.37 119.00
CA LYS LC 114 73.86 0.72 119.91
C LYS LC 114 74.79 0.70 121.12
N ALA LC 115 75.33 -0.49 121.45
CA ALA LC 115 76.27 -0.58 122.56
C ALA LC 115 77.60 0.06 122.22
N VAL LC 116 78.09 -0.16 121.00
CA VAL LC 116 79.37 0.39 120.59
C VAL LC 116 79.27 1.90 120.43
N THR LC 117 78.17 2.39 119.85
CA THR LC 117 78.03 3.82 119.59
C THR LC 117 78.00 4.62 120.89
N LYS LC 118 77.24 4.14 121.88
CA LYS LC 118 77.13 4.86 123.14
C LYS LC 118 78.36 4.70 124.03
N TYR LC 119 79.15 3.64 123.81
CA TYR LC 119 80.35 3.45 124.62
C TYR LC 119 81.36 4.57 124.39
N THR LC 120 81.52 4.99 123.13
CA THR LC 120 82.45 6.08 122.83
C THR LC 120 81.98 7.39 123.45
N SER LC 121 80.68 7.65 123.41
CA SER LC 121 80.12 8.89 123.96
C SER LC 121 79.89 8.77 125.47
N ALA LC 122 80.98 8.49 126.17
CA ALA LC 122 80.93 8.35 127.63
C ALA LC 122 82.33 8.57 128.19
N LYS LC 123 82.38 8.83 129.48
CA LYS LC 123 83.65 9.06 130.17
C LYS LC 123 84.03 7.85 131.02
N LYS MC 21 77.03 -28.31 -147.39
CA LYS MC 21 77.47 -27.53 -146.24
C LYS MC 21 77.27 -26.04 -146.49
N LYS MC 22 76.25 -25.47 -145.84
CA LYS MC 22 75.83 -24.07 -145.97
C LYS MC 22 75.96 -23.58 -147.41
N ASP MC 23 76.50 -22.38 -147.59
CA ASP MC 23 76.70 -21.79 -148.92
C ASP MC 23 75.39 -21.74 -149.69
N GLY MC 24 74.42 -21.04 -149.12
CA GLY MC 24 73.09 -20.96 -149.68
C GLY MC 24 72.03 -21.01 -148.60
N LYS MC 25 72.37 -21.61 -147.46
CA LYS MC 25 71.51 -21.64 -146.30
C LYS MC 25 71.77 -20.40 -145.45
N LYS MC 26 70.71 -19.91 -144.80
CA LYS MC 26 70.85 -18.72 -143.97
C LYS MC 26 71.76 -18.96 -142.77
N ARG MC 27 71.96 -20.23 -142.40
CA ARG MC 27 72.77 -20.60 -141.24
C ARG MC 27 72.27 -19.93 -139.97
N ARG MC 28 70.97 -19.70 -139.88
CA ARG MC 28 70.35 -19.14 -138.67
C ARG MC 28 69.98 -20.27 -137.69
N LYS MC 29 70.99 -21.06 -137.33
CA LYS MC 29 70.81 -22.20 -136.44
C LYS MC 29 71.17 -21.86 -135.00
N SER MC 30 71.06 -20.60 -134.60
CA SER MC 30 71.30 -20.23 -133.22
C SER MC 30 70.33 -20.95 -132.31
N ARG MC 31 70.84 -21.52 -131.23
CA ARG MC 31 70.06 -22.38 -130.35
C ARG MC 31 69.97 -21.78 -128.95
N LYS MC 32 68.76 -21.62 -128.45
CA LYS MC 32 68.50 -21.25 -127.06
C LYS MC 32 67.93 -22.47 -126.35
N GLU MC 33 68.53 -22.84 -125.23
CA GLU MC 33 68.10 -24.03 -124.51
C GLU MC 33 66.66 -23.87 -124.03
N SER MC 34 65.75 -24.63 -124.65
CA SER MC 34 64.33 -24.50 -124.38
C SER MC 34 63.75 -25.87 -124.04
N TYR MC 35 62.64 -25.84 -123.29
CA TYR MC 35 61.94 -27.05 -122.91
C TYR MC 35 60.48 -27.05 -123.33
N ALA MC 36 60.06 -26.11 -124.18
CA ALA MC 36 58.64 -25.99 -124.52
C ALA MC 36 58.13 -27.23 -125.24
N ILE MC 37 58.93 -27.79 -126.15
CA ILE MC 37 58.52 -28.99 -126.88
C ILE MC 37 58.34 -30.15 -125.92
N TYR MC 38 59.29 -30.33 -125.00
CA TYR MC 38 59.18 -31.40 -124.01
C TYR MC 38 58.06 -31.14 -123.02
N VAL MC 39 57.86 -29.88 -122.66
CA VAL MC 39 56.72 -29.53 -121.79
C VAL MC 39 55.41 -29.84 -122.47
N TYR MC 40 55.32 -29.55 -123.78
CA TYR MC 40 54.09 -29.84 -124.52
C TYR MC 40 53.79 -31.33 -124.54
N LYS MC 41 54.84 -32.16 -124.71
CA LYS MC 41 54.63 -33.60 -124.69
C LYS MC 41 54.14 -34.07 -123.33
N VAL MC 42 54.67 -33.48 -122.25
CA VAL MC 42 54.22 -33.83 -120.90
C VAL MC 42 52.74 -33.48 -120.74
N LEU MC 43 52.32 -32.34 -121.30
CA LEU MC 43 50.91 -31.95 -121.20
C LEU MC 43 50.01 -32.97 -121.89
N LYS MC 44 50.42 -33.47 -123.06
CA LYS MC 44 49.63 -34.48 -123.74
C LYS MC 44 49.66 -35.81 -123.00
N GLN MC 45 50.73 -36.09 -122.25
CA GLN MC 45 50.84 -37.33 -121.50
C GLN MC 45 50.14 -37.29 -120.16
N VAL MC 46 49.71 -36.12 -119.70
CA VAL MC 46 48.89 -36.01 -118.52
C VAL MC 46 47.46 -35.58 -118.83
N HIS MC 47 47.25 -34.84 -119.93
CA HIS MC 47 45.93 -34.47 -120.42
C HIS MC 47 45.81 -34.93 -121.86
N PRO MC 48 45.02 -35.98 -122.14
CA PRO MC 48 45.03 -36.56 -123.50
C PRO MC 48 44.70 -35.58 -124.61
N ASP MC 49 43.72 -34.71 -124.41
CA ASP MC 49 43.28 -33.73 -125.42
C ASP MC 49 43.23 -32.35 -124.77
N THR MC 50 44.36 -31.66 -124.75
CA THR MC 50 44.43 -30.32 -124.19
C THR MC 50 45.58 -29.59 -124.87
N GLY MC 51 45.41 -28.27 -125.01
CA GLY MC 51 46.40 -27.46 -125.70
C GLY MC 51 47.00 -26.42 -124.76
N ILE MC 52 48.09 -25.82 -125.23
CA ILE MC 52 48.80 -24.78 -124.50
C ILE MC 52 49.00 -23.59 -125.40
N SER MC 53 48.88 -22.39 -124.83
CA SER MC 53 49.09 -21.15 -125.57
C SER MC 53 50.59 -20.83 -125.62
N SER MC 54 51.01 -20.26 -126.76
CA SER MC 54 52.41 -19.87 -126.90
C SER MC 54 52.80 -18.79 -125.89
N LYS MC 55 51.83 -17.97 -125.47
CA LYS MC 55 52.10 -16.98 -124.43
C LYS MC 55 52.46 -17.66 -123.12
N ALA MC 56 51.76 -18.73 -122.77
CA ALA MC 56 52.10 -19.48 -121.56
C ALA MC 56 53.34 -20.34 -121.77
N MET MC 57 53.67 -20.65 -123.04
CA MET MC 57 54.87 -21.44 -123.31
C MET MC 57 56.14 -20.71 -122.87
N SER MC 58 56.19 -19.39 -123.10
CA SER MC 58 57.37 -18.63 -122.70
C SER MC 58 57.51 -18.58 -121.18
N ILE MC 59 56.40 -18.66 -120.45
CA ILE MC 59 56.47 -18.63 -119.00
C ILE MC 59 57.17 -19.87 -118.47
N MET MC 60 56.75 -21.04 -118.94
CA MET MC 60 57.32 -22.29 -118.45
C MET MC 60 58.70 -22.58 -119.05
N ASN MC 61 59.03 -21.97 -120.19
CA ASN MC 61 60.36 -22.16 -120.76
C ASN MC 61 61.43 -21.59 -119.85
N SER MC 62 61.22 -20.39 -119.32
CA SER MC 62 62.15 -19.82 -118.36
C SER MC 62 61.98 -20.42 -116.98
N PHE MC 63 60.79 -20.95 -116.67
CA PHE MC 63 60.53 -21.48 -115.34
C PHE MC 63 61.38 -22.73 -115.06
N VAL MC 64 61.35 -23.70 -115.99
CA VAL MC 64 62.09 -24.94 -115.76
C VAL MC 64 63.60 -24.68 -115.77
N ASN MC 65 64.05 -23.76 -116.61
CA ASN MC 65 65.47 -23.40 -116.62
C ASN MC 65 65.87 -22.75 -115.29
N ASP MC 66 65.02 -21.88 -114.75
CA ASP MC 66 65.29 -21.28 -113.46
C ASP MC 66 65.29 -22.34 -112.35
N VAL MC 67 64.34 -23.28 -112.41
CA VAL MC 67 64.32 -24.37 -111.43
C VAL MC 67 65.58 -25.22 -111.55
N PHE MC 68 66.04 -25.44 -112.79
CA PHE MC 68 67.26 -26.22 -112.99
C PHE MC 68 68.46 -25.55 -112.33
N GLU MC 69 68.60 -24.23 -112.54
CA GLU MC 69 69.72 -23.52 -111.93
C GLU MC 69 69.61 -23.49 -110.42
N ARG MC 70 68.40 -23.30 -109.89
CA ARG MC 70 68.21 -23.27 -108.44
C ARG MC 70 68.55 -24.62 -107.82
N ILE MC 71 68.10 -25.72 -108.43
CA ILE MC 71 68.41 -27.03 -107.90
C ILE MC 71 69.89 -27.34 -108.07
N ALA MC 72 70.44 -27.07 -109.26
CA ALA MC 72 71.86 -27.31 -109.48
C ALA MC 72 72.72 -26.40 -108.62
N GLY MC 73 72.21 -25.22 -108.29
CA GLY MC 73 72.93 -24.35 -107.35
C GLY MC 73 73.06 -24.96 -105.98
N GLU MC 74 72.00 -25.60 -105.50
CA GLU MC 74 72.07 -26.32 -104.23
C GLU MC 74 73.04 -27.49 -104.33
N ALA MC 75 72.97 -28.25 -105.42
CA ALA MC 75 73.84 -29.41 -105.57
C ALA MC 75 75.31 -28.99 -105.67
N SER MC 76 75.59 -27.94 -106.43
CA SER MC 76 76.97 -27.47 -106.58
C SER MC 76 77.52 -26.98 -105.25
N ARG MC 77 76.73 -26.20 -104.51
CA ARG MC 77 77.18 -25.72 -103.22
C ARG MC 77 77.37 -26.86 -102.23
N LEU MC 78 76.46 -27.84 -102.24
CA LEU MC 78 76.57 -28.97 -101.33
C LEU MC 78 77.84 -29.77 -101.61
N ALA MC 79 78.17 -29.98 -102.88
CA ALA MC 79 79.39 -30.70 -103.23
C ALA MC 79 80.63 -29.92 -102.79
N HIS MC 80 80.61 -28.60 -102.96
CA HIS MC 80 81.75 -27.78 -102.54
C HIS MC 80 81.94 -27.82 -101.03
N TYR MC 81 80.83 -27.82 -100.27
CA TYR MC 81 80.93 -27.86 -98.82
C TYR MC 81 81.54 -29.17 -98.34
N ASN MC 82 81.22 -30.28 -99.00
CA ASN MC 82 81.70 -31.60 -98.62
C ASN MC 82 83.05 -31.94 -99.23
N LYS MC 83 83.66 -31.02 -99.97
CA LYS MC 83 84.97 -31.23 -100.60
C LYS MC 83 84.94 -32.45 -101.53
N ARG MC 84 83.87 -32.55 -102.31
CA ARG MC 84 83.70 -33.62 -103.28
C ARG MC 84 83.66 -33.03 -104.69
N SER MC 85 84.27 -33.76 -105.62
CA SER MC 85 84.34 -33.33 -107.02
C SER MC 85 83.23 -33.90 -107.88
N THR MC 86 82.30 -34.67 -107.31
CA THR MC 86 81.27 -35.34 -108.08
C THR MC 86 79.89 -35.01 -107.51
N ILE MC 87 78.90 -34.99 -108.39
CA ILE MC 87 77.50 -34.85 -108.02
C ILE MC 87 76.75 -36.07 -108.52
N THR MC 88 75.93 -36.66 -107.66
CA THR MC 88 75.14 -37.83 -108.01
C THR MC 88 73.74 -37.64 -107.42
N SER MC 89 72.97 -38.73 -107.40
CA SER MC 89 71.59 -38.66 -106.91
C SER MC 89 71.53 -38.22 -105.45
N ARG MC 90 72.58 -38.49 -104.68
CA ARG MC 90 72.59 -38.13 -103.26
C ARG MC 90 72.53 -36.61 -103.09
N GLU MC 91 73.29 -35.87 -103.89
CA GLU MC 91 73.30 -34.41 -103.76
C GLU MC 91 71.99 -33.81 -104.22
N ILE MC 92 71.47 -34.28 -105.35
CA ILE MC 92 70.24 -33.70 -105.90
C ILE MC 92 69.04 -34.07 -105.02
N GLN MC 93 68.99 -35.31 -104.53
CA GLN MC 93 67.95 -35.67 -103.58
C GLN MC 93 68.04 -34.81 -102.32
N THR MC 94 69.26 -34.53 -101.86
CA THR MC 94 69.44 -33.57 -100.79
C THR MC 94 68.89 -32.20 -101.18
N ALA MC 95 69.17 -31.77 -102.40
CA ALA MC 95 68.66 -30.49 -102.87
C ALA MC 95 67.14 -30.48 -102.98
N VAL MC 96 66.56 -31.59 -103.44
CA VAL MC 96 65.11 -31.66 -103.59
C VAL MC 96 64.43 -31.57 -102.23
N ARG MC 97 64.91 -32.35 -101.26
CA ARG MC 97 64.41 -32.22 -99.89
C ARG MC 97 64.65 -30.80 -99.38
N LEU MC 98 65.77 -30.21 -99.78
CA LEU MC 98 66.21 -28.94 -99.21
C LEU MC 98 65.33 -27.79 -99.71
N LEU MC 99 64.84 -27.88 -100.95
CA LEU MC 99 63.98 -26.85 -101.53
C LEU MC 99 62.50 -27.22 -101.44
N LEU MC 100 62.14 -28.39 -101.99
CA LEU MC 100 60.73 -28.72 -102.16
C LEU MC 100 60.09 -29.01 -100.81
N PRO MC 101 58.94 -28.40 -100.51
CA PRO MC 101 58.30 -28.61 -99.20
C PRO MC 101 57.24 -29.70 -99.21
N GLY MC 102 57.16 -30.41 -98.08
CA GLY MC 102 56.02 -31.28 -97.83
C GLY MC 102 55.87 -32.40 -98.82
N GLU MC 103 54.63 -32.57 -99.31
CA GLU MC 103 54.31 -33.68 -100.20
C GLU MC 103 55.09 -33.60 -101.51
N LEU MC 104 55.43 -32.39 -101.96
CA LEU MC 104 56.20 -32.26 -103.19
C LEU MC 104 57.57 -32.92 -103.06
N ALA MC 105 58.23 -32.72 -101.91
CA ALA MC 105 59.53 -33.37 -101.68
C ALA MC 105 59.38 -34.89 -101.65
N LYS MC 106 58.33 -35.39 -100.98
CA LYS MC 106 58.12 -36.83 -100.90
C LYS MC 106 57.87 -37.43 -102.27
N HIS MC 107 57.06 -36.76 -103.10
CA HIS MC 107 56.76 -37.29 -104.42
C HIS MC 107 57.91 -37.08 -105.40
N ALA MC 108 58.62 -35.95 -105.29
CA ALA MC 108 59.72 -35.69 -106.21
C ALA MC 108 60.84 -36.72 -106.04
N VAL MC 109 61.18 -37.05 -104.80
CA VAL MC 109 62.16 -38.11 -104.58
C VAL MC 109 61.59 -39.46 -104.99
N SER MC 110 60.30 -39.67 -104.79
CA SER MC 110 59.67 -40.91 -105.21
C SER MC 110 59.81 -41.12 -106.71
N GLU MC 111 59.60 -40.06 -107.49
CA GLU MC 111 59.90 -40.12 -108.92
C GLU MC 111 61.41 -40.23 -109.15
N GLY MC 112 62.20 -39.60 -108.29
CA GLY MC 112 63.64 -39.62 -108.47
C GLY MC 112 64.25 -41.00 -108.32
N THR MC 113 63.87 -41.73 -107.27
CA THR MC 113 64.38 -43.09 -107.10
C THR MC 113 63.72 -44.05 -108.07
N LYS MC 114 62.54 -43.70 -108.56
CA LYS MC 114 61.90 -44.53 -109.59
C LYS MC 114 62.70 -44.46 -110.89
N ALA MC 115 63.23 -43.28 -111.23
CA ALA MC 115 63.98 -43.14 -112.47
C ALA MC 115 65.31 -43.88 -112.41
N VAL MC 116 66.02 -43.79 -111.30
CA VAL MC 116 67.37 -44.35 -111.23
C VAL MC 116 67.32 -45.87 -111.26
N THR MC 117 66.32 -46.48 -110.62
CA THR MC 117 66.25 -47.94 -110.57
C THR MC 117 65.89 -48.50 -111.94
N LYS MC 118 65.08 -47.79 -112.72
CA LYS MC 118 64.78 -48.23 -114.08
C LYS MC 118 65.96 -47.95 -115.00
N TYR MC 119 66.72 -46.88 -114.74
CA TYR MC 119 67.92 -46.60 -115.52
C TYR MC 119 68.94 -47.71 -115.36
N THR MC 120 69.16 -48.17 -114.12
CA THR MC 120 70.10 -49.25 -113.86
C THR MC 120 69.57 -50.60 -114.32
N SER MC 121 68.27 -50.72 -114.58
CA SER MC 121 67.67 -51.97 -115.04
C SER MC 121 67.59 -52.06 -116.56
N ALA MC 122 68.06 -51.04 -117.27
CA ALA MC 122 68.10 -51.04 -118.72
C ALA MC 122 69.45 -51.56 -119.18
N LYS MC 123 69.55 -51.95 -120.45
CA LYS MC 123 70.77 -52.54 -120.97
C LYS MC 123 71.93 -51.54 -121.03
N MET NC 1 89.18 35.69 116.11
CA MET NC 1 88.50 34.43 116.35
C MET NC 1 88.27 34.21 117.84
N ALA NC 2 88.77 35.13 118.66
CA ALA NC 2 88.61 35.09 120.10
C ALA NC 2 87.59 36.16 120.52
N LYS NC 3 86.60 35.74 121.29
CA LYS NC 3 85.52 36.63 121.71
C LYS NC 3 85.32 36.50 123.22
N SER NC 4 85.08 37.62 123.88
CA SER NC 4 84.93 37.65 125.33
C SER NC 4 83.79 38.59 125.72
N ALA NC 5 82.80 38.03 126.42
CA ALA NC 5 81.69 38.77 127.04
C ALA NC 5 80.98 39.68 126.05
N PRO NC 6 80.23 39.13 125.10
CA PRO NC 6 79.44 39.99 124.20
C PRO NC 6 78.31 40.70 124.93
N ALA NC 7 77.99 41.89 124.45
CA ALA NC 7 76.88 42.68 124.99
C ALA NC 7 75.58 42.31 124.29
N PRO NC 8 74.45 42.40 124.99
CA PRO NC 8 73.16 42.01 124.37
C PRO NC 8 72.57 43.11 123.49
N LYS NC 9 73.27 43.40 122.39
CA LYS NC 9 72.81 44.38 121.41
C LYS NC 9 73.05 43.88 120.00
N LYS NC 10 72.81 42.59 119.77
CA LYS NC 10 73.01 41.96 118.46
C LYS NC 10 71.81 41.08 118.13
N GLY NC 11 70.61 41.63 118.30
CA GLY NC 11 69.39 40.87 118.05
C GLY NC 11 68.85 41.02 116.64
N SER NC 12 69.66 41.58 115.73
CA SER NC 12 69.24 41.78 114.36
C SER NC 12 70.43 41.55 113.44
N LYS NC 13 70.12 41.26 112.18
CA LYS NC 13 71.17 41.00 111.19
C LYS NC 13 70.63 41.30 109.80
N LYS NC 14 71.57 41.46 108.86
CA LYS NC 14 71.27 41.64 107.43
C LYS NC 14 70.38 42.87 107.18
N ALA NC 15 70.77 43.99 107.77
CA ALA NC 15 70.26 45.30 107.36
C ALA NC 15 71.05 45.73 106.13
N VAL NC 16 70.98 47.01 105.78
CA VAL NC 16 71.88 47.55 104.76
C VAL NC 16 73.30 47.26 105.24
N THR NC 17 74.01 46.42 104.50
CA THR NC 17 75.21 45.76 105.00
C THR NC 17 76.46 46.26 104.31
N LYS NC 18 77.54 46.38 105.07
CA LYS NC 18 78.83 46.80 104.53
C LYS NC 18 79.40 45.76 103.57
N THR NC 19 79.29 44.48 103.91
CA THR NC 19 79.73 43.37 103.07
C THR NC 19 81.20 43.50 102.70
N GLN NC 20 82.04 43.48 103.73
CA GLN NC 20 83.50 43.50 103.54
C GLN NC 20 84.01 42.06 103.58
N LYS NC 21 84.02 41.41 102.41
CA LYS NC 21 84.51 40.06 102.18
C LYS NC 21 83.58 38.99 102.78
N LYS NC 22 82.55 39.39 103.52
CA LYS NC 22 81.64 38.45 104.16
C LYS NC 22 80.24 38.66 103.59
N ASP NC 23 79.74 37.65 102.89
CA ASP NC 23 78.38 37.67 102.37
C ASP NC 23 77.39 37.28 103.46
N GLY NC 24 76.09 37.35 103.15
CA GLY NC 24 75.06 37.09 104.13
C GLY NC 24 74.04 36.10 103.62
N LYS NC 25 73.37 35.45 104.58
CA LYS NC 25 72.29 34.51 104.30
C LYS NC 25 70.92 35.12 104.50
N LYS NC 26 70.77 36.40 104.16
CA LYS NC 26 69.52 37.14 104.33
C LYS NC 26 69.13 37.25 105.81
N ARG NC 27 67.96 37.79 106.09
CA ARG NC 27 67.56 38.04 107.47
C ARG NC 27 67.20 36.72 108.16
N ARG NC 28 67.08 36.80 109.48
CA ARG NC 28 66.80 35.63 110.30
C ARG NC 28 65.41 35.06 109.98
N LYS NC 29 65.28 33.75 110.16
CA LYS NC 29 64.04 33.03 109.91
C LYS NC 29 63.56 32.40 111.21
N SER NC 30 62.24 32.37 111.40
CA SER NC 30 61.66 31.75 112.57
C SER NC 30 62.04 30.28 112.63
N ARG NC 31 62.47 29.83 113.81
CA ARG NC 31 62.99 28.47 113.96
C ARG NC 31 61.86 27.45 113.95
N LYS NC 32 62.00 26.45 113.09
CA LYS NC 32 61.08 25.31 113.06
C LYS NC 32 61.83 24.13 113.66
N GLU NC 33 61.43 23.73 114.87
CA GLU NC 33 62.14 22.69 115.60
C GLU NC 33 61.83 21.31 115.01
N SER NC 34 62.33 21.06 113.81
CA SER NC 34 62.12 19.77 113.15
C SER NC 34 63.02 18.71 113.78
N TYR NC 35 62.63 17.45 113.58
CA TYR NC 35 63.35 16.29 114.10
C TYR NC 35 64.20 15.64 113.02
N ALA NC 36 64.81 16.44 112.14
CA ALA NC 36 65.48 15.89 110.96
C ALA NC 36 66.64 14.97 111.34
N ILE NC 37 67.55 15.44 112.20
CA ILE NC 37 68.70 14.62 112.54
C ILE NC 37 68.29 13.44 113.40
N TYR NC 38 67.31 13.63 114.29
CA TYR NC 38 66.94 12.58 115.24
C TYR NC 38 66.16 11.45 114.57
N VAL NC 39 65.22 11.79 113.69
CA VAL NC 39 64.46 10.76 112.98
C VAL NC 39 65.36 9.95 112.07
N TYR NC 40 66.26 10.63 111.36
CA TYR NC 40 67.21 9.92 110.50
C TYR NC 40 68.16 9.05 111.31
N LYS NC 41 68.39 9.41 112.58
CA LYS NC 41 69.30 8.64 113.41
C LYS NC 41 68.74 7.25 113.71
N VAL NC 42 67.48 7.17 114.14
CA VAL NC 42 66.91 5.88 114.53
C VAL NC 42 66.73 4.99 113.31
N LEU NC 43 66.52 5.57 112.13
CA LEU NC 43 66.38 4.76 110.92
C LEU NC 43 67.66 3.99 110.63
N LYS NC 44 68.81 4.64 110.78
CA LYS NC 44 70.08 3.95 110.57
C LYS NC 44 70.35 2.95 111.70
N GLN NC 45 69.76 3.17 112.87
CA GLN NC 45 69.91 2.21 113.96
C GLN NC 45 69.18 0.90 113.66
N VAL NC 46 68.04 0.97 112.99
CA VAL NC 46 67.24 -0.21 112.71
C VAL NC 46 67.43 -0.71 111.28
N HIS NC 47 67.76 0.20 110.36
CA HIS NC 47 67.98 -0.14 108.95
C HIS NC 47 69.08 0.76 108.40
N PRO NC 48 70.34 0.40 108.64
CA PRO NC 48 71.45 1.25 108.14
C PRO NC 48 71.53 1.30 106.63
N ASP NC 49 70.94 0.36 105.91
CA ASP NC 49 71.05 0.30 104.46
C ASP NC 49 69.91 0.97 103.73
N THR NC 50 69.02 1.66 104.44
CA THR NC 50 67.84 2.27 103.85
C THR NC 50 67.86 3.78 104.05
N GLY NC 51 67.41 4.50 103.02
CA GLY NC 51 67.30 5.94 103.08
C GLY NC 51 65.88 6.40 103.28
N ILE NC 52 65.61 7.70 103.14
CA ILE NC 52 64.26 8.24 103.34
C ILE NC 52 64.16 9.54 102.56
N SER NC 53 62.99 9.75 101.94
CA SER NC 53 62.73 10.94 101.14
C SER NC 53 62.40 12.13 102.02
N SER NC 54 62.40 13.31 101.40
CA SER NC 54 62.07 14.53 102.14
C SER NC 54 60.57 14.65 102.38
N LYS NC 55 59.74 14.22 101.43
CA LYS NC 55 58.30 14.27 101.61
C LYS NC 55 57.87 13.39 102.78
N ALA NC 56 58.41 12.17 102.86
CA ALA NC 56 58.12 11.32 104.01
C ALA NC 56 58.77 11.86 105.27
N MET NC 57 59.80 12.69 105.10
CA MET NC 57 60.49 13.24 106.27
C MET NC 57 59.65 14.32 106.93
N SER NC 58 59.01 15.17 106.13
CA SER NC 58 58.10 16.16 106.69
C SER NC 58 56.88 15.51 107.31
N ILE NC 59 56.42 14.39 106.74
CA ILE NC 59 55.29 13.67 107.31
C ILE NC 59 55.65 13.14 108.70
N MET NC 60 56.85 12.57 108.83
CA MET NC 60 57.29 12.05 110.14
C MET NC 60 57.49 13.20 111.12
N ASN NC 61 57.89 14.37 110.64
CA ASN NC 61 58.03 15.53 111.52
C ASN NC 61 56.69 15.90 112.15
N SER NC 62 55.62 15.89 111.36
CA SER NC 62 54.29 16.14 111.91
C SER NC 62 53.85 15.01 112.84
N PHE NC 63 54.30 13.79 112.58
CA PHE NC 63 53.91 12.65 113.41
C PHE NC 63 54.37 12.82 114.84
N VAL NC 64 55.62 13.28 115.03
CA VAL NC 64 56.16 13.45 116.37
C VAL NC 64 55.36 14.52 117.13
N ASN NC 65 55.08 15.65 116.46
CA ASN NC 65 54.32 16.71 117.11
C ASN NC 65 52.87 16.28 117.37
N ASP NC 66 52.25 15.59 116.41
CA ASP NC 66 50.87 15.18 116.58
C ASP NC 66 50.72 14.17 117.72
N VAL NC 67 51.64 13.20 117.79
CA VAL NC 67 51.59 12.23 118.88
C VAL NC 67 51.84 12.91 120.21
N PHE NC 68 52.80 13.84 120.25
CA PHE NC 68 53.09 14.56 121.48
C PHE NC 68 51.88 15.36 121.95
N GLU NC 69 51.16 15.97 121.01
CA GLU NC 69 50.00 16.79 121.38
C GLU NC 69 48.94 15.94 122.08
N ARG NC 70 48.69 14.73 121.57
CA ARG NC 70 47.66 13.88 122.17
C ARG NC 70 48.08 13.38 123.55
N ILE NC 71 49.32 12.89 123.67
CA ILE NC 71 49.76 12.31 124.93
C ILE NC 71 49.93 13.39 125.99
N ALA NC 72 50.44 14.56 125.61
CA ALA NC 72 50.57 15.66 126.56
C ALA NC 72 49.21 16.19 126.98
N GLY NC 73 48.27 16.27 126.03
CA GLY NC 73 46.93 16.69 126.37
C GLY NC 73 46.24 15.72 127.31
N GLU NC 74 46.43 14.41 127.08
CA GLU NC 74 45.88 13.41 127.99
C GLU NC 74 46.50 13.54 129.37
N ALA NC 75 47.81 13.77 129.44
CA ALA NC 75 48.46 14.03 130.72
C ALA NC 75 47.93 15.31 131.35
N SER NC 76 47.72 16.35 130.54
CA SER NC 76 47.13 17.59 131.06
C SER NC 76 45.71 17.35 131.55
N ARG NC 77 44.93 16.56 130.80
CA ARG NC 77 43.57 16.25 131.23
C ARG NC 77 43.57 15.46 132.53
N LEU NC 78 44.50 14.50 132.65
CA LEU NC 78 44.58 13.70 133.87
C LEU NC 78 44.94 14.56 135.07
N ALA NC 79 45.83 15.54 134.89
CA ALA NC 79 46.21 16.40 136.00
C ALA NC 79 45.03 17.21 136.51
N HIS NC 80 44.19 17.70 135.61
CA HIS NC 80 43.02 18.47 136.03
C HIS NC 80 41.95 17.56 136.64
N TYR NC 81 41.86 16.31 136.17
CA TYR NC 81 40.83 15.41 136.68
C TYR NC 81 41.07 15.06 138.15
N ASN NC 82 42.32 14.81 138.52
CA ASN NC 82 42.66 14.41 139.88
C ASN NC 82 43.16 15.57 140.74
N LYS NC 83 43.02 16.80 140.26
CA LYS NC 83 43.42 18.01 140.99
C LYS NC 83 44.92 17.97 141.34
N ARG NC 84 45.74 17.93 140.29
CA ARG NC 84 47.18 17.93 140.42
C ARG NC 84 47.76 19.07 139.61
N SER NC 85 48.63 19.85 140.25
CA SER NC 85 49.25 21.00 139.59
C SER NC 85 50.54 20.66 138.86
N THR NC 86 51.23 19.61 139.29
CA THR NC 86 52.50 19.21 138.68
C THR NC 86 52.32 17.91 137.91
N ILE NC 87 52.79 17.91 136.67
CA ILE NC 87 52.74 16.73 135.81
C ILE NC 87 54.09 16.05 135.84
N THR NC 88 54.09 14.75 136.14
CA THR NC 88 55.32 13.98 136.25
C THR NC 88 55.26 12.75 135.34
N SER NC 89 56.23 11.85 135.50
CA SER NC 89 56.29 10.65 134.66
C SER NC 89 55.05 9.78 134.87
N ARG NC 90 54.51 9.75 136.09
CA ARG NC 90 53.33 8.94 136.36
C ARG NC 90 52.13 9.41 135.56
N GLU NC 91 51.96 10.74 135.42
CA GLU NC 91 50.83 11.27 134.67
C GLU NC 91 50.87 10.84 133.21
N ILE NC 92 52.05 10.93 132.59
CA ILE NC 92 52.19 10.52 131.19
C ILE NC 92 52.10 9.00 131.07
N GLN NC 93 52.69 8.28 132.03
CA GLN NC 93 52.61 6.82 132.01
C GLN NC 93 51.16 6.35 132.07
N THR NC 94 50.36 7.00 132.92
CA THR NC 94 48.93 6.71 132.94
C THR NC 94 48.27 7.06 131.62
N ALA NC 95 48.66 8.19 131.04
CA ALA NC 95 48.05 8.62 129.77
C ALA NC 95 48.41 7.69 128.62
N VAL NC 96 49.53 6.98 128.73
CA VAL NC 96 49.94 6.07 127.65
C VAL NC 96 48.92 4.96 127.47
N ARG NC 97 48.42 4.39 128.57
CA ARG NC 97 47.41 3.34 128.48
C ARG NC 97 46.13 3.85 127.85
N LEU NC 98 45.83 5.14 128.01
CA LEU NC 98 44.61 5.70 127.44
C LEU NC 98 44.72 5.87 125.93
N LEU NC 99 45.89 6.30 125.45
CA LEU NC 99 46.06 6.62 124.04
C LEU NC 99 46.53 5.42 123.22
N LEU NC 100 47.68 4.87 123.57
CA LEU NC 100 48.22 3.74 122.83
C LEU NC 100 47.44 2.48 123.18
N PRO NC 101 46.86 1.79 122.20
CA PRO NC 101 46.04 0.61 122.50
C PRO NC 101 46.81 -0.69 122.43
N GLY NC 102 46.35 -1.66 123.22
CA GLY NC 102 46.89 -3.01 123.16
C GLY NC 102 48.34 -3.08 123.61
N GLU NC 103 49.08 -3.98 122.97
CA GLU NC 103 50.49 -4.17 123.32
C GLU NC 103 51.37 -3.02 122.87
N LEU NC 104 50.84 -2.09 122.07
CA LEU NC 104 51.61 -0.92 121.69
C LEU NC 104 51.97 -0.07 122.90
N ALA NC 105 51.05 0.04 123.87
CA ALA NC 105 51.36 0.75 125.10
C ALA NC 105 52.35 -0.02 125.97
N LYS NC 106 52.40 -1.35 125.81
CA LYS NC 106 53.34 -2.14 126.58
C LYS NC 106 54.78 -1.78 126.25
N HIS NC 107 55.07 -1.59 124.95
CA HIS NC 107 56.42 -1.18 124.56
C HIS NC 107 56.76 0.20 125.09
N ALA NC 108 55.80 1.13 125.06
CA ALA NC 108 56.06 2.48 125.57
C ALA NC 108 56.31 2.46 127.07
N VAL NC 109 55.51 1.69 127.81
CA VAL NC 109 55.67 1.63 129.26
C VAL NC 109 56.99 0.94 129.62
N SER NC 110 57.29 -0.18 128.97
CA SER NC 110 58.51 -0.93 129.30
C SER NC 110 59.77 -0.13 128.98
N GLU NC 111 59.84 0.41 127.76
CA GLU NC 111 61.02 1.16 127.37
C GLU NC 111 61.16 2.44 128.17
N GLY NC 112 60.06 3.13 128.43
CA GLY NC 112 60.11 4.36 129.21
C GLY NC 112 60.56 4.13 130.63
N THR NC 113 60.07 3.04 131.25
CA THR NC 113 60.47 2.72 132.61
C THR NC 113 61.97 2.45 132.70
N LYS NC 114 62.51 1.71 131.73
CA LYS NC 114 63.95 1.45 131.70
C LYS NC 114 64.73 2.74 131.44
N ALA NC 115 64.23 3.59 130.54
CA ALA NC 115 64.93 4.83 130.22
C ALA NC 115 65.01 5.77 131.41
N VAL NC 116 63.91 5.88 132.17
CA VAL NC 116 63.89 6.78 133.31
C VAL NC 116 64.84 6.28 134.40
N THR NC 117 64.93 4.96 134.59
CA THR NC 117 65.76 4.42 135.65
C THR NC 117 67.24 4.77 135.45
N LYS NC 118 67.72 4.69 134.20
CA LYS NC 118 69.13 4.97 133.93
C LYS NC 118 69.48 6.42 134.26
N TYR NC 119 68.58 7.35 133.92
CA TYR NC 119 68.87 8.76 134.15
C TYR NC 119 69.02 9.07 135.63
N THR NC 120 68.15 8.48 136.46
CA THR NC 120 68.20 8.78 137.89
C THR NC 120 69.22 7.93 138.63
N SER NC 121 69.35 6.65 138.27
CA SER NC 121 70.28 5.76 138.97
C SER NC 121 71.72 6.20 138.74
N ALA NC 122 72.06 6.54 137.50
CA ALA NC 122 73.39 7.04 137.18
C ALA NC 122 73.57 8.42 137.82
N LYS NC 123 74.59 8.56 138.63
CA LYS NC 123 74.79 9.78 139.41
C LYS NC 123 75.80 10.70 138.74
N GLY OC 24 65.32 -100.98 -61.80
CA GLY OC 24 65.86 -99.63 -61.78
C GLY OC 24 66.60 -99.32 -60.50
N LYS OC 25 67.42 -98.26 -60.53
CA LYS OC 25 68.22 -97.83 -59.39
C LYS OC 25 68.09 -96.31 -59.30
N LYS OC 26 67.20 -95.85 -58.41
CA LYS OC 26 67.09 -94.44 -58.05
C LYS OC 26 66.90 -93.56 -59.28
N ARG OC 27 65.82 -93.82 -60.01
CA ARG OC 27 65.52 -93.10 -61.24
C ARG OC 27 64.27 -92.25 -61.02
N ARG OC 28 64.47 -90.96 -60.75
CA ARG OC 28 63.40 -89.98 -60.63
C ARG OC 28 63.70 -88.77 -61.50
N LYS OC 29 64.31 -89.01 -62.67
CA LYS OC 29 64.71 -87.93 -63.57
C LYS OC 29 63.59 -87.62 -64.56
N SER OC 30 62.47 -87.14 -64.01
CA SER OC 30 61.40 -86.65 -64.86
C SER OC 30 61.78 -85.29 -65.41
N ARG OC 31 61.63 -85.12 -66.73
CA ARG OC 31 62.08 -83.89 -67.38
C ARG OC 31 61.18 -82.73 -66.97
N LYS OC 32 61.76 -81.77 -66.26
CA LYS OC 32 61.07 -80.55 -65.85
C LYS OC 32 61.49 -79.44 -66.80
N GLU OC 33 60.55 -78.96 -67.61
CA GLU OC 33 60.84 -77.92 -68.59
C GLU OC 33 61.04 -76.59 -67.87
N SER OC 34 62.29 -76.22 -67.66
CA SER OC 34 62.65 -75.00 -66.95
C SER OC 34 63.65 -74.19 -67.76
N TYR OC 35 63.43 -72.88 -67.81
CA TYR OC 35 64.34 -71.95 -68.48
C TYR OC 35 65.29 -71.27 -67.51
N ALA OC 36 65.27 -71.66 -66.23
CA ALA OC 36 66.03 -70.94 -65.21
C ALA OC 36 67.53 -70.98 -65.48
N ILE OC 37 68.04 -72.14 -65.89
CA ILE OC 37 69.47 -72.25 -66.17
C ILE OC 37 69.85 -71.41 -67.37
N TYR OC 38 68.97 -71.34 -68.38
CA TYR OC 38 69.26 -70.55 -69.56
C TYR OC 38 69.08 -69.06 -69.29
N VAL OC 39 68.15 -68.69 -68.42
CA VAL OC 39 68.02 -67.30 -68.01
C VAL OC 39 69.27 -66.85 -67.27
N TYR OC 40 69.83 -67.73 -66.43
CA TYR OC 40 71.07 -67.39 -65.73
C TYR OC 40 72.23 -67.21 -66.71
N LYS OC 41 72.31 -68.06 -67.73
CA LYS OC 41 73.43 -67.98 -68.67
C LYS OC 41 73.39 -66.68 -69.47
N VAL OC 42 72.21 -66.28 -69.94
CA VAL OC 42 72.12 -65.01 -70.67
C VAL OC 42 72.29 -63.84 -69.71
N LEU OC 43 71.95 -64.04 -68.43
CA LEU OC 43 72.22 -63.01 -67.43
C LEU OC 43 73.71 -62.80 -67.25
N LYS OC 44 74.49 -63.87 -67.31
CA LYS OC 44 75.94 -63.78 -67.16
C LYS OC 44 76.64 -63.28 -68.41
N GLN OC 45 75.89 -62.93 -69.46
CA GLN OC 45 76.46 -62.34 -70.65
C GLN OC 45 76.14 -60.86 -70.80
N VAL OC 46 74.90 -60.45 -70.50
CA VAL OC 46 74.58 -59.02 -70.49
C VAL OC 46 75.25 -58.33 -69.31
N HIS OC 47 75.26 -58.97 -68.14
CA HIS OC 47 75.92 -58.45 -66.94
C HIS OC 47 76.71 -59.59 -66.31
N PRO OC 48 77.95 -59.82 -66.78
CA PRO OC 48 78.70 -60.98 -66.28
C PRO OC 48 78.94 -60.98 -64.78
N ASP OC 49 79.18 -59.82 -64.18
CA ASP OC 49 79.48 -59.74 -62.74
C ASP OC 49 78.20 -59.47 -61.96
N THR OC 50 77.27 -60.43 -62.07
CA THR OC 50 75.98 -60.33 -61.41
C THR OC 50 75.49 -61.73 -61.09
N GLY OC 51 74.61 -61.83 -60.09
CA GLY OC 51 74.05 -63.09 -59.69
C GLY OC 51 72.54 -63.04 -59.69
N ILE OC 52 71.93 -64.22 -59.57
CA ILE OC 52 70.48 -64.38 -59.61
C ILE OC 52 70.06 -65.22 -58.41
N SER OC 53 68.87 -64.97 -57.89
CA SER OC 53 68.31 -65.78 -56.83
C SER OC 53 67.32 -66.79 -57.39
N SER OC 54 67.17 -67.91 -56.68
CA SER OC 54 66.28 -68.97 -57.14
C SER OC 54 64.84 -68.50 -57.23
N LYS OC 55 64.42 -67.62 -56.32
CA LYS OC 55 63.06 -67.10 -56.36
C LYS OC 55 62.83 -66.28 -57.63
N ALA OC 56 63.82 -65.47 -58.02
CA ALA OC 56 63.72 -64.72 -59.27
C ALA OC 56 63.69 -65.66 -60.48
N MET OC 57 64.47 -66.76 -60.41
CA MET OC 57 64.46 -67.72 -61.50
C MET OC 57 63.08 -68.37 -61.66
N SER OC 58 62.38 -68.60 -60.55
CA SER OC 58 61.04 -69.15 -60.62
C SER OC 58 60.10 -68.20 -61.35
N ILE OC 59 60.19 -66.90 -61.05
CA ILE OC 59 59.38 -65.91 -61.75
C ILE OC 59 59.78 -65.83 -63.22
N MET OC 60 61.09 -65.83 -63.49
CA MET OC 60 61.55 -65.77 -64.87
C MET OC 60 61.13 -67.01 -65.66
N ASN OC 61 61.20 -68.19 -65.04
CA ASN OC 61 60.81 -69.41 -65.72
C ASN OC 61 59.34 -69.39 -66.10
N SER OC 62 58.48 -68.93 -65.19
CA SER OC 62 57.06 -68.82 -65.49
C SER OC 62 56.80 -67.76 -66.56
N PHE OC 63 57.53 -66.64 -66.48
CA PHE OC 63 57.33 -65.57 -67.46
C PHE OC 63 57.72 -66.02 -68.87
N VAL OC 64 58.85 -66.72 -69.00
CA VAL OC 64 59.30 -67.17 -70.32
C VAL OC 64 58.32 -68.18 -70.89
N ASN OC 65 57.85 -69.12 -70.07
CA ASN OC 65 56.91 -70.14 -70.56
C ASN OC 65 55.60 -69.52 -70.99
N ASP OC 66 55.09 -68.53 -70.23
CA ASP OC 66 53.84 -67.87 -70.60
C ASP OC 66 53.97 -67.12 -71.91
N VAL OC 67 55.11 -66.44 -72.12
CA VAL OC 67 55.33 -65.73 -73.37
C VAL OC 67 55.36 -66.71 -74.55
N PHE OC 68 55.99 -67.87 -74.35
CA PHE OC 68 56.01 -68.89 -75.39
C PHE OC 68 54.60 -69.37 -75.71
N GLU OC 69 53.79 -69.60 -74.67
CA GLU OC 69 52.43 -70.08 -74.89
C GLU OC 69 51.59 -69.06 -75.63
N ARG OC 70 51.76 -67.77 -75.30
CA ARG OC 70 51.01 -66.73 -76.01
C ARG OC 70 51.39 -66.67 -77.47
N ILE OC 71 52.70 -66.68 -77.77
CA ILE OC 71 53.15 -66.60 -79.16
C ILE OC 71 52.76 -67.87 -79.91
N ALA OC 72 52.96 -69.04 -79.29
CA ALA OC 72 52.57 -70.29 -79.93
C ALA OC 72 51.06 -70.35 -80.14
N GLY OC 73 50.28 -69.89 -79.16
CA GLY OC 73 48.84 -69.82 -79.33
C GLY OC 73 48.44 -68.87 -80.44
N GLU OC 74 49.08 -67.71 -80.51
CA GLU OC 74 48.82 -66.78 -81.59
C GLU OC 74 49.25 -67.37 -82.94
N ALA OC 75 50.40 -68.04 -82.98
CA ALA OC 75 50.89 -68.60 -84.23
C ALA OC 75 49.95 -69.67 -84.76
N SER OC 76 49.42 -70.51 -83.88
CA SER OC 76 48.51 -71.57 -84.32
C SER OC 76 47.25 -70.98 -84.95
N ARG OC 77 46.73 -69.90 -84.37
CA ARG OC 77 45.53 -69.26 -84.93
C ARG OC 77 45.78 -68.73 -86.33
N LEU OC 78 46.96 -68.14 -86.55
CA LEU OC 78 47.27 -67.59 -87.87
C LEU OC 78 47.30 -68.67 -88.94
N ALA OC 79 47.86 -69.84 -88.61
CA ALA OC 79 47.88 -70.94 -89.57
C ALA OC 79 46.47 -71.41 -89.90
N HIS OC 80 45.59 -71.48 -88.89
CA HIS OC 80 44.22 -71.91 -89.12
C HIS OC 80 43.44 -70.88 -89.92
N TYR OC 81 43.76 -69.59 -89.76
CA TYR OC 81 43.05 -68.54 -90.50
C TYR OC 81 43.31 -68.65 -91.99
N ASN OC 82 44.54 -69.01 -92.38
CA ASN OC 82 44.93 -69.11 -93.78
C ASN OC 82 44.70 -70.49 -94.37
N LYS OC 83 44.08 -71.40 -93.62
CA LYS OC 83 43.79 -72.75 -94.08
C LYS OC 83 45.07 -73.47 -94.51
N ARG OC 84 46.09 -73.36 -93.67
CA ARG OC 84 47.39 -73.98 -93.94
C ARG OC 84 47.82 -74.98 -92.88
N SER OC 85 47.58 -74.68 -91.60
CA SER OC 85 47.96 -75.56 -90.49
C SER OC 85 49.45 -75.89 -90.51
N THR OC 86 50.28 -74.91 -90.87
CA THR OC 86 51.71 -75.06 -90.89
C THR OC 86 52.34 -73.80 -90.31
N ILE OC 87 53.33 -73.98 -89.44
CA ILE OC 87 53.97 -72.89 -88.72
C ILE OC 87 55.37 -72.69 -89.27
N THR OC 88 55.65 -71.48 -89.74
CA THR OC 88 56.93 -71.12 -90.33
C THR OC 88 57.31 -69.75 -89.78
N SER OC 89 58.54 -69.29 -90.02
CA SER OC 89 58.98 -68.02 -89.45
C SER OC 89 58.07 -66.86 -89.83
N ARG OC 90 57.39 -66.96 -90.98
CA ARG OC 90 56.44 -65.92 -91.36
C ARG OC 90 55.28 -65.83 -90.37
N GLU OC 91 54.76 -66.98 -89.93
CA GLU OC 91 53.64 -66.97 -88.99
C GLU OC 91 54.02 -66.35 -87.66
N ILE OC 92 55.18 -66.73 -87.12
CA ILE OC 92 55.60 -66.21 -85.83
C ILE OC 92 55.99 -64.74 -85.93
N GLN OC 93 56.62 -64.35 -87.04
CA GLN OC 93 56.98 -62.94 -87.22
C GLN OC 93 55.73 -62.06 -87.22
N THR OC 94 54.66 -62.50 -87.86
CA THR OC 94 53.39 -61.80 -87.77
C THR OC 94 52.85 -61.84 -86.34
N ALA OC 95 52.98 -62.99 -85.67
CA ALA OC 95 52.54 -63.09 -84.28
C ALA OC 95 53.38 -62.20 -83.37
N VAL OC 96 54.68 -62.11 -83.64
CA VAL OC 96 55.54 -61.22 -82.86
C VAL OC 96 55.10 -59.76 -83.01
N ARG OC 97 54.78 -59.36 -84.23
CA ARG OC 97 54.33 -57.98 -84.46
C ARG OC 97 52.97 -57.72 -83.83
N LEU OC 98 52.16 -58.76 -83.64
CA LEU OC 98 50.81 -58.57 -83.14
C LEU OC 98 50.80 -58.13 -81.68
N LEU OC 99 51.58 -58.81 -80.83
CA LEU OC 99 51.49 -58.56 -79.39
C LEU OC 99 52.59 -57.62 -78.88
N LEU OC 100 53.80 -57.74 -79.40
CA LEU OC 100 54.88 -56.89 -78.92
C LEU OC 100 54.66 -55.45 -79.37
N PRO OC 101 55.00 -54.47 -78.52
CA PRO OC 101 54.82 -53.06 -78.91
C PRO OC 101 55.74 -52.66 -80.05
N GLY OC 102 55.63 -51.40 -80.50
CA GLY OC 102 56.34 -50.98 -81.69
C GLY OC 102 57.85 -51.09 -81.56
N GLU OC 103 58.41 -50.61 -80.45
CA GLU OC 103 59.85 -50.66 -80.26
C GLU OC 103 60.33 -52.09 -80.03
N LEU OC 104 59.62 -52.85 -79.19
CA LEU OC 104 60.06 -54.20 -78.87
C LEU OC 104 59.95 -55.12 -80.08
N ALA OC 105 58.87 -54.99 -80.86
CA ALA OC 105 58.67 -55.90 -81.99
C ALA OC 105 59.75 -55.71 -83.06
N LYS OC 106 60.06 -54.45 -83.38
CA LYS OC 106 61.02 -54.20 -84.46
C LYS OC 106 62.42 -54.68 -84.09
N HIS OC 107 62.76 -54.62 -82.80
CA HIS OC 107 64.04 -55.18 -82.36
C HIS OC 107 63.97 -56.70 -82.28
N ALA OC 108 62.83 -57.25 -81.88
CA ALA OC 108 62.67 -58.70 -81.85
C ALA OC 108 62.63 -59.28 -83.24
N VAL OC 109 62.02 -58.56 -84.19
CA VAL OC 109 61.97 -59.02 -85.57
C VAL OC 109 63.39 -59.12 -86.15
N SER OC 110 64.22 -58.11 -85.90
CA SER OC 110 65.59 -58.15 -86.37
C SER OC 110 66.36 -59.30 -85.72
N GLU OC 111 66.15 -59.52 -84.42
CA GLU OC 111 66.77 -60.66 -83.75
C GLU OC 111 66.28 -61.97 -84.33
N GLY OC 112 64.97 -62.07 -84.60
CA GLY OC 112 64.45 -63.26 -85.24
C GLY OC 112 64.99 -63.45 -86.64
N THR OC 113 65.08 -62.35 -87.41
CA THR OC 113 65.65 -62.41 -88.75
C THR OC 113 67.13 -62.75 -88.70
N LYS OC 114 67.83 -62.25 -87.69
CA LYS OC 114 69.26 -62.56 -87.54
C LYS OC 114 69.47 -64.05 -87.29
N ALA OC 115 68.62 -64.66 -86.46
CA ALA OC 115 68.81 -66.06 -86.10
C ALA OC 115 68.63 -66.97 -87.31
N VAL OC 116 67.60 -66.72 -88.12
CA VAL OC 116 67.32 -67.60 -89.25
C VAL OC 116 68.38 -67.46 -90.34
N THR OC 117 68.81 -66.23 -90.60
CA THR OC 117 69.80 -66.01 -91.66
C THR OC 117 71.18 -66.54 -91.25
N LYS OC 118 71.47 -66.57 -89.94
CA LYS OC 118 72.72 -67.15 -89.49
C LYS OC 118 72.66 -68.68 -89.51
N TYR OC 119 71.50 -69.24 -89.15
CA TYR OC 119 71.34 -70.69 -89.19
C TYR OC 119 71.32 -71.23 -90.61
N THR OC 120 70.90 -70.40 -91.57
CA THR OC 120 70.83 -70.85 -92.96
C THR OC 120 72.22 -71.22 -93.49
N SER OC 121 73.23 -70.40 -93.20
CA SER OC 121 74.60 -70.68 -93.59
C SER OC 121 75.28 -71.43 -92.45
N ALA OC 122 75.22 -72.75 -92.49
CA ALA OC 122 75.75 -73.58 -91.42
C ALA OC 122 76.25 -74.89 -92.00
N LYS OC 123 76.73 -75.77 -91.12
CA LYS OC 123 77.26 -77.09 -91.50
C LYS OC 123 78.43 -76.99 -92.46
N LYS PC 22 -16.62 79.47 124.60
CA LYS PC 22 -17.32 80.66 124.12
C LYS PC 22 -18.38 80.30 123.08
N ASP PC 23 -18.14 79.21 122.36
CA ASP PC 23 -19.05 78.73 121.34
C ASP PC 23 -19.42 77.28 121.63
N GLY PC 24 -20.70 76.95 121.42
CA GLY PC 24 -21.19 75.63 121.78
C GLY PC 24 -20.54 74.52 120.96
N LYS PC 25 -20.48 74.70 119.65
CA LYS PC 25 -19.96 73.68 118.74
C LYS PC 25 -19.01 74.29 117.72
N LYS PC 26 -18.06 75.09 118.21
CA LYS PC 26 -17.00 75.58 117.35
C LYS PC 26 -16.05 74.47 116.93
N ARG PC 27 -16.16 73.30 117.54
CA ARG PC 27 -15.24 72.20 117.25
C ARG PC 27 -15.31 71.78 115.79
N ARG PC 28 -16.51 71.47 115.31
CA ARG PC 28 -16.70 70.93 113.97
C ARG PC 28 -17.05 72.01 112.95
N LYS PC 29 -16.24 73.06 112.88
CA LYS PC 29 -16.37 74.12 111.87
C LYS PC 29 -14.98 74.33 111.27
N SER PC 30 -14.63 73.52 110.28
CA SER PC 30 -13.27 73.51 109.75
C SER PC 30 -13.19 73.87 108.27
N ARG PC 31 -13.93 73.17 107.40
CA ARG PC 31 -13.66 73.23 105.98
C ARG PC 31 -14.96 73.21 105.18
N LYS PC 32 -14.84 73.61 103.91
CA LYS PC 32 -15.91 73.52 102.94
C LYS PC 32 -15.39 73.07 101.58
N GLU PC 33 -14.20 72.45 101.55
CA GLU PC 33 -13.53 72.20 100.29
C GLU PC 33 -14.22 71.09 99.52
N SER PC 34 -15.43 71.38 99.03
CA SER PC 34 -16.25 70.41 98.34
C SER PC 34 -17.00 71.12 97.21
N TYR PC 35 -17.05 70.47 96.05
CA TYR PC 35 -17.79 70.98 94.91
C TYR PC 35 -19.17 70.35 94.78
N ALA PC 36 -19.60 69.55 95.77
CA ALA PC 36 -20.84 68.82 95.66
C ALA PC 36 -22.04 69.75 95.48
N ILE PC 37 -22.07 70.85 96.25
CA ILE PC 37 -23.16 71.82 96.10
C ILE PC 37 -23.14 72.44 94.71
N TYR PC 38 -21.94 72.79 94.21
CA TYR PC 38 -21.85 73.39 92.89
C TYR PC 38 -22.04 72.36 91.78
N VAL PC 39 -21.58 71.13 92.00
CA VAL PC 39 -21.83 70.07 91.03
C VAL PC 39 -23.33 69.79 90.94
N TYR PC 40 -24.02 69.79 92.08
CA TYR PC 40 -25.47 69.64 92.07
C TYR PC 40 -26.14 70.78 91.31
N LYS PC 41 -25.65 72.01 91.53
CA LYS PC 41 -26.17 73.15 90.77
C LYS PC 41 -25.88 73.00 89.28
N VAL PC 42 -24.68 72.57 88.93
CA VAL PC 42 -24.31 72.38 87.53
C VAL PC 42 -25.18 71.31 86.88
N LEU PC 43 -25.42 70.21 87.61
CA LEU PC 43 -26.25 69.14 87.08
C LEU PC 43 -27.66 69.62 86.78
N LYS PC 44 -28.23 70.44 87.67
CA LYS PC 44 -29.58 70.96 87.46
C LYS PC 44 -29.66 71.89 86.26
N GLN PC 45 -28.54 72.49 85.85
CA GLN PC 45 -28.56 73.35 84.67
C GLN PC 45 -28.78 72.53 83.40
N VAL PC 46 -28.19 71.34 83.33
CA VAL PC 46 -28.31 70.48 82.16
C VAL PC 46 -29.42 69.46 82.34
N HIS PC 47 -29.57 68.90 83.54
CA HIS PC 47 -30.60 67.91 83.83
C HIS PC 47 -31.35 68.35 85.08
N PRO PC 48 -32.33 69.24 84.93
CA PRO PC 48 -33.07 69.74 86.10
C PRO PC 48 -33.80 68.66 86.88
N ASP PC 49 -34.30 67.62 86.20
CA ASP PC 49 -35.13 66.60 86.82
C ASP PC 49 -34.36 65.34 87.18
N THR PC 50 -33.03 65.36 87.07
CA THR PC 50 -32.21 64.19 87.35
C THR PC 50 -31.39 64.44 88.61
N GLY PC 51 -31.48 63.53 89.58
CA GLY PC 51 -30.73 63.63 90.80
C GLY PC 51 -29.37 62.95 90.71
N ILE PC 52 -28.59 63.12 91.78
CA ILE PC 52 -27.26 62.54 91.86
C ILE PC 52 -27.10 61.91 93.25
N SER PC 53 -26.55 60.70 93.29
CA SER PC 53 -26.37 60.01 94.56
C SER PC 53 -25.21 60.62 95.35
N SER PC 54 -25.23 60.40 96.66
CA SER PC 54 -24.16 60.90 97.51
C SER PC 54 -22.83 60.22 97.19
N LYS PC 55 -22.87 58.94 96.81
CA LYS PC 55 -21.64 58.25 96.43
C LYS PC 55 -21.00 58.88 95.21
N ALA PC 56 -21.82 59.28 94.22
CA ALA PC 56 -21.30 59.94 93.04
C ALA PC 56 -20.70 61.29 93.39
N MET PC 57 -21.24 61.96 94.41
CA MET PC 57 -20.69 63.25 94.83
C MET PC 57 -19.25 63.12 95.31
N SER PC 58 -18.97 62.06 96.06
CA SER PC 58 -17.60 61.85 96.54
C SER PC 58 -16.63 61.64 95.38
N ILE PC 59 -17.05 60.86 94.38
CA ILE PC 59 -16.23 60.69 93.19
C ILE PC 59 -16.11 62.00 92.42
N MET PC 60 -17.21 62.74 92.30
CA MET PC 60 -17.17 64.02 91.62
C MET PC 60 -16.28 65.01 92.34
N ASN PC 61 -16.25 64.96 93.67
CA ASN PC 61 -15.40 65.86 94.44
C ASN PC 61 -13.93 65.63 94.11
N SER PC 62 -13.51 64.37 94.01
CA SER PC 62 -12.11 64.08 93.72
C SER PC 62 -11.76 64.42 92.27
N PHE PC 63 -12.74 64.33 91.37
CA PHE PC 63 -12.46 64.58 89.96
C PHE PC 63 -12.09 66.04 89.72
N VAL PC 64 -12.90 66.97 90.25
CA VAL PC 64 -12.61 68.39 90.07
C VAL PC 64 -11.32 68.75 90.78
N ASN PC 65 -11.09 68.18 91.96
CA ASN PC 65 -9.85 68.46 92.69
C ASN PC 65 -8.62 67.97 91.91
N ASP PC 66 -8.71 66.78 91.33
CA ASP PC 66 -7.59 66.26 90.56
C ASP PC 66 -7.36 67.07 89.28
N VAL PC 67 -8.45 67.45 88.60
CA VAL PC 67 -8.33 68.26 87.40
C VAL PC 67 -7.76 69.63 87.74
N PHE PC 68 -8.21 70.22 88.85
CA PHE PC 68 -7.68 71.50 89.28
C PHE PC 68 -6.18 71.42 89.56
N GLU PC 69 -5.74 70.35 90.23
CA GLU PC 69 -4.32 70.18 90.52
C GLU PC 69 -3.51 70.01 89.23
N ARG PC 70 -4.04 69.24 88.27
CA ARG PC 70 -3.31 69.01 87.02
C ARG PC 70 -3.14 70.30 86.23
N ILE PC 71 -4.21 71.08 86.10
CA ILE PC 71 -4.13 72.32 85.34
C ILE PC 71 -3.26 73.35 86.06
N ALA PC 72 -3.46 73.51 87.36
CA ALA PC 72 -2.66 74.46 88.13
C ALA PC 72 -1.20 74.03 88.19
N GLY PC 73 -0.95 72.73 88.32
CA GLY PC 73 0.42 72.25 88.33
C GLY PC 73 1.15 72.53 87.03
N GLU PC 74 0.48 72.33 85.90
CA GLU PC 74 1.07 72.66 84.61
C GLU PC 74 1.30 74.17 84.49
N ALA PC 75 0.34 74.97 84.97
CA ALA PC 75 0.48 76.42 84.90
C ALA PC 75 1.67 76.90 85.71
N SER PC 76 1.88 76.33 86.90
CA SER PC 76 3.04 76.68 87.71
C SER PC 76 4.33 76.30 87.00
N ARG PC 77 4.35 75.13 86.33
CA ARG PC 77 5.54 74.72 85.59
C ARG PC 77 5.82 75.67 84.44
N LEU PC 78 4.78 76.15 83.76
CA LEU PC 78 4.97 77.07 82.65
C LEU PC 78 5.63 78.36 83.11
N ALA PC 79 5.20 78.90 84.25
CA ALA PC 79 5.85 80.07 84.81
C ALA PC 79 7.28 79.76 85.23
N HIS PC 80 7.49 78.57 85.83
CA HIS PC 80 8.84 78.18 86.25
C HIS PC 80 9.75 77.92 85.06
N TYR PC 81 9.19 77.33 84.00
CA TYR PC 81 10.00 77.10 82.79
C TYR PC 81 10.47 78.41 82.19
N ASN PC 82 9.59 79.41 82.13
CA ASN PC 82 9.96 80.74 81.71
C ASN PC 82 10.52 81.50 82.91
N LYS PC 83 10.71 82.82 82.76
CA LYS PC 83 11.16 83.67 83.85
C LYS PC 83 10.02 84.43 84.50
N ARG PC 84 8.78 84.10 84.17
CA ARG PC 84 7.64 84.84 84.71
C ARG PC 84 7.29 84.33 86.10
N SER PC 85 6.72 85.22 86.93
CA SER PC 85 6.34 84.90 88.29
C SER PC 85 4.85 85.15 88.54
N THR PC 86 4.01 84.95 87.52
CA THR PC 86 2.58 85.16 87.68
C THR PC 86 1.83 84.24 86.73
N ILE PC 87 0.55 84.02 87.06
CA ILE PC 87 -0.34 83.18 86.28
C ILE PC 87 -1.51 84.03 85.80
N THR PC 88 -1.76 84.02 84.50
CA THR PC 88 -2.89 84.74 83.93
C THR PC 88 -3.65 83.79 83.01
N SER PC 89 -4.68 84.28 82.32
CA SER PC 89 -5.49 83.41 81.47
C SER PC 89 -4.66 82.76 80.38
N ARG PC 90 -3.53 83.36 80.01
CA ARG PC 90 -2.65 82.75 79.01
C ARG PC 90 -2.07 81.43 79.51
N GLU PC 91 -1.66 81.38 80.79
CA GLU PC 91 -1.00 80.20 81.31
C GLU PC 91 -1.95 79.00 81.34
N ILE PC 92 -3.16 79.21 81.86
CA ILE PC 92 -4.12 78.10 81.95
C ILE PC 92 -4.51 77.62 80.56
N GLN PC 93 -4.70 78.54 79.62
CA GLN PC 93 -5.01 78.15 78.25
C GLN PC 93 -3.89 77.29 77.66
N THR PC 94 -2.63 77.64 77.97
CA THR PC 94 -1.52 76.77 77.62
C THR PC 94 -1.61 75.44 78.35
N ALA PC 95 -1.97 75.47 79.64
CA ALA PC 95 -2.09 74.24 80.41
C ALA PC 95 -3.28 73.41 79.95
N VAL PC 96 -4.40 74.06 79.62
CA VAL PC 96 -5.58 73.34 79.16
C VAL PC 96 -5.30 72.62 77.86
N ARG PC 97 -4.62 73.29 76.92
CA ARG PC 97 -4.26 72.65 75.66
C ARG PC 97 -3.29 71.50 75.89
N LEU PC 98 -2.40 71.63 76.87
CA LEU PC 98 -1.50 70.53 77.21
C LEU PC 98 -2.25 69.32 77.71
N LEU PC 99 -3.24 69.52 78.58
CA LEU PC 99 -3.95 68.41 79.20
C LEU PC 99 -5.08 67.90 78.34
N LEU PC 100 -6.04 68.78 78.02
CA LEU PC 100 -7.21 68.36 77.28
C LEU PC 100 -6.84 68.04 75.83
N PRO PC 101 -7.52 67.06 75.22
CA PRO PC 101 -7.28 66.76 73.80
C PRO PC 101 -7.81 67.85 72.89
N GLY PC 102 -7.71 67.65 71.57
CA GLY PC 102 -8.11 68.68 70.64
C GLY PC 102 -9.59 69.03 70.74
N GLU PC 103 -10.44 68.01 70.83
CA GLU PC 103 -11.88 68.26 70.89
C GLU PC 103 -12.28 68.91 72.21
N LEU PC 104 -11.77 68.39 73.34
CA LEU PC 104 -12.17 68.91 74.64
C LEU PC 104 -11.61 70.31 74.88
N ALA PC 105 -10.36 70.56 74.48
CA ALA PC 105 -9.77 71.86 74.72
C ALA PC 105 -10.44 72.95 73.89
N LYS PC 106 -10.88 72.60 72.68
CA LYS PC 106 -11.48 73.59 71.79
C LYS PC 106 -12.73 74.20 72.41
N HIS PC 107 -13.60 73.36 72.99
CA HIS PC 107 -14.78 73.88 73.65
C HIS PC 107 -14.44 74.53 74.99
N ALA PC 108 -13.44 73.98 75.70
CA ALA PC 108 -13.04 74.55 76.98
C ALA PC 108 -12.44 75.94 76.81
N VAL PC 109 -11.62 76.13 75.77
CA VAL PC 109 -11.00 77.43 75.53
C VAL PC 109 -12.08 78.47 75.20
N SER PC 110 -13.04 78.10 74.36
CA SER PC 110 -14.10 79.03 74.00
C SER PC 110 -14.92 79.45 75.22
N GLU PC 111 -15.25 78.48 76.08
CA GLU PC 111 -15.93 78.81 77.32
C GLU PC 111 -15.02 79.61 78.25
N GLY PC 112 -13.74 79.25 78.31
CA GLY PC 112 -12.81 79.99 79.14
C GLY PC 112 -12.58 81.40 78.66
N THR PC 113 -12.41 81.57 77.34
CA THR PC 113 -12.21 82.91 76.79
C THR PC 113 -13.45 83.77 76.95
N LYS PC 114 -14.63 83.15 76.85
CA LYS PC 114 -15.87 83.88 77.05
C LYS PC 114 -15.97 84.44 78.46
N ALA PC 115 -15.55 83.66 79.46
CA ALA PC 115 -15.64 84.10 80.84
C ALA PC 115 -14.74 85.31 81.11
N VAL PC 116 -13.56 85.34 80.48
CA VAL PC 116 -12.60 86.41 80.76
C VAL PC 116 -13.14 87.75 80.29
N THR PC 117 -13.64 87.80 79.04
CA THR PC 117 -14.10 89.07 78.49
C THR PC 117 -15.37 89.55 79.18
N LYS PC 118 -16.37 88.70 79.54
CA LYS PC 118 -17.61 89.11 80.22
C LYS PC 118 -17.27 89.70 81.59
N TYR PC 119 -16.33 89.06 82.33
CA TYR PC 119 -16.03 89.58 83.66
C TYR PC 119 -15.43 90.97 83.60
N THR PC 120 -14.52 91.21 82.64
CA THR PC 120 -13.86 92.50 82.54
C THR PC 120 -14.85 93.61 82.22
N SER PC 121 -15.80 93.34 81.32
CA SER PC 121 -16.81 94.34 80.95
C SER PC 121 -18.02 94.29 81.88
N ALA PC 122 -17.77 94.36 83.19
CA ALA PC 122 -18.83 94.32 84.17
C ALA PC 122 -18.39 95.06 85.42
N LYS PC 123 -19.37 95.47 86.22
CA LYS PC 123 -19.10 96.17 87.47
C LYS PC 123 -20.30 96.07 88.41
N GLY QC 9 -44.22 -109.22 -80.94
CA GLY QC 9 -44.28 -109.78 -79.60
C GLY QC 9 -45.68 -109.78 -79.01
N LYS QC 10 -46.33 -110.95 -79.03
CA LYS QC 10 -47.67 -111.06 -78.47
C LYS QC 10 -47.67 -110.80 -76.97
N THR QC 11 -46.69 -111.36 -76.25
CA THR QC 11 -46.57 -111.16 -74.82
C THR QC 11 -45.25 -110.50 -74.43
N ARG QC 12 -44.40 -110.16 -75.39
CA ARG QC 12 -43.12 -109.54 -75.10
C ARG QC 12 -43.30 -108.03 -74.97
N ALA QC 13 -42.21 -107.26 -75.03
CA ALA QC 13 -42.21 -105.85 -74.68
C ALA QC 13 -42.48 -104.93 -75.88
N LYS QC 14 -43.19 -105.40 -76.90
CA LYS QC 14 -43.55 -104.51 -78.00
C LYS QC 14 -44.51 -103.42 -77.52
N ALA QC 15 -45.51 -103.78 -76.72
CA ALA QC 15 -46.48 -102.80 -76.24
C ALA QC 15 -45.89 -101.92 -75.14
N LYS QC 16 -45.12 -102.51 -74.23
CA LYS QC 16 -44.56 -101.79 -73.08
C LYS QC 16 -43.09 -101.52 -73.32
N THR QC 17 -42.71 -100.25 -73.33
CA THR QC 17 -41.32 -99.87 -73.52
C THR QC 17 -40.49 -100.20 -72.28
N ARG QC 18 -39.18 -100.04 -72.41
CA ARG QC 18 -38.29 -100.28 -71.28
C ARG QC 18 -38.57 -99.33 -70.13
N SER QC 19 -38.82 -98.05 -70.44
CA SER QC 19 -39.11 -97.08 -69.40
C SER QC 19 -40.42 -97.40 -68.70
N SER QC 20 -41.45 -97.76 -69.46
CA SER QC 20 -42.75 -98.06 -68.86
C SER QC 20 -42.71 -99.36 -68.05
N ARG QC 21 -41.80 -100.28 -68.40
CA ARG QC 21 -41.69 -101.53 -67.66
C ARG QC 21 -41.27 -101.27 -66.21
N ALA QC 22 -40.35 -100.34 -65.99
CA ALA QC 22 -39.91 -99.98 -64.66
C ALA QC 22 -40.74 -98.86 -64.04
N GLY QC 23 -41.83 -98.43 -64.69
CA GLY QC 23 -42.68 -97.39 -64.16
C GLY QC 23 -42.17 -95.99 -64.35
N LEU QC 24 -41.03 -95.81 -65.01
CA LEU QC 24 -40.46 -94.50 -65.23
C LEU QC 24 -40.97 -93.91 -66.55
N GLN QC 25 -40.85 -92.59 -66.66
CA GLN QC 25 -41.21 -91.87 -67.87
C GLN QC 25 -40.02 -91.27 -68.59
N PHE QC 26 -38.84 -91.30 -67.97
CA PHE QC 26 -37.60 -90.84 -68.58
C PHE QC 26 -37.12 -91.84 -69.63
N PRO QC 27 -36.30 -91.41 -70.60
CA PRO QC 27 -36.07 -92.27 -71.78
C PRO QC 27 -35.45 -93.62 -71.47
N VAL QC 28 -34.59 -93.69 -70.44
CA VAL QC 28 -33.93 -94.93 -70.05
C VAL QC 28 -33.08 -95.49 -71.19
N GLY QC 29 -33.72 -95.81 -72.31
CA GLY QC 29 -32.98 -96.33 -73.45
C GLY QC 29 -31.96 -95.33 -73.97
N ARG QC 30 -32.33 -94.05 -74.02
CA ARG QC 30 -31.38 -93.02 -74.41
C ARG QC 30 -30.20 -92.96 -73.44
N VAL QC 31 -30.48 -93.15 -72.15
CA VAL QC 31 -29.40 -93.23 -71.16
C VAL QC 31 -28.49 -94.42 -71.46
N HIS QC 32 -29.09 -95.57 -71.82
CA HIS QC 32 -28.30 -96.76 -72.13
C HIS QC 32 -27.33 -96.49 -73.28
N ARG QC 33 -27.77 -95.70 -74.26
CA ARG QC 33 -26.86 -95.30 -75.34
C ARG QC 33 -25.76 -94.38 -74.82
N LEU QC 34 -26.08 -93.56 -73.82
CA LEU QC 34 -25.10 -92.61 -73.31
C LEU QC 34 -23.94 -93.30 -72.62
N LEU QC 35 -24.22 -94.39 -71.89
CA LEU QC 35 -23.14 -95.15 -71.26
C LEU QC 35 -22.18 -95.70 -72.30
N ARG QC 36 -22.71 -96.26 -73.39
CA ARG QC 36 -21.85 -96.72 -74.48
C ARG QC 36 -21.17 -95.55 -75.17
N LYS QC 37 -21.89 -94.44 -75.36
CA LYS QC 37 -21.31 -93.26 -75.99
C LYS QC 37 -20.18 -92.69 -75.14
N GLY QC 38 -20.36 -92.63 -73.83
CA GLY QC 38 -19.36 -92.09 -72.94
C GLY QC 38 -18.24 -93.02 -72.58
N ASN QC 39 -18.32 -94.29 -72.98
CA ASN QC 39 -17.29 -95.29 -72.70
C ASN QC 39 -17.00 -95.39 -71.20
N TYR QC 40 -18.07 -95.36 -70.39
CA TYR QC 40 -17.89 -95.43 -68.95
C TYR QC 40 -17.45 -96.81 -68.50
N ALA QC 41 -17.91 -97.86 -69.18
CA ALA QC 41 -17.52 -99.22 -68.84
C ALA QC 41 -17.55 -100.08 -70.10
N GLU QC 42 -16.80 -101.17 -70.06
CA GLU QC 42 -16.77 -102.09 -71.20
C GLU QC 42 -18.12 -102.75 -71.40
N ARG QC 43 -18.75 -103.20 -70.31
CA ARG QC 43 -20.05 -103.85 -70.37
C ARG QC 43 -21.04 -103.10 -69.49
N VAL QC 44 -22.26 -102.93 -69.98
CA VAL QC 44 -23.33 -102.26 -69.26
C VAL QC 44 -24.50 -103.23 -69.13
N GLY QC 45 -24.93 -103.47 -67.88
CA GLY QC 45 -26.09 -104.29 -67.65
C GLY QC 45 -27.39 -103.50 -67.80
N ALA QC 46 -28.51 -104.20 -67.64
CA ALA QC 46 -29.81 -103.55 -67.75
C ALA QC 46 -30.10 -102.70 -66.53
N GLY QC 47 -29.53 -103.04 -65.37
CA GLY QC 47 -29.82 -102.29 -64.16
C GLY QC 47 -29.29 -100.87 -64.19
N ALA QC 48 -28.14 -100.65 -64.83
CA ALA QC 48 -27.51 -99.34 -64.81
C ALA QC 48 -28.36 -98.24 -65.46
N PRO QC 49 -28.85 -98.38 -66.70
CA PRO QC 49 -29.57 -97.26 -67.31
C PRO QC 49 -30.88 -96.91 -66.60
N VAL QC 50 -31.64 -97.92 -66.17
CA VAL QC 50 -32.90 -97.64 -65.49
C VAL QC 50 -32.65 -96.98 -64.14
N TYR QC 51 -31.60 -97.42 -63.42
CA TYR QC 51 -31.29 -96.82 -62.13
C TYR QC 51 -30.93 -95.35 -62.29
N LEU QC 52 -30.11 -95.02 -63.29
CA LEU QC 52 -29.72 -93.63 -63.51
C LEU QC 52 -30.92 -92.75 -63.79
N ALA QC 53 -31.86 -93.24 -64.60
CA ALA QC 53 -33.09 -92.50 -64.84
C ALA QC 53 -33.89 -92.33 -63.55
N ALA QC 54 -33.90 -93.36 -62.70
CA ALA QC 54 -34.67 -93.27 -61.46
C ALA QC 54 -34.14 -92.17 -60.55
N VAL QC 55 -32.81 -92.03 -60.46
CA VAL QC 55 -32.24 -90.90 -59.73
C VAL QC 55 -32.67 -89.58 -60.38
N LEU QC 56 -32.61 -89.52 -61.72
CA LEU QC 56 -33.01 -88.30 -62.41
C LEU QC 56 -34.49 -88.01 -62.21
N GLU QC 57 -35.34 -89.05 -62.24
CA GLU QC 57 -36.78 -88.84 -62.17
C GLU QC 57 -37.17 -88.17 -60.86
N TYR QC 58 -36.66 -88.68 -59.73
CA TYR QC 58 -36.97 -88.06 -58.45
C TYR QC 58 -36.32 -86.69 -58.33
N LEU QC 59 -35.08 -86.55 -58.81
CA LEU QC 59 -34.42 -85.25 -58.79
C LEU QC 59 -35.15 -84.25 -59.68
N THR QC 60 -35.62 -84.70 -60.85
CA THR QC 60 -36.36 -83.81 -61.74
C THR QC 60 -37.67 -83.36 -61.10
N ALA QC 61 -38.39 -84.28 -60.48
CA ALA QC 61 -39.70 -83.94 -59.91
C ALA QC 61 -39.55 -83.08 -58.65
N GLU QC 62 -38.60 -83.43 -57.78
CA GLU QC 62 -38.49 -82.73 -56.50
C GLU QC 62 -38.09 -81.28 -56.69
N ILE QC 63 -37.08 -81.02 -57.54
CA ILE QC 63 -36.62 -79.65 -57.75
C ILE QC 63 -37.71 -78.80 -58.37
N LEU QC 64 -38.43 -79.35 -59.36
CA LEU QC 64 -39.55 -78.63 -59.94
C LEU QC 64 -40.66 -78.41 -58.92
N GLU QC 65 -40.91 -79.41 -58.06
CA GLU QC 65 -41.94 -79.28 -57.04
C GLU QC 65 -41.60 -78.15 -56.06
N LEU QC 66 -40.34 -78.10 -55.60
CA LEU QC 66 -39.93 -77.01 -54.73
C LEU QC 66 -39.95 -75.68 -55.46
N ALA QC 67 -39.50 -75.66 -56.72
CA ALA QC 67 -39.57 -74.45 -57.51
C ALA QC 67 -41.00 -74.03 -57.77
N GLY QC 68 -41.88 -75.00 -58.03
CA GLY QC 68 -43.27 -74.69 -58.31
C GLY QC 68 -43.96 -73.99 -57.15
N ASN QC 69 -43.59 -74.36 -55.92
CA ASN QC 69 -44.14 -73.68 -54.75
C ASN QC 69 -43.67 -72.23 -54.70
N ALA QC 70 -42.45 -71.96 -55.20
CA ALA QC 70 -41.94 -70.59 -55.19
C ALA QC 70 -42.72 -69.72 -56.18
N ALA QC 71 -43.15 -70.29 -57.30
CA ALA QC 71 -43.90 -69.51 -58.29
C ALA QC 71 -45.20 -68.98 -57.71
N ARG QC 72 -45.91 -69.81 -56.94
CA ARG QC 72 -47.11 -69.34 -56.27
C ARG QC 72 -46.79 -68.24 -55.27
N ASP QC 73 -45.69 -68.41 -54.53
CA ASP QC 73 -45.24 -67.35 -53.62
C ASP QC 73 -44.79 -66.11 -54.37
N ASN QC 74 -44.35 -66.27 -55.62
CA ASN QC 74 -43.90 -65.16 -56.44
C ASN QC 74 -45.00 -64.58 -57.32
N LYS QC 75 -46.24 -65.05 -57.15
CA LYS QC 75 -47.39 -64.55 -57.91
C LYS QC 75 -47.19 -64.73 -59.42
N LYS QC 76 -46.59 -65.86 -59.80
CA LYS QC 76 -46.40 -66.19 -61.20
C LYS QC 76 -46.75 -67.65 -61.42
N THR QC 77 -47.17 -67.97 -62.64
CA THR QC 77 -47.52 -69.34 -62.99
C THR QC 77 -46.32 -70.08 -63.57
N ARG QC 78 -45.78 -69.58 -64.68
CA ARG QC 78 -44.65 -70.23 -65.31
C ARG QC 78 -43.40 -70.10 -64.45
N ILE QC 79 -42.60 -71.16 -64.41
CA ILE QC 79 -41.38 -71.16 -63.63
C ILE QC 79 -40.28 -70.41 -64.38
N ILE QC 80 -39.68 -69.44 -63.71
CA ILE QC 80 -38.59 -68.65 -64.28
C ILE QC 80 -37.30 -69.05 -63.57
N PRO QC 81 -36.13 -68.77 -64.19
CA PRO QC 81 -34.85 -69.13 -63.56
C PRO QC 81 -34.69 -68.63 -62.13
N ARG QC 82 -35.46 -67.60 -61.75
CA ARG QC 82 -35.42 -67.13 -60.38
C ARG QC 82 -35.88 -68.22 -59.41
N HIS QC 83 -36.95 -68.94 -59.76
CA HIS QC 83 -37.47 -69.97 -58.87
C HIS QC 83 -36.54 -71.17 -58.80
N LEU QC 84 -35.81 -71.46 -59.86
CA LEU QC 84 -34.86 -72.59 -59.83
C LEU QC 84 -33.77 -72.34 -58.79
N GLN QC 85 -33.24 -71.12 -58.74
CA GLN QC 85 -32.26 -70.79 -57.72
C GLN QC 85 -32.86 -70.84 -56.32
N LEU QC 86 -34.10 -70.33 -56.18
CA LEU QC 86 -34.73 -70.30 -54.86
C LEU QC 86 -34.94 -71.71 -54.30
N ALA QC 87 -35.38 -72.64 -55.15
CA ALA QC 87 -35.60 -74.01 -54.68
C ALA QC 87 -34.29 -74.65 -54.23
N VAL QC 88 -33.22 -74.44 -54.99
CA VAL QC 88 -31.93 -75.04 -54.64
C VAL QC 88 -31.37 -74.39 -53.38
N ARG QC 89 -31.38 -73.06 -53.32
CA ARG QC 89 -30.78 -72.36 -52.20
C ARG QC 89 -31.53 -72.64 -50.89
N ASN QC 90 -32.85 -72.73 -50.94
CA ASN QC 90 -33.64 -72.93 -49.73
C ASN QC 90 -33.30 -74.27 -49.08
N ASP QC 91 -33.18 -75.32 -49.87
CA ASP QC 91 -32.89 -76.65 -49.36
C ASP QC 91 -31.38 -76.77 -49.12
N GLU QC 92 -30.98 -76.94 -47.86
CA GLU QC 92 -29.56 -77.02 -47.54
C GLU QC 92 -28.93 -78.29 -48.08
N GLU QC 93 -29.70 -79.39 -48.13
CA GLU QC 93 -29.20 -80.61 -48.72
C GLU QC 93 -28.90 -80.43 -50.21
N LEU QC 94 -29.76 -79.67 -50.90
CA LEU QC 94 -29.51 -79.37 -52.31
C LEU QC 94 -28.26 -78.53 -52.49
N ASN QC 95 -27.89 -77.73 -51.47
CA ASN QC 95 -26.67 -76.93 -51.56
C ASN QC 95 -25.44 -77.81 -51.68
N LYS QC 96 -25.40 -78.92 -50.94
CA LYS QC 96 -24.27 -79.84 -51.04
C LYS QC 96 -24.23 -80.50 -52.42
N LEU QC 97 -25.39 -80.88 -52.96
CA LEU QC 97 -25.42 -81.49 -54.28
C LEU QC 97 -24.95 -80.52 -55.36
N LEU QC 98 -25.43 -79.27 -55.30
CA LEU QC 98 -25.01 -78.25 -56.24
C LEU QC 98 -25.13 -76.89 -55.57
N GLY QC 99 -24.37 -75.94 -56.10
CA GLY QC 99 -24.29 -74.63 -55.47
C GLY QC 99 -22.92 -74.01 -55.63
N ARG QC 100 -21.93 -74.82 -56.03
CA ARG QC 100 -20.66 -74.33 -56.54
C ARG QC 100 -20.70 -74.04 -58.02
N VAL QC 101 -21.90 -73.82 -58.56
CA VAL QC 101 -22.13 -73.67 -59.99
C VAL QC 101 -22.77 -72.31 -60.25
N THR QC 102 -22.94 -71.99 -61.53
CA THR QC 102 -23.59 -70.77 -61.95
C THR QC 102 -24.90 -71.10 -62.65
N ILE QC 103 -25.99 -70.48 -62.18
CA ILE QC 103 -27.31 -70.67 -62.76
C ILE QC 103 -27.64 -69.43 -63.58
N ALA QC 104 -27.98 -69.64 -64.85
CA ALA QC 104 -28.31 -68.52 -65.74
C ALA QC 104 -29.59 -67.83 -65.25
N GLN QC 105 -29.49 -66.52 -65.02
CA GLN QC 105 -30.60 -65.70 -64.54
C GLN QC 105 -31.19 -66.22 -63.23
N GLY QC 106 -30.39 -66.95 -62.45
CA GLY QC 106 -30.90 -67.52 -61.21
C GLY QC 106 -31.21 -66.47 -60.16
N GLY QC 107 -30.35 -65.45 -60.05
CA GLY QC 107 -30.48 -64.48 -58.98
C GLY QC 107 -29.79 -64.94 -57.71
N VAL QC 108 -29.96 -64.14 -56.67
CA VAL QC 108 -29.33 -64.39 -55.38
C VAL QC 108 -30.39 -64.29 -54.29
N LEU QC 109 -30.40 -65.27 -53.39
CA LEU QC 109 -31.30 -65.22 -52.24
C LEU QC 109 -30.89 -64.09 -51.31
N PRO QC 110 -31.86 -63.38 -50.71
CA PRO QC 110 -31.50 -62.31 -49.77
C PRO QC 110 -30.66 -62.84 -48.62
N ASN QC 111 -29.54 -62.17 -48.37
CA ASN QC 111 -28.58 -62.57 -47.34
C ASN QC 111 -28.09 -61.34 -46.58
N ILE QC 112 -29.02 -60.47 -46.18
CA ILE QC 112 -28.65 -59.25 -45.47
C ILE QC 112 -27.98 -59.59 -44.16
N GLN QC 113 -26.93 -58.85 -43.83
CA GLN QC 113 -26.17 -59.08 -42.60
C GLN QC 113 -26.65 -58.13 -41.50
N SER QC 114 -26.41 -58.54 -40.26
CA SER QC 114 -26.83 -57.76 -39.10
C SER QC 114 -25.91 -56.58 -38.82
N VAL QC 115 -24.71 -56.54 -39.40
CA VAL QC 115 -23.82 -55.40 -39.19
C VAL QC 115 -24.41 -54.14 -39.81
N LEU QC 116 -25.19 -54.29 -40.88
CA LEU QC 116 -25.91 -53.17 -41.48
C LEU QC 116 -27.15 -52.90 -40.64
N LEU QC 117 -28.05 -52.04 -41.15
CA LEU QC 117 -29.30 -51.72 -40.49
C LEU QC 117 -29.06 -51.16 -39.09
N PRO QC 118 -28.56 -49.93 -38.98
CA PRO QC 118 -28.31 -49.35 -37.65
C PRO QC 118 -29.60 -49.10 -36.90
N LYS QC 119 -30.15 -50.17 -36.31
CA LYS QC 119 -31.46 -50.09 -35.65
C LYS QC 119 -31.47 -49.03 -34.55
N LYS QC 120 -30.33 -48.85 -33.87
CA LYS QC 120 -30.25 -47.80 -32.86
C LYS QC 120 -30.37 -46.42 -33.52
N THR QC 121 -30.81 -45.45 -32.73
CA THR QC 121 -31.01 -44.10 -33.24
C THR QC 121 -29.73 -43.56 -33.85
N GLU QC 122 -29.87 -42.94 -35.03
CA GLU QC 122 -28.70 -42.46 -35.76
C GLU QC 122 -27.96 -41.37 -35.01
N SER QC 123 -28.62 -40.69 -34.07
CA SER QC 123 -27.92 -39.73 -33.22
C SER QC 123 -26.87 -40.44 -32.37
N SER QC 124 -25.91 -39.67 -31.89
CA SER QC 124 -24.80 -40.24 -31.13
C SER QC 124 -25.28 -40.91 -29.85
N LYS QC 125 -24.55 -41.91 -29.38
CA LYS QC 125 -24.94 -42.63 -28.17
C LYS QC 125 -24.93 -41.71 -26.96
N SER QC 126 -23.92 -40.84 -26.86
CA SER QC 126 -23.80 -39.97 -25.69
C SER QC 126 -24.89 -38.90 -25.66
N ALA QC 127 -25.12 -38.23 -26.79
CA ALA QC 127 -26.07 -37.13 -26.84
C ALA QC 127 -26.65 -37.02 -28.24
N LYS QC 128 -27.58 -36.08 -28.40
CA LYS QC 128 -28.26 -35.92 -29.69
C LYS QC 128 -27.29 -35.48 -30.78
N SER QC 129 -26.36 -34.58 -30.44
CA SER QC 129 -25.43 -34.07 -31.43
C SER QC 129 -24.57 -35.19 -32.01
N LYS QC 130 -24.42 -35.19 -33.33
CA LYS QC 130 -23.66 -36.24 -34.02
C LYS QC 130 -22.19 -36.20 -33.64
N ARG RC 27 -71.09 73.10 80.44
CA ARG RC 27 -71.78 73.49 79.21
C ARG RC 27 -71.01 73.05 77.98
N ARG RC 28 -71.62 72.20 77.17
CA ARG RC 28 -71.03 71.76 75.90
C ARG RC 28 -71.36 72.76 74.79
N LYS RC 29 -71.05 74.02 75.04
CA LYS RC 29 -71.32 75.11 74.11
C LYS RC 29 -70.17 75.35 73.14
N SER RC 30 -69.03 74.66 73.34
CA SER RC 30 -67.86 74.85 72.50
C SER RC 30 -68.21 74.73 71.02
N ARG RC 31 -67.91 75.79 70.28
CA ARG RC 31 -68.31 75.90 68.87
C ARG RC 31 -67.23 75.27 67.99
N LYS RC 32 -67.64 74.32 67.16
CA LYS RC 32 -66.76 73.70 66.17
C LYS RC 32 -67.07 74.30 64.81
N GLU RC 33 -66.10 75.01 64.24
CA GLU RC 33 -66.28 75.69 62.96
C GLU RC 33 -66.28 74.65 61.84
N SER RC 34 -67.45 74.05 61.62
CA SER RC 34 -67.62 73.03 60.60
C SER RC 34 -68.38 73.60 59.41
N TYR RC 35 -67.89 73.29 58.21
CA TYR RC 35 -68.49 73.76 56.97
C TYR RC 35 -69.46 72.76 56.37
N ALA RC 36 -69.89 71.76 57.15
CA ALA RC 36 -70.75 70.71 56.61
C ALA RC 36 -72.09 71.27 56.14
N ILE RC 37 -72.69 72.18 56.92
CA ILE RC 37 -73.98 72.74 56.53
C ILE RC 37 -73.85 73.56 55.26
N TYR RC 38 -72.79 74.38 55.17
CA TYR RC 38 -72.59 75.20 53.98
C TYR RC 38 -72.29 74.33 52.75
N VAL RC 39 -71.48 73.30 52.93
CA VAL RC 39 -71.20 72.37 51.83
C VAL RC 39 -72.49 71.66 51.40
N TYR RC 40 -73.29 71.23 52.39
CA TYR RC 40 -74.54 70.55 52.08
C TYR RC 40 -75.49 71.47 51.30
N LYS RC 41 -75.57 72.74 51.69
CA LYS RC 41 -76.44 73.68 50.98
C LYS RC 41 -75.97 73.87 49.55
N VAL RC 42 -74.66 73.98 49.33
CA VAL RC 42 -74.14 74.11 47.98
C VAL RC 42 -74.45 72.86 47.16
N LEU RC 43 -74.29 71.68 47.76
CA LEU RC 43 -74.60 70.44 47.06
C LEU RC 43 -76.08 70.36 46.71
N LYS RC 44 -76.94 70.83 47.62
CA LYS RC 44 -78.38 70.79 47.36
C LYS RC 44 -78.75 71.69 46.18
N GLN RC 45 -78.11 72.86 46.08
CA GLN RC 45 -78.45 73.80 45.02
C GLN RC 45 -78.08 73.23 43.65
N VAL RC 46 -76.88 72.67 43.53
CA VAL RC 46 -76.46 72.10 42.25
C VAL RC 46 -77.19 70.80 41.97
N HIS RC 47 -77.48 70.02 43.01
CA HIS RC 47 -78.14 68.72 42.85
C HIS RC 47 -79.08 68.50 44.03
N PRO RC 48 -80.36 68.88 43.89
CA PRO RC 48 -81.32 68.65 44.99
C PRO RC 48 -81.52 67.19 45.35
N ASP RC 49 -81.35 66.27 44.39
CA ASP RC 49 -81.64 64.86 44.62
C ASP RC 49 -80.42 64.06 45.07
N THR RC 50 -79.25 64.69 45.23
CA THR RC 50 -78.04 63.99 45.62
C THR RC 50 -77.78 64.22 47.10
N GLY RC 51 -77.66 63.13 47.85
CA GLY RC 51 -77.38 63.21 49.27
C GLY RC 51 -75.89 63.16 49.57
N ILE RC 52 -75.57 63.39 50.84
CA ILE RC 52 -74.19 63.40 51.32
C ILE RC 52 -74.09 62.54 52.59
N SER RC 53 -73.07 61.70 52.64
CA SER RC 53 -72.85 60.88 53.82
C SER RC 53 -72.27 61.71 54.96
N SER RC 54 -72.58 61.29 56.20
CA SER RC 54 -72.07 62.00 57.37
C SER RC 54 -70.55 61.92 57.44
N LYS RC 55 -69.98 60.75 57.12
CA LYS RC 55 -68.53 60.60 57.16
C LYS RC 55 -67.85 61.48 56.12
N ALA RC 56 -68.45 61.59 54.94
CA ALA RC 56 -67.85 62.39 53.87
C ALA RC 56 -67.92 63.89 54.15
N MET RC 57 -68.74 64.32 55.11
CA MET RC 57 -68.81 65.73 55.45
C MET RC 57 -67.48 66.23 56.02
N SER RC 58 -66.83 65.41 56.84
CA SER RC 58 -65.57 65.81 57.46
C SER RC 58 -64.48 65.99 56.42
N ILE RC 59 -64.53 65.22 55.32
CA ILE RC 59 -63.54 65.37 54.27
C ILE RC 59 -63.62 66.75 53.64
N MET RC 60 -64.84 67.19 53.32
CA MET RC 60 -65.02 68.54 52.76
C MET RC 60 -64.69 69.60 53.80
N ASN RC 61 -65.07 69.38 55.07
CA ASN RC 61 -64.78 70.36 56.11
C ASN RC 61 -63.29 70.53 56.30
N SER RC 62 -62.54 69.44 56.31
CA SER RC 62 -61.08 69.54 56.40
C SER RC 62 -60.47 70.08 55.11
N PHE RC 63 -61.08 69.75 53.97
CA PHE RC 63 -60.60 70.28 52.70
C PHE RC 63 -60.75 71.80 52.64
N VAL RC 64 -61.87 72.32 53.13
CA VAL RC 64 -62.08 73.76 53.15
C VAL RC 64 -61.08 74.44 54.08
N ASN RC 65 -60.86 73.87 55.27
CA ASN RC 65 -59.93 74.46 56.22
C ASN RC 65 -58.51 74.46 55.66
N ASP RC 66 -58.10 73.36 55.03
CA ASP RC 66 -56.75 73.27 54.47
C ASP RC 66 -56.55 74.28 53.35
N VAL RC 67 -57.53 74.39 52.45
CA VAL RC 67 -57.44 75.36 51.37
C VAL RC 67 -57.50 76.78 51.91
N PHE RC 68 -58.34 77.00 52.93
CA PHE RC 68 -58.42 78.33 53.54
C PHE RC 68 -57.08 78.73 54.15
N GLU RC 69 -56.41 77.80 54.84
CA GLU RC 69 -55.10 78.09 55.39
C GLU RC 69 -54.06 78.32 54.29
N ARG RC 70 -54.16 77.56 53.20
CA ARG RC 70 -53.20 77.72 52.10
C ARG RC 70 -53.33 79.10 51.47
N ILE RC 71 -54.55 79.54 51.16
CA ILE RC 71 -54.73 80.85 50.53
C ILE RC 71 -54.40 81.96 51.52
N ALA RC 72 -54.84 81.83 52.77
CA ALA RC 72 -54.54 82.86 53.76
C ALA RC 72 -53.04 82.94 54.04
N GLY RC 73 -52.37 81.80 54.08
CA GLY RC 73 -50.93 81.81 54.27
C GLY RC 73 -50.20 82.50 53.14
N GLU RC 74 -50.62 82.25 51.90
CA GLU RC 74 -50.02 82.94 50.76
C GLU RC 74 -50.30 84.43 50.80
N ALA RC 75 -51.52 84.82 51.16
CA ALA RC 75 -51.86 86.23 51.24
C ALA RC 75 -51.03 86.95 52.30
N SER RC 76 -50.80 86.30 53.44
CA SER RC 76 -49.96 86.89 54.48
C SER RC 76 -48.54 87.10 54.00
N ARG RC 77 -47.98 86.11 53.30
CA ARG RC 77 -46.60 86.20 52.83
C ARG RC 77 -46.45 87.32 51.81
N LEU RC 78 -47.45 87.51 50.95
CA LEU RC 78 -47.37 88.56 49.94
C LEU RC 78 -47.28 89.93 50.58
N ALA RC 79 -48.06 90.17 51.65
CA ALA RC 79 -48.01 91.46 52.33
C ALA RC 79 -46.64 91.68 52.97
N HIS RC 80 -46.07 90.65 53.59
CA HIS RC 80 -44.78 90.80 54.24
C HIS RC 80 -43.67 91.09 53.23
N TYR RC 81 -43.73 90.44 52.06
CA TYR RC 81 -42.72 90.68 51.04
C TYR RC 81 -42.82 92.09 50.44
N ASN RC 82 -44.05 92.61 50.31
CA ASN RC 82 -44.28 93.90 49.67
C ASN RC 82 -44.40 95.04 50.67
N LYS RC 83 -43.99 94.82 51.92
CA LYS RC 83 -44.03 95.85 52.96
C LYS RC 83 -45.44 96.39 53.17
N ARG RC 84 -46.45 95.53 53.03
CA ARG RC 84 -47.84 95.93 53.15
C ARG RC 84 -48.41 95.45 54.47
N SER RC 85 -49.15 96.33 55.15
CA SER RC 85 -49.81 96.02 56.40
C SER RC 85 -51.32 95.96 56.23
N THR RC 86 -51.77 95.42 55.10
CA THR RC 86 -53.19 95.26 54.83
C THR RC 86 -53.39 94.13 53.83
N ILE RC 87 -54.56 93.51 53.88
CA ILE RC 87 -54.94 92.42 52.98
C ILE RC 87 -56.25 92.80 52.31
N THR RC 88 -56.30 92.70 50.99
CA THR RC 88 -57.50 93.02 50.24
C THR RC 88 -57.67 91.98 49.13
N SER RC 89 -58.59 92.26 48.20
CA SER RC 89 -58.90 91.29 47.15
C SER RC 89 -57.71 91.03 46.24
N ARG RC 90 -56.80 91.99 46.11
CA ARG RC 90 -55.65 91.81 45.23
C ARG RC 90 -54.75 90.67 45.72
N GLU RC 91 -54.50 90.60 47.03
CA GLU RC 91 -53.67 89.53 47.57
C GLU RC 91 -54.31 88.16 47.36
N ILE RC 92 -55.62 88.08 47.56
CA ILE RC 92 -56.32 86.80 47.36
C ILE RC 92 -56.25 86.39 45.89
N GLN RC 93 -56.46 87.34 44.98
CA GLN RC 93 -56.35 87.04 43.55
C GLN RC 93 -54.93 86.61 43.20
N THR RC 94 -53.93 87.27 43.78
CA THR RC 94 -52.55 86.83 43.59
C THR RC 94 -52.33 85.44 44.19
N ALA RC 95 -52.90 85.19 45.37
CA ALA RC 95 -52.75 83.89 46.01
C ALA RC 95 -53.42 82.78 45.20
N VAL RC 96 -54.60 83.08 44.62
CA VAL RC 96 -55.31 82.09 43.82
C VAL RC 96 -54.49 81.70 42.61
N ARG RC 97 -53.89 82.69 41.93
CA ARG RC 97 -53.05 82.39 40.77
C ARG RC 97 -51.80 81.61 41.17
N LEU RC 98 -51.31 81.80 42.40
CA LEU RC 98 -50.13 81.09 42.88
C LEU RC 98 -50.43 79.68 43.34
N LEU RC 99 -51.70 79.31 43.51
CA LEU RC 99 -52.09 77.99 43.98
C LEU RC 99 -52.82 77.17 42.92
N LEU RC 100 -53.88 77.72 42.34
CA LEU RC 100 -54.66 76.96 41.39
C LEU RC 100 -54.03 77.01 39.99
N PRO RC 101 -54.14 75.90 39.24
CA PRO RC 101 -53.64 75.90 37.86
C PRO RC 101 -54.53 76.69 36.91
N GLY RC 102 -54.23 76.62 35.61
CA GLY RC 102 -54.84 77.47 34.61
C GLY RC 102 -56.34 77.63 34.64
N GLU RC 103 -57.08 76.55 34.35
CA GLU RC 103 -58.54 76.64 34.32
C GLU RC 103 -59.11 76.97 35.70
N LEU RC 104 -58.58 76.33 36.74
CA LEU RC 104 -59.10 76.54 38.08
C LEU RC 104 -58.88 77.97 38.55
N ALA RC 105 -57.71 78.54 38.24
CA ALA RC 105 -57.40 79.90 38.70
C ALA RC 105 -58.28 80.92 37.99
N LYS RC 106 -58.39 80.82 36.65
CA LYS RC 106 -59.13 81.81 35.90
C LYS RC 106 -60.62 81.77 36.22
N HIS RC 107 -61.15 80.58 36.53
CA HIS RC 107 -62.55 80.48 36.94
C HIS RC 107 -62.75 81.00 38.36
N ALA RC 108 -61.81 80.69 39.26
CA ALA RC 108 -61.90 81.20 40.62
C ALA RC 108 -61.75 82.71 40.64
N VAL RC 109 -60.83 83.25 39.83
CA VAL RC 109 -60.67 84.70 39.74
C VAL RC 109 -61.95 85.34 39.22
N SER RC 110 -62.55 84.74 38.19
CA SER RC 110 -63.80 85.26 37.66
C SER RC 110 -64.90 85.25 38.71
N GLU RC 111 -65.01 84.15 39.47
CA GLU RC 111 -65.96 84.12 40.57
C GLU RC 111 -65.58 85.10 41.67
N GLY RC 112 -64.29 85.21 41.98
CA GLY RC 112 -63.86 86.17 42.99
C GLY RC 112 -64.05 87.61 42.56
N THR RC 113 -63.78 87.90 41.28
CA THR RC 113 -63.95 89.27 40.78
C THR RC 113 -65.42 89.68 40.82
N LYS RC 114 -66.32 88.76 40.48
CA LYS RC 114 -67.74 89.08 40.49
C LYS RC 114 -68.24 89.33 41.91
N ALA RC 115 -67.64 88.66 42.90
CA ALA RC 115 -68.13 88.78 44.27
C ALA RC 115 -67.87 90.16 44.84
N VAL RC 116 -66.66 90.69 44.64
CA VAL RC 116 -66.32 92.00 45.19
C VAL RC 116 -67.09 93.10 44.48
N THR RC 117 -67.25 92.99 43.16
CA THR RC 117 -67.98 94.01 42.41
C THR RC 117 -69.45 94.06 42.82
N LYS RC 118 -70.08 92.90 43.01
CA LYS RC 118 -71.47 92.89 43.44
C LYS RC 118 -71.63 93.44 44.86
N TYR RC 119 -70.61 93.23 45.71
CA TYR RC 119 -70.69 93.71 47.08
C TYR RC 119 -70.80 95.23 47.12
N THR RC 120 -70.03 95.92 46.28
CA THR RC 120 -70.02 97.38 46.29
C THR RC 120 -71.37 97.96 45.91
N SER RC 121 -72.21 97.18 45.22
CA SER RC 121 -73.51 97.66 44.76
C SER RC 121 -74.69 96.97 45.41
N ALA RC 122 -74.47 95.88 46.15
CA ALA RC 122 -75.59 95.14 46.74
C ALA RC 122 -76.18 95.89 47.92
N LYS RC 123 -75.37 96.09 48.97
CA LYS RC 123 -75.78 96.73 50.23
C LYS RC 123 -76.88 95.96 50.95
N GLN SC 20 -47.93 -154.45 -6.71
CA GLN SC 20 -47.95 -154.33 -8.16
C GLN SC 20 -48.92 -153.23 -8.62
N LYS SC 21 -49.73 -152.74 -7.68
CA LYS SC 21 -50.81 -151.80 -7.98
C LYS SC 21 -50.80 -150.65 -6.98
N LYS SC 22 -49.65 -150.02 -6.80
CA LYS SC 22 -49.45 -148.78 -6.05
C LYS SC 22 -49.45 -149.02 -4.53
N ASP SC 23 -49.74 -150.23 -4.07
CA ASP SC 23 -49.89 -150.49 -2.65
C ASP SC 23 -48.61 -150.24 -1.85
N GLY SC 24 -47.54 -149.82 -2.52
CA GLY SC 24 -46.31 -149.44 -1.86
C GLY SC 24 -46.41 -148.07 -1.22
N LYS SC 25 -45.31 -147.33 -1.26
CA LYS SC 25 -45.23 -146.01 -0.63
C LYS SC 25 -45.45 -144.91 -1.68
N LYS SC 26 -46.73 -144.73 -2.02
CA LYS SC 26 -47.09 -143.59 -2.87
C LYS SC 26 -47.04 -142.28 -2.09
N ARG SC 27 -47.18 -142.35 -0.77
CA ARG SC 27 -47.16 -141.15 0.06
C ARG SC 27 -45.80 -140.46 -0.05
N ARG SC 28 -45.80 -139.15 0.20
CA ARG SC 28 -44.64 -138.27 0.03
C ARG SC 28 -44.17 -138.21 -1.41
N LYS SC 29 -45.05 -138.51 -2.37
CA LYS SC 29 -44.76 -138.42 -3.79
C LYS SC 29 -45.89 -137.61 -4.43
N SER SC 30 -45.73 -136.29 -4.45
CA SER SC 30 -46.68 -135.39 -5.08
C SER SC 30 -45.92 -134.47 -6.03
N ARG SC 31 -46.43 -134.34 -7.25
CA ARG SC 31 -45.72 -133.58 -8.27
C ARG SC 31 -45.63 -132.11 -7.88
N LYS SC 32 -44.42 -131.56 -7.96
CA LYS SC 32 -44.16 -130.15 -7.70
C LYS SC 32 -43.71 -129.51 -9.00
N GLU SC 33 -44.36 -128.40 -9.39
CA GLU SC 33 -44.09 -127.74 -10.66
C GLU SC 33 -42.75 -127.02 -10.55
N SER SC 34 -41.67 -127.77 -10.71
CA SER SC 34 -40.32 -127.26 -10.61
C SER SC 34 -39.62 -127.40 -11.97
N TYR SC 35 -38.90 -126.36 -12.36
CA TYR SC 35 -38.15 -126.34 -13.61
C TYR SC 35 -36.66 -126.59 -13.41
N ALA SC 36 -36.30 -127.23 -12.29
CA ALA SC 36 -34.88 -127.36 -11.94
C ALA SC 36 -34.13 -128.17 -12.98
N ILE SC 37 -34.70 -129.31 -13.41
CA ILE SC 37 -34.00 -130.16 -14.36
C ILE SC 37 -33.88 -129.48 -15.72
N TYR SC 38 -34.92 -128.72 -16.11
CA TYR SC 38 -34.89 -128.05 -17.41
C TYR SC 38 -33.93 -126.87 -17.43
N VAL SC 39 -33.78 -126.19 -16.29
CA VAL SC 39 -32.79 -125.12 -16.19
C VAL SC 39 -31.39 -125.68 -16.34
N TYR SC 40 -31.16 -126.89 -15.82
CA TYR SC 40 -29.86 -127.54 -15.99
C TYR SC 40 -29.60 -127.86 -17.46
N LYS SC 41 -30.65 -128.24 -18.19
CA LYS SC 41 -30.48 -128.60 -19.60
C LYS SC 41 -30.03 -127.40 -20.43
N VAL SC 42 -30.69 -126.25 -20.25
CA VAL SC 42 -30.34 -125.07 -21.03
C VAL SC 42 -28.97 -124.54 -20.62
N LEU SC 43 -28.59 -124.73 -19.36
CA LEU SC 43 -27.27 -124.29 -18.91
C LEU SC 43 -26.16 -125.05 -19.63
N LYS SC 44 -26.34 -126.37 -19.79
CA LYS SC 44 -25.31 -127.16 -20.47
C LYS SC 44 -25.22 -126.83 -21.94
N GLN SC 45 -26.31 -126.38 -22.55
CA GLN SC 45 -26.29 -126.01 -23.96
C GLN SC 45 -25.73 -124.61 -24.19
N VAL SC 46 -25.57 -123.81 -23.15
CA VAL SC 46 -24.89 -122.53 -23.24
C VAL SC 46 -23.52 -122.56 -22.56
N HIS SC 47 -23.35 -123.33 -21.48
CA HIS SC 47 -22.08 -123.51 -20.82
C HIS SC 47 -21.89 -124.98 -20.49
N PRO SC 48 -21.04 -125.70 -21.24
CA PRO SC 48 -20.96 -127.15 -21.02
C PRO SC 48 -20.26 -127.54 -19.72
N ASP SC 49 -19.21 -126.82 -19.33
CA ASP SC 49 -18.41 -127.19 -18.17
C ASP SC 49 -18.69 -126.28 -16.96
N THR SC 50 -19.95 -125.85 -16.80
CA THR SC 50 -20.33 -125.00 -15.68
C THR SC 50 -21.52 -125.63 -14.96
N GLY SC 51 -21.41 -125.79 -13.64
CA GLY SC 51 -22.46 -126.35 -12.84
C GLY SC 51 -23.26 -125.28 -12.11
N ILE SC 52 -24.21 -125.75 -11.31
CA ILE SC 52 -25.08 -124.87 -10.53
C ILE SC 52 -25.53 -125.62 -9.28
N SER SC 53 -25.49 -124.95 -8.14
CA SER SC 53 -25.91 -125.56 -6.89
C SER SC 53 -27.43 -125.58 -6.78
N SER SC 54 -27.94 -126.48 -5.94
CA SER SC 54 -29.37 -126.57 -5.73
C SER SC 54 -29.91 -125.32 -5.03
N LYS SC 55 -29.08 -124.66 -4.23
CA LYS SC 55 -29.50 -123.43 -3.58
C LYS SC 55 -29.82 -122.35 -4.61
N ALA SC 56 -28.97 -122.22 -5.64
CA ALA SC 56 -29.25 -121.26 -6.71
C ALA SC 56 -30.34 -121.76 -7.63
N MET SC 57 -30.66 -123.06 -7.59
CA MET SC 57 -31.70 -123.60 -8.45
C MET SC 57 -33.07 -123.10 -8.04
N SER SC 58 -33.29 -122.89 -6.73
CA SER SC 58 -34.58 -122.38 -6.26
C SER SC 58 -34.83 -120.98 -6.80
N ILE SC 59 -33.79 -120.14 -6.86
CA ILE SC 59 -33.95 -118.79 -7.39
C ILE SC 59 -34.35 -118.86 -8.86
N MET SC 60 -33.70 -119.73 -9.63
CA MET SC 60 -34.08 -119.88 -11.04
C MET SC 60 -35.47 -120.46 -11.18
N ASN SC 61 -35.84 -121.41 -10.30
CA ASN SC 61 -37.17 -121.99 -10.36
C ASN SC 61 -38.24 -120.94 -10.09
N SER SC 62 -38.02 -120.07 -9.11
CA SER SC 62 -38.96 -118.98 -8.85
C SER SC 62 -38.95 -117.97 -9.99
N PHE SC 63 -37.77 -117.73 -10.58
CA PHE SC 63 -37.68 -116.77 -11.67
C PHE SC 63 -38.48 -117.21 -12.88
N VAL SC 64 -38.42 -118.50 -13.22
CA VAL SC 64 -39.17 -119.02 -14.37
C VAL SC 64 -40.67 -118.91 -14.09
N ASN SC 65 -41.09 -119.30 -12.88
CA ASN SC 65 -42.50 -119.23 -12.54
C ASN SC 65 -43.00 -117.79 -12.51
N ASP SC 66 -42.20 -116.87 -11.98
CA ASP SC 66 -42.62 -115.47 -11.90
C ASP SC 66 -42.78 -114.87 -13.29
N VAL SC 67 -41.84 -115.13 -14.19
CA VAL SC 67 -41.94 -114.61 -15.55
C VAL SC 67 -43.12 -115.27 -16.28
N PHE SC 68 -43.32 -116.56 -16.05
CA PHE SC 68 -44.47 -117.25 -16.64
C PHE SC 68 -45.78 -116.64 -16.17
N GLU SC 69 -45.88 -116.33 -14.88
CA GLU SC 69 -47.10 -115.72 -14.35
C GLU SC 69 -47.33 -114.34 -14.95
N ARG SC 70 -46.25 -113.55 -15.12
CA ARG SC 70 -46.38 -112.19 -15.61
C ARG SC 70 -46.87 -112.18 -17.06
N ILE SC 71 -46.25 -112.96 -17.93
CA ILE SC 71 -46.65 -112.98 -19.33
C ILE SC 71 -48.04 -113.57 -19.49
N ALA SC 72 -48.32 -114.68 -18.81
CA ALA SC 72 -49.65 -115.27 -18.86
C ALA SC 72 -50.69 -114.33 -18.26
N GLY SC 73 -50.35 -113.68 -17.15
CA GLY SC 73 -51.26 -112.70 -16.58
C GLY SC 73 -51.50 -111.52 -17.50
N GLU SC 74 -50.43 -111.05 -18.15
CA GLU SC 74 -50.57 -109.98 -19.13
C GLU SC 74 -51.38 -110.44 -20.34
N ALA SC 75 -51.14 -111.67 -20.80
CA ALA SC 75 -51.90 -112.20 -21.94
C ALA SC 75 -53.37 -112.32 -21.60
N SER SC 76 -53.69 -112.73 -20.38
CA SER SC 76 -55.09 -112.84 -19.97
C SER SC 76 -55.76 -111.47 -19.98
N ARG SC 77 -55.06 -110.43 -19.50
CA ARG SC 77 -55.63 -109.09 -19.51
C ARG SC 77 -55.89 -108.61 -20.93
N LEU SC 78 -54.96 -108.86 -21.85
CA LEU SC 78 -55.16 -108.47 -23.23
C LEU SC 78 -56.36 -109.18 -23.84
N ALA SC 79 -56.53 -110.47 -23.53
CA ALA SC 79 -57.68 -111.20 -24.03
C ALA SC 79 -58.98 -110.63 -23.47
N HIS SC 80 -58.99 -110.27 -22.19
CA HIS SC 80 -60.18 -109.68 -21.58
C HIS SC 80 -60.51 -108.34 -22.20
N TYR SC 81 -59.50 -107.51 -22.46
CA TYR SC 81 -59.74 -106.18 -23.01
C TYR SC 81 -60.30 -106.25 -24.43
N ASN SC 82 -59.89 -107.25 -25.20
CA ASN SC 82 -60.29 -107.37 -26.59
C ASN SC 82 -61.48 -108.30 -26.79
N LYS SC 83 -62.17 -108.67 -25.71
CA LYS SC 83 -63.33 -109.56 -25.78
C LYS SC 83 -63.01 -110.89 -26.44
N ARG SC 84 -61.80 -111.41 -26.18
CA ARG SC 84 -61.35 -112.67 -26.76
C ARG SC 84 -61.21 -113.71 -25.66
N SER SC 85 -61.79 -114.88 -25.87
CA SER SC 85 -61.75 -115.96 -24.90
C SER SC 85 -60.62 -116.95 -25.16
N THR SC 86 -59.77 -116.67 -26.15
CA THR SC 86 -58.66 -117.56 -26.50
C THR SC 86 -57.34 -116.81 -26.40
N ILE SC 87 -56.27 -117.54 -26.10
CA ILE SC 87 -54.93 -117.00 -26.02
C ILE SC 87 -54.05 -117.78 -26.99
N THR SC 88 -53.34 -117.06 -27.86
CA THR SC 88 -52.45 -117.66 -28.85
C THR SC 88 -51.14 -116.87 -28.85
N SER SC 89 -50.30 -117.14 -29.85
CA SER SC 89 -48.99 -116.50 -29.92
C SER SC 89 -49.11 -114.98 -30.05
N ARG SC 90 -50.18 -114.49 -30.65
CA ARG SC 90 -50.35 -113.05 -30.83
C ARG SC 90 -50.46 -112.34 -29.49
N GLU SC 91 -51.26 -112.88 -28.57
CA GLU SC 91 -51.44 -112.25 -27.27
C GLU SC 91 -50.16 -112.30 -26.45
N ILE SC 92 -49.46 -113.44 -26.48
CA ILE SC 92 -48.22 -113.57 -25.71
C ILE SC 92 -47.14 -112.66 -26.29
N GLN SC 93 -47.04 -112.60 -27.62
CA GLN SC 93 -46.08 -111.69 -28.24
C GLN SC 93 -46.36 -110.24 -27.86
N THR SC 94 -47.64 -109.86 -27.84
CA THR SC 94 -48.00 -108.55 -27.34
C THR SC 94 -47.62 -108.40 -25.87
N ALA SC 95 -47.89 -109.42 -25.06
CA ALA SC 95 -47.57 -109.36 -23.64
C ALA SC 95 -46.06 -109.28 -23.40
N VAL SC 96 -45.28 -110.01 -24.21
CA VAL SC 96 -43.83 -110.00 -24.05
C VAL SC 96 -43.28 -108.60 -24.31
N ARG SC 97 -43.77 -107.93 -25.36
CA ARG SC 97 -43.29 -106.60 -25.69
C ARG SC 97 -43.58 -105.60 -24.58
N LEU SC 98 -44.74 -105.74 -23.93
CA LEU SC 98 -45.12 -104.80 -22.87
C LEU SC 98 -44.18 -104.91 -21.67
N LEU SC 99 -43.98 -106.12 -21.17
CA LEU SC 99 -43.22 -106.30 -19.94
C LEU SC 99 -41.72 -106.13 -20.16
N LEU SC 100 -41.19 -106.67 -21.26
CA LEU SC 100 -39.76 -106.71 -21.46
C LEU SC 100 -39.23 -105.33 -21.85
N PRO SC 101 -37.97 -105.04 -21.54
CA PRO SC 101 -37.44 -103.68 -21.80
C PRO SC 101 -37.46 -103.28 -23.26
N GLY SC 102 -37.25 -104.21 -24.17
CA GLY SC 102 -37.26 -103.89 -25.59
C GLY SC 102 -36.16 -104.56 -26.40
N GLU SC 103 -34.99 -104.75 -25.80
CA GLU SC 103 -33.98 -105.59 -26.43
C GLU SC 103 -34.28 -107.07 -26.19
N LEU SC 104 -34.57 -107.43 -24.95
CA LEU SC 104 -35.00 -108.78 -24.66
C LEU SC 104 -36.29 -109.12 -25.38
N ALA SC 105 -37.21 -108.16 -25.48
CA ALA SC 105 -38.43 -108.37 -26.26
C ALA SC 105 -38.11 -108.58 -27.73
N LYS SC 106 -37.13 -107.85 -28.26
CA LYS SC 106 -36.74 -108.02 -29.66
C LYS SC 106 -36.22 -109.43 -29.90
N HIS SC 107 -35.39 -109.94 -28.99
CA HIS SC 107 -34.88 -111.30 -29.14
C HIS SC 107 -35.96 -112.33 -28.80
N ALA SC 108 -36.76 -112.08 -27.76
CA ALA SC 108 -37.80 -113.04 -27.38
C ALA SC 108 -38.82 -113.22 -28.51
N VAL SC 109 -39.17 -112.13 -29.20
CA VAL SC 109 -40.04 -112.24 -30.37
C VAL SC 109 -39.38 -113.10 -31.44
N SER SC 110 -38.09 -112.86 -31.70
CA SER SC 110 -37.36 -113.67 -32.66
C SER SC 110 -37.26 -115.12 -32.19
N GLU SC 111 -36.93 -115.31 -30.90
CA GLU SC 111 -36.87 -116.67 -30.37
C GLU SC 111 -38.25 -117.31 -30.32
N GLY SC 112 -39.28 -116.52 -29.98
CA GLY SC 112 -40.63 -117.05 -29.99
C GLY SC 112 -41.12 -117.40 -31.39
N THR SC 113 -40.76 -116.58 -32.38
CA THR SC 113 -41.17 -116.84 -33.75
C THR SC 113 -40.54 -118.12 -34.28
N LYS SC 114 -39.26 -118.34 -33.98
CA LYS SC 114 -38.60 -119.54 -34.49
C LYS SC 114 -39.17 -120.81 -33.87
N ALA SC 115 -39.80 -120.70 -32.69
CA ALA SC 115 -40.43 -121.86 -32.08
C ALA SC 115 -41.74 -122.21 -32.79
N VAL SC 116 -42.50 -121.20 -33.18
CA VAL SC 116 -43.79 -121.44 -33.84
C VAL SC 116 -43.57 -122.03 -35.23
N THR SC 117 -42.63 -121.47 -36.00
CA THR SC 117 -42.39 -121.97 -37.35
C THR SC 117 -41.74 -123.35 -37.33
N LYS SC 118 -41.12 -123.75 -36.23
CA LYS SC 118 -40.63 -125.11 -36.09
C LYS SC 118 -41.66 -126.05 -35.48
N TYR SC 119 -42.70 -125.50 -34.84
CA TYR SC 119 -43.78 -126.35 -34.35
C TYR SC 119 -44.52 -127.01 -35.51
N THR SC 120 -44.71 -126.29 -36.60
CA THR SC 120 -45.30 -126.85 -37.80
C THR SC 120 -44.25 -127.67 -38.55
N SER SC 121 -44.60 -128.11 -39.77
CA SER SC 121 -43.74 -128.99 -40.58
C SER SC 121 -43.33 -130.25 -39.81
N ALA SC 122 -44.25 -130.78 -39.02
CA ALA SC 122 -44.02 -131.99 -38.24
C ALA SC 122 -45.35 -132.61 -37.88
N LYS SC 123 -45.30 -133.88 -37.48
CA LYS SC 123 -46.51 -134.60 -37.10
C LYS SC 123 -47.13 -133.97 -35.86
N MET TC 1 42.76 49.67 -117.08
CA MET TC 1 41.47 49.30 -117.67
C MET TC 1 40.63 48.62 -116.59
N THR TC 2 41.32 47.94 -115.65
CA THR TC 2 40.64 47.30 -114.54
C THR TC 2 40.01 48.31 -113.59
N GLU TC 3 40.59 49.50 -113.46
CA GLU TC 3 40.08 50.52 -112.54
C GLU TC 3 39.09 51.47 -113.20
N SER TC 4 38.83 51.33 -114.50
CA SER TC 4 38.08 52.33 -115.24
C SER TC 4 36.79 51.80 -115.85
N LEU TC 5 36.83 50.64 -116.51
CA LEU TC 5 35.70 50.25 -117.34
C LEU TC 5 35.15 48.87 -117.01
N VAL TC 6 35.99 47.96 -116.54
CA VAL TC 6 35.49 46.60 -116.28
C VAL TC 6 34.97 46.47 -114.85
N LEU TC 7 35.64 47.11 -113.89
CA LEU TC 7 35.14 47.09 -112.52
C LEU TC 7 33.96 48.03 -112.34
N SER TC 8 34.01 49.20 -113.00
CA SER TC 8 33.07 50.30 -112.81
C SER TC 8 31.59 49.91 -112.91
N PRO TC 9 31.22 48.85 -113.64
CA PRO TC 9 29.85 48.33 -113.48
C PRO TC 9 29.50 47.97 -112.04
N ALA TC 10 30.49 47.57 -111.23
CA ALA TC 10 30.19 47.18 -109.86
C ALA TC 10 29.92 48.39 -108.96
N PRO TC 11 30.81 49.38 -108.86
CA PRO TC 11 30.49 50.55 -108.02
C PRO TC 11 29.29 51.34 -108.49
N ALA TC 12 29.13 51.52 -109.81
CA ALA TC 12 28.04 52.34 -110.33
C ALA TC 12 26.69 51.69 -110.17
N LYS TC 13 26.64 50.41 -109.81
CA LYS TC 13 25.40 49.67 -109.73
C LYS TC 13 24.61 49.99 -108.45
N PRO TC 14 25.26 50.21 -107.30
CA PRO TC 14 24.54 50.85 -106.19
C PRO TC 14 24.54 52.37 -106.26
N LYS TC 15 25.24 52.96 -107.22
CA LYS TC 15 25.30 54.41 -107.36
C LYS TC 15 24.05 55.00 -108.01
N ARG TC 16 23.16 54.16 -108.56
CA ARG TC 16 21.95 54.68 -109.18
C ARG TC 16 21.01 55.27 -108.14
N VAL TC 17 21.03 54.73 -106.91
CA VAL TC 17 20.20 55.28 -105.85
C VAL TC 17 20.62 56.69 -105.45
N LYS TC 18 21.92 56.93 -105.29
CA LYS TC 18 22.47 58.23 -104.92
C LYS TC 18 22.90 58.99 -106.17
N ALA TC 19 23.64 60.07 -105.95
CA ALA TC 19 24.03 61.01 -107.01
C ALA TC 19 22.77 61.64 -107.62
N SER TC 20 21.78 61.86 -106.78
CA SER TC 20 20.51 62.45 -107.18
C SER TC 20 20.66 63.96 -107.32
N ARG TC 21 19.55 64.67 -107.44
CA ARG TC 21 19.57 66.12 -107.65
C ARG TC 21 19.21 66.89 -106.39
N ARG TC 22 18.15 66.49 -105.69
CA ARG TC 22 17.78 67.16 -104.44
C ARG TC 22 18.87 67.00 -103.39
N SER TC 23 19.40 65.78 -103.25
CA SER TC 23 20.52 65.50 -102.37
C SER TC 23 21.57 64.73 -103.16
N ALA TC 24 22.81 65.21 -103.11
CA ALA TC 24 23.89 64.65 -103.90
C ALA TC 24 24.92 63.98 -103.00
N SER TC 25 25.43 62.84 -103.47
CA SER TC 25 26.47 62.10 -102.77
C SER TC 25 27.85 62.56 -103.22
N HIS TC 26 28.86 62.13 -102.49
CA HIS TC 26 30.23 62.51 -102.76
C HIS TC 26 30.91 61.47 -103.64
N PRO TC 27 31.49 61.85 -104.78
CA PRO TC 27 32.19 60.88 -105.61
C PRO TC 27 33.46 60.39 -104.93
N THR TC 28 33.91 59.21 -105.37
CA THR TC 28 35.08 58.58 -104.76
C THR TC 28 36.37 59.35 -105.05
N TYR TC 29 36.34 60.30 -105.97
CA TYR TC 29 37.55 61.05 -106.35
C TYR TC 29 37.80 62.15 -105.32
N SER TC 30 38.33 61.74 -104.17
CA SER TC 30 38.82 62.64 -103.13
C SER TC 30 37.74 63.58 -102.59
N GLU TC 31 36.49 63.12 -102.53
CA GLU TC 31 35.40 63.93 -101.99
C GLU TC 31 34.60 63.21 -100.91
N MET TC 32 34.86 61.93 -100.68
CA MET TC 32 34.07 61.15 -99.73
C MET TC 32 34.50 61.38 -98.28
N ILE TC 33 35.77 61.09 -97.98
CA ILE TC 33 36.23 61.19 -96.59
C ILE TC 33 36.24 62.64 -96.13
N ALA TC 34 36.56 63.57 -97.04
CA ALA TC 34 36.65 64.98 -96.65
C ALA TC 34 35.30 65.52 -96.18
N ALA TC 35 34.20 64.89 -96.59
CA ALA TC 35 32.89 65.32 -96.12
C ALA TC 35 32.76 65.15 -94.61
N ALA TC 36 33.25 64.04 -94.08
CA ALA TC 36 33.28 63.86 -92.64
C ALA TC 36 34.43 64.64 -92.01
N ILE TC 37 35.53 64.81 -92.76
CA ILE TC 37 36.70 65.50 -92.20
C ILE TC 37 36.39 66.96 -91.90
N ARG TC 38 35.65 67.65 -92.77
CA ARG TC 38 35.35 69.05 -92.52
C ARG TC 38 34.57 69.22 -91.22
N ALA TC 39 33.65 68.29 -90.93
CA ALA TC 39 32.84 68.33 -89.72
C ALA TC 39 33.40 67.45 -88.61
N GLU TC 40 34.66 67.03 -88.72
CA GLU TC 40 35.30 66.20 -87.71
C GLU TC 40 35.24 66.87 -86.34
N LYS TC 41 34.91 66.08 -85.33
CA LYS TC 41 34.70 66.58 -83.97
C LYS TC 41 35.91 66.41 -83.06
N SER TC 42 36.73 65.39 -83.27
CA SER TC 42 37.86 65.10 -82.41
C SER TC 42 39.08 65.91 -82.83
N ARG TC 43 40.05 66.01 -81.91
CA ARG TC 43 41.26 66.78 -82.19
C ARG TC 43 42.18 66.02 -83.15
N GLY TC 44 42.34 64.71 -82.94
CA GLY TC 44 43.27 63.95 -83.78
C GLY TC 44 42.78 63.80 -85.20
N GLY TC 45 41.49 63.56 -85.39
CA GLY TC 45 40.90 63.35 -86.68
C GLY TC 45 40.15 62.04 -86.73
N SER TC 46 39.94 61.55 -87.94
CA SER TC 46 39.20 60.31 -88.15
C SER TC 46 40.11 59.10 -87.97
N SER TC 47 39.48 57.92 -87.87
CA SER TC 47 40.20 56.67 -87.75
C SER TC 47 39.72 55.69 -88.81
N ARG TC 48 40.17 54.44 -88.76
CA ARG TC 48 39.80 53.46 -89.78
C ARG TC 48 38.33 53.07 -89.66
N GLN TC 49 37.95 52.49 -88.52
CA GLN TC 49 36.55 52.13 -88.32
C GLN TC 49 35.66 53.37 -88.27
N SER TC 50 36.19 54.50 -87.80
CA SER TC 50 35.42 55.73 -87.80
C SER TC 50 35.10 56.20 -89.22
N ILE TC 51 36.10 56.14 -90.11
CA ILE TC 51 35.87 56.47 -91.51
C ILE TC 51 34.87 55.49 -92.12
N GLN TC 52 34.98 54.21 -91.77
CA GLN TC 52 33.99 53.24 -92.20
C GLN TC 52 32.59 53.67 -91.77
N LYS TC 53 32.45 54.09 -90.51
CA LYS TC 53 31.15 54.49 -90.00
C LYS TC 53 30.58 55.69 -90.76
N TYR TC 54 31.41 56.71 -90.99
CA TYR TC 54 30.91 57.86 -91.74
C TYR TC 54 30.55 57.50 -93.17
N ILE TC 55 31.45 56.81 -93.88
CA ILE TC 55 31.22 56.58 -95.30
C ILE TC 55 30.21 55.49 -95.58
N LYS TC 56 29.79 54.73 -94.55
CA LYS TC 56 28.78 53.70 -94.77
C LYS TC 56 27.48 54.30 -95.28
N SER TC 57 26.95 55.30 -94.56
CA SER TC 57 25.70 55.99 -94.92
C SER TC 57 24.60 54.93 -95.07
N HIS TC 58 23.85 54.94 -96.18
CA HIS TC 58 22.87 53.89 -96.47
C HIS TC 58 23.37 52.95 -97.56
N TYR TC 59 23.75 53.49 -98.72
CA TYR TC 59 24.41 52.74 -99.77
C TYR TC 59 25.65 53.50 -100.19
N LYS TC 60 26.67 52.76 -100.63
CA LYS TC 60 27.92 53.36 -101.08
C LYS TC 60 28.58 52.41 -102.07
N VAL TC 61 29.83 52.72 -102.43
CA VAL TC 61 30.61 51.77 -103.22
C VAL TC 61 30.81 50.49 -102.41
N GLY TC 62 31.23 50.63 -101.15
CA GLY TC 62 31.19 49.58 -100.15
C GLY TC 62 31.48 48.17 -100.58
N HIS TC 63 32.48 48.00 -101.44
CA HIS TC 63 32.81 46.67 -101.95
C HIS TC 63 34.30 46.61 -102.25
N ASN TC 64 34.97 45.60 -101.70
CA ASN TC 64 36.40 45.38 -101.90
C ASN TC 64 37.18 46.66 -101.67
N ALA TC 65 36.78 47.45 -100.68
CA ALA TC 65 37.40 48.73 -100.38
C ALA TC 65 38.39 48.64 -99.23
N ASP TC 66 38.54 47.48 -98.61
CA ASP TC 66 39.48 47.35 -97.49
C ASP TC 66 40.91 47.62 -97.93
N LEU TC 67 41.30 47.10 -99.09
CA LEU TC 67 42.61 47.41 -99.64
C LEU TC 67 42.63 48.72 -100.43
N GLN TC 68 41.46 49.19 -100.88
CA GLN TC 68 41.39 50.41 -101.65
C GLN TC 68 41.54 51.66 -100.79
N ILE TC 69 41.09 51.60 -99.54
CA ILE TC 69 41.11 52.79 -98.69
C ILE TC 69 42.55 53.20 -98.37
N LYS TC 70 43.41 52.22 -98.10
CA LYS TC 70 44.81 52.53 -97.81
C LYS TC 70 45.50 53.13 -99.04
N LEU TC 71 45.24 52.56 -100.21
CA LEU TC 71 45.83 53.09 -101.44
C LEU TC 71 45.35 54.51 -101.71
N SER TC 72 44.05 54.77 -101.50
CA SER TC 72 43.53 56.11 -101.67
C SER TC 72 44.15 57.10 -100.69
N ILE TC 73 44.31 56.67 -99.43
CA ILE TC 73 44.91 57.54 -98.43
C ILE TC 73 46.35 57.88 -98.81
N ARG TC 74 47.11 56.87 -99.25
CA ARG TC 74 48.49 57.12 -99.64
C ARG TC 74 48.58 57.99 -100.88
N ARG TC 75 47.66 57.80 -101.84
CA ARG TC 75 47.64 58.64 -103.03
C ARG TC 75 47.35 60.09 -102.67
N LEU TC 76 46.37 60.31 -101.78
CA LEU TC 76 46.06 61.67 -101.35
C LEU TC 76 47.23 62.29 -100.59
N LEU TC 77 47.90 61.50 -99.76
CA LEU TC 77 49.06 61.99 -99.03
C LEU TC 77 50.19 62.39 -99.98
N ALA TC 78 50.42 61.58 -101.01
CA ALA TC 78 51.41 61.93 -102.03
C ALA TC 78 51.00 63.21 -102.77
N ALA TC 79 49.72 63.34 -103.07
CA ALA TC 79 49.23 64.57 -103.71
C ALA TC 79 49.27 65.76 -102.75
N GLY TC 80 49.49 65.51 -101.46
CA GLY TC 80 49.58 66.59 -100.50
C GLY TC 80 48.29 67.34 -100.26
N VAL TC 81 47.18 66.64 -100.11
CA VAL TC 81 45.89 67.26 -99.83
C VAL TC 81 45.35 66.93 -98.44
N LEU TC 82 46.01 66.03 -97.71
CA LEU TC 82 45.65 65.72 -96.33
C LEU TC 82 46.85 65.95 -95.41
N LYS TC 83 46.54 66.25 -94.15
CA LYS TC 83 47.53 66.34 -93.08
C LYS TC 83 47.08 65.47 -91.92
N GLN TC 84 48.04 64.95 -91.16
CA GLN TC 84 47.74 64.05 -90.06
C GLN TC 84 48.47 64.51 -88.82
N THR TC 85 48.00 64.03 -87.67
CA THR TC 85 48.70 64.19 -86.39
C THR TC 85 49.21 62.81 -85.97
N LYS TC 86 49.96 62.79 -84.86
CA LYS TC 86 50.66 61.58 -84.46
C LYS TC 86 50.23 61.16 -83.05
N GLY TC 87 50.03 59.86 -82.85
CA GLY TC 87 49.71 59.34 -81.54
C GLY TC 87 49.37 57.87 -81.51
N VAL TC 88 49.89 57.15 -80.52
CA VAL TC 88 49.60 55.72 -80.39
C VAL TC 88 48.19 55.49 -79.86
N GLY TC 89 47.82 56.24 -78.81
CA GLY TC 89 46.54 56.01 -78.16
C GLY TC 89 45.36 56.23 -79.09
N ALA TC 90 45.42 57.29 -79.90
CA ALA TC 90 44.37 57.54 -80.88
C ALA TC 90 44.37 56.45 -81.92
N SER TC 91 43.16 55.99 -82.27
CA SER TC 91 43.03 54.91 -83.25
C SER TC 91 43.54 55.34 -84.62
N GLY TC 92 43.26 56.58 -85.01
CA GLY TC 92 43.72 57.08 -86.29
C GLY TC 92 43.79 58.60 -86.26
N SER TC 93 44.28 59.16 -87.36
CA SER TC 93 44.42 60.60 -87.50
C SER TC 93 44.32 60.94 -88.99
N PHE TC 94 43.22 61.60 -89.37
CA PHE TC 94 43.00 62.00 -90.75
C PHE TC 94 42.38 63.39 -90.77
N ARG TC 95 43.08 64.34 -91.39
CA ARG TC 95 42.60 65.70 -91.51
C ARG TC 95 42.80 66.18 -92.93
N LEU TC 96 42.01 67.17 -93.33
CA LEU TC 96 42.09 67.76 -94.66
C LEU TC 96 43.01 68.99 -94.62
N ALA TC 97 43.51 69.36 -95.79
CA ALA TC 97 44.35 70.55 -95.91
C ALA TC 97 43.50 71.80 -95.77
N LYS TC 98 43.06 72.09 -94.54
CA LYS TC 98 42.20 73.25 -94.30
C LYS TC 98 42.95 74.55 -94.59
N SER TC 99 44.26 74.54 -94.44
CA SER TC 99 45.18 75.66 -94.62
C SER TC 99 44.94 76.75 -93.58
N ASP TC 100 44.02 76.56 -92.63
CA ASP TC 100 43.83 77.53 -91.57
C ASP TC 100 45.08 77.62 -90.70
N LYS TC 101 45.64 76.49 -90.33
CA LYS TC 101 46.86 76.48 -89.53
C LYS TC 101 48.06 76.88 -90.38
N ALA TC 102 49.04 77.51 -89.75
CA ALA TC 102 50.28 77.86 -90.44
C ALA TC 102 51.25 76.69 -90.41
N LYS TC 103 52.08 76.60 -91.46
CA LYS TC 103 53.07 75.53 -91.53
C LYS TC 103 54.10 75.64 -90.42
N ARG TC 104 54.29 76.81 -89.85
CA ARG TC 104 55.23 77.02 -88.75
C ARG TC 104 54.53 76.70 -87.44
N SER TC 105 54.85 75.55 -86.85
CA SER TC 105 54.24 75.12 -85.59
C SER TC 105 55.18 74.18 -84.85
N PRO TC 106 55.68 74.58 -83.68
CA PRO TC 106 56.60 73.71 -82.93
C PRO TC 106 55.87 72.62 -82.16
N GLY TC 107 54.65 72.91 -81.71
CA GLY TC 107 53.89 71.97 -80.94
C GLY TC 107 52.72 72.66 -80.26
N LYS TC 108 52.01 71.88 -79.44
CA LYS TC 108 50.84 72.37 -78.73
C LYS TC 108 50.90 72.06 -77.24
N LYS TC 109 52.09 71.87 -76.69
CA LYS TC 109 52.26 71.55 -75.27
C LYS TC 109 52.63 72.76 -74.43
N LYS TC 110 52.72 73.95 -75.03
CA LYS TC 110 53.13 75.13 -74.29
C LYS TC 110 52.02 75.63 -73.39
N LYS TC 111 52.41 76.39 -72.36
CA LYS TC 111 51.48 77.00 -71.43
C LYS TC 111 51.35 78.51 -71.65
N ALA TC 112 51.76 79.00 -72.81
CA ALA TC 112 51.77 80.45 -73.05
C ALA TC 112 50.35 81.03 -73.04
N VAL TC 113 49.35 80.22 -73.36
CA VAL TC 113 47.98 80.70 -73.35
C VAL TC 113 47.56 81.07 -71.93
N ARG TC 114 46.61 82.00 -71.82
CA ARG TC 114 46.20 82.49 -70.52
C ARG TC 114 45.31 81.49 -69.80
N ARG TC 115 45.35 81.54 -68.46
CA ARG TC 115 44.56 80.64 -67.64
C ARG TC 115 43.07 80.91 -67.73
N SER TC 116 42.67 82.07 -68.26
CA SER TC 116 41.26 82.33 -68.51
C SER TC 116 40.91 82.10 -69.98
N THR TC 117 41.92 82.23 -70.86
CA THR TC 117 41.69 81.94 -72.27
C THR TC 117 41.48 80.45 -72.50
N SER TC 118 42.25 79.61 -71.81
CA SER TC 118 42.16 78.16 -72.02
C SER TC 118 40.77 77.59 -71.74
N PRO TC 119 40.09 77.91 -70.63
CA PRO TC 119 38.71 77.39 -70.46
C PRO TC 119 37.76 77.87 -71.54
N LYS TC 120 37.98 79.06 -72.10
CA LYS TC 120 37.14 79.51 -73.20
C LYS TC 120 37.26 78.57 -74.40
N LYS TC 121 38.48 78.10 -74.68
CA LYS TC 121 38.65 77.06 -75.69
C LYS TC 121 37.95 75.78 -75.25
N ALA TC 122 38.23 75.33 -74.03
CA ALA TC 122 37.73 74.04 -73.58
C ALA TC 122 36.21 73.98 -73.55
N ALA TC 123 35.54 75.14 -73.51
CA ALA TC 123 34.08 75.15 -73.59
C ALA TC 123 33.58 74.67 -74.94
N ARG TC 124 34.43 74.71 -75.97
CA ARG TC 124 33.98 74.29 -77.30
C ARG TC 124 33.90 72.77 -77.43
N PRO TC 125 34.94 72.00 -77.08
CA PRO TC 125 34.78 70.53 -77.13
C PRO TC 125 33.71 70.02 -76.20
N ARG TC 126 33.45 70.72 -75.08
CA ARG TC 126 32.36 70.33 -74.20
C ARG TC 126 31.02 70.43 -74.91
N LYS TC 127 30.80 71.52 -75.64
CA LYS TC 127 29.58 71.65 -76.43
C LYS TC 127 29.54 70.63 -77.56
N ALA TC 128 30.70 70.31 -78.12
CA ALA TC 128 30.76 69.33 -79.21
C ALA TC 128 30.34 67.95 -78.72
N ARG TC 129 30.83 67.54 -77.54
CA ARG TC 129 30.49 66.22 -77.03
C ARG TC 129 29.07 66.18 -76.46
N SER TC 130 28.62 67.29 -75.88
CA SER TC 130 27.29 67.35 -75.29
C SER TC 130 26.35 68.22 -76.12
N MET UC 1 -54.33 38.29 -6.50
CA MET UC 1 -54.71 38.19 -7.91
C MET UC 1 -54.28 36.85 -8.50
N THR UC 2 -55.12 36.29 -9.37
CA THR UC 2 -54.83 35.00 -9.96
C THR UC 2 -53.59 35.06 -10.84
N GLU UC 3 -53.31 36.22 -11.43
CA GLU UC 3 -52.19 36.32 -12.38
C GLU UC 3 -50.87 35.99 -11.71
N SER UC 4 -50.74 36.24 -10.40
CA SER UC 4 -49.46 36.09 -9.73
C SER UC 4 -49.20 34.64 -9.31
N LEU UC 5 -50.25 33.88 -8.97
CA LEU UC 5 -50.05 32.56 -8.40
C LEU UC 5 -50.65 31.42 -9.23
N VAL UC 6 -51.33 31.71 -10.35
CA VAL UC 6 -51.93 30.63 -11.13
C VAL UC 6 -51.46 30.72 -12.58
N LEU UC 7 -51.66 31.88 -13.20
CA LEU UC 7 -51.42 32.01 -14.63
C LEU UC 7 -49.93 32.13 -14.96
N SER UC 8 -49.26 33.14 -14.38
CA SER UC 8 -47.86 33.40 -14.71
C SER UC 8 -46.93 32.21 -14.43
N PRO UC 9 -47.07 31.45 -13.34
CA PRO UC 9 -46.16 30.32 -13.14
C PRO UC 9 -46.25 29.25 -14.21
N ALA UC 10 -47.39 29.14 -14.91
CA ALA UC 10 -47.54 28.06 -15.88
C ALA UC 10 -46.54 28.12 -17.03
N PRO UC 11 -46.36 29.26 -17.73
CA PRO UC 11 -45.35 29.28 -18.79
C PRO UC 11 -43.93 29.26 -18.27
N ALA UC 12 -43.68 29.81 -17.08
CA ALA UC 12 -42.33 29.83 -16.52
C ALA UC 12 -41.95 28.53 -15.83
N LYS UC 13 -42.88 27.57 -15.72
CA LYS UC 13 -42.58 26.29 -15.09
C LYS UC 13 -41.38 25.58 -15.71
N PRO UC 14 -41.26 25.43 -17.04
CA PRO UC 14 -40.03 24.79 -17.57
C PRO UC 14 -38.77 25.57 -17.25
N LYS UC 15 -38.84 26.91 -17.28
CA LYS UC 15 -37.67 27.71 -16.93
C LYS UC 15 -37.26 27.50 -15.48
N ARG UC 16 -38.25 27.45 -14.58
CA ARG UC 16 -37.95 27.19 -13.18
C ARG UC 16 -37.42 25.78 -12.97
N VAL UC 17 -37.93 24.81 -13.74
CA VAL UC 17 -37.43 23.44 -13.66
C VAL UC 17 -35.96 23.39 -14.06
N LYS UC 18 -35.61 24.05 -15.16
CA LYS UC 18 -34.21 24.15 -15.55
C LYS UC 18 -33.41 24.97 -14.54
N ALA UC 19 -34.07 25.83 -13.77
CA ALA UC 19 -33.43 26.63 -12.75
C ALA UC 19 -33.17 25.77 -11.51
N SER UC 20 -32.87 26.46 -10.40
CA SER UC 20 -32.41 25.81 -9.18
C SER UC 20 -33.37 24.72 -8.72
N ARG UC 21 -32.81 23.58 -8.32
CA ARG UC 21 -33.56 22.48 -7.75
C ARG UC 21 -32.74 21.88 -6.62
N ARG UC 22 -33.18 20.71 -6.13
CA ARG UC 22 -32.50 20.08 -5.00
C ARG UC 22 -31.09 19.64 -5.36
N SER UC 23 -30.78 19.51 -6.64
CA SER UC 23 -29.44 19.12 -7.09
C SER UC 23 -28.42 20.25 -6.97
N ALA UC 24 -28.76 21.34 -6.29
CA ALA UC 24 -27.87 22.49 -6.11
C ALA UC 24 -27.39 23.02 -7.46
N SER UC 25 -28.32 23.12 -8.41
CA SER UC 25 -27.95 23.53 -9.77
C SER UC 25 -27.67 25.03 -9.86
N HIS UC 26 -28.38 25.84 -9.09
CA HIS UC 26 -28.29 27.29 -9.24
C HIS UC 26 -28.75 27.94 -7.94
N PRO UC 27 -28.50 29.24 -7.77
CA PRO UC 27 -29.04 29.95 -6.61
C PRO UC 27 -30.54 30.12 -6.72
N THR UC 28 -31.15 30.50 -5.59
CA THR UC 28 -32.60 30.61 -5.50
C THR UC 28 -33.06 31.94 -6.08
N TYR UC 29 -34.33 32.27 -5.86
CA TYR UC 29 -34.94 33.44 -6.51
C TYR UC 29 -34.47 34.73 -5.87
N SER UC 30 -34.35 34.78 -4.54
CA SER UC 30 -34.04 36.01 -3.83
C SER UC 30 -32.58 36.06 -3.37
N GLU UC 31 -31.73 35.14 -3.82
CA GLU UC 31 -30.33 35.11 -3.40
C GLU UC 31 -29.36 35.41 -4.54
N MET UC 32 -29.88 35.68 -5.74
CA MET UC 32 -29.00 36.07 -6.84
C MET UC 32 -28.31 37.39 -6.52
N ILE UC 33 -28.99 38.27 -5.78
CA ILE UC 33 -28.36 39.53 -5.38
C ILE UC 33 -27.22 39.27 -4.41
N ALA UC 34 -27.41 38.34 -3.48
CA ALA UC 34 -26.33 37.96 -2.58
C ALA UC 34 -25.16 37.34 -3.35
N ALA UC 35 -25.48 36.55 -4.38
CA ALA UC 35 -24.42 35.99 -5.23
C ALA UC 35 -23.65 37.11 -5.93
N ALA UC 36 -24.36 38.11 -6.43
CA ALA UC 36 -23.70 39.26 -7.04
C ALA UC 36 -22.79 39.96 -6.04
N ILE UC 37 -23.27 40.12 -4.81
CA ILE UC 37 -22.47 40.80 -3.78
C ILE UC 37 -21.21 40.01 -3.47
N ARG UC 38 -21.32 38.69 -3.32
CA ARG UC 38 -20.12 37.91 -2.95
C ARG UC 38 -19.15 37.83 -4.13
N ALA UC 39 -19.66 37.82 -5.36
CA ALA UC 39 -18.78 37.69 -6.51
C ALA UC 39 -18.26 39.01 -7.03
N GLU UC 40 -18.78 40.16 -6.56
CA GLU UC 40 -18.35 41.44 -7.10
C GLU UC 40 -16.89 41.73 -6.79
N LYS UC 41 -16.49 41.62 -5.52
CA LYS UC 41 -15.14 41.95 -5.08
C LYS UC 41 -14.74 43.35 -5.51
N SER UC 42 -15.63 44.32 -5.30
CA SER UC 42 -15.38 45.70 -5.68
C SER UC 42 -15.99 46.62 -4.63
N ARG UC 43 -15.84 47.92 -4.86
CA ARG UC 43 -16.37 48.91 -3.93
C ARG UC 43 -17.89 48.89 -3.89
N GLY UC 44 -18.53 48.54 -5.00
CA GLY UC 44 -19.98 48.46 -5.05
C GLY UC 44 -20.49 47.80 -6.31
N GLY UC 45 -21.42 46.85 -6.16
CA GLY UC 45 -22.00 46.18 -7.30
C GLY UC 45 -22.86 47.09 -8.16
N SER UC 46 -22.58 47.13 -9.45
CA SER UC 46 -23.33 48.00 -10.35
C SER UC 46 -24.79 47.56 -10.42
N SER UC 47 -25.68 48.53 -10.56
CA SER UC 47 -27.11 48.26 -10.47
C SER UC 47 -27.57 47.34 -11.60
N ARG UC 48 -27.13 47.60 -12.83
CA ARG UC 48 -27.59 46.82 -13.99
C ARG UC 48 -26.56 45.82 -14.47
N GLN UC 49 -25.38 46.29 -14.90
CA GLN UC 49 -24.46 45.44 -15.66
C GLN UC 49 -23.94 44.29 -14.81
N SER UC 50 -23.55 44.57 -13.57
CA SER UC 50 -23.03 43.50 -12.71
C SER UC 50 -24.09 42.44 -12.46
N ILE UC 51 -25.31 42.86 -12.13
CA ILE UC 51 -26.37 41.89 -11.86
C ILE UC 51 -26.65 41.04 -13.10
N GLN UC 52 -26.73 41.68 -14.27
CA GLN UC 52 -26.96 40.91 -15.49
C GLN UC 52 -25.83 39.93 -15.78
N LYS UC 53 -24.58 40.35 -15.56
CA LYS UC 53 -23.47 39.47 -15.91
C LYS UC 53 -23.28 38.37 -14.89
N TYR UC 54 -23.81 38.53 -13.68
CA TYR UC 54 -23.81 37.41 -12.74
C TYR UC 54 -25.05 36.55 -12.83
N ILE UC 55 -26.13 37.03 -13.45
CA ILE UC 55 -27.30 36.19 -13.70
C ILE UC 55 -27.37 35.77 -15.17
N LYS UC 56 -26.26 35.92 -15.91
CA LYS UC 56 -26.24 35.55 -17.32
C LYS UC 56 -26.56 34.08 -17.55
N SER UC 57 -26.40 33.23 -16.54
CA SER UC 57 -26.65 31.81 -16.69
C SER UC 57 -28.15 31.56 -16.94
N HIS UC 58 -28.48 30.29 -17.20
CA HIS UC 58 -29.84 29.92 -17.54
C HIS UC 58 -30.74 30.00 -16.32
N TYR UC 59 -31.85 30.73 -16.45
CA TYR UC 59 -32.85 30.87 -15.40
C TYR UC 59 -34.13 31.38 -16.06
N LYS UC 60 -35.09 31.80 -15.24
CA LYS UC 60 -36.35 32.32 -15.77
C LYS UC 60 -36.10 33.65 -16.45
N VAL UC 61 -36.05 33.63 -17.78
CA VAL UC 61 -35.83 34.82 -18.58
C VAL UC 61 -36.92 34.89 -19.63
N GLY UC 62 -37.26 36.11 -20.06
CA GLY UC 62 -38.38 36.34 -20.93
C GLY UC 62 -39.72 36.43 -20.21
N HIS UC 63 -39.75 36.03 -18.94
CA HIS UC 63 -40.94 36.04 -18.09
C HIS UC 63 -41.16 37.40 -17.42
N ASN UC 64 -40.67 38.46 -18.08
CA ASN UC 64 -40.60 39.80 -17.51
C ASN UC 64 -39.65 39.85 -16.32
N ALA UC 65 -38.56 39.09 -16.41
CA ALA UC 65 -37.55 39.12 -15.36
C ALA UC 65 -36.88 40.47 -15.25
N ASP UC 66 -36.90 41.26 -16.33
CA ASP UC 66 -36.29 42.58 -16.29
C ASP UC 66 -37.13 43.57 -15.48
N LEU UC 67 -38.40 43.25 -15.20
CA LEU UC 67 -39.12 43.95 -14.14
C LEU UC 67 -39.09 43.17 -12.83
N GLN UC 68 -39.03 41.84 -12.89
CA GLN UC 68 -39.04 41.04 -11.67
C GLN UC 68 -37.78 41.24 -10.85
N ILE UC 69 -36.66 41.59 -11.47
CA ILE UC 69 -35.45 41.88 -10.70
C ILE UC 69 -35.67 43.11 -9.82
N LYS UC 70 -36.28 44.16 -10.39
CA LYS UC 70 -36.62 45.34 -9.62
C LYS UC 70 -37.63 45.01 -8.53
N LEU UC 71 -38.66 44.23 -8.88
CA LEU UC 71 -39.70 43.89 -7.92
C LEU UC 71 -39.18 43.01 -6.79
N SER UC 72 -38.11 42.24 -7.03
CA SER UC 72 -37.52 41.39 -6.01
C SER UC 72 -36.56 42.18 -5.11
N ILE UC 73 -35.71 43.03 -5.71
CA ILE UC 73 -34.87 43.90 -4.89
C ILE UC 73 -35.69 44.91 -4.11
N ARG UC 74 -36.92 45.19 -4.55
CA ARG UC 74 -37.84 46.05 -3.80
C ARG UC 74 -38.36 45.40 -2.53
N ARG UC 75 -37.83 44.24 -2.14
CA ARG UC 75 -38.25 43.58 -0.90
C ARG UC 75 -37.06 43.08 -0.09
N LEU UC 76 -35.86 43.63 -0.29
CA LEU UC 76 -34.64 43.10 0.33
C LEU UC 76 -34.11 43.97 1.46
N LEU UC 77 -34.19 45.29 1.33
CA LEU UC 77 -33.60 46.18 2.34
C LEU UC 77 -34.44 46.29 3.60
N ALA UC 78 -35.57 45.59 3.68
CA ALA UC 78 -36.43 45.69 4.87
C ALA UC 78 -35.73 45.15 6.11
N ALA UC 79 -35.02 44.04 5.98
CA ALA UC 79 -34.39 43.37 7.11
C ALA UC 79 -32.90 43.67 7.21
N GLY UC 80 -32.45 44.78 6.64
CA GLY UC 80 -31.05 45.14 6.71
C GLY UC 80 -30.13 44.18 5.99
N VAL UC 81 -30.51 43.74 4.79
CA VAL UC 81 -29.68 42.81 4.02
C VAL UC 81 -28.69 43.54 3.14
N LEU UC 82 -29.11 44.63 2.50
CA LEU UC 82 -28.27 45.36 1.56
C LEU UC 82 -28.37 46.85 1.84
N LYS UC 83 -27.33 47.59 1.44
CA LYS UC 83 -27.31 49.04 1.53
C LYS UC 83 -26.50 49.59 0.37
N GLN UC 84 -26.44 50.93 0.27
CA GLN UC 84 -25.83 51.60 -0.86
C GLN UC 84 -24.90 52.71 -0.38
N THR UC 85 -23.95 53.06 -1.23
CA THR UC 85 -23.03 54.16 -0.99
C THR UC 85 -22.96 55.05 -2.22
N LYS UC 86 -22.51 56.28 -2.02
CA LYS UC 86 -22.43 57.25 -3.10
C LYS UC 86 -21.26 56.93 -4.03
N GLY UC 87 -21.26 57.57 -5.20
CA GLY UC 87 -20.20 57.36 -6.16
C GLY UC 87 -20.35 58.33 -7.32
N VAL UC 88 -19.35 58.32 -8.19
CA VAL UC 88 -19.34 59.20 -9.36
C VAL UC 88 -19.16 58.37 -10.62
N GLY UC 89 -18.51 57.22 -10.50
CA GLY UC 89 -18.17 56.43 -11.67
C GLY UC 89 -18.69 55.01 -11.65
N ALA UC 90 -19.72 54.74 -10.84
CA ALA UC 90 -20.32 53.41 -10.74
C ALA UC 90 -21.82 53.52 -10.97
N SER UC 91 -22.36 52.66 -11.82
CA SER UC 91 -23.79 52.66 -12.09
C SER UC 91 -24.60 52.23 -10.88
N GLY UC 92 -23.99 51.53 -9.94
CA GLY UC 92 -24.66 51.12 -8.72
C GLY UC 92 -23.65 50.77 -7.66
N SER UC 93 -24.12 50.81 -6.41
CA SER UC 93 -23.27 50.52 -5.26
C SER UC 93 -24.00 49.62 -4.27
N PHE UC 94 -24.68 48.60 -4.78
CA PHE UC 94 -25.35 47.63 -3.91
C PHE UC 94 -24.30 46.80 -3.18
N ARG UC 95 -24.35 46.82 -1.85
CA ARG UC 95 -23.36 46.14 -1.03
C ARG UC 95 -24.04 45.40 0.10
N LEU UC 96 -23.32 44.43 0.67
CA LEU UC 96 -23.82 43.70 1.83
C LEU UC 96 -23.94 44.63 3.02
N ALA UC 97 -25.04 44.49 3.76
CA ALA UC 97 -25.30 45.32 4.94
C ALA UC 97 -24.89 44.53 6.18
N LYS UC 98 -23.75 44.89 6.76
CA LYS UC 98 -23.21 44.17 7.90
C LYS UC 98 -22.62 45.18 8.88
N SER UC 99 -21.84 44.67 9.83
CA SER UC 99 -21.37 45.46 10.99
C SER UC 99 -20.15 46.32 10.65
N ASP UC 100 -20.26 47.12 9.59
CA ASP UC 100 -19.25 48.14 9.30
C ASP UC 100 -19.82 49.55 9.46
N LYS UC 101 -20.90 49.69 10.21
CA LYS UC 101 -21.61 50.94 10.47
C LYS UC 101 -22.37 51.43 9.25
N ALA UC 102 -22.17 50.76 8.10
CA ALA UC 102 -22.94 50.98 6.88
C ALA UC 102 -22.86 52.44 6.39
N LYS UC 103 -22.01 53.25 6.99
CA LYS UC 103 -21.86 54.66 6.59
C LYS UC 103 -20.38 55.04 6.59
N ARG UC 104 -19.53 54.15 6.10
CA ARG UC 104 -18.09 54.33 6.13
C ARG UC 104 -17.57 54.76 4.77
N SER UC 105 -16.63 55.73 4.78
CA SER UC 105 -15.93 56.21 3.61
C SER UC 105 -14.99 55.12 3.08
N PRO UC 106 -14.72 55.11 1.77
CA PRO UC 106 -13.85 54.06 1.22
C PRO UC 106 -12.44 54.15 1.75
N GLY UC 107 -11.80 52.99 1.87
CA GLY UC 107 -10.43 52.88 2.31
C GLY UC 107 -9.63 52.03 1.33
N LYS UC 108 -8.62 51.34 1.86
CA LYS UC 108 -7.79 50.46 1.06
C LYS UC 108 -7.51 49.17 1.81
N LYS UC 109 -7.71 48.04 1.14
CA LYS UC 109 -7.33 46.74 1.68
C LYS UC 109 -7.29 45.75 0.52
N LYS UC 110 -6.14 45.14 0.30
CA LYS UC 110 -5.98 44.14 -0.75
C LYS UC 110 -5.12 43.01 -0.22
N LYS UC 111 -5.35 41.81 -0.76
CA LYS UC 111 -4.56 40.64 -0.38
C LYS UC 111 -4.58 39.65 -1.53
N ALA UC 112 -3.51 39.63 -2.31
CA ALA UC 112 -3.38 38.70 -3.42
C ALA UC 112 -1.93 38.24 -3.48
N VAL UC 113 -1.57 37.52 -4.54
CA VAL UC 113 -0.23 37.02 -4.73
C VAL UC 113 0.28 37.49 -6.10
N ARG UC 114 1.48 38.07 -6.12
CA ARG UC 114 2.15 38.44 -7.36
C ARG UC 114 3.58 37.94 -7.43
N ARG UC 115 4.22 37.72 -6.28
CA ARG UC 115 5.50 37.03 -6.22
C ARG UC 115 5.34 35.52 -6.32
N SER UC 116 4.11 35.02 -6.31
CA SER UC 116 3.87 33.61 -6.56
C SER UC 116 4.24 33.20 -7.98
N THR UC 117 4.18 34.13 -8.93
CA THR UC 117 4.64 33.90 -10.29
C THR UC 117 6.09 34.33 -10.49
N SER UC 118 6.77 34.75 -9.41
CA SER UC 118 8.19 35.12 -9.45
C SER UC 118 9.17 33.96 -9.58
N PRO UC 119 8.95 32.78 -8.98
CA PRO UC 119 10.02 31.78 -9.01
C PRO UC 119 10.22 31.12 -10.37
N LYS UC 120 9.31 31.32 -11.32
CA LYS UC 120 9.64 31.02 -12.70
C LYS UC 120 10.76 31.92 -13.20
N LYS UC 121 10.80 33.17 -12.74
CA LYS UC 121 11.92 34.05 -13.05
C LYS UC 121 13.22 33.60 -12.39
N ALA UC 122 13.15 32.74 -11.38
CA ALA UC 122 14.37 32.16 -10.81
C ALA UC 122 14.76 30.88 -11.53
N ALA UC 123 13.77 30.08 -11.92
CA ALA UC 123 14.03 28.89 -12.71
C ALA UC 123 14.52 29.21 -14.12
N ARG UC 124 14.22 30.42 -14.61
CA ARG UC 124 14.66 30.80 -15.95
C ARG UC 124 16.18 30.79 -16.10
N PRO UC 125 16.98 31.42 -15.21
CA PRO UC 125 18.44 31.28 -15.33
C PRO UC 125 18.93 29.98 -14.73
N ARG UC 126 18.06 29.28 -14.00
CA ARG UC 126 18.46 28.07 -13.30
C ARG UC 126 18.12 26.79 -14.06
N LYS UC 127 16.85 26.61 -14.44
CA LYS UC 127 16.39 25.34 -14.97
C LYS UC 127 15.98 25.40 -16.44
N ALA UC 128 15.02 26.26 -16.79
CA ALA UC 128 14.49 26.27 -18.15
C ALA UC 128 13.67 27.53 -18.35
N ARG UC 129 13.26 27.75 -19.60
CA ARG UC 129 12.51 28.94 -20.02
C ARG UC 129 11.25 28.53 -20.79
N SER UC 130 10.54 27.53 -20.27
CA SER UC 130 9.35 27.02 -20.95
C SER UC 130 8.21 28.03 -21.06
N PRO UC 131 7.81 28.74 -20.01
CA PRO UC 131 6.51 29.45 -20.07
C PRO UC 131 6.40 30.49 -21.18
N ALA UC 132 7.49 31.19 -21.51
CA ALA UC 132 7.47 32.34 -22.41
C ALA UC 132 6.54 33.45 -21.92
N LYS UC 133 6.42 33.61 -20.60
CA LYS UC 133 5.81 34.71 -19.87
C LYS UC 133 4.28 34.81 -20.03
N LYS UC 134 3.65 33.95 -20.83
CA LYS UC 134 2.22 34.08 -21.03
C LYS UC 134 1.42 33.51 -19.86
N PRO UC 135 1.63 32.24 -19.44
CA PRO UC 135 0.74 31.64 -18.43
C PRO UC 135 0.96 32.16 -17.03
N LYS UC 136 0.35 33.30 -16.68
CA LYS UC 136 0.46 33.85 -15.35
C LYS UC 136 -0.82 33.73 -14.53
N ALA UC 137 -1.89 33.19 -15.11
CA ALA UC 137 -3.16 33.13 -14.41
C ALA UC 137 -3.19 31.93 -13.46
N THR UC 138 -4.30 31.82 -12.70
CA THR UC 138 -4.37 30.84 -11.63
C THR UC 138 -4.37 29.41 -12.17
N ALA UC 139 -5.26 29.12 -13.12
CA ALA UC 139 -5.36 27.75 -13.64
C ALA UC 139 -4.19 27.40 -14.55
N ARG UC 140 -3.49 28.39 -15.07
CA ARG UC 140 -2.34 28.21 -15.94
C ARG UC 140 -1.07 28.03 -15.12
N LYS UC 141 -0.02 27.57 -15.79
CA LYS UC 141 1.25 27.14 -15.21
C LYS UC 141 1.09 25.91 -14.32
N ALA UC 142 -0.03 25.19 -14.43
CA ALA UC 142 -0.25 23.97 -13.69
C ALA UC 142 0.09 22.72 -14.51
N ARG UC 143 0.73 22.90 -15.66
CA ARG UC 143 1.10 21.75 -16.50
C ARG UC 143 2.39 21.13 -15.98
N LYS UC 144 2.45 20.86 -14.68
CA LYS UC 144 3.61 20.30 -14.01
C LYS UC 144 4.84 21.17 -14.23
N LYS UC 145 6.01 20.74 -13.76
CA LYS UC 145 7.14 21.64 -13.45
C LYS UC 145 6.70 22.73 -12.46
N SER UC 146 5.68 22.45 -11.65
CA SER UC 146 5.13 23.41 -10.71
C SER UC 146 5.21 22.81 -9.30
N ARG UC 147 6.35 23.02 -8.64
CA ARG UC 147 6.56 22.51 -7.30
C ARG UC 147 7.27 23.57 -6.48
N ALA UC 148 7.10 23.48 -5.16
CA ALA UC 148 7.70 24.43 -4.24
C ALA UC 148 8.38 23.80 -3.05
N SER UC 149 8.08 22.54 -2.73
CA SER UC 149 8.61 21.91 -1.52
C SER UC 149 8.58 20.40 -1.62
N PRO UC 150 9.28 19.68 -0.73
CA PRO UC 150 9.25 18.20 -0.77
C PRO UC 150 7.89 17.62 -0.43
N LYS UC 151 7.86 16.28 -0.31
CA LYS UC 151 6.63 15.49 -0.14
C LYS UC 151 5.63 16.11 0.84
N LYS UC 152 6.12 16.75 1.90
CA LYS UC 152 5.23 17.30 2.90
C LYS UC 152 4.39 18.47 2.39
N ALA UC 153 4.70 19.00 1.21
CA ALA UC 153 3.95 20.14 0.68
C ALA UC 153 2.49 19.78 0.38
N LYS UC 154 2.25 18.59 -0.18
CA LYS UC 154 0.88 18.20 -0.49
C LYS UC 154 0.05 18.03 0.77
N LYS UC 155 0.62 17.39 1.81
CA LYS UC 155 0.03 17.38 3.14
C LYS UC 155 0.21 18.78 3.73
N PRO UC 156 -0.31 19.07 4.94
CA PRO UC 156 -0.02 20.38 5.55
C PRO UC 156 1.47 20.70 5.51
N LYS UC 157 1.84 21.71 4.73
CA LYS UC 157 3.23 21.97 4.43
C LYS UC 157 3.89 22.67 5.62
N THR UC 158 5.22 22.55 5.70
CA THR UC 158 6.00 23.18 6.75
C THR UC 158 7.01 24.12 6.13
N VAL UC 159 7.42 25.11 6.92
CA VAL UC 159 8.54 25.97 6.55
C VAL UC 159 9.85 25.19 6.54
N LYS UC 160 9.86 23.99 7.12
CA LYS UC 160 10.98 23.04 7.08
C LYS UC 160 12.31 23.70 7.44
N ALA UC 161 12.39 24.13 8.71
CA ALA UC 161 13.59 24.74 9.24
C ALA UC 161 14.68 23.69 9.47
N LYS UC 162 15.76 24.08 10.15
CA LYS UC 162 16.91 23.19 10.33
C LYS UC 162 16.53 21.89 11.02
N SER UC 163 15.45 21.90 11.81
CA SER UC 163 14.98 20.67 12.43
C SER UC 163 14.53 19.65 11.38
N ARG UC 164 13.87 20.13 10.32
CA ARG UC 164 13.48 19.25 9.24
C ARG UC 164 14.68 18.66 8.52
N LYS UC 165 15.81 19.37 8.49
CA LYS UC 165 17.02 18.80 7.90
C LYS UC 165 17.47 17.56 8.68
N ALA UC 166 17.48 17.66 10.00
CA ALA UC 166 17.84 16.50 10.82
C ALA UC 166 16.79 15.40 10.70
N SER UC 167 15.51 15.79 10.58
CA SER UC 167 14.46 14.80 10.41
C SER UC 167 14.64 14.01 9.11
N LYS UC 168 15.01 14.72 8.03
CA LYS UC 168 15.31 14.05 6.77
C LYS UC 168 16.54 13.19 6.89
N ALA UC 169 17.56 13.66 7.62
CA ALA UC 169 18.76 12.86 7.83
C ALA UC 169 18.45 11.58 8.60
N LYS UC 170 17.41 11.62 9.43
CA LYS UC 170 16.98 10.44 10.18
C LYS UC 170 16.52 9.33 9.24
N MET VC 1 -25.73 -93.42 53.65
CA MET VC 1 -25.39 -92.92 54.98
C MET VC 1 -25.17 -91.42 54.97
N THR VC 2 -26.20 -90.66 55.34
CA THR VC 2 -26.11 -89.21 55.38
C THR VC 2 -25.06 -88.72 56.37
N GLU VC 3 -24.69 -89.53 57.36
CA GLU VC 3 -23.76 -89.11 58.40
C GLU VC 3 -22.37 -89.70 58.23
N SER VC 4 -22.23 -90.78 57.48
CA SER VC 4 -20.93 -91.42 57.27
C SER VC 4 -20.48 -91.43 55.82
N LEU VC 5 -21.35 -91.84 54.88
CA LEU VC 5 -20.96 -91.89 53.48
C LEU VC 5 -20.60 -90.51 52.95
N VAL VC 6 -21.39 -89.49 53.29
CA VAL VC 6 -21.11 -88.14 52.83
C VAL VC 6 -20.01 -87.46 53.63
N LEU VC 7 -19.80 -87.87 54.88
CA LEU VC 7 -18.75 -87.27 55.70
C LEU VC 7 -17.41 -87.97 55.55
N SER VC 8 -17.38 -89.12 54.86
CA SER VC 8 -16.10 -89.78 54.60
C SER VC 8 -15.12 -88.90 53.83
N PRO VC 9 -15.50 -88.25 52.72
CA PRO VC 9 -14.60 -87.28 52.06
C PRO VC 9 -14.69 -85.87 52.63
N ALA VC 10 -15.37 -85.69 53.75
CA ALA VC 10 -15.53 -84.37 54.30
C ALA VC 10 -15.08 -84.28 55.74
N PRO VC 11 -13.95 -84.88 56.16
CA PRO VC 11 -13.18 -84.39 57.37
C PRO VC 11 -12.22 -83.26 57.05
N ALA VC 12 -11.95 -83.00 55.75
CA ALA VC 12 -11.04 -81.90 55.38
C ALA VC 12 -11.57 -80.53 55.82
N LYS VC 13 -12.85 -80.29 55.58
CA LYS VC 13 -13.46 -79.04 56.02
C LYS VC 13 -13.46 -78.89 57.53
N PRO VC 14 -13.83 -79.88 58.32
CA PRO VC 14 -13.82 -79.69 59.78
C PRO VC 14 -12.47 -79.33 60.40
N LYS VC 15 -11.34 -79.84 59.88
CA LYS VC 15 -10.08 -79.53 60.55
C LYS VC 15 -9.72 -78.06 60.42
N ARG VC 16 -10.35 -77.32 59.50
CA ARG VC 16 -9.98 -75.94 59.28
C ARG VC 16 -11.13 -74.97 59.59
N VAL VC 17 -12.38 -75.43 59.53
CA VAL VC 17 -13.56 -74.59 59.71
C VAL VC 17 -14.24 -74.98 61.02
N LYS VC 18 -15.32 -74.27 61.33
CA LYS VC 18 -16.10 -74.45 62.56
C LYS VC 18 -15.30 -74.10 63.80
N ALA VC 19 -15.73 -74.61 64.95
CA ALA VC 19 -15.22 -74.15 66.22
C ALA VC 19 -13.77 -74.58 66.43
N SER VC 20 -13.00 -73.71 67.09
CA SER VC 20 -11.64 -74.00 67.49
C SER VC 20 -11.31 -73.15 68.71
N ARG VC 21 -10.23 -73.49 69.39
CA ARG VC 21 -9.78 -72.69 70.51
C ARG VC 21 -9.41 -71.29 70.03
N ARG VC 22 -9.65 -70.30 70.91
CA ARG VC 22 -9.54 -68.88 70.60
C ARG VC 22 -10.52 -68.52 69.47
N SER VC 23 -10.46 -67.28 68.98
CA SER VC 23 -11.41 -66.84 67.95
C SER VC 23 -11.37 -67.75 66.74
N ALA VC 24 -12.54 -68.17 66.28
CA ALA VC 24 -12.66 -69.10 65.16
C ALA VC 24 -14.06 -68.97 64.57
N SER VC 25 -14.40 -69.88 63.67
CA SER VC 25 -15.70 -69.86 62.99
C SER VC 25 -16.75 -70.54 63.85
N HIS VC 26 -18.00 -70.09 63.68
CA HIS VC 26 -19.11 -70.66 64.43
C HIS VC 26 -19.53 -72.00 63.85
N PRO VC 27 -20.02 -72.92 64.69
CA PRO VC 27 -20.50 -74.21 64.18
C PRO VC 27 -21.81 -74.04 63.41
N THR VC 28 -22.13 -75.07 62.62
CA THR VC 28 -23.38 -75.06 61.87
C THR VC 28 -24.59 -75.19 62.77
N TYR VC 29 -24.39 -75.68 64.00
CA TYR VC 29 -25.52 -75.84 64.93
C TYR VC 29 -26.15 -74.50 65.27
N SER VC 30 -25.33 -73.55 65.70
CA SER VC 30 -25.81 -72.24 66.13
C SER VC 30 -24.76 -71.20 65.79
N GLU VC 31 -25.20 -69.94 65.80
CA GLU VC 31 -24.40 -68.74 65.52
C GLU VC 31 -24.03 -68.62 64.04
N MET VC 32 -24.37 -69.60 63.19
CA MET VC 32 -24.24 -69.40 61.76
C MET VC 32 -25.23 -68.35 61.27
N ILE VC 33 -26.45 -68.35 61.80
CA ILE VC 33 -27.45 -67.34 61.51
C ILE VC 33 -27.65 -66.40 62.71
N ALA VC 34 -27.61 -66.94 63.93
CA ALA VC 34 -27.83 -66.14 65.12
C ALA VC 34 -26.76 -65.06 65.27
N ALA VC 35 -25.48 -65.46 65.21
CA ALA VC 35 -24.41 -64.47 65.34
C ALA VC 35 -24.36 -63.54 64.15
N ALA VC 36 -24.73 -64.02 62.96
CA ALA VC 36 -24.81 -63.13 61.81
C ALA VC 36 -25.85 -62.03 62.03
N ILE VC 37 -27.02 -62.42 62.55
CA ILE VC 37 -28.07 -61.46 62.84
C ILE VC 37 -27.62 -60.48 63.93
N ARG VC 38 -26.94 -61.00 64.95
CA ARG VC 38 -26.41 -60.13 66.00
C ARG VC 38 -25.41 -59.13 65.43
N ALA VC 39 -24.55 -59.58 64.52
CA ALA VC 39 -23.52 -58.71 63.98
C ALA VC 39 -24.10 -57.65 63.06
N GLU VC 40 -25.04 -58.02 62.19
CA GLU VC 40 -25.56 -57.06 61.23
C GLU VC 40 -26.38 -55.98 61.93
N LYS VC 41 -26.31 -54.77 61.38
CA LYS VC 41 -27.10 -53.64 61.86
C LYS VC 41 -27.80 -53.01 60.67
N SER VC 42 -28.86 -52.24 60.98
CA SER VC 42 -29.63 -51.53 59.95
C SER VC 42 -30.24 -52.50 58.95
N ARG VC 43 -30.77 -53.60 59.45
CA ARG VC 43 -31.31 -54.63 58.58
C ARG VC 43 -32.80 -54.88 58.79
N GLY VC 44 -33.23 -55.03 60.04
CA GLY VC 44 -34.60 -55.45 60.28
C GLY VC 44 -34.92 -56.81 59.69
N GLY VC 45 -33.98 -57.75 59.79
CA GLY VC 45 -34.10 -59.03 59.13
C GLY VC 45 -33.01 -59.24 58.11
N SER VC 46 -32.65 -60.49 57.84
CA SER VC 46 -31.56 -60.81 56.93
C SER VC 46 -32.11 -61.39 55.63
N SER VC 47 -31.65 -60.86 54.50
CA SER VC 47 -32.03 -61.37 53.21
C SER VC 47 -31.14 -62.55 52.82
N ARG VC 48 -31.48 -63.20 51.71
CA ARG VC 48 -30.72 -64.37 51.26
C ARG VC 48 -29.32 -63.97 50.81
N GLN VC 49 -29.23 -62.93 49.98
CA GLN VC 49 -27.92 -62.42 49.57
C GLN VC 49 -27.14 -61.94 50.79
N SER VC 50 -27.82 -61.30 51.74
CA SER VC 50 -27.18 -60.90 52.98
C SER VC 50 -26.52 -62.09 53.67
N ILE VC 51 -27.32 -63.11 54.02
CA ILE VC 51 -26.79 -64.26 54.76
C ILE VC 51 -25.65 -64.93 54.00
N GLN VC 52 -25.83 -65.13 52.69
CA GLN VC 52 -24.77 -65.74 51.89
C GLN VC 52 -23.51 -64.90 51.93
N LYS VC 53 -23.65 -63.58 52.04
CA LYS VC 53 -22.47 -62.74 52.26
C LYS VC 53 -21.89 -62.98 53.65
N TYR VC 54 -22.66 -62.69 54.70
CA TYR VC 54 -22.13 -62.74 56.07
C TYR VC 54 -21.50 -64.08 56.41
N ILE VC 55 -21.76 -65.12 55.64
CA ILE VC 55 -20.90 -66.32 55.69
C ILE VC 55 -19.87 -66.15 54.57
N LYS VC 56 -18.75 -65.50 54.91
CA LYS VC 56 -17.61 -65.39 54.01
C LYS VC 56 -16.56 -66.44 54.40
N SER VC 57 -15.40 -66.32 53.75
CA SER VC 57 -14.15 -66.95 54.19
C SER VC 57 -14.21 -68.47 54.17
N HIS VC 58 -13.43 -69.09 55.04
CA HIS VC 58 -13.36 -70.55 55.10
C HIS VC 58 -14.71 -71.13 55.46
N TYR VC 59 -15.32 -71.82 54.49
CA TYR VC 59 -16.69 -72.32 54.65
C TYR VC 59 -16.94 -73.32 53.54
N LYS VC 60 -17.85 -74.27 53.80
CA LYS VC 60 -18.18 -75.33 52.86
C LYS VC 60 -19.38 -74.88 52.04
N VAL VC 61 -19.14 -74.53 50.77
CA VAL VC 61 -20.24 -74.13 49.90
C VAL VC 61 -21.01 -75.37 49.43
N GLY VC 62 -20.32 -76.26 48.71
CA GLY VC 62 -20.88 -77.52 48.25
C GLY VC 62 -22.32 -77.47 47.80
N HIS VC 63 -23.10 -78.47 48.24
CA HIS VC 63 -24.55 -78.41 48.15
C HIS VC 63 -25.16 -77.87 49.44
N ASN VC 64 -24.33 -77.64 50.46
CA ASN VC 64 -24.80 -77.09 51.73
C ASN VC 64 -25.40 -75.70 51.54
N ALA VC 65 -24.63 -74.79 50.94
CA ALA VC 65 -25.17 -73.45 50.69
C ALA VC 65 -26.35 -73.50 49.73
N ASP VC 66 -26.45 -74.58 48.94
CA ASP VC 66 -27.55 -74.70 47.99
C ASP VC 66 -28.87 -75.02 48.69
N LEU VC 67 -28.86 -75.99 49.61
CA LEU VC 67 -30.15 -76.40 50.19
C LEU VC 67 -30.20 -76.33 51.72
N GLN VC 68 -29.11 -76.61 52.42
CA GLN VC 68 -29.17 -76.69 53.86
C GLN VC 68 -29.46 -75.33 54.50
N ILE VC 69 -29.20 -74.22 53.79
CA ILE VC 69 -29.60 -72.91 54.32
C ILE VC 69 -31.11 -72.84 54.44
N LYS VC 70 -31.83 -73.19 53.37
CA LYS VC 70 -33.29 -73.20 53.42
C LYS VC 70 -33.80 -74.22 54.43
N LEU VC 71 -33.18 -75.40 54.45
CA LEU VC 71 -33.62 -76.44 55.39
C LEU VC 71 -33.43 -75.99 56.83
N SER VC 72 -32.32 -75.34 57.14
CA SER VC 72 -32.09 -74.83 58.48
C SER VC 72 -33.02 -73.68 58.81
N ILE VC 73 -33.37 -72.85 57.82
CA ILE VC 73 -34.34 -71.79 58.05
C ILE VC 73 -35.69 -72.39 58.47
N ARG VC 74 -36.13 -73.43 57.74
CA ARG VC 74 -37.37 -74.09 58.10
C ARG VC 74 -37.28 -74.79 59.45
N ARG VC 75 -36.12 -75.38 59.76
CA ARG VC 75 -35.93 -76.07 61.03
C ARG VC 75 -36.00 -75.09 62.20
N LEU VC 76 -35.35 -73.93 62.06
CA LEU VC 76 -35.42 -72.90 63.09
C LEU VC 76 -36.82 -72.31 63.19
N LEU VC 77 -37.55 -72.21 62.07
CA LEU VC 77 -38.94 -71.78 62.14
C LEU VC 77 -39.78 -72.77 62.92
N ALA VC 78 -39.53 -74.06 62.71
CA ALA VC 78 -40.22 -75.09 63.50
C ALA VC 78 -39.90 -74.94 64.98
N ALA VC 79 -38.64 -74.61 65.31
CA ALA VC 79 -38.29 -74.35 66.70
C ALA VC 79 -39.05 -73.15 67.25
N GLY VC 80 -39.14 -72.08 66.47
CA GLY VC 80 -39.69 -70.83 66.94
C GLY VC 80 -38.68 -69.82 67.45
N VAL VC 81 -37.39 -70.07 67.23
CA VAL VC 81 -36.34 -69.16 67.67
C VAL VC 81 -36.08 -68.04 66.68
N LEU VC 82 -36.84 -67.98 65.58
CA LEU VC 82 -36.62 -67.01 64.51
C LEU VC 82 -37.89 -66.19 64.31
N LYS VC 83 -37.74 -64.87 64.36
CA LYS VC 83 -38.81 -63.94 64.01
C LYS VC 83 -38.54 -63.35 62.64
N GLN VC 84 -39.60 -62.93 61.96
CA GLN VC 84 -39.47 -62.60 60.55
C GLN VC 84 -40.33 -61.40 60.19
N THR VC 85 -39.94 -60.73 59.11
CA THR VC 85 -40.70 -59.64 58.51
C THR VC 85 -40.83 -59.91 57.03
N LYS VC 86 -42.01 -59.64 56.47
CA LYS VC 86 -42.32 -60.00 55.10
C LYS VC 86 -42.29 -58.78 54.19
N GLY VC 87 -42.06 -59.03 52.91
CA GLY VC 87 -42.05 -57.98 51.91
C GLY VC 87 -41.67 -58.56 50.56
N VAL VC 88 -41.78 -57.71 49.54
CA VAL VC 88 -41.39 -58.09 48.20
C VAL VC 88 -40.23 -57.25 47.67
N GLY VC 89 -40.06 -56.02 48.14
CA GLY VC 89 -38.85 -55.28 47.83
C GLY VC 89 -37.61 -56.01 48.33
N ALA VC 90 -37.72 -56.63 49.51
CA ALA VC 90 -36.74 -57.59 50.00
C ALA VC 90 -37.41 -58.95 50.05
N SER VC 91 -36.73 -59.98 49.55
CA SER VC 91 -37.34 -61.29 49.44
C SER VC 91 -37.75 -61.84 50.80
N GLY VC 92 -36.88 -61.68 51.81
CA GLY VC 92 -37.20 -62.15 53.14
C GLY VC 92 -36.32 -61.51 54.20
N SER VC 93 -36.93 -61.09 55.31
CA SER VC 93 -36.21 -60.46 56.41
C SER VC 93 -36.44 -61.29 57.67
N PHE VC 94 -35.46 -62.12 58.01
CA PHE VC 94 -35.56 -63.03 59.15
C PHE VC 94 -34.69 -62.49 60.28
N ARG VC 95 -35.26 -62.46 61.49
CA ARG VC 95 -34.58 -61.96 62.67
C ARG VC 95 -34.55 -63.04 63.76
N LEU VC 96 -33.76 -62.79 64.79
CA LEU VC 96 -33.70 -63.68 65.94
C LEU VC 96 -34.85 -63.42 66.89
N ALA VC 97 -35.13 -64.39 67.75
CA ALA VC 97 -36.14 -64.24 68.79
C ALA VC 97 -35.53 -63.52 69.98
N LYS VC 98 -35.28 -62.22 69.82
CA LYS VC 98 -34.69 -61.38 70.85
C LYS VC 98 -35.82 -60.74 71.65
N SER VC 99 -35.81 -60.95 72.97
CA SER VC 99 -36.90 -60.51 73.84
C SER VC 99 -36.55 -59.25 74.62
N ASP VC 100 -35.81 -58.33 74.00
CA ASP VC 100 -35.56 -57.04 74.66
C ASP VC 100 -36.84 -56.25 74.82
N LYS VC 101 -37.76 -56.33 73.85
CA LYS VC 101 -39.07 -55.72 73.94
C LYS VC 101 -40.12 -56.79 73.68
N ALA VC 102 -41.12 -56.86 74.55
CA ALA VC 102 -42.15 -57.88 74.41
C ALA VC 102 -43.01 -57.61 73.17
N LYS VC 103 -43.38 -58.69 72.48
CA LYS VC 103 -44.21 -58.58 71.29
C LYS VC 103 -45.68 -58.54 71.67
N MET WC 1 -12.35 86.63 -58.04
CA MET WC 1 -11.02 86.66 -57.43
C MET WC 1 -10.79 85.40 -56.61
N THR WC 2 -11.86 84.62 -56.44
CA THR WC 2 -11.81 83.47 -55.53
C THR WC 2 -10.77 82.46 -55.97
N GLU WC 3 -10.72 82.15 -57.27
CA GLU WC 3 -9.68 81.25 -57.75
C GLU WC 3 -8.30 81.86 -57.59
N SER WC 4 -8.15 83.14 -57.96
CA SER WC 4 -6.86 83.79 -57.84
C SER WC 4 -6.35 83.79 -56.40
N LEU WC 5 -7.26 83.71 -55.43
CA LEU WC 5 -6.87 83.64 -54.03
C LEU WC 5 -6.62 82.21 -53.57
N VAL WC 6 -7.47 81.26 -53.95
CA VAL WC 6 -7.46 79.92 -53.38
C VAL WC 6 -6.66 78.93 -54.26
N LEU WC 7 -5.95 79.43 -55.28
CA LEU WC 7 -4.98 78.56 -55.93
C LEU WC 7 -3.87 78.12 -54.99
N SER WC 8 -3.41 79.01 -54.10
CA SER WC 8 -2.22 78.85 -53.26
C SER WC 8 -2.04 77.45 -52.66
N PRO WC 9 -3.09 76.74 -52.24
CA PRO WC 9 -2.89 75.33 -51.87
C PRO WC 9 -2.32 74.49 -52.98
N ALA WC 10 -2.66 74.77 -54.25
CA ALA WC 10 -2.08 74.00 -55.35
C ALA WC 10 -0.56 74.14 -55.45
N PRO WC 11 0.05 75.32 -55.28
CA PRO WC 11 1.51 75.34 -55.13
C PRO WC 11 1.99 74.79 -53.79
N ALA WC 12 1.19 74.92 -52.73
CA ALA WC 12 1.70 74.60 -51.40
C ALA WC 12 1.74 73.10 -51.14
N LYS WC 13 0.59 72.44 -51.14
CA LYS WC 13 0.55 71.01 -50.83
C LYS WC 13 1.15 70.15 -51.94
N PRO WC 14 0.84 70.36 -53.22
CA PRO WC 14 1.51 69.60 -54.27
C PRO WC 14 2.92 70.09 -54.60
N LYS WC 15 3.55 70.84 -53.69
CA LYS WC 15 4.94 71.27 -53.91
C LYS WC 15 5.82 70.13 -54.39
N ARG WC 16 5.49 68.89 -54.03
CA ARG WC 16 6.21 67.70 -54.47
C ARG WC 16 5.33 66.87 -55.42
N VAL WC 17 4.29 67.49 -55.98
CA VAL WC 17 3.39 66.81 -56.90
C VAL WC 17 3.22 67.67 -58.15
N LYS WC 18 3.15 67.02 -59.31
CA LYS WC 18 3.10 67.65 -60.63
C LYS WC 18 4.39 68.41 -60.94
N ALA WC 19 4.54 68.83 -62.20
CA ALA WC 19 5.71 69.59 -62.65
C ALA WC 19 6.99 68.82 -62.37
N SER WC 20 6.95 67.50 -62.55
CA SER WC 20 8.09 66.63 -62.33
C SER WC 20 8.47 65.95 -63.64
N ARG WC 21 9.75 66.08 -64.02
CA ARG WC 21 10.22 65.50 -65.27
C ARG WC 21 10.43 63.99 -65.18
N ARG WC 22 10.85 63.48 -64.02
CA ARG WC 22 11.03 62.04 -63.86
C ARG WC 22 9.71 61.30 -64.00
N SER WC 23 8.66 61.82 -63.38
CA SER WC 23 7.33 61.23 -63.47
C SER WC 23 6.30 62.33 -63.24
N ALA WC 24 5.71 62.84 -64.33
CA ALA WC 24 4.75 63.92 -64.25
C ALA WC 24 3.48 63.46 -63.54
N SER WC 25 2.96 64.31 -62.67
CA SER WC 25 1.72 64.04 -61.96
C SER WC 25 0.59 64.87 -62.56
N HIS WC 26 -0.63 64.42 -62.30
CA HIS WC 26 -1.81 64.91 -63.00
C HIS WC 26 -2.27 66.27 -62.46
N PRO WC 27 -2.54 67.22 -63.36
CA PRO WC 27 -3.18 68.47 -62.93
C PRO WC 27 -4.66 68.28 -62.61
N THR WC 28 -5.37 69.36 -62.35
CA THR WC 28 -6.78 69.26 -61.98
C THR WC 28 -7.63 68.66 -63.09
N TYR WC 29 -7.15 68.65 -64.33
CA TYR WC 29 -7.89 68.03 -65.42
C TYR WC 29 -7.83 66.50 -65.32
N SER WC 30 -6.62 65.95 -65.35
CA SER WC 30 -6.43 64.52 -65.54
C SER WC 30 -6.32 63.75 -64.23
N GLU WC 31 -6.98 64.22 -63.17
CA GLU WC 31 -7.02 63.44 -61.93
C GLU WC 31 -7.82 62.15 -62.12
N MET WC 32 -8.70 62.10 -63.12
CA MET WC 32 -9.60 60.98 -63.33
C MET WC 32 -9.38 60.26 -64.65
N ILE WC 33 -8.71 60.89 -65.62
CA ILE WC 33 -8.54 60.31 -66.95
C ILE WC 33 -7.85 58.96 -66.84
N ALA WC 34 -6.75 58.88 -66.07
CA ALA WC 34 -5.94 57.67 -66.05
C ALA WC 34 -6.65 56.56 -65.30
N ALA WC 35 -7.32 56.91 -64.20
CA ALA WC 35 -8.09 55.90 -63.46
C ALA WC 35 -9.21 55.34 -64.33
N ALA WC 36 -9.89 56.20 -65.09
CA ALA WC 36 -10.98 55.74 -65.93
C ALA WC 36 -10.49 54.79 -67.03
N ILE WC 37 -9.37 55.15 -67.68
CA ILE WC 37 -8.83 54.23 -68.70
C ILE WC 37 -8.30 52.96 -68.04
N ARG WC 38 -7.74 53.07 -66.83
CA ARG WC 38 -7.07 51.97 -66.16
C ARG WC 38 -8.04 50.97 -65.55
N ALA WC 39 -9.29 51.37 -65.29
CA ALA WC 39 -10.23 50.61 -64.46
C ALA WC 39 -10.15 49.11 -64.73
N GLU WC 40 -9.85 48.37 -63.67
CA GLU WC 40 -9.46 46.96 -63.77
C GLU WC 40 -10.57 46.09 -64.35
N LYS WC 41 -11.68 45.98 -63.64
CA LYS WC 41 -12.82 45.20 -64.11
C LYS WC 41 -14.12 45.92 -63.84
N SER WC 42 -14.10 47.25 -63.88
CA SER WC 42 -15.30 48.05 -63.62
C SER WC 42 -16.36 47.74 -64.65
N ARG WC 43 -17.47 47.15 -64.20
CA ARG WC 43 -18.61 46.86 -65.07
C ARG WC 43 -19.43 48.12 -65.31
N GLY WC 44 -18.78 49.10 -65.93
CA GLY WC 44 -19.38 50.41 -66.13
C GLY WC 44 -19.64 51.12 -64.82
N GLY WC 45 -18.65 51.12 -63.93
CA GLY WC 45 -18.85 51.73 -62.62
C GLY WC 45 -17.63 52.46 -62.08
N SER WC 46 -17.85 53.62 -61.46
CA SER WC 46 -16.79 54.38 -60.82
C SER WC 46 -17.43 55.25 -59.75
N SER WC 47 -17.19 54.94 -58.49
CA SER WC 47 -17.84 55.60 -57.37
C SER WC 47 -16.93 56.65 -56.75
N ARG WC 48 -17.49 57.45 -55.85
CA ARG WC 48 -16.70 58.46 -55.17
C ARG WC 48 -15.64 57.84 -54.27
N GLN WC 49 -15.96 56.70 -53.65
CA GLN WC 49 -14.97 55.99 -52.83
C GLN WC 49 -13.79 55.57 -53.69
N SER WC 50 -14.07 55.01 -54.88
CA SER WC 50 -13.01 54.62 -55.79
C SER WC 50 -12.21 55.83 -56.26
N ILE WC 51 -12.89 56.94 -56.55
CA ILE WC 51 -12.19 58.15 -56.98
C ILE WC 51 -11.26 58.64 -55.87
N GLN WC 52 -11.74 58.62 -54.63
CA GLN WC 52 -10.91 59.02 -53.49
C GLN WC 52 -9.68 58.14 -53.38
N LYS WC 53 -9.86 56.82 -53.52
CA LYS WC 53 -8.71 55.92 -53.49
C LYS WC 53 -7.73 56.21 -54.62
N TYR WC 54 -8.25 56.52 -55.81
CA TYR WC 54 -7.40 56.70 -56.98
C TYR WC 54 -6.63 58.02 -56.90
N ILE WC 55 -7.23 59.06 -56.33
CA ILE WC 55 -6.61 60.39 -56.33
C ILE WC 55 -6.02 60.75 -54.97
N LYS WC 56 -6.07 59.84 -53.99
CA LYS WC 56 -5.42 60.07 -52.72
C LYS WC 56 -3.89 59.91 -52.81
N SER WC 57 -3.41 59.25 -53.86
CA SER WC 57 -1.98 58.93 -53.95
C SER WC 57 -1.12 60.19 -53.86
N HIS WC 58 -0.04 60.08 -53.09
CA HIS WC 58 0.94 61.14 -52.88
C HIS WC 58 0.21 62.31 -52.22
N TYR WC 59 0.38 63.55 -52.69
CA TYR WC 59 -0.26 64.72 -52.10
C TYR WC 59 -1.17 65.37 -53.14
N LYS WC 60 -2.45 65.02 -53.10
CA LYS WC 60 -3.44 65.69 -53.92
C LYS WC 60 -3.65 67.12 -53.40
N VAL WC 61 -4.49 67.88 -54.11
CA VAL WC 61 -4.90 69.19 -53.60
C VAL WC 61 -5.59 69.04 -52.26
N GLY WC 62 -6.51 68.07 -52.17
CA GLY WC 62 -7.10 67.60 -50.93
C GLY WC 62 -7.47 68.64 -49.90
N HIS WC 63 -7.86 69.84 -50.34
CA HIS WC 63 -8.32 70.89 -49.43
C HIS WC 63 -9.70 71.32 -49.89
N ASN WC 64 -10.67 71.21 -48.98
CA ASN WC 64 -12.06 71.59 -49.26
C ASN WC 64 -12.52 71.06 -50.61
N ALA WC 65 -12.14 69.83 -50.93
CA ALA WC 65 -12.46 69.22 -52.22
C ALA WC 65 -13.77 68.45 -52.20
N ASP WC 66 -14.47 68.44 -51.05
CA ASP WC 66 -15.73 67.69 -50.97
C ASP WC 66 -16.77 68.23 -51.93
N LEU WC 67 -16.90 69.55 -52.05
CA LEU WC 67 -17.85 70.11 -53.00
C LEU WC 67 -17.27 70.14 -54.41
N GLN WC 68 -15.94 70.21 -54.51
CA GLN WC 68 -15.30 70.20 -55.82
C GLN WC 68 -15.48 68.88 -56.54
N ILE WC 69 -15.45 67.76 -55.80
CA ILE WC 69 -15.56 66.44 -56.43
C ILE WC 69 -16.90 66.29 -57.14
N LYS WC 70 -17.89 67.12 -56.80
CA LYS WC 70 -19.18 67.12 -57.47
C LYS WC 70 -19.33 68.28 -58.46
N LEU WC 71 -18.82 69.46 -58.12
CA LEU WC 71 -18.93 70.60 -59.02
C LEU WC 71 -18.13 70.37 -60.29
N SER WC 72 -16.93 69.81 -60.18
CA SER WC 72 -16.14 69.49 -61.36
C SER WC 72 -16.84 68.46 -62.23
N ILE WC 73 -17.47 67.46 -61.60
CA ILE WC 73 -18.22 66.46 -62.35
C ILE WC 73 -19.37 67.12 -63.12
N ARG WC 74 -20.11 68.00 -62.45
CA ARG WC 74 -21.22 68.67 -63.10
C ARG WC 74 -20.74 69.55 -64.26
N ARG WC 75 -19.62 70.25 -64.06
CA ARG WC 75 -19.05 71.08 -65.11
C ARG WC 75 -18.59 70.24 -66.30
N LEU WC 76 -17.96 69.10 -66.05
CA LEU WC 76 -17.55 68.21 -67.13
C LEU WC 76 -18.76 67.67 -67.88
N LEU WC 77 -19.83 67.33 -67.17
CA LEU WC 77 -21.06 66.89 -67.84
C LEU WC 77 -21.67 68.00 -68.67
N ALA WC 78 -21.66 69.23 -68.15
CA ALA WC 78 -22.19 70.36 -68.91
C ALA WC 78 -21.41 70.55 -70.21
N ALA WC 79 -20.08 70.43 -70.14
CA ALA WC 79 -19.28 70.51 -71.37
C ALA WC 79 -19.57 69.34 -72.31
N GLY WC 80 -19.68 68.13 -71.77
CA GLY WC 80 -19.87 66.96 -72.59
C GLY WC 80 -18.59 66.15 -72.76
N VAL WC 81 -17.83 66.01 -71.67
CA VAL WC 81 -16.53 65.34 -71.76
C VAL WC 81 -16.68 63.84 -71.51
N LEU WC 82 -17.57 63.45 -70.60
CA LEU WC 82 -17.69 62.07 -70.18
C LEU WC 82 -19.13 61.59 -70.27
N LYS WC 83 -19.30 60.29 -70.08
CA LYS WC 83 -20.61 59.64 -70.09
C LYS WC 83 -20.75 58.79 -68.83
N GLN WC 84 -21.99 58.43 -68.50
CA GLN WC 84 -22.26 57.76 -67.24
C GLN WC 84 -23.35 56.73 -67.41
N THR WC 85 -23.40 55.79 -66.47
CA THR WC 85 -24.42 54.75 -66.42
C THR WC 85 -25.27 54.92 -65.16
N LYS WC 86 -26.47 54.34 -65.20
CA LYS WC 86 -27.38 54.35 -64.07
C LYS WC 86 -27.40 52.96 -63.43
N GLY WC 87 -27.15 52.90 -62.13
CA GLY WC 87 -27.26 51.66 -61.39
C GLY WC 87 -27.52 51.89 -59.91
N VAL WC 88 -28.56 51.24 -59.38
CA VAL WC 88 -28.90 51.41 -57.98
C VAL WC 88 -27.87 50.74 -57.09
N GLY WC 89 -27.47 49.51 -57.42
CA GLY WC 89 -26.50 48.78 -56.63
C GLY WC 89 -25.12 49.41 -56.66
N ALA WC 90 -24.67 49.80 -57.85
CA ALA WC 90 -23.37 50.44 -57.97
C ALA WC 90 -23.43 51.86 -57.42
N SER WC 91 -22.46 52.19 -56.56
CA SER WC 91 -22.44 53.51 -55.94
C SER WC 91 -22.23 54.61 -56.98
N GLY WC 92 -21.35 54.37 -57.94
CA GLY WC 92 -21.09 55.33 -59.00
C GLY WC 92 -20.79 54.63 -60.29
N SER WC 93 -20.91 55.38 -61.39
CA SER WC 93 -20.70 54.81 -62.73
C SER WC 93 -20.22 55.93 -63.65
N PHE WC 94 -18.90 55.97 -63.89
CA PHE WC 94 -18.29 56.97 -64.75
C PHE WC 94 -17.55 56.26 -65.88
N ARG WC 95 -17.84 56.66 -67.13
CA ARG WC 95 -17.14 56.13 -68.29
C ARG WC 95 -16.68 57.27 -69.17
N LEU WC 96 -15.66 57.00 -69.99
CA LEU WC 96 -15.01 58.01 -70.81
C LEU WC 96 -14.93 57.54 -72.26
N ALA WC 97 -16.06 57.06 -72.78
CA ALA WC 97 -16.21 56.72 -74.20
C ALA WC 97 -15.30 55.57 -74.62
N LYS WC 98 -14.72 55.67 -75.81
CA LYS WC 98 -13.84 54.69 -76.47
C LYS WC 98 -14.60 53.46 -76.94
N SER WC 99 -15.92 53.54 -77.10
CA SER WC 99 -16.73 52.42 -77.58
C SER WC 99 -17.81 52.94 -78.50
N ASP WC 100 -18.64 52.03 -78.99
CA ASP WC 100 -19.74 52.40 -79.87
C ASP WC 100 -20.85 53.10 -79.09
N LYS WC 101 -21.54 54.02 -79.76
CA LYS WC 101 -22.56 54.86 -79.13
C LYS WC 101 -23.97 54.29 -79.27
N ALA WC 102 -24.16 53.20 -80.01
CA ALA WC 102 -25.48 52.66 -80.29
C ALA WC 102 -25.54 51.20 -79.88
N LYS WC 103 -26.24 50.92 -78.79
CA LYS WC 103 -26.44 49.56 -78.31
C LYS WC 103 -27.84 49.47 -77.71
N ARG WC 104 -28.17 48.29 -77.18
CA ARG WC 104 -29.46 48.03 -76.58
C ARG WC 104 -29.30 47.42 -75.20
N SER WC 105 -30.40 47.40 -74.44
CA SER WC 105 -30.37 46.87 -73.09
C SER WC 105 -30.16 45.35 -73.10
N PRO WC 106 -29.48 44.83 -72.09
CA PRO WC 106 -29.25 43.37 -71.99
C PRO WC 106 -30.25 42.60 -71.12
N GLY WC 107 -31.36 43.20 -70.71
CA GLY WC 107 -32.30 42.55 -69.82
C GLY WC 107 -32.09 42.97 -68.38
N LYS WC 108 -32.70 42.19 -67.48
CA LYS WC 108 -32.54 42.45 -66.05
C LYS WC 108 -31.08 42.29 -65.64
N LYS WC 109 -30.42 41.23 -66.12
CA LYS WC 109 -29.02 41.01 -65.85
C LYS WC 109 -28.16 41.62 -66.95
N LYS WC 110 -26.92 41.95 -66.61
CA LYS WC 110 -25.99 42.49 -67.60
C LYS WC 110 -25.60 41.40 -68.59
N LYS WC 111 -24.73 41.78 -69.54
CA LYS WC 111 -24.28 40.85 -70.56
C LYS WC 111 -23.60 39.64 -69.92
N ALA WC 112 -24.07 38.45 -70.27
CA ALA WC 112 -23.67 37.22 -69.60
C ALA WC 112 -23.01 36.21 -70.52
N VAL WC 113 -22.81 36.54 -71.80
CA VAL WC 113 -22.20 35.60 -72.73
C VAL WC 113 -20.75 35.33 -72.33
N ARG WC 114 -20.01 36.36 -71.95
CA ARG WC 114 -18.62 36.22 -71.56
C ARG WC 114 -18.31 36.71 -70.15
N ARG WC 115 -19.30 37.23 -69.43
CA ARG WC 115 -19.11 37.70 -68.07
C ARG WC 115 -19.75 36.78 -67.03
N SER WC 116 -20.80 36.05 -67.41
CA SER WC 116 -21.28 34.94 -66.61
C SER WC 116 -20.61 33.62 -66.97
N THR WC 117 -19.94 33.56 -68.12
CA THR WC 117 -19.11 32.41 -68.46
C THR WC 117 -17.79 32.44 -67.70
N SER WC 118 -17.26 33.63 -67.46
CA SER WC 118 -15.94 33.76 -66.84
C SER WC 118 -15.81 33.12 -65.46
N PRO WC 119 -16.70 33.37 -64.48
CA PRO WC 119 -16.38 32.89 -63.13
C PRO WC 119 -16.48 31.39 -62.95
N LYS WC 120 -17.14 30.66 -63.85
CA LYS WC 120 -17.04 29.21 -63.77
C LYS WC 120 -15.74 28.72 -64.38
N LYS WC 121 -15.23 29.37 -65.44
CA LYS WC 121 -13.89 29.03 -65.87
C LYS WC 121 -12.84 29.48 -64.87
N ALA WC 122 -13.23 30.28 -63.89
CA ALA WC 122 -12.37 30.56 -62.74
C ALA WC 122 -12.50 29.53 -61.63
N ALA WC 123 -13.73 29.11 -61.30
CA ALA WC 123 -13.96 28.21 -60.19
C ALA WC 123 -13.60 26.76 -60.52
N ARG WC 124 -13.91 26.31 -61.73
CA ARG WC 124 -13.60 24.93 -62.10
C ARG WC 124 -12.12 24.58 -61.98
N PRO WC 125 -11.16 25.43 -62.38
CA PRO WC 125 -9.75 25.07 -62.16
C PRO WC 125 -9.40 24.87 -60.70
N ARG WC 126 -10.13 25.48 -59.77
CA ARG WC 126 -9.87 25.26 -58.35
C ARG WC 126 -10.07 23.79 -58.00
N LYS WC 127 -11.14 23.18 -58.51
CA LYS WC 127 -11.36 21.76 -58.30
C LYS WC 127 -10.44 20.91 -59.17
N ALA WC 128 -10.20 21.35 -60.41
CA ALA WC 128 -9.40 20.55 -61.33
C ALA WC 128 -7.95 20.41 -60.85
N ARG WC 129 -7.37 21.48 -60.32
CA ARG WC 129 -6.00 21.46 -59.85
C ARG WC 129 -5.86 22.22 -58.54
N MET XC 1 30.67 -61.82 134.10
CA MET XC 1 29.55 -60.98 133.71
C MET XC 1 28.60 -61.87 132.87
N THR XC 2 28.86 -63.17 132.96
CA THR XC 2 27.89 -64.16 132.49
C THR XC 2 26.55 -63.95 133.19
N GLU XC 3 26.57 -63.42 134.41
CA GLU XC 3 25.32 -63.02 135.06
C GLU XC 3 24.61 -61.94 134.24
N SER XC 4 25.33 -60.91 133.82
CA SER XC 4 24.74 -59.84 133.03
C SER XC 4 24.41 -60.27 131.61
N LEU XC 5 24.86 -61.45 131.19
CA LEU XC 5 24.49 -61.99 129.88
C LEU XC 5 23.34 -62.99 129.93
N VAL XC 6 23.14 -63.69 131.03
CA VAL XC 6 22.12 -64.73 131.14
C VAL XC 6 21.09 -64.42 132.21
N LEU XC 7 21.54 -64.20 133.44
CA LEU XC 7 20.62 -64.15 134.57
C LEU XC 7 19.85 -62.84 134.64
N SER XC 8 20.43 -61.74 134.21
CA SER XC 8 19.72 -60.46 134.12
C SER XC 8 18.91 -60.36 132.84
N PRO XC 9 19.46 -60.71 131.67
CA PRO XC 9 18.63 -60.68 130.45
C PRO XC 9 17.44 -61.62 130.49
N ALA XC 10 17.52 -62.71 131.26
CA ALA XC 10 16.38 -63.64 131.32
C ALA XC 10 15.10 -62.96 131.81
N PRO XC 11 15.13 -62.10 132.84
CA PRO XC 11 13.95 -61.27 133.11
C PRO XC 11 13.92 -59.96 132.35
N ALA XC 12 15.05 -59.50 131.80
CA ALA XC 12 15.04 -58.24 131.06
C ALA XC 12 14.27 -58.35 129.74
N LYS XC 13 14.47 -59.44 129.01
CA LYS XC 13 13.84 -59.60 127.70
C LYS XC 13 12.30 -59.66 127.77
N PRO XC 14 11.67 -60.45 128.63
CA PRO XC 14 10.19 -60.50 128.61
C PRO XC 14 9.53 -59.25 129.13
N LYS XC 15 10.30 -58.24 129.55
CA LYS XC 15 9.71 -56.92 129.80
C LYS XC 15 9.20 -56.27 128.52
N ARG XC 16 9.66 -56.72 127.36
CA ARG XC 16 9.19 -56.24 126.06
C ARG XC 16 8.20 -57.27 125.53
N VAL XC 17 6.99 -57.27 126.10
CA VAL XC 17 5.92 -58.14 125.65
C VAL XC 17 4.59 -57.49 125.96
N LYS XC 18 3.57 -57.75 125.13
CA LYS XC 18 2.26 -57.15 125.34
C LYS XC 18 1.22 -57.98 124.60
N ALA XC 19 -0.03 -57.81 125.02
CA ALA XC 19 -1.17 -58.50 124.41
C ALA XC 19 -0.96 -60.00 124.34
N SER XC 20 -1.33 -60.60 123.20
CA SER XC 20 -1.15 -62.03 123.00
C SER XC 20 -0.41 -62.29 121.69
N ARG XC 21 -0.31 -63.55 121.30
CA ARG XC 21 0.34 -63.91 120.05
C ARG XC 21 -0.59 -63.60 118.89
N ARG XC 22 -0.55 -62.35 118.42
CA ARG XC 22 -1.48 -61.89 117.39
C ARG XC 22 -0.76 -61.79 116.05
N SER XC 23 -1.26 -62.52 115.06
CA SER XC 23 -0.76 -62.46 113.68
C SER XC 23 0.74 -62.72 113.63
N ALA XC 24 1.21 -63.63 114.47
CA ALA XC 24 2.62 -63.97 114.53
C ALA XC 24 2.78 -65.40 115.03
N SER XC 25 3.85 -66.04 114.58
CA SER XC 25 4.24 -67.38 115.03
C SER XC 25 5.75 -67.44 115.19
N HIS XC 26 6.32 -66.42 115.84
CA HIS XC 26 7.75 -66.20 115.95
C HIS XC 26 8.49 -67.51 116.23
N PRO XC 27 9.40 -67.92 115.36
CA PRO XC 27 10.07 -69.22 115.52
C PRO XC 27 11.25 -69.13 116.49
N THR XC 28 11.95 -70.26 116.61
CA THR XC 28 13.11 -70.31 117.49
C THR XC 28 14.25 -69.48 116.90
N TYR XC 29 14.85 -68.63 117.73
CA TYR XC 29 15.90 -67.74 117.26
C TYR XC 29 17.15 -68.53 116.87
N SER XC 30 17.53 -69.51 117.68
CA SER XC 30 18.80 -70.21 117.45
C SER XC 30 18.73 -71.17 116.27
N GLU XC 31 17.55 -71.70 115.95
CA GLU XC 31 17.44 -72.72 114.93
C GLU XC 31 17.29 -72.16 113.52
N MET XC 32 17.20 -70.84 113.37
CA MET XC 32 17.03 -70.25 112.04
C MET XC 32 18.24 -70.55 111.16
N ILE XC 33 19.45 -70.38 111.71
CA ILE XC 33 20.66 -70.62 110.92
C ILE XC 33 20.81 -72.11 110.61
N ALA XC 34 20.44 -72.97 111.55
CA ALA XC 34 20.50 -74.41 111.29
C ALA XC 34 19.55 -74.80 110.17
N ALA XC 35 18.32 -74.28 110.20
CA ALA XC 35 17.37 -74.56 109.12
C ALA XC 35 17.88 -74.02 107.79
N ALA XC 36 18.47 -72.83 107.82
CA ALA XC 36 19.02 -72.25 106.59
C ALA XC 36 20.12 -73.12 106.00
N ILE XC 37 21.02 -73.61 106.86
CA ILE XC 37 22.12 -74.45 106.40
C ILE XC 37 21.60 -75.77 105.86
N ARG XC 38 20.61 -76.36 106.53
CA ARG XC 38 20.01 -77.59 106.01
C ARG XC 38 19.35 -77.37 104.66
N ALA XC 39 18.66 -76.24 104.49
CA ALA XC 39 18.02 -75.94 103.21
C ALA XC 39 19.06 -75.72 102.11
N GLU XC 40 20.16 -75.04 102.43
CA GLU XC 40 21.18 -74.75 101.42
C GLU XC 40 21.88 -76.03 100.98
N LYS XC 41 22.11 -76.14 99.66
CA LYS XC 41 22.84 -77.27 99.07
C LYS XC 41 23.78 -76.71 98.01
N SER XC 42 24.99 -76.37 98.42
CA SER XC 42 26.00 -75.81 97.52
C SER XC 42 27.35 -75.81 98.23
N ARG XC 43 28.38 -75.42 97.49
CA ARG XC 43 29.71 -75.32 98.06
C ARG XC 43 29.81 -74.08 98.95
N GLY XC 44 30.82 -74.09 99.81
CA GLY XC 44 30.99 -72.97 100.73
C GLY XC 44 29.88 -72.96 101.77
N GLY XC 45 29.29 -71.80 101.98
CA GLY XC 45 28.22 -71.69 102.94
C GLY XC 45 27.37 -70.47 102.71
N SER XC 46 26.88 -69.89 103.81
CA SER XC 46 26.06 -68.69 103.73
C SER XC 46 26.88 -67.52 103.19
N SER XC 47 26.21 -66.63 102.47
CA SER XC 47 26.88 -65.57 101.73
C SER XC 47 26.78 -64.19 102.38
N ARG XC 48 26.36 -64.11 103.64
CA ARG XC 48 26.13 -62.88 104.39
C ARG XC 48 25.00 -62.03 103.83
N GLN XC 49 24.41 -62.42 102.71
CA GLN XC 49 23.19 -61.81 102.21
C GLN XC 49 22.12 -62.86 101.99
N SER XC 50 22.48 -64.03 101.45
CA SER XC 50 21.52 -65.12 101.31
C SER XC 50 21.11 -65.65 102.69
N ILE XC 51 22.00 -65.58 103.66
CA ILE XC 51 21.62 -65.99 105.02
C ILE XC 51 20.52 -65.10 105.56
N GLN XC 52 20.57 -63.80 105.24
CA GLN XC 52 19.47 -62.91 105.56
C GLN XC 52 18.24 -63.25 104.73
N LYS XC 53 18.45 -63.64 103.46
CA LYS XC 53 17.33 -63.85 102.55
C LYS XC 53 16.48 -65.06 102.92
N TYR XC 54 17.10 -66.18 103.32
CA TYR XC 54 16.31 -67.36 103.65
C TYR XC 54 15.35 -67.10 104.82
N ILE XC 55 15.84 -66.49 105.90
CA ILE XC 55 15.04 -66.33 107.10
C ILE XC 55 14.08 -65.15 106.99
N LYS XC 56 14.11 -64.41 105.88
CA LYS XC 56 13.21 -63.28 105.71
C LYS XC 56 11.76 -63.71 105.67
N SER XC 57 11.49 -64.94 105.19
CA SER XC 57 10.12 -65.42 105.06
C SER XC 57 9.42 -65.43 106.41
N HIS XC 58 8.13 -65.08 106.39
CA HIS XC 58 7.25 -65.08 107.57
C HIS XC 58 7.75 -64.00 108.52
N TYR XC 59 8.01 -64.33 109.78
CA TYR XC 59 8.29 -63.36 110.84
C TYR XC 59 9.76 -63.45 111.22
N LYS XC 60 10.50 -62.39 110.92
CA LYS XC 60 11.94 -62.34 111.15
C LYS XC 60 12.33 -61.07 111.88
N VAL XC 61 13.22 -61.19 112.86
CA VAL XC 61 13.82 -60.02 113.50
C VAL XC 61 14.81 -59.42 112.51
N GLY XC 62 14.49 -58.24 111.99
CA GLY XC 62 15.17 -57.76 110.79
C GLY XC 62 16.15 -56.62 110.91
N HIS XC 63 15.96 -55.72 111.89
CA HIS XC 63 16.67 -54.44 111.85
C HIS XC 63 18.18 -54.63 111.96
N ASN XC 64 18.65 -55.36 112.98
CA ASN XC 64 20.08 -55.56 113.13
C ASN XC 64 20.41 -57.03 112.93
N ALA XC 65 20.46 -57.43 111.65
CA ALA XC 65 20.92 -58.77 111.31
C ALA XC 65 22.43 -58.88 111.44
N ASP XC 66 23.16 -57.87 110.98
CA ASP XC 66 24.62 -57.88 111.10
C ASP XC 66 25.07 -58.03 112.54
N LEU XC 67 24.23 -57.64 113.49
CA LEU XC 67 24.55 -57.79 114.91
C LEU XC 67 24.01 -59.09 115.49
N GLN XC 68 22.72 -59.37 115.32
CA GLN XC 68 22.14 -60.56 115.93
C GLN XC 68 22.72 -61.84 115.33
N ILE XC 69 22.82 -61.91 114.01
CA ILE XC 69 23.37 -63.09 113.37
C ILE XC 69 24.80 -63.32 113.82
N LYS XC 70 25.62 -62.27 113.84
CA LYS XC 70 27.02 -62.43 114.24
C LYS XC 70 27.14 -62.86 115.70
N LEU XC 71 26.27 -62.34 116.56
CA LEU XC 71 26.22 -62.83 117.94
C LEU XC 71 25.94 -64.33 117.97
N SER XC 72 25.00 -64.77 117.14
CA SER XC 72 24.68 -66.20 117.07
C SER XC 72 25.87 -67.01 116.55
N ILE XC 73 26.58 -66.48 115.54
CA ILE XC 73 27.75 -67.18 115.01
C ILE XC 73 28.82 -67.33 116.07
N ARG XC 74 29.07 -66.28 116.84
CA ARG XC 74 30.10 -66.39 117.88
C ARG XC 74 29.66 -67.35 118.99
N ARG XC 75 28.37 -67.35 119.34
CA ARG XC 75 27.88 -68.31 120.33
C ARG XC 75 28.05 -69.74 119.83
N LEU XC 76 27.74 -69.98 118.56
CA LEU XC 76 27.86 -71.31 118.00
C LEU XC 76 29.34 -71.69 117.80
N LEU XC 77 30.20 -70.69 117.62
CA LEU XC 77 31.64 -70.94 117.61
C LEU XC 77 32.12 -71.39 118.98
N ALA XC 78 31.63 -70.74 120.03
CA ALA XC 78 31.96 -71.17 121.39
C ALA XC 78 31.48 -72.59 121.64
N ALA XC 79 30.28 -72.93 121.14
CA ALA XC 79 29.78 -74.29 121.28
C ALA XC 79 30.41 -75.26 120.27
N GLY XC 80 31.18 -74.77 119.32
CA GLY XC 80 31.73 -75.65 118.30
C GLY XC 80 30.70 -76.16 117.32
N VAL XC 81 30.00 -75.26 116.64
CA VAL XC 81 28.87 -75.62 115.80
C VAL XC 81 29.14 -75.33 114.32
N LEU XC 82 30.13 -74.49 114.02
CA LEU XC 82 30.40 -74.09 112.65
C LEU XC 82 31.87 -73.70 112.45
N LYS XC 83 32.28 -73.58 111.19
CA LYS XC 83 33.56 -72.96 110.88
C LYS XC 83 33.39 -72.10 109.64
N GLN XC 84 34.49 -71.92 108.90
CA GLN XC 84 34.52 -71.10 107.71
C GLN XC 84 35.37 -71.81 106.65
N THR XC 85 35.32 -71.32 105.41
CA THR XC 85 36.14 -71.86 104.33
C THR XC 85 37.00 -70.77 103.70
N LYS XC 86 38.25 -71.13 103.39
CA LYS XC 86 39.11 -70.28 102.58
C LYS XC 86 38.56 -70.21 101.17
N GLY XC 87 38.51 -68.99 100.63
CA GLY XC 87 38.00 -68.78 99.30
C GLY XC 87 37.81 -67.31 99.01
N VAL XC 88 37.72 -67.00 97.72
CA VAL XC 88 37.56 -65.63 97.27
C VAL XC 88 36.42 -65.57 96.25
N GLY XC 89 36.05 -66.74 95.72
CA GLY XC 89 35.16 -66.78 94.58
C GLY XC 89 33.78 -66.21 94.86
N ALA XC 90 33.18 -66.61 95.97
CA ALA XC 90 31.81 -66.22 96.29
C ALA XC 90 31.75 -65.60 97.68
N SER XC 91 30.87 -64.60 97.82
CA SER XC 91 30.70 -63.94 99.11
C SER XC 91 30.26 -64.94 100.17
N GLY XC 92 30.87 -64.83 101.36
CA GLY XC 92 30.51 -65.66 102.49
C GLY XC 92 30.97 -67.10 102.39
N SER XC 93 31.30 -67.70 103.54
CA SER XC 93 31.68 -69.10 103.59
C SER XC 93 31.38 -69.59 105.01
N PHE XC 94 30.24 -70.27 105.19
CA PHE XC 94 29.72 -70.58 106.52
C PHE XC 94 28.89 -71.84 106.46
N ARG XC 95 29.46 -72.96 106.91
CA ARG XC 95 28.71 -74.17 107.12
C ARG XC 95 28.69 -74.50 108.61
N LEU XC 96 28.16 -75.67 108.95
CA LEU XC 96 28.07 -76.11 110.34
C LEU XC 96 29.08 -77.20 110.63
N ALA XC 97 29.48 -77.32 111.90
CA ALA XC 97 30.42 -78.35 112.33
C ALA XC 97 29.77 -79.72 112.44
N LYS XC 98 28.44 -79.81 112.41
CA LYS XC 98 27.77 -81.10 112.38
C LYS XC 98 28.17 -81.91 111.15
N SER XC 99 28.60 -81.22 110.07
CA SER XC 99 29.09 -81.89 108.87
C SER XC 99 30.34 -82.70 109.18
N ASP XC 100 30.22 -84.03 109.15
CA ASP XC 100 31.34 -84.92 109.39
C ASP XC 100 31.59 -85.86 108.21
N LYS XC 101 30.87 -85.67 107.11
CA LYS XC 101 30.95 -86.61 106.00
C LYS XC 101 32.30 -86.51 105.28
N ALA XC 102 32.83 -85.29 105.16
CA ALA XC 102 34.12 -85.08 104.51
C ALA XC 102 34.70 -83.79 105.05
N LYS XC 103 35.88 -83.87 105.68
CA LYS XC 103 36.46 -82.74 106.39
C LYS XC 103 37.39 -81.91 105.51
N ARG XC 104 37.28 -82.02 104.19
CA ARG XC 104 38.15 -81.30 103.28
C ARG XC 104 37.44 -81.10 101.96
N SER XC 105 37.96 -80.16 101.16
CA SER XC 105 37.41 -79.90 99.84
C SER XC 105 37.68 -81.09 98.92
N PRO XC 106 36.83 -81.30 97.91
CA PRO XC 106 37.06 -82.41 96.97
C PRO XC 106 38.36 -82.23 96.21
N GLY XC 107 39.00 -83.36 95.90
CA GLY XC 107 40.27 -83.34 95.19
C GLY XC 107 40.72 -84.73 94.77
N MET YC 1 47.78 11.60 -45.34
CA MET YC 1 46.95 12.76 -45.65
C MET YC 1 45.73 12.76 -44.75
N THR YC 2 45.29 11.56 -44.36
CA THR YC 2 44.13 11.43 -43.49
C THR YC 2 44.36 12.09 -42.14
N GLU YC 3 45.57 11.94 -41.58
CA GLU YC 3 45.96 12.62 -40.36
C GLU YC 3 47.39 13.14 -40.46
N SER YC 4 47.89 13.34 -41.67
CA SER YC 4 49.27 13.77 -41.89
C SER YC 4 49.42 15.27 -41.71
N LEU YC 5 50.55 15.81 -42.15
CA LEU YC 5 50.84 17.23 -41.97
C LEU YC 5 49.80 18.11 -42.66
N VAL YC 6 49.17 17.60 -43.72
CA VAL YC 6 48.20 18.40 -44.47
C VAL YC 6 46.97 18.69 -43.60
N LEU YC 7 46.58 17.73 -42.75
CA LEU YC 7 45.41 17.89 -41.91
C LEU YC 7 45.79 17.92 -40.43
N SER YC 8 47.06 18.19 -40.12
CA SER YC 8 47.43 18.42 -38.72
C SER YC 8 46.97 19.78 -38.21
N PRO YC 9 47.22 20.90 -38.90
CA PRO YC 9 46.62 22.16 -38.46
C PRO YC 9 45.26 22.44 -39.07
N ALA YC 10 44.82 21.60 -40.01
CA ALA YC 10 43.55 21.83 -40.68
C ALA YC 10 42.33 21.79 -39.76
N PRO YC 11 42.16 20.80 -38.88
CA PRO YC 11 40.81 20.59 -38.30
C PRO YC 11 40.32 21.71 -37.39
N ALA YC 12 41.16 22.68 -37.05
CA ALA YC 12 40.72 23.76 -36.16
C ALA YC 12 39.60 24.58 -36.79
N LYS YC 13 39.71 24.90 -38.08
CA LYS YC 13 38.75 25.74 -38.78
C LYS YC 13 37.43 25.02 -39.07
N PRO YC 14 37.42 23.72 -39.36
CA PRO YC 14 36.14 23.01 -39.47
C PRO YC 14 35.27 23.09 -38.23
N LYS YC 15 35.84 23.24 -37.05
CA LYS YC 15 35.05 23.28 -35.82
C LYS YC 15 34.09 24.46 -35.80
N ARG YC 16 34.32 25.44 -36.68
CA ARG YC 16 33.46 26.62 -36.72
C ARG YC 16 32.18 26.36 -37.52
N VAL YC 17 32.32 26.02 -38.81
CA VAL YC 17 31.17 26.01 -39.71
C VAL YC 17 31.11 24.71 -40.51
N LYS YC 18 31.73 23.64 -40.01
CA LYS YC 18 31.77 22.38 -40.73
C LYS YC 18 30.44 21.64 -40.56
N ALA YC 19 30.41 20.39 -40.99
CA ALA YC 19 29.22 19.56 -40.93
C ALA YC 19 28.81 19.31 -39.48
N SER YC 20 27.73 19.95 -39.04
CA SER YC 20 27.21 19.77 -37.69
C SER YC 20 25.86 19.06 -37.76
N ARG YC 21 25.62 18.15 -36.81
CA ARG YC 21 24.37 17.42 -36.79
C ARG YC 21 23.17 18.32 -36.54
N ARG YC 22 23.40 19.52 -36.01
CA ARG YC 22 22.30 20.47 -35.82
C ARG YC 22 21.81 20.98 -37.16
N SER YC 23 20.54 20.69 -37.46
CA SER YC 23 19.90 21.08 -38.72
C SER YC 23 20.72 20.48 -39.87
N ALA YC 24 21.10 21.25 -40.87
CA ALA YC 24 21.93 20.76 -41.98
C ALA YC 24 23.11 21.69 -42.16
N SER YC 25 24.22 21.13 -42.63
CA SER YC 25 25.45 21.89 -42.81
C SER YC 25 26.10 21.44 -44.12
N HIS YC 26 27.35 21.83 -44.30
CA HIS YC 26 28.08 21.50 -45.51
C HIS YC 26 28.32 19.99 -45.57
N PRO YC 27 27.94 19.31 -46.65
CA PRO YC 27 28.16 17.87 -46.72
C PRO YC 27 29.65 17.54 -46.71
N THR YC 28 29.97 16.36 -46.18
CA THR YC 28 31.35 15.90 -46.17
C THR YC 28 31.86 15.70 -47.59
N TYR YC 29 33.18 15.71 -47.76
CA TYR YC 29 33.78 15.62 -49.08
C TYR YC 29 33.39 14.30 -49.75
N SER YC 30 33.20 13.23 -48.98
CA SER YC 30 32.87 11.94 -49.57
C SER YC 30 31.44 11.93 -50.12
N GLU YC 31 30.60 12.87 -49.67
CA GLU YC 31 29.18 12.86 -50.00
C GLU YC 31 28.72 14.07 -50.78
N MET YC 32 29.57 15.08 -50.99
CA MET YC 32 29.13 16.24 -51.77
C MET YC 32 28.84 15.83 -53.20
N ILE YC 33 29.63 14.92 -53.77
CA ILE YC 33 29.38 14.45 -55.13
C ILE YC 33 28.03 13.77 -55.22
N ALA YC 34 27.73 12.89 -54.26
CA ALA YC 34 26.44 12.19 -54.26
C ALA YC 34 25.29 13.18 -54.11
N ALA YC 35 25.44 14.16 -53.22
CA ALA YC 35 24.39 15.15 -53.04
C ALA YC 35 24.17 15.97 -54.31
N ALA YC 36 25.26 16.37 -54.98
CA ALA YC 36 25.13 17.15 -56.21
C ALA YC 36 24.47 16.32 -57.31
N ILE YC 37 24.83 15.05 -57.43
CA ILE YC 37 24.22 14.21 -58.46
C ILE YC 37 22.74 14.00 -58.17
N ARG YC 38 22.40 13.80 -56.89
CA ARG YC 38 20.99 13.65 -56.53
C ARG YC 38 20.21 14.94 -56.83
N ALA YC 39 20.83 16.10 -56.58
CA ALA YC 39 20.18 17.36 -56.91
C ALA YC 39 19.97 17.51 -58.41
N GLU YC 40 20.97 17.09 -59.21
CA GLU YC 40 20.86 17.19 -60.66
C GLU YC 40 19.75 16.28 -61.18
N LYS YC 41 19.06 16.75 -62.21
CA LYS YC 41 17.94 16.02 -62.81
C LYS YC 41 18.23 15.50 -64.21
N SER YC 42 19.44 15.68 -64.72
CA SER YC 42 19.76 15.28 -66.09
C SER YC 42 19.70 13.76 -66.22
N ARG YC 43 19.05 13.29 -67.28
CA ARG YC 43 18.96 11.85 -67.52
C ARG YC 43 20.29 11.27 -67.97
N GLY YC 44 21.07 12.05 -68.74
CA GLY YC 44 22.37 11.60 -69.20
C GLY YC 44 23.49 11.79 -68.21
N GLY YC 45 23.22 12.46 -67.10
CA GLY YC 45 24.22 12.70 -66.08
C GLY YC 45 24.76 14.11 -66.12
N SER YC 46 25.63 14.39 -65.14
CA SER YC 46 26.19 15.73 -64.99
C SER YC 46 27.52 15.85 -65.71
N SER YC 47 27.71 16.98 -66.40
CA SER YC 47 28.98 17.27 -67.04
C SER YC 47 29.98 17.82 -66.01
N ARG YC 48 31.21 18.05 -66.48
CA ARG YC 48 32.27 18.50 -65.58
C ARG YC 48 31.93 19.86 -64.97
N GLN YC 49 31.59 20.83 -65.80
CA GLN YC 49 31.22 22.15 -65.31
C GLN YC 49 29.94 22.10 -64.48
N SER YC 50 29.01 21.20 -64.83
CA SER YC 50 27.81 21.04 -64.01
C SER YC 50 28.17 20.58 -62.60
N ILE YC 51 29.03 19.58 -62.47
CA ILE YC 51 29.45 19.11 -61.15
C ILE YC 51 30.16 20.23 -60.40
N GLN YC 52 31.08 20.92 -61.08
CA GLN YC 52 31.83 21.98 -60.41
C GLN YC 52 30.92 23.09 -59.91
N LYS YC 53 29.96 23.53 -60.74
CA LYS YC 53 29.03 24.56 -60.32
C LYS YC 53 28.15 24.09 -59.18
N TYR YC 54 27.74 22.81 -59.22
CA TYR YC 54 26.85 22.29 -58.18
C TYR YC 54 27.56 22.19 -56.83
N ILE YC 55 28.85 21.83 -56.82
CA ILE YC 55 29.57 21.76 -55.55
C ILE YC 55 30.22 23.08 -55.17
N LYS YC 56 30.18 24.09 -56.05
CA LYS YC 56 30.76 25.38 -55.73
C LYS YC 56 30.04 26.06 -54.57
N SER YC 57 28.83 25.63 -54.23
CA SER YC 57 28.04 26.25 -53.17
C SER YC 57 28.81 26.29 -51.85
N HIS YC 58 29.09 27.50 -51.37
CA HIS YC 58 29.77 27.73 -50.09
C HIS YC 58 31.15 27.10 -50.05
N TYR YC 59 31.64 26.82 -48.84
CA TYR YC 59 32.99 26.31 -48.67
C TYR YC 59 33.13 24.92 -49.27
N LYS YC 60 34.27 24.68 -49.91
CA LYS YC 60 34.53 23.39 -50.56
C LYS YC 60 36.04 23.19 -50.65
N VAL YC 61 36.47 22.25 -51.47
CA VAL YC 61 37.88 21.91 -51.63
C VAL YC 61 38.36 22.55 -52.94
N GLY YC 62 37.73 23.66 -53.32
CA GLY YC 62 37.97 24.24 -54.63
C GLY YC 62 39.40 24.68 -54.87
N HIS YC 63 40.20 24.83 -53.80
CA HIS YC 63 41.59 25.24 -53.98
C HIS YC 63 42.38 24.18 -54.74
N ASN YC 64 42.24 22.91 -54.35
CA ASN YC 64 42.89 21.80 -55.03
C ASN YC 64 41.89 20.90 -55.74
N ALA YC 65 40.68 21.41 -56.00
CA ALA YC 65 39.64 20.59 -56.61
C ALA YC 65 40.03 20.09 -57.98
N ASP YC 66 40.80 20.89 -58.73
CA ASP YC 66 41.14 20.56 -60.12
C ASP YC 66 41.73 19.16 -60.25
N LEU YC 67 42.50 18.73 -59.25
CA LEU YC 67 43.01 17.37 -59.22
C LEU YC 67 42.25 16.47 -58.25
N GLN YC 68 41.78 17.03 -57.12
CA GLN YC 68 41.13 16.20 -56.11
C GLN YC 68 39.85 15.57 -56.63
N ILE YC 69 39.03 16.35 -57.33
CA ILE YC 69 37.75 15.82 -57.82
C ILE YC 69 37.97 14.73 -58.85
N LYS YC 70 38.91 14.94 -59.78
CA LYS YC 70 39.18 13.92 -60.78
C LYS YC 70 39.76 12.66 -60.17
N LEU YC 71 40.67 12.81 -59.20
CA LEU YC 71 41.23 11.63 -58.55
C LEU YC 71 40.16 10.86 -57.79
N SER YC 72 39.27 11.57 -57.08
CA SER YC 72 38.18 10.90 -56.38
C SER YC 72 37.23 10.21 -57.36
N ILE YC 73 36.93 10.86 -58.48
CA ILE YC 73 36.01 10.27 -59.45
C ILE YC 73 36.63 9.00 -60.04
N ARG YC 74 37.94 9.01 -60.31
CA ARG YC 74 38.60 7.80 -60.79
C ARG YC 74 38.60 6.71 -59.74
N ARG YC 75 38.78 7.09 -58.47
CA ARG YC 75 38.72 6.11 -57.39
C ARG YC 75 37.35 5.43 -57.34
N LEU YC 76 36.28 6.21 -57.51
CA LEU YC 76 34.95 5.62 -57.45
C LEU YC 76 34.63 4.81 -58.71
N LEU YC 77 35.16 5.21 -59.87
CA LEU YC 77 34.99 4.38 -61.06
C LEU YC 77 35.72 3.04 -60.90
N ALA YC 78 36.87 3.05 -60.25
CA ALA YC 78 37.59 1.80 -60.01
C ALA YC 78 36.75 0.82 -59.19
N ALA YC 79 35.76 1.31 -58.45
CA ALA YC 79 34.84 0.48 -57.70
C ALA YC 79 33.59 0.12 -58.51
N GLY YC 80 32.83 1.12 -58.98
CA GLY YC 80 31.80 0.81 -59.95
C GLY YC 80 30.44 1.49 -59.89
N VAL YC 81 30.16 2.30 -58.87
CA VAL YC 81 28.85 2.94 -58.80
C VAL YC 81 28.63 3.92 -59.95
N LEU YC 82 29.58 4.81 -60.21
CA LEU YC 82 29.39 5.84 -61.22
C LEU YC 82 29.40 5.18 -62.60
N LYS YC 83 28.23 5.10 -63.21
CA LYS YC 83 28.08 4.63 -64.57
C LYS YC 83 28.07 5.83 -65.52
N GLN YC 84 28.57 5.59 -66.73
CA GLN YC 84 28.78 6.67 -67.69
C GLN YC 84 28.05 6.37 -68.98
N THR YC 85 27.73 7.44 -69.72
CA THR YC 85 27.16 7.34 -71.05
C THR YC 85 28.21 7.82 -72.06
N LYS YC 86 28.08 7.32 -73.28
CA LYS YC 86 29.08 7.59 -74.31
C LYS YC 86 28.63 8.75 -75.18
N GLY YC 87 29.56 9.63 -75.53
CA GLY YC 87 29.25 10.75 -76.40
C GLY YC 87 30.28 11.84 -76.24
N VAL YC 88 30.17 12.85 -77.11
CA VAL YC 88 31.03 14.01 -77.06
C VAL YC 88 30.26 15.31 -76.84
N GLY YC 89 28.98 15.36 -77.21
CA GLY YC 89 28.20 16.57 -76.98
C GLY YC 89 28.13 16.93 -75.51
N ALA YC 90 28.04 15.93 -74.64
CA ALA YC 90 28.09 16.15 -73.20
C ALA YC 90 29.52 15.96 -72.72
N SER YC 91 29.96 16.84 -71.83
CA SER YC 91 31.32 16.76 -71.31
C SER YC 91 31.54 15.46 -70.53
N GLY YC 92 30.54 15.06 -69.75
CA GLY YC 92 30.64 13.81 -69.00
C GLY YC 92 29.29 13.43 -68.44
N SER YC 93 29.16 12.15 -68.09
CA SER YC 93 27.94 11.64 -67.50
C SER YC 93 27.99 11.63 -65.97
N PHE YC 94 28.91 10.85 -65.40
CA PHE YC 94 29.08 10.76 -63.95
C PHE YC 94 27.76 10.44 -63.24
N ARG YC 95 27.00 9.52 -63.83
CA ARG YC 95 25.70 9.16 -63.28
C ARG YC 95 25.86 8.31 -62.02
N LEU YC 96 24.97 8.55 -61.04
CA LEU YC 96 24.87 7.71 -59.86
C LEU YC 96 23.91 6.56 -60.16
N ALA YC 97 24.37 5.33 -59.87
CA ALA YC 97 23.51 4.17 -60.05
C ALA YC 97 22.39 4.19 -59.03
N LYS YC 98 21.19 4.57 -59.44
CA LYS YC 98 20.09 4.77 -58.52
C LYS YC 98 18.90 3.85 -58.75
N SER YC 99 18.52 3.57 -59.99
CA SER YC 99 17.40 2.71 -60.30
C SER YC 99 17.90 1.36 -60.80
N ASP YC 100 16.97 0.51 -61.24
CA ASP YC 100 17.33 -0.79 -61.80
C ASP YC 100 18.25 -0.61 -63.01
N LYS YC 101 19.29 -1.43 -63.07
CA LYS YC 101 20.33 -1.31 -64.08
C LYS YC 101 20.34 -2.55 -64.96
N ALA YC 102 21.23 -2.52 -65.96
CA ALA YC 102 21.51 -3.56 -66.94
C ALA YC 102 20.35 -3.76 -67.91
N LYS YC 103 19.23 -3.07 -67.75
CA LYS YC 103 18.13 -3.16 -68.69
C LYS YC 103 18.30 -2.14 -69.80
N ARG YC 104 17.72 -2.43 -70.96
CA ARG YC 104 17.88 -1.55 -72.12
C ARG YC 104 17.27 -0.18 -71.86
N SER YC 105 16.02 -0.16 -71.39
CA SER YC 105 15.28 1.08 -71.17
C SER YC 105 15.37 2.03 -72.35
N PRO YC 106 14.86 1.65 -73.52
CA PRO YC 106 15.04 2.49 -74.72
C PRO YC 106 14.19 3.75 -74.70
N GLY YC 107 14.81 4.89 -74.46
CA GLY YC 107 14.12 6.17 -74.50
C GLY YC 107 12.94 6.27 -73.54
N LYS YC 108 13.10 5.76 -72.33
CA LYS YC 108 12.04 5.78 -71.33
C LYS YC 108 12.38 6.78 -70.25
N LYS YC 109 11.51 7.77 -70.05
CA LYS YC 109 11.70 8.78 -69.03
C LYS YC 109 10.35 9.26 -68.52
N LYS YC 110 10.24 9.40 -67.21
CA LYS YC 110 9.01 9.85 -66.58
C LYS YC 110 9.36 10.75 -65.41
N LYS YC 111 8.36 11.48 -64.92
CA LYS YC 111 8.52 12.26 -63.70
C LYS YC 111 8.72 11.31 -62.53
N ALA YC 112 9.87 11.42 -61.87
CA ALA YC 112 10.27 10.45 -60.85
C ALA YC 112 10.62 11.14 -59.55
N VAL YC 113 10.37 10.42 -58.45
CA VAL YC 113 10.78 10.87 -57.11
C VAL YC 113 10.92 9.62 -56.26
N ARG YC 114 11.81 9.70 -55.26
CA ARG YC 114 12.13 8.55 -54.43
C ARG YC 114 11.71 8.84 -52.98
N ARG YC 115 12.01 7.89 -52.09
CA ARG YC 115 11.55 7.98 -50.72
C ARG YC 115 12.68 7.71 -49.72
N SER YC 116 13.69 6.95 -50.14
CA SER YC 116 14.73 6.48 -49.24
C SER YC 116 15.46 7.61 -48.53
N THR YC 117 16.16 8.45 -49.28
CA THR YC 117 16.90 9.58 -48.71
C THR YC 117 16.60 10.89 -49.41
N SER YC 118 15.83 10.87 -50.49
CA SER YC 118 15.49 12.12 -51.19
C SER YC 118 14.75 13.15 -50.33
N PRO YC 119 13.76 12.80 -49.47
CA PRO YC 119 12.93 13.86 -48.86
C PRO YC 119 13.69 14.98 -48.16
N LYS YC 120 14.81 14.66 -47.51
CA LYS YC 120 15.56 15.71 -46.82
C LYS YC 120 16.09 16.75 -47.81
N LYS YC 121 16.57 16.30 -48.98
CA LYS YC 121 16.99 17.25 -50.00
C LYS YC 121 15.81 17.91 -50.68
N ALA YC 122 14.75 17.13 -50.96
CA ALA YC 122 13.59 17.61 -51.70
C ALA YC 122 12.78 18.63 -50.92
N ALA YC 123 12.92 18.68 -49.59
CA ALA YC 123 12.26 19.72 -48.82
C ALA YC 123 12.92 21.09 -49.02
N ARG YC 124 14.10 21.14 -49.62
CA ARG YC 124 14.84 22.38 -49.82
C ARG YC 124 14.32 23.19 -51.01
N PRO YC 125 14.10 22.61 -52.20
CA PRO YC 125 13.50 23.40 -53.28
C PRO YC 125 12.11 23.89 -52.95
N ARG YC 126 11.41 23.23 -52.02
CA ARG YC 126 10.16 23.77 -51.52
C ARG YC 126 10.38 25.12 -50.85
N LYS YC 127 11.43 25.23 -50.04
CA LYS YC 127 11.80 26.52 -49.48
C LYS YC 127 12.26 27.48 -50.58
N ALA YC 128 12.95 26.96 -51.59
CA ALA YC 128 13.53 27.81 -52.63
C ALA YC 128 12.46 28.49 -53.47
N ARG YC 129 11.50 27.73 -53.99
CA ARG YC 129 10.54 28.27 -54.96
C ARG YC 129 9.18 28.58 -54.34
N SER YC 130 8.51 27.57 -53.78
CA SER YC 130 7.12 27.74 -53.35
C SER YC 130 6.89 27.12 -51.97
N PRO YC 131 6.34 27.87 -51.02
CA PRO YC 131 6.31 27.41 -49.62
C PRO YC 131 5.46 26.16 -49.39
N ALA YC 132 5.47 25.68 -48.16
CA ALA YC 132 4.92 24.38 -47.82
C ALA YC 132 3.76 24.51 -46.84
N LYS YC 133 3.02 23.42 -46.69
CA LYS YC 133 1.94 23.29 -45.72
C LYS YC 133 2.07 21.93 -45.01
N LYS YC 134 3.00 21.09 -45.47
CA LYS YC 134 3.15 19.67 -45.16
C LYS YC 134 1.98 18.84 -45.70
N PRO YC 135 1.71 18.87 -47.02
CA PRO YC 135 1.10 17.68 -47.65
C PRO YC 135 2.09 16.81 -48.42
N LYS YC 136 3.36 17.22 -48.49
CA LYS YC 136 4.40 16.39 -49.08
C LYS YC 136 5.27 15.80 -47.97
N ALA YC 137 6.28 15.03 -48.40
CA ALA YC 137 7.38 14.55 -47.57
C ALA YC 137 6.92 13.62 -46.45
N THR YC 138 7.80 13.43 -45.46
CA THR YC 138 7.62 12.48 -44.37
C THR YC 138 7.90 13.13 -43.02
N ALA YC 139 7.29 14.30 -42.81
CA ALA YC 139 7.27 15.01 -41.53
C ALA YC 139 8.63 15.56 -41.13
N ARG YC 140 8.64 16.38 -40.07
CA ARG YC 140 9.88 16.99 -39.60
C ARG YC 140 10.77 15.97 -38.92
N LYS YC 141 10.20 14.86 -38.43
CA LYS YC 141 11.01 13.86 -37.76
C LYS YC 141 11.98 13.17 -38.70
N ALA YC 142 11.64 13.09 -39.99
CA ALA YC 142 12.54 12.49 -40.96
C ALA YC 142 13.84 13.28 -41.06
N ARG YC 143 13.75 14.61 -41.07
CA ARG YC 143 14.94 15.44 -41.15
C ARG YC 143 15.58 15.64 -39.79
N LYS YC 144 14.82 15.50 -38.71
CA LYS YC 144 15.39 15.65 -37.37
C LYS YC 144 16.21 14.42 -36.98
N LYS YC 145 15.72 13.22 -37.28
CA LYS YC 145 16.41 11.99 -36.95
C LYS YC 145 16.18 10.99 -38.07
N SER YC 146 17.24 10.27 -38.44
CA SER YC 146 17.18 9.31 -39.54
C SER YC 146 16.62 7.97 -39.11
N ARG YC 147 17.18 7.39 -38.04
CA ARG YC 147 16.76 6.08 -37.55
C ARG YC 147 15.47 6.25 -36.75
N ALA YC 148 14.35 6.17 -37.45
CA ALA YC 148 13.03 6.33 -36.85
C ALA YC 148 12.03 5.46 -37.56
N SER YC 149 11.38 4.55 -36.81
CA SER YC 149 10.29 3.76 -37.35
C SER YC 149 9.08 4.67 -37.59
N PRO YC 150 8.14 4.24 -38.44
CA PRO YC 150 7.03 5.14 -38.80
C PRO YC 150 6.22 5.66 -37.62
N LYS YC 151 6.15 4.90 -36.53
CA LYS YC 151 5.44 5.37 -35.34
C LYS YC 151 5.95 6.72 -34.88
N LYS YC 152 7.22 6.80 -34.47
CA LYS YC 152 7.77 8.07 -34.00
C LYS YC 152 8.18 8.96 -35.16
N ALA YC 153 8.15 8.44 -36.38
CA ALA YC 153 8.33 9.31 -37.55
C ALA YC 153 7.09 10.16 -37.81
N LYS YC 154 5.91 9.67 -37.40
CA LYS YC 154 4.68 10.39 -37.68
C LYS YC 154 4.12 11.09 -36.43
N LYS YC 155 4.17 10.43 -35.27
CA LYS YC 155 3.34 10.88 -34.15
C LYS YC 155 3.74 12.23 -33.55
N PRO YC 156 5.02 12.65 -33.52
CA PRO YC 156 5.31 13.96 -32.92
C PRO YC 156 4.65 15.12 -33.63
N LYS YC 157 4.47 15.03 -34.95
CA LYS YC 157 3.96 16.15 -35.71
C LYS YC 157 2.43 16.23 -35.68
N THR YC 158 1.74 15.18 -36.10
CA THR YC 158 0.29 15.16 -36.15
C THR YC 158 -0.23 14.02 -35.28
N VAL YC 159 -1.29 14.30 -34.52
CA VAL YC 159 -1.88 13.28 -33.65
C VAL YC 159 -2.96 12.50 -34.40
N LYS YC 160 -3.23 12.89 -35.65
CA LYS YC 160 -4.37 12.36 -36.38
C LYS YC 160 -3.87 11.38 -37.44
N ALA YC 161 -4.14 10.09 -37.24
CA ALA YC 161 -3.62 9.03 -38.09
C ALA YC 161 -4.76 8.16 -38.61
N LYS YC 162 -4.40 7.14 -39.38
CA LYS YC 162 -5.35 6.29 -40.06
C LYS YC 162 -6.06 5.36 -39.08
N SER YC 163 -6.81 4.40 -39.62
CA SER YC 163 -7.58 3.48 -38.80
C SER YC 163 -6.71 2.69 -37.81
N ARG YC 164 -5.41 2.58 -38.09
CA ARG YC 164 -4.50 1.95 -37.13
C ARG YC 164 -4.50 2.70 -35.80
N LYS YC 165 -4.63 4.03 -35.84
CA LYS YC 165 -4.57 4.84 -34.63
C LYS YC 165 -5.35 6.13 -34.88
N ALA YC 166 -6.39 6.34 -34.07
CA ALA YC 166 -7.28 7.51 -34.19
C ALA YC 166 -7.93 7.49 -35.58
N SER YC 167 -8.25 8.65 -36.14
CA SER YC 167 -8.96 8.74 -37.41
C SER YC 167 -8.42 9.93 -38.19
N LYS YC 168 -7.80 9.66 -39.35
CA LYS YC 168 -7.23 10.70 -40.18
C LYS YC 168 -8.22 11.23 -41.22
N ALA YC 169 -9.43 10.68 -41.26
CA ALA YC 169 -10.43 11.14 -42.22
C ALA YC 169 -10.72 12.63 -42.05
N LYS YC 170 -10.70 13.13 -40.82
CA LYS YC 170 -10.95 14.55 -40.59
C LYS YC 170 -9.86 15.42 -41.21
N LYS YC 171 -8.59 15.03 -41.03
CA LYS YC 171 -7.50 15.79 -41.63
C LYS YC 171 -7.52 15.67 -43.15
N VAL YC 172 -7.92 14.50 -43.67
CA VAL YC 172 -8.04 14.35 -45.12
C VAL YC 172 -9.12 15.28 -45.66
N LYS YC 173 -10.26 15.36 -44.95
CA LYS YC 173 -11.32 16.28 -45.36
C LYS YC 173 -10.87 17.72 -45.30
N ARG YC 174 -10.14 18.10 -44.25
CA ARG YC 174 -9.63 19.45 -44.10
C ARG YC 174 -8.47 19.76 -45.04
N SER YC 175 -7.90 18.76 -45.68
CA SER YC 175 -6.77 18.92 -46.61
C SER YC 175 -5.56 19.55 -45.94
N MET ZC 1 32.54 -12.19 61.45
CA MET ZC 1 31.69 -12.56 60.34
C MET ZC 1 31.85 -14.03 59.99
N THR ZC 2 33.06 -14.56 60.18
CA THR ZC 2 33.32 -15.96 59.88
C THR ZC 2 32.48 -16.87 60.76
N GLU ZC 3 32.68 -16.80 62.07
CA GLU ZC 3 31.94 -17.65 63.00
C GLU ZC 3 30.48 -17.26 63.13
N SER ZC 4 30.05 -16.16 62.51
CA SER ZC 4 28.66 -15.75 62.58
C SER ZC 4 27.85 -16.15 61.35
N LEU ZC 5 28.47 -16.18 60.17
CA LEU ZC 5 27.72 -16.43 58.94
C LEU ZC 5 28.38 -17.38 57.96
N VAL ZC 6 29.66 -17.75 58.14
CA VAL ZC 6 30.34 -18.57 57.15
C VAL ZC 6 30.92 -19.83 57.78
N LEU ZC 7 31.71 -19.67 58.84
CA LEU ZC 7 32.47 -20.81 59.36
C LEU ZC 7 31.65 -21.64 60.34
N SER ZC 8 31.18 -21.02 61.42
CA SER ZC 8 30.41 -21.77 62.42
C SER ZC 8 29.04 -22.24 61.94
N PRO ZC 9 28.27 -21.49 61.14
CA PRO ZC 9 27.04 -22.05 60.58
C PRO ZC 9 27.22 -22.77 59.25
N ALA ZC 10 28.44 -23.22 58.94
CA ALA ZC 10 28.62 -24.20 57.86
C ALA ZC 10 27.78 -25.46 58.06
N PRO ZC 11 27.64 -26.03 59.28
CA PRO ZC 11 26.77 -27.20 59.48
C PRO ZC 11 25.40 -27.10 58.83
N ALA ZC 12 24.98 -25.88 58.46
CA ALA ZC 12 23.71 -25.72 57.75
C ALA ZC 12 23.68 -26.58 56.49
N LYS ZC 13 24.82 -26.74 55.82
CA LYS ZC 13 24.84 -27.62 54.67
C LYS ZC 13 24.96 -29.08 55.09
N PRO ZC 14 25.85 -29.45 56.03
CA PRO ZC 14 25.83 -30.83 56.54
C PRO ZC 14 24.55 -31.22 57.27
N LYS ZC 15 23.67 -30.28 57.61
CA LYS ZC 15 22.48 -30.63 58.37
C LYS ZC 15 21.17 -30.14 57.79
N ARG ZC 16 21.13 -28.93 57.23
CA ARG ZC 16 19.87 -28.31 56.81
C ARG ZC 16 19.82 -28.28 55.28
N VAL ZC 17 19.21 -29.31 54.70
CA VAL ZC 17 18.96 -29.35 53.26
C VAL ZC 17 17.45 -29.32 53.03
N LYS ZC 18 16.71 -28.89 54.04
CA LYS ZC 18 15.26 -28.98 54.06
C LYS ZC 18 14.56 -27.79 53.43
N ALA ZC 19 15.30 -26.83 52.89
CA ALA ZC 19 14.71 -25.69 52.17
C ALA ZC 19 14.61 -26.06 50.70
N SER ZC 20 13.40 -26.37 50.25
CA SER ZC 20 13.20 -26.88 48.90
C SER ZC 20 11.78 -26.56 48.43
N ARG ZC 21 11.54 -26.81 47.15
CA ARG ZC 21 10.23 -26.61 46.55
C ARG ZC 21 9.32 -27.79 46.88
N ARG ZC 22 8.19 -27.90 46.18
CA ARG ZC 22 7.20 -28.94 46.41
C ARG ZC 22 6.69 -28.89 47.85
N SER ZC 23 6.38 -27.68 48.31
CA SER ZC 23 5.98 -27.43 49.69
C SER ZC 23 7.03 -28.00 50.66
N ALA ZC 24 6.59 -28.39 51.85
CA ALA ZC 24 7.47 -28.97 52.87
C ALA ZC 24 8.69 -28.08 53.12
N SER ZC 25 8.46 -26.77 53.08
CA SER ZC 25 9.54 -25.81 53.21
C SER ZC 25 9.80 -25.56 54.70
N HIS ZC 26 10.87 -26.16 55.21
CA HIS ZC 26 11.26 -25.90 56.58
C HIS ZC 26 11.69 -24.44 56.73
N PRO ZC 27 11.24 -23.75 57.78
CA PRO ZC 27 11.54 -22.32 57.90
C PRO ZC 27 13.03 -22.07 58.05
N THR ZC 28 13.46 -20.92 57.56
CA THR ZC 28 14.86 -20.51 57.67
C THR ZC 28 15.19 -20.19 59.13
N TYR ZC 29 16.42 -19.71 59.36
CA TYR ZC 29 16.89 -19.52 60.72
C TYR ZC 29 16.09 -18.43 61.43
N SER ZC 30 15.72 -17.36 60.72
CA SER ZC 30 15.10 -16.22 61.36
C SER ZC 30 13.67 -16.49 61.82
N GLU ZC 31 13.05 -17.58 61.38
CA GLU ZC 31 11.62 -17.78 61.59
C GLU ZC 31 11.28 -19.21 61.98
N MET ZC 32 12.03 -19.83 62.90
CA MET ZC 32 11.59 -21.13 63.38
C MET ZC 32 10.36 -21.01 64.27
N ILE ZC 33 10.50 -20.34 65.42
CA ILE ZC 33 9.44 -20.29 66.42
C ILE ZC 33 8.19 -19.60 65.93
N ALA ZC 34 8.26 -18.89 64.81
CA ALA ZC 34 7.09 -18.20 64.27
C ALA ZC 34 5.96 -19.17 63.96
N ALA ZC 35 6.27 -20.23 63.20
CA ALA ZC 35 5.26 -21.23 62.86
C ALA ZC 35 4.73 -21.93 64.10
N ALA ZC 36 5.62 -22.29 65.02
CA ALA ZC 36 5.20 -23.00 66.23
C ALA ZC 36 4.25 -22.16 67.07
N ILE ZC 37 4.48 -20.84 67.11
CA ILE ZC 37 3.66 -20.01 67.99
C ILE ZC 37 2.37 -19.56 67.28
N ARG ZC 38 2.38 -19.45 65.95
CA ARG ZC 38 1.09 -19.24 65.29
C ARG ZC 38 0.21 -20.48 65.41
N ALA ZC 39 0.82 -21.67 65.35
CA ALA ZC 39 0.09 -22.91 65.58
C ALA ZC 39 0.17 -23.24 67.07
N GLU ZC 40 -0.54 -22.47 67.87
CA GLU ZC 40 -0.53 -22.61 69.32
C GLU ZC 40 -1.96 -22.65 69.84
N LYS ZC 41 -2.15 -23.37 70.95
CA LYS ZC 41 -3.45 -23.48 71.60
C LYS ZC 41 -3.37 -23.16 73.09
N SER ZC 42 -2.27 -22.53 73.53
CA SER ZC 42 -2.07 -22.23 74.93
C SER ZC 42 -2.53 -20.80 75.24
N ARG ZC 43 -2.47 -20.45 76.52
CA ARG ZC 43 -2.83 -19.12 77.00
C ARG ZC 43 -1.64 -18.31 77.45
N GLY ZC 44 -0.65 -18.94 78.08
CA GLY ZC 44 0.55 -18.24 78.49
C GLY ZC 44 1.56 -18.09 77.37
N GLY ZC 45 1.72 -19.14 76.56
CA GLY ZC 45 2.63 -19.11 75.43
C GLY ZC 45 3.53 -20.33 75.36
N SER ZC 46 4.33 -20.41 74.30
CA SER ZC 46 5.25 -21.52 74.13
C SER ZC 46 6.39 -21.44 75.14
N SER ZC 47 7.06 -22.57 75.34
CA SER ZC 47 8.13 -22.69 76.32
C SER ZC 47 9.40 -23.21 75.64
N ARG ZC 48 10.45 -23.40 76.45
CA ARG ZC 48 11.75 -23.79 75.89
C ARG ZC 48 11.75 -25.24 75.41
N GLN ZC 49 11.44 -26.18 76.31
CA GLN ZC 49 11.39 -27.58 75.88
C GLN ZC 49 10.25 -27.81 74.89
N SER ZC 50 9.17 -27.03 75.01
CA SER ZC 50 8.11 -27.11 74.01
C SER ZC 50 8.62 -26.71 72.63
N ILE ZC 51 9.38 -25.61 72.56
CA ILE ZC 51 10.01 -25.21 71.30
C ILE ZC 51 10.93 -26.31 70.80
N GLN ZC 52 11.66 -26.95 71.72
CA GLN ZC 52 12.50 -28.07 71.33
C GLN ZC 52 11.69 -29.17 70.67
N LYS ZC 53 10.52 -29.50 71.24
CA LYS ZC 53 9.69 -30.53 70.63
C LYS ZC 53 9.17 -30.10 69.25
N TYR ZC 54 8.68 -28.87 69.11
CA TYR ZC 54 8.14 -28.51 67.80
C TYR ZC 54 9.22 -28.41 66.74
N ILE ZC 55 10.44 -28.01 67.10
CA ILE ZC 55 11.49 -27.83 66.11
C ILE ZC 55 12.40 -29.05 66.09
N LYS ZC 56 12.00 -30.12 66.77
CA LYS ZC 56 12.80 -31.33 66.84
C LYS ZC 56 12.66 -32.22 65.62
N SER ZC 57 11.79 -31.87 64.67
CA SER ZC 57 11.49 -32.75 63.54
C SER ZC 57 12.71 -33.04 62.69
N HIS ZC 58 13.24 -32.02 62.00
CA HIS ZC 58 14.41 -32.20 61.14
C HIS ZC 58 15.33 -30.99 61.22
N TYR ZC 59 15.47 -30.40 62.40
CA TYR ZC 59 16.25 -29.19 62.59
C TYR ZC 59 17.52 -29.53 63.38
N LYS ZC 60 18.66 -29.07 62.86
CA LYS ZC 60 19.94 -29.36 63.47
C LYS ZC 60 20.02 -28.78 64.87
N VAL ZC 61 20.49 -29.58 65.83
CA VAL ZC 61 20.57 -29.11 67.21
C VAL ZC 61 21.89 -28.37 67.45
N GLY ZC 62 23.02 -29.06 67.33
CA GLY ZC 62 24.32 -28.46 67.50
C GLY ZC 62 24.49 -27.72 68.82
N HIS ZC 63 25.24 -26.63 68.79
CA HIS ZC 63 25.32 -25.69 69.90
C HIS ZC 63 24.28 -24.59 69.79
N ASN ZC 64 23.42 -24.67 68.76
CA ASN ZC 64 22.36 -23.68 68.59
C ASN ZC 64 21.37 -23.72 69.74
N ALA ZC 65 20.90 -24.92 70.09
CA ALA ZC 65 19.94 -25.04 71.19
C ALA ZC 65 20.56 -24.60 72.52
N ASP ZC 66 21.88 -24.49 72.58
CA ASP ZC 66 22.55 -24.08 73.81
C ASP ZC 66 22.72 -22.57 73.88
N LEU ZC 67 23.35 -21.98 72.86
CA LEU ZC 67 23.59 -20.53 72.83
C LEU ZC 67 22.47 -19.79 72.10
N GLN ZC 68 22.25 -20.16 70.84
CA GLN ZC 68 21.64 -19.24 69.89
C GLN ZC 68 20.13 -19.16 70.04
N ILE ZC 69 19.49 -20.15 70.66
CA ILE ZC 69 18.04 -20.04 70.87
C ILE ZC 69 17.74 -18.84 71.77
N LYS ZC 70 18.39 -18.78 72.93
CA LYS ZC 70 18.18 -17.66 73.83
C LYS ZC 70 18.87 -16.40 73.32
N LEU ZC 71 19.97 -16.56 72.58
CA LEU ZC 71 20.59 -15.38 71.97
C LEU ZC 71 19.64 -14.69 70.99
N SER ZC 72 18.96 -15.47 70.14
CA SER ZC 72 17.98 -14.93 69.21
C SER ZC 72 16.74 -14.44 69.93
N ILE ZC 73 16.35 -15.09 71.03
CA ILE ZC 73 15.24 -14.56 71.84
C ILE ZC 73 15.57 -13.15 72.30
N ARG ZC 74 16.76 -12.96 72.88
CA ARG ZC 74 17.16 -11.63 73.33
C ARG ZC 74 17.30 -10.66 72.16
N ARG ZC 75 17.79 -11.14 71.02
CA ARG ZC 75 17.91 -10.29 69.84
C ARG ZC 75 16.55 -9.79 69.39
N LEU ZC 76 15.55 -10.66 69.39
CA LEU ZC 76 14.21 -10.26 68.98
C LEU ZC 76 13.55 -9.35 70.03
N LEU ZC 77 13.84 -9.55 71.32
CA LEU ZC 77 13.37 -8.59 72.31
C LEU ZC 77 14.00 -7.22 72.07
N ALA ZC 78 15.28 -7.17 71.75
CA ALA ZC 78 15.93 -5.90 71.45
C ALA ZC 78 15.33 -5.25 70.21
N ALA ZC 79 15.02 -6.05 69.20
CA ALA ZC 79 14.42 -5.54 67.97
C ALA ZC 79 12.92 -5.31 68.09
N GLY ZC 80 12.31 -5.64 69.23
CA GLY ZC 80 10.89 -5.48 69.41
C GLY ZC 80 10.08 -6.41 68.53
N VAL ZC 81 10.50 -7.67 68.45
CA VAL ZC 81 9.83 -8.65 67.61
C VAL ZC 81 8.85 -9.53 68.38
N LEU ZC 82 9.23 -10.03 69.56
CA LEU ZC 82 8.37 -10.96 70.28
C LEU ZC 82 8.21 -10.49 71.72
N LYS ZC 83 7.12 -10.92 72.35
CA LYS ZC 83 6.82 -10.64 73.74
C LYS ZC 83 6.56 -11.95 74.47
N GLN ZC 84 6.39 -11.87 75.78
CA GLN ZC 84 6.14 -13.05 76.61
C GLN ZC 84 5.14 -12.68 77.70
N THR ZC 85 4.93 -13.59 78.64
CA THR ZC 85 4.08 -13.36 79.79
C THR ZC 85 4.81 -13.80 81.06
N LYS ZC 86 4.82 -12.92 82.05
CA LYS ZC 86 5.51 -13.19 83.31
C LYS ZC 86 4.67 -14.11 84.19
N GLY ZC 87 5.34 -15.06 84.83
CA GLY ZC 87 4.65 -15.96 85.73
C GLY ZC 87 5.57 -17.08 86.18
N VAL ZC 88 5.13 -17.76 87.23
CA VAL ZC 88 5.85 -18.90 87.80
C VAL ZC 88 4.87 -20.07 87.87
N GLY ZC 89 5.32 -21.24 87.42
CA GLY ZC 89 4.49 -22.42 87.37
C GLY ZC 89 3.92 -22.72 86.00
N ALA ZC 90 3.88 -21.73 85.11
CA ALA ZC 90 3.50 -21.97 83.73
C ALA ZC 90 4.61 -22.64 82.92
N SER ZC 91 5.84 -22.67 83.47
CA SER ZC 91 6.97 -23.35 82.86
C SER ZC 91 7.28 -22.84 81.46
N GLY ZC 92 7.11 -21.55 81.27
CA GLY ZC 92 7.50 -20.95 80.01
C GLY ZC 92 6.39 -20.11 79.39
N SER ZC 93 6.80 -19.13 78.59
CA SER ZC 93 5.87 -18.26 77.88
C SER ZC 93 6.61 -17.58 76.74
N PHE ZC 94 6.00 -17.58 75.55
CA PHE ZC 94 6.59 -16.96 74.37
C PHE ZC 94 5.48 -16.57 73.40
N ARG ZC 95 5.67 -15.43 72.73
CA ARG ZC 95 4.68 -14.88 71.81
C ARG ZC 95 5.37 -13.94 70.83
N LEU ZC 96 5.12 -14.10 69.53
CA LEU ZC 96 5.61 -13.13 68.58
C LEU ZC 96 4.69 -11.91 68.50
N ALA ZC 97 4.99 -11.04 67.56
CA ALA ZC 97 4.17 -9.84 67.33
C ALA ZC 97 2.93 -10.23 66.55
N LYS ZC 98 1.83 -10.46 67.27
CA LYS ZC 98 0.55 -10.77 66.66
C LYS ZC 98 -0.47 -9.73 67.13
N SER ZC 99 -1.27 -9.24 66.19
CA SER ZC 99 -2.29 -8.22 66.47
C SER ZC 99 -3.65 -8.89 66.42
N ASP ZC 100 -4.04 -9.51 67.53
CA ASP ZC 100 -5.34 -10.15 67.66
C ASP ZC 100 -6.03 -9.86 68.98
N LYS ZC 101 -5.33 -9.35 69.98
CA LYS ZC 101 -5.88 -9.15 71.30
C LYS ZC 101 -5.59 -7.74 71.79
N ALA ZC 102 -6.13 -7.41 72.96
CA ALA ZC 102 -5.92 -6.10 73.56
C ALA ZC 102 -4.46 -5.95 73.99
N LYS ZC 103 -3.90 -4.77 73.75
CA LYS ZC 103 -2.51 -4.52 74.10
C LYS ZC 103 -2.32 -4.42 75.62
N ARG ZC 104 -3.23 -3.72 76.30
CA ARG ZC 104 -3.23 -3.69 77.75
C ARG ZC 104 -4.58 -4.15 78.27
N SER ZC 105 -4.59 -4.56 79.53
CA SER ZC 105 -5.81 -4.99 80.21
C SER ZC 105 -5.56 -4.94 81.72
N PRO ZC 106 -6.58 -4.58 82.50
CA PRO ZC 106 -6.40 -4.54 83.96
C PRO ZC 106 -6.29 -5.91 84.60
N GLY ZC 107 -6.49 -6.99 83.85
CA GLY ZC 107 -6.42 -8.33 84.40
C GLY ZC 107 -7.78 -8.97 84.56
N LYS ZC 108 -8.02 -10.08 83.88
CA LYS ZC 108 -9.30 -10.76 83.93
C LYS ZC 108 -9.09 -12.23 83.54
N LYS ZC 109 -10.20 -12.95 83.44
CA LYS ZC 109 -10.18 -14.36 83.04
C LYS ZC 109 -11.25 -14.57 81.97
N LYS ZC 110 -11.01 -15.51 81.08
CA LYS ZC 110 -11.93 -15.79 79.98
C LYS ZC 110 -12.90 -16.89 80.40
N LYS ZC 111 -13.73 -17.35 79.46
CA LYS ZC 111 -14.79 -18.29 79.77
C LYS ZC 111 -15.00 -19.24 78.60
N ALA ZC 112 -15.75 -20.31 78.86
CA ALA ZC 112 -16.13 -21.28 77.84
C ALA ZC 112 -17.61 -21.59 77.99
N VAL ZC 113 -18.22 -22.04 76.90
CA VAL ZC 113 -19.67 -22.25 76.84
C VAL ZC 113 -19.94 -23.71 76.52
N ARG ZC 114 -20.81 -24.32 77.33
CA ARG ZC 114 -21.30 -25.67 77.10
C ARG ZC 114 -22.80 -25.58 76.87
N ARG ZC 115 -23.26 -26.12 75.74
CA ARG ZC 115 -24.67 -26.07 75.36
C ARG ZC 115 -25.45 -27.04 76.24
N SER ZC 116 -26.09 -26.50 77.28
CA SER ZC 116 -26.91 -27.33 78.17
C SER ZC 116 -28.28 -26.70 78.41
N THR ZC 117 -28.36 -25.38 78.26
CA THR ZC 117 -29.59 -24.66 78.54
C THR ZC 117 -30.36 -24.26 77.29
N SER ZC 118 -29.72 -24.30 76.12
CA SER ZC 118 -30.42 -23.92 74.89
C SER ZC 118 -31.59 -24.83 74.54
N PRO ZC 119 -31.46 -26.16 74.57
CA PRO ZC 119 -32.65 -27.00 74.26
C PRO ZC 119 -33.82 -26.76 75.20
N LYS ZC 120 -33.54 -26.55 76.49
CA LYS ZC 120 -34.63 -26.26 77.43
C LYS ZC 120 -35.20 -24.87 77.20
N LYS ZC 121 -34.39 -23.96 76.64
CA LYS ZC 121 -34.83 -22.59 76.47
C LYS ZC 121 -35.56 -22.38 75.16
N ALA ZC 122 -35.41 -23.30 74.21
CA ALA ZC 122 -36.09 -23.17 72.92
C ALA ZC 122 -37.60 -23.22 73.09
N ALA ZC 123 -38.09 -23.94 74.11
CA ALA ZC 123 -39.53 -24.08 74.31
C ALA ZC 123 -40.14 -22.89 75.02
N ARG ZC 124 -39.32 -22.06 75.67
CA ARG ZC 124 -39.87 -20.92 76.42
C ARG ZC 124 -40.61 -19.92 75.54
N PRO ZC 125 -40.07 -19.45 74.40
CA PRO ZC 125 -40.89 -18.59 73.53
C PRO ZC 125 -42.14 -19.28 73.01
N ARG ZC 126 -42.06 -20.58 72.74
CA ARG ZC 126 -43.25 -21.30 72.32
C ARG ZC 126 -44.23 -21.46 73.48
N LYS ZC 127 -43.71 -21.62 74.70
CA LYS ZC 127 -44.57 -21.75 75.87
C LYS ZC 127 -45.33 -20.45 76.13
N ALA ZC 128 -44.61 -19.33 76.15
CA ALA ZC 128 -45.22 -18.02 76.41
C ALA ZC 128 -44.32 -16.89 75.94
N MET AD 1 2.98 -12.24 -71.31
CA MET AD 1 1.55 -12.09 -71.11
C MET AD 1 1.51 -11.96 -69.59
N THR AD 2 2.69 -12.15 -69.00
CA THR AD 2 2.86 -11.95 -67.56
C THR AD 2 2.77 -10.49 -67.18
N GLU AD 3 2.82 -9.59 -68.16
CA GLU AD 3 2.60 -8.17 -67.93
C GLU AD 3 1.17 -7.75 -68.26
N SER AD 4 0.26 -8.71 -68.46
CA SER AD 4 -1.14 -8.41 -68.67
C SER AD 4 -2.10 -9.26 -67.86
N LEU AD 5 -1.70 -10.45 -67.41
CA LEU AD 5 -2.64 -11.37 -66.77
C LEU AD 5 -2.33 -11.59 -65.29
N VAL AD 6 -1.14 -12.10 -64.96
CA VAL AD 6 -0.77 -12.29 -63.56
C VAL AD 6 -0.39 -10.97 -62.91
N LEU AD 7 -0.17 -9.92 -63.70
CA LEU AD 7 -0.01 -8.58 -63.17
C LEU AD 7 -1.33 -7.95 -62.76
N SER AD 8 -2.47 -8.48 -63.25
CA SER AD 8 -3.76 -7.90 -62.92
C SER AD 8 -4.06 -7.84 -61.42
N PRO AD 9 -3.48 -8.67 -60.56
CA PRO AD 9 -3.56 -8.38 -59.12
C PRO AD 9 -2.89 -7.07 -58.72
N ALA AD 10 -2.03 -6.49 -59.56
CA ALA AD 10 -1.41 -5.23 -59.20
C ALA AD 10 -2.35 -4.04 -59.29
N PRO AD 11 -3.26 -3.92 -60.26
CA PRO AD 11 -4.28 -2.87 -60.18
C PRO AD 11 -5.40 -3.21 -59.19
N ALA AD 12 -5.21 -4.22 -58.35
CA ALA AD 12 -6.17 -4.53 -57.30
C ALA AD 12 -5.59 -4.34 -55.90
N LYS AD 13 -4.54 -5.07 -55.55
CA LYS AD 13 -3.97 -4.91 -54.21
C LYS AD 13 -2.99 -3.74 -54.15
N PRO AD 14 -2.01 -3.63 -55.05
CA PRO AD 14 -1.19 -2.42 -55.09
C PRO AD 14 -1.95 -1.17 -55.50
N LYS AD 15 -3.12 -1.29 -56.11
CA LYS AD 15 -3.88 -0.11 -56.48
C LYS AD 15 -4.17 0.78 -55.28
N ARG AD 16 -4.24 0.20 -54.08
CA ARG AD 16 -4.64 0.96 -52.91
C ARG AD 16 -3.57 1.98 -52.51
N VAL AD 17 -2.31 1.56 -52.40
CA VAL AD 17 -1.28 2.44 -51.85
C VAL AD 17 -0.10 2.60 -52.81
N LYS AD 18 0.15 1.58 -53.63
CA LYS AD 18 1.31 1.57 -54.52
C LYS AD 18 0.92 2.16 -55.87
N ALA AD 19 1.35 3.39 -56.12
CA ALA AD 19 1.08 4.07 -57.38
C ALA AD 19 2.05 5.24 -57.49
N SER AD 20 1.85 6.05 -58.53
CA SER AD 20 2.65 7.26 -58.69
C SER AD 20 2.06 8.39 -57.86
N ARG AD 21 1.88 8.14 -56.56
CA ARG AD 21 1.30 9.13 -55.67
C ARG AD 21 2.24 10.32 -55.53
N ARG AD 22 1.73 11.52 -55.79
CA ARG AD 22 2.57 12.71 -55.71
C ARG AD 22 2.98 13.00 -54.27
N SER AD 23 2.16 12.61 -53.30
CA SER AD 23 2.53 12.79 -51.90
C SER AD 23 3.75 11.95 -51.53
N ALA AD 24 3.80 10.71 -51.99
CA ALA AD 24 4.92 9.81 -51.70
C ALA AD 24 4.94 8.71 -52.75
N SER AD 25 6.08 8.53 -53.40
CA SER AD 25 6.20 7.52 -54.44
C SER AD 25 6.35 6.13 -53.82
N HIS AD 26 6.12 5.11 -54.66
CA HIS AD 26 6.20 3.72 -54.25
C HIS AD 26 6.85 2.92 -55.37
N PRO AD 27 7.49 1.79 -55.03
CA PRO AD 27 8.16 0.99 -56.07
C PRO AD 27 7.16 0.39 -57.05
N THR AD 28 7.70 -0.17 -58.13
CA THR AD 28 6.92 -0.82 -59.17
C THR AD 28 7.40 -2.25 -59.42
N TYR AD 29 7.74 -2.96 -58.33
CA TYR AD 29 8.25 -4.33 -58.35
C TYR AD 29 9.57 -4.45 -59.11
N SER AD 30 10.27 -3.35 -59.33
CA SER AD 30 11.59 -3.37 -59.96
C SER AD 30 12.60 -2.47 -59.24
N GLU AD 31 12.15 -1.61 -58.32
CA GLU AD 31 13.02 -0.69 -57.60
C GLU AD 31 12.80 -0.83 -56.09
N MET AD 32 12.54 -2.05 -55.62
CA MET AD 32 12.22 -2.26 -54.21
C MET AD 32 13.47 -2.47 -53.36
N ILE AD 33 14.38 -3.33 -53.81
CA ILE AD 33 15.53 -3.72 -53.00
C ILE AD 33 16.50 -2.57 -52.76
N ALA AD 34 16.41 -1.49 -53.54
CA ALA AD 34 17.30 -0.37 -53.36
C ALA AD 34 17.12 0.28 -51.99
N ALA AD 35 15.88 0.61 -51.64
CA ALA AD 35 15.62 1.24 -50.34
C ALA AD 35 16.05 0.33 -49.20
N ALA AD 36 15.97 -0.99 -49.39
CA ALA AD 36 16.36 -1.92 -48.34
C ALA AD 36 17.87 -2.01 -48.19
N ILE AD 37 18.60 -2.07 -49.30
CA ILE AD 37 20.02 -2.44 -49.24
C ILE AD 37 20.99 -1.29 -49.51
N ARG AD 38 20.50 -0.07 -49.67
CA ARG AD 38 21.38 1.09 -49.68
C ARG AD 38 21.26 1.95 -48.43
N ALA AD 39 20.04 2.16 -47.93
CA ALA AD 39 19.85 2.74 -46.60
C ALA AD 39 19.98 1.59 -45.58
N GLU AD 40 21.20 1.09 -45.48
CA GLU AD 40 21.47 -0.18 -44.84
C GLU AD 40 22.51 -0.01 -43.74
N LYS AD 41 22.35 -0.79 -42.66
CA LYS AD 41 23.25 -0.78 -41.53
C LYS AD 41 24.19 -1.98 -41.50
N SER AD 42 23.90 -3.03 -42.27
CA SER AD 42 24.68 -4.25 -42.20
C SER AD 42 26.08 -4.04 -42.77
N ARG AD 43 26.99 -4.94 -42.39
CA ARG AD 43 28.38 -4.87 -42.80
C ARG AD 43 28.74 -5.82 -43.92
N GLY AD 44 28.02 -6.93 -44.08
CA GLY AD 44 28.32 -7.90 -45.11
C GLY AD 44 27.19 -8.07 -46.10
N GLY AD 45 26.08 -7.38 -45.86
CA GLY AD 45 24.95 -7.38 -46.77
C GLY AD 45 23.64 -7.70 -46.09
N SER AD 46 22.58 -7.64 -46.88
CA SER AD 46 21.24 -7.91 -46.42
C SER AD 46 20.94 -9.41 -46.54
N SER AD 47 19.90 -9.85 -45.85
CA SER AD 47 19.52 -11.25 -45.82
C SER AD 47 18.09 -11.38 -46.31
N ARG AD 48 17.62 -12.62 -46.44
CA ARG AD 48 16.26 -12.86 -46.89
C ARG AD 48 15.25 -12.27 -45.92
N GLN AD 49 15.37 -12.60 -44.63
CA GLN AD 49 14.44 -12.05 -43.65
C GLN AD 49 14.57 -10.53 -43.56
N SER AD 50 15.79 -10.01 -43.66
CA SER AD 50 16.00 -8.57 -43.58
C SER AD 50 15.29 -7.85 -44.72
N ILE AD 51 15.51 -8.29 -45.96
CA ILE AD 51 14.83 -7.65 -47.08
C ILE AD 51 13.33 -7.87 -46.98
N GLN AD 52 12.89 -8.99 -46.42
CA GLN AD 52 11.46 -9.23 -46.23
C GLN AD 52 10.84 -8.16 -45.33
N LYS AD 53 11.42 -7.94 -44.15
CA LYS AD 53 10.86 -6.95 -43.24
C LYS AD 53 11.04 -5.54 -43.80
N TYR AD 54 12.08 -5.34 -44.61
CA TYR AD 54 12.29 -4.02 -45.19
C TYR AD 54 11.25 -3.70 -46.26
N ILE AD 55 10.84 -4.70 -47.04
CA ILE AD 55 9.97 -4.43 -48.18
C ILE AD 55 8.48 -4.63 -47.89
N LYS AD 56 8.11 -5.36 -46.85
CA LYS AD 56 6.72 -5.33 -46.40
C LYS AD 56 6.45 -4.01 -45.68
N SER AD 57 5.75 -3.11 -46.37
CA SER AD 57 5.22 -1.89 -45.76
C SER AD 57 4.01 -1.48 -46.57
N HIS AD 58 2.82 -1.82 -46.07
CA HIS AD 58 1.55 -1.43 -46.69
C HIS AD 58 1.38 -1.99 -48.10
N TYR AD 59 2.08 -1.41 -49.07
CA TYR AD 59 1.79 -1.69 -50.47
C TYR AD 59 2.22 -3.09 -50.88
N LYS AD 60 3.19 -3.66 -50.18
CA LYS AD 60 3.73 -4.97 -50.57
C LYS AD 60 2.64 -6.04 -50.46
N VAL AD 61 2.51 -6.85 -51.53
CA VAL AD 61 1.49 -7.87 -51.55
C VAL AD 61 1.99 -9.17 -50.95
N GLY AD 62 3.04 -9.74 -51.54
CA GLY AD 62 3.58 -11.00 -51.06
C GLY AD 62 2.72 -12.21 -51.34
N HIS AD 63 1.75 -12.11 -52.24
CA HIS AD 63 0.93 -13.26 -52.58
C HIS AD 63 1.79 -14.37 -53.18
N ASN AD 64 2.68 -14.01 -54.09
CA ASN AD 64 3.69 -14.93 -54.61
C ASN AD 64 5.03 -14.23 -54.78
N ALA AD 65 5.19 -13.04 -54.20
CA ALA AD 65 6.40 -12.26 -54.36
C ALA AD 65 7.59 -12.85 -53.63
N ASP AD 66 7.36 -13.75 -52.67
CA ASP AD 66 8.47 -14.44 -52.02
C ASP AD 66 9.29 -15.21 -53.04
N LEU AD 67 8.62 -15.75 -54.07
CA LEU AD 67 9.33 -16.37 -55.17
C LEU AD 67 9.97 -15.33 -56.08
N GLN AD 68 9.23 -14.26 -56.37
CA GLN AD 68 9.71 -13.26 -57.31
C GLN AD 68 10.91 -12.50 -56.78
N ILE AD 69 11.09 -12.42 -55.46
CA ILE AD 69 12.32 -11.80 -54.92
C ILE AD 69 13.54 -12.59 -55.38
N LYS AD 70 13.53 -13.90 -55.16
CA LYS AD 70 14.64 -14.75 -55.61
C LYS AD 70 14.77 -14.74 -57.12
N LEU AD 71 13.64 -14.82 -57.83
CA LEU AD 71 13.70 -14.87 -59.29
C LEU AD 71 14.29 -13.58 -59.87
N SER AD 72 13.88 -12.43 -59.34
CA SER AD 72 14.40 -11.16 -59.82
C SER AD 72 15.85 -10.97 -59.41
N ILE AD 73 16.24 -11.46 -58.22
CA ILE AD 73 17.64 -11.33 -57.82
C ILE AD 73 18.52 -12.18 -58.73
N ARG AD 74 18.04 -13.35 -59.14
CA ARG AD 74 18.82 -14.19 -60.05
C ARG AD 74 18.84 -13.61 -61.45
N ARG AD 75 17.73 -12.99 -61.88
CA ARG AD 75 17.71 -12.32 -63.17
C ARG AD 75 18.70 -11.15 -63.20
N LEU AD 76 18.74 -10.36 -62.12
CA LEU AD 76 19.69 -9.26 -62.04
C LEU AD 76 21.12 -9.77 -61.94
N LEU AD 77 21.31 -10.91 -61.29
CA LEU AD 77 22.64 -11.52 -61.25
C LEU AD 77 23.10 -11.95 -62.64
N ALA AD 78 22.19 -12.54 -63.42
CA ALA AD 78 22.52 -12.90 -64.80
C ALA AD 78 22.81 -11.66 -65.63
N ALA AD 79 22.04 -10.59 -65.41
CA ALA AD 79 22.24 -9.35 -66.17
C ALA AD 79 23.50 -8.60 -65.72
N GLY AD 80 24.02 -8.89 -64.53
CA GLY AD 80 25.22 -8.24 -64.04
C GLY AD 80 24.96 -6.93 -63.33
N VAL AD 81 24.19 -6.96 -62.24
CA VAL AD 81 23.80 -5.76 -61.52
C VAL AD 81 24.42 -5.71 -60.13
N LEU AD 82 24.37 -6.81 -59.38
CA LEU AD 82 24.82 -6.83 -58.00
C LEU AD 82 26.07 -7.67 -57.82
N LYS AD 83 26.77 -7.39 -56.72
CA LYS AD 83 28.00 -8.08 -56.36
C LYS AD 83 27.96 -8.48 -54.89
N GLN AD 84 28.43 -9.70 -54.60
CA GLN AD 84 28.19 -10.36 -53.33
C GLN AD 84 29.47 -11.04 -52.84
N THR AD 85 29.61 -11.16 -51.53
CA THR AD 85 30.65 -11.97 -50.90
C THR AD 85 30.01 -13.18 -50.24
N LYS AD 86 30.69 -14.32 -50.35
CA LYS AD 86 30.18 -15.56 -49.77
C LYS AD 86 30.19 -15.50 -48.25
N GLY AD 87 29.20 -16.13 -47.64
CA GLY AD 87 29.13 -16.20 -46.20
C GLY AD 87 28.08 -17.20 -45.78
N VAL AD 88 28.29 -17.76 -44.58
CA VAL AD 88 27.40 -18.76 -44.01
C VAL AD 88 26.79 -18.28 -42.70
N GLY AD 89 27.61 -17.68 -41.83
CA GLY AD 89 27.08 -17.14 -40.59
C GLY AD 89 26.07 -16.03 -40.84
N ALA AD 90 26.37 -15.14 -41.78
CA ALA AD 90 25.40 -14.15 -42.20
C ALA AD 90 24.27 -14.82 -42.97
N SER AD 91 23.03 -14.42 -42.67
CA SER AD 91 21.88 -15.07 -43.28
C SER AD 91 21.71 -14.69 -44.75
N GLY AD 92 22.46 -13.70 -45.24
CA GLY AD 92 22.34 -13.29 -46.63
C GLY AD 92 23.61 -12.64 -47.12
N SER AD 93 23.60 -12.30 -48.42
CA SER AD 93 24.76 -11.73 -49.07
C SER AD 93 24.40 -10.66 -50.10
N PHE AD 94 23.15 -10.23 -50.15
CA PHE AD 94 22.71 -9.30 -51.21
C PHE AD 94 23.23 -7.89 -50.94
N ARG AD 95 23.92 -7.32 -51.93
CA ARG AD 95 24.46 -5.96 -51.86
C ARG AD 95 24.57 -5.36 -53.25
N LEU AD 96 25.37 -4.30 -53.36
CA LEU AD 96 25.67 -3.62 -54.60
C LEU AD 96 27.17 -3.37 -54.67
N ALA AD 97 27.67 -3.17 -55.89
CA ALA AD 97 29.06 -2.77 -56.07
C ALA AD 97 29.25 -1.30 -55.72
N LYS AD 98 29.58 -1.03 -54.46
CA LYS AD 98 29.63 0.34 -53.94
C LYS AD 98 30.93 1.04 -54.35
N SER AD 99 30.86 2.36 -54.44
CA SER AD 99 32.00 3.15 -54.90
C SER AD 99 33.05 3.36 -53.80
N ASP AD 100 32.67 3.21 -52.54
CA ASP AD 100 33.60 3.48 -51.45
C ASP AD 100 34.71 2.43 -51.40
N LYS AD 101 34.36 1.17 -51.64
CA LYS AD 101 35.29 0.06 -51.48
C LYS AD 101 35.68 -0.50 -52.84
N ALA AD 102 36.98 -0.73 -53.02
CA ALA AD 102 37.49 -1.30 -54.26
C ALA AD 102 37.08 -2.76 -54.38
N LYS AD 103 37.07 -3.26 -55.62
CA LYS AD 103 36.77 -4.67 -55.84
C LYS AD 103 37.85 -5.57 -55.25
N ARG AD 104 39.05 -5.06 -55.08
CA ARG AD 104 40.15 -5.79 -54.46
C ARG AD 104 40.34 -5.32 -53.03
N SER AD 105 40.27 -6.24 -52.08
CA SER AD 105 40.37 -5.90 -50.67
C SER AD 105 40.79 -7.15 -49.90
N PRO AD 106 41.49 -7.00 -48.79
CA PRO AD 106 41.85 -8.15 -47.97
C PRO AD 106 40.67 -8.66 -47.15
N GLY AD 107 40.82 -9.89 -46.66
CA GLY AD 107 39.75 -10.51 -45.90
C GLY AD 107 39.46 -9.82 -44.58
N LYS AD 108 40.51 -9.48 -43.84
CA LYS AD 108 40.33 -8.84 -42.53
C LYS AD 108 39.73 -7.46 -42.69
N LYS AD 109 38.79 -7.11 -41.81
CA LYS AD 109 38.08 -5.83 -41.92
C LYS AD 109 37.65 -5.37 -40.54
N LYS AD 110 38.45 -4.50 -39.93
CA LYS AD 110 38.05 -3.67 -38.80
C LYS AD 110 37.53 -4.45 -37.59
N LYS AD 111 36.85 -3.74 -36.69
CA LYS AD 111 36.31 -4.31 -35.46
C LYS AD 111 35.02 -3.58 -35.12
N ALA AD 112 34.50 -3.82 -33.92
CA ALA AD 112 33.27 -3.18 -33.47
C ALA AD 112 33.19 -3.29 -31.96
N VAL AD 113 32.20 -2.59 -31.38
CA VAL AD 113 31.93 -2.63 -29.95
C VAL AD 113 30.47 -2.29 -29.72
N ARG AD 114 29.96 -2.69 -28.56
CA ARG AD 114 28.55 -2.50 -28.21
C ARG AD 114 28.34 -1.70 -26.93
N ARG AD 115 29.22 -1.86 -25.94
CA ARG AD 115 29.14 -1.18 -24.65
C ARG AD 115 27.87 -1.49 -23.89
N SER AD 116 27.25 -2.65 -24.16
CA SER AD 116 26.04 -3.02 -23.43
C SER AD 116 26.35 -3.49 -22.01
N THR AD 117 27.56 -3.97 -21.75
CA THR AD 117 27.92 -4.41 -20.41
C THR AD 117 28.27 -3.25 -19.49
N SER AD 118 28.50 -2.06 -20.05
CA SER AD 118 28.85 -0.90 -19.23
C SER AD 118 27.77 -0.53 -18.22
N PRO AD 119 26.48 -0.47 -18.58
CA PRO AD 119 25.47 -0.22 -17.54
C PRO AD 119 25.45 -1.30 -16.45
N LYS AD 120 25.69 -2.56 -16.82
CA LYS AD 120 25.71 -3.63 -15.83
C LYS AD 120 26.97 -3.57 -14.98
N LYS AD 121 28.10 -3.19 -15.58
CA LYS AD 121 29.34 -3.02 -14.84
C LYS AD 121 29.34 -1.72 -14.04
N ALA AD 122 28.35 -0.85 -14.25
CA ALA AD 122 28.18 0.28 -13.35
C ALA AD 122 27.61 -0.14 -12.00
N ALA AD 123 27.08 -1.37 -11.91
CA ALA AD 123 26.54 -1.89 -10.66
C ALA AD 123 27.25 -3.14 -10.16
N ARG AD 124 27.96 -3.86 -11.03
CA ARG AD 124 28.62 -5.09 -10.60
C ARG AD 124 29.67 -4.87 -9.53
N PRO AD 125 30.63 -3.93 -9.66
CA PRO AD 125 31.53 -3.65 -8.52
C PRO AD 125 30.88 -2.68 -7.55
N ARG AD 126 29.83 -2.01 -8.02
CA ARG AD 126 29.02 -1.22 -7.09
C ARG AD 126 28.37 -2.10 -6.05
N LYS AD 127 28.14 -3.37 -6.37
CA LYS AD 127 27.74 -4.36 -5.36
C LYS AD 127 28.85 -4.58 -4.34
N ALA AD 128 30.09 -4.72 -4.83
CA ALA AD 128 31.21 -4.94 -3.91
C ALA AD 128 31.39 -3.76 -2.97
N ARG AD 129 31.13 -2.56 -3.45
CA ARG AD 129 31.31 -1.35 -2.65
C ARG AD 129 30.02 -1.03 -1.88
N SER AD 130 30.08 0.01 -1.05
CA SER AD 130 29.00 0.39 -0.14
C SER AD 130 27.69 0.81 -0.81
N PRO AD 131 27.70 1.74 -1.80
CA PRO AD 131 26.44 2.37 -2.21
C PRO AD 131 25.47 1.50 -2.99
N ALA AD 132 25.70 0.19 -3.04
CA ALA AD 132 24.83 -0.70 -3.80
C ALA AD 132 23.38 -0.62 -3.32
N LYS AD 133 22.50 -0.15 -4.20
CA LYS AD 133 21.06 -0.19 -3.97
C LYS AD 133 20.36 -0.07 -5.32
N LYS AD 134 19.04 0.23 -5.29
CA LYS AD 134 18.15 0.23 -6.45
C LYS AD 134 18.73 0.96 -7.65
N PRO AD 135 18.32 0.61 -8.87
CA PRO AD 135 18.97 1.16 -10.07
C PRO AD 135 18.91 2.69 -10.12
N LYS AD 136 20.01 3.29 -10.59
CA LYS AD 136 20.14 4.74 -10.64
C LYS AD 136 20.85 5.24 -11.88
N ALA AD 137 20.73 4.55 -13.02
CA ALA AD 137 21.49 4.96 -14.20
C ALA AD 137 21.07 6.33 -14.70
N THR AD 138 19.78 6.52 -14.94
CA THR AD 138 19.24 7.81 -15.36
C THR AD 138 17.91 8.09 -14.67
N ALA AD 139 17.86 7.87 -13.35
CA ALA AD 139 16.68 8.07 -12.53
C ALA AD 139 15.56 7.10 -12.94
N ARG AD 140 14.31 7.55 -12.86
CA ARG AD 140 13.19 6.66 -13.13
C ARG AD 140 13.18 6.15 -14.57
N LYS AD 141 13.73 6.93 -15.51
CA LYS AD 141 13.80 6.43 -16.87
C LYS AD 141 14.79 5.30 -17.04
N ALA AD 142 15.70 5.09 -16.07
CA ALA AD 142 16.52 3.88 -16.08
C ALA AD 142 15.65 2.64 -15.88
N ARG AD 143 14.67 2.73 -14.98
CA ARG AD 143 13.73 1.64 -14.80
C ARG AD 143 12.78 1.54 -15.98
N LYS AD 144 12.43 2.69 -16.56
CA LYS AD 144 11.46 2.69 -17.66
C LYS AD 144 12.05 2.10 -18.95
N LYS AD 145 13.29 2.43 -19.26
CA LYS AD 145 13.87 2.10 -20.56
C LYS AD 145 15.16 1.29 -20.46
N SER AD 146 16.01 1.56 -19.47
CA SER AD 146 17.29 0.90 -19.19
C SER AD 146 18.39 1.26 -20.19
N ARG AD 147 18.16 2.20 -21.10
CA ARG AD 147 19.20 2.65 -22.02
C ARG AD 147 18.81 4.02 -22.55
N ALA AD 148 19.61 5.04 -22.23
CA ALA AD 148 19.27 6.40 -22.62
C ALA AD 148 20.54 7.23 -22.76
N SER AD 149 20.68 7.88 -23.91
CA SER AD 149 21.75 8.84 -24.13
C SER AD 149 21.44 10.11 -23.33
N PRO AD 150 22.46 10.97 -23.10
CA PRO AD 150 22.18 12.22 -22.38
C PRO AD 150 21.05 13.06 -22.97
N LYS AD 151 21.10 13.33 -24.27
CA LYS AD 151 20.04 14.13 -24.89
C LYS AD 151 18.71 13.36 -24.91
N LYS AD 152 18.77 12.05 -25.15
CA LYS AD 152 17.56 11.26 -25.24
C LYS AD 152 16.87 11.13 -23.89
N ALA AD 153 17.61 11.35 -22.80
CA ALA AD 153 17.00 11.40 -21.48
C ALA AD 153 16.63 12.82 -21.08
N LYS AD 154 17.34 13.81 -21.63
CA LYS AD 154 17.02 15.21 -21.34
C LYS AD 154 15.68 15.59 -21.95
N LYS AD 155 15.46 15.23 -23.22
CA LYS AD 155 14.28 15.70 -23.95
C LYS AD 155 12.96 15.36 -23.26
N PRO AD 156 12.69 14.12 -22.83
CA PRO AD 156 11.45 13.88 -22.07
C PRO AD 156 11.41 14.62 -20.76
N LYS AD 157 12.55 14.85 -20.12
CA LYS AD 157 12.57 15.55 -18.84
C LYS AD 157 12.09 16.99 -18.98
N THR AD 158 12.58 17.69 -20.01
CA THR AD 158 12.14 19.06 -20.23
C THR AD 158 10.76 19.13 -20.85
N VAL AD 159 10.40 18.15 -21.68
CA VAL AD 159 9.09 18.13 -22.31
C VAL AD 159 8.02 17.79 -21.27
N ALA BD 24 -29.39 -5.31 53.75
CA ALA BD 24 -30.37 -5.04 54.81
C ALA BD 24 -29.89 -5.59 56.15
N SER BD 25 -28.80 -6.36 56.11
CA SER BD 25 -28.25 -6.94 57.33
C SER BD 25 -27.56 -5.86 58.17
N HIS BD 26 -27.44 -6.15 59.46
CA HIS BD 26 -26.81 -5.24 60.41
C HIS BD 26 -25.63 -5.92 61.08
N PRO BD 27 -24.41 -5.75 60.55
CA PRO BD 27 -23.24 -6.35 61.19
C PRO BD 27 -22.96 -5.72 62.55
N THR BD 28 -22.34 -6.51 63.43
CA THR BD 28 -21.98 -6.03 64.75
C THR BD 28 -21.04 -4.84 64.67
N TYR BD 29 -21.52 -3.66 65.05
CA TYR BD 29 -20.77 -2.43 64.80
C TYR BD 29 -19.47 -2.38 65.61
N SER BD 30 -19.35 -3.20 66.66
CA SER BD 30 -18.15 -3.15 67.48
C SER BD 30 -16.97 -3.83 66.79
N GLU BD 31 -17.22 -4.86 66.00
CA GLU BD 31 -16.15 -5.66 65.43
C GLU BD 31 -15.73 -5.23 64.03
N MET BD 32 -16.42 -4.25 63.42
CA MET BD 32 -15.98 -3.74 62.14
C MET BD 32 -14.59 -3.13 62.22
N ILE BD 33 -14.33 -2.34 63.25
CA ILE BD 33 -13.00 -1.76 63.44
C ILE BD 33 -11.96 -2.85 63.65
N ALA BD 34 -12.29 -3.84 64.49
CA ALA BD 34 -11.38 -4.94 64.74
C ALA BD 34 -10.99 -5.63 63.44
N ALA BD 35 -11.99 -5.99 62.62
CA ALA BD 35 -11.71 -6.60 61.33
C ALA BD 35 -10.93 -5.66 60.43
N ALA BD 36 -11.18 -4.35 60.54
CA ALA BD 36 -10.49 -3.39 59.69
C ALA BD 36 -8.98 -3.41 59.92
N ILE BD 37 -8.55 -3.28 61.17
CA ILE BD 37 -7.11 -3.37 61.41
C ILE BD 37 -6.58 -4.79 61.30
N ARG BD 38 -7.43 -5.81 61.49
CA ARG BD 38 -6.96 -7.17 61.26
C ARG BD 38 -6.59 -7.39 59.79
N ALA BD 39 -7.38 -6.85 58.87
CA ALA BD 39 -7.15 -7.04 57.44
C ALA BD 39 -6.33 -5.92 56.80
N GLU BD 40 -6.03 -4.84 57.53
CA GLU BD 40 -5.30 -3.74 56.93
C GLU BD 40 -3.88 -4.15 56.54
N LYS BD 41 -3.14 -4.74 57.48
CA LYS BD 41 -1.76 -5.18 57.25
C LYS BD 41 -0.89 -4.00 56.81
N SER BD 42 -0.77 -3.01 57.70
CA SER BD 42 0.00 -1.81 57.43
C SER BD 42 0.98 -1.56 58.57
N ARG BD 43 2.04 -0.81 58.26
CA ARG BD 43 3.09 -0.53 59.24
C ARG BD 43 2.63 0.50 60.27
N GLY BD 44 2.33 1.72 59.80
CA GLY BD 44 1.97 2.78 60.73
C GLY BD 44 0.65 2.53 61.44
N GLY BD 45 -0.32 1.97 60.74
CA GLY BD 45 -1.62 1.69 61.28
C GLY BD 45 -2.72 2.15 60.36
N SER BD 46 -3.95 1.81 60.74
CA SER BD 46 -5.10 2.16 59.92
C SER BD 46 -5.39 3.65 60.02
N SER BD 47 -5.60 4.28 58.87
CA SER BD 47 -6.00 5.68 58.81
C SER BD 47 -7.53 5.78 58.77
N ARG BD 48 -8.04 6.98 59.07
CA ARG BD 48 -9.48 7.18 59.12
C ARG BD 48 -10.11 6.95 57.76
N GLN BD 49 -9.47 7.44 56.70
CA GLN BD 49 -9.92 7.11 55.36
C GLN BD 49 -9.86 5.60 55.11
N SER BD 50 -8.86 4.92 55.68
CA SER BD 50 -8.75 3.49 55.48
C SER BD 50 -9.94 2.76 56.09
N ILE BD 51 -10.32 3.11 57.33
CA ILE BD 51 -11.49 2.48 57.94
C ILE BD 51 -12.75 2.80 57.17
N GLN BD 52 -12.92 4.08 56.78
CA GLN BD 52 -14.11 4.46 56.03
C GLN BD 52 -14.22 3.67 54.73
N LYS BD 53 -13.13 3.60 53.96
CA LYS BD 53 -13.16 2.88 52.69
C LYS BD 53 -13.29 1.37 52.89
N TYR BD 54 -12.82 0.87 54.05
CA TYR BD 54 -12.98 -0.55 54.33
C TYR BD 54 -14.44 -0.89 54.56
N ILE BD 55 -15.17 -0.01 55.24
CA ILE BD 55 -16.59 -0.29 55.55
C ILE BD 55 -17.43 0.40 54.46
N LYS BD 56 -17.57 -0.30 53.32
CA LYS BD 56 -18.57 0.01 52.30
C LYS BD 56 -19.50 -1.17 52.02
N SER BD 57 -19.53 -2.19 52.88
CA SER BD 57 -20.48 -3.28 52.71
C SER BD 57 -21.88 -2.76 53.03
N HIS BD 58 -22.87 -3.66 53.03
CA HIS BD 58 -24.24 -3.23 53.31
C HIS BD 58 -24.34 -2.86 54.79
N TYR BD 59 -24.31 -1.57 55.09
CA TYR BD 59 -24.22 -1.11 56.47
C TYR BD 59 -24.85 0.28 56.56
N LYS BD 60 -24.67 0.93 57.71
CA LYS BD 60 -25.16 2.29 57.93
C LYS BD 60 -24.58 3.23 56.88
N VAL BD 61 -25.42 4.15 56.38
CA VAL BD 61 -25.02 4.98 55.25
C VAL BD 61 -23.82 5.84 55.59
N GLY BD 62 -23.63 6.16 56.87
CA GLY BD 62 -22.47 6.91 57.30
C GLY BD 62 -22.63 8.40 57.38
N HIS BD 63 -23.86 8.91 57.37
CA HIS BD 63 -24.06 10.35 57.55
C HIS BD 63 -23.58 10.80 58.92
N ASN BD 64 -23.64 9.92 59.92
CA ASN BD 64 -23.16 10.19 61.26
C ASN BD 64 -21.79 9.61 61.53
N ALA BD 65 -21.09 9.16 60.49
CA ALA BD 65 -19.85 8.41 60.68
C ALA BD 65 -18.84 9.19 61.51
N ASP BD 66 -18.64 10.47 61.20
CA ASP BD 66 -17.57 11.24 61.84
C ASP BD 66 -17.74 11.32 63.36
N LEU BD 67 -18.96 11.15 63.86
CA LEU BD 67 -19.19 11.15 65.30
C LEU BD 67 -19.42 9.76 65.88
N GLN BD 68 -20.11 8.86 65.17
CA GLN BD 68 -20.31 7.52 65.69
C GLN BD 68 -18.99 6.75 65.77
N ILE BD 69 -18.14 6.89 64.75
CA ILE BD 69 -16.82 6.27 64.82
C ILE BD 69 -16.00 6.90 65.93
N LYS BD 70 -16.11 8.22 66.10
CA LYS BD 70 -15.40 8.89 67.19
C LYS BD 70 -15.79 8.29 68.53
N LEU BD 71 -17.09 8.12 68.76
CA LEU BD 71 -17.56 7.56 70.02
C LEU BD 71 -17.10 6.12 70.20
N SER BD 72 -17.12 5.33 69.12
CA SER BD 72 -16.68 3.94 69.23
C SER BD 72 -15.20 3.85 69.57
N ILE BD 73 -14.36 4.68 68.95
CA ILE BD 73 -12.94 4.68 69.31
C ILE BD 73 -12.73 5.17 70.73
N ARG BD 74 -13.53 6.16 71.18
CA ARG BD 74 -13.39 6.62 72.55
C ARG BD 74 -13.70 5.49 73.54
N ARG BD 75 -14.79 4.77 73.30
CA ARG BD 75 -15.17 3.67 74.19
C ARG BD 75 -14.16 2.53 74.13
N LEU BD 76 -13.71 2.18 72.92
CA LEU BD 76 -12.76 1.08 72.77
C LEU BD 76 -11.39 1.43 73.36
N LEU BD 77 -11.01 2.72 73.34
CA LEU BD 77 -9.74 3.10 73.94
C LEU BD 77 -9.87 3.23 75.45
N ALA BD 78 -11.07 3.59 75.94
CA ALA BD 78 -11.33 3.50 77.37
C ALA BD 78 -11.15 2.08 77.86
N ALA BD 79 -11.58 1.11 77.06
CA ALA BD 79 -11.22 -0.28 77.35
C ALA BD 79 -9.72 -0.50 77.22
N GLY BD 80 -9.10 0.07 76.19
CA GLY BD 80 -7.68 -0.11 75.96
C GLY BD 80 -7.38 -1.16 74.90
N VAL BD 81 -8.08 -1.10 73.78
CA VAL BD 81 -7.91 -2.09 72.70
C VAL BD 81 -7.54 -1.39 71.40
N LEU BD 82 -7.03 -0.16 71.50
CA LEU BD 82 -6.67 0.63 70.32
C LEU BD 82 -5.43 1.46 70.67
N LYS BD 83 -4.77 1.98 69.64
CA LYS BD 83 -3.59 2.83 69.79
C LYS BD 83 -3.56 3.89 68.70
N GLN BD 84 -2.81 4.97 68.99
CA GLN BD 84 -2.56 6.03 68.03
C GLN BD 84 -1.14 6.55 68.23
N THR BD 85 -0.42 6.73 67.12
CA THR BD 85 0.93 7.24 67.16
C THR BD 85 1.08 8.30 66.07
N LYS BD 86 2.06 9.19 66.28
CA LYS BD 86 2.32 10.30 65.39
C LYS BD 86 3.53 10.02 64.51
N GLY BD 87 3.50 10.54 63.29
CA GLY BD 87 4.59 10.32 62.37
C GLY BD 87 4.33 10.98 61.03
N VAL BD 88 4.77 10.32 59.97
CA VAL BD 88 4.58 10.80 58.60
C VAL BD 88 3.93 9.69 57.79
N GLY BD 89 2.85 10.01 57.09
CA GLY BD 89 2.15 9.04 56.28
C GLY BD 89 0.72 9.42 55.97
N ALA BD 90 -0.21 8.50 56.23
CA ALA BD 90 -1.61 8.73 55.96
C ALA BD 90 -2.22 9.63 57.04
N SER BD 91 -3.48 10.02 56.83
CA SER BD 91 -4.13 10.95 57.75
C SER BD 91 -4.33 10.38 59.14
N GLY BD 92 -4.28 9.06 59.30
CA GLY BD 92 -4.46 8.45 60.60
C GLY BD 92 -3.52 7.26 60.78
N SER BD 93 -3.32 6.90 62.04
CA SER BD 93 -2.46 5.77 62.40
C SER BD 93 -3.09 4.95 63.50
N PHE BD 94 -4.39 4.67 63.38
CA PHE BD 94 -5.10 3.88 64.38
C PHE BD 94 -4.70 2.42 64.29
N ARG BD 95 -4.37 1.83 65.44
CA ARG BD 95 -3.97 0.42 65.50
C ARG BD 95 -4.75 -0.26 66.61
N LEU BD 96 -5.25 -1.46 66.33
CA LEU BD 96 -5.91 -2.28 67.35
C LEU BD 96 -4.91 -2.82 68.36
N MET CD 1 14.01 -63.28 -11.77
CA MET CD 1 14.31 -62.42 -10.63
C MET CD 1 15.83 -62.44 -10.47
N THR CD 2 16.53 -62.03 -11.52
CA THR CD 2 17.97 -62.27 -11.64
C THR CD 2 18.79 -61.27 -10.82
N GLU CD 3 20.04 -61.66 -10.54
CA GLU CD 3 20.90 -60.87 -9.66
C GLU CD 3 21.10 -59.46 -10.20
N SER CD 4 21.35 -59.32 -11.51
CA SER CD 4 21.52 -58.01 -12.12
C SER CD 4 20.28 -57.13 -12.05
N LEU CD 5 19.16 -57.67 -11.57
CA LEU CD 5 17.96 -56.88 -11.31
C LEU CD 5 17.51 -56.90 -9.86
N VAL CD 6 18.15 -57.69 -8.99
CA VAL CD 6 17.73 -57.75 -7.58
C VAL CD 6 18.77 -57.20 -6.62
N LEU CD 7 20.05 -57.21 -7.01
CA LEU CD 7 21.08 -56.62 -6.15
C LEU CD 7 21.85 -55.52 -6.87
N SER CD 8 22.11 -55.70 -8.16
CA SER CD 8 22.86 -54.69 -8.90
C SER CD 8 22.14 -53.34 -8.96
N PRO CD 9 20.87 -53.26 -9.34
CA PRO CD 9 20.19 -51.95 -9.35
C PRO CD 9 19.34 -51.64 -8.12
N ALA CD 10 19.25 -52.55 -7.15
CA ALA CD 10 18.39 -52.32 -6.01
C ALA CD 10 18.80 -51.11 -5.16
N PRO CD 11 20.08 -50.97 -4.68
CA PRO CD 11 20.38 -50.00 -3.63
C PRO CD 11 19.75 -48.61 -3.76
N ALA CD 12 19.46 -48.19 -4.99
CA ALA CD 12 18.82 -46.89 -5.19
C ALA CD 12 17.41 -46.87 -4.63
N LYS CD 13 16.67 -47.99 -4.74
CA LYS CD 13 15.25 -47.97 -4.39
C LYS CD 13 15.01 -48.01 -2.89
N PRO CD 14 15.55 -48.97 -2.13
CA PRO CD 14 15.34 -48.92 -0.67
C PRO CD 14 15.95 -47.70 -0.01
N LYS CD 15 16.97 -47.09 -0.62
CA LYS CD 15 17.59 -45.92 -0.01
C LYS CD 15 16.65 -44.73 0.03
N ARG CD 16 15.77 -44.60 -0.95
CA ARG CD 16 14.86 -43.46 -1.07
C ARG CD 16 13.43 -43.95 -0.81
N VAL CD 17 13.04 -43.97 0.46
CA VAL CD 17 11.70 -44.39 0.86
C VAL CD 17 11.20 -43.48 1.97
N LYS CD 18 9.94 -43.06 1.87
CA LYS CD 18 9.24 -42.34 2.94
C LYS CD 18 10.00 -41.09 3.37
N ALA CD 19 10.33 -40.25 2.37
CA ALA CD 19 11.10 -39.05 2.68
C ALA CD 19 10.65 -37.84 1.85
N SER CD 20 9.36 -37.76 1.52
CA SER CD 20 8.83 -36.61 0.78
C SER CD 20 8.48 -35.47 1.76
N ARG CD 21 9.49 -35.07 2.52
CA ARG CD 21 9.29 -34.14 3.62
C ARG CD 21 8.81 -32.78 3.14
N ARG CD 22 9.31 -32.32 1.99
CA ARG CD 22 9.05 -30.95 1.55
C ARG CD 22 7.55 -30.70 1.41
N SER CD 23 6.81 -31.67 0.91
CA SER CD 23 5.35 -31.65 0.98
C SER CD 23 4.96 -32.26 2.32
N ALA CD 24 4.82 -31.39 3.32
CA ALA CD 24 4.60 -31.86 4.69
C ALA CD 24 3.31 -32.65 4.81
N SER CD 25 2.27 -32.24 4.08
CA SER CD 25 1.01 -32.94 4.13
C SER CD 25 1.10 -34.29 3.43
N HIS CD 26 1.05 -35.36 4.22
CA HIS CD 26 1.03 -36.74 3.74
C HIS CD 26 2.27 -37.04 2.88
N PRO CD 27 3.46 -37.13 3.49
CA PRO CD 27 4.67 -37.41 2.72
C PRO CD 27 4.90 -38.88 2.40
N THR CD 28 4.00 -39.77 2.80
CA THR CD 28 4.20 -41.20 2.59
C THR CD 28 4.22 -41.53 1.10
N TYR CD 29 5.09 -42.48 0.73
CA TYR CD 29 5.26 -42.83 -0.67
C TYR CD 29 3.95 -43.32 -1.29
N SER CD 30 3.18 -44.11 -0.55
CA SER CD 30 1.93 -44.64 -1.10
C SER CD 30 0.87 -43.55 -1.19
N GLU CD 31 1.07 -42.44 -0.48
CA GLU CD 31 0.01 -41.43 -0.40
C GLU CD 31 0.25 -40.26 -1.35
N MET CD 32 1.37 -40.22 -2.06
CA MET CD 32 1.66 -39.10 -2.96
C MET CD 32 0.69 -39.07 -4.13
N ILE CD 33 0.46 -40.24 -4.75
CA ILE CD 33 -0.49 -40.36 -5.86
C ILE CD 33 -1.89 -39.97 -5.41
N ALA CD 34 -2.29 -40.44 -4.23
CA ALA CD 34 -3.61 -40.11 -3.71
C ALA CD 34 -3.73 -38.63 -3.37
N ALA CD 35 -2.68 -38.01 -2.82
CA ALA CD 35 -2.70 -36.58 -2.53
C ALA CD 35 -2.88 -35.78 -3.82
N ALA CD 36 -2.16 -36.17 -4.88
CA ALA CD 36 -2.40 -35.57 -6.18
C ALA CD 36 -3.83 -35.78 -6.64
N ILE CD 37 -4.40 -36.96 -6.34
CA ILE CD 37 -5.77 -37.26 -6.76
C ILE CD 37 -6.77 -36.32 -6.10
N ARG CD 38 -6.67 -36.09 -4.78
CA ARG CD 38 -7.57 -35.10 -4.18
C ARG CD 38 -7.23 -33.68 -4.62
N ALA CD 39 -5.97 -33.37 -4.89
CA ALA CD 39 -5.62 -32.01 -5.25
C ALA CD 39 -5.96 -31.64 -6.68
N GLU CD 40 -6.26 -32.63 -7.53
CA GLU CD 40 -6.51 -32.36 -8.95
C GLU CD 40 -7.73 -31.44 -9.13
N LYS CD 41 -8.81 -31.70 -8.39
CA LYS CD 41 -10.03 -30.91 -8.46
C LYS CD 41 -10.66 -30.97 -9.86
N SER CD 42 -10.97 -32.17 -10.32
CA SER CD 42 -11.63 -32.35 -11.61
C SER CD 42 -12.44 -33.63 -11.62
N ARG CD 43 -13.46 -33.66 -12.48
CA ARG CD 43 -14.29 -34.84 -12.61
C ARG CD 43 -13.57 -35.96 -13.34
N GLY CD 44 -12.88 -35.64 -14.43
CA GLY CD 44 -12.19 -36.67 -15.19
C GLY CD 44 -11.04 -37.29 -14.41
N GLY CD 45 -10.23 -36.45 -13.78
CA GLY CD 45 -9.11 -36.91 -12.98
C GLY CD 45 -7.83 -36.27 -13.44
N SER CD 46 -6.71 -36.89 -13.04
CA SER CD 46 -5.38 -36.42 -13.38
C SER CD 46 -4.75 -37.32 -14.42
N SER CD 47 -4.23 -36.73 -15.49
CA SER CD 47 -3.46 -37.48 -16.47
C SER CD 47 -2.03 -37.64 -15.98
N ARG CD 48 -1.16 -38.15 -16.86
CA ARG CD 48 0.21 -38.44 -16.45
C ARG CD 48 0.97 -37.16 -16.09
N GLN CD 49 0.93 -36.16 -16.98
CA GLN CD 49 1.67 -34.93 -16.71
C GLN CD 49 1.05 -34.16 -15.54
N SER CD 50 -0.28 -34.21 -15.41
CA SER CD 50 -0.94 -33.54 -14.29
C SER CD 50 -0.53 -34.15 -12.96
N ILE CD 51 -0.55 -35.49 -12.89
CA ILE CD 51 -0.18 -36.15 -11.65
C ILE CD 51 1.30 -35.96 -11.36
N GLN CD 52 2.13 -35.93 -12.41
CA GLN CD 52 3.57 -35.68 -12.21
C GLN CD 52 3.79 -34.30 -11.63
N LYS CD 53 3.14 -33.28 -12.19
CA LYS CD 53 3.29 -31.92 -11.68
C LYS CD 53 2.77 -31.81 -10.26
N TYR CD 54 1.62 -32.42 -9.96
CA TYR CD 54 1.03 -32.29 -8.63
C TYR CD 54 1.89 -32.99 -7.58
N ILE CD 55 2.48 -34.14 -7.92
CA ILE CD 55 3.45 -34.76 -7.03
C ILE CD 55 4.72 -33.92 -6.92
N LYS CD 56 5.13 -33.25 -7.99
CA LYS CD 56 6.39 -32.53 -8.03
C LYS CD 56 6.23 -31.17 -7.34
N SER CD 57 6.56 -31.15 -6.06
CA SER CD 57 6.89 -29.93 -5.34
C SER CD 57 8.36 -29.87 -4.97
N HIS CD 58 8.91 -31.02 -4.58
CA HIS CD 58 10.34 -31.28 -4.45
C HIS CD 58 10.47 -32.79 -4.29
N TYR CD 59 11.69 -33.25 -4.04
CA TYR CD 59 11.98 -34.64 -3.68
C TYR CD 59 11.62 -35.62 -4.78
N LYS CD 60 11.24 -35.14 -5.98
CA LYS CD 60 10.76 -36.02 -7.04
C LYS CD 60 11.04 -35.35 -8.37
N VAL CD 61 12.02 -35.88 -9.10
CA VAL CD 61 12.30 -35.43 -10.47
C VAL CD 61 12.28 -36.55 -11.50
N GLY CD 62 12.47 -37.81 -11.09
CA GLY CD 62 12.25 -38.92 -12.00
C GLY CD 62 13.45 -39.57 -12.66
N HIS CD 63 14.48 -39.93 -11.88
CA HIS CD 63 15.54 -40.77 -12.42
C HIS CD 63 15.01 -42.15 -12.80
N ASN CD 64 14.15 -42.71 -11.96
CA ASN CD 64 13.44 -43.95 -12.27
C ASN CD 64 11.96 -43.84 -11.97
N ALA CD 65 11.49 -42.68 -11.50
CA ALA CD 65 10.09 -42.51 -11.16
C ALA CD 65 9.18 -42.62 -12.38
N ASP CD 66 9.71 -42.40 -13.58
CA ASP CD 66 8.87 -42.51 -14.78
C ASP CD 66 8.31 -43.92 -14.93
N LEU CD 67 9.15 -44.94 -14.70
CA LEU CD 67 8.67 -46.31 -14.73
C LEU CD 67 8.15 -46.77 -13.37
N GLN CD 68 8.64 -46.18 -12.28
CA GLN CD 68 8.12 -46.53 -10.97
C GLN CD 68 6.65 -46.11 -10.81
N ILE CD 69 6.25 -45.03 -11.50
CA ILE CD 69 4.84 -44.63 -11.48
C ILE CD 69 3.98 -45.69 -12.16
N LYS CD 70 4.45 -46.22 -13.29
CA LYS CD 70 3.71 -47.28 -13.96
C LYS CD 70 3.65 -48.54 -13.10
N LEU CD 71 4.77 -48.88 -12.44
CA LEU CD 71 4.77 -50.06 -11.57
C LEU CD 71 3.82 -49.87 -10.39
N SER CD 72 3.81 -48.68 -9.79
CA SER CD 72 2.88 -48.40 -8.70
C SER CD 72 1.44 -48.39 -9.18
N ILE CD 73 1.19 -47.95 -10.41
CA ILE CD 73 -0.16 -47.99 -10.96
C ILE CD 73 -0.60 -49.43 -11.16
N ARG CD 74 0.32 -50.30 -11.62
CA ARG CD 74 -0.01 -51.72 -11.72
C ARG CD 74 -0.30 -52.31 -10.35
N ARG CD 75 0.49 -51.93 -9.34
CA ARG CD 75 0.23 -52.41 -7.98
C ARG CD 75 -1.13 -51.93 -7.47
N LEU CD 76 -1.47 -50.67 -7.74
CA LEU CD 76 -2.75 -50.13 -7.31
C LEU CD 76 -3.91 -50.74 -8.06
N LEU CD 77 -3.71 -51.14 -9.32
CA LEU CD 77 -4.74 -51.85 -10.07
C LEU CD 77 -4.93 -53.26 -9.51
N ALA CD 78 -3.83 -53.93 -9.16
CA ALA CD 78 -3.94 -55.23 -8.49
C ALA CD 78 -4.66 -55.10 -7.16
N ALA CD 79 -4.44 -53.97 -6.48
CA ALA CD 79 -5.18 -53.68 -5.24
C ALA CD 79 -6.60 -53.21 -5.51
N GLY CD 80 -6.92 -52.82 -6.74
CA GLY CD 80 -8.25 -52.35 -7.10
C GLY CD 80 -8.66 -51.04 -6.45
N VAL CD 81 -7.74 -50.09 -6.38
CA VAL CD 81 -7.98 -48.82 -5.70
C VAL CD 81 -8.04 -47.65 -6.68
N LEU CD 82 -8.03 -47.93 -7.99
CA LEU CD 82 -8.00 -46.88 -9.00
C LEU CD 82 -9.25 -46.93 -9.85
N LYS CD 83 -9.87 -45.77 -10.04
CA LYS CD 83 -10.98 -45.57 -10.97
C LYS CD 83 -10.57 -44.49 -11.94
N GLN CD 84 -10.91 -44.66 -13.22
CA GLN CD 84 -10.41 -43.76 -14.24
C GLN CD 84 -11.48 -43.46 -15.28
N THR CD 85 -11.08 -42.69 -16.29
CA THR CD 85 -11.91 -42.37 -17.45
C THR CD 85 -11.10 -42.58 -18.72
N LYS CD 86 -11.75 -43.11 -19.74
CA LYS CD 86 -11.13 -43.35 -21.03
C LYS CD 86 -11.49 -42.24 -22.00
N GLY CD 87 -11.07 -42.41 -23.25
CA GLY CD 87 -11.30 -41.42 -24.28
C GLY CD 87 -10.05 -40.61 -24.59
N VAL CD 88 -10.09 -39.92 -25.72
CA VAL CD 88 -8.99 -39.04 -26.10
C VAL CD 88 -9.15 -37.63 -25.52
N GLY CD 89 -10.35 -37.28 -25.03
CA GLY CD 89 -10.52 -36.02 -24.36
C GLY CD 89 -9.69 -35.93 -23.09
N ALA CD 90 -9.61 -37.02 -22.35
CA ALA CD 90 -8.73 -37.14 -21.18
C ALA CD 90 -7.72 -38.25 -21.47
N SER CD 91 -6.48 -37.87 -21.71
CA SER CD 91 -5.43 -38.82 -22.11
C SER CD 91 -5.03 -39.66 -20.89
N GLY CD 92 -5.84 -40.68 -20.61
CA GLY CD 92 -5.59 -41.57 -19.51
C GLY CD 92 -5.65 -40.90 -18.15
N SER CD 93 -6.69 -40.11 -17.92
CA SER CD 93 -6.88 -39.49 -16.62
C SER CD 93 -7.19 -40.56 -15.57
N PHE CD 94 -6.53 -40.46 -14.42
CA PHE CD 94 -6.66 -41.44 -13.36
C PHE CD 94 -7.19 -40.78 -12.08
N ARG CD 95 -7.96 -41.57 -11.33
CA ARG CD 95 -8.45 -41.14 -10.02
C ARG CD 95 -8.27 -42.30 -9.05
N LEU CD 96 -8.15 -41.96 -7.77
CA LEU CD 96 -8.22 -42.97 -6.73
C LEU CD 96 -9.67 -43.30 -6.42
N ALA CD 97 -9.89 -44.55 -6.01
CA ALA CD 97 -11.24 -45.02 -5.72
C ALA CD 97 -11.69 -44.36 -4.43
N LYS CD 98 -12.31 -43.19 -4.57
CA LYS CD 98 -12.78 -42.41 -3.43
C LYS CD 98 -14.28 -42.55 -3.21
N SER CD 99 -14.81 -43.76 -3.41
CA SER CD 99 -16.23 -44.06 -3.21
C SER CD 99 -17.12 -43.20 -4.10
N ASP CD 100 -16.54 -42.59 -5.14
CA ASP CD 100 -17.30 -41.88 -6.15
C ASP CD 100 -17.95 -42.97 -7.01
N LYS CD 101 -19.05 -43.50 -6.49
CA LYS CD 101 -19.63 -44.74 -6.98
C LYS CD 101 -19.96 -44.69 -8.46
N ALA CD 102 -19.64 -45.76 -9.16
CA ALA CD 102 -20.06 -45.92 -10.55
C ALA CD 102 -21.52 -46.38 -10.61
N LYS CD 103 -22.19 -45.99 -11.67
CA LYS CD 103 -23.62 -46.25 -11.83
C LYS CD 103 -23.94 -46.16 -13.32
N ARG CD 104 -25.24 -46.27 -13.64
CA ARG CD 104 -25.65 -46.22 -15.04
C ARG CD 104 -25.44 -44.83 -15.63
N SER CD 105 -25.04 -44.80 -16.89
CA SER CD 105 -24.66 -43.57 -17.58
C SER CD 105 -25.81 -42.67 -18.01
N PRO CD 106 -26.89 -43.19 -18.61
CA PRO CD 106 -27.89 -42.29 -19.22
C PRO CD 106 -28.53 -41.34 -18.20
N GLY CD 107 -28.90 -40.17 -18.69
CA GLY CD 107 -29.50 -39.14 -17.85
C GLY CD 107 -28.60 -37.94 -17.63
N LYS CD 108 -27.85 -37.55 -18.66
CA LYS CD 108 -26.89 -36.45 -18.56
C LYS CD 108 -27.44 -35.26 -19.34
N LYS CD 109 -28.16 -34.38 -18.64
CA LYS CD 109 -28.63 -33.14 -19.25
C LYS CD 109 -27.47 -32.18 -19.43
N LYS CD 110 -27.54 -31.35 -20.47
CA LYS CD 110 -26.43 -30.47 -20.84
C LYS CD 110 -26.55 -29.12 -20.15
N LYS CD 111 -26.69 -29.16 -18.83
CA LYS CD 111 -26.62 -27.99 -17.97
C LYS CD 111 -26.56 -28.45 -16.52
N ALA CD 112 -26.09 -27.56 -15.65
CA ALA CD 112 -26.07 -27.76 -14.21
C ALA CD 112 -26.70 -26.50 -13.60
N VAL CD 113 -28.03 -26.49 -13.53
CA VAL CD 113 -28.76 -25.29 -13.14
C VAL CD 113 -28.49 -24.96 -11.67
N ARG CD 114 -28.36 -25.98 -10.82
CA ARG CD 114 -28.20 -25.74 -9.40
C ARG CD 114 -26.92 -24.94 -9.11
N ARG CD 115 -25.82 -25.28 -9.79
CA ARG CD 115 -24.58 -24.53 -9.64
C ARG CD 115 -24.47 -23.37 -10.62
N SER CD 116 -25.43 -23.23 -11.55
CA SER CD 116 -25.37 -22.11 -12.48
C SER CD 116 -25.59 -20.77 -11.77
N THR CD 117 -26.23 -20.77 -10.61
CA THR CD 117 -26.48 -19.53 -9.89
C THR CD 117 -25.24 -19.05 -9.13
N SER CD 118 -24.28 -19.93 -8.88
CA SER CD 118 -23.07 -19.52 -8.18
C SER CD 118 -22.24 -18.49 -8.95
N PRO CD 119 -22.00 -18.60 -10.26
CA PRO CD 119 -21.25 -17.55 -10.95
C PRO CD 119 -21.87 -16.17 -10.85
N LYS CD 120 -23.20 -16.07 -10.85
CA LYS CD 120 -23.84 -14.77 -10.71
C LYS CD 120 -23.59 -14.20 -9.31
N LYS CD 121 -23.61 -15.05 -8.29
CA LYS CD 121 -23.28 -14.61 -6.94
C LYS CD 121 -21.83 -14.16 -6.84
N ALA CD 122 -20.93 -14.85 -7.56
CA ALA CD 122 -19.53 -14.42 -7.58
C ALA CD 122 -19.36 -13.10 -8.31
N ALA CD 123 -20.15 -12.89 -9.36
CA ALA CD 123 -19.91 -11.76 -10.26
C ALA CD 123 -20.50 -10.47 -9.72
N ARG CD 124 -21.75 -10.51 -9.25
CA ARG CD 124 -22.47 -9.26 -8.96
C ARG CD 124 -21.81 -8.44 -7.86
N PRO CD 125 -21.64 -8.95 -6.63
CA PRO CD 125 -20.93 -8.14 -5.63
C PRO CD 125 -19.49 -7.83 -5.99
N ARG CD 126 -18.80 -8.75 -6.68
CA ARG CD 126 -17.43 -8.49 -7.09
C ARG CD 126 -17.38 -7.38 -8.14
N LYS CD 127 -18.38 -7.34 -9.04
CA LYS CD 127 -18.48 -6.19 -9.95
C LYS CD 127 -18.79 -4.93 -9.17
N ALA CD 128 -19.51 -5.05 -8.05
CA ALA CD 128 -19.63 -3.93 -7.14
C ALA CD 128 -18.36 -3.80 -6.30
N ARG CD 129 -18.28 -2.73 -5.51
CA ARG CD 129 -17.12 -2.54 -4.65
C ARG CD 129 -17.17 -3.50 -3.46
N SER CD 130 -18.36 -3.71 -2.89
CA SER CD 130 -18.52 -4.63 -1.77
C SER CD 130 -18.12 -6.03 -2.20
N PRO CD 131 -17.00 -6.56 -1.70
CA PRO CD 131 -16.48 -7.83 -2.20
C PRO CD 131 -17.40 -8.99 -1.88
N ALA CD 132 -17.09 -10.14 -2.47
CA ALA CD 132 -17.89 -11.34 -2.26
C ALA CD 132 -17.91 -11.69 -0.77
N LYS CD 133 -19.11 -11.64 -0.19
CA LYS CD 133 -19.28 -11.87 1.23
C LYS CD 133 -19.19 -13.36 1.53
N LYS CD 134 -19.49 -13.75 2.77
CA LYS CD 134 -19.51 -15.15 3.15
C LYS CD 134 -20.66 -15.85 2.44
N PRO CD 135 -20.59 -17.18 2.31
CA PRO CD 135 -21.64 -17.90 1.56
C PRO CD 135 -22.98 -17.84 2.28
N LYS CD 136 -23.64 -16.69 2.21
CA LYS CD 136 -24.90 -16.46 2.90
C LYS CD 136 -26.09 -16.36 1.94
N ALA CD 137 -25.84 -16.28 0.62
CA ALA CD 137 -26.96 -16.23 -0.32
C ALA CD 137 -27.81 -17.49 -0.22
N THR CD 138 -27.18 -18.65 -0.12
CA THR CD 138 -27.87 -19.89 0.18
C THR CD 138 -27.12 -20.59 1.31
N ALA CD 139 -27.86 -21.18 2.23
CA ALA CD 139 -27.26 -21.75 3.42
C ALA CD 139 -26.76 -23.17 3.14
N ARG CD 140 -26.39 -23.88 4.20
CA ARG CD 140 -25.96 -25.26 4.09
C ARG CD 140 -27.09 -26.17 3.61
N LYS CD 141 -28.34 -25.74 3.76
CA LYS CD 141 -29.47 -26.51 3.25
C LYS CD 141 -29.38 -26.72 1.75
N ALA CD 142 -28.66 -25.85 1.04
CA ALA CD 142 -28.55 -25.95 -0.42
C ALA CD 142 -28.04 -27.31 -0.86
N ARG CD 143 -27.10 -27.88 -0.09
CA ARG CD 143 -26.61 -29.22 -0.39
C ARG CD 143 -26.93 -30.21 0.73
N LYS CD 144 -27.61 -29.77 1.79
CA LYS CD 144 -28.35 -30.72 2.60
C LYS CD 144 -29.41 -31.38 1.74
N LYS CD 145 -30.39 -30.59 1.29
CA LYS CD 145 -31.48 -31.04 0.44
C LYS CD 145 -31.54 -30.16 -0.79
N SER CD 146 -32.59 -30.36 -1.58
CA SER CD 146 -32.86 -29.54 -2.76
C SER CD 146 -34.37 -29.34 -2.85
N ARG CD 147 -34.85 -28.22 -2.31
CA ARG CD 147 -36.28 -27.93 -2.25
C ARG CD 147 -36.52 -26.46 -2.56
N ALA CD 148 -37.79 -26.06 -2.55
CA ALA CD 148 -38.17 -24.71 -2.92
C ALA CD 148 -38.13 -23.79 -1.70
N SER CD 149 -38.69 -22.58 -1.87
CA SER CD 149 -38.58 -21.55 -0.86
C SER CD 149 -39.21 -21.89 0.49
N PRO CD 150 -40.42 -22.47 0.59
CA PRO CD 150 -40.96 -22.71 1.94
C PRO CD 150 -40.14 -23.68 2.76
N LYS CD 151 -39.69 -24.79 2.15
CA LYS CD 151 -38.87 -25.75 2.89
C LYS CD 151 -37.45 -25.27 3.08
N LYS CD 152 -36.93 -24.42 2.18
CA LYS CD 152 -35.62 -23.82 2.39
C LYS CD 152 -35.67 -22.63 3.31
N ALA CD 153 -36.85 -22.20 3.74
CA ALA CD 153 -37.01 -21.10 4.68
C ALA CD 153 -37.37 -21.57 6.09
N LYS CD 154 -38.21 -22.60 6.20
CA LYS CD 154 -38.55 -23.11 7.52
C LYS CD 154 -37.32 -23.70 8.21
N LYS CD 155 -36.47 -24.39 7.46
CA LYS CD 155 -35.30 -25.03 8.06
C LYS CD 155 -34.31 -24.05 8.69
N PRO CD 156 -33.96 -22.90 8.08
CA PRO CD 156 -33.11 -21.94 8.79
C PRO CD 156 -33.69 -21.47 10.12
N LYS CD 157 -35.01 -21.34 10.21
CA LYS CD 157 -35.63 -20.96 11.48
C LYS CD 157 -35.34 -22.01 12.55
N THR CD 158 -35.46 -23.29 12.20
CA THR CD 158 -35.08 -24.35 13.14
C THR CD 158 -33.59 -24.34 13.42
N VAL CD 159 -32.77 -24.04 12.41
CA VAL CD 159 -31.32 -23.96 12.57
C VAL CD 159 -30.98 -22.95 13.67
N LYS CD 160 -31.59 -21.77 13.61
CA LYS CD 160 -31.36 -20.74 14.60
C LYS CD 160 -32.03 -21.01 15.94
N ALA CD 161 -33.19 -21.67 15.94
CA ALA CD 161 -33.92 -21.91 17.19
C ALA CD 161 -33.25 -23.00 18.03
N LYS CD 162 -32.78 -24.07 17.37
CA LYS CD 162 -32.16 -25.17 18.12
C LYS CD 162 -30.90 -24.71 18.85
N SER CD 163 -30.18 -23.76 18.27
CA SER CD 163 -29.04 -23.13 18.96
C SER CD 163 -29.61 -22.05 19.87
N ARG CD 164 -29.80 -22.39 21.14
CA ARG CD 164 -30.47 -21.52 22.09
C ARG CD 164 -29.53 -20.59 22.84
N LYS CD 165 -28.24 -20.59 22.48
CA LYS CD 165 -27.28 -19.75 23.19
C LYS CD 165 -27.50 -18.29 22.88
N ALA CD 166 -27.86 -17.52 23.92
CA ALA CD 166 -28.04 -16.08 23.74
C ALA CD 166 -26.75 -15.40 23.32
N SER CD 167 -25.62 -15.83 23.90
CA SER CD 167 -24.33 -15.25 23.52
C SER CD 167 -24.04 -15.51 22.06
N LYS CD 168 -24.33 -16.72 21.56
CA LYS CD 168 -24.17 -17.00 20.14
C LYS CD 168 -25.10 -16.13 19.30
N ALA CD 169 -26.35 -15.96 19.75
CA ALA CD 169 -27.31 -15.14 19.02
C ALA CD 169 -26.90 -13.67 18.98
N LYS CD 170 -26.10 -13.21 19.95
CA LYS CD 170 -25.65 -11.82 19.93
C LYS CD 170 -24.80 -11.51 18.70
N LYS CD 171 -24.14 -12.52 18.13
CA LYS CD 171 -23.23 -12.29 17.02
C LYS CD 171 -23.95 -11.93 15.73
N VAL CD 172 -25.23 -12.30 15.60
CA VAL CD 172 -25.94 -12.03 14.35
C VAL CD 172 -26.28 -10.57 14.18
N LYS CD 173 -26.13 -9.77 15.25
CA LYS CD 173 -26.30 -8.32 15.16
C LYS CD 173 -25.00 -7.57 15.42
N ARG CD 174 -23.87 -8.26 15.29
CA ARG CD 174 -22.57 -7.61 15.45
C ARG CD 174 -21.66 -7.95 14.27
N SER CD 175 -21.91 -9.09 13.62
CA SER CD 175 -21.16 -9.44 12.42
C SER CD 175 -21.88 -8.99 11.15
N LYS CD 176 -23.20 -8.84 11.20
CA LYS CD 176 -24.01 -8.39 10.08
C LYS CD 176 -23.94 -6.88 9.87
N PRO CD 177 -23.96 -6.05 10.93
CA PRO CD 177 -23.84 -4.59 10.71
C PRO CD 177 -22.58 -4.16 9.99
N ARG CD 178 -21.57 -5.02 9.91
CA ARG CD 178 -20.40 -4.69 9.08
C ARG CD 178 -20.80 -4.53 7.62
N ALA CD 179 -21.71 -5.38 7.15
CA ALA CD 179 -22.24 -5.22 5.79
C ALA CD 179 -22.99 -3.91 5.64
N LYS CD 180 -23.76 -3.52 6.66
CA LYS CD 180 -24.46 -2.24 6.63
C LYS CD 180 -23.46 -1.09 6.54
N SER CD 181 -22.38 -1.15 7.30
CA SER CD 181 -21.35 -0.12 7.25
C SER CD 181 -20.69 -0.07 5.87
N GLY CD 182 -20.37 -1.24 5.30
CA GLY CD 182 -19.76 -1.30 3.99
C GLY CD 182 -20.68 -0.91 2.86
N ALA CD 183 -21.99 -0.94 3.10
CA ALA CD 183 -22.94 -0.44 2.11
C ALA CD 183 -22.86 1.08 1.96
N ARG CD 184 -22.24 1.75 2.94
CA ARG CD 184 -21.96 3.17 2.77
C ARG CD 184 -20.76 3.39 1.87
N LYS CD 185 -19.78 2.48 1.93
CA LYS CD 185 -18.55 2.67 1.16
C LYS CD 185 -18.71 2.19 -0.28
N SER CD 186 -19.35 1.05 -0.49
CA SER CD 186 -19.37 0.47 -1.83
C SER CD 186 -20.32 1.24 -2.74
N PRO CD 187 -21.61 1.35 -2.44
CA PRO CD 187 -22.40 2.40 -3.10
C PRO CD 187 -22.46 3.65 -2.24
N LYS CD 188 -22.52 4.80 -2.91
CA LYS CD 188 -22.43 6.08 -2.20
C LYS CD 188 -23.64 6.35 -1.31
N LYS CD 189 -24.77 5.70 -1.56
CA LYS CD 189 -25.97 5.94 -0.76
C LYS CD 189 -26.87 4.72 -0.85
N LYS CD 190 -27.42 4.30 0.29
CA LYS CD 190 -28.29 3.14 0.40
C LYS CD 190 -27.59 1.84 -0.01
N MET DD 1 1.42 50.12 15.01
CA MET DD 1 1.29 49.01 14.06
C MET DD 1 2.25 47.88 14.40
N THR DD 2 2.97 48.02 15.52
CA THR DD 2 3.92 46.98 15.90
C THR DD 2 3.24 45.62 16.05
N GLU DD 3 1.96 45.60 16.45
CA GLU DD 3 1.23 44.34 16.55
C GLU DD 3 1.17 43.62 15.21
N SER DD 4 1.36 44.34 14.10
CA SER DD 4 1.42 43.74 12.78
C SER DD 4 2.75 44.01 12.08
N LEU DD 5 3.73 44.54 12.79
CA LEU DD 5 5.05 44.82 12.21
C LEU DD 5 6.18 44.04 12.86
N VAL DD 6 6.19 43.93 14.19
CA VAL DD 6 7.19 43.10 14.87
C VAL DD 6 6.60 41.75 15.22
N LEU DD 7 5.28 41.62 15.29
CA LEU DD 7 4.62 40.33 15.33
C LEU DD 7 4.35 39.78 13.93
N SER DD 8 4.64 40.54 12.88
CA SER DD 8 4.61 40.04 11.51
C SER DD 8 5.75 39.04 11.26
N PRO DD 9 6.88 39.15 11.96
CA PRO DD 9 7.81 38.02 11.98
C PRO DD 9 7.20 36.73 12.47
N ALA DD 10 6.11 36.74 13.24
CA ALA DD 10 5.47 35.48 13.60
C ALA DD 10 4.90 34.75 12.38
N PRO DD 11 4.13 35.38 11.48
CA PRO DD 11 3.77 34.70 10.23
C PRO DD 11 4.87 34.71 9.18
N ALA DD 12 5.97 35.43 9.40
CA ALA DD 12 7.14 35.31 8.54
C ALA DD 12 8.01 34.11 8.90
N LYS DD 13 7.99 33.68 10.16
CA LYS DD 13 8.70 32.51 10.65
C LYS DD 13 7.76 31.63 11.48
N PRO DD 14 6.66 31.13 10.92
CA PRO DD 14 5.92 30.07 11.61
C PRO DD 14 6.29 28.70 11.07
N LYS DD 15 6.42 27.68 11.92
CA LYS DD 15 6.74 26.35 11.41
C LYS DD 15 5.62 25.82 10.53
N ARG DD 16 4.37 26.05 10.94
CA ARG DD 16 3.24 25.89 10.02
C ARG DD 16 3.24 27.05 9.02
N VAL DD 17 2.89 26.76 7.78
CA VAL DD 17 2.96 27.74 6.70
C VAL DD 17 1.60 27.79 6.00
N LYS DD 18 1.25 28.97 5.49
CA LYS DD 18 -0.05 29.21 4.87
C LYS DD 18 0.12 30.13 3.66
N ALA DD 19 -0.93 30.16 2.84
CA ALA DD 19 -1.02 31.08 1.69
C ALA DD 19 0.13 30.85 0.70
N SER DD 20 0.32 29.60 0.32
CA SER DD 20 1.38 29.20 -0.60
C SER DD 20 0.76 28.54 -1.83
N ARG DD 21 1.61 27.94 -2.67
CA ARG DD 21 1.14 27.16 -3.80
C ARG DD 21 0.12 26.14 -3.35
N ARG DD 22 -1.01 26.09 -4.09
CA ARG DD 22 -2.16 25.27 -3.75
C ARG DD 22 -2.81 25.71 -2.44
N SER DD 23 -4.06 25.31 -2.22
CA SER DD 23 -4.78 25.67 -0.99
C SER DD 23 -4.38 24.72 0.14
N ALA DD 24 -3.08 24.65 0.40
CA ALA DD 24 -2.58 23.77 1.44
C ALA DD 24 -3.01 24.24 2.83
N SER DD 25 -2.95 25.54 3.07
CA SER DD 25 -3.34 26.09 4.37
C SER DD 25 -4.04 27.42 4.15
N HIS DD 26 -4.81 27.83 5.16
CA HIS DD 26 -5.65 29.01 5.07
C HIS DD 26 -4.93 30.24 5.63
N PRO DD 27 -5.20 31.42 5.07
CA PRO DD 27 -4.58 32.63 5.59
C PRO DD 27 -4.98 32.91 7.02
N THR DD 28 -4.07 33.56 7.75
CA THR DD 28 -4.33 33.86 9.15
C THR DD 28 -5.32 35.00 9.29
N TYR DD 29 -6.19 34.90 10.29
CA TYR DD 29 -7.19 35.92 10.63
C TYR DD 29 -8.14 36.21 9.45
N SER DD 30 -8.17 35.34 8.44
CA SER DD 30 -9.04 35.53 7.29
C SER DD 30 -9.19 34.23 6.52
N GLU DD 31 -10.44 33.80 6.30
CA GLU DD 31 -10.76 32.56 5.59
C GLU DD 31 -10.18 31.33 6.26
N MET DD 32 -9.83 31.43 7.54
CA MET DD 32 -9.30 30.28 8.26
C MET DD 32 -10.40 29.28 8.60
N ILE DD 33 -11.56 29.77 9.02
CA ILE DD 33 -12.69 28.90 9.38
C ILE DD 33 -13.65 28.71 8.23
N ALA DD 34 -13.36 29.26 7.04
CA ALA DD 34 -14.28 29.17 5.93
C ALA DD 34 -14.48 27.72 5.50
N ALA DD 35 -13.39 26.97 5.35
CA ALA DD 35 -13.49 25.56 4.95
C ALA DD 35 -14.19 24.74 6.03
N ALA DD 36 -13.89 25.01 7.30
CA ALA DD 36 -14.51 24.27 8.39
C ALA DD 36 -16.02 24.49 8.40
N ILE DD 37 -16.45 25.73 8.20
CA ILE DD 37 -17.90 26.00 8.17
C ILE DD 37 -18.54 25.42 6.92
N ARG DD 38 -17.85 25.50 5.77
CA ARG DD 38 -18.40 24.92 4.55
C ARG DD 38 -18.61 23.42 4.70
N ALA DD 39 -17.65 22.73 5.30
CA ALA DD 39 -17.81 21.32 5.67
C ALA DD 39 -18.45 21.22 7.06
N GLU DD 40 -19.70 21.71 7.14
CA GLU DD 40 -20.36 21.84 8.43
C GLU DD 40 -20.69 20.48 9.03
N LYS DD 41 -21.52 19.70 8.33
CA LYS DD 41 -22.01 18.41 8.82
C LYS DD 41 -22.64 18.56 10.19
N SER DD 42 -23.48 19.60 10.33
CA SER DD 42 -24.11 19.89 11.60
C SER DD 42 -25.37 20.70 11.36
N ARG DD 43 -26.23 20.73 12.39
CA ARG DD 43 -27.44 21.54 12.39
C ARG DD 43 -27.26 22.70 13.36
N GLY DD 44 -27.76 23.87 12.97
CA GLY DD 44 -27.67 25.05 13.79
C GLY DD 44 -26.33 25.75 13.78
N GLY DD 45 -25.24 25.02 13.61
CA GLY DD 45 -23.91 25.60 13.58
C GLY DD 45 -22.93 24.83 14.45
N SER DD 46 -21.70 25.30 14.44
CA SER DD 46 -20.60 24.67 15.18
C SER DD 46 -20.59 25.21 16.62
N SER DD 47 -19.54 24.86 17.36
CA SER DD 47 -19.38 25.30 18.75
C SER DD 47 -17.94 25.77 18.94
N ARG DD 48 -17.67 26.37 20.10
CA ARG DD 48 -16.34 26.92 20.36
C ARG DD 48 -15.31 25.81 20.49
N GLN DD 49 -15.63 24.76 21.25
CA GLN DD 49 -14.70 23.63 21.37
C GLN DD 49 -14.52 22.90 20.05
N SER DD 50 -15.61 22.72 19.29
CA SER DD 50 -15.46 22.10 17.98
C SER DD 50 -14.58 22.94 17.07
N ILE DD 51 -14.74 24.26 17.08
CA ILE DD 51 -13.89 25.13 16.27
C ILE DD 51 -12.44 25.05 16.74
N GLN DD 52 -12.22 24.96 18.05
CA GLN DD 52 -10.87 24.70 18.56
C GLN DD 52 -10.31 23.43 17.95
N LYS DD 53 -11.15 22.41 17.78
CA LYS DD 53 -10.71 21.17 17.14
C LYS DD 53 -10.41 21.38 15.65
N TYR DD 54 -11.27 22.11 14.93
CA TYR DD 54 -11.07 22.29 13.50
C TYR DD 54 -9.82 23.11 13.20
N ILE DD 55 -9.54 24.14 14.02
CA ILE DD 55 -8.40 25.01 13.75
C ILE DD 55 -7.10 24.24 13.81
N LYS DD 56 -7.04 23.18 14.61
CA LYS DD 56 -5.90 22.27 14.62
C LYS DD 56 -5.57 21.83 13.20
N SER DD 57 -4.38 22.21 12.74
CA SER DD 57 -3.95 21.90 11.37
C SER DD 57 -2.46 22.09 11.21
N GLN DD 68 -6.60 34.97 19.40
CA GLN DD 68 -7.82 35.50 19.99
C GLN DD 68 -9.03 35.08 19.16
N ILE DD 69 -9.67 33.98 19.56
CA ILE DD 69 -10.78 33.45 18.77
C ILE DD 69 -12.00 34.36 18.87
N LYS DD 70 -12.27 34.91 20.05
CA LYS DD 70 -13.43 35.79 20.20
C LYS DD 70 -13.22 37.11 19.45
N LEU DD 71 -12.02 37.67 19.55
CA LEU DD 71 -11.70 38.88 18.79
C LEU DD 71 -11.75 38.60 17.29
N SER DD 72 -11.31 37.42 16.85
CA SER DD 72 -11.40 37.07 15.44
C SER DD 72 -12.85 36.96 14.99
N ILE DD 73 -13.70 36.37 15.82
CA ILE DD 73 -15.12 36.27 15.48
C ILE DD 73 -15.75 37.65 15.38
N ARG DD 74 -15.42 38.54 16.33
CA ARG DD 74 -15.94 39.91 16.25
C ARG DD 74 -15.40 40.63 15.01
N ARG DD 75 -14.15 40.39 14.67
CA ARG DD 75 -13.56 41.02 13.49
C ARG DD 75 -14.25 40.55 12.21
N LEU DD 76 -14.55 39.25 12.12
CA LEU DD 76 -15.27 38.74 10.96
C LEU DD 76 -16.70 39.24 10.94
N LEU DD 77 -17.31 39.43 12.10
CA LEU DD 77 -18.63 40.05 12.16
C LEU DD 77 -18.59 41.46 11.60
N ALA DD 78 -17.56 42.24 11.99
CA ALA DD 78 -17.42 43.59 11.48
C ALA DD 78 -17.15 43.58 9.97
N ALA DD 79 -16.35 42.64 9.50
CA ALA DD 79 -16.09 42.52 8.07
C ALA DD 79 -17.35 42.17 7.29
N GLY DD 80 -18.19 41.30 7.85
CA GLY DD 80 -19.46 40.98 7.22
C GLY DD 80 -19.52 39.65 6.50
N VAL DD 81 -19.02 38.60 7.13
CA VAL DD 81 -19.02 37.27 6.52
C VAL DD 81 -19.82 36.24 7.32
N LEU DD 82 -20.32 36.58 8.50
CA LEU DD 82 -20.95 35.61 9.38
C LEU DD 82 -22.42 35.94 9.62
N LYS DD 83 -23.28 34.94 9.45
CA LYS DD 83 -24.63 34.98 9.99
C LYS DD 83 -24.92 33.64 10.66
N GLN DD 84 -25.42 33.72 11.91
CA GLN DD 84 -25.62 32.55 12.74
C GLN DD 84 -27.05 32.58 13.28
N THR DD 85 -27.33 31.71 14.25
CA THR DD 85 -28.60 31.69 14.95
C THR DD 85 -28.38 31.82 16.45
N LYS DD 86 -29.49 31.97 17.18
CA LYS DD 86 -29.47 32.13 18.63
C LYS DD 86 -29.95 30.85 19.30
N GLY DD 87 -29.25 30.47 20.37
CA GLY DD 87 -29.63 29.29 21.13
C GLY DD 87 -28.90 29.24 22.44
N VAL DD 88 -29.34 28.32 23.30
CA VAL DD 88 -28.76 28.12 24.62
C VAL DD 88 -28.34 26.66 24.82
N GLY DD 89 -29.24 25.73 24.54
CA GLY DD 89 -28.88 24.32 24.62
C GLY DD 89 -27.83 23.93 23.59
N ALA DD 90 -28.00 24.41 22.36
CA ALA DD 90 -26.97 24.20 21.34
C ALA DD 90 -25.78 25.10 21.62
N SER DD 91 -24.59 24.53 21.56
CA SER DD 91 -23.36 25.24 21.88
C SER DD 91 -22.80 25.89 20.62
N GLY DD 92 -22.41 27.16 20.74
CA GLY DD 92 -21.74 27.85 19.66
C GLY DD 92 -22.65 28.37 18.57
N SER DD 93 -23.17 27.47 17.73
CA SER DD 93 -24.01 27.83 16.59
C SER DD 93 -23.26 28.78 15.65
N PHE DD 94 -22.20 28.27 15.05
CA PHE DD 94 -21.32 29.03 14.17
C PHE DD 94 -21.58 28.65 12.71
N ARG DD 95 -21.79 29.65 11.86
CA ARG DD 95 -22.03 29.41 10.45
C ARG DD 95 -21.72 30.69 9.68
N LEU DD 96 -21.27 30.53 8.43
CA LEU DD 96 -20.94 31.65 7.56
C LEU DD 96 -22.15 32.09 6.74
N ALA DD 97 -21.86 32.86 5.69
CA ALA DD 97 -22.87 33.42 4.80
C ALA DD 97 -23.03 32.51 3.59
N LYS DD 98 -23.95 31.55 3.70
CA LYS DD 98 -24.25 30.69 2.55
C LYS DD 98 -25.33 31.29 1.66
N SER DD 99 -26.26 32.04 2.24
CA SER DD 99 -27.26 32.82 1.50
C SER DD 99 -28.08 31.92 0.57
N ASP DD 100 -28.83 31.00 1.18
CA ASP DD 100 -29.78 30.20 0.43
C ASP DD 100 -31.19 30.77 0.49
N LYS DD 101 -31.57 31.37 1.62
CA LYS DD 101 -32.83 32.10 1.75
C LYS DD 101 -32.75 33.01 2.98
N ALA DD 102 -32.94 34.31 2.78
CA ALA DD 102 -32.79 35.28 3.86
C ALA DD 102 -34.08 35.59 4.59
N LYS DD 103 -35.21 35.01 4.17
CA LYS DD 103 -36.48 35.35 4.81
C LYS DD 103 -36.69 34.53 6.09
N ARG DD 104 -36.87 33.22 5.95
CA ARG DD 104 -37.06 32.29 7.07
C ARG DD 104 -38.03 32.85 8.10
N SER DD 105 -39.22 33.26 7.63
CA SER DD 105 -40.14 33.95 8.53
C SER DD 105 -40.89 32.98 9.44
N PRO DD 106 -41.63 31.96 8.92
CA PRO DD 106 -42.15 30.90 9.81
C PRO DD 106 -41.12 30.39 10.80
N GLY DD 107 -40.08 29.75 10.29
CA GLY DD 107 -39.08 29.11 11.11
C GLY DD 107 -39.50 27.83 11.79
N LYS DD 108 -40.73 27.36 11.55
CA LYS DD 108 -41.28 26.13 12.12
C LYS DD 108 -41.51 26.24 13.63
N LYS DD 109 -40.77 25.45 14.41
CA LYS DD 109 -41.04 25.19 15.84
C LYS DD 109 -42.50 24.79 16.07
N LYS DD 110 -42.87 23.62 15.55
CA LYS DD 110 -44.09 22.93 15.98
C LYS DD 110 -45.37 23.63 15.56
N LYS DD 111 -45.24 24.84 15.02
CA LYS DD 111 -46.41 25.60 14.57
C LYS DD 111 -45.94 26.67 13.60
N ALA DD 112 -46.47 26.64 12.38
CA ALA DD 112 -46.05 27.58 11.36
C ALA DD 112 -47.17 27.67 10.32
N VAL DD 113 -46.90 28.43 9.26
CA VAL DD 113 -47.83 28.59 8.15
C VAL DD 113 -47.06 28.37 6.85
N ARG DD 114 -47.68 27.63 5.94
CA ARG DD 114 -47.03 27.25 4.68
C ARG DD 114 -46.91 28.48 3.79
N ARG DD 115 -45.71 29.08 3.77
CA ARG DD 115 -45.33 30.18 2.88
C ARG DD 115 -46.01 31.47 3.35
N SER DD 116 -46.95 31.35 4.30
CA SER DD 116 -47.65 32.46 4.92
C SER DD 116 -48.38 33.36 3.93
N THR DD 117 -48.47 32.95 2.66
CA THR DD 117 -49.10 33.75 1.62
C THR DD 117 -50.33 33.08 1.01
N SER DD 118 -50.20 31.84 0.55
CA SER DD 118 -51.38 31.12 0.07
C SER DD 118 -52.41 30.94 1.18
N PRO DD 119 -52.05 30.54 2.40
CA PRO DD 119 -53.03 30.62 3.50
C PRO DD 119 -53.51 32.03 3.76
N LYS DD 120 -52.66 33.04 3.58
CA LYS DD 120 -53.15 34.42 3.66
C LYS DD 120 -54.11 34.73 2.51
N LYS DD 121 -53.81 34.20 1.32
CA LYS DD 121 -54.70 34.37 0.18
C LYS DD 121 -56.04 33.68 0.41
N ALA DD 122 -56.07 32.67 1.27
CA ALA DD 122 -57.34 32.01 1.61
C ALA DD 122 -58.02 32.68 2.79
N ALA DD 123 -57.26 33.33 3.68
CA ALA DD 123 -57.85 34.06 4.79
C ALA DD 123 -58.43 35.39 4.34
N ARG DD 124 -57.96 35.91 3.21
CA ARG DD 124 -58.54 37.14 2.66
C ARG DD 124 -60.02 37.00 2.32
N PRO DD 125 -60.49 35.94 1.65
CA PRO DD 125 -61.94 35.76 1.53
C PRO DD 125 -62.64 35.60 2.86
N ARG DD 126 -61.96 35.00 3.86
CA ARG DD 126 -62.54 34.94 5.20
C ARG DD 126 -62.86 36.34 5.73
N LYS DD 127 -61.90 37.25 5.64
CA LYS DD 127 -62.13 38.62 6.11
C LYS DD 127 -63.17 39.32 5.25
N ALA DD 128 -63.12 39.12 3.94
CA ALA DD 128 -64.03 39.83 3.04
C ALA DD 128 -65.47 39.40 3.23
N ARG DD 129 -65.71 38.12 3.49
CA ARG DD 129 -67.06 37.58 3.57
C ARG DD 129 -67.56 37.64 5.01
N SER DD 130 -68.67 36.94 5.27
CA SER DD 130 -69.35 37.03 6.57
C SER DD 130 -68.48 36.61 7.75
N PRO DD 131 -67.74 35.47 7.73
CA PRO DD 131 -67.10 35.00 8.97
C PRO DD 131 -66.11 35.98 9.58
N ALA DD 132 -65.20 36.54 8.78
CA ALA DD 132 -64.17 37.47 9.25
C ALA DD 132 -63.39 36.86 10.41
N LYS DD 133 -62.87 35.65 10.17
CA LYS DD 133 -62.23 34.87 11.22
C LYS DD 133 -60.89 35.48 11.63
N LYS DD 134 -60.48 35.13 12.85
CA LYS DD 134 -59.15 35.33 13.41
C LYS DD 134 -58.14 34.51 12.61
N PRO DD 135 -56.81 34.62 12.88
CA PRO DD 135 -55.85 34.04 11.94
C PRO DD 135 -55.96 32.53 11.79
N LYS DD 136 -57.01 32.11 11.09
CA LYS DD 136 -57.22 30.74 10.65
C LYS DD 136 -57.73 30.81 9.21
N ALA DD 137 -57.27 29.89 8.37
CA ALA DD 137 -57.58 29.95 6.95
C ALA DD 137 -57.80 28.55 6.41
N THR DD 138 -58.87 28.37 5.63
CA THR DD 138 -59.22 27.06 5.10
C THR DD 138 -59.76 27.16 3.66
N ALA DD 139 -60.36 26.08 3.18
CA ALA DD 139 -60.87 26.03 1.82
C ALA DD 139 -62.13 26.88 1.68
N ARG DD 140 -62.75 26.82 0.49
CA ARG DD 140 -63.83 27.73 0.15
C ARG DD 140 -65.14 27.36 0.82
N LYS DD 141 -65.41 26.05 0.98
CA LYS DD 141 -66.73 25.62 1.44
C LYS DD 141 -67.08 26.12 2.83
N ALA DD 142 -66.08 26.52 3.62
CA ALA DD 142 -66.37 27.05 4.95
C ALA DD 142 -67.06 28.42 4.86
N ARG DD 143 -66.82 29.16 3.78
CA ARG DD 143 -67.55 30.41 3.58
C ARG DD 143 -69.04 30.15 3.37
N LYS DD 144 -69.37 29.01 2.73
CA LYS DD 144 -70.77 28.63 2.60
C LYS DD 144 -71.32 28.10 3.91
N LYS DD 145 -70.54 27.29 4.62
CA LYS DD 145 -70.93 26.79 5.95
C LYS DD 145 -69.72 26.89 6.88
N SER DD 146 -69.72 27.91 7.74
CA SER DD 146 -68.66 28.06 8.74
C SER DD 146 -68.61 26.86 9.68
N ARG DD 147 -69.78 26.36 10.09
CA ARG DD 147 -69.85 25.19 10.95
C ARG DD 147 -69.63 23.94 10.10
N ALA DD 148 -68.49 23.29 10.29
CA ALA DD 148 -68.14 22.10 9.53
C ALA DD 148 -67.46 21.11 10.47
N SER DD 149 -67.19 19.92 9.94
CA SER DD 149 -66.56 18.86 10.72
C SER DD 149 -65.86 17.88 9.80
N PRO DD 150 -64.75 17.29 10.25
CA PRO DD 150 -64.12 16.21 9.48
C PRO DD 150 -65.04 15.00 9.41
N LYS DD 151 -64.74 14.14 8.43
CA LYS DD 151 -65.54 13.02 7.96
C LYS DD 151 -66.74 13.52 7.15
N LYS DD 152 -66.99 14.82 7.08
CA LYS DD 152 -68.08 15.38 6.31
C LYS DD 152 -67.67 16.55 5.42
N ALA DD 153 -66.65 17.32 5.78
CA ALA DD 153 -66.25 18.49 5.01
C ALA DD 153 -65.21 18.18 3.94
N LYS DD 154 -65.05 16.91 3.57
CA LYS DD 154 -64.08 16.54 2.54
C LYS DD 154 -64.69 15.86 1.32
N LYS DD 155 -65.72 15.03 1.49
CA LYS DD 155 -66.36 14.40 0.34
C LYS DD 155 -66.91 15.39 -0.68
N PRO DD 156 -67.53 16.52 -0.32
CA PRO DD 156 -67.94 17.47 -1.36
C PRO DD 156 -66.78 17.97 -2.20
N LYS DD 157 -65.58 18.08 -1.63
CA LYS DD 157 -64.42 18.46 -2.44
C LYS DD 157 -64.12 17.42 -3.50
N THR DD 158 -64.18 16.14 -3.14
CA THR DD 158 -63.97 15.08 -4.12
C THR DD 158 -65.07 15.08 -5.18
N VAL DD 159 -66.31 15.33 -4.77
CA VAL DD 159 -67.40 15.41 -5.74
C VAL DD 159 -67.18 16.58 -6.70
N LYS DD 160 -66.73 17.72 -6.18
CA LYS DD 160 -66.42 18.86 -7.04
C LYS DD 160 -65.29 18.54 -8.01
N ALA DD 161 -64.26 17.85 -7.52
CA ALA DD 161 -63.16 17.46 -8.40
C ALA DD 161 -63.64 16.54 -9.51
N LYS DD 162 -64.54 15.60 -9.17
CA LYS DD 162 -65.13 14.75 -10.20
C LYS DD 162 -65.94 15.57 -11.19
N SER DD 163 -66.70 16.55 -10.71
CA SER DD 163 -67.54 17.36 -11.58
C SER DD 163 -66.71 18.23 -12.53
N ARG DD 164 -65.58 18.75 -12.06
CA ARG DD 164 -64.77 19.62 -12.89
C ARG DD 164 -64.05 18.82 -13.98
N LYS DD 165 -63.21 19.51 -14.76
CA LYS DD 165 -62.68 18.95 -16.00
C LYS DD 165 -61.21 18.54 -15.87
N ALA DD 166 -60.76 17.79 -16.86
CA ALA DD 166 -59.37 17.36 -16.93
C ALA DD 166 -58.42 18.54 -17.09
N SER DD 167 -58.83 19.59 -17.80
CA SER DD 167 -58.00 20.78 -17.92
C SER DD 167 -57.78 21.43 -16.56
N LYS DD 168 -58.84 21.54 -15.76
CA LYS DD 168 -58.69 22.07 -14.41
C LYS DD 168 -57.83 21.17 -13.55
N ALA DD 169 -58.00 19.85 -13.68
CA ALA DD 169 -57.16 18.92 -12.94
C ALA DD 169 -55.68 19.09 -13.30
N LYS DD 170 -55.39 19.23 -14.60
CA LYS DD 170 -54.01 19.44 -15.04
C LYS DD 170 -53.46 20.76 -14.54
N LYS DD 171 -54.27 21.82 -14.55
CA LYS DD 171 -53.84 23.09 -13.99
C LYS DD 171 -53.51 22.95 -12.51
N VAL DD 172 -54.30 22.15 -11.79
CA VAL DD 172 -54.03 21.91 -10.38
C VAL DD 172 -52.70 21.18 -10.20
N LYS DD 173 -52.46 20.13 -11.01
CA LYS DD 173 -51.18 19.44 -10.91
C LYS DD 173 -50.01 20.36 -11.24
N ARG DD 174 -50.23 21.33 -12.13
CA ARG DD 174 -49.12 22.15 -12.60
C ARG DD 174 -48.81 23.32 -11.68
N SER DD 175 -49.83 23.91 -11.05
CA SER DD 175 -49.64 25.19 -10.37
C SER DD 175 -48.67 25.15 -9.19
N LYS DD 176 -49.03 24.46 -8.12
CA LYS DD 176 -48.29 24.47 -6.85
C LYS DD 176 -46.88 23.86 -6.89
N PRO DD 177 -46.49 23.04 -7.90
CA PRO DD 177 -45.06 22.73 -8.05
C PRO DD 177 -44.14 23.92 -7.84
N ARG DD 178 -44.62 25.14 -8.08
CA ARG DD 178 -43.91 26.32 -7.62
C ARG DD 178 -43.69 26.27 -6.12
N ALA DD 179 -44.73 25.92 -5.36
CA ALA DD 179 -44.58 25.80 -3.91
C ALA DD 179 -43.69 24.62 -3.55
N LYS DD 180 -43.73 23.56 -4.36
CA LYS DD 180 -42.81 22.44 -4.15
C LYS DD 180 -41.36 22.89 -4.26
N SER DD 181 -41.06 23.71 -5.28
CA SER DD 181 -39.71 24.26 -5.41
C SER DD 181 -39.38 25.20 -4.26
N GLY DD 182 -40.35 26.01 -3.84
CA GLY DD 182 -40.10 27.02 -2.81
C GLY DD 182 -39.99 26.45 -1.40
N ALA DD 183 -40.54 25.26 -1.16
CA ALA DD 183 -40.51 24.69 0.18
C ALA DD 183 -39.10 24.32 0.63
N ARG DD 184 -38.17 24.16 -0.31
CA ARG DD 184 -36.78 23.87 0.02
C ARG DD 184 -35.90 25.10 0.15
N LYS DD 185 -36.42 26.29 -0.15
CA LYS DD 185 -35.60 27.50 -0.09
C LYS DD 185 -35.25 27.85 1.35
N SER DD 186 -36.26 28.11 2.18
CA SER DD 186 -36.03 28.62 3.52
C SER DD 186 -35.41 27.57 4.45
N PRO DD 187 -35.98 26.36 4.58
CA PRO DD 187 -35.31 25.36 5.43
C PRO DD 187 -33.95 24.93 4.91
N LYS DD 188 -33.73 25.05 3.59
CA LYS DD 188 -32.55 24.68 2.83
C LYS DD 188 -32.41 23.17 2.67
N LYS DD 189 -33.17 22.37 3.42
CA LYS DD 189 -33.05 20.91 3.48
C LYS DD 189 -34.44 20.35 3.77
N LYS DD 190 -34.49 19.08 4.17
CA LYS DD 190 -35.72 18.46 4.66
C LYS DD 190 -36.32 19.27 5.80
N MET ED 1 -40.11 -40.07 -0.74
CA MET ED 1 -40.51 -40.67 0.53
C MET ED 1 -39.29 -41.18 1.29
N THR ED 2 -38.60 -42.16 0.70
CA THR ED 2 -37.34 -42.62 1.28
C THR ED 2 -36.24 -41.58 1.18
N GLU ED 3 -36.46 -40.51 0.42
CA GLU ED 3 -35.52 -39.40 0.32
C GLU ED 3 -36.16 -38.04 0.58
N SER ED 4 -37.47 -37.96 0.77
CA SER ED 4 -38.14 -36.69 1.02
C SER ED 4 -39.08 -36.71 2.20
N LEU ED 5 -39.61 -37.88 2.57
CA LEU ED 5 -40.55 -38.00 3.68
C LEU ED 5 -39.99 -38.76 4.86
N VAL ED 6 -39.41 -39.94 4.63
CA VAL ED 6 -38.89 -40.75 5.74
C VAL ED 6 -37.74 -40.03 6.42
N LEU ED 7 -36.82 -39.46 5.66
CA LEU ED 7 -35.66 -38.79 6.24
C LEU ED 7 -35.95 -37.33 6.60
N SER ED 8 -37.08 -37.12 7.27
CA SER ED 8 -37.38 -35.81 7.84
C SER ED 8 -36.34 -35.45 8.91
N PRO ED 9 -35.91 -36.38 9.76
CA PRO ED 9 -34.80 -36.04 10.67
C PRO ED 9 -33.47 -35.76 9.98
N ALA ED 10 -33.31 -36.16 8.71
CA ALA ED 10 -32.03 -35.96 8.04
C ALA ED 10 -31.62 -34.49 7.96
N PRO ED 11 -32.50 -33.55 7.64
CA PRO ED 11 -32.12 -32.13 7.83
C PRO ED 11 -31.91 -31.75 9.28
N ALA ED 12 -32.42 -32.55 10.22
CA ALA ED 12 -32.45 -32.12 11.62
C ALA ED 12 -31.23 -32.62 12.40
N LYS ED 13 -30.91 -33.91 12.28
CA LYS ED 13 -29.89 -34.48 13.17
C LYS ED 13 -28.47 -34.09 12.76
N PRO ED 14 -28.00 -34.32 11.52
CA PRO ED 14 -26.65 -33.86 11.15
C PRO ED 14 -26.62 -32.39 10.76
N LYS ED 15 -27.64 -31.65 11.19
CA LYS ED 15 -27.85 -30.27 10.75
C LYS ED 15 -26.60 -29.42 10.81
N ARG ED 16 -25.71 -29.66 11.78
CA ARG ED 16 -24.66 -28.70 12.10
C ARG ED 16 -23.36 -28.94 11.33
N VAL ED 17 -22.78 -30.13 11.44
CA VAL ED 17 -21.45 -30.35 10.85
C VAL ED 17 -21.55 -31.39 9.74
N LYS ED 18 -22.69 -31.46 9.06
CA LYS ED 18 -22.73 -32.13 7.77
C LYS ED 18 -22.37 -31.18 6.63
N ALA ED 19 -22.24 -29.89 6.92
CA ALA ED 19 -21.73 -28.93 5.95
C ALA ED 19 -20.95 -27.87 6.70
N SER ED 20 -19.66 -27.75 6.40
CA SER ED 20 -18.82 -26.72 6.98
C SER ED 20 -17.59 -26.55 6.11
N ARG ED 21 -17.28 -25.32 5.69
CA ARG ED 21 -16.19 -25.10 4.76
C ARG ED 21 -14.85 -25.51 5.37
N ARG ED 22 -14.72 -25.41 6.69
CA ARG ED 22 -13.50 -25.87 7.35
C ARG ED 22 -13.35 -27.38 7.22
N SER ED 23 -14.40 -28.13 7.57
CA SER ED 23 -14.43 -29.58 7.46
C SER ED 23 -15.86 -30.05 7.67
N ALA ED 24 -16.32 -30.96 6.83
CA ALA ED 24 -17.70 -31.41 6.85
C ALA ED 24 -17.77 -32.93 6.80
N SER ED 25 -18.87 -33.47 7.30
CA SER ED 25 -19.09 -34.91 7.30
C SER ED 25 -19.43 -35.39 5.89
N HIS ED 26 -19.34 -36.70 5.71
CA HIS ED 26 -19.56 -37.29 4.40
C HIS ED 26 -21.05 -37.30 4.07
N PRO ED 27 -21.45 -36.82 2.90
CA PRO ED 27 -22.88 -36.63 2.60
C PRO ED 27 -23.62 -37.95 2.49
N THR ED 28 -24.90 -37.94 2.89
CA THR ED 28 -25.85 -39.05 2.82
C THR ED 28 -25.19 -40.40 3.07
N TYR ED 29 -25.50 -41.39 2.23
CA TYR ED 29 -24.88 -42.71 2.32
C TYR ED 29 -23.85 -42.97 1.24
N SER ED 30 -23.43 -41.94 0.51
CA SER ED 30 -22.53 -42.15 -0.62
C SER ED 30 -21.15 -42.61 -0.18
N GLU ED 31 -20.56 -41.93 0.81
CA GLU ED 31 -19.16 -42.18 1.13
C GLU ED 31 -18.89 -42.16 2.63
N MET ED 32 -19.85 -42.58 3.45
CA MET ED 32 -19.62 -42.61 4.90
C MET ED 32 -18.53 -43.61 5.26
N ILE ED 33 -18.63 -44.84 4.77
CA ILE ED 33 -17.66 -45.88 5.13
C ILE ED 33 -16.34 -45.74 4.40
N ALA ED 34 -16.21 -44.77 3.49
CA ALA ED 34 -15.00 -44.64 2.69
C ALA ED 34 -13.78 -44.39 3.56
N ALA ED 35 -13.75 -43.24 4.24
CA ALA ED 35 -12.62 -42.90 5.10
C ALA ED 35 -12.42 -43.94 6.19
N ALA ED 36 -13.53 -44.55 6.65
CA ALA ED 36 -13.42 -45.62 7.64
C ALA ED 36 -12.61 -46.79 7.10
N ILE ED 37 -12.85 -47.18 5.85
CA ILE ED 37 -12.10 -48.28 5.25
C ILE ED 37 -10.66 -47.88 5.01
N ARG ED 38 -10.42 -46.64 4.56
CA ARG ED 38 -9.06 -46.25 4.20
C ARG ED 38 -8.19 -46.05 5.44
N ALA ED 39 -8.56 -45.11 6.31
CA ALA ED 39 -7.83 -44.88 7.55
C ALA ED 39 -8.16 -46.02 8.49
N GLU ED 40 -7.50 -47.15 8.30
CA GLU ED 40 -7.84 -48.37 9.02
C GLU ED 40 -6.57 -49.16 9.30
N LYS ED 41 -6.47 -49.69 10.53
CA LYS ED 41 -5.31 -50.45 10.97
C LYS ED 41 -5.60 -51.94 11.10
N SER ED 42 -6.83 -52.37 10.84
CA SER ED 42 -7.20 -53.77 11.02
C SER ED 42 -6.83 -54.57 9.78
N ARG ED 43 -6.32 -55.79 9.98
CA ARG ED 43 -5.96 -56.65 8.87
C ARG ED 43 -7.18 -57.18 8.13
N GLY ED 44 -8.32 -57.25 8.81
CA GLY ED 44 -9.51 -57.82 8.20
C GLY ED 44 -10.67 -56.84 8.10
N GLY ED 45 -10.37 -55.58 7.78
CA GLY ED 45 -11.42 -54.60 7.57
C GLY ED 45 -12.22 -54.30 8.83
N SER ED 46 -13.45 -53.85 8.60
CA SER ED 46 -14.35 -53.53 9.69
C SER ED 46 -15.16 -54.77 10.11
N SER ED 47 -15.80 -54.66 11.28
CA SER ED 47 -16.54 -55.79 11.82
C SER ED 47 -17.90 -55.38 12.40
N ARG ED 48 -18.58 -54.42 11.79
CA ARG ED 48 -19.92 -53.98 12.19
C ARG ED 48 -19.96 -53.40 13.60
N GLN ED 49 -18.78 -53.25 14.20
CA GLN ED 49 -18.61 -52.46 15.42
C GLN ED 49 -17.60 -51.34 15.23
N SER ED 50 -16.49 -51.63 14.55
CA SER ED 50 -15.60 -50.57 14.10
C SER ED 50 -16.31 -49.62 13.16
N ILE ED 51 -17.31 -50.11 12.41
CA ILE ED 51 -18.11 -49.23 11.57
C ILE ED 51 -18.86 -48.22 12.43
N GLN ED 52 -19.50 -48.69 13.52
CA GLN ED 52 -20.20 -47.77 14.41
C GLN ED 52 -19.24 -46.80 15.07
N LYS ED 53 -18.07 -47.28 15.50
CA LYS ED 53 -17.10 -46.37 16.09
C LYS ED 53 -16.60 -45.32 15.10
N TYR ED 54 -16.36 -45.72 13.84
CA TYR ED 54 -15.84 -44.79 12.85
C TYR ED 54 -16.88 -43.76 12.45
N ILE ED 55 -18.10 -44.21 12.15
CA ILE ED 55 -19.14 -43.27 11.71
C ILE ED 55 -19.60 -42.40 12.88
N LYS ED 56 -19.71 -42.99 14.07
CA LYS ED 56 -20.20 -42.27 15.24
C LYS ED 56 -19.33 -41.04 15.53
N SER ED 57 -20.00 -39.90 15.71
CA SER ED 57 -19.32 -38.64 15.94
C SER ED 57 -20.23 -37.78 16.81
N HIS ED 58 -19.94 -36.48 16.84
CA HIS ED 58 -20.74 -35.55 17.63
C HIS ED 58 -22.21 -35.53 17.21
N TYR ED 59 -22.47 -35.60 15.90
CA TYR ED 59 -23.83 -35.73 15.39
C TYR ED 59 -23.86 -36.69 14.20
N LYS ED 60 -25.01 -37.30 14.01
CA LYS ED 60 -25.25 -38.28 12.94
C LYS ED 60 -26.76 -38.38 12.74
N VAL ED 61 -27.17 -38.91 11.58
CA VAL ED 61 -28.59 -39.13 11.35
C VAL ED 61 -29.15 -40.10 12.39
N GLY ED 62 -28.47 -41.22 12.59
CA GLY ED 62 -28.72 -42.13 13.69
C GLY ED 62 -30.13 -42.64 13.91
N HIS ED 63 -31.04 -42.38 12.97
CA HIS ED 63 -32.41 -42.84 13.08
C HIS ED 63 -32.58 -44.08 12.20
N ASN ED 64 -32.68 -45.24 12.85
CA ASN ED 64 -32.78 -46.53 12.16
C ASN ED 64 -31.66 -46.71 11.14
N ALA ED 65 -30.48 -46.17 11.46
CA ALA ED 65 -29.36 -46.22 10.53
C ALA ED 65 -28.78 -47.61 10.37
N ASP ED 66 -29.06 -48.53 11.29
CA ASP ED 66 -28.63 -49.91 11.13
C ASP ED 66 -29.25 -50.54 9.89
N LEU ED 67 -30.48 -50.14 9.56
CA LEU ED 67 -31.13 -50.65 8.35
C LEU ED 67 -30.43 -50.12 7.10
N GLN ED 68 -30.20 -48.80 7.07
CA GLN ED 68 -29.62 -48.16 5.90
C GLN ED 68 -28.18 -48.60 5.66
N ILE ED 69 -27.42 -48.87 6.74
CA ILE ED 69 -26.05 -49.34 6.57
C ILE ED 69 -26.02 -50.66 5.81
N LYS ED 70 -26.83 -51.62 6.27
CA LYS ED 70 -26.88 -52.93 5.62
C LYS ED 70 -27.41 -52.83 4.20
N LEU ED 71 -28.47 -52.03 4.00
CA LEU ED 71 -29.03 -51.88 2.66
C LEU ED 71 -28.01 -51.28 1.71
N SER ED 72 -27.31 -50.23 2.15
CA SER ED 72 -26.29 -49.61 1.32
C SER ED 72 -25.16 -50.58 1.00
N ILE ED 73 -24.72 -51.35 2.00
CA ILE ED 73 -23.64 -52.30 1.77
C ILE ED 73 -24.05 -53.32 0.71
N ARG ED 74 -25.27 -53.85 0.82
CA ARG ED 74 -25.72 -54.84 -0.14
C ARG ED 74 -25.90 -54.25 -1.54
N ARG ED 75 -26.42 -53.02 -1.65
CA ARG ED 75 -26.56 -52.40 -2.95
C ARG ED 75 -25.21 -52.09 -3.58
N LEU ED 76 -24.24 -51.65 -2.77
CA LEU ED 76 -22.90 -51.40 -3.29
C LEU ED 76 -22.26 -52.71 -3.76
N LEU ED 77 -22.51 -53.81 -3.04
CA LEU ED 77 -22.14 -55.12 -3.54
C LEU ED 77 -22.73 -55.36 -4.92
N ALA ED 78 -24.06 -55.29 -5.03
CA ALA ED 78 -24.73 -55.65 -6.28
C ALA ED 78 -24.24 -54.80 -7.44
N ALA ED 79 -23.92 -53.53 -7.17
CA ALA ED 79 -23.31 -52.71 -8.21
C ALA ED 79 -21.90 -53.18 -8.53
N GLY ED 80 -21.15 -53.62 -7.52
CA GLY ED 80 -19.81 -54.10 -7.71
C GLY ED 80 -18.71 -53.23 -7.15
N VAL ED 81 -19.03 -52.35 -6.20
CA VAL ED 81 -18.06 -51.41 -5.64
C VAL ED 81 -17.70 -51.75 -4.20
N LEU ED 82 -18.10 -52.92 -3.70
CA LEU ED 82 -17.70 -53.39 -2.39
C LEU ED 82 -17.20 -54.82 -2.50
N LYS ED 83 -16.09 -55.11 -1.83
CA LYS ED 83 -15.50 -56.44 -1.83
C LYS ED 83 -15.05 -56.79 -0.42
N GLN ED 84 -15.30 -58.03 -0.02
CA GLN ED 84 -15.11 -58.47 1.36
C GLN ED 84 -14.09 -59.60 1.40
N THR ED 85 -13.84 -60.10 2.61
CA THR ED 85 -12.91 -61.19 2.83
C THR ED 85 -13.53 -62.22 3.77
N LYS ED 86 -13.36 -63.49 3.44
CA LYS ED 86 -13.96 -64.58 4.20
C LYS ED 86 -13.25 -64.75 5.55
N GLY ED 87 -14.00 -65.22 6.53
CA GLY ED 87 -13.47 -65.45 7.85
C GLY ED 87 -14.57 -65.80 8.82
N VAL ED 88 -14.15 -66.17 10.03
CA VAL ED 88 -15.06 -66.55 11.11
C VAL ED 88 -14.84 -65.68 12.34
N GLY ED 89 -13.63 -65.68 12.89
CA GLY ED 89 -13.34 -64.89 14.06
C GLY ED 89 -13.15 -63.41 13.80
N ALA ED 90 -13.10 -63.00 12.54
CA ALA ED 90 -12.95 -61.59 12.19
C ALA ED 90 -14.25 -60.81 12.33
N SER ED 91 -15.37 -61.49 12.59
CA SER ED 91 -16.68 -60.84 12.72
C SER ED 91 -17.04 -60.05 11.46
N GLY ED 92 -16.70 -60.62 10.30
CA GLY ED 92 -16.91 -59.94 9.04
C GLY ED 92 -15.71 -59.11 8.63
N SER ED 93 -15.48 -59.01 7.32
CA SER ED 93 -14.34 -58.24 6.78
C SER ED 93 -14.88 -57.31 5.71
N PHE ED 94 -15.35 -56.14 6.11
CA PHE ED 94 -15.94 -55.17 5.19
C PHE ED 94 -14.84 -54.27 4.65
N ARG ED 95 -14.64 -54.30 3.34
CA ARG ED 95 -13.64 -53.47 2.68
C ARG ED 95 -14.28 -52.76 1.50
N LEU ED 96 -13.49 -51.88 0.88
CA LEU ED 96 -13.97 -51.04 -0.21
C LEU ED 96 -13.89 -51.79 -1.53
N ALA ED 97 -14.01 -51.06 -2.64
CA ALA ED 97 -13.92 -51.65 -3.97
C ALA ED 97 -12.52 -52.19 -4.27
N LYS ED 98 -11.61 -52.15 -3.32
CA LYS ED 98 -10.27 -52.70 -3.49
C LYS ED 98 -10.34 -54.16 -3.92
N SER ED 99 -9.86 -54.45 -5.13
CA SER ED 99 -9.95 -55.79 -5.70
C SER ED 99 -8.75 -56.62 -5.23
N ASP ED 100 -8.72 -56.87 -3.93
CA ASP ED 100 -7.66 -57.66 -3.31
C ASP ED 100 -8.04 -59.12 -3.12
N LYS ED 101 -9.21 -59.54 -3.61
CA LYS ED 101 -9.68 -60.91 -3.45
C LYS ED 101 -9.56 -61.75 -4.72
N ALA ED 102 -9.35 -61.11 -5.87
CA ALA ED 102 -9.37 -61.83 -7.14
C ALA ED 102 -8.24 -62.85 -7.22
N LYS ED 103 -7.00 -62.38 -7.19
CA LYS ED 103 -5.82 -63.21 -7.43
C LYS ED 103 -4.82 -63.01 -6.30
N ARG ED 104 -4.69 -64.01 -5.44
CA ARG ED 104 -3.78 -63.95 -4.29
C ARG ED 104 -3.69 -65.36 -3.70
N SER ED 105 -2.46 -65.80 -3.45
CA SER ED 105 -2.18 -67.13 -2.94
C SER ED 105 -2.46 -67.20 -1.46
N PRO ED 106 -3.03 -68.30 -0.96
CA PRO ED 106 -3.37 -68.38 0.47
C PRO ED 106 -2.17 -68.65 1.36
N GLY ED 107 -1.83 -67.67 2.20
CA GLY ED 107 -0.71 -67.80 3.12
C GLY ED 107 -0.98 -67.17 4.47
N LYS ED 108 -2.27 -67.02 4.81
CA LYS ED 108 -2.72 -66.35 6.03
C LYS ED 108 -2.39 -64.86 5.97
N LYS ED 109 -3.04 -64.07 6.82
CA LYS ED 109 -2.95 -62.60 6.77
C LYS ED 109 -3.03 -62.09 8.20
N LYS ED 110 -1.89 -61.67 8.74
CA LYS ED 110 -1.79 -61.24 10.14
C LYS ED 110 -0.86 -60.03 10.23
N LYS ED 111 -1.45 -58.84 10.17
CA LYS ED 111 -0.73 -57.61 10.46
C LYS ED 111 -1.44 -56.92 11.62
N ALA ED 112 -0.70 -56.69 12.70
CA ALA ED 112 -1.24 -56.01 13.86
C ALA ED 112 -0.08 -55.46 14.69
N VAL ED 113 0.10 -54.14 14.65
CA VAL ED 113 1.14 -53.50 15.45
C VAL ED 113 0.75 -52.05 15.72
N ARG ED 114 0.98 -51.60 16.95
CA ARG ED 114 0.69 -50.23 17.37
C ARG ED 114 1.36 -50.00 18.71
N ARG ED 115 2.07 -48.88 18.82
CA ARG ED 115 2.83 -48.54 20.02
C ARG ED 115 1.98 -47.61 20.88
N SER ED 116 1.00 -48.19 21.57
CA SER ED 116 0.18 -47.49 22.54
C SER ED 116 0.35 -48.03 23.95
N THR ED 117 0.30 -49.36 24.12
CA THR ED 117 0.61 -49.96 25.40
C THR ED 117 2.11 -49.99 25.67
N SER ED 118 2.93 -50.04 24.62
CA SER ED 118 4.37 -50.10 24.79
C SER ED 118 4.94 -48.90 25.54
N PRO ED 119 4.57 -47.64 25.23
CA PRO ED 119 5.07 -46.54 26.07
C PRO ED 119 4.63 -46.65 27.52
N LYS ED 120 3.37 -47.02 27.77
CA LYS ED 120 2.92 -47.21 29.15
C LYS ED 120 3.63 -48.40 29.80
N LYS ED 121 3.81 -49.48 29.04
CA LYS ED 121 4.48 -50.66 29.60
C LYS ED 121 5.95 -50.37 29.90
N ALA ED 122 6.53 -49.39 29.19
CA ALA ED 122 7.89 -48.96 29.51
C ALA ED 122 7.92 -48.00 30.68
N ALA ED 123 6.88 -47.18 30.84
CA ALA ED 123 6.80 -46.26 31.97
C ALA ED 123 6.47 -46.96 33.27
N ARG ED 124 5.85 -48.14 33.21
CA ARG ED 124 5.49 -48.86 34.43
C ARG ED 124 6.68 -49.28 35.29
N PRO ED 125 7.75 -49.87 34.73
CA PRO ED 125 8.88 -50.26 35.59
C PRO ED 125 9.59 -49.09 36.25
N ARG ED 126 9.82 -48.01 35.51
CA ARG ED 126 10.43 -46.82 36.11
C ARG ED 126 9.53 -46.21 37.19
N LYS ED 127 8.22 -46.17 36.93
CA LYS ED 127 7.28 -45.68 37.94
C LYS ED 127 7.33 -46.56 39.19
N ALA ED 128 7.40 -47.88 39.01
CA ALA ED 128 7.55 -48.78 40.16
C ALA ED 128 8.86 -48.52 40.89
N ARG ED 129 9.91 -48.16 40.15
CA ARG ED 129 11.16 -47.80 40.78
C ARG ED 129 11.87 -46.71 39.97
N SER ED 130 11.89 -45.50 40.52
CA SER ED 130 12.80 -44.41 40.16
C SER ED 130 12.65 -43.90 38.72
N PRO ED 131 11.57 -43.16 38.42
CA PRO ED 131 11.12 -42.42 37.29
C PRO ED 131 12.15 -42.28 36.18
N MET FD 1 120.13 -30.89 -94.85
CA MET FD 1 120.50 -30.18 -96.08
C MET FD 1 120.43 -31.10 -97.29
N ALA FD 2 119.23 -31.64 -97.54
CA ALA FD 2 119.02 -32.55 -98.65
C ALA FD 2 117.63 -32.32 -99.22
N LYS FD 3 117.28 -33.10 -100.24
CA LYS FD 3 115.99 -32.97 -100.89
C LYS FD 3 114.87 -33.56 -100.03
N SER FD 4 113.65 -33.08 -100.29
CA SER FD 4 112.45 -33.59 -99.61
C SER FD 4 111.31 -33.79 -100.60
N ALA FD 5 111.64 -34.10 -101.84
CA ALA FD 5 110.68 -34.24 -102.94
C ALA FD 5 109.86 -35.54 -102.91
N PRO FD 6 110.43 -36.71 -102.55
CA PRO FD 6 109.66 -37.96 -102.68
C PRO FD 6 108.34 -37.98 -101.93
N ALA FD 7 107.36 -38.65 -102.52
CA ALA FD 7 105.98 -38.79 -102.06
C ALA FD 7 105.80 -39.39 -100.67
N PRO FD 8 106.51 -40.46 -100.30
CA PRO FD 8 106.17 -41.14 -99.02
C PRO FD 8 106.20 -40.24 -97.80
N LYS FD 9 107.06 -39.22 -97.77
CA LYS FD 9 107.07 -38.32 -96.62
C LYS FD 9 105.86 -37.39 -96.60
N LYS FD 10 105.19 -37.21 -97.73
CA LYS FD 10 104.04 -36.30 -97.78
C LYS FD 10 102.90 -36.78 -96.90
N GLY FD 11 102.61 -38.07 -96.93
CA GLY FD 11 101.47 -38.61 -96.21
C GLY FD 11 101.61 -38.60 -94.71
N SER FD 12 102.51 -39.43 -94.19
CA SER FD 12 102.63 -39.63 -92.75
C SER FD 12 103.16 -38.39 -92.06
N LYS FD 13 102.56 -38.05 -90.92
CA LYS FD 13 103.05 -36.98 -90.05
C LYS FD 13 103.43 -37.49 -88.67
N LYS FD 14 102.56 -38.26 -88.02
CA LYS FD 14 102.90 -38.91 -86.76
C LYS FD 14 101.89 -40.02 -86.50
N ALA FD 15 102.37 -41.26 -86.40
CA ALA FD 15 101.53 -42.40 -86.05
C ALA FD 15 101.95 -43.09 -84.77
N VAL FD 16 103.21 -43.46 -84.62
CA VAL FD 16 103.72 -44.17 -83.46
C VAL FD 16 104.62 -43.20 -82.69
N THR FD 17 104.74 -43.43 -81.38
CA THR FD 17 105.57 -42.57 -80.55
C THR FD 17 107.04 -42.80 -80.82
N LYS FD 18 107.48 -42.49 -82.05
CA LYS FD 18 108.88 -42.56 -82.44
C LYS FD 18 109.44 -41.15 -82.39
N THR FD 19 109.75 -40.70 -81.17
CA THR FD 19 110.07 -39.30 -80.91
C THR FD 19 111.32 -39.18 -80.06
N GLN FD 20 111.97 -38.02 -80.16
CA GLN FD 20 113.16 -37.73 -79.38
C GLN FD 20 113.20 -36.23 -79.10
N LYS FD 21 113.75 -35.87 -77.94
CA LYS FD 21 113.87 -34.49 -77.51
C LYS FD 21 112.50 -33.84 -77.45
N LYS FD 22 111.98 -33.38 -78.59
CA LYS FD 22 110.67 -32.74 -78.62
C LYS FD 22 109.58 -33.80 -78.61
N ASP FD 23 108.72 -33.76 -77.60
CA ASP FD 23 107.70 -34.76 -77.40
C ASP FD 23 106.32 -34.18 -77.67
N GLY FD 24 105.49 -34.95 -78.35
CA GLY FD 24 104.12 -34.53 -78.61
C GLY FD 24 103.93 -33.88 -79.97
N LYS FD 25 103.02 -34.45 -80.76
CA LYS FD 25 102.59 -33.88 -82.04
C LYS FD 25 101.26 -34.52 -82.40
N LYS FD 26 100.54 -33.87 -83.31
CA LYS FD 26 99.20 -34.32 -83.67
C LYS FD 26 99.09 -34.39 -85.18
N ARG FD 27 97.98 -34.97 -85.65
CA ARG FD 27 97.75 -35.15 -87.07
C ARG FD 27 97.57 -33.81 -87.76
N ARG FD 28 97.82 -33.80 -89.07
CA ARG FD 28 97.69 -32.60 -89.89
C ARG FD 28 96.20 -32.30 -90.02
N LYS FD 29 95.73 -31.34 -89.24
CA LYS FD 29 94.36 -30.89 -89.33
C LYS FD 29 94.18 -30.00 -90.56
N SER FD 30 92.96 -29.97 -91.08
CA SER FD 30 92.68 -29.21 -92.29
C SER FD 30 93.05 -27.74 -92.10
N ARG FD 31 93.77 -27.19 -93.07
CA ARG FD 31 94.27 -25.83 -92.97
C ARG FD 31 93.13 -24.83 -92.95
N LYS FD 32 93.24 -23.83 -92.08
CA LYS FD 32 92.25 -22.76 -91.95
C LYS FD 32 92.86 -21.49 -92.54
N GLU FD 33 92.39 -21.11 -93.72
CA GLU FD 33 92.91 -19.93 -94.42
C GLU FD 33 92.37 -18.69 -93.73
N SER FD 34 93.15 -18.15 -92.81
CA SER FD 34 92.79 -16.98 -92.03
C SER FD 34 93.46 -15.74 -92.61
N TYR FD 35 92.68 -14.68 -92.81
CA TYR FD 35 93.20 -13.40 -93.27
C TYR FD 35 93.68 -12.52 -92.12
N ALA FD 36 94.03 -13.13 -90.99
CA ALA FD 36 94.31 -12.36 -89.78
C ALA FD 36 95.50 -11.43 -89.96
N ILE FD 37 96.62 -11.95 -90.48
CA ILE FD 37 97.83 -11.15 -90.59
C ILE FD 37 97.63 -10.00 -91.57
N TYR FD 38 97.01 -10.27 -92.72
CA TYR FD 38 96.81 -9.23 -93.72
C TYR FD 38 95.83 -8.17 -93.23
N VAL FD 39 94.75 -8.60 -92.57
CA VAL FD 39 93.79 -7.63 -92.03
C VAL FD 39 94.44 -6.78 -90.95
N TYR FD 40 95.30 -7.40 -90.13
CA TYR FD 40 96.03 -6.64 -89.11
C TYR FD 40 96.97 -5.63 -89.74
N LYS FD 41 97.65 -6.01 -90.84
CA LYS FD 41 98.51 -5.07 -91.54
C LYS FD 41 97.71 -3.89 -92.08
N VAL FD 42 96.55 -4.17 -92.69
CA VAL FD 42 95.72 -3.09 -93.23
C VAL FD 42 95.22 -2.21 -92.10
N LEU FD 43 94.88 -2.80 -90.96
CA LEU FD 43 94.45 -2.02 -89.81
C LEU FD 43 95.58 -1.12 -89.31
N LYS FD 44 96.81 -1.62 -89.31
CA LYS FD 44 97.95 -0.79 -88.95
C LYS FD 44 98.13 0.35 -89.93
N GLN FD 45 97.91 0.10 -91.22
CA GLN FD 45 98.01 1.17 -92.20
C GLN FD 45 96.97 2.25 -91.97
N VAL FD 46 95.71 1.86 -91.74
CA VAL FD 46 94.65 2.86 -91.64
C VAL FD 46 94.71 3.59 -90.29
N HIS FD 47 94.92 2.85 -89.21
CA HIS FD 47 94.99 3.41 -87.86
C HIS FD 47 96.11 2.70 -87.11
N PRO FD 48 97.29 3.32 -87.00
CA PRO FD 48 98.46 2.59 -86.48
C PRO FD 48 98.31 2.08 -85.05
N ASP FD 49 97.64 2.84 -84.18
CA ASP FD 49 97.69 2.57 -82.75
C ASP FD 49 96.48 1.82 -82.21
N THR FD 50 95.59 1.33 -83.07
CA THR FD 50 94.43 0.61 -82.59
C THR FD 50 94.62 -0.91 -82.73
N GLY FD 51 93.81 -1.65 -81.99
CA GLY FD 51 93.84 -3.10 -82.02
C GLY FD 51 92.52 -3.72 -82.41
N ILE FD 52 92.42 -5.04 -82.29
CA ILE FD 52 91.21 -5.76 -82.69
C ILE FD 52 91.23 -7.13 -82.04
N SER FD 53 90.06 -7.63 -81.69
CA SER FD 53 89.91 -8.89 -80.97
C SER FD 53 89.83 -10.07 -81.93
N SER FD 54 89.98 -11.28 -81.36
CA SER FD 54 89.93 -12.50 -82.15
C SER FD 54 88.54 -12.74 -82.70
N LYS FD 55 87.50 -12.39 -81.94
CA LYS FD 55 86.13 -12.53 -82.44
C LYS FD 55 85.92 -11.64 -83.66
N ALA FD 56 86.43 -10.40 -83.61
CA ALA FD 56 86.34 -9.53 -84.77
C ALA FD 56 87.18 -10.06 -85.93
N MET FD 57 88.32 -10.69 -85.63
CA MET FD 57 89.11 -11.33 -86.69
C MET FD 57 88.31 -12.43 -87.39
N SER FD 58 87.63 -13.28 -86.60
CA SER FD 58 86.83 -14.35 -87.19
C SER FD 58 85.64 -13.79 -87.98
N ILE FD 59 85.01 -12.74 -87.46
CA ILE FD 59 83.91 -12.10 -88.18
C ILE FD 59 84.41 -11.52 -89.49
N MET FD 60 85.60 -10.92 -89.49
CA MET FD 60 86.20 -10.41 -90.71
C MET FD 60 86.48 -11.53 -91.70
N ASN FD 61 86.97 -12.66 -91.21
CA ASN FD 61 87.21 -13.81 -92.09
C ASN FD 61 85.92 -14.27 -92.76
N SER FD 62 84.85 -14.42 -91.96
CA SER FD 62 83.56 -14.83 -92.51
C SER FD 62 83.05 -13.80 -93.51
N PHE FD 63 83.18 -12.52 -93.19
CA PHE FD 63 82.72 -11.47 -94.10
C PHE FD 63 83.47 -11.51 -95.41
N VAL FD 64 84.80 -11.67 -95.37
CA VAL FD 64 85.60 -11.71 -96.59
C VAL FD 64 85.21 -12.92 -97.43
N ASN FD 65 85.03 -14.07 -96.80
CA ASN FD 65 84.62 -15.26 -97.53
C ASN FD 65 83.26 -15.04 -98.19
N ASP FD 66 82.33 -14.42 -97.47
CA ASP FD 66 80.99 -14.22 -98.02
C ASP FD 66 80.99 -13.24 -99.18
N VAL FD 67 81.72 -12.14 -99.07
CA VAL FD 67 81.72 -11.16 -100.16
C VAL FD 67 82.44 -11.74 -101.38
N PHE FD 68 83.51 -12.49 -101.16
CA PHE FD 68 84.17 -13.17 -102.28
C PHE FD 68 83.21 -14.14 -102.95
N GLU FD 69 82.46 -14.90 -102.16
CA GLU FD 69 81.46 -15.81 -102.72
C GLU FD 69 80.45 -15.05 -103.57
N ARG FD 70 79.92 -13.95 -103.04
CA ARG FD 70 78.91 -13.18 -103.76
C ARG FD 70 79.45 -12.64 -105.07
N ILE FD 71 80.63 -12.00 -105.02
CA ILE FD 71 81.16 -11.35 -106.22
C ILE FD 71 81.57 -12.38 -107.27
N ALA FD 72 82.18 -13.48 -106.82
CA ALA FD 72 82.57 -14.53 -107.76
C ALA FD 72 81.35 -15.19 -108.38
N GLY FD 73 80.30 -15.43 -107.59
CA GLY FD 73 79.08 -15.99 -108.15
C GLY FD 73 78.42 -15.07 -109.16
N GLU FD 74 78.37 -13.77 -108.86
CA GLU FD 74 77.78 -12.83 -109.80
C GLU FD 74 78.59 -12.75 -111.10
N ALA FD 75 79.92 -12.72 -110.99
CA ALA FD 75 80.76 -12.70 -112.18
C ALA FD 75 80.60 -13.98 -112.99
N SER FD 76 80.52 -15.13 -112.32
CA SER FD 76 80.33 -16.39 -113.02
C SER FD 76 78.97 -16.43 -113.71
N ARG FD 77 77.93 -15.92 -113.06
CA ARG FD 77 76.61 -15.90 -113.67
C ARG FD 77 76.59 -15.00 -114.90
N LEU FD 78 77.25 -13.84 -114.82
CA LEU FD 78 77.33 -12.96 -115.99
C LEU FD 78 78.12 -13.62 -117.13
N ALA FD 79 79.19 -14.32 -116.78
CA ALA FD 79 79.96 -15.04 -117.80
C ALA FD 79 79.12 -16.12 -118.45
N HIS FD 80 78.32 -16.84 -117.66
CA HIS FD 80 77.43 -17.85 -118.21
C HIS FD 80 76.38 -17.24 -119.12
N TYR FD 81 75.84 -16.07 -118.72
CA TYR FD 81 74.87 -15.39 -119.57
C TYR FD 81 75.50 -14.99 -120.90
N ASN FD 82 76.73 -14.47 -120.87
CA ASN FD 82 77.40 -14.05 -122.09
C ASN FD 82 77.95 -15.23 -122.87
N LYS FD 83 77.97 -16.42 -122.27
CA LYS FD 83 78.57 -17.64 -122.82
C LYS FD 83 80.08 -17.51 -122.99
N ARG FD 84 80.70 -16.58 -122.27
CA ARG FD 84 82.15 -16.41 -122.36
C ARG FD 84 82.86 -17.46 -121.50
N SER FD 85 84.08 -17.80 -121.91
CA SER FD 85 84.92 -18.74 -121.18
C SER FD 85 86.13 -18.05 -120.54
N THR FD 86 86.07 -16.73 -120.39
CA THR FD 86 87.17 -15.97 -119.81
C THR FD 86 86.64 -14.99 -118.77
N ILE FD 87 87.33 -14.92 -117.64
CA ILE FD 87 87.00 -14.00 -116.56
C ILE FD 87 88.24 -13.16 -116.26
N THR FD 88 88.07 -11.84 -116.19
CA THR FD 88 89.20 -10.95 -116.00
C THR FD 88 88.71 -9.66 -115.34
N SER FD 89 89.57 -8.64 -115.38
CA SER FD 89 89.30 -7.39 -114.67
C SER FD 89 88.04 -6.71 -115.19
N ARG FD 90 87.76 -6.79 -116.49
CA ARG FD 90 86.54 -6.20 -117.01
C ARG FD 90 85.30 -6.86 -116.42
N GLU FD 91 85.29 -8.19 -116.37
CA GLU FD 91 84.17 -8.91 -115.78
C GLU FD 91 84.01 -8.58 -114.31
N ILE FD 92 85.12 -8.52 -113.57
CA ILE FD 92 85.01 -8.22 -112.15
C ILE FD 92 84.57 -6.77 -111.93
N GLN FD 93 85.00 -5.85 -112.79
CA GLN FD 93 84.53 -4.47 -112.71
C GLN FD 93 83.02 -4.40 -112.96
N THR FD 94 82.54 -5.14 -113.95
CA THR FD 94 81.09 -5.17 -114.20
C THR FD 94 80.34 -5.73 -113.02
N ALA FD 95 80.87 -6.79 -112.39
CA ALA FD 95 80.24 -7.35 -111.20
C ALA FD 95 80.24 -6.35 -110.06
N VAL FD 96 81.33 -5.60 -109.89
CA VAL FD 96 81.41 -4.59 -108.84
C VAL FD 96 80.38 -3.50 -109.08
N ARG FD 97 80.23 -3.05 -110.33
CA ARG FD 97 79.21 -2.06 -110.64
C ARG FD 97 77.81 -2.60 -110.36
N LEU FD 98 77.58 -3.88 -110.66
CA LEU FD 98 76.28 -4.48 -110.41
C LEU FD 98 75.97 -4.56 -108.92
N LEU FD 99 76.97 -4.94 -108.10
CA LEU FD 99 76.72 -5.28 -106.70
C LEU FD 99 76.95 -4.08 -105.77
N LEU FD 100 78.19 -3.64 -105.64
CA LEU FD 100 78.51 -2.59 -104.69
C LEU FD 100 77.59 -1.41 -104.85
N PRO FD 101 77.42 -0.61 -103.79
CA PRO FD 101 76.42 0.45 -103.90
C PRO FD 101 76.94 1.82 -104.25
N GLY FD 102 76.15 2.60 -104.97
CA GLY FD 102 76.52 3.97 -105.25
C GLY FD 102 77.99 4.27 -105.22
N GLU FD 103 78.39 5.26 -104.44
CA GLU FD 103 79.77 5.69 -104.46
C GLU FD 103 80.78 4.60 -104.13
N LEU FD 104 80.39 3.63 -103.32
CA LEU FD 104 81.35 2.63 -102.91
C LEU FD 104 81.86 1.86 -104.12
N ALA FD 105 81.16 1.95 -105.23
CA ALA FD 105 81.60 1.29 -106.41
C ALA FD 105 82.72 2.09 -107.02
N LYS FD 106 82.65 3.40 -106.89
CA LYS FD 106 83.70 4.25 -107.41
C LYS FD 106 84.93 3.96 -106.66
N HIS FD 107 84.80 3.98 -105.35
CA HIS FD 107 85.96 3.81 -104.55
C HIS FD 107 86.60 2.51 -104.96
N ALA FD 108 85.78 1.52 -105.23
CA ALA FD 108 86.32 0.21 -105.54
C ALA FD 108 87.00 0.12 -106.89
N VAL FD 109 86.27 0.46 -107.95
CA VAL FD 109 86.81 0.33 -109.29
C VAL FD 109 88.05 1.15 -109.42
N SER FD 110 88.05 2.31 -108.79
CA SER FD 110 89.18 3.18 -108.94
C SER FD 110 90.41 2.48 -108.39
N GLU FD 111 90.23 1.64 -107.40
CA GLU FD 111 91.38 0.99 -106.77
C GLU FD 111 92.00 -0.09 -107.62
N GLY FD 112 91.17 -1.01 -108.08
CA GLY FD 112 91.68 -2.07 -108.90
C GLY FD 112 92.25 -1.47 -110.15
N THR FD 113 91.77 -0.29 -110.49
CA THR FD 113 92.31 0.40 -111.65
C THR FD 113 93.78 0.64 -111.37
N LYS FD 114 94.09 1.14 -110.19
CA LYS FD 114 95.48 1.32 -109.81
C LYS FD 114 96.14 -0.02 -109.73
N ALA FD 115 95.49 -0.98 -109.10
CA ALA FD 115 96.10 -2.28 -108.93
C ALA FD 115 96.35 -2.96 -110.26
N VAL FD 116 95.33 -3.07 -111.08
CA VAL FD 116 95.47 -3.79 -112.34
C VAL FD 116 96.57 -3.14 -113.17
N THR FD 117 96.89 -1.90 -112.85
CA THR FD 117 97.96 -1.24 -113.56
C THR FD 117 99.27 -1.58 -112.93
N LYS FD 118 99.38 -1.35 -111.63
CA LYS FD 118 100.65 -1.56 -110.97
C LYS FD 118 101.14 -2.95 -111.19
N TYR FD 119 100.23 -3.89 -111.27
CA TYR FD 119 100.60 -5.27 -111.44
C TYR FD 119 101.14 -5.55 -112.79
N THR FD 120 100.49 -5.02 -113.81
CA THR FD 120 100.85 -5.37 -115.17
C THR FD 120 101.54 -4.33 -115.98
N SER FD 121 101.84 -3.19 -115.41
CA SER FD 121 102.43 -2.13 -116.20
C SER FD 121 103.80 -2.54 -116.69
N ALA FD 122 104.62 -3.06 -115.79
CA ALA FD 122 105.97 -3.40 -116.18
C ALA FD 122 106.60 -4.42 -115.25
N LYS FD 123 107.00 -5.57 -115.78
CA LYS FD 123 107.64 -6.61 -114.98
C LYS FD 123 108.91 -7.15 -115.63
#